data_5J8K
#
_entry.id   5J8K
#
_cell.length_a   1
_cell.length_b   1
_cell.length_c   1
_cell.angle_alpha   90
_cell.angle_beta   90
_cell.angle_gamma   90
#
_symmetry.space_group_name_H-M   'P 1'
#
loop_
_entity.id
_entity.type
_entity.pdbx_description
1 polymer 'COMPLEX I ND3'
2 polymer 'COMPLEX I PSST/NDUFS7'
3 polymer 'COMPLEX I 30KDA/NDUFS3'
4 polymer 'COMPLEX I 49KDA/NDUFS2'
5 polymer 'COMPLEX I 24KDA/NDUFV2'
6 polymer 'COMPLEX I 51KDA/NDUFV1'
7 polymer 'COMPLEX I 75KDA/NDUFS1'
8 polymer 'COMPLEX I ND1'
9 polymer 'COMPLEX I TYKY/NDUFS8'
10 polymer 'COMPLEX I ND6'
11 polymer 'COMPLEX I ND4L'
12 polymer 'COMPLEX I ND5'
13 polymer 'COMPLEX I ND4'
14 polymer 'COMPLEX I ND2'
15 polymer 'COMPLEX I 18KDA/NDUFS6'
16 polymer 'COMPLEX I 13KDA/NDUFS6'
17 polymer 'COMPLEX I 15KDA/NDUFS5'
18 polymer 'COMPLEX I MWFE/NDUFA1'
19 polymer 'COMPLEX I B8/NDUFA2'
20 polymer 'COMPLEX I B9/NDUFA3'
21 polymer 'COMPLEX I B13/NDUFA5'
22 polymer 'COMPLEX I B14/NDUFA6'
23 polymer 'COMPLEX I PGIV/NDUFA8'
24 polymer 'COMPLEX I 39KDA/NDUFA9'
25 polymer 'COMPLEX I 42KDA/NDUFA10'
26 polymer 'COMPLEX I B14.7/NDUFA11'
27 polymer 'COMPLEX I B17.2/NDUFA12'
28 polymer 'COMPLEX I B16.6/NDUFA13'
29 polymer 'COMPLEX I SDAP/NDUFAB1'
30 polymer 'COMPLEX I B15/NDUFB4'
31 polymer 'COMPLEX I B18/NDUFB7'
32 polymer 'COMPLEX I B22/NDUFB9'
33 polymer 'COMPLEX I PDSW/NDUFB10'
34 polymer 'COMPLEX I ESSS/NDUFB11'
35 polymer 'COMPLEX I KFYI/NDUFC1'
36 polymer 'COMPLEX I B14.5B/NDUFC2'
37 polymer 'COMPLEX I UNKNOWN SUBUNIT FRAGMENT 1'
38 polymer 'COMPLEX I UNKNOWN SUBUNIT FRAGMENT 2'
39 polymer 'COMPLEX I UNKNOWN SUBUNIT FRAGMENT 3'
40 polymer 'COMPLEX I UNKNOWN SUBUNIT FRAGMENT 4'
41 polymer 'COMPLEX I UNKNOWN SUBUNIT FRAGMENT 5'
42 polymer 'COMPLEX I UNKNOWN SUBUNIT FRAGMENT 6'
43 polymer 'COMPLEX I UNKNOWN SUBUNIT FRAGMENT 7'
44 polymer 'COMPLEX I UNKNOWN SUBUNIT FRAGMENT 8'
45 polymer 'COMPLEX I UNKNOWN SUBUNIT FRAGMENT 11'
46 polymer 'COMPLEX I UNKNOWN SUBUNIT FRAGMENT 12'
47 polymer 'COMPLEX I UNKNOWN SUBUNIT FRAGMENT 13'
48 polymer 'COMPLEX I UNKNOWN SUBUNIT FRAGMENT 14'
49 polymer 'COMPLEX I UNKNOWN SUBUNIT FRAGMENT 15'
50 polymer 'COMPLEX I UNKNOWN SUBUNIT FRAGMENT 16'
51 polymer 'COMPLEX III SUBUNIT 1 / CORE 1'
52 polymer 'COMPLEX III SUBUNIT 2 / CORE 2'
53 polymer 'Cytochrome b'
54 polymer 'COMPLEX III SUBUNIT 4 / CYTOCHROME C1'
55 polymer 'Cytochrome b-c1 complex subunit Rieske, mitochondrial'
56 polymer 'COMPLEX III SUBUNIT 7 / 14KDA'
57 polymer 'COMPLEX III SUBUNIT 8 / QP-C'
58 polymer 'Cytochrome b-c1 complex subunit 6'
59 polymer 'Cytochrome b-c1 complex subunit Rieske, mitochondrial'
60 polymer 'COMPLEX III SUBUNIT 9 / 7.2KDA'
61 polymer 'COMPLEX III SUBUNIT 10 / 6.4KDA'
62 non-polymer 'IRON/SULFUR CLUSTER'
63 non-polymer 'FE2/S2 (INORGANIC) CLUSTER'
64 non-polymer 'PROTOPORPHYRIN IX CONTAINING FE'
#
loop_
_entity_poly.entity_id
_entity_poly.type
_entity_poly.pdbx_seq_one_letter_code
_entity_poly.pdbx_strand_id
1 'polypeptide(L)'
;(UNK)(UNK)(UNK)(UNK)(UNK)(UNK)(UNK)(UNK)(UNK)(UNK)(UNK)(UNK)(UNK)(UNK)(UNK)(UNK)
(UNK)(UNK)(UNK)(UNK)(UNK)(UNK)(UNK)(UNK)(UNK)(UNK)(UNK)(UNK)(UNK)(UNK)(UNK)(UNK)
(UNK)(UNK)(UNK)(UNK)(UNK)(UNK)(UNK)(UNK)(UNK)(UNK)(UNK)(UNK)(UNK)(UNK)(UNK)(UNK)
(UNK)(UNK)(UNK)(UNK)(UNK)(UNK)(UNK)(UNK)(UNK)(UNK)(UNK)(UNK)(UNK)(UNK)(UNK)(UNK)
(UNK)(UNK)(UNK)(UNK)(UNK)(UNK)(UNK)(UNK)(UNK)(UNK)(UNK)(UNK)(UNK)(UNK)(UNK)(UNK)
(UNK)(UNK)(UNK)(UNK)(UNK)(UNK)(UNK)(UNK)(UNK)(UNK)(UNK)(UNK)(UNK)(UNK)(UNK)(UNK)
(UNK)(UNK)(UNK)(UNK)(UNK)(UNK)
;
A
2 'polypeptide(L)'
;(UNK)(UNK)(UNK)(UNK)(UNK)(UNK)(UNK)(UNK)(UNK)(UNK)(UNK)(UNK)(UNK)(UNK)(UNK)(UNK)
(UNK)(UNK)(UNK)(UNK)(UNK)(UNK)(UNK)(UNK)(UNK)(UNK)(UNK)(UNK)CC(UNK)(UNK)(UNK)
(UNK)(UNK)(UNK)(UNK)(UNK)(UNK)(UNK)(UNK)(UNK)(UNK)(UNK)(UNK)(UNK)(UNK)(UNK)(UNK)
(UNK)(UNK)(UNK)(UNK)(UNK)(UNK)(UNK)(UNK)(UNK)(UNK)(UNK)(UNK)(UNK)(UNK)(UNK)(UNK)
(UNK)(UNK)(UNK)(UNK)(UNK)(UNK)(UNK)(UNK)(UNK)(UNK)(UNK)(UNK)(UNK)(UNK)(UNK)(UNK)
(UNK)(UNK)(UNK)(UNK)(UNK)(UNK)(UNK)(UNK)(UNK)(UNK)(UNK)(UNK)C(UNK)(UNK)(UNK)
(UNK)(UNK)(UNK)(UNK)(UNK)(UNK)(UNK)(UNK)(UNK)(UNK)(UNK)(UNK)(UNK)(UNK)(UNK)(UNK)
(UNK)(UNK)(UNK)(UNK)(UNK)(UNK)(UNK)(UNK)(UNK)(UNK)C(UNK)(UNK)(UNK)(UNK)(UNK)
(UNK)(UNK)(UNK)(UNK)(UNK)(UNK)(UNK)(UNK)(UNK)(UNK)(UNK)(UNK)(UNK)(UNK)(UNK)(UNK)
(UNK)(UNK)(UNK)(UNK)(UNK)(UNK)(UNK)(UNK)(UNK)
;
B
3 'polypeptide(L)'
;(UNK)(UNK)(UNK)(UNK)(UNK)(UNK)(UNK)(UNK)(UNK)(UNK)(UNK)(UNK)(UNK)(UNK)(UNK)(UNK)
(UNK)(UNK)(UNK)(UNK)(UNK)(UNK)(UNK)(UNK)(UNK)(UNK)(UNK)(UNK)(UNK)(UNK)(UNK)(UNK)
(UNK)(UNK)(UNK)(UNK)(UNK)(UNK)(UNK)(UNK)(UNK)(UNK)(UNK)(UNK)(UNK)(UNK)(UNK)(UNK)
(UNK)(UNK)(UNK)(UNK)(UNK)(UNK)(UNK)(UNK)(UNK)(UNK)(UNK)(UNK)(UNK)(UNK)(UNK)(UNK)
(UNK)(UNK)(UNK)(UNK)(UNK)(UNK)(UNK)(UNK)(UNK)(UNK)(UNK)(UNK)(UNK)(UNK)(UNK)(UNK)
(UNK)(UNK)(UNK)(UNK)(UNK)(UNK)(UNK)(UNK)(UNK)(UNK)(UNK)(UNK)(UNK)(UNK)(UNK)(UNK)
(UNK)(UNK)(UNK)(UNK)(UNK)(UNK)(UNK)(UNK)(UNK)(UNK)(UNK)(UNK)(UNK)(UNK)(UNK)(UNK)
(UNK)(UNK)(UNK)(UNK)(UNK)(UNK)(UNK)(UNK)(UNK)(UNK)(UNK)(UNK)(UNK)(UNK)(UNK)(UNK)
(UNK)(UNK)(UNK)(UNK)(UNK)(UNK)(UNK)(UNK)(UNK)(UNK)(UNK)(UNK)(UNK)(UNK)(UNK)(UNK)
(UNK)(UNK)(UNK)(UNK)(UNK)(UNK)(UNK)(UNK)(UNK)(UNK)(UNK)(UNK)(UNK)(UNK)(UNK)(UNK)
(UNK)(UNK)(UNK)(UNK)(UNK)(UNK)(UNK)(UNK)(UNK)(UNK)(UNK)(UNK)(UNK)(UNK)(UNK)(UNK)
(UNK)(UNK)(UNK)(UNK)(UNK)(UNK)(UNK)(UNK)(UNK)(UNK)(UNK)(UNK)(UNK)(UNK)(UNK)(UNK)
(UNK)(UNK)
;
C
4 'polypeptide(L)'
;(UNK)(UNK)(UNK)(UNK)(UNK)(UNK)(UNK)(UNK)(UNK)(UNK)(UNK)(UNK)(UNK)(UNK)(UNK)(UNK)
(UNK)(UNK)(UNK)(UNK)(UNK)(UNK)(UNK)(UNK)(UNK)(UNK)(UNK)(UNK)(UNK)(UNK)(UNK)(UNK)
(UNK)(UNK)(UNK)(UNK)(UNK)(UNK)(UNK)(UNK)(UNK)(UNK)(UNK)(UNK)(UNK)(UNK)(UNK)(UNK)
(UNK)(UNK)(UNK)(UNK)(UNK)(UNK)(UNK)(UNK)(UNK)(UNK)(UNK)(UNK)(UNK)(UNK)(UNK)(UNK)
(UNK)(UNK)(UNK)(UNK)(UNK)(UNK)(UNK)(UNK)(UNK)(UNK)(UNK)(UNK)(UNK)(UNK)(UNK)(UNK)
(UNK)(UNK)(UNK)(UNK)(UNK)(UNK)(UNK)(UNK)(UNK)(UNK)(UNK)(UNK)(UNK)(UNK)(UNK)(UNK)
(UNK)(UNK)(UNK)(UNK)(UNK)(UNK)(UNK)(UNK)(UNK)(UNK)(UNK)(UNK)(UNK)(UNK)(UNK)(UNK)
(UNK)(UNK)(UNK)(UNK)(UNK)(UNK)(UNK)(UNK)(UNK)(UNK)(UNK)(UNK)(UNK)(UNK)(UNK)(UNK)
(UNK)(UNK)(UNK)(UNK)(UNK)(UNK)(UNK)(UNK)(UNK)(UNK)(UNK)(UNK)(UNK)(UNK)(UNK)(UNK)
(UNK)(UNK)(UNK)(UNK)(UNK)(UNK)(UNK)(UNK)(UNK)(UNK)(UNK)(UNK)(UNK)(UNK)(UNK)(UNK)
(UNK)(UNK)(UNK)(UNK)(UNK)(UNK)(UNK)(UNK)(UNK)(UNK)(UNK)(UNK)(UNK)(UNK)(UNK)(UNK)
(UNK)(UNK)(UNK)(UNK)(UNK)(UNK)(UNK)(UNK)(UNK)(UNK)(UNK)(UNK)(UNK)(UNK)(UNK)(UNK)
(UNK)(UNK)(UNK)(UNK)(UNK)(UNK)(UNK)(UNK)(UNK)(UNK)(UNK)(UNK)(UNK)(UNK)(UNK)(UNK)
(UNK)(UNK)(UNK)(UNK)(UNK)(UNK)(UNK)(UNK)(UNK)(UNK)(UNK)(UNK)(UNK)(UNK)(UNK)(UNK)
(UNK)(UNK)(UNK)(UNK)(UNK)(UNK)(UNK)(UNK)(UNK)(UNK)(UNK)(UNK)(UNK)(UNK)(UNK)(UNK)
(UNK)(UNK)(UNK)(UNK)(UNK)(UNK)(UNK)(UNK)(UNK)(UNK)(UNK)(UNK)(UNK)(UNK)(UNK)(UNK)
(UNK)(UNK)(UNK)(UNK)(UNK)(UNK)(UNK)(UNK)(UNK)(UNK)(UNK)(UNK)(UNK)(UNK)(UNK)(UNK)
(UNK)(UNK)(UNK)(UNK)(UNK)(UNK)(UNK)(UNK)(UNK)(UNK)(UNK)(UNK)(UNK)(UNK)(UNK)(UNK)
(UNK)(UNK)(UNK)(UNK)(UNK)(UNK)(UNK)(UNK)(UNK)(UNK)(UNK)(UNK)(UNK)(UNK)(UNK)(UNK)
(UNK)(UNK)(UNK)(UNK)(UNK)(UNK)(UNK)(UNK)(UNK)(UNK)(UNK)(UNK)(UNK)(UNK)(UNK)(UNK)
(UNK)(UNK)(UNK)(UNK)(UNK)(UNK)(UNK)(UNK)(UNK)(UNK)(UNK)(UNK)(UNK)(UNK)(UNK)(UNK)
(UNK)(UNK)(UNK)(UNK)(UNK)(UNK)(UNK)(UNK)(UNK)(UNK)(UNK)(UNK)(UNK)(UNK)(UNK)(UNK)
(UNK)(UNK)(UNK)(UNK)(UNK)(UNK)(UNK)(UNK)(UNK)(UNK)(UNK)(UNK)(UNK)(UNK)(UNK)(UNK)
(UNK)(UNK)(UNK)(UNK)(UNK)(UNK)(UNK)(UNK)(UNK)(UNK)(UNK)(UNK)(UNK)(UNK)(UNK)(UNK)
;
D
5 'polypeptide(L)'
;(UNK)(UNK)(UNK)(UNK)(UNK)(UNK)(UNK)(UNK)(UNK)(UNK)(UNK)(UNK)(UNK)(UNK)(UNK)(UNK)
(UNK)(UNK)(UNK)(UNK)(UNK)(UNK)(UNK)(UNK)(UNK)(UNK)(UNK)(UNK)(UNK)(UNK)(UNK)(UNK)
(UNK)(UNK)(UNK)(UNK)(UNK)(UNK)(UNK)(UNK)(UNK)(UNK)(UNK)(UNK)(UNK)(UNK)(UNK)(UNK)
(UNK)(UNK)(UNK)(UNK)(UNK)(UNK)(UNK)(UNK)(UNK)(UNK)(UNK)(UNK)(UNK)(UNK)(UNK)(UNK)
(UNK)(UNK)(UNK)(UNK)(UNK)(UNK)(UNK)(UNK)(UNK)(UNK)(UNK)(UNK)(UNK)(UNK)(UNK)(UNK)
(UNK)(UNK)(UNK)(UNK)(UNK)(UNK)(UNK)(UNK)(UNK)(UNK)(UNK)(UNK)(UNK)(UNK)(UNK)(UNK)
C(UNK)(UNK)(UNK)(UNK)C(UNK)(UNK)(UNK)(UNK)(UNK)(UNK)(UNK)(UNK)(UNK)(UNK)(UNK)
(UNK)(UNK)(UNK)(UNK)(UNK)(UNK)(UNK)(UNK)(UNK)(UNK)(UNK)(UNK)(UNK)(UNK)(UNK)(UNK)
(UNK)(UNK)(UNK)(UNK)(UNK)(UNK)(UNK)(UNK)C(UNK)(UNK)(UNK)C(UNK)(UNK)(UNK)(UNK)
(UNK)(UNK)(UNK)(UNK)(UNK)(UNK)(UNK)(UNK)(UNK)(UNK)(UNK)(UNK)(UNK)(UNK)(UNK)(UNK)
(UNK)(UNK)(UNK)(UNK)(UNK)(UNK)(UNK)(UNK)(UNK)(UNK)(UNK)(UNK)(UNK)(UNK)(UNK)(UNK)
(UNK)(UNK)(UNK)(UNK)(UNK)(UNK)(UNK)(UNK)(UNK)(UNK)(UNK)
;
E
6 'polypeptide(L)'
;(UNK)(UNK)(UNK)(UNK)(UNK)(UNK)(UNK)(UNK)(UNK)(UNK)(UNK)(UNK)(UNK)(UNK)(UNK)(UNK)
(UNK)(UNK)(UNK)(UNK)(UNK)(UNK)(UNK)(UNK)(UNK)(UNK)(UNK)(UNK)(UNK)(UNK)(UNK)(UNK)
(UNK)(UNK)(UNK)(UNK)(UNK)(UNK)(UNK)(UNK)(UNK)(UNK)(UNK)(UNK)(UNK)(UNK)(UNK)(UNK)
(UNK)(UNK)(UNK)(UNK)(UNK)(UNK)(UNK)(UNK)(UNK)(UNK)(UNK)(UNK)(UNK)(UNK)(UNK)(UNK)
(UNK)(UNK)(UNK)(UNK)(UNK)(UNK)(UNK)(UNK)(UNK)(UNK)(UNK)(UNK)(UNK)(UNK)(UNK)(UNK)
(UNK)(UNK)(UNK)(UNK)(UNK)(UNK)(UNK)(UNK)(UNK)(UNK)(UNK)(UNK)(UNK)(UNK)(UNK)(UNK)
(UNK)(UNK)(UNK)(UNK)(UNK)(UNK)(UNK)(UNK)(UNK)(UNK)(UNK)(UNK)(UNK)(UNK)(UNK)(UNK)
(UNK)(UNK)(UNK)(UNK)(UNK)(UNK)(UNK)(UNK)(UNK)(UNK)(UNK)(UNK)(UNK)(UNK)(UNK)(UNK)
(UNK)(UNK)(UNK)(UNK)(UNK)(UNK)(UNK)(UNK)(UNK)(UNK)(UNK)(UNK)(UNK)(UNK)(UNK)(UNK)
(UNK)(UNK)(UNK)(UNK)(UNK)(UNK)(UNK)(UNK)(UNK)(UNK)(UNK)(UNK)(UNK)(UNK)(UNK)(UNK)
(UNK)(UNK)(UNK)(UNK)(UNK)(UNK)(UNK)(UNK)(UNK)(UNK)(UNK)(UNK)(UNK)(UNK)(UNK)(UNK)
(UNK)(UNK)(UNK)(UNK)(UNK)(UNK)(UNK)(UNK)(UNK)(UNK)(UNK)(UNK)(UNK)(UNK)(UNK)(UNK)
(UNK)(UNK)(UNK)(UNK)(UNK)(UNK)(UNK)(UNK)(UNK)(UNK)(UNK)(UNK)(UNK)(UNK)(UNK)(UNK)
(UNK)(UNK)(UNK)(UNK)(UNK)(UNK)(UNK)(UNK)(UNK)(UNK)(UNK)(UNK)(UNK)(UNK)(UNK)(UNK)
(UNK)(UNK)(UNK)(UNK)(UNK)(UNK)(UNK)(UNK)(UNK)(UNK)(UNK)(UNK)(UNK)(UNK)(UNK)(UNK)
(UNK)(UNK)(UNK)(UNK)(UNK)(UNK)(UNK)(UNK)(UNK)(UNK)(UNK)(UNK)(UNK)(UNK)(UNK)(UNK)
(UNK)(UNK)(UNK)(UNK)(UNK)(UNK)(UNK)(UNK)(UNK)(UNK)(UNK)(UNK)(UNK)(UNK)(UNK)(UNK)
(UNK)(UNK)(UNK)(UNK)(UNK)(UNK)(UNK)(UNK)(UNK)(UNK)(UNK)(UNK)(UNK)(UNK)(UNK)(UNK)
(UNK)(UNK)(UNK)(UNK)(UNK)(UNK)(UNK)(UNK)(UNK)(UNK)(UNK)(UNK)(UNK)(UNK)(UNK)(UNK)
(UNK)(UNK)(UNK)(UNK)(UNK)(UNK)(UNK)(UNK)(UNK)(UNK)(UNK)(UNK)(UNK)(UNK)(UNK)(UNK)
(UNK)(UNK)(UNK)(UNK)(UNK)(UNK)(UNK)(UNK)(UNK)(UNK)(UNK)(UNK)(UNK)(UNK)(UNK)(UNK)
(UNK)(UNK)(UNK)(UNK)(UNK)(UNK)(UNK)(UNK)(UNK)(UNK)C(UNK)(UNK)C(UNK)(UNK)C(UNK)
(UNK)(UNK)(UNK)(UNK)(UNK)(UNK)(UNK)(UNK)(UNK)(UNK)(UNK)(UNK)(UNK)(UNK)(UNK)(UNK)
(UNK)(UNK)(UNK)(UNK)(UNK)(UNK)(UNK)(UNK)(UNK)(UNK)(UNK)(UNK)(UNK)(UNK)(UNK)(UNK)
(UNK)(UNK)(UNK)(UNK)(UNK)(UNK)C(UNK)(UNK)(UNK)(UNK)(UNK)(UNK)(UNK)(UNK)(UNK)
(UNK)(UNK)(UNK)(UNK)(UNK)(UNK)(UNK)(UNK)(UNK)(UNK)(UNK)(UNK)(UNK)(UNK)(UNK)(UNK)
(UNK)(UNK)(UNK)(UNK)(UNK)(UNK)(UNK)(UNK)(UNK)(UNK)(UNK)
;
F
7 'polypeptide(L)'
;(UNK)(UNK)(UNK)(UNK)(UNK)(UNK)(UNK)(UNK)(UNK)(UNK)(UNK)(UNK)(UNK)(UNK)(UNK)(UNK)
(UNK)(UNK)(UNK)(UNK)(UNK)(UNK)(UNK)(UNK)(UNK)(UNK)(UNK)(UNK)(UNK)(UNK)(UNK)(UNK)
(UNK)C(UNK)(UNK)(UNK)(UNK)(UNK)(UNK)(UNK)(UNK)(UNK)(UNK)C(UNK)(UNK)C(UNK)(UNK)
(UNK)(UNK)(UNK)(UNK)(UNK)(UNK)(UNK)(UNK)(UNK)(UNK)(UNK)C(UNK)(UNK)(UNK)(UNK)
(UNK)(UNK)(UNK)(UNK)(UNK)(UNK)(UNK)(UNK)(UNK)(UNK)(UNK)(UNK)(UNK)(UNK)(UNK)(UNK)
(UNK)(UNK)(UNK)(UNK)(UNK)(UNK)(UNK)(UNK)(UNK)(UNK)(UNK)H(UNK)(UNK)(UNK)C(UNK)
(UNK)C(UNK)(UNK)(UNK)(UNK)(UNK)C(UNK)(UNK)(UNK)(UNK)(UNK)(UNK)(UNK)(UNK)(UNK)
(UNK)(UNK)(UNK)(UNK)(UNK)(UNK)(UNK)(UNK)(UNK)(UNK)(UNK)(UNK)(UNK)(UNK)(UNK)(UNK)
(UNK)(UNK)(UNK)(UNK)(UNK)(UNK)(UNK)(UNK)(UNK)(UNK)(UNK)(UNK)(UNK)C(UNK)(UNK)C
(UNK)(UNK)C(UNK)(UNK)(UNK)(UNK)(UNK)(UNK)(UNK)(UNK)(UNK)(UNK)(UNK)(UNK)(UNK)
(UNK)(UNK)(UNK)(UNK)(UNK)(UNK)(UNK)(UNK)(UNK)(UNK)(UNK)(UNK)(UNK)(UNK)(UNK)(UNK)
(UNK)(UNK)(UNK)(UNK)(UNK)(UNK)(UNK)(UNK)(UNK)(UNK)(UNK)(UNK)(UNK)(UNK)C(UNK)
(UNK)(UNK)(UNK)(UNK)(UNK)(UNK)(UNK)(UNK)(UNK)(UNK)(UNK)(UNK)(UNK)(UNK)(UNK)(UNK)
(UNK)(UNK)(UNK)(UNK)(UNK)(UNK)(UNK)(UNK)(UNK)(UNK)(UNK)(UNK)(UNK)(UNK)(UNK)(UNK)
(UNK)(UNK)(UNK)(UNK)(UNK)(UNK)(UNK)(UNK)(UNK)(UNK)(UNK)(UNK)(UNK)(UNK)(UNK)(UNK)
(UNK)(UNK)(UNK)(UNK)(UNK)(UNK)(UNK)(UNK)(UNK)(UNK)(UNK)(UNK)(UNK)(UNK)(UNK)(UNK)
(UNK)(UNK)(UNK)(UNK)(UNK)(UNK)(UNK)(UNK)(UNK)(UNK)(UNK)(UNK)(UNK)(UNK)(UNK)(UNK)
(UNK)(UNK)(UNK)(UNK)(UNK)(UNK)(UNK)(UNK)(UNK)(UNK)(UNK)(UNK)(UNK)(UNK)(UNK)(UNK)
(UNK)(UNK)(UNK)(UNK)(UNK)(UNK)(UNK)(UNK)(UNK)(UNK)(UNK)(UNK)(UNK)(UNK)(UNK)(UNK)
(UNK)(UNK)(UNK)(UNK)(UNK)(UNK)(UNK)(UNK)(UNK)(UNK)(UNK)(UNK)(UNK)(UNK)(UNK)(UNK)
(UNK)(UNK)(UNK)(UNK)(UNK)(UNK)(UNK)(UNK)(UNK)(UNK)(UNK)(UNK)(UNK)(UNK)(UNK)(UNK)
(UNK)(UNK)(UNK)(UNK)(UNK)(UNK)(UNK)(UNK)(UNK)(UNK)(UNK)(UNK)(UNK)(UNK)(UNK)(UNK)
(UNK)(UNK)(UNK)(UNK)(UNK)(UNK)(UNK)(UNK)(UNK)(UNK)(UNK)(UNK)(UNK)(UNK)(UNK)(UNK)
(UNK)(UNK)(UNK)(UNK)(UNK)(UNK)(UNK)(UNK)(UNK)(UNK)(UNK)(UNK)(UNK)(UNK)(UNK)(UNK)
(UNK)(UNK)(UNK)(UNK)(UNK)(UNK)(UNK)(UNK)(UNK)(UNK)(UNK)(UNK)(UNK)(UNK)(UNK)(UNK)
(UNK)(UNK)(UNK)(UNK)(UNK)(UNK)(UNK)(UNK)(UNK)(UNK)(UNK)(UNK)(UNK)(UNK)(UNK)(UNK)
(UNK)(UNK)(UNK)(UNK)(UNK)(UNK)(UNK)(UNK)(UNK)(UNK)(UNK)(UNK)(UNK)(UNK)(UNK)(UNK)
(UNK)(UNK)(UNK)(UNK)(UNK)(UNK)(UNK)(UNK)(UNK)(UNK)(UNK)(UNK)(UNK)(UNK)(UNK)(UNK)
(UNK)(UNK)(UNK)(UNK)(UNK)(UNK)(UNK)(UNK)(UNK)(UNK)(UNK)(UNK)(UNK)(UNK)(UNK)(UNK)
(UNK)(UNK)(UNK)(UNK)(UNK)(UNK)(UNK)(UNK)(UNK)(UNK)(UNK)(UNK)(UNK)(UNK)(UNK)(UNK)
(UNK)(UNK)(UNK)(UNK)(UNK)(UNK)(UNK)(UNK)(UNK)(UNK)(UNK)(UNK)(UNK)(UNK)(UNK)(UNK)
(UNK)(UNK)(UNK)(UNK)(UNK)(UNK)(UNK)(UNK)(UNK)(UNK)(UNK)(UNK)(UNK)(UNK)(UNK)(UNK)
(UNK)(UNK)(UNK)(UNK)(UNK)(UNK)(UNK)(UNK)(UNK)(UNK)(UNK)(UNK)(UNK)(UNK)(UNK)(UNK)
(UNK)(UNK)(UNK)(UNK)(UNK)(UNK)(UNK)(UNK)(UNK)(UNK)(UNK)(UNK)(UNK)(UNK)(UNK)(UNK)
(UNK)(UNK)(UNK)(UNK)(UNK)(UNK)(UNK)(UNK)(UNK)(UNK)(UNK)(UNK)(UNK)(UNK)(UNK)(UNK)
(UNK)(UNK)(UNK)(UNK)(UNK)(UNK)(UNK)(UNK)(UNK)(UNK)(UNK)(UNK)(UNK)(UNK)(UNK)(UNK)
(UNK)(UNK)(UNK)(UNK)(UNK)(UNK)(UNK)(UNK)(UNK)(UNK)(UNK)(UNK)(UNK)(UNK)(UNK)(UNK)
(UNK)(UNK)(UNK)(UNK)(UNK)(UNK)(UNK)(UNK)(UNK)(UNK)(UNK)(UNK)(UNK)(UNK)(UNK)(UNK)
(UNK)(UNK)(UNK)(UNK)(UNK)(UNK)(UNK)(UNK)(UNK)(UNK)(UNK)(UNK)(UNK)(UNK)(UNK)(UNK)
(UNK)(UNK)(UNK)(UNK)(UNK)(UNK)(UNK)(UNK)(UNK)(UNK)(UNK)(UNK)(UNK)(UNK)(UNK)(UNK)
(UNK)(UNK)(UNK)(UNK)(UNK)(UNK)(UNK)
;
G
8 'polypeptide(L)'
;(UNK)(UNK)(UNK)(UNK)(UNK)(UNK)(UNK)(UNK)(UNK)(UNK)(UNK)(UNK)(UNK)(UNK)(UNK)(UNK)
(UNK)(UNK)(UNK)(UNK)(UNK)(UNK)(UNK)(UNK)(UNK)(UNK)(UNK)(UNK)(UNK)(UNK)(UNK)(UNK)
(UNK)(UNK)(UNK)(UNK)(UNK)(UNK)(UNK)(UNK)(UNK)(UNK)(UNK)(UNK)(UNK)(UNK)(UNK)(UNK)
(UNK)(UNK)(UNK)(UNK)(UNK)(UNK)(UNK)(UNK)(UNK)(UNK)(UNK)(UNK)(UNK)(UNK)(UNK)(UNK)
(UNK)(UNK)(UNK)(UNK)(UNK)(UNK)(UNK)(UNK)(UNK)(UNK)(UNK)(UNK)(UNK)(UNK)(UNK)(UNK)
(UNK)(UNK)(UNK)(UNK)(UNK)(UNK)(UNK)(UNK)(UNK)(UNK)(UNK)(UNK)(UNK)(UNK)(UNK)(UNK)
(UNK)(UNK)(UNK)(UNK)(UNK)(UNK)(UNK)(UNK)(UNK)(UNK)(UNK)(UNK)(UNK)(UNK)(UNK)(UNK)
(UNK)(UNK)(UNK)(UNK)(UNK)(UNK)(UNK)(UNK)(UNK)(UNK)(UNK)(UNK)(UNK)(UNK)(UNK)(UNK)
(UNK)(UNK)(UNK)(UNK)(UNK)(UNK)(UNK)(UNK)(UNK)(UNK)(UNK)(UNK)(UNK)(UNK)(UNK)(UNK)
(UNK)(UNK)(UNK)(UNK)(UNK)(UNK)(UNK)(UNK)(UNK)(UNK)(UNK)(UNK)(UNK)(UNK)(UNK)(UNK)
(UNK)(UNK)(UNK)(UNK)(UNK)(UNK)(UNK)(UNK)(UNK)(UNK)(UNK)(UNK)(UNK)(UNK)(UNK)(UNK)
(UNK)(UNK)(UNK)(UNK)(UNK)(UNK)(UNK)(UNK)(UNK)(UNK)(UNK)(UNK)(UNK)(UNK)(UNK)(UNK)
(UNK)(UNK)(UNK)(UNK)(UNK)(UNK)(UNK)(UNK)(UNK)(UNK)(UNK)(UNK)(UNK)(UNK)(UNK)(UNK)
(UNK)(UNK)(UNK)(UNK)(UNK)(UNK)(UNK)(UNK)(UNK)(UNK)(UNK)(UNK)(UNK)(UNK)(UNK)(UNK)
(UNK)(UNK)(UNK)(UNK)(UNK)(UNK)(UNK)(UNK)(UNK)(UNK)(UNK)(UNK)(UNK)(UNK)(UNK)(UNK)
(UNK)(UNK)(UNK)(UNK)(UNK)(UNK)(UNK)(UNK)(UNK)(UNK)(UNK)(UNK)(UNK)(UNK)(UNK)(UNK)
(UNK)(UNK)(UNK)(UNK)(UNK)(UNK)(UNK)(UNK)(UNK)(UNK)(UNK)(UNK)(UNK)(UNK)(UNK)(UNK)
(UNK)(UNK)(UNK)(UNK)(UNK)(UNK)(UNK)(UNK)(UNK)(UNK)(UNK)(UNK)(UNK)(UNK)(UNK)(UNK)
(UNK)(UNK)(UNK)(UNK)(UNK)(UNK)(UNK)(UNK)(UNK)
;
H
9 'polypeptide(L)'
;(UNK)(UNK)(UNK)(UNK)(UNK)(UNK)(UNK)(UNK)(UNK)(UNK)(UNK)(UNK)(UNK)(UNK)(UNK)(UNK)
(UNK)(UNK)(UNK)(UNK)(UNK)(UNK)(UNK)(UNK)(UNK)(UNK)(UNK)(UNK)(UNK)(UNK)(UNK)(UNK)
(UNK)(UNK)(UNK)(UNK)(UNK)(UNK)(UNK)(UNK)(UNK)(UNK)(UNK)(UNK)(UNK)(UNK)(UNK)(UNK)
(UNK)(UNK)(UNK)(UNK)(UNK)(UNK)(UNK)(UNK)(UNK)(UNK)(UNK)(UNK)(UNK)(UNK)(UNK)(UNK)
(UNK)(UNK)(UNK)(UNK)(UNK)(UNK)(UNK)C(UNK)(UNK)C(UNK)(UNK)C(UNK)(UNK)(UNK)C(UNK)
(UNK)(UNK)(UNK)(UNK)(UNK)(UNK)(UNK)(UNK)(UNK)(UNK)(UNK)(UNK)(UNK)(UNK)(UNK)(UNK)
(UNK)(UNK)(UNK)(UNK)(UNK)(UNK)(UNK)(UNK)(UNK)(UNK)(UNK)C(UNK)(UNK)C(UNK)(UNK)C
(UNK)(UNK)(UNK)C(UNK)(UNK)(UNK)(UNK)(UNK)(UNK)(UNK)(UNK)(UNK)(UNK)(UNK)(UNK)
(UNK)(UNK)(UNK)(UNK)(UNK)(UNK)(UNK)(UNK)(UNK)(UNK)(UNK)(UNK)(UNK)(UNK)(UNK)(UNK)
(UNK)(UNK)(UNK)(UNK)(UNK)(UNK)(UNK)(UNK)(UNK)(UNK)(UNK)(UNK)(UNK)(UNK)(UNK)(UNK)
(UNK)(UNK)(UNK)(UNK)(UNK)(UNK)
;
I
10 'polypeptide(L)'
;(UNK)(UNK)(UNK)(UNK)(UNK)(UNK)(UNK)(UNK)(UNK)(UNK)(UNK)(UNK)(UNK)(UNK)(UNK)(UNK)
(UNK)(UNK)(UNK)(UNK)(UNK)(UNK)(UNK)(UNK)(UNK)(UNK)(UNK)(UNK)(UNK)(UNK)(UNK)(UNK)
(UNK)(UNK)(UNK)(UNK)(UNK)(UNK)(UNK)(UNK)(UNK)(UNK)(UNK)(UNK)(UNK)(UNK)(UNK)(UNK)
(UNK)(UNK)(UNK)(UNK)(UNK)(UNK)(UNK)(UNK)(UNK)(UNK)(UNK)(UNK)(UNK)(UNK)(UNK)(UNK)
(UNK)(UNK)(UNK)(UNK)(UNK)(UNK)(UNK)(UNK)(UNK)(UNK)(UNK)(UNK)(UNK)(UNK)(UNK)(UNK)
(UNK)(UNK)(UNK)(UNK)(UNK)(UNK)(UNK)(UNK)(UNK)(UNK)(UNK)(UNK)(UNK)(UNK)(UNK)(UNK)
(UNK)(UNK)(UNK)(UNK)(UNK)(UNK)(UNK)(UNK)(UNK)(UNK)(UNK)(UNK)(UNK)(UNK)(UNK)(UNK)
(UNK)(UNK)(UNK)(UNK)(UNK)(UNK)(UNK)(UNK)(UNK)(UNK)(UNK)(UNK)(UNK)(UNK)(UNK)(UNK)
(UNK)(UNK)(UNK)(UNK)(UNK)(UNK)(UNK)(UNK)(UNK)(UNK)(UNK)(UNK)(UNK)(UNK)(UNK)(UNK)
(UNK)(UNK)(UNK)(UNK)(UNK)(UNK)(UNK)(UNK)(UNK)(UNK)(UNK)(UNK)(UNK)(UNK)(UNK)(UNK)
(UNK)(UNK)(UNK)(UNK)(UNK)(UNK)(UNK)(UNK)(UNK)(UNK)(UNK)
;
J
11 'polypeptide(L)'
;(UNK)(UNK)(UNK)(UNK)(UNK)(UNK)(UNK)(UNK)(UNK)(UNK)(UNK)(UNK)(UNK)(UNK)(UNK)(UNK)
(UNK)(UNK)(UNK)(UNK)(UNK)(UNK)(UNK)(UNK)(UNK)(UNK)(UNK)(UNK)(UNK)(UNK)(UNK)(UNK)
(UNK)(UNK)(UNK)(UNK)(UNK)(UNK)(UNK)(UNK)(UNK)(UNK)(UNK)(UNK)(UNK)(UNK)(UNK)(UNK)
(UNK)(UNK)(UNK)(UNK)(UNK)(UNK)(UNK)(UNK)(UNK)(UNK)(UNK)(UNK)(UNK)(UNK)(UNK)(UNK)
(UNK)(UNK)(UNK)(UNK)(UNK)(UNK)(UNK)(UNK)(UNK)(UNK)(UNK)(UNK)(UNK)(UNK)(UNK)(UNK)
(UNK)(UNK)(UNK)(UNK)(UNK)(UNK)(UNK)(UNK)(UNK)(UNK)(UNK)(UNK)(UNK)
;
K
12 'polypeptide(L)'
;(UNK)(UNK)(UNK)(UNK)(UNK)(UNK)(UNK)(UNK)(UNK)(UNK)(UNK)(UNK)(UNK)(UNK)(UNK)(UNK)
(UNK)(UNK)(UNK)(UNK)(UNK)(UNK)(UNK)(UNK)(UNK)(UNK)(UNK)(UNK)(UNK)(UNK)(UNK)(UNK)
(UNK)(UNK)(UNK)(UNK)(UNK)(UNK)(UNK)(UNK)(UNK)(UNK)(UNK)(UNK)(UNK)(UNK)(UNK)(UNK)
(UNK)(UNK)(UNK)(UNK)(UNK)(UNK)(UNK)(UNK)(UNK)(UNK)(UNK)(UNK)(UNK)(UNK)(UNK)(UNK)
(UNK)(UNK)(UNK)(UNK)(UNK)(UNK)(UNK)(UNK)(UNK)(UNK)(UNK)(UNK)(UNK)(UNK)(UNK)(UNK)
(UNK)(UNK)(UNK)(UNK)(UNK)(UNK)(UNK)(UNK)(UNK)(UNK)(UNK)(UNK)(UNK)(UNK)(UNK)(UNK)
(UNK)(UNK)(UNK)(UNK)(UNK)(UNK)(UNK)(UNK)(UNK)(UNK)(UNK)(UNK)(UNK)(UNK)(UNK)(UNK)
(UNK)(UNK)(UNK)(UNK)(UNK)(UNK)(UNK)(UNK)(UNK)(UNK)(UNK)(UNK)(UNK)(UNK)(UNK)(UNK)
(UNK)(UNK)(UNK)(UNK)(UNK)(UNK)(UNK)(UNK)(UNK)(UNK)(UNK)(UNK)(UNK)(UNK)(UNK)(UNK)
(UNK)(UNK)(UNK)(UNK)(UNK)(UNK)(UNK)(UNK)(UNK)(UNK)(UNK)(UNK)(UNK)(UNK)(UNK)(UNK)
(UNK)(UNK)(UNK)(UNK)(UNK)(UNK)(UNK)(UNK)(UNK)(UNK)(UNK)(UNK)(UNK)(UNK)(UNK)(UNK)
(UNK)(UNK)(UNK)(UNK)(UNK)(UNK)(UNK)(UNK)(UNK)(UNK)(UNK)(UNK)(UNK)(UNK)(UNK)(UNK)
(UNK)(UNK)(UNK)(UNK)(UNK)(UNK)(UNK)(UNK)(UNK)(UNK)(UNK)(UNK)(UNK)(UNK)(UNK)(UNK)
(UNK)(UNK)(UNK)(UNK)(UNK)(UNK)(UNK)(UNK)(UNK)(UNK)(UNK)(UNK)(UNK)(UNK)(UNK)(UNK)
(UNK)(UNK)(UNK)(UNK)(UNK)(UNK)(UNK)(UNK)(UNK)(UNK)(UNK)(UNK)(UNK)(UNK)(UNK)(UNK)
(UNK)(UNK)(UNK)(UNK)(UNK)(UNK)(UNK)(UNK)(UNK)(UNK)(UNK)(UNK)(UNK)(UNK)(UNK)(UNK)
(UNK)(UNK)(UNK)(UNK)(UNK)(UNK)(UNK)(UNK)(UNK)(UNK)(UNK)(UNK)(UNK)(UNK)(UNK)(UNK)
(UNK)(UNK)(UNK)(UNK)(UNK)(UNK)(UNK)(UNK)(UNK)(UNK)(UNK)(UNK)(UNK)(UNK)(UNK)(UNK)
(UNK)(UNK)(UNK)(UNK)(UNK)(UNK)(UNK)(UNK)(UNK)(UNK)(UNK)(UNK)(UNK)(UNK)(UNK)(UNK)
(UNK)(UNK)(UNK)(UNK)(UNK)(UNK)(UNK)(UNK)(UNK)(UNK)(UNK)(UNK)(UNK)(UNK)(UNK)(UNK)
(UNK)(UNK)(UNK)(UNK)(UNK)(UNK)(UNK)(UNK)(UNK)(UNK)(UNK)(UNK)(UNK)(UNK)(UNK)(UNK)
(UNK)(UNK)(UNK)(UNK)(UNK)(UNK)(UNK)(UNK)(UNK)(UNK)(UNK)(UNK)(UNK)(UNK)(UNK)(UNK)
(UNK)(UNK)(UNK)(UNK)(UNK)(UNK)(UNK)(UNK)(UNK)(UNK)(UNK)(UNK)(UNK)(UNK)(UNK)(UNK)
(UNK)(UNK)(UNK)(UNK)(UNK)(UNK)(UNK)(UNK)(UNK)(UNK)(UNK)(UNK)(UNK)(UNK)(UNK)(UNK)
(UNK)(UNK)(UNK)(UNK)(UNK)(UNK)(UNK)(UNK)(UNK)(UNK)(UNK)(UNK)(UNK)(UNK)(UNK)(UNK)
(UNK)(UNK)(UNK)(UNK)(UNK)(UNK)(UNK)(UNK)(UNK)(UNK)(UNK)(UNK)(UNK)(UNK)(UNK)(UNK)
(UNK)(UNK)(UNK)(UNK)(UNK)(UNK)(UNK)(UNK)(UNK)(UNK)(UNK)(UNK)(UNK)(UNK)(UNK)(UNK)
(UNK)(UNK)(UNK)(UNK)(UNK)(UNK)(UNK)(UNK)(UNK)(UNK)(UNK)(UNK)(UNK)(UNK)(UNK)(UNK)
(UNK)(UNK)(UNK)(UNK)(UNK)(UNK)(UNK)(UNK)(UNK)(UNK)(UNK)(UNK)(UNK)(UNK)(UNK)(UNK)
(UNK)(UNK)(UNK)(UNK)(UNK)(UNK)(UNK)(UNK)(UNK)(UNK)(UNK)(UNK)(UNK)(UNK)(UNK)(UNK)
(UNK)(UNK)(UNK)(UNK)(UNK)(UNK)(UNK)(UNK)(UNK)(UNK)(UNK)(UNK)(UNK)(UNK)(UNK)(UNK)
(UNK)(UNK)(UNK)(UNK)(UNK)(UNK)(UNK)(UNK)(UNK)(UNK)(UNK)(UNK)(UNK)(UNK)(UNK)(UNK)
(UNK)(UNK)(UNK)(UNK)(UNK)(UNK)(UNK)(UNK)(UNK)(UNK)(UNK)(UNK)(UNK)(UNK)(UNK)(UNK)
(UNK)(UNK)(UNK)(UNK)(UNK)(UNK)(UNK)(UNK)(UNK)(UNK)(UNK)(UNK)(UNK)(UNK)(UNK)(UNK)
(UNK)(UNK)(UNK)(UNK)(UNK)(UNK)(UNK)(UNK)(UNK)(UNK)(UNK)(UNK)(UNK)(UNK)(UNK)(UNK)
(UNK)(UNK)(UNK)(UNK)(UNK)(UNK)(UNK)(UNK)(UNK)(UNK)(UNK)(UNK)(UNK)(UNK)(UNK)
;
L
13 'polypeptide(L)'
;(UNK)(UNK)(UNK)(UNK)(UNK)(UNK)(UNK)(UNK)(UNK)(UNK)(UNK)(UNK)(UNK)(UNK)(UNK)(UNK)
(UNK)(UNK)(UNK)(UNK)(UNK)(UNK)(UNK)(UNK)(UNK)(UNK)(UNK)(UNK)(UNK)(UNK)(UNK)(UNK)
(UNK)(UNK)(UNK)(UNK)(UNK)(UNK)(UNK)(UNK)(UNK)(UNK)(UNK)(UNK)(UNK)(UNK)(UNK)(UNK)
(UNK)(UNK)(UNK)(UNK)(UNK)(UNK)(UNK)(UNK)(UNK)(UNK)(UNK)(UNK)(UNK)(UNK)(UNK)(UNK)
(UNK)(UNK)(UNK)(UNK)(UNK)(UNK)(UNK)(UNK)(UNK)(UNK)(UNK)(UNK)(UNK)(UNK)(UNK)(UNK)
(UNK)(UNK)(UNK)(UNK)(UNK)(UNK)(UNK)(UNK)(UNK)(UNK)(UNK)(UNK)(UNK)(UNK)(UNK)(UNK)
(UNK)(UNK)(UNK)(UNK)(UNK)(UNK)(UNK)(UNK)(UNK)(UNK)(UNK)(UNK)(UNK)(UNK)(UNK)(UNK)
(UNK)(UNK)(UNK)(UNK)(UNK)(UNK)(UNK)(UNK)(UNK)(UNK)(UNK)(UNK)(UNK)(UNK)(UNK)(UNK)
(UNK)(UNK)(UNK)(UNK)(UNK)(UNK)(UNK)(UNK)(UNK)(UNK)(UNK)(UNK)(UNK)(UNK)(UNK)(UNK)
(UNK)(UNK)(UNK)(UNK)(UNK)(UNK)(UNK)(UNK)(UNK)(UNK)(UNK)(UNK)(UNK)(UNK)(UNK)(UNK)
(UNK)(UNK)(UNK)(UNK)(UNK)(UNK)(UNK)(UNK)(UNK)(UNK)(UNK)(UNK)(UNK)(UNK)(UNK)(UNK)
(UNK)(UNK)(UNK)(UNK)(UNK)(UNK)(UNK)(UNK)(UNK)(UNK)(UNK)(UNK)(UNK)(UNK)(UNK)(UNK)
(UNK)(UNK)(UNK)(UNK)(UNK)(UNK)(UNK)(UNK)(UNK)(UNK)(UNK)(UNK)(UNK)(UNK)(UNK)(UNK)
(UNK)(UNK)(UNK)(UNK)(UNK)(UNK)(UNK)(UNK)(UNK)(UNK)(UNK)(UNK)(UNK)(UNK)(UNK)(UNK)
(UNK)(UNK)(UNK)(UNK)(UNK)(UNK)(UNK)(UNK)(UNK)(UNK)(UNK)(UNK)(UNK)(UNK)(UNK)(UNK)
(UNK)(UNK)(UNK)(UNK)(UNK)(UNK)(UNK)(UNK)(UNK)(UNK)(UNK)(UNK)(UNK)(UNK)(UNK)(UNK)
(UNK)(UNK)(UNK)(UNK)(UNK)(UNK)(UNK)(UNK)(UNK)(UNK)(UNK)(UNK)(UNK)(UNK)(UNK)(UNK)
(UNK)(UNK)(UNK)(UNK)(UNK)(UNK)(UNK)(UNK)(UNK)(UNK)(UNK)(UNK)(UNK)(UNK)(UNK)(UNK)
(UNK)(UNK)(UNK)(UNK)(UNK)(UNK)(UNK)(UNK)(UNK)(UNK)(UNK)(UNK)(UNK)(UNK)(UNK)(UNK)
(UNK)(UNK)(UNK)(UNK)(UNK)(UNK)(UNK)(UNK)(UNK)(UNK)(UNK)(UNK)(UNK)(UNK)(UNK)(UNK)
(UNK)(UNK)(UNK)(UNK)(UNK)(UNK)(UNK)(UNK)(UNK)(UNK)(UNK)(UNK)(UNK)(UNK)(UNK)(UNK)
(UNK)(UNK)(UNK)(UNK)(UNK)(UNK)(UNK)(UNK)(UNK)(UNK)(UNK)(UNK)(UNK)(UNK)(UNK)(UNK)
(UNK)(UNK)(UNK)(UNK)(UNK)(UNK)(UNK)(UNK)(UNK)(UNK)(UNK)(UNK)(UNK)(UNK)(UNK)(UNK)
(UNK)(UNK)(UNK)(UNK)(UNK)(UNK)(UNK)(UNK)(UNK)(UNK)(UNK)(UNK)(UNK)(UNK)(UNK)(UNK)
(UNK)(UNK)(UNK)(UNK)(UNK)(UNK)(UNK)(UNK)(UNK)(UNK)(UNK)(UNK)(UNK)(UNK)(UNK)(UNK)
(UNK)(UNK)(UNK)(UNK)(UNK)(UNK)(UNK)(UNK)(UNK)(UNK)(UNK)(UNK)(UNK)(UNK)(UNK)(UNK)
(UNK)(UNK)(UNK)(UNK)(UNK)(UNK)(UNK)(UNK)(UNK)(UNK)(UNK)(UNK)(UNK)(UNK)(UNK)(UNK)
(UNK)(UNK)(UNK)(UNK)(UNK)(UNK)(UNK)(UNK)(UNK)(UNK)(UNK)(UNK)(UNK)(UNK)(UNK)(UNK)
(UNK)(UNK)(UNK)(UNK)(UNK)(UNK)(UNK)
;
M
14 'polypeptide(L)'
;(UNK)(UNK)(UNK)(UNK)(UNK)(UNK)(UNK)(UNK)(UNK)(UNK)(UNK)(UNK)(UNK)(UNK)(UNK)(UNK)
(UNK)(UNK)(UNK)(UNK)(UNK)(UNK)(UNK)(UNK)(UNK)(UNK)(UNK)(UNK)(UNK)(UNK)(UNK)(UNK)
(UNK)(UNK)(UNK)(UNK)(UNK)(UNK)(UNK)(UNK)(UNK)(UNK)(UNK)(UNK)(UNK)(UNK)(UNK)(UNK)
(UNK)(UNK)(UNK)(UNK)(UNK)(UNK)(UNK)(UNK)(UNK)(UNK)(UNK)(UNK)(UNK)(UNK)(UNK)(UNK)
(UNK)(UNK)(UNK)(UNK)(UNK)(UNK)(UNK)(UNK)(UNK)(UNK)(UNK)(UNK)(UNK)(UNK)(UNK)(UNK)
(UNK)(UNK)(UNK)(UNK)(UNK)(UNK)(UNK)(UNK)(UNK)(UNK)(UNK)(UNK)(UNK)(UNK)(UNK)(UNK)
(UNK)(UNK)(UNK)(UNK)(UNK)(UNK)(UNK)(UNK)(UNK)(UNK)(UNK)(UNK)(UNK)(UNK)(UNK)(UNK)
(UNK)(UNK)(UNK)(UNK)(UNK)(UNK)(UNK)(UNK)(UNK)(UNK)(UNK)(UNK)(UNK)(UNK)(UNK)(UNK)
(UNK)(UNK)(UNK)(UNK)(UNK)(UNK)(UNK)(UNK)(UNK)(UNK)(UNK)(UNK)(UNK)(UNK)(UNK)(UNK)
(UNK)(UNK)(UNK)(UNK)(UNK)(UNK)(UNK)(UNK)(UNK)(UNK)(UNK)(UNK)(UNK)(UNK)(UNK)(UNK)
(UNK)(UNK)(UNK)(UNK)(UNK)(UNK)(UNK)(UNK)(UNK)(UNK)(UNK)(UNK)(UNK)(UNK)(UNK)(UNK)
(UNK)(UNK)(UNK)(UNK)(UNK)(UNK)(UNK)(UNK)(UNK)(UNK)(UNK)(UNK)(UNK)(UNK)(UNK)(UNK)
(UNK)(UNK)(UNK)(UNK)(UNK)(UNK)(UNK)(UNK)(UNK)(UNK)(UNK)(UNK)(UNK)(UNK)(UNK)(UNK)
(UNK)(UNK)(UNK)(UNK)(UNK)(UNK)(UNK)(UNK)(UNK)(UNK)(UNK)(UNK)(UNK)(UNK)(UNK)(UNK)
(UNK)(UNK)(UNK)(UNK)(UNK)(UNK)(UNK)(UNK)(UNK)(UNK)(UNK)(UNK)(UNK)(UNK)(UNK)(UNK)
(UNK)(UNK)(UNK)(UNK)(UNK)(UNK)(UNK)(UNK)(UNK)(UNK)(UNK)(UNK)(UNK)(UNK)(UNK)(UNK)
(UNK)(UNK)(UNK)(UNK)(UNK)(UNK)(UNK)(UNK)(UNK)(UNK)(UNK)(UNK)(UNK)(UNK)(UNK)(UNK)
(UNK)(UNK)(UNK)(UNK)(UNK)(UNK)(UNK)(UNK)(UNK)(UNK)(UNK)(UNK)(UNK)(UNK)(UNK)(UNK)
(UNK)(UNK)(UNK)(UNK)(UNK)(UNK)(UNK)(UNK)(UNK)(UNK)(UNK)(UNK)(UNK)(UNK)(UNK)(UNK)
(UNK)(UNK)(UNK)(UNK)(UNK)(UNK)(UNK)(UNK)(UNK)(UNK)(UNK)(UNK)(UNK)(UNK)(UNK)(UNK)
(UNK)(UNK)(UNK)(UNK)(UNK)(UNK)(UNK)(UNK)(UNK)(UNK)(UNK)(UNK)(UNK)(UNK)(UNK)(UNK)
(UNK)(UNK)(UNK)(UNK)(UNK)(UNK)(UNK)(UNK)(UNK)
;
N
15 'polypeptide(L)'
;(UNK)(UNK)(UNK)(UNK)(UNK)(UNK)(UNK)(UNK)(UNK)(UNK)(UNK)(UNK)(UNK)(UNK)(UNK)(UNK)
(UNK)(UNK)(UNK)(UNK)(UNK)(UNK)(UNK)(UNK)(UNK)(UNK)(UNK)(UNK)(UNK)(UNK)(UNK)(UNK)
(UNK)(UNK)(UNK)(UNK)(UNK)(UNK)(UNK)(UNK)(UNK)(UNK)(UNK)(UNK)(UNK)(UNK)(UNK)(UNK)
(UNK)(UNK)(UNK)(UNK)(UNK)(UNK)(UNK)(UNK)(UNK)(UNK)(UNK)(UNK)(UNK)(UNK)(UNK)(UNK)
(UNK)(UNK)(UNK)(UNK)(UNK)(UNK)(UNK)(UNK)(UNK)(UNK)(UNK)(UNK)(UNK)(UNK)(UNK)(UNK)
(UNK)(UNK)(UNK)(UNK)(UNK)(UNK)(UNK)(UNK)(UNK)(UNK)(UNK)(UNK)(UNK)(UNK)(UNK)(UNK)
(UNK)(UNK)(UNK)(UNK)(UNK)(UNK)(UNK)(UNK)
;
O
16 'polypeptide(L)'
;(UNK)(UNK)(UNK)(UNK)(UNK)(UNK)(UNK)(UNK)(UNK)(UNK)(UNK)(UNK)(UNK)(UNK)(UNK)(UNK)
(UNK)(UNK)(UNK)(UNK)(UNK)(UNK)(UNK)(UNK)(UNK)(UNK)(UNK)(UNK)(UNK)(UNK)(UNK)(UNK)
(UNK)(UNK)(UNK)(UNK)(UNK)(UNK)(UNK)(UNK)(UNK)(UNK)(UNK)(UNK)(UNK)(UNK)(UNK)(UNK)
(UNK)(UNK)(UNK)(UNK)(UNK)(UNK)(UNK)(UNK)(UNK)(UNK)(UNK)(UNK)(UNK)(UNK)(UNK)(UNK)
(UNK)(UNK)(UNK)(UNK)(UNK)(UNK)(UNK)(UNK)(UNK)(UNK)(UNK)(UNK)(UNK)(UNK)(UNK)(UNK)
(UNK)(UNK)(UNK)(UNK)(UNK)
;
P
17 'polypeptide(L)'
;(UNK)(UNK)(UNK)(UNK)(UNK)(UNK)(UNK)(UNK)(UNK)(UNK)(UNK)(UNK)(UNK)(UNK)(UNK)(UNK)
(UNK)(UNK)(UNK)(UNK)(UNK)(UNK)(UNK)(UNK)(UNK)(UNK)(UNK)(UNK)(UNK)(UNK)(UNK)(UNK)
(UNK)(UNK)(UNK)(UNK)(UNK)(UNK)(UNK)(UNK)(UNK)(UNK)(UNK)(UNK)(UNK)(UNK)(UNK)(UNK)
(UNK)(UNK)(UNK)(UNK)(UNK)(UNK)(UNK)(UNK)(UNK)(UNK)(UNK)(UNK)(UNK)(UNK)(UNK)(UNK)
(UNK)(UNK)
;
Q
18 'polypeptide(L)'
;(UNK)(UNK)(UNK)(UNK)(UNK)(UNK)(UNK)(UNK)(UNK)(UNK)(UNK)(UNK)(UNK)(UNK)(UNK)(UNK)
(UNK)(UNK)(UNK)(UNK)(UNK)(UNK)(UNK)(UNK)(UNK)(UNK)(UNK)(UNK)(UNK)
;
R
19 'polypeptide(L)'
;(UNK)(UNK)(UNK)(UNK)(UNK)(UNK)(UNK)(UNK)(UNK)(UNK)(UNK)(UNK)(UNK)(UNK)(UNK)(UNK)
(UNK)(UNK)(UNK)(UNK)(UNK)(UNK)(UNK)(UNK)(UNK)(UNK)(UNK)(UNK)(UNK)(UNK)(UNK)(UNK)
(UNK)(UNK)(UNK)(UNK)(UNK)(UNK)(UNK)(UNK)(UNK)(UNK)(UNK)(UNK)(UNK)(UNK)(UNK)(UNK)
(UNK)(UNK)(UNK)(UNK)(UNK)(UNK)(UNK)(UNK)(UNK)(UNK)(UNK)(UNK)(UNK)(UNK)(UNK)(UNK)
(UNK)(UNK)(UNK)(UNK)(UNK)(UNK)(UNK)(UNK)(UNK)(UNK)(UNK)(UNK)(UNK)(UNK)(UNK)(UNK)
;
S,d
20 'polypeptide(L)'
;(UNK)(UNK)(UNK)(UNK)(UNK)(UNK)(UNK)(UNK)(UNK)(UNK)(UNK)(UNK)(UNK)(UNK)(UNK)(UNK)
(UNK)(UNK)(UNK)(UNK)(UNK)(UNK)(UNK)(UNK)(UNK)(UNK)(UNK)(UNK)(UNK)(UNK)(UNK)(UNK)
(UNK)(UNK)(UNK)(UNK)(UNK)(UNK)(UNK)(UNK)(UNK)(UNK)(UNK)(UNK)(UNK)(UNK)(UNK)(UNK)
(UNK)(UNK)(UNK)(UNK)(UNK)
;
T
21 'polypeptide(L)'
;(UNK)(UNK)(UNK)(UNK)(UNK)(UNK)(UNK)(UNK)(UNK)(UNK)(UNK)(UNK)(UNK)(UNK)(UNK)(UNK)
(UNK)(UNK)(UNK)(UNK)(UNK)(UNK)(UNK)(UNK)(UNK)(UNK)(UNK)(UNK)(UNK)(UNK)(UNK)(UNK)
(UNK)(UNK)(UNK)(UNK)(UNK)(UNK)(UNK)(UNK)(UNK)(UNK)(UNK)(UNK)(UNK)(UNK)(UNK)(UNK)
(UNK)(UNK)(UNK)(UNK)(UNK)(UNK)(UNK)(UNK)(UNK)(UNK)(UNK)(UNK)(UNK)(UNK)(UNK)(UNK)
(UNK)(UNK)(UNK)(UNK)(UNK)(UNK)(UNK)(UNK)(UNK)(UNK)(UNK)(UNK)(UNK)(UNK)(UNK)(UNK)
(UNK)(UNK)(UNK)(UNK)(UNK)(UNK)(UNK)(UNK)(UNK)(UNK)(UNK)(UNK)(UNK)(UNK)(UNK)(UNK)
;
U
22 'polypeptide(L)'
;(UNK)(UNK)(UNK)(UNK)(UNK)(UNK)(UNK)(UNK)(UNK)(UNK)(UNK)(UNK)(UNK)(UNK)(UNK)(UNK)
(UNK)(UNK)(UNK)(UNK)(UNK)(UNK)(UNK)(UNK)(UNK)(UNK)(UNK)(UNK)(UNK)(UNK)(UNK)(UNK)
(UNK)(UNK)(UNK)(UNK)(UNK)(UNK)(UNK)(UNK)(UNK)(UNK)(UNK)(UNK)(UNK)(UNK)(UNK)(UNK)
(UNK)(UNK)(UNK)(UNK)(UNK)(UNK)(UNK)(UNK)(UNK)(UNK)(UNK)(UNK)(UNK)(UNK)(UNK)(UNK)
(UNK)(UNK)(UNK)(UNK)(UNK)(UNK)(UNK)(UNK)(UNK)(UNK)(UNK)(UNK)(UNK)(UNK)(UNK)(UNK)
(UNK)(UNK)(UNK)(UNK)(UNK)(UNK)(UNK)(UNK)(UNK)(UNK)(UNK)(UNK)(UNK)(UNK)(UNK)(UNK)
(UNK)(UNK)(UNK)(UNK)(UNK)(UNK)(UNK)(UNK)(UNK)(UNK)(UNK)(UNK)(UNK)(UNK)(UNK)(UNK)
;
V
23 'polypeptide(L)'
;(UNK)(UNK)(UNK)(UNK)(UNK)(UNK)(UNK)(UNK)(UNK)(UNK)(UNK)(UNK)(UNK)(UNK)(UNK)(UNK)
(UNK)(UNK)(UNK)(UNK)(UNK)(UNK)(UNK)(UNK)(UNK)(UNK)(UNK)(UNK)(UNK)(UNK)(UNK)(UNK)
(UNK)(UNK)(UNK)(UNK)(UNK)(UNK)(UNK)(UNK)(UNK)(UNK)(UNK)(UNK)(UNK)(UNK)(UNK)(UNK)
(UNK)(UNK)(UNK)(UNK)(UNK)(UNK)(UNK)(UNK)(UNK)(UNK)(UNK)(UNK)(UNK)(UNK)(UNK)(UNK)
(UNK)(UNK)(UNK)(UNK)(UNK)(UNK)(UNK)(UNK)(UNK)(UNK)(UNK)(UNK)(UNK)(UNK)(UNK)(UNK)
(UNK)(UNK)(UNK)(UNK)(UNK)(UNK)(UNK)(UNK)(UNK)(UNK)(UNK)(UNK)(UNK)(UNK)(UNK)(UNK)
(UNK)(UNK)(UNK)(UNK)(UNK)(UNK)(UNK)
;
W
24 'polypeptide(L)'
;(UNK)(UNK)(UNK)(UNK)(UNK)(UNK)(UNK)(UNK)(UNK)(UNK)(UNK)(UNK)(UNK)(UNK)(UNK)(UNK)
(UNK)(UNK)(UNK)(UNK)(UNK)(UNK)(UNK)(UNK)(UNK)(UNK)(UNK)(UNK)(UNK)(UNK)(UNK)(UNK)
(UNK)(UNK)(UNK)(UNK)(UNK)(UNK)(UNK)(UNK)(UNK)(UNK)(UNK)(UNK)(UNK)(UNK)(UNK)(UNK)
(UNK)(UNK)(UNK)(UNK)(UNK)(UNK)(UNK)(UNK)(UNK)(UNK)(UNK)(UNK)(UNK)(UNK)(UNK)(UNK)
(UNK)(UNK)(UNK)(UNK)(UNK)(UNK)(UNK)(UNK)(UNK)(UNK)(UNK)(UNK)(UNK)(UNK)(UNK)(UNK)
(UNK)(UNK)(UNK)(UNK)(UNK)(UNK)(UNK)(UNK)(UNK)(UNK)(UNK)(UNK)(UNK)(UNK)(UNK)(UNK)
(UNK)(UNK)(UNK)(UNK)(UNK)(UNK)(UNK)(UNK)(UNK)(UNK)(UNK)(UNK)(UNK)(UNK)(UNK)(UNK)
(UNK)(UNK)(UNK)(UNK)(UNK)(UNK)(UNK)(UNK)(UNK)(UNK)(UNK)(UNK)(UNK)(UNK)(UNK)(UNK)
(UNK)(UNK)(UNK)(UNK)(UNK)(UNK)(UNK)(UNK)(UNK)(UNK)(UNK)(UNK)(UNK)(UNK)(UNK)(UNK)
(UNK)(UNK)(UNK)(UNK)(UNK)(UNK)(UNK)(UNK)(UNK)(UNK)(UNK)(UNK)(UNK)(UNK)(UNK)(UNK)
(UNK)(UNK)(UNK)(UNK)(UNK)(UNK)(UNK)(UNK)(UNK)(UNK)(UNK)(UNK)(UNK)(UNK)(UNK)(UNK)
(UNK)(UNK)(UNK)(UNK)(UNK)(UNK)(UNK)(UNK)(UNK)(UNK)(UNK)(UNK)(UNK)(UNK)(UNK)(UNK)
(UNK)(UNK)(UNK)(UNK)(UNK)(UNK)(UNK)(UNK)(UNK)(UNK)(UNK)(UNK)(UNK)(UNK)(UNK)(UNK)
(UNK)(UNK)(UNK)(UNK)(UNK)(UNK)(UNK)(UNK)(UNK)(UNK)(UNK)(UNK)(UNK)(UNK)(UNK)(UNK)
(UNK)(UNK)(UNK)(UNK)(UNK)(UNK)(UNK)(UNK)(UNK)(UNK)(UNK)(UNK)(UNK)(UNK)(UNK)(UNK)
(UNK)(UNK)(UNK)(UNK)(UNK)(UNK)(UNK)(UNK)(UNK)(UNK)(UNK)(UNK)(UNK)(UNK)(UNK)(UNK)
(UNK)(UNK)(UNK)(UNK)(UNK)(UNK)(UNK)(UNK)(UNK)(UNK)(UNK)(UNK)(UNK)(UNK)(UNK)(UNK)
(UNK)(UNK)(UNK)(UNK)(UNK)(UNK)(UNK)(UNK)(UNK)(UNK)(UNK)(UNK)(UNK)(UNK)(UNK)(UNK)
(UNK)(UNK)(UNK)(UNK)(UNK)(UNK)(UNK)(UNK)(UNK)(UNK)(UNK)(UNK)(UNK)(UNK)(UNK)(UNK)
(UNK)(UNK)(UNK)(UNK)(UNK)
;
X
25 'polypeptide(L)'
;(UNK)(UNK)(UNK)(UNK)(UNK)(UNK)(UNK)(UNK)(UNK)(UNK)(UNK)(UNK)(UNK)(UNK)(UNK)(UNK)
(UNK)(UNK)(UNK)(UNK)(UNK)(UNK)(UNK)(UNK)(UNK)(UNK)(UNK)(UNK)(UNK)(UNK)(UNK)(UNK)
(UNK)(UNK)(UNK)(UNK)(UNK)(UNK)(UNK)(UNK)(UNK)(UNK)(UNK)(UNK)(UNK)(UNK)(UNK)(UNK)
(UNK)(UNK)(UNK)(UNK)(UNK)(UNK)(UNK)(UNK)(UNK)(UNK)(UNK)(UNK)(UNK)(UNK)(UNK)(UNK)
(UNK)(UNK)(UNK)(UNK)(UNK)(UNK)(UNK)(UNK)(UNK)(UNK)(UNK)(UNK)(UNK)(UNK)(UNK)(UNK)
(UNK)(UNK)(UNK)(UNK)(UNK)(UNK)(UNK)(UNK)(UNK)(UNK)(UNK)(UNK)(UNK)(UNK)(UNK)(UNK)
(UNK)(UNK)(UNK)(UNK)(UNK)(UNK)(UNK)(UNK)(UNK)(UNK)(UNK)(UNK)(UNK)(UNK)(UNK)(UNK)
(UNK)(UNK)(UNK)(UNK)(UNK)(UNK)(UNK)(UNK)(UNK)(UNK)(UNK)(UNK)(UNK)(UNK)(UNK)(UNK)
(UNK)(UNK)(UNK)(UNK)(UNK)(UNK)(UNK)(UNK)(UNK)(UNK)(UNK)(UNK)(UNK)(UNK)(UNK)(UNK)
(UNK)(UNK)(UNK)(UNK)(UNK)(UNK)(UNK)(UNK)(UNK)(UNK)(UNK)(UNK)(UNK)(UNK)(UNK)(UNK)
(UNK)(UNK)(UNK)(UNK)(UNK)(UNK)(UNK)(UNK)(UNK)(UNK)(UNK)(UNK)(UNK)(UNK)(UNK)(UNK)
(UNK)(UNK)(UNK)(UNK)(UNK)(UNK)(UNK)(UNK)(UNK)(UNK)(UNK)(UNK)(UNK)(UNK)(UNK)(UNK)
(UNK)(UNK)(UNK)(UNK)(UNK)(UNK)(UNK)(UNK)(UNK)(UNK)(UNK)(UNK)(UNK)(UNK)(UNK)(UNK)
(UNK)(UNK)(UNK)(UNK)(UNK)(UNK)(UNK)(UNK)(UNK)(UNK)(UNK)(UNK)(UNK)(UNK)(UNK)(UNK)
(UNK)(UNK)(UNK)(UNK)(UNK)(UNK)(UNK)(UNK)(UNK)(UNK)(UNK)(UNK)(UNK)(UNK)(UNK)(UNK)
(UNK)(UNK)(UNK)(UNK)(UNK)(UNK)(UNK)(UNK)(UNK)(UNK)(UNK)(UNK)(UNK)(UNK)(UNK)(UNK)
(UNK)(UNK)(UNK)(UNK)(UNK)(UNK)(UNK)(UNK)(UNK)(UNK)(UNK)(UNK)(UNK)(UNK)(UNK)(UNK)
(UNK)(UNK)(UNK)(UNK)(UNK)(UNK)(UNK)(UNK)(UNK)(UNK)(UNK)(UNK)(UNK)(UNK)(UNK)(UNK)
(UNK)(UNK)(UNK)(UNK)(UNK)(UNK)(UNK)(UNK)(UNK)(UNK)(UNK)(UNK)(UNK)(UNK)(UNK)(UNK)
(UNK)(UNK)(UNK)(UNK)(UNK)(UNK)(UNK)(UNK)(UNK)(UNK)(UNK)(UNK)(UNK)(UNK)(UNK)(UNK)
(UNK)(UNK)
;
Y
26 'polypeptide(L)'
;(UNK)(UNK)(UNK)(UNK)(UNK)(UNK)(UNK)(UNK)(UNK)(UNK)(UNK)(UNK)(UNK)(UNK)(UNK)(UNK)
(UNK)(UNK)(UNK)(UNK)(UNK)(UNK)(UNK)(UNK)(UNK)(UNK)(UNK)(UNK)(UNK)(UNK)(UNK)(UNK)
(UNK)(UNK)(UNK)(UNK)(UNK)(UNK)(UNK)(UNK)(UNK)(UNK)(UNK)(UNK)(UNK)(UNK)(UNK)(UNK)
(UNK)(UNK)(UNK)(UNK)(UNK)(UNK)(UNK)(UNK)(UNK)(UNK)(UNK)(UNK)(UNK)(UNK)(UNK)(UNK)
(UNK)(UNK)(UNK)(UNK)(UNK)(UNK)(UNK)(UNK)(UNK)(UNK)(UNK)(UNK)(UNK)(UNK)(UNK)(UNK)
(UNK)(UNK)(UNK)(UNK)(UNK)(UNK)(UNK)(UNK)(UNK)(UNK)(UNK)(UNK)(UNK)(UNK)(UNK)(UNK)
(UNK)(UNK)(UNK)(UNK)(UNK)(UNK)(UNK)(UNK)(UNK)(UNK)(UNK)(UNK)(UNK)(UNK)(UNK)(UNK)
(UNK)(UNK)(UNK)(UNK)(UNK)(UNK)(UNK)
;
Z
27 'polypeptide(L)'
;(UNK)(UNK)(UNK)(UNK)(UNK)(UNK)(UNK)(UNK)(UNK)(UNK)(UNK)(UNK)(UNK)(UNK)(UNK)(UNK)
(UNK)(UNK)(UNK)(UNK)(UNK)(UNK)(UNK)(UNK)(UNK)(UNK)(UNK)(UNK)(UNK)(UNK)(UNK)(UNK)
(UNK)(UNK)(UNK)(UNK)(UNK)(UNK)(UNK)(UNK)(UNK)(UNK)(UNK)(UNK)(UNK)(UNK)(UNK)(UNK)
(UNK)(UNK)(UNK)(UNK)(UNK)(UNK)(UNK)(UNK)(UNK)(UNK)(UNK)(UNK)(UNK)(UNK)(UNK)(UNK)
(UNK)(UNK)(UNK)(UNK)(UNK)(UNK)(UNK)(UNK)(UNK)(UNK)(UNK)(UNK)(UNK)(UNK)(UNK)(UNK)
(UNK)(UNK)(UNK)(UNK)(UNK)(UNK)(UNK)(UNK)(UNK)(UNK)(UNK)(UNK)(UNK)(UNK)(UNK)(UNK)
(UNK)(UNK)(UNK)(UNK)(UNK)(UNK)(UNK)(UNK)(UNK)(UNK)(UNK)(UNK)(UNK)(UNK)(UNK)
;
a
28 'polypeptide(L)'
;(UNK)(UNK)(UNK)(UNK)(UNK)(UNK)(UNK)(UNK)(UNK)(UNK)(UNK)(UNK)(UNK)(UNK)(UNK)(UNK)
(UNK)(UNK)(UNK)(UNK)(UNK)(UNK)(UNK)(UNK)(UNK)(UNK)(UNK)(UNK)(UNK)(UNK)(UNK)(UNK)
(UNK)(UNK)(UNK)(UNK)(UNK)(UNK)(UNK)(UNK)(UNK)(UNK)(UNK)(UNK)(UNK)(UNK)(UNK)(UNK)
(UNK)(UNK)(UNK)(UNK)(UNK)(UNK)(UNK)(UNK)(UNK)(UNK)(UNK)(UNK)(UNK)(UNK)(UNK)(UNK)
(UNK)(UNK)(UNK)(UNK)(UNK)(UNK)(UNK)(UNK)(UNK)(UNK)(UNK)(UNK)(UNK)(UNK)(UNK)(UNK)
(UNK)(UNK)(UNK)(UNK)(UNK)(UNK)(UNK)(UNK)(UNK)(UNK)(UNK)(UNK)
;
b
29 'polypeptide(L)'
;(UNK)(UNK)(UNK)(UNK)(UNK)(UNK)(UNK)(UNK)(UNK)(UNK)(UNK)(UNK)(UNK)(UNK)(UNK)(UNK)
(UNK)(UNK)(UNK)(UNK)(UNK)(UNK)(UNK)(UNK)(UNK)(UNK)(UNK)(UNK)(UNK)(UNK)(UNK)(UNK)
(UNK)(UNK)(UNK)(UNK)(UNK)(UNK)(UNK)(UNK)(UNK)(UNK)(UNK)(UNK)(UNK)(UNK)(UNK)(UNK)
(UNK)(UNK)(UNK)(UNK)(UNK)(UNK)(UNK)(UNK)(UNK)(UNK)(UNK)(UNK)(UNK)(UNK)(UNK)(UNK)
(UNK)(UNK)(UNK)(UNK)(UNK)(UNK)(UNK)(UNK)(UNK)(UNK)(UNK)(UNK)(UNK)(UNK)(UNK)
;
c
30 'polypeptide(L)'
;(UNK)(UNK)(UNK)(UNK)(UNK)(UNK)(UNK)(UNK)(UNK)(UNK)(UNK)(UNK)(UNK)(UNK)(UNK)(UNK)
(UNK)(UNK)(UNK)(UNK)(UNK)(UNK)(UNK)(UNK)(UNK)(UNK)(UNK)(UNK)(UNK)(UNK)(UNK)(UNK)
(UNK)(UNK)(UNK)(UNK)(UNK)(UNK)(UNK)(UNK)(UNK)(UNK)(UNK)(UNK)(UNK)(UNK)(UNK)(UNK)
(UNK)(UNK)(UNK)(UNK)(UNK)(UNK)(UNK)
;
e
31 'polypeptide(L)'
;(UNK)(UNK)(UNK)(UNK)(UNK)(UNK)(UNK)(UNK)(UNK)(UNK)(UNK)(UNK)(UNK)(UNK)(UNK)(UNK)
(UNK)(UNK)(UNK)(UNK)(UNK)(UNK)(UNK)(UNK)(UNK)(UNK)(UNK)(UNK)(UNK)(UNK)(UNK)(UNK)
(UNK)(UNK)(UNK)(UNK)(UNK)(UNK)(UNK)(UNK)(UNK)(UNK)(UNK)(UNK)(UNK)(UNK)(UNK)(UNK)
(UNK)(UNK)(UNK)(UNK)(UNK)(UNK)(UNK)(UNK)(UNK)(UNK)(UNK)
;
f
32 'polypeptide(L)'
;(UNK)(UNK)(UNK)(UNK)(UNK)(UNK)(UNK)(UNK)(UNK)(UNK)(UNK)(UNK)(UNK)(UNK)(UNK)(UNK)
(UNK)(UNK)(UNK)(UNK)(UNK)(UNK)(UNK)(UNK)(UNK)(UNK)(UNK)(UNK)(UNK)(UNK)(UNK)(UNK)
(UNK)(UNK)(UNK)(UNK)(UNK)(UNK)(UNK)(UNK)(UNK)(UNK)(UNK)(UNK)(UNK)(UNK)(UNK)(UNK)
(UNK)(UNK)(UNK)(UNK)(UNK)(UNK)(UNK)(UNK)(UNK)(UNK)(UNK)(UNK)(UNK)(UNK)(UNK)(UNK)
(UNK)(UNK)(UNK)(UNK)(UNK)(UNK)(UNK)(UNK)(UNK)(UNK)(UNK)(UNK)(UNK)(UNK)(UNK)(UNK)
(UNK)(UNK)(UNK)(UNK)(UNK)(UNK)(UNK)(UNK)(UNK)(UNK)(UNK)(UNK)(UNK)(UNK)(UNK)(UNK)
(UNK)(UNK)(UNK)(UNK)(UNK)(UNK)(UNK)(UNK)(UNK)(UNK)(UNK)(UNK)(UNK)(UNK)(UNK)(UNK)
(UNK)(UNK)(UNK)(UNK)(UNK)(UNK)(UNK)(UNK)(UNK)(UNK)(UNK)(UNK)(UNK)(UNK)(UNK)(UNK)
(UNK)(UNK)
;
g
33 'polypeptide(L)'
;(UNK)(UNK)(UNK)(UNK)(UNK)(UNK)(UNK)(UNK)(UNK)(UNK)(UNK)(UNK)(UNK)(UNK)(UNK)(UNK)
(UNK)(UNK)(UNK)(UNK)(UNK)(UNK)(UNK)(UNK)(UNK)(UNK)(UNK)(UNK)(UNK)(UNK)(UNK)(UNK)
(UNK)(UNK)(UNK)(UNK)(UNK)(UNK)(UNK)(UNK)(UNK)(UNK)(UNK)(UNK)(UNK)(UNK)(UNK)(UNK)
(UNK)(UNK)(UNK)(UNK)(UNK)(UNK)(UNK)(UNK)(UNK)(UNK)(UNK)(UNK)(UNK)(UNK)(UNK)
;
h,9,z
34 'polypeptide(L)'
;(UNK)(UNK)(UNK)(UNK)(UNK)(UNK)(UNK)(UNK)(UNK)(UNK)(UNK)(UNK)(UNK)(UNK)(UNK)(UNK)
(UNK)(UNK)(UNK)(UNK)(UNK)(UNK)(UNK)(UNK)(UNK)(UNK)(UNK)(UNK)(UNK)(UNK)(UNK)(UNK)
(UNK)(UNK)(UNK)(UNK)(UNK)(UNK)(UNK)(UNK)(UNK)(UNK)(UNK)(UNK)(UNK)(UNK)(UNK)(UNK)
(UNK)(UNK)(UNK)(UNK)(UNK)(UNK)(UNK)(UNK)(UNK)(UNK)(UNK)(UNK)(UNK)(UNK)(UNK)(UNK)
(UNK)(UNK)(UNK)(UNK)(UNK)(UNK)
;
i
35 'polypeptide(L)'
;(UNK)(UNK)(UNK)(UNK)(UNK)(UNK)(UNK)(UNK)(UNK)(UNK)(UNK)(UNK)(UNK)(UNK)(UNK)(UNK)
(UNK)(UNK)(UNK)(UNK)(UNK)(UNK)(UNK)(UNK)(UNK)(UNK)(UNK)(UNK)(UNK)(UNK)(UNK)(UNK)
(UNK)(UNK)(UNK)(UNK)(UNK)(UNK)(UNK)(UNK)(UNK)(UNK)(UNK)(UNK)
;
j
36 'polypeptide(L)'
;(UNK)(UNK)(UNK)(UNK)(UNK)(UNK)(UNK)(UNK)(UNK)(UNK)(UNK)(UNK)(UNK)(UNK)(UNK)(UNK)
(UNK)(UNK)(UNK)(UNK)(UNK)(UNK)(UNK)(UNK)(UNK)(UNK)(UNK)(UNK)(UNK)(UNK)(UNK)(UNK)
(UNK)(UNK)(UNK)(UNK)(UNK)(UNK)(UNK)(UNK)(UNK)(UNK)(UNK)(UNK)(UNK)(UNK)(UNK)(UNK)
(UNK)(UNK)(UNK)(UNK)(UNK)(UNK)(UNK)(UNK)(UNK)(UNK)(UNK)(UNK)(UNK)(UNK)(UNK)(UNK)
(UNK)(UNK)(UNK)(UNK)(UNK)(UNK)(UNK)(UNK)(UNK)(UNK)(UNK)(UNK)(UNK)(UNK)(UNK)(UNK)
(UNK)(UNK)(UNK)
;
k
37 'polypeptide(L)'
;(UNK)(UNK)(UNK)(UNK)(UNK)(UNK)(UNK)(UNK)(UNK)(UNK)(UNK)(UNK)(UNK)(UNK)(UNK)(UNK)
(UNK)(UNK)(UNK)(UNK)(UNK)(UNK)(UNK)(UNK)(UNK)(UNK)(UNK)(UNK)(UNK)(UNK)(UNK)(UNK)
(UNK)(UNK)(UNK)(UNK)
;
0
38 'polypeptide(L)'
;(UNK)(UNK)(UNK)(UNK)(UNK)(UNK)(UNK)(UNK)(UNK)(UNK)(UNK)(UNK)(UNK)(UNK)(UNK)(UNK)
(UNK)(UNK)(UNK)(UNK)(UNK)(UNK)(UNK)(UNK)(UNK)(UNK)(UNK)(UNK)(UNK)(UNK)
;
1
39 'polypeptide(L)'
;(UNK)(UNK)(UNK)(UNK)(UNK)(UNK)(UNK)(UNK)(UNK)(UNK)(UNK)(UNK)(UNK)(UNK)(UNK)(UNK)
(UNK)(UNK)(UNK)(UNK)(UNK)(UNK)(UNK)(UNK)(UNK)(UNK)(UNK)(UNK)(UNK)(UNK)(UNK)(UNK)
(UNK)(UNK)(UNK)(UNK)(UNK)(UNK)
;
2
40 'polypeptide(L)'
;(UNK)(UNK)(UNK)(UNK)(UNK)(UNK)(UNK)(UNK)(UNK)(UNK)(UNK)(UNK)(UNK)(UNK)(UNK)(UNK)
(UNK)(UNK)(UNK)(UNK)(UNK)(UNK)(UNK)(UNK)(UNK)(UNK)(UNK)(UNK)
;
3,4
41 'polypeptide(L)'
;(UNK)(UNK)(UNK)(UNK)(UNK)(UNK)(UNK)(UNK)(UNK)(UNK)(UNK)(UNK)(UNK)(UNK)(UNK)(UNK)
(UNK)(UNK)(UNK)(UNK)(UNK)(UNK)(UNK)(UNK)(UNK)(UNK)(UNK)(UNK)(UNK)(UNK)(UNK)(UNK)
(UNK)(UNK)
;
5
42 'polypeptide(L)'
;(UNK)(UNK)(UNK)(UNK)(UNK)(UNK)(UNK)(UNK)(UNK)(UNK)(UNK)(UNK)(UNK)(UNK)(UNK)(UNK)
(UNK)(UNK)(UNK)(UNK)(UNK)
;
6
43 'polypeptide(L)'
;(UNK)(UNK)(UNK)(UNK)(UNK)(UNK)(UNK)(UNK)(UNK)(UNK)(UNK)(UNK)(UNK)(UNK)(UNK)(UNK)
(UNK)(UNK)(UNK)(UNK)(UNK)(UNK)(UNK)(UNK)(UNK)(UNK)(UNK)(UNK)(UNK)(UNK)(UNK)(UNK)
(UNK)(UNK)(UNK)(UNK)(UNK)(UNK)(UNK)
;
7
44 'polypeptide(L)'
;(UNK)(UNK)(UNK)(UNK)(UNK)(UNK)(UNK)(UNK)(UNK)(UNK)(UNK)(UNK)(UNK)(UNK)(UNK)(UNK)
(UNK)(UNK)(UNK)(UNK)(UNK)(UNK)(UNK)(UNK)(UNK)(UNK)(UNK)
;
8
45 'polypeptide(L)'
;(UNK)(UNK)(UNK)(UNK)(UNK)(UNK)(UNK)(UNK)(UNK)(UNK)(UNK)(UNK)(UNK)(UNK)(UNK)(UNK)
(UNK)(UNK)(UNK)(UNK)(UNK)(UNK)(UNK)(UNK)(UNK)(UNK)(UNK)(UNK)(UNK)(UNK)(UNK)(UNK)
(UNK)(UNK)(UNK)(UNK)(UNK)(UNK)(UNK)(UNK)(UNK)(UNK)(UNK)(UNK)(UNK)(UNK)
;
y
46 'polypeptide(L)' (UNK)(UNK)(UNK)(UNK)(UNK)(UNK)(UNK)(UNK)(UNK)(UNK)(UNK)(UNK)(UNK) x
47 'polypeptide(L)'
;(UNK)(UNK)(UNK)(UNK)(UNK)(UNK)(UNK)(UNK)(UNK)(UNK)(UNK)(UNK)(UNK)(UNK)(UNK)(UNK)
(UNK)(UNK)(UNK)(UNK)(UNK)(UNK)(UNK)(UNK)
;
w
48 'polypeptide(L)'
;(UNK)(UNK)(UNK)(UNK)(UNK)(UNK)(UNK)(UNK)(UNK)(UNK)(UNK)(UNK)(UNK)(UNK)(UNK)(UNK)
(UNK)(UNK)
;
v
49 'polypeptide(L)' (UNK)(UNK)(UNK)(UNK)(UNK)(UNK)(UNK)(UNK)(UNK)(UNK)(UNK)(UNK)(UNK)(UNK)(UNK)(UNK) u
50 'polypeptide(L)' (UNK)(UNK)(UNK)(UNK)(UNK)(UNK)(UNK)(UNK)(UNK)(UNK)(UNK)(UNK) t
51 'polypeptide(L)'
;TATYAQALQSVPETQVSQLDNGLRVASEQSSQPTCTVGVWIDAGSRYETEKNNGAGYFVEHLAFKGTKNRPGNALEKEVE
SMGAHLNAYSTREHTAYYIKALSKDLPKAVELLADIVQNCSLEDSQIEKERDVILQELQENDTSMRDVVFNYLHATAFQG
TPLAQSVEGPSENVRKLSRADLTEYLSRHYKAPRMVLAAAGGLEHRQLLDLAQKHFSGLSGTYDEDAVPTLTPCRFTGSE
IRHREDGLPLAHVAIAVEGPGWANPDNVALQVANAIIGHYDCTYGGGMHLSSPLASVAVTNKLCQSFQTFNICYADTGLL
GAHFVCDHMSIDDMMFVLQGQWMRLCTSATESEVVRGKNLLRNALVSHLDGTTPVCEDIGRSLLTYGRRIPLAEWESRIA
EVDARVVREVCSKYFYDQCPAVAGFGPIEQLPDYNRIRSGMFWLRF
;
AA,AL
52 'polypeptide(L)'
;VPQHPQDLEFTRLPNGLVIASLENYAPASRIGLFIKAGSRYENFNNLGTSHLLRLASSLTTKGASSFKITRGIEAVGGKL
SVTSTRENMAYTVECLRDDVDILMEFLLNVTTAPEFRRWEVAALQSQLRIDKAVAFQNPQAHVIENLHAAAYRNALANSL
YCPDYRIGKVTPDELHDYVQNHFTSARMALIGLGVSHPVLKQVAEQFLNIRGGLGLSGAKAKYRGGEIREQNGDSLVHAA
LVAESAAIGSAEANAFSVLQHVLGAGPHVKRGSNATSSLYQAVAKGVHQPFDVSAFNASYSDSGLFGFYTISQAASAGDV
IKAAYNQVKTIAQGNLSNPDVQAAKNKLKAGYLMSVESSEGFLDEVGCQALAAGSYTPPSTVLQQIDAVADADVINAAKK
FVSGRKSMAASGNLGHTPFIDEL
;
AB,AM
53 'polypeptide(L)'
;INIRKTHPLMKIVNNAFIDLPAPSNISSWWNFGSLLGICLILQILTGLFLAMHYTPDTTTAFSSVTHICRDVNYGWIIRY
MHANGASMFFICLFMHVGRGLYYGSYTFLETWNIGVILLFATMATAFMGYVLPWGQMSFWGATVITNLLSAIPYIGTNLV
EWIWGGFSVDKATLTRFFAFHFISPFIIAALAMVHLLFLHETGSNNPTGIPSDTDKIPFHPYYTIKDILGAILLILILML
LVLFTPDLLGDPDNYTPANPLNTPPHIKPEWYFLFAYAILRSIPNKLGGVLALILSILVLVLMPLLHTSKQRSMMFRPIS
QCMFWILVADLLTLTWIGGQPVEHPYIIIGQLASIMYILLIMVMMPVASIIENNLLKW
;
AC,AN
54 'polypeptide(L)'
;SDLELHPPSYPWSHRGLLSSLDHTSIRRGFQVYKQVCSSCHSMDYVAYRHLVGVCYTEDEAKALAEEVEVQDGPNEDGEM
FMRPGKLSDYFPKPYPNPEAARAANNGALPPDLSYIVRARHGGEDYVFSLLTGYCEPPTGVSLREGLYFNPYFPGQAIGM
APPIYNEVLEFDDGTPATMSQVAKDVCTFLRWAAEPEHDHRKRMGLKMLLMMGLLLPLVYAMKRHKWSVLKSRKLAYRPP
K
;
AD,AO
55 'polypeptide(L)'
;SHTDIKVPDFSDYRRPEVLDSTKSSKESSEARKGFSYLITATTTVGVAYAAKNVVSQFVSSMSASADVLAMSKIEIKLSD
IPEGKNMAFKWRGKPLFVRHRTKKEIDQEAAVEVSQLRDPQHDLERVKKPEWVILIGVCTHLGCVPIANAGDFGGYYCPC
HGSHYDASGRIRKGPAPLNLEVPSYEFTSDDMVIVG
;
AE,AP
56 'polypeptide(L)'
;VSASSKWLEGIRKWYYNAAGFNKLGLMRDDTIHENDDVKEAIRRLPENLYDDRVFRIKRALDLSMRQQILPKEQWTKYEE
DKFYLEPYLKEVIRERKEREEWAKK
;
AF,AQ
57 'polypeptide(L)' GRQFGHLTRVRHVITYSLSPFEQRAFPHYFSKGIPNVLRRTRACILRVAPPFVVFYLVYTWGTQEFEKSKRKNPA AG,AR
58 'polypeptide(L)' ELVDPLTTVREQCEQLEKCVKARERLELCDERVSSRSQTEEDCTEELFDFLHARDHCVAHKLFNSLK AH,AS
59 'polypeptide(L)' MLSVAARSGPFAPVLSATSRGVAGALRPLVQAAVPATSESPVLDLKRSVLCRESLRG AI,AT
60 'polypeptide(L)' AAPTLTARLYSLLFRRTSTFALTIVVGALFFERAFDQGADAIYEHINEGKLWKHIKHKYE AJ,AU
61 'polypeptide(L)' MLTRFLGPRYRQLARNWVPTAQLWGAVGAVGLVWATDWRLILDWVPYINGK AK,AV
#
loop_
_chem_comp.id
_chem_comp.type
_chem_comp.name
_chem_comp.formula
FES non-polymer 'FE2/S2 (INORGANIC) CLUSTER' 'Fe2 S2'
HEM non-polymer 'PROTOPORPHYRIN IX CONTAINING FE' 'C34 H32 Fe N4 O4'
SF4 non-polymer 'IRON/SULFUR CLUSTER' 'Fe4 S4'
#
# COMPACT_ATOMS: atom_id res chain seq x y z
N UNK A 1 -3.53 -6.37 -70.72
CA UNK A 1 -3.97 -5.88 -69.43
C UNK A 1 -5.09 -4.86 -69.61
N UNK A 2 -5.48 -4.64 -70.87
CA UNK A 2 -6.56 -3.71 -71.16
C UNK A 2 -7.82 -4.09 -70.40
N UNK A 3 -8.02 -5.38 -70.14
CA UNK A 3 -9.13 -5.78 -69.29
C UNK A 3 -8.96 -5.20 -67.90
N UNK A 4 -7.82 -5.48 -67.27
CA UNK A 4 -7.53 -4.87 -65.98
C UNK A 4 -7.69 -3.36 -66.06
N UNK A 5 -7.33 -2.79 -67.21
CA UNK A 5 -7.62 -1.38 -67.42
C UNK A 5 -9.10 -1.12 -67.23
N UNK A 6 -9.95 -1.96 -67.82
CA UNK A 6 -11.37 -1.78 -67.61
C UNK A 6 -11.74 -1.95 -66.15
N UNK A 7 -11.03 -2.81 -65.43
CA UNK A 7 -11.27 -2.98 -64.00
C UNK A 7 -11.04 -1.67 -63.26
N UNK A 8 -9.79 -1.21 -63.25
CA UNK A 8 -9.47 0.04 -62.60
C UNK A 8 -10.32 1.18 -63.13
N UNK A 9 -10.88 1.03 -64.32
CA UNK A 9 -11.90 1.96 -64.78
C UNK A 9 -13.16 1.81 -63.94
N UNK A 10 -13.57 0.57 -63.68
CA UNK A 10 -14.76 0.36 -62.86
C UNK A 10 -14.58 0.96 -61.48
N UNK A 11 -13.49 0.58 -60.80
CA UNK A 11 -13.21 1.19 -59.50
C UNK A 11 -13.09 2.70 -59.64
N UNK A 12 -12.54 3.15 -60.77
CA UNK A 12 -12.36 4.57 -61.01
C UNK A 12 -13.68 5.32 -60.96
N UNK A 13 -14.53 5.09 -61.95
CA UNK A 13 -15.82 5.77 -61.98
C UNK A 13 -16.63 5.48 -60.73
N UNK A 14 -16.41 4.33 -60.12
CA UNK A 14 -17.03 4.00 -58.86
C UNK A 14 -16.71 5.08 -57.83
N UNK A 15 -15.44 5.15 -57.44
CA UNK A 15 -15.02 6.15 -56.48
C UNK A 15 -15.38 7.56 -56.94
N UNK A 16 -15.44 7.78 -58.25
CA UNK A 16 -15.95 9.05 -58.75
C UNK A 16 -17.34 9.30 -58.21
N UNK A 17 -18.23 8.32 -58.38
CA UNK A 17 -19.55 8.43 -57.78
C UNK A 17 -19.47 8.55 -56.28
N UNK A 18 -18.44 7.97 -55.66
CA UNK A 18 -18.30 8.09 -54.22
C UNK A 18 -18.11 9.55 -53.83
N UNK A 19 -17.12 10.20 -54.43
CA UNK A 19 -16.95 11.64 -54.26
C UNK A 19 -18.26 12.36 -54.55
N UNK A 20 -18.97 11.93 -55.60
CA UNK A 20 -20.28 12.49 -55.83
C UNK A 20 -21.18 12.34 -54.62
N UNK A 21 -20.99 11.28 -53.83
CA UNK A 21 -21.92 10.98 -52.75
C UNK A 21 -21.50 11.69 -51.48
N UNK A 22 -20.45 11.19 -50.82
CA UNK A 22 -20.03 11.82 -49.58
C UNK A 22 -19.60 13.26 -49.81
N UNK A 23 -19.03 13.52 -50.98
CA UNK A 23 -18.72 14.89 -51.37
C UNK A 23 -19.94 15.64 -51.88
N UNK A 24 -21.01 14.93 -52.26
CA UNK A 24 -22.28 15.64 -52.38
C UNK A 24 -22.77 16.06 -51.02
N UNK A 25 -22.44 15.29 -49.99
CA UNK A 25 -22.88 15.59 -48.64
C UNK A 25 -22.11 16.77 -48.08
N UNK A 26 -20.80 16.60 -47.90
CA UNK A 26 -19.96 17.75 -47.53
C UNK A 26 -20.20 18.89 -48.49
N UNK A 27 -20.48 18.59 -49.75
CA UNK A 27 -20.85 19.63 -50.71
C UNK A 27 -22.04 20.43 -50.21
N UNK A 28 -23.05 19.74 -49.69
CA UNK A 28 -24.19 20.43 -49.12
C UNK A 28 -23.73 21.38 -48.02
N UNK A 29 -23.25 20.82 -46.91
CA UNK A 29 -22.99 21.58 -45.69
C UNK A 29 -24.20 22.46 -45.37
N UNK A 30 -25.31 21.77 -45.08
CA UNK A 30 -26.64 22.37 -45.16
C UNK A 30 -27.50 21.91 -43.99
N UNK A 31 -28.67 22.55 -43.91
CA UNK A 31 -29.71 22.28 -42.90
C UNK A 31 -29.13 22.61 -41.53
N UNK A 32 -29.37 21.77 -40.52
CA UNK A 32 -28.97 22.06 -39.16
C UNK A 32 -28.53 20.77 -38.49
N UNK A 33 -27.49 20.86 -37.67
CA UNK A 33 -26.91 19.67 -37.06
C UNK A 33 -27.60 19.44 -35.72
N UNK A 34 -28.45 18.43 -35.67
CA UNK A 34 -29.11 18.01 -34.44
C UNK A 34 -29.10 16.49 -34.46
N UNK A 35 -28.46 15.89 -33.46
CA UNK A 35 -28.35 14.44 -33.43
C UNK A 35 -29.75 13.83 -33.32
N UNK A 36 -30.08 12.96 -34.27
CA UNK A 36 -31.38 12.28 -34.21
C UNK A 36 -31.33 11.13 -33.22
N UNK A 37 -30.27 10.33 -33.28
CA UNK A 37 -30.12 9.20 -32.37
C UNK A 37 -28.65 8.90 -32.14
N UNK A 38 -26.03 -10.92 -29.15
CA UNK A 38 -27.39 -11.44 -29.06
C UNK A 38 -27.45 -12.90 -29.46
N UNK A 39 -28.50 -13.29 -30.17
CA UNK A 39 -28.72 -14.67 -30.56
C UNK A 39 -28.86 -14.75 -32.07
N UNK A 40 -28.08 -15.63 -32.68
CA UNK A 40 -28.12 -15.89 -34.11
C UNK A 40 -29.09 -17.00 -34.47
N UNK A 41 -29.87 -17.46 -33.50
CA UNK A 41 -30.72 -18.64 -33.61
C UNK A 41 -29.82 -19.83 -33.96
N UNK A 42 -30.26 -20.76 -34.80
CA UNK A 42 -29.48 -21.95 -35.05
C UNK A 42 -29.42 -22.22 -36.54
N UNK A 43 -30.59 -22.48 -37.12
CA UNK A 43 -30.68 -22.94 -38.50
C UNK A 43 -29.99 -22.01 -39.47
N UNK A 44 -29.74 -20.77 -39.10
CA UNK A 44 -28.99 -19.86 -39.96
C UNK A 44 -27.67 -20.51 -40.35
N UNK A 45 -26.77 -20.65 -39.38
CA UNK A 45 -25.48 -21.29 -39.66
C UNK A 45 -25.67 -22.65 -40.29
N UNK A 46 -26.73 -23.35 -39.90
CA UNK A 46 -27.00 -24.67 -40.45
C UNK A 46 -27.09 -24.59 -41.97
N UNK A 47 -28.15 -23.97 -42.46
CA UNK A 47 -28.34 -23.82 -43.89
C UNK A 47 -27.11 -23.20 -44.53
N UNK A 48 -26.38 -22.38 -43.78
CA UNK A 48 -25.14 -21.83 -44.30
C UNK A 48 -24.18 -22.95 -44.70
N UNK A 49 -23.86 -23.82 -43.75
CA UNK A 49 -22.97 -24.93 -44.07
C UNK A 49 -23.56 -25.79 -45.16
N UNK A 50 -24.89 -25.95 -45.16
CA UNK A 50 -25.53 -26.64 -46.27
C UNK A 50 -25.08 -26.04 -47.58
N UNK A 51 -25.14 -24.71 -47.68
CA UNK A 51 -24.61 -24.04 -48.85
C UNK A 51 -23.14 -24.35 -49.04
N UNK A 52 -22.40 -24.51 -47.95
CA UNK A 52 -20.99 -24.84 -48.08
C UNK A 52 -20.81 -26.13 -48.87
N UNK A 53 -21.26 -27.25 -48.30
CA UNK A 53 -21.03 -28.54 -48.94
C UNK A 53 -21.68 -28.60 -50.31
N UNK A 54 -22.96 -28.26 -50.38
CA UNK A 54 -23.66 -28.26 -51.66
C UNK A 54 -22.84 -27.51 -52.70
N UNK A 55 -22.36 -26.33 -52.33
CA UNK A 55 -21.51 -25.57 -53.23
C UNK A 55 -20.28 -26.37 -53.62
N UNK A 56 -19.70 -27.10 -52.67
CA UNK A 56 -18.51 -27.87 -52.99
C UNK A 56 -18.80 -28.86 -54.10
N UNK A 57 -19.80 -29.71 -53.90
CA UNK A 57 -20.19 -30.62 -54.97
C UNK A 57 -20.43 -29.86 -56.27
N UNK A 58 -21.11 -28.72 -56.15
CA UNK A 58 -21.36 -27.89 -57.32
C UNK A 58 -20.06 -27.59 -58.05
N UNK A 59 -18.98 -27.37 -57.30
CA UNK A 59 -17.69 -27.22 -57.95
C UNK A 59 -17.30 -28.50 -58.64
N UNK A 60 -17.50 -29.64 -57.96
CA UNK A 60 -17.06 -30.90 -58.52
C UNK A 60 -17.66 -31.11 -59.90
N UNK A 61 -18.98 -31.13 -59.99
CA UNK A 61 -19.60 -31.28 -61.29
C UNK A 61 -19.27 -30.10 -62.19
N UNK A 62 -19.14 -28.92 -61.59
CA UNK A 62 -18.92 -27.70 -62.36
C UNK A 62 -17.72 -27.84 -63.27
N UNK A 63 -16.57 -28.17 -62.68
CA UNK A 63 -15.44 -28.54 -63.52
C UNK A 63 -15.78 -29.76 -64.36
N UNK A 64 -16.56 -30.69 -63.81
CA UNK A 64 -16.78 -31.95 -64.50
C UNK A 64 -17.50 -31.78 -65.83
N UNK A 65 -18.02 -30.60 -66.13
CA UNK A 65 -18.69 -30.39 -67.41
C UNK A 65 -17.81 -30.72 -68.61
N UNK A 66 -16.78 -29.90 -68.86
CA UNK A 66 -16.06 -29.94 -70.12
C UNK A 66 -15.38 -31.28 -70.38
N UNK A 67 -15.20 -32.10 -69.34
CA UNK A 67 -14.43 -33.33 -69.50
C UNK A 67 -15.13 -34.36 -70.37
N UNK A 68 -16.39 -34.12 -70.75
CA UNK A 68 -17.19 -35.15 -71.38
C UNK A 68 -16.49 -35.81 -72.55
N UNK A 69 -15.65 -35.07 -73.27
CA UNK A 69 -15.08 -35.59 -74.51
C UNK A 69 -14.15 -36.78 -74.30
N UNK A 70 -13.84 -37.13 -73.06
CA UNK A 70 -12.68 -37.96 -72.79
C UNK A 70 -13.00 -39.45 -72.95
N UNK A 71 -12.33 -40.07 -73.92
CA UNK A 71 -12.01 -41.50 -73.90
C UNK A 71 -13.15 -42.38 -73.40
N UNK A 72 -12.86 -43.18 -72.38
CA UNK A 72 -13.81 -44.17 -71.90
C UNK A 72 -14.92 -43.50 -71.13
N UNK A 73 -16.15 -43.72 -71.57
CA UNK A 73 -17.30 -43.03 -70.97
C UNK A 73 -17.73 -43.69 -69.67
N UNK A 74 -17.84 -45.01 -69.65
CA UNK A 74 -18.43 -45.71 -68.51
C UNK A 74 -17.85 -45.21 -67.20
N UNK A 75 -16.55 -44.94 -67.19
CA UNK A 75 -15.95 -44.29 -66.04
C UNK A 75 -16.62 -42.98 -65.74
N UNK A 76 -16.75 -42.12 -66.75
CA UNK A 76 -17.37 -40.82 -66.55
C UNK A 76 -18.77 -40.97 -66.00
N UNK A 77 -19.61 -41.72 -66.71
CA UNK A 77 -20.97 -41.96 -66.26
C UNK A 77 -21.00 -42.40 -64.81
N UNK A 78 -20.11 -43.32 -64.45
CA UNK A 78 -20.01 -43.73 -63.05
C UNK A 78 -19.78 -42.52 -62.16
N UNK A 79 -18.72 -41.75 -62.45
CA UNK A 79 -18.41 -40.59 -61.64
C UNK A 79 -19.63 -39.71 -61.46
N UNK A 80 -20.32 -39.41 -62.57
CA UNK A 80 -21.54 -38.66 -62.50
C UNK A 80 -22.50 -39.27 -61.51
N UNK A 81 -22.77 -40.57 -61.66
CA UNK A 81 -23.66 -41.25 -60.74
C UNK A 81 -23.25 -40.98 -59.31
N UNK A 82 -21.95 -41.06 -59.04
CA UNK A 82 -21.46 -40.74 -57.71
C UNK A 82 -21.88 -39.35 -57.30
N UNK A 83 -21.70 -38.38 -58.19
CA UNK A 83 -22.09 -37.01 -57.88
C UNK A 83 -23.56 -36.94 -57.50
N UNK A 84 -24.40 -37.43 -58.40
CA UNK A 84 -25.85 -37.48 -58.19
C UNK A 84 -26.14 -38.03 -56.81
N UNK A 85 -25.84 -39.31 -56.61
CA UNK A 85 -26.17 -39.97 -55.35
C UNK A 85 -25.67 -39.17 -54.15
N UNK A 86 -24.49 -38.57 -54.29
CA UNK A 86 -23.95 -37.77 -53.21
C UNK A 86 -24.92 -36.67 -52.85
N UNK A 87 -25.08 -35.71 -53.77
CA UNK A 87 -25.97 -34.60 -53.51
C UNK A 87 -27.32 -35.10 -53.03
N UNK A 88 -27.76 -36.22 -53.59
CA UNK A 88 -29.02 -36.83 -53.24
C UNK A 88 -29.08 -37.08 -51.75
N UNK A 89 -28.28 -38.04 -51.29
CA UNK A 89 -28.27 -38.39 -49.88
C UNK A 89 -28.11 -37.17 -49.02
N UNK A 90 -27.35 -36.19 -49.49
CA UNK A 90 -27.29 -34.91 -48.79
C UNK A 90 -28.69 -34.39 -48.56
N UNK A 91 -29.46 -34.25 -49.63
CA UNK A 91 -30.85 -33.87 -49.48
C UNK A 91 -31.60 -34.85 -48.59
N UNK A 92 -31.13 -36.08 -48.49
CA UNK A 92 -31.90 -37.09 -47.75
C UNK A 92 -31.77 -36.85 -46.26
N UNK A 93 -30.61 -37.15 -45.69
CA UNK A 93 -30.44 -36.92 -44.26
C UNK A 93 -30.67 -35.47 -43.92
N UNK A 94 -30.53 -34.58 -44.89
CA UNK A 94 -31.12 -33.26 -44.79
C UNK A 94 -32.57 -33.43 -44.37
N UNK A 95 -33.36 -34.07 -45.23
CA UNK A 95 -34.77 -34.21 -44.93
C UNK A 95 -35.01 -35.07 -43.69
N UNK A 96 -33.98 -35.72 -43.15
CA UNK A 96 -34.16 -36.65 -42.04
C UNK A 96 -34.88 -35.97 -40.89
N UNK A 97 -34.18 -35.10 -40.18
CA UNK A 97 -34.83 -34.16 -39.29
C UNK A 97 -34.18 -32.81 -39.54
N UNK A 98 -34.94 -31.88 -40.10
CA UNK A 98 -34.47 -30.55 -40.40
C UNK A 98 -35.66 -29.72 -40.81
N UNK A 99 -35.40 -28.46 -41.14
CA UNK A 99 -36.43 -27.51 -41.51
C UNK A 99 -35.79 -26.16 -41.76
N UNK A 100 -36.57 -25.18 -42.17
CA UNK A 100 -36.15 -23.79 -42.12
C UNK A 100 -37.08 -23.09 -41.14
N UNK A 101 -36.54 -22.70 -40.00
CA UNK A 101 -37.30 -21.97 -38.98
C UNK A 101 -38.56 -22.72 -38.58
N UNK A 102 -38.38 -23.97 -38.17
CA UNK A 102 -39.51 -24.77 -37.71
C UNK A 102 -40.16 -24.16 -36.48
N UNK B 1 -25.51 39.49 -65.42
CA UNK B 1 -25.07 38.14 -65.72
C UNK B 1 -25.09 37.25 -64.48
N UNK B 2 -24.49 37.74 -63.39
CA UNK B 2 -24.45 36.97 -62.15
C UNK B 2 -25.87 36.65 -61.68
N UNK B 3 -26.67 37.69 -61.49
CA UNK B 3 -28.06 37.48 -61.09
C UNK B 3 -28.78 36.58 -62.08
N UNK B 4 -28.41 36.64 -63.36
CA UNK B 4 -28.98 35.70 -64.31
C UNK B 4 -28.66 34.27 -63.90
N UNK B 5 -27.41 34.03 -63.52
CA UNK B 5 -27.06 32.72 -62.97
C UNK B 5 -27.91 32.41 -61.76
N UNK B 6 -28.23 33.43 -60.97
CA UNK B 6 -29.15 33.21 -59.86
C UNK B 6 -30.51 32.74 -60.36
N UNK B 7 -30.95 33.24 -61.51
CA UNK B 7 -32.16 32.70 -62.10
C UNK B 7 -31.95 31.27 -62.57
N UNK B 8 -30.72 30.92 -62.96
CA UNK B 8 -30.45 29.55 -63.36
C UNK B 8 -30.60 28.59 -62.19
N UNK B 9 -29.88 28.87 -61.11
CA UNK B 9 -30.06 28.08 -59.89
C UNK B 9 -31.51 28.07 -59.47
N UNK B 10 -32.17 29.22 -59.60
CA UNK B 10 -33.60 29.28 -59.35
C UNK B 10 -34.33 28.22 -60.15
N UNK B 11 -33.95 28.06 -61.42
CA UNK B 11 -34.56 27.01 -62.21
C UNK B 11 -34.21 25.64 -61.66
N UNK B 12 -32.98 25.47 -61.18
CA UNK B 12 -32.57 24.19 -60.62
C UNK B 12 -33.48 23.81 -59.47
N UNK B 13 -33.42 24.55 -58.38
CA UNK B 13 -34.24 24.23 -57.22
C UNK B 13 -35.71 24.25 -57.57
N UNK B 14 -36.09 25.02 -58.59
CA UNK B 14 -37.51 25.24 -58.86
C UNK B 14 -38.10 24.09 -59.65
N UNK B 15 -37.75 24.00 -60.93
CA UNK B 15 -38.24 22.89 -61.75
C UNK B 15 -37.81 21.56 -61.16
N UNK B 16 -36.57 21.47 -60.72
CA UNK B 16 -36.09 20.28 -60.06
C UNK B 16 -36.91 19.97 -58.82
N UNK B 17 -36.79 20.83 -57.80
CA UNK B 17 -37.35 20.51 -56.50
C UNK B 17 -38.85 20.32 -56.55
N UNK B 18 -39.55 21.10 -57.37
CA UNK B 18 -41.00 20.98 -57.46
C UNK B 18 -41.42 19.54 -57.73
N UNK B 19 -40.67 18.85 -58.56
CA UNK B 19 -40.88 17.42 -58.73
C UNK B 19 -40.44 16.71 -57.46
N UNK B 20 -41.34 15.91 -56.90
CA UNK B 20 -40.99 15.21 -55.67
C UNK B 20 -41.81 13.95 -55.52
N UNK B 21 -41.25 12.98 -54.80
CA UNK B 21 -42.01 11.87 -54.26
C UNK B 21 -42.24 12.21 -52.81
N UNK B 22 -43.47 12.58 -52.47
CA UNK B 22 -43.77 13.30 -51.24
C UNK B 22 -43.67 12.36 -50.03
N UNK B 23 -43.99 12.87 -48.86
CA UNK B 23 -44.05 12.01 -47.69
C UNK B 23 -45.22 12.41 -46.81
N UNK B 24 -45.78 11.42 -46.10
CA UNK B 24 -46.89 11.70 -45.21
C UNK B 24 -46.94 10.65 -44.11
N UNK B 25 -47.38 11.09 -42.94
CA UNK B 25 -47.71 10.18 -41.84
C UNK B 25 -49.15 10.48 -41.46
N UNK B 26 -49.99 9.45 -41.48
CA UNK B 26 -51.40 9.67 -41.29
C UNK B 26 -52.01 8.50 -40.54
N UNK B 27 -53.02 8.80 -39.73
CA UNK B 27 -53.67 7.75 -38.95
C UNK B 27 -55.18 7.80 -39.06
N UNK B 28 -55.80 8.83 -38.49
CA UNK B 28 -57.24 8.78 -38.24
C UNK B 28 -58.02 8.96 -39.54
N CYS B 29 -59.35 8.91 -39.42
CA CYS B 29 -60.22 8.79 -40.58
C CYS B 29 -60.08 9.95 -41.55
N CYS B 30 -59.37 11.01 -41.18
CA CYS B 30 -58.67 11.78 -42.20
C CYS B 30 -57.99 10.85 -43.20
N UNK B 31 -57.10 9.99 -42.70
CA UNK B 31 -56.37 9.08 -43.58
C UNK B 31 -57.30 8.25 -44.44
N UNK B 32 -58.57 8.12 -44.06
CA UNK B 32 -59.50 7.43 -44.93
C UNK B 32 -59.56 8.13 -46.28
N UNK B 33 -59.74 9.45 -46.26
CA UNK B 33 -59.63 10.23 -47.48
C UNK B 33 -58.26 10.05 -48.13
N UNK B 34 -57.23 9.86 -47.32
CA UNK B 34 -55.93 9.50 -47.89
C UNK B 34 -56.08 8.30 -48.79
N UNK B 35 -56.80 7.28 -48.33
CA UNK B 35 -57.24 6.21 -49.21
C UNK B 35 -57.87 6.79 -50.45
N UNK B 36 -58.96 7.54 -50.28
CA UNK B 36 -59.52 8.29 -51.39
C UNK B 36 -58.46 9.09 -52.11
N UNK B 37 -57.55 9.73 -51.37
CA UNK B 37 -56.49 10.52 -52.00
C UNK B 37 -55.74 9.71 -53.03
N UNK B 38 -55.57 8.43 -52.78
CA UNK B 38 -54.84 7.56 -53.68
C UNK B 38 -55.70 7.01 -54.81
N UNK B 39 -56.96 7.43 -54.90
CA UNK B 39 -57.93 6.72 -55.73
C UNK B 39 -57.43 6.44 -57.13
N UNK B 40 -56.64 7.36 -57.69
CA UNK B 40 -55.90 7.13 -58.92
C UNK B 40 -56.83 7.08 -60.13
N UNK B 41 -58.12 6.87 -59.90
CA UNK B 41 -59.13 7.24 -60.89
C UNK B 41 -59.74 8.60 -60.61
N UNK B 42 -59.51 9.13 -59.43
CA UNK B 42 -60.03 10.42 -59.03
C UNK B 42 -59.27 11.59 -59.63
N UNK B 43 -57.98 11.74 -59.37
CA UNK B 43 -57.07 10.64 -59.06
C UNK B 43 -56.04 10.94 -57.97
N UNK B 44 -55.11 10.02 -57.81
CA UNK B 44 -53.78 10.34 -57.30
C UNK B 44 -52.86 10.30 -58.50
N UNK B 45 -52.44 11.46 -58.97
CA UNK B 45 -51.70 11.57 -60.22
C UNK B 45 -50.28 11.08 -60.02
N UNK B 46 -49.83 10.19 -60.89
CA UNK B 46 -48.44 9.78 -60.85
C UNK B 46 -47.50 10.95 -61.10
N UNK B 47 -48.05 12.11 -61.47
CA UNK B 47 -47.31 13.35 -61.31
C UNK B 47 -46.85 13.52 -59.88
N UNK B 48 -47.44 12.77 -58.96
CA UNK B 48 -47.12 12.79 -57.55
C UNK B 48 -47.54 11.45 -56.95
N UNK B 49 -47.64 11.40 -55.62
CA UNK B 49 -48.28 10.30 -54.90
C UNK B 49 -47.54 8.97 -55.12
N UNK B 50 -46.35 8.92 -54.52
CA UNK B 50 -45.65 7.65 -54.42
C UNK B 50 -46.28 6.75 -53.36
N UNK B 51 -46.48 7.29 -52.15
CA UNK B 51 -47.18 6.67 -51.04
C UNK B 51 -46.44 5.50 -50.41
N UNK B 52 -45.27 5.13 -50.90
CA UNK B 52 -44.63 3.87 -50.49
C UNK B 52 -44.23 3.74 -49.00
N UNK B 53 -43.56 4.72 -48.36
CA UNK B 53 -42.93 5.87 -48.99
C UNK B 53 -41.53 5.57 -49.57
N UNK B 54 -40.59 4.94 -48.86
CA UNK B 54 -40.65 4.57 -47.45
C UNK B 54 -40.22 5.74 -46.57
N UNK B 55 -40.84 5.84 -45.39
CA UNK B 55 -40.69 7.01 -44.54
C UNK B 55 -39.25 7.34 -44.21
N UNK B 56 -38.33 6.38 -44.37
CA UNK B 56 -36.93 6.62 -44.06
C UNK B 56 -36.44 7.87 -44.77
N UNK B 57 -36.28 7.79 -46.08
CA UNK B 57 -36.16 9.00 -46.86
C UNK B 57 -37.54 9.61 -46.98
N UNK B 58 -37.71 10.82 -46.48
CA UNK B 58 -39.01 11.47 -46.47
C UNK B 58 -38.91 12.81 -47.16
N UNK B 59 -39.80 13.07 -48.10
CA UNK B 59 -39.72 14.33 -48.82
C UNK B 59 -40.77 15.30 -48.31
N UNK B 60 -42.02 15.13 -48.69
CA UNK B 60 -43.00 16.00 -48.10
C UNK B 60 -43.49 15.38 -46.80
N UNK B 61 -44.33 16.12 -46.08
CA UNK B 61 -44.99 15.58 -44.91
C UNK B 61 -46.43 16.06 -44.92
N UNK B 62 -47.36 15.12 -44.99
CA UNK B 62 -48.76 15.40 -44.81
C UNK B 62 -49.23 14.70 -43.55
N UNK B 63 -49.99 15.41 -42.74
CA UNK B 63 -50.48 14.89 -41.47
C UNK B 63 -52.00 14.79 -41.55
N UNK B 64 -52.50 13.56 -41.51
CA UNK B 64 -53.94 13.31 -41.47
C UNK B 64 -54.26 12.36 -40.34
N UNK B 65 -54.89 12.89 -39.28
CA UNK B 65 -55.24 12.12 -38.09
C UNK B 65 -55.83 13.04 -37.03
N UNK B 66 -56.26 12.46 -35.93
CA UNK B 66 -56.47 13.25 -34.74
C UNK B 66 -55.13 13.60 -34.11
N UNK B 67 -55.13 14.64 -33.30
CA UNK B 67 -53.93 15.04 -32.57
C UNK B 67 -53.94 14.32 -31.24
N UNK B 68 -53.02 13.39 -31.08
CA UNK B 68 -53.08 12.43 -30.00
C UNK B 68 -52.09 12.78 -28.91
N UNK B 69 -52.59 12.90 -27.68
CA UNK B 69 -51.70 12.96 -26.54
C UNK B 69 -50.68 11.84 -26.60
N UNK B 70 -51.10 10.66 -27.05
CA UNK B 70 -50.19 9.55 -27.16
C UNK B 70 -49.24 9.78 -28.34
N UNK B 71 -49.79 9.77 -29.55
CA UNK B 71 -48.97 9.88 -30.75
C UNK B 71 -48.20 11.19 -30.79
N UNK B 72 -48.47 12.08 -29.85
CA UNK B 72 -47.69 13.29 -29.69
C UNK B 72 -46.21 12.96 -29.80
N UNK B 73 -45.70 12.24 -28.81
CA UNK B 73 -44.28 11.91 -28.80
C UNK B 73 -43.86 11.24 -30.10
N UNK B 74 -44.77 10.50 -30.72
CA UNK B 74 -44.45 9.85 -31.98
C UNK B 74 -44.08 10.87 -33.04
N UNK B 75 -45.06 11.64 -33.48
CA UNK B 75 -44.81 12.66 -34.48
C UNK B 75 -43.64 13.53 -34.06
N UNK B 76 -43.54 13.80 -32.76
CA UNK B 76 -42.36 14.44 -32.23
C UNK B 76 -41.11 13.75 -32.72
N UNK B 77 -41.10 12.42 -32.64
CA UNK B 77 -39.90 11.68 -32.98
C UNK B 77 -39.68 11.66 -34.49
N UNK B 78 -40.53 10.91 -35.19
CA UNK B 78 -40.30 10.72 -36.62
C UNK B 78 -40.29 12.05 -37.35
N UNK B 79 -41.31 12.87 -37.12
CA UNK B 79 -41.30 14.22 -37.63
C UNK B 79 -39.99 14.92 -37.27
N UNK B 80 -39.62 14.84 -36.00
CA UNK B 80 -38.33 15.39 -35.60
C UNK B 80 -37.19 14.68 -36.30
N UNK B 81 -37.18 13.35 -36.23
CA UNK B 81 -36.08 12.58 -36.77
C UNK B 81 -35.93 12.71 -38.27
N UNK B 82 -36.84 13.40 -38.94
CA UNK B 82 -36.96 13.27 -40.38
C UNK B 82 -35.77 13.88 -41.10
N UNK B 83 -35.82 13.79 -42.42
CA UNK B 83 -34.72 14.13 -43.31
C UNK B 83 -34.52 15.65 -43.41
N UNK B 84 -33.35 16.02 -43.92
CA UNK B 84 -32.90 17.41 -44.01
C UNK B 84 -33.92 18.32 -44.69
N UNK B 85 -34.10 18.14 -45.99
CA UNK B 85 -35.08 18.94 -46.70
C UNK B 85 -36.43 18.80 -46.01
N UNK B 86 -37.02 19.92 -45.64
CA UNK B 86 -38.19 19.93 -44.76
C UNK B 86 -39.36 20.61 -45.47
N UNK B 87 -40.38 19.83 -45.80
CA UNK B 87 -41.68 20.36 -46.19
C UNK B 87 -42.73 19.55 -45.48
N UNK B 88 -43.49 20.19 -44.60
CA UNK B 88 -44.44 19.47 -43.75
C UNK B 88 -45.76 20.21 -43.72
N UNK B 89 -46.81 19.56 -44.20
CA UNK B 89 -48.15 20.09 -44.12
C UNK B 89 -49.05 19.08 -43.42
N UNK B 90 -50.20 19.53 -42.97
CA UNK B 90 -51.14 18.70 -42.24
C UNK B 90 -52.48 18.74 -42.95
N UNK B 91 -53.00 17.58 -43.29
CA UNK B 91 -54.30 17.48 -43.94
C UNK B 91 -55.28 16.93 -42.93
N UNK B 92 -56.15 17.80 -42.42
CA UNK B 92 -57.14 17.39 -41.43
C UNK B 92 -57.97 18.58 -40.99
N UNK B 93 -59.13 18.27 -40.43
CA UNK B 93 -59.71 19.18 -39.45
C UNK B 93 -59.10 18.92 -38.09
N CYS B 94 -58.93 17.66 -37.73
CA CYS B 94 -58.36 17.35 -36.43
C CYS B 94 -56.94 17.87 -36.30
N UNK B 95 -56.25 18.13 -37.41
CA UNK B 95 -55.01 18.88 -37.32
C UNK B 95 -55.29 20.36 -37.16
N UNK B 96 -56.39 20.79 -37.73
CA UNK B 96 -56.91 22.12 -37.52
C UNK B 96 -57.75 22.17 -36.28
N UNK B 97 -57.65 21.13 -35.43
CA UNK B 97 -58.71 20.72 -34.53
C UNK B 97 -59.34 21.92 -33.84
N UNK B 98 -60.67 22.06 -33.88
CA UNK B 98 -61.75 21.08 -34.18
C UNK B 98 -61.85 19.94 -33.16
N UNK B 99 -61.77 18.68 -33.61
CA UNK B 99 -62.06 17.56 -32.73
C UNK B 99 -63.47 17.88 -32.14
N UNK B 100 -63.80 18.20 -30.87
CA UNK B 100 -63.17 18.12 -29.54
C UNK B 100 -61.87 18.89 -29.22
N UNK B 101 -61.53 19.95 -29.96
CA UNK B 101 -60.35 20.73 -29.54
C UNK B 101 -60.63 21.47 -28.26
N UNK B 102 -61.87 21.90 -28.09
CA UNK B 102 -62.33 22.38 -26.80
C UNK B 102 -62.94 21.17 -26.10
N UNK B 103 -62.27 20.70 -25.06
CA UNK B 103 -62.77 19.62 -24.22
C UNK B 103 -61.88 19.55 -22.98
N UNK B 104 -62.24 18.68 -22.06
CA UNK B 104 -61.28 18.27 -21.06
C UNK B 104 -60.56 17.03 -21.58
N UNK B 105 -59.54 16.60 -20.83
CA UNK B 105 -58.86 15.35 -21.10
C UNK B 105 -58.51 15.22 -22.57
N UNK B 106 -59.11 14.24 -23.22
CA UNK B 106 -59.03 14.04 -24.66
C UNK B 106 -57.54 13.88 -25.02
N UNK B 107 -57.09 14.50 -26.11
CA UNK B 107 -55.78 14.25 -26.67
C UNK B 107 -55.21 15.58 -27.14
N UNK B 108 -54.14 15.50 -27.91
CA UNK B 108 -53.46 16.71 -28.35
C UNK B 108 -54.40 17.60 -29.17
N UNK B 109 -54.06 18.89 -29.23
CA UNK B 109 -54.90 19.90 -29.89
C UNK B 109 -54.11 20.56 -31.01
N UNK B 110 -54.57 20.37 -32.24
CA UNK B 110 -54.15 21.12 -33.41
C UNK B 110 -52.70 20.84 -33.83
N UNK B 111 -51.95 20.11 -33.00
CA UNK B 111 -50.65 19.53 -33.36
C UNK B 111 -49.55 20.54 -33.58
N UNK B 112 -49.84 21.85 -33.50
CA UNK B 112 -48.83 22.85 -33.82
C UNK B 112 -47.54 22.62 -33.05
N UNK B 113 -47.65 22.23 -31.78
CA UNK B 113 -46.46 22.04 -30.95
C UNK B 113 -45.48 21.07 -31.57
N UNK B 114 -45.96 20.17 -32.42
CA UNK B 114 -45.07 19.31 -33.18
C UNK B 114 -44.13 20.16 -34.01
N UNK B 115 -44.67 20.78 -35.05
CA UNK B 115 -43.90 21.62 -35.93
C UNK B 115 -44.85 22.57 -36.63
N UNK B 116 -44.28 23.62 -37.23
CA UNK B 116 -45.08 24.56 -37.99
C UNK B 116 -45.50 23.92 -39.30
N UNK B 117 -46.81 23.87 -39.55
CA UNK B 117 -47.31 23.23 -40.76
C UNK B 117 -47.04 24.12 -41.96
N UNK B 118 -46.56 23.52 -43.04
CA UNK B 118 -46.49 24.26 -44.28
C UNK B 118 -47.88 24.61 -44.81
N UNK B 119 -48.87 23.75 -44.55
CA UNK B 119 -50.21 24.02 -45.04
C UNK B 119 -51.20 23.26 -44.17
N UNK B 120 -52.46 23.66 -44.29
CA UNK B 120 -53.54 23.05 -43.55
C UNK B 120 -54.67 22.70 -44.51
N UNK B 121 -55.61 21.90 -44.02
CA UNK B 121 -56.67 21.34 -44.83
C UNK B 121 -57.97 21.44 -44.04
N UNK B 122 -59.01 20.81 -44.55
CA UNK B 122 -60.38 21.21 -44.23
C UNK B 122 -61.27 20.00 -44.00
N UNK B 123 -62.56 20.29 -43.91
CA UNK B 123 -63.74 19.43 -43.82
C UNK B 123 -63.49 18.36 -42.77
N CYS B 124 -64.12 17.20 -42.92
CA CYS B 124 -63.83 16.11 -42.03
C CYS B 124 -63.74 14.77 -42.73
N UNK B 125 -62.55 14.38 -43.15
CA UNK B 125 -61.51 15.33 -43.54
C UNK B 125 -61.87 16.07 -44.85
N UNK B 126 -60.91 16.84 -45.38
CA UNK B 126 -61.16 17.69 -46.53
C UNK B 126 -61.34 16.91 -47.82
N UNK B 127 -62.50 17.06 -48.43
CA UNK B 127 -62.76 17.00 -49.87
C UNK B 127 -62.07 15.81 -50.53
N UNK B 128 -61.58 16.04 -51.76
CA UNK B 128 -60.77 15.08 -52.49
C UNK B 128 -59.59 15.80 -53.11
N UNK B 129 -59.88 16.68 -54.06
CA UNK B 129 -58.86 17.43 -54.78
C UNK B 129 -58.08 18.32 -53.83
N UNK B 130 -58.50 18.34 -52.57
CA UNK B 130 -57.74 19.03 -51.56
C UNK B 130 -56.26 18.70 -51.70
N UNK B 131 -55.97 17.43 -51.96
CA UNK B 131 -54.60 17.04 -52.28
C UNK B 131 -54.07 17.83 -53.46
N UNK B 132 -54.91 18.03 -54.48
CA UNK B 132 -54.48 18.77 -55.65
C UNK B 132 -54.04 20.16 -55.24
N UNK B 133 -54.98 20.95 -54.72
CA UNK B 133 -54.65 22.31 -54.30
C UNK B 133 -53.42 22.30 -53.41
N UNK B 134 -53.25 21.25 -52.62
CA UNK B 134 -52.07 21.08 -51.81
C UNK B 134 -50.82 21.09 -52.67
N UNK B 135 -50.70 20.10 -53.56
CA UNK B 135 -49.56 20.05 -54.46
C UNK B 135 -49.32 21.41 -55.09
N UNK B 136 -50.39 22.00 -55.63
CA UNK B 136 -50.31 23.33 -56.19
C UNK B 136 -49.63 24.28 -55.23
N UNK B 137 -49.97 24.19 -53.96
CA UNK B 137 -49.43 25.12 -52.99
C UNK B 137 -47.95 24.83 -52.76
N UNK B 138 -47.66 23.65 -52.25
CA UNK B 138 -46.30 23.24 -51.97
C UNK B 138 -45.38 23.59 -53.13
N UNK B 139 -45.58 22.92 -54.26
CA UNK B 139 -44.70 23.15 -55.40
C UNK B 139 -44.74 24.62 -55.83
N UNK B 140 -45.83 25.33 -55.55
CA UNK B 140 -45.98 26.68 -56.07
C UNK B 140 -45.19 27.68 -55.24
N UNK B 141 -45.68 28.00 -54.05
CA UNK B 141 -44.98 28.97 -53.22
C UNK B 141 -43.61 28.46 -52.84
N UNK B 142 -43.50 27.17 -52.53
CA UNK B 142 -42.20 26.56 -52.40
C UNK B 142 -41.34 26.88 -53.60
N UNK B 143 -41.90 26.71 -54.80
CA UNK B 143 -41.17 27.11 -55.99
C UNK B 143 -40.87 28.60 -56.03
N UNK B 144 -41.56 29.41 -55.22
CA UNK B 144 -41.31 30.84 -55.18
C UNK B 144 -40.39 31.25 -54.04
N UNK B 145 -39.98 30.33 -53.19
CA UNK B 145 -39.21 30.65 -51.99
C UNK B 145 -37.71 30.43 -52.15
N UNK B 146 -37.24 30.08 -53.35
CA UNK B 146 -35.93 29.49 -53.58
C UNK B 146 -34.75 30.38 -53.20
N UNK B 147 -35.01 31.60 -52.76
CA UNK B 147 -34.03 32.69 -52.75
C UNK B 147 -32.73 32.37 -52.02
N UNK B 148 -32.69 31.22 -51.31
CA UNK B 148 -31.49 30.83 -50.58
C UNK B 148 -30.23 30.96 -51.42
N UNK B 149 -30.33 30.74 -52.72
CA UNK B 149 -29.18 31.00 -53.59
C UNK B 149 -28.94 32.50 -53.70
N UNK B 150 -29.98 33.26 -54.04
CA UNK B 150 -29.85 34.71 -54.03
C UNK B 150 -29.48 35.21 -52.65
N UNK B 151 -30.08 34.61 -51.62
CA UNK B 151 -29.71 34.95 -50.25
C UNK B 151 -28.23 34.69 -50.02
N UNK B 152 -27.68 33.66 -50.66
CA UNK B 152 -26.24 33.47 -50.63
C UNK B 152 -25.55 34.64 -51.32
N UNK B 153 -26.02 34.97 -52.53
CA UNK B 153 -25.55 36.19 -53.17
C UNK B 153 -25.92 37.42 -52.36
N UNK B 154 -27.00 37.35 -51.59
CA UNK B 154 -27.35 38.43 -50.69
C UNK B 154 -26.68 38.21 -49.35
N UNK C 1 -101.88 3.16 -35.49
CA UNK C 1 -100.71 3.30 -36.37
C UNK C 1 -99.80 4.43 -35.90
N UNK C 2 -98.63 4.52 -36.53
CA UNK C 2 -97.60 5.51 -36.20
C UNK C 2 -97.13 5.39 -34.75
N UNK C 3 -97.35 4.24 -34.14
CA UNK C 3 -96.87 3.95 -32.79
C UNK C 3 -95.51 3.27 -32.91
N UNK C 4 -95.03 2.68 -31.80
CA UNK C 4 -93.84 1.86 -31.91
C UNK C 4 -94.22 0.46 -32.37
N UNK C 5 -94.74 -0.34 -31.43
CA UNK C 5 -95.08 -1.74 -31.65
C UNK C 5 -95.52 -2.35 -30.34
N UNK C 6 -95.96 -3.61 -30.37
CA UNK C 6 -96.33 -4.33 -29.16
C UNK C 6 -95.80 -5.75 -29.21
N UNK C 7 -95.27 -6.22 -28.10
CA UNK C 7 -94.83 -7.61 -27.97
C UNK C 7 -95.48 -8.20 -26.73
N UNK C 8 -96.41 -9.14 -26.94
CA UNK C 8 -96.98 -9.87 -25.82
C UNK C 8 -95.96 -10.79 -25.18
N UNK C 9 -94.94 -11.19 -25.95
CA UNK C 9 -93.86 -11.97 -25.40
C UNK C 9 -93.23 -11.29 -24.20
N UNK C 10 -93.48 -9.99 -24.03
CA UNK C 10 -93.12 -9.30 -22.80
C UNK C 10 -93.55 -10.11 -21.59
N UNK C 11 -94.85 -10.36 -21.46
CA UNK C 11 -95.31 -11.27 -20.43
C UNK C 11 -94.52 -12.57 -20.47
N UNK C 12 -94.41 -13.16 -21.66
CA UNK C 12 -93.53 -14.31 -21.83
C UNK C 12 -92.12 -14.00 -21.37
N UNK C 13 -91.57 -12.89 -21.86
CA UNK C 13 -90.32 -12.39 -21.28
C UNK C 13 -90.45 -12.27 -19.78
N UNK C 14 -91.50 -11.57 -19.33
CA UNK C 14 -91.80 -11.55 -17.90
C UNK C 14 -91.82 -12.95 -17.35
N UNK C 15 -92.50 -13.86 -18.04
CA UNK C 15 -92.41 -15.28 -17.72
C UNK C 15 -90.96 -15.71 -17.59
N UNK C 16 -90.19 -15.60 -18.68
CA UNK C 16 -88.77 -15.91 -18.61
C UNK C 16 -88.10 -15.11 -17.50
N UNK C 17 -88.55 -13.86 -17.32
CA UNK C 17 -88.04 -13.06 -16.21
C UNK C 17 -88.36 -13.73 -14.88
N UNK C 18 -89.62 -14.13 -14.71
CA UNK C 18 -89.97 -14.91 -13.52
C UNK C 18 -89.09 -16.13 -13.39
N UNK C 19 -88.64 -16.69 -14.52
CA UNK C 19 -87.70 -17.79 -14.47
C UNK C 19 -86.44 -17.38 -13.73
N UNK C 20 -85.89 -16.23 -14.10
CA UNK C 20 -84.85 -15.61 -13.29
C UNK C 20 -85.30 -15.48 -11.85
N UNK C 21 -86.53 -14.99 -11.64
CA UNK C 21 -87.05 -14.88 -10.28
C UNK C 21 -86.94 -16.18 -9.52
N UNK C 22 -86.93 -17.31 -10.24
CA UNK C 22 -86.70 -18.60 -9.64
C UNK C 22 -85.32 -18.74 -9.05
N UNK C 23 -84.44 -17.75 -9.24
CA UNK C 23 -83.01 -17.92 -8.97
C UNK C 23 -82.73 -18.45 -7.58
N UNK C 24 -83.57 -18.10 -6.61
CA UNK C 24 -83.20 -18.23 -5.20
C UNK C 24 -81.87 -17.54 -4.96
N UNK C 25 -81.62 -16.50 -5.73
CA UNK C 25 -80.42 -15.69 -5.59
C UNK C 25 -80.43 -14.88 -4.31
N UNK C 26 -81.51 -14.99 -3.52
CA UNK C 26 -81.49 -14.42 -2.19
C UNK C 26 -80.20 -14.79 -1.48
N UNK C 27 -79.65 -15.96 -1.78
CA UNK C 27 -78.23 -16.17 -1.51
C UNK C 27 -77.45 -15.07 -2.20
N UNK C 28 -77.43 -15.11 -3.53
CA UNK C 28 -76.48 -14.31 -4.29
C UNK C 28 -76.92 -12.85 -4.41
N UNK C 29 -78.17 -12.61 -4.76
CA UNK C 29 -78.59 -11.30 -5.24
C UNK C 29 -79.70 -10.73 -4.38
N UNK C 30 -79.90 -9.42 -4.53
CA UNK C 30 -80.87 -8.69 -3.73
C UNK C 30 -82.29 -8.85 -4.28
N UNK C 31 -82.52 -8.35 -5.48
CA UNK C 31 -83.85 -8.34 -6.07
C UNK C 31 -83.68 -8.52 -7.58
N UNK C 32 -84.74 -8.24 -8.31
CA UNK C 32 -84.63 -8.13 -9.76
C UNK C 32 -85.72 -7.19 -10.24
N UNK C 33 -85.73 -6.93 -11.55
CA UNK C 33 -86.74 -6.05 -12.08
C UNK C 33 -86.87 -6.29 -13.57
N UNK C 34 -88.01 -5.86 -14.11
CA UNK C 34 -88.22 -5.84 -15.54
C UNK C 34 -88.84 -4.50 -15.88
N UNK C 35 -89.08 -4.29 -17.17
CA UNK C 35 -89.96 -3.25 -17.69
C UNK C 35 -89.88 -3.22 -19.21
N UNK C 36 -90.87 -2.61 -19.84
CA UNK C 36 -90.79 -2.29 -21.26
C UNK C 36 -90.34 -3.50 -22.07
N UNK C 37 -89.17 -3.38 -22.69
CA UNK C 37 -88.67 -4.42 -23.58
C UNK C 37 -87.75 -5.43 -22.91
N UNK C 38 -87.33 -5.22 -21.67
CA UNK C 38 -86.24 -6.05 -21.15
C UNK C 38 -86.30 -6.10 -19.63
N UNK C 39 -85.22 -6.63 -19.03
CA UNK C 39 -85.17 -6.83 -17.60
C UNK C 39 -83.72 -6.91 -17.12
N UNK C 40 -83.56 -6.67 -15.81
CA UNK C 40 -82.27 -6.76 -15.16
C UNK C 40 -82.44 -7.43 -13.80
N UNK C 41 -81.32 -7.67 -13.12
CA UNK C 41 -81.32 -8.38 -11.85
C UNK C 41 -80.57 -7.58 -10.79
N UNK C 42 -81.29 -7.12 -9.78
CA UNK C 42 -80.68 -6.37 -8.68
C UNK C 42 -79.83 -7.31 -7.83
N UNK C 43 -78.56 -6.96 -7.68
CA UNK C 43 -77.61 -7.86 -7.04
C UNK C 43 -76.87 -7.14 -5.92
N UNK C 44 -77.06 -7.60 -4.69
CA UNK C 44 -76.06 -7.29 -3.69
C UNK C 44 -74.74 -7.79 -4.21
N UNK C 45 -73.78 -6.89 -4.34
CA UNK C 45 -72.66 -7.17 -5.21
C UNK C 45 -71.83 -8.36 -4.76
N UNK C 46 -72.06 -8.87 -3.55
CA UNK C 46 -71.12 -9.79 -2.95
C UNK C 46 -70.95 -11.06 -3.78
N UNK C 47 -72.04 -11.80 -3.97
CA UNK C 47 -71.94 -13.11 -4.62
C UNK C 47 -71.97 -13.01 -6.13
N UNK C 48 -71.92 -11.80 -6.67
CA UNK C 48 -72.14 -11.57 -8.08
C UNK C 48 -71.27 -12.44 -8.96
N UNK C 49 -70.16 -12.94 -8.45
CA UNK C 49 -69.33 -13.78 -9.29
C UNK C 49 -70.06 -15.10 -9.50
N UNK C 50 -70.20 -15.89 -8.44
CA UNK C 50 -70.88 -17.16 -8.58
C UNK C 50 -72.29 -16.99 -9.10
N UNK C 51 -72.92 -15.87 -8.78
CA UNK C 51 -74.22 -15.59 -9.39
C UNK C 51 -74.10 -15.57 -10.89
N UNK C 52 -73.20 -14.74 -11.40
CA UNK C 52 -72.96 -14.72 -12.83
C UNK C 52 -72.64 -16.10 -13.34
N UNK C 53 -71.96 -16.92 -12.54
CA UNK C 53 -71.77 -18.30 -12.93
C UNK C 53 -73.11 -18.96 -13.17
N UNK C 54 -74.02 -18.85 -12.20
CA UNK C 54 -75.37 -19.39 -12.37
C UNK C 54 -75.97 -18.94 -13.67
N UNK C 55 -75.75 -17.67 -14.02
CA UNK C 55 -76.11 -17.21 -15.36
C UNK C 55 -75.48 -18.10 -16.41
N UNK C 56 -74.15 -18.12 -16.47
CA UNK C 56 -73.46 -19.01 -17.39
C UNK C 56 -73.73 -20.47 -17.10
N UNK C 57 -74.34 -20.78 -15.95
CA UNK C 57 -74.56 -22.15 -15.54
C UNK C 57 -75.95 -22.65 -15.95
N UNK C 58 -77.00 -21.96 -15.48
CA UNK C 58 -78.22 -22.61 -15.05
C UNK C 58 -78.70 -23.67 -16.04
N UNK C 59 -79.11 -24.80 -15.49
CA UNK C 59 -79.33 -26.00 -16.28
C UNK C 59 -80.27 -25.71 -17.42
N UNK C 60 -79.82 -26.04 -18.63
CA UNK C 60 -80.62 -25.86 -19.83
C UNK C 60 -80.92 -24.39 -20.03
N UNK C 61 -80.58 -23.57 -19.04
CA UNK C 61 -80.80 -22.14 -19.13
C UNK C 61 -79.51 -21.55 -19.69
N UNK C 62 -79.59 -21.07 -20.92
CA UNK C 62 -78.41 -20.63 -21.65
C UNK C 62 -78.27 -19.12 -21.48
N UNK C 63 -77.23 -18.71 -20.79
CA UNK C 63 -76.73 -17.36 -20.94
C UNK C 63 -75.56 -17.53 -21.88
N UNK C 64 -75.77 -17.15 -23.14
CA UNK C 64 -74.81 -17.55 -24.16
C UNK C 64 -73.62 -16.60 -24.21
N UNK C 65 -73.88 -15.31 -24.18
CA UNK C 65 -72.86 -14.32 -24.45
C UNK C 65 -72.97 -13.15 -23.48
N UNK C 66 -71.89 -12.43 -23.33
CA UNK C 66 -71.83 -11.27 -22.44
C UNK C 66 -71.29 -10.10 -23.23
N UNK C 67 -72.11 -9.07 -23.39
CA UNK C 67 -71.61 -7.81 -23.91
C UNK C 67 -70.66 -7.19 -22.91
N UNK C 68 -69.86 -6.23 -23.38
CA UNK C 68 -68.86 -5.62 -22.51
C UNK C 68 -69.51 -5.08 -21.25
N UNK C 69 -68.76 -5.14 -20.15
CA UNK C 69 -69.35 -4.91 -18.84
C UNK C 69 -69.97 -3.52 -18.76
N UNK C 70 -71.01 -3.42 -17.95
CA UNK C 70 -71.77 -2.17 -17.80
C UNK C 70 -71.29 -1.46 -16.56
N UNK C 71 -70.64 -0.31 -16.74
CA UNK C 71 -70.09 0.45 -15.63
C UNK C 71 -70.70 1.84 -15.64
N UNK C 72 -71.48 2.16 -14.61
CA UNK C 72 -72.00 3.51 -14.47
C UNK C 72 -71.89 3.90 -13.01
N UNK C 73 -71.11 4.92 -12.72
CA UNK C 73 -70.90 5.32 -11.34
C UNK C 73 -72.15 5.99 -10.79
N UNK C 74 -72.32 5.89 -9.48
CA UNK C 74 -73.39 6.61 -8.82
C UNK C 74 -72.83 7.94 -8.37
N UNK C 75 -73.25 9.02 -9.03
CA UNK C 75 -72.77 10.34 -8.64
C UNK C 75 -73.34 10.73 -7.28
N UNK C 76 -74.63 10.53 -7.09
CA UNK C 76 -75.29 10.77 -5.81
C UNK C 76 -75.87 9.45 -5.33
N UNK C 77 -75.27 8.89 -4.29
CA UNK C 77 -75.68 7.68 -3.61
C UNK C 77 -74.63 7.37 -2.57
N UNK C 78 -74.98 6.50 -1.62
CA UNK C 78 -73.93 5.92 -0.80
C UNK C 78 -72.89 5.25 -1.66
N UNK C 79 -73.25 4.87 -2.88
CA UNK C 79 -72.31 4.34 -3.84
C UNK C 79 -71.64 5.48 -4.62
N UNK C 80 -70.32 5.40 -4.75
CA UNK C 80 -69.61 6.29 -5.67
C UNK C 80 -69.66 5.77 -7.09
N UNK C 81 -69.63 4.45 -7.25
CA UNK C 81 -69.65 3.80 -8.54
C UNK C 81 -70.83 2.84 -8.56
N UNK C 82 -71.20 2.38 -9.75
CA UNK C 82 -72.35 1.50 -9.90
C UNK C 82 -72.09 0.42 -10.94
N UNK C 83 -72.41 -0.81 -10.58
CA UNK C 83 -72.06 -1.99 -11.37
C UNK C 83 -73.28 -2.53 -12.10
N UNK C 84 -73.03 -3.06 -13.29
CA UNK C 84 -74.07 -3.71 -14.07
C UNK C 84 -73.43 -4.59 -15.13
N UNK C 85 -74.23 -5.52 -15.67
CA UNK C 85 -73.74 -6.47 -16.66
C UNK C 85 -74.79 -6.67 -17.73
N UNK C 86 -74.36 -6.62 -18.99
CA UNK C 86 -75.19 -6.94 -20.14
C UNK C 86 -74.96 -8.39 -20.51
N UNK C 87 -76.05 -9.14 -20.68
CA UNK C 87 -76.00 -10.58 -20.88
C UNK C 87 -76.74 -10.96 -22.15
N UNK C 88 -76.51 -12.18 -22.62
CA UNK C 88 -77.14 -12.66 -23.83
C UNK C 88 -77.45 -14.14 -23.71
N UNK C 89 -78.09 -14.68 -24.74
CA UNK C 89 -78.57 -16.05 -24.78
C UNK C 89 -78.77 -16.46 -26.22
N UNK C 90 -78.74 -17.77 -26.47
CA UNK C 90 -78.74 -18.29 -27.83
C UNK C 90 -79.86 -19.30 -28.06
N UNK C 91 -79.84 -20.40 -27.30
CA UNK C 91 -80.81 -21.47 -27.49
C UNK C 91 -82.23 -20.93 -27.60
N UNK C 92 -82.61 -20.05 -26.68
CA UNK C 92 -83.81 -19.26 -26.84
C UNK C 92 -83.53 -17.88 -27.44
N UNK C 93 -82.26 -17.56 -27.70
CA UNK C 93 -81.87 -16.34 -28.41
C UNK C 93 -82.38 -15.10 -27.68
N UNK C 94 -81.75 -14.82 -26.53
CA UNK C 94 -82.22 -13.76 -25.66
C UNK C 94 -81.09 -12.85 -25.21
N UNK C 95 -81.38 -11.98 -24.26
CA UNK C 95 -80.36 -11.16 -23.60
C UNK C 95 -80.87 -10.81 -22.22
N UNK C 96 -79.95 -10.73 -21.26
CA UNK C 96 -80.35 -10.59 -19.86
C UNK C 96 -79.55 -9.50 -19.16
N UNK C 97 -80.27 -8.49 -18.67
CA UNK C 97 -79.63 -7.39 -17.96
C UNK C 97 -79.55 -7.71 -16.48
N UNK C 98 -78.44 -7.34 -15.85
CA UNK C 98 -78.35 -7.43 -14.41
C UNK C 98 -77.48 -6.29 -13.90
N UNK C 99 -77.36 -6.20 -12.58
CA UNK C 99 -76.58 -5.12 -11.99
C UNK C 99 -76.19 -5.47 -10.56
N UNK C 100 -75.15 -4.79 -10.09
CA UNK C 100 -74.73 -4.81 -8.70
C UNK C 100 -74.63 -3.38 -8.20
N UNK C 101 -75.14 -3.14 -7.01
CA UNK C 101 -75.34 -1.81 -6.45
C UNK C 101 -74.14 -1.30 -5.68
N UNK C 102 -73.01 -1.98 -5.74
CA UNK C 102 -71.91 -1.72 -4.82
C UNK C 102 -71.41 -0.28 -4.94
N UNK C 103 -70.76 0.16 -3.86
CA UNK C 103 -70.28 1.53 -3.75
C UNK C 103 -69.55 2.09 -4.97
N UNK C 104 -68.64 1.37 -5.62
CA UNK C 104 -68.16 0.04 -5.24
C UNK C 104 -66.89 0.12 -4.43
N UNK C 105 -66.54 1.33 -3.98
CA UNK C 105 -65.16 1.79 -3.82
C UNK C 105 -64.25 0.83 -3.07
N UNK C 106 -64.81 -0.24 -2.50
CA UNK C 106 -63.99 -1.39 -2.15
C UNK C 106 -63.55 -2.12 -3.42
N UNK C 107 -62.88 -3.26 -3.27
CA UNK C 107 -62.37 -3.96 -4.43
C UNK C 107 -63.52 -4.59 -5.21
N UNK C 108 -63.17 -5.25 -6.31
CA UNK C 108 -64.16 -5.87 -7.19
C UNK C 108 -63.65 -7.23 -7.64
N UNK C 109 -64.59 -8.16 -7.82
CA UNK C 109 -64.26 -9.52 -8.20
C UNK C 109 -63.72 -9.59 -9.62
N UNK C 110 -63.06 -10.70 -9.92
CA UNK C 110 -62.58 -10.99 -11.28
C UNK C 110 -63.36 -12.16 -11.83
N UNK C 111 -64.19 -11.91 -12.84
CA UNK C 111 -65.04 -12.92 -13.45
C UNK C 111 -64.42 -13.55 -14.68
N UNK C 112 -63.17 -13.21 -15.00
CA UNK C 112 -62.56 -13.70 -16.22
C UNK C 112 -62.67 -15.20 -16.34
N UNK C 113 -62.85 -15.90 -15.24
CA UNK C 113 -63.13 -17.32 -15.30
C UNK C 113 -64.39 -17.57 -16.13
N UNK C 114 -65.55 -17.22 -15.58
CA UNK C 114 -66.81 -17.55 -16.21
C UNK C 114 -66.89 -16.95 -17.60
N UNK C 115 -67.00 -15.64 -17.69
CA UNK C 115 -66.82 -14.97 -18.96
C UNK C 115 -65.34 -14.73 -19.16
N UNK C 116 -64.78 -15.35 -20.20
CA UNK C 116 -63.33 -15.37 -20.33
C UNK C 116 -62.75 -13.98 -20.54
N UNK C 117 -63.16 -13.33 -21.63
CA UNK C 117 -62.29 -12.35 -22.25
C UNK C 117 -62.29 -11.00 -21.55
N UNK C 118 -63.42 -10.59 -21.00
CA UNK C 118 -63.70 -9.18 -20.82
C UNK C 118 -62.69 -8.45 -19.95
N UNK C 119 -61.78 -9.16 -19.29
CA UNK C 119 -60.82 -8.50 -18.41
C UNK C 119 -60.20 -7.29 -19.08
N UNK C 120 -59.88 -7.43 -20.36
CA UNK C 120 -59.51 -6.25 -21.14
C UNK C 120 -60.53 -5.15 -20.93
N UNK C 121 -61.82 -5.47 -21.05
CA UNK C 121 -62.83 -4.46 -20.79
C UNK C 121 -62.77 -3.99 -19.34
N UNK C 122 -62.31 -4.84 -18.43
CA UNK C 122 -62.23 -4.43 -17.05
C UNK C 122 -61.21 -3.33 -16.87
N UNK C 123 -60.12 -3.39 -17.64
CA UNK C 123 -59.13 -2.33 -17.57
C UNK C 123 -59.75 -0.96 -17.76
N UNK C 124 -60.90 -0.90 -18.43
CA UNK C 124 -61.60 0.37 -18.56
C UNK C 124 -62.17 0.81 -17.23
N UNK C 125 -62.76 -0.11 -16.48
CA UNK C 125 -63.19 0.22 -15.13
C UNK C 125 -62.00 0.71 -14.32
N UNK C 126 -60.86 0.04 -14.46
CA UNK C 126 -59.63 0.57 -13.90
C UNK C 126 -59.21 1.87 -14.56
N UNK C 127 -59.89 2.26 -15.63
CA UNK C 127 -59.47 3.40 -16.41
C UNK C 127 -60.51 4.50 -16.38
N UNK C 128 -61.62 4.32 -17.12
CA UNK C 128 -62.62 5.36 -17.20
C UNK C 128 -63.32 5.58 -15.87
N UNK C 129 -63.37 4.56 -15.02
CA UNK C 129 -63.69 4.76 -13.62
C UNK C 129 -62.45 4.90 -12.75
N UNK C 130 -61.26 4.64 -13.31
CA UNK C 130 -60.03 4.56 -12.53
C UNK C 130 -60.20 3.62 -11.35
N UNK C 131 -61.06 2.62 -11.51
CA UNK C 131 -61.49 1.77 -10.41
C UNK C 131 -60.94 0.36 -10.64
N UNK C 132 -59.97 -0.03 -9.81
CA UNK C 132 -59.35 -1.33 -9.96
C UNK C 132 -60.28 -2.43 -9.43
N UNK C 133 -59.79 -3.65 -9.42
CA UNK C 133 -60.54 -4.81 -8.96
C UNK C 133 -59.55 -5.77 -8.29
N UNK C 134 -60.00 -6.99 -8.03
CA UNK C 134 -59.13 -8.00 -7.44
C UNK C 134 -59.15 -9.27 -8.29
N UNK C 135 -58.05 -10.01 -8.25
CA UNK C 135 -57.84 -11.24 -8.98
C UNK C 135 -57.82 -11.02 -10.48
N UNK C 136 -58.04 -9.80 -10.95
CA UNK C 136 -58.14 -9.50 -12.36
C UNK C 136 -56.82 -9.81 -13.07
N UNK C 137 -56.92 -10.03 -14.38
CA UNK C 137 -55.74 -10.39 -15.14
C UNK C 137 -54.73 -9.28 -15.07
N UNK C 138 -53.56 -9.62 -14.55
CA UNK C 138 -52.46 -8.70 -14.29
C UNK C 138 -53.02 -7.45 -13.61
N UNK C 139 -52.39 -6.32 -13.83
CA UNK C 139 -52.96 -5.00 -13.59
C UNK C 139 -53.36 -4.30 -14.87
N UNK C 140 -53.19 -4.94 -16.02
CA UNK C 140 -52.86 -4.24 -17.25
C UNK C 140 -53.79 -3.09 -17.52
N UNK C 141 -53.21 -1.91 -17.72
CA UNK C 141 -53.96 -0.69 -18.00
C UNK C 141 -53.86 -0.43 -19.48
N UNK C 142 -54.97 -0.62 -20.19
CA UNK C 142 -54.97 -0.54 -21.64
C UNK C 142 -55.44 0.80 -22.19
N UNK C 143 -55.86 1.73 -21.34
CA UNK C 143 -56.47 2.97 -21.81
C UNK C 143 -55.54 4.16 -21.62
N UNK C 144 -55.35 4.62 -20.39
CA UNK C 144 -54.53 5.79 -20.14
C UNK C 144 -53.11 5.57 -20.63
N UNK C 145 -52.56 6.57 -21.32
CA UNK C 145 -51.25 6.44 -21.92
C UNK C 145 -50.18 6.39 -20.84
N UNK C 146 -48.94 6.26 -21.28
CA UNK C 146 -47.82 6.14 -20.34
C UNK C 146 -47.78 7.35 -19.41
N UNK C 147 -47.69 8.54 -19.99
CA UNK C 147 -47.68 9.76 -19.18
C UNK C 147 -49.06 10.08 -18.61
N UNK C 148 -50.09 9.34 -18.98
CA UNK C 148 -51.45 9.74 -18.64
C UNK C 148 -51.67 9.74 -17.13
N UNK C 149 -52.58 10.59 -16.70
CA UNK C 149 -52.82 10.89 -15.31
C UNK C 149 -54.06 11.76 -15.28
N UNK C 150 -54.51 12.24 -14.13
CA UNK C 150 -54.25 11.68 -12.81
C UNK C 150 -55.46 10.91 -12.34
N UNK C 151 -56.49 10.86 -13.18
CA UNK C 151 -57.78 10.35 -12.78
C UNK C 151 -58.47 9.74 -14.00
N UNK C 152 -59.76 9.47 -13.87
CA UNK C 152 -60.44 8.72 -14.91
C UNK C 152 -61.22 9.63 -15.84
N UNK C 153 -62.46 9.95 -15.47
CA UNK C 153 -63.11 11.16 -15.91
C UNK C 153 -63.99 11.62 -14.76
N UNK C 154 -63.69 12.77 -14.17
CA UNK C 154 -64.69 13.28 -13.24
C UNK C 154 -65.12 14.70 -13.57
N UNK C 155 -64.40 15.69 -13.05
CA UNK C 155 -64.60 17.06 -13.50
C UNK C 155 -63.42 17.66 -14.25
N UNK C 156 -62.27 17.03 -14.26
CA UNK C 156 -61.04 17.80 -14.33
C UNK C 156 -60.39 17.71 -15.70
N UNK C 157 -59.30 18.45 -15.84
CA UNK C 157 -58.23 18.27 -16.82
C UNK C 157 -57.22 19.40 -16.69
N UNK C 158 -56.00 19.13 -17.16
CA UNK C 158 -55.12 20.11 -17.81
C UNK C 158 -53.78 19.47 -18.17
N UNK C 159 -53.17 19.97 -19.25
CA UNK C 159 -51.83 19.65 -19.72
C UNK C 159 -51.72 20.29 -21.10
N UNK C 160 -50.51 20.50 -21.65
CA UNK C 160 -50.57 20.79 -23.08
C UNK C 160 -49.59 20.04 -23.96
N UNK C 161 -48.41 20.65 -24.19
CA UNK C 161 -47.45 20.20 -25.20
C UNK C 161 -46.36 21.25 -25.37
N UNK C 162 -45.22 20.87 -25.97
CA UNK C 162 -44.13 21.79 -26.28
C UNK C 162 -42.93 21.06 -26.88
N UNK C 163 -41.92 21.83 -27.25
CA UNK C 163 -40.63 21.30 -27.70
C UNK C 163 -39.57 22.38 -27.44
N UNK C 164 -38.38 22.19 -27.99
CA UNK C 164 -37.31 23.18 -27.96
C UNK C 164 -36.84 23.59 -26.56
N UNK C 165 -36.10 22.72 -25.89
CA UNK C 165 -35.85 21.37 -26.38
C UNK C 165 -36.31 20.38 -25.32
N UNK C 166 -37.42 19.70 -25.60
CA UNK C 166 -38.07 18.83 -24.62
C UNK C 166 -39.35 18.23 -25.16
N UNK C 167 -40.01 17.42 -24.35
CA UNK C 167 -41.23 16.73 -24.74
C UNK C 167 -42.43 17.39 -24.06
N UNK C 168 -43.38 17.83 -24.87
CA UNK C 168 -44.74 18.23 -24.49
C UNK C 168 -44.72 19.25 -23.35
N UNK C 169 -45.75 19.19 -22.48
CA UNK C 169 -45.99 20.17 -21.43
C UNK C 169 -47.31 19.94 -20.70
N UNK C 170 -47.54 20.66 -19.60
CA UNK C 170 -48.77 20.56 -18.83
C UNK C 170 -49.27 21.95 -18.46
N UNK C 171 -50.45 22.30 -18.96
CA UNK C 171 -51.07 23.58 -18.63
C UNK C 171 -52.56 23.49 -18.92
N UNK C 172 -53.31 24.45 -18.38
CA UNK C 172 -54.76 24.52 -18.56
C UNK C 172 -55.21 25.52 -19.63
N UNK C 173 -54.29 26.19 -20.32
CA UNK C 173 -54.68 27.32 -21.16
C UNK C 173 -55.54 26.88 -22.33
N UNK C 174 -56.59 27.65 -22.59
CA UNK C 174 -57.46 27.38 -23.74
C UNK C 174 -58.26 28.62 -24.08
N UNK C 175 -58.76 28.66 -25.30
CA UNK C 175 -59.55 29.78 -25.79
C UNK C 175 -61.02 29.63 -25.45
N UNK C 176 -61.67 30.77 -25.18
CA UNK C 176 -63.10 30.79 -24.95
C UNK C 176 -63.47 29.76 -23.91
N UNK C 177 -64.35 28.85 -24.28
CA UNK C 177 -64.70 27.69 -23.47
C UNK C 177 -65.70 26.89 -24.26
N UNK C 178 -65.85 25.63 -23.88
CA UNK C 178 -66.92 24.78 -24.37
C UNK C 178 -67.96 24.75 -23.26
N UNK C 179 -69.12 25.33 -23.52
CA UNK C 179 -70.15 25.44 -22.48
C UNK C 179 -71.40 26.04 -23.08
N UNK C 180 -72.50 25.83 -22.39
CA UNK C 180 -73.84 26.24 -22.79
C UNK C 180 -74.74 26.03 -21.58
N UNK C 181 -76.04 26.20 -21.78
CA UNK C 181 -77.00 25.82 -20.75
C UNK C 181 -78.33 25.49 -21.40
N UNK C 182 -79.10 24.63 -20.74
CA UNK C 182 -80.44 24.28 -21.19
C UNK C 182 -81.10 23.37 -20.17
N UNK C 183 -82.43 23.35 -20.23
CA UNK C 183 -83.33 22.69 -19.32
C UNK C 183 -84.70 23.15 -19.76
N UNK C 184 -85.77 22.70 -19.12
CA UNK C 184 -87.08 23.25 -19.45
C UNK C 184 -87.95 23.26 -18.21
N UNK C 185 -89.15 23.81 -18.36
CA UNK C 185 -90.19 23.69 -17.35
C UNK C 185 -91.33 22.89 -17.95
N UNK C 186 -91.45 21.63 -17.52
CA UNK C 186 -92.29 20.63 -18.15
C UNK C 186 -92.12 19.29 -17.44
N UNK C 187 -92.88 18.28 -17.83
CA UNK C 187 -92.81 16.97 -17.17
C UNK C 187 -93.54 15.94 -18.03
N UNK C 188 -93.67 14.74 -17.47
CA UNK C 188 -94.43 13.63 -18.04
C UNK C 188 -94.82 12.71 -16.90
N UNK C 189 -95.28 11.50 -17.23
CA UNK C 189 -95.82 10.55 -16.28
C UNK C 189 -94.97 10.37 -15.02
N UNK C 190 -93.79 9.80 -15.17
CA UNK C 190 -92.94 9.51 -14.02
C UNK C 190 -92.70 10.77 -13.20
N UNK C 191 -93.00 10.69 -11.90
CA UNK C 191 -92.95 11.85 -11.03
C UNK C 191 -92.19 11.55 -9.74
N UNK C 192 -92.68 10.57 -9.00
CA UNK C 192 -92.44 10.31 -7.58
C UNK C 192 -92.90 11.54 -6.79
N UNK C 193 -92.23 11.86 -5.69
CA UNK C 193 -92.70 12.87 -4.74
C UNK C 193 -91.79 12.94 -3.52
N UNK C 194 -92.04 13.90 -2.64
CA UNK C 194 -91.27 14.03 -1.41
C UNK C 194 -92.03 14.85 -0.38
N UNK D 1 -36.10 -14.44 -28.53
CA UNK D 1 -36.62 -13.96 -27.26
C UNK D 1 -37.80 -13.03 -27.49
N UNK D 2 -37.52 -11.73 -27.65
CA UNK D 2 -38.57 -10.75 -27.78
C UNK D 2 -38.03 -9.52 -28.51
N UNK D 3 -38.95 -8.72 -29.03
CA UNK D 3 -38.56 -7.48 -29.69
C UNK D 3 -39.67 -6.46 -29.50
N UNK D 4 -39.27 -5.22 -29.30
CA UNK D 4 -40.21 -4.11 -29.23
C UNK D 4 -40.59 -3.64 -30.62
N UNK D 5 -41.79 -3.06 -30.73
CA UNK D 5 -42.25 -2.45 -31.97
C UNK D 5 -43.01 -1.18 -31.63
N UNK D 6 -42.54 -0.06 -32.16
CA UNK D 6 -43.22 1.22 -32.06
C UNK D 6 -44.31 1.30 -33.13
N UNK D 7 -44.85 2.48 -33.37
CA UNK D 7 -45.90 2.66 -34.34
C UNK D 7 -45.32 2.89 -35.74
N UNK D 8 -46.04 2.37 -36.76
CA UNK D 8 -45.88 2.59 -38.19
C UNK D 8 -44.69 1.86 -38.79
N UNK D 9 -43.85 1.20 -38.00
CA UNK D 9 -42.72 0.46 -38.52
C UNK D 9 -42.38 -0.66 -37.55
N UNK D 10 -41.79 -1.76 -38.02
CA UNK D 10 -41.39 -1.94 -39.42
C UNK D 10 -42.22 -3.01 -40.11
N UNK D 11 -42.46 -2.79 -41.40
CA UNK D 11 -43.32 -3.62 -42.23
C UNK D 11 -44.72 -3.73 -41.66
N UNK D 12 -45.08 -2.81 -40.76
CA UNK D 12 -46.47 -2.59 -40.37
C UNK D 12 -46.67 -1.09 -40.23
N UNK D 13 -47.50 -0.51 -41.09
CA UNK D 13 -47.87 0.89 -41.00
C UNK D 13 -48.97 1.11 -39.95
N UNK D 14 -49.12 2.37 -39.54
CA UNK D 14 -50.34 2.88 -38.92
C UNK D 14 -50.66 2.23 -37.57
N UNK D 15 -49.86 2.63 -36.57
CA UNK D 15 -50.31 2.74 -35.19
C UNK D 15 -50.81 1.41 -34.62
N UNK D 16 -49.94 0.42 -34.65
CA UNK D 16 -50.05 -0.74 -33.77
C UNK D 16 -48.69 -0.95 -33.14
N UNK D 17 -48.57 -0.74 -31.83
CA UNK D 17 -47.28 -0.88 -31.18
C UNK D 17 -47.17 -2.31 -30.69
N UNK D 18 -46.27 -3.09 -31.29
CA UNK D 18 -46.25 -4.52 -31.08
C UNK D 18 -44.97 -4.90 -30.36
N UNK D 19 -45.10 -5.24 -29.07
CA UNK D 19 -43.99 -5.77 -28.29
C UNK D 19 -44.23 -7.26 -28.14
N UNK D 20 -43.41 -8.07 -28.79
CA UNK D 20 -43.71 -9.49 -28.94
C UNK D 20 -42.54 -10.32 -28.45
N UNK D 21 -42.78 -11.14 -27.44
CA UNK D 21 -41.90 -12.27 -27.21
C UNK D 21 -41.91 -13.14 -28.45
N UNK D 22 -40.72 -13.41 -28.97
CA UNK D 22 -40.59 -14.12 -30.24
C UNK D 22 -39.88 -15.42 -29.98
N UNK D 23 -40.53 -16.53 -30.33
CA UNK D 23 -39.89 -17.83 -30.24
C UNK D 23 -39.25 -18.09 -31.59
N UNK D 24 -37.92 -17.99 -31.63
CA UNK D 24 -37.24 -17.86 -32.91
C UNK D 24 -37.99 -16.82 -33.72
N UNK D 25 -38.47 -17.21 -34.90
CA UNK D 25 -39.41 -16.41 -35.66
C UNK D 25 -40.85 -16.84 -35.44
N UNK D 26 -41.08 -17.90 -34.67
CA UNK D 26 -42.44 -18.34 -34.37
C UNK D 26 -43.03 -17.53 -33.22
N UNK D 27 -44.34 -17.37 -33.25
CA UNK D 27 -45.02 -16.59 -32.23
C UNK D 27 -44.76 -17.16 -30.85
N UNK D 28 -44.28 -16.32 -29.93
CA UNK D 28 -44.12 -16.76 -28.56
C UNK D 28 -45.18 -16.12 -27.67
N UNK D 29 -45.05 -14.83 -27.37
CA UNK D 29 -46.04 -14.14 -26.57
C UNK D 29 -46.35 -12.79 -27.22
N UNK D 30 -47.63 -12.42 -27.16
CA UNK D 30 -48.13 -11.26 -27.89
C UNK D 30 -48.42 -10.13 -26.91
N UNK D 31 -47.63 -9.08 -26.97
CA UNK D 31 -47.83 -7.88 -26.18
C UNK D 31 -48.32 -6.79 -27.13
N UNK D 32 -49.58 -6.40 -26.98
CA UNK D 32 -50.16 -5.37 -27.84
C UNK D 32 -50.21 -4.08 -27.05
N UNK D 33 -49.29 -3.17 -27.37
CA UNK D 33 -49.39 -1.80 -26.93
C UNK D 33 -50.25 -1.07 -27.95
N UNK D 34 -51.38 -0.56 -27.49
CA UNK D 34 -52.46 -0.18 -28.37
C UNK D 34 -53.17 1.04 -27.79
N UNK D 35 -54.33 1.35 -28.37
CA UNK D 35 -55.23 2.39 -27.86
C UNK D 35 -54.59 3.76 -27.92
N UNK D 36 -53.79 4.00 -28.96
CA UNK D 36 -53.21 5.33 -29.12
C UNK D 36 -54.28 6.35 -29.43
N UNK D 37 -55.42 5.93 -30.00
CA UNK D 37 -56.39 6.89 -30.50
C UNK D 37 -57.26 7.48 -29.41
N UNK D 38 -57.75 6.65 -28.49
CA UNK D 38 -58.63 7.11 -27.44
C UNK D 38 -59.79 7.90 -28.03
N UNK D 39 -59.82 9.20 -27.72
CA UNK D 39 -60.78 10.18 -28.23
C UNK D 39 -62.13 10.03 -27.54
N UNK D 40 -62.38 8.87 -26.92
CA UNK D 40 -63.24 8.74 -25.75
C UNK D 40 -64.50 9.59 -25.84
N UNK D 41 -65.20 9.48 -26.97
CA UNK D 41 -66.31 10.38 -27.23
C UNK D 41 -67.40 10.32 -26.18
N UNK D 42 -67.39 9.31 -25.32
CA UNK D 42 -68.37 9.22 -24.24
C UNK D 42 -68.33 10.49 -23.42
N UNK D 43 -67.22 10.73 -22.73
CA UNK D 43 -67.07 11.98 -22.00
C UNK D 43 -67.30 13.17 -22.92
N UNK D 44 -67.03 13.01 -24.21
CA UNK D 44 -67.33 14.07 -25.15
C UNK D 44 -68.83 14.27 -25.35
N UNK D 45 -69.65 13.37 -24.83
CA UNK D 45 -71.10 13.56 -24.89
C UNK D 45 -71.64 14.28 -23.68
N UNK D 46 -70.77 14.70 -22.75
CA UNK D 46 -71.23 15.21 -21.46
C UNK D 46 -72.21 16.35 -21.63
N UNK D 47 -71.77 17.41 -22.28
CA UNK D 47 -72.68 18.49 -22.61
C UNK D 47 -73.32 18.32 -23.97
N UNK D 48 -72.88 17.35 -24.75
CA UNK D 48 -73.38 17.20 -26.12
C UNK D 48 -74.88 17.03 -26.13
N UNK D 49 -75.54 17.70 -27.07
CA UNK D 49 -76.99 17.64 -27.16
C UNK D 49 -77.42 16.26 -27.64
N UNK D 50 -78.62 15.86 -27.20
CA UNK D 50 -79.20 14.62 -27.70
C UNK D 50 -79.23 14.63 -29.22
N UNK D 51 -79.83 15.67 -29.80
CA UNK D 51 -79.82 15.79 -31.25
C UNK D 51 -78.40 15.88 -31.79
N UNK D 52 -77.47 16.34 -30.97
CA UNK D 52 -76.09 16.47 -31.41
C UNK D 52 -75.49 15.10 -31.69
N UNK D 53 -76.24 14.03 -31.41
CA UNK D 53 -75.69 12.68 -31.49
C UNK D 53 -75.13 12.34 -32.87
N UNK D 54 -75.40 13.16 -33.87
CA UNK D 54 -74.78 12.95 -35.17
C UNK D 54 -73.29 13.18 -35.08
N UNK D 55 -72.58 12.71 -36.10
CA UNK D 55 -71.24 13.23 -36.38
C UNK D 55 -70.28 13.05 -35.23
N UNK D 56 -69.87 14.17 -34.61
CA UNK D 56 -68.89 14.14 -33.53
C UNK D 56 -69.23 13.09 -32.49
N UNK D 57 -70.49 12.67 -32.45
CA UNK D 57 -70.83 11.38 -31.88
C UNK D 57 -70.95 10.34 -32.98
N UNK D 58 -72.01 10.46 -33.79
CA UNK D 58 -72.35 9.37 -34.70
C UNK D 58 -71.18 9.00 -35.60
N UNK D 59 -70.46 9.99 -36.12
CA UNK D 59 -69.47 9.72 -37.15
C UNK D 59 -68.34 8.85 -36.65
N UNK D 60 -68.37 8.51 -35.36
CA UNK D 60 -67.25 7.85 -34.69
C UNK D 60 -66.61 6.76 -35.53
N UNK D 61 -67.35 5.70 -35.84
CA UNK D 61 -66.78 4.59 -36.60
C UNK D 61 -66.35 5.06 -37.98
N UNK D 62 -65.08 4.80 -38.32
CA UNK D 62 -64.56 5.23 -39.62
C UNK D 62 -65.27 4.51 -40.76
N UNK D 63 -65.16 3.19 -40.81
CA UNK D 63 -65.79 2.46 -41.90
C UNK D 63 -67.29 2.39 -41.72
N UNK D 64 -67.74 1.93 -40.56
CA UNK D 64 -69.17 1.84 -40.30
C UNK D 64 -69.78 3.22 -40.28
N UNK D 65 -70.83 3.41 -41.07
CA UNK D 65 -71.44 4.72 -41.18
C UNK D 65 -72.92 4.67 -40.83
N UNK D 66 -73.76 4.15 -41.69
CA UNK D 66 -75.18 4.43 -41.60
C UNK D 66 -75.81 3.72 -40.41
N UNK D 67 -75.78 2.39 -40.42
CA UNK D 67 -76.38 1.64 -39.33
C UNK D 67 -75.93 2.17 -37.99
N UNK D 68 -74.66 2.60 -37.91
CA UNK D 68 -74.21 3.28 -36.71
C UNK D 68 -75.19 4.38 -36.35
N UNK D 69 -75.47 5.27 -37.30
CA UNK D 69 -76.52 6.24 -37.10
C UNK D 69 -77.83 5.54 -36.78
N UNK D 70 -78.22 4.59 -37.64
CA UNK D 70 -79.43 3.82 -37.38
C UNK D 70 -79.44 3.33 -35.95
N UNK D 71 -78.28 2.92 -35.46
CA UNK D 71 -78.11 2.53 -34.08
C UNK D 71 -78.76 3.55 -33.16
N UNK D 72 -78.17 4.75 -33.09
CA UNK D 72 -78.76 5.79 -32.27
C UNK D 72 -80.23 5.95 -32.61
N UNK D 73 -80.54 5.96 -33.91
CA UNK D 73 -81.93 5.96 -34.35
C UNK D 73 -82.70 4.89 -33.60
N UNK D 74 -82.32 3.63 -33.84
CA UNK D 74 -82.91 2.53 -33.10
C UNK D 74 -82.92 2.84 -31.61
N UNK D 75 -81.78 3.29 -31.09
CA UNK D 75 -81.73 3.71 -29.70
C UNK D 75 -82.77 4.79 -29.44
N UNK D 76 -82.68 5.89 -30.18
CA UNK D 76 -83.70 6.92 -30.10
C UNK D 76 -85.08 6.33 -30.27
N UNK D 77 -85.20 5.27 -31.06
CA UNK D 77 -86.48 4.62 -31.25
C UNK D 77 -87.14 4.36 -29.92
N UNK D 78 -86.41 3.74 -29.00
CA UNK D 78 -86.94 3.54 -27.66
C UNK D 78 -87.39 4.86 -27.07
N UNK D 79 -86.46 5.82 -27.01
CA UNK D 79 -86.83 7.16 -26.59
C UNK D 79 -88.00 7.68 -27.42
N UNK D 80 -87.92 7.50 -28.74
CA UNK D 80 -89.05 7.85 -29.58
C UNK D 80 -90.29 7.09 -29.16
N UNK D 81 -90.14 5.79 -28.92
CA UNK D 81 -91.25 4.92 -28.59
C UNK D 81 -92.33 4.96 -29.68
N UNK D 82 -91.93 5.26 -30.91
CA UNK D 82 -92.82 5.20 -32.05
C UNK D 82 -92.01 4.74 -33.25
N UNK D 83 -92.60 3.89 -34.07
CA UNK D 83 -91.87 3.27 -35.15
C UNK D 83 -91.55 4.28 -36.24
N UNK D 84 -90.40 4.09 -36.87
CA UNK D 84 -90.02 4.90 -38.01
C UNK D 84 -90.93 4.61 -39.20
N UNK D 85 -90.94 5.53 -40.14
CA UNK D 85 -91.75 5.36 -41.34
C UNK D 85 -91.27 4.17 -42.15
N UNK D 86 -92.17 3.68 -42.98
CA UNK D 86 -91.85 2.50 -43.78
C UNK D 86 -90.83 2.80 -44.86
N UNK D 87 -91.06 3.86 -45.64
CA UNK D 87 -90.20 4.15 -46.78
C UNK D 87 -88.75 4.31 -46.34
N UNK D 88 -88.49 5.24 -45.44
CA UNK D 88 -87.14 5.45 -44.96
C UNK D 88 -86.58 4.22 -44.28
N UNK D 89 -87.45 3.34 -43.80
CA UNK D 89 -86.97 2.04 -43.36
C UNK D 89 -86.38 1.28 -44.54
N UNK D 90 -87.17 1.14 -45.61
CA UNK D 90 -86.72 0.38 -46.78
C UNK D 90 -85.43 0.98 -47.35
N UNK D 91 -85.48 2.25 -47.72
CA UNK D 91 -84.29 2.90 -48.25
C UNK D 91 -83.14 2.81 -47.26
N UNK D 92 -83.42 3.08 -45.99
CA UNK D 92 -82.39 2.98 -44.96
C UNK D 92 -81.67 1.65 -45.07
N UNK D 93 -82.42 0.57 -45.24
CA UNK D 93 -81.80 -0.72 -45.46
C UNK D 93 -81.00 -0.71 -46.75
N UNK D 94 -81.55 -0.12 -47.80
CA UNK D 94 -80.89 -0.13 -49.09
C UNK D 94 -79.50 0.48 -49.00
N UNK D 95 -79.47 1.80 -48.82
CA UNK D 95 -78.21 2.50 -48.67
C UNK D 95 -77.39 1.89 -47.57
N UNK D 96 -78.05 1.31 -46.58
CA UNK D 96 -77.34 0.64 -45.50
C UNK D 96 -76.46 -0.47 -46.05
N UNK D 97 -77.08 -1.43 -46.73
CA UNK D 97 -76.32 -2.52 -47.33
C UNK D 97 -75.27 -1.97 -48.27
N UNK D 98 -75.59 -0.90 -48.99
CA UNK D 98 -74.57 -0.25 -49.79
C UNK D 98 -73.36 0.05 -48.93
N UNK D 99 -73.58 0.72 -47.80
CA UNK D 99 -72.48 1.00 -46.88
C UNK D 99 -71.79 -0.28 -46.47
N UNK D 100 -72.55 -1.35 -46.29
CA UNK D 100 -71.96 -2.61 -45.88
C UNK D 100 -70.96 -3.11 -46.91
N UNK D 101 -71.41 -3.27 -48.15
CA UNK D 101 -70.53 -3.75 -49.20
C UNK D 101 -69.32 -2.85 -49.34
N UNK D 102 -69.55 -1.53 -49.28
CA UNK D 102 -68.43 -0.60 -49.31
C UNK D 102 -67.43 -0.96 -48.22
N UNK D 103 -67.92 -1.15 -47.01
CA UNK D 103 -67.06 -1.48 -45.89
C UNK D 103 -66.29 -2.76 -46.14
N UNK D 104 -67.01 -3.90 -46.16
CA UNK D 104 -66.36 -5.20 -46.29
C UNK D 104 -65.41 -5.22 -47.48
N UNK D 105 -65.76 -4.51 -48.55
CA UNK D 105 -64.85 -4.37 -49.66
C UNK D 105 -63.56 -3.68 -49.22
N UNK D 106 -63.69 -2.49 -48.65
CA UNK D 106 -62.53 -1.75 -48.18
C UNK D 106 -61.68 -2.60 -47.26
N UNK D 107 -62.31 -3.48 -46.49
CA UNK D 107 -61.55 -4.44 -45.71
C UNK D 107 -60.79 -5.40 -46.61
N UNK D 108 -61.48 -5.95 -47.60
CA UNK D 108 -60.82 -6.88 -48.51
C UNK D 108 -59.55 -6.27 -49.05
N UNK D 109 -59.66 -5.06 -49.58
CA UNK D 109 -58.47 -4.34 -50.01
C UNK D 109 -57.50 -4.19 -48.85
N UNK D 110 -58.00 -3.90 -47.66
CA UNK D 110 -57.12 -3.70 -46.52
C UNK D 110 -56.18 -4.88 -46.38
N UNK D 111 -56.72 -6.09 -46.42
CA UNK D 111 -55.86 -7.26 -46.50
C UNK D 111 -54.99 -7.21 -47.74
N UNK D 112 -55.56 -6.79 -48.87
CA UNK D 112 -54.87 -6.86 -50.14
C UNK D 112 -53.57 -6.09 -50.11
N UNK D 113 -53.65 -4.77 -50.12
CA UNK D 113 -52.44 -3.97 -50.00
C UNK D 113 -51.68 -4.38 -48.75
N UNK D 114 -52.42 -4.66 -47.68
CA UNK D 114 -51.81 -5.13 -46.45
C UNK D 114 -50.92 -6.32 -46.74
N UNK D 115 -51.50 -7.42 -47.18
CA UNK D 115 -50.73 -8.63 -47.39
C UNK D 115 -50.24 -8.60 -48.82
N UNK D 116 -48.94 -8.38 -49.00
CA UNK D 116 -48.30 -8.49 -50.30
C UNK D 116 -48.96 -7.60 -51.36
N UNK D 117 -49.50 -8.23 -52.41
CA UNK D 117 -49.70 -7.59 -53.70
C UNK D 117 -50.49 -6.30 -53.60
N UNK D 118 -50.17 -5.37 -54.51
CA UNK D 118 -50.94 -4.17 -54.76
C UNK D 118 -51.89 -4.32 -55.94
N UNK D 119 -51.93 -5.50 -56.55
CA UNK D 119 -52.57 -5.66 -57.85
C UNK D 119 -54.09 -5.47 -57.74
N UNK D 120 -54.61 -4.53 -58.52
CA UNK D 120 -56.04 -4.32 -58.69
C UNK D 120 -56.70 -3.90 -57.38
N UNK D 121 -55.98 -4.02 -56.28
CA UNK D 121 -56.45 -3.45 -55.03
C UNK D 121 -56.70 -1.98 -55.20
N UNK D 122 -55.77 -1.29 -55.87
CA UNK D 122 -56.05 0.06 -56.33
C UNK D 122 -57.33 0.09 -57.14
N UNK D 123 -57.43 -0.78 -58.14
CA UNK D 123 -58.62 -0.79 -58.98
C UNK D 123 -59.88 -1.02 -58.15
N UNK D 124 -59.83 -2.01 -57.26
CA UNK D 124 -60.93 -2.20 -56.33
C UNK D 124 -61.30 -0.90 -55.65
N UNK D 125 -60.30 -0.21 -55.13
CA UNK D 125 -60.55 1.06 -54.47
C UNK D 125 -61.20 2.04 -55.43
N UNK D 126 -60.92 1.93 -56.72
CA UNK D 126 -61.62 2.78 -57.68
C UNK D 126 -63.09 2.40 -57.73
N UNK D 127 -63.39 1.11 -57.68
CA UNK D 127 -64.79 0.74 -57.50
C UNK D 127 -65.35 1.41 -56.26
N UNK D 128 -64.56 1.47 -55.18
CA UNK D 128 -64.99 2.20 -54.00
C UNK D 128 -65.16 3.68 -54.31
N UNK D 129 -64.49 4.19 -55.34
CA UNK D 129 -64.73 5.56 -55.74
C UNK D 129 -66.09 5.69 -56.39
N UNK D 130 -66.47 4.70 -57.21
CA UNK D 130 -67.84 4.66 -57.67
C UNK D 130 -68.81 4.63 -56.48
N UNK D 131 -68.44 3.89 -55.44
CA UNK D 131 -69.24 3.91 -54.23
C UNK D 131 -69.38 5.32 -53.69
N UNK D 132 -68.25 6.02 -53.56
CA UNK D 132 -68.30 7.42 -53.16
C UNK D 132 -69.25 8.19 -54.06
N UNK D 133 -69.26 7.85 -55.34
CA UNK D 133 -70.13 8.55 -56.28
C UNK D 133 -71.59 8.35 -55.90
N UNK D 134 -72.03 7.09 -55.88
CA UNK D 134 -73.42 6.82 -55.55
C UNK D 134 -73.75 7.34 -54.16
N UNK D 135 -73.19 6.70 -53.16
CA UNK D 135 -73.47 7.01 -51.77
C UNK D 135 -73.31 8.50 -51.50
N UNK D 136 -72.07 8.98 -51.61
CA UNK D 136 -71.79 10.38 -51.34
C UNK D 136 -72.76 11.27 -52.07
N UNK D 137 -72.99 10.97 -53.35
CA UNK D 137 -73.93 11.75 -54.15
C UNK D 137 -75.26 11.88 -53.46
N UNK D 138 -75.85 10.74 -53.08
CA UNK D 138 -77.05 10.77 -52.26
C UNK D 138 -76.86 11.69 -51.07
N UNK D 139 -75.89 11.34 -50.22
CA UNK D 139 -75.59 12.13 -49.05
C UNK D 139 -75.27 13.57 -49.38
N UNK D 140 -74.86 13.84 -50.62
CA UNK D 140 -74.29 15.13 -50.96
C UNK D 140 -73.07 15.44 -50.11
N UNK D 141 -72.42 14.39 -49.61
CA UNK D 141 -71.22 14.53 -48.79
C UNK D 141 -70.37 13.29 -48.96
N UNK D 142 -69.05 13.48 -48.96
CA UNK D 142 -68.13 12.39 -49.29
C UNK D 142 -68.21 11.25 -48.30
N UNK D 143 -68.37 11.57 -47.02
CA UNK D 143 -68.35 10.56 -45.98
C UNK D 143 -68.67 11.24 -44.65
N UNK D 144 -69.00 10.40 -43.67
CA UNK D 144 -69.41 10.87 -42.36
C UNK D 144 -70.58 11.84 -42.46
N UNK D 145 -71.64 11.39 -43.13
CA UNK D 145 -72.82 12.20 -43.37
C UNK D 145 -74.01 11.65 -42.60
N UNK D 146 -74.85 12.56 -42.09
CA UNK D 146 -75.93 12.21 -41.18
C UNK D 146 -77.24 11.91 -41.88
N UNK D 147 -77.24 11.86 -43.21
CA UNK D 147 -78.43 11.42 -43.93
C UNK D 147 -78.89 10.11 -43.33
N UNK D 148 -80.20 9.96 -43.21
CA UNK D 148 -80.80 9.03 -42.26
C UNK D 148 -80.31 9.36 -40.86
N UNK D 149 -80.67 10.57 -40.44
CA UNK D 149 -80.54 10.95 -39.04
C UNK D 149 -81.49 10.10 -38.20
N UNK D 150 -81.29 10.14 -36.88
CA UNK D 150 -81.98 9.25 -35.96
C UNK D 150 -83.43 9.05 -36.35
N UNK D 151 -84.19 10.13 -36.38
CA UNK D 151 -85.54 10.05 -36.95
C UNK D 151 -85.50 9.45 -38.36
N UNK D 152 -84.92 10.17 -39.31
CA UNK D 152 -85.05 9.83 -40.72
C UNK D 152 -83.94 10.54 -41.51
N UNK D 153 -84.05 10.52 -42.84
CA UNK D 153 -83.05 11.18 -43.67
C UNK D 153 -83.14 12.68 -43.50
N UNK D 154 -82.03 13.29 -43.09
CA UNK D 154 -82.00 14.73 -42.90
C UNK D 154 -82.39 15.47 -44.17
N UNK D 155 -82.31 14.80 -45.32
CA UNK D 155 -82.89 15.31 -46.55
C UNK D 155 -83.35 14.11 -47.36
N UNK D 156 -84.37 14.33 -48.18
CA UNK D 156 -84.93 13.26 -48.98
C UNK D 156 -83.96 12.81 -50.07
N UNK D 157 -84.20 11.61 -50.59
CA UNK D 157 -83.35 11.06 -51.63
C UNK D 157 -83.38 11.93 -52.88
N UNK D 158 -82.26 11.93 -53.60
CA UNK D 158 -82.19 12.60 -54.87
C UNK D 158 -83.11 11.91 -55.87
N UNK D 159 -83.43 12.64 -56.93
CA UNK D 159 -84.48 12.22 -57.85
C UNK D 159 -84.25 10.82 -58.43
N UNK D 160 -83.31 10.69 -59.36
CA UNK D 160 -83.23 9.52 -60.22
C UNK D 160 -82.22 8.48 -59.78
N UNK D 161 -81.54 8.67 -58.67
CA UNK D 161 -80.36 7.87 -58.35
C UNK D 161 -80.62 6.37 -58.40
N UNK D 162 -81.87 5.97 -58.31
CA UNK D 162 -82.23 4.56 -58.27
C UNK D 162 -81.63 3.78 -59.42
N UNK D 163 -82.16 3.98 -60.63
CA UNK D 163 -81.70 3.17 -61.76
C UNK D 163 -80.21 3.35 -62.00
N UNK D 164 -79.67 4.51 -61.66
CA UNK D 164 -78.23 4.69 -61.69
C UNK D 164 -77.54 3.60 -60.87
N UNK D 165 -77.92 3.50 -59.60
CA UNK D 165 -77.40 2.41 -58.78
C UNK D 165 -77.67 1.07 -59.43
N UNK D 166 -78.85 0.91 -60.05
CA UNK D 166 -79.18 -0.34 -60.71
C UNK D 166 -78.08 -0.74 -61.68
N UNK D 167 -77.61 0.22 -62.47
CA UNK D 167 -76.44 -0.06 -63.30
C UNK D 167 -75.23 -0.37 -62.42
N UNK D 168 -75.03 0.45 -61.39
CA UNK D 168 -73.82 0.36 -60.59
C UNK D 168 -73.60 -1.05 -60.09
N UNK D 169 -74.58 -1.60 -59.39
CA UNK D 169 -74.50 -2.99 -58.99
C UNK D 169 -74.56 -3.89 -60.21
N UNK D 170 -75.29 -3.47 -61.25
CA UNK D 170 -75.56 -4.36 -62.37
C UNK D 170 -74.27 -4.89 -62.95
N UNK D 171 -73.38 -4.01 -63.37
CA UNK D 171 -72.07 -4.49 -63.80
C UNK D 171 -71.13 -4.71 -62.64
N UNK D 172 -71.38 -4.06 -61.50
CA UNK D 172 -70.52 -4.25 -60.34
C UNK D 172 -70.44 -5.71 -59.97
N UNK D 173 -71.46 -6.47 -60.33
CA UNK D 173 -71.40 -7.92 -60.25
C UNK D 173 -70.13 -8.41 -60.91
N UNK D 174 -70.08 -8.29 -62.24
CA UNK D 174 -68.92 -8.74 -62.97
C UNK D 174 -67.64 -8.16 -62.40
N UNK D 175 -67.70 -6.91 -61.93
CA UNK D 175 -66.55 -6.34 -61.25
C UNK D 175 -66.07 -7.26 -60.13
N UNK D 176 -66.95 -7.48 -59.16
CA UNK D 176 -66.69 -8.43 -58.09
C UNK D 176 -66.12 -9.73 -58.64
N UNK D 177 -66.87 -10.36 -59.54
CA UNK D 177 -66.43 -11.61 -60.14
C UNK D 177 -64.98 -11.54 -60.58
N UNK D 178 -64.58 -10.41 -61.17
CA UNK D 178 -63.20 -10.24 -61.57
C UNK D 178 -62.28 -10.26 -60.35
N UNK D 179 -62.67 -9.53 -59.30
CA UNK D 179 -61.87 -9.53 -58.09
C UNK D 179 -61.63 -10.95 -57.60
N UNK D 180 -62.73 -11.68 -57.39
CA UNK D 180 -62.60 -13.07 -56.95
C UNK D 180 -61.68 -13.85 -57.87
N UNK D 181 -61.82 -13.63 -59.19
CA UNK D 181 -60.95 -14.29 -60.13
C UNK D 181 -59.49 -14.05 -59.78
N UNK D 182 -59.15 -12.78 -59.48
CA UNK D 182 -57.80 -12.51 -59.01
C UNK D 182 -57.50 -13.25 -57.73
N UNK D 183 -58.51 -13.52 -56.91
CA UNK D 183 -58.29 -14.04 -55.58
C UNK D 183 -58.56 -15.55 -55.47
N UNK D 184 -59.81 -15.96 -55.72
CA UNK D 184 -60.29 -17.26 -55.24
C UNK D 184 -59.34 -18.40 -55.57
N UNK D 185 -58.78 -18.39 -56.77
CA UNK D 185 -57.95 -19.50 -57.20
C UNK D 185 -56.48 -19.32 -56.84
N UNK D 186 -56.13 -18.24 -56.14
CA UNK D 186 -54.73 -17.91 -55.95
C UNK D 186 -54.00 -19.00 -55.17
N UNK D 187 -52.90 -19.50 -55.75
CA UNK D 187 -52.09 -20.48 -55.04
C UNK D 187 -51.42 -19.85 -53.83
N UNK D 188 -50.66 -18.77 -54.05
CA UNK D 188 -49.90 -18.16 -52.97
C UNK D 188 -50.83 -17.64 -51.88
N UNK D 189 -51.82 -16.84 -52.26
CA UNK D 189 -52.71 -16.25 -51.28
C UNK D 189 -53.26 -17.31 -50.35
N UNK D 190 -53.47 -18.52 -50.86
CA UNK D 190 -53.69 -19.66 -49.98
C UNK D 190 -52.44 -19.93 -49.16
N UNK D 191 -51.30 -20.05 -49.85
CA UNK D 191 -50.08 -20.52 -49.21
C UNK D 191 -49.78 -19.77 -47.93
N UNK D 192 -49.91 -18.45 -47.94
CA UNK D 192 -49.92 -17.74 -46.68
C UNK D 192 -51.24 -17.95 -45.98
N UNK D 193 -52.32 -17.50 -46.61
CA UNK D 193 -53.63 -17.41 -45.99
C UNK D 193 -54.18 -18.75 -45.53
N UNK D 194 -54.24 -19.75 -46.40
CA UNK D 194 -55.09 -20.90 -46.22
C UNK D 194 -55.01 -21.51 -44.82
N UNK D 195 -53.88 -22.12 -44.48
CA UNK D 195 -53.80 -22.92 -43.27
C UNK D 195 -53.86 -22.09 -42.00
N UNK D 196 -53.84 -20.77 -42.09
CA UNK D 196 -53.75 -19.96 -40.90
C UNK D 196 -55.12 -19.80 -40.25
N UNK D 197 -55.13 -19.12 -39.10
CA UNK D 197 -56.34 -18.67 -38.42
C UNK D 197 -57.27 -19.85 -38.11
N UNK D 198 -56.81 -20.67 -37.19
CA UNK D 198 -57.62 -21.79 -36.72
C UNK D 198 -58.05 -21.51 -35.29
N UNK D 199 -59.32 -21.14 -35.12
CA UNK D 199 -60.03 -21.35 -33.87
C UNK D 199 -61.44 -21.83 -34.20
N UNK D 200 -61.73 -23.10 -33.90
CA UNK D 200 -63.08 -23.63 -34.02
C UNK D 200 -63.79 -23.71 -32.67
N UNK D 201 -63.11 -23.33 -31.60
CA UNK D 201 -63.64 -23.56 -30.27
C UNK D 201 -64.89 -22.74 -30.05
N UNK D 202 -65.91 -23.37 -29.47
CA UNK D 202 -67.01 -22.61 -28.91
C UNK D 202 -66.50 -21.57 -27.94
N UNK D 203 -65.34 -21.82 -27.34
CA UNK D 203 -64.71 -20.87 -26.44
C UNK D 203 -64.34 -19.57 -27.14
N UNK D 204 -64.52 -19.50 -28.45
CA UNK D 204 -64.48 -18.21 -29.13
C UNK D 204 -65.45 -17.24 -28.49
N UNK D 205 -66.63 -17.72 -28.11
CA UNK D 205 -67.54 -16.88 -27.33
C UNK D 205 -66.91 -16.53 -25.99
N UNK D 206 -66.16 -17.45 -25.40
CA UNK D 206 -65.28 -17.10 -24.30
C UNK D 206 -64.39 -15.94 -24.69
N UNK D 207 -63.76 -16.06 -25.85
CA UNK D 207 -63.05 -14.92 -26.42
C UNK D 207 -63.99 -13.90 -27.03
N UNK D 208 -65.23 -14.28 -27.30
CA UNK D 208 -66.33 -13.36 -27.55
C UNK D 208 -66.30 -12.65 -28.91
N UNK D 209 -65.18 -12.65 -29.60
CA UNK D 209 -65.21 -12.14 -30.96
C UNK D 209 -65.96 -13.16 -31.81
N UNK D 210 -67.07 -12.73 -32.41
CA UNK D 210 -68.02 -13.73 -32.88
C UNK D 210 -68.52 -13.50 -34.29
N UNK D 211 -69.28 -12.42 -34.47
CA UNK D 211 -70.10 -12.28 -35.65
C UNK D 211 -69.25 -12.22 -36.91
N UNK D 212 -69.87 -12.55 -38.04
CA UNK D 212 -69.17 -12.64 -39.30
C UNK D 212 -68.00 -13.59 -39.15
N UNK D 213 -66.79 -13.08 -39.26
CA UNK D 213 -65.64 -13.87 -38.88
C UNK D 213 -65.84 -14.40 -37.47
N UNK D 214 -65.62 -15.70 -37.32
CA UNK D 214 -65.85 -16.48 -36.11
C UNK D 214 -67.33 -16.80 -35.95
N UNK D 215 -68.20 -16.08 -36.65
CA UNK D 215 -69.56 -16.60 -36.78
C UNK D 215 -69.60 -17.78 -37.73
N UNK D 216 -68.51 -18.06 -38.39
CA UNK D 216 -68.31 -19.37 -39.02
C UNK D 216 -67.95 -20.34 -37.91
N UNK D 217 -67.46 -21.52 -38.29
CA UNK D 217 -67.13 -22.56 -37.34
C UNK D 217 -68.38 -22.92 -36.52
N UNK D 218 -69.42 -23.29 -37.25
CA UNK D 218 -70.67 -23.87 -36.79
C UNK D 218 -71.65 -22.80 -36.30
N UNK D 219 -71.26 -21.55 -36.14
CA UNK D 219 -72.19 -20.58 -35.61
C UNK D 219 -73.21 -20.22 -36.69
N UNK D 220 -74.48 -20.52 -36.41
CA UNK D 220 -75.57 -20.05 -37.25
C UNK D 220 -76.27 -18.83 -36.67
N UNK D 221 -75.80 -18.32 -35.53
CA UNK D 221 -76.52 -17.29 -34.78
C UNK D 221 -76.06 -15.93 -35.25
N UNK D 222 -76.95 -15.23 -35.96
CA UNK D 222 -76.64 -13.91 -36.49
C UNK D 222 -77.84 -13.02 -36.24
N UNK D 223 -77.60 -11.90 -35.59
CA UNK D 223 -78.69 -10.97 -35.27
C UNK D 223 -79.47 -10.61 -36.52
N UNK D 224 -78.77 -10.38 -37.64
CA UNK D 224 -79.44 -10.04 -38.89
C UNK D 224 -80.59 -11.00 -39.16
N UNK D 225 -80.37 -12.27 -38.90
CA UNK D 225 -81.49 -13.20 -38.77
C UNK D 225 -82.11 -13.09 -37.39
N UNK D 226 -81.33 -13.36 -36.35
CA UNK D 226 -81.85 -13.64 -35.02
C UNK D 226 -82.84 -12.58 -34.55
N UNK D 227 -82.40 -11.33 -34.47
CA UNK D 227 -83.31 -10.21 -34.23
C UNK D 227 -83.05 -9.18 -35.32
N UNK D 228 -83.99 -9.04 -36.23
CA UNK D 228 -83.74 -8.26 -37.42
C UNK D 228 -83.80 -6.76 -37.11
N UNK D 229 -83.21 -5.98 -38.00
CA UNK D 229 -83.51 -4.56 -38.03
C UNK D 229 -84.92 -4.37 -38.59
N UNK D 230 -85.34 -3.11 -38.67
CA UNK D 230 -86.74 -2.80 -38.95
C UNK D 230 -87.24 -3.41 -40.25
N UNK D 231 -86.82 -2.85 -41.39
CA UNK D 231 -87.31 -3.37 -42.66
C UNK D 231 -86.70 -4.72 -42.99
N UNK D 232 -85.73 -5.17 -42.19
CA UNK D 232 -85.09 -6.44 -42.46
C UNK D 232 -86.12 -7.56 -42.38
N UNK D 233 -85.77 -8.68 -43.02
CA UNK D 233 -86.56 -9.91 -43.01
C UNK D 233 -87.79 -9.76 -43.88
N UNK D 234 -88.14 -8.52 -44.23
CA UNK D 234 -89.19 -8.33 -45.22
C UNK D 234 -88.81 -8.93 -46.56
N UNK D 235 -87.53 -9.23 -46.76
CA UNK D 235 -87.04 -9.85 -47.98
C UNK D 235 -86.12 -11.00 -47.61
N UNK D 236 -85.79 -11.80 -48.63
CA UNK D 236 -84.96 -12.97 -48.43
C UNK D 236 -83.50 -12.56 -48.20
N UNK D 237 -82.76 -13.48 -47.60
CA UNK D 237 -81.33 -13.33 -47.40
C UNK D 237 -80.68 -14.70 -47.57
N UNK D 238 -79.37 -14.69 -47.70
CA UNK D 238 -78.63 -15.91 -47.94
C UNK D 238 -77.91 -16.35 -46.67
N UNK D 239 -77.80 -17.65 -46.50
CA UNK D 239 -77.08 -18.23 -45.38
C UNK D 239 -75.70 -18.64 -45.88
N UNK D 240 -74.69 -17.90 -45.46
CA UNK D 240 -73.33 -18.16 -45.92
C UNK D 240 -72.87 -19.52 -45.44
N UNK D 241 -72.41 -20.36 -46.36
CA UNK D 241 -71.99 -21.71 -46.01
C UNK D 241 -70.48 -21.69 -45.74
N UNK D 242 -70.12 -21.81 -44.47
CA UNK D 242 -68.72 -21.85 -44.05
C UNK D 242 -68.50 -23.13 -43.27
N UNK D 243 -67.74 -24.07 -43.85
CA UNK D 243 -67.59 -25.40 -43.28
C UNK D 243 -66.37 -25.58 -42.39
N UNK D 244 -65.42 -24.65 -42.40
CA UNK D 244 -64.21 -24.84 -41.63
C UNK D 244 -63.75 -23.49 -41.10
N UNK D 245 -63.02 -23.52 -39.98
CA UNK D 245 -62.60 -22.30 -39.31
C UNK D 245 -61.23 -21.91 -39.86
N UNK D 246 -61.20 -20.83 -40.64
CA UNK D 246 -59.95 -20.42 -41.25
C UNK D 246 -60.02 -18.97 -41.66
N UNK D 247 -58.85 -18.38 -41.86
CA UNK D 247 -58.74 -17.09 -42.52
C UNK D 247 -59.35 -17.19 -43.90
N UNK D 248 -58.68 -17.93 -44.79
CA UNK D 248 -59.12 -18.05 -46.18
C UNK D 248 -60.62 -18.33 -46.23
N UNK D 249 -61.10 -19.16 -45.30
CA UNK D 249 -62.52 -19.27 -45.08
C UNK D 249 -63.14 -17.90 -44.87
N UNK D 250 -62.62 -17.14 -43.91
CA UNK D 250 -63.21 -15.83 -43.61
C UNK D 250 -63.28 -14.98 -44.86
N UNK D 251 -62.24 -15.03 -45.69
CA UNK D 251 -62.26 -14.30 -46.96
C UNK D 251 -63.41 -14.79 -47.83
N UNK D 252 -63.54 -16.11 -47.94
CA UNK D 252 -64.64 -16.67 -48.71
C UNK D 252 -65.96 -16.11 -48.24
N UNK D 253 -66.22 -16.20 -46.94
CA UNK D 253 -67.48 -15.71 -46.40
C UNK D 253 -67.63 -14.22 -46.65
N UNK D 254 -66.53 -13.49 -46.69
CA UNK D 254 -66.61 -12.10 -47.10
C UNK D 254 -67.20 -12.01 -48.50
N UNK D 255 -66.66 -12.82 -49.42
CA UNK D 255 -67.24 -12.88 -50.75
C UNK D 255 -68.71 -13.24 -50.67
N UNK D 256 -69.07 -14.09 -49.73
CA UNK D 256 -70.47 -14.43 -49.51
C UNK D 256 -71.27 -13.17 -49.25
N UNK D 257 -70.97 -12.51 -48.13
CA UNK D 257 -71.68 -11.30 -47.76
C UNK D 257 -71.77 -10.35 -48.93
N UNK D 258 -70.71 -10.28 -49.73
CA UNK D 258 -70.78 -9.52 -50.96
C UNK D 258 -71.93 -10.01 -51.81
N UNK D 259 -71.78 -11.22 -52.36
CA UNK D 259 -72.71 -11.69 -53.37
C UNK D 259 -74.15 -11.65 -52.88
N UNK D 260 -74.38 -12.14 -51.66
CA UNK D 260 -75.69 -12.03 -51.07
C UNK D 260 -76.15 -10.59 -51.05
N UNK D 261 -75.31 -9.71 -50.51
CA UNK D 261 -75.64 -8.30 -50.44
C UNK D 261 -76.10 -7.79 -51.80
N UNK D 262 -75.47 -8.30 -52.85
CA UNK D 262 -75.92 -7.98 -54.19
C UNK D 262 -77.31 -8.55 -54.43
N UNK D 263 -77.52 -9.81 -54.06
CA UNK D 263 -78.77 -10.48 -54.38
C UNK D 263 -79.96 -9.76 -53.76
N UNK D 264 -79.95 -9.62 -52.44
CA UNK D 264 -81.08 -8.99 -51.78
C UNK D 264 -81.09 -7.49 -52.01
N UNK D 265 -79.90 -6.89 -52.13
CA UNK D 265 -79.84 -5.50 -52.56
C UNK D 265 -80.68 -5.31 -53.82
N UNK D 266 -80.51 -6.22 -54.77
CA UNK D 266 -81.35 -6.21 -55.95
C UNK D 266 -82.80 -6.47 -55.58
N UNK D 267 -83.03 -7.39 -54.63
CA UNK D 267 -84.39 -7.72 -54.24
C UNK D 267 -85.12 -6.45 -53.85
N UNK D 268 -84.74 -5.87 -52.72
CA UNK D 268 -85.35 -4.63 -52.28
C UNK D 268 -85.29 -3.56 -53.35
N UNK D 269 -84.26 -3.60 -54.18
CA UNK D 269 -84.13 -2.63 -55.25
C UNK D 269 -85.41 -2.66 -56.08
N UNK D 270 -85.64 -3.76 -56.80
CA UNK D 270 -86.88 -3.89 -57.53
C UNK D 270 -88.07 -3.85 -56.59
N UNK D 271 -87.87 -4.15 -55.31
CA UNK D 271 -88.96 -4.19 -54.34
C UNK D 271 -89.11 -2.90 -53.57
N UNK D 272 -88.33 -1.87 -53.88
CA UNK D 272 -88.44 -0.62 -53.13
C UNK D 272 -89.87 -0.11 -53.14
N UNK D 273 -90.41 0.11 -51.96
CA UNK D 273 -91.79 0.54 -51.81
C UNK D 273 -91.80 2.03 -51.56
N UNK D 274 -92.27 2.79 -52.54
CA UNK D 274 -92.29 4.23 -52.40
C UNK D 274 -93.29 4.64 -51.33
N UNK D 275 -92.96 5.73 -50.63
CA UNK D 275 -93.77 6.27 -49.56
C UNK D 275 -93.13 7.55 -49.04
N UNK D 276 -93.78 8.21 -48.08
CA UNK D 276 -93.32 9.50 -47.60
C UNK D 276 -91.94 9.39 -46.98
N UNK D 277 -91.23 10.51 -46.98
CA UNK D 277 -89.80 10.50 -46.69
C UNK D 277 -89.53 10.22 -45.21
N UNK D 278 -90.10 11.03 -44.32
CA UNK D 278 -89.65 11.06 -42.94
C UNK D 278 -90.78 10.70 -42.00
N UNK D 279 -90.39 10.32 -40.78
CA UNK D 279 -91.36 9.99 -39.75
C UNK D 279 -92.16 11.23 -39.37
N UNK D 280 -93.46 11.04 -39.14
CA UNK D 280 -94.41 12.13 -38.97
C UNK D 280 -94.28 12.87 -37.66
N UNK D 281 -93.40 12.44 -36.76
CA UNK D 281 -93.45 12.93 -35.39
C UNK D 281 -92.87 14.33 -35.29
N UNK D 282 -93.71 15.27 -34.85
CA UNK D 282 -93.26 16.64 -34.64
C UNK D 282 -92.09 16.67 -33.68
N UNK D 283 -92.35 16.30 -32.42
CA UNK D 283 -91.31 16.36 -31.40
C UNK D 283 -90.02 15.73 -31.91
N UNK D 284 -90.13 14.55 -32.50
CA UNK D 284 -88.98 14.01 -33.21
C UNK D 284 -88.57 14.91 -34.36
N UNK D 285 -89.38 14.97 -35.39
CA UNK D 285 -88.93 15.42 -36.70
C UNK D 285 -89.29 16.88 -36.94
N UNK D 286 -88.33 17.61 -37.49
CA UNK D 286 -88.57 19.01 -37.83
C UNK D 286 -89.47 19.13 -39.03
N UNK D 287 -90.30 20.16 -39.03
CA UNK D 287 -91.16 20.44 -40.16
C UNK D 287 -90.34 20.94 -41.34
N UNK D 288 -90.95 20.87 -42.52
CA UNK D 288 -90.32 21.43 -43.71
C UNK D 288 -90.09 22.93 -43.54
N UNK D 289 -89.08 23.45 -44.23
CA UNK D 289 -88.78 24.87 -44.14
C UNK D 289 -90.02 25.71 -44.43
N UNK D 290 -90.70 25.43 -45.53
CA UNK D 290 -91.96 26.11 -45.80
C UNK D 290 -92.98 25.79 -44.72
N UNK D 291 -93.02 24.54 -44.29
CA UNK D 291 -93.84 24.19 -43.13
C UNK D 291 -93.38 25.00 -41.92
N UNK D 292 -92.09 24.99 -41.65
CA UNK D 292 -91.56 25.97 -40.72
C UNK D 292 -92.02 27.36 -41.12
N UNK D 293 -91.85 27.69 -42.40
CA UNK D 293 -92.42 28.93 -42.91
C UNK D 293 -93.94 28.92 -42.92
N UNK D 294 -94.59 27.80 -42.62
CA UNK D 294 -96.04 27.80 -42.65
C UNK D 294 -96.64 28.45 -41.40
N UNK D 295 -96.14 28.10 -40.22
CA UNK D 295 -96.84 28.55 -39.01
C UNK D 295 -96.04 28.21 -37.77
N UNK D 296 -96.41 28.89 -36.68
CA UNK D 296 -95.69 28.81 -35.42
C UNK D 296 -95.95 27.52 -34.68
N UNK D 297 -96.83 26.66 -35.16
CA UNK D 297 -96.76 25.28 -34.74
C UNK D 297 -95.43 24.69 -35.16
N UNK D 298 -95.17 24.71 -36.47
CA UNK D 298 -93.89 24.25 -37.00
C UNK D 298 -92.74 25.03 -36.38
N UNK D 299 -92.70 26.34 -36.63
CA UNK D 299 -91.65 27.18 -36.07
C UNK D 299 -91.49 26.93 -34.58
N UNK D 300 -92.61 26.80 -33.88
CA UNK D 300 -92.57 26.42 -32.48
C UNK D 300 -91.68 25.20 -32.30
N UNK D 301 -91.91 24.18 -33.11
CA UNK D 301 -90.99 23.06 -33.08
C UNK D 301 -89.59 23.46 -33.50
N UNK D 302 -89.44 24.51 -34.30
CA UNK D 302 -88.13 24.84 -34.84
C UNK D 302 -87.24 25.45 -33.77
N UNK D 303 -87.62 26.62 -33.26
CA UNK D 303 -86.88 27.19 -32.16
C UNK D 303 -86.94 26.27 -30.95
N UNK D 304 -88.15 25.96 -30.51
CA UNK D 304 -88.31 25.17 -29.29
C UNK D 304 -87.49 23.89 -29.33
N UNK D 305 -87.61 23.14 -30.41
CA UNK D 305 -86.99 21.83 -30.50
C UNK D 305 -85.73 21.90 -31.35
N UNK D 306 -85.88 22.17 -32.64
CA UNK D 306 -84.72 22.31 -33.53
C UNK D 306 -83.70 23.21 -32.90
N UNK D 307 -84.14 24.21 -32.13
CA UNK D 307 -83.20 24.89 -31.25
C UNK D 307 -83.00 24.06 -29.99
N UNK D 308 -83.99 24.06 -29.11
CA UNK D 308 -83.79 23.44 -27.80
C UNK D 308 -83.42 21.98 -27.94
N UNK D 309 -84.39 21.12 -28.24
CA UNK D 309 -84.16 19.68 -28.18
C UNK D 309 -85.42 18.86 -28.42
N UNK D 310 -85.26 17.54 -28.45
CA UNK D 310 -86.37 16.60 -28.47
C UNK D 310 -86.80 16.19 -27.06
N UNK D 311 -86.25 16.83 -26.04
CA UNK D 311 -86.42 16.43 -24.63
C UNK D 311 -85.89 15.00 -24.49
N UNK D 312 -86.54 14.14 -23.73
CA UNK D 312 -86.04 12.78 -23.53
C UNK D 312 -87.14 11.96 -22.87
N UNK D 313 -86.78 10.74 -22.50
CA UNK D 313 -87.63 9.86 -21.72
C UNK D 313 -86.77 9.19 -20.66
N UNK D 314 -87.39 8.89 -19.53
CA UNK D 314 -86.65 8.24 -18.45
C UNK D 314 -86.53 6.76 -18.77
N UNK D 315 -85.30 6.29 -18.96
CA UNK D 315 -85.03 4.93 -19.40
C UNK D 315 -83.55 4.64 -19.60
N UNK D 316 -83.24 3.37 -19.89
CA UNK D 316 -81.92 2.95 -20.31
C UNK D 316 -82.06 1.63 -21.03
N UNK D 317 -81.03 1.29 -21.81
CA UNK D 317 -81.00 0.02 -22.54
C UNK D 317 -79.68 -0.04 -23.28
N UNK D 318 -79.43 -1.20 -23.89
CA UNK D 318 -78.29 -1.40 -24.77
C UNK D 318 -78.74 -2.29 -25.90
N UNK D 319 -78.33 -1.95 -27.12
CA UNK D 319 -78.75 -2.74 -28.25
C UNK D 319 -77.71 -2.63 -29.35
N UNK D 320 -77.67 -3.63 -30.21
CA UNK D 320 -76.68 -3.71 -31.28
C UNK D 320 -77.39 -3.77 -32.63
N UNK D 321 -76.62 -3.48 -33.68
CA UNK D 321 -77.09 -3.67 -35.03
C UNK D 321 -76.09 -4.54 -35.79
N UNK D 322 -76.63 -5.33 -36.70
CA UNK D 322 -75.80 -6.20 -37.53
C UNK D 322 -75.14 -5.36 -38.60
N UNK D 323 -73.82 -5.37 -38.64
CA UNK D 323 -73.05 -4.66 -39.65
C UNK D 323 -71.94 -5.56 -40.15
N UNK D 324 -71.60 -5.38 -41.42
CA UNK D 324 -70.57 -6.21 -42.05
C UNK D 324 -69.33 -6.28 -41.19
N UNK D 325 -68.93 -5.16 -40.58
CA UNK D 325 -67.84 -5.20 -39.63
C UNK D 325 -68.20 -6.07 -38.44
N UNK D 326 -69.29 -5.72 -37.75
CA UNK D 326 -69.74 -6.42 -36.56
C UNK D 326 -71.00 -5.74 -36.07
N UNK D 327 -71.74 -6.44 -35.23
CA UNK D 327 -72.84 -5.80 -34.51
C UNK D 327 -72.28 -4.77 -33.56
N UNK D 328 -72.94 -3.62 -33.48
CA UNK D 328 -72.51 -2.55 -32.59
C UNK D 328 -73.63 -2.22 -31.63
N UNK D 329 -73.31 -2.18 -30.34
CA UNK D 329 -74.31 -1.97 -29.31
C UNK D 329 -74.00 -0.72 -28.51
N UNK D 330 -75.04 -0.19 -27.88
CA UNK D 330 -74.90 0.96 -27.01
C UNK D 330 -75.91 0.84 -25.89
N UNK D 331 -75.48 1.17 -24.69
CA UNK D 331 -76.41 1.46 -23.61
C UNK D 331 -76.59 2.98 -23.59
N UNK D 332 -77.76 3.42 -24.02
CA UNK D 332 -78.21 4.76 -23.72
C UNK D 332 -78.84 4.72 -22.34
N UNK D 333 -78.33 5.56 -21.45
CA UNK D 333 -78.84 5.65 -20.09
C UNK D 333 -79.14 7.10 -19.78
N UNK D 334 -80.43 7.42 -19.67
CA UNK D 334 -80.84 8.72 -19.16
C UNK D 334 -82.23 8.62 -18.59
N UNK D 335 -82.48 9.27 -17.46
CA UNK D 335 -83.86 9.47 -17.03
C UNK D 335 -84.19 10.91 -17.38
N UNK D 336 -84.95 11.09 -18.46
CA UNK D 336 -85.28 12.41 -18.98
C UNK D 336 -84.11 13.38 -18.87
N UNK D 337 -83.05 13.13 -19.62
CA UNK D 337 -81.77 13.81 -19.39
C UNK D 337 -81.84 15.36 -19.34
N UNK D 338 -82.42 16.05 -20.32
CA UNK D 338 -83.11 15.51 -21.48
C UNK D 338 -82.17 15.31 -22.66
N UNK D 339 -80.95 15.82 -22.54
CA UNK D 339 -79.91 15.59 -23.55
C UNK D 339 -78.76 14.82 -22.92
N UNK D 340 -78.64 13.54 -23.29
CA UNK D 340 -77.41 12.77 -23.15
C UNK D 340 -76.89 12.76 -21.70
N UNK D 341 -77.62 12.06 -20.84
CA UNK D 341 -77.09 11.79 -19.51
C UNK D 341 -75.81 10.99 -19.60
N UNK D 342 -75.93 9.72 -19.99
CA UNK D 342 -74.74 8.90 -20.17
C UNK D 342 -75.05 7.80 -21.15
N UNK D 343 -74.00 7.29 -21.79
CA UNK D 343 -74.16 6.17 -22.71
C UNK D 343 -72.80 5.52 -22.92
N UNK D 344 -72.84 4.31 -23.47
CA UNK D 344 -71.63 3.61 -23.89
C UNK D 344 -71.94 2.83 -25.15
N UNK D 345 -70.90 2.52 -25.92
CA UNK D 345 -71.11 1.77 -27.15
C UNK D 345 -69.84 1.05 -27.51
N UNK D 346 -69.99 -0.06 -28.23
CA UNK D 346 -68.85 -0.83 -28.69
C UNK D 346 -69.25 -1.72 -29.86
N UNK D 347 -68.24 -2.21 -30.56
CA UNK D 347 -68.39 -3.29 -31.53
C UNK D 347 -67.26 -4.29 -31.29
N UNK D 348 -67.26 -5.35 -32.09
CA UNK D 348 -66.43 -6.51 -31.79
C UNK D 348 -64.94 -6.29 -32.03
N UNK D 349 -64.55 -5.15 -32.59
CA UNK D 349 -63.13 -4.92 -32.85
C UNK D 349 -62.33 -5.10 -31.57
N UNK D 350 -62.81 -4.54 -30.47
CA UNK D 350 -62.13 -4.73 -29.20
C UNK D 350 -62.04 -6.20 -28.85
N UNK D 351 -63.07 -6.98 -29.17
CA UNK D 351 -63.02 -8.40 -28.90
C UNK D 351 -61.89 -9.06 -29.67
N UNK D 352 -61.89 -8.88 -30.98
CA UNK D 352 -60.84 -9.42 -31.83
C UNK D 352 -59.49 -9.02 -31.30
N UNK D 353 -59.23 -7.71 -31.28
CA UNK D 353 -57.95 -7.19 -30.88
C UNK D 353 -57.53 -7.77 -29.54
N UNK D 354 -58.37 -7.59 -28.53
CA UNK D 354 -58.06 -8.11 -27.22
C UNK D 354 -57.80 -9.61 -27.27
N UNK D 355 -58.30 -10.29 -28.29
CA UNK D 355 -58.07 -11.72 -28.45
C UNK D 355 -56.85 -12.03 -29.31
N UNK D 356 -56.21 -11.00 -29.87
CA UNK D 356 -55.09 -11.23 -30.78
C UNK D 356 -54.04 -12.14 -30.16
N UNK D 357 -53.77 -11.98 -28.87
CA UNK D 357 -52.72 -12.77 -28.23
C UNK D 357 -53.06 -14.25 -28.25
N UNK D 358 -54.19 -14.62 -27.65
CA UNK D 358 -54.58 -16.02 -27.61
C UNK D 358 -54.62 -16.58 -29.02
N UNK D 359 -55.30 -15.88 -29.93
CA UNK D 359 -55.38 -16.36 -31.30
C UNK D 359 -54.03 -16.34 -32.00
N UNK D 360 -53.01 -15.76 -31.40
CA UNK D 360 -51.80 -15.40 -32.11
C UNK D 360 -50.70 -16.42 -32.00
N UNK D 361 -50.89 -17.50 -31.26
CA UNK D 361 -49.79 -18.40 -31.00
C UNK D 361 -49.31 -19.08 -32.29
N UNK D 362 -48.04 -19.47 -32.26
CA UNK D 362 -47.46 -20.40 -33.24
C UNK D 362 -47.57 -19.86 -34.67
N UNK D 363 -46.82 -18.81 -34.93
CA UNK D 363 -46.76 -18.29 -36.29
C UNK D 363 -45.52 -17.42 -36.45
N UNK D 364 -45.15 -17.21 -37.70
CA UNK D 364 -44.16 -16.20 -38.04
C UNK D 364 -44.82 -14.82 -38.04
N UNK D 365 -44.07 -13.82 -37.58
CA UNK D 365 -44.64 -12.48 -37.39
C UNK D 365 -45.36 -11.99 -38.63
N UNK D 366 -44.87 -12.34 -39.81
CA UNK D 366 -45.63 -12.09 -41.02
C UNK D 366 -47.05 -12.56 -40.83
N UNK D 367 -47.21 -13.82 -40.40
CA UNK D 367 -48.54 -14.32 -40.14
C UNK D 367 -49.23 -13.53 -39.04
N UNK D 368 -48.48 -12.77 -38.23
CA UNK D 368 -49.14 -11.95 -37.22
C UNK D 368 -49.81 -10.75 -37.87
N UNK D 369 -49.08 -10.04 -38.72
CA UNK D 369 -49.76 -9.03 -39.53
C UNK D 369 -50.95 -9.65 -40.24
N UNK D 370 -50.73 -10.85 -40.79
CA UNK D 370 -51.85 -11.58 -41.37
C UNK D 370 -52.93 -11.84 -40.34
N UNK D 371 -52.61 -11.80 -39.07
CA UNK D 371 -53.66 -11.92 -38.07
C UNK D 371 -54.42 -10.62 -37.98
N UNK D 372 -53.71 -9.50 -38.08
CA UNK D 372 -54.42 -8.24 -38.26
C UNK D 372 -55.39 -8.35 -39.42
N UNK D 373 -54.96 -9.01 -40.50
CA UNK D 373 -55.88 -9.32 -41.57
C UNK D 373 -57.00 -10.24 -41.07
N UNK D 374 -56.66 -11.18 -40.21
CA UNK D 374 -57.67 -12.10 -39.69
C UNK D 374 -58.55 -11.38 -38.69
N UNK D 375 -57.93 -10.65 -37.76
CA UNK D 375 -58.69 -9.69 -36.98
C UNK D 375 -59.51 -8.80 -37.89
N UNK D 376 -58.91 -8.32 -38.97
CA UNK D 376 -59.61 -7.62 -40.03
C UNK D 376 -60.18 -6.29 -39.54
N UNK D 377 -60.04 -6.00 -38.26
CA UNK D 377 -60.64 -4.81 -37.69
C UNK D 377 -59.77 -3.59 -37.90
N UNK D 378 -60.42 -2.45 -38.08
CA UNK D 378 -59.70 -1.19 -38.13
C UNK D 378 -59.12 -0.88 -36.76
N UNK D 379 -57.90 -0.36 -36.75
CA UNK D 379 -57.29 0.07 -35.50
C UNK D 379 -58.21 1.04 -34.77
N UNK D 380 -58.62 2.10 -35.47
CA UNK D 380 -59.47 3.10 -34.85
C UNK D 380 -60.86 2.59 -34.52
N UNK D 381 -61.25 1.43 -35.05
CA UNK D 381 -62.62 0.96 -34.95
C UNK D 381 -63.12 1.02 -33.51
N UNK D 382 -62.60 0.15 -32.66
CA UNK D 382 -62.99 0.11 -31.27
C UNK D 382 -62.19 1.05 -30.41
N UNK D 383 -61.36 1.89 -31.03
CA UNK D 383 -60.45 2.73 -30.27
C UNK D 383 -61.15 3.56 -29.20
N UNK D 384 -62.47 3.71 -29.30
CA UNK D 384 -63.24 4.37 -28.26
C UNK D 384 -63.05 3.69 -26.91
N UNK E 1 -112.30 52.75 -31.50
CA UNK E 1 -111.10 52.22 -32.13
C UNK E 1 -109.85 52.68 -31.41
N UNK E 2 -108.96 53.33 -32.15
CA UNK E 2 -107.67 53.75 -31.59
C UNK E 2 -107.86 54.78 -30.48
N UNK E 3 -106.91 54.79 -29.55
CA UNK E 3 -106.88 55.76 -28.47
C UNK E 3 -105.98 56.96 -28.77
N UNK E 4 -105.45 57.04 -30.00
CA UNK E 4 -104.52 58.11 -30.36
C UNK E 4 -105.12 59.50 -30.21
N UNK E 5 -106.45 59.60 -30.08
CA UNK E 5 -107.14 60.86 -29.87
C UNK E 5 -106.76 61.88 -30.93
N UNK E 6 -106.61 63.14 -30.52
CA UNK E 6 -106.37 64.25 -31.43
C UNK E 6 -106.00 65.48 -30.60
N UNK E 7 -105.82 66.60 -31.28
CA UNK E 7 -105.55 67.85 -30.59
C UNK E 7 -106.77 68.30 -29.77
N UNK E 8 -107.96 67.88 -30.17
CA UNK E 8 -109.19 68.41 -29.57
C UNK E 8 -109.30 68.03 -28.11
N UNK E 9 -109.23 66.74 -27.80
CA UNK E 9 -109.56 66.25 -26.46
C UNK E 9 -108.68 66.90 -25.41
N UNK E 10 -107.35 66.78 -25.56
CA UNK E 10 -106.46 67.47 -24.65
C UNK E 10 -106.57 68.98 -24.79
N UNK E 11 -107.04 69.47 -25.94
CA UNK E 11 -107.05 70.91 -26.20
C UNK E 11 -108.33 71.55 -25.67
N UNK E 12 -109.45 71.34 -26.36
CA UNK E 12 -110.66 72.08 -26.05
C UNK E 12 -111.19 71.68 -24.68
N UNK E 13 -111.95 72.59 -24.07
CA UNK E 13 -112.56 72.37 -22.76
C UNK E 13 -114.07 72.51 -22.88
N UNK E 14 -114.77 71.37 -22.76
CA UNK E 14 -116.23 71.39 -22.72
C UNK E 14 -116.75 71.69 -21.32
N UNK E 15 -116.21 71.02 -20.30
CA UNK E 15 -116.79 70.97 -18.95
C UNK E 15 -117.00 72.35 -18.34
N UNK E 16 -118.07 72.51 -17.55
CA UNK E 16 -119.03 71.45 -17.28
C UNK E 16 -120.46 71.99 -17.41
N UNK E 17 -121.44 71.10 -17.41
CA UNK E 17 -122.82 71.52 -17.60
C UNK E 17 -123.33 72.27 -16.38
N UNK E 18 -123.81 73.48 -16.59
CA UNK E 18 -124.50 74.22 -15.56
C UNK E 18 -125.86 73.58 -15.29
N UNK E 19 -126.46 73.98 -14.16
CA UNK E 19 -127.81 73.53 -13.83
C UNK E 19 -127.90 72.02 -13.71
N UNK E 20 -128.62 71.38 -14.63
CA UNK E 20 -129.13 70.02 -14.46
C UNK E 20 -128.05 69.01 -14.11
N UNK E 21 -126.79 69.41 -14.19
CA UNK E 21 -125.73 68.62 -13.56
C UNK E 21 -126.08 68.28 -12.11
N UNK E 22 -126.77 69.18 -11.43
CA UNK E 22 -127.31 68.86 -10.11
C UNK E 22 -128.19 67.61 -10.19
N UNK E 23 -129.12 67.58 -11.14
CA UNK E 23 -129.92 66.39 -11.36
C UNK E 23 -129.04 65.20 -11.73
N UNK E 24 -127.86 65.45 -12.30
CA UNK E 24 -126.97 64.35 -12.63
C UNK E 24 -126.43 63.70 -11.37
N UNK E 25 -125.84 64.50 -10.46
CA UNK E 25 -125.46 63.95 -9.17
C UNK E 25 -126.65 63.31 -8.48
N UNK E 26 -127.83 63.90 -8.65
CA UNK E 26 -129.02 63.41 -7.97
C UNK E 26 -129.35 61.99 -8.42
N UNK E 27 -129.58 61.81 -9.72
CA UNK E 27 -129.84 60.47 -10.22
C UNK E 27 -128.67 59.54 -9.97
N UNK E 28 -127.47 60.11 -9.84
CA UNK E 28 -126.29 59.29 -9.56
C UNK E 28 -126.42 58.60 -8.22
N UNK E 29 -126.54 59.38 -7.15
CA UNK E 29 -126.64 58.75 -5.84
C UNK E 29 -127.97 58.02 -5.66
N UNK E 30 -129.01 58.47 -6.36
CA UNK E 30 -130.33 57.86 -6.18
C UNK E 30 -130.36 56.49 -6.83
N UNK E 31 -130.20 56.44 -8.15
CA UNK E 31 -130.00 55.18 -8.84
C UNK E 31 -128.93 54.35 -8.14
N UNK E 32 -127.70 54.87 -8.10
CA UNK E 32 -126.58 54.15 -7.51
C UNK E 32 -126.45 54.58 -6.06
N UNK E 33 -126.80 53.67 -5.15
CA UNK E 33 -126.76 53.99 -3.74
C UNK E 33 -125.33 54.07 -3.23
N UNK E 34 -125.10 54.94 -2.27
CA UNK E 34 -123.86 55.08 -1.49
C UNK E 34 -122.69 55.27 -2.46
N UNK E 35 -121.54 54.67 -2.20
CA UNK E 35 -120.35 54.88 -3.02
C UNK E 35 -120.52 54.09 -4.31
N UNK E 36 -120.41 54.77 -5.44
CA UNK E 36 -120.63 54.17 -6.75
C UNK E 36 -120.32 55.21 -7.81
N UNK E 37 -120.12 54.72 -9.03
CA UNK E 37 -119.66 55.55 -10.13
C UNK E 37 -120.50 55.37 -11.38
N UNK E 38 -120.57 54.12 -11.85
CA UNK E 38 -120.78 53.75 -13.24
C UNK E 38 -121.85 54.55 -13.97
N UNK E 39 -122.95 54.86 -13.29
CA UNK E 39 -124.02 55.63 -13.94
C UNK E 39 -123.49 56.90 -14.58
N UNK E 40 -122.48 57.52 -13.96
CA UNK E 40 -121.90 58.74 -14.52
C UNK E 40 -121.49 58.52 -15.96
N UNK E 41 -120.90 57.35 -16.25
CA UNK E 41 -120.59 57.03 -17.64
C UNK E 41 -121.85 57.00 -18.48
N UNK E 42 -122.87 56.30 -18.01
CA UNK E 42 -124.11 56.16 -18.76
C UNK E 42 -124.75 57.50 -19.05
N UNK E 43 -125.34 58.10 -18.02
CA UNK E 43 -126.13 59.31 -18.23
C UNK E 43 -125.27 60.53 -18.43
N UNK E 44 -124.11 60.61 -17.77
CA UNK E 44 -123.21 61.71 -18.04
C UNK E 44 -122.66 61.65 -19.46
N UNK E 45 -122.40 60.44 -19.94
CA UNK E 45 -121.93 60.29 -21.32
C UNK E 45 -123.02 60.66 -22.31
N UNK E 46 -124.22 60.11 -22.15
CA UNK E 46 -125.32 60.47 -23.03
C UNK E 46 -125.62 61.97 -22.95
N UNK E 47 -125.37 62.58 -21.78
CA UNK E 47 -125.63 64.00 -21.59
C UNK E 47 -124.52 64.88 -22.16
N UNK E 48 -123.32 64.34 -22.33
CA UNK E 48 -122.29 65.07 -23.05
C UNK E 48 -122.49 64.94 -24.55
N UNK E 49 -122.85 63.74 -25.02
CA UNK E 49 -123.13 63.55 -26.44
C UNK E 49 -124.31 64.40 -26.88
N UNK E 50 -125.45 64.23 -26.21
CA UNK E 50 -126.56 65.14 -26.44
C UNK E 50 -126.15 66.57 -26.15
N UNK E 51 -125.30 66.78 -25.15
CA UNK E 51 -124.76 68.10 -24.89
C UNK E 51 -123.88 68.55 -26.05
N UNK E 52 -122.96 67.69 -26.49
CA UNK E 52 -122.05 68.04 -27.56
C UNK E 52 -121.92 66.86 -28.51
N UNK E 53 -122.23 67.10 -29.78
CA UNK E 53 -122.13 66.07 -30.79
C UNK E 53 -120.68 65.69 -31.02
N UNK E 54 -120.48 64.51 -31.60
CA UNK E 54 -119.14 63.94 -31.78
C UNK E 54 -118.41 63.93 -30.44
N UNK E 55 -119.05 63.30 -29.46
CA UNK E 55 -118.63 63.43 -28.07
C UNK E 55 -117.18 63.03 -27.91
N UNK E 56 -116.40 63.93 -27.33
CA UNK E 56 -114.99 63.71 -27.08
C UNK E 56 -114.78 63.42 -25.61
N UNK E 57 -113.82 62.53 -25.32
CA UNK E 57 -113.43 62.28 -23.95
C UNK E 57 -112.82 63.50 -23.29
N UNK E 58 -112.56 64.56 -24.04
CA UNK E 58 -112.16 65.82 -23.44
C UNK E 58 -113.04 66.14 -22.26
N UNK E 59 -114.36 66.06 -22.46
CA UNK E 59 -115.29 66.23 -21.35
C UNK E 59 -115.15 65.09 -20.36
N UNK E 60 -114.78 63.89 -20.83
CA UNK E 60 -114.64 62.78 -19.92
C UNK E 60 -113.52 62.99 -18.92
N UNK E 61 -112.58 63.90 -19.21
CA UNK E 61 -111.55 64.22 -18.23
C UNK E 61 -112.15 64.75 -16.93
N UNK E 62 -112.68 65.97 -16.99
CA UNK E 62 -113.28 66.55 -15.81
C UNK E 62 -114.49 65.74 -15.35
N UNK E 63 -115.15 65.06 -16.28
CA UNK E 63 -116.18 64.11 -15.88
C UNK E 63 -115.61 63.10 -14.91
N UNK E 64 -114.44 62.56 -15.25
CA UNK E 64 -113.76 61.65 -14.35
C UNK E 64 -113.39 62.34 -13.06
N UNK E 65 -113.02 63.62 -13.15
CA UNK E 65 -112.76 64.39 -11.93
C UNK E 65 -113.96 64.33 -11.00
N UNK E 66 -115.15 64.60 -11.54
CA UNK E 66 -116.36 64.45 -10.75
C UNK E 66 -116.45 63.04 -10.19
N UNK E 67 -116.24 62.04 -11.05
CA UNK E 67 -116.17 60.67 -10.56
C UNK E 67 -114.94 60.48 -9.68
N UNK E 68 -113.89 61.25 -9.90
CA UNK E 68 -112.65 61.17 -9.13
C UNK E 68 -112.06 59.77 -9.19
N UNK E 69 -111.89 59.28 -10.42
CA UNK E 69 -111.29 57.97 -10.65
C UNK E 69 -110.24 58.10 -11.74
N UNK E 70 -109.66 56.98 -12.14
CA UNK E 70 -108.65 56.97 -13.18
C UNK E 70 -109.32 57.12 -14.55
N UNK E 71 -108.84 58.08 -15.34
CA UNK E 71 -109.42 58.30 -16.66
C UNK E 71 -109.33 57.04 -17.52
N UNK E 72 -108.38 56.17 -17.22
CA UNK E 72 -108.35 54.86 -17.86
C UNK E 72 -109.71 54.19 -17.73
N UNK E 73 -110.27 54.20 -16.52
CA UNK E 73 -111.60 53.64 -16.32
C UNK E 73 -112.61 54.31 -17.23
N UNK E 74 -112.50 55.62 -17.39
CA UNK E 74 -113.39 56.32 -18.29
C UNK E 74 -113.31 55.75 -19.69
N UNK E 75 -112.10 55.78 -20.26
CA UNK E 75 -111.92 55.24 -21.60
C UNK E 75 -112.42 53.81 -21.68
N UNK E 76 -112.33 53.08 -20.58
CA UNK E 76 -112.91 51.73 -20.56
C UNK E 76 -114.40 51.79 -20.73
N UNK E 77 -115.06 52.73 -20.06
CA UNK E 77 -116.47 52.95 -20.31
C UNK E 77 -116.70 53.20 -21.79
N UNK E 78 -115.86 54.05 -22.39
CA UNK E 78 -115.98 54.32 -23.81
C UNK E 78 -115.94 53.04 -24.62
N UNK E 79 -114.96 52.18 -24.31
CA UNK E 79 -114.90 50.86 -24.92
C UNK E 79 -116.24 50.15 -24.79
N UNK E 80 -116.68 49.90 -23.56
CA UNK E 80 -117.95 49.22 -23.34
C UNK E 80 -119.13 50.01 -23.91
N UNK E 81 -118.95 51.30 -24.17
CA UNK E 81 -120.08 52.13 -24.59
C UNK E 81 -120.38 51.88 -26.06
N UNK E 82 -121.59 51.39 -26.33
CA UNK E 82 -122.07 51.32 -27.71
C UNK E 82 -122.81 52.57 -28.12
N UNK E 83 -123.17 53.43 -27.17
CA UNK E 83 -123.72 54.72 -27.51
C UNK E 83 -122.66 55.70 -27.99
N UNK E 84 -121.39 55.30 -27.93
CA UNK E 84 -120.29 56.23 -28.17
C UNK E 84 -120.35 56.82 -29.57
N UNK E 85 -120.29 58.14 -29.65
CA UNK E 85 -120.08 58.86 -30.90
C UNK E 85 -118.93 59.83 -30.66
N UNK E 86 -117.81 59.59 -31.34
CA UNK E 86 -116.57 60.30 -31.05
C UNK E 86 -116.23 61.31 -32.14
N UNK E 87 -115.99 60.85 -33.36
CA UNK E 87 -115.36 61.69 -34.38
C UNK E 87 -116.33 62.76 -34.88
N UNK E 88 -117.41 62.33 -35.49
CA UNK E 88 -118.38 63.23 -36.11
C UNK E 88 -119.76 62.93 -35.54
N UNK E 89 -120.77 63.53 -36.16
CA UNK E 89 -122.16 63.25 -35.82
C UNK E 89 -123.01 63.52 -37.05
N UNK E 90 -124.33 63.52 -36.86
CA UNK E 90 -125.27 63.82 -37.92
C UNK E 90 -126.19 64.94 -37.46
N UNK E 91 -126.65 65.74 -38.43
CA UNK E 91 -127.59 66.83 -38.11
C UNK E 91 -128.84 66.28 -37.44
N UNK E 92 -129.43 65.24 -38.04
CA UNK E 92 -130.42 64.40 -37.38
C UNK E 92 -129.93 62.97 -37.59
N UNK E 93 -129.54 62.31 -36.50
CA UNK E 93 -128.88 61.03 -36.62
C UNK E 93 -129.88 59.94 -36.97
N UNK E 94 -129.36 58.73 -37.19
CA UNK E 94 -130.18 57.60 -37.61
C UNK E 94 -129.39 56.33 -37.43
N UNK E 95 -130.04 55.21 -37.75
CA UNK E 95 -129.43 53.89 -37.64
C UNK E 95 -130.25 52.94 -38.50
N UNK E 96 -129.63 51.82 -38.83
CA UNK E 96 -130.34 50.78 -39.58
C UNK E 96 -129.75 49.43 -39.23
N CYS E 97 -130.63 48.44 -39.11
CA CYS E 97 -130.25 47.08 -38.76
C CYS E 97 -130.62 46.16 -39.91
N UNK E 98 -129.61 45.66 -40.61
CA UNK E 98 -129.77 44.85 -41.81
C UNK E 98 -129.71 43.36 -41.55
N UNK E 99 -129.69 42.95 -40.28
CA UNK E 99 -129.06 41.70 -39.89
C UNK E 99 -129.82 40.49 -40.41
N UNK E 100 -129.36 39.30 -39.99
CA UNK E 100 -130.04 38.06 -40.35
C UNK E 100 -131.51 38.11 -39.98
N UNK E 101 -131.89 38.95 -39.03
CA UNK E 101 -133.26 39.37 -38.99
C UNK E 101 -133.31 40.83 -39.35
N CYS E 102 -134.53 41.31 -39.57
CA CYS E 102 -134.79 42.49 -40.38
C CYS E 102 -134.45 42.20 -41.83
N UNK E 103 -133.59 41.21 -42.06
CA UNK E 103 -133.41 40.65 -43.38
C UNK E 103 -133.21 39.14 -43.28
N UNK E 104 -134.10 38.28 -43.79
CA UNK E 104 -135.42 38.54 -44.39
C UNK E 104 -135.35 39.33 -45.70
N UNK E 105 -134.14 39.69 -46.09
CA UNK E 105 -133.86 40.42 -47.33
C UNK E 105 -134.46 41.81 -47.33
N UNK E 106 -135.36 42.07 -46.38
CA UNK E 106 -136.04 43.36 -46.31
C UNK E 106 -135.03 44.47 -46.12
N UNK E 107 -134.43 44.51 -44.93
CA UNK E 107 -133.48 45.56 -44.61
C UNK E 107 -132.31 45.56 -45.58
N UNK E 108 -131.99 44.41 -46.15
CA UNK E 108 -131.02 44.36 -47.22
C UNK E 108 -131.47 45.25 -48.36
N UNK E 109 -132.60 44.87 -48.98
CA UNK E 109 -133.13 45.57 -50.13
C UNK E 109 -133.28 47.06 -49.85
N UNK E 110 -134.24 47.41 -48.99
CA UNK E 110 -134.50 48.81 -48.71
C UNK E 110 -133.30 49.52 -48.11
N UNK E 111 -132.30 48.78 -47.63
CA UNK E 111 -131.06 49.40 -47.21
C UNK E 111 -130.26 49.87 -48.41
N UNK E 112 -130.09 48.98 -49.39
CA UNK E 112 -129.47 49.40 -50.64
C UNK E 112 -130.21 50.57 -51.24
N UNK E 113 -131.54 50.48 -51.28
CA UNK E 113 -132.35 51.61 -51.69
C UNK E 113 -132.02 52.84 -50.86
N UNK E 114 -131.78 52.66 -49.57
CA UNK E 114 -131.51 53.79 -48.69
C UNK E 114 -130.22 54.48 -49.08
N UNK E 115 -129.13 53.71 -49.21
CA UNK E 115 -127.87 54.28 -49.64
C UNK E 115 -127.99 54.95 -51.00
N UNK E 116 -128.84 54.41 -51.87
CA UNK E 116 -129.08 55.04 -53.16
C UNK E 116 -129.70 56.42 -52.97
N UNK E 117 -130.84 56.48 -52.28
CA UNK E 117 -131.56 57.75 -52.16
C UNK E 117 -130.74 58.79 -51.41
N UNK E 118 -130.31 58.45 -50.20
CA UNK E 118 -129.43 59.35 -49.47
C UNK E 118 -128.17 59.66 -50.26
N UNK E 119 -127.82 58.78 -51.21
CA UNK E 119 -126.75 59.03 -52.16
C UNK E 119 -125.44 59.30 -51.44
N UNK E 120 -124.97 58.27 -50.75
CA UNK E 120 -123.67 58.31 -50.10
C UNK E 120 -123.20 56.89 -49.85
N UNK E 121 -121.90 56.76 -49.63
CA UNK E 121 -121.37 55.52 -49.10
C UNK E 121 -121.66 55.47 -47.61
N UNK E 122 -122.31 54.39 -47.17
CA UNK E 122 -122.79 54.30 -45.79
C UNK E 122 -121.66 54.38 -44.77
N UNK E 123 -120.40 54.24 -45.18
CA UNK E 123 -119.31 54.36 -44.24
C UNK E 123 -119.01 55.81 -43.90
N UNK E 124 -119.04 56.70 -44.89
CA UNK E 124 -118.67 58.10 -44.70
C UNK E 124 -119.92 58.98 -44.66
N UNK E 125 -119.85 60.03 -43.86
CA UNK E 125 -121.00 60.90 -43.65
C UNK E 125 -121.13 61.89 -44.80
N UNK E 126 -122.20 62.69 -44.76
CA UNK E 126 -122.48 63.66 -45.80
C UNK E 126 -121.67 64.93 -45.60
N UNK E 127 -121.42 65.64 -46.70
CA UNK E 127 -120.93 67.00 -46.59
C UNK E 127 -121.92 67.84 -45.79
N UNK E 128 -123.22 67.62 -45.99
CA UNK E 128 -124.23 68.24 -45.17
C UNK E 128 -124.18 67.77 -43.72
N UNK E 129 -123.47 66.67 -43.44
CA UNK E 129 -123.39 66.11 -42.10
C UNK E 129 -124.79 65.82 -41.54
N UNK E 130 -125.72 65.52 -42.45
CA UNK E 130 -127.12 65.40 -42.05
C UNK E 130 -127.43 64.06 -41.41
N UNK E 131 -126.91 62.98 -41.97
CA UNK E 131 -127.37 61.64 -41.62
C UNK E 131 -126.21 60.79 -41.08
N UNK E 132 -126.58 59.73 -40.36
CA UNK E 132 -125.62 58.79 -39.79
C UNK E 132 -126.08 57.37 -40.08
N UNK E 133 -125.30 56.65 -40.88
CA UNK E 133 -125.60 55.25 -41.14
C UNK E 133 -125.23 54.41 -39.92
N UNK E 134 -125.54 53.12 -40.00
CA UNK E 134 -125.26 52.25 -38.86
C UNK E 134 -125.12 50.81 -39.31
N UNK E 135 -124.39 50.04 -38.52
CA UNK E 135 -124.33 48.60 -38.72
C UNK E 135 -125.62 47.96 -38.20
N UNK E 136 -125.73 46.66 -38.40
CA UNK E 136 -127.00 45.97 -38.13
C UNK E 136 -127.14 45.66 -36.66
N UNK E 137 -126.38 44.68 -36.16
CA UNK E 137 -126.57 44.10 -34.84
C UNK E 137 -128.01 43.65 -34.66
N CYS E 138 -128.60 43.89 -33.50
CA CYS E 138 -130.04 43.79 -33.31
C CYS E 138 -130.58 45.11 -32.81
N UNK E 139 -131.43 45.72 -33.62
CA UNK E 139 -132.18 46.87 -33.17
C UNK E 139 -133.42 46.46 -32.42
N UNK E 140 -133.62 45.16 -32.18
CA UNK E 140 -134.87 44.55 -31.78
C UNK E 140 -135.81 44.59 -32.97
N UNK E 141 -135.36 45.12 -34.10
CA UNK E 141 -136.19 45.35 -35.26
C UNK E 141 -136.46 44.09 -36.04
N CYS E 142 -135.99 42.93 -35.55
CA CYS E 142 -136.16 41.65 -36.20
C CYS E 142 -137.55 41.55 -36.80
N UNK E 143 -138.56 41.55 -35.94
CA UNK E 143 -139.94 41.61 -36.40
C UNK E 143 -140.39 43.03 -36.70
N UNK E 144 -139.60 44.05 -36.37
CA UNK E 144 -140.01 45.43 -36.58
C UNK E 144 -139.55 45.98 -37.92
N UNK E 145 -138.87 45.19 -38.73
CA UNK E 145 -138.41 45.64 -40.04
C UNK E 145 -139.58 45.95 -40.97
N UNK E 146 -139.42 46.93 -41.85
CA UNK E 146 -138.22 47.75 -41.92
C UNK E 146 -138.25 48.85 -40.87
N UNK E 147 -137.21 48.88 -40.05
CA UNK E 147 -137.10 49.83 -38.95
C UNK E 147 -135.74 50.52 -38.97
N UNK E 148 -135.74 51.81 -38.67
CA UNK E 148 -134.50 52.56 -38.59
C UNK E 148 -134.61 53.57 -37.45
N UNK E 149 -133.62 53.62 -36.58
CA UNK E 149 -133.72 54.44 -35.37
C UNK E 149 -133.14 55.82 -35.66
N UNK E 150 -134.00 56.82 -35.76
CA UNK E 150 -133.59 58.20 -35.96
C UNK E 150 -133.69 58.90 -34.61
N UNK E 151 -132.54 59.24 -34.04
CA UNK E 151 -132.47 59.60 -32.64
C UNK E 151 -133.12 58.49 -31.83
N UNK E 152 -133.87 58.85 -30.80
CA UNK E 152 -134.57 57.84 -30.01
C UNK E 152 -135.62 57.12 -30.84
N UNK E 153 -136.06 57.72 -31.94
CA UNK E 153 -137.15 57.16 -32.70
C UNK E 153 -136.68 55.99 -33.55
N UNK E 154 -137.64 55.35 -34.22
CA UNK E 154 -137.39 54.38 -35.26
C UNK E 154 -138.61 54.33 -36.17
N UNK E 155 -138.37 54.04 -37.44
CA UNK E 155 -139.42 53.78 -38.40
C UNK E 155 -139.48 52.26 -38.55
N UNK E 156 -140.53 51.66 -37.99
CA UNK E 156 -140.65 50.22 -37.93
C UNK E 156 -141.65 49.74 -38.96
N UNK E 157 -141.26 48.73 -39.73
CA UNK E 157 -142.09 48.19 -40.80
C UNK E 157 -142.50 49.28 -41.77
N UNK E 158 -141.50 49.99 -42.29
CA UNK E 158 -141.70 51.09 -43.22
C UNK E 158 -141.33 50.63 -44.63
N UNK E 159 -142.08 51.12 -45.62
CA UNK E 159 -141.83 50.72 -47.00
C UNK E 159 -140.62 51.43 -47.57
N UNK E 160 -139.90 50.74 -48.46
CA UNK E 160 -138.78 51.37 -49.16
C UNK E 160 -139.23 52.63 -49.87
N UNK E 161 -140.44 52.61 -50.43
CA UNK E 161 -141.09 53.83 -50.88
C UNK E 161 -141.20 54.77 -49.69
N UNK E 162 -141.97 54.36 -48.68
CA UNK E 162 -142.12 55.16 -47.46
C UNK E 162 -140.78 55.47 -46.83
N UNK E 163 -139.74 54.73 -47.19
CA UNK E 163 -138.40 55.08 -46.77
C UNK E 163 -137.92 56.30 -47.52
N UNK E 164 -137.82 56.20 -48.85
CA UNK E 164 -137.43 57.34 -49.66
C UNK E 164 -138.22 58.59 -49.28
N UNK E 165 -139.49 58.41 -48.90
CA UNK E 165 -140.23 59.53 -48.34
C UNK E 165 -139.69 59.91 -46.97
N UNK E 166 -139.26 58.92 -46.19
CA UNK E 166 -138.87 59.19 -44.81
C UNK E 166 -137.55 59.96 -44.80
N UNK E 167 -136.48 59.33 -45.27
CA UNK E 167 -135.24 60.04 -45.48
C UNK E 167 -135.44 61.28 -46.33
N UNK E 168 -136.38 61.23 -47.27
CA UNK E 168 -136.75 62.46 -47.98
C UNK E 168 -137.15 63.54 -46.99
N UNK E 169 -137.75 63.16 -45.88
CA UNK E 169 -137.98 64.10 -44.79
C UNK E 169 -136.72 64.32 -43.95
N UNK E 170 -135.77 63.39 -43.99
CA UNK E 170 -134.47 63.68 -43.39
C UNK E 170 -133.74 64.76 -44.17
N UNK E 171 -134.15 65.00 -45.41
CA UNK E 171 -133.74 66.18 -46.17
C UNK E 171 -134.62 67.39 -45.85
N UNK E 172 -135.56 67.25 -44.92
CA UNK E 172 -136.52 68.29 -44.58
C UNK E 172 -136.45 68.59 -43.08
N UNK E 173 -137.36 69.44 -42.63
CA UNK E 173 -137.29 70.00 -41.29
C UNK E 173 -138.04 69.20 -40.24
N UNK E 174 -138.60 68.04 -40.58
CA UNK E 174 -139.37 67.29 -39.60
C UNK E 174 -139.31 65.81 -39.96
N UNK E 175 -140.06 65.01 -39.22
CA UNK E 175 -140.06 63.57 -39.40
C UNK E 175 -141.33 62.98 -38.82
N UNK E 176 -141.59 61.72 -39.17
CA UNK E 176 -142.65 60.92 -38.55
C UNK E 176 -142.28 60.66 -37.08
N UNK E 177 -143.18 60.32 -36.14
CA UNK E 177 -144.58 59.80 -36.22
C UNK E 177 -144.60 58.34 -36.65
N UNK E 178 -143.40 57.80 -36.86
CA UNK E 178 -143.18 56.45 -37.37
C UNK E 178 -143.79 55.35 -36.48
N UNK E 179 -144.26 54.25 -37.07
CA UNK E 179 -144.28 54.05 -38.53
C UNK E 179 -145.44 53.22 -39.03
N UNK E 180 -145.99 53.64 -40.16
CA UNK E 180 -146.82 52.82 -41.05
C UNK E 180 -148.00 52.11 -40.39
N UNK E 181 -148.24 50.88 -40.81
CA UNK E 181 -149.46 50.15 -40.52
C UNK E 181 -149.28 49.36 -39.22
N UNK E 182 -150.16 48.40 -38.95
CA UNK E 182 -150.18 47.70 -37.68
C UNK E 182 -148.95 46.80 -37.55
N UNK E 183 -148.86 46.14 -36.40
CA UNK E 183 -147.69 45.35 -36.02
C UNK E 183 -147.96 43.86 -36.04
N UNK E 184 -148.89 43.39 -35.20
CA UNK E 184 -149.21 41.98 -35.13
C UNK E 184 -150.13 41.52 -36.24
N UNK E 185 -150.51 42.44 -37.15
CA UNK E 185 -151.32 42.13 -38.32
C UNK E 185 -152.69 41.62 -37.86
N UNK E 186 -153.10 40.40 -38.19
CA UNK E 186 -154.48 39.97 -38.06
C UNK E 186 -154.84 39.72 -36.59
N UNK E 187 -156.02 39.13 -36.39
CA UNK E 187 -156.69 39.08 -35.09
C UNK E 187 -156.09 38.02 -34.16
N UNK E 188 -156.33 38.23 -32.87
CA UNK E 188 -155.92 37.32 -31.80
C UNK E 188 -156.75 37.68 -30.56
N UNK E 189 -156.39 37.08 -29.43
CA UNK E 189 -157.08 37.39 -28.19
C UNK E 189 -156.68 38.78 -27.69
N UNK F 1 -138.51 60.88 -2.31
CA UNK F 1 -138.27 60.62 -3.72
C UNK F 1 -138.35 61.91 -4.52
N UNK F 2 -137.63 62.94 -4.07
CA UNK F 2 -137.70 64.25 -4.68
C UNK F 2 -137.00 64.32 -6.03
N UNK F 3 -136.30 63.27 -6.44
CA UNK F 3 -135.55 63.30 -7.68
C UNK F 3 -136.51 63.35 -8.88
N UNK F 4 -135.97 63.83 -10.00
CA UNK F 4 -136.71 63.89 -11.26
C UNK F 4 -135.93 63.16 -12.33
N UNK F 5 -136.66 62.52 -13.24
CA UNK F 5 -136.06 61.71 -14.29
C UNK F 5 -135.85 62.57 -15.53
N UNK F 6 -134.59 62.75 -15.90
CA UNK F 6 -134.28 63.53 -17.09
C UNK F 6 -134.79 62.82 -18.34
N UNK F 7 -135.14 63.60 -19.35
CA UNK F 7 -135.66 63.04 -20.58
C UNK F 7 -135.47 64.05 -21.70
N UNK F 8 -135.59 63.57 -22.93
CA UNK F 8 -135.60 64.40 -24.12
C UNK F 8 -136.93 64.18 -24.83
N UNK F 9 -137.78 65.21 -24.83
CA UNK F 9 -139.12 65.17 -25.42
C UNK F 9 -139.95 64.00 -24.89
N UNK F 10 -140.76 63.40 -25.76
CA UNK F 10 -141.68 62.32 -25.43
C UNK F 10 -142.51 61.99 -26.67
N UNK F 11 -143.31 60.95 -26.55
CA UNK F 11 -144.28 60.60 -27.58
C UNK F 11 -145.46 59.95 -26.90
N UNK F 12 -146.60 59.94 -27.60
CA UNK F 12 -147.81 59.32 -27.06
C UNK F 12 -148.64 58.76 -28.20
N UNK F 13 -149.27 57.61 -27.95
CA UNK F 13 -150.07 56.93 -28.96
C UNK F 13 -151.32 56.32 -28.33
N UNK F 14 -152.47 56.59 -28.93
CA UNK F 14 -153.74 56.00 -28.58
C UNK F 14 -154.15 54.84 -29.48
N UNK F 15 -153.28 54.43 -30.39
CA UNK F 15 -153.61 53.53 -31.49
C UNK F 15 -154.48 52.35 -31.07
N UNK F 16 -153.91 51.45 -30.28
CA UNK F 16 -154.67 50.32 -29.79
C UNK F 16 -155.65 50.78 -28.71
N UNK F 17 -156.68 49.97 -28.51
CA UNK F 17 -157.64 50.23 -27.44
C UNK F 17 -156.99 50.02 -26.07
N UNK F 18 -157.54 50.70 -25.07
CA UNK F 18 -157.01 50.71 -23.71
C UNK F 18 -155.52 51.15 -23.81
N UNK F 19 -154.58 50.71 -22.95
CA UNK F 19 -154.75 50.45 -21.53
C UNK F 19 -154.22 51.64 -20.75
N UNK F 20 -152.92 51.89 -20.92
CA UNK F 20 -152.22 53.08 -20.42
C UNK F 20 -152.44 53.18 -18.91
N UNK F 21 -152.64 54.38 -18.37
CA UNK F 21 -152.78 54.53 -16.92
C UNK F 21 -154.16 54.12 -16.45
N UNK F 22 -155.18 54.36 -17.27
CA UNK F 22 -156.55 54.06 -16.86
C UNK F 22 -156.74 52.56 -16.61
N UNK F 23 -156.48 51.74 -17.63
CA UNK F 23 -156.54 50.30 -17.42
C UNK F 23 -155.35 49.78 -16.65
N UNK F 24 -154.24 50.54 -16.63
CA UNK F 24 -153.12 50.16 -15.78
C UNK F 24 -153.51 50.12 -14.32
N UNK F 25 -154.32 51.08 -13.88
CA UNK F 25 -154.90 51.02 -12.54
C UNK F 25 -156.22 50.27 -12.51
N UNK F 26 -156.81 49.96 -13.66
CA UNK F 26 -158.11 49.31 -13.73
C UNK F 26 -158.02 47.80 -13.93
N UNK F 27 -156.82 47.24 -13.97
CA UNK F 27 -156.65 45.81 -14.13
C UNK F 27 -157.08 45.03 -12.89
N UNK F 28 -157.53 45.75 -11.85
CA UNK F 28 -157.61 45.33 -10.45
C UNK F 28 -156.23 45.46 -9.83
N UNK F 29 -155.22 45.60 -10.70
CA UNK F 29 -153.94 46.23 -10.38
C UNK F 29 -153.47 45.88 -8.97
N UNK F 30 -153.20 44.59 -8.78
CA UNK F 30 -152.86 44.07 -7.46
C UNK F 30 -153.99 44.37 -6.46
N UNK F 31 -155.19 43.92 -6.81
CA UNK F 31 -156.29 43.96 -5.86
C UNK F 31 -155.93 43.23 -4.56
N UNK F 32 -154.90 42.40 -4.60
CA UNK F 32 -154.39 41.70 -3.42
C UNK F 32 -153.30 42.47 -2.69
N UNK F 33 -153.06 43.73 -3.06
CA UNK F 33 -151.99 44.51 -2.43
C UNK F 33 -152.03 44.40 -0.91
N UNK F 34 -153.23 44.35 -0.34
CA UNK F 34 -153.36 44.00 1.06
C UNK F 34 -152.72 42.65 1.36
N UNK F 35 -152.79 41.72 0.42
CA UNK F 35 -152.10 40.43 0.60
C UNK F 35 -150.62 40.53 0.35
N UNK F 36 -150.18 41.53 -0.42
CA UNK F 36 -148.76 41.85 -0.44
C UNK F 36 -148.31 42.26 0.95
N UNK F 37 -149.12 43.08 1.63
CA UNK F 37 -148.88 43.32 3.05
C UNK F 37 -148.99 42.03 3.84
N UNK F 38 -149.85 41.12 3.39
CA UNK F 38 -150.11 39.86 4.07
C UNK F 38 -149.20 38.75 3.61
N UNK F 39 -148.18 39.08 2.81
CA UNK F 39 -147.15 38.12 2.46
C UNK F 39 -146.65 37.49 3.76
N UNK F 40 -146.58 36.15 3.90
CA UNK F 40 -146.76 35.08 2.90
C UNK F 40 -145.62 35.10 1.90
N UNK F 41 -144.68 36.03 2.11
CA UNK F 41 -143.45 36.04 1.31
C UNK F 41 -142.87 34.64 1.28
N UNK F 42 -142.65 34.07 2.46
CA UNK F 42 -142.44 32.64 2.56
C UNK F 42 -143.59 31.88 1.92
N UNK F 43 -144.80 32.05 2.47
CA UNK F 43 -145.92 31.21 2.07
C UNK F 43 -146.22 31.33 0.59
N UNK F 44 -146.54 32.55 0.13
CA UNK F 44 -146.84 32.71 -1.29
C UNK F 44 -145.62 32.46 -2.15
N UNK F 45 -144.41 32.47 -1.59
CA UNK F 45 -143.24 32.06 -2.34
C UNK F 45 -143.28 30.56 -2.61
N UNK F 46 -143.49 29.77 -1.57
CA UNK F 46 -143.79 28.37 -1.77
C UNK F 46 -144.96 28.19 -2.72
N UNK F 47 -145.87 29.17 -2.78
CA UNK F 47 -146.90 29.14 -3.80
C UNK F 47 -146.33 29.42 -5.18
N UNK F 48 -145.23 30.17 -5.26
CA UNK F 48 -144.53 30.24 -6.53
C UNK F 48 -144.00 28.87 -6.91
N UNK F 49 -143.56 28.09 -5.93
CA UNK F 49 -143.28 26.70 -6.20
C UNK F 49 -144.54 25.97 -6.67
N UNK F 50 -145.68 26.30 -6.07
CA UNK F 50 -146.94 25.79 -6.59
C UNK F 50 -147.26 26.43 -7.94
N UNK F 51 -146.98 27.72 -8.08
CA UNK F 51 -147.00 28.33 -9.41
C UNK F 51 -146.06 27.60 -10.34
N UNK F 52 -145.07 26.91 -9.80
CA UNK F 52 -144.23 25.99 -10.55
C UNK F 52 -143.55 26.73 -11.71
N UNK F 53 -142.57 27.55 -11.35
CA UNK F 53 -141.94 28.45 -12.29
C UNK F 53 -140.71 27.79 -12.89
N UNK F 54 -140.81 27.40 -14.16
CA UNK F 54 -139.64 27.16 -14.97
C UNK F 54 -139.22 28.50 -15.55
N UNK F 55 -137.98 28.89 -15.27
CA UNK F 55 -137.54 30.27 -15.48
C UNK F 55 -137.84 30.74 -16.89
N UNK F 56 -138.46 31.91 -17.00
CA UNK F 56 -138.52 32.59 -18.28
C UNK F 56 -137.15 33.05 -18.75
N UNK F 57 -136.13 32.88 -17.90
CA UNK F 57 -134.74 33.11 -18.29
C UNK F 57 -134.15 31.94 -19.05
N UNK F 58 -134.94 30.89 -19.31
CA UNK F 58 -134.61 29.65 -20.01
C UNK F 58 -133.81 28.68 -19.16
N UNK F 59 -133.30 29.10 -17.99
CA UNK F 59 -132.62 28.18 -17.11
C UNK F 59 -133.58 27.21 -16.43
N UNK F 60 -134.89 27.44 -16.55
CA UNK F 60 -135.93 26.55 -16.05
C UNK F 60 -135.94 26.48 -14.53
N UNK F 61 -134.96 27.12 -13.89
CA UNK F 61 -134.83 27.03 -12.44
C UNK F 61 -136.10 27.51 -11.75
N UNK F 62 -136.38 26.90 -10.61
CA UNK F 62 -137.58 27.26 -9.87
C UNK F 62 -137.41 28.63 -9.24
N UNK F 63 -138.41 29.48 -9.44
CA UNK F 63 -138.44 30.74 -8.68
C UNK F 63 -138.33 30.46 -7.19
N UNK F 64 -138.98 29.39 -6.74
CA UNK F 64 -138.74 28.90 -5.38
C UNK F 64 -137.26 28.62 -5.18
N UNK F 65 -136.66 27.84 -6.07
CA UNK F 65 -135.23 27.61 -5.99
C UNK F 65 -134.44 28.90 -6.12
N UNK F 66 -135.07 30.00 -6.55
CA UNK F 66 -134.36 31.23 -6.84
C UNK F 66 -134.38 32.20 -5.66
N UNK F 67 -135.52 32.85 -5.40
CA UNK F 67 -135.60 33.71 -4.24
C UNK F 67 -135.49 32.91 -2.96
N UNK F 68 -135.83 31.63 -3.01
CA UNK F 68 -135.49 30.73 -1.92
C UNK F 68 -134.03 30.31 -2.00
N UNK F 69 -133.48 30.22 -3.21
CA UNK F 69 -132.03 30.06 -3.29
C UNK F 69 -131.33 31.19 -2.56
N UNK F 70 -131.95 32.36 -2.49
CA UNK F 70 -131.48 33.39 -1.57
C UNK F 70 -131.51 32.84 -0.17
N UNK F 71 -132.71 32.68 0.41
CA UNK F 71 -132.86 32.23 1.78
C UNK F 71 -131.84 32.96 2.65
N UNK F 72 -131.71 34.25 2.40
CA UNK F 72 -130.50 34.96 2.78
C UNK F 72 -130.24 34.96 4.27
N UNK F 73 -131.21 34.56 5.07
CA UNK F 73 -131.09 34.72 6.51
C UNK F 73 -130.75 36.18 6.78
N UNK F 74 -129.57 36.42 7.31
CA UNK F 74 -129.05 37.76 7.39
C UNK F 74 -127.58 37.74 7.07
N UNK F 75 -127.05 38.92 6.75
CA UNK F 75 -125.62 39.09 6.53
C UNK F 75 -125.30 40.55 6.70
N UNK F 76 -124.02 40.84 6.89
CA UNK F 76 -123.57 42.22 6.89
C UNK F 76 -123.88 42.88 5.55
N UNK F 77 -123.78 42.12 4.46
CA UNK F 77 -124.14 42.65 3.15
C UNK F 77 -125.64 42.93 3.09
N UNK F 78 -126.01 43.96 2.36
CA UNK F 78 -127.41 44.31 2.24
C UNK F 78 -128.14 43.34 1.32
N UNK F 79 -129.39 43.05 1.65
CA UNK F 79 -130.19 42.19 0.79
C UNK F 79 -130.64 43.01 -0.42
N UNK F 80 -130.26 42.54 -1.61
CA UNK F 80 -130.49 43.29 -2.83
C UNK F 80 -131.17 42.40 -3.85
N UNK F 81 -132.41 42.77 -4.20
CA UNK F 81 -133.11 42.07 -5.25
C UNK F 81 -132.59 42.56 -6.61
N UNK F 82 -132.46 41.63 -7.54
CA UNK F 82 -131.81 41.94 -8.81
C UNK F 82 -132.66 41.43 -9.96
N UNK F 83 -133.12 42.36 -10.79
CA UNK F 83 -133.97 42.07 -11.92
C UNK F 83 -133.35 42.68 -13.17
N UNK F 84 -133.84 42.26 -14.33
CA UNK F 84 -133.30 42.66 -15.61
C UNK F 84 -134.38 43.39 -16.39
N UNK F 85 -134.10 44.62 -16.81
CA UNK F 85 -135.03 45.37 -17.65
C UNK F 85 -134.65 45.39 -19.13
N UNK F 86 -133.55 44.78 -19.54
CA UNK F 86 -133.07 44.94 -20.92
C UNK F 86 -133.03 43.61 -21.66
N UNK F 87 -133.18 43.69 -22.97
CA UNK F 87 -132.94 42.55 -23.85
C UNK F 87 -132.59 43.04 -25.25
N UNK F 88 -131.74 42.30 -25.96
CA UNK F 88 -131.60 42.47 -27.40
C UNK F 88 -131.84 41.14 -28.11
N UNK F 89 -130.84 40.26 -28.09
CA UNK F 89 -131.06 38.82 -28.14
C UNK F 89 -131.74 38.27 -29.39
N UNK F 90 -132.12 39.14 -30.33
CA UNK F 90 -133.02 38.92 -31.48
C UNK F 90 -134.48 39.17 -31.12
N UNK F 91 -134.78 39.54 -29.88
CA UNK F 91 -136.05 40.18 -29.51
C UNK F 91 -137.33 39.30 -29.81
N UNK F 92 -138.52 39.72 -30.29
CA UNK F 92 -138.99 40.97 -30.91
C UNK F 92 -139.17 42.19 -29.99
N UNK F 93 -139.20 43.37 -30.62
CA UNK F 93 -139.16 44.68 -29.97
C UNK F 93 -140.40 44.99 -29.13
N UNK F 94 -141.39 44.11 -29.12
CA UNK F 94 -142.72 44.44 -28.58
C UNK F 94 -142.69 44.97 -27.15
N UNK F 95 -141.63 44.72 -26.37
CA UNK F 95 -141.56 45.28 -25.03
C UNK F 95 -141.74 46.79 -25.07
N UNK F 96 -141.34 47.42 -26.17
CA UNK F 96 -141.73 48.80 -26.42
C UNK F 96 -143.23 48.96 -26.32
N UNK F 97 -143.97 47.98 -26.83
CA UNK F 97 -145.41 47.97 -26.67
C UNK F 97 -145.84 47.37 -25.34
N UNK F 98 -144.89 46.92 -24.52
CA UNK F 98 -145.22 46.66 -23.13
C UNK F 98 -145.23 47.96 -22.34
N UNK F 99 -144.26 48.82 -22.59
CA UNK F 99 -144.34 50.19 -22.12
C UNK F 99 -145.59 50.86 -22.68
N UNK F 100 -145.83 50.68 -23.97
CA UNK F 100 -147.06 51.13 -24.59
C UNK F 100 -148.26 50.32 -24.16
N UNK F 101 -148.06 49.27 -23.36
CA UNK F 101 -149.18 48.50 -22.86
C UNK F 101 -149.27 48.64 -21.35
N UNK F 102 -148.44 47.92 -20.60
CA UNK F 102 -148.41 48.11 -19.15
C UNK F 102 -147.00 47.95 -18.63
N UNK F 103 -146.51 48.96 -17.93
CA UNK F 103 -145.46 48.75 -16.95
C UNK F 103 -146.00 48.70 -15.53
N UNK F 104 -147.30 48.99 -15.36
CA UNK F 104 -147.86 49.13 -14.02
C UNK F 104 -147.79 47.81 -13.27
N UNK F 105 -148.42 46.77 -13.82
CA UNK F 105 -148.41 45.48 -13.17
C UNK F 105 -147.00 44.93 -13.05
N UNK F 106 -146.21 45.11 -14.11
CA UNK F 106 -144.85 44.57 -14.15
C UNK F 106 -144.03 45.10 -12.97
N UNK F 107 -143.89 46.43 -12.90
CA UNK F 107 -143.11 47.01 -11.82
C UNK F 107 -143.74 46.74 -10.48
N UNK F 108 -145.05 46.98 -10.36
CA UNK F 108 -145.74 46.85 -9.09
C UNK F 108 -145.60 45.45 -8.53
N UNK F 109 -146.28 44.48 -9.13
CA UNK F 109 -146.30 43.13 -8.61
C UNK F 109 -144.96 42.43 -8.76
N UNK F 110 -144.08 42.96 -9.61
CA UNK F 110 -142.69 42.56 -9.56
C UNK F 110 -142.09 42.88 -8.20
N UNK F 111 -142.14 44.17 -7.82
CA UNK F 111 -141.67 44.57 -6.50
C UNK F 111 -142.43 43.85 -5.40
N UNK F 112 -143.64 43.39 -5.67
CA UNK F 112 -144.33 42.51 -4.73
C UNK F 112 -143.57 41.20 -4.59
N UNK F 113 -143.28 40.55 -5.72
CA UNK F 113 -142.43 39.37 -5.67
C UNK F 113 -141.09 39.68 -5.03
N UNK F 114 -140.71 40.95 -4.94
CA UNK F 114 -139.51 41.32 -4.20
C UNK F 114 -139.76 41.33 -2.70
N UNK F 115 -140.90 41.89 -2.28
CA UNK F 115 -141.29 41.75 -0.88
C UNK F 115 -141.33 40.29 -0.49
N UNK F 116 -141.69 39.42 -1.43
CA UNK F 116 -141.46 38.00 -1.24
C UNK F 116 -139.96 37.71 -1.10
N UNK F 117 -139.18 38.12 -2.09
CA UNK F 117 -137.74 37.91 -2.04
C UNK F 117 -137.10 38.68 -0.89
N UNK F 118 -137.74 39.76 -0.45
CA UNK F 118 -137.32 40.49 0.75
C UNK F 118 -135.86 40.93 0.66
N UNK F 119 -135.49 41.53 -0.47
CA UNK F 119 -134.16 42.10 -0.66
C UNK F 119 -134.33 43.52 -1.15
N UNK F 120 -133.94 44.49 -0.33
CA UNK F 120 -134.36 45.88 -0.53
C UNK F 120 -133.83 46.44 -1.83
N UNK F 121 -132.51 46.48 -1.99
CA UNK F 121 -131.93 47.11 -3.16
C UNK F 121 -132.39 46.40 -4.42
N UNK F 122 -133.00 47.14 -5.34
CA UNK F 122 -133.52 46.54 -6.56
C UNK F 122 -133.30 47.47 -7.75
N UNK F 123 -132.65 46.93 -8.78
CA UNK F 123 -132.48 47.62 -10.05
C UNK F 123 -132.71 46.64 -11.18
N UNK F 124 -133.73 46.88 -11.99
CA UNK F 124 -133.87 46.23 -13.28
C UNK F 124 -133.17 47.11 -14.31
N UNK F 125 -132.23 46.54 -15.04
CA UNK F 125 -131.36 47.34 -15.89
C UNK F 125 -131.99 47.46 -17.27
N UNK F 126 -132.39 48.68 -17.62
CA UNK F 126 -133.00 48.94 -18.92
C UNK F 126 -131.89 49.01 -19.97
N UNK F 127 -132.25 49.36 -21.20
CA UNK F 127 -131.32 49.35 -22.31
C UNK F 127 -131.19 50.73 -22.92
N UNK F 128 -130.04 50.98 -23.55
CA UNK F 128 -129.95 52.10 -24.48
C UNK F 128 -130.99 51.97 -25.57
N UNK F 129 -131.35 50.73 -25.91
CA UNK F 129 -132.41 50.50 -26.90
C UNK F 129 -133.70 51.19 -26.49
N UNK F 130 -134.15 50.93 -25.27
CA UNK F 130 -135.33 51.64 -24.77
C UNK F 130 -134.97 53.09 -24.50
N UNK F 131 -135.69 54.00 -25.13
CA UNK F 131 -135.45 55.43 -24.91
C UNK F 131 -136.77 56.12 -24.60
N UNK F 132 -137.62 56.25 -25.61
CA UNK F 132 -138.98 56.71 -25.36
C UNK F 132 -139.64 55.83 -24.33
N UNK F 133 -139.61 54.52 -24.55
CA UNK F 133 -140.11 53.59 -23.55
C UNK F 133 -139.35 53.73 -22.24
N UNK F 134 -138.08 54.15 -22.30
CA UNK F 134 -137.33 54.33 -21.07
C UNK F 134 -137.91 55.46 -20.24
N UNK F 135 -138.00 56.66 -20.82
CA UNK F 135 -138.54 57.79 -20.09
C UNK F 135 -139.97 57.52 -19.65
N UNK F 136 -140.73 56.82 -20.48
CA UNK F 136 -142.08 56.41 -20.08
C UNK F 136 -142.02 55.54 -18.83
N UNK F 137 -141.11 54.56 -18.81
CA UNK F 137 -140.96 53.73 -17.63
C UNK F 137 -140.62 54.57 -16.40
N UNK F 138 -139.78 55.59 -16.59
CA UNK F 138 -139.50 56.51 -15.50
C UNK F 138 -140.78 57.19 -15.02
N UNK F 139 -141.63 57.61 -15.94
CA UNK F 139 -142.90 58.23 -15.56
C UNK F 139 -143.76 57.26 -14.75
N UNK F 140 -143.80 56.00 -15.19
CA UNK F 140 -144.51 54.99 -14.44
C UNK F 140 -143.92 54.82 -13.05
N UNK F 141 -142.60 55.00 -12.92
CA UNK F 141 -142.00 54.98 -11.59
C UNK F 141 -142.48 56.16 -10.76
N UNK F 142 -142.57 57.34 -11.39
CA UNK F 142 -143.18 58.47 -10.70
C UNK F 142 -144.59 58.13 -10.25
N UNK F 143 -145.29 57.29 -11.01
CA UNK F 143 -146.57 56.77 -10.52
C UNK F 143 -146.35 55.78 -9.38
N UNK F 144 -145.22 55.10 -9.35
CA UNK F 144 -145.00 54.09 -8.31
C UNK F 144 -144.78 54.73 -6.95
N UNK F 145 -143.79 55.62 -6.87
CA UNK F 145 -143.54 56.30 -5.61
C UNK F 145 -144.59 57.36 -5.36
N UNK F 146 -144.86 58.21 -6.35
CA UNK F 146 -145.77 59.33 -6.18
C UNK F 146 -147.22 58.87 -6.02
N UNK F 147 -147.69 58.00 -6.91
CA UNK F 147 -149.07 57.54 -6.88
C UNK F 147 -149.38 56.72 -5.63
N UNK F 148 -148.38 56.45 -4.80
CA UNK F 148 -148.44 55.67 -3.56
C UNK F 148 -148.39 54.18 -3.86
N UNK F 149 -148.37 53.79 -5.13
CA UNK F 149 -148.32 52.38 -5.50
C UNK F 149 -147.12 51.69 -4.86
N UNK F 150 -145.92 52.04 -5.29
CA UNK F 150 -144.72 51.37 -4.80
C UNK F 150 -143.66 52.40 -4.44
N UNK F 151 -143.39 52.50 -3.13
CA UNK F 151 -142.20 53.06 -2.51
C UNK F 151 -142.45 53.04 -1.02
N UNK F 152 -141.36 53.05 -0.26
CA UNK F 152 -141.43 53.15 1.21
C UNK F 152 -142.52 52.25 1.77
N UNK F 153 -143.35 52.80 2.65
CA UNK F 153 -144.55 52.10 3.06
C UNK F 153 -145.53 52.06 1.89
N UNK F 154 -145.91 50.86 1.47
CA UNK F 154 -146.76 50.71 0.30
C UNK F 154 -147.46 49.36 0.35
N UNK F 155 -148.53 49.25 -0.44
CA UNK F 155 -149.32 48.02 -0.53
C UNK F 155 -149.77 47.55 0.85
N UNK F 156 -150.18 48.53 1.66
CA UNK F 156 -150.53 48.33 3.06
C UNK F 156 -149.37 47.76 3.86
N UNK F 157 -148.14 47.97 3.39
CA UNK F 157 -146.96 47.47 4.08
C UNK F 157 -145.96 48.59 4.28
N UNK F 158 -144.78 48.26 4.79
CA UNK F 158 -143.78 49.27 5.12
C UNK F 158 -142.46 48.99 4.42
N UNK F 159 -141.85 47.84 4.71
CA UNK F 159 -140.60 47.47 4.08
C UNK F 159 -140.73 47.56 2.57
N UNK F 160 -139.72 48.17 1.94
CA UNK F 160 -139.79 48.51 0.53
C UNK F 160 -138.54 48.00 -0.19
N UNK F 161 -138.76 47.31 -1.31
CA UNK F 161 -137.67 47.06 -2.24
C UNK F 161 -137.31 48.37 -2.93
N UNK F 162 -136.02 48.58 -3.13
CA UNK F 162 -135.58 49.82 -3.75
C UNK F 162 -136.07 49.91 -5.19
N UNK F 163 -136.12 51.12 -5.72
CA UNK F 163 -136.64 51.36 -7.06
C UNK F 163 -135.51 51.85 -7.95
N UNK F 164 -135.05 51.00 -8.86
CA UNK F 164 -134.15 51.44 -9.90
C UNK F 164 -134.38 50.61 -11.15
N UNK F 165 -134.35 51.27 -12.30
CA UNK F 165 -134.27 50.63 -13.61
C UNK F 165 -133.39 51.50 -14.49
N UNK F 166 -132.36 50.92 -15.11
CA UNK F 166 -131.29 51.71 -15.68
C UNK F 166 -131.01 51.31 -17.13
N UNK F 167 -131.19 52.26 -18.04
CA UNK F 167 -130.81 52.04 -19.43
C UNK F 167 -129.35 51.64 -19.51
N UNK F 168 -129.08 50.62 -20.30
CA UNK F 168 -127.72 50.11 -20.42
C UNK F 168 -127.03 50.78 -21.61
N UNK F 169 -125.86 50.26 -21.97
CA UNK F 169 -125.01 50.80 -23.02
C UNK F 169 -125.32 50.21 -24.38
N UNK F 170 -126.40 49.44 -24.50
CA UNK F 170 -126.69 48.61 -25.67
C UNK F 170 -125.59 47.57 -25.87
N UNK F 171 -125.60 46.59 -24.97
CA UNK F 171 -124.71 45.45 -25.02
C UNK F 171 -125.51 44.16 -24.95
N UNK F 172 -124.94 43.10 -25.51
CA UNK F 172 -125.62 41.81 -25.55
C UNK F 172 -125.77 41.18 -24.17
N UNK F 173 -125.19 41.79 -23.13
CA UNK F 173 -125.14 41.16 -21.82
C UNK F 173 -126.51 40.91 -21.21
N UNK F 174 -127.58 41.49 -21.75
CA UNK F 174 -128.88 41.51 -21.07
C UNK F 174 -129.46 40.13 -20.77
N UNK F 175 -129.98 39.43 -21.79
CA UNK F 175 -130.71 38.20 -21.53
C UNK F 175 -129.81 37.14 -20.92
N UNK F 176 -128.52 37.23 -21.16
CA UNK F 176 -127.56 36.37 -20.48
C UNK F 176 -127.41 36.85 -19.05
N UNK F 177 -127.69 35.97 -18.10
CA UNK F 177 -127.79 36.36 -16.69
C UNK F 177 -126.54 37.03 -16.16
N UNK F 178 -125.48 36.25 -15.95
CA UNK F 178 -124.27 36.80 -15.34
C UNK F 178 -123.69 37.91 -16.19
N UNK F 179 -123.83 37.80 -17.51
CA UNK F 179 -123.49 38.91 -18.38
C UNK F 179 -124.20 40.17 -17.91
N UNK F 180 -125.48 40.05 -17.57
CA UNK F 180 -126.17 41.17 -16.96
C UNK F 180 -125.66 41.48 -15.57
N UNK F 181 -125.08 40.50 -14.87
CA UNK F 181 -124.53 40.79 -13.55
C UNK F 181 -123.36 41.75 -13.65
N UNK F 182 -122.39 41.44 -14.51
CA UNK F 182 -121.34 42.40 -14.78
C UNK F 182 -121.90 43.68 -15.37
N UNK F 183 -122.96 43.58 -16.18
CA UNK F 183 -123.61 44.78 -16.65
C UNK F 183 -124.06 45.64 -15.49
N UNK F 184 -124.41 45.01 -14.37
CA UNK F 184 -124.65 45.77 -13.16
C UNK F 184 -123.36 46.34 -12.62
N UNK F 185 -122.31 45.51 -12.55
CA UNK F 185 -120.99 46.04 -12.27
C UNK F 185 -120.66 47.16 -13.25
N UNK F 186 -121.18 47.05 -14.47
CA UNK F 186 -121.30 48.19 -15.36
C UNK F 186 -119.94 48.77 -15.74
N UNK F 187 -118.91 47.94 -15.77
CA UNK F 187 -117.65 48.32 -16.40
C UNK F 187 -117.20 47.16 -17.28
N UNK F 188 -117.23 47.37 -18.60
CA UNK F 188 -116.77 46.37 -19.56
C UNK F 188 -117.24 44.97 -19.20
N UNK F 189 -118.53 44.69 -19.39
CA UNK F 189 -119.17 43.55 -18.74
C UNK F 189 -118.46 42.24 -19.04
N UNK F 190 -118.05 41.55 -17.97
CA UNK F 190 -117.50 40.20 -18.06
C UNK F 190 -117.91 39.44 -16.82
N UNK F 191 -118.39 38.21 -17.00
CA UNK F 191 -118.85 37.43 -15.87
C UNK F 191 -117.66 36.83 -15.14
N UNK F 192 -117.49 37.19 -13.87
CA UNK F 192 -116.30 36.80 -13.12
C UNK F 192 -116.14 35.29 -13.01
N UNK F 193 -117.00 34.64 -12.22
CA UNK F 193 -116.86 33.21 -11.98
C UNK F 193 -118.21 32.58 -11.70
N UNK F 194 -118.40 31.36 -12.20
CA UNK F 194 -119.65 30.65 -11.94
C UNK F 194 -119.75 30.23 -10.49
N UNK F 195 -118.75 29.50 -10.01
CA UNK F 195 -118.77 29.04 -8.62
C UNK F 195 -118.96 30.21 -7.66
N UNK F 196 -118.35 31.35 -7.98
CA UNK F 196 -118.52 32.53 -7.16
C UNK F 196 -119.95 33.06 -7.21
N UNK F 197 -120.81 32.52 -8.07
CA UNK F 197 -122.22 32.88 -8.06
C UNK F 197 -123.05 31.66 -7.67
N UNK F 198 -123.77 31.67 -6.54
CA UNK F 198 -123.97 32.78 -5.58
C UNK F 198 -124.51 34.03 -6.27
N UNK F 199 -125.62 33.85 -6.96
CA UNK F 199 -126.33 34.95 -7.60
C UNK F 199 -126.52 36.09 -6.63
N UNK F 200 -127.27 35.87 -5.56
CA UNK F 200 -127.48 36.89 -4.55
C UNK F 200 -126.14 37.47 -4.13
N UNK F 201 -125.35 36.71 -3.40
CA UNK F 201 -124.16 37.25 -2.78
C UNK F 201 -122.95 37.20 -3.70
N UNK F 202 -122.34 38.37 -3.96
CA UNK F 202 -122.86 39.66 -3.52
C UNK F 202 -122.58 40.70 -4.59
N UNK F 203 -123.59 41.47 -4.97
CA UNK F 203 -123.46 42.49 -6.01
C UNK F 203 -123.21 43.85 -5.37
N UNK F 204 -122.05 44.43 -5.66
CA UNK F 204 -121.68 45.72 -5.09
C UNK F 204 -121.72 45.67 -3.56
N UNK F 205 -121.01 44.70 -3.01
CA UNK F 205 -120.87 44.44 -1.59
C UNK F 205 -122.16 43.97 -0.95
N UNK F 206 -123.26 43.88 -1.70
CA UNK F 206 -124.55 43.45 -1.18
C UNK F 206 -125.07 42.30 -2.01
N UNK F 207 -125.83 41.42 -1.38
CA UNK F 207 -126.32 40.23 -2.05
C UNK F 207 -127.53 40.57 -2.92
N UNK F 208 -127.41 40.36 -4.23
CA UNK F 208 -128.44 40.73 -5.19
C UNK F 208 -128.74 39.54 -6.08
N UNK F 209 -129.96 39.04 -6.01
CA UNK F 209 -130.34 37.84 -6.75
C UNK F 209 -131.15 38.24 -7.99
N UNK F 210 -130.63 37.90 -9.15
CA UNK F 210 -131.13 38.43 -10.41
C UNK F 210 -131.97 37.40 -11.15
N UNK F 211 -132.96 37.91 -11.91
CA UNK F 211 -133.77 37.05 -12.77
C UNK F 211 -134.09 37.81 -14.06
N UNK F 212 -134.79 37.12 -14.97
CA UNK F 212 -135.06 37.64 -16.29
C UNK F 212 -136.23 38.62 -16.29
N UNK F 213 -136.22 39.50 -17.29
CA UNK F 213 -137.35 40.42 -17.49
C UNK F 213 -138.64 39.67 -17.71
N UNK F 214 -138.67 38.79 -18.72
CA UNK F 214 -139.84 37.93 -18.91
C UNK F 214 -140.15 37.21 -17.61
N UNK F 215 -139.12 36.75 -16.91
CA UNK F 215 -139.31 36.21 -15.58
C UNK F 215 -139.70 37.29 -14.58
N UNK F 216 -139.37 38.55 -14.85
CA UNK F 216 -139.69 39.62 -13.90
C UNK F 216 -141.17 39.95 -13.96
N UNK F 217 -141.61 40.55 -15.07
CA UNK F 217 -143.03 40.79 -15.27
C UNK F 217 -143.83 39.51 -15.11
N UNK F 218 -143.24 38.38 -15.51
CA UNK F 218 -143.85 37.09 -15.20
C UNK F 218 -144.11 36.97 -13.70
N UNK F 219 -143.11 37.29 -12.89
CA UNK F 219 -143.30 37.29 -11.45
C UNK F 219 -144.27 38.36 -10.99
N UNK F 220 -144.53 39.35 -11.83
CA UNK F 220 -145.46 40.42 -11.46
C UNK F 220 -146.90 39.95 -11.67
N UNK F 221 -147.32 39.83 -12.93
CA UNK F 221 -148.68 39.37 -13.21
C UNK F 221 -148.95 38.04 -12.50
N UNK F 222 -147.97 37.15 -12.50
CA UNK F 222 -148.11 35.89 -11.78
C UNK F 222 -148.21 36.14 -10.28
N UNK F 223 -147.45 37.12 -9.78
CA UNK F 223 -147.65 37.53 -8.39
C UNK F 223 -149.10 37.92 -8.17
N UNK F 224 -149.71 38.55 -9.17
CA UNK F 224 -151.13 38.85 -9.12
C UNK F 224 -151.99 37.66 -9.50
N UNK F 225 -151.57 36.86 -10.47
CA UNK F 225 -152.39 35.75 -10.93
C UNK F 225 -152.39 34.63 -9.90
N UNK F 226 -153.52 33.93 -9.83
CA UNK F 226 -153.60 32.72 -9.02
C UNK F 226 -152.63 31.70 -9.58
N UNK F 227 -151.78 31.16 -8.70
CA UNK F 227 -150.67 30.31 -9.15
C UNK F 227 -151.14 29.18 -10.04
N UNK F 228 -152.10 28.39 -9.54
CA UNK F 228 -152.58 27.27 -10.34
C UNK F 228 -153.37 27.75 -11.55
N UNK F 229 -154.01 28.92 -11.45
CA UNK F 229 -154.80 29.44 -12.56
C UNK F 229 -153.98 29.49 -13.84
N UNK F 230 -152.71 29.87 -13.72
CA UNK F 230 -151.77 29.69 -14.82
C UNK F 230 -151.32 28.23 -14.89
N UNK F 231 -150.69 27.75 -13.82
CA UNK F 231 -149.88 26.53 -13.88
C UNK F 231 -150.64 25.37 -14.52
N UNK F 232 -151.97 25.38 -14.44
CA UNK F 232 -152.75 24.28 -14.99
C UNK F 232 -152.60 24.15 -16.50
N UNK F 233 -152.14 25.20 -17.18
CA UNK F 233 -152.08 25.20 -18.64
C UNK F 233 -150.88 24.42 -19.18
N UNK F 234 -151.00 24.05 -20.45
CA UNK F 234 -149.96 23.35 -21.25
C UNK F 234 -149.70 21.96 -20.65
N UNK F 235 -148.45 21.58 -20.43
CA UNK F 235 -148.08 20.17 -20.27
C UNK F 235 -147.67 19.87 -18.85
N UNK F 236 -147.83 18.60 -18.46
CA UNK F 236 -147.23 18.14 -17.22
C UNK F 236 -145.75 18.50 -17.20
N UNK F 237 -145.09 18.41 -18.36
CA UNK F 237 -143.73 18.90 -18.45
C UNK F 237 -143.70 20.43 -18.47
N UNK F 238 -144.49 21.04 -19.34
CA UNK F 238 -144.47 22.49 -19.53
C UNK F 238 -145.69 23.09 -18.84
N UNK F 239 -145.45 23.75 -17.71
CA UNK F 239 -146.52 24.29 -16.89
C UNK F 239 -147.02 25.62 -17.47
N UNK F 240 -148.29 25.93 -17.15
CA UNK F 240 -148.89 27.22 -17.47
C UNK F 240 -148.74 27.58 -18.94
N UNK F 241 -148.42 28.83 -19.22
CA UNK F 241 -148.20 29.29 -20.59
C UNK F 241 -147.17 30.41 -20.54
N UNK F 242 -146.80 30.91 -21.71
CA UNK F 242 -145.79 31.96 -21.78
C UNK F 242 -145.86 32.63 -23.14
N UNK F 243 -144.90 33.50 -23.41
CA UNK F 243 -144.82 34.19 -24.69
C UNK F 243 -144.00 33.36 -25.66
N UNK F 244 -144.44 33.36 -26.93
CA UNK F 244 -143.68 32.75 -28.01
C UNK F 244 -143.73 33.70 -29.19
N UNK F 245 -142.56 34.17 -29.62
CA UNK F 245 -142.48 35.16 -30.69
C UNK F 245 -142.46 34.45 -32.03
N UNK F 246 -143.49 34.69 -32.83
CA UNK F 246 -143.66 34.02 -34.11
C UNK F 246 -142.99 34.85 -35.20
N UNK F 247 -142.01 34.25 -35.86
CA UNK F 247 -141.25 34.92 -36.90
C UNK F 247 -140.95 33.95 -38.02
N UNK F 248 -141.02 34.45 -39.25
CA UNK F 248 -140.91 33.59 -40.42
C UNK F 248 -140.68 34.48 -41.64
N UNK F 249 -140.49 33.84 -42.78
CA UNK F 249 -140.83 34.43 -44.06
C UNK F 249 -142.28 34.04 -44.31
N UNK F 250 -143.17 35.03 -44.35
CA UNK F 250 -144.56 34.71 -44.08
C UNK F 250 -145.44 35.92 -44.32
N UNK F 251 -146.74 35.66 -44.41
CA UNK F 251 -147.69 36.73 -44.65
C UNK F 251 -147.86 37.61 -43.43
N UNK F 252 -147.75 37.04 -42.23
CA UNK F 252 -147.85 37.83 -41.02
C UNK F 252 -147.04 37.15 -39.92
N UNK F 253 -146.50 37.96 -39.01
CA UNK F 253 -145.72 37.45 -37.90
C UNK F 253 -145.80 38.43 -36.74
N UNK F 254 -145.65 37.88 -35.52
CA UNK F 254 -145.72 38.64 -34.28
C UNK F 254 -145.58 37.66 -33.12
N UNK F 255 -145.30 38.21 -31.94
CA UNK F 255 -145.26 37.41 -30.73
C UNK F 255 -146.68 37.16 -30.23
N UNK F 256 -146.88 35.99 -29.63
CA UNK F 256 -148.20 35.60 -29.16
C UNK F 256 -148.05 34.78 -27.88
N UNK F 257 -148.96 35.02 -26.95
CA UNK F 257 -149.00 34.24 -25.72
C UNK F 257 -149.71 32.92 -25.98
N UNK F 258 -149.10 31.83 -25.56
CA UNK F 258 -149.70 30.52 -25.77
C UNK F 258 -149.14 29.53 -24.75
N UNK F 259 -149.91 28.47 -24.55
CA UNK F 259 -149.48 27.27 -23.85
C UNK F 259 -148.70 26.34 -24.78
N UNK F 260 -147.89 25.49 -24.17
CA UNK F 260 -147.26 24.39 -24.91
C UNK F 260 -148.33 23.41 -25.39
N UNK F 261 -147.93 22.56 -26.33
CA UNK F 261 -148.71 21.56 -27.09
C UNK F 261 -149.28 22.17 -28.36
N UNK F 262 -149.10 23.47 -28.60
CA UNK F 262 -149.47 24.04 -29.88
C UNK F 262 -148.53 23.57 -30.96
N UNK F 263 -149.07 23.29 -32.14
CA UNK F 263 -148.23 22.87 -33.25
C UNK F 263 -147.68 24.08 -33.98
N UNK F 264 -146.36 24.09 -34.18
CA UNK F 264 -145.75 25.14 -34.96
C UNK F 264 -146.31 25.22 -36.37
N UNK F 265 -146.91 24.13 -36.85
CA UNK F 265 -147.71 24.24 -38.06
C UNK F 265 -149.07 24.84 -37.76
N UNK F 266 -149.68 24.43 -36.64
CA UNK F 266 -150.91 25.08 -36.22
C UNK F 266 -150.65 26.52 -35.84
N UNK F 267 -149.70 26.75 -34.94
CA UNK F 267 -149.27 28.11 -34.66
C UNK F 267 -148.93 28.84 -35.94
N UNK F 268 -148.34 28.12 -36.90
CA UNK F 268 -147.94 28.73 -38.16
C UNK F 268 -149.16 29.28 -38.89
N UNK F 269 -150.16 28.44 -39.13
CA UNK F 269 -151.38 28.91 -39.78
C UNK F 269 -152.03 30.03 -38.98
N UNK F 270 -151.94 29.98 -37.65
CA UNK F 270 -152.52 31.03 -36.83
C UNK F 270 -151.86 32.37 -37.09
N UNK F 271 -150.53 32.39 -37.24
CA UNK F 271 -149.81 33.63 -37.44
C UNK F 271 -150.02 34.24 -38.82
N UNK F 272 -150.73 33.57 -39.72
CA UNK F 272 -150.93 34.01 -41.10
C UNK F 272 -149.59 34.08 -41.85
N UNK F 273 -149.03 32.90 -42.04
CA UNK F 273 -147.78 32.70 -42.76
C UNK F 273 -147.95 32.78 -44.27
N UNK F 274 -146.82 32.94 -44.95
CA UNK F 274 -146.73 32.74 -46.39
C UNK F 274 -145.43 32.01 -46.70
N UNK F 275 -145.51 30.87 -47.38
CA UNK F 275 -146.78 30.35 -47.88
C UNK F 275 -146.95 28.84 -47.67
N UNK F 276 -148.19 28.41 -47.83
CA UNK F 276 -148.69 27.04 -47.64
C UNK F 276 -148.23 26.50 -46.29
N UNK F 277 -148.02 25.19 -46.21
CA UNK F 277 -147.35 24.51 -45.10
C UNK F 277 -147.41 23.00 -45.30
N UNK F 278 -146.45 22.30 -44.72
CA UNK F 278 -145.19 22.97 -44.44
C UNK F 278 -144.35 22.70 -45.68
N UNK F 279 -144.33 23.72 -46.53
CA UNK F 279 -143.76 23.65 -47.87
C UNK F 279 -144.14 24.93 -48.60
N UNK F 280 -143.64 25.10 -49.81
CA UNK F 280 -144.06 26.20 -50.68
C UNK F 280 -144.01 27.56 -49.99
N UNK F 281 -142.84 27.96 -49.51
CA UNK F 281 -141.58 27.26 -49.77
C UNK F 281 -140.97 26.68 -48.51
N UNK F 282 -139.79 26.13 -48.66
CA UNK F 282 -138.96 25.74 -47.54
C UNK F 282 -138.43 27.05 -46.93
N UNK F 283 -137.65 27.05 -45.83
CA UNK F 283 -137.41 25.90 -44.96
C UNK F 283 -137.52 26.19 -43.47
N UNK F 284 -136.55 26.95 -42.97
CA UNK F 284 -136.05 26.74 -41.63
C UNK F 284 -136.86 27.48 -40.58
N UNK F 285 -136.40 27.43 -39.33
CA UNK F 285 -136.91 28.27 -38.27
C UNK F 285 -135.82 28.47 -37.23
N UNK F 286 -135.75 29.68 -36.67
CA UNK F 286 -134.87 29.97 -35.57
C UNK F 286 -135.66 29.71 -34.31
N UNK F 287 -135.29 28.66 -33.58
CA UNK F 287 -136.18 28.14 -32.55
C UNK F 287 -136.31 29.11 -31.38
N UNK F 288 -135.20 29.43 -30.72
CA UNK F 288 -135.30 30.17 -29.47
C UNK F 288 -135.45 31.66 -29.73
N UNK F 289 -134.37 32.31 -30.14
CA UNK F 289 -134.47 33.57 -30.87
C UNK F 289 -133.51 33.56 -32.03
N UNK F 290 -132.22 33.62 -31.70
CA UNK F 290 -131.14 33.57 -32.68
C UNK F 290 -130.09 32.56 -32.26
N UNK F 291 -129.43 32.85 -31.14
CA UNK F 291 -128.20 32.18 -30.75
C UNK F 291 -128.39 30.69 -30.53
N UNK F 292 -129.62 30.22 -30.58
CA UNK F 292 -129.89 28.82 -30.33
C UNK F 292 -130.29 28.13 -31.63
N UNK F 293 -130.62 26.84 -31.50
CA UNK F 293 -130.69 25.96 -32.64
C UNK F 293 -131.79 26.36 -33.61
N UNK F 294 -131.65 25.88 -34.83
CA UNK F 294 -132.67 26.01 -35.86
C UNK F 294 -133.41 24.69 -36.02
N UNK F 295 -134.34 24.66 -36.97
CA UNK F 295 -135.12 23.46 -37.24
C UNK F 295 -135.34 23.30 -38.73
N UNK F 296 -135.04 22.12 -39.25
CA UNK F 296 -135.27 21.84 -40.66
C UNK F 296 -136.75 21.65 -40.93
N UNK F 297 -137.21 22.21 -42.05
CA UNK F 297 -138.62 22.11 -42.41
C UNK F 297 -139.08 20.67 -42.47
N UNK F 298 -138.37 19.84 -43.23
CA UNK F 298 -138.67 18.42 -43.25
C UNK F 298 -138.66 17.84 -41.85
N UNK F 299 -137.67 18.22 -41.04
CA UNK F 299 -137.70 17.89 -39.63
C UNK F 299 -138.87 18.59 -38.94
N UNK F 300 -139.17 19.83 -39.36
CA UNK F 300 -140.23 20.61 -38.73
C UNK F 300 -141.60 19.99 -38.95
N UNK F 301 -141.71 18.96 -39.79
CA UNK F 301 -142.93 18.17 -39.83
C UNK F 301 -143.28 17.62 -38.45
N UNK F 302 -142.32 17.55 -37.55
CA UNK F 302 -142.56 16.98 -36.23
C UNK F 302 -143.31 17.95 -35.31
N UNK F 303 -142.91 19.21 -35.30
CA UNK F 303 -143.39 20.17 -34.31
C UNK F 303 -144.92 20.30 -34.28
N UNK F 304 -145.59 20.16 -33.12
CA UNK F 304 -145.04 19.95 -31.77
C UNK F 304 -144.04 21.02 -31.35
N UNK F 305 -144.54 22.22 -31.17
CA UNK F 305 -143.68 23.36 -30.89
C UNK F 305 -143.29 23.48 -29.42
N UNK F 306 -143.72 22.55 -28.57
CA UNK F 306 -143.45 22.66 -27.15
C UNK F 306 -141.95 22.69 -26.87
N UNK F 307 -141.58 23.35 -25.78
CA UNK F 307 -140.18 23.50 -25.39
C UNK F 307 -139.50 22.15 -25.20
N UNK F 308 -139.94 21.40 -24.19
CA UNK F 308 -139.38 20.08 -23.95
C UNK F 308 -139.57 19.16 -25.14
N UNK F 309 -140.49 19.48 -26.05
CA UNK F 309 -140.58 18.74 -27.31
C UNK F 309 -139.35 18.99 -28.16
N UNK F 310 -139.01 20.27 -28.37
CA UNK F 310 -137.76 20.59 -29.01
C UNK F 310 -136.60 19.92 -28.30
N UNK F 311 -136.68 19.82 -26.98
CA UNK F 311 -135.68 19.07 -26.23
C UNK F 311 -135.61 17.63 -26.72
N UNK F 312 -136.75 16.95 -26.78
CA UNK F 312 -136.80 15.63 -27.38
C UNK F 312 -136.34 15.69 -28.83
N UNK F 313 -136.67 16.78 -29.52
CA UNK F 313 -136.15 17.03 -30.85
C UNK F 313 -134.68 17.40 -30.84
N UNK F 314 -134.07 17.47 -29.65
CA UNK F 314 -132.71 17.97 -29.43
C UNK F 314 -132.60 19.46 -29.68
N UNK F 315 -133.66 20.10 -30.12
CA UNK F 315 -133.69 21.55 -30.26
C UNK F 315 -134.08 22.15 -28.90
N UNK F 316 -134.33 23.45 -28.88
CA UNK F 316 -134.77 24.12 -27.65
C UNK F 316 -135.64 25.32 -28.01
N UNK F 317 -136.67 25.58 -27.19
CA UNK F 317 -137.58 26.69 -27.40
C UNK F 317 -137.19 27.94 -26.60
N UNK F 318 -136.02 27.93 -25.97
CA UNK F 318 -135.67 28.83 -24.88
C UNK F 318 -136.11 30.28 -25.05
N UNK F 319 -135.51 30.99 -26.00
CA UNK F 319 -135.84 32.41 -26.13
C UNK F 319 -137.18 32.65 -26.80
N UNK F 320 -137.81 31.61 -27.34
CA UNK F 320 -139.22 31.66 -27.74
C UNK F 320 -139.46 32.66 -28.88
N UNK F 321 -138.50 32.74 -29.80
CA UNK F 321 -138.66 33.50 -31.02
C UNK F 321 -138.16 32.62 -32.16
N UNK F 322 -139.05 32.26 -33.07
CA UNK F 322 -138.71 31.39 -34.19
C UNK F 322 -138.63 32.21 -35.47
N UNK F 323 -137.76 31.81 -36.38
CA UNK F 323 -137.70 32.46 -37.68
C UNK F 323 -137.71 31.43 -38.80
N UNK F 324 -138.80 31.34 -39.54
CA UNK F 324 -138.84 30.39 -40.64
C UNK F 324 -138.14 30.99 -41.85
N UNK F 325 -137.09 30.32 -42.30
CA UNK F 325 -136.32 30.77 -43.45
C UNK F 325 -136.99 30.30 -44.74
N UNK F 326 -137.20 31.24 -45.66
CA UNK F 326 -137.75 30.95 -46.97
C UNK F 326 -136.74 30.22 -47.83
N UNK F 327 -137.24 29.32 -48.67
CA UNK F 327 -136.37 28.55 -49.57
C UNK F 327 -135.66 29.43 -50.59
N UNK F 328 -135.99 30.72 -50.63
CA UNK F 328 -135.47 31.61 -51.65
C UNK F 328 -133.94 31.52 -51.77
N UNK F 329 -133.24 31.70 -50.67
CA UNK F 329 -131.80 31.86 -50.71
C UNK F 329 -131.10 30.69 -50.04
N UNK F 330 -129.78 30.80 -49.96
CA UNK F 330 -128.96 29.84 -49.25
C UNK F 330 -128.87 30.26 -47.78
N UNK F 331 -129.26 29.35 -46.89
CA UNK F 331 -129.18 29.63 -45.47
C UNK F 331 -127.76 29.92 -45.01
N UNK F 332 -126.77 29.61 -45.84
CA UNK F 332 -125.41 30.01 -45.56
C UNK F 332 -125.34 31.48 -45.19
N UNK F 333 -126.06 32.32 -45.94
CA UNK F 333 -126.15 33.72 -45.57
C UNK F 333 -126.73 33.88 -44.17
N UNK F 334 -127.78 33.13 -43.86
CA UNK F 334 -128.44 33.25 -42.56
C UNK F 334 -127.45 33.01 -41.43
N UNK F 335 -126.91 31.79 -41.34
CA UNK F 335 -125.90 31.52 -40.34
C UNK F 335 -124.72 32.46 -40.47
N UNK F 336 -124.56 33.09 -41.62
CA UNK F 336 -123.36 33.90 -41.88
C UNK F 336 -123.48 35.26 -41.20
N UNK F 337 -124.32 36.14 -41.73
CA UNK F 337 -124.55 37.42 -41.07
C UNK F 337 -124.97 37.19 -39.63
N UNK F 338 -125.68 36.10 -39.38
CA UNK F 338 -125.88 35.65 -38.01
C UNK F 338 -124.54 35.60 -37.28
N UNK F 339 -123.57 34.94 -37.90
CA UNK F 339 -122.25 34.86 -37.30
C UNK F 339 -121.59 36.22 -37.22
N UNK F 340 -122.03 37.18 -38.05
CA UNK F 340 -121.52 38.54 -37.91
C UNK F 340 -122.04 39.17 -36.63
N UNK F 341 -123.33 39.00 -36.38
CA UNK F 341 -123.89 39.40 -35.10
C UNK F 341 -123.12 38.76 -33.96
N UNK F 342 -122.78 37.48 -34.12
CA UNK F 342 -121.88 36.86 -33.16
C UNK F 342 -120.57 37.64 -33.08
N UNK F 343 -120.03 38.04 -34.22
CA UNK F 343 -118.72 38.66 -34.25
C UNK F 343 -118.70 39.94 -33.44
N UNK F 344 -119.59 40.87 -33.77
CA UNK F 344 -119.53 42.19 -33.14
C UNK F 344 -120.02 42.11 -31.70
N UNK F 345 -121.29 41.74 -31.51
CA UNK F 345 -121.92 41.83 -30.20
C UNK F 345 -121.07 41.21 -29.12
N UNK F 346 -120.54 40.01 -29.37
CA UNK F 346 -119.79 39.31 -28.35
C UNK F 346 -118.56 40.10 -27.93
N CYS F 347 -118.15 39.89 -26.68
CA CYS F 347 -116.94 40.52 -26.20
C CYS F 347 -115.82 39.50 -26.24
N UNK F 348 -114.63 39.95 -25.86
CA UNK F 348 -113.59 39.05 -25.41
C UNK F 348 -113.56 39.22 -23.90
N UNK F 349 -114.10 38.26 -23.19
CA UNK F 349 -113.79 38.14 -21.79
C UNK F 349 -112.99 36.88 -21.57
N CYS F 350 -113.53 35.72 -21.86
CA CYS F 350 -112.69 34.55 -21.88
C CYS F 350 -111.95 34.50 -23.22
N UNK F 351 -111.02 33.56 -23.35
CA UNK F 351 -110.12 33.53 -24.48
C UNK F 351 -110.62 32.66 -25.62
N UNK F 352 -111.68 31.89 -25.40
CA UNK F 352 -112.23 31.09 -26.48
C UNK F 352 -112.62 31.97 -27.65
N CYS F 353 -113.52 32.93 -27.41
CA CYS F 353 -113.91 33.87 -28.45
C CYS F 353 -112.71 34.63 -28.99
N UNK F 354 -111.68 34.82 -28.16
CA UNK F 354 -110.70 35.87 -28.42
C UNK F 354 -110.26 35.82 -29.88
N UNK F 355 -109.79 34.67 -30.32
CA UNK F 355 -109.77 34.36 -31.74
C UNK F 355 -111.08 33.74 -32.23
N UNK F 356 -111.63 32.81 -31.44
CA UNK F 356 -112.57 31.83 -31.97
C UNK F 356 -113.72 32.49 -32.72
N UNK F 357 -114.20 33.61 -32.18
CA UNK F 357 -115.16 34.42 -32.93
C UNK F 357 -114.67 34.64 -34.34
N UNK F 358 -113.52 35.30 -34.48
CA UNK F 358 -112.95 35.54 -35.79
C UNK F 358 -112.69 34.25 -36.55
N UNK F 359 -112.45 33.14 -35.84
CA UNK F 359 -112.32 31.87 -36.54
C UNK F 359 -113.59 31.56 -37.31
N UNK F 360 -114.72 31.52 -36.60
CA UNK F 360 -116.00 31.32 -37.26
C UNK F 360 -116.21 32.35 -38.36
N UNK F 361 -115.84 33.59 -38.09
CA UNK F 361 -115.97 34.65 -39.06
C UNK F 361 -115.28 34.29 -40.37
N UNK F 362 -113.97 34.16 -40.32
CA UNK F 362 -113.16 33.85 -41.49
C UNK F 362 -113.62 32.57 -42.16
N UNK F 363 -113.54 31.45 -41.45
CA UNK F 363 -113.83 30.18 -42.07
C UNK F 363 -115.22 30.15 -42.66
N UNK F 364 -116.23 30.42 -41.84
CA UNK F 364 -117.60 30.45 -42.32
C UNK F 364 -117.73 31.38 -43.51
N UNK F 365 -116.98 32.48 -43.48
CA UNK F 365 -117.00 33.41 -44.60
C UNK F 365 -116.50 32.75 -45.87
N UNK F 366 -115.38 32.04 -45.79
CA UNK F 366 -114.88 31.31 -46.95
C UNK F 366 -115.92 30.30 -47.41
N UNK F 367 -116.65 29.70 -46.46
CA UNK F 367 -117.74 28.81 -46.84
C UNK F 367 -118.78 29.56 -47.66
N UNK F 368 -119.10 30.78 -47.27
CA UNK F 368 -119.95 31.61 -48.11
C UNK F 368 -119.32 31.79 -49.48
N UNK F 369 -118.03 32.12 -49.49
CA UNK F 369 -117.27 32.16 -50.73
C UNK F 369 -117.08 30.77 -51.32
N UNK F 370 -117.43 29.72 -50.58
CA UNK F 370 -117.31 28.32 -51.00
C UNK F 370 -115.86 27.86 -51.12
N UNK F 371 -114.89 28.74 -50.86
CA UNK F 371 -113.49 28.44 -51.14
C UNK F 371 -112.94 27.27 -50.33
N UNK F 372 -113.70 26.75 -49.38
CA UNK F 372 -113.21 25.68 -48.52
C UNK F 372 -113.17 24.35 -49.26
N UNK F 373 -112.38 23.43 -48.72
CA UNK F 373 -112.39 22.04 -49.17
C UNK F 373 -113.39 21.24 -48.35
N UNK F 374 -114.10 20.34 -49.02
CA UNK F 374 -115.22 19.64 -48.41
C UNK F 374 -114.85 19.04 -47.08
N UNK F 375 -113.71 18.36 -47.01
CA UNK F 375 -113.26 17.78 -45.76
C UNK F 375 -113.16 18.84 -44.68
N UNK F 376 -112.41 19.91 -44.95
CA UNK F 376 -112.28 21.01 -44.01
C UNK F 376 -113.65 21.47 -43.54
N UNK F 377 -114.64 21.38 -44.42
CA UNK F 377 -116.02 21.65 -44.07
C UNK F 377 -116.38 20.95 -42.77
N UNK F 378 -116.44 19.62 -42.81
CA UNK F 378 -116.75 18.88 -41.59
C UNK F 378 -115.74 19.19 -40.49
N UNK F 379 -114.49 19.50 -40.86
CA UNK F 379 -113.49 19.86 -39.88
C UNK F 379 -113.94 21.05 -39.04
N UNK F 380 -114.52 22.06 -39.71
CA UNK F 380 -115.10 23.17 -38.99
C UNK F 380 -116.06 22.66 -37.91
N UNK F 381 -116.96 21.74 -38.30
CA UNK F 381 -117.83 21.10 -37.32
C UNK F 381 -117.02 20.54 -36.17
N UNK F 382 -116.04 19.71 -36.51
CA UNK F 382 -115.03 19.30 -35.53
C UNK F 382 -114.51 20.52 -34.78
N UNK F 383 -113.91 21.45 -35.52
CA UNK F 383 -113.49 22.71 -34.90
C UNK F 383 -114.60 23.29 -34.06
N UNK F 384 -115.80 23.39 -34.63
CA UNK F 384 -116.94 23.88 -33.85
C UNK F 384 -117.17 23.00 -32.64
N UNK F 385 -117.22 21.68 -32.85
CA UNK F 385 -117.23 20.76 -31.73
C UNK F 385 -116.08 21.08 -30.78
N UNK F 386 -114.88 21.20 -31.33
CA UNK F 386 -113.77 21.72 -30.55
C UNK F 386 -114.16 23.06 -29.94
N UNK F 387 -114.59 23.99 -30.78
CA UNK F 387 -115.06 25.28 -30.29
C UNK F 387 -116.14 25.13 -29.25
N UNK F 388 -116.92 24.05 -29.32
CA UNK F 388 -118.00 23.85 -28.38
C UNK F 388 -117.51 23.74 -26.94
N UNK F 389 -116.21 23.58 -26.73
CA UNK F 389 -115.67 23.23 -25.42
C UNK F 389 -116.18 24.13 -24.30
N UNK F 390 -115.71 25.37 -24.24
CA UNK F 390 -116.05 26.22 -23.12
C UNK F 390 -115.83 27.67 -23.51
N UNK F 391 -116.42 28.56 -22.72
CA UNK F 391 -116.33 30.01 -22.92
C UNK F 391 -117.08 30.67 -21.77
N UNK F 392 -116.86 31.98 -21.63
CA UNK F 392 -117.53 32.72 -20.57
C UNK F 392 -118.88 33.25 -21.01
N CYS F 393 -119.29 33.00 -22.24
CA CYS F 393 -120.73 32.91 -22.44
C CYS F 393 -121.14 31.61 -23.03
N UNK F 394 -121.75 30.78 -22.20
CA UNK F 394 -123.11 30.38 -22.49
C UNK F 394 -123.40 30.23 -23.97
N UNK F 395 -124.38 31.04 -24.38
CA UNK F 395 -124.87 31.16 -25.74
C UNK F 395 -123.83 31.67 -26.71
N UNK F 396 -122.64 32.05 -26.26
CA UNK F 396 -121.54 32.13 -27.20
C UNK F 396 -121.10 30.71 -27.58
N UNK F 397 -120.92 29.85 -26.59
CA UNK F 397 -120.60 28.45 -26.88
C UNK F 397 -121.83 27.66 -27.27
N UNK F 398 -122.99 27.98 -26.70
CA UNK F 398 -124.22 27.38 -27.19
C UNK F 398 -124.61 27.96 -28.54
N UNK F 399 -124.10 29.15 -28.84
CA UNK F 399 -124.24 29.70 -30.18
C UNK F 399 -123.32 28.97 -31.14
N UNK F 400 -122.15 28.56 -30.65
CA UNK F 400 -121.36 27.59 -31.40
C UNK F 400 -122.17 26.33 -31.60
N UNK F 401 -122.90 25.91 -30.57
CA UNK F 401 -123.82 24.80 -30.73
C UNK F 401 -124.92 25.15 -31.72
N UNK F 402 -125.13 26.43 -32.02
CA UNK F 402 -126.05 26.79 -33.10
C UNK F 402 -125.37 26.67 -34.45
N UNK F 403 -124.10 27.03 -34.54
CA UNK F 403 -123.34 26.69 -35.74
C UNK F 403 -123.41 25.20 -36.00
N UNK F 404 -123.29 24.41 -34.94
CA UNK F 404 -123.60 23.00 -35.03
C UNK F 404 -125.03 22.79 -35.49
N UNK F 405 -125.95 23.59 -34.97
CA UNK F 405 -127.35 23.44 -35.37
C UNK F 405 -127.49 23.58 -36.87
N UNK F 406 -126.60 24.35 -37.49
CA UNK F 406 -126.39 24.18 -38.93
C UNK F 406 -125.84 22.80 -39.20
N UNK F 407 -124.69 22.49 -38.59
CA UNK F 407 -123.89 21.32 -38.93
C UNK F 407 -124.73 20.05 -39.05
N UNK F 408 -125.22 19.53 -37.93
CA UNK F 408 -125.83 18.22 -37.94
C UNK F 408 -127.18 18.29 -38.63
N UNK F 409 -127.30 17.56 -39.74
CA UNK F 409 -128.47 17.44 -40.61
C UNK F 409 -128.81 18.75 -41.30
N UNK F 410 -128.45 19.89 -40.72
CA UNK F 410 -128.74 21.15 -41.40
C UNK F 410 -127.64 21.52 -42.37
N UNK F 411 -126.39 21.42 -41.91
CA UNK F 411 -125.24 21.48 -42.79
C UNK F 411 -124.78 20.10 -43.21
N UNK F 412 -125.55 19.07 -42.86
CA UNK F 412 -125.41 17.77 -43.50
C UNK F 412 -126.26 17.72 -44.78
N UNK F 413 -127.57 17.88 -44.63
CA UNK F 413 -128.41 18.07 -45.80
C UNK F 413 -127.88 19.27 -46.59
N UNK F 414 -127.98 20.43 -45.97
CA UNK F 414 -127.40 21.63 -46.55
C UNK F 414 -125.90 21.53 -46.72
N UNK F 415 -125.24 20.53 -46.13
CA UNK F 415 -123.90 20.22 -46.61
C UNK F 415 -124.03 19.81 -48.05
N UNK F 416 -124.65 18.67 -48.30
CA UNK F 416 -124.70 18.09 -49.64
C UNK F 416 -125.05 19.17 -50.65
N UNK F 417 -126.04 19.99 -50.30
CA UNK F 417 -126.30 21.18 -51.10
C UNK F 417 -125.06 22.06 -51.19
N UNK F 418 -124.45 22.38 -50.05
CA UNK F 418 -123.44 23.42 -49.99
C UNK F 418 -122.14 22.99 -50.65
N UNK F 419 -121.57 21.87 -50.20
CA UNK F 419 -120.40 21.31 -50.85
C UNK F 419 -120.69 20.99 -52.30
N UNK F 420 -121.92 20.59 -52.61
CA UNK F 420 -122.31 20.45 -54.01
C UNK F 420 -122.03 21.75 -54.76
N UNK F 421 -122.45 22.87 -54.18
CA UNK F 421 -122.16 24.17 -54.80
C UNK F 421 -120.69 24.52 -54.74
N UNK F 422 -119.94 23.93 -53.81
CA UNK F 422 -118.50 24.13 -53.80
C UNK F 422 -117.88 23.44 -55.00
N UNK F 423 -118.40 22.28 -55.37
CA UNK F 423 -118.01 21.68 -56.64
C UNK F 423 -118.48 22.52 -57.80
N UNK F 424 -119.63 23.18 -57.65
CA UNK F 424 -120.02 24.16 -58.66
C UNK F 424 -118.95 25.23 -58.80
N UNK F 425 -118.35 25.63 -57.68
CA UNK F 425 -117.20 26.51 -57.76
C UNK F 425 -116.03 25.81 -58.43
N UNK F 426 -115.88 24.51 -58.17
CA UNK F 426 -114.78 23.74 -58.74
C UNK F 426 -114.82 23.79 -60.26
N UNK F 427 -115.82 23.14 -60.85
CA UNK F 427 -116.00 23.21 -62.29
C UNK F 427 -116.09 24.65 -62.76
N UNK F 428 -116.57 25.53 -61.90
CA UNK F 428 -116.52 26.96 -62.19
C UNK F 428 -115.09 27.46 -62.22
N UNK F 429 -114.32 27.21 -61.16
CA UNK F 429 -112.95 27.67 -61.10
C UNK F 429 -112.08 26.91 -62.09
N UNK G 1 -110.04 20.52 9.22
CA UNK G 1 -109.56 21.06 7.95
C UNK G 1 -110.39 20.56 6.80
N UNK G 2 -109.84 19.61 6.06
CA UNK G 2 -110.45 19.06 4.86
C UNK G 2 -109.53 17.98 4.35
N UNK G 3 -110.04 17.16 3.45
CA UNK G 3 -109.23 16.23 2.68
C UNK G 3 -109.96 15.95 1.38
N UNK G 4 -109.19 15.73 0.32
CA UNK G 4 -109.81 15.48 -0.97
C UNK G 4 -109.02 14.43 -1.72
N UNK G 5 -109.70 13.43 -2.25
CA UNK G 5 -109.07 12.59 -3.25
C UNK G 5 -108.73 13.45 -4.45
N UNK G 6 -107.49 13.33 -4.90
CA UNK G 6 -107.08 13.84 -6.20
C UNK G 6 -106.12 12.82 -6.78
N UNK G 7 -106.48 12.25 -7.92
CA UNK G 7 -105.80 11.04 -8.37
C UNK G 7 -105.77 10.07 -7.21
N UNK G 8 -104.57 9.68 -6.78
CA UNK G 8 -104.44 8.72 -5.70
C UNK G 8 -104.21 9.36 -4.34
N UNK G 9 -104.12 10.67 -4.26
CA UNK G 9 -103.74 11.33 -3.02
C UNK G 9 -104.89 12.20 -2.53
N UNK G 10 -105.49 11.82 -1.41
CA UNK G 10 -106.49 12.65 -0.74
C UNK G 10 -105.79 13.45 0.35
N UNK G 11 -105.70 14.77 0.15
CA UNK G 11 -104.89 15.60 1.01
C UNK G 11 -105.75 16.31 2.05
N UNK G 12 -105.20 16.45 3.25
CA UNK G 12 -105.84 17.21 4.31
C UNK G 12 -105.33 18.63 4.27
N UNK G 13 -106.25 19.57 4.06
CA UNK G 13 -105.90 20.98 3.92
C UNK G 13 -107.12 21.81 4.29
N UNK G 14 -106.88 23.10 4.47
CA UNK G 14 -107.94 24.01 4.86
C UNK G 14 -109.02 24.06 3.79
N UNK G 15 -110.21 24.47 4.22
CA UNK G 15 -111.41 24.45 3.39
C UNK G 15 -111.18 25.05 2.02
N UNK G 16 -111.01 26.38 1.95
CA UNK G 16 -110.88 27.01 0.65
C UNK G 16 -109.54 26.64 0.05
N UNK G 17 -109.58 25.98 -1.11
CA UNK G 17 -108.38 25.62 -1.84
C UNK G 17 -108.65 25.77 -3.32
N UNK G 18 -107.84 26.57 -4.00
CA UNK G 18 -107.94 26.64 -5.45
C UNK G 18 -107.59 25.29 -6.03
N UNK G 19 -108.39 24.85 -7.02
CA UNK G 19 -108.02 23.66 -7.74
C UNK G 19 -106.60 23.78 -8.27
N UNK G 20 -106.23 24.97 -8.71
CA UNK G 20 -104.83 25.27 -8.93
C UNK G 20 -104.06 24.96 -7.66
N UNK G 21 -104.34 25.72 -6.60
CA UNK G 21 -103.69 25.46 -5.33
C UNK G 21 -103.82 24.00 -4.95
N UNK G 22 -104.94 23.38 -5.29
CA UNK G 22 -105.08 21.95 -5.08
C UNK G 22 -103.94 21.21 -5.74
N UNK G 23 -103.56 21.61 -6.96
CA UNK G 23 -102.38 21.02 -7.56
C UNK G 23 -101.14 21.38 -6.77
N UNK G 24 -101.05 22.64 -6.34
CA UNK G 24 -99.86 23.14 -5.65
C UNK G 24 -99.55 22.31 -4.43
N UNK G 25 -100.38 22.44 -3.39
CA UNK G 25 -100.23 21.60 -2.22
C UNK G 25 -100.23 20.14 -2.62
N UNK G 26 -101.00 19.79 -3.65
CA UNK G 26 -100.97 18.44 -4.20
C UNK G 26 -99.63 18.11 -4.80
N UNK G 27 -98.71 19.06 -4.87
CA UNK G 27 -97.42 18.86 -5.52
C UNK G 27 -97.64 18.39 -6.95
N UNK G 28 -98.29 19.25 -7.72
CA UNK G 28 -98.42 19.10 -9.17
C UNK G 28 -98.84 20.46 -9.71
N UNK G 29 -98.94 20.55 -11.03
CA UNK G 29 -99.34 21.82 -11.61
C UNK G 29 -99.87 21.58 -13.01
N UNK G 30 -100.63 22.56 -13.48
CA UNK G 30 -100.85 22.72 -14.91
C UNK G 30 -100.50 24.17 -15.21
N UNK G 31 -99.39 24.39 -15.93
CA UNK G 31 -99.00 25.74 -16.25
C UNK G 31 -100.07 26.36 -17.13
N UNK G 32 -100.62 27.48 -16.69
CA UNK G 32 -101.72 28.11 -17.39
C UNK G 32 -101.53 29.61 -17.34
N UNK G 33 -102.41 30.32 -18.04
CA UNK G 33 -102.17 31.73 -18.31
C UNK G 33 -102.40 32.57 -17.07
N CYS G 34 -103.63 32.63 -16.59
CA CYS G 34 -103.92 33.45 -15.43
C CYS G 34 -103.01 33.02 -14.29
N UNK G 35 -103.34 31.89 -13.69
CA UNK G 35 -102.44 31.21 -12.76
C UNK G 35 -102.17 32.03 -11.50
N UNK G 36 -102.47 33.33 -11.54
CA UNK G 36 -102.45 34.22 -10.40
C UNK G 36 -101.25 34.03 -9.48
N UNK G 37 -100.06 33.82 -10.04
CA UNK G 37 -98.93 33.50 -9.19
C UNK G 37 -98.47 34.77 -8.51
N UNK G 38 -98.61 34.82 -7.19
CA UNK G 38 -98.36 36.03 -6.41
C UNK G 38 -99.32 37.12 -6.84
N UNK G 39 -100.12 36.85 -7.86
CA UNK G 39 -100.81 37.86 -8.64
C UNK G 39 -102.29 37.94 -8.25
N UNK G 40 -103.01 38.78 -8.99
CA UNK G 40 -104.43 39.01 -8.73
C UNK G 40 -105.25 37.88 -9.34
N UNK G 41 -106.02 37.20 -8.51
CA UNK G 41 -106.78 36.05 -8.95
C UNK G 41 -107.96 36.49 -9.80
N UNK G 42 -108.08 35.91 -10.99
CA UNK G 42 -109.21 36.03 -11.90
C UNK G 42 -108.85 35.23 -13.13
N UNK G 43 -109.87 34.87 -13.92
CA UNK G 43 -109.63 34.14 -15.18
C UNK G 43 -110.07 35.01 -16.36
N UNK G 44 -109.11 35.63 -17.03
CA UNK G 44 -109.41 36.22 -18.33
C UNK G 44 -109.32 35.18 -19.42
N CYS G 45 -108.21 34.44 -19.44
CA CYS G 45 -108.01 33.40 -20.43
C CYS G 45 -108.94 32.24 -20.19
N UNK G 46 -109.39 32.05 -18.96
CA UNK G 46 -109.99 30.78 -18.56
C UNK G 46 -109.06 29.64 -18.96
N UNK G 47 -107.75 29.89 -18.86
CA UNK G 47 -106.75 29.02 -19.48
C UNK G 47 -106.97 27.56 -19.15
N CYS G 48 -106.68 27.21 -17.91
CA CYS G 48 -106.88 25.84 -17.47
C CYS G 48 -108.35 25.46 -17.57
N UNK G 49 -108.59 24.18 -17.84
CA UNK G 49 -109.90 23.58 -17.64
C UNK G 49 -109.70 22.09 -17.39
N UNK G 50 -110.48 21.52 -16.48
CA UNK G 50 -110.36 20.10 -16.17
C UNK G 50 -111.55 19.70 -15.31
N UNK G 51 -111.63 18.41 -15.00
CA UNK G 51 -112.79 17.83 -14.34
C UNK G 51 -112.40 17.17 -13.02
N UNK G 52 -113.42 16.93 -12.20
CA UNK G 52 -113.23 16.32 -10.89
C UNK G 52 -113.07 14.83 -11.08
N UNK G 53 -113.19 14.06 -10.00
CA UNK G 53 -113.40 12.64 -10.14
C UNK G 53 -114.41 12.41 -11.26
N UNK G 54 -115.62 12.90 -11.04
CA UNK G 54 -116.56 13.10 -12.12
C UNK G 54 -116.98 14.55 -12.12
N UNK G 55 -117.38 15.03 -13.30
CA UNK G 55 -117.84 16.40 -13.41
C UNK G 55 -118.79 16.49 -14.60
N UNK G 56 -119.66 17.50 -14.56
CA UNK G 56 -120.52 17.76 -15.69
C UNK G 56 -119.78 18.49 -16.81
N UNK G 57 -119.08 19.56 -16.47
CA UNK G 57 -118.31 20.33 -17.43
C UNK G 57 -116.94 20.60 -16.84
N UNK G 58 -115.90 20.14 -17.52
CA UNK G 58 -114.55 20.30 -16.99
C UNK G 58 -114.24 21.78 -16.82
N UNK G 59 -113.90 22.16 -15.60
CA UNK G 59 -113.68 23.57 -15.28
C UNK G 59 -112.20 23.87 -15.14
N UNK G 60 -111.91 25.15 -14.99
CA UNK G 60 -110.55 25.60 -14.83
C UNK G 60 -110.00 25.16 -13.49
N UNK G 61 -108.69 24.97 -13.43
CA UNK G 61 -108.15 24.99 -12.11
C UNK G 61 -107.27 26.20 -11.96
N CYS G 62 -107.94 27.31 -11.70
CA CYS G 62 -107.76 28.13 -10.55
C CYS G 62 -109.22 28.50 -10.39
N UNK G 63 -109.92 27.87 -9.47
CA UNK G 63 -111.37 28.06 -9.49
C UNK G 63 -111.97 28.22 -8.11
N UNK G 64 -111.99 27.14 -7.37
CA UNK G 64 -112.71 27.02 -6.11
C UNK G 64 -112.23 25.74 -5.45
N UNK G 65 -112.88 25.35 -4.36
CA UNK G 65 -112.52 24.11 -3.70
C UNK G 65 -112.94 22.92 -4.55
N UNK G 66 -112.70 21.74 -4.01
CA UNK G 66 -112.88 20.48 -4.72
C UNK G 66 -114.28 19.92 -4.58
N UNK G 67 -115.20 20.70 -4.04
CA UNK G 67 -116.40 20.14 -3.41
C UNK G 67 -115.87 19.29 -2.26
N UNK G 68 -116.30 18.05 -2.13
CA UNK G 68 -115.80 17.17 -1.06
C UNK G 68 -115.14 15.98 -1.71
N UNK G 69 -113.81 15.88 -1.56
CA UNK G 69 -113.06 14.68 -1.87
C UNK G 69 -113.03 14.34 -3.35
N UNK G 70 -113.74 15.12 -4.17
CA UNK G 70 -113.81 14.82 -5.60
C UNK G 70 -112.40 14.73 -6.19
N UNK G 71 -112.12 13.63 -6.86
CA UNK G 71 -110.77 13.37 -7.31
C UNK G 71 -110.43 14.28 -8.48
N UNK G 72 -109.18 14.17 -8.94
CA UNK G 72 -108.74 14.86 -10.13
C UNK G 72 -107.64 14.04 -10.76
N UNK G 73 -107.62 13.96 -12.08
CA UNK G 73 -106.66 13.16 -12.81
C UNK G 73 -105.82 14.09 -13.68
N UNK G 74 -104.53 14.16 -13.39
CA UNK G 74 -103.61 14.95 -14.19
C UNK G 74 -103.80 14.65 -15.66
N UNK G 75 -103.57 13.40 -16.05
CA UNK G 75 -103.52 13.01 -17.44
C UNK G 75 -104.89 12.76 -18.03
N UNK G 76 -105.96 13.07 -17.30
CA UNK G 76 -107.29 12.61 -17.64
C UNK G 76 -107.60 12.84 -19.11
N UNK G 77 -108.10 11.77 -19.75
CA UNK G 77 -108.35 11.75 -21.18
C UNK G 77 -109.20 12.92 -21.62
N UNK G 78 -110.46 12.96 -21.18
CA UNK G 78 -111.31 14.09 -21.50
C UNK G 78 -110.61 15.40 -21.17
N UNK G 79 -109.91 15.44 -20.04
CA UNK G 79 -109.11 16.61 -19.72
C UNK G 79 -107.93 16.75 -20.67
N UNK G 80 -107.40 15.63 -21.18
CA UNK G 80 -106.30 15.73 -22.12
C UNK G 80 -106.76 16.44 -23.39
N UNK G 81 -107.76 15.87 -24.07
CA UNK G 81 -108.27 16.51 -25.29
C UNK G 81 -108.83 17.89 -24.99
N UNK G 82 -109.27 18.10 -23.76
CA UNK G 82 -109.61 19.45 -23.34
C UNK G 82 -108.41 20.36 -23.50
N UNK G 83 -107.29 20.01 -22.87
CA UNK G 83 -106.07 20.80 -23.01
C UNK G 83 -105.68 20.96 -24.47
N UNK G 84 -106.00 19.96 -25.29
CA UNK G 84 -105.86 20.11 -26.73
C UNK G 84 -106.64 21.32 -27.21
N UNK G 85 -107.95 21.29 -27.01
CA UNK G 85 -108.78 22.44 -27.37
C UNK G 85 -108.22 23.73 -26.80
N UNK G 86 -107.62 23.67 -25.62
CA UNK G 86 -106.98 24.84 -25.05
C UNK G 86 -105.87 25.34 -25.97
N UNK G 87 -104.99 24.44 -26.38
CA UNK G 87 -104.00 24.80 -27.38
C UNK G 87 -104.64 25.31 -28.66
N UNK G 88 -105.89 24.91 -28.92
CA UNK G 88 -106.56 25.36 -30.13
C UNK G 88 -106.97 26.82 -30.03
N UNK G 89 -107.90 27.11 -29.11
CA UNK G 89 -108.32 28.49 -28.91
C UNK G 89 -107.12 29.40 -28.67
N UNK G 90 -106.09 28.86 -28.03
CA UNK G 90 -104.79 29.51 -28.07
C UNK G 90 -104.41 29.83 -29.51
N UNK G 91 -104.19 28.77 -30.28
CA UNK G 91 -103.82 28.93 -31.69
C UNK G 91 -102.74 30.00 -31.86
N UNK G 92 -102.75 30.66 -33.01
CA UNK G 92 -101.77 31.70 -33.29
C UNK G 92 -102.45 33.06 -33.44
N UNK G 93 -101.67 34.12 -33.24
CA UNK G 93 -102.20 35.49 -33.36
C UNK G 93 -101.16 36.52 -32.94
N HIS G 94 -100.10 36.62 -33.73
CA HIS G 94 -99.02 37.57 -33.45
C HIS G 94 -97.81 37.31 -34.33
N UNK G 95 -96.67 37.86 -33.95
CA UNK G 95 -95.43 37.68 -34.70
C UNK G 95 -95.24 36.23 -35.10
N UNK G 96 -95.35 35.33 -34.13
CA UNK G 96 -95.19 33.90 -34.38
C UNK G 96 -93.79 33.57 -34.85
N UNK G 97 -93.02 34.60 -35.21
CA UNK G 97 -91.66 34.41 -35.69
C UNK G 97 -90.77 33.94 -34.55
N CYS G 98 -91.03 34.43 -33.35
CA CYS G 98 -90.40 33.94 -32.14
C CYS G 98 -88.91 34.23 -32.14
N UNK G 99 -88.34 34.51 -33.33
CA UNK G 99 -86.91 34.62 -33.53
C UNK G 99 -86.40 36.06 -33.48
N UNK G 100 -87.31 37.03 -33.47
CA UNK G 100 -86.98 38.43 -33.37
C UNK G 100 -87.40 38.97 -32.01
N CYS G 101 -88.68 38.81 -31.69
CA CYS G 101 -89.34 39.30 -30.50
C CYS G 101 -88.63 38.86 -29.23
N UNK G 102 -87.67 37.96 -29.36
CA UNK G 102 -87.17 37.22 -28.22
C UNK G 102 -88.37 36.50 -27.62
N UNK G 103 -88.73 36.80 -26.38
CA UNK G 103 -89.60 35.90 -25.66
C UNK G 103 -88.93 34.55 -25.82
N UNK G 104 -89.55 33.65 -26.58
CA UNK G 104 -88.80 32.51 -27.10
C UNK G 104 -88.14 31.73 -25.97
N UNK G 105 -86.82 31.85 -25.88
CA UNK G 105 -86.01 31.09 -24.94
C UNK G 105 -86.67 31.03 -23.58
N UNK G 106 -87.20 32.15 -23.10
CA UNK G 106 -88.31 32.08 -22.17
C UNK G 106 -89.50 32.72 -22.88
N CYS G 107 -90.38 31.89 -23.42
CA CYS G 107 -91.76 32.29 -23.65
C CYS G 107 -92.62 31.09 -23.29
N UNK G 108 -93.32 31.18 -22.18
CA UNK G 108 -94.16 30.06 -21.78
C UNK G 108 -95.31 29.88 -22.74
N UNK G 109 -95.70 30.95 -23.43
CA UNK G 109 -96.57 30.79 -24.57
C UNK G 109 -95.86 29.87 -25.53
N UNK G 110 -94.78 30.40 -26.14
CA UNK G 110 -93.98 29.59 -27.04
C UNK G 110 -93.60 28.28 -26.36
N UNK G 111 -92.85 28.36 -25.27
CA UNK G 111 -92.27 27.15 -24.71
C UNK G 111 -93.33 26.28 -24.04
N UNK G 112 -93.91 26.78 -22.95
CA UNK G 112 -94.91 26.01 -22.23
C UNK G 112 -95.97 25.46 -23.16
N UNK G 113 -96.32 26.23 -24.20
CA UNK G 113 -97.24 25.70 -25.19
C UNK G 113 -96.62 24.52 -25.93
N UNK G 114 -95.35 24.66 -26.33
CA UNK G 114 -94.69 23.57 -27.03
C UNK G 114 -94.74 22.29 -26.22
N UNK G 115 -94.59 22.41 -24.90
CA UNK G 115 -94.79 21.24 -24.05
C UNK G 115 -96.25 20.81 -24.05
N UNK G 116 -97.16 21.78 -24.13
CA UNK G 116 -98.58 21.45 -24.05
C UNK G 116 -99.01 20.60 -25.23
N UNK G 117 -98.81 21.10 -26.46
CA UNK G 117 -99.24 20.40 -27.65
C UNK G 117 -98.11 20.43 -28.68
N UNK G 118 -98.38 19.90 -29.87
CA UNK G 118 -97.37 19.75 -30.90
C UNK G 118 -98.05 19.56 -32.25
N UNK G 119 -97.25 19.19 -33.26
CA UNK G 119 -97.69 18.87 -34.60
C UNK G 119 -98.33 20.03 -35.36
N UNK G 120 -99.44 19.76 -36.02
CA UNK G 120 -99.92 20.60 -37.12
C UNK G 120 -100.56 21.88 -36.59
N UNK G 121 -101.19 22.64 -37.48
CA UNK G 121 -101.69 23.96 -37.17
C UNK G 121 -103.01 24.22 -37.87
N UNK G 122 -103.82 25.09 -37.27
CA UNK G 122 -105.09 25.54 -37.81
C UNK G 122 -104.91 26.67 -38.84
N UNK G 123 -105.91 26.80 -39.69
CA UNK G 123 -105.98 27.77 -40.77
C UNK G 123 -106.45 29.15 -40.31
N UNK G 124 -106.99 29.92 -41.27
CA UNK G 124 -107.70 31.19 -41.12
C UNK G 124 -106.87 32.46 -41.30
N UNK G 125 -105.57 32.34 -41.53
CA UNK G 125 -104.77 33.47 -42.03
C UNK G 125 -104.82 34.66 -41.06
N UNK G 126 -104.11 34.48 -39.94
CA UNK G 126 -104.15 35.43 -38.85
C UNK G 126 -103.76 36.83 -39.30
N UNK G 127 -104.35 37.81 -38.63
CA UNK G 127 -104.08 39.22 -38.90
C UNK G 127 -103.74 39.92 -37.60
N UNK G 128 -104.68 39.93 -36.66
CA UNK G 128 -104.48 40.50 -35.34
C UNK G 128 -103.22 39.90 -34.73
N UNK G 129 -102.44 40.68 -33.97
CA UNK G 129 -102.83 42.02 -33.53
C UNK G 129 -102.39 43.12 -34.49
N UNK G 130 -101.09 43.40 -34.48
CA UNK G 130 -100.36 44.31 -35.36
C UNK G 130 -100.52 45.78 -34.98
N UNK G 131 -101.35 46.13 -34.00
CA UNK G 131 -101.49 47.54 -33.67
C UNK G 131 -100.21 48.04 -33.01
N UNK G 132 -100.20 49.32 -32.65
CA UNK G 132 -98.97 49.89 -32.13
C UNK G 132 -99.27 51.05 -31.19
N UNK G 133 -98.38 51.22 -30.21
CA UNK G 133 -98.37 52.38 -29.32
C UNK G 133 -96.98 52.52 -28.74
N UNK G 134 -96.67 53.72 -28.26
CA UNK G 134 -95.37 53.99 -27.66
C UNK G 134 -95.49 53.75 -26.17
N UNK G 135 -94.83 52.71 -25.68
CA UNK G 135 -95.04 52.27 -24.30
C UNK G 135 -94.35 53.20 -23.31
N UNK G 136 -93.03 53.20 -23.32
CA UNK G 136 -92.21 53.93 -22.37
C UNK G 136 -90.75 53.65 -22.70
N UNK G 137 -89.83 54.26 -21.95
CA UNK G 137 -88.40 54.16 -22.23
C UNK G 137 -87.94 52.74 -22.50
N UNK G 138 -87.95 51.89 -21.49
CA UNK G 138 -87.46 50.53 -21.66
C UNK G 138 -88.34 49.75 -22.63
N UNK G 139 -89.63 49.68 -22.34
CA UNK G 139 -90.51 48.80 -23.07
C UNK G 139 -90.55 49.15 -24.55
N UNK G 140 -90.24 48.17 -25.38
CA UNK G 140 -90.57 48.20 -26.80
C UNK G 140 -91.63 47.14 -27.00
N UNK G 141 -92.88 47.56 -27.20
CA UNK G 141 -94.02 46.65 -27.16
C UNK G 141 -94.88 46.85 -28.40
N UNK G 142 -94.92 45.84 -29.26
CA UNK G 142 -95.92 45.78 -30.30
C UNK G 142 -97.19 45.15 -29.76
N UNK G 143 -98.32 45.58 -30.31
CA UNK G 143 -99.58 44.90 -30.01
C UNK G 143 -99.49 43.44 -30.40
N UNK G 144 -99.02 43.18 -31.62
CA UNK G 144 -98.67 41.81 -31.96
C UNK G 144 -97.68 41.26 -30.96
N UNK G 145 -96.74 42.08 -30.51
CA UNK G 145 -95.83 41.61 -29.47
C UNK G 145 -96.50 41.42 -28.12
N CYS G 146 -97.71 41.95 -27.94
CA CYS G 146 -98.55 41.60 -26.80
C CYS G 146 -99.29 40.30 -27.02
N UNK G 147 -99.53 39.59 -25.92
CA UNK G 147 -100.44 38.46 -25.88
C UNK G 147 -101.61 38.89 -25.02
N UNK G 148 -102.73 39.19 -25.65
CA UNK G 148 -103.66 40.03 -24.91
C UNK G 148 -104.23 39.16 -23.82
N CYS G 149 -103.78 39.41 -22.59
CA CYS G 149 -104.37 38.59 -21.54
C CYS G 149 -104.65 39.37 -20.28
N UNK G 150 -103.62 39.51 -19.45
CA UNK G 150 -103.87 39.88 -18.08
C UNK G 150 -102.83 40.81 -17.49
N UNK G 151 -101.62 40.26 -17.37
CA UNK G 151 -100.71 40.59 -16.28
C UNK G 151 -100.40 42.07 -16.16
N CYS G 152 -100.62 42.84 -17.21
CA CYS G 152 -100.42 44.27 -17.10
C CYS G 152 -101.52 44.87 -16.22
N UNK G 153 -102.74 44.89 -16.74
CA UNK G 153 -103.87 45.38 -15.95
C UNK G 153 -103.93 44.68 -14.61
N UNK G 154 -103.57 43.40 -14.59
CA UNK G 154 -103.41 42.68 -13.33
C UNK G 154 -102.43 43.44 -12.44
N UNK G 155 -101.17 43.52 -12.83
CA UNK G 155 -100.20 44.28 -12.05
C UNK G 155 -100.69 45.71 -11.84
N UNK G 156 -101.23 46.30 -12.91
CA UNK G 156 -101.61 47.70 -12.90
C UNK G 156 -102.66 48.02 -11.85
N UNK G 157 -103.36 47.01 -11.34
CA UNK G 157 -104.35 47.29 -10.31
C UNK G 157 -103.70 47.50 -8.96
N UNK G 158 -102.80 46.61 -8.57
CA UNK G 158 -102.22 46.65 -7.25
C UNK G 158 -100.71 46.53 -7.32
N UNK G 159 -100.24 45.39 -7.82
CA UNK G 159 -98.80 45.13 -7.91
C UNK G 159 -98.10 46.33 -8.52
N UNK G 160 -98.60 46.79 -9.65
CA UNK G 160 -98.26 48.13 -10.09
C UNK G 160 -99.13 49.15 -9.38
N UNK G 161 -100.45 49.06 -9.57
CA UNK G 161 -101.39 50.06 -9.08
C UNK G 161 -101.16 51.41 -9.76
N UNK G 162 -100.68 51.38 -11.00
CA UNK G 162 -100.41 52.62 -11.73
C UNK G 162 -101.68 53.31 -12.18
N UNK G 163 -102.79 52.57 -12.29
CA UNK G 163 -104.14 53.07 -12.54
C UNK G 163 -104.40 53.48 -13.97
N UNK G 164 -103.43 53.43 -14.88
CA UNK G 164 -103.68 53.80 -16.27
C UNK G 164 -103.25 52.71 -17.23
N UNK G 165 -104.24 51.99 -17.77
CA UNK G 165 -104.22 51.24 -19.01
C UNK G 165 -105.68 50.96 -19.31
N UNK G 166 -105.98 50.65 -20.57
CA UNK G 166 -107.34 50.24 -20.88
C UNK G 166 -107.36 49.11 -21.89
N UNK G 167 -107.92 47.97 -21.51
CA UNK G 167 -108.22 46.95 -22.50
C UNK G 167 -109.24 47.49 -23.48
N UNK G 168 -108.94 47.40 -24.77
CA UNK G 168 -109.72 48.12 -25.76
C UNK G 168 -111.09 47.46 -25.92
N UNK G 169 -111.89 48.02 -26.83
CA UNK G 169 -113.31 47.74 -26.86
C UNK G 169 -113.61 46.32 -27.33
N UNK G 170 -114.81 45.85 -26.99
CA UNK G 170 -115.38 44.61 -27.51
C UNK G 170 -114.41 43.44 -27.42
N UNK G 171 -114.10 42.84 -28.55
CA UNK G 171 -113.26 41.65 -28.56
C UNK G 171 -112.02 41.83 -29.42
N UNK G 172 -112.19 41.74 -30.74
CA UNK G 172 -111.05 41.84 -31.63
C UNK G 172 -110.29 43.12 -31.39
N UNK G 173 -110.99 44.18 -31.00
CA UNK G 173 -110.35 45.44 -30.75
C UNK G 173 -109.46 45.43 -29.53
N UNK G 174 -109.61 44.45 -28.64
CA UNK G 174 -109.02 44.55 -27.32
C UNK G 174 -107.51 44.77 -27.39
N UNK G 175 -107.06 45.83 -26.74
CA UNK G 175 -105.66 46.13 -26.51
C UNK G 175 -105.60 46.93 -25.23
N UNK G 176 -104.58 46.69 -24.41
CA UNK G 176 -104.59 47.20 -23.04
C UNK G 176 -104.18 48.67 -22.94
N UNK G 177 -103.69 49.28 -24.01
CA UNK G 177 -103.30 50.67 -23.96
C UNK G 177 -104.52 51.59 -23.96
N UNK G 178 -104.31 52.82 -23.52
CA UNK G 178 -105.37 53.81 -23.44
C UNK G 178 -104.87 55.14 -24.01
N UNK G 179 -105.81 56.05 -24.23
CA UNK G 179 -105.44 57.44 -24.45
C UNK G 179 -105.04 57.97 -23.09
N UNK G 180 -103.90 58.63 -22.99
CA UNK G 180 -103.03 58.99 -24.11
C UNK G 180 -102.14 57.88 -24.72
N UNK G 181 -101.42 57.08 -23.92
CA UNK G 181 -101.52 56.97 -22.47
C UNK G 181 -100.52 57.77 -21.65
N UNK G 182 -99.66 58.56 -22.29
CA UNK G 182 -98.70 59.34 -21.52
C UNK G 182 -97.78 58.43 -20.71
N UNK G 183 -96.71 57.92 -21.34
CA UNK G 183 -96.03 56.70 -20.93
C UNK G 183 -95.87 56.57 -19.42
N UNK G 184 -95.33 57.60 -18.76
CA UNK G 184 -95.40 57.71 -17.31
C UNK G 184 -94.98 56.44 -16.58
N UNK G 185 -93.68 56.17 -16.50
CA UNK G 185 -93.19 55.08 -15.67
C UNK G 185 -93.85 55.22 -14.29
N UNK G 186 -94.48 54.18 -13.72
CA UNK G 186 -94.49 52.74 -14.06
C UNK G 186 -93.15 52.11 -13.71
N UNK G 187 -92.26 52.91 -13.14
CA UNK G 187 -91.01 52.39 -12.60
C UNK G 187 -91.29 51.23 -11.65
N UNK G 188 -90.37 50.25 -11.66
CA UNK G 188 -90.41 48.97 -10.96
C UNK G 188 -91.18 47.92 -11.77
N UNK G 189 -91.73 48.27 -12.93
CA UNK G 189 -92.48 47.30 -13.74
C UNK G 189 -91.58 46.43 -14.61
N UNK G 190 -90.26 46.59 -14.51
CA UNK G 190 -89.38 45.59 -15.12
C UNK G 190 -89.75 44.21 -14.61
N UNK G 191 -90.10 44.12 -13.33
CA UNK G 191 -90.78 42.94 -12.83
C UNK G 191 -92.03 42.67 -13.65
N UNK G 192 -92.92 43.68 -13.72
CA UNK G 192 -94.11 43.53 -14.55
C UNK G 192 -93.70 43.23 -15.98
N UNK G 193 -92.59 43.79 -16.44
CA UNK G 193 -92.07 43.42 -17.74
C UNK G 193 -91.89 41.92 -17.83
N UNK G 194 -91.37 41.31 -16.77
CA UNK G 194 -91.38 39.86 -16.72
C UNK G 194 -92.78 39.34 -16.47
N UNK G 195 -93.52 40.00 -15.59
CA UNK G 195 -94.87 39.53 -15.27
C UNK G 195 -95.77 39.58 -16.50
N CYS G 196 -95.60 40.62 -17.32
CA CYS G 196 -96.34 40.71 -18.58
C CYS G 196 -96.24 39.41 -19.34
N UNK G 197 -97.39 38.91 -19.77
CA UNK G 197 -97.39 37.59 -20.36
C UNK G 197 -96.48 37.54 -21.58
N UNK G 198 -96.72 38.39 -22.56
CA UNK G 198 -95.88 38.41 -23.73
C UNK G 198 -94.58 39.11 -23.38
N UNK G 199 -93.68 39.20 -24.35
CA UNK G 199 -92.44 39.93 -24.18
C UNK G 199 -92.59 41.38 -24.61
N UNK G 200 -93.79 41.81 -24.97
CA UNK G 200 -94.05 43.18 -25.38
C UNK G 200 -93.38 44.15 -24.43
N UNK G 201 -93.76 44.08 -23.16
CA UNK G 201 -92.99 44.78 -22.15
C UNK G 201 -91.54 44.39 -22.25
N UNK G 202 -90.67 45.39 -22.41
CA UNK G 202 -89.32 45.14 -22.86
C UNK G 202 -88.39 46.14 -22.20
N UNK G 203 -87.10 46.02 -22.52
CA UNK G 203 -86.11 47.04 -22.21
C UNK G 203 -85.50 47.47 -23.53
N UNK G 204 -85.83 48.68 -23.97
CA UNK G 204 -85.04 49.26 -25.05
C UNK G 204 -83.57 49.23 -24.67
N UNK G 205 -83.28 49.30 -23.39
CA UNK G 205 -81.94 49.04 -22.88
C UNK G 205 -81.47 47.66 -23.29
N UNK G 206 -82.04 46.64 -22.71
CA UNK G 206 -81.58 45.29 -22.95
C UNK G 206 -82.38 44.73 -24.10
N UNK G 207 -81.74 44.60 -25.25
CA UNK G 207 -82.35 44.00 -26.42
C UNK G 207 -81.23 43.44 -27.28
N UNK G 208 -81.51 42.33 -27.95
CA UNK G 208 -80.50 41.63 -28.73
C UNK G 208 -79.24 41.41 -27.88
N UNK G 209 -79.44 40.95 -26.65
CA UNK G 209 -78.32 40.68 -25.75
C UNK G 209 -77.82 39.26 -25.95
N UNK G 210 -78.58 38.29 -25.46
CA UNK G 210 -78.26 36.89 -25.67
C UNK G 210 -79.50 36.05 -25.45
N UNK G 211 -79.49 34.84 -25.97
CA UNK G 211 -80.54 33.88 -25.69
C UNK G 211 -80.34 33.26 -24.33
N UNK G 212 -81.44 32.76 -23.75
CA UNK G 212 -81.30 31.99 -22.53
C UNK G 212 -80.41 30.80 -22.76
N UNK G 213 -80.47 30.23 -23.97
CA UNK G 213 -79.48 29.23 -24.34
C UNK G 213 -78.08 29.75 -24.09
N UNK G 214 -77.89 31.05 -24.28
CA UNK G 214 -76.62 31.70 -24.03
C UNK G 214 -76.52 32.29 -22.63
N UNK G 215 -77.53 32.10 -21.79
CA UNK G 215 -77.54 32.77 -20.49
C UNK G 215 -76.49 32.16 -19.56
N UNK G 216 -75.66 33.01 -18.96
CA UNK G 216 -74.84 32.65 -17.81
C UNK G 216 -75.30 33.51 -16.65
N UNK G 217 -75.96 32.90 -15.67
CA UNK G 217 -76.65 33.65 -14.62
C UNK G 217 -76.05 33.37 -13.26
N UNK G 218 -75.91 34.41 -12.44
CA UNK G 218 -75.40 34.28 -11.08
C UNK G 218 -76.28 35.08 -10.13
N UNK G 219 -76.96 34.40 -9.22
CA UNK G 219 -77.89 35.06 -8.31
C UNK G 219 -77.14 35.82 -7.23
N UNK G 220 -77.84 36.78 -6.63
CA UNK G 220 -77.29 37.63 -5.57
C UNK G 220 -78.43 38.32 -4.84
N UNK G 221 -78.09 39.30 -4.01
CA UNK G 221 -79.05 40.22 -3.43
C UNK G 221 -78.55 41.63 -3.75
N UNK G 222 -79.36 42.41 -4.46
CA UNK G 222 -78.84 43.58 -5.18
C UNK G 222 -78.53 44.72 -4.23
N UNK G 223 -77.27 45.15 -4.22
CA UNK G 223 -76.79 46.18 -3.30
C UNK G 223 -76.85 47.58 -3.88
N UNK G 224 -77.37 47.73 -5.10
CA UNK G 224 -77.61 49.07 -5.64
C UNK G 224 -78.48 49.83 -4.67
N UNK G 225 -79.74 49.44 -4.56
CA UNK G 225 -80.57 49.90 -3.48
C UNK G 225 -80.10 49.30 -2.17
N UNK G 226 -80.54 49.92 -1.08
CA UNK G 226 -80.17 49.49 0.27
C UNK G 226 -80.83 48.18 0.68
N UNK G 227 -81.69 47.60 -0.15
CA UNK G 227 -82.52 46.48 0.27
C UNK G 227 -81.98 45.11 -0.11
N UNK G 228 -80.81 45.01 -0.77
CA UNK G 228 -80.23 43.72 -1.13
C UNK G 228 -81.19 42.89 -1.99
N UNK G 229 -81.69 41.79 -1.43
CA UNK G 229 -82.92 41.18 -1.94
C UNK G 229 -82.86 40.59 -3.34
N UNK G 230 -82.35 39.37 -3.48
CA UNK G 230 -82.84 38.41 -4.48
C UNK G 230 -82.18 38.51 -5.84
N UNK G 231 -81.21 39.39 -6.02
CA UNK G 231 -80.67 39.66 -7.35
C UNK G 231 -80.33 38.38 -8.09
N UNK G 232 -80.73 38.33 -9.35
CA UNK G 232 -80.21 37.38 -10.31
C UNK G 232 -79.37 38.14 -11.32
N UNK G 233 -78.33 37.50 -11.83
CA UNK G 233 -77.32 38.19 -12.61
C UNK G 233 -77.28 37.64 -14.02
N UNK G 234 -77.60 38.49 -15.00
CA UNK G 234 -77.51 38.14 -16.41
C UNK G 234 -76.10 38.46 -16.91
N UNK G 235 -75.40 37.45 -17.40
CA UNK G 235 -74.02 37.57 -17.83
C UNK G 235 -73.80 36.74 -19.09
N UNK G 236 -73.17 37.35 -20.09
CA UNK G 236 -72.92 36.71 -21.37
C UNK G 236 -71.53 37.06 -21.86
N UNK G 237 -70.85 36.08 -22.44
CA UNK G 237 -69.49 36.25 -22.91
C UNK G 237 -68.61 36.80 -21.79
N UNK G 238 -68.78 36.23 -20.60
CA UNK G 238 -68.06 36.63 -19.40
C UNK G 238 -68.42 38.05 -18.99
N UNK G 239 -69.24 38.71 -19.80
CA UNK G 239 -69.68 40.06 -19.53
C UNK G 239 -71.10 40.04 -18.99
N UNK G 240 -71.38 40.94 -18.05
CA UNK G 240 -72.72 41.03 -17.50
C UNK G 240 -73.71 41.34 -18.61
N UNK G 241 -74.72 40.49 -18.75
CA UNK G 241 -75.71 40.70 -19.77
C UNK G 241 -76.72 41.75 -19.34
N UNK G 242 -77.16 41.68 -18.09
CA UNK G 242 -78.28 42.49 -17.65
C UNK G 242 -78.49 42.27 -16.17
N UNK G 243 -79.27 43.17 -15.58
CA UNK G 243 -79.77 42.95 -14.23
C UNK G 243 -80.89 41.93 -14.27
N UNK G 244 -81.09 41.26 -13.15
CA UNK G 244 -82.09 40.22 -13.05
C UNK G 244 -82.45 40.06 -11.58
N UNK G 245 -83.54 39.35 -11.33
CA UNK G 245 -84.02 39.16 -9.96
C UNK G 245 -84.45 37.72 -9.79
N UNK G 246 -83.89 37.04 -8.81
CA UNK G 246 -84.38 35.74 -8.38
C UNK G 246 -84.94 35.91 -6.98
N UNK G 247 -86.27 35.96 -6.88
CA UNK G 247 -86.90 36.48 -5.69
C UNK G 247 -86.99 35.43 -4.59
N UNK G 248 -87.01 35.91 -3.34
CA UNK G 248 -87.48 35.13 -2.20
C UNK G 248 -88.41 36.04 -1.40
N UNK G 249 -89.69 35.71 -1.38
CA UNK G 249 -90.64 36.52 -0.63
C UNK G 249 -90.25 36.60 0.84
N UNK G 250 -89.55 35.59 1.34
CA UNK G 250 -88.90 35.70 2.64
C UNK G 250 -88.08 36.97 2.72
N UNK G 251 -87.33 37.27 1.66
CA UNK G 251 -86.63 38.53 1.60
C UNK G 251 -87.48 39.55 0.84
N UNK G 252 -87.71 39.30 -0.44
CA UNK G 252 -88.49 40.19 -1.28
C UNK G 252 -89.44 39.39 -2.14
N UNK G 253 -90.71 39.79 -2.14
CA UNK G 253 -91.70 39.15 -2.97
C UNK G 253 -91.44 39.56 -4.41
N UNK G 254 -92.39 39.30 -5.30
CA UNK G 254 -92.04 39.42 -6.70
C UNK G 254 -92.17 40.88 -7.08
N UNK G 255 -91.01 41.51 -7.19
CA UNK G 255 -90.85 42.87 -7.69
C UNK G 255 -89.37 43.03 -8.04
N UNK G 256 -89.08 44.00 -8.88
CA UNK G 256 -87.72 44.24 -9.30
C UNK G 256 -87.23 45.57 -8.74
N UNK G 257 -85.96 45.87 -8.99
CA UNK G 257 -85.38 47.15 -8.64
C UNK G 257 -85.14 47.91 -9.93
N UNK G 258 -85.97 48.93 -10.18
CA UNK G 258 -85.69 49.83 -11.29
C UNK G 258 -84.28 50.35 -11.17
N UNK G 259 -83.86 50.67 -9.94
CA UNK G 259 -82.49 51.03 -9.67
C UNK G 259 -81.53 50.04 -10.32
N UNK G 260 -81.74 48.75 -10.07
CA UNK G 260 -80.93 47.75 -10.74
C UNK G 260 -81.26 47.70 -12.23
N UNK G 261 -82.56 47.71 -12.54
CA UNK G 261 -83.05 47.45 -13.89
C UNK G 261 -82.33 48.30 -14.91
N UNK G 262 -82.24 49.59 -14.67
CA UNK G 262 -81.38 50.40 -15.50
C UNK G 262 -79.96 50.47 -14.98
N UNK G 263 -79.70 49.98 -13.76
CA UNK G 263 -78.38 50.16 -13.16
C UNK G 263 -77.32 49.27 -13.79
N UNK G 264 -77.71 48.24 -14.53
CA UNK G 264 -76.72 47.61 -15.41
C UNK G 264 -76.07 48.66 -16.29
N UNK G 265 -76.89 49.49 -16.94
CA UNK G 265 -76.40 50.51 -17.85
C UNK G 265 -75.46 51.48 -17.15
N UNK G 266 -75.87 51.99 -15.99
CA UNK G 266 -74.98 52.82 -15.20
C UNK G 266 -73.66 52.09 -14.95
N UNK G 267 -73.75 50.82 -14.54
CA UNK G 267 -72.56 50.02 -14.30
C UNK G 267 -71.65 49.99 -15.52
N UNK G 268 -72.19 50.20 -16.71
CA UNK G 268 -71.33 50.21 -17.90
C UNK G 268 -70.44 51.44 -18.02
N UNK G 269 -70.59 52.44 -17.15
CA UNK G 269 -69.89 53.71 -17.35
C UNK G 269 -68.38 53.56 -17.21
N UNK G 270 -67.65 54.55 -17.72
CA UNK G 270 -66.21 54.60 -17.52
C UNK G 270 -65.90 54.64 -16.03
N UNK G 271 -65.11 53.67 -15.58
CA UNK G 271 -65.09 53.28 -14.18
C UNK G 271 -63.70 53.49 -13.61
N UNK G 272 -63.52 52.97 -12.39
CA UNK G 272 -62.37 53.31 -11.55
C UNK G 272 -61.04 53.11 -12.27
N UNK G 273 -61.01 52.25 -13.29
CA UNK G 273 -59.84 52.06 -14.14
C UNK G 273 -58.68 51.64 -13.25
N UNK G 274 -57.53 52.32 -13.26
CA UNK G 274 -56.38 51.80 -12.55
C UNK G 274 -55.81 52.73 -11.48
N UNK G 275 -55.06 53.74 -11.90
CA UNK G 275 -54.33 54.56 -10.94
C UNK G 275 -53.97 55.88 -11.58
N UNK G 276 -53.65 56.86 -10.74
CA UNK G 276 -53.18 58.16 -11.18
C UNK G 276 -52.41 58.80 -10.04
N UNK G 277 -51.62 59.81 -10.38
CA UNK G 277 -50.79 60.50 -9.41
C UNK G 277 -50.68 61.96 -9.80
N UNK G 278 -49.73 62.66 -9.18
CA UNK G 278 -49.47 64.07 -9.49
C UNK G 278 -47.98 64.22 -9.80
N UNK G 279 -47.68 64.88 -10.92
CA UNK G 279 -46.29 65.21 -11.22
C UNK G 279 -46.13 66.72 -11.24
N UNK G 280 -46.55 67.34 -12.33
CA UNK G 280 -46.94 68.74 -12.26
C UNK G 280 -48.39 68.86 -11.83
N UNK G 281 -49.02 67.72 -11.57
CA UNK G 281 -50.39 67.56 -11.15
C UNK G 281 -51.38 68.24 -12.14
N UNK G 282 -52.62 68.52 -11.75
CA UNK G 282 -53.39 67.59 -10.92
C UNK G 282 -53.29 66.23 -11.61
N UNK G 283 -54.06 66.08 -12.69
CA UNK G 283 -53.60 65.42 -13.91
C UNK G 283 -52.71 64.20 -13.70
N UNK G 284 -51.52 64.25 -14.28
CA UNK G 284 -50.61 63.12 -14.47
C UNK G 284 -49.99 62.60 -13.19
N UNK G 285 -49.83 61.28 -13.06
CA UNK G 285 -50.06 60.31 -14.14
C UNK G 285 -50.48 58.94 -13.65
N UNK G 286 -51.01 58.14 -14.56
CA UNK G 286 -51.24 56.73 -14.26
C UNK G 286 -49.92 56.05 -13.94
N UNK G 287 -49.90 55.29 -12.85
CA UNK G 287 -48.70 54.61 -12.42
C UNK G 287 -49.09 53.21 -11.93
N UNK G 288 -48.07 52.37 -11.73
CA UNK G 288 -48.29 50.95 -11.48
C UNK G 288 -48.71 50.75 -10.03
N UNK G 289 -49.93 50.23 -9.84
CA UNK G 289 -50.56 50.21 -8.52
C UNK G 289 -49.70 49.55 -7.46
N UNK G 290 -48.72 48.74 -7.86
CA UNK G 290 -47.74 48.20 -6.92
C UNK G 290 -46.54 49.16 -6.85
N UNK G 291 -45.84 49.29 -7.98
CA UNK G 291 -44.75 50.26 -8.06
C UNK G 291 -45.20 51.61 -7.54
N UNK G 292 -46.41 52.03 -7.92
CA UNK G 292 -46.97 53.24 -7.33
C UNK G 292 -47.49 52.98 -5.93
N UNK G 293 -47.92 51.76 -5.63
CA UNK G 293 -48.38 51.47 -4.28
C UNK G 293 -47.31 51.76 -3.24
N UNK G 294 -46.05 51.78 -3.64
CA UNK G 294 -45.02 52.34 -2.78
C UNK G 294 -45.37 53.77 -2.40
N UNK G 295 -45.70 54.59 -3.39
CA UNK G 295 -46.14 55.94 -3.11
C UNK G 295 -47.44 55.94 -2.31
N UNK G 296 -48.26 54.92 -2.49
CA UNK G 296 -49.39 54.78 -1.60
C UNK G 296 -48.93 54.50 -0.16
N UNK G 297 -47.76 53.89 0.00
CA UNK G 297 -47.30 53.49 1.31
C UNK G 297 -46.61 54.63 2.06
N UNK G 298 -45.77 55.39 1.37
CA UNK G 298 -44.86 56.31 2.05
C UNK G 298 -45.61 57.41 2.78
N UNK G 299 -46.46 58.15 2.06
CA UNK G 299 -47.06 59.35 2.61
C UNK G 299 -47.90 59.08 3.84
N UNK G 300 -48.52 57.91 3.92
CA UNK G 300 -49.29 57.53 5.10
C UNK G 300 -48.50 56.67 6.06
N UNK G 301 -47.26 56.32 5.73
CA UNK G 301 -46.48 55.40 6.55
C UNK G 301 -46.27 55.88 7.98
N UNK G 302 -45.40 56.86 8.16
CA UNK G 302 -44.91 57.23 9.48
C UNK G 302 -45.64 58.40 10.10
N UNK G 303 -46.69 58.92 9.45
CA UNK G 303 -47.32 60.14 9.90
C UNK G 303 -48.00 59.94 11.26
N UNK G 304 -48.27 61.06 11.93
CA UNK G 304 -48.96 61.04 13.22
C UNK G 304 -50.37 60.51 13.07
N UNK G 305 -50.91 60.01 14.18
CA UNK G 305 -52.22 59.37 14.17
C UNK G 305 -53.26 60.24 13.48
N UNK G 306 -53.29 61.53 13.79
CA UNK G 306 -54.21 62.45 13.16
C UNK G 306 -53.59 63.24 12.01
N UNK G 307 -52.30 63.05 11.74
CA UNK G 307 -51.64 63.79 10.67
C UNK G 307 -52.29 63.57 9.31
N UNK G 308 -53.07 62.50 9.16
CA UNK G 308 -53.74 62.16 7.93
C UNK G 308 -55.24 62.06 8.18
N UNK G 309 -56.00 62.07 7.09
CA UNK G 309 -57.45 62.01 7.17
C UNK G 309 -57.95 60.69 6.59
N UNK G 310 -58.93 60.09 7.26
CA UNK G 310 -59.57 58.89 6.75
C UNK G 310 -61.01 58.83 7.23
N UNK G 311 -61.90 58.39 6.34
CA UNK G 311 -63.30 58.18 6.66
C UNK G 311 -64.00 57.46 5.51
N UNK G 312 -70.85 54.43 0.72
CA UNK G 312 -69.88 53.49 0.20
C UNK G 312 -70.08 52.12 0.82
N UNK G 313 -69.99 51.08 0.01
CA UNK G 313 -70.05 49.71 0.52
C UNK G 313 -68.72 49.31 1.13
N UNK G 314 -68.78 48.39 2.09
CA UNK G 314 -67.59 47.97 2.81
C UNK G 314 -67.45 46.45 2.85
N UNK G 315 -68.44 45.79 3.44
CA UNK G 315 -68.30 44.40 3.88
C UNK G 315 -67.11 44.38 4.83
N UNK G 316 -66.17 43.44 4.68
CA UNK G 316 -65.06 43.35 5.61
C UNK G 316 -64.19 44.60 5.61
N UNK G 317 -64.23 45.38 4.53
CA UNK G 317 -63.29 46.48 4.36
C UNK G 317 -63.23 47.36 5.61
N UNK G 318 -64.40 47.67 6.18
CA UNK G 318 -64.46 48.55 7.35
C UNK G 318 -63.48 48.09 8.42
N UNK G 319 -63.54 46.82 8.79
CA UNK G 319 -62.62 46.30 9.80
C UNK G 319 -61.18 46.47 9.35
N UNK G 320 -60.89 46.04 8.12
CA UNK G 320 -59.58 46.32 7.54
C UNK G 320 -59.28 47.80 7.66
N UNK G 321 -60.24 48.64 7.25
CA UNK G 321 -60.11 50.07 7.48
C UNK G 321 -59.86 50.37 8.94
N UNK G 322 -60.73 49.85 9.82
CA UNK G 322 -60.49 49.95 11.24
C UNK G 322 -59.11 49.43 11.60
N UNK G 323 -58.72 48.32 10.99
CA UNK G 323 -57.36 47.83 11.10
C UNK G 323 -56.38 48.97 10.89
N UNK G 324 -56.42 49.58 9.71
CA UNK G 324 -55.51 50.66 9.36
C UNK G 324 -55.38 51.64 10.53
N UNK G 325 -56.50 51.91 11.20
CA UNK G 325 -56.44 52.71 12.42
C UNK G 325 -56.00 51.84 13.60
N UNK G 326 -56.81 50.85 13.95
CA UNK G 326 -56.59 50.09 15.17
C UNK G 326 -55.36 49.19 15.06
N UNK G 327 -55.03 48.67 13.87
CA UNK G 327 -53.77 47.94 13.74
C UNK G 327 -52.60 48.89 13.81
N UNK G 328 -52.79 50.14 13.42
CA UNK G 328 -51.87 51.20 13.79
C UNK G 328 -52.20 51.60 15.24
N UNK G 329 -51.58 52.65 15.73
CA UNK G 329 -51.92 53.14 17.05
C UNK G 329 -53.15 54.04 17.05
N UNK G 330 -53.79 54.21 15.90
CA UNK G 330 -54.87 55.17 15.76
C UNK G 330 -56.15 54.62 16.38
N UNK G 331 -56.65 55.28 17.41
CA UNK G 331 -57.92 54.95 18.04
C UNK G 331 -59.07 55.83 17.56
N UNK G 332 -58.81 56.79 16.67
CA UNK G 332 -59.84 57.70 16.19
C UNK G 332 -60.28 57.24 14.80
N UNK G 333 -61.52 56.73 14.72
CA UNK G 333 -62.04 56.12 13.51
C UNK G 333 -63.42 56.67 13.21
N UNK G 334 -63.62 57.11 11.97
CA UNK G 334 -64.84 57.83 11.62
C UNK G 334 -65.35 57.37 10.27
N UNK G 335 -66.64 57.05 10.22
CA UNK G 335 -67.36 56.85 8.98
C UNK G 335 -68.27 58.05 8.73
N UNK G 336 -69.02 58.00 7.64
CA UNK G 336 -69.94 59.09 7.33
C UNK G 336 -71.06 59.17 8.36
N UNK G 337 -71.64 58.01 8.71
CA UNK G 337 -72.77 57.79 9.63
C UNK G 337 -74.23 57.79 9.09
N UNK G 338 -74.56 58.24 7.87
CA UNK G 338 -73.94 59.36 7.19
C UNK G 338 -74.54 60.57 7.87
N UNK G 339 -75.84 60.76 7.69
CA UNK G 339 -76.57 61.50 8.69
C UNK G 339 -76.46 60.75 10.00
N UNK G 340 -75.93 61.40 11.02
CA UNK G 340 -75.47 60.72 12.22
C UNK G 340 -76.58 60.73 13.26
N UNK G 341 -77.14 59.56 13.53
CA UNK G 341 -78.02 59.39 14.68
C UNK G 341 -77.30 58.46 15.65
N UNK G 342 -76.75 59.05 16.70
CA UNK G 342 -76.10 58.29 17.76
C UNK G 342 -76.54 58.84 19.10
N UNK G 343 -76.16 60.09 19.36
CA UNK G 343 -76.30 60.76 20.65
C UNK G 343 -75.60 59.86 21.68
N UNK G 344 -76.15 59.72 22.88
CA UNK G 344 -75.60 58.78 23.83
C UNK G 344 -76.65 57.76 24.21
N UNK G 345 -76.49 56.53 23.74
CA UNK G 345 -75.48 56.18 22.74
C UNK G 345 -76.08 55.12 21.82
N UNK G 346 -75.25 54.53 20.98
CA UNK G 346 -75.63 53.33 20.23
C UNK G 346 -74.47 52.35 20.33
N UNK G 347 -74.68 51.22 21.00
CA UNK G 347 -73.59 50.28 21.12
C UNK G 347 -73.92 48.79 20.83
N UNK G 348 -74.82 48.09 21.53
CA UNK G 348 -76.10 48.48 22.18
C UNK G 348 -77.12 49.07 21.21
N UNK G 349 -77.54 50.31 21.45
CA UNK G 349 -78.85 50.79 21.03
C UNK G 349 -79.15 50.53 19.55
N UNK G 350 -78.54 51.29 18.64
CA UNK G 350 -78.91 51.16 17.23
C UNK G 350 -78.62 49.76 16.73
N UNK G 351 -77.62 49.10 17.30
CA UNK G 351 -77.43 47.69 17.01
C UNK G 351 -78.66 46.89 17.42
N UNK G 352 -79.17 47.13 18.62
CA UNK G 352 -80.40 46.49 19.03
C UNK G 352 -81.62 47.20 18.45
N UNK G 353 -81.49 48.47 18.06
CA UNK G 353 -82.62 49.29 17.67
C UNK G 353 -82.54 49.63 16.19
N UNK G 354 -83.43 49.02 15.41
CA UNK G 354 -83.66 49.44 14.04
C UNK G 354 -85.16 49.55 13.80
N UNK G 355 -85.83 48.41 13.88
CA UNK G 355 -87.22 48.29 13.45
C UNK G 355 -87.71 46.87 13.68
N UNK G 356 -88.98 46.62 13.38
CA UNK G 356 -89.48 45.27 13.27
C UNK G 356 -89.12 44.73 11.88
N UNK G 357 -89.59 43.54 11.55
CA UNK G 357 -89.31 42.96 10.23
C UNK G 357 -90.22 43.57 9.17
N UNK G 358 -89.71 43.60 7.95
CA UNK G 358 -90.57 43.97 6.83
C UNK G 358 -91.75 43.03 6.73
N UNK G 359 -91.55 41.77 7.06
CA UNK G 359 -92.69 40.89 7.29
C UNK G 359 -93.49 41.38 8.49
N UNK G 360 -92.79 41.69 9.59
CA UNK G 360 -93.49 42.23 10.75
C UNK G 360 -94.21 43.52 10.41
N UNK G 361 -93.64 44.30 9.49
CA UNK G 361 -94.41 45.37 8.86
C UNK G 361 -95.68 44.81 8.25
N UNK G 362 -95.53 43.92 7.28
CA UNK G 362 -96.69 43.25 6.70
C UNK G 362 -97.51 42.53 7.76
N UNK G 363 -96.89 42.12 8.85
CA UNK G 363 -97.65 41.48 9.92
C UNK G 363 -98.58 42.50 10.56
N UNK G 364 -99.59 41.97 11.26
CA UNK G 364 -100.73 42.78 11.63
C UNK G 364 -100.39 43.79 12.74
N UNK G 365 -99.82 43.32 13.84
CA UNK G 365 -100.01 44.00 15.12
C UNK G 365 -99.37 45.39 15.31
N UNK G 366 -100.22 46.35 15.64
CA UNK G 366 -101.62 46.36 15.19
C UNK G 366 -101.83 47.42 14.11
N UNK G 367 -100.80 48.23 13.89
CA UNK G 367 -100.90 49.47 13.12
C UNK G 367 -99.49 50.03 12.97
N UNK G 368 -99.39 51.22 12.37
CA UNK G 368 -98.06 51.82 12.18
C UNK G 368 -98.14 53.34 12.14
N UNK G 369 -97.04 53.96 12.51
CA UNK G 369 -96.80 55.38 12.31
C UNK G 369 -95.43 55.53 11.70
N UNK G 370 -95.18 56.71 11.14
CA UNK G 370 -93.96 56.91 10.36
C UNK G 370 -93.71 58.41 10.23
N UNK G 371 -92.73 58.76 9.39
CA UNK G 371 -92.49 60.15 9.03
C UNK G 371 -91.73 60.18 7.70
N UNK G 372 -91.47 61.38 7.22
CA UNK G 372 -90.85 61.70 5.91
C UNK G 372 -91.70 61.04 4.80
N UNK G 373 -91.09 60.56 3.73
CA UNK G 373 -91.81 59.92 2.63
C UNK G 373 -90.99 58.76 2.11
N UNK G 374 -91.58 57.57 2.10
CA UNK G 374 -90.89 56.38 1.62
C UNK G 374 -91.26 55.99 0.20
N UNK G 375 -92.17 56.73 -0.45
CA UNK G 375 -92.73 56.27 -1.72
C UNK G 375 -91.64 55.89 -2.69
N UNK G 376 -90.74 56.82 -2.99
CA UNK G 376 -89.55 56.46 -3.73
C UNK G 376 -88.48 55.88 -2.81
N UNK G 377 -88.44 56.32 -1.54
CA UNK G 377 -87.35 55.92 -0.66
C UNK G 377 -87.39 54.43 -0.37
N UNK G 378 -88.59 53.87 -0.24
CA UNK G 378 -88.74 52.45 0.07
C UNK G 378 -89.85 51.86 -0.78
N UNK G 379 -89.51 50.84 -1.56
CA UNK G 379 -90.54 50.10 -2.28
C UNK G 379 -91.23 49.09 -1.40
N UNK G 380 -90.48 48.41 -0.54
CA UNK G 380 -91.00 47.34 0.28
C UNK G 380 -92.20 47.79 1.08
N UNK G 381 -91.97 48.66 2.05
CA UNK G 381 -93.05 49.15 2.88
C UNK G 381 -94.19 49.71 2.05
N UNK G 382 -93.89 50.22 0.87
CA UNK G 382 -94.95 50.66 -0.03
C UNK G 382 -95.84 49.48 -0.40
N UNK G 383 -95.22 48.38 -0.81
CA UNK G 383 -95.99 47.16 -1.06
C UNK G 383 -96.79 46.79 0.17
N UNK G 384 -96.16 46.88 1.35
CA UNK G 384 -96.89 46.63 2.58
C UNK G 384 -98.11 47.52 2.68
N UNK G 385 -98.02 48.73 2.13
CA UNK G 385 -99.16 49.63 2.12
C UNK G 385 -100.20 49.24 1.09
N UNK G 386 -99.78 48.58 0.02
CA UNK G 386 -100.74 48.11 -0.98
C UNK G 386 -101.51 46.94 -0.40
N UNK G 387 -100.80 45.84 -0.11
CA UNK G 387 -101.43 44.69 0.55
C UNK G 387 -102.13 45.12 1.83
N UNK G 388 -101.72 46.23 2.41
CA UNK G 388 -102.42 46.76 3.57
C UNK G 388 -103.77 47.33 3.16
N UNK G 389 -103.77 48.27 2.23
CA UNK G 389 -105.02 48.91 1.83
C UNK G 389 -105.99 47.89 1.26
N UNK G 390 -105.47 46.83 0.64
CA UNK G 390 -106.30 45.77 0.11
C UNK G 390 -106.46 44.60 1.07
N UNK G 391 -105.84 44.68 2.25
CA UNK G 391 -105.88 43.58 3.21
C UNK G 391 -106.29 44.10 4.58
N UNK G 392 -105.46 44.96 5.17
CA UNK G 392 -105.76 45.55 6.46
C UNK G 392 -105.76 47.08 6.41
N UNK G 393 -104.63 47.67 6.06
CA UNK G 393 -104.38 49.11 6.00
C UNK G 393 -104.28 49.68 7.40
N UNK G 394 -104.86 48.95 8.37
CA UNK G 394 -104.41 48.88 9.76
C UNK G 394 -103.80 50.17 10.27
N UNK G 395 -104.58 51.25 10.29
CA UNK G 395 -104.18 52.50 10.94
C UNK G 395 -102.72 52.88 10.73
N UNK G 396 -102.36 53.28 9.51
CA UNK G 396 -100.99 53.65 9.22
C UNK G 396 -100.95 55.09 8.72
N UNK G 397 -99.98 55.85 9.21
CA UNK G 397 -99.84 57.25 8.80
C UNK G 397 -98.44 57.72 9.15
N UNK G 398 -98.21 59.03 8.97
CA UNK G 398 -96.91 59.68 9.06
C UNK G 398 -97.13 61.17 8.87
N UNK G 399 -96.12 61.95 9.23
CA UNK G 399 -96.18 63.40 9.03
C UNK G 399 -94.94 63.86 8.29
N UNK G 400 -95.11 64.24 7.02
CA UNK G 400 -94.11 65.03 6.32
C UNK G 400 -94.79 66.13 5.50
N UNK G 401 -95.45 65.70 4.43
CA UNK G 401 -96.14 66.54 3.46
C UNK G 401 -96.96 65.60 2.59
N UNK G 402 -97.55 66.12 1.52
CA UNK G 402 -98.22 65.26 0.56
C UNK G 402 -97.19 64.40 -0.19
N UNK G 403 -97.69 63.32 -0.79
CA UNK G 403 -96.82 62.34 -1.44
C UNK G 403 -97.68 61.28 -2.12
N UNK G 404 -97.01 60.37 -2.81
CA UNK G 404 -97.64 59.37 -3.66
C UNK G 404 -97.99 58.08 -2.93
N UNK G 405 -97.84 58.06 -1.61
CA UNK G 405 -98.01 56.82 -0.86
C UNK G 405 -99.41 56.27 -1.06
N UNK G 406 -99.55 54.98 -0.78
CA UNK G 406 -100.72 54.21 -1.18
C UNK G 406 -102.02 54.87 -0.76
N UNK G 407 -102.98 54.87 -1.67
CA UNK G 407 -104.39 55.27 -1.47
C UNK G 407 -104.41 56.70 -0.93
N UNK G 408 -105.32 57.02 -0.01
CA UNK G 408 -105.39 58.33 0.62
C UNK G 408 -105.41 58.10 2.12
N UNK G 409 -104.34 58.47 2.79
CA UNK G 409 -104.21 58.33 4.23
C UNK G 409 -103.61 59.62 4.77
N UNK G 410 -104.29 60.24 5.72
CA UNK G 410 -103.90 61.56 6.16
C UNK G 410 -102.46 61.56 6.63
N UNK G 411 -101.64 62.41 6.01
CA UNK G 411 -100.32 62.75 6.50
C UNK G 411 -100.35 64.24 6.84
N UNK G 412 -100.35 64.57 8.11
CA UNK G 412 -100.48 65.94 8.55
C UNK G 412 -99.09 66.52 8.72
N UNK G 413 -98.72 67.43 7.84
CA UNK G 413 -97.39 68.01 7.87
C UNK G 413 -97.16 68.73 9.19
N UNK G 414 -96.09 68.35 9.90
CA UNK G 414 -95.72 69.05 11.11
C UNK G 414 -94.24 68.84 11.35
N UNK G 415 -93.63 69.80 12.05
CA UNK G 415 -92.26 69.62 12.54
C UNK G 415 -92.32 69.62 14.06
N UNK G 416 -92.19 68.42 14.64
CA UNK G 416 -91.96 68.24 16.07
C UNK G 416 -93.10 68.77 16.92
N UNK G 417 -93.99 69.56 16.32
CA UNK G 417 -95.03 70.23 17.09
C UNK G 417 -96.18 69.26 17.34
N UNK G 418 -96.91 68.93 16.28
CA UNK G 418 -97.91 67.88 16.38
C UNK G 418 -97.28 66.55 16.78
N UNK G 419 -95.96 66.42 16.63
CA UNK G 419 -95.28 65.26 17.20
C UNK G 419 -95.36 65.28 18.71
N UNK G 420 -94.97 66.41 19.29
CA UNK G 420 -95.19 66.61 20.71
C UNK G 420 -96.66 66.50 21.07
N UNK G 421 -97.56 66.81 20.14
CA UNK G 421 -98.98 66.63 20.40
C UNK G 421 -99.33 65.15 20.46
N UNK G 422 -98.70 64.34 19.61
CA UNK G 422 -98.79 62.90 19.76
C UNK G 422 -98.31 62.48 21.13
N UNK G 423 -97.25 63.11 21.62
CA UNK G 423 -96.86 62.87 23.01
C UNK G 423 -97.91 63.37 23.98
N UNK G 424 -98.73 64.34 23.60
CA UNK G 424 -99.70 64.94 24.51
C UNK G 424 -101.13 64.82 23.99
N UNK G 425 -101.52 65.65 23.02
CA UNK G 425 -102.90 65.64 22.56
C UNK G 425 -103.00 64.95 21.21
N UNK G 426 -102.56 65.66 20.17
CA UNK G 426 -102.44 65.23 18.76
C UNK G 426 -103.61 65.37 17.75
N UNK G 427 -104.86 65.68 18.12
CA UNK G 427 -105.49 65.36 19.40
C UNK G 427 -105.99 63.92 19.34
N UNK G 428 -106.56 63.56 18.19
CA UNK G 428 -107.04 62.19 18.01
C UNK G 428 -105.94 61.22 17.62
N UNK G 429 -104.81 61.73 17.13
CA UNK G 429 -103.74 60.83 16.73
C UNK G 429 -103.18 60.09 17.94
N UNK G 430 -102.95 60.81 19.03
CA UNK G 430 -102.57 60.14 20.27
C UNK G 430 -103.73 59.38 20.88
N UNK G 431 -104.96 59.67 20.46
CA UNK G 431 -106.11 58.96 20.98
C UNK G 431 -106.19 57.57 20.38
N UNK G 432 -106.52 57.49 19.09
CA UNK G 432 -106.55 56.20 18.40
C UNK G 432 -105.19 55.51 18.51
N UNK G 433 -104.11 56.27 18.39
CA UNK G 433 -102.78 55.70 18.57
C UNK G 433 -102.65 55.06 19.94
N UNK G 434 -103.07 55.77 20.97
CA UNK G 434 -103.18 55.15 22.28
C UNK G 434 -104.32 54.16 22.32
N UNK G 435 -105.41 54.43 21.60
CA UNK G 435 -106.48 53.47 21.50
C UNK G 435 -106.14 52.29 20.60
N UNK G 436 -104.99 52.34 19.92
CA UNK G 436 -104.58 51.21 19.10
C UNK G 436 -104.33 49.99 19.97
N UNK G 437 -104.52 48.81 19.36
CA UNK G 437 -104.27 47.57 20.10
C UNK G 437 -102.78 47.38 20.36
N UNK G 438 -101.96 47.44 19.31
CA UNK G 438 -100.52 47.27 19.41
C UNK G 438 -99.81 48.39 18.67
N UNK G 439 -100.08 48.46 17.38
CA UNK G 439 -99.47 49.34 16.38
C UNK G 439 -97.96 49.10 16.30
N UNK G 440 -97.24 50.17 15.99
CA UNK G 440 -95.80 50.21 15.71
C UNK G 440 -95.49 51.61 15.19
N UNK G 441 -94.22 51.93 14.98
CA UNK G 441 -93.88 53.26 14.50
C UNK G 441 -92.75 53.18 13.48
N UNK G 442 -92.51 54.30 12.82
CA UNK G 442 -91.35 54.45 11.95
C UNK G 442 -90.85 55.87 12.11
N UNK G 443 -89.87 56.26 11.29
CA UNK G 443 -89.16 57.51 11.48
C UNK G 443 -89.04 58.28 10.18
N UNK G 444 -88.64 59.54 10.30
CA UNK G 444 -88.30 60.41 9.19
C UNK G 444 -86.93 60.05 8.62
N UNK G 445 -86.67 60.55 7.41
CA UNK G 445 -85.37 60.33 6.77
C UNK G 445 -84.23 60.65 7.73
N UNK G 446 -84.35 61.78 8.43
CA UNK G 446 -83.44 62.11 9.53
C UNK G 446 -81.97 62.03 9.02
N UNK G 447 -80.94 61.62 9.77
CA UNK G 447 -80.78 61.73 11.22
C UNK G 447 -81.04 63.16 11.65
N UNK G 448 -80.59 64.10 10.81
CA UNK G 448 -80.88 65.52 10.96
C UNK G 448 -80.36 65.97 12.32
N UNK G 449 -81.14 66.72 13.11
CA UNK G 449 -80.59 67.36 14.30
C UNK G 449 -80.67 66.47 15.52
N UNK G 450 -81.86 66.33 16.11
CA UNK G 450 -82.03 65.49 17.28
C UNK G 450 -83.20 64.55 17.03
N UNK G 451 -82.88 63.27 16.84
CA UNK G 451 -83.93 62.27 16.74
C UNK G 451 -84.56 61.97 18.07
N UNK G 452 -83.92 62.38 19.16
CA UNK G 452 -84.44 62.13 20.49
C UNK G 452 -85.85 62.65 20.64
N UNK G 453 -86.30 63.54 19.76
CA UNK G 453 -87.70 63.89 19.68
C UNK G 453 -88.52 62.64 19.42
N UNK G 454 -88.32 62.05 18.25
CA UNK G 454 -89.04 60.84 17.88
C UNK G 454 -88.79 59.73 18.90
N UNK G 455 -87.54 59.57 19.33
CA UNK G 455 -87.23 58.59 20.36
C UNK G 455 -88.02 58.86 21.62
N UNK G 456 -88.37 60.12 21.86
CA UNK G 456 -89.14 60.45 23.06
C UNK G 456 -90.60 60.09 22.91
N UNK G 457 -91.22 60.47 21.79
CA UNK G 457 -92.63 60.14 21.60
C UNK G 457 -92.83 58.63 21.53
N UNK G 458 -92.03 57.96 20.72
CA UNK G 458 -92.10 56.51 20.65
C UNK G 458 -91.81 55.89 22.00
N UNK G 459 -90.69 56.28 22.61
CA UNK G 459 -90.32 55.74 23.92
C UNK G 459 -91.47 55.88 24.90
N UNK G 460 -92.23 56.97 24.77
CA UNK G 460 -93.45 57.11 25.56
C UNK G 460 -94.47 56.05 25.16
N UNK G 461 -94.63 55.81 23.87
CA UNK G 461 -95.58 54.80 23.43
C UNK G 461 -95.22 53.44 24.02
N UNK G 462 -93.93 53.11 24.03
CA UNK G 462 -93.49 51.87 24.66
C UNK G 462 -93.75 51.90 26.15
N UNK G 463 -93.50 53.03 26.78
CA UNK G 463 -93.83 53.20 28.19
C UNK G 463 -95.30 52.89 28.43
N UNK G 464 -96.15 53.15 27.45
CA UNK G 464 -97.54 52.71 27.54
C UNK G 464 -97.55 51.20 27.36
N UNK G 465 -97.23 50.75 26.16
CA UNK G 465 -97.11 49.32 25.88
C UNK G 465 -95.96 49.13 24.91
N UNK G 466 -95.08 48.17 25.19
CA UNK G 466 -93.97 47.82 24.30
C UNK G 466 -94.03 46.34 23.93
N UNK G 467 -94.39 46.04 22.68
CA UNK G 467 -94.22 44.72 22.09
C UNK G 467 -93.63 44.86 20.69
N UNK G 468 -94.40 45.46 19.79
CA UNK G 468 -93.86 45.99 18.55
C UNK G 468 -93.04 47.24 18.86
N UNK G 469 -92.57 47.92 17.83
CA UNK G 469 -91.57 48.95 18.01
C UNK G 469 -91.70 50.02 16.94
N UNK G 470 -90.66 50.85 16.84
CA UNK G 470 -90.56 51.91 15.86
C UNK G 470 -89.47 51.56 14.86
N UNK G 471 -89.58 52.12 13.66
CA UNK G 471 -88.72 51.76 12.56
C UNK G 471 -87.76 52.88 12.21
N UNK G 472 -86.53 52.50 11.87
CA UNK G 472 -85.52 53.43 11.40
C UNK G 472 -84.58 52.71 10.44
N UNK G 473 -84.16 53.42 9.39
CA UNK G 473 -83.27 52.86 8.39
C UNK G 473 -82.58 54.01 7.66
N UNK G 474 -81.51 53.69 6.94
CA UNK G 474 -80.74 54.68 6.21
C UNK G 474 -80.28 54.09 4.88
N UNK G 475 -79.49 54.85 4.13
CA UNK G 475 -79.02 54.40 2.83
C UNK G 475 -77.86 53.42 2.95
N UNK G 476 -76.89 53.73 3.80
CA UNK G 476 -75.72 52.89 3.98
C UNK G 476 -76.10 51.68 4.83
N UNK G 477 -75.10 50.92 5.28
CA UNK G 477 -75.34 49.59 5.82
C UNK G 477 -74.83 49.40 7.25
N UNK G 478 -73.54 49.57 7.48
CA UNK G 478 -72.82 48.79 8.48
C UNK G 478 -72.96 49.31 9.90
N UNK G 479 -73.84 50.28 10.15
CA UNK G 479 -73.74 51.09 11.37
C UNK G 479 -73.42 50.30 12.63
N UNK G 480 -74.14 49.21 12.87
CA UNK G 480 -73.85 48.39 14.06
C UNK G 480 -72.46 47.82 14.00
N UNK G 481 -72.04 47.35 12.82
CA UNK G 481 -70.65 46.98 12.64
C UNK G 481 -69.80 48.21 12.40
N UNK G 482 -70.32 49.15 11.61
CA UNK G 482 -69.65 50.43 11.45
C UNK G 482 -69.58 51.18 12.77
N UNK G 483 -70.22 50.65 13.82
CA UNK G 483 -69.97 51.15 15.16
C UNK G 483 -68.49 51.16 15.49
N UNK G 484 -67.68 50.41 14.75
CA UNK G 484 -66.24 50.57 14.79
C UNK G 484 -65.86 52.03 14.58
N UNK G 485 -66.11 52.57 13.39
CA UNK G 485 -65.82 53.96 13.14
C UNK G 485 -66.86 54.84 13.84
N UNK G 486 -66.70 56.14 13.71
CA UNK G 486 -67.62 57.08 14.31
C UNK G 486 -68.35 57.85 13.22
N UNK G 487 -69.14 58.83 13.62
CA UNK G 487 -69.82 59.71 12.69
C UNK G 487 -68.81 60.61 11.98
N UNK G 488 -69.31 61.54 11.16
CA UNK G 488 -68.41 62.24 10.24
C UNK G 488 -67.99 63.63 10.69
N UNK G 489 -68.88 64.61 10.56
CA UNK G 489 -68.46 66.01 10.54
C UNK G 489 -67.76 66.41 11.83
N UNK G 490 -68.27 65.95 12.97
CA UNK G 490 -67.72 66.36 14.26
C UNK G 490 -66.24 66.05 14.35
N UNK G 491 -65.93 64.75 14.40
CA UNK G 491 -64.54 64.34 14.42
C UNK G 491 -63.78 64.93 13.24
N UNK G 492 -64.45 65.05 12.09
CA UNK G 492 -63.82 65.66 10.92
C UNK G 492 -63.26 67.02 11.27
N UNK G 493 -63.98 67.78 12.09
CA UNK G 493 -63.46 69.04 12.60
C UNK G 493 -62.52 68.85 13.77
N UNK G 494 -62.59 67.71 14.46
CA UNK G 494 -61.74 67.51 15.63
C UNK G 494 -60.29 67.28 15.22
N UNK G 495 -60.06 66.38 14.27
CA UNK G 495 -58.68 66.05 13.91
C UNK G 495 -58.05 67.12 13.03
N UNK G 496 -58.73 67.51 11.94
CA UNK G 496 -58.13 68.43 10.98
C UNK G 496 -59.18 69.11 10.12
N UNK G 497 -50.65 59.97 3.15
CA UNK G 497 -51.11 61.33 2.95
C UNK G 497 -52.43 61.54 3.67
N UNK G 498 -53.49 60.90 3.16
CA UNK G 498 -54.78 60.78 3.82
C UNK G 498 -55.61 59.77 3.03
N UNK G 499 -56.85 59.53 3.48
CA UNK G 499 -57.71 58.59 2.80
C UNK G 499 -59.14 59.12 2.82
N UNK G 500 -60.02 58.39 2.13
CA UNK G 500 -61.46 58.62 2.10
C UNK G 500 -62.07 57.52 1.23
N UNK G 501 -63.39 57.44 1.21
CA UNK G 501 -64.00 56.43 0.35
C UNK G 501 -64.99 57.02 -0.65
N UNK G 502 -66.22 57.29 -0.22
CA UNK G 502 -67.23 57.89 -1.08
C UNK G 502 -68.01 58.91 -0.28
N UNK G 503 -67.90 60.19 -0.65
CA UNK G 503 -68.52 61.27 0.09
C UNK G 503 -68.13 62.62 -0.48
N UNK G 504 -68.68 63.69 0.11
CA UNK G 504 -68.22 65.05 -0.10
C UNK G 504 -67.70 65.60 1.23
N UNK G 505 -66.56 66.30 1.19
CA UNK G 505 -65.99 66.74 2.44
C UNK G 505 -65.94 68.25 2.58
N UNK G 506 -64.95 68.91 1.99
CA UNK G 506 -64.79 70.34 2.23
C UNK G 506 -63.71 70.91 1.33
N UNK G 507 -63.51 72.22 1.46
CA UNK G 507 -62.30 72.87 0.98
C UNK G 507 -61.20 72.78 2.03
N UNK G 508 -61.46 73.33 3.23
CA UNK G 508 -60.49 73.26 4.32
C UNK G 508 -59.99 71.84 4.52
N UNK G 509 -60.79 70.86 4.15
CA UNK G 509 -60.28 69.52 3.91
C UNK G 509 -58.99 69.60 3.12
N UNK G 510 -59.08 70.10 1.88
CA UNK G 510 -57.88 70.27 1.08
C UNK G 510 -56.91 71.26 1.71
N UNK G 511 -57.36 72.10 2.64
CA UNK G 511 -56.41 72.90 3.39
C UNK G 511 -55.57 72.04 4.32
N UNK G 512 -56.04 70.83 4.63
CA UNK G 512 -55.13 69.85 5.20
C UNK G 512 -54.28 69.19 4.12
N UNK G 513 -54.83 69.06 2.90
CA UNK G 513 -54.20 68.50 1.68
C UNK G 513 -53.72 67.08 1.96
N UNK G 514 -52.57 66.66 1.39
CA UNK G 514 -52.08 65.29 1.46
C UNK G 514 -53.19 64.27 1.26
N UNK G 515 -53.70 64.12 0.03
CA UNK G 515 -54.95 63.41 -0.19
C UNK G 515 -54.73 61.97 -0.62
N UNK G 516 -55.61 61.08 -0.14
CA UNK G 516 -55.77 59.76 -0.71
C UNK G 516 -57.16 59.23 -0.39
N UNK G 517 -57.66 58.35 -1.25
CA UNK G 517 -59.01 57.81 -1.08
C UNK G 517 -59.14 56.59 -2.00
N UNK G 518 -60.35 56.04 -2.04
CA UNK G 518 -60.66 54.94 -2.94
C UNK G 518 -62.10 55.07 -3.41
N UNK G 519 -62.33 54.90 -4.71
CA UNK G 519 -63.67 55.01 -5.27
C UNK G 519 -63.86 53.96 -6.36
N UNK G 520 -64.94 53.19 -6.24
CA UNK G 520 -65.34 52.28 -7.31
C UNK G 520 -66.10 53.04 -8.39
N UNK G 521 -66.10 52.48 -9.60
CA UNK G 521 -66.92 52.98 -10.70
C UNK G 521 -66.46 54.36 -11.15
N UNK G 522 -65.45 54.91 -10.47
CA UNK G 522 -64.92 56.24 -10.76
C UNK G 522 -66.01 57.30 -10.64
N UNK G 523 -66.41 57.55 -9.40
CA UNK G 523 -67.31 58.66 -9.11
C UNK G 523 -66.59 59.99 -9.28
N UNK G 524 -67.37 61.05 -9.52
CA UNK G 524 -66.80 62.36 -9.81
C UNK G 524 -66.15 63.01 -8.60
N UNK G 525 -66.57 62.65 -7.39
CA UNK G 525 -66.06 63.31 -6.20
C UNK G 525 -64.56 63.06 -6.01
N UNK G 526 -64.15 61.79 -5.99
CA UNK G 526 -62.79 61.44 -5.63
C UNK G 526 -61.75 62.14 -6.49
N UNK G 527 -62.10 62.44 -7.74
CA UNK G 527 -61.17 63.14 -8.61
C UNK G 527 -60.70 64.44 -7.98
N UNK G 528 -61.53 65.04 -7.13
CA UNK G 528 -61.12 66.26 -6.44
C UNK G 528 -59.85 66.03 -5.66
N UNK G 529 -59.87 65.07 -4.74
CA UNK G 529 -58.69 64.76 -3.98
C UNK G 529 -57.63 64.14 -4.87
N UNK G 530 -56.39 64.18 -4.40
CA UNK G 530 -55.28 63.57 -5.10
C UNK G 530 -55.14 62.12 -4.69
N UNK G 531 -54.79 61.27 -5.66
CA UNK G 531 -54.43 59.88 -5.44
C UNK G 531 -55.55 59.10 -4.75
N UNK G 532 -56.63 58.90 -5.49
CA UNK G 532 -57.64 57.95 -5.05
C UNK G 532 -57.15 56.53 -5.35
N UNK G 533 -57.93 55.53 -4.95
CA UNK G 533 -57.56 54.13 -5.19
C UNK G 533 -58.69 53.42 -5.89
N UNK G 534 -58.37 52.75 -6.99
CA UNK G 534 -59.38 51.99 -7.72
C UNK G 534 -60.01 50.96 -6.80
N UNK G 535 -61.34 50.85 -6.84
CA UNK G 535 -62.08 49.98 -5.94
C UNK G 535 -62.86 48.95 -6.73
N UNK G 536 -63.51 48.04 -6.00
CA UNK G 536 -64.20 46.90 -6.60
C UNK G 536 -65.69 47.18 -6.66
N UNK G 537 -66.29 46.88 -7.80
CA UNK G 537 -67.72 47.11 -7.97
C UNK G 537 -68.52 46.05 -7.25
N UNK G 538 -69.79 46.39 -6.97
CA UNK G 538 -70.70 45.43 -6.37
C UNK G 538 -70.81 44.18 -7.21
N UNK G 539 -70.86 44.34 -8.54
CA UNK G 539 -70.94 43.19 -9.42
C UNK G 539 -69.78 42.23 -9.18
N UNK G 540 -68.56 42.66 -9.44
CA UNK G 540 -67.42 41.76 -9.37
C UNK G 540 -67.22 41.23 -7.96
N UNK G 541 -67.23 42.12 -6.96
CA UNK G 541 -66.80 41.74 -5.63
C UNK G 541 -67.85 40.87 -4.96
N UNK G 542 -67.46 39.67 -4.55
CA UNK G 542 -68.18 39.02 -3.47
C UNK G 542 -68.04 39.88 -2.22
N UNK G 543 -69.04 39.85 -1.36
CA UNK G 543 -69.04 40.78 -0.24
C UNK G 543 -69.87 40.21 0.91
N UNK G 544 -70.13 41.06 1.89
CA UNK G 544 -70.93 40.74 3.04
C UNK G 544 -71.84 41.93 3.34
N UNK G 545 -73.07 41.66 3.74
CA UNK G 545 -74.01 42.72 4.06
C UNK G 545 -75.14 42.14 4.90
N UNK G 546 -76.07 43.01 5.30
CA UNK G 546 -77.29 42.61 5.97
C UNK G 546 -78.34 43.67 5.73
N UNK G 547 -79.61 43.26 5.85
CA UNK G 547 -80.71 44.17 5.61
C UNK G 547 -80.77 45.25 6.70
N UNK G 548 -81.51 46.32 6.41
CA UNK G 548 -81.84 47.26 7.46
C UNK G 548 -82.53 46.59 8.64
N UNK G 549 -83.13 45.43 8.39
CA UNK G 549 -83.60 44.53 9.44
C UNK G 549 -82.55 43.51 9.84
N UNK G 550 -81.32 43.64 9.34
CA UNK G 550 -80.21 42.72 9.58
C UNK G 550 -80.53 41.32 9.04
N UNK G 551 -80.59 41.25 7.72
CA UNK G 551 -80.66 39.98 7.01
C UNK G 551 -79.36 39.80 6.25
N UNK G 552 -78.51 38.91 6.75
CA UNK G 552 -77.16 38.80 6.24
C UNK G 552 -77.14 38.11 4.89
N UNK G 553 -76.48 38.73 3.92
CA UNK G 553 -76.30 38.18 2.59
C UNK G 553 -74.82 38.24 2.22
N UNK G 554 -74.30 37.12 1.70
CA UNK G 554 -72.95 37.08 1.17
C UNK G 554 -73.02 37.35 -0.33
N UNK G 555 -72.52 38.51 -0.74
CA UNK G 555 -72.65 38.94 -2.12
C UNK G 555 -71.79 38.10 -3.04
N UNK G 556 -72.37 37.75 -4.19
CA UNK G 556 -71.70 36.89 -5.16
C UNK G 556 -70.51 37.60 -5.79
N UNK G 557 -69.65 36.80 -6.40
CA UNK G 557 -68.42 37.28 -7.02
C UNK G 557 -68.50 37.13 -8.54
N UNK G 558 -68.47 38.26 -9.25
CA UNK G 558 -68.16 38.26 -10.67
C UNK G 558 -66.68 38.61 -10.84
N UNK G 559 -66.20 38.61 -12.07
CA UNK G 559 -64.77 38.80 -12.32
C UNK G 559 -64.55 40.12 -13.05
N UNK G 560 -64.03 41.10 -12.33
CA UNK G 560 -63.54 42.31 -12.98
C UNK G 560 -62.32 42.81 -12.23
N UNK G 561 -61.24 43.05 -12.97
CA UNK G 561 -60.11 43.81 -12.45
C UNK G 561 -59.61 44.73 -13.55
N UNK G 562 -59.64 46.02 -13.31
CA UNK G 562 -58.94 46.95 -14.20
C UNK G 562 -57.56 47.25 -13.64
N UNK G 563 -57.51 47.86 -12.48
CA UNK G 563 -56.31 47.89 -11.67
C UNK G 563 -56.19 46.57 -10.93
N UNK G 564 -55.29 46.54 -9.95
CA UNK G 564 -55.27 45.43 -9.00
C UNK G 564 -56.66 45.23 -8.41
N UNK G 565 -57.08 43.99 -8.32
CA UNK G 565 -58.43 43.71 -7.84
C UNK G 565 -58.51 43.95 -6.34
N UNK G 566 -59.73 43.85 -5.80
CA UNK G 566 -59.98 43.98 -4.37
C UNK G 566 -61.19 43.10 -3.99
N UNK G 567 -61.17 42.33 -2.89
CA UNK G 567 -60.13 42.22 -1.86
C UNK G 567 -59.78 43.56 -1.27
N UNK G 568 -60.81 44.37 -1.04
CA UNK G 568 -60.63 45.63 -0.34
C UNK G 568 -59.86 45.41 0.95
N UNK G 569 -60.09 44.27 1.59
CA UNK G 569 -59.20 43.82 2.65
C UNK G 569 -57.79 43.74 2.10
N UNK G 570 -57.53 42.76 1.25
CA UNK G 570 -56.19 42.62 0.69
C UNK G 570 -55.77 43.84 -0.09
N UNK G 571 -56.70 44.74 -0.41
CA UNK G 571 -56.29 46.06 -0.83
C UNK G 571 -55.65 46.82 0.32
N UNK G 572 -56.28 46.78 1.48
CA UNK G 572 -55.69 47.38 2.67
C UNK G 572 -54.38 46.69 2.99
N UNK G 573 -54.45 45.43 3.41
CA UNK G 573 -53.27 44.67 3.76
C UNK G 573 -52.25 44.69 2.64
N UNK G 574 -52.70 44.96 1.42
CA UNK G 574 -51.76 45.17 0.33
C UNK G 574 -50.69 46.17 0.73
N UNK G 575 -51.04 47.13 1.56
CA UNK G 575 -50.06 47.72 2.45
C UNK G 575 -50.44 47.25 3.85
N UNK G 576 -49.74 46.24 4.32
CA UNK G 576 -49.72 45.90 5.73
C UNK G 576 -48.27 45.66 6.06
N UNK G 577 -47.75 44.53 5.59
CA UNK G 577 -46.30 44.34 5.62
C UNK G 577 -45.62 45.34 4.71
N UNK G 578 -46.25 45.68 3.59
CA UNK G 578 -45.77 46.79 2.78
C UNK G 578 -45.63 48.03 3.64
N UNK G 579 -46.53 48.20 4.59
CA UNK G 579 -46.39 49.23 5.61
C UNK G 579 -45.72 48.71 6.87
N UNK G 580 -45.29 47.45 6.88
CA UNK G 580 -44.84 46.77 8.09
C UNK G 580 -45.93 46.77 9.15
N UNK G 581 -47.03 46.11 8.81
CA UNK G 581 -48.20 46.04 9.69
C UNK G 581 -48.87 44.69 9.51
N UNK G 582 -49.75 44.37 10.45
CA UNK G 582 -50.32 43.03 10.55
C UNK G 582 -51.24 42.74 9.37
N UNK G 583 -51.20 41.49 8.91
CA UNK G 583 -52.20 41.01 7.97
C UNK G 583 -53.56 40.88 8.64
N UNK G 584 -53.58 40.51 9.93
CA UNK G 584 -54.78 40.49 10.75
C UNK G 584 -55.81 39.48 10.27
N UNK G 585 -55.58 38.87 9.11
CA UNK G 585 -56.46 37.82 8.63
C UNK G 585 -55.68 36.87 7.74
N UNK G 586 -56.00 35.58 7.85
CA UNK G 586 -55.40 34.60 6.95
C UNK G 586 -56.00 34.70 5.56
N UNK G 587 -57.32 34.60 5.47
CA UNK G 587 -58.05 34.68 4.22
C UNK G 587 -59.23 35.60 4.41
N UNK G 588 -59.84 35.99 3.29
CA UNK G 588 -61.07 36.79 3.38
C UNK G 588 -62.13 36.06 4.16
N UNK G 589 -62.26 34.75 3.94
CA UNK G 589 -63.01 33.93 4.86
C UNK G 589 -62.48 34.12 6.28
N UNK G 590 -61.21 33.78 6.49
CA UNK G 590 -60.61 34.00 7.79
C UNK G 590 -60.71 35.46 8.22
N UNK G 591 -60.81 36.39 7.27
CA UNK G 591 -61.13 37.76 7.65
C UNK G 591 -62.50 37.83 8.29
N UNK G 592 -63.47 37.08 7.76
CA UNK G 592 -64.75 36.97 8.44
C UNK G 592 -64.58 36.33 9.81
N UNK G 593 -63.66 35.37 9.92
CA UNK G 593 -63.36 34.82 11.23
C UNK G 593 -62.82 35.89 12.17
N UNK G 594 -62.16 36.91 11.63
CA UNK G 594 -61.85 38.08 12.46
C UNK G 594 -63.11 38.86 12.76
N UNK G 595 -64.05 38.91 11.80
CA UNK G 595 -65.35 39.51 12.03
C UNK G 595 -66.16 38.73 13.05
N UNK G 596 -65.66 37.59 13.52
CA UNK G 596 -66.28 36.95 14.68
C UNK G 596 -66.46 37.97 15.81
N UNK G 597 -65.48 38.84 16.01
CA UNK G 597 -65.71 40.00 16.85
C UNK G 597 -66.89 40.77 16.30
N UNK G 598 -67.87 41.03 17.17
CA UNK G 598 -69.20 41.58 16.90
C UNK G 598 -70.17 40.50 16.42
N UNK G 599 -69.70 39.31 16.06
CA UNK G 599 -70.51 38.10 15.98
C UNK G 599 -71.83 38.31 15.22
N UNK G 600 -71.70 38.67 13.96
CA UNK G 600 -72.79 38.53 13.00
C UNK G 600 -72.19 37.80 11.82
N UNK G 601 -72.61 36.55 11.60
CA UNK G 601 -71.96 35.70 10.62
C UNK G 601 -72.97 35.06 9.68
N UNK G 602 -72.95 35.47 8.42
CA UNK G 602 -73.37 34.64 7.30
C UNK G 602 -74.82 34.21 7.37
N UNK G 603 -75.50 34.51 8.47
CA UNK G 603 -76.77 33.87 8.74
C UNK G 603 -77.84 34.36 7.77
N UNK G 604 -79.03 33.82 7.94
CA UNK G 604 -80.16 34.20 7.10
C UNK G 604 -80.56 35.63 7.37
N UNK G 605 -85.86 47.07 24.17
CA UNK G 605 -87.12 46.93 24.91
C UNK G 605 -87.11 47.82 26.14
N UNK G 606 -86.95 47.20 27.32
CA UNK G 606 -86.61 47.99 28.50
C UNK G 606 -85.25 48.62 28.31
N UNK G 607 -84.39 47.98 27.52
CA UNK G 607 -83.29 48.71 26.91
C UNK G 607 -83.83 49.94 26.18
N UNK G 608 -84.84 49.74 25.34
CA UNK G 608 -85.34 50.83 24.50
C UNK G 608 -86.17 51.81 25.33
N UNK G 609 -87.37 51.39 25.74
CA UNK G 609 -88.19 52.27 26.55
C UNK G 609 -87.45 52.69 27.81
N UNK G 610 -86.93 51.71 28.54
CA UNK G 610 -86.28 52.02 29.81
C UNK G 610 -84.86 52.54 29.57
N UNK G 611 -83.93 51.65 29.19
CA UNK G 611 -82.54 52.09 29.09
C UNK G 611 -82.33 53.14 28.01
N UNK G 612 -83.27 53.27 27.08
CA UNK G 612 -83.27 54.41 26.18
C UNK G 612 -84.17 55.52 26.67
N UNK G 613 -84.83 55.35 27.81
CA UNK G 613 -85.27 56.50 28.57
C UNK G 613 -84.14 57.06 29.40
N UNK G 614 -83.14 56.23 29.69
CA UNK G 614 -81.88 56.72 30.24
C UNK G 614 -81.07 57.39 29.15
N UNK G 615 -80.72 56.62 28.12
CA UNK G 615 -80.08 57.19 26.93
C UNK G 615 -80.83 58.42 26.44
N UNK G 616 -82.08 58.25 26.06
CA UNK G 616 -82.85 59.35 25.48
C UNK G 616 -83.09 60.46 26.50
N UNK G 617 -83.63 60.11 27.68
CA UNK G 617 -84.07 61.13 28.62
C UNK G 617 -82.92 61.85 29.31
N UNK G 618 -81.70 61.31 29.26
CA UNK G 618 -80.59 61.94 29.95
C UNK G 618 -80.29 63.32 29.36
N UNK G 619 -79.95 63.37 28.08
CA UNK G 619 -79.82 64.64 27.40
C UNK G 619 -81.18 65.15 26.98
N UNK G 620 -81.30 66.48 26.85
CA UNK G 620 -82.55 67.08 26.44
C UNK G 620 -82.27 68.37 25.67
N UNK G 621 -83.10 68.63 24.67
CA UNK G 621 -83.06 69.85 23.89
C UNK G 621 -84.31 69.86 23.01
N UNK G 622 -84.41 70.87 22.17
CA UNK G 622 -85.39 70.87 21.09
C UNK G 622 -84.90 71.82 20.01
N UNK G 623 -85.62 71.84 18.91
CA UNK G 623 -85.30 72.65 17.74
C UNK G 623 -86.30 72.32 16.65
N UNK G 624 -86.20 73.05 15.55
CA UNK G 624 -86.95 72.77 14.33
C UNK G 624 -86.54 73.78 13.27
N UNK G 625 -86.77 73.40 12.01
CA UNK G 625 -86.73 74.31 10.88
C UNK G 625 -87.97 74.06 10.03
N UNK G 626 -88.03 72.87 9.42
CA UNK G 626 -89.16 72.30 8.71
C UNK G 626 -88.75 70.92 8.23
N UNK G 627 -89.73 70.08 7.93
CA UNK G 627 -89.49 68.71 7.53
C UNK G 627 -89.91 68.54 6.08
N UNK G 628 -88.93 68.37 5.20
CA UNK G 628 -89.19 68.13 3.80
C UNK G 628 -88.46 66.87 3.37
N UNK G 629 -88.66 66.48 2.11
CA UNK G 629 -88.10 65.24 1.60
C UNK G 629 -87.66 65.46 0.16
N UNK G 630 -86.96 64.46 -0.37
CA UNK G 630 -86.61 64.50 -1.77
C UNK G 630 -87.87 64.57 -2.64
N UNK G 631 -87.71 65.20 -3.80
CA UNK G 631 -88.80 65.40 -4.74
C UNK G 631 -88.99 64.13 -5.57
N UNK G 632 -89.76 64.22 -6.66
CA UNK G 632 -90.12 63.05 -7.43
C UNK G 632 -89.08 62.82 -8.51
N UNK G 633 -88.27 61.78 -8.33
CA UNK G 633 -87.17 61.41 -9.20
C UNK G 633 -86.40 60.25 -8.58
N UNK G 634 -85.53 59.61 -9.35
CA UNK G 634 -84.56 58.67 -8.82
C UNK G 634 -83.23 58.92 -9.51
N UNK G 635 -82.21 59.31 -8.73
CA UNK G 635 -80.91 59.60 -9.31
C UNK G 635 -79.83 58.85 -8.56
N UNK G 636 -79.67 59.17 -7.28
CA UNK G 636 -78.65 58.60 -6.42
C UNK G 636 -77.27 58.72 -7.07
N UNK G 637 -76.42 57.70 -6.89
CA UNK G 637 -75.12 57.73 -7.52
C UNK G 637 -75.26 57.50 -9.02
N UNK G 638 -75.89 56.40 -9.39
CA UNK G 638 -76.09 55.98 -10.76
C UNK G 638 -74.75 56.02 -11.48
N UNK G 639 -74.78 56.35 -12.77
CA UNK G 639 -73.62 56.47 -13.64
C UNK G 639 -74.10 56.66 -15.07
N UNK G 640 -73.17 56.85 -16.00
CA UNK G 640 -73.49 56.76 -17.42
C UNK G 640 -73.94 55.34 -17.75
N UNK G 641 -74.99 55.20 -18.56
CA UNK G 641 -75.64 56.31 -19.23
C UNK G 641 -77.15 56.29 -19.08
N UNK G 642 -77.76 55.22 -19.59
CA UNK G 642 -79.19 55.17 -19.88
C UNK G 642 -80.06 55.78 -18.79
N UNK G 643 -79.99 55.20 -17.59
CA UNK G 643 -80.91 55.58 -16.51
C UNK G 643 -81.04 57.09 -16.39
N UNK G 644 -79.92 57.79 -16.49
CA UNK G 644 -79.96 59.24 -16.66
C UNK G 644 -80.94 59.61 -17.75
N UNK G 645 -80.67 59.14 -18.98
CA UNK G 645 -81.54 59.47 -20.10
C UNK G 645 -83.00 59.17 -19.81
N UNK G 646 -83.26 58.11 -19.05
CA UNK G 646 -84.63 57.86 -18.61
C UNK G 646 -85.15 59.04 -17.81
N UNK G 647 -84.36 59.51 -16.85
CA UNK G 647 -84.75 60.70 -16.12
C UNK G 647 -84.97 61.87 -17.05
N UNK G 648 -84.17 61.96 -18.12
CA UNK G 648 -84.36 63.02 -19.10
C UNK G 648 -85.74 62.90 -19.74
N UNK G 649 -86.13 61.68 -20.08
CA UNK G 649 -87.48 61.46 -20.57
C UNK G 649 -88.49 61.93 -19.54
N UNK G 650 -88.21 61.69 -18.27
CA UNK G 650 -89.09 62.20 -17.22
C UNK G 650 -89.16 63.72 -17.26
N UNK G 651 -88.08 64.37 -17.69
CA UNK G 651 -88.08 65.81 -17.77
C UNK G 651 -88.95 66.26 -18.93
N UNK G 652 -88.53 65.91 -20.15
CA UNK G 652 -89.32 66.22 -21.32
C UNK G 652 -90.50 65.26 -21.42
N UNK H 1 -11.18 1.83 -78.53
CA UNK H 1 -10.37 1.53 -77.37
C UNK H 1 -11.16 1.82 -76.11
N UNK H 2 -10.84 2.95 -75.48
CA UNK H 2 -11.66 3.42 -74.38
C UNK H 2 -13.09 3.69 -74.82
N UNK H 3 -13.36 3.71 -76.12
CA UNK H 3 -14.74 3.73 -76.58
C UNK H 3 -15.54 2.61 -75.94
N UNK H 4 -14.86 1.57 -75.49
CA UNK H 4 -15.46 0.66 -74.54
C UNK H 4 -16.03 1.43 -73.37
N UNK H 5 -15.19 2.24 -72.72
CA UNK H 5 -15.69 3.05 -71.61
C UNK H 5 -16.81 3.96 -72.08
N UNK H 6 -16.76 4.41 -73.33
CA UNK H 6 -17.91 5.11 -73.89
C UNK H 6 -19.15 4.25 -73.78
N UNK H 7 -19.02 2.95 -74.07
CA UNK H 7 -20.14 2.05 -73.86
C UNK H 7 -20.51 1.93 -72.39
N UNK H 8 -19.54 2.09 -71.48
CA UNK H 8 -19.90 2.12 -70.07
C UNK H 8 -20.81 3.30 -69.76
N UNK H 9 -20.48 4.48 -70.29
CA UNK H 9 -21.37 5.63 -70.15
C UNK H 9 -22.73 5.32 -70.74
N UNK H 10 -22.74 4.74 -71.94
CA UNK H 10 -23.99 4.29 -72.54
C UNK H 10 -24.76 3.42 -71.57
N UNK H 11 -24.04 2.65 -70.75
CA UNK H 11 -24.68 1.81 -69.76
C UNK H 11 -25.22 2.68 -68.63
N UNK H 12 -24.59 3.81 -68.35
CA UNK H 12 -25.07 4.64 -67.25
C UNK H 12 -26.33 5.39 -67.63
N UNK H 13 -26.28 6.18 -68.71
CA UNK H 13 -27.48 6.89 -69.14
C UNK H 13 -28.54 5.88 -69.52
N UNK H 14 -28.10 4.77 -70.10
CA UNK H 14 -28.97 3.63 -70.30
C UNK H 14 -29.68 3.28 -69.01
N UNK H 15 -28.91 3.14 -67.92
CA UNK H 15 -29.48 2.72 -66.65
C UNK H 15 -30.58 3.67 -66.22
N UNK H 16 -30.27 4.96 -66.20
CA UNK H 16 -31.28 5.94 -65.86
C UNK H 16 -32.52 5.78 -66.73
N UNK H 17 -32.32 5.54 -68.02
CA UNK H 17 -33.46 5.36 -68.92
C UNK H 17 -34.33 4.19 -68.47
N UNK H 18 -33.72 3.02 -68.31
CA UNK H 18 -34.45 1.85 -67.84
C UNK H 18 -35.17 2.13 -66.53
N UNK H 19 -34.63 3.02 -65.71
CA UNK H 19 -35.36 3.43 -64.51
C UNK H 19 -36.62 4.19 -64.88
N UNK H 20 -36.47 5.25 -65.67
CA UNK H 20 -37.62 6.02 -66.13
C UNK H 20 -38.71 5.10 -66.66
N UNK H 21 -38.38 4.36 -67.72
CA UNK H 21 -39.30 3.39 -68.28
C UNK H 21 -39.86 2.49 -67.20
N UNK H 22 -39.02 2.08 -66.26
CA UNK H 22 -39.48 1.17 -65.21
C UNK H 22 -40.66 1.77 -64.48
N UNK H 23 -40.47 2.95 -63.90
CA UNK H 23 -41.59 3.61 -63.22
C UNK H 23 -42.74 3.84 -64.16
N UNK H 24 -42.45 4.03 -65.44
CA UNK H 24 -43.50 4.39 -66.38
C UNK H 24 -44.41 3.20 -66.56
N UNK H 25 -43.86 2.13 -67.13
CA UNK H 25 -44.61 0.89 -67.29
C UNK H 25 -45.27 0.50 -65.98
N UNK H 26 -44.56 0.69 -64.87
CA UNK H 26 -45.17 0.48 -63.57
C UNK H 26 -46.52 1.18 -63.51
N UNK H 27 -46.54 2.45 -63.90
CA UNK H 27 -47.80 3.15 -63.97
C UNK H 27 -48.73 2.50 -65.00
N UNK H 28 -48.19 2.11 -66.15
CA UNK H 28 -48.99 1.59 -67.25
C UNK H 28 -49.84 0.42 -66.79
N UNK H 29 -49.21 -0.70 -66.47
CA UNK H 29 -49.97 -1.82 -65.96
C UNK H 29 -50.64 -1.51 -64.63
N UNK H 30 -50.17 -0.47 -63.93
CA UNK H 30 -50.66 -0.17 -62.60
C UNK H 30 -52.13 0.19 -62.59
N UNK H 31 -52.75 0.26 -63.78
CA UNK H 31 -54.14 0.62 -63.98
C UNK H 31 -54.39 2.07 -63.62
N UNK H 32 -53.39 2.77 -63.14
CA UNK H 32 -53.47 4.19 -62.85
C UNK H 32 -52.66 4.95 -63.87
N UNK H 33 -53.05 6.20 -64.12
CA UNK H 33 -52.39 7.00 -65.14
C UNK H 33 -51.02 7.48 -64.67
N UNK H 34 -50.05 7.40 -65.57
CA UNK H 34 -48.70 7.88 -65.31
C UNK H 34 -48.70 9.40 -65.17
N UNK H 35 -47.60 9.92 -64.64
CA UNK H 35 -47.42 11.36 -64.57
C UNK H 35 -47.60 11.97 -65.95
N UNK H 36 -48.52 12.91 -66.05
CA UNK H 36 -48.83 13.48 -67.36
C UNK H 36 -47.86 14.61 -67.67
N UNK H 37 -48.03 15.73 -66.98
CA UNK H 37 -47.15 16.87 -67.17
C UNK H 37 -45.83 16.60 -66.46
N UNK H 38 -44.98 17.62 -66.40
CA UNK H 38 -43.68 17.60 -65.73
C UNK H 38 -42.70 16.69 -66.45
N UNK H 39 -43.20 15.85 -67.34
CA UNK H 39 -42.37 14.92 -68.09
C UNK H 39 -42.76 15.03 -69.55
N UNK H 40 -41.77 14.82 -70.42
CA UNK H 40 -41.92 15.18 -71.83
C UNK H 40 -42.90 14.28 -72.57
N UNK H 41 -42.52 13.03 -72.77
CA UNK H 41 -43.35 12.07 -73.51
C UNK H 41 -44.80 11.84 -73.03
N UNK H 42 -45.12 11.77 -71.73
CA UNK H 42 -44.32 12.17 -70.56
C UNK H 42 -43.04 11.38 -70.34
N UNK H 43 -41.93 12.11 -70.24
CA UNK H 43 -40.59 11.55 -70.12
C UNK H 43 -39.80 12.18 -69.00
N UNK H 44 -39.54 13.49 -69.14
CA UNK H 44 -38.46 14.15 -68.42
C UNK H 44 -38.49 13.87 -66.93
N UNK H 45 -39.62 14.13 -66.28
CA UNK H 45 -39.68 14.19 -64.83
C UNK H 45 -39.13 12.96 -64.16
N UNK H 46 -39.11 11.83 -64.85
CA UNK H 46 -38.48 10.65 -64.29
C UNK H 46 -37.02 10.98 -64.00
N UNK H 47 -36.24 11.12 -65.07
CA UNK H 47 -34.82 11.38 -64.91
C UNK H 47 -34.58 12.66 -64.14
N UNK H 48 -35.38 13.68 -64.40
CA UNK H 48 -35.23 14.94 -63.70
C UNK H 48 -35.33 14.74 -62.20
N UNK H 49 -36.45 14.19 -61.76
CA UNK H 49 -36.63 13.89 -60.35
C UNK H 49 -35.48 13.05 -59.82
N UNK H 50 -34.99 12.13 -60.64
CA UNK H 50 -33.81 11.37 -60.24
C UNK H 50 -32.67 12.31 -59.86
N UNK H 51 -32.33 13.21 -60.76
CA UNK H 51 -31.29 14.18 -60.46
C UNK H 51 -31.64 14.96 -59.19
N UNK H 52 -32.91 15.26 -59.00
CA UNK H 52 -33.32 16.04 -57.84
C UNK H 52 -32.99 15.31 -56.56
N UNK H 53 -33.54 14.11 -56.39
CA UNK H 53 -33.24 13.33 -55.19
C UNK H 53 -31.75 13.11 -55.05
N UNK H 54 -31.03 13.01 -56.16
CA UNK H 54 -29.58 13.05 -56.08
C UNK H 54 -29.13 14.33 -55.40
N UNK H 55 -29.84 15.42 -55.61
CA UNK H 55 -29.53 16.70 -55.01
C UNK H 55 -30.23 16.91 -53.68
N UNK H 56 -30.91 15.88 -53.17
CA UNK H 56 -31.87 16.08 -52.09
C UNK H 56 -31.25 16.57 -50.78
N UNK H 57 -29.92 16.65 -50.67
CA UNK H 57 -29.27 17.10 -49.44
C UNK H 57 -29.63 16.19 -48.27
N UNK H 58 -29.02 15.01 -48.29
CA UNK H 58 -29.33 13.95 -47.35
C UNK H 58 -28.74 14.24 -45.98
N UNK H 59 -28.77 13.25 -45.10
CA UNK H 59 -28.39 13.40 -43.71
C UNK H 59 -27.37 12.36 -43.31
N UNK H 60 -26.75 12.58 -42.16
CA UNK H 60 -25.68 11.73 -41.67
C UNK H 60 -26.22 10.40 -41.14
N UNK H 61 -25.31 9.44 -41.02
CA UNK H 61 -25.61 8.13 -40.46
C UNK H 61 -24.84 7.99 -39.14
N UNK H 62 -25.59 8.03 -38.04
CA UNK H 62 -25.02 8.00 -36.70
C UNK H 62 -24.60 6.59 -36.27
N UNK H 63 -23.75 6.55 -35.24
CA UNK H 63 -23.57 5.39 -34.38
C UNK H 63 -22.93 4.20 -35.09
N UNK H 64 -22.13 4.45 -36.12
CA UNK H 64 -21.32 3.40 -36.70
C UNK H 64 -20.12 4.05 -37.38
N UNK H 65 -19.03 3.30 -37.51
CA UNK H 65 -17.87 3.80 -38.23
C UNK H 65 -18.15 3.66 -39.72
N UNK H 66 -18.21 4.80 -40.42
CA UNK H 66 -18.74 4.79 -41.77
C UNK H 66 -17.71 4.39 -42.81
N UNK H 67 -16.48 4.09 -42.38
CA UNK H 67 -15.50 3.54 -43.31
C UNK H 67 -16.12 2.39 -44.09
N UNK H 68 -16.74 1.45 -43.38
CA UNK H 68 -17.46 0.39 -44.07
C UNK H 68 -18.61 0.95 -44.88
N UNK H 69 -19.33 1.94 -44.33
CA UNK H 69 -20.49 2.49 -45.02
C UNK H 69 -20.12 2.98 -46.40
N UNK H 70 -18.91 3.45 -46.57
CA UNK H 70 -18.43 3.93 -47.87
C UNK H 70 -18.52 2.84 -48.92
N UNK H 71 -17.67 1.82 -48.77
CA UNK H 71 -17.39 0.91 -49.88
C UNK H 71 -18.60 0.13 -50.33
N UNK H 72 -19.73 0.25 -49.64
CA UNK H 72 -20.91 -0.52 -50.00
C UNK H 72 -21.26 -0.33 -51.47
N UNK H 73 -21.77 0.85 -51.80
CA UNK H 73 -22.12 1.11 -53.18
C UNK H 73 -20.92 1.01 -54.09
N UNK H 74 -19.72 1.18 -53.54
CA UNK H 74 -18.52 0.99 -54.33
C UNK H 74 -18.56 -0.41 -54.91
N UNK H 75 -18.45 -1.41 -54.03
CA UNK H 75 -18.51 -2.78 -54.48
C UNK H 75 -19.75 -3.04 -55.30
N UNK H 76 -20.83 -2.34 -55.00
CA UNK H 76 -22.03 -2.51 -55.79
C UNK H 76 -21.75 -2.21 -57.25
N UNK H 77 -21.55 -0.92 -57.55
CA UNK H 77 -21.33 -0.50 -58.92
C UNK H 77 -20.17 -1.24 -59.55
N UNK H 78 -19.20 -1.63 -58.74
CA UNK H 78 -18.14 -2.49 -59.22
C UNK H 78 -18.73 -3.76 -59.80
N UNK H 79 -19.51 -4.48 -59.00
CA UNK H 79 -20.13 -5.71 -59.47
C UNK H 79 -20.96 -5.45 -60.71
N UNK H 80 -21.64 -4.31 -60.76
CA UNK H 80 -22.40 -3.94 -61.95
C UNK H 80 -21.51 -3.89 -63.17
N UNK H 81 -20.56 -2.97 -63.16
CA UNK H 81 -19.62 -2.82 -64.25
C UNK H 81 -19.00 -4.16 -64.63
N UNK H 82 -18.81 -5.03 -63.65
CA UNK H 82 -18.40 -6.39 -63.97
C UNK H 82 -19.45 -7.08 -64.80
N UNK H 83 -20.70 -7.04 -64.33
CA UNK H 83 -21.77 -7.77 -65.00
C UNK H 83 -21.86 -7.38 -66.46
N UNK H 84 -22.03 -6.09 -66.72
CA UNK H 84 -22.06 -5.66 -68.11
C UNK H 84 -20.72 -5.95 -68.79
N UNK H 85 -19.63 -5.85 -68.04
CA UNK H 85 -18.30 -5.91 -68.64
C UNK H 85 -18.06 -7.26 -69.28
N UNK H 86 -18.10 -8.31 -68.47
CA UNK H 86 -17.98 -9.64 -69.03
C UNK H 86 -19.19 -10.02 -69.85
N UNK H 87 -20.32 -9.36 -69.60
CA UNK H 87 -21.55 -9.72 -70.29
C UNK H 87 -21.32 -9.87 -71.79
N UNK H 88 -20.55 -8.95 -72.34
CA UNK H 88 -20.10 -9.06 -73.73
C UNK H 88 -21.28 -9.37 -74.62
N UNK H 89 -21.19 -10.49 -75.33
CA UNK H 89 -22.16 -10.87 -76.35
C UNK H 89 -22.29 -9.67 -77.29
N UNK H 90 -23.49 -9.44 -77.82
CA UNK H 90 -23.60 -8.40 -78.85
C UNK H 90 -22.55 -8.70 -79.91
N UNK H 91 -21.49 -7.91 -79.90
CA UNK H 91 -20.49 -7.88 -80.96
C UNK H 91 -19.91 -9.18 -81.55
N UNK H 92 -19.51 -10.20 -80.79
CA UNK H 92 -19.86 -10.46 -79.40
C UNK H 92 -18.88 -9.96 -78.35
N UNK H 93 -17.89 -9.18 -78.74
CA UNK H 93 -16.87 -8.67 -77.83
C UNK H 93 -17.51 -8.00 -76.60
N UNK H 94 -16.86 -8.04 -75.43
CA UNK H 94 -15.45 -8.43 -75.26
C UNK H 94 -15.21 -9.92 -75.22
N UNK H 95 -13.97 -10.30 -74.90
CA UNK H 95 -13.56 -11.68 -74.91
C UNK H 95 -12.92 -12.04 -73.57
N UNK H 96 -13.03 -13.32 -73.22
CA UNK H 96 -12.46 -13.84 -71.99
C UNK H 96 -12.25 -15.34 -72.13
N UNK H 97 -11.43 -15.89 -71.25
CA UNK H 97 -11.16 -17.33 -71.28
C UNK H 97 -12.45 -18.14 -71.22
N UNK H 98 -13.07 -18.20 -70.06
CA UNK H 98 -14.40 -18.79 -69.92
C UNK H 98 -15.23 -17.86 -69.04
N UNK H 99 -16.26 -17.25 -69.62
CA UNK H 99 -16.92 -16.13 -68.96
C UNK H 99 -17.94 -16.59 -67.93
N UNK H 100 -18.72 -17.63 -68.26
CA UNK H 100 -19.84 -18.01 -67.39
C UNK H 100 -19.39 -18.08 -65.94
N UNK H 101 -18.21 -18.63 -65.72
CA UNK H 101 -17.60 -18.54 -64.41
C UNK H 101 -17.62 -17.12 -63.89
N UNK H 102 -17.15 -16.18 -64.71
CA UNK H 102 -17.14 -14.78 -64.27
C UNK H 102 -18.55 -14.33 -63.90
N UNK H 103 -19.54 -14.74 -64.69
CA UNK H 103 -20.91 -14.37 -64.39
C UNK H 103 -21.29 -14.81 -62.98
N UNK H 104 -21.17 -16.11 -62.72
CA UNK H 104 -21.58 -16.63 -61.42
C UNK H 104 -20.81 -15.96 -60.29
N UNK H 105 -19.49 -15.86 -60.45
CA UNK H 105 -18.67 -15.25 -59.42
C UNK H 105 -19.17 -13.86 -59.08
N UNK H 106 -19.36 -13.03 -60.10
CA UNK H 106 -19.94 -11.71 -59.89
C UNK H 106 -21.21 -11.82 -59.08
N UNK H 107 -22.09 -12.75 -59.47
CA UNK H 107 -23.33 -12.95 -58.75
C UNK H 107 -23.05 -13.16 -57.26
N UNK H 108 -22.02 -13.93 -56.94
CA UNK H 108 -21.68 -14.12 -55.54
C UNK H 108 -21.24 -12.82 -54.90
N UNK H 109 -20.27 -12.15 -55.51
CA UNK H 109 -19.75 -10.91 -54.94
C UNK H 109 -20.85 -9.93 -54.65
N UNK H 110 -21.93 -9.98 -55.41
CA UNK H 110 -23.11 -9.19 -55.07
C UNK H 110 -23.57 -9.50 -53.64
N UNK H 111 -23.81 -10.78 -53.36
CA UNK H 111 -24.14 -11.17 -52.01
C UNK H 111 -23.12 -10.62 -51.04
N UNK H 112 -21.83 -10.78 -51.37
CA UNK H 112 -20.77 -10.24 -50.53
C UNK H 112 -21.00 -8.77 -50.24
N UNK H 113 -21.56 -8.05 -51.21
CA UNK H 113 -21.80 -6.63 -51.03
C UNK H 113 -22.97 -6.41 -50.08
N UNK H 114 -24.15 -6.87 -50.45
CA UNK H 114 -25.31 -6.66 -49.59
C UNK H 114 -25.01 -7.08 -48.17
N UNK H 115 -24.10 -8.03 -48.00
CA UNK H 115 -23.69 -8.47 -46.69
C UNK H 115 -22.81 -7.44 -46.02
N UNK H 116 -21.59 -7.27 -46.52
CA UNK H 116 -20.65 -6.36 -45.88
C UNK H 116 -21.32 -5.02 -45.60
N UNK H 117 -22.11 -4.55 -46.56
CA UNK H 117 -22.97 -3.40 -46.31
C UNK H 117 -23.89 -3.66 -45.13
N UNK H 118 -24.56 -4.80 -45.15
CA UNK H 118 -25.57 -5.09 -44.16
C UNK H 118 -24.97 -4.96 -42.76
N UNK H 119 -24.02 -5.82 -42.41
CA UNK H 119 -23.39 -5.71 -41.10
C UNK H 119 -22.82 -4.33 -40.87
N UNK H 120 -22.30 -3.72 -41.94
CA UNK H 120 -21.77 -2.36 -41.81
C UNK H 120 -22.80 -1.42 -41.23
N UNK H 121 -24.08 -1.66 -41.54
CA UNK H 121 -25.13 -0.78 -41.02
C UNK H 121 -25.10 -0.72 -39.49
N UNK H 122 -24.83 -1.86 -38.85
CA UNK H 122 -24.70 -1.93 -37.39
C UNK H 122 -25.98 -1.47 -36.68
N UNK H 123 -27.01 -2.32 -36.78
CA UNK H 123 -28.24 -2.10 -36.04
C UNK H 123 -28.95 -3.42 -35.83
N UNK H 124 -29.74 -3.48 -34.76
CA UNK H 124 -30.46 -4.68 -34.37
C UNK H 124 -31.37 -5.19 -35.48
N UNK H 125 -32.44 -4.44 -35.75
CA UNK H 125 -33.34 -4.80 -36.84
C UNK H 125 -32.56 -5.04 -38.10
N UNK H 126 -31.58 -4.17 -38.38
CA UNK H 126 -30.69 -4.40 -39.49
C UNK H 126 -29.95 -5.72 -39.34
N UNK H 127 -29.71 -6.16 -38.12
CA UNK H 127 -28.98 -7.40 -37.94
C UNK H 127 -29.85 -8.58 -38.33
N UNK H 128 -30.94 -8.80 -37.61
CA UNK H 128 -31.81 -9.93 -37.92
C UNK H 128 -32.25 -9.90 -39.37
N UNK H 129 -32.78 -8.75 -39.78
CA UNK H 129 -33.16 -8.58 -41.19
C UNK H 129 -32.02 -8.99 -42.08
N UNK H 130 -30.81 -8.53 -41.77
CA UNK H 130 -29.65 -8.88 -42.57
C UNK H 130 -29.49 -10.38 -42.65
N UNK H 131 -29.78 -11.08 -41.55
CA UNK H 131 -29.78 -12.53 -41.61
C UNK H 131 -30.74 -13.01 -42.68
N UNK H 132 -31.98 -12.54 -42.62
CA UNK H 132 -32.95 -12.95 -43.64
C UNK H 132 -32.41 -12.69 -45.04
N UNK H 133 -31.78 -11.54 -45.23
CA UNK H 133 -31.11 -11.24 -46.48
C UNK H 133 -30.14 -12.36 -46.84
N UNK H 134 -29.31 -12.74 -45.89
CA UNK H 134 -28.37 -13.83 -46.13
C UNK H 134 -29.10 -15.07 -46.59
N UNK H 135 -30.24 -15.36 -45.98
CA UNK H 135 -31.04 -16.50 -46.42
C UNK H 135 -31.31 -16.39 -47.91
N UNK H 136 -31.88 -15.26 -48.31
CA UNK H 136 -32.07 -15.02 -49.74
C UNK H 136 -30.79 -15.27 -50.49
N UNK H 137 -29.67 -14.80 -49.95
CA UNK H 137 -28.38 -14.85 -50.60
C UNK H 137 -28.02 -16.29 -50.93
N UNK H 138 -27.82 -17.10 -49.91
CA UNK H 138 -27.46 -18.50 -50.16
C UNK H 138 -28.48 -19.16 -51.06
N UNK H 139 -29.77 -18.92 -50.78
CA UNK H 139 -30.85 -19.53 -51.53
C UNK H 139 -30.66 -19.34 -53.03
N UNK H 140 -30.82 -18.09 -53.46
CA UNK H 140 -30.63 -17.78 -54.87
C UNK H 140 -29.26 -18.22 -55.36
N UNK H 141 -28.25 -18.14 -54.50
CA UNK H 141 -26.89 -18.44 -54.89
C UNK H 141 -26.80 -19.87 -55.41
N UNK H 142 -26.88 -20.83 -54.49
CA UNK H 142 -26.80 -22.22 -54.88
C UNK H 142 -27.88 -22.56 -55.90
N UNK H 143 -28.99 -21.84 -55.86
CA UNK H 143 -29.98 -21.98 -56.90
C UNK H 143 -29.32 -21.78 -58.26
N UNK H 144 -28.72 -20.61 -58.45
CA UNK H 144 -28.01 -20.33 -59.68
C UNK H 144 -26.97 -21.38 -59.97
N UNK H 145 -26.30 -21.85 -58.92
CA UNK H 145 -25.35 -22.95 -59.10
C UNK H 145 -26.00 -24.08 -59.88
N UNK H 146 -27.05 -24.66 -59.32
CA UNK H 146 -27.77 -25.71 -60.02
C UNK H 146 -28.15 -25.26 -61.42
N UNK H 147 -28.59 -24.01 -61.55
CA UNK H 147 -29.06 -23.51 -62.82
C UNK H 147 -27.99 -23.64 -63.88
N UNK H 148 -26.97 -22.79 -63.81
CA UNK H 148 -25.92 -22.79 -64.80
C UNK H 148 -25.34 -24.17 -64.96
N UNK H 149 -25.27 -24.91 -63.86
CA UNK H 149 -24.90 -26.31 -63.93
C UNK H 149 -25.66 -26.99 -65.05
N UNK H 150 -26.99 -27.01 -64.92
CA UNK H 150 -27.79 -27.58 -66.00
C UNK H 150 -27.54 -26.88 -67.32
N UNK H 151 -27.28 -25.58 -67.29
CA UNK H 151 -27.15 -24.80 -68.50
C UNK H 151 -26.06 -25.40 -69.37
N UNK H 152 -24.82 -25.35 -68.89
CA UNK H 152 -23.76 -26.00 -69.65
C UNK H 152 -23.98 -27.50 -69.75
N UNK H 153 -24.71 -28.08 -68.81
CA UNK H 153 -25.01 -29.51 -68.92
C UNK H 153 -25.65 -29.80 -70.26
N UNK H 154 -26.49 -28.88 -70.75
CA UNK H 154 -26.92 -28.99 -72.14
C UNK H 154 -25.73 -28.93 -73.08
N UNK H 155 -25.14 -27.75 -73.25
CA UNK H 155 -23.97 -27.58 -74.10
C UNK H 155 -22.82 -27.14 -73.20
N UNK H 156 -21.85 -28.02 -73.03
CA UNK H 156 -20.79 -27.81 -72.06
C UNK H 156 -19.90 -26.63 -72.43
N UNK H 157 -20.16 -26.01 -73.57
CA UNK H 157 -19.28 -25.00 -74.12
C UNK H 157 -18.99 -23.93 -73.07
N UNK H 158 -17.71 -23.71 -72.82
CA UNK H 158 -17.28 -22.71 -71.85
C UNK H 158 -17.31 -21.34 -72.52
N UNK H 159 -16.77 -20.34 -71.83
CA UNK H 159 -16.85 -18.96 -72.28
C UNK H 159 -18.31 -18.61 -72.56
N UNK H 160 -18.55 -17.84 -73.62
CA UNK H 160 -19.92 -17.45 -73.98
C UNK H 160 -20.18 -17.61 -75.46
N UNK H 161 -19.47 -16.82 -76.27
CA UNK H 161 -19.67 -16.82 -77.71
C UNK H 161 -19.66 -18.23 -78.26
N UNK H 162 -18.86 -19.11 -77.65
CA UNK H 162 -18.96 -20.52 -77.97
C UNK H 162 -20.40 -20.96 -77.94
N UNK H 163 -21.10 -20.65 -76.86
CA UNK H 163 -22.52 -20.95 -76.80
C UNK H 163 -23.30 -20.08 -77.78
N UNK H 164 -22.78 -18.90 -78.10
CA UNK H 164 -23.59 -17.96 -78.87
C UNK H 164 -23.71 -18.49 -80.28
N UNK H 165 -22.60 -18.53 -81.00
CA UNK H 165 -22.60 -19.23 -82.27
C UNK H 165 -23.15 -20.63 -82.12
N UNK H 166 -22.90 -21.26 -80.98
CA UNK H 166 -23.40 -22.60 -80.74
C UNK H 166 -24.92 -22.64 -80.70
N UNK H 167 -25.59 -21.48 -80.68
CA UNK H 167 -27.04 -21.50 -80.78
C UNK H 167 -27.49 -22.21 -82.04
N UNK H 168 -26.72 -22.08 -83.13
CA UNK H 168 -26.88 -22.90 -84.32
C UNK H 168 -28.31 -22.90 -84.83
N UNK H 169 -28.95 -24.05 -84.78
CA UNK H 169 -30.22 -24.24 -85.46
C UNK H 169 -31.34 -23.38 -84.86
N UNK H 170 -31.62 -23.57 -83.56
CA UNK H 170 -32.90 -23.08 -83.03
C UNK H 170 -32.72 -22.59 -81.61
N UNK H 171 -33.85 -22.30 -80.95
CA UNK H 171 -33.86 -21.65 -79.65
C UNK H 171 -33.56 -22.66 -78.54
N UNK H 172 -32.51 -22.38 -77.76
CA UNK H 172 -32.10 -23.30 -76.71
C UNK H 172 -33.16 -23.41 -75.63
N UNK H 173 -33.60 -22.27 -75.10
CA UNK H 173 -34.67 -22.29 -74.12
C UNK H 173 -35.87 -23.08 -74.62
N UNK H 174 -36.21 -22.91 -75.90
CA UNK H 174 -37.27 -23.71 -76.49
C UNK H 174 -37.02 -25.18 -76.27
N UNK H 175 -35.76 -25.60 -76.37
CA UNK H 175 -35.45 -27.01 -76.16
C UNK H 175 -35.66 -27.42 -74.72
N UNK H 176 -35.43 -26.52 -73.77
CA UNK H 176 -35.53 -26.86 -72.35
C UNK H 176 -36.92 -26.47 -71.87
N UNK H 177 -37.76 -27.48 -71.62
CA UNK H 177 -39.10 -27.19 -71.11
C UNK H 177 -39.04 -26.48 -69.78
N UNK H 178 -38.75 -27.21 -68.70
CA UNK H 178 -38.84 -26.64 -67.37
C UNK H 178 -37.51 -26.13 -66.84
N UNK H 179 -36.38 -26.51 -67.45
CA UNK H 179 -35.13 -25.93 -67.02
C UNK H 179 -35.18 -24.43 -67.19
N UNK H 180 -35.81 -23.99 -68.27
CA UNK H 180 -36.16 -22.59 -68.41
C UNK H 180 -36.88 -22.10 -67.17
N UNK H 181 -37.98 -22.77 -66.80
CA UNK H 181 -38.76 -22.32 -65.65
C UNK H 181 -37.89 -22.12 -64.43
N UNK H 182 -36.95 -23.04 -64.22
CA UNK H 182 -35.92 -22.81 -63.21
C UNK H 182 -35.28 -21.46 -63.41
N UNK H 183 -34.63 -21.26 -64.56
CA UNK H 183 -33.96 -19.98 -64.81
C UNK H 183 -34.89 -18.81 -64.56
N UNK H 184 -36.18 -18.99 -64.82
CA UNK H 184 -37.15 -17.97 -64.50
C UNK H 184 -37.18 -17.73 -63.00
N UNK H 185 -37.12 -18.80 -62.22
CA UNK H 185 -36.99 -18.62 -60.79
C UNK H 185 -35.71 -17.86 -60.47
N UNK H 186 -34.65 -18.13 -61.21
CA UNK H 186 -33.41 -17.39 -61.02
C UNK H 186 -33.65 -15.91 -61.22
N UNK H 187 -34.41 -15.56 -62.25
CA UNK H 187 -34.87 -14.19 -62.36
C UNK H 187 -35.55 -13.77 -61.07
N UNK H 188 -36.53 -14.56 -60.65
CA UNK H 188 -37.21 -14.30 -59.39
C UNK H 188 -36.25 -14.34 -58.22
N UNK H 189 -35.08 -14.92 -58.42
CA UNK H 189 -34.23 -15.19 -57.27
C UNK H 189 -33.64 -13.92 -56.66
N UNK H 190 -32.97 -13.10 -57.44
CA UNK H 190 -32.11 -12.06 -56.88
C UNK H 190 -32.91 -10.79 -56.69
N UNK H 191 -33.19 -10.45 -55.43
CA UNK H 191 -33.75 -9.15 -55.06
C UNK H 191 -34.90 -8.76 -55.97
N UNK H 192 -35.65 -9.75 -56.41
CA UNK H 192 -36.54 -9.59 -57.56
C UNK H 192 -37.95 -9.16 -57.17
N UNK H 193 -38.19 -8.89 -55.89
CA UNK H 193 -39.51 -8.56 -55.35
C UNK H 193 -40.43 -9.77 -55.34
N UNK H 194 -40.05 -10.84 -56.06
CA UNK H 194 -40.64 -12.13 -55.75
C UNK H 194 -40.18 -12.58 -54.39
N UNK H 195 -38.94 -12.28 -54.04
CA UNK H 195 -38.49 -12.36 -52.67
C UNK H 195 -39.31 -11.45 -51.77
N UNK H 196 -39.65 -10.26 -52.26
CA UNK H 196 -40.55 -9.34 -51.55
C UNK H 196 -40.03 -9.00 -50.16
N UNK H 197 -38.72 -9.08 -49.96
CA UNK H 197 -38.16 -8.69 -48.68
C UNK H 197 -38.49 -7.22 -48.41
N UNK H 198 -39.11 -6.97 -47.26
CA UNK H 198 -39.60 -5.64 -46.91
C UNK H 198 -40.53 -5.09 -47.98
N UNK H 199 -31.26 2.00 -44.97
CA UNK H 199 -31.29 3.42 -44.61
C UNK H 199 -30.03 4.12 -45.10
N UNK H 200 -29.51 3.67 -46.24
CA UNK H 200 -28.35 4.29 -46.85
C UNK H 200 -28.73 5.55 -47.62
N UNK H 201 -27.79 6.50 -47.69
CA UNK H 201 -28.00 7.79 -48.34
C UNK H 201 -28.38 7.68 -49.81
N UNK H 202 -27.48 7.16 -50.63
CA UNK H 202 -27.69 7.16 -52.07
C UNK H 202 -28.38 5.88 -52.50
N UNK H 203 -29.65 6.00 -52.88
CA UNK H 203 -30.41 4.86 -53.39
C UNK H 203 -29.88 4.50 -54.75
N UNK H 204 -28.95 5.33 -55.25
CA UNK H 204 -28.17 4.96 -56.42
C UNK H 204 -27.68 3.55 -56.26
N UNK H 205 -27.27 3.23 -55.03
CA UNK H 205 -27.04 1.84 -54.65
C UNK H 205 -28.20 0.96 -55.08
N UNK H 206 -29.36 1.16 -54.46
CA UNK H 206 -30.49 0.27 -54.65
C UNK H 206 -30.92 0.15 -56.10
N UNK H 207 -31.51 1.22 -56.63
CA UNK H 207 -31.99 1.17 -58.01
C UNK H 207 -30.87 0.82 -58.99
N UNK H 208 -29.62 1.14 -58.65
CA UNK H 208 -28.52 0.65 -59.45
C UNK H 208 -28.54 -0.87 -59.49
N UNK H 209 -28.69 -1.50 -58.32
CA UNK H 209 -28.87 -2.94 -58.32
C UNK H 209 -30.08 -3.33 -59.14
N UNK H 210 -31.11 -2.48 -59.16
CA UNK H 210 -32.21 -2.75 -60.05
C UNK H 210 -31.74 -2.79 -61.49
N UNK H 211 -30.77 -1.95 -61.83
CA UNK H 211 -30.17 -2.05 -63.15
C UNK H 211 -29.46 -3.37 -63.30
N UNK H 212 -28.76 -3.81 -62.25
CA UNK H 212 -28.17 -5.14 -62.28
C UNK H 212 -29.23 -6.16 -62.62
N UNK H 213 -30.45 -5.95 -62.13
CA UNK H 213 -31.55 -6.81 -62.54
C UNK H 213 -31.84 -6.64 -64.02
N UNK H 214 -31.73 -5.42 -64.52
CA UNK H 214 -31.97 -5.22 -65.94
C UNK H 214 -30.98 -6.02 -66.77
N UNK H 215 -29.73 -5.58 -66.78
CA UNK H 215 -28.73 -6.22 -67.61
C UNK H 215 -28.56 -7.69 -67.26
N UNK H 216 -28.95 -8.08 -66.06
CA UNK H 216 -28.99 -9.49 -65.72
C UNK H 216 -30.08 -10.18 -66.51
N UNK H 217 -31.29 -9.63 -66.46
CA UNK H 217 -32.39 -10.14 -67.28
C UNK H 217 -31.95 -10.27 -68.72
N UNK H 218 -31.11 -9.34 -69.16
CA UNK H 218 -30.43 -9.52 -70.43
C UNK H 218 -29.55 -10.76 -70.37
N UNK H 219 -28.79 -10.91 -69.29
CA UNK H 219 -27.79 -11.97 -69.23
C UNK H 219 -28.43 -13.32 -69.46
N UNK H 220 -29.33 -13.73 -68.58
CA UNK H 220 -30.07 -14.95 -68.84
C UNK H 220 -30.84 -14.86 -70.14
N UNK H 221 -31.34 -13.67 -70.47
CA UNK H 221 -32.23 -13.49 -71.60
C UNK H 221 -31.61 -13.98 -72.89
N UNK H 222 -30.61 -13.27 -73.38
CA UNK H 222 -29.84 -13.78 -74.49
C UNK H 222 -29.29 -15.15 -74.15
N UNK H 223 -28.80 -15.32 -72.93
CA UNK H 223 -28.32 -16.61 -72.48
C UNK H 223 -29.38 -17.68 -72.64
N UNK H 224 -30.66 -17.31 -72.61
CA UNK H 224 -31.70 -18.29 -72.88
C UNK H 224 -31.72 -18.72 -74.34
N UNK H 225 -31.16 -17.92 -75.23
CA UNK H 225 -31.11 -18.23 -76.66
C UNK H 225 -32.52 -18.41 -77.23
N UNK H 226 -33.19 -17.26 -77.36
CA UNK H 226 -34.50 -17.17 -77.99
C UNK H 226 -34.49 -17.53 -79.47
N UNK H 227 -33.32 -17.82 -80.03
CA UNK H 227 -33.04 -17.93 -81.49
C UNK H 227 -33.33 -16.57 -82.12
N UNK H 228 -33.92 -16.54 -83.33
CA UNK H 228 -33.95 -15.33 -84.14
C UNK H 228 -32.59 -14.66 -84.15
N UNK H 229 -31.56 -15.45 -84.42
CA UNK H 229 -30.20 -15.07 -84.11
C UNK H 229 -29.60 -14.20 -85.18
N UNK H 230 -28.82 -13.21 -84.74
CA UNK H 230 -27.99 -12.45 -85.66
C UNK H 230 -26.86 -13.34 -86.19
N UNK H 231 -26.26 -12.89 -87.30
CA UNK H 231 -25.21 -13.66 -87.94
C UNK H 231 -24.35 -12.73 -88.76
N UNK H 232 -23.20 -13.26 -89.19
CA UNK H 232 -22.42 -12.63 -90.24
C UNK H 232 -23.34 -12.40 -91.43
N UNK H 233 -23.12 -11.35 -92.21
CA UNK H 233 -21.89 -10.58 -92.18
C UNK H 233 -21.92 -9.33 -91.32
N UNK H 234 -23.03 -9.04 -90.63
CA UNK H 234 -23.06 -7.81 -89.85
C UNK H 234 -24.35 -7.70 -89.04
N UNK H 235 -24.27 -6.85 -88.02
CA UNK H 235 -25.40 -6.30 -87.28
C UNK H 235 -26.44 -7.34 -86.87
N UNK H 236 -27.71 -6.98 -87.02
CA UNK H 236 -28.85 -7.87 -86.89
C UNK H 236 -29.18 -8.24 -85.46
N UNK H 237 -28.27 -8.00 -84.53
CA UNK H 237 -28.53 -8.44 -83.16
C UNK H 237 -29.48 -7.50 -82.43
N UNK H 238 -29.55 -6.24 -82.85
CA UNK H 238 -30.37 -5.25 -82.14
C UNK H 238 -31.79 -5.74 -81.96
N UNK H 239 -32.32 -6.46 -82.93
CA UNK H 239 -33.62 -7.08 -82.79
C UNK H 239 -33.61 -8.01 -81.59
N UNK H 240 -32.81 -9.06 -81.67
CA UNK H 240 -32.81 -10.09 -80.65
C UNK H 240 -32.63 -9.49 -79.27
N UNK H 241 -31.55 -8.73 -79.10
CA UNK H 241 -31.28 -8.14 -77.79
C UNK H 241 -32.40 -7.22 -77.37
N UNK H 242 -32.83 -6.35 -78.27
CA UNK H 242 -33.85 -5.36 -77.96
C UNK H 242 -35.14 -6.00 -77.49
N UNK H 243 -35.84 -6.65 -78.43
CA UNK H 243 -37.11 -7.28 -78.10
C UNK H 243 -36.93 -8.24 -76.94
N UNK H 244 -35.78 -8.90 -76.89
CA UNK H 244 -35.43 -9.72 -75.73
C UNK H 244 -35.68 -8.94 -74.45
N UNK H 245 -34.96 -7.83 -74.29
CA UNK H 245 -35.17 -6.96 -73.14
C UNK H 245 -36.64 -6.64 -72.97
N UNK H 246 -37.33 -6.34 -74.07
CA UNK H 246 -38.75 -6.04 -73.99
C UNK H 246 -39.47 -7.13 -73.21
N UNK H 247 -39.31 -8.38 -73.62
CA UNK H 247 -39.89 -9.48 -72.87
C UNK H 247 -39.40 -9.45 -71.42
N UNK H 248 -38.11 -9.28 -71.23
CA UNK H 248 -37.50 -9.38 -69.92
C UNK H 248 -38.16 -8.43 -68.93
N UNK H 249 -37.93 -7.13 -69.12
CA UNK H 249 -38.55 -6.16 -68.24
C UNK H 249 -40.06 -6.30 -68.24
N UNK H 250 -40.62 -6.74 -69.35
CA UNK H 250 -42.06 -6.88 -69.48
C UNK H 250 -42.61 -7.77 -68.39
N UNK H 251 -42.31 -9.06 -68.47
CA UNK H 251 -42.77 -9.97 -67.43
C UNK H 251 -42.24 -9.55 -66.07
N UNK H 252 -41.02 -8.98 -66.05
CA UNK H 252 -40.47 -8.47 -64.79
C UNK H 252 -41.47 -7.58 -64.09
N UNK H 253 -42.13 -6.71 -64.84
CA UNK H 253 -43.16 -5.87 -64.25
C UNK H 253 -44.44 -6.64 -64.01
N UNK H 254 -44.88 -7.39 -65.03
CA UNK H 254 -46.18 -8.07 -64.94
C UNK H 254 -46.27 -8.87 -63.66
N UNK H 255 -45.33 -9.77 -63.45
CA UNK H 255 -45.23 -10.46 -62.17
C UNK H 255 -44.92 -9.48 -61.07
N UNK H 256 -43.95 -8.60 -61.30
CA UNK H 256 -43.61 -7.59 -60.30
C UNK H 256 -44.82 -6.78 -59.91
N UNK H 257 -45.84 -6.77 -60.74
CA UNK H 257 -47.12 -6.21 -60.35
C UNK H 257 -48.07 -7.23 -59.76
N UNK H 258 -47.73 -8.52 -59.82
CA UNK H 258 -48.71 -9.57 -59.60
C UNK H 258 -48.20 -10.60 -58.61
N UNK H 259 -49.10 -11.48 -58.19
CA UNK H 259 -48.84 -12.75 -57.51
C UNK H 259 -48.65 -12.63 -56.01
N UNK H 260 -48.70 -11.44 -55.43
CA UNK H 260 -48.52 -11.24 -53.98
C UNK H 260 -47.10 -11.66 -53.60
N UNK H 261 -46.91 -12.42 -52.53
CA UNK H 261 -45.58 -12.69 -52.01
C UNK H 261 -45.45 -14.15 -51.62
N UNK H 262 -44.21 -14.56 -51.37
CA UNK H 262 -43.88 -15.94 -51.02
C UNK H 262 -43.71 -16.18 -49.52
N UNK H 263 -43.98 -15.17 -48.68
CA UNK H 263 -43.60 -15.18 -47.28
C UNK H 263 -42.11 -15.49 -47.16
N UNK H 264 -41.70 -16.26 -46.16
CA UNK H 264 -40.27 -16.56 -46.05
C UNK H 264 -40.04 -18.04 -45.81
N UNK H 265 -40.40 -18.50 -44.60
CA UNK H 265 -40.33 -19.91 -44.31
C UNK H 265 -41.10 -20.70 -45.34
N UNK H 266 -42.20 -20.13 -45.81
CA UNK H 266 -42.84 -20.61 -47.02
C UNK H 266 -41.81 -20.56 -48.15
N UNK H 267 -41.40 -19.35 -48.50
CA UNK H 267 -40.45 -19.17 -49.60
C UNK H 267 -39.25 -20.09 -49.43
N UNK H 268 -38.66 -20.09 -48.25
CA UNK H 268 -37.56 -21.00 -47.98
C UNK H 268 -37.95 -22.43 -48.29
N UNK H 269 -39.14 -22.83 -47.88
CA UNK H 269 -39.59 -24.19 -48.15
C UNK H 269 -39.63 -24.45 -49.65
N UNK H 270 -40.08 -23.47 -50.42
CA UNK H 270 -40.02 -23.59 -51.86
C UNK H 270 -38.59 -23.81 -52.32
N UNK H 271 -37.66 -23.06 -51.75
CA UNK H 271 -36.25 -23.28 -52.06
C UNK H 271 -35.83 -24.71 -51.75
N UNK H 272 -36.42 -25.31 -50.72
CA UNK H 272 -36.08 -26.68 -50.39
C UNK H 272 -36.61 -27.64 -51.44
N UNK H 273 -37.91 -27.59 -51.69
CA UNK H 273 -38.53 -28.48 -52.66
C UNK H 273 -37.86 -28.32 -54.00
N UNK H 274 -38.07 -27.15 -54.62
CA UNK H 274 -37.48 -26.87 -55.93
C UNK H 274 -35.97 -27.05 -55.92
N UNK H 275 -35.34 -26.95 -54.75
CA UNK H 275 -33.94 -27.31 -54.66
C UNK H 275 -33.74 -28.77 -54.99
N UNK H 276 -34.42 -29.64 -54.25
CA UNK H 276 -34.31 -31.07 -54.47
C UNK H 276 -34.68 -31.42 -55.90
N UNK H 277 -35.95 -31.21 -56.23
CA UNK H 277 -36.43 -31.52 -57.57
C UNK H 277 -35.55 -30.88 -58.63
N UNK H 278 -35.01 -29.71 -58.33
CA UNK H 278 -34.06 -29.07 -59.22
C UNK H 278 -32.90 -30.01 -59.48
N UNK H 279 -32.11 -30.29 -58.45
CA UNK H 279 -30.92 -31.14 -58.62
C UNK H 279 -31.27 -32.43 -59.34
N UNK H 280 -32.42 -32.99 -59.01
CA UNK H 280 -32.95 -34.11 -59.79
C UNK H 280 -32.93 -33.79 -61.27
N UNK H 281 -33.68 -32.75 -61.66
CA UNK H 281 -33.73 -32.35 -63.05
C UNK H 281 -32.34 -32.13 -63.63
N UNK H 282 -31.37 -31.77 -62.80
CA UNK H 282 -30.01 -31.65 -63.27
C UNK H 282 -29.45 -33.00 -63.68
N UNK H 283 -29.58 -33.98 -62.77
CA UNK H 283 -29.21 -35.34 -63.13
C UNK H 283 -29.88 -35.76 -64.42
N UNK H 284 -31.09 -35.27 -64.64
CA UNK H 284 -31.75 -35.52 -65.92
C UNK H 284 -31.05 -34.80 -67.05
N UNK H 285 -30.54 -33.59 -66.80
CA UNK H 285 -29.89 -32.83 -67.86
C UNK H 285 -28.65 -33.56 -68.34
N UNK H 286 -27.71 -33.80 -67.44
CA UNK H 286 -26.52 -34.54 -67.84
C UNK H 286 -26.87 -35.93 -68.33
N UNK H 287 -27.90 -36.52 -67.75
CA UNK H 287 -28.35 -37.83 -68.15
C UNK H 287 -28.72 -37.85 -69.62
N UNK H 288 -29.86 -37.22 -69.96
CA UNK H 288 -30.31 -37.20 -71.34
C UNK H 288 -29.23 -36.66 -72.26
N UNK H 289 -28.36 -35.80 -71.73
CA UNK H 289 -27.18 -35.38 -72.47
C UNK H 289 -26.38 -36.60 -72.91
N UNK H 290 -26.02 -37.45 -71.95
CA UNK H 290 -25.30 -38.67 -72.28
C UNK H 290 -26.11 -39.55 -73.21
N UNK H 291 -27.44 -39.56 -73.05
CA UNK H 291 -28.29 -40.31 -73.96
C UNK H 291 -28.02 -39.87 -75.39
N UNK H 292 -27.97 -38.56 -75.61
CA UNK H 292 -27.48 -38.07 -76.88
C UNK H 292 -26.08 -38.54 -77.13
N UNK H 293 -25.25 -38.57 -76.08
CA UNK H 293 -23.82 -38.80 -76.22
C UNK H 293 -23.25 -37.89 -77.29
N UNK H 294 -23.78 -36.67 -77.36
CA UNK H 294 -23.35 -35.74 -78.37
C UNK H 294 -22.33 -34.77 -77.81
N UNK H 295 -21.15 -34.77 -78.39
CA UNK H 295 -20.04 -33.93 -77.94
C UNK H 295 -20.05 -32.63 -78.74
N UNK H 296 -20.06 -31.50 -78.04
CA UNK H 296 -19.99 -30.22 -78.71
C UNK H 296 -18.63 -30.02 -79.38
N UNK H 297 -17.63 -30.78 -78.96
CA UNK H 297 -16.29 -30.70 -79.50
C UNK H 297 -15.72 -29.29 -79.36
N UNK I 1 -68.99 -23.49 -47.99
CA UNK I 1 -68.27 -23.58 -49.25
C UNK I 1 -66.93 -24.28 -49.06
N UNK I 2 -66.90 -25.58 -49.39
CA UNK I 2 -65.78 -26.43 -49.07
C UNK I 2 -66.04 -27.86 -49.55
N UNK I 3 -65.09 -28.76 -49.29
CA UNK I 3 -65.25 -30.18 -49.52
C UNK I 3 -65.43 -30.50 -51.01
N UNK I 4 -64.51 -29.97 -51.81
CA UNK I 4 -64.51 -30.20 -53.25
C UNK I 4 -63.70 -31.43 -53.66
N UNK I 5 -63.21 -32.22 -52.70
CA UNK I 5 -62.29 -33.31 -52.99
C UNK I 5 -62.82 -34.22 -54.09
N UNK I 6 -61.96 -34.51 -55.07
CA UNK I 6 -62.35 -35.22 -56.29
C UNK I 6 -61.91 -36.69 -56.27
N UNK I 7 -60.60 -36.92 -56.23
CA UNK I 7 -60.02 -38.26 -56.22
C UNK I 7 -60.39 -39.03 -57.49
N UNK I 8 -59.78 -38.59 -58.59
CA UNK I 8 -59.93 -39.24 -59.88
C UNK I 8 -58.60 -39.24 -60.61
N UNK I 9 -58.43 -40.19 -61.53
CA UNK I 9 -57.30 -40.12 -62.43
C UNK I 9 -57.30 -38.78 -63.16
N UNK I 10 -58.49 -38.32 -63.56
CA UNK I 10 -58.63 -36.96 -64.02
C UNK I 10 -58.18 -35.98 -62.93
N UNK I 11 -58.61 -36.22 -61.70
CA UNK I 11 -58.16 -35.35 -60.61
C UNK I 11 -56.66 -35.48 -60.41
N UNK I 12 -56.08 -36.63 -60.75
CA UNK I 12 -54.63 -36.71 -60.77
C UNK I 12 -54.06 -35.84 -61.88
N UNK I 13 -54.80 -35.67 -62.96
CA UNK I 13 -54.36 -34.72 -63.98
C UNK I 13 -54.46 -33.29 -63.44
N UNK I 14 -55.47 -33.01 -62.63
CA UNK I 14 -55.48 -31.75 -61.92
C UNK I 14 -54.25 -31.63 -61.04
N UNK I 15 -53.85 -32.74 -60.42
CA UNK I 15 -52.60 -32.76 -59.69
C UNK I 15 -51.47 -32.34 -60.61
N UNK I 16 -51.49 -32.81 -61.85
CA UNK I 16 -50.49 -32.36 -62.82
C UNK I 16 -50.56 -30.86 -63.02
N UNK I 17 -51.78 -30.33 -63.15
CA UNK I 17 -51.94 -28.89 -63.25
C UNK I 17 -51.20 -28.21 -62.11
N UNK I 18 -51.42 -28.69 -60.90
CA UNK I 18 -50.69 -28.15 -59.76
C UNK I 18 -49.19 -28.29 -59.96
N UNK I 19 -48.75 -29.41 -60.54
CA UNK I 19 -47.34 -29.56 -60.82
C UNK I 19 -46.85 -28.42 -61.69
N UNK I 20 -47.66 -28.01 -62.64
CA UNK I 20 -47.45 -26.71 -63.25
C UNK I 20 -47.87 -25.62 -62.28
N UNK I 21 -49.17 -25.59 -61.96
CA UNK I 21 -49.80 -24.59 -61.11
C UNK I 21 -49.81 -23.25 -61.82
N UNK I 22 -49.04 -23.15 -62.90
CA UNK I 22 -48.88 -21.87 -63.58
C UNK I 22 -50.19 -21.37 -64.13
N UNK I 23 -51.15 -22.28 -64.40
CA UNK I 23 -52.45 -21.88 -64.90
C UNK I 23 -53.00 -20.72 -64.09
N UNK I 24 -52.76 -20.75 -62.78
CA UNK I 24 -52.95 -19.58 -61.94
C UNK I 24 -52.29 -18.38 -62.59
N UNK I 25 -50.95 -18.37 -62.62
CA UNK I 25 -50.21 -17.20 -63.07
C UNK I 25 -50.71 -16.71 -64.42
N UNK I 26 -50.92 -17.64 -65.34
CA UNK I 26 -51.48 -17.30 -66.65
C UNK I 26 -52.77 -16.52 -66.48
N UNK I 27 -53.73 -17.11 -65.77
CA UNK I 27 -54.98 -16.40 -65.52
C UNK I 27 -54.71 -15.01 -64.97
N UNK I 28 -53.77 -14.90 -64.04
CA UNK I 28 -53.44 -13.64 -63.41
C UNK I 28 -53.00 -12.57 -64.40
N UNK I 29 -51.78 -12.70 -64.94
CA UNK I 29 -51.26 -11.64 -65.78
C UNK I 29 -52.14 -11.45 -67.00
N UNK I 30 -52.87 -12.50 -67.39
CA UNK I 30 -53.92 -12.31 -68.38
C UNK I 30 -54.91 -11.25 -67.92
N UNK I 31 -55.53 -11.48 -66.77
CA UNK I 31 -56.43 -10.48 -66.22
C UNK I 31 -55.76 -9.13 -66.13
N UNK I 32 -54.47 -9.11 -65.84
CA UNK I 32 -53.73 -7.85 -65.84
C UNK I 32 -53.85 -7.16 -67.18
N UNK I 33 -53.49 -7.87 -68.26
CA UNK I 33 -53.62 -7.30 -69.58
C UNK I 33 -55.06 -6.90 -69.88
N UNK I 34 -56.02 -7.64 -69.33
CA UNK I 34 -57.42 -7.30 -69.53
C UNK I 34 -57.72 -5.94 -68.94
N UNK I 35 -57.43 -5.76 -67.66
CA UNK I 35 -57.45 -4.42 -67.10
C UNK I 35 -56.59 -3.48 -67.92
N UNK I 36 -55.44 -3.98 -68.38
CA UNK I 36 -54.58 -3.18 -69.23
C UNK I 36 -55.29 -2.90 -70.55
N UNK I 37 -54.76 -1.89 -71.25
CA UNK I 37 -55.28 -1.46 -72.55
C UNK I 37 -56.64 -0.78 -72.43
N UNK I 38 -57.21 -0.76 -71.23
CA UNK I 38 -58.37 0.09 -71.02
C UNK I 38 -57.91 1.55 -70.93
N UNK I 39 -58.86 2.46 -70.75
CA UNK I 39 -58.51 3.88 -70.68
C UNK I 39 -57.96 4.26 -69.31
N UNK I 40 -58.63 3.83 -68.23
CA UNK I 40 -58.23 4.15 -66.85
C UNK I 40 -58.10 5.65 -66.64
N UNK I 41 -58.99 6.39 -67.28
CA UNK I 41 -58.86 7.84 -67.31
C UNK I 41 -59.09 8.45 -65.94
N UNK I 42 -58.51 9.63 -65.75
CA UNK I 42 -58.82 10.48 -64.62
C UNK I 42 -58.51 11.92 -65.04
N UNK I 43 -59.28 12.85 -64.50
CA UNK I 43 -59.11 14.24 -64.86
C UNK I 43 -57.78 14.77 -64.33
N UNK I 44 -57.32 15.87 -64.91
CA UNK I 44 -56.12 16.55 -64.44
C UNK I 44 -56.55 17.82 -63.71
N UNK I 45 -56.48 17.80 -62.39
CA UNK I 45 -56.80 19.00 -61.66
C UNK I 45 -55.56 19.86 -61.64
N UNK I 46 -55.72 21.12 -61.95
CA UNK I 46 -57.02 21.67 -62.29
C UNK I 46 -57.21 21.68 -63.79
N UNK I 47 -56.22 21.17 -64.53
CA UNK I 47 -56.30 21.18 -65.98
C UNK I 47 -57.65 20.64 -66.44
N UNK I 48 -58.08 19.54 -65.84
CA UNK I 48 -59.45 19.06 -65.94
C UNK I 48 -60.09 19.15 -64.58
N UNK I 49 -61.37 19.50 -64.55
CA UNK I 49 -62.06 19.82 -63.31
C UNK I 49 -62.68 18.57 -62.70
N UNK I 50 -63.51 18.75 -61.68
CA UNK I 50 -64.11 17.66 -60.94
C UNK I 50 -65.63 17.73 -61.05
N UNK I 51 -66.27 16.58 -60.81
CA UNK I 51 -67.71 16.43 -60.96
C UNK I 51 -68.32 16.20 -59.59
N UNK I 52 -69.09 17.17 -59.12
CA UNK I 52 -69.86 17.05 -57.89
C UNK I 52 -71.32 17.39 -58.19
N UNK I 53 -72.14 17.34 -57.16
CA UNK I 53 -73.57 17.58 -57.29
C UNK I 53 -73.93 18.94 -56.71
N UNK I 54 -75.22 19.26 -56.76
CA UNK I 54 -75.69 20.54 -56.27
C UNK I 54 -75.66 20.59 -54.76
N UNK I 55 -76.45 19.73 -54.13
CA UNK I 55 -76.58 19.73 -52.68
C UNK I 55 -75.25 19.41 -52.01
N UNK I 56 -74.24 19.10 -52.82
CA UNK I 56 -72.97 18.61 -52.30
C UNK I 56 -72.46 19.52 -51.18
N UNK I 57 -72.10 18.90 -50.07
CA UNK I 57 -71.69 19.65 -48.89
C UNK I 57 -70.42 20.44 -49.19
N UNK I 58 -70.27 21.55 -48.48
CA UNK I 58 -69.17 22.49 -48.69
C UNK I 58 -69.30 23.66 -47.71
N UNK I 59 -68.37 24.60 -47.75
CA UNK I 59 -68.23 25.55 -46.66
C UNK I 59 -69.47 26.42 -46.49
N UNK I 60 -69.70 26.84 -45.25
CA UNK I 60 -70.82 27.70 -44.91
C UNK I 60 -70.65 29.07 -45.55
N UNK I 61 -71.76 29.80 -45.64
CA UNK I 61 -71.74 31.06 -46.35
C UNK I 61 -72.47 32.14 -45.57
N UNK I 62 -72.14 33.38 -45.89
CA UNK I 62 -72.91 34.54 -45.44
C UNK I 62 -73.30 35.35 -46.66
N UNK I 63 -74.61 35.52 -46.85
CA UNK I 63 -75.16 36.05 -48.08
C UNK I 63 -76.15 37.17 -47.78
N UNK I 64 -76.78 37.67 -48.84
CA UNK I 64 -77.65 38.83 -48.78
C UNK I 64 -79.06 38.42 -49.17
N UNK I 65 -80.01 38.65 -48.27
CA UNK I 65 -81.39 38.50 -48.66
C UNK I 65 -81.75 39.61 -49.66
N UNK I 66 -82.81 39.35 -50.42
CA UNK I 66 -83.40 40.34 -51.30
C UNK I 66 -82.35 41.02 -52.17
N UNK I 67 -82.46 42.33 -52.31
CA UNK I 67 -81.43 43.07 -53.02
C UNK I 67 -80.28 43.34 -52.05
N UNK I 68 -80.46 44.28 -51.16
CA UNK I 68 -79.46 44.57 -50.13
C UNK I 68 -80.07 44.16 -48.81
N UNK I 69 -79.61 43.06 -48.27
CA UNK I 69 -80.12 42.52 -47.02
C UNK I 69 -79.17 41.42 -46.60
N UNK I 70 -79.56 40.64 -45.60
CA UNK I 70 -78.88 39.41 -45.26
C UNK I 70 -79.92 38.32 -45.14
N UNK I 71 -79.63 37.16 -45.71
CA UNK I 71 -80.52 36.02 -45.53
C UNK I 71 -80.44 35.49 -44.11
N CYS I 72 -79.23 35.17 -43.63
CA CYS I 72 -79.05 34.85 -42.22
C CYS I 72 -79.37 36.03 -41.33
N UNK I 73 -79.42 37.24 -41.88
CA UNK I 73 -80.11 38.38 -41.28
C UNK I 73 -79.96 38.43 -39.78
N UNK I 74 -78.73 38.59 -39.29
CA UNK I 74 -78.46 38.57 -37.85
C UNK I 74 -79.02 37.25 -37.31
N CYS I 75 -79.94 37.27 -36.34
CA CYS I 75 -80.55 36.06 -35.78
C CYS I 75 -79.50 35.00 -35.51
N UNK I 76 -78.85 35.14 -34.38
CA UNK I 76 -77.92 34.12 -33.92
C UNK I 76 -78.59 32.78 -33.73
N UNK I 77 -79.90 32.67 -33.97
CA UNK I 77 -80.68 31.52 -33.53
C UNK I 77 -80.07 30.21 -34.02
N CYS I 78 -79.08 30.30 -34.90
CA CYS I 78 -78.16 29.20 -35.17
C CYS I 78 -77.39 28.76 -33.92
N UNK I 79 -77.67 29.39 -32.79
CA UNK I 79 -76.84 29.37 -31.60
C UNK I 79 -76.26 27.99 -31.32
N UNK I 80 -77.06 26.95 -31.50
CA UNK I 80 -76.53 25.60 -31.43
C UNK I 80 -76.39 25.10 -32.87
N UNK I 81 -75.16 25.08 -33.35
CA UNK I 81 -74.85 24.41 -34.60
C UNK I 81 -73.59 23.60 -34.44
N CYS I 82 -72.48 24.31 -34.29
CA CYS I 82 -71.24 23.65 -33.99
C CYS I 82 -71.37 22.95 -32.66
N UNK I 83 -71.00 21.69 -32.63
CA UNK I 83 -70.77 21.08 -31.34
C UNK I 83 -69.78 21.92 -30.54
N UNK I 84 -68.88 22.64 -31.21
CA UNK I 84 -67.91 23.52 -30.58
C UNK I 84 -68.35 24.97 -30.53
N UNK I 85 -69.52 25.29 -31.08
CA UNK I 85 -70.00 26.67 -31.20
C UNK I 85 -68.93 27.58 -31.80
N UNK I 86 -68.21 27.06 -32.79
CA UNK I 86 -67.03 27.73 -33.33
C UNK I 86 -67.37 29.05 -34.03
N UNK I 87 -68.65 29.34 -34.19
CA UNK I 87 -69.09 30.56 -34.85
C UNK I 87 -69.32 31.64 -33.82
N UNK I 88 -69.00 32.87 -34.18
CA UNK I 88 -69.16 34.00 -33.27
C UNK I 88 -70.60 34.45 -33.26
N UNK I 89 -71.19 34.50 -32.08
CA UNK I 89 -72.57 34.92 -31.90
C UNK I 89 -72.71 36.41 -31.63
N UNK I 90 -71.62 37.17 -31.67
CA UNK I 90 -71.71 38.58 -31.34
C UNK I 90 -72.56 39.29 -32.38
N UNK I 91 -73.59 39.99 -31.91
CA UNK I 91 -74.57 40.59 -32.79
C UNK I 91 -74.59 42.10 -32.61
N UNK I 92 -75.39 42.77 -33.43
CA UNK I 92 -75.66 44.18 -33.22
C UNK I 92 -76.88 44.31 -32.33
N UNK I 93 -77.42 45.52 -32.20
CA UNK I 93 -78.56 45.74 -31.33
C UNK I 93 -79.80 45.11 -31.95
N UNK I 94 -80.94 45.32 -31.33
CA UNK I 94 -82.20 44.99 -31.98
C UNK I 94 -82.68 46.12 -32.89
N UNK I 95 -81.88 47.18 -33.02
CA UNK I 95 -82.34 48.42 -33.64
C UNK I 95 -82.43 48.32 -35.16
N UNK I 96 -83.27 49.18 -35.74
CA UNK I 96 -83.13 49.45 -37.17
C UNK I 96 -81.81 50.13 -37.44
N UNK I 97 -81.34 50.93 -36.49
CA UNK I 97 -79.96 51.40 -36.49
C UNK I 97 -79.04 50.21 -36.53
N UNK I 98 -78.97 49.46 -35.42
CA UNK I 98 -78.18 48.25 -35.36
C UNK I 98 -79.10 47.06 -35.17
N UNK I 99 -79.31 46.27 -36.24
CA UNK I 99 -79.67 44.87 -36.12
C UNK I 99 -78.75 44.11 -37.06
N UNK I 100 -77.81 43.37 -36.52
CA UNK I 100 -76.76 42.72 -37.30
C UNK I 100 -75.95 41.84 -36.36
N UNK I 101 -74.89 41.26 -36.89
CA UNK I 101 -73.95 40.46 -36.11
C UNK I 101 -72.68 41.27 -35.94
N UNK I 102 -72.38 41.65 -34.69
CA UNK I 102 -71.16 42.39 -34.42
C UNK I 102 -69.94 41.58 -34.81
N UNK I 103 -69.77 40.42 -34.20
CA UNK I 103 -68.84 39.41 -34.68
C UNK I 103 -69.68 38.20 -35.08
N UNK I 104 -69.80 37.99 -36.38
CA UNK I 104 -70.33 36.74 -36.93
C UNK I 104 -69.21 35.80 -37.36
N UNK I 105 -67.97 36.24 -37.24
CA UNK I 105 -66.83 35.51 -37.81
C UNK I 105 -66.80 34.07 -37.28
N UNK I 106 -66.36 33.15 -38.15
CA UNK I 106 -66.41 31.73 -37.85
C UNK I 106 -65.01 31.18 -37.67
N UNK I 107 -64.93 29.89 -37.34
CA UNK I 107 -63.67 29.22 -37.06
C UNK I 107 -63.48 28.10 -38.07
N UNK I 108 -62.55 28.28 -38.99
CA UNK I 108 -62.15 27.15 -39.82
C UNK I 108 -61.52 26.05 -38.98
N UNK I 109 -61.13 26.36 -37.74
CA UNK I 109 -60.60 25.38 -36.82
C UNK I 109 -61.46 24.13 -36.86
N UNK I 110 -62.69 24.27 -36.42
CA UNK I 110 -63.73 23.36 -36.82
C UNK I 110 -64.73 24.16 -37.63
N CYS I 111 -64.72 24.02 -38.94
CA CYS I 111 -66.00 24.09 -39.63
C CYS I 111 -66.41 22.74 -40.18
N UNK I 112 -65.95 21.66 -39.59
CA UNK I 112 -65.58 20.42 -40.28
C UNK I 112 -66.50 19.93 -41.38
N UNK I 113 -67.49 20.75 -41.75
CA UNK I 113 -68.53 20.39 -42.70
C UNK I 113 -69.45 19.38 -42.08
N CYS I 114 -69.46 19.39 -40.76
CA CYS I 114 -70.47 18.66 -40.05
C CYS I 114 -71.87 19.15 -40.40
N UNK I 115 -72.03 20.36 -40.92
CA UNK I 115 -73.02 20.67 -41.97
C UNK I 115 -74.43 20.17 -41.65
N UNK I 116 -74.70 19.78 -40.42
CA UNK I 116 -76.07 19.62 -39.94
C UNK I 116 -76.47 20.84 -39.17
N CYS I 117 -75.58 21.80 -39.15
CA CYS I 117 -75.30 22.75 -38.10
C CYS I 117 -75.15 24.09 -38.78
N UNK I 118 -74.08 24.23 -39.55
CA UNK I 118 -74.30 24.96 -40.77
C UNK I 118 -75.43 24.21 -41.47
N UNK I 119 -76.58 24.86 -41.57
CA UNK I 119 -77.81 24.24 -42.05
C UNK I 119 -78.97 25.18 -41.79
N UNK I 120 -80.15 24.84 -42.29
CA UNK I 120 -81.37 25.38 -41.72
C UNK I 120 -81.62 24.57 -40.44
N CYS I 121 -82.28 25.09 -39.40
CA CYS I 121 -82.75 26.47 -39.14
C CYS I 121 -83.67 27.15 -40.17
N UNK I 122 -83.50 28.47 -40.29
CA UNK I 122 -84.05 29.32 -41.35
C UNK I 122 -83.76 30.77 -41.01
N UNK I 123 -83.74 31.64 -42.01
CA UNK I 123 -83.48 31.24 -43.38
C UNK I 123 -82.00 31.49 -43.55
N UNK I 124 -81.24 30.42 -43.69
CA UNK I 124 -79.80 30.54 -43.55
C UNK I 124 -79.17 31.10 -44.82
N UNK I 125 -78.35 32.13 -44.65
CA UNK I 125 -77.38 32.45 -45.69
C UNK I 125 -76.23 31.46 -45.67
N UNK I 126 -76.17 30.63 -44.64
CA UNK I 126 -75.25 29.51 -44.61
C UNK I 126 -75.58 28.56 -45.75
N UNK I 127 -74.52 28.00 -46.34
CA UNK I 127 -74.70 27.12 -47.47
C UNK I 127 -73.48 26.22 -47.58
N UNK I 128 -73.41 25.49 -48.68
CA UNK I 128 -72.23 24.73 -49.03
C UNK I 128 -71.46 25.52 -50.07
N UNK I 129 -70.24 25.93 -49.74
CA UNK I 129 -69.55 26.86 -50.61
C UNK I 129 -69.05 26.11 -51.83
N UNK I 130 -69.58 26.48 -53.00
CA UNK I 130 -69.10 25.89 -54.23
C UNK I 130 -67.60 26.11 -54.39
N UNK I 131 -67.04 27.10 -53.70
CA UNK I 131 -65.59 27.24 -53.66
C UNK I 131 -64.98 25.95 -53.13
N UNK I 132 -64.09 25.36 -53.92
CA UNK I 132 -63.53 24.07 -53.54
C UNK I 132 -62.46 24.26 -52.47
N UNK I 133 -61.33 24.83 -52.85
CA UNK I 133 -60.18 24.89 -51.95
C UNK I 133 -60.24 26.18 -51.17
N UNK I 134 -60.59 26.08 -49.90
CA UNK I 134 -60.46 27.18 -48.97
C UNK I 134 -59.19 27.09 -48.13
N UNK I 135 -58.43 26.01 -48.27
CA UNK I 135 -57.30 25.77 -47.39
C UNK I 135 -56.23 26.84 -47.57
N UNK I 136 -55.41 27.01 -46.54
CA UNK I 136 -54.44 28.11 -46.50
C UNK I 136 -53.07 27.58 -46.09
N UNK I 137 -52.08 28.43 -46.28
CA UNK I 137 -50.72 28.10 -45.89
C UNK I 137 -50.59 28.02 -44.37
N UNK I 138 -50.95 29.10 -43.68
CA UNK I 138 -50.73 29.22 -42.25
C UNK I 138 -52.02 29.07 -41.48
N UNK I 139 -51.93 28.50 -40.28
CA UNK I 139 -53.11 28.33 -39.44
C UNK I 139 -53.73 29.67 -39.09
N UNK I 140 -52.91 30.65 -38.75
CA UNK I 140 -53.42 32.01 -38.66
C UNK I 140 -54.03 32.42 -40.00
N UNK I 141 -53.26 32.28 -41.07
CA UNK I 141 -53.84 32.46 -42.40
C UNK I 141 -55.04 31.56 -42.57
N UNK I 142 -55.05 30.41 -41.92
CA UNK I 142 -56.20 29.54 -41.99
C UNK I 142 -57.31 29.95 -41.02
N UNK I 143 -57.01 30.79 -40.03
CA UNK I 143 -58.10 31.19 -39.15
C UNK I 143 -59.19 31.82 -39.99
N UNK I 144 -60.36 31.20 -39.99
CA UNK I 144 -61.36 31.59 -40.96
C UNK I 144 -62.78 31.41 -40.45
N UNK I 145 -63.61 32.41 -40.71
CA UNK I 145 -63.17 33.60 -41.40
C UNK I 145 -63.76 34.81 -40.74
N UNK I 146 -63.39 36.00 -41.23
CA UNK I 146 -63.98 37.21 -40.69
C UNK I 146 -65.44 37.30 -41.10
N UNK I 147 -66.26 37.84 -40.21
CA UNK I 147 -67.60 38.21 -40.62
C UNK I 147 -67.54 39.13 -41.82
N UNK I 148 -66.50 39.95 -41.89
CA UNK I 148 -66.15 40.61 -43.13
C UNK I 148 -65.96 39.53 -44.17
N UNK I 149 -64.96 38.66 -43.97
CA UNK I 149 -64.75 37.57 -44.91
C UNK I 149 -65.98 36.71 -45.07
N UNK I 150 -66.98 36.89 -44.20
CA UNK I 150 -68.29 36.36 -44.50
C UNK I 150 -69.02 37.24 -45.49
N UNK I 151 -68.75 38.55 -45.48
CA UNK I 151 -69.19 39.34 -46.62
C UNK I 151 -68.47 38.90 -47.87
N UNK I 152 -67.19 38.51 -47.75
CA UNK I 152 -66.56 37.79 -48.83
C UNK I 152 -67.36 36.54 -49.15
N UNK I 153 -67.88 35.87 -48.12
CA UNK I 153 -68.78 34.77 -48.38
C UNK I 153 -70.04 35.23 -49.09
N UNK I 154 -70.28 36.54 -49.14
CA UNK I 154 -71.26 37.04 -50.10
C UNK I 154 -70.64 37.25 -51.49
N UNK I 155 -69.37 37.63 -51.56
CA UNK I 155 -68.78 38.01 -52.84
C UNK I 155 -68.88 36.90 -53.88
N UNK I 156 -68.11 35.83 -53.69
CA UNK I 156 -68.17 34.71 -54.61
C UNK I 156 -69.50 33.98 -54.56
N UNK I 157 -70.35 34.31 -53.61
CA UNK I 157 -71.53 33.50 -53.35
C UNK I 157 -72.42 33.40 -54.58
N UNK I 158 -72.74 34.54 -55.19
CA UNK I 158 -73.95 34.66 -56.00
C UNK I 158 -74.13 33.49 -56.93
N UNK I 159 -73.03 33.01 -57.52
CA UNK I 159 -73.10 31.77 -58.25
C UNK I 159 -73.70 30.68 -57.39
N UNK I 160 -73.10 30.45 -56.22
CA UNK I 160 -73.65 29.46 -55.31
C UNK I 160 -75.04 29.83 -54.84
N UNK I 161 -75.36 31.12 -54.80
CA UNK I 161 -76.72 31.51 -54.45
C UNK I 161 -77.71 30.93 -55.45
N UNK I 162 -77.51 31.25 -56.72
CA UNK I 162 -78.37 30.68 -57.76
C UNK I 162 -78.31 29.16 -57.72
N UNK I 163 -77.16 28.60 -57.38
CA UNK I 163 -77.09 27.16 -57.19
C UNK I 163 -78.10 26.71 -56.15
N UNK I 164 -78.18 27.44 -55.05
CA UNK I 164 -79.19 27.15 -54.05
C UNK I 164 -80.58 27.29 -54.64
N UNK I 165 -80.76 28.25 -55.55
CA UNK I 165 -82.04 28.37 -56.22
C UNK I 165 -82.37 27.08 -56.96
N UNK I 166 -81.39 26.53 -57.68
CA UNK I 166 -81.56 25.20 -58.25
C UNK I 166 -81.94 24.22 -57.16
N UNK I 167 -81.29 24.33 -56.02
CA UNK I 167 -81.64 23.53 -54.86
C UNK I 167 -82.90 24.03 -54.18
N UNK I 168 -83.44 25.16 -54.62
CA UNK I 168 -84.66 25.68 -54.03
C UNK I 168 -85.86 25.31 -54.89
N UNK I 169 -86.86 24.69 -54.29
CA UNK I 169 -86.86 24.30 -52.89
C UNK I 169 -86.17 22.96 -52.73
N UNK I 170 -85.47 22.78 -51.62
CA UNK I 170 -84.86 21.49 -51.34
C UNK I 170 -85.92 20.43 -51.37
N UNK I 171 -85.71 19.43 -52.21
CA UNK I 171 -86.69 18.39 -52.44
C UNK I 171 -88.05 18.99 -52.81
N UNK J 1 6.20 -4.49 -65.99
CA UNK J 1 7.41 -5.23 -65.63
C UNK J 1 7.06 -6.52 -64.91
N UNK J 2 8.08 -7.35 -64.64
CA UNK J 2 7.88 -8.58 -63.89
C UNK J 2 7.30 -8.33 -62.52
N UNK J 3 7.37 -7.10 -62.03
CA UNK J 3 6.65 -6.71 -60.83
C UNK J 3 5.15 -6.84 -61.00
N UNK J 4 4.69 -7.14 -62.20
CA UNK J 4 3.33 -7.63 -62.34
C UNK J 4 3.13 -8.73 -61.33
N UNK J 5 3.87 -9.82 -61.49
CA UNK J 5 3.77 -10.91 -60.54
C UNK J 5 4.48 -10.57 -59.23
N UNK J 6 5.70 -10.05 -59.32
CA UNK J 6 6.48 -9.77 -58.12
C UNK J 6 5.73 -8.80 -57.23
N UNK J 7 5.61 -7.55 -57.70
CA UNK J 7 4.78 -6.58 -57.02
C UNK J 7 3.40 -7.13 -56.71
N UNK J 8 2.83 -7.90 -57.63
CA UNK J 8 1.56 -8.54 -57.33
C UNK J 8 1.63 -9.29 -56.01
N UNK J 9 2.77 -9.89 -55.71
CA UNK J 9 3.01 -10.57 -54.45
C UNK J 9 3.50 -9.62 -53.37
N UNK J 10 3.84 -8.39 -53.74
CA UNK J 10 4.12 -7.42 -52.70
C UNK J 10 2.83 -6.86 -52.12
N UNK J 11 1.93 -6.43 -53.00
CA UNK J 11 0.63 -5.98 -52.52
C UNK J 11 -0.15 -7.15 -51.97
N UNK J 12 -0.14 -8.27 -52.69
CA UNK J 12 -0.70 -9.48 -52.15
C UNK J 12 -0.02 -9.86 -50.85
N UNK J 13 1.27 -9.59 -50.76
CA UNK J 13 2.02 -9.87 -49.54
C UNK J 13 1.44 -9.08 -48.37
N UNK J 14 1.67 -7.77 -48.38
CA UNK J 14 1.20 -6.93 -47.29
C UNK J 14 -0.29 -7.12 -47.07
N UNK J 15 -1.01 -7.47 -48.14
CA UNK J 15 -2.36 -7.99 -47.98
C UNK J 15 -2.36 -9.09 -46.94
N UNK J 16 -1.64 -10.18 -47.22
CA UNK J 16 -1.55 -11.26 -46.24
C UNK J 16 -1.05 -10.76 -44.91
N UNK J 17 -0.39 -9.61 -44.86
CA UNK J 17 -0.06 -9.02 -43.58
C UNK J 17 -1.30 -8.48 -42.88
N UNK J 18 -2.20 -7.87 -43.64
CA UNK J 18 -3.46 -7.45 -43.04
C UNK J 18 -4.28 -8.66 -42.64
N UNK J 19 -4.39 -9.65 -43.51
CA UNK J 19 -4.96 -10.92 -43.10
C UNK J 19 -4.25 -11.47 -41.88
N UNK J 20 -3.02 -11.03 -41.66
CA UNK J 20 -2.28 -11.34 -40.46
C UNK J 20 -2.46 -10.29 -39.37
N UNK J 21 -3.28 -9.27 -39.60
CA UNK J 21 -3.48 -8.27 -38.57
C UNK J 21 -4.05 -8.88 -37.30
N UNK J 22 -4.76 -9.99 -37.44
CA UNK J 22 -5.23 -10.77 -36.29
C UNK J 22 -6.21 -9.96 -35.46
N UNK J 23 -6.35 -8.69 -35.77
CA UNK J 23 -7.30 -7.80 -35.10
C UNK J 23 -8.35 -7.38 -36.11
N UNK J 24 -9.23 -6.49 -35.66
CA UNK J 24 -10.30 -5.97 -36.50
C UNK J 24 -11.16 -7.10 -37.05
N UNK J 25 -11.61 -7.96 -36.14
CA UNK J 25 -12.62 -8.94 -36.50
C UNK J 25 -13.84 -8.21 -37.05
N UNK J 26 -14.51 -8.85 -38.01
CA UNK J 26 -15.65 -8.30 -38.72
C UNK J 26 -15.17 -7.22 -39.67
N UNK J 27 -13.95 -6.75 -39.48
CA UNK J 27 -13.27 -5.98 -40.50
C UNK J 27 -12.34 -6.85 -41.32
N UNK J 28 -12.27 -8.13 -41.00
CA UNK J 28 -11.46 -9.07 -41.79
C UNK J 28 -11.98 -9.22 -43.21
N UNK J 29 -13.15 -8.67 -43.52
CA UNK J 29 -13.66 -8.70 -44.88
C UNK J 29 -12.59 -8.26 -45.87
N UNK J 30 -11.85 -7.21 -45.52
CA UNK J 30 -10.74 -6.80 -46.36
C UNK J 30 -9.75 -7.94 -46.53
N UNK J 31 -9.37 -8.59 -45.44
CA UNK J 31 -8.47 -9.73 -45.53
C UNK J 31 -8.98 -10.70 -46.58
N UNK J 32 -10.28 -10.97 -46.57
CA UNK J 32 -10.85 -11.76 -47.64
C UNK J 32 -10.68 -11.07 -49.00
N UNK J 33 -10.71 -9.74 -49.01
CA UNK J 33 -10.80 -9.00 -50.26
C UNK J 33 -9.45 -8.96 -50.96
N UNK J 34 -8.51 -8.21 -50.40
CA UNK J 34 -7.14 -8.26 -50.88
C UNK J 34 -6.66 -9.70 -50.97
N UNK J 35 -7.12 -10.56 -50.07
CA UNK J 35 -6.90 -11.98 -50.25
C UNK J 35 -7.36 -12.42 -51.63
N UNK J 36 -8.50 -11.92 -52.07
CA UNK J 36 -9.06 -12.34 -53.34
C UNK J 36 -8.23 -11.79 -54.49
N UNK J 37 -8.14 -10.47 -54.59
CA UNK J 37 -7.33 -9.86 -55.64
C UNK J 37 -5.97 -10.53 -55.70
N UNK J 38 -5.40 -10.85 -54.55
CA UNK J 38 -4.23 -11.70 -54.51
C UNK J 38 -4.47 -12.98 -55.29
N UNK J 39 -5.56 -13.68 -54.98
CA UNK J 39 -5.82 -14.96 -55.64
C UNK J 39 -5.83 -14.80 -57.14
N UNK J 40 -6.49 -13.76 -57.63
CA UNK J 40 -6.52 -13.51 -59.07
C UNK J 40 -5.10 -13.31 -59.60
N UNK J 41 -4.36 -12.39 -58.99
CA UNK J 41 -2.99 -12.13 -59.44
C UNK J 41 -2.21 -13.42 -59.56
N UNK J 42 -2.41 -14.33 -58.62
CA UNK J 42 -1.86 -15.66 -58.75
C UNK J 42 -2.35 -16.24 -60.07
N UNK J 43 -3.66 -16.46 -60.18
CA UNK J 43 -4.20 -17.01 -61.41
C UNK J 43 -3.81 -16.16 -62.61
N UNK J 44 -3.72 -14.85 -62.41
CA UNK J 44 -3.21 -13.99 -63.45
C UNK J 44 -1.83 -14.46 -63.86
N UNK J 45 -1.67 -14.69 -65.17
CA UNK J 45 -0.41 -15.13 -65.77
C UNK J 45 -0.16 -16.59 -65.43
N UNK J 46 -0.84 -17.07 -64.40
CA UNK J 46 -1.01 -18.51 -64.29
C UNK J 46 -2.09 -18.96 -65.24
N UNK J 47 -3.09 -18.10 -65.45
CA UNK J 47 -4.13 -18.34 -66.43
C UNK J 47 -4.88 -19.64 -66.16
N UNK J 48 -5.02 -20.01 -64.89
CA UNK J 48 -5.72 -21.23 -64.51
C UNK J 48 -7.17 -20.86 -64.26
N UNK J 49 -8.05 -21.32 -65.16
CA UNK J 49 -9.39 -20.79 -65.20
C UNK J 49 -10.16 -21.27 -64.00
N UNK J 50 -10.45 -22.56 -63.97
CA UNK J 50 -11.19 -23.14 -62.87
C UNK J 50 -10.57 -22.71 -61.54
N UNK J 51 -9.25 -22.73 -61.47
CA UNK J 51 -8.57 -22.30 -60.26
C UNK J 51 -9.03 -20.92 -59.85
N UNK J 52 -8.94 -19.97 -60.77
CA UNK J 52 -9.44 -18.63 -60.46
C UNK J 52 -10.90 -18.64 -60.08
N UNK J 53 -11.67 -19.53 -60.70
CA UNK J 53 -13.12 -19.47 -60.58
C UNK J 53 -13.54 -19.94 -59.20
N UNK J 54 -13.40 -21.24 -58.95
CA UNK J 54 -13.67 -21.77 -57.63
C UNK J 54 -12.85 -21.08 -56.57
N UNK J 55 -11.75 -20.43 -56.94
CA UNK J 55 -11.12 -19.50 -56.02
C UNK J 55 -12.13 -18.45 -55.60
N UNK J 56 -12.63 -17.69 -56.57
CA UNK J 56 -13.53 -16.60 -56.25
C UNK J 56 -14.81 -17.13 -55.62
N UNK J 57 -15.58 -17.91 -56.39
CA UNK J 57 -16.84 -18.42 -55.89
C UNK J 57 -16.63 -19.34 -54.71
N UNK J 58 -15.87 -20.39 -54.93
CA UNK J 58 -15.72 -21.40 -53.89
C UNK J 58 -14.88 -20.85 -52.76
N UNK J 59 -13.60 -20.61 -53.00
CA UNK J 59 -12.75 -20.12 -51.93
C UNK J 59 -13.31 -18.83 -51.37
N UNK J 60 -13.47 -17.84 -52.25
CA UNK J 60 -13.82 -16.51 -51.78
C UNK J 60 -15.24 -16.49 -51.27
N UNK J 61 -16.21 -16.73 -52.17
CA UNK J 61 -17.60 -16.71 -51.76
C UNK J 61 -17.82 -17.58 -50.54
N UNK J 62 -17.26 -18.79 -50.57
CA UNK J 62 -17.44 -19.73 -49.47
C UNK J 62 -16.98 -19.12 -48.16
N UNK J 63 -15.66 -18.98 -48.02
CA UNK J 63 -15.12 -18.51 -46.75
C UNK J 63 -15.73 -17.17 -46.36
N UNK J 64 -16.10 -16.37 -47.35
CA UNK J 64 -16.80 -15.12 -47.13
C UNK J 64 -18.05 -15.40 -46.33
N UNK J 65 -18.96 -16.16 -46.94
CA UNK J 65 -20.20 -16.52 -46.26
C UNK J 65 -19.90 -17.07 -44.88
N UNK J 66 -18.88 -17.91 -44.78
CA UNK J 66 -18.46 -18.38 -43.47
C UNK J 66 -18.31 -17.21 -42.52
N UNK J 67 -17.55 -16.21 -42.94
CA UNK J 67 -17.45 -15.01 -42.15
C UNK J 67 -18.79 -14.35 -41.96
N UNK J 68 -19.73 -14.58 -42.87
CA UNK J 68 -20.97 -13.83 -42.83
C UNK J 68 -21.78 -14.34 -41.66
N UNK J 69 -22.27 -15.57 -41.77
CA UNK J 69 -23.00 -16.14 -40.65
C UNK J 69 -22.16 -16.09 -39.39
N UNK J 70 -20.84 -16.25 -39.53
CA UNK J 70 -19.94 -16.14 -38.41
C UNK J 70 -20.19 -14.85 -37.63
N UNK J 71 -19.90 -13.72 -38.27
CA UNK J 71 -20.17 -12.44 -37.65
C UNK J 71 -21.60 -12.38 -37.15
N UNK J 72 -22.54 -12.87 -37.96
CA UNK J 72 -23.94 -12.85 -37.58
C UNK J 72 -24.11 -13.39 -36.17
N UNK J 73 -23.35 -14.43 -35.84
CA UNK J 73 -23.31 -14.86 -34.46
C UNK J 73 -22.49 -13.89 -33.62
N UNK J 74 -21.43 -13.33 -34.18
CA UNK J 74 -20.29 -12.92 -33.38
C UNK J 74 -20.60 -11.94 -32.26
N UNK J 75 -20.77 -10.65 -32.58
CA UNK J 75 -20.89 -9.61 -31.55
C UNK J 75 -20.91 -8.20 -32.14
N UNK J 76 -21.26 -7.22 -31.30
CA UNK J 76 -21.07 -5.80 -31.66
C UNK J 76 -19.83 -5.28 -30.93
N UNK J 77 -19.91 -5.17 -29.61
CA UNK J 77 -18.74 -5.05 -28.76
C UNK J 77 -17.88 -3.84 -29.12
N UNK J 78 -18.32 -2.64 -28.75
CA UNK J 78 -17.49 -1.47 -28.97
C UNK J 78 -16.11 -1.67 -28.36
N UNK J 79 -15.08 -1.51 -29.19
CA UNK J 79 -13.73 -1.95 -28.92
C UNK J 79 -12.99 -1.04 -27.93
N UNK J 80 -11.90 -1.58 -27.39
CA UNK J 80 -10.89 -0.80 -26.68
C UNK J 80 -9.82 -0.31 -27.66
N UNK J 81 -9.34 0.90 -27.42
CA UNK J 81 -8.61 1.67 -28.43
C UNK J 81 -7.14 1.29 -28.55
N UNK J 82 -6.69 0.25 -27.85
CA UNK J 82 -5.26 -0.10 -27.84
C UNK J 82 -4.73 -0.20 -29.25
N UNK J 83 -3.61 0.48 -29.49
CA UNK J 83 -3.08 0.58 -30.84
C UNK J 83 -2.23 -0.61 -31.23
N UNK J 84 -2.10 -1.60 -30.35
CA UNK J 84 -1.21 -2.73 -30.59
C UNK J 84 -1.42 -3.32 -31.97
N UNK J 85 -2.67 -3.37 -32.42
CA UNK J 85 -2.94 -3.79 -33.79
C UNK J 85 -2.15 -2.95 -34.78
N UNK J 86 -2.34 -1.63 -34.71
CA UNK J 86 -1.58 -0.75 -35.58
C UNK J 86 -0.09 -1.02 -35.47
N UNK J 87 0.38 -1.34 -34.26
CA UNK J 87 1.78 -1.71 -34.12
C UNK J 87 2.10 -2.94 -34.95
N UNK J 88 1.17 -3.89 -35.01
CA UNK J 88 1.39 -5.04 -35.88
C UNK J 88 1.49 -4.58 -37.32
N UNK J 89 0.64 -3.64 -37.73
CA UNK J 89 0.73 -3.11 -39.08
C UNK J 89 2.11 -2.53 -39.34
N UNK J 90 2.65 -1.81 -38.35
CA UNK J 90 4.03 -1.39 -38.39
C UNK J 90 4.92 -2.58 -38.71
N UNK J 91 4.87 -3.63 -37.87
CA UNK J 91 5.67 -4.81 -38.12
C UNK J 91 5.55 -5.28 -39.57
N UNK J 92 4.33 -5.20 -40.12
CA UNK J 92 4.15 -5.53 -41.53
C UNK J 92 5.03 -4.65 -42.40
N UNK J 93 4.98 -3.33 -42.15
CA UNK J 93 5.85 -2.43 -42.89
C UNK J 93 7.31 -2.87 -42.77
N UNK J 94 7.72 -3.29 -41.58
CA UNK J 94 9.08 -3.74 -41.37
C UNK J 94 9.43 -4.89 -42.31
N UNK J 95 8.59 -5.94 -42.30
CA UNK J 95 8.85 -7.07 -43.18
C UNK J 95 8.95 -6.62 -44.64
N UNK J 96 7.95 -5.87 -45.09
CA UNK J 96 7.92 -5.46 -46.50
C UNK J 96 9.19 -4.72 -46.89
N UNK J 97 9.53 -3.67 -46.13
CA UNK J 97 10.74 -2.93 -46.44
C UNK J 97 11.96 -3.84 -46.43
N UNK J 98 12.05 -4.71 -45.44
CA UNK J 98 13.16 -5.64 -45.36
C UNK J 98 13.33 -6.39 -46.68
N UNK J 99 12.25 -7.03 -47.14
CA UNK J 99 12.33 -7.74 -48.40
C UNK J 99 12.71 -6.79 -49.53
N UNK J 100 12.21 -5.57 -49.49
CA UNK J 100 12.53 -4.60 -50.53
C UNK J 100 14.03 -4.44 -50.66
N UNK J 101 14.69 -4.06 -49.56
CA UNK J 101 16.13 -3.97 -49.58
C UNK J 101 16.76 -5.28 -50.02
N UNK J 102 16.14 -6.39 -49.65
CA UNK J 102 16.67 -7.68 -50.08
C UNK J 102 16.65 -7.80 -51.59
N UNK J 103 15.72 -7.12 -52.26
CA UNK J 103 15.63 -7.25 -53.71
C UNK J 103 16.85 -6.73 -54.44
N UNK J 104 17.76 -6.06 -53.74
CA UNK J 104 18.93 -5.45 -54.36
C UNK J 104 19.78 -6.46 -55.13
N UNK J 105 20.37 -7.40 -54.42
CA UNK J 105 21.43 -8.22 -55.00
C UNK J 105 20.89 -9.27 -55.96
N UNK J 106 20.20 -10.28 -55.45
CA UNK J 106 19.77 -11.41 -56.26
C UNK J 106 18.77 -10.98 -57.34
N UNK J 107 -4.32 -28.18 -71.18
CA UNK J 107 -4.27 -27.20 -70.11
C UNK J 107 -5.21 -27.61 -69.00
N UNK J 108 -6.43 -27.08 -69.06
CA UNK J 108 -7.48 -27.52 -68.14
C UNK J 108 -7.77 -28.99 -68.27
N UNK J 109 -7.18 -29.64 -69.27
CA UNK J 109 -7.20 -31.09 -69.33
C UNK J 109 -6.78 -31.68 -68.01
N UNK J 110 -6.01 -30.93 -67.22
CA UNK J 110 -5.78 -31.29 -65.84
C UNK J 110 -7.10 -31.56 -65.12
N UNK J 111 -8.00 -30.59 -65.14
CA UNK J 111 -9.31 -30.79 -64.53
C UNK J 111 -10.03 -31.95 -65.20
N UNK J 112 -9.95 -32.01 -66.53
CA UNK J 112 -10.63 -33.10 -67.22
C UNK J 112 -10.22 -34.45 -66.67
N UNK J 113 -8.91 -34.67 -66.53
CA UNK J 113 -8.44 -35.92 -65.97
C UNK J 113 -8.85 -36.07 -64.53
N UNK J 114 -8.92 -34.95 -63.80
CA UNK J 114 -9.50 -35.02 -62.48
C UNK J 114 -10.86 -35.70 -62.56
N UNK J 115 -11.60 -35.44 -63.63
CA UNK J 115 -12.78 -36.25 -63.86
C UNK J 115 -12.42 -37.67 -64.25
N UNK J 116 -11.32 -37.86 -64.98
CA UNK J 116 -10.94 -39.21 -65.37
C UNK J 116 -10.63 -40.07 -64.16
N UNK J 117 -9.69 -39.62 -63.34
CA UNK J 117 -9.37 -40.39 -62.13
C UNK J 117 -10.56 -40.37 -61.18
N UNK J 118 -10.59 -41.38 -60.29
CA UNK J 118 -11.81 -41.62 -59.53
C UNK J 118 -11.60 -41.79 -58.03
N UNK J 119 -10.95 -42.89 -57.65
CA UNK J 119 -11.07 -43.43 -56.29
C UNK J 119 -10.95 -42.35 -55.25
N UNK J 120 -9.94 -41.50 -55.40
CA UNK J 120 -9.78 -40.38 -54.48
C UNK J 120 -11.06 -39.59 -54.37
N UNK J 121 -11.58 -39.13 -55.51
CA UNK J 121 -12.81 -38.36 -55.50
C UNK J 121 -13.88 -39.09 -54.71
N UNK J 122 -14.05 -40.38 -55.00
CA UNK J 122 -15.00 -41.18 -54.23
C UNK J 122 -14.76 -41.00 -52.74
N UNK J 123 -13.51 -41.13 -52.32
CA UNK J 123 -13.19 -41.00 -50.92
C UNK J 123 -13.66 -39.65 -50.39
N UNK J 124 -13.18 -38.57 -51.02
CA UNK J 124 -13.54 -37.23 -50.57
C UNK J 124 -15.04 -37.08 -50.44
N UNK J 125 -15.78 -37.75 -51.31
CA UNK J 125 -17.23 -37.72 -51.22
C UNK J 125 -17.70 -38.36 -49.93
N UNK J 126 -17.32 -39.62 -49.71
CA UNK J 126 -17.74 -40.29 -48.49
C UNK J 126 -17.44 -39.43 -47.28
N UNK J 127 -16.27 -38.81 -47.29
CA UNK J 127 -15.96 -37.79 -46.30
C UNK J 127 -17.04 -36.72 -46.26
N UNK J 128 -17.47 -36.27 -47.44
CA UNK J 128 -18.41 -35.15 -47.48
C UNK J 128 -19.72 -35.52 -46.81
N UNK J 129 -20.31 -36.65 -47.19
CA UNK J 129 -21.55 -37.09 -46.57
C UNK J 129 -21.35 -37.27 -45.07
N UNK J 130 -20.27 -37.95 -44.70
CA UNK J 130 -19.95 -38.12 -43.30
C UNK J 130 -20.02 -36.78 -42.57
N UNK J 131 -19.37 -35.78 -43.13
CA UNK J 131 -19.39 -34.45 -42.55
C UNK J 131 -20.82 -33.92 -42.47
N UNK J 132 -21.62 -34.18 -43.50
CA UNK J 132 -23.00 -33.75 -43.48
C UNK J 132 -23.69 -34.22 -42.23
N UNK J 133 -23.81 -35.53 -42.05
CA UNK J 133 -24.48 -36.02 -40.86
C UNK J 133 -23.76 -35.58 -39.60
N UNK J 134 -22.46 -35.34 -39.69
CA UNK J 134 -21.71 -34.85 -38.54
C UNK J 134 -22.25 -33.52 -38.07
N UNK J 135 -22.04 -32.50 -38.88
CA UNK J 135 -22.54 -31.17 -38.56
C UNK J 135 -24.02 -31.22 -38.25
N UNK J 136 -24.74 -32.15 -38.88
CA UNK J 136 -26.08 -32.45 -38.42
C UNK J 136 -26.07 -32.70 -36.91
N UNK J 137 -25.33 -33.72 -36.50
CA UNK J 137 -25.24 -34.02 -35.08
C UNK J 137 -24.75 -32.85 -34.24
N UNK J 138 -24.13 -31.85 -34.88
CA UNK J 138 -23.63 -30.71 -34.11
C UNK J 138 -24.74 -30.06 -33.30
N UNK J 139 -26.00 -30.33 -33.61
CA UNK J 139 -27.09 -29.90 -32.77
C UNK J 139 -26.90 -30.39 -31.34
N UNK K 1 10.30 -19.62 -57.38
CA UNK K 1 10.76 -18.33 -57.88
C UNK K 1 11.16 -17.43 -56.74
N UNK K 2 12.11 -16.53 -57.00
CA UNK K 2 12.33 -15.43 -56.07
C UNK K 2 11.02 -14.71 -55.80
N UNK K 3 10.22 -14.51 -56.84
CA UNK K 3 8.85 -14.07 -56.63
C UNK K 3 8.09 -15.07 -55.77
N UNK K 4 8.08 -16.33 -56.21
CA UNK K 4 7.48 -17.36 -55.37
C UNK K 4 8.17 -17.45 -54.03
N UNK K 5 9.39 -16.93 -53.91
CA UNK K 5 9.99 -16.81 -52.59
C UNK K 5 9.27 -15.76 -51.78
N UNK K 6 8.85 -14.66 -52.41
CA UNK K 6 8.02 -13.69 -51.71
C UNK K 6 6.71 -14.32 -51.29
N UNK K 7 6.13 -15.15 -52.18
CA UNK K 7 5.03 -15.99 -51.77
C UNK K 7 5.37 -16.72 -50.47
N UNK K 8 6.43 -17.52 -50.50
CA UNK K 8 6.86 -18.24 -49.32
C UNK K 8 6.98 -17.34 -48.10
N UNK K 9 7.36 -16.09 -48.31
CA UNK K 9 7.32 -15.13 -47.22
C UNK K 9 5.90 -14.98 -46.71
N UNK K 10 4.94 -14.89 -47.64
CA UNK K 10 3.56 -14.89 -47.20
C UNK K 10 3.22 -16.19 -46.48
N UNK K 11 3.87 -17.30 -46.82
CA UNK K 11 3.67 -18.51 -46.06
C UNK K 11 4.17 -18.34 -44.63
N UNK K 12 5.31 -17.68 -44.47
CA UNK K 12 5.74 -17.28 -43.15
C UNK K 12 4.69 -16.41 -42.49
N UNK K 13 3.94 -15.64 -43.28
CA UNK K 13 2.83 -14.89 -42.70
C UNK K 13 1.72 -15.83 -42.26
N UNK K 14 1.55 -16.95 -42.95
CA UNK K 14 0.64 -17.96 -42.45
C UNK K 14 1.12 -18.49 -41.11
N UNK K 15 2.41 -18.71 -40.99
CA UNK K 15 2.97 -19.02 -39.67
C UNK K 15 2.59 -17.94 -38.68
N UNK K 16 2.74 -16.68 -39.08
CA UNK K 16 2.34 -15.59 -38.21
C UNK K 16 0.88 -15.69 -37.83
N UNK K 17 0.05 -16.23 -38.73
CA UNK K 17 -1.32 -16.53 -38.33
C UNK K 17 -1.33 -17.59 -37.25
N UNK K 18 -0.45 -18.58 -37.37
CA UNK K 18 -0.32 -19.56 -36.31
C UNK K 18 0.27 -18.97 -35.05
N UNK K 19 0.78 -17.74 -35.09
CA UNK K 19 1.57 -17.23 -33.97
C UNK K 19 0.76 -17.18 -32.69
N UNK K 20 -0.31 -16.38 -32.67
CA UNK K 20 -1.08 -16.17 -31.46
C UNK K 20 -2.20 -15.18 -31.77
N UNK K 21 -3.09 -15.03 -30.81
CA UNK K 21 -4.12 -14.00 -30.86
C UNK K 21 -4.26 -13.37 -29.50
N UNK K 22 -4.00 -12.06 -29.41
CA UNK K 22 -4.36 -11.32 -28.21
C UNK K 22 -5.85 -11.02 -28.15
N UNK K 23 -6.59 -11.39 -29.19
CA UNK K 23 -7.98 -10.98 -29.33
C UNK K 23 -8.89 -11.75 -28.39
N UNK K 24 -9.99 -11.09 -28.01
CA UNK K 24 -10.99 -11.73 -27.18
C UNK K 24 -11.74 -12.80 -27.94
N UNK K 25 -12.32 -12.43 -29.08
CA UNK K 25 -13.02 -13.41 -29.90
C UNK K 25 -12.01 -14.27 -30.64
N UNK K 26 -12.14 -15.59 -30.51
CA UNK K 26 -11.19 -16.47 -31.15
C UNK K 26 -11.57 -16.82 -32.57
N UNK K 27 -12.78 -16.42 -32.99
CA UNK K 27 -13.22 -16.76 -34.34
C UNK K 27 -12.24 -16.23 -35.38
N UNK K 28 -11.84 -14.97 -35.24
CA UNK K 28 -10.89 -14.39 -36.18
C UNK K 28 -9.65 -15.26 -36.32
N UNK K 29 -9.24 -15.90 -35.23
CA UNK K 29 -8.14 -16.84 -35.33
C UNK K 29 -8.47 -17.93 -36.33
N UNK K 30 -9.68 -18.48 -36.25
CA UNK K 30 -10.10 -19.47 -37.23
C UNK K 30 -10.03 -18.88 -38.63
N UNK K 31 -10.49 -17.65 -38.79
CA UNK K 31 -10.34 -16.98 -40.07
C UNK K 31 -8.89 -17.03 -40.53
N UNK K 32 -7.96 -16.86 -39.58
CA UNK K 32 -6.55 -16.95 -39.93
C UNK K 32 -6.19 -18.37 -40.37
N UNK K 33 -6.82 -19.37 -39.77
CA UNK K 33 -6.61 -20.73 -40.25
C UNK K 33 -7.00 -20.84 -41.70
N UNK K 34 -8.19 -20.34 -42.05
CA UNK K 34 -8.59 -20.29 -43.44
C UNK K 34 -7.55 -19.53 -44.26
N UNK K 35 -6.96 -18.50 -43.69
CA UNK K 35 -5.92 -17.78 -44.40
C UNK K 35 -4.78 -18.72 -44.77
N UNK K 36 -4.32 -19.50 -43.79
CA UNK K 36 -3.31 -20.51 -44.09
C UNK K 36 -3.78 -21.41 -45.23
N UNK K 37 -5.06 -21.76 -45.22
CA UNK K 37 -5.59 -22.54 -46.34
C UNK K 37 -5.32 -21.83 -47.67
N UNK K 38 -5.88 -20.64 -47.84
CA UNK K 38 -5.68 -19.89 -49.08
C UNK K 38 -4.21 -19.78 -49.43
N UNK K 39 -3.36 -19.67 -48.41
CA UNK K 39 -1.92 -19.63 -48.66
C UNK K 39 -1.46 -20.90 -49.34
N UNK K 40 -1.75 -22.05 -48.73
CA UNK K 40 -1.41 -23.31 -49.37
C UNK K 40 -1.92 -23.34 -50.78
N UNK K 41 -3.13 -22.85 -51.00
CA UNK K 41 -3.65 -22.74 -52.36
C UNK K 41 -2.68 -21.95 -53.23
N UNK K 42 -2.14 -20.85 -52.70
CA UNK K 42 -1.19 -20.07 -53.48
C UNK K 42 0.04 -20.91 -53.80
N UNK K 43 0.49 -21.73 -52.87
CA UNK K 43 1.58 -22.65 -53.17
C UNK K 43 1.21 -23.54 -54.35
N UNK K 44 0.03 -24.15 -54.28
CA UNK K 44 -0.47 -24.96 -55.38
C UNK K 44 -0.39 -24.18 -56.68
N UNK K 45 -0.77 -22.92 -56.63
CA UNK K 45 -0.60 -22.07 -57.80
C UNK K 45 0.85 -22.05 -58.24
N UNK K 46 1.76 -21.96 -57.29
CA UNK K 46 3.16 -21.92 -57.65
C UNK K 46 3.57 -23.18 -58.41
N UNK K 47 3.61 -24.31 -57.71
CA UNK K 47 4.18 -25.50 -58.34
C UNK K 47 3.29 -25.97 -59.48
N UNK K 48 1.99 -26.13 -59.21
CA UNK K 48 1.05 -26.49 -60.26
C UNK K 48 1.24 -25.59 -61.47
N UNK K 49 1.40 -24.30 -61.23
CA UNK K 49 1.59 -23.35 -62.32
C UNK K 49 2.77 -23.74 -63.19
N UNK K 50 3.86 -24.17 -62.56
CA UNK K 50 4.99 -24.65 -63.34
C UNK K 50 4.53 -25.76 -64.27
N UNK K 51 5.13 -25.81 -65.46
CA UNK K 51 4.80 -26.89 -66.36
C UNK K 51 5.07 -28.19 -65.63
N UNK K 52 4.03 -29.01 -65.48
CA UNK K 52 4.09 -30.05 -64.48
C UNK K 52 2.99 -31.07 -64.77
N UNK K 53 2.82 -32.01 -63.85
CA UNK K 53 1.90 -33.11 -64.05
C UNK K 53 0.48 -32.61 -64.22
N UNK K 54 -0.29 -33.40 -64.96
CA UNK K 54 -1.70 -33.06 -65.17
C UNK K 54 -2.42 -32.90 -63.84
N UNK K 55 -2.33 -33.90 -62.97
CA UNK K 55 -3.20 -33.97 -61.80
C UNK K 55 -3.00 -32.82 -60.83
N UNK K 56 -1.99 -31.97 -61.05
CA UNK K 56 -1.70 -30.89 -60.12
C UNK K 56 -2.96 -30.13 -59.74
N UNK K 57 -3.77 -29.78 -60.75
CA UNK K 57 -5.03 -29.10 -60.48
C UNK K 57 -5.85 -29.88 -59.48
N UNK K 58 -6.05 -31.16 -59.75
CA UNK K 58 -6.80 -32.01 -58.84
C UNK K 58 -6.23 -31.92 -57.43
N UNK K 59 -4.91 -31.83 -57.31
CA UNK K 59 -4.33 -31.67 -55.99
C UNK K 59 -4.76 -30.36 -55.35
N UNK K 60 -4.63 -29.26 -56.09
CA UNK K 60 -4.97 -27.95 -55.56
C UNK K 60 -6.43 -27.90 -55.12
N UNK K 61 -7.32 -27.94 -56.10
CA UNK K 61 -8.74 -27.86 -55.80
C UNK K 61 -9.13 -28.91 -54.78
N UNK K 62 -8.48 -30.07 -54.82
CA UNK K 62 -8.66 -31.06 -53.78
C UNK K 62 -8.42 -30.43 -52.42
N UNK K 63 -7.25 -29.82 -52.24
CA UNK K 63 -6.94 -29.16 -50.99
C UNK K 63 -8.02 -28.16 -50.63
N UNK K 64 -8.49 -27.40 -51.62
CA UNK K 64 -9.59 -26.49 -51.37
C UNK K 64 -10.75 -27.22 -50.73
N UNK K 65 -11.17 -28.33 -51.33
CA UNK K 65 -12.26 -29.11 -50.76
C UNK K 65 -11.93 -29.52 -49.33
N UNK K 66 -10.67 -29.87 -49.08
CA UNK K 66 -10.30 -30.29 -47.74
C UNK K 66 -10.55 -29.19 -46.73
N UNK K 67 -9.90 -28.03 -46.93
CA UNK K 67 -10.08 -26.94 -45.98
C UNK K 67 -11.53 -26.56 -45.86
N UNK K 68 -12.25 -26.63 -46.98
CA UNK K 68 -13.70 -26.49 -46.94
C UNK K 68 -14.27 -27.36 -45.84
N UNK K 69 -14.07 -28.67 -45.93
CA UNK K 69 -14.49 -29.56 -44.86
C UNK K 69 -14.02 -29.03 -43.51
N UNK K 70 -12.79 -28.53 -43.45
CA UNK K 70 -12.25 -28.06 -42.18
C UNK K 70 -13.12 -26.98 -41.58
N UNK K 71 -13.79 -26.19 -42.41
CA UNK K 71 -14.62 -25.12 -41.87
C UNK K 71 -15.70 -25.62 -40.95
N UNK K 72 -15.98 -26.93 -40.94
CA UNK K 72 -16.98 -27.49 -40.06
C UNK K 72 -16.77 -27.02 -38.64
N UNK K 73 -15.65 -27.41 -38.04
CA UNK K 73 -15.36 -26.98 -36.69
C UNK K 73 -15.43 -25.47 -36.58
N UNK K 74 -14.95 -24.76 -37.60
CA UNK K 74 -15.06 -23.31 -37.60
C UNK K 74 -16.48 -22.89 -37.28
N UNK K 75 -17.46 -23.60 -37.84
CA UNK K 75 -18.82 -23.41 -37.39
C UNK K 75 -18.96 -23.85 -35.94
N UNK K 76 -18.37 -24.99 -35.58
CA UNK K 76 -18.60 -25.55 -34.26
C UNK K 76 -18.25 -24.55 -33.17
N UNK K 77 -17.38 -23.60 -33.46
CA UNK K 77 -17.08 -22.54 -32.51
C UNK K 77 -18.35 -21.92 -31.96
N UNK K 78 -19.38 -21.84 -32.80
CA UNK K 78 -20.64 -21.25 -32.38
C UNK K 78 -21.18 -21.95 -31.15
N UNK K 79 -20.98 -23.26 -31.04
CA UNK K 79 -21.58 -24.00 -29.95
C UNK K 79 -21.12 -23.45 -28.61
N UNK K 80 -19.81 -23.44 -28.38
CA UNK K 80 -19.27 -22.79 -27.21
C UNK K 80 -19.70 -21.34 -27.17
N UNK K 81 -19.59 -20.66 -28.31
CA UNK K 81 -20.16 -19.32 -28.42
C UNK K 81 -21.58 -19.31 -27.89
N UNK K 82 -22.45 -20.11 -28.50
CA UNK K 82 -23.77 -20.30 -27.93
C UNK K 82 -23.67 -20.63 -26.44
N UNK K 83 -22.82 -21.60 -26.11
CA UNK K 83 -22.72 -22.02 -24.72
C UNK K 83 -22.20 -20.91 -23.82
N UNK K 84 -20.99 -20.45 -24.08
CA UNK K 84 -20.27 -19.61 -23.15
C UNK K 84 -20.45 -18.12 -23.41
N UNK K 85 -21.35 -17.75 -24.31
CA UNK K 85 -21.42 -16.41 -24.90
C UNK K 85 -20.18 -16.10 -25.72
N UNK K 86 -19.59 -14.92 -25.57
CA UNK K 86 -18.69 -14.37 -26.58
C UNK K 86 -17.24 -14.31 -26.08
N UNK K 87 -16.40 -13.70 -26.90
CA UNK K 87 -14.95 -13.58 -26.68
C UNK K 87 -14.37 -15.00 -26.55
N UNK K 88 -13.41 -15.21 -25.65
CA UNK K 88 -12.86 -16.54 -25.42
C UNK K 88 -12.47 -16.68 -23.96
N UNK K 89 -12.83 -17.83 -23.39
CA UNK K 89 -12.35 -18.22 -22.07
C UNK K 89 -12.47 -19.73 -22.03
N UNK K 90 -11.73 -20.37 -21.13
CA UNK K 90 -11.68 -21.82 -21.12
C UNK K 90 -11.56 -22.35 -19.70
N UNK K 91 -12.29 -23.42 -19.44
CA UNK K 91 -12.19 -24.12 -18.18
C UNK K 91 -12.59 -25.56 -18.44
N UNK K 92 -11.98 -26.52 -17.75
CA UNK K 92 -10.96 -26.26 -16.74
C UNK K 92 -9.89 -27.35 -16.77
N UNK K 93 -8.78 -27.10 -16.10
CA UNK K 93 -7.74 -28.12 -15.97
C UNK K 93 -6.88 -27.86 -14.74
N UNK L 1 49.87 -97.63 23.35
CA UNK L 1 49.44 -98.95 23.79
C UNK L 1 48.14 -98.81 24.58
N UNK L 2 47.91 -99.75 25.50
CA UNK L 2 46.72 -99.66 26.34
C UNK L 2 46.68 -98.36 27.11
N UNK L 3 47.79 -97.63 27.16
CA UNK L 3 47.78 -96.25 27.62
C UNK L 3 46.78 -95.41 26.84
N UNK L 4 46.46 -95.81 25.60
CA UNK L 4 45.45 -95.08 24.86
C UNK L 4 44.10 -95.13 25.55
N UNK L 5 43.81 -96.22 26.26
CA UNK L 5 42.59 -96.29 27.05
C UNK L 5 42.49 -95.12 28.00
N UNK L 6 43.64 -94.60 28.43
CA UNK L 6 43.70 -93.36 29.18
C UNK L 6 42.84 -92.29 28.51
N UNK L 7 43.18 -91.94 27.27
CA UNK L 7 42.37 -91.00 26.51
C UNK L 7 40.91 -91.43 26.49
N UNK L 8 40.67 -92.73 26.37
CA UNK L 8 39.32 -93.26 26.43
C UNK L 8 38.59 -92.73 27.64
N UNK L 9 39.26 -92.70 28.79
CA UNK L 9 38.69 -92.17 30.01
C UNK L 9 38.01 -90.83 29.76
N UNK L 10 38.71 -89.93 29.08
CA UNK L 10 38.12 -88.67 28.68
C UNK L 10 36.77 -88.89 28.03
N UNK L 11 36.77 -89.57 26.88
CA UNK L 11 35.52 -89.95 26.25
C UNK L 11 34.62 -90.64 27.26
N UNK L 12 35.20 -91.56 28.04
CA UNK L 12 34.47 -92.15 29.15
C UNK L 12 33.85 -91.06 30.02
N UNK L 13 34.69 -90.21 30.59
CA UNK L 13 34.19 -89.07 31.34
C UNK L 13 33.12 -88.33 30.55
N UNK L 14 33.34 -88.19 29.24
CA UNK L 14 32.39 -87.49 28.40
C UNK L 14 30.97 -88.02 28.58
N UNK L 15 30.83 -89.34 28.74
CA UNK L 15 29.53 -89.97 28.83
C UNK L 15 28.65 -89.36 29.91
N UNK L 16 29.25 -88.64 30.85
CA UNK L 16 28.46 -87.94 31.85
C UNK L 16 27.33 -87.14 31.22
N UNK L 17 27.60 -86.54 30.05
CA UNK L 17 26.61 -85.69 29.40
C UNK L 17 25.30 -86.41 29.19
N UNK L 18 25.32 -87.75 29.17
CA UNK L 18 24.11 -88.51 29.00
C UNK L 18 23.03 -88.11 29.99
N UNK L 19 23.43 -87.58 31.15
CA UNK L 19 22.47 -87.14 32.15
C UNK L 19 21.40 -86.25 31.54
N UNK L 20 21.79 -85.39 30.60
CA UNK L 20 20.82 -84.55 29.92
C UNK L 20 19.77 -85.40 29.23
N UNK L 21 20.20 -86.31 28.35
CA UNK L 21 19.26 -87.13 27.62
C UNK L 21 18.43 -88.00 28.54
N UNK L 22 18.80 -88.10 29.81
CA UNK L 22 18.08 -88.93 30.76
C UNK L 22 16.86 -88.21 31.32
N UNK L 23 15.78 -88.96 31.52
CA UNK L 23 14.51 -88.44 32.03
C UNK L 23 14.26 -88.69 33.52
N UNK L 24 15.20 -89.30 34.24
CA UNK L 24 14.90 -89.76 35.60
C UNK L 24 16.19 -89.86 36.41
N UNK L 25 16.01 -90.03 37.72
CA UNK L 25 17.10 -90.33 38.67
C UNK L 25 18.11 -89.19 38.78
N UNK L 26 17.61 -87.99 39.03
CA UNK L 26 18.45 -86.82 39.21
C UNK L 26 19.46 -86.96 40.35
N UNK L 27 18.98 -86.97 41.60
CA UNK L 27 19.88 -86.97 42.75
C UNK L 27 20.91 -88.07 42.64
N UNK L 28 20.50 -89.21 42.10
CA UNK L 28 21.44 -90.23 41.68
C UNK L 28 22.51 -89.57 40.85
N UNK L 29 22.16 -89.13 39.64
CA UNK L 29 23.15 -88.61 38.70
C UNK L 29 24.03 -87.54 39.34
N UNK L 30 23.55 -86.88 40.39
CA UNK L 30 24.46 -86.16 41.26
C UNK L 30 25.50 -87.12 41.84
N UNK L 31 25.04 -88.09 42.63
CA UNK L 31 25.99 -89.00 43.27
C UNK L 31 26.78 -89.78 42.24
N UNK L 32 26.09 -90.55 41.39
CA UNK L 32 26.73 -91.30 40.33
C UNK L 32 27.66 -90.43 39.52
N UNK L 33 27.25 -89.20 39.25
CA UNK L 33 28.16 -88.24 38.65
C UNK L 33 29.46 -88.20 39.44
N UNK L 34 29.34 -88.05 40.76
CA UNK L 34 30.54 -88.05 41.59
C UNK L 34 31.32 -89.34 41.43
N UNK L 35 30.63 -90.46 41.20
CA UNK L 35 31.33 -91.71 40.98
C UNK L 35 32.17 -91.63 39.72
N UNK L 36 31.52 -91.36 38.59
CA UNK L 36 32.25 -91.23 37.33
C UNK L 36 33.42 -90.29 37.49
N UNK L 37 33.22 -89.23 38.26
CA UNK L 37 34.34 -88.38 38.65
C UNK L 37 35.45 -89.20 39.27
N UNK L 38 35.17 -89.85 40.39
CA UNK L 38 36.22 -90.49 41.16
C UNK L 38 36.93 -91.57 40.35
N UNK L 39 36.17 -92.58 39.91
CA UNK L 39 36.78 -93.66 39.15
C UNK L 39 37.47 -93.12 37.91
N UNK L 40 36.89 -92.09 37.31
CA UNK L 40 37.60 -91.36 36.27
C UNK L 40 38.97 -90.94 36.76
N UNK L 41 39.06 -90.50 38.02
CA UNK L 41 40.36 -90.17 38.57
C UNK L 41 41.20 -91.40 38.83
N UNK L 42 40.57 -92.58 38.95
CA UNK L 42 41.36 -93.80 38.96
C UNK L 42 42.04 -93.97 37.62
N UNK L 43 41.27 -93.83 36.53
CA UNK L 43 41.88 -93.81 35.21
C UNK L 43 42.96 -92.75 35.12
N UNK L 44 42.74 -91.62 35.78
CA UNK L 44 43.76 -90.58 35.81
C UNK L 44 45.03 -91.10 36.47
N UNK L 45 44.87 -91.83 37.57
CA UNK L 45 46.03 -92.46 38.19
C UNK L 45 46.74 -93.37 37.20
N UNK L 46 45.97 -94.11 36.40
CA UNK L 46 46.59 -94.91 35.36
C UNK L 46 47.41 -94.05 34.42
N UNK L 47 46.87 -92.90 34.04
CA UNK L 47 47.64 -91.98 33.21
C UNK L 47 48.93 -91.58 33.91
N UNK L 48 48.87 -91.31 35.20
CA UNK L 48 50.09 -91.07 35.94
C UNK L 48 51.05 -92.23 35.77
N UNK L 49 50.53 -93.44 35.90
CA UNK L 49 51.35 -94.62 35.69
C UNK L 49 51.98 -94.61 34.31
N UNK L 50 51.29 -94.02 33.33
CA UNK L 50 51.91 -93.86 32.02
C UNK L 50 53.18 -93.03 32.10
N UNK L 51 53.42 -92.34 33.21
CA UNK L 51 54.77 -91.86 33.48
C UNK L 51 55.44 -92.91 34.34
N UNK L 52 56.27 -93.73 33.74
CA UNK L 52 57.05 -94.67 34.52
C UNK L 52 58.35 -94.04 35.05
N UNK L 53 59.21 -93.38 34.25
CA UNK L 53 59.48 -93.49 32.79
C UNK L 53 58.32 -93.22 31.84
N UNK L 54 57.96 -91.96 31.70
CA UNK L 54 56.82 -91.57 30.88
C UNK L 54 57.02 -91.93 29.42
N UNK L 55 55.89 -92.10 28.73
CA UNK L 55 55.86 -92.23 27.28
C UNK L 55 54.68 -91.42 26.78
N UNK L 56 54.92 -90.48 25.87
CA UNK L 56 53.94 -89.47 25.50
C UNK L 56 53.57 -89.56 24.03
N UNK L 57 52.30 -89.27 23.72
CA UNK L 57 51.83 -89.42 22.35
C UNK L 57 50.65 -88.50 22.12
N UNK L 58 50.54 -88.01 20.89
CA UNK L 58 49.33 -87.30 20.50
C UNK L 58 48.25 -88.30 20.11
N UNK L 59 47.00 -87.91 20.33
CA UNK L 59 45.87 -88.78 20.09
C UNK L 59 45.21 -88.38 18.78
N UNK L 60 45.40 -89.19 17.73
CA UNK L 60 45.04 -88.75 16.39
C UNK L 60 43.53 -88.84 16.16
N UNK L 61 43.12 -88.39 14.98
CA UNK L 61 41.80 -88.56 14.39
C UNK L 61 41.84 -87.90 13.02
N UNK L 62 40.92 -88.31 12.14
CA UNK L 62 41.05 -88.09 10.71
C UNK L 62 40.07 -87.03 10.22
N UNK L 63 38.77 -87.31 10.27
CA UNK L 63 37.83 -86.39 9.66
C UNK L 63 37.65 -85.22 10.59
N UNK L 64 38.12 -84.05 10.15
CA UNK L 64 37.84 -82.78 10.79
C UNK L 64 37.51 -81.77 9.71
N UNK L 65 38.50 -81.51 8.86
CA UNK L 65 38.36 -80.64 7.71
C UNK L 65 39.66 -80.66 6.93
N UNK L 66 39.57 -80.29 5.66
CA UNK L 66 40.76 -80.04 4.84
C UNK L 66 40.51 -78.78 4.03
N UNK L 67 41.25 -77.73 4.34
CA UNK L 67 41.31 -76.56 3.49
C UNK L 67 42.18 -76.88 2.27
N UNK L 68 42.05 -76.04 1.25
CA UNK L 68 42.91 -76.22 0.10
C UNK L 68 44.35 -76.27 0.55
N UNK L 69 45.01 -77.38 0.24
CA UNK L 69 46.38 -77.64 0.63
C UNK L 69 46.54 -77.73 2.14
N UNK L 70 45.53 -77.35 2.90
CA UNK L 70 45.61 -77.32 4.35
C UNK L 70 44.63 -78.31 4.93
N UNK L 71 45.13 -79.40 5.47
CA UNK L 71 44.28 -80.39 6.14
C UNK L 71 44.28 -80.07 7.62
N UNK L 72 43.14 -79.64 8.13
CA UNK L 72 43.01 -79.29 9.53
C UNK L 72 42.29 -80.42 10.24
N UNK L 73 43.04 -81.20 11.02
CA UNK L 73 42.44 -82.29 11.76
C UNK L 73 43.03 -82.39 13.16
N UNK L 74 42.19 -82.18 14.16
CA UNK L 74 42.39 -82.76 15.48
C UNK L 74 41.38 -83.89 15.46
N UNK L 75 41.65 -85.09 15.99
CA UNK L 75 42.73 -85.52 16.88
C UNK L 75 42.85 -84.76 18.19
N UNK L 76 44.08 -84.64 18.65
CA UNK L 76 44.40 -84.37 20.06
C UNK L 76 45.89 -84.55 20.26
N UNK L 77 46.43 -84.04 21.36
CA UNK L 77 47.85 -84.20 21.64
C UNK L 77 48.01 -84.54 23.12
N UNK L 78 48.68 -85.65 23.41
CA UNK L 78 48.89 -86.08 24.79
C UNK L 78 50.36 -85.87 25.14
N UNK L 79 50.62 -84.85 25.95
CA UNK L 79 51.93 -84.58 26.52
C UNK L 79 51.82 -84.68 28.03
N UNK L 80 52.37 -85.75 28.60
CA UNK L 80 52.20 -86.01 30.02
C UNK L 80 52.69 -84.84 30.86
N UNK L 81 53.98 -84.53 30.75
CA UNK L 81 54.54 -83.42 31.50
C UNK L 81 53.71 -82.18 31.32
N UNK L 82 53.11 -82.01 30.15
CA UNK L 82 52.07 -81.01 30.04
C UNK L 82 50.82 -81.56 30.70
N UNK L 83 50.23 -82.61 30.13
CA UNK L 83 48.84 -82.95 30.40
C UNK L 83 48.64 -83.66 31.74
N UNK L 84 49.44 -84.70 31.99
CA UNK L 84 49.08 -85.67 33.01
C UNK L 84 48.83 -85.04 34.37
N UNK L 85 49.77 -84.20 34.80
CA UNK L 85 49.73 -83.63 36.14
C UNK L 85 48.39 -82.95 36.40
N UNK L 86 48.17 -81.81 35.74
CA UNK L 86 46.93 -81.10 35.95
C UNK L 86 45.73 -81.95 35.62
N UNK L 87 45.90 -82.95 34.76
CA UNK L 87 44.81 -83.86 34.49
C UNK L 87 44.35 -84.48 35.80
N UNK L 88 45.19 -85.35 36.37
CA UNK L 88 44.80 -86.02 37.60
C UNK L 88 44.54 -85.02 38.71
N UNK L 89 45.25 -83.90 38.68
CA UNK L 89 45.10 -82.85 39.67
C UNK L 89 43.65 -82.38 39.70
N UNK L 90 43.26 -81.73 38.61
CA UNK L 90 41.89 -81.28 38.47
C UNK L 90 40.92 -82.41 38.75
N UNK L 91 41.30 -83.64 38.43
CA UNK L 91 40.46 -84.78 38.76
C UNK L 91 40.16 -84.79 40.25
N UNK L 92 41.20 -84.99 41.08
CA UNK L 92 40.98 -85.02 42.52
C UNK L 92 40.24 -83.78 42.98
N UNK L 93 40.64 -82.63 42.45
CA UNK L 93 39.95 -81.38 42.73
C UNK L 93 38.45 -81.53 42.52
N UNK L 94 38.04 -82.25 41.48
CA UNK L 94 36.63 -82.42 41.23
C UNK L 94 36.01 -83.39 42.22
N UNK L 95 36.68 -84.54 42.43
CA UNK L 95 36.18 -85.54 43.35
C UNK L 95 35.84 -84.91 44.68
N UNK L 96 36.62 -83.91 45.09
CA UNK L 96 36.21 -83.10 46.22
C UNK L 96 35.16 -82.09 45.83
N UNK L 97 35.21 -81.59 44.60
CA UNK L 97 34.42 -80.42 44.25
C UNK L 97 32.93 -80.73 44.32
N UNK L 98 32.51 -81.74 43.56
CA UNK L 98 31.10 -82.12 43.61
C UNK L 98 30.66 -82.44 45.02
N UNK L 99 31.56 -83.00 45.81
CA UNK L 99 31.25 -83.22 47.22
C UNK L 99 30.88 -81.91 47.89
N UNK L 100 31.72 -80.90 47.74
CA UNK L 100 31.36 -79.57 48.25
C UNK L 100 30.01 -79.15 47.68
N UNK L 101 29.74 -79.52 46.43
CA UNK L 101 28.50 -79.14 45.80
C UNK L 101 27.31 -79.80 46.47
N UNK L 102 27.51 -80.96 47.09
CA UNK L 102 26.40 -81.61 47.75
C UNK L 102 25.80 -80.71 48.81
N UNK L 103 26.50 -80.54 49.92
CA UNK L 103 25.95 -79.78 51.03
C UNK L 103 25.92 -78.30 50.70
N UNK L 104 27.04 -77.78 50.19
CA UNK L 104 27.07 -76.38 49.78
C UNK L 104 25.91 -76.06 48.86
N UNK L 105 25.55 -77.00 48.01
CA UNK L 105 24.43 -76.85 47.10
C UNK L 105 23.16 -77.51 47.62
N UNK L 106 23.20 -78.09 48.80
CA UNK L 106 22.03 -78.81 49.30
C UNK L 106 20.80 -77.91 49.29
N UNK L 107 19.64 -78.54 49.06
CA UNK L 107 18.33 -77.91 49.12
C UNK L 107 18.07 -76.94 47.97
N UNK L 108 19.04 -76.72 47.09
CA UNK L 108 18.78 -75.85 45.95
C UNK L 108 17.71 -76.47 45.04
N UNK L 109 17.05 -75.61 44.27
CA UNK L 109 15.89 -76.05 43.50
C UNK L 109 16.30 -76.88 42.30
N UNK L 110 16.96 -76.26 41.33
CA UNK L 110 17.30 -76.87 40.06
C UNK L 110 18.63 -77.59 40.09
N UNK L 111 19.22 -77.76 41.29
CA UNK L 111 20.64 -78.00 41.42
C UNK L 111 21.15 -79.11 40.51
N UNK L 112 20.29 -80.06 40.15
CA UNK L 112 20.67 -81.03 39.13
C UNK L 112 21.25 -80.32 37.92
N UNK L 113 20.66 -79.19 37.54
CA UNK L 113 21.22 -78.38 36.47
C UNK L 113 22.61 -77.90 36.82
N UNK L 114 22.77 -77.35 38.03
CA UNK L 114 24.08 -76.91 38.46
C UNK L 114 25.11 -78.01 38.26
N UNK L 115 24.72 -79.25 38.57
CA UNK L 115 25.57 -80.38 38.26
C UNK L 115 25.82 -80.46 36.76
N UNK L 116 24.77 -80.32 35.97
CA UNK L 116 24.88 -80.50 34.53
C UNK L 116 25.89 -79.52 33.94
N UNK L 117 25.50 -78.25 33.92
CA UNK L 117 26.40 -77.23 33.42
C UNK L 117 27.74 -77.32 34.09
N UNK L 118 27.76 -77.72 35.36
CA UNK L 118 29.03 -77.96 36.04
C UNK L 118 29.89 -78.91 35.21
N UNK L 119 29.34 -80.08 34.89
CA UNK L 119 30.06 -81.02 34.06
C UNK L 119 30.48 -80.38 32.75
N UNK L 120 29.60 -79.56 32.17
CA UNK L 120 29.94 -78.87 30.95
C UNK L 120 31.25 -78.11 31.11
N UNK L 121 31.33 -77.26 32.13
CA UNK L 121 32.54 -76.50 32.33
C UNK L 121 33.73 -77.39 32.63
N UNK L 122 33.48 -78.54 33.24
CA UNK L 122 34.60 -79.39 33.63
C UNK L 122 35.20 -79.99 32.38
N UNK L 123 34.41 -80.86 31.72
CA UNK L 123 34.85 -81.46 30.48
C UNK L 123 35.40 -80.40 29.54
N UNK L 124 34.76 -79.23 29.52
CA UNK L 124 35.30 -78.09 28.82
C UNK L 124 36.76 -77.91 29.15
N UNK L 125 37.05 -77.62 30.42
CA UNK L 125 38.43 -77.41 30.84
C UNK L 125 39.32 -78.55 30.40
N UNK L 126 38.82 -79.78 30.51
CA UNK L 126 39.58 -80.93 30.03
C UNK L 126 40.01 -80.73 28.59
N UNK L 127 39.03 -80.61 27.70
CA UNK L 127 39.33 -80.39 26.29
C UNK L 127 40.34 -79.27 26.12
N UNK L 128 40.19 -78.20 26.91
CA UNK L 128 41.16 -77.13 26.86
C UNK L 128 42.57 -77.66 27.07
N UNK L 129 42.77 -78.42 28.14
CA UNK L 129 44.08 -79.01 28.34
C UNK L 129 44.48 -79.94 27.21
N UNK L 130 43.51 -80.45 26.47
CA UNK L 130 43.76 -81.56 25.56
C UNK L 130 44.10 -81.14 24.13
N UNK L 131 44.20 -79.84 23.87
CA UNK L 131 44.22 -79.36 22.49
C UNK L 131 45.36 -79.96 21.68
N UNK L 132 45.06 -80.32 20.43
CA UNK L 132 46.09 -80.79 19.49
C UNK L 132 46.85 -79.62 18.87
N UNK L 133 46.13 -78.63 18.38
CA UNK L 133 46.73 -77.57 17.58
C UNK L 133 45.81 -76.35 17.62
N UNK L 134 46.07 -75.40 16.75
CA UNK L 134 45.47 -74.08 16.76
C UNK L 134 43.95 -74.09 16.94
N UNK L 135 43.24 -74.55 15.91
CA UNK L 135 41.78 -74.45 15.92
C UNK L 135 41.20 -75.10 17.16
N UNK L 136 41.68 -76.29 17.51
CA UNK L 136 41.27 -76.92 18.75
C UNK L 136 41.57 -76.01 19.93
N UNK L 137 42.70 -75.30 19.87
CA UNK L 137 43.14 -74.55 21.01
C UNK L 137 42.21 -73.37 21.23
N UNK L 138 42.21 -72.42 20.30
CA UNK L 138 41.33 -71.27 20.43
C UNK L 138 39.90 -71.71 20.63
N UNK L 139 39.48 -72.75 19.90
CA UNK L 139 38.16 -73.33 20.10
C UNK L 139 37.91 -73.60 21.58
N UNK L 140 38.90 -74.19 22.24
CA UNK L 140 38.74 -74.47 23.66
C UNK L 140 38.76 -73.19 24.49
N UNK L 141 39.81 -72.38 24.31
CA UNK L 141 40.00 -71.19 25.12
C UNK L 141 38.75 -70.35 25.16
N UNK L 142 38.14 -70.12 24.00
CA UNK L 142 36.86 -69.45 23.99
C UNK L 142 35.78 -70.32 24.62
N UNK L 143 35.78 -71.61 24.28
CA UNK L 143 34.70 -72.51 24.66
C UNK L 143 34.45 -72.50 26.17
N UNK L 144 35.42 -73.03 26.92
CA UNK L 144 35.26 -73.12 28.36
C UNK L 144 34.86 -71.77 28.93
N UNK L 145 35.49 -70.70 28.47
CA UNK L 145 35.13 -69.37 28.91
C UNK L 145 33.64 -69.13 28.76
N UNK L 146 33.10 -69.48 27.59
CA UNK L 146 31.66 -69.31 27.37
C UNK L 146 30.88 -70.10 28.39
N UNK L 147 31.24 -71.37 28.57
CA UNK L 147 30.61 -72.17 29.61
C UNK L 147 30.57 -71.40 30.92
N UNK L 148 31.66 -70.72 31.23
CA UNK L 148 31.67 -69.89 32.43
C UNK L 148 30.64 -68.76 32.31
N UNK L 149 30.56 -68.13 31.15
CA UNK L 149 29.58 -67.07 30.97
C UNK L 149 28.21 -67.55 31.39
N UNK L 150 27.89 -68.79 31.03
CA UNK L 150 26.70 -69.41 31.60
C UNK L 150 26.83 -69.51 33.10
N UNK L 151 27.97 -69.98 33.58
CA UNK L 151 28.12 -70.29 34.99
C UNK L 151 28.04 -69.06 35.87
N UNK L 152 28.05 -67.87 35.29
CA UNK L 152 28.14 -66.67 36.10
C UNK L 152 26.92 -66.45 36.97
N UNK L 153 25.88 -67.26 36.84
CA UNK L 153 24.55 -66.87 37.30
C UNK L 153 24.08 -67.64 38.53
N UNK L 154 23.65 -68.89 38.38
CA UNK L 154 22.58 -69.44 39.23
C UNK L 154 21.50 -68.36 39.14
N UNK L 155 20.87 -67.98 40.24
CA UNK L 155 20.52 -66.58 40.48
C UNK L 155 20.13 -65.83 39.22
N UNK L 156 19.01 -66.18 38.59
CA UNK L 156 18.61 -65.51 37.36
C UNK L 156 18.29 -64.05 37.58
N UNK L 157 18.22 -63.60 38.82
CA UNK L 157 17.88 -62.23 39.17
C UNK L 157 19.14 -61.41 39.46
N UNK L 158 18.93 -60.18 39.92
CA UNK L 158 19.99 -59.25 40.27
C UNK L 158 20.82 -59.78 41.45
N UNK L 159 22.06 -59.34 41.62
CA UNK L 159 22.73 -58.31 40.83
C UNK L 159 22.84 -58.68 39.38
N UNK L 160 22.67 -57.69 38.51
CA UNK L 160 22.74 -57.93 37.09
C UNK L 160 23.97 -58.76 36.76
N UNK L 161 25.13 -58.31 37.24
CA UNK L 161 26.35 -59.11 37.29
C UNK L 161 26.69 -59.68 35.93
N UNK L 162 26.15 -59.05 34.90
CA UNK L 162 26.23 -59.55 33.54
C UNK L 162 27.27 -58.77 32.78
N UNK L 163 27.09 -57.45 32.69
CA UNK L 163 28.20 -56.59 32.34
C UNK L 163 29.43 -56.96 33.14
N UNK L 164 29.24 -57.41 34.37
CA UNK L 164 30.31 -58.12 35.05
C UNK L 164 30.66 -59.40 34.29
N UNK L 165 29.68 -60.28 34.14
CA UNK L 165 29.88 -61.55 33.46
C UNK L 165 30.44 -61.30 32.08
N UNK L 166 29.63 -60.69 31.23
CA UNK L 166 30.09 -60.38 29.88
C UNK L 166 31.26 -59.42 29.89
N UNK L 167 31.63 -58.89 31.05
CA UNK L 167 32.84 -58.07 31.11
C UNK L 167 34.08 -58.96 31.09
N UNK L 168 34.24 -59.79 32.11
CA UNK L 168 35.34 -60.74 32.08
C UNK L 168 35.30 -61.54 30.79
N UNK L 169 34.09 -61.95 30.39
CA UNK L 169 33.92 -62.57 29.09
C UNK L 169 34.35 -61.63 27.98
N UNK L 170 34.22 -60.33 28.21
CA UNK L 170 34.42 -59.38 27.13
C UNK L 170 35.92 -59.20 26.88
N UNK L 171 36.62 -58.65 27.86
CA UNK L 171 38.07 -58.57 27.78
C UNK L 171 38.66 -59.93 27.44
N UNK L 172 38.03 -61.00 27.93
CA UNK L 172 38.37 -62.33 27.47
C UNK L 172 38.38 -62.37 25.95
N UNK L 173 37.22 -62.09 25.33
CA UNK L 173 37.16 -62.05 23.87
C UNK L 173 38.23 -61.16 23.29
N UNK L 174 38.56 -60.07 23.98
CA UNK L 174 39.66 -59.23 23.52
C UNK L 174 40.95 -60.04 23.40
N UNK L 175 41.25 -60.85 24.41
CA UNK L 175 42.37 -61.78 24.27
C UNK L 175 42.17 -62.66 23.06
N UNK L 176 40.95 -63.18 22.90
CA UNK L 176 40.67 -64.08 21.78
C UNK L 176 41.01 -63.41 20.46
N UNK L 177 40.92 -62.09 20.40
CA UNK L 177 41.33 -61.40 19.18
C UNK L 177 42.77 -61.75 18.83
N UNK L 178 43.68 -61.47 19.75
CA UNK L 178 45.07 -61.81 19.52
C UNK L 178 45.28 -63.31 19.43
N UNK L 179 44.33 -64.10 19.93
CA UNK L 179 44.41 -65.53 19.73
C UNK L 179 44.21 -65.88 18.25
N UNK L 180 43.17 -65.31 17.66
CA UNK L 180 43.01 -65.43 16.21
C UNK L 180 44.25 -64.92 15.50
N UNK L 181 44.72 -63.76 15.92
CA UNK L 181 45.98 -63.24 15.41
C UNK L 181 47.07 -64.29 15.51
N UNK L 182 47.02 -65.14 16.54
CA UNK L 182 48.02 -66.17 16.68
C UNK L 182 47.80 -67.27 15.66
N UNK L 183 46.54 -67.64 15.44
CA UNK L 183 46.25 -68.54 14.34
C UNK L 183 46.86 -68.01 13.06
N UNK L 184 46.91 -66.69 12.92
CA UNK L 184 47.65 -66.12 11.81
C UNK L 184 49.15 -66.27 12.01
N UNK L 185 49.63 -66.17 13.25
CA UNK L 185 51.06 -66.19 13.51
C UNK L 185 51.70 -67.40 12.88
N UNK L 186 51.05 -68.54 12.99
CA UNK L 186 51.33 -69.63 12.07
C UNK L 186 51.00 -69.17 10.66
N UNK L 187 49.72 -69.00 10.36
CA UNK L 187 49.24 -68.79 9.00
C UNK L 187 50.07 -67.73 8.32
N UNK L 188 49.90 -66.47 8.73
CA UNK L 188 50.89 -65.47 8.39
C UNK L 188 52.22 -65.93 8.93
N UNK L 189 53.25 -65.81 8.11
CA UNK L 189 54.51 -66.50 8.35
C UNK L 189 54.20 -67.99 8.38
N UNK L 190 54.37 -68.68 9.50
CA UNK L 190 54.62 -70.12 9.50
C UNK L 190 53.67 -70.89 8.60
N UNK L 191 52.39 -70.53 8.60
CA UNK L 191 51.35 -71.27 7.88
C UNK L 191 51.32 -72.72 8.30
N UNK L 192 51.74 -72.99 9.53
CA UNK L 192 51.81 -74.37 10.03
C UNK L 192 50.50 -74.77 10.69
N UNK L 193 50.16 -74.09 11.79
CA UNK L 193 48.97 -74.36 12.61
C UNK L 193 49.00 -75.76 13.20
N UNK L 194 50.18 -76.36 13.34
CA UNK L 194 50.35 -77.70 13.87
C UNK L 194 51.31 -77.66 15.04
N UNK L 195 50.88 -78.18 16.18
CA UNK L 195 51.70 -78.12 17.39
C UNK L 195 53.11 -78.61 17.13
N UNK L 196 53.24 -79.75 16.46
CA UNK L 196 54.55 -80.24 16.08
C UNK L 196 55.28 -79.20 15.26
N UNK L 197 54.75 -78.91 14.07
CA UNK L 197 55.38 -77.91 13.22
C UNK L 197 55.56 -76.58 13.94
N UNK L 198 54.64 -76.25 14.84
CA UNK L 198 54.83 -75.07 15.67
C UNK L 198 56.22 -75.09 16.29
N UNK L 199 56.56 -76.19 16.95
CA UNK L 199 57.92 -76.37 17.38
C UNK L 199 58.88 -76.35 16.20
N UNK L 200 58.61 -77.16 15.20
CA UNK L 200 59.58 -77.33 14.13
C UNK L 200 59.09 -76.73 12.83
N UNK L 201 59.70 -75.62 12.44
CA UNK L 201 60.71 -74.99 13.28
C UNK L 201 60.30 -73.56 13.54
N UNK L 202 60.82 -72.99 14.63
CA UNK L 202 60.50 -71.61 14.95
C UNK L 202 61.03 -70.66 13.89
N UNK L 203 62.34 -70.65 13.70
CA UNK L 203 63.01 -69.70 12.80
C UNK L 203 62.55 -68.27 13.08
N UNK L 204 62.23 -67.99 14.34
CA UNK L 204 61.68 -66.71 14.73
C UNK L 204 62.79 -65.73 15.11
N UNK L 205 62.69 -64.43 14.81
CA UNK L 205 61.64 -63.73 14.06
C UNK L 205 60.23 -63.92 14.60
N UNK L 206 60.05 -63.72 15.91
CA UNK L 206 58.76 -63.99 16.54
C UNK L 206 57.87 -62.76 16.66
N UNK L 207 58.39 -61.56 16.39
CA UNK L 207 57.83 -60.31 16.90
C UNK L 207 56.32 -60.26 16.81
N UNK L 208 55.79 -60.24 15.60
CA UNK L 208 54.35 -60.26 15.38
C UNK L 208 53.74 -61.38 16.20
N UNK L 209 54.10 -62.60 15.82
CA UNK L 209 53.65 -63.78 16.55
C UNK L 209 53.87 -63.59 18.04
N UNK L 210 55.08 -63.18 18.42
CA UNK L 210 55.41 -62.94 19.81
C UNK L 210 54.37 -62.04 20.43
N UNK L 211 54.28 -60.80 19.95
CA UNK L 211 53.37 -59.83 20.54
C UNK L 211 51.98 -60.40 20.70
N UNK L 212 51.49 -61.08 19.67
CA UNK L 212 50.18 -61.71 19.76
C UNK L 212 50.11 -62.61 20.99
N UNK L 213 51.04 -63.56 21.09
CA UNK L 213 51.07 -64.45 22.23
C UNK L 213 51.13 -63.66 23.52
N UNK L 214 51.85 -62.55 23.50
CA UNK L 214 52.00 -61.70 24.66
C UNK L 214 50.64 -61.22 25.13
N UNK L 215 50.01 -60.33 24.37
CA UNK L 215 48.80 -59.68 24.88
C UNK L 215 47.66 -60.67 25.05
N UNK L 216 47.49 -61.58 24.08
CA UNK L 216 46.48 -62.62 24.22
C UNK L 216 46.69 -63.35 25.54
N UNK L 217 47.91 -63.84 25.74
CA UNK L 217 48.27 -64.47 27.00
C UNK L 217 47.97 -63.55 28.17
N UNK L 218 48.06 -62.24 27.96
CA UNK L 218 47.89 -61.31 29.06
C UNK L 218 46.45 -61.28 29.52
N UNK L 219 45.54 -61.04 28.59
CA UNK L 219 44.14 -60.95 28.99
C UNK L 219 43.61 -62.31 29.41
N UNK L 220 43.92 -63.36 28.64
CA UNK L 220 43.61 -64.69 29.11
C UNK L 220 44.26 -64.96 30.45
N UNK L 221 45.27 -64.17 30.80
CA UNK L 221 45.99 -64.28 32.05
C UNK L 221 45.47 -63.33 33.11
N UNK L 222 44.47 -62.52 32.81
CA UNK L 222 43.85 -61.63 33.78
C UNK L 222 44.80 -60.56 34.31
N UNK L 223 46.05 -60.55 33.85
CA UNK L 223 47.04 -59.63 34.38
C UNK L 223 46.61 -58.19 34.10
N UNK L 224 47.25 -57.26 34.81
CA UNK L 224 46.87 -55.85 34.79
C UNK L 224 45.45 -55.81 35.34
N UNK L 225 44.47 -55.31 34.59
CA UNK L 225 43.14 -55.16 35.17
C UNK L 225 42.37 -56.43 34.91
N UNK L 226 42.23 -57.23 35.97
CA UNK L 226 41.24 -58.28 36.06
C UNK L 226 40.02 -57.82 36.84
N UNK L 227 39.99 -56.53 37.17
CA UNK L 227 39.06 -55.97 38.14
C UNK L 227 37.67 -56.52 37.90
N UNK L 228 37.29 -56.66 36.64
CA UNK L 228 36.09 -57.40 36.31
C UNK L 228 36.17 -58.82 36.84
N UNK L 229 37.07 -59.61 36.27
CA UNK L 229 37.12 -61.04 36.55
C UNK L 229 37.16 -61.31 38.04
N UNK L 230 38.12 -60.70 38.73
CA UNK L 230 38.20 -60.91 40.15
C UNK L 230 37.01 -60.30 40.88
N UNK L 231 36.42 -59.25 40.32
CA UNK L 231 35.39 -58.52 41.04
C UNK L 231 34.11 -59.34 41.09
N UNK L 232 33.50 -59.52 39.93
CA UNK L 232 32.37 -60.42 39.86
C UNK L 232 32.72 -61.79 40.40
N UNK L 233 33.99 -62.18 40.26
CA UNK L 233 34.44 -63.41 40.89
C UNK L 233 34.10 -63.39 42.37
N UNK L 234 34.36 -62.28 43.04
CA UNK L 234 33.82 -62.12 44.40
C UNK L 234 32.30 -62.20 44.37
N UNK L 235 31.68 -61.52 43.41
CA UNK L 235 30.23 -61.54 43.32
C UNK L 235 29.67 -62.91 42.99
N UNK L 236 30.52 -63.87 42.64
CA UNK L 236 30.03 -65.15 42.18
C UNK L 236 29.50 -65.98 43.34
N UNK L 237 28.67 -66.97 43.00
CA UNK L 237 28.19 -67.93 43.99
C UNK L 237 29.32 -68.79 44.50
N UNK L 238 29.09 -69.41 45.66
CA UNK L 238 30.14 -70.15 46.33
C UNK L 238 30.77 -71.17 45.41
N UNK L 239 29.95 -72.09 44.90
CA UNK L 239 30.48 -73.10 44.00
C UNK L 239 31.07 -72.48 42.75
N UNK L 240 30.54 -71.32 42.34
CA UNK L 240 31.07 -70.67 41.15
C UNK L 240 32.53 -70.29 41.36
N UNK L 241 32.77 -69.45 42.37
CA UNK L 241 34.15 -69.10 42.70
C UNK L 241 34.97 -70.34 42.90
N UNK L 242 34.37 -71.36 43.53
CA UNK L 242 35.05 -72.63 43.66
C UNK L 242 35.58 -73.10 42.32
N UNK L 243 34.74 -73.12 41.31
CA UNK L 243 35.18 -73.68 40.03
C UNK L 243 36.10 -72.70 39.31
N UNK L 244 35.53 -71.61 38.81
CA UNK L 244 36.30 -70.70 37.98
C UNK L 244 37.53 -70.22 38.72
N UNK L 245 37.34 -69.71 39.94
CA UNK L 245 38.46 -69.39 40.80
C UNK L 245 39.43 -70.56 40.86
N UNK L 246 38.96 -71.69 41.36
CA UNK L 246 39.84 -72.83 41.53
C UNK L 246 40.44 -73.31 40.22
N UNK L 247 39.86 -72.93 39.08
CA UNK L 247 40.30 -73.59 37.85
C UNK L 247 40.65 -72.65 36.70
N UNK L 248 39.64 -71.99 36.13
CA UNK L 248 39.69 -71.56 34.74
C UNK L 248 40.89 -70.68 34.40
N UNK L 249 40.87 -69.42 34.84
CA UNK L 249 41.85 -68.45 34.34
C UNK L 249 43.26 -68.88 34.67
N UNK L 250 43.45 -69.47 35.85
CA UNK L 250 44.73 -70.05 36.20
C UNK L 250 45.24 -70.93 35.06
N UNK L 251 44.49 -72.00 34.78
CA UNK L 251 44.83 -72.86 33.66
C UNK L 251 45.06 -72.05 32.40
N UNK L 252 44.24 -71.02 32.18
CA UNK L 252 44.33 -70.25 30.95
C UNK L 252 45.71 -69.64 30.78
N UNK L 253 46.25 -69.06 31.84
CA UNK L 253 47.43 -68.23 31.71
C UNK L 253 48.63 -69.10 31.39
N UNK L 254 49.05 -69.89 32.38
CA UNK L 254 50.18 -70.78 32.16
C UNK L 254 49.94 -71.65 30.94
N UNK L 255 48.77 -72.29 30.87
CA UNK L 255 48.47 -73.15 29.74
C UNK L 255 48.78 -72.46 28.43
N UNK L 256 48.51 -71.16 28.37
CA UNK L 256 48.96 -70.38 27.24
C UNK L 256 50.49 -70.35 27.19
N UNK L 257 51.11 -70.04 28.32
CA UNK L 257 52.55 -69.88 28.36
C UNK L 257 53.24 -71.14 27.86
N UNK L 258 53.17 -72.20 28.67
CA UNK L 258 53.68 -73.50 28.26
C UNK L 258 53.19 -73.87 26.88
N UNK L 259 51.93 -73.55 26.59
CA UNK L 259 51.42 -73.78 25.24
C UNK L 259 52.33 -73.17 24.21
N UNK L 260 53.02 -72.09 24.56
CA UNK L 260 54.03 -71.55 23.68
C UNK L 260 55.44 -71.98 24.03
N UNK L 261 55.64 -72.71 25.14
CA UNK L 261 56.90 -72.72 25.85
C UNK L 261 58.10 -72.88 24.93
N UNK L 262 58.09 -73.94 24.14
CA UNK L 262 59.18 -74.15 23.18
C UNK L 262 59.45 -72.87 22.41
N UNK L 263 58.40 -72.25 21.89
CA UNK L 263 58.58 -70.96 21.24
C UNK L 263 59.03 -69.90 22.23
N UNK L 264 58.57 -69.99 23.47
CA UNK L 264 58.92 -69.00 24.47
C UNK L 264 60.41 -69.00 24.78
N UNK L 265 61.13 -70.03 24.36
CA UNK L 265 62.56 -70.08 24.57
C UNK L 265 63.27 -68.82 24.11
N UNK L 266 63.33 -68.60 22.81
CA UNK L 266 64.14 -67.53 22.23
C UNK L 266 63.44 -66.18 22.42
N UNK L 267 63.96 -65.15 21.74
CA UNK L 267 63.44 -63.79 21.78
C UNK L 267 63.49 -63.22 23.20
N UNK L 268 64.72 -63.03 23.65
CA UNK L 268 64.95 -62.50 24.99
C UNK L 268 64.21 -61.19 25.22
N UNK L 269 64.01 -60.41 24.15
CA UNK L 269 63.23 -59.19 24.29
C UNK L 269 61.80 -59.50 24.65
N UNK L 270 61.16 -60.35 23.85
CA UNK L 270 59.84 -60.84 24.21
C UNK L 270 59.85 -61.44 25.60
N UNK L 271 60.90 -62.20 25.92
CA UNK L 271 61.03 -62.74 27.27
C UNK L 271 60.93 -61.63 28.30
N UNK L 272 61.58 -60.51 28.02
CA UNK L 272 61.48 -59.37 28.92
C UNK L 272 60.04 -58.88 28.98
N UNK L 273 59.35 -58.88 27.85
CA UNK L 273 57.94 -58.52 27.87
C UNK L 273 57.20 -59.40 28.86
N UNK L 274 57.51 -60.68 28.86
CA UNK L 274 56.95 -61.56 29.88
C UNK L 274 57.35 -61.09 31.26
N UNK L 275 58.58 -60.62 31.42
CA UNK L 275 58.98 -60.12 32.73
C UNK L 275 58.08 -58.97 33.17
N UNK L 276 57.75 -58.08 32.25
CA UNK L 276 56.77 -57.05 32.55
C UNK L 276 55.46 -57.68 32.97
N UNK L 277 54.99 -58.66 32.17
CA UNK L 277 53.75 -59.34 32.48
C UNK L 277 53.72 -59.82 33.91
N UNK L 278 54.84 -60.36 34.39
CA UNK L 278 55.00 -60.61 35.81
C UNK L 278 54.82 -59.33 36.61
N UNK L 279 55.71 -58.37 36.37
CA UNK L 279 55.86 -57.17 37.20
C UNK L 279 54.52 -56.52 37.49
N UNK L 280 53.87 -56.00 36.45
CA UNK L 280 52.65 -55.24 36.63
C UNK L 280 51.65 -56.00 37.49
N UNK L 281 51.18 -57.13 36.98
CA UNK L 281 50.17 -57.90 37.67
C UNK L 281 50.54 -58.14 39.13
N UNK L 282 51.79 -58.52 39.37
CA UNK L 282 52.23 -58.70 40.75
C UNK L 282 51.97 -57.44 41.55
N UNK L 283 52.45 -56.31 41.05
CA UNK L 283 52.24 -55.04 41.73
C UNK L 283 50.77 -54.81 42.03
N UNK L 284 49.97 -54.70 40.97
CA UNK L 284 48.55 -54.40 41.13
C UNK L 284 47.89 -55.37 42.11
N UNK L 285 48.40 -56.59 42.19
CA UNK L 285 47.94 -57.48 43.24
C UNK L 285 48.26 -56.89 44.61
N UNK L 286 49.54 -56.53 44.80
CA UNK L 286 49.92 -55.88 46.06
C UNK L 286 48.99 -54.73 46.37
N UNK L 287 48.58 -53.99 45.34
CA UNK L 287 47.54 -52.99 45.53
C UNK L 287 46.27 -53.65 46.04
N UNK L 288 45.85 -54.73 45.40
CA UNK L 288 44.58 -55.37 45.74
C UNK L 288 44.56 -55.90 47.15
N UNK L 289 45.71 -55.95 47.82
CA UNK L 289 45.80 -56.62 49.12
C UNK L 289 44.83 -56.13 50.19
N UNK L 290 45.06 -54.94 50.73
CA UNK L 290 44.62 -54.64 52.10
C UNK L 290 43.12 -54.44 52.25
N UNK L 291 42.49 -53.74 51.33
CA UNK L 291 41.16 -53.17 51.57
C UNK L 291 40.09 -54.23 51.80
N UNK L 292 40.43 -55.51 51.68
CA UNK L 292 39.44 -56.56 51.63
C UNK L 292 38.49 -56.48 52.82
N UNK L 293 37.20 -56.37 52.52
CA UNK L 293 36.17 -56.27 53.53
C UNK L 293 35.47 -57.59 53.82
N UNK L 294 35.78 -58.65 53.08
CA UNK L 294 35.15 -59.95 53.30
C UNK L 294 35.99 -61.00 52.58
N UNK L 295 35.57 -62.26 52.75
CA UNK L 295 36.42 -63.40 52.39
C UNK L 295 36.48 -63.62 50.90
N UNK L 296 35.33 -63.89 50.28
CA UNK L 296 35.28 -64.10 48.86
C UNK L 296 36.07 -63.02 48.14
N UNK L 297 35.93 -61.77 48.59
CA UNK L 297 36.87 -60.74 48.15
C UNK L 297 38.28 -61.08 48.56
N UNK L 298 38.49 -61.30 49.87
CA UNK L 298 39.82 -61.56 50.38
C UNK L 298 40.44 -62.75 49.66
N UNK L 299 39.83 -63.92 49.81
CA UNK L 299 40.32 -65.09 49.10
C UNK L 299 40.40 -64.85 47.60
N UNK L 300 39.61 -63.92 47.09
CA UNK L 300 39.52 -63.73 45.65
C UNK L 300 40.78 -63.06 45.14
N UNK L 301 40.96 -61.79 45.49
CA UNK L 301 42.20 -61.13 45.13
C UNK L 301 43.41 -61.89 45.65
N UNK L 302 43.21 -62.73 46.67
CA UNK L 302 44.24 -63.68 47.06
C UNK L 302 44.61 -64.56 45.88
N UNK L 303 43.65 -65.32 45.36
CA UNK L 303 43.91 -66.09 44.16
C UNK L 303 44.52 -65.20 43.08
N UNK L 304 44.07 -63.96 43.00
CA UNK L 304 44.71 -63.04 42.08
C UNK L 304 46.20 -62.94 42.35
N UNK L 305 46.57 -62.92 43.63
CA UNK L 305 47.99 -62.92 43.96
C UNK L 305 48.63 -64.22 43.50
N UNK L 306 47.90 -65.32 43.58
CA UNK L 306 48.42 -66.55 42.97
C UNK L 306 48.72 -66.31 41.49
N UNK L 307 47.89 -65.51 40.83
CA UNK L 307 48.19 -65.17 39.44
C UNK L 307 49.44 -64.32 39.35
N UNK L 308 49.64 -63.42 40.31
CA UNK L 308 50.88 -62.68 40.37
C UNK L 308 52.06 -63.63 40.38
N UNK L 309 51.98 -64.66 41.23
CA UNK L 309 52.97 -65.72 41.19
C UNK L 309 53.05 -66.35 39.81
N UNK L 310 51.90 -66.48 39.14
CA UNK L 310 51.89 -67.10 37.84
C UNK L 310 52.77 -66.34 36.87
N UNK L 311 52.32 -65.14 36.47
CA UNK L 311 53.10 -64.36 35.53
C UNK L 311 54.51 -64.16 36.02
N UNK L 312 54.71 -64.20 37.34
CA UNK L 312 56.06 -64.24 37.88
C UNK L 312 56.81 -65.41 37.29
N UNK L 313 56.31 -66.62 37.51
CA UNK L 313 56.95 -67.79 36.96
C UNK L 313 57.07 -67.69 35.45
N UNK L 314 56.16 -66.95 34.81
CA UNK L 314 56.32 -66.69 33.40
C UNK L 314 57.62 -65.96 33.15
N UNK L 315 57.84 -64.87 33.87
CA UNK L 315 59.13 -64.19 33.78
C UNK L 315 60.28 -65.13 34.11
N UNK L 316 60.02 -66.12 34.96
CA UNK L 316 61.10 -66.94 35.47
C UNK L 316 61.88 -67.67 34.39
N UNK L 317 61.26 -67.87 33.22
CA UNK L 317 61.79 -68.71 32.17
C UNK L 317 61.84 -70.17 32.60
N UNK L 318 61.48 -70.48 33.84
CA UNK L 318 61.45 -71.86 34.31
C UNK L 318 60.04 -72.39 34.08
N UNK L 319 59.90 -73.25 33.08
CA UNK L 319 58.58 -73.71 32.68
C UNK L 319 58.04 -74.74 33.65
N UNK L 320 58.80 -75.80 33.89
CA UNK L 320 58.32 -76.86 34.76
C UNK L 320 58.03 -76.34 36.15
N UNK L 321 58.89 -75.46 36.66
CA UNK L 321 58.62 -74.79 37.92
C UNK L 321 57.26 -74.12 37.88
N UNK L 322 57.03 -73.34 36.83
CA UNK L 322 55.74 -72.69 36.65
C UNK L 322 54.62 -73.70 36.76
N UNK L 323 54.75 -74.83 36.08
CA UNK L 323 53.74 -75.88 36.21
C UNK L 323 53.61 -76.32 37.66
N UNK L 324 54.70 -76.26 38.41
CA UNK L 324 54.67 -76.77 39.77
C UNK L 324 53.89 -75.83 40.67
N UNK L 325 54.43 -74.63 40.93
CA UNK L 325 53.73 -73.71 41.79
C UNK L 325 52.38 -73.32 41.21
N UNK L 326 52.17 -73.59 39.94
CA UNK L 326 50.89 -73.34 39.30
C UNK L 326 49.89 -74.38 39.76
N UNK L 327 50.13 -75.63 39.36
CA UNK L 327 49.23 -76.70 39.73
C UNK L 327 49.07 -76.80 41.23
N UNK L 328 50.19 -76.94 41.94
CA UNK L 328 50.17 -76.95 43.39
C UNK L 328 49.47 -75.71 43.93
N UNK L 329 49.74 -74.55 43.34
CA UNK L 329 49.07 -73.33 43.76
C UNK L 329 47.56 -73.51 43.74
N UNK L 330 47.05 -74.12 42.68
CA UNK L 330 45.63 -74.40 42.63
C UNK L 330 45.23 -75.43 43.66
N UNK L 331 46.12 -76.37 43.98
CA UNK L 331 45.83 -77.34 45.02
C UNK L 331 45.56 -76.62 46.33
N UNK L 332 46.58 -75.95 46.85
CA UNK L 332 46.45 -75.21 48.10
C UNK L 332 45.29 -74.23 48.02
N UNK L 333 45.45 -73.20 47.19
CA UNK L 333 44.45 -72.14 47.09
C UNK L 333 43.06 -72.72 46.96
N UNK L 334 42.93 -73.79 46.19
CA UNK L 334 41.69 -74.55 46.17
C UNK L 334 41.26 -74.89 47.60
N UNK L 335 42.07 -75.69 48.28
CA UNK L 335 41.74 -76.08 49.64
C UNK L 335 41.35 -74.88 50.48
N UNK L 336 42.03 -73.76 50.27
CA UNK L 336 41.63 -72.51 50.90
C UNK L 336 40.17 -72.20 50.62
N UNK L 337 39.84 -72.02 49.34
CA UNK L 337 38.48 -71.70 48.98
C UNK L 337 37.49 -72.68 49.61
N UNK L 338 37.90 -73.93 49.77
CA UNK L 338 37.06 -74.87 50.51
C UNK L 338 36.86 -74.40 51.95
N UNK L 339 37.95 -74.04 52.61
CA UNK L 339 37.82 -73.49 53.95
C UNK L 339 36.86 -72.32 53.96
N UNK L 340 36.94 -71.48 52.93
CA UNK L 340 35.98 -70.40 52.78
C UNK L 340 34.57 -70.95 52.73
N UNK L 341 34.37 -72.03 51.99
CA UNK L 341 33.06 -72.66 51.95
C UNK L 341 32.59 -72.98 53.36
N UNK L 342 33.48 -73.57 54.16
CA UNK L 342 33.15 -73.77 55.56
C UNK L 342 32.73 -72.46 56.21
N UNK L 343 33.44 -71.39 55.91
CA UNK L 343 33.13 -70.10 56.51
C UNK L 343 31.70 -69.70 56.20
N UNK L 344 31.44 -69.32 54.95
CA UNK L 344 30.14 -68.78 54.62
C UNK L 344 29.04 -69.78 54.93
N UNK L 345 29.34 -71.07 54.85
CA UNK L 345 28.41 -72.07 55.33
C UNK L 345 28.05 -71.78 56.77
N UNK L 346 29.08 -71.71 57.62
CA UNK L 346 28.91 -71.38 59.01
C UNK L 346 28.30 -70.00 59.20
N UNK L 347 28.35 -69.16 58.19
CA UNK L 347 27.93 -67.78 58.36
C UNK L 347 26.45 -67.68 58.70
N UNK L 348 25.72 -68.79 58.63
CA UNK L 348 24.28 -68.76 58.72
C UNK L 348 23.75 -67.69 57.77
N UNK L 349 24.25 -67.75 56.54
CA UNK L 349 24.00 -66.75 55.52
C UNK L 349 24.46 -65.37 56.01
N UNK L 350 25.77 -65.22 56.09
CA UNK L 350 26.35 -63.91 56.39
C UNK L 350 27.45 -63.54 55.40
N UNK L 351 28.61 -64.20 55.51
CA UNK L 351 29.74 -63.98 54.63
C UNK L 351 30.16 -62.50 54.60
N UNK L 352 30.44 -61.97 55.79
CA UNK L 352 30.83 -60.56 55.92
C UNK L 352 31.92 -60.43 56.96
N UNK L 353 32.53 -59.24 56.99
CA UNK L 353 33.55 -58.95 57.98
C UNK L 353 33.00 -58.94 59.40
N UNK L 354 31.69 -59.03 59.58
CA UNK L 354 31.04 -58.87 60.87
C UNK L 354 31.75 -59.63 61.97
N UNK L 355 31.78 -60.95 61.85
CA UNK L 355 32.60 -61.74 62.75
C UNK L 355 33.90 -62.09 62.03
N UNK L 356 36.86 -67.84 64.70
CA UNK L 356 36.25 -68.53 65.84
C UNK L 356 36.89 -69.89 66.04
N UNK L 357 36.79 -70.41 67.26
CA UNK L 357 37.42 -71.68 67.61
C UNK L 357 36.47 -72.87 67.56
N UNK L 358 35.19 -72.66 67.31
CA UNK L 358 34.24 -73.76 67.46
C UNK L 358 34.29 -74.75 66.30
N UNK L 359 34.62 -74.27 65.11
CA UNK L 359 34.59 -75.06 63.89
C UNK L 359 35.87 -75.83 63.68
N UNK L 360 36.69 -75.94 64.71
CA UNK L 360 38.15 -76.01 64.62
C UNK L 360 38.65 -77.10 63.67
N UNK L 361 37.77 -77.98 63.20
CA UNK L 361 38.07 -78.67 61.96
C UNK L 361 38.33 -77.65 60.87
N UNK L 362 37.33 -76.79 60.64
CA UNK L 362 37.47 -75.72 59.64
C UNK L 362 38.60 -74.78 60.01
N UNK L 363 38.55 -74.22 61.22
CA UNK L 363 39.59 -73.29 61.65
C UNK L 363 40.96 -73.91 61.44
N UNK L 364 41.09 -75.20 61.74
CA UNK L 364 42.31 -75.91 61.44
C UNK L 364 42.59 -75.89 59.95
N UNK L 365 41.55 -75.94 59.14
CA UNK L 365 41.76 -76.02 57.71
C UNK L 365 42.32 -74.70 57.23
N UNK L 366 41.51 -73.64 57.35
CA UNK L 366 41.97 -72.32 56.99
C UNK L 366 43.28 -71.97 57.68
N UNK L 367 43.58 -72.61 58.80
CA UNK L 367 44.90 -72.49 59.38
C UNK L 367 45.94 -73.05 58.43
N UNK L 368 45.77 -74.31 58.03
CA UNK L 368 46.64 -74.86 57.02
C UNK L 368 46.72 -73.95 55.82
N UNK L 369 45.63 -73.27 55.50
CA UNK L 369 45.64 -72.30 54.42
C UNK L 369 46.60 -71.16 54.73
N UNK L 370 46.54 -70.66 55.95
CA UNK L 370 47.51 -69.65 56.36
C UNK L 370 48.91 -70.14 56.05
N UNK L 371 49.18 -71.40 56.38
CA UNK L 371 50.46 -71.97 55.97
C UNK L 371 50.61 -71.98 54.45
N UNK L 372 49.49 -72.04 53.73
CA UNK L 372 49.55 -72.22 52.28
C UNK L 372 49.99 -70.94 51.60
N UNK L 373 49.22 -69.87 51.76
CA UNK L 373 49.68 -68.59 51.26
C UNK L 373 51.07 -68.25 51.78
N UNK L 374 51.38 -68.70 52.99
CA UNK L 374 52.71 -68.56 53.54
C UNK L 374 53.60 -69.66 53.00
N UNK L 375 54.78 -69.80 53.57
CA UNK L 375 55.72 -70.83 53.14
C UNK L 375 56.18 -71.63 54.34
N UNK L 376 56.36 -72.93 54.12
CA UNK L 376 57.02 -73.78 55.08
C UNK L 376 57.74 -74.87 54.32
N UNK L 377 58.89 -75.28 54.85
CA UNK L 377 59.57 -76.44 54.30
C UNK L 377 58.58 -77.59 54.16
N UNK L 378 57.86 -77.85 55.25
CA UNK L 378 56.79 -78.84 55.21
C UNK L 378 55.65 -78.43 54.31
N UNK L 379 55.43 -77.13 54.10
CA UNK L 379 54.33 -76.72 53.24
C UNK L 379 54.51 -77.18 51.80
N UNK L 380 55.70 -77.70 51.46
CA UNK L 380 56.13 -77.96 50.09
C UNK L 380 56.30 -76.63 49.37
N UNK L 381 55.82 -75.55 49.99
CA UNK L 381 56.13 -74.21 49.54
C UNK L 381 57.64 -74.02 49.49
N UNK L 382 58.37 -74.80 50.28
CA UNK L 382 59.79 -75.00 50.04
C UNK L 382 59.98 -75.25 48.56
N UNK L 383 59.47 -76.39 48.09
CA UNK L 383 59.67 -76.78 46.70
C UNK L 383 59.20 -75.69 45.76
N UNK L 384 57.88 -75.52 45.64
CA UNK L 384 57.32 -74.56 44.70
C UNK L 384 57.74 -73.14 45.03
N UNK L 385 57.19 -72.61 46.12
CA UNK L 385 57.43 -71.22 46.47
C UNK L 385 58.91 -70.93 46.51
N UNK L 386 59.64 -71.69 47.33
CA UNK L 386 61.07 -71.44 47.44
C UNK L 386 61.75 -71.58 46.09
N UNK L 387 61.17 -72.37 45.20
CA UNK L 387 61.71 -72.41 43.85
C UNK L 387 61.51 -71.06 43.17
N UNK L 388 60.40 -70.42 43.44
CA UNK L 388 60.13 -69.15 42.81
C UNK L 388 60.99 -68.06 43.43
N UNK L 389 60.70 -67.77 44.69
CA UNK L 389 61.47 -66.80 45.44
C UNK L 389 62.95 -67.02 45.23
N UNK L 390 63.44 -68.20 45.64
CA UNK L 390 64.82 -68.56 45.37
C UNK L 390 65.18 -68.28 43.92
N UNK L 391 64.26 -68.55 43.01
CA UNK L 391 64.54 -68.33 41.61
C UNK L 391 64.67 -66.85 41.26
N UNK L 392 64.35 -65.95 42.20
CA UNK L 392 64.48 -64.52 41.91
C UNK L 392 65.88 -64.11 41.50
N UNK L 393 66.88 -64.97 41.67
CA UNK L 393 68.24 -64.66 41.25
C UNK L 393 68.31 -64.23 39.78
N UNK L 394 61.62 -52.49 40.14
CA UNK L 394 61.56 -53.69 39.31
C UNK L 394 61.12 -54.87 40.15
N UNK L 395 61.76 -56.02 39.90
CA UNK L 395 61.34 -57.27 40.51
C UNK L 395 61.23 -57.19 42.02
N UNK L 396 62.00 -56.31 42.64
CA UNK L 396 61.85 -56.08 44.06
C UNK L 396 60.40 -55.88 44.42
N UNK L 397 59.68 -55.14 43.58
CA UNK L 397 58.24 -54.99 43.76
C UNK L 397 57.61 -56.37 43.97
N UNK L 398 57.94 -57.31 43.09
CA UNK L 398 57.41 -58.65 43.26
C UNK L 398 57.80 -59.23 44.61
N UNK L 399 59.05 -59.00 45.01
CA UNK L 399 59.49 -59.51 46.30
C UNK L 399 58.62 -58.98 47.43
N UNK L 400 58.75 -57.69 47.72
CA UNK L 400 58.08 -57.11 48.87
C UNK L 400 56.58 -57.35 48.81
N UNK L 401 56.01 -57.34 47.61
CA UNK L 401 54.61 -57.74 47.48
C UNK L 401 54.41 -59.14 48.05
N UNK L 402 55.24 -60.08 47.63
CA UNK L 402 55.17 -61.42 48.17
C UNK L 402 55.21 -61.38 49.69
N UNK L 403 55.95 -60.42 50.25
CA UNK L 403 55.86 -60.22 51.68
C UNK L 403 54.48 -59.70 52.08
N UNK L 404 53.83 -58.92 51.21
CA UNK L 404 52.61 -58.24 51.61
C UNK L 404 51.43 -59.19 51.67
N UNK L 405 51.36 -60.14 50.73
CA UNK L 405 50.25 -61.09 50.74
C UNK L 405 50.14 -61.82 52.05
N UNK L 406 51.27 -62.03 52.73
CA UNK L 406 51.24 -62.63 54.07
C UNK L 406 50.36 -61.81 54.99
N UNK L 407 50.63 -60.51 55.08
CA UNK L 407 49.74 -59.61 55.80
C UNK L 407 48.31 -59.81 55.34
N UNK L 408 48.12 -59.86 54.03
CA UNK L 408 46.77 -60.01 53.49
C UNK L 408 46.05 -61.19 54.13
N UNK L 409 46.64 -62.37 54.05
CA UNK L 409 46.01 -63.54 54.64
C UNK L 409 45.86 -63.38 56.14
N UNK L 410 46.90 -62.85 56.78
CA UNK L 410 46.86 -62.65 58.22
C UNK L 410 45.59 -61.94 58.63
N UNK L 411 45.19 -60.92 57.86
CA UNK L 411 43.94 -60.24 58.14
C UNK L 411 42.80 -61.25 58.26
N UNK L 412 42.67 -62.11 57.25
CA UNK L 412 41.63 -63.13 57.29
C UNK L 412 41.74 -63.96 58.55
N UNK L 413 42.96 -64.34 58.90
CA UNK L 413 43.14 -65.15 60.10
C UNK L 413 42.59 -64.45 61.33
N UNK L 414 43.27 -63.40 61.78
CA UNK L 414 42.94 -62.80 63.07
C UNK L 414 41.56 -62.20 63.07
N UNK L 415 41.26 -61.36 62.08
CA UNK L 415 39.92 -60.81 61.99
C UNK L 415 38.89 -61.91 61.94
N UNK L 416 39.24 -63.07 61.39
CA UNK L 416 38.40 -64.23 61.48
C UNK L 416 38.58 -64.99 62.78
N UNK L 417 39.60 -64.65 63.55
CA UNK L 417 39.96 -65.48 64.68
C UNK L 417 39.15 -65.11 65.91
N UNK L 418 38.34 -66.05 66.37
CA UNK L 418 37.79 -66.05 67.72
C UNK L 418 37.12 -64.75 68.13
N UNK L 419 37.66 -64.12 69.17
CA UNK L 419 37.04 -62.99 69.85
C UNK L 419 35.63 -63.38 70.27
N UNK L 420 34.67 -62.48 70.07
CA UNK L 420 33.26 -62.81 70.23
C UNK L 420 32.60 -62.69 68.87
N UNK L 421 32.16 -63.81 68.32
CA UNK L 421 31.55 -63.80 67.00
C UNK L 421 30.35 -62.87 66.99
N UNK L 422 30.15 -62.19 65.87
CA UNK L 422 29.08 -61.21 65.72
C UNK L 422 27.91 -61.90 65.05
N UNK L 423 26.83 -62.07 65.80
CA UNK L 423 25.57 -62.62 65.29
C UNK L 423 24.57 -62.70 66.42
N UNK L 424 23.30 -62.81 66.06
CA UNK L 424 22.27 -63.24 66.99
C UNK L 424 22.37 -64.75 67.19
N UNK L 425 21.72 -65.23 68.24
CA UNK L 425 21.77 -66.65 68.58
C UNK L 425 21.41 -67.51 67.38
N UNK L 426 22.27 -68.48 67.07
CA UNK L 426 22.15 -69.23 65.83
C UNK L 426 22.65 -70.66 66.04
N UNK L 427 22.05 -71.57 65.28
CA UNK L 427 22.24 -73.00 65.46
C UNK L 427 23.32 -73.60 64.56
N UNK L 428 24.09 -72.77 63.86
CA UNK L 428 25.02 -73.27 62.84
C UNK L 428 25.86 -74.42 63.38
N UNK L 429 25.88 -75.53 62.64
CA UNK L 429 26.41 -76.78 63.15
C UNK L 429 27.13 -77.56 62.07
N UNK L 430 28.25 -78.18 62.44
CA UNK L 430 28.98 -79.05 61.55
C UNK L 430 28.35 -80.43 61.49
N UNK L 431 28.57 -81.13 60.39
CA UNK L 431 28.02 -82.46 60.19
C UNK L 431 28.92 -83.23 59.23
N UNK L 432 28.55 -84.49 58.99
CA UNK L 432 29.35 -85.39 58.17
C UNK L 432 29.24 -85.09 56.69
N UNK L 433 28.41 -84.12 56.30
CA UNK L 433 28.01 -83.97 54.91
C UNK L 433 29.19 -84.10 53.96
N UNK L 434 30.34 -83.54 54.33
CA UNK L 434 31.55 -83.75 53.55
C UNK L 434 32.69 -84.17 54.48
N UNK L 435 33.10 -85.42 54.36
CA UNK L 435 34.44 -85.78 54.80
C UNK L 435 35.47 -85.45 53.74
N UNK L 436 35.06 -85.48 52.46
CA UNK L 436 35.94 -85.02 51.40
C UNK L 436 36.45 -83.64 51.70
N UNK L 437 35.68 -82.86 52.45
CA UNK L 437 36.23 -81.67 53.08
C UNK L 437 37.57 -82.00 53.72
N UNK L 438 37.67 -83.14 54.39
CA UNK L 438 38.95 -83.56 54.93
C UNK L 438 39.85 -84.14 53.86
N UNK L 439 39.28 -84.78 52.84
CA UNK L 439 40.12 -85.21 51.72
C UNK L 439 40.93 -84.05 51.19
N UNK L 440 40.41 -82.83 51.33
CA UNK L 440 41.23 -81.66 51.06
C UNK L 440 42.44 -81.61 51.97
N UNK L 441 42.23 -81.88 53.27
CA UNK L 441 43.38 -81.90 54.18
C UNK L 441 44.39 -82.91 53.71
N UNK L 442 43.92 -84.06 53.26
CA UNK L 442 44.79 -85.00 52.58
C UNK L 442 45.55 -84.30 51.47
N UNK L 443 44.87 -83.49 50.68
CA UNK L 443 45.56 -82.77 49.62
C UNK L 443 46.67 -81.91 50.19
N UNK L 444 46.44 -81.31 51.35
CA UNK L 444 47.49 -80.54 52.00
C UNK L 444 48.66 -81.43 52.38
N UNK L 445 48.37 -82.70 52.70
CA UNK L 445 49.38 -83.54 53.32
C UNK L 445 50.64 -83.65 52.50
N UNK L 446 50.52 -84.11 51.25
CA UNK L 446 51.68 -84.57 50.52
C UNK L 446 51.91 -83.73 49.27
N UNK L 447 53.14 -83.80 48.76
CA UNK L 447 53.54 -83.12 47.55
C UNK L 447 54.23 -84.12 46.63
N UNK L 448 53.60 -84.39 45.48
CA UNK L 448 54.33 -85.02 44.41
C UNK L 448 55.49 -84.15 43.95
N UNK L 449 55.52 -82.89 44.39
CA UNK L 449 56.72 -82.08 44.23
C UNK L 449 57.93 -82.86 44.70
N UNK L 450 57.84 -83.44 45.89
CA UNK L 450 58.87 -84.37 46.32
C UNK L 450 59.10 -85.43 45.26
N UNK L 451 58.03 -85.95 44.68
CA UNK L 451 58.13 -87.00 43.69
C UNK L 451 58.38 -86.47 42.29
N UNK L 452 58.51 -85.15 42.13
CA UNK L 452 58.59 -84.56 40.81
C UNK L 452 59.85 -85.04 40.08
N UNK L 453 59.80 -84.95 38.75
CA UNK L 453 60.88 -85.44 37.89
C UNK L 453 61.26 -84.37 36.89
N UNK L 454 62.51 -83.91 36.97
CA UNK L 454 63.03 -82.89 36.07
C UNK L 454 63.77 -83.57 34.92
N UNK L 455 63.56 -83.22 33.64
CA UNK L 455 62.63 -82.21 33.05
C UNK L 455 62.99 -80.76 33.30
N UNK L 456 64.04 -80.52 34.08
CA UNK L 456 64.52 -79.16 34.29
C UNK L 456 65.95 -79.22 34.79
N UNK L 457 66.64 -78.09 34.68
CA UNK L 457 68.01 -77.98 35.15
C UNK L 457 68.07 -77.19 36.45
N UNK L 458 75.78 -67.34 47.75
CA UNK L 458 74.41 -67.35 47.26
C UNK L 458 73.41 -67.36 48.42
N UNK L 459 73.90 -67.75 49.60
CA UNK L 459 73.04 -68.00 50.76
C UNK L 459 72.24 -66.79 51.22
N UNK L 460 72.95 -65.79 51.72
CA UNK L 460 72.32 -64.76 52.54
C UNK L 460 71.08 -64.19 51.87
N UNK L 461 71.26 -63.68 50.65
CA UNK L 461 70.13 -63.16 49.89
C UNK L 461 69.03 -64.20 49.80
N UNK L 462 69.37 -65.40 49.36
CA UNK L 462 68.39 -66.46 49.11
C UNK L 462 67.56 -66.78 50.34
N UNK L 463 68.18 -67.43 51.33
CA UNK L 463 67.41 -67.93 52.47
C UNK L 463 66.86 -66.77 53.28
N UNK L 464 67.69 -65.74 53.51
CA UNK L 464 67.23 -64.58 54.25
C UNK L 464 65.93 -64.06 53.67
N UNK L 465 65.93 -63.80 52.35
CA UNK L 465 64.71 -63.36 51.69
C UNK L 465 63.58 -64.37 51.91
N UNK L 466 63.91 -65.66 51.84
CA UNK L 466 62.88 -66.67 52.06
C UNK L 466 62.14 -66.41 53.37
N UNK L 467 62.89 -66.16 54.43
CA UNK L 467 62.23 -65.89 55.70
C UNK L 467 61.63 -64.49 55.77
N UNK L 468 62.11 -63.57 54.94
CA UNK L 468 61.68 -62.18 55.03
C UNK L 468 60.17 -62.07 54.99
N UNK L 469 59.53 -62.94 54.22
CA UNK L 469 58.09 -63.02 54.24
C UNK L 469 57.59 -63.24 55.66
N UNK L 470 58.10 -64.28 56.32
CA UNK L 470 57.67 -64.55 57.68
C UNK L 470 57.85 -63.32 58.56
N UNK L 471 58.94 -62.60 58.35
CA UNK L 471 59.09 -61.33 59.06
C UNK L 471 57.91 -60.42 58.79
N UNK L 472 57.52 -60.33 57.51
CA UNK L 472 56.35 -59.53 57.18
C UNK L 472 55.12 -60.01 57.94
N UNK L 473 54.97 -61.32 58.08
CA UNK L 473 53.87 -61.85 58.88
C UNK L 473 53.92 -61.31 60.30
N UNK L 474 55.12 -61.29 60.87
CA UNK L 474 55.28 -60.75 62.21
C UNK L 474 54.77 -59.32 62.28
N UNK L 475 55.44 -58.42 61.56
CA UNK L 475 55.10 -57.01 61.64
C UNK L 475 53.62 -56.79 61.35
N UNK L 476 53.08 -57.52 60.38
CA UNK L 476 51.66 -57.44 60.10
C UNK L 476 50.86 -57.76 61.35
N UNK L 477 51.11 -58.94 61.93
CA UNK L 477 50.40 -59.34 63.14
C UNK L 477 50.44 -58.24 64.17
N UNK L 478 51.59 -57.58 64.29
CA UNK L 478 51.68 -56.42 65.16
C UNK L 478 50.63 -55.37 64.76
N UNK L 479 50.65 -54.95 63.50
CA UNK L 479 49.71 -53.91 63.07
C UNK L 479 48.28 -54.29 63.41
N UNK L 480 47.94 -55.57 63.25
CA UNK L 480 46.59 -56.01 63.58
C UNK L 480 46.31 -55.84 65.06
N UNK L 481 47.17 -56.41 65.89
CA UNK L 481 46.99 -56.25 67.33
C UNK L 481 46.79 -54.79 67.68
N UNK L 482 47.54 -53.91 67.02
CA UNK L 482 47.29 -52.49 67.16
C UNK L 482 45.84 -52.19 66.83
N UNK L 483 45.36 -52.70 65.71
CA UNK L 483 43.97 -52.45 65.34
C UNK L 483 43.02 -52.88 66.44
N UNK L 484 43.38 -53.88 67.23
CA UNK L 484 42.54 -54.26 68.36
C UNK L 484 42.40 -53.12 69.35
N UNK L 485 43.41 -52.26 69.45
CA UNK L 485 43.34 -51.13 70.37
C UNK L 485 42.27 -50.13 69.92
N UNK L 486 41.89 -49.26 70.84
CA UNK L 486 40.74 -48.37 70.66
C UNK L 486 41.17 -46.94 70.38
N UNK L 487 40.66 -46.37 69.29
CA UNK L 487 40.80 -44.95 68.99
C UNK L 487 39.71 -44.57 67.99
N UNK L 488 39.44 -43.27 67.90
CA UNK L 488 38.45 -42.78 66.94
C UNK L 488 39.03 -42.65 65.53
N UNK L 489 40.26 -42.17 65.43
CA UNK L 489 41.05 -42.24 64.21
C UNK L 489 40.39 -41.48 63.06
N UNK L 490 39.99 -42.13 61.98
CA UNK L 490 39.99 -41.60 60.62
C UNK L 490 41.43 -41.14 60.34
N UNK L 491 41.71 -40.20 59.43
CA UNK L 491 41.04 -40.05 58.13
C UNK L 491 41.47 -41.17 57.17
N UNK L 492 40.88 -41.18 55.98
CA UNK L 492 40.94 -42.33 55.09
C UNK L 492 41.95 -42.22 53.96
N UNK L 493 42.73 -41.14 53.89
CA UNK L 493 43.49 -40.81 52.68
C UNK L 493 44.16 -42.04 52.06
N UNK L 494 45.10 -42.64 52.80
CA UNK L 494 45.69 -43.88 52.35
C UNK L 494 44.61 -44.92 52.03
N UNK L 495 43.73 -45.18 53.00
CA UNK L 495 42.67 -46.15 52.76
C UNK L 495 41.79 -45.72 51.60
N UNK L 496 41.58 -44.41 51.46
CA UNK L 496 40.90 -43.91 50.28
C UNK L 496 41.58 -44.43 49.03
N UNK L 497 42.91 -44.48 49.03
CA UNK L 497 43.56 -45.20 47.95
C UNK L 497 43.23 -46.68 48.01
N UNK L 498 43.04 -47.22 49.22
CA UNK L 498 42.93 -48.68 49.36
C UNK L 498 41.70 -49.22 48.67
N UNK L 499 40.61 -48.45 48.64
CA UNK L 499 39.43 -48.88 47.89
C UNK L 499 39.82 -49.31 46.48
N UNK L 500 40.57 -48.45 45.79
CA UNK L 500 41.35 -48.82 44.61
C UNK L 500 40.50 -49.35 43.47
N UNK L 501 39.22 -49.01 43.44
CA UNK L 501 38.35 -49.48 42.37
C UNK L 501 38.31 -48.51 41.20
N UNK L 502 39.12 -47.46 41.23
CA UNK L 502 39.02 -46.38 40.27
C UNK L 502 38.96 -46.91 38.84
N UNK L 503 39.87 -47.82 38.50
CA UNK L 503 39.91 -48.39 37.16
C UNK L 503 38.54 -48.88 36.75
N UNK L 504 37.89 -49.65 37.62
CA UNK L 504 36.55 -50.11 37.35
C UNK L 504 35.62 -48.93 37.05
N UNK L 505 35.43 -48.07 38.04
CA UNK L 505 34.48 -46.98 37.93
C UNK L 505 34.68 -46.17 36.67
N UNK L 506 35.79 -45.44 36.59
CA UNK L 506 35.98 -44.55 35.45
C UNK L 506 36.05 -45.34 34.14
N UNK L 507 36.50 -46.59 34.20
CA UNK L 507 36.51 -47.43 33.01
C UNK L 507 35.12 -47.58 32.44
N UNK L 508 34.26 -48.28 33.20
CA UNK L 508 32.88 -48.47 32.77
C UNK L 508 32.25 -47.13 32.40
N UNK L 509 32.65 -46.08 33.09
CA UNK L 509 32.21 -44.74 32.72
C UNK L 509 32.57 -44.44 31.28
N UNK L 510 33.85 -44.55 30.96
CA UNK L 510 34.32 -44.33 29.60
C UNK L 510 33.46 -45.11 28.62
N UNK L 511 33.44 -46.44 28.79
CA UNK L 511 32.66 -47.29 27.90
C UNK L 511 31.24 -46.76 27.73
N UNK L 512 30.62 -46.33 28.82
CA UNK L 512 29.28 -45.79 28.79
C UNK L 512 29.19 -44.54 27.92
N UNK L 513 29.75 -43.44 28.42
CA UNK L 513 29.55 -42.15 27.78
C UNK L 513 29.99 -42.20 26.32
N UNK L 514 31.08 -42.90 26.04
CA UNK L 514 31.49 -43.06 24.66
C UNK L 514 30.52 -43.95 23.89
N UNK L 515 29.90 -44.89 24.58
CA UNK L 515 29.04 -45.84 23.90
C UNK L 515 27.77 -45.13 23.49
N UNK L 516 26.95 -44.76 24.48
CA UNK L 516 25.74 -44.00 24.18
C UNK L 516 26.07 -42.76 23.36
N UNK L 517 27.25 -42.19 23.55
CA UNK L 517 27.72 -41.15 22.66
C UNK L 517 27.63 -41.63 21.23
N UNK L 518 28.20 -42.80 20.96
CA UNK L 518 28.06 -43.38 19.63
C UNK L 518 26.61 -43.69 19.30
N UNK L 519 25.73 -43.75 20.31
CA UNK L 519 24.32 -43.95 19.98
C UNK L 519 23.73 -42.68 19.38
N UNK L 520 23.88 -41.54 20.08
CA UNK L 520 23.47 -40.28 19.48
C UNK L 520 24.12 -40.10 18.13
N UNK L 521 25.38 -40.48 18.03
CA UNK L 521 26.04 -40.58 16.74
C UNK L 521 25.17 -41.32 15.75
N UNK L 522 24.84 -42.57 16.08
CA UNK L 522 24.01 -43.39 15.21
C UNK L 522 22.76 -42.63 14.77
N UNK L 523 22.13 -41.93 15.70
CA UNK L 523 20.99 -41.09 15.34
C UNK L 523 21.36 -40.15 14.21
N UNK L 524 22.48 -39.44 14.36
CA UNK L 524 22.90 -38.52 13.31
C UNK L 524 23.17 -39.27 12.00
N UNK L 525 23.79 -40.44 12.09
CA UNK L 525 24.09 -41.22 10.90
C UNK L 525 22.81 -41.52 10.13
N UNK L 526 21.79 -41.98 10.83
CA UNK L 526 20.48 -42.09 10.21
C UNK L 526 20.06 -40.77 9.59
N UNK L 527 20.26 -39.69 10.34
CA UNK L 527 19.80 -38.37 9.94
C UNK L 527 20.33 -37.93 8.59
N UNK L 528 21.64 -37.69 8.50
CA UNK L 528 22.20 -37.09 7.30
C UNK L 528 21.87 -37.90 6.05
N UNK L 529 22.38 -39.13 5.98
CA UNK L 529 22.20 -39.92 4.77
C UNK L 529 20.73 -40.20 4.50
N UNK L 530 19.97 -40.52 5.54
CA UNK L 530 18.53 -40.65 5.37
C UNK L 530 17.97 -39.44 4.66
N UNK L 531 18.47 -38.26 5.00
CA UNK L 531 18.13 -37.08 4.25
C UNK L 531 18.88 -36.99 2.93
N UNK L 532 19.82 -37.88 2.66
CA UNK L 532 20.48 -37.87 1.36
C UNK L 532 19.60 -38.55 0.32
N UNK L 533 19.34 -39.84 0.50
CA UNK L 533 18.41 -40.50 -0.40
C UNK L 533 17.03 -39.89 -0.28
N UNK L 534 16.56 -39.72 0.96
CA UNK L 534 15.33 -38.98 1.21
C UNK L 534 15.36 -37.65 0.49
N UNK L 535 16.53 -37.03 0.44
CA UNK L 535 16.66 -35.77 -0.28
C UNK L 535 16.38 -35.97 -1.76
N UNK L 536 16.95 -37.02 -2.34
CA UNK L 536 16.63 -37.34 -3.73
C UNK L 536 15.13 -37.39 -3.92
N UNK L 537 14.44 -38.11 -3.03
CA UNK L 537 13.00 -38.16 -3.08
C UNK L 537 12.40 -36.77 -3.03
N UNK L 538 12.95 -35.92 -2.18
CA UNK L 538 12.45 -34.55 -2.08
C UNK L 538 12.62 -33.83 -3.39
N UNK L 539 13.71 -34.11 -4.09
CA UNK L 539 13.90 -33.54 -5.42
C UNK L 539 12.80 -33.99 -6.35
N UNK L 540 12.50 -35.28 -6.34
CA UNK L 540 11.35 -35.78 -7.08
C UNK L 540 10.11 -34.95 -6.74
N UNK L 541 9.90 -34.67 -5.46
CA UNK L 541 8.78 -33.81 -5.08
C UNK L 541 8.89 -32.46 -5.74
N UNK L 542 10.08 -31.87 -5.75
CA UNK L 542 10.25 -30.57 -6.38
C UNK L 542 9.85 -30.60 -7.84
N UNK L 543 10.07 -31.74 -8.51
CA UNK L 543 9.66 -31.85 -9.90
C UNK L 543 8.18 -31.57 -10.06
N UNK L 544 7.38 -31.70 -9.00
CA UNK L 544 5.96 -31.38 -9.10
C UNK L 544 5.76 -29.94 -9.55
N UNK L 545 6.68 -29.05 -9.20
CA UNK L 545 6.62 -27.70 -9.74
C UNK L 545 6.58 -27.74 -11.25
N UNK L 546 7.49 -28.50 -11.86
CA UNK L 546 7.41 -28.72 -13.29
C UNK L 546 6.08 -29.33 -13.66
N UNK L 547 5.60 -30.28 -12.86
CA UNK L 547 4.28 -30.81 -13.08
C UNK L 547 3.23 -29.75 -12.85
N UNK L 548 3.50 -28.80 -11.97
CA UNK L 548 2.57 -27.73 -11.68
C UNK L 548 2.37 -26.87 -12.92
N UNK L 549 3.09 -27.19 -14.00
CA UNK L 549 3.24 -26.29 -15.13
C UNK L 549 1.92 -25.75 -15.66
N UNK L 550 0.81 -26.40 -15.35
CA UNK L 550 -0.48 -25.86 -15.79
C UNK L 550 -0.63 -24.44 -15.29
N UNK L 551 -0.83 -23.51 -16.21
CA UNK L 551 -1.06 -22.13 -15.83
C UNK L 551 -2.52 -21.81 -15.43
N UNK L 552 -3.54 -22.21 -16.20
CA UNK L 552 -3.44 -22.89 -17.48
C UNK L 552 -4.25 -22.19 -18.56
N UNK L 553 -3.56 -21.61 -19.54
CA UNK L 553 -4.18 -21.08 -20.74
C UNK L 553 -3.67 -21.85 -21.94
N UNK L 554 -4.51 -22.71 -22.50
CA UNK L 554 -4.16 -23.36 -23.76
C UNK L 554 -3.95 -22.34 -24.85
N UNK L 555 -4.51 -21.15 -24.70
CA UNK L 555 -4.14 -20.05 -25.57
C UNK L 555 -2.64 -19.84 -25.45
N UNK L 556 -2.21 -19.39 -24.28
CA UNK L 556 -0.80 -19.19 -24.03
C UNK L 556 0.00 -20.46 -24.30
N UNK L 557 -0.61 -21.62 -24.08
CA UNK L 557 0.10 -22.87 -24.32
C UNK L 557 0.41 -23.04 -25.79
N UNK L 558 -0.62 -22.99 -26.63
CA UNK L 558 -0.41 -23.12 -28.06
C UNK L 558 0.58 -22.09 -28.56
N UNK L 559 0.35 -20.84 -28.17
CA UNK L 559 1.29 -19.78 -28.52
C UNK L 559 2.70 -20.15 -28.12
N UNK L 560 2.85 -20.87 -27.00
CA UNK L 560 4.16 -21.33 -26.61
C UNK L 560 4.69 -22.36 -27.60
N UNK L 561 3.87 -23.36 -27.93
CA UNK L 561 4.27 -24.35 -28.90
C UNK L 561 4.83 -23.68 -30.14
N UNK L 562 4.11 -22.66 -30.61
CA UNK L 562 4.67 -21.79 -31.65
C UNK L 562 6.04 -21.28 -31.24
N UNK L 563 6.09 -20.53 -30.15
CA UNK L 563 7.29 -19.83 -29.73
C UNK L 563 8.50 -20.74 -29.73
N UNK L 564 8.54 -21.66 -28.78
CA UNK L 564 9.67 -22.57 -28.69
C UNK L 564 9.85 -23.37 -29.96
N UNK L 565 8.78 -23.63 -30.70
CA UNK L 565 8.90 -24.35 -31.95
C UNK L 565 9.82 -23.62 -32.90
N UNK L 566 9.35 -22.48 -33.40
CA UNK L 566 10.14 -21.67 -34.31
C UNK L 566 11.51 -21.38 -33.72
N UNK L 567 11.56 -21.17 -32.41
CA UNK L 567 12.82 -20.96 -31.73
C UNK L 567 13.77 -22.09 -32.05
N UNK L 568 13.47 -23.27 -31.52
CA UNK L 568 14.33 -24.43 -31.68
C UNK L 568 14.65 -24.69 -33.14
N UNK L 569 13.74 -24.35 -34.05
CA UNK L 569 14.00 -24.51 -35.46
C UNK L 569 15.31 -23.84 -35.84
N UNK L 570 15.31 -22.50 -35.82
CA UNK L 570 16.53 -21.79 -36.10
C UNK L 570 17.55 -21.93 -34.98
N UNK L 571 17.09 -22.16 -33.76
CA UNK L 571 18.02 -22.34 -32.66
C UNK L 571 18.92 -23.51 -32.97
N UNK L 572 20.23 -23.25 -32.95
CA UNK L 572 21.21 -24.24 -33.36
C UNK L 572 21.00 -24.58 -34.83
N UNK L 573 19.96 -24.01 -35.42
CA UNK L 573 19.50 -24.37 -36.76
C UNK L 573 19.34 -25.88 -36.86
N UNK L 574 18.30 -26.36 -36.17
CA UNK L 574 18.02 -27.78 -36.18
C UNK L 574 17.99 -28.34 -37.60
N UNK L 575 17.68 -27.50 -38.59
CA UNK L 575 17.79 -27.88 -39.99
C UNK L 575 19.23 -28.19 -40.36
N UNK M 1 16.87 -80.95 -12.32
CA UNK M 1 15.70 -80.78 -11.49
C UNK M 1 15.48 -79.31 -11.10
N UNK M 2 15.08 -78.41 -12.01
CA UNK M 2 14.45 -78.65 -13.32
C UNK M 2 13.24 -79.52 -13.12
N UNK M 3 13.37 -80.77 -13.53
CA UNK M 3 12.33 -81.75 -13.29
C UNK M 3 11.73 -81.57 -11.90
N UNK M 4 12.55 -81.80 -10.86
CA UNK M 4 12.01 -81.67 -9.50
C UNK M 4 11.50 -80.25 -9.25
N UNK M 5 12.24 -79.25 -9.74
CA UNK M 5 11.75 -77.88 -9.63
C UNK M 5 10.33 -77.77 -10.17
N UNK M 6 10.18 -78.06 -11.46
CA UNK M 6 8.87 -78.01 -12.08
C UNK M 6 7.84 -78.75 -11.25
N UNK M 7 8.22 -79.90 -10.70
CA UNK M 7 7.32 -80.61 -9.80
C UNK M 7 6.89 -79.72 -8.65
N UNK M 8 7.84 -78.98 -8.08
CA UNK M 8 7.46 -78.03 -7.05
C UNK M 8 6.45 -77.05 -7.59
N UNK M 9 6.62 -76.61 -8.83
CA UNK M 9 5.63 -75.73 -9.43
C UNK M 9 4.26 -76.40 -9.42
N UNK M 10 4.21 -77.68 -9.76
CA UNK M 10 2.96 -78.41 -9.64
C UNK M 10 2.44 -78.36 -8.22
N UNK M 11 3.33 -78.54 -7.25
CA UNK M 11 2.93 -78.48 -5.85
C UNK M 11 2.21 -77.17 -5.56
N UNK M 12 2.77 -76.07 -6.05
CA UNK M 12 2.07 -74.79 -6.00
C UNK M 12 0.67 -74.93 -6.57
N UNK M 13 0.57 -75.29 -7.85
CA UNK M 13 -0.71 -75.29 -8.53
C UNK M 13 -1.76 -76.07 -7.75
N UNK M 14 -1.48 -77.34 -7.48
CA UNK M 14 -2.46 -78.17 -6.79
C UNK M 14 -2.75 -77.63 -5.40
N UNK M 15 -1.70 -77.31 -4.65
CA UNK M 15 -1.88 -76.88 -3.28
C UNK M 15 -2.80 -75.67 -3.20
N UNK M 16 -2.43 -74.61 -3.91
CA UNK M 16 -3.32 -73.46 -4.03
C UNK M 16 -4.70 -73.89 -4.43
N UNK M 17 -4.79 -74.78 -5.42
CA UNK M 17 -6.10 -75.20 -5.84
C UNK M 17 -6.71 -76.15 -4.81
N UNK M 18 -7.96 -76.48 -5.05
CA UNK M 18 -8.66 -77.58 -4.42
C UNK M 18 -8.94 -77.33 -2.94
N UNK M 19 -8.14 -76.50 -2.29
CA UNK M 19 -8.54 -75.81 -1.07
C UNK M 19 -8.95 -76.73 0.09
N UNK M 20 -9.08 -78.03 -0.17
CA UNK M 20 -9.87 -78.89 0.69
C UNK M 20 -9.25 -79.01 2.08
N UNK M 21 -10.11 -79.32 3.05
CA UNK M 21 -9.71 -79.46 4.44
C UNK M 21 -8.82 -78.30 4.82
N UNK M 22 -9.29 -77.11 4.47
CA UNK M 22 -8.48 -75.92 4.62
C UNK M 22 -8.00 -75.88 6.04
N UNK M 23 -6.69 -75.78 6.23
CA UNK M 23 -5.74 -75.64 5.14
C UNK M 23 -4.38 -76.18 5.56
N UNK M 24 -3.37 -75.85 4.76
CA UNK M 24 -1.98 -75.92 5.18
C UNK M 24 -1.55 -77.34 5.48
N UNK M 25 -2.51 -78.25 5.54
CA UNK M 25 -2.21 -79.58 6.00
C UNK M 25 -1.42 -80.32 4.93
N UNK M 26 -2.11 -80.67 3.85
CA UNK M 26 -1.41 -81.28 2.72
C UNK M 26 -0.33 -80.34 2.22
N UNK M 27 -0.55 -79.04 2.32
CA UNK M 27 0.50 -78.08 2.03
C UNK M 27 1.76 -78.42 2.80
N UNK M 28 1.63 -78.56 4.11
CA UNK M 28 2.75 -79.01 4.91
C UNK M 28 3.31 -80.31 4.35
N UNK M 29 2.43 -81.24 3.99
CA UNK M 29 2.87 -82.55 3.53
C UNK M 29 3.78 -82.46 2.32
N UNK M 30 3.20 -82.17 1.16
CA UNK M 30 3.97 -82.11 -0.06
C UNK M 30 5.08 -81.09 0.03
N UNK M 31 4.91 -80.11 0.92
CA UNK M 31 6.02 -79.23 1.26
C UNK M 31 7.20 -80.04 1.76
N UNK M 32 6.99 -80.82 2.82
CA UNK M 32 8.05 -81.65 3.36
C UNK M 32 8.62 -82.55 2.28
N UNK M 33 7.75 -83.21 1.51
CA UNK M 33 8.19 -84.08 0.44
C UNK M 33 9.16 -83.35 -0.48
N UNK M 34 8.69 -82.22 -1.01
CA UNK M 34 9.51 -81.41 -1.89
C UNK M 34 10.85 -81.09 -1.25
N UNK M 35 10.85 -80.81 0.05
CA UNK M 35 12.09 -80.50 0.72
C UNK M 35 13.04 -81.68 0.66
N UNK M 36 12.60 -82.82 1.20
CA UNK M 36 13.46 -83.99 1.29
C UNK M 36 13.98 -84.36 -0.08
N UNK M 37 13.06 -84.77 -0.96
CA UNK M 37 13.48 -85.18 -2.30
C UNK M 37 14.30 -84.09 -2.96
N UNK M 38 14.00 -82.84 -2.67
CA UNK M 38 14.74 -81.71 -3.20
C UNK M 38 16.21 -81.85 -2.86
N UNK M 39 16.53 -81.68 -1.58
CA UNK M 39 17.94 -81.73 -1.17
C UNK M 39 18.57 -83.04 -1.57
N UNK M 40 17.79 -84.12 -1.60
CA UNK M 40 18.27 -85.36 -2.18
C UNK M 40 18.88 -85.11 -3.54
N UNK M 41 18.05 -84.65 -4.49
CA UNK M 41 18.55 -84.32 -5.80
C UNK M 41 19.76 -83.40 -5.72
N UNK M 42 19.76 -82.50 -4.72
CA UNK M 42 20.90 -81.61 -4.57
C UNK M 42 22.17 -82.36 -4.23
N UNK M 43 22.04 -83.49 -3.56
CA UNK M 43 23.22 -84.14 -2.98
C UNK M 43 24.17 -84.72 -4.02
N UNK M 44 23.77 -84.78 -5.30
CA UNK M 44 24.51 -85.51 -6.31
C UNK M 44 25.90 -84.94 -6.58
N UNK M 45 26.25 -83.84 -5.93
CA UNK M 45 27.37 -83.00 -6.32
C UNK M 45 28.65 -83.80 -6.55
N UNK M 46 29.40 -83.39 -7.57
CA UNK M 46 30.57 -84.10 -8.06
C UNK M 46 31.82 -83.23 -7.88
N UNK M 47 32.94 -83.73 -8.41
CA UNK M 47 34.21 -83.03 -8.41
C UNK M 47 34.71 -82.87 -9.84
N UNK M 48 35.44 -81.78 -10.08
CA UNK M 48 36.03 -81.42 -11.38
C UNK M 48 34.98 -80.93 -12.35
N UNK M 49 33.71 -81.19 -12.06
CA UNK M 49 32.59 -80.57 -12.74
C UNK M 49 32.64 -79.09 -12.34
N UNK M 50 31.99 -78.12 -13.00
CA UNK M 50 30.83 -78.13 -13.91
C UNK M 50 29.58 -78.79 -13.35
N UNK M 51 28.75 -79.33 -14.24
CA UNK M 51 27.82 -80.44 -14.05
C UNK M 51 26.83 -80.43 -15.22
N UNK M 52 25.97 -81.44 -15.29
CA UNK M 52 24.81 -81.35 -16.17
C UNK M 52 23.76 -80.49 -15.46
N UNK M 53 22.88 -79.80 -16.18
CA UNK M 53 22.76 -79.85 -17.63
C UNK M 53 22.32 -78.48 -18.18
N UNK M 54 22.50 -78.28 -19.48
CA UNK M 54 22.09 -77.04 -20.13
C UNK M 54 20.70 -77.18 -20.72
N UNK M 55 19.89 -76.14 -20.57
CA UNK M 55 20.30 -74.96 -19.83
C UNK M 55 19.15 -74.50 -18.97
N UNK M 56 19.45 -73.90 -17.82
CA UNK M 56 20.79 -73.87 -17.28
C UNK M 56 20.77 -74.21 -15.79
N UNK M 57 21.37 -75.34 -15.46
CA UNK M 57 21.69 -75.72 -14.09
C UNK M 57 23.21 -75.84 -14.01
N UNK M 58 23.72 -76.33 -12.89
CA UNK M 58 25.13 -76.74 -12.85
C UNK M 58 26.10 -75.59 -13.14
N UNK M 59 26.37 -74.66 -12.22
CA UNK M 59 26.30 -74.78 -10.76
C UNK M 59 27.08 -76.08 -10.38
N UNK M 60 26.78 -76.82 -9.30
CA UNK M 60 26.26 -76.33 -8.03
C UNK M 60 27.23 -75.32 -7.42
N UNK M 61 26.67 -74.19 -7.02
CA UNK M 61 27.40 -73.15 -6.31
C UNK M 61 28.09 -73.50 -4.98
N UNK M 62 27.46 -74.26 -4.07
CA UNK M 62 26.35 -75.16 -4.36
C UNK M 62 24.96 -74.67 -4.03
N UNK M 63 24.02 -75.52 -4.42
CA UNK M 63 22.60 -75.39 -4.15
C UNK M 63 22.26 -75.69 -2.71
N UNK M 64 23.27 -75.99 -1.89
CA UNK M 64 23.01 -76.17 -0.47
C UNK M 64 22.15 -75.03 0.05
N UNK M 65 22.55 -73.80 -0.28
CA UNK M 65 21.69 -72.66 -0.05
C UNK M 65 20.28 -72.93 -0.54
N UNK M 66 20.15 -73.15 -1.84
CA UNK M 66 18.88 -73.59 -2.40
C UNK M 66 18.29 -74.71 -1.57
N UNK M 67 19.09 -75.75 -1.29
CA UNK M 67 18.69 -76.78 -0.36
C UNK M 67 18.13 -76.17 0.90
N UNK M 68 18.97 -75.41 1.59
CA UNK M 68 18.53 -74.57 2.69
C UNK M 68 17.24 -73.86 2.34
N UNK M 69 17.28 -73.07 1.27
CA UNK M 69 16.08 -72.44 0.74
C UNK M 69 14.95 -73.44 0.68
N UNK M 70 15.16 -74.52 -0.06
CA UNK M 70 14.22 -75.63 -0.06
C UNK M 70 13.76 -75.92 1.36
N UNK M 71 14.70 -76.29 2.23
CA UNK M 71 14.39 -76.46 3.64
C UNK M 71 13.67 -75.24 4.19
N UNK M 72 14.28 -74.07 4.02
CA UNK M 72 13.65 -72.84 4.48
C UNK M 72 12.24 -72.71 3.94
N UNK M 73 12.04 -73.15 2.70
CA UNK M 73 10.72 -73.11 2.09
C UNK M 73 9.68 -73.72 3.02
N UNK M 74 9.95 -74.94 3.49
CA UNK M 74 9.04 -75.53 4.46
C UNK M 74 9.06 -74.75 5.76
N UNK M 75 10.25 -74.36 6.21
CA UNK M 75 10.32 -73.40 7.29
C UNK M 75 9.44 -72.21 6.99
N UNK M 76 9.45 -71.76 5.74
CA UNK M 76 8.49 -70.78 5.27
C UNK M 76 7.10 -71.24 5.64
N UNK M 77 6.68 -72.35 5.06
CA UNK M 77 5.42 -72.95 5.43
C UNK M 77 5.27 -73.02 6.94
N UNK M 78 6.36 -73.32 7.64
CA UNK M 78 6.31 -73.51 9.09
C UNK M 78 5.63 -72.36 9.81
N UNK M 79 5.70 -71.15 9.24
CA UNK M 79 5.16 -70.01 9.94
C UNK M 79 3.66 -70.06 10.12
N UNK M 80 2.98 -71.03 9.51
CA UNK M 80 1.56 -70.98 9.26
C UNK M 80 0.69 -70.53 10.43
N UNK M 81 0.57 -71.38 11.45
CA UNK M 81 -0.62 -71.42 12.30
C UNK M 81 -1.09 -70.05 12.81
N UNK M 82 -0.38 -69.48 13.77
CA UNK M 82 -0.83 -68.22 14.34
C UNK M 82 -0.71 -67.09 13.34
N UNK M 83 0.18 -67.22 12.36
CA UNK M 83 0.18 -66.28 11.24
C UNK M 83 -1.07 -66.48 10.41
N UNK M 84 -1.39 -67.73 10.09
CA UNK M 84 -2.70 -68.05 9.53
C UNK M 84 -3.79 -67.40 10.35
N UNK M 85 -3.62 -67.43 11.67
CA UNK M 85 -4.46 -66.67 12.58
C UNK M 85 -5.93 -66.94 12.35
N UNK M 86 -6.75 -65.89 12.45
CA UNK M 86 -8.20 -66.05 12.34
C UNK M 86 -8.66 -66.13 10.90
N UNK M 87 -8.00 -65.40 10.00
CA UNK M 87 -8.65 -65.04 8.75
C UNK M 87 -7.59 -64.66 7.71
N UNK M 88 -7.90 -64.59 6.41
CA UNK M 88 -9.08 -65.09 5.70
C UNK M 88 -8.72 -65.18 4.23
N UNK M 89 -9.46 -65.94 3.44
CA UNK M 89 -10.23 -67.06 3.93
C UNK M 89 -9.77 -68.20 3.06
N UNK M 90 -10.32 -68.22 1.85
CA UNK M 90 -9.56 -68.71 0.73
C UNK M 90 -8.67 -67.59 0.20
N UNK M 91 -9.03 -66.36 0.50
CA UNK M 91 -8.09 -65.26 0.32
C UNK M 91 -6.77 -65.62 0.96
N UNK M 92 -6.82 -66.27 2.11
CA UNK M 92 -5.62 -66.85 2.69
C UNK M 92 -4.92 -67.74 1.67
N UNK M 93 -5.68 -68.64 1.05
CA UNK M 93 -5.08 -69.53 0.06
C UNK M 93 -4.36 -68.75 -1.00
N UNK M 94 -4.88 -67.58 -1.34
CA UNK M 94 -4.13 -66.70 -2.20
C UNK M 94 -2.85 -66.24 -1.51
N UNK M 95 -2.93 -65.90 -0.23
CA UNK M 95 -1.76 -65.38 0.47
C UNK M 95 -0.63 -66.39 0.46
N UNK M 96 -0.80 -67.46 1.22
CA UNK M 96 0.24 -68.47 1.26
C UNK M 96 0.52 -69.00 -0.14
N UNK M 97 -0.48 -68.93 -1.01
CA UNK M 97 -0.24 -69.27 -2.41
C UNK M 97 0.88 -68.42 -2.97
N UNK M 98 0.74 -67.10 -2.85
CA UNK M 98 1.80 -66.21 -3.27
C UNK M 98 3.11 -66.57 -2.61
N UNK M 99 3.05 -67.02 -1.36
CA UNK M 99 4.27 -67.52 -0.73
C UNK M 99 4.89 -68.62 -1.57
N UNK M 100 4.08 -69.61 -1.94
CA UNK M 100 4.53 -70.64 -2.84
C UNK M 100 5.19 -70.04 -4.07
N UNK M 101 4.41 -69.26 -4.83
CA UNK M 101 4.92 -68.67 -6.06
C UNK M 101 6.28 -68.03 -5.84
N UNK M 102 6.43 -67.33 -4.73
CA UNK M 102 7.73 -66.76 -4.39
C UNK M 102 8.80 -67.84 -4.34
N UNK M 103 8.58 -68.85 -3.50
CA UNK M 103 9.56 -69.92 -3.38
C UNK M 103 9.91 -70.49 -4.74
N UNK M 104 8.92 -70.64 -5.60
CA UNK M 104 9.15 -71.17 -6.94
C UNK M 104 10.10 -70.27 -7.70
N UNK M 105 9.73 -69.01 -7.86
CA UNK M 105 10.60 -68.09 -8.58
C UNK M 105 12.01 -68.13 -8.02
N UNK M 106 12.14 -68.30 -6.71
CA UNK M 106 13.47 -68.47 -6.13
C UNK M 106 14.14 -69.72 -6.66
N UNK M 107 13.39 -70.82 -6.70
CA UNK M 107 13.94 -72.05 -7.24
C UNK M 107 14.49 -71.80 -8.63
N UNK M 108 13.73 -71.09 -9.45
CA UNK M 108 14.26 -70.62 -10.72
C UNK M 108 15.57 -69.88 -10.50
N UNK M 109 15.62 -69.02 -9.48
CA UNK M 109 16.82 -68.25 -9.23
C UNK M 109 18.00 -69.13 -8.88
N UNK M 110 17.77 -70.39 -8.53
CA UNK M 110 18.88 -71.23 -8.14
C UNK M 110 19.73 -71.65 -9.34
N UNK M 111 19.11 -72.20 -10.38
CA UNK M 111 19.75 -73.20 -11.24
C UNK M 111 21.07 -72.80 -11.90
N UNK M 112 21.02 -71.99 -12.94
CA UNK M 112 22.23 -71.47 -13.58
C UNK M 112 21.81 -70.44 -14.62
N UNK M 113 22.80 -69.94 -15.35
CA UNK M 113 22.66 -68.72 -16.14
C UNK M 113 22.77 -69.03 -17.62
N UNK M 114 22.22 -68.18 -18.52
CA UNK M 114 21.13 -67.19 -18.33
C UNK M 114 21.24 -66.11 -17.24
N UNK M 115 22.36 -65.37 -17.21
CA UNK M 115 22.48 -64.30 -16.23
C UNK M 115 21.35 -63.28 -16.40
N UNK M 116 20.91 -63.09 -17.65
CA UNK M 116 19.67 -62.37 -17.89
C UNK M 116 18.58 -62.90 -16.98
N UNK M 117 18.22 -64.17 -17.16
CA UNK M 117 17.19 -64.78 -16.33
C UNK M 117 17.51 -64.65 -14.85
N UNK M 118 18.77 -64.48 -14.50
CA UNK M 118 19.11 -64.22 -13.10
C UNK M 118 18.57 -62.87 -12.67
N UNK M 119 18.94 -61.81 -13.38
CA UNK M 119 18.37 -60.50 -13.10
C UNK M 119 16.85 -60.57 -13.12
N UNK M 120 16.31 -61.31 -14.08
CA UNK M 120 14.88 -61.54 -14.16
C UNK M 120 14.35 -62.06 -12.84
N UNK M 121 14.96 -63.11 -12.33
CA UNK M 121 14.55 -63.65 -11.05
C UNK M 121 14.63 -62.57 -9.98
N UNK M 122 15.66 -61.72 -10.04
CA UNK M 122 15.78 -60.64 -9.07
C UNK M 122 14.52 -59.78 -9.06
N UNK M 123 14.18 -59.23 -10.23
CA UNK M 123 12.97 -58.40 -10.31
C UNK M 123 11.74 -59.17 -9.85
N UNK M 124 11.63 -60.43 -10.26
CA UNK M 124 10.49 -61.26 -9.88
C UNK M 124 10.34 -61.30 -8.37
N UNK M 125 11.31 -61.93 -7.70
CA UNK M 125 11.27 -62.07 -6.26
C UNK M 125 11.03 -60.73 -5.59
N UNK M 126 11.55 -59.65 -6.16
CA UNK M 126 11.20 -58.33 -5.66
C UNK M 126 9.69 -58.15 -5.67
N UNK M 127 9.07 -58.32 -6.83
CA UNK M 127 7.63 -58.15 -6.93
C UNK M 127 6.92 -59.01 -5.90
N UNK M 128 7.24 -60.30 -5.88
CA UNK M 128 6.64 -61.20 -4.91
C UNK M 128 6.78 -60.64 -3.50
N UNK M 129 7.95 -60.08 -3.19
CA UNK M 129 8.15 -59.50 -1.89
C UNK M 129 7.20 -58.33 -1.66
N UNK M 130 7.00 -57.52 -2.69
CA UNK M 130 6.03 -56.43 -2.56
C UNK M 130 4.67 -56.99 -2.17
N UNK M 131 4.24 -58.04 -2.87
CA UNK M 131 3.05 -58.73 -2.45
C UNK M 131 3.14 -59.08 -0.97
N UNK M 132 4.29 -59.57 -0.54
CA UNK M 132 4.45 -59.87 0.87
C UNK M 132 4.18 -58.64 1.72
N UNK M 133 4.57 -57.47 1.25
CA UNK M 133 4.20 -56.26 1.95
C UNK M 133 2.69 -56.13 2.03
N UNK M 134 2.03 -56.31 0.89
CA UNK M 134 0.59 -56.15 0.83
C UNK M 134 -0.14 -57.09 1.77
N UNK M 135 -0.16 -58.39 1.44
CA UNK M 135 -0.91 -59.34 2.26
C UNK M 135 -0.38 -59.38 3.67
N UNK M 136 0.91 -59.08 3.85
CA UNK M 136 1.49 -58.92 5.17
C UNK M 136 0.77 -57.82 5.94
N UNK M 137 0.95 -56.56 5.51
CA UNK M 137 0.21 -55.44 6.06
C UNK M 137 0.37 -55.33 7.58
N UNK M 138 -0.74 -55.51 8.30
CA UNK M 138 -0.85 -55.22 9.73
C UNK M 138 -0.64 -53.72 9.90
N UNK M 139 0.29 -53.27 10.73
CA UNK M 139 0.51 -51.85 10.93
C UNK M 139 1.93 -51.62 11.42
N UNK M 140 2.50 -50.42 11.20
CA UNK M 140 1.87 -49.33 10.46
C UNK M 140 2.90 -48.68 9.56
N UNK M 141 2.43 -47.80 8.69
CA UNK M 141 3.30 -47.04 7.79
C UNK M 141 4.11 -47.95 6.90
N UNK M 142 3.62 -49.17 6.67
CA UNK M 142 4.37 -50.12 5.88
C UNK M 142 4.52 -49.66 4.44
N UNK M 143 3.44 -49.13 3.87
CA UNK M 143 3.43 -48.79 2.45
C UNK M 143 4.63 -47.94 2.08
N UNK M 144 4.90 -46.91 2.89
CA UNK M 144 6.09 -46.10 2.65
C UNK M 144 7.34 -46.95 2.71
N UNK M 145 7.42 -47.83 3.70
CA UNK M 145 8.61 -48.66 3.88
C UNK M 145 8.89 -49.51 2.65
N UNK M 146 8.05 -50.53 2.44
CA UNK M 146 8.29 -51.45 1.34
C UNK M 146 8.30 -50.72 0.02
N UNK M 147 7.51 -49.66 -0.07
CA UNK M 147 7.63 -48.77 -1.23
C UNK M 147 9.08 -48.38 -1.43
N UNK M 148 9.72 -47.86 -0.38
CA UNK M 148 11.12 -47.51 -0.48
C UNK M 148 11.96 -48.72 -0.86
N UNK M 149 11.56 -49.90 -0.39
CA UNK M 149 12.30 -51.10 -0.75
C UNK M 149 12.30 -51.30 -2.26
N UNK M 150 11.11 -51.36 -2.84
CA UNK M 150 11.00 -51.45 -4.28
C UNK M 150 11.73 -50.31 -4.96
N UNK M 151 11.75 -49.15 -4.34
CA UNK M 151 12.47 -48.02 -4.89
C UNK M 151 13.95 -48.34 -5.04
N UNK M 152 14.67 -48.45 -3.92
CA UNK M 152 16.12 -48.60 -3.99
C UNK M 152 16.49 -49.88 -4.72
N UNK M 153 15.95 -51.01 -4.25
CA UNK M 153 16.21 -52.28 -4.92
C UNK M 153 15.94 -52.17 -6.40
N UNK M 154 14.81 -51.57 -6.76
CA UNK M 154 14.48 -51.36 -8.15
C UNK M 154 15.61 -50.62 -8.86
N UNK M 155 16.06 -49.52 -8.27
CA UNK M 155 17.12 -48.73 -8.88
C UNK M 155 18.32 -49.61 -9.20
N UNK M 156 18.72 -50.42 -8.21
CA UNK M 156 19.74 -51.42 -8.48
C UNK M 156 19.39 -52.21 -9.73
N UNK M 157 18.13 -52.66 -9.83
CA UNK M 157 17.74 -53.46 -10.99
C UNK M 157 17.95 -52.68 -12.28
N UNK M 158 17.70 -51.38 -12.24
CA UNK M 158 17.95 -50.55 -13.42
C UNK M 158 19.41 -50.61 -13.79
N UNK M 159 20.24 -50.02 -12.93
CA UNK M 159 21.64 -49.86 -13.27
C UNK M 159 22.25 -51.19 -13.67
N UNK M 160 22.02 -52.21 -12.84
CA UNK M 160 22.59 -53.52 -13.13
C UNK M 160 21.99 -54.11 -14.39
N UNK M 161 20.72 -53.82 -14.66
CA UNK M 161 20.10 -54.33 -15.87
C UNK M 161 20.86 -53.83 -17.08
N UNK M 162 21.05 -52.51 -17.14
CA UNK M 162 21.89 -51.94 -18.18
C UNK M 162 23.25 -52.62 -18.18
N UNK M 163 23.82 -52.81 -17.00
CA UNK M 163 25.13 -53.44 -16.89
C UNK M 163 25.14 -54.77 -17.63
N UNK M 164 24.09 -55.56 -17.45
CA UNK M 164 23.96 -56.79 -18.21
C UNK M 164 23.88 -56.48 -19.70
N UNK M 165 23.10 -55.48 -20.06
CA UNK M 165 22.90 -55.16 -21.46
C UNK M 165 24.23 -54.89 -22.15
N UNK M 166 24.84 -53.76 -21.81
CA UNK M 166 26.12 -53.41 -22.39
C UNK M 166 27.11 -54.53 -22.21
N UNK M 167 27.03 -55.23 -21.08
CA UNK M 167 27.92 -56.35 -20.83
C UNK M 167 27.87 -57.33 -21.99
N UNK M 168 26.68 -57.83 -22.31
CA UNK M 168 26.53 -58.71 -23.45
C UNK M 168 27.02 -58.01 -24.71
N UNK M 169 26.61 -56.75 -24.89
CA UNK M 169 27.21 -55.95 -25.95
C UNK M 169 28.72 -55.92 -25.79
N UNK M 170 29.18 -55.50 -24.61
CA UNK M 170 30.62 -55.56 -24.33
C UNK M 170 31.14 -56.97 -24.49
N UNK M 171 30.32 -57.98 -24.19
CA UNK M 171 30.78 -59.35 -24.39
C UNK M 171 31.05 -59.65 -25.84
N UNK M 172 30.50 -58.85 -26.76
CA UNK M 172 30.40 -59.25 -28.14
C UNK M 172 29.85 -60.67 -28.19
N UNK M 173 28.90 -60.92 -27.28
CA UNK M 173 28.51 -62.27 -26.90
C UNK M 173 27.43 -62.20 -25.84
N UNK M 174 26.95 -63.34 -25.41
CA UNK M 174 25.96 -63.42 -24.35
C UNK M 174 26.60 -64.10 -23.16
N UNK M 175 25.78 -64.40 -22.15
CA UNK M 175 26.27 -65.12 -20.98
C UNK M 175 27.05 -66.35 -21.43
N UNK M 176 28.17 -66.59 -20.76
CA UNK M 176 29.14 -67.59 -21.19
C UNK M 176 28.60 -68.98 -21.57
N UNK M 177 27.63 -69.56 -20.86
CA UNK M 177 27.11 -69.06 -19.60
C UNK M 177 27.82 -69.79 -18.50
N UNK M 178 28.62 -69.06 -17.75
CA UNK M 178 29.54 -69.60 -16.75
C UNK M 178 30.59 -70.46 -17.41
N UNK M 179 30.43 -70.74 -18.70
CA UNK M 179 31.44 -71.46 -19.45
C UNK M 179 32.77 -70.73 -19.35
N UNK M 180 32.74 -69.41 -19.46
CA UNK M 180 33.92 -68.57 -19.42
C UNK M 180 34.95 -69.12 -20.37
N UNK M 181 36.22 -69.10 -19.97
CA UNK M 181 37.28 -69.82 -20.66
C UNK M 181 37.47 -69.25 -22.06
N UNK M 182 36.46 -68.52 -22.54
CA UNK M 182 36.61 -67.60 -23.66
C UNK M 182 36.83 -66.19 -23.15
N UNK M 183 36.83 -66.01 -21.84
CA UNK M 183 37.04 -64.70 -21.26
C UNK M 183 38.42 -64.18 -21.59
N UNK M 184 38.48 -62.99 -22.17
CA UNK M 184 39.73 -62.27 -22.39
C UNK M 184 39.70 -61.06 -21.47
N UNK M 185 40.51 -61.09 -20.43
CA UNK M 185 40.41 -60.07 -19.39
C UNK M 185 40.83 -58.71 -19.91
N UNK M 186 40.31 -57.67 -19.25
CA UNK M 186 40.66 -56.30 -19.57
C UNK M 186 40.48 -55.47 -18.32
N UNK M 187 41.24 -54.38 -18.25
CA UNK M 187 41.25 -53.55 -17.05
C UNK M 187 41.23 -52.09 -17.46
N UNK M 188 41.04 -51.24 -16.46
CA UNK M 188 41.01 -49.79 -16.61
C UNK M 188 39.90 -49.40 -17.64
N UNK M 189 39.98 -48.30 -18.40
CA UNK M 189 40.62 -47.04 -18.03
C UNK M 189 39.59 -46.10 -17.44
N UNK M 190 38.39 -46.61 -17.24
CA UNK M 190 37.24 -45.79 -16.90
C UNK M 190 37.08 -44.72 -17.96
N UNK M 191 36.60 -45.10 -19.14
CA UNK M 191 36.05 -46.42 -19.44
C UNK M 191 37.13 -47.47 -19.62
N UNK M 192 36.83 -48.73 -19.31
CA UNK M 192 35.49 -49.15 -18.90
C UNK M 192 35.37 -49.24 -17.40
N UNK M 193 36.48 -48.98 -16.71
CA UNK M 193 36.49 -49.13 -15.26
C UNK M 193 35.34 -48.37 -14.63
N UNK M 194 34.98 -47.22 -15.20
CA UNK M 194 33.78 -46.53 -14.77
C UNK M 194 32.58 -47.45 -14.90
N UNK M 195 32.35 -47.96 -16.09
CA UNK M 195 31.24 -48.88 -16.28
C UNK M 195 31.50 -50.20 -15.57
N UNK M 196 32.75 -50.58 -15.43
CA UNK M 196 33.04 -51.90 -14.90
C UNK M 196 32.77 -51.92 -13.40
N UNK M 197 33.65 -51.28 -12.64
CA UNK M 197 33.43 -51.16 -11.21
C UNK M 197 32.08 -50.50 -10.92
N UNK M 198 31.56 -49.72 -11.87
CA UNK M 198 30.18 -49.31 -11.79
C UNK M 198 29.28 -50.53 -11.62
N UNK M 199 29.30 -51.42 -12.61
CA UNK M 199 28.51 -52.63 -12.54
C UNK M 199 28.77 -53.39 -11.25
N UNK M 200 30.02 -53.34 -10.77
CA UNK M 200 30.30 -53.91 -9.46
C UNK M 200 29.42 -53.27 -8.40
N UNK M 201 29.43 -51.94 -8.34
CA UNK M 201 28.57 -51.23 -7.42
C UNK M 201 27.11 -51.56 -7.63
N UNK M 202 26.76 -52.01 -8.82
CA UNK M 202 25.39 -52.50 -9.04
C UNK M 202 25.20 -53.82 -8.31
N UNK M 203 26.14 -54.74 -8.44
CA UNK M 203 26.02 -56.01 -7.76
C UNK M 203 25.92 -55.81 -6.26
N UNK M 204 26.94 -55.18 -5.66
CA UNK M 204 26.90 -54.96 -4.23
C UNK M 204 25.71 -54.08 -3.85
N UNK M 205 25.34 -53.16 -4.72
CA UNK M 205 24.13 -52.38 -4.52
C UNK M 205 22.97 -53.32 -4.25
N UNK M 206 22.76 -54.27 -5.15
CA UNK M 206 21.79 -55.31 -4.91
C UNK M 206 22.03 -55.95 -3.56
N UNK M 207 23.29 -56.24 -3.25
CA UNK M 207 23.61 -56.89 -1.99
C UNK M 207 23.22 -56.03 -0.80
N UNK M 208 22.84 -54.78 -1.03
CA UNK M 208 22.46 -53.87 0.04
C UNK M 208 23.62 -53.73 1.03
N UNK M 209 24.64 -53.01 0.57
CA UNK M 209 25.95 -53.02 1.21
C UNK M 209 26.36 -51.63 1.69
N UNK M 210 27.36 -51.62 2.57
CA UNK M 210 28.02 -50.41 3.04
C UNK M 210 27.02 -49.43 3.65
N UNK M 211 26.27 -49.93 4.62
CA UNK M 211 25.19 -49.16 5.22
C UNK M 211 24.29 -48.73 4.06
N UNK M 212 23.85 -47.48 4.02
CA UNK M 212 22.89 -47.02 3.02
C UNK M 212 21.68 -47.93 3.02
N UNK M 213 21.43 -48.55 4.17
CA UNK M 213 20.70 -49.80 4.22
C UNK M 213 19.22 -49.60 4.43
N UNK M 214 18.75 -48.36 4.46
CA UNK M 214 17.35 -48.10 4.72
C UNK M 214 16.45 -49.01 3.91
N UNK M 215 16.83 -49.25 2.66
CA UNK M 215 16.18 -50.28 1.86
C UNK M 215 16.14 -51.58 2.65
N UNK M 216 17.29 -52.20 2.84
CA UNK M 216 17.30 -53.48 3.54
C UNK M 216 17.07 -53.29 5.03
N UNK M 217 17.78 -52.37 5.65
CA UNK M 217 17.67 -52.18 7.09
C UNK M 217 16.24 -51.83 7.46
N UNK M 218 15.81 -50.63 7.07
CA UNK M 218 14.45 -50.22 7.33
C UNK M 218 13.47 -51.24 6.77
N UNK M 219 13.86 -51.96 5.74
CA UNK M 219 13.02 -53.04 5.24
C UNK M 219 12.72 -54.03 6.36
N UNK M 220 13.76 -54.69 6.86
CA UNK M 220 13.59 -55.55 8.01
C UNK M 220 12.84 -54.83 9.10
N UNK M 221 13.14 -53.55 9.30
CA UNK M 221 12.43 -52.77 10.31
C UNK M 221 10.93 -52.88 10.11
N UNK M 222 10.47 -52.83 8.86
CA UNK M 222 9.09 -53.13 8.59
C UNK M 222 8.78 -54.54 9.08
N UNK M 223 9.29 -55.53 8.37
CA UNK M 223 8.95 -56.93 8.60
C UNK M 223 7.45 -57.09 8.83
N UNK M 224 6.69 -56.75 7.80
CA UNK M 224 5.24 -56.70 7.95
C UNK M 224 4.64 -58.08 8.18
N UNK M 225 5.43 -59.13 8.02
CA UNK M 225 5.03 -60.47 8.39
C UNK M 225 6.26 -61.22 8.87
N UNK M 226 6.05 -62.13 9.80
CA UNK M 226 7.16 -62.92 10.31
C UNK M 226 7.69 -63.89 9.28
N UNK M 227 7.03 -64.04 8.15
CA UNK M 227 7.29 -65.18 7.29
C UNK M 227 8.60 -65.21 6.48
N UNK M 228 9.00 -64.24 5.66
CA UNK M 228 8.75 -62.78 5.56
C UNK M 228 9.54 -62.11 6.64
N UNK M 229 9.94 -62.86 7.65
CA UNK M 229 11.28 -62.66 8.16
C UNK M 229 12.27 -63.51 7.37
N UNK M 230 11.91 -64.78 7.17
CA UNK M 230 12.77 -65.66 6.39
C UNK M 230 12.89 -65.15 4.98
N UNK M 231 11.79 -64.61 4.44
CA UNK M 231 11.89 -63.96 3.15
C UNK M 231 12.91 -62.84 3.18
N UNK M 232 12.89 -62.05 4.25
CA UNK M 232 13.86 -60.97 4.36
C UNK M 232 15.28 -61.51 4.28
N UNK M 233 15.59 -62.49 5.12
CA UNK M 233 16.97 -62.94 5.23
C UNK M 233 17.38 -63.73 4.01
N UNK M 234 16.76 -64.88 3.82
CA UNK M 234 17.04 -65.73 2.67
C UNK M 234 17.02 -64.93 1.40
N UNK M 235 16.08 -63.98 1.29
CA UNK M 235 16.11 -63.05 0.18
C UNK M 235 17.44 -62.32 0.13
N UNK M 236 17.86 -61.75 1.25
CA UNK M 236 19.04 -60.89 1.26
C UNK M 236 20.28 -61.66 0.86
N UNK M 237 20.62 -62.70 1.63
CA UNK M 237 21.83 -63.46 1.33
C UNK M 237 21.72 -64.12 -0.03
N UNK M 238 20.53 -64.62 -0.35
CA UNK M 238 20.28 -65.20 -1.67
C UNK M 238 20.71 -64.22 -2.75
N UNK M 239 20.25 -62.98 -2.65
CA UNK M 239 20.68 -61.95 -3.57
C UNK M 239 22.19 -61.78 -3.51
N UNK M 240 22.77 -61.88 -2.30
CA UNK M 240 24.20 -61.68 -2.16
C UNK M 240 24.98 -62.69 -2.99
N UNK M 241 24.46 -63.91 -3.10
CA UNK M 241 25.13 -64.94 -3.90
C UNK M 241 25.44 -64.45 -5.31
N UNK M 242 24.53 -63.65 -5.88
CA UNK M 242 24.73 -63.12 -7.22
C UNK M 242 26.08 -62.43 -7.33
N UNK M 243 26.27 -61.36 -6.56
CA UNK M 243 27.49 -60.57 -6.63
C UNK M 243 28.71 -61.47 -6.63
N UNK M 244 28.68 -62.53 -5.83
CA UNK M 244 29.72 -63.54 -5.87
C UNK M 244 29.82 -64.15 -7.24
N UNK M 245 28.80 -64.92 -7.63
CA UNK M 245 28.89 -65.73 -8.84
C UNK M 245 29.29 -64.92 -10.05
N UNK M 246 28.90 -63.65 -10.09
CA UNK M 246 29.33 -62.79 -11.18
C UNK M 246 30.69 -62.19 -10.94
N UNK M 247 31.11 -62.12 -9.68
CA UNK M 247 32.20 -61.24 -9.30
C UNK M 247 33.48 -61.50 -10.06
N UNK M 248 34.13 -62.62 -9.78
CA UNK M 248 35.46 -62.86 -10.34
C UNK M 248 35.43 -62.82 -11.85
N UNK M 249 34.59 -63.68 -12.45
CA UNK M 249 34.55 -63.76 -13.90
C UNK M 249 34.21 -62.42 -14.53
N UNK M 250 33.55 -61.55 -13.77
CA UNK M 250 33.11 -60.29 -14.33
C UNK M 250 34.29 -59.56 -14.94
N UNK M 251 35.17 -59.01 -14.11
CA UNK M 251 36.43 -58.54 -14.64
C UNK M 251 37.59 -58.97 -13.77
N UNK M 252 37.70 -58.34 -12.60
CA UNK M 252 38.74 -58.60 -11.60
C UNK M 252 40.13 -58.22 -12.10
N UNK M 253 40.26 -57.97 -13.40
CA UNK M 253 41.56 -57.61 -13.95
C UNK M 253 42.09 -56.34 -13.31
N UNK M 254 41.21 -55.46 -12.89
CA UNK M 254 41.59 -54.23 -12.21
C UNK M 254 41.20 -54.35 -10.75
N UNK M 255 42.22 -54.51 -9.90
CA UNK M 255 41.98 -54.44 -8.48
C UNK M 255 41.58 -53.04 -8.03
N UNK M 256 41.64 -52.07 -8.94
CA UNK M 256 41.43 -50.69 -8.58
C UNK M 256 40.17 -50.51 -7.75
N UNK M 257 39.15 -51.33 -7.98
CA UNK M 257 37.91 -51.21 -7.22
C UNK M 257 38.14 -51.39 -5.72
N UNK M 258 39.22 -52.05 -5.35
CA UNK M 258 39.41 -52.52 -3.98
C UNK M 258 39.35 -51.42 -2.93
N UNK M 259 40.41 -50.60 -2.85
CA UNK M 259 40.60 -49.74 -1.68
C UNK M 259 39.34 -48.96 -1.36
N UNK M 260 38.67 -48.43 -2.39
CA UNK M 260 37.38 -47.80 -2.21
C UNK M 260 36.40 -48.78 -1.60
N UNK M 261 36.09 -49.83 -2.37
CA UNK M 261 35.04 -50.75 -1.93
C UNK M 261 35.31 -51.23 -0.52
N UNK M 262 36.36 -52.03 -0.37
CA UNK M 262 36.70 -52.59 0.93
C UNK M 262 36.83 -51.52 1.99
N UNK M 263 37.30 -50.34 1.60
CA UNK M 263 37.39 -49.26 2.57
C UNK M 263 36.02 -48.98 3.18
N UNK M 264 35.04 -48.66 2.32
CA UNK M 264 33.69 -48.47 2.80
C UNK M 264 33.21 -49.69 3.57
N UNK M 265 33.72 -50.86 3.20
CA UNK M 265 33.25 -52.09 3.83
C UNK M 265 33.66 -52.14 5.29
N UNK M 266 34.93 -51.90 5.58
CA UNK M 266 35.38 -51.94 6.95
C UNK M 266 34.80 -50.80 7.75
N UNK M 267 34.86 -49.59 7.19
CA UNK M 267 34.28 -48.45 7.88
C UNK M 267 32.85 -48.76 8.29
N UNK M 268 32.06 -49.22 7.33
CA UNK M 268 30.71 -49.65 7.62
C UNK M 268 30.69 -50.88 8.51
N UNK M 269 31.81 -51.58 8.66
CA UNK M 269 31.80 -52.70 9.59
C UNK M 269 31.81 -52.19 11.02
N UNK M 270 32.71 -51.25 11.29
CA UNK M 270 32.73 -50.58 12.58
C UNK M 270 31.38 -49.92 12.85
N UNK M 271 31.10 -48.88 12.06
CA UNK M 271 29.87 -48.14 12.25
C UNK M 271 28.70 -49.10 12.33
N UNK M 272 28.72 -50.14 11.50
CA UNK M 272 27.73 -51.19 11.59
C UNK M 272 27.62 -51.71 13.00
N UNK M 273 28.76 -52.13 13.56
CA UNK M 273 28.77 -52.62 14.93
C UNK M 273 28.09 -51.63 15.86
N UNK M 274 28.45 -50.35 15.72
CA UNK M 274 27.81 -49.33 16.54
C UNK M 274 26.30 -49.42 16.42
N UNK M 275 25.82 -49.39 15.17
CA UNK M 275 24.39 -49.49 14.93
C UNK M 275 23.82 -50.69 15.66
N UNK M 276 24.52 -51.80 15.63
CA UNK M 276 24.01 -53.01 16.27
C UNK M 276 23.84 -52.79 17.77
N UNK M 277 24.93 -52.45 18.46
CA UNK M 277 24.86 -52.33 19.90
C UNK M 277 23.94 -51.21 20.35
N UNK M 278 23.56 -50.31 19.45
CA UNK M 278 22.80 -49.14 19.85
C UNK M 278 21.43 -49.46 20.43
N UNK M 279 21.01 -50.73 20.40
CA UNK M 279 19.63 -51.07 20.70
C UNK M 279 18.78 -50.26 19.67
N UNK M 280 17.60 -49.68 19.91
CA UNK M 280 16.61 -49.96 20.95
C UNK M 280 15.46 -50.84 20.49
N UNK M 281 15.50 -51.30 19.24
CA UNK M 281 14.39 -52.02 18.64
C UNK M 281 14.75 -53.49 18.46
N UNK M 282 14.09 -54.35 19.22
CA UNK M 282 14.47 -55.76 19.29
C UNK M 282 14.48 -56.41 17.92
N UNK M 283 13.36 -56.33 17.21
CA UNK M 283 13.34 -56.81 15.85
C UNK M 283 14.48 -56.19 15.08
N UNK M 284 14.54 -54.86 15.09
CA UNK M 284 15.63 -54.18 14.40
C UNK M 284 16.97 -54.57 14.97
N UNK M 285 17.04 -54.86 16.27
CA UNK M 285 18.27 -55.36 16.85
C UNK M 285 18.76 -56.56 16.05
N UNK M 286 17.94 -57.62 16.01
CA UNK M 286 18.28 -58.77 15.18
C UNK M 286 18.66 -58.32 13.78
N UNK M 287 17.87 -57.43 13.20
CA UNK M 287 18.05 -57.01 11.83
C UNK M 287 19.47 -56.50 11.59
N UNK M 288 19.76 -55.32 12.14
CA UNK M 288 21.07 -54.71 11.97
C UNK M 288 22.16 -55.70 12.35
N UNK M 289 21.89 -56.52 13.37
CA UNK M 289 22.88 -57.52 13.76
C UNK M 289 23.29 -58.36 12.58
N UNK M 290 22.32 -58.98 11.91
CA UNK M 290 22.65 -59.74 10.72
C UNK M 290 23.24 -58.84 9.66
N UNK M 291 22.73 -57.62 9.55
CA UNK M 291 23.20 -56.71 8.51
C UNK M 291 24.71 -56.58 8.57
N UNK M 292 25.23 -56.22 9.73
CA UNK M 292 26.67 -56.15 9.89
C UNK M 292 27.29 -57.51 9.72
N UNK M 293 26.70 -58.54 10.32
CA UNK M 293 27.30 -59.86 10.30
C UNK M 293 27.64 -60.26 8.88
N UNK M 294 26.64 -60.26 8.00
CA UNK M 294 26.88 -60.55 6.60
C UNK M 294 27.77 -59.51 5.96
N UNK M 295 27.54 -58.24 6.31
CA UNK M 295 28.31 -57.17 5.72
C UNK M 295 29.79 -57.48 5.76
N UNK M 296 30.25 -58.06 6.87
CA UNK M 296 31.60 -58.58 6.92
C UNK M 296 31.89 -59.44 5.70
N UNK M 297 31.00 -60.38 5.42
CA UNK M 297 31.21 -61.23 4.25
C UNK M 297 31.25 -60.40 3.00
N UNK M 298 30.35 -59.43 2.88
CA UNK M 298 30.40 -58.53 1.75
C UNK M 298 31.81 -58.04 1.55
N UNK M 299 32.42 -57.55 2.63
CA UNK M 299 33.82 -57.18 2.58
C UNK M 299 34.65 -58.35 2.07
N UNK M 300 34.34 -59.55 2.52
CA UNK M 300 35.18 -60.69 2.18
C UNK M 300 35.24 -60.90 0.68
N UNK M 301 34.09 -61.12 0.06
CA UNK M 301 34.08 -61.26 -1.39
C UNK M 301 34.72 -60.05 -2.02
N UNK M 302 34.49 -58.88 -1.44
CA UNK M 302 35.11 -57.67 -1.96
C UNK M 302 36.62 -57.78 -1.96
N UNK M 303 37.18 -58.63 -1.10
CA UNK M 303 38.63 -58.69 -1.03
C UNK M 303 39.26 -59.36 -2.23
N UNK M 304 38.46 -59.94 -3.13
CA UNK M 304 38.97 -60.79 -4.19
C UNK M 304 39.79 -61.93 -3.60
N UNK M 305 39.43 -62.34 -2.39
CA UNK M 305 40.20 -63.32 -1.65
C UNK M 305 39.70 -64.72 -1.97
N UNK M 306 40.60 -65.56 -2.45
CA UNK M 306 40.27 -66.94 -2.76
C UNK M 306 39.73 -67.64 -1.53
N UNK M 307 40.59 -67.87 -0.55
CA UNK M 307 40.36 -68.88 0.47
C UNK M 307 38.99 -68.70 1.15
N UNK M 308 38.76 -67.54 1.73
CA UNK M 308 37.62 -67.40 2.63
C UNK M 308 36.29 -67.51 1.93
N UNK M 309 36.27 -67.47 0.59
CA UNK M 309 35.03 -67.37 -0.15
C UNK M 309 33.98 -68.36 0.35
N UNK M 310 34.28 -69.66 0.25
CA UNK M 310 33.33 -70.68 0.66
C UNK M 310 32.85 -70.42 2.07
N UNK M 311 33.76 -70.04 2.96
CA UNK M 311 33.38 -69.72 4.32
C UNK M 311 32.39 -68.57 4.36
N UNK M 312 32.50 -67.63 3.42
CA UNK M 312 31.58 -66.50 3.44
C UNK M 312 30.19 -66.93 3.01
N UNK M 313 30.12 -67.73 1.95
CA UNK M 313 28.82 -68.24 1.53
C UNK M 313 28.18 -68.99 2.69
N UNK M 314 28.81 -70.08 3.11
CA UNK M 314 28.25 -70.87 4.19
C UNK M 314 27.96 -69.98 5.38
N UNK M 315 28.75 -68.93 5.56
CA UNK M 315 28.42 -67.95 6.58
C UNK M 315 27.07 -67.34 6.32
N UNK M 316 26.80 -66.99 5.07
CA UNK M 316 25.47 -66.47 4.73
C UNK M 316 24.41 -67.48 5.11
N UNK M 317 24.64 -68.75 4.79
CA UNK M 317 23.74 -69.79 5.26
C UNK M 317 23.53 -69.69 6.75
N UNK M 318 24.62 -69.57 7.50
CA UNK M 318 24.58 -69.52 8.94
C UNK M 318 23.70 -68.38 9.43
N UNK M 319 24.16 -67.15 9.24
CA UNK M 319 23.43 -65.99 9.73
C UNK M 319 21.98 -66.04 9.31
N UNK M 320 21.74 -66.38 8.04
CA UNK M 320 20.37 -66.49 7.56
C UNK M 320 19.56 -67.40 8.48
N UNK M 321 20.05 -68.63 8.68
CA UNK M 321 19.33 -69.57 9.53
C UNK M 321 19.16 -69.01 10.92
N UNK M 322 20.26 -68.58 11.53
CA UNK M 322 20.27 -68.12 12.91
C UNK M 322 19.27 -67.02 13.11
N UNK M 323 19.57 -65.84 12.57
CA UNK M 323 18.70 -64.70 12.76
C UNK M 323 17.28 -64.97 12.30
N UNK M 324 17.11 -65.88 11.35
CA UNK M 324 15.76 -66.32 11.02
C UNK M 324 15.09 -66.85 12.27
N UNK M 325 15.68 -67.87 12.88
CA UNK M 325 15.12 -68.41 14.12
C UNK M 325 14.99 -67.33 15.17
N UNK M 326 15.95 -66.41 15.20
CA UNK M 326 15.83 -65.26 16.08
C UNK M 326 14.51 -64.58 15.87
N UNK M 327 14.19 -64.27 14.62
CA UNK M 327 12.91 -63.68 14.31
C UNK M 327 11.78 -64.59 14.74
N UNK M 328 11.99 -65.90 14.67
CA UNK M 328 10.95 -66.82 15.11
C UNK M 328 10.63 -66.58 16.56
N UNK M 329 11.58 -66.94 17.43
CA UNK M 329 11.37 -66.79 18.87
C UNK M 329 10.93 -65.37 19.20
N UNK M 330 11.44 -64.41 18.44
CA UNK M 330 11.00 -63.05 18.54
C UNK M 330 9.49 -63.02 18.42
N UNK M 331 8.99 -63.32 17.22
CA UNK M 331 7.55 -63.27 16.97
C UNK M 331 6.80 -64.00 18.05
N UNK M 332 7.34 -65.12 18.53
CA UNK M 332 6.77 -65.81 19.67
C UNK M 332 6.57 -64.84 20.82
N UNK M 333 7.62 -64.10 21.16
CA UNK M 333 7.47 -63.09 22.18
C UNK M 333 6.46 -62.04 21.76
N UNK M 334 6.47 -61.68 20.48
CA UNK M 334 5.65 -60.60 19.96
C UNK M 334 4.18 -60.85 20.21
N UNK M 335 3.61 -61.78 19.46
CA UNK M 335 2.21 -62.11 19.64
C UNK M 335 1.96 -62.65 21.03
N UNK M 336 2.97 -63.27 21.64
CA UNK M 336 2.87 -63.62 23.05
C UNK M 336 2.43 -62.42 23.85
N UNK M 337 3.04 -61.27 23.59
CA UNK M 337 2.56 -60.01 24.11
C UNK M 337 1.65 -59.29 23.12
N UNK M 338 1.55 -59.77 21.89
CA UNK M 338 0.83 -59.08 20.83
C UNK M 338 1.30 -57.64 20.71
N UNK M 339 2.57 -57.41 20.99
CA UNK M 339 3.11 -56.06 21.02
C UNK M 339 4.43 -56.03 20.28
N UNK M 340 4.82 -54.82 19.86
CA UNK M 340 6.09 -54.60 19.18
C UNK M 340 7.18 -54.06 20.08
N UNK M 341 6.91 -53.91 21.38
CA UNK M 341 7.81 -53.15 22.23
C UNK M 341 9.01 -53.97 22.60
N UNK M 342 10.20 -53.50 22.20
CA UNK M 342 11.42 -53.93 22.84
C UNK M 342 11.46 -53.37 24.26
N UNK M 343 12.34 -53.93 25.08
CA UNK M 343 12.59 -53.47 26.44
C UNK M 343 11.43 -53.71 27.40
N UNK M 344 10.33 -54.30 26.93
CA UNK M 344 9.20 -54.58 27.80
C UNK M 344 9.55 -55.54 28.94
N UNK M 345 10.76 -56.07 28.95
CA UNK M 345 11.31 -56.79 30.10
C UNK M 345 10.56 -58.08 30.43
N UNK M 346 10.07 -58.16 31.67
CA UNK M 346 9.65 -59.41 32.28
C UNK M 346 10.77 -60.44 32.19
N UNK M 347 10.44 -61.71 31.98
CA UNK M 347 11.45 -62.75 32.15
C UNK M 347 11.30 -63.87 31.12
N UNK M 348 12.43 -64.21 30.50
CA UNK M 348 12.59 -65.49 29.84
C UNK M 348 12.44 -66.64 30.84
N UNK M 349 13.37 -66.73 31.79
CA UNK M 349 13.45 -67.89 32.67
C UNK M 349 12.09 -68.24 33.26
N UNK M 350 11.39 -67.23 33.76
CA UNK M 350 10.05 -67.46 34.29
C UNK M 350 9.17 -68.12 33.25
N UNK M 351 9.28 -67.68 32.00
CA UNK M 351 8.40 -68.16 30.96
C UNK M 351 8.46 -69.68 30.85
N UNK M 352 9.58 -70.22 30.42
CA UNK M 352 9.58 -71.61 30.00
C UNK M 352 11.01 -72.04 29.71
N UNK M 353 11.21 -73.35 29.65
CA UNK M 353 12.54 -73.90 29.66
C UNK M 353 13.18 -73.80 28.29
N UNK M 354 12.76 -74.66 27.36
CA UNK M 354 13.36 -74.65 26.03
C UNK M 354 13.15 -73.32 25.33
N UNK M 355 12.23 -72.50 25.85
CA UNK M 355 12.11 -71.14 25.39
C UNK M 355 13.46 -70.46 25.57
N UNK M 356 13.81 -70.21 26.83
CA UNK M 356 15.07 -69.55 27.12
C UNK M 356 16.23 -70.35 26.58
N UNK M 357 16.29 -71.64 26.94
CA UNK M 357 17.38 -72.50 26.53
C UNK M 357 17.64 -72.33 25.04
N UNK M 358 16.58 -72.42 24.24
CA UNK M 358 16.69 -72.09 22.84
C UNK M 358 17.28 -70.71 22.66
N UNK M 359 16.73 -69.72 23.36
CA UNK M 359 17.13 -68.33 23.18
C UNK M 359 18.64 -68.19 23.36
N UNK M 360 19.13 -68.37 24.58
CA UNK M 360 20.55 -68.22 24.82
C UNK M 360 21.35 -69.16 23.94
N UNK M 361 20.83 -70.34 23.68
CA UNK M 361 21.56 -71.32 22.89
C UNK M 361 21.90 -70.74 21.54
N UNK M 362 20.87 -70.59 20.70
CA UNK M 362 21.07 -69.99 19.40
C UNK M 362 21.67 -68.62 19.51
N UNK M 363 21.58 -67.98 20.68
CA UNK M 363 22.23 -66.70 20.87
C UNK M 363 23.73 -66.86 20.75
N UNK M 364 24.32 -67.70 21.60
CA UNK M 364 25.73 -68.00 21.46
C UNK M 364 26.06 -68.50 20.07
N UNK M 365 25.10 -69.17 19.44
CA UNK M 365 25.30 -69.52 18.03
C UNK M 365 25.56 -68.26 17.23
N UNK M 366 24.67 -67.28 17.33
CA UNK M 366 24.90 -66.01 16.66
C UNK M 366 26.25 -65.43 17.07
N UNK M 367 26.65 -65.67 18.30
CA UNK M 367 27.99 -65.28 18.73
C UNK M 367 29.06 -66.05 18.00
N UNK M 368 28.69 -67.10 17.26
CA UNK M 368 29.64 -67.88 16.47
C UNK M 368 30.78 -68.39 17.36
N UNK M 369 30.41 -69.35 18.19
CA UNK M 369 31.34 -69.94 19.14
C UNK M 369 32.05 -71.13 18.49
N UNK M 370 32.76 -71.92 19.29
CA UNK M 370 33.33 -73.15 18.78
C UNK M 370 32.23 -74.04 18.25
N UNK M 371 32.59 -74.84 17.24
CA UNK M 371 31.63 -75.68 16.54
C UNK M 371 30.55 -74.86 15.85
N UNK M 372 30.82 -73.60 15.57
CA UNK M 372 29.92 -72.76 14.77
C UNK M 372 30.63 -72.48 13.46
N UNK M 373 30.09 -73.04 12.38
CA UNK M 373 30.66 -72.77 11.07
C UNK M 373 30.73 -71.29 10.80
N UNK M 374 29.80 -70.52 11.39
CA UNK M 374 29.92 -69.07 11.40
C UNK M 374 31.30 -68.67 11.86
N UNK M 375 31.65 -69.06 13.10
CA UNK M 375 32.99 -68.85 13.59
C UNK M 375 34.02 -69.33 12.58
N UNK M 376 33.77 -70.46 11.93
CA UNK M 376 34.73 -70.97 10.96
C UNK M 376 35.00 -69.95 9.88
N UNK M 377 33.93 -69.37 9.33
CA UNK M 377 34.08 -68.20 8.47
C UNK M 377 34.99 -67.18 9.13
N UNK M 378 34.58 -66.70 10.30
CA UNK M 378 35.35 -65.67 10.99
C UNK M 378 36.83 -66.02 11.03
N UNK M 379 37.16 -67.31 11.11
CA UNK M 379 38.55 -67.71 11.01
C UNK M 379 39.05 -67.53 9.60
N UNK M 380 38.20 -67.82 8.62
CA UNK M 380 38.69 -67.75 7.25
C UNK M 380 38.85 -66.30 6.87
N UNK M 381 37.74 -65.57 6.77
CA UNK M 381 37.79 -64.14 6.52
C UNK M 381 38.78 -63.47 7.46
N UNK M 382 38.89 -63.99 8.68
CA UNK M 382 39.97 -63.58 9.55
C UNK M 382 41.29 -63.69 8.81
N UNK M 383 41.56 -64.86 8.23
CA UNK M 383 42.80 -65.03 7.49
C UNK M 383 42.88 -64.06 6.32
N UNK M 384 41.75 -63.81 5.66
CA UNK M 384 41.75 -62.82 4.59
C UNK M 384 42.27 -61.50 5.10
N UNK M 385 41.78 -61.08 6.26
CA UNK M 385 42.31 -59.87 6.88
C UNK M 385 43.80 -60.01 7.15
N UNK M 386 44.21 -61.17 7.64
CA UNK M 386 45.63 -61.45 7.71
C UNK M 386 46.25 -61.34 6.33
N UNK M 387 45.56 -61.83 5.32
CA UNK M 387 46.04 -61.75 3.96
C UNK M 387 45.87 -60.36 3.36
N UNK M 388 45.14 -59.47 4.03
CA UNK M 388 44.78 -58.20 3.45
C UNK M 388 45.91 -57.24 2.99
N UNK M 389 47.06 -57.13 3.68
CA UNK M 389 47.58 -58.03 4.70
C UNK M 389 47.06 -57.81 6.11
N UNK M 390 47.71 -58.48 7.06
CA UNK M 390 47.19 -58.66 8.41
C UNK M 390 46.82 -57.35 9.09
N UNK M 391 47.34 -56.23 8.61
CA UNK M 391 47.11 -54.96 9.28
C UNK M 391 45.63 -54.69 9.43
N UNK M 392 45.28 -53.99 10.51
CA UNK M 392 43.97 -53.41 10.74
C UNK M 392 42.91 -54.45 11.10
N UNK M 393 43.23 -55.72 10.89
CA UNK M 393 42.28 -56.78 11.18
C UNK M 393 41.72 -56.66 12.60
N UNK M 394 42.57 -56.23 13.54
CA UNK M 394 42.17 -56.15 14.94
C UNK M 394 40.85 -55.43 15.09
N UNK M 395 40.67 -54.33 14.36
CA UNK M 395 39.43 -53.58 14.40
C UNK M 395 38.25 -54.52 14.33
N UNK M 396 38.16 -55.29 13.24
CA UNK M 396 37.04 -56.20 13.04
C UNK M 396 36.75 -57.00 14.29
N UNK M 397 37.79 -57.59 14.87
CA UNK M 397 37.59 -58.46 16.03
C UNK M 397 36.86 -57.72 17.14
N UNK M 398 37.29 -56.49 17.42
CA UNK M 398 36.60 -55.68 18.42
C UNK M 398 35.12 -55.64 18.10
N UNK M 399 34.80 -55.22 16.87
CA UNK M 399 33.44 -55.36 16.37
C UNK M 399 32.93 -56.75 16.66
N UNK M 400 33.62 -57.76 16.10
CA UNK M 400 33.27 -59.13 16.40
C UNK M 400 33.07 -59.32 17.88
N UNK M 401 34.04 -58.89 18.67
CA UNK M 401 33.89 -58.86 20.11
C UNK M 401 32.59 -58.16 20.46
N UNK M 402 32.56 -56.85 20.20
CA UNK M 402 31.37 -56.07 20.48
C UNK M 402 30.13 -56.70 19.90
N UNK M 403 30.28 -57.45 18.80
CA UNK M 403 29.13 -58.10 18.19
C UNK M 403 28.37 -58.92 19.21
N UNK M 404 29.06 -59.84 19.87
CA UNK M 404 28.39 -60.66 20.86
C UNK M 404 27.82 -59.80 21.97
N UNK M 405 28.50 -58.70 22.28
CA UNK M 405 27.98 -57.75 23.26
C UNK M 405 26.51 -57.45 22.98
N UNK M 406 26.21 -57.18 21.72
CA UNK M 406 24.83 -57.01 21.28
C UNK M 406 23.99 -58.17 21.79
N UNK M 407 24.25 -59.36 21.26
CA UNK M 407 23.53 -60.55 21.73
C UNK M 407 23.55 -60.60 23.25
N UNK M 408 24.68 -60.26 23.84
CA UNK M 408 24.82 -60.20 25.29
C UNK M 408 23.64 -59.44 25.85
N UNK M 409 23.62 -58.12 25.60
CA UNK M 409 22.51 -57.31 26.08
C UNK M 409 21.20 -57.96 25.70
N UNK M 410 21.09 -58.44 24.47
CA UNK M 410 19.93 -59.19 24.04
C UNK M 410 19.66 -60.28 25.05
N UNK M 411 20.54 -61.27 25.06
CA UNK M 411 20.42 -62.33 26.05
C UNK M 411 20.24 -61.75 27.44
N UNK M 412 20.95 -60.68 27.75
CA UNK M 412 20.75 -60.01 29.02
C UNK M 412 19.31 -59.55 29.11
N UNK M 413 18.96 -58.58 28.28
CA UNK M 413 17.63 -57.99 28.34
C UNK M 413 16.57 -59.06 28.19
N UNK M 414 16.88 -60.13 27.49
CA UNK M 414 15.88 -61.13 27.24
C UNK M 414 16.14 -62.40 28.01
N UNK M 415 15.36 -62.65 29.04
CA UNK M 415 14.58 -61.64 29.74
C UNK M 415 14.56 -62.10 31.18
N UNK M 416 14.75 -61.21 32.14
CA UNK M 416 14.58 -61.57 33.54
C UNK M 416 13.88 -60.44 34.28
N UNK M 417 12.67 -60.70 34.78
CA UNK M 417 11.91 -59.80 35.64
C UNK M 417 10.54 -60.42 35.93
N UNK M 418 9.91 -59.95 36.98
CA UNK M 418 8.52 -60.30 37.28
C UNK M 418 7.69 -59.05 37.06
N UNK M 419 6.94 -59.02 35.97
CA UNK M 419 6.26 -57.81 35.52
C UNK M 419 4.78 -57.91 35.89
N UNK M 420 4.37 -57.16 36.90
CA UNK M 420 2.97 -57.08 37.24
C UNK M 420 2.17 -56.31 36.22
N UNK M 421 2.84 -55.65 35.27
CA UNK M 421 2.16 -54.85 34.27
C UNK M 421 1.43 -55.71 33.24
N UNK M 422 1.61 -57.01 33.28
CA UNK M 422 1.14 -57.89 32.23
C UNK M 422 -0.05 -58.71 32.70
N UNK M 423 -1.13 -58.69 31.92
CA UNK M 423 -2.09 -59.78 32.00
C UNK M 423 -1.32 -61.08 31.85
N UNK M 424 -1.71 -62.09 32.62
CA UNK M 424 -0.83 -63.20 32.93
C UNK M 424 -0.17 -63.73 31.67
N UNK M 425 1.13 -64.02 31.78
CA UNK M 425 1.93 -64.38 30.62
C UNK M 425 1.30 -65.51 29.84
N UNK M 426 1.50 -65.52 28.54
CA UNK M 426 0.59 -66.28 27.68
C UNK M 426 0.92 -67.75 27.80
N UNK M 427 0.02 -68.47 28.47
CA UNK M 427 -0.08 -69.92 28.45
C UNK M 427 1.27 -70.61 28.45
N UNK M 428 1.36 -71.65 27.64
CA UNK M 428 2.58 -72.30 27.20
C UNK M 428 2.42 -72.35 25.70
N UNK M 429 1.32 -72.98 25.29
CA UNK M 429 0.83 -72.96 23.92
C UNK M 429 1.79 -73.65 22.97
N UNK M 430 2.23 -72.94 21.94
CA UNK M 430 2.62 -73.61 20.71
C UNK M 430 3.66 -74.67 20.94
N UNK M 431 3.30 -75.90 20.61
CA UNK M 431 4.32 -76.91 20.39
C UNK M 431 5.09 -76.58 19.14
N UNK M 432 4.41 -76.02 18.14
CA UNK M 432 5.06 -75.57 16.93
C UNK M 432 6.17 -74.58 17.23
N UNK M 433 6.05 -73.83 18.31
CA UNK M 433 7.16 -73.00 18.74
C UNK M 433 8.40 -73.86 18.95
N UNK M 434 8.29 -74.83 19.86
CA UNK M 434 9.39 -75.76 20.09
C UNK M 434 9.81 -76.43 18.79
N UNK M 435 8.86 -76.66 17.91
CA UNK M 435 9.15 -77.27 16.62
C UNK M 435 10.17 -76.41 15.90
N UNK M 436 9.74 -75.24 15.43
CA UNK M 436 10.62 -74.38 14.65
C UNK M 436 11.94 -74.19 15.34
N UNK M 437 11.91 -74.01 16.67
CA UNK M 437 13.15 -73.97 17.42
C UNK M 437 14.03 -75.16 17.08
N UNK M 438 13.47 -76.36 17.18
CA UNK M 438 14.24 -77.56 16.87
C UNK M 438 14.65 -77.57 15.40
N UNK M 439 13.78 -77.08 14.53
CA UNK M 439 14.02 -77.10 13.11
C UNK M 439 15.32 -76.37 12.83
N UNK M 440 15.31 -75.07 13.10
CA UNK M 440 16.54 -74.31 12.99
C UNK M 440 17.64 -74.88 13.85
N UNK M 441 17.30 -75.71 14.84
CA UNK M 441 18.31 -76.17 15.77
C UNK M 441 19.12 -77.32 15.19
N UNK M 442 18.54 -78.53 15.18
CA UNK M 442 19.22 -79.66 14.58
C UNK M 442 19.63 -79.33 13.16
N UNK M 443 18.83 -78.50 12.49
CA UNK M 443 19.28 -77.85 11.28
C UNK M 443 20.67 -77.30 11.53
N UNK M 444 20.74 -76.31 12.40
CA UNK M 444 21.97 -75.57 12.64
C UNK M 444 23.11 -76.50 13.03
N UNK M 445 23.05 -77.03 14.25
CA UNK M 445 24.18 -77.78 14.78
C UNK M 445 24.42 -79.04 13.98
N UNK M 446 23.36 -79.79 13.67
CA UNK M 446 23.52 -80.98 12.86
C UNK M 446 24.30 -80.65 11.60
N UNK M 447 23.98 -79.51 10.98
CA UNK M 447 24.80 -79.02 9.90
C UNK M 447 26.23 -78.80 10.36
N UNK M 448 26.39 -78.11 11.48
CA UNK M 448 27.71 -77.78 11.97
C UNK M 448 28.58 -79.01 12.16
N UNK M 449 27.96 -80.17 12.29
CA UNK M 449 28.73 -81.40 12.43
C UNK M 449 29.66 -81.55 11.25
N UNK M 450 29.12 -81.86 10.09
CA UNK M 450 29.94 -82.11 8.91
C UNK M 450 30.19 -80.78 8.21
N UNK M 451 31.45 -80.54 7.89
CA UNK M 451 31.82 -79.34 7.15
C UNK M 451 31.93 -79.57 5.64
N UNK M 452 31.90 -80.81 5.18
CA UNK M 452 32.26 -81.13 3.81
C UNK M 452 31.52 -80.26 2.81
N UNK M 453 30.22 -80.49 2.67
CA UNK M 453 29.45 -79.73 1.69
C UNK M 453 29.47 -78.25 2.02
N UNK M 454 29.66 -77.90 3.28
CA UNK M 454 29.72 -76.50 3.63
C UNK M 454 30.84 -75.78 2.89
N UNK M 455 31.81 -76.51 2.39
CA UNK M 455 32.91 -75.91 1.64
C UNK M 455 32.40 -75.19 0.41
N UNK N 1 -26.42 -41.82 -32.66
CA UNK N 1 -27.40 -42.85 -32.89
C UNK N 1 -26.74 -44.15 -33.31
N UNK N 2 -27.54 -45.21 -33.38
CA UNK N 2 -27.03 -46.53 -33.66
C UNK N 2 -26.25 -46.54 -34.97
N UNK N 3 -26.96 -46.47 -36.08
CA UNK N 3 -26.29 -46.39 -37.36
C UNK N 3 -25.34 -45.21 -37.42
N UNK N 4 -25.70 -44.12 -36.74
CA UNK N 4 -24.82 -42.97 -36.68
C UNK N 4 -23.45 -43.38 -36.20
N UNK N 5 -23.36 -43.85 -34.96
CA UNK N 5 -22.08 -44.30 -34.44
C UNK N 5 -21.46 -45.32 -35.37
N UNK N 6 -22.27 -46.22 -35.91
CA UNK N 6 -21.77 -47.28 -36.78
C UNK N 6 -20.94 -46.68 -37.90
N UNK N 7 -21.60 -46.00 -38.83
CA UNK N 7 -20.88 -45.38 -39.93
C UNK N 7 -19.89 -44.35 -39.44
N UNK N 8 -19.99 -43.95 -38.19
CA UNK N 8 -19.13 -42.91 -37.67
C UNK N 8 -17.75 -43.50 -37.45
N UNK N 9 -17.62 -44.36 -36.44
CA UNK N 9 -16.34 -44.98 -36.17
C UNK N 9 -15.86 -45.75 -37.39
N UNK N 10 -16.77 -46.50 -38.02
CA UNK N 10 -16.43 -47.19 -39.25
C UNK N 10 -15.75 -46.24 -40.21
N UNK N 11 -16.34 -45.06 -40.38
CA UNK N 11 -15.69 -44.04 -41.18
C UNK N 11 -14.34 -43.65 -40.59
N UNK N 12 -14.20 -43.74 -39.27
CA UNK N 12 -13.00 -43.21 -38.64
C UNK N 12 -11.80 -44.12 -38.88
N UNK N 13 -11.80 -45.30 -38.26
CA UNK N 13 -10.69 -46.21 -38.48
C UNK N 13 -10.65 -46.69 -39.92
N UNK N 14 -11.80 -46.64 -40.61
CA UNK N 14 -11.77 -46.82 -42.06
C UNK N 14 -10.82 -45.81 -42.68
N UNK N 15 -10.99 -44.54 -42.35
CA UNK N 15 -10.07 -43.52 -42.82
C UNK N 15 -8.65 -43.85 -42.39
N UNK N 16 -8.49 -44.44 -41.20
CA UNK N 16 -7.16 -44.86 -40.77
C UNK N 16 -6.54 -45.82 -41.79
N UNK N 17 -7.15 -47.01 -41.93
CA UNK N 17 -6.62 -47.99 -42.86
C UNK N 17 -6.41 -47.40 -44.23
N UNK N 18 -7.30 -46.51 -44.65
CA UNK N 18 -7.06 -45.76 -45.85
C UNK N 18 -5.69 -45.12 -45.81
N UNK N 19 -5.43 -44.35 -44.74
CA UNK N 19 -4.13 -43.73 -44.59
C UNK N 19 -3.02 -44.77 -44.67
N UNK N 20 -3.29 -45.98 -44.22
CA UNK N 20 -2.26 -47.02 -44.31
C UNK N 20 -1.87 -47.26 -45.76
N UNK N 21 -2.78 -47.04 -46.70
CA UNK N 21 -2.41 -47.16 -48.09
C UNK N 21 -1.51 -46.02 -48.50
N UNK N 22 -0.76 -46.23 -49.59
CA UNK N 22 0.24 -45.27 -50.07
C UNK N 22 -0.26 -44.63 -51.36
N UNK N 23 -0.52 -43.33 -51.30
CA UNK N 23 -1.00 -42.61 -52.48
C UNK N 23 -0.72 -41.12 -52.30
N UNK N 24 -1.02 -40.36 -53.35
CA UNK N 24 -0.41 -39.05 -53.58
C UNK N 24 -0.80 -37.98 -52.59
N UNK N 25 0.21 -37.39 -51.96
CA UNK N 25 1.57 -37.89 -52.15
C UNK N 25 1.94 -39.16 -51.36
N UNK N 26 1.54 -39.40 -50.10
CA UNK N 26 0.79 -38.57 -49.13
C UNK N 26 -0.60 -38.09 -49.49
N UNK N 27 -1.49 -39.01 -49.85
CA UNK N 27 -2.91 -38.70 -49.74
C UNK N 27 -3.33 -38.51 -48.29
N UNK N 28 -2.41 -38.78 -47.37
CA UNK N 28 -2.67 -38.71 -45.95
C UNK N 28 -3.41 -37.43 -45.57
N UNK N 29 -2.80 -36.28 -45.80
CA UNK N 29 -3.33 -35.02 -45.26
C UNK N 29 -4.84 -34.97 -45.47
N UNK N 30 -5.26 -35.41 -46.65
CA UNK N 30 -6.68 -35.68 -46.86
C UNK N 30 -7.17 -36.75 -45.90
N UNK N 31 -6.48 -37.88 -45.85
CA UNK N 31 -6.91 -38.98 -44.99
C UNK N 31 -6.99 -38.56 -43.53
N UNK N 32 -5.84 -38.36 -42.89
CA UNK N 32 -5.78 -37.91 -41.51
C UNK N 32 -6.72 -36.75 -41.28
N UNK N 33 -6.84 -35.86 -42.27
CA UNK N 33 -7.88 -34.84 -42.20
C UNK N 33 -9.23 -35.48 -41.92
N UNK N 34 -9.61 -36.45 -42.74
CA UNK N 34 -10.88 -37.13 -42.53
C UNK N 34 -10.94 -37.71 -41.13
N UNK N 35 -9.90 -38.46 -40.75
CA UNK N 35 -9.87 -39.04 -39.42
C UNK N 35 -10.15 -38.00 -38.35
N UNK N 36 -9.62 -36.80 -38.54
CA UNK N 36 -9.89 -35.72 -37.60
C UNK N 36 -11.36 -35.37 -37.61
N UNK N 37 -11.91 -35.14 -38.80
CA UNK N 37 -13.33 -34.87 -38.91
C UNK N 37 -14.13 -35.89 -38.12
N UNK N 38 -13.73 -37.15 -38.20
CA UNK N 38 -14.35 -38.18 -37.38
C UNK N 38 -14.18 -37.86 -35.91
N UNK N 39 -12.94 -37.60 -35.50
CA UNK N 39 -12.67 -37.34 -34.09
C UNK N 39 -13.58 -36.25 -33.54
N UNK N 40 -14.02 -35.34 -34.39
CA UNK N 40 -14.96 -34.33 -33.96
C UNK N 40 -16.18 -34.98 -33.34
N UNK N 41 -17.01 -35.60 -34.18
CA UNK N 41 -18.23 -36.21 -33.68
C UNK N 41 -17.92 -37.22 -32.59
N UNK N 42 -16.82 -37.96 -32.76
CA UNK N 42 -16.42 -38.91 -31.74
C UNK N 42 -16.40 -38.24 -30.38
N UNK N 43 -15.68 -37.13 -30.28
CA UNK N 43 -15.69 -36.35 -29.06
C UNK N 43 -17.11 -35.91 -28.74
N UNK N 44 -17.86 -35.52 -29.76
CA UNK N 44 -19.19 -34.98 -29.55
C UNK N 44 -20.15 -36.00 -28.98
N UNK N 45 -19.75 -37.26 -28.89
CA UNK N 45 -20.63 -38.36 -28.53
C UNK N 45 -21.53 -38.04 -27.33
N UNK N 46 -20.94 -37.92 -26.14
CA UNK N 46 -21.77 -37.67 -24.97
C UNK N 46 -22.41 -36.29 -25.01
N UNK N 47 -21.79 -35.34 -25.71
CA UNK N 47 -22.33 -33.99 -25.85
C UNK N 47 -22.61 -33.38 -24.48
N UNK N 48 -21.52 -33.04 -23.79
CA UNK N 48 -21.58 -32.51 -22.44
C UNK N 48 -20.85 -31.18 -22.38
N UNK N 49 -21.07 -30.48 -21.27
CA UNK N 49 -20.71 -29.08 -21.16
C UNK N 49 -19.26 -28.82 -21.58
N UNK N 50 -18.34 -29.52 -20.95
CA UNK N 50 -16.94 -29.10 -21.04
C UNK N 50 -16.37 -29.33 -22.43
N UNK N 51 -16.48 -30.56 -22.95
CA UNK N 51 -15.53 -31.07 -23.94
C UNK N 51 -15.47 -30.24 -25.22
N UNK N 52 -16.40 -29.33 -25.45
CA UNK N 52 -16.40 -28.56 -26.68
C UNK N 52 -15.05 -27.92 -26.93
N UNK N 53 -14.70 -26.95 -26.08
CA UNK N 53 -13.45 -26.22 -26.26
C UNK N 53 -12.27 -27.18 -26.40
N UNK N 54 -12.29 -28.28 -25.65
CA UNK N 54 -11.28 -29.30 -25.83
C UNK N 54 -11.21 -29.69 -27.29
N UNK N 55 -12.35 -30.06 -27.86
CA UNK N 55 -12.37 -30.39 -29.27
C UNK N 55 -11.84 -29.24 -30.11
N UNK N 56 -12.03 -28.00 -29.66
CA UNK N 56 -11.47 -26.88 -30.41
C UNK N 56 -9.96 -26.93 -30.39
N UNK N 57 -9.37 -27.25 -29.25
CA UNK N 57 -7.94 -27.48 -29.23
C UNK N 57 -7.56 -28.61 -30.18
N UNK N 58 -8.40 -29.65 -30.25
CA UNK N 58 -8.18 -30.68 -31.25
C UNK N 58 -8.16 -30.05 -32.65
N UNK N 59 -9.00 -29.04 -32.86
CA UNK N 59 -8.91 -28.31 -34.12
C UNK N 59 -7.57 -27.62 -34.24
N UNK N 60 -6.98 -27.18 -33.13
CA UNK N 60 -5.63 -26.65 -33.20
C UNK N 60 -4.66 -27.73 -33.66
N UNK N 61 -4.85 -28.97 -33.21
CA UNK N 61 -4.10 -30.06 -33.77
C UNK N 61 -4.31 -30.13 -35.27
N UNK N 62 -5.55 -29.98 -35.72
CA UNK N 62 -5.80 -29.94 -37.16
C UNK N 62 -4.99 -28.82 -37.80
N UNK N 63 -4.80 -27.71 -37.09
CA UNK N 63 -3.95 -26.65 -37.62
C UNK N 63 -2.53 -27.15 -37.79
N UNK N 64 -2.04 -27.91 -36.82
CA UNK N 64 -0.76 -28.57 -37.01
C UNK N 64 -0.77 -29.40 -38.28
N UNK N 65 -1.91 -30.02 -38.59
CA UNK N 65 -2.00 -30.76 -39.84
C UNK N 65 -1.86 -29.83 -41.03
N UNK N 66 -2.43 -28.63 -40.91
CA UNK N 66 -2.16 -27.63 -41.94
C UNK N 66 -0.67 -27.44 -42.09
N UNK N 67 0.04 -27.34 -40.97
CA UNK N 67 1.49 -27.29 -41.04
C UNK N 67 2.03 -28.50 -41.80
N UNK N 68 1.46 -29.67 -41.55
CA UNK N 68 1.91 -30.89 -42.20
C UNK N 68 1.82 -30.76 -43.71
N UNK N 69 0.59 -30.69 -44.22
CA UNK N 69 0.39 -30.62 -45.66
C UNK N 69 1.23 -29.49 -46.27
N UNK N 70 1.32 -28.37 -45.56
CA UNK N 70 2.20 -27.30 -46.01
C UNK N 70 3.59 -27.84 -46.26
N UNK N 71 4.16 -28.48 -45.24
CA UNK N 71 5.46 -29.12 -45.41
C UNK N 71 5.46 -30.04 -46.60
N UNK N 72 4.36 -30.76 -46.82
CA UNK N 72 4.30 -31.63 -47.98
C UNK N 72 4.53 -30.86 -49.26
N UNK N 73 3.77 -29.78 -49.45
CA UNK N 73 4.01 -28.91 -50.59
C UNK N 73 5.47 -28.52 -50.65
N UNK N 74 6.04 -28.19 -49.50
CA UNK N 74 7.45 -27.83 -49.47
C UNK N 74 8.28 -28.93 -50.09
N UNK N 75 8.01 -30.17 -49.70
CA UNK N 75 8.73 -31.31 -50.24
C UNK N 75 8.56 -31.36 -51.74
N UNK N 76 7.33 -31.17 -52.20
CA UNK N 76 7.05 -31.13 -53.62
C UNK N 76 8.01 -30.17 -54.30
N UNK N 77 8.11 -28.96 -53.76
CA UNK N 77 9.09 -28.01 -54.27
C UNK N 77 10.48 -28.63 -54.22
N UNK N 78 10.83 -29.21 -53.09
CA UNK N 78 12.11 -29.89 -52.93
C UNK N 78 12.26 -30.96 -54.00
N UNK N 79 11.46 -32.01 -53.89
CA UNK N 79 11.42 -33.06 -54.89
C UNK N 79 10.00 -33.21 -55.37
N UNK N 80 9.83 -33.29 -56.68
CA UNK N 80 8.51 -33.22 -57.28
C UNK N 80 7.77 -34.55 -57.30
N UNK N 81 8.33 -35.60 -56.71
CA UNK N 81 7.75 -36.93 -56.84
C UNK N 81 6.27 -36.92 -56.48
N UNK N 82 5.45 -37.42 -57.39
CA UNK N 82 4.03 -37.55 -57.09
C UNK N 82 3.83 -38.33 -55.80
N UNK N 83 4.69 -39.32 -55.56
CA UNK N 83 4.64 -40.10 -54.34
C UNK N 83 5.31 -39.37 -53.19
N UNK N 84 4.88 -39.71 -51.99
CA UNK N 84 5.65 -39.41 -50.78
C UNK N 84 6.71 -40.49 -50.61
N UNK N 85 7.32 -40.54 -49.44
CA UNK N 85 8.28 -41.55 -48.98
C UNK N 85 9.71 -41.26 -49.44
N UNK N 86 9.95 -40.23 -50.22
CA UNK N 86 11.31 -39.95 -50.65
C UNK N 86 12.05 -39.11 -49.62
N UNK N 87 13.32 -38.87 -49.88
CA UNK N 87 14.09 -37.97 -49.04
C UNK N 87 13.81 -36.52 -49.39
N UNK N 88 13.82 -36.20 -50.68
CA UNK N 88 13.61 -34.84 -51.15
C UNK N 88 14.62 -33.88 -50.53
N UNK N 89 14.14 -32.75 -50.01
CA UNK N 89 15.03 -31.72 -49.46
C UNK N 89 14.32 -30.94 -48.35
N UNK N 90 15.08 -30.43 -47.39
CA UNK N 90 16.51 -30.64 -47.38
C UNK N 90 16.83 -32.06 -46.87
N UNK N 91 16.50 -32.51 -45.66
CA UNK N 91 16.08 -31.83 -44.43
C UNK N 91 14.94 -30.82 -44.49
N UNK N 92 15.28 -29.58 -44.19
CA UNK N 92 14.47 -28.71 -43.34
C UNK N 92 12.97 -28.83 -43.61
N UNK N 93 12.58 -28.92 -44.88
CA UNK N 93 11.20 -29.26 -45.17
C UNK N 93 10.82 -30.54 -44.45
N UNK N 94 11.63 -31.58 -44.63
CA UNK N 94 11.41 -32.82 -43.90
C UNK N 94 11.51 -32.59 -42.40
N UNK N 95 12.43 -31.73 -41.98
CA UNK N 95 12.64 -31.49 -40.56
C UNK N 95 11.35 -31.03 -39.92
N UNK N 96 10.95 -29.79 -40.22
CA UNK N 96 9.72 -29.26 -39.67
C UNK N 96 8.55 -30.17 -39.99
N UNK N 97 8.63 -30.89 -41.10
CA UNK N 97 7.58 -31.83 -41.46
C UNK N 97 7.40 -32.84 -40.34
N UNK N 98 8.37 -33.73 -40.18
CA UNK N 98 8.29 -34.72 -39.13
C UNK N 98 8.06 -34.09 -37.78
N UNK N 99 8.51 -32.86 -37.60
CA UNK N 99 8.19 -32.13 -36.39
C UNK N 99 6.68 -32.07 -36.21
N UNK N 100 6.00 -31.40 -37.13
CA UNK N 100 4.55 -31.33 -37.07
C UNK N 100 3.96 -32.72 -36.88
N UNK N 101 4.48 -33.70 -37.62
CA UNK N 101 4.06 -35.07 -37.43
C UNK N 101 4.09 -35.43 -35.95
N UNK N 102 5.19 -35.08 -35.28
CA UNK N 102 5.29 -35.37 -33.86
C UNK N 102 4.23 -34.61 -33.09
N UNK N 103 4.01 -33.34 -33.44
CA UNK N 103 2.96 -32.59 -32.79
C UNK N 103 1.66 -33.37 -32.81
N UNK N 104 1.35 -33.98 -33.96
CA UNK N 104 0.24 -34.92 -33.98
C UNK N 104 0.46 -36.02 -32.95
N UNK N 105 1.59 -36.69 -33.01
CA UNK N 105 1.89 -37.71 -32.02
C UNK N 105 2.18 -37.12 -30.66
N UNK N 106 2.22 -35.80 -30.57
CA UNK N 106 2.54 -35.10 -29.34
C UNK N 106 3.94 -35.54 -28.86
N UNK N 107 4.29 -35.60 -27.57
CA UNK N 107 3.80 -34.72 -26.50
C UNK N 107 4.76 -33.60 -26.16
N UNK N 108 5.94 -33.62 -26.79
CA UNK N 108 7.00 -32.73 -26.39
C UNK N 108 6.53 -31.29 -26.40
N UNK N 109 6.35 -30.74 -27.60
CA UNK N 109 5.73 -29.42 -27.70
C UNK N 109 4.28 -29.46 -27.28
N UNK N 110 3.68 -30.65 -27.28
CA UNK N 110 2.25 -30.80 -27.05
C UNK N 110 1.92 -30.99 -25.59
N UNK N 111 2.90 -30.81 -24.70
CA UNK N 111 2.78 -31.16 -23.30
C UNK N 111 1.44 -30.74 -22.72
N UNK N 112 0.95 -29.56 -23.08
CA UNK N 112 -0.38 -29.18 -22.65
C UNK N 112 -1.45 -29.94 -23.43
N UNK N 113 -1.32 -29.96 -24.75
CA UNK N 113 -2.43 -30.24 -25.65
C UNK N 113 -3.13 -31.56 -25.36
N UNK N 114 -2.47 -32.65 -25.73
CA UNK N 114 -3.13 -33.93 -25.58
C UNK N 114 -3.46 -34.21 -24.13
N UNK N 115 -2.69 -33.66 -23.21
CA UNK N 115 -2.93 -33.86 -21.78
C UNK N 115 -4.29 -33.34 -21.36
N UNK N 116 -4.40 -32.01 -21.30
CA UNK N 116 -5.66 -31.42 -20.87
C UNK N 116 -6.78 -31.88 -21.76
N UNK N 117 -6.48 -32.05 -23.05
CA UNK N 117 -7.39 -32.74 -23.93
C UNK N 117 -7.85 -34.04 -23.31
N UNK N 118 -6.93 -34.76 -22.69
CA UNK N 118 -7.21 -36.14 -22.31
C UNK N 118 -8.05 -36.17 -21.04
N UNK N 119 -7.49 -35.69 -19.93
CA UNK N 119 -8.28 -35.64 -18.70
C UNK N 119 -9.61 -34.95 -18.97
N UNK N 120 -9.57 -33.93 -19.82
CA UNK N 120 -10.78 -33.41 -20.43
C UNK N 120 -11.58 -34.54 -21.07
N UNK N 121 -10.99 -35.21 -22.06
CA UNK N 121 -11.73 -36.18 -22.85
C UNK N 121 -12.39 -37.22 -21.96
N UNK N 122 -13.59 -37.61 -22.34
CA UNK N 122 -14.31 -38.66 -21.65
C UNK N 122 -15.27 -39.32 -22.63
N UNK N 123 -15.49 -40.62 -22.48
CA UNK N 123 -14.79 -41.41 -21.50
C UNK N 123 -14.10 -42.55 -22.20
N UNK N 124 -14.90 -43.40 -22.81
CA UNK N 124 -14.42 -44.62 -23.44
C UNK N 124 -13.38 -44.38 -24.52
N UNK N 125 -13.82 -43.83 -25.66
CA UNK N 125 -13.10 -44.02 -26.91
C UNK N 125 -11.72 -43.37 -26.91
N UNK N 126 -11.60 -42.19 -26.28
CA UNK N 126 -10.43 -41.34 -26.49
C UNK N 126 -9.13 -42.10 -26.38
N UNK N 127 -9.08 -43.10 -25.50
CA UNK N 127 -7.99 -44.05 -25.57
C UNK N 127 -7.85 -44.58 -26.99
N UNK N 128 -8.95 -45.08 -27.55
CA UNK N 128 -8.91 -45.59 -28.91
C UNK N 128 -8.61 -44.49 -29.90
N UNK N 129 -9.06 -43.27 -29.63
CA UNK N 129 -8.61 -42.13 -30.41
C UNK N 129 -7.10 -42.15 -30.51
N UNK N 130 -6.44 -42.06 -29.36
CA UNK N 130 -4.99 -42.19 -29.32
C UNK N 130 -4.52 -43.41 -30.10
N UNK N 131 -5.25 -44.51 -30.02
CA UNK N 131 -4.86 -45.73 -30.72
C UNK N 131 -4.77 -45.49 -32.22
N UNK N 132 -5.91 -45.27 -32.86
CA UNK N 132 -5.93 -45.10 -34.30
C UNK N 132 -4.99 -43.98 -34.73
N UNK N 133 -5.17 -42.79 -34.15
CA UNK N 133 -4.39 -41.65 -34.56
C UNK N 133 -2.89 -41.94 -34.45
N UNK N 134 -2.45 -42.32 -33.26
CA UNK N 134 -1.04 -42.63 -33.05
C UNK N 134 -0.56 -43.69 -34.02
N UNK N 135 -1.42 -44.66 -34.34
CA UNK N 135 -1.05 -45.64 -35.35
C UNK N 135 -0.78 -44.98 -36.68
N UNK N 136 -1.56 -43.96 -37.03
CA UNK N 136 -1.29 -43.23 -38.25
C UNK N 136 0.06 -42.55 -38.19
N UNK N 137 0.34 -41.88 -37.07
CA UNK N 137 1.67 -41.30 -36.89
C UNK N 137 2.73 -42.34 -37.14
N UNK N 138 2.52 -43.55 -36.62
CA UNK N 138 3.44 -44.63 -36.91
C UNK N 138 3.54 -44.89 -38.40
N UNK N 139 2.40 -44.89 -39.09
CA UNK N 139 2.44 -45.06 -40.54
C UNK N 139 3.36 -44.04 -41.16
N UNK N 140 3.38 -42.83 -40.61
CA UNK N 140 4.39 -41.88 -41.01
C UNK N 140 5.79 -42.36 -40.61
N UNK N 141 5.88 -43.09 -39.51
CA UNK N 141 7.20 -43.44 -38.98
C UNK N 141 7.85 -44.48 -39.86
N UNK N 142 7.28 -45.68 -39.92
CA UNK N 142 7.73 -46.62 -40.93
C UNK N 142 7.77 -45.95 -42.28
N UNK N 143 6.84 -45.02 -42.51
CA UNK N 143 6.89 -44.23 -43.72
C UNK N 143 8.07 -43.27 -43.73
N UNK N 144 8.57 -42.85 -42.57
CA UNK N 144 9.74 -42.00 -42.56
C UNK N 144 10.90 -42.74 -43.21
N UNK N 145 11.61 -42.05 -44.11
CA UNK N 145 12.60 -42.67 -44.98
C UNK N 145 13.63 -43.62 -44.32
N UNK N 146 14.21 -43.29 -43.17
CA UNK N 146 14.04 -42.02 -42.51
C UNK N 146 15.24 -41.17 -42.76
N UNK N 147 15.05 -40.14 -43.55
CA UNK N 147 16.01 -39.05 -43.60
C UNK N 147 15.51 -38.00 -42.63
N UNK N 148 16.20 -37.86 -41.51
CA UNK N 148 15.79 -36.92 -40.48
C UNK N 148 16.97 -36.63 -39.59
N UNK N 149 16.90 -35.50 -38.88
CA UNK N 149 17.95 -35.18 -37.94
C UNK N 149 18.00 -36.27 -36.89
N UNK N 150 19.17 -36.90 -36.76
CA UNK N 150 19.34 -37.86 -35.69
C UNK N 150 19.06 -37.20 -34.36
N UNK N 151 19.74 -36.08 -34.09
CA UNK N 151 19.56 -35.37 -32.84
C UNK N 151 18.10 -35.02 -32.64
N UNK N 152 17.59 -34.04 -33.40
CA UNK N 152 16.29 -33.44 -33.09
C UNK N 152 15.25 -34.51 -32.80
N UNK N 153 15.29 -35.61 -33.54
CA UNK N 153 14.53 -36.79 -33.17
C UNK N 153 14.87 -37.16 -31.74
N UNK N 154 16.13 -37.55 -31.51
CA UNK N 154 16.54 -38.04 -30.21
C UNK N 154 16.16 -37.07 -29.10
N UNK N 155 16.55 -35.82 -29.27
CA UNK N 155 16.17 -34.73 -28.37
C UNK N 155 14.69 -34.82 -28.05
N UNK N 156 13.86 -34.70 -29.09
CA UNK N 156 12.42 -34.78 -28.90
C UNK N 156 12.05 -35.94 -28.01
N UNK N 157 12.63 -37.11 -28.29
CA UNK N 157 12.36 -38.29 -27.48
C UNK N 157 12.68 -38.02 -26.02
N UNK N 158 13.94 -37.73 -25.73
CA UNK N 158 14.37 -37.51 -24.35
C UNK N 158 13.46 -36.52 -23.67
N UNK N 159 13.28 -35.35 -24.30
CA UNK N 159 12.39 -34.34 -23.79
C UNK N 159 11.05 -34.95 -23.40
N UNK N 160 10.52 -35.80 -24.27
CA UNK N 160 9.25 -36.43 -23.95
C UNK N 160 9.37 -37.30 -22.70
N UNK N 161 10.46 -38.05 -22.59
CA UNK N 161 10.66 -38.81 -21.37
C UNK N 161 10.61 -37.91 -20.16
N UNK N 162 11.16 -36.70 -20.28
CA UNK N 162 11.02 -35.75 -19.20
C UNK N 162 9.57 -35.37 -18.98
N UNK N 163 8.83 -35.20 -20.09
CA UNK N 163 7.40 -34.94 -19.95
C UNK N 163 6.76 -36.01 -19.10
N UNK N 164 7.31 -37.22 -19.15
CA UNK N 164 6.98 -38.17 -18.11
C UNK N 164 7.51 -37.67 -16.76
N UNK N 165 8.76 -37.20 -16.74
CA UNK N 165 9.44 -36.92 -15.46
C UNK N 165 8.58 -36.05 -14.56
N UNK N 166 7.93 -35.05 -15.13
CA UNK N 166 6.91 -34.39 -14.34
C UNK N 166 5.58 -35.14 -14.38
N UNK N 167 5.26 -35.75 -15.53
CA UNK N 167 3.90 -36.17 -15.82
C UNK N 167 3.40 -37.18 -14.79
N UNK N 168 4.27 -38.10 -14.37
CA UNK N 168 3.82 -39.13 -13.44
C UNK N 168 3.25 -38.52 -12.18
N UNK N 169 4.04 -37.71 -11.50
CA UNK N 169 3.56 -37.08 -10.27
C UNK N 169 2.44 -36.11 -10.57
N UNK N 170 2.38 -35.62 -11.80
CA UNK N 170 1.46 -34.53 -12.14
C UNK N 170 0.06 -34.80 -11.61
N UNK N 171 -0.56 -35.87 -12.08
CA UNK N 171 -2.02 -35.91 -12.03
C UNK N 171 -2.53 -36.11 -10.61
N UNK N 172 -3.86 -36.03 -10.52
CA UNK N 172 -4.63 -36.43 -9.35
C UNK N 172 -5.78 -37.29 -9.84
N UNK N 173 -6.63 -36.71 -10.68
CA UNK N 173 -7.81 -37.41 -11.16
C UNK N 173 -7.44 -38.66 -11.92
N UNK N 174 -8.32 -39.66 -11.83
CA UNK N 174 -8.19 -40.87 -12.62
C UNK N 174 -7.97 -40.54 -14.09
N UNK N 175 -8.93 -39.86 -14.71
CA UNK N 175 -8.79 -39.50 -16.11
C UNK N 175 -7.43 -38.90 -16.39
N UNK N 176 -7.05 -37.91 -15.59
CA UNK N 176 -5.73 -37.33 -15.70
C UNK N 176 -4.65 -38.40 -15.57
N UNK N 177 -4.81 -39.28 -14.58
CA UNK N 177 -3.86 -40.36 -14.41
C UNK N 177 -3.61 -41.06 -15.73
N UNK N 178 -4.67 -41.63 -16.29
CA UNK N 178 -4.57 -42.24 -17.60
C UNK N 178 -3.88 -41.31 -18.58
N UNK N 179 -4.19 -40.02 -18.51
CA UNK N 179 -3.65 -39.07 -19.47
C UNK N 179 -2.13 -39.10 -19.45
N UNK N 180 -1.55 -38.60 -18.36
CA UNK N 180 -0.09 -38.57 -18.30
C UNK N 180 0.49 -39.95 -18.54
N UNK N 181 -0.25 -40.99 -18.17
CA UNK N 181 0.23 -42.34 -18.43
C UNK N 181 0.46 -42.55 -19.93
N UNK N 182 -0.58 -42.35 -20.73
CA UNK N 182 -0.45 -42.50 -22.16
C UNK N 182 0.61 -41.57 -22.69
N UNK N 183 0.76 -40.41 -22.08
CA UNK N 183 1.88 -39.54 -22.44
C UNK N 183 3.17 -40.31 -22.34
N UNK N 184 3.42 -40.92 -21.18
CA UNK N 184 4.65 -41.64 -20.93
C UNK N 184 4.84 -42.76 -21.93
N UNK N 185 4.00 -43.79 -21.83
CA UNK N 185 4.15 -44.95 -22.69
C UNK N 185 4.28 -44.51 -24.14
N UNK N 186 3.49 -43.51 -24.52
CA UNK N 186 3.64 -42.87 -25.82
C UNK N 186 5.08 -42.53 -26.10
N UNK N 187 5.66 -41.69 -25.26
CA UNK N 187 7.04 -41.23 -25.48
C UNK N 187 8.01 -42.39 -25.61
N UNK N 188 8.09 -43.21 -24.55
CA UNK N 188 9.06 -44.29 -24.55
C UNK N 188 8.94 -45.11 -25.81
N UNK N 189 7.71 -45.33 -26.27
CA UNK N 189 7.51 -45.95 -27.56
C UNK N 189 8.16 -45.12 -28.66
N UNK N 190 7.92 -43.82 -28.66
CA UNK N 190 8.41 -42.97 -29.73
C UNK N 190 9.92 -43.04 -29.85
N UNK N 191 10.61 -43.47 -28.80
CA UNK N 191 12.06 -43.47 -28.83
C UNK N 191 12.67 -44.39 -29.89
N UNK N 192 11.87 -45.21 -30.56
CA UNK N 192 12.39 -46.42 -31.21
C UNK N 192 12.85 -46.23 -32.65
N UNK N 193 12.87 -45.00 -33.17
CA UNK N 193 13.02 -44.77 -34.60
C UNK N 193 14.14 -45.54 -35.31
N UNK N 194 15.39 -45.16 -35.05
CA UNK N 194 16.51 -45.63 -35.86
C UNK N 194 16.73 -47.13 -35.77
N UNK N 195 15.99 -47.81 -34.92
CA UNK N 195 16.23 -49.21 -34.61
C UNK N 195 15.56 -50.14 -35.60
N UNK N 196 15.04 -49.61 -36.70
CA UNK N 196 14.01 -50.26 -37.50
C UNK N 196 12.83 -50.45 -36.56
N UNK N 197 12.11 -51.56 -36.61
CA UNK N 197 10.86 -51.65 -35.87
C UNK N 197 10.85 -52.91 -35.03
N UNK N 198 10.99 -52.73 -33.73
CA UNK N 198 10.18 -53.42 -32.75
C UNK N 198 9.06 -52.53 -32.28
N UNK N 199 8.99 -51.33 -32.85
CA UNK N 199 8.16 -50.26 -32.30
C UNK N 199 6.77 -50.76 -31.97
N UNK N 200 6.01 -51.10 -33.00
CA UNK N 200 4.64 -51.52 -32.80
C UNK N 200 4.53 -52.70 -31.85
N UNK N 201 5.58 -53.47 -31.68
CA UNK N 201 5.52 -54.52 -30.69
C UNK N 201 5.24 -53.89 -29.34
N UNK N 202 6.19 -53.12 -28.85
CA UNK N 202 6.01 -52.51 -27.54
C UNK N 202 4.83 -51.55 -27.53
N UNK N 203 4.76 -50.69 -28.53
CA UNK N 203 3.79 -49.63 -28.55
C UNK N 203 2.41 -50.19 -28.83
N UNK N 204 2.22 -50.65 -30.06
CA UNK N 204 0.98 -51.29 -30.44
C UNK N 204 0.73 -52.48 -29.53
N UNK N 205 1.50 -53.54 -29.74
CA UNK N 205 1.32 -54.76 -28.98
C UNK N 205 1.24 -54.44 -27.50
N UNK N 206 2.31 -53.90 -26.95
CA UNK N 206 2.27 -53.68 -25.52
C UNK N 206 1.47 -52.44 -25.21
N UNK N 207 2.06 -51.26 -25.41
CA UNK N 207 1.43 -50.02 -24.96
C UNK N 207 -0.02 -49.96 -25.37
N UNK N 208 -0.32 -50.40 -26.59
CA UNK N 208 -1.72 -50.48 -26.96
C UNK N 208 -2.43 -51.60 -26.23
N UNK N 209 -1.74 -52.70 -25.94
CA UNK N 209 -2.42 -53.80 -25.28
C UNK N 209 -2.71 -53.47 -23.83
N UNK N 210 -1.66 -53.16 -23.05
CA UNK N 210 -1.83 -52.67 -21.70
C UNK N 210 -2.73 -51.46 -21.66
N UNK N 211 -2.79 -50.70 -22.75
CA UNK N 211 -3.79 -49.65 -22.87
C UNK N 211 -5.19 -50.27 -22.85
N UNK N 212 -5.42 -51.24 -23.73
CA UNK N 212 -6.70 -51.91 -23.76
C UNK N 212 -7.10 -52.35 -22.38
N UNK N 213 -6.17 -52.95 -21.65
CA UNK N 213 -6.40 -53.20 -20.24
C UNK N 213 -6.76 -51.91 -19.53
N UNK N 214 -5.99 -50.86 -19.78
CA UNK N 214 -6.05 -49.63 -19.00
C UNK N 214 -7.43 -49.03 -19.06
N UNK N 215 -7.82 -48.50 -20.23
CA UNK N 215 -9.17 -47.98 -20.36
C UNK N 215 -10.19 -49.06 -20.09
N UNK N 216 -9.86 -50.30 -20.41
CA UNK N 216 -10.81 -51.40 -20.26
C UNK N 216 -11.30 -51.49 -18.84
N UNK N 217 -10.47 -52.01 -17.95
CA UNK N 217 -10.87 -52.12 -16.56
C UNK N 217 -11.12 -50.75 -15.98
N UNK N 218 -10.44 -49.73 -16.51
CA UNK N 218 -10.69 -48.37 -16.10
C UNK N 218 -12.17 -48.06 -16.13
N UNK N 219 -12.89 -48.64 -17.08
CA UNK N 219 -14.31 -48.78 -16.94
C UNK N 219 -14.54 -50.21 -16.51
N UNK N 220 -14.73 -50.40 -15.22
CA UNK N 220 -15.22 -51.67 -14.72
C UNK N 220 -16.36 -51.30 -13.82
N UNK N 221 -16.02 -50.73 -12.67
CA UNK N 221 -16.93 -49.80 -12.05
C UNK N 221 -16.91 -48.51 -12.85
N UNK N 222 -17.93 -47.72 -12.65
CA UNK N 222 -17.90 -46.36 -13.16
C UNK N 222 -17.60 -45.45 -12.00
N UNK N 223 -16.39 -44.89 -11.97
CA UNK N 223 -15.38 -45.19 -12.99
C UNK N 223 -14.12 -45.84 -12.43
N UNK N 224 -13.35 -45.20 -11.54
CA UNK N 224 -13.70 -44.00 -10.78
C UNK N 224 -12.46 -43.19 -10.45
N UNK N 225 -12.67 -41.94 -10.02
CA UNK N 225 -11.57 -41.19 -9.45
C UNK N 225 -10.95 -41.97 -8.30
N UNK N 226 -9.64 -41.80 -8.14
CA UNK N 226 -8.83 -42.77 -7.40
C UNK N 226 -9.47 -43.19 -6.09
N UNK N 227 -9.85 -42.20 -5.29
CA UNK N 227 -10.56 -42.49 -4.05
C UNK N 227 -11.69 -43.46 -4.31
N UNK N 228 -12.67 -43.04 -5.10
CA UNK N 228 -13.85 -43.86 -5.33
C UNK N 228 -13.46 -45.21 -5.90
N UNK N 229 -12.49 -45.24 -6.80
CA UNK N 229 -12.00 -46.51 -7.32
C UNK N 229 -11.70 -47.45 -6.17
N UNK N 230 -10.89 -46.99 -5.22
CA UNK N 230 -10.62 -47.80 -4.05
C UNK N 230 -11.92 -48.14 -3.33
N UNK N 231 -12.84 -47.19 -3.25
CA UNK N 231 -14.09 -47.42 -2.53
C UNK N 231 -14.79 -48.65 -3.06
N UNK N 232 -14.92 -48.75 -4.38
CA UNK N 232 -15.45 -49.97 -4.96
C UNK N 232 -14.53 -51.15 -4.66
N UNK N 233 -13.23 -50.92 -4.66
CA UNK N 233 -12.27 -51.99 -4.50
C UNK N 233 -12.54 -52.78 -3.22
N UNK N 234 -12.42 -52.14 -2.07
CA UNK N 234 -12.63 -52.86 -0.82
C UNK N 234 -13.98 -53.54 -0.79
N UNK N 235 -14.93 -53.08 -1.60
CA UNK N 235 -16.25 -53.66 -1.69
C UNK N 235 -16.41 -54.65 -2.83
N UNK N 236 -15.39 -54.81 -3.67
CA UNK N 236 -15.46 -55.73 -4.79
C UNK N 236 -14.35 -56.75 -4.64
N UNK N 237 -14.46 -57.87 -5.35
CA UNK N 237 -13.51 -58.95 -5.14
C UNK N 237 -12.69 -59.23 -6.38
N UNK N 238 -13.26 -59.94 -7.34
CA UNK N 238 -12.55 -60.20 -8.57
C UNK N 238 -12.15 -58.91 -9.25
N UNK N 239 -13.00 -57.90 -9.13
CA UNK N 239 -12.55 -56.55 -9.41
C UNK N 239 -11.31 -56.24 -8.61
N UNK N 240 -11.40 -56.38 -7.29
CA UNK N 240 -10.28 -56.00 -6.45
C UNK N 240 -9.16 -57.02 -6.58
N UNK N 241 -9.41 -58.24 -6.09
CA UNK N 241 -8.41 -59.28 -6.17
C UNK N 241 -7.97 -59.45 -7.60
N UNK N 242 -8.88 -59.98 -8.42
CA UNK N 242 -8.51 -60.26 -9.80
C UNK N 242 -8.16 -58.99 -10.55
N UNK N 243 -9.08 -58.04 -10.63
CA UNK N 243 -8.87 -56.91 -11.52
C UNK N 243 -7.81 -55.97 -10.98
N UNK N 244 -7.95 -55.56 -9.72
CA UNK N 244 -6.91 -54.75 -9.12
C UNK N 244 -5.56 -55.44 -9.28
N UNK N 245 -5.54 -56.74 -9.03
CA UNK N 245 -4.35 -57.53 -9.34
C UNK N 245 -3.91 -57.28 -10.77
N UNK N 246 -4.86 -57.13 -11.67
CA UNK N 246 -4.51 -56.83 -13.05
C UNK N 246 -4.09 -55.38 -13.24
N UNK N 247 -4.29 -54.53 -12.23
CA UNK N 247 -3.66 -53.23 -12.29
C UNK N 247 -2.19 -53.36 -11.91
N UNK N 248 -1.92 -54.15 -10.87
CA UNK N 248 -0.55 -54.56 -10.64
C UNK N 248 0.04 -55.15 -11.90
N UNK N 249 -0.79 -55.83 -12.70
CA UNK N 249 -0.35 -56.22 -14.02
C UNK N 249 -0.16 -55.01 -14.92
N UNK N 250 -1.01 -54.01 -14.78
CA UNK N 250 -0.89 -52.82 -15.60
C UNK N 250 0.38 -52.04 -15.28
N UNK N 251 1.08 -52.42 -14.21
CA UNK N 251 2.34 -51.77 -13.88
C UNK N 251 3.29 -51.74 -15.07
N UNK N 252 3.30 -52.82 -15.86
CA UNK N 252 4.21 -53.00 -16.99
C UNK N 252 5.66 -53.16 -16.54
N UNK N 253 5.92 -53.12 -15.23
CA UNK N 253 7.28 -53.22 -14.71
C UNK N 253 7.86 -54.61 -14.94
N UNK N 254 9.19 -54.68 -14.84
CA UNK N 254 9.90 -55.93 -15.01
C UNK N 254 9.60 -56.95 -13.92
N UNK N 255 9.24 -58.16 -14.33
CA UNK N 255 9.13 -58.40 -15.76
C UNK N 255 7.70 -58.67 -16.17
N UNK N 256 7.09 -57.66 -16.77
CA UNK N 256 5.98 -57.84 -17.69
C UNK N 256 6.16 -56.82 -18.81
N UNK N 257 6.37 -57.30 -20.03
CA UNK N 257 6.37 -56.45 -21.22
C UNK N 257 7.48 -55.42 -21.22
N UNK N 258 8.14 -55.22 -20.08
CA UNK N 258 9.19 -54.21 -20.01
C UNK N 258 10.31 -54.57 -20.98
N UNK N 259 10.73 -55.82 -20.98
CA UNK N 259 11.81 -56.30 -21.81
C UNK N 259 11.55 -56.09 -23.29
N UNK N 260 10.33 -55.76 -23.68
CA UNK N 260 10.15 -55.12 -24.97
C UNK N 260 11.08 -53.93 -25.05
N UNK N 261 10.97 -53.02 -24.09
CA UNK N 261 11.85 -51.87 -24.05
C UNK N 261 13.25 -52.30 -23.66
N UNK N 262 13.40 -52.84 -22.47
CA UNK N 262 14.70 -53.25 -21.99
C UNK N 262 15.35 -54.25 -22.92
N UNK N 263 14.88 -55.49 -22.90
CA UNK N 263 15.50 -56.50 -23.75
C UNK N 263 15.41 -56.11 -25.21
N UNK N 264 14.25 -55.67 -25.67
CA UNK N 264 14.13 -55.42 -27.09
C UNK N 264 14.69 -54.06 -27.46
N UNK N 265 13.96 -53.00 -27.12
CA UNK N 265 14.41 -51.66 -27.45
C UNK N 265 15.83 -51.43 -26.96
N UNK N 266 16.13 -51.86 -25.75
CA UNK N 266 17.48 -51.74 -25.25
C UNK N 266 18.41 -52.78 -25.84
N UNK N 267 17.88 -53.77 -26.56
CA UNK N 267 18.76 -54.65 -27.31
C UNK N 267 19.26 -53.94 -28.56
N UNK N 268 18.33 -53.55 -29.43
CA UNK N 268 18.71 -52.75 -30.57
C UNK N 268 19.56 -51.57 -30.14
N UNK N 269 19.16 -50.92 -29.06
CA UNK N 269 19.98 -49.87 -28.48
C UNK N 269 21.32 -50.41 -28.05
N UNK N 270 21.36 -51.67 -27.62
CA UNK N 270 22.62 -52.24 -27.18
C UNK N 270 23.58 -52.30 -28.36
N UNK N 271 23.15 -52.92 -29.45
CA UNK N 271 23.94 -52.83 -30.67
C UNK N 271 24.21 -51.38 -31.03
N UNK N 272 23.32 -50.47 -30.67
CA UNK N 272 23.53 -49.07 -30.96
C UNK N 272 24.63 -48.49 -30.09
N UNK N 273 24.96 -49.13 -28.98
CA UNK N 273 26.15 -48.88 -28.17
C UNK N 273 26.09 -47.62 -27.33
N UNK N 274 25.05 -46.82 -27.39
CA UNK N 274 24.97 -45.58 -26.61
C UNK N 274 24.10 -45.83 -25.38
N UNK N 275 24.73 -45.88 -24.22
CA UNK N 275 24.01 -46.29 -23.02
C UNK N 275 23.11 -45.18 -22.53
N UNK N 276 23.64 -43.96 -22.43
CA UNK N 276 23.03 -42.91 -21.63
C UNK N 276 21.55 -42.80 -21.89
N UNK N 277 21.15 -42.89 -23.16
CA UNK N 277 19.73 -42.89 -23.48
C UNK N 277 18.99 -43.90 -22.61
N UNK N 278 19.52 -45.11 -22.54
CA UNK N 278 18.91 -46.11 -21.68
C UNK N 278 18.90 -45.65 -20.24
N UNK N 279 19.95 -44.97 -19.79
CA UNK N 279 20.01 -44.52 -18.41
C UNK N 279 18.83 -43.61 -18.09
N UNK N 280 18.74 -42.48 -18.79
CA UNK N 280 17.59 -41.62 -18.62
C UNK N 280 16.31 -42.42 -18.72
N UNK N 281 16.26 -43.37 -19.65
CA UNK N 281 15.09 -44.23 -19.75
C UNK N 281 14.84 -44.95 -18.43
N UNK N 282 15.89 -45.25 -17.69
CA UNK N 282 15.70 -45.87 -16.39
C UNK N 282 15.10 -44.87 -15.42
N UNK N 283 15.54 -43.62 -15.50
CA UNK N 283 14.86 -42.59 -14.71
C UNK N 283 13.37 -42.57 -15.03
N UNK N 284 13.03 -42.70 -16.31
CA UNK N 284 11.63 -42.78 -16.68
C UNK N 284 10.97 -43.98 -16.03
N UNK N 285 11.65 -45.12 -16.03
CA UNK N 285 11.14 -46.28 -15.32
C UNK N 285 10.80 -45.91 -13.89
N UNK N 286 11.65 -45.09 -13.26
CA UNK N 286 11.31 -44.58 -11.94
C UNK N 286 10.01 -43.81 -12.01
N UNK N 287 9.84 -42.99 -13.04
CA UNK N 287 8.63 -42.18 -13.17
C UNK N 287 7.38 -43.05 -13.21
N UNK N 288 7.21 -43.77 -14.32
CA UNK N 288 6.02 -44.60 -14.46
C UNK N 288 5.86 -45.52 -13.26
N UNK N 289 6.96 -46.10 -12.81
CA UNK N 289 6.92 -46.93 -11.61
C UNK N 289 6.30 -46.18 -10.45
N UNK N 290 6.54 -44.88 -10.37
CA UNK N 290 5.99 -44.12 -9.26
C UNK N 290 4.51 -43.83 -9.48
N UNK N 291 4.15 -43.47 -10.71
CA UNK N 291 2.75 -43.24 -11.03
C UNK N 291 1.95 -44.50 -10.70
N UNK N 292 2.17 -45.55 -11.49
CA UNK N 292 1.51 -46.82 -11.25
C UNK N 292 1.82 -47.37 -9.88
N UNK N 293 2.81 -46.83 -9.19
CA UNK N 293 3.03 -47.20 -7.81
C UNK N 293 1.95 -46.60 -6.92
N UNK N 294 1.76 -45.29 -7.03
CA UNK N 294 0.63 -44.65 -6.36
C UNK N 294 -0.66 -45.38 -6.71
N UNK N 295 -0.76 -45.85 -7.94
CA UNK N 295 -1.83 -46.79 -8.26
C UNK N 295 -1.77 -48.00 -7.36
N UNK N 296 -0.58 -48.58 -7.21
CA UNK N 296 -0.43 -49.82 -6.47
C UNK N 296 -0.90 -49.65 -5.03
N UNK N 297 -0.84 -48.43 -4.52
CA UNK N 297 -1.42 -48.16 -3.22
C UNK N 297 -2.86 -48.62 -3.15
N UNK N 298 -3.56 -48.63 -4.28
CA UNK N 298 -4.95 -49.05 -4.28
C UNK N 298 -5.12 -50.47 -3.76
N UNK N 299 -4.05 -51.22 -3.63
CA UNK N 299 -4.12 -52.53 -3.01
C UNK N 299 -4.16 -52.35 -1.50
N UNK N 300 -3.95 -53.43 -0.76
CA UNK N 300 -3.73 -53.31 0.68
C UNK N 300 -4.94 -52.77 1.45
N UNK N 301 -5.89 -53.66 1.73
CA UNK N 301 -7.05 -53.44 2.60
C UNK N 301 -8.10 -52.48 2.08
N UNK N 302 -8.59 -51.58 2.93
CA UNK N 302 -9.99 -51.14 2.83
C UNK N 302 -10.14 -49.68 2.43
N UNK N 303 -9.81 -48.73 3.32
CA UNK N 303 -10.33 -47.36 3.26
C UNK N 303 -11.86 -47.38 3.32
N UNK N 304 -12.34 -47.65 4.53
CA UNK N 304 -13.73 -48.01 4.78
C UNK N 304 -14.67 -46.86 4.46
N UNK N 305 -15.95 -47.19 4.31
CA UNK N 305 -16.96 -46.24 3.87
C UNK N 305 -18.29 -46.57 4.53
N UNK N 306 -19.35 -45.94 4.04
CA UNK N 306 -20.73 -46.24 4.40
C UNK N 306 -21.50 -46.55 3.12
N UNK N 307 -22.82 -46.68 3.22
CA UNK N 307 -23.67 -46.83 2.04
C UNK N 307 -23.27 -48.05 1.22
N UNK N 308 -23.26 -49.19 1.89
CA UNK N 308 -22.88 -50.45 1.29
C UNK N 308 -24.06 -51.16 0.64
N UNK N 309 -25.21 -50.48 0.54
CA UNK N 309 -26.41 -51.12 0.02
C UNK N 309 -26.16 -51.81 -1.32
N UNK N 310 -25.64 -51.06 -2.29
CA UNK N 310 -25.38 -51.66 -3.59
C UNK N 310 -24.47 -52.87 -3.48
N UNK N 311 -23.68 -52.95 -2.42
CA UNK N 311 -22.81 -54.10 -2.18
C UNK N 311 -23.57 -55.41 -2.29
N UNK N 312 -24.87 -55.41 -2.01
CA UNK N 312 -25.66 -56.61 -2.21
C UNK N 312 -26.11 -56.78 -3.65
N UNK N 313 -26.23 -55.70 -4.39
CA UNK N 313 -26.92 -55.74 -5.68
C UNK N 313 -26.17 -56.62 -6.67
N UNK N 314 -26.92 -57.15 -7.64
CA UNK N 314 -26.34 -57.88 -8.75
C UNK N 314 -26.10 -56.94 -9.92
N UNK N 315 -25.01 -57.17 -10.65
CA UNK N 315 -24.66 -56.28 -11.75
C UNK N 315 -23.96 -57.03 -12.87
N UNK N 316 -24.27 -56.67 -14.10
CA UNK N 316 -23.48 -57.05 -15.27
C UNK N 316 -23.63 -56.00 -16.34
N UNK N 317 -22.53 -55.67 -17.03
CA UNK N 317 -22.62 -54.77 -18.17
C UNK N 317 -21.98 -55.34 -19.44
N UNK N 318 -20.66 -55.24 -19.53
CA UNK N 318 -19.92 -55.84 -20.64
C UNK N 318 -18.45 -55.94 -20.23
N UNK N 319 -17.74 -56.86 -20.87
CA UNK N 319 -16.30 -56.96 -20.70
C UNK N 319 -15.61 -57.19 -22.05
N UNK N 320 -15.89 -58.34 -22.64
CA UNK N 320 -15.38 -58.84 -23.92
C UNK N 320 -13.85 -58.97 -23.85
N UNK N 321 -13.14 -58.64 -24.93
CA UNK N 321 -11.77 -59.06 -25.12
C UNK N 321 -10.89 -58.64 -23.97
N UNK N 322 -11.33 -57.65 -23.21
CA UNK N 322 -10.65 -57.19 -22.02
C UNK N 322 -10.19 -58.41 -21.25
N UNK N 323 -11.16 -59.17 -20.75
CA UNK N 323 -10.86 -60.41 -20.05
C UNK N 323 -9.82 -61.17 -20.86
N UNK N 324 -10.19 -61.51 -22.08
CA UNK N 324 -9.27 -62.12 -23.02
C UNK N 324 -7.92 -61.42 -23.01
N UNK N 325 -7.90 -60.16 -23.48
CA UNK N 325 -6.63 -59.47 -23.62
C UNK N 325 -5.89 -59.38 -22.30
N UNK N 326 -6.62 -59.47 -21.18
CA UNK N 326 -5.98 -59.45 -19.89
C UNK N 326 -4.87 -60.49 -19.83
N UNK N 327 -5.20 -61.71 -20.21
CA UNK N 327 -4.21 -62.78 -20.21
C UNK N 327 -2.98 -62.37 -21.01
N UNK N 328 -3.20 -61.71 -22.14
CA UNK N 328 -2.08 -61.21 -22.92
C UNK N 328 -1.15 -60.41 -22.03
N UNK N 329 -1.72 -59.38 -21.40
CA UNK N 329 -0.96 -58.55 -20.48
C UNK N 329 -0.18 -59.42 -19.52
N UNK N 330 -0.80 -60.47 -19.03
CA UNK N 330 -0.10 -61.45 -18.22
C UNK N 330 1.09 -62.04 -18.94
N UNK N 331 0.82 -62.90 -19.93
CA UNK N 331 1.71 -64.02 -20.18
C UNK N 331 2.78 -63.75 -21.22
N UNK N 332 2.70 -62.65 -21.95
CA UNK N 332 3.61 -62.46 -23.09
C UNK N 332 5.06 -62.60 -22.67
N UNK N 333 5.44 -61.96 -21.56
CA UNK N 333 6.82 -61.97 -21.10
C UNK N 333 7.38 -63.38 -21.05
N UNK N 334 6.54 -64.36 -20.70
CA UNK N 334 6.95 -65.74 -20.74
C UNK N 334 7.43 -66.08 -22.15
N UNK N 335 6.49 -66.12 -23.08
CA UNK N 335 6.82 -66.47 -24.45
C UNK N 335 7.69 -65.43 -25.12
N UNK N 336 7.94 -64.30 -24.44
CA UNK N 336 8.40 -63.09 -25.11
C UNK N 336 9.53 -63.35 -26.10
N UNK N 337 10.49 -64.20 -25.73
CA UNK N 337 11.65 -64.44 -26.58
C UNK N 337 11.22 -64.84 -27.98
N UNK N 338 10.71 -66.06 -28.12
CA UNK N 338 10.20 -66.49 -29.41
C UNK N 338 9.05 -65.60 -29.85
N UNK N 339 8.22 -65.19 -28.90
CA UNK N 339 7.17 -64.23 -29.21
C UNK N 339 7.76 -63.03 -29.92
N UNK N 340 8.84 -62.48 -29.39
CA UNK N 340 9.53 -61.43 -30.12
C UNK N 340 10.03 -61.93 -31.45
N UNK N 341 10.41 -63.20 -31.51
CA UNK N 341 11.15 -63.69 -32.66
C UNK N 341 10.24 -63.74 -33.87
N UNK N 342 9.25 -64.62 -33.83
CA UNK N 342 8.21 -64.57 -34.85
C UNK N 342 7.57 -63.20 -34.92
N UNK N 343 7.51 -62.51 -33.78
CA UNK N 343 6.80 -61.23 -33.72
C UNK N 343 7.44 -60.20 -34.60
N UNK N 344 8.72 -60.37 -34.94
CA UNK N 344 9.33 -59.49 -35.92
C UNK N 344 8.41 -59.34 -37.13
N UNK N 345 7.79 -60.43 -37.53
CA UNK N 345 6.74 -60.38 -38.54
C UNK N 345 7.23 -59.76 -39.82
N UNK O 1 -61.93 13.28 -1.30
CA UNK O 1 -61.45 12.77 -0.02
C UNK O 1 -60.16 12.00 -0.20
N UNK O 2 -59.85 11.63 -1.44
CA UNK O 2 -58.63 10.90 -1.77
C UNK O 2 -57.72 11.78 -2.59
N UNK O 3 -56.59 11.24 -2.97
CA UNK O 3 -55.67 11.93 -3.86
C UNK O 3 -56.03 11.50 -5.27
N UNK O 4 -56.59 12.43 -6.05
CA UNK O 4 -57.00 12.11 -7.40
C UNK O 4 -56.58 13.17 -8.42
N UNK O 5 -57.17 14.35 -8.33
CA UNK O 5 -57.13 15.32 -9.42
C UNK O 5 -55.93 16.26 -9.28
N UNK O 6 -55.95 17.33 -10.07
CA UNK O 6 -54.87 18.31 -10.05
C UNK O 6 -54.72 18.92 -8.66
N UNK O 7 -53.48 19.11 -8.25
CA UNK O 7 -53.22 19.58 -6.90
C UNK O 7 -53.47 21.09 -6.81
N UNK O 8 -53.34 21.60 -5.58
CA UNK O 8 -53.33 23.03 -5.27
C UNK O 8 -54.67 23.70 -5.54
N UNK O 9 -55.51 23.04 -6.32
CA UNK O 9 -56.85 23.55 -6.52
C UNK O 9 -57.75 23.21 -5.35
N UNK O 10 -57.40 22.16 -4.61
CA UNK O 10 -58.20 21.73 -3.48
C UNK O 10 -58.38 22.87 -2.49
N UNK O 11 -57.28 23.29 -1.86
CA UNK O 11 -57.34 24.49 -1.03
C UNK O 11 -57.80 25.70 -1.81
N UNK O 12 -57.67 25.65 -3.12
CA UNK O 12 -58.08 26.77 -3.97
C UNK O 12 -59.56 26.68 -4.29
N UNK O 13 -59.98 27.51 -5.24
CA UNK O 13 -61.35 27.66 -5.77
C UNK O 13 -62.30 27.99 -4.62
N UNK O 14 -63.53 27.50 -4.65
CA UNK O 14 -64.52 27.79 -3.61
C UNK O 14 -65.63 26.77 -3.71
N UNK O 15 -66.38 26.62 -2.62
CA UNK O 15 -67.52 25.71 -2.61
C UNK O 15 -68.73 26.37 -1.97
N UNK O 16 -69.75 26.63 -2.78
CA UNK O 16 -71.05 27.08 -2.31
C UNK O 16 -72.08 26.06 -2.79
N UNK O 17 -72.65 25.33 -1.85
CA UNK O 17 -73.66 24.33 -2.16
C UNK O 17 -75.05 24.96 -2.05
N UNK O 18 -75.71 25.11 -3.19
CA UNK O 18 -77.07 25.63 -3.25
C UNK O 18 -77.49 25.60 -4.71
N UNK O 19 -78.78 25.64 -4.93
CA UNK O 19 -79.34 25.56 -6.27
C UNK O 19 -80.30 26.72 -6.49
N UNK O 20 -80.31 27.21 -7.72
CA UNK O 20 -81.26 28.23 -8.11
C UNK O 20 -82.69 27.70 -8.03
N UNK O 21 -83.63 28.59 -7.78
CA UNK O 21 -85.01 28.16 -7.63
C UNK O 21 -85.59 27.63 -8.95
N UNK O 22 -85.62 28.41 -10.05
CA UNK O 22 -85.34 29.83 -10.16
C UNK O 22 -86.41 30.46 -11.03
N UNK O 23 -87.16 31.43 -10.49
CA UNK O 23 -88.27 32.01 -11.23
C UNK O 23 -87.81 32.57 -12.57
N UNK O 24 -87.15 33.72 -12.55
CA UNK O 24 -86.53 34.29 -13.75
C UNK O 24 -87.49 34.25 -14.93
N UNK O 25 -88.68 34.82 -14.72
CA UNK O 25 -89.87 34.78 -15.55
C UNK O 25 -90.69 33.52 -15.31
N UNK O 26 -90.15 32.52 -14.61
CA UNK O 26 -90.96 31.47 -13.97
C UNK O 26 -91.98 30.87 -14.92
N UNK O 27 -91.49 30.36 -16.05
CA UNK O 27 -92.38 29.87 -17.11
C UNK O 27 -93.34 28.79 -16.62
N UNK O 28 -92.86 27.57 -16.36
CA UNK O 28 -93.75 26.50 -15.92
C UNK O 28 -93.19 25.80 -14.69
N UNK O 29 -93.84 24.71 -14.29
CA UNK O 29 -93.64 24.19 -12.93
C UNK O 29 -92.21 23.72 -12.70
N UNK O 30 -91.74 22.77 -13.49
CA UNK O 30 -90.52 22.05 -13.14
C UNK O 30 -89.30 22.88 -13.49
N UNK O 31 -88.53 23.27 -12.49
CA UNK O 31 -87.26 23.93 -12.75
C UNK O 31 -86.23 23.00 -13.42
N UNK O 32 -86.06 21.76 -12.99
CA UNK O 32 -86.73 21.12 -11.85
C UNK O 32 -86.08 21.51 -10.53
N UNK O 33 -86.86 21.41 -9.45
CA UNK O 33 -86.32 21.66 -8.12
C UNK O 33 -85.25 20.64 -7.78
N UNK O 34 -84.20 21.10 -7.09
CA UNK O 34 -83.05 20.28 -6.74
C UNK O 34 -82.06 21.09 -5.92
N UNK O 35 -80.97 20.44 -5.49
CA UNK O 35 -79.88 21.11 -4.80
C UNK O 35 -78.64 21.10 -5.69
N UNK O 36 -77.77 22.11 -5.53
CA UNK O 36 -76.59 22.24 -6.37
C UNK O 36 -75.42 22.76 -5.56
N UNK O 37 -74.23 22.67 -6.14
CA UNK O 37 -73.02 23.14 -5.47
C UNK O 37 -71.99 23.59 -6.49
N UNK O 38 -71.13 24.49 -6.02
CA UNK O 38 -70.19 25.30 -6.80
C UNK O 38 -68.93 24.54 -7.22
N UNK O 39 -68.25 24.86 -8.33
CA UNK O 39 -68.29 26.09 -9.17
C UNK O 39 -67.81 27.37 -8.48
N UNK O 40 -66.49 27.45 -8.27
CA UNK O 40 -65.85 28.58 -7.60
C UNK O 40 -66.14 29.94 -8.25
N UNK O 41 -66.48 29.97 -9.53
CA UNK O 41 -66.80 31.23 -10.24
C UNK O 41 -65.62 32.20 -10.18
N UNK O 42 -64.57 31.86 -10.92
CA UNK O 42 -63.36 32.65 -10.98
C UNK O 42 -63.28 33.45 -12.29
N UNK O 43 -62.16 34.14 -12.47
CA UNK O 43 -61.88 35.00 -13.61
C UNK O 43 -61.40 34.11 -14.80
N UNK O 44 -60.84 34.55 -15.94
CA UNK O 44 -60.14 35.80 -16.28
C UNK O 44 -60.02 35.99 -17.79
N UNK O 45 -59.16 36.93 -18.19
CA UNK O 45 -58.56 36.86 -19.52
C UNK O 45 -59.56 36.95 -20.66
N UNK O 46 -60.01 38.16 -20.98
CA UNK O 46 -60.82 38.33 -22.18
C UNK O 46 -59.96 38.10 -23.42
N UNK O 47 -60.60 38.22 -24.59
CA UNK O 47 -60.15 37.54 -25.79
C UNK O 47 -58.79 38.03 -26.27
N UNK O 48 -58.16 37.18 -27.08
CA UNK O 48 -56.98 37.49 -27.86
C UNK O 48 -57.35 38.20 -29.15
N UNK O 49 -58.62 38.58 -29.26
CA UNK O 49 -59.35 39.07 -30.42
C UNK O 49 -60.00 37.93 -31.17
N UNK O 50 -59.76 36.68 -30.79
CA UNK O 50 -60.42 35.59 -31.48
C UNK O 50 -61.82 35.38 -30.93
N UNK O 51 -61.93 34.79 -29.75
CA UNK O 51 -63.24 34.63 -29.14
C UNK O 51 -63.21 35.08 -27.69
N UNK O 52 -62.57 34.30 -26.83
CA UNK O 52 -62.36 34.67 -25.43
C UNK O 52 -61.12 33.94 -24.93
N UNK O 53 -60.38 34.59 -24.05
CA UNK O 53 -59.15 34.01 -23.51
C UNK O 53 -59.34 33.35 -22.17
N UNK O 54 -60.57 33.24 -21.68
CA UNK O 54 -60.76 32.72 -20.33
C UNK O 54 -60.49 31.22 -20.31
N UNK O 55 -59.49 30.81 -19.53
CA UNK O 55 -59.26 29.41 -19.23
C UNK O 55 -58.85 29.28 -17.77
N UNK O 56 -59.66 28.59 -16.97
CA UNK O 56 -59.28 28.40 -15.58
C UNK O 56 -59.42 26.96 -15.14
N UNK O 57 -60.66 26.51 -14.96
CA UNK O 57 -60.91 25.20 -14.37
C UNK O 57 -62.36 24.82 -14.63
N UNK O 58 -62.75 23.69 -14.07
CA UNK O 58 -64.04 23.10 -14.39
C UNK O 58 -65.17 24.04 -14.06
N UNK O 59 -66.05 24.25 -15.02
CA UNK O 59 -67.38 24.76 -14.74
C UNK O 59 -68.35 23.64 -15.07
N UNK O 60 -68.82 22.96 -14.03
CA UNK O 60 -69.87 21.94 -14.13
C UNK O 60 -70.50 21.86 -12.76
N UNK O 61 -71.80 21.57 -12.73
CA UNK O 61 -72.50 21.79 -11.48
C UNK O 61 -72.36 20.58 -10.55
N UNK O 62 -72.86 20.75 -9.33
CA UNK O 62 -73.12 19.63 -8.44
C UNK O 62 -74.63 19.53 -8.24
N UNK O 63 -75.23 18.47 -8.76
CA UNK O 63 -76.68 18.31 -8.72
C UNK O 63 -77.03 17.16 -7.80
N UNK O 64 -77.61 17.47 -6.65
CA UNK O 64 -78.11 16.46 -5.73
C UNK O 64 -79.17 17.10 -4.85
N UNK O 65 -80.03 16.26 -4.28
CA UNK O 65 -81.20 16.74 -3.54
C UNK O 65 -80.84 16.98 -2.08
N UNK O 66 -80.51 15.91 -1.36
CA UNK O 66 -80.33 16.02 0.07
C UNK O 66 -79.09 16.85 0.35
N UNK O 67 -79.28 17.95 1.08
CA UNK O 67 -78.14 18.74 1.51
C UNK O 67 -77.16 17.90 2.30
N UNK O 68 -77.64 16.80 2.88
CA UNK O 68 -76.75 15.88 3.57
C UNK O 68 -76.00 15.00 2.58
N UNK O 69 -76.71 14.44 1.61
CA UNK O 69 -76.06 13.58 0.63
C UNK O 69 -75.11 14.41 -0.22
N UNK O 70 -75.64 15.45 -0.84
CA UNK O 70 -74.78 16.43 -1.50
C UNK O 70 -73.67 16.87 -0.56
N UNK O 71 -73.99 17.05 0.71
CA UNK O 71 -72.96 17.38 1.68
C UNK O 71 -71.95 16.25 1.83
N UNK O 72 -72.30 15.05 1.40
CA UNK O 72 -71.43 13.90 1.56
C UNK O 72 -70.45 13.81 0.39
N UNK O 73 -70.97 13.62 -0.82
CA UNK O 73 -70.10 13.68 -1.99
C UNK O 73 -69.26 14.95 -1.93
N UNK O 74 -69.89 16.03 -1.47
CA UNK O 74 -69.15 17.22 -1.06
C UNK O 74 -67.98 16.85 -0.16
N UNK O 75 -68.28 16.29 1.02
CA UNK O 75 -67.23 15.99 1.98
C UNK O 75 -66.09 15.22 1.33
N UNK O 76 -66.39 14.39 0.34
CA UNK O 76 -65.32 13.82 -0.47
C UNK O 76 -64.55 14.90 -1.20
N UNK O 77 -65.26 15.74 -1.95
CA UNK O 77 -64.58 16.78 -2.71
C UNK O 77 -64.31 18.04 -1.92
N UNK O 78 -64.82 18.14 -0.69
CA UNK O 78 -64.74 19.38 0.08
C UNK O 78 -63.33 19.71 0.54
N UNK O 79 -62.91 21.00 0.60
CA UNK O 79 -63.59 22.19 0.08
C UNK O 79 -64.99 22.45 0.60
N UNK O 80 -65.10 22.86 1.86
CA UNK O 80 -66.41 23.08 2.46
C UNK O 80 -67.21 24.09 1.66
N UNK O 81 -68.52 23.88 1.64
CA UNK O 81 -69.44 24.68 0.85
C UNK O 81 -70.41 25.40 1.76
N UNK O 82 -71.00 26.48 1.24
CA UNK O 82 -72.01 27.25 1.97
C UNK O 82 -73.39 26.88 1.47
N UNK O 83 -74.29 26.56 2.40
CA UNK O 83 -75.56 25.94 2.06
C UNK O 83 -76.72 26.88 2.35
N UNK O 84 -77.82 26.68 1.62
CA UNK O 84 -79.02 27.48 1.79
C UNK O 84 -80.25 26.63 1.52
N UNK O 85 -81.29 26.83 2.32
CA UNK O 85 -82.52 26.10 2.18
C UNK O 85 -83.37 26.63 1.03
N UNK O 86 -84.29 25.78 0.57
CA UNK O 86 -85.31 26.17 -0.40
C UNK O 86 -86.38 26.97 0.33
N UNK O 87 -87.49 27.27 -0.36
CA UNK O 87 -88.53 28.06 0.28
C UNK O 87 -89.87 27.84 -0.41
N UNK O 88 -90.93 28.21 0.31
CA UNK O 88 -92.28 28.36 -0.25
C UNK O 88 -92.96 29.49 0.56
N UNK O 89 -93.77 30.42 0.00
CA UNK O 89 -94.69 30.44 -1.18
C UNK O 89 -96.10 30.00 -0.79
N UNK O 90 -96.28 29.60 0.47
CA UNK O 90 -97.62 29.30 0.95
C UNK O 90 -98.44 30.58 0.97
N UNK O 91 -99.59 30.55 0.29
CA UNK O 91 -100.45 31.72 0.21
C UNK O 91 -101.85 31.25 -0.17
N UNK O 92 -102.83 32.13 0.00
CA UNK O 92 -104.19 31.80 -0.37
C UNK O 92 -104.93 33.06 -0.79
N UNK O 93 -105.86 32.88 -1.73
CA UNK O 93 -106.75 33.96 -2.15
C UNK O 93 -107.96 33.34 -2.79
N UNK O 94 -109.04 34.12 -2.84
CA UNK O 94 -110.30 33.62 -3.41
C UNK O 94 -111.18 34.81 -3.77
N UNK O 95 -112.22 34.52 -4.55
CA UNK O 95 -113.33 35.44 -4.79
C UNK O 95 -112.83 36.74 -5.44
N UNK O 96 -112.46 36.60 -6.71
CA UNK O 96 -112.02 37.73 -7.51
C UNK O 96 -112.97 38.91 -7.35
N UNK O 97 -114.22 38.74 -7.78
CA UNK O 97 -115.19 39.83 -7.75
C UNK O 97 -115.22 40.51 -6.40
N UNK O 98 -115.14 39.73 -5.33
CA UNK O 98 -115.00 40.32 -4.01
C UNK O 98 -113.67 41.04 -3.88
N UNK O 99 -112.61 40.48 -4.48
CA UNK O 99 -111.28 41.04 -4.28
C UNK O 99 -111.17 42.44 -4.86
N UNK O 100 -111.63 42.63 -6.10
CA UNK O 100 -111.52 43.94 -6.72
C UNK O 100 -112.43 44.98 -6.06
N UNK O 101 -113.32 44.56 -5.17
CA UNK O 101 -114.23 45.47 -4.50
C UNK O 101 -113.73 45.94 -3.14
N UNK O 102 -112.59 45.43 -2.67
CA UNK O 102 -112.01 45.81 -1.38
C UNK O 102 -113.03 45.67 -0.24
N UNK O 103 -113.03 46.62 0.69
CA UNK O 103 -113.91 46.53 1.85
C UNK O 103 -115.37 46.60 1.42
N UNK O 104 -116.16 45.62 1.86
CA UNK O 104 -117.56 45.57 1.47
C UNK O 104 -118.44 46.36 2.43
N UNK P 1 -57.38 57.54 -38.81
CA UNK P 1 -56.39 57.34 -39.86
C UNK P 1 -57.06 56.87 -41.14
N UNK P 2 -56.75 55.64 -41.54
CA UNK P 2 -57.28 55.09 -42.79
C UNK P 2 -57.75 53.66 -42.56
N UNK P 3 -59.04 53.41 -42.77
CA UNK P 3 -59.66 52.10 -42.67
C UNK P 3 -61.15 52.24 -42.92
N UNK P 4 -61.87 51.13 -42.93
CA UNK P 4 -63.33 51.18 -42.97
C UNK P 4 -63.88 49.91 -42.36
N UNK P 5 -65.08 50.02 -41.79
CA UNK P 5 -65.79 48.86 -41.27
C UNK P 5 -67.28 49.11 -41.30
N UNK P 6 -68.05 48.05 -41.52
CA UNK P 6 -69.50 48.16 -41.35
C UNK P 6 -69.83 48.57 -39.93
N UNK P 7 -69.16 47.95 -38.97
CA UNK P 7 -69.16 48.43 -37.60
C UNK P 7 -68.04 49.46 -37.47
N UNK P 8 -67.69 49.80 -36.23
CA UNK P 8 -66.52 50.64 -36.03
C UNK P 8 -65.28 49.94 -36.58
N UNK P 9 -64.31 50.74 -36.99
CA UNK P 9 -63.04 50.21 -37.43
C UNK P 9 -62.12 50.03 -36.22
N UNK P 10 -60.88 49.62 -36.48
CA UNK P 10 -59.94 49.39 -35.40
C UNK P 10 -59.55 50.71 -34.74
N UNK P 11 -59.07 50.59 -33.51
CA UNK P 11 -58.65 51.76 -32.75
C UNK P 11 -57.22 52.13 -33.10
N UNK P 12 -56.72 53.19 -32.47
CA UNK P 12 -55.34 53.63 -32.68
C UNK P 12 -54.52 53.19 -31.49
N UNK P 13 -53.72 52.14 -31.69
CA UNK P 13 -52.80 51.62 -30.69
C UNK P 13 -51.94 50.57 -31.36
N UNK P 14 -51.01 50.00 -30.58
CA UNK P 14 -50.16 48.94 -31.11
C UNK P 14 -50.92 47.62 -31.22
N UNK P 15 -52.06 47.49 -30.55
CA UNK P 15 -52.86 46.28 -30.71
C UNK P 15 -53.34 46.09 -32.13
N UNK P 16 -53.21 47.11 -32.98
CA UNK P 16 -53.50 46.97 -34.41
C UNK P 16 -52.58 45.98 -35.10
N UNK P 17 -51.57 45.48 -34.40
CA UNK P 17 -50.54 44.61 -34.96
C UNK P 17 -49.93 45.24 -36.20
N UNK P 18 -49.59 44.41 -37.18
CA UNK P 18 -49.26 44.97 -38.48
C UNK P 18 -50.54 45.22 -39.26
N UNK P 19 -51.44 44.25 -39.25
CA UNK P 19 -52.60 44.26 -40.13
C UNK P 19 -52.18 44.59 -41.55
N UNK P 20 -50.99 44.15 -41.95
CA UNK P 20 -50.46 44.57 -43.24
C UNK P 20 -50.92 43.56 -44.27
N UNK P 21 -51.97 43.94 -44.99
CA UNK P 21 -52.69 43.14 -45.97
C UNK P 21 -53.93 43.93 -46.32
N UNK P 22 -54.74 43.47 -47.27
CA UNK P 22 -56.03 44.12 -47.45
C UNK P 22 -56.83 43.97 -46.17
N UNK P 23 -57.22 45.09 -45.58
CA UNK P 23 -58.02 45.04 -44.37
C UNK P 23 -59.46 44.69 -44.70
N UNK P 24 -60.20 44.30 -43.67
CA UNK P 24 -61.60 43.93 -43.84
C UNK P 24 -62.35 45.02 -44.59
N UNK P 25 -63.04 44.61 -45.66
CA UNK P 25 -63.70 45.56 -46.54
C UNK P 25 -65.06 45.02 -46.94
N UNK P 26 -66.10 45.83 -46.72
CA UNK P 26 -67.46 45.38 -47.00
C UNK P 26 -67.84 45.54 -48.47
N UNK P 27 -67.48 46.66 -49.07
CA UNK P 27 -68.04 47.10 -50.34
C UNK P 27 -69.56 47.20 -50.28
N UNK P 28 -70.09 47.39 -49.08
CA UNK P 28 -71.52 47.50 -48.85
C UNK P 28 -71.73 48.20 -47.52
N UNK P 29 -72.93 48.72 -47.32
CA UNK P 29 -73.27 49.39 -46.07
C UNK P 29 -74.74 49.21 -45.76
N UNK P 30 -75.06 49.07 -44.47
CA UNK P 30 -76.46 49.06 -44.06
C UNK P 30 -77.15 50.33 -44.51
N UNK P 31 -76.49 51.47 -44.31
CA UNK P 31 -76.97 52.71 -44.86
C UNK P 31 -77.18 52.59 -46.36
N UNK P 32 -76.23 51.97 -47.04
CA UNK P 32 -76.44 51.65 -48.44
C UNK P 32 -77.57 50.65 -48.60
N UNK P 33 -77.61 49.65 -47.72
CA UNK P 33 -78.71 48.70 -47.74
C UNK P 33 -80.04 49.39 -47.47
N UNK P 34 -80.13 50.06 -46.32
CA UNK P 34 -81.34 50.78 -45.98
C UNK P 34 -81.73 51.75 -47.08
N UNK P 35 -80.75 52.24 -47.83
CA UNK P 35 -81.04 53.05 -48.99
C UNK P 35 -81.70 52.21 -50.08
N UNK P 36 -81.12 51.05 -50.38
CA UNK P 36 -81.72 50.15 -51.36
C UNK P 36 -83.17 49.87 -50.99
N UNK P 37 -83.45 49.77 -49.70
CA UNK P 37 -84.83 49.75 -49.25
C UNK P 37 -85.54 51.03 -49.67
N UNK P 38 -84.97 52.18 -49.29
CA UNK P 38 -85.58 53.46 -49.58
C UNK P 38 -85.87 53.63 -51.07
N UNK P 39 -85.14 52.90 -51.92
CA UNK P 39 -85.38 52.98 -53.35
C UNK P 39 -86.76 52.46 -53.71
N UNK P 40 -87.14 51.33 -53.13
CA UNK P 40 -88.36 50.63 -53.50
C UNK P 40 -89.58 51.06 -52.70
N UNK P 41 -89.46 52.12 -51.90
CA UNK P 41 -90.44 52.40 -50.85
C UNK P 41 -91.86 52.35 -51.37
N UNK P 42 -92.69 51.58 -50.67
CA UNK P 42 -94.00 51.20 -51.14
C UNK P 42 -95.09 52.02 -50.46
N UNK P 43 -96.15 52.29 -51.20
CA UNK P 43 -97.35 52.90 -50.67
C UNK P 43 -98.48 51.88 -50.72
N UNK P 44 -98.93 51.44 -49.55
CA UNK P 44 -99.96 50.43 -49.47
C UNK P 44 -101.05 50.89 -48.53
N UNK P 45 -102.28 50.94 -49.04
CA UNK P 45 -103.43 51.39 -48.28
C UNK P 45 -103.98 50.29 -47.39
N UNK P 46 -105.21 50.48 -46.92
CA UNK P 46 -105.95 49.64 -45.98
C UNK P 46 -105.35 49.62 -44.57
N UNK P 47 -105.29 48.43 -43.96
CA UNK P 47 -105.13 48.35 -42.51
C UNK P 47 -103.87 47.59 -42.12
N UNK P 48 -103.76 46.30 -42.42
CA UNK P 48 -102.63 45.49 -42.00
C UNK P 48 -102.15 44.66 -43.17
N UNK P 49 -100.91 44.87 -43.58
CA UNK P 49 -100.37 44.22 -44.77
C UNK P 49 -99.71 42.92 -44.39
N UNK P 50 -100.20 41.81 -44.93
CA UNK P 50 -99.51 40.54 -44.78
C UNK P 50 -98.08 40.69 -45.26
N UNK P 51 -97.13 40.19 -44.47
CA UNK P 51 -95.72 40.49 -44.70
C UNK P 51 -94.97 39.22 -45.07
N UNK P 52 -94.59 39.10 -46.34
CA UNK P 52 -93.71 38.04 -46.80
C UNK P 52 -92.59 38.67 -47.62
N UNK P 53 -91.37 38.60 -47.11
CA UNK P 53 -90.23 38.91 -47.95
C UNK P 53 -90.09 37.79 -48.97
N UNK P 54 -90.16 38.15 -50.24
CA UNK P 54 -90.13 37.17 -51.32
C UNK P 54 -91.09 36.02 -51.07
N UNK P 55 -90.58 34.80 -51.14
CA UNK P 55 -91.39 33.60 -51.26
C UNK P 55 -90.61 32.47 -50.61
N UNK P 56 -90.99 31.23 -50.92
CA UNK P 56 -90.46 30.04 -50.28
C UNK P 56 -88.94 30.04 -50.22
N UNK P 57 -88.32 30.83 -51.08
CA UNK P 57 -86.88 31.05 -51.01
C UNK P 57 -86.43 31.30 -49.57
N UNK P 58 -86.89 32.38 -48.98
CA UNK P 58 -86.60 32.67 -47.58
C UNK P 58 -87.87 33.13 -46.89
N UNK P 59 -87.95 32.93 -45.58
CA UNK P 59 -89.18 33.15 -44.83
C UNK P 59 -89.07 34.41 -43.98
N UNK P 60 -89.71 35.47 -44.42
CA UNK P 60 -90.23 36.46 -43.51
C UNK P 60 -91.50 35.98 -42.85
N UNK P 61 -91.95 34.80 -43.26
CA UNK P 61 -93.30 34.29 -43.03
C UNK P 61 -94.26 35.32 -43.63
N UNK P 62 -95.40 35.57 -43.00
CA UNK P 62 -96.30 36.65 -43.42
C UNK P 62 -96.84 37.33 -42.18
N UNK P 63 -96.52 38.60 -42.01
CA UNK P 63 -96.94 39.34 -40.84
C UNK P 63 -97.64 40.60 -41.33
N UNK P 64 -98.93 40.68 -41.08
CA UNK P 64 -99.66 41.89 -41.42
C UNK P 64 -99.13 43.05 -40.57
N UNK P 65 -99.33 44.27 -41.08
CA UNK P 65 -98.86 45.45 -40.40
C UNK P 65 -99.99 46.47 -40.32
N UNK P 66 -100.20 47.02 -39.13
CA UNK P 66 -101.27 48.00 -38.96
C UNK P 66 -100.86 49.31 -39.63
N UNK P 67 -101.72 49.81 -40.51
CA UNK P 67 -101.47 51.06 -41.19
C UNK P 67 -102.12 52.19 -40.40
N UNK P 68 -101.30 53.06 -39.82
CA UNK P 68 -101.79 54.11 -38.96
C UNK P 68 -100.66 54.99 -38.44
N UNK P 69 -101.02 56.01 -37.67
CA UNK P 69 -100.10 56.87 -36.95
C UNK P 69 -99.18 57.66 -37.86
N UNK P 70 -99.56 57.83 -39.12
CA UNK P 70 -98.86 58.70 -40.05
C UNK P 70 -97.35 58.51 -39.93
N UNK P 71 -96.64 59.62 -39.85
CA UNK P 71 -95.24 59.63 -39.43
C UNK P 71 -94.43 58.59 -40.19
N UNK P 72 -93.59 57.87 -39.45
CA UNK P 72 -92.75 56.86 -40.07
C UNK P 72 -93.61 55.77 -40.71
N UNK P 73 -93.14 55.26 -41.84
CA UNK P 73 -93.76 54.12 -42.50
C UNK P 73 -93.08 52.86 -42.01
N UNK P 74 -93.81 52.04 -41.25
CA UNK P 74 -93.20 50.91 -40.60
C UNK P 74 -92.86 49.84 -41.62
N UNK P 75 -92.18 48.81 -41.13
CA UNK P 75 -91.63 47.76 -41.98
C UNK P 75 -91.42 46.53 -41.11
N UNK P 76 -90.72 45.54 -41.66
CA UNK P 76 -90.33 44.37 -40.90
C UNK P 76 -88.84 44.13 -41.09
N UNK P 77 -88.22 43.54 -40.08
CA UNK P 77 -86.89 43.00 -40.31
C UNK P 77 -87.00 41.96 -41.40
N UNK P 78 -87.70 40.87 -41.09
CA UNK P 78 -87.75 39.71 -41.98
C UNK P 78 -88.12 40.11 -43.39
N UNK P 79 -89.06 41.02 -43.55
CA UNK P 79 -89.31 41.67 -44.83
C UNK P 79 -88.99 43.14 -44.66
N UNK P 80 -87.86 43.57 -45.20
CA UNK P 80 -87.35 44.90 -44.90
C UNK P 80 -88.23 46.02 -45.45
N UNK P 81 -89.22 45.70 -46.28
CA UNK P 81 -89.95 46.73 -46.98
C UNK P 81 -90.95 47.43 -46.06
N UNK P 82 -91.26 48.67 -46.42
CA UNK P 82 -92.19 49.52 -45.69
C UNK P 82 -93.33 49.93 -46.60
N UNK P 83 -94.43 50.40 -46.00
CA UNK P 83 -95.60 50.75 -46.78
C UNK P 83 -96.38 51.85 -46.09
N UNK P 84 -97.23 52.53 -46.87
CA UNK P 84 -98.07 53.60 -46.36
C UNK P 84 -99.34 53.67 -47.18
N UNK P 85 -100.42 54.14 -46.55
CA UNK P 85 -101.74 54.17 -47.17
C UNK P 85 -101.75 54.71 -48.60
N UNK Q 1 0.74 -40.41 -68.30
CA UNK Q 1 -0.62 -40.65 -68.77
C UNK Q 1 -1.37 -39.33 -68.94
N UNK Q 2 -0.61 -38.25 -69.12
CA UNK Q 2 -1.15 -36.92 -69.27
C UNK Q 2 -1.38 -36.52 -70.71
N UNK Q 3 -1.23 -37.46 -71.66
CA UNK Q 3 -1.43 -37.16 -73.06
C UNK Q 3 -0.46 -36.10 -73.57
N UNK Q 4 0.80 -36.51 -73.76
CA UNK Q 4 1.84 -35.65 -74.32
C UNK Q 4 2.12 -34.45 -73.40
N UNK Q 5 2.80 -34.76 -72.30
CA UNK Q 5 3.12 -33.80 -71.28
C UNK Q 5 4.62 -33.53 -71.25
N UNK Q 6 4.97 -32.36 -70.73
CA UNK Q 6 6.27 -31.75 -70.87
C UNK Q 6 7.18 -31.98 -69.65
N UNK Q 7 8.30 -31.25 -69.62
CA UNK Q 7 9.25 -31.26 -68.51
C UNK Q 7 9.85 -32.65 -68.30
N UNK Q 8 10.01 -33.38 -69.40
CA UNK Q 8 10.45 -34.75 -69.31
C UNK Q 8 11.97 -34.89 -69.23
N UNK Q 9 12.72 -33.79 -69.24
CA UNK Q 9 14.15 -33.90 -69.02
C UNK Q 9 14.43 -34.59 -67.69
N UNK Q 10 13.73 -34.16 -66.65
CA UNK Q 10 13.80 -34.89 -65.39
C UNK Q 10 13.17 -36.27 -65.53
N UNK Q 11 12.32 -36.48 -66.52
CA UNK Q 11 11.75 -37.81 -66.69
C UNK Q 11 12.82 -38.81 -67.10
N UNK Q 12 13.53 -38.52 -68.18
CA UNK Q 12 14.69 -39.35 -68.51
C UNK Q 12 15.69 -39.34 -67.37
N UNK Q 13 15.80 -38.21 -66.66
CA UNK Q 13 16.59 -38.21 -65.45
C UNK Q 13 16.08 -39.24 -64.45
N UNK Q 14 14.83 -39.67 -64.60
CA UNK Q 14 14.33 -40.84 -63.91
C UNK Q 14 14.37 -42.07 -64.79
N UNK Q 15 14.81 -41.94 -66.04
CA UNK Q 15 15.20 -43.14 -66.75
C UNK Q 15 16.46 -43.69 -66.12
N UNK Q 16 17.42 -42.82 -65.88
CA UNK Q 16 18.58 -43.23 -65.10
C UNK Q 16 18.19 -43.38 -63.65
N UNK Q 17 17.83 -42.24 -63.03
CA UNK Q 17 17.45 -42.20 -61.64
C UNK Q 17 16.48 -43.33 -61.32
N UNK Q 18 15.28 -43.24 -61.88
CA UNK Q 18 14.29 -44.28 -61.65
C UNK Q 18 14.76 -45.65 -62.14
N UNK Q 19 15.67 -45.69 -63.10
CA UNK Q 19 16.16 -47.00 -63.53
C UNK Q 19 17.02 -47.66 -62.47
N UNK Q 20 17.59 -46.86 -61.58
CA UNK Q 20 18.77 -47.25 -60.83
C UNK Q 20 18.47 -48.01 -59.55
N UNK Q 21 17.23 -48.37 -59.30
CA UNK Q 21 16.87 -48.95 -58.00
C UNK Q 21 17.75 -50.14 -57.66
N UNK Q 22 18.43 -50.09 -56.51
CA UNK Q 22 18.36 -48.94 -55.60
C UNK Q 22 19.72 -48.55 -55.00
N UNK Q 23 19.71 -47.49 -54.21
CA UNK Q 23 20.90 -46.87 -53.63
C UNK Q 23 20.38 -45.91 -52.54
N UNK Q 24 21.17 -45.21 -51.71
CA UNK Q 24 22.61 -44.86 -51.73
C UNK Q 24 23.08 -43.91 -52.84
N UNK Q 25 24.21 -44.26 -53.46
CA UNK Q 25 25.14 -43.28 -53.99
C UNK Q 25 25.11 -43.16 -55.52
N UNK Q 26 25.39 -44.24 -56.24
CA UNK Q 26 25.28 -44.18 -57.70
C UNK Q 26 23.95 -43.57 -58.09
N UNK Q 27 22.95 -43.75 -57.23
CA UNK Q 27 21.82 -42.85 -57.19
C UNK Q 27 22.33 -41.43 -57.29
N UNK Q 28 23.05 -40.98 -56.27
CA UNK Q 28 23.48 -39.59 -56.20
C UNK Q 28 24.22 -39.14 -57.46
N UNK Q 29 24.71 -40.07 -58.26
CA UNK Q 29 25.13 -39.71 -59.61
C UNK Q 29 23.92 -39.47 -60.51
N UNK Q 30 23.00 -40.44 -60.54
CA UNK Q 30 21.82 -40.29 -61.38
C UNK Q 30 21.07 -39.03 -61.00
N UNK Q 31 20.45 -39.05 -59.82
CA UNK Q 31 19.79 -37.86 -59.31
C UNK Q 31 20.75 -36.73 -59.03
N UNK Q 32 22.06 -36.94 -59.14
CA UNK Q 32 22.89 -35.76 -59.37
C UNK Q 32 22.47 -35.11 -60.66
N UNK Q 33 22.25 -35.93 -61.69
CA UNK Q 33 21.72 -35.38 -62.92
C UNK Q 33 20.26 -34.96 -62.78
N UNK Q 34 19.47 -35.69 -62.01
CA UNK Q 34 18.05 -35.36 -61.91
C UNK Q 34 17.84 -34.09 -61.12
N UNK Q 35 18.35 -34.06 -59.89
CA UNK Q 35 18.36 -32.84 -59.09
C UNK Q 35 19.02 -31.72 -59.85
N UNK Q 36 19.96 -32.04 -60.74
CA UNK Q 36 20.46 -31.03 -61.63
C UNK Q 36 19.34 -30.37 -62.43
N UNK Q 37 18.18 -31.00 -62.52
CA UNK Q 37 17.05 -30.33 -63.14
C UNK Q 37 16.28 -29.62 -62.04
N UNK Q 38 16.47 -28.31 -61.97
CA UNK Q 38 15.70 -27.44 -61.10
C UNK Q 38 14.35 -26.98 -61.66
N UNK Q 39 14.23 -26.61 -62.93
CA UNK Q 39 15.25 -26.73 -63.98
C UNK Q 39 16.40 -25.75 -63.89
N UNK Q 40 16.09 -24.45 -63.85
CA UNK Q 40 16.99 -23.41 -64.31
C UNK Q 40 17.84 -22.78 -63.21
N UNK Q 41 17.81 -23.31 -61.99
CA UNK Q 41 18.43 -22.60 -60.87
C UNK Q 41 19.86 -22.15 -61.20
N UNK Q 42 20.72 -23.09 -61.57
CA UNK Q 42 22.07 -22.71 -61.99
C UNK Q 42 22.01 -21.77 -63.17
N UNK Q 43 21.17 -22.09 -64.15
CA UNK Q 43 20.96 -21.19 -65.28
C UNK Q 43 20.44 -19.85 -64.81
N UNK Q 44 19.71 -19.81 -63.70
CA UNK Q 44 19.28 -18.54 -63.16
C UNK Q 44 20.48 -17.74 -62.68
N UNK Q 45 21.34 -18.35 -61.87
CA UNK Q 45 22.56 -17.67 -61.48
C UNK Q 45 23.33 -17.21 -62.70
N UNK Q 46 23.27 -17.98 -63.78
CA UNK Q 46 23.88 -17.56 -65.03
C UNK Q 46 23.19 -16.32 -65.56
N UNK Q 47 21.87 -16.24 -65.40
CA UNK Q 47 21.18 -15.01 -65.75
C UNK Q 47 21.71 -13.86 -64.92
N UNK Q 48 22.05 -14.12 -63.67
CA UNK Q 48 22.73 -13.11 -62.87
C UNK Q 48 24.04 -12.72 -63.53
N UNK Q 49 24.80 -13.71 -64.02
CA UNK Q 49 26.00 -13.39 -64.77
C UNK Q 49 25.68 -12.45 -65.92
N UNK Q 50 24.59 -12.71 -66.63
CA UNK Q 50 24.15 -11.80 -67.66
C UNK Q 50 23.91 -10.41 -67.09
N UNK Q 51 23.29 -10.34 -65.92
CA UNK Q 51 22.99 -9.07 -65.29
C UNK Q 51 24.25 -8.26 -65.03
N UNK Q 52 25.05 -8.70 -64.06
CA UNK Q 52 26.21 -7.92 -63.68
C UNK Q 52 27.16 -7.75 -64.85
N UNK Q 53 27.16 -8.71 -65.77
CA UNK Q 53 27.82 -8.50 -67.05
C UNK Q 53 27.33 -7.20 -67.67
N UNK Q 54 26.03 -7.14 -67.98
CA UNK Q 54 25.43 -5.95 -68.56
C UNK Q 54 25.65 -4.73 -67.69
N UNK Q 55 25.95 -4.93 -66.41
CA UNK Q 55 26.32 -3.81 -65.56
C UNK Q 55 27.68 -3.28 -65.94
N UNK Q 56 28.69 -4.16 -65.96
CA UNK Q 56 30.01 -3.76 -66.44
C UNK Q 56 29.89 -3.11 -67.81
N UNK Q 57 28.99 -3.62 -68.64
CA UNK Q 57 28.67 -2.98 -69.90
C UNK Q 57 28.24 -1.53 -69.68
N UNK Q 58 27.13 -1.35 -68.94
CA UNK Q 58 26.61 -0.01 -68.67
C UNK Q 58 27.71 0.93 -68.24
N UNK Q 59 28.66 0.43 -67.44
CA UNK Q 59 29.88 1.18 -67.19
C UNK Q 59 30.56 1.51 -68.50
N UNK Q 60 31.03 0.48 -69.21
CA UNK Q 60 31.86 0.69 -70.39
C UNK Q 60 31.08 1.11 -71.62
N UNK Q 61 29.77 0.90 -71.63
CA UNK Q 61 28.91 1.31 -72.75
C UNK Q 61 29.40 0.68 -74.06
N UNK Q 62 29.45 -0.65 -74.08
CA UNK Q 62 30.03 -1.32 -75.23
C UNK Q 62 29.01 -1.73 -76.28
N UNK Q 63 28.25 -2.79 -76.02
CA UNK Q 63 27.51 -3.45 -77.10
C UNK Q 63 26.22 -2.69 -77.40
N UNK Q 64 26.10 -2.21 -78.63
CA UNK Q 64 24.93 -1.45 -79.07
C UNK Q 64 23.91 -2.25 -79.88
N UNK Q 65 24.15 -3.54 -80.13
CA UNK Q 65 23.34 -4.27 -81.08
C UNK Q 65 21.88 -4.36 -80.64
N UNK Q 66 20.98 -4.35 -81.61
CA UNK Q 66 19.56 -4.51 -81.31
C UNK Q 66 19.27 -5.95 -80.94
N UNK R 1 -50.62 6.72 -72.28
CA UNK R 1 -50.09 5.48 -71.75
C UNK R 1 -49.24 4.77 -72.78
N UNK R 2 -49.92 4.16 -73.76
CA UNK R 2 -49.27 3.22 -74.67
C UNK R 2 -48.10 3.89 -75.30
N UNK R 3 -48.36 4.71 -76.32
CA UNK R 3 -47.76 6.02 -76.41
C UNK R 3 -46.33 6.13 -75.90
N UNK R 4 -46.21 7.02 -74.93
CA UNK R 4 -44.92 7.29 -74.30
C UNK R 4 -44.27 6.03 -73.75
N UNK R 5 -45.07 5.05 -73.30
CA UNK R 5 -44.46 3.82 -72.81
C UNK R 5 -43.59 3.21 -73.90
N UNK R 6 -44.18 3.00 -75.07
CA UNK R 6 -43.40 2.51 -76.20
C UNK R 6 -42.29 3.48 -76.57
N UNK R 7 -42.50 4.77 -76.35
CA UNK R 7 -41.38 5.69 -76.53
C UNK R 7 -40.21 5.27 -75.65
N UNK R 8 -40.50 4.91 -74.41
CA UNK R 8 -39.46 4.38 -73.55
C UNK R 8 -38.91 3.08 -74.07
N UNK R 9 -39.75 2.26 -74.69
CA UNK R 9 -39.24 1.09 -75.39
C UNK R 9 -38.18 1.51 -76.39
N UNK R 10 -38.41 2.62 -77.08
CA UNK R 10 -37.38 3.17 -77.94
C UNK R 10 -36.21 3.70 -77.13
N UNK R 11 -36.40 4.01 -75.85
CA UNK R 11 -35.30 4.52 -75.05
C UNK R 11 -34.32 3.41 -74.70
N UNK R 12 -34.79 2.41 -73.93
CA UNK R 12 -33.93 1.25 -73.68
C UNK R 12 -33.41 0.68 -74.98
N UNK R 13 -34.25 0.68 -76.01
CA UNK R 13 -33.80 0.33 -77.35
C UNK R 13 -32.61 1.19 -77.74
N UNK R 14 -32.61 2.46 -77.34
CA UNK R 14 -31.47 3.31 -77.66
C UNK R 14 -30.24 2.87 -76.87
N UNK R 15 -30.44 2.39 -75.65
CA UNK R 15 -29.30 1.85 -74.89
C UNK R 15 -28.67 0.68 -75.64
N UNK R 16 -29.49 -0.32 -75.96
CA UNK R 16 -28.99 -1.45 -76.74
C UNK R 16 -28.32 -0.98 -78.01
N UNK R 17 -28.94 -0.03 -78.70
CA UNK R 17 -28.33 0.50 -79.92
C UNK R 17 -26.96 1.08 -79.64
N UNK R 18 -26.78 1.70 -78.47
CA UNK R 18 -25.46 2.16 -78.09
C UNK R 18 -24.49 1.00 -78.02
N UNK R 19 -24.94 -0.12 -77.42
CA UNK R 19 -24.10 -1.31 -77.44
C UNK R 19 -23.73 -1.71 -78.87
N UNK R 20 -24.70 -1.63 -79.78
CA UNK R 20 -24.42 -1.98 -81.17
C UNK R 20 -23.34 -1.08 -81.76
N UNK R 21 -23.50 0.23 -81.56
CA UNK R 21 -22.46 1.16 -81.99
C UNK R 21 -21.11 0.74 -81.45
N UNK R 22 -21.07 0.32 -80.19
CA UNK R 22 -19.83 -0.23 -79.65
C UNK R 22 -19.34 -1.38 -80.52
N UNK R 23 -20.24 -2.28 -80.91
CA UNK R 23 -19.85 -3.41 -81.73
C UNK R 23 -19.16 -2.94 -83.02
N UNK R 24 -19.81 -2.04 -83.75
CA UNK R 24 -19.19 -1.55 -84.98
C UNK R 24 -17.84 -0.91 -84.69
N UNK R 25 -17.78 -0.08 -83.65
CA UNK R 25 -16.52 0.52 -83.25
C UNK R 25 -15.45 -0.53 -83.11
N UNK R 26 -15.80 -1.69 -82.56
CA UNK R 26 -14.86 -2.80 -82.57
C UNK R 26 -14.55 -3.22 -84.00
N UNK R 27 -15.56 -3.26 -84.86
CA UNK R 27 -15.34 -3.65 -86.23
C UNK R 27 -14.41 -2.71 -86.96
N UNK R 28 -14.07 -1.57 -86.36
CA UNK R 28 -13.08 -0.68 -86.94
C UNK R 28 -11.84 -1.43 -87.41
N UNK R 29 -11.03 -1.92 -86.48
CA UNK R 29 -9.80 -2.59 -86.83
C UNK R 29 -10.10 -3.95 -87.45
N UNK S 1 -62.24 52.09 25.30
CA UNK S 1 -62.88 52.34 24.02
C UNK S 1 -64.25 51.70 23.96
N UNK S 2 -64.30 50.46 23.47
CA UNK S 2 -65.54 49.71 23.38
C UNK S 2 -65.30 48.28 23.80
N UNK S 3 -66.09 47.80 24.74
CA UNK S 3 -66.05 46.40 25.16
C UNK S 3 -67.37 45.78 24.73
N UNK S 4 -67.33 44.97 23.68
CA UNK S 4 -68.55 44.39 23.12
C UNK S 4 -68.97 43.20 23.97
N UNK S 5 -70.27 43.02 24.15
CA UNK S 5 -70.77 41.94 24.97
C UNK S 5 -71.45 40.90 24.09
N UNK S 6 -71.04 39.65 24.22
CA UNK S 6 -71.68 38.55 23.49
C UNK S 6 -72.34 37.61 24.50
N UNK S 7 -73.66 37.69 24.59
CA UNK S 7 -74.44 36.72 25.36
C UNK S 7 -75.74 36.44 24.62
N UNK S 8 -75.96 35.18 24.26
CA UNK S 8 -77.20 34.82 23.56
C UNK S 8 -78.39 34.93 24.50
N UNK S 9 -79.58 34.97 23.90
CA UNK S 9 -80.81 35.02 24.68
C UNK S 9 -80.98 33.79 25.57
N UNK S 10 -80.12 32.79 25.42
CA UNK S 10 -80.17 31.56 26.18
C UNK S 10 -79.52 31.76 27.56
N UNK S 11 -79.24 30.65 28.24
CA UNK S 11 -78.75 30.63 29.62
C UNK S 11 -77.24 30.82 29.71
N UNK S 12 -76.68 30.48 30.88
CA UNK S 12 -75.24 30.55 31.16
C UNK S 12 -74.72 31.98 31.11
N UNK S 13 -75.10 32.73 32.15
CA UNK S 13 -74.67 34.08 32.50
C UNK S 13 -75.43 35.15 31.73
N UNK S 14 -76.26 34.77 30.77
CA UNK S 14 -76.93 35.79 29.97
C UNK S 14 -78.01 36.48 30.78
N UNK S 15 -79.00 35.71 31.25
CA UNK S 15 -79.94 36.27 32.20
C UNK S 15 -79.20 37.00 33.32
N UNK S 16 -78.09 36.44 33.77
CA UNK S 16 -77.17 37.17 34.65
C UNK S 16 -76.73 38.45 33.98
N UNK S 17 -76.02 38.34 32.86
CA UNK S 17 -75.65 39.53 32.12
C UNK S 17 -76.85 40.37 31.73
N UNK S 18 -78.03 39.76 31.60
CA UNK S 18 -79.23 40.54 31.36
C UNK S 18 -79.54 41.43 32.56
N UNK S 19 -79.22 40.96 33.76
CA UNK S 19 -79.27 41.87 34.90
C UNK S 19 -78.14 42.88 34.82
N UNK S 20 -76.97 42.47 34.31
CA UNK S 20 -75.96 43.46 34.01
C UNK S 20 -76.43 44.43 32.94
N UNK S 21 -77.56 44.16 32.31
CA UNK S 21 -78.03 44.92 31.16
C UNK S 21 -79.19 45.83 31.54
N UNK S 22 -80.37 45.27 31.81
CA UNK S 22 -81.44 46.09 32.37
C UNK S 22 -80.97 46.80 33.62
N UNK S 23 -80.00 46.23 34.32
CA UNK S 23 -79.44 46.84 35.51
C UNK S 23 -78.11 47.51 35.21
N UNK S 24 -77.07 46.72 34.99
CA UNK S 24 -75.76 47.32 34.87
C UNK S 24 -75.51 47.91 33.50
N UNK S 25 -76.49 47.86 32.59
CA UNK S 25 -76.48 48.77 31.45
C UNK S 25 -77.04 50.12 31.83
N UNK S 26 -78.05 50.16 32.70
CA UNK S 26 -78.45 51.44 33.28
C UNK S 26 -77.33 52.03 34.10
N UNK S 27 -76.46 51.18 34.64
CA UNK S 27 -75.24 51.65 35.28
C UNK S 27 -74.14 51.95 34.26
N UNK S 28 -74.12 51.24 33.15
CA UNK S 28 -73.12 51.47 32.13
C UNK S 28 -73.42 52.71 31.30
N UNK S 29 -74.63 53.26 31.45
CA UNK S 29 -75.02 54.50 30.81
C UNK S 29 -75.17 55.59 31.85
N UNK S 30 -76.11 55.43 32.77
CA UNK S 30 -76.22 56.31 33.92
C UNK S 30 -74.88 56.38 34.63
N UNK S 31 -74.50 55.30 35.30
CA UNK S 31 -73.21 55.26 35.98
C UNK S 31 -72.06 55.50 35.01
N UNK S 32 -71.76 54.50 34.18
CA UNK S 32 -70.62 54.65 33.28
C UNK S 32 -70.98 55.67 32.20
N UNK S 33 -70.14 56.68 32.07
CA UNK S 33 -70.49 57.83 31.23
C UNK S 33 -70.35 57.50 29.75
N UNK S 34 -69.13 57.34 29.28
CA UNK S 34 -68.84 57.18 27.86
C UNK S 34 -68.83 55.73 27.42
N UNK S 35 -69.24 54.80 28.28
CA UNK S 35 -69.04 53.38 28.05
C UNK S 35 -69.63 52.91 26.72
N UNK S 36 -68.80 52.24 25.92
CA UNK S 36 -69.21 51.65 24.66
C UNK S 36 -69.20 50.14 24.82
N UNK S 37 -70.38 49.54 24.81
CA UNK S 37 -70.49 48.10 24.98
C UNK S 37 -71.46 47.56 23.95
N UNK S 38 -70.98 46.74 23.04
CA UNK S 38 -71.81 46.22 21.96
C UNK S 38 -72.41 44.91 22.42
N UNK S 39 -73.72 44.92 22.63
CA UNK S 39 -74.40 43.71 23.06
C UNK S 39 -74.58 42.78 21.87
N UNK S 40 -74.37 41.48 22.11
CA UNK S 40 -74.59 40.48 21.09
C UNK S 40 -75.29 39.28 21.71
N UNK S 41 -76.47 38.94 21.19
CA UNK S 41 -77.03 37.62 21.48
C UNK S 41 -76.73 36.79 20.23
N UNK S 42 -75.60 36.11 20.29
CA UNK S 42 -75.18 35.20 19.22
C UNK S 42 -74.47 34.00 19.81
N UNK S 43 -73.32 34.29 20.41
CA UNK S 43 -72.20 33.37 20.49
C UNK S 43 -72.59 32.02 21.08
N UNK S 44 -72.14 30.97 20.43
CA UNK S 44 -72.06 29.68 21.08
C UNK S 44 -71.27 29.83 22.35
N UNK S 45 -71.82 29.33 23.45
CA UNK S 45 -71.28 29.46 24.79
C UNK S 45 -71.34 30.91 25.26
N UNK S 46 -71.56 31.84 24.32
CA UNK S 46 -71.80 33.25 24.62
C UNK S 46 -70.85 33.75 25.69
N UNK S 47 -71.39 34.40 26.72
CA UNK S 47 -70.67 34.65 27.96
C UNK S 47 -69.34 35.34 27.69
N UNK S 48 -69.29 36.10 26.61
CA UNK S 48 -68.04 36.61 26.06
C UNK S 48 -67.92 38.09 26.37
N UNK S 49 -66.84 38.45 27.07
CA UNK S 49 -66.54 39.82 27.40
C UNK S 49 -65.46 40.31 26.44
N UNK S 50 -65.85 41.17 25.51
CA UNK S 50 -64.98 41.61 24.44
C UNK S 50 -64.32 42.92 24.87
N UNK S 51 -63.02 42.90 25.04
CA UNK S 51 -62.29 44.06 25.54
C UNK S 51 -61.62 44.77 24.37
N UNK S 52 -62.13 45.95 24.04
CA UNK S 52 -61.44 46.88 23.17
C UNK S 52 -61.10 48.11 24.01
N UNK S 53 -59.83 48.26 24.35
CA UNK S 53 -59.39 49.33 25.23
C UNK S 53 -59.04 50.56 24.41
N UNK S 54 -59.35 51.74 24.95
CA UNK S 54 -58.87 52.97 24.35
C UNK S 54 -57.36 52.96 24.23
N UNK S 55 -56.69 52.16 25.06
CA UNK S 55 -55.27 51.90 24.97
C UNK S 55 -54.91 51.06 23.75
N UNK S 56 -55.89 50.61 22.97
CA UNK S 56 -55.79 49.72 21.83
C UNK S 56 -55.60 48.27 22.25
N UNK S 57 -55.47 48.00 23.55
CA UNK S 57 -55.42 46.63 24.03
C UNK S 57 -56.77 45.97 23.80
N UNK S 58 -56.76 44.75 23.28
CA UNK S 58 -57.97 44.00 23.00
C UNK S 58 -57.82 42.60 23.56
N UNK S 59 -58.66 42.25 24.53
CA UNK S 59 -58.67 40.91 25.09
C UNK S 59 -60.13 40.49 25.26
N UNK S 60 -60.52 39.41 24.61
CA UNK S 60 -61.84 38.85 24.81
C UNK S 60 -61.72 37.78 25.88
N UNK S 61 -62.24 38.08 27.06
CA UNK S 61 -62.30 37.15 28.18
C UNK S 61 -63.76 36.73 28.33
N UNK S 62 -64.03 35.46 28.02
CA UNK S 62 -65.36 34.91 28.10
C UNK S 62 -65.50 34.06 29.34
N UNK S 63 -66.57 34.30 30.10
CA UNK S 63 -66.83 33.51 31.31
C UNK S 63 -68.33 33.31 31.43
N UNK S 64 -68.72 32.07 31.69
CA UNK S 64 -70.12 31.70 31.84
C UNK S 64 -70.49 31.62 33.31
N UNK S 65 -71.72 32.02 33.62
CA UNK S 65 -72.41 31.92 34.91
C UNK S 65 -71.92 32.93 35.95
N UNK S 66 -70.88 33.72 35.68
CA UNK S 66 -70.41 34.68 36.67
C UNK S 66 -71.51 35.68 37.00
N UNK S 67 -71.59 36.06 38.27
CA UNK S 67 -72.65 36.97 38.69
C UNK S 67 -72.47 38.33 38.04
N UNK S 68 -73.59 38.97 37.70
CA UNK S 68 -73.54 40.31 37.14
C UNK S 68 -72.85 41.28 38.08
N UNK S 69 -72.82 40.97 39.38
CA UNK S 69 -71.87 41.63 40.26
C UNK S 69 -70.47 41.12 40.01
N UNK S 70 -70.29 39.79 40.07
CA UNK S 70 -68.99 39.21 39.77
C UNK S 70 -68.49 39.63 38.40
N UNK S 71 -69.42 39.88 37.47
CA UNK S 71 -69.06 40.47 36.19
C UNK S 71 -69.02 41.98 36.23
N UNK S 72 -69.59 42.58 37.26
CA UNK S 72 -69.54 44.04 37.36
C UNK S 72 -68.16 44.48 37.81
N UNK S 73 -67.65 43.89 38.88
CA UNK S 73 -66.30 44.13 39.35
C UNK S 73 -65.31 43.13 38.77
N UNK S 74 -65.79 42.17 37.99
CA UNK S 74 -64.88 41.51 37.07
C UNK S 74 -64.62 42.40 35.87
N UNK S 75 -65.64 43.13 35.45
CA UNK S 75 -65.49 44.20 34.48
C UNK S 75 -64.52 45.23 35.02
N UNK S 76 -64.92 45.89 36.10
CA UNK S 76 -64.06 46.87 36.75
C UNK S 76 -62.70 46.29 37.05
N UNK S 77 -62.66 45.03 37.47
CA UNK S 77 -61.39 44.34 37.67
C UNK S 77 -60.55 44.41 36.41
N UNK S 78 -61.12 43.97 35.30
CA UNK S 78 -60.47 44.16 34.02
C UNK S 78 -60.35 45.64 33.69
N UNK S 79 -61.34 46.44 34.09
CA UNK S 79 -61.29 47.86 33.81
C UNK S 79 -60.24 48.51 34.70
N UNK S 80 -60.12 49.83 34.60
CA UNK S 80 -59.11 50.56 35.36
C UNK S 80 -59.34 50.42 36.86
N UNK T 1 -53.34 -46.94 -52.09
CA UNK T 1 -52.38 -47.98 -52.42
C UNK T 1 -51.10 -47.36 -52.96
N UNK T 2 -50.19 -48.23 -53.41
CA UNK T 2 -48.99 -47.75 -54.04
C UNK T 2 -49.34 -47.15 -55.40
N UNK T 3 -48.30 -46.74 -56.12
CA UNK T 3 -48.44 -46.22 -57.48
C UNK T 3 -49.31 -44.98 -57.44
N UNK T 4 -50.34 -44.87 -58.30
CA UNK T 4 -51.04 -43.60 -58.48
C UNK T 4 -51.60 -43.07 -57.17
N UNK T 5 -52.29 -43.92 -56.42
CA UNK T 5 -52.84 -43.50 -55.13
C UNK T 5 -51.76 -42.86 -54.28
N UNK T 6 -50.66 -43.58 -54.07
CA UNK T 6 -49.54 -43.01 -53.35
C UNK T 6 -48.96 -41.78 -54.05
N UNK T 7 -49.28 -41.57 -55.32
CA UNK T 7 -48.61 -40.53 -56.10
C UNK T 7 -49.35 -39.20 -55.98
N UNK T 8 -50.52 -39.11 -56.60
CA UNK T 8 -51.33 -37.92 -56.38
C UNK T 8 -51.59 -37.74 -54.90
N UNK T 9 -51.69 -38.83 -54.15
CA UNK T 9 -51.63 -38.74 -52.70
C UNK T 9 -50.40 -37.97 -52.27
N UNK T 10 -49.23 -38.43 -52.73
CA UNK T 10 -48.00 -37.71 -52.43
C UNK T 10 -48.08 -36.28 -52.93
N UNK T 11 -48.84 -36.05 -53.99
CA UNK T 11 -49.21 -34.70 -54.38
C UNK T 11 -48.02 -33.86 -54.83
N UNK T 12 -46.81 -34.41 -54.73
CA UNK T 12 -45.61 -33.74 -55.25
C UNK T 12 -44.87 -34.72 -56.14
N UNK T 13 -44.84 -34.44 -57.43
CA UNK T 13 -44.23 -35.36 -58.37
C UNK T 13 -42.72 -35.21 -58.41
N UNK T 14 -42.18 -34.33 -57.59
CA UNK T 14 -40.75 -34.09 -57.55
C UNK T 14 -40.00 -35.40 -57.51
N UNK T 15 -40.10 -36.11 -56.37
CA UNK T 15 -39.42 -37.39 -56.25
C UNK T 15 -39.87 -38.36 -57.32
N UNK T 16 -41.12 -38.26 -57.75
CA UNK T 16 -41.62 -39.09 -58.82
C UNK T 16 -40.74 -38.89 -60.05
N UNK T 17 -40.82 -37.70 -60.65
CA UNK T 17 -40.04 -37.43 -61.84
C UNK T 17 -38.58 -37.72 -61.63
N UNK T 18 -38.10 -37.54 -60.40
CA UNK T 18 -36.73 -37.92 -60.09
C UNK T 18 -36.48 -39.38 -60.41
N UNK T 19 -37.27 -40.25 -59.77
CA UNK T 19 -37.18 -41.66 -60.08
C UNK T 19 -37.28 -41.91 -61.57
N UNK T 20 -38.17 -41.17 -62.23
CA UNK T 20 -38.30 -41.30 -63.68
C UNK T 20 -36.96 -41.10 -64.36
N UNK T 21 -36.30 -39.97 -64.07
CA UNK T 21 -35.01 -39.70 -64.70
C UNK T 21 -33.98 -40.76 -64.36
N UNK T 22 -34.08 -41.35 -63.16
CA UNK T 22 -33.18 -42.45 -62.84
C UNK T 22 -33.39 -43.60 -63.81
N UNK T 23 -34.65 -44.01 -63.99
CA UNK T 23 -34.95 -45.03 -64.98
C UNK T 23 -34.40 -44.64 -66.33
N UNK T 24 -34.47 -43.35 -66.66
CA UNK T 24 -33.83 -42.88 -67.87
C UNK T 24 -32.34 -43.20 -67.86
N UNK T 25 -31.70 -43.07 -66.69
CA UNK T 25 -30.29 -43.42 -66.61
C UNK T 25 -30.11 -44.90 -66.92
N UNK T 26 -31.00 -45.75 -66.41
CA UNK T 26 -30.97 -47.14 -66.82
C UNK T 26 -31.02 -47.25 -68.33
N UNK T 27 -31.95 -46.54 -68.94
CA UNK T 27 -32.04 -46.52 -70.40
C UNK T 27 -30.70 -46.14 -71.02
N UNK T 28 -30.02 -45.18 -70.40
CA UNK T 28 -28.69 -44.80 -70.88
C UNK T 28 -27.76 -45.98 -70.85
N UNK T 29 -27.79 -46.75 -69.75
CA UNK T 29 -27.01 -47.98 -69.73
C UNK T 29 -27.39 -48.87 -70.90
N UNK T 30 -28.66 -48.86 -71.30
CA UNK T 30 -29.12 -49.69 -72.40
C UNK T 30 -29.15 -48.98 -73.75
N UNK T 31 -28.70 -47.73 -73.81
CA UNK T 31 -28.92 -46.93 -75.01
C UNK T 31 -28.09 -47.47 -76.17
N UNK T 32 -28.78 -47.84 -77.26
CA UNK T 32 -28.10 -48.27 -78.47
C UNK T 32 -27.65 -47.10 -79.34
N UNK T 33 -28.50 -46.07 -79.45
CA UNK T 33 -28.12 -44.91 -80.24
C UNK T 33 -26.86 -44.27 -79.69
N UNK T 34 -26.86 -43.95 -78.40
CA UNK T 34 -25.65 -43.47 -77.76
C UNK T 34 -24.52 -44.48 -77.81
N UNK T 35 -24.81 -45.75 -78.13
CA UNK T 35 -23.76 -46.74 -78.33
C UNK T 35 -23.15 -46.64 -79.71
N UNK T 36 -23.98 -46.46 -80.74
CA UNK T 36 -23.44 -45.99 -82.00
C UNK T 36 -22.60 -44.75 -81.76
N UNK T 37 -23.00 -43.94 -80.79
CA UNK T 37 -22.20 -42.81 -80.32
C UNK T 37 -21.13 -43.23 -79.34
N UNK T 38 -21.04 -44.52 -79.03
CA UNK T 38 -19.86 -45.03 -78.34
C UNK T 38 -18.78 -45.29 -79.37
N UNK T 39 -19.08 -46.15 -80.35
CA UNK T 39 -18.21 -46.25 -81.51
C UNK T 39 -17.83 -44.85 -82.02
N UNK T 40 -18.80 -43.95 -82.02
CA UNK T 40 -18.53 -42.55 -82.30
C UNK T 40 -17.99 -41.80 -81.10
N UNK T 41 -17.83 -42.48 -79.97
CA UNK T 41 -17.21 -41.83 -78.82
C UNK T 41 -15.70 -42.01 -78.90
N UNK T 42 -15.23 -43.26 -78.84
CA UNK T 42 -13.81 -43.51 -79.10
C UNK T 42 -13.43 -42.97 -80.46
N UNK T 43 -14.29 -43.18 -81.45
CA UNK T 43 -14.11 -42.55 -82.74
C UNK T 43 -14.03 -41.04 -82.58
N UNK T 44 -14.96 -40.46 -81.81
CA UNK T 44 -15.01 -39.01 -81.67
C UNK T 44 -13.69 -38.49 -81.12
N UNK T 45 -13.29 -38.99 -79.95
CA UNK T 45 -12.01 -38.60 -79.37
C UNK T 45 -10.88 -38.81 -80.36
N UNK T 46 -10.97 -39.86 -81.18
CA UNK T 46 -9.89 -40.16 -82.09
C UNK T 46 -9.59 -39.01 -83.04
N UNK T 47 -10.45 -37.99 -83.10
CA UNK T 47 -10.15 -36.84 -83.94
C UNK T 47 -8.84 -36.16 -83.57
N UNK T 48 -8.83 -35.41 -82.47
CA UNK T 48 -7.63 -34.72 -82.02
C UNK T 48 -6.78 -35.73 -81.26
N UNK T 49 -5.46 -35.59 -81.18
CA UNK T 49 -4.65 -34.53 -81.79
C UNK T 49 -3.25 -35.07 -82.00
N UNK T 50 -2.32 -34.16 -82.29
CA UNK T 50 -0.86 -34.30 -82.22
C UNK T 50 -0.21 -34.84 -83.49
N UNK T 51 -0.96 -35.31 -84.48
CA UNK T 51 -0.41 -35.68 -85.79
C UNK T 51 0.78 -36.62 -85.64
N UNK T 52 0.56 -37.72 -84.93
CA UNK T 52 1.68 -38.56 -84.53
C UNK T 52 2.29 -39.28 -85.71
N UNK T 53 1.47 -39.99 -86.49
CA UNK T 53 1.95 -40.91 -87.51
C UNK T 53 2.98 -40.30 -88.44
N UNK U 1 -68.85 -37.36 -39.47
CA UNK U 1 -70.24 -37.64 -39.11
C UNK U 1 -71.07 -36.36 -39.23
N UNK U 2 -70.61 -35.31 -38.58
CA UNK U 2 -71.25 -34.01 -38.64
C UNK U 2 -70.18 -32.94 -38.50
N UNK U 3 -70.39 -31.81 -39.17
CA UNK U 3 -69.36 -30.77 -39.21
C UNK U 3 -69.08 -30.22 -37.82
N UNK U 4 -70.10 -29.66 -37.17
CA UNK U 4 -69.91 -28.91 -35.94
C UNK U 4 -68.83 -27.88 -36.11
N UNK U 5 -68.01 -27.67 -35.08
CA UNK U 5 -66.87 -26.77 -35.21
C UNK U 5 -65.62 -27.41 -34.65
N UNK U 6 -65.57 -27.53 -33.33
CA UNK U 6 -64.38 -28.03 -32.64
C UNK U 6 -64.45 -29.49 -32.25
N UNK U 7 -65.56 -30.19 -32.51
CA UNK U 7 -65.67 -31.55 -31.98
C UNK U 7 -66.67 -32.36 -32.79
N UNK U 8 -66.56 -33.68 -32.63
CA UNK U 8 -67.51 -34.64 -33.17
C UNK U 8 -67.35 -35.94 -32.38
N UNK U 9 -68.36 -36.79 -32.42
CA UNK U 9 -68.36 -37.98 -31.57
C UNK U 9 -69.35 -39.02 -32.10
N UNK U 10 -69.52 -40.09 -31.34
CA UNK U 10 -70.43 -41.20 -31.63
C UNK U 10 -70.81 -41.85 -30.30
N UNK U 11 -71.47 -43.00 -30.37
CA UNK U 11 -71.92 -43.73 -29.17
C UNK U 11 -72.80 -42.85 -28.30
N UNK U 12 -73.81 -42.24 -28.93
CA UNK U 12 -74.57 -41.17 -28.30
C UNK U 12 -75.24 -41.64 -27.03
N UNK U 13 -76.08 -42.67 -27.14
CA UNK U 13 -76.87 -43.13 -26.00
C UNK U 13 -76.00 -43.44 -24.80
N UNK U 14 -74.72 -43.73 -25.01
CA UNK U 14 -73.86 -44.13 -23.89
C UNK U 14 -73.47 -42.93 -23.04
N UNK U 15 -72.62 -42.05 -23.59
CA UNK U 15 -72.23 -40.86 -22.86
C UNK U 15 -73.45 -40.08 -22.41
N UNK U 16 -74.53 -40.17 -23.18
CA UNK U 16 -75.80 -39.65 -22.70
C UNK U 16 -76.20 -40.30 -21.39
N UNK U 17 -76.22 -41.62 -21.36
CA UNK U 17 -76.62 -42.33 -20.16
C UNK U 17 -75.75 -41.92 -18.98
N UNK U 18 -74.44 -42.07 -19.14
CA UNK U 18 -73.51 -41.68 -18.08
C UNK U 18 -73.77 -40.25 -17.63
N UNK U 19 -74.06 -39.36 -18.58
CA UNK U 19 -74.40 -37.98 -18.25
C UNK U 19 -75.57 -37.93 -17.28
N UNK U 20 -76.72 -38.44 -17.71
CA UNK U 20 -77.88 -38.47 -16.84
C UNK U 20 -77.53 -39.01 -15.47
N UNK U 21 -76.68 -40.04 -15.42
CA UNK U 21 -76.24 -40.54 -14.13
C UNK U 21 -75.54 -39.45 -13.33
N UNK U 22 -74.61 -38.74 -13.97
CA UNK U 22 -73.95 -37.63 -13.31
C UNK U 22 -74.97 -36.67 -12.75
N UNK U 23 -75.99 -36.35 -13.54
CA UNK U 23 -77.10 -35.56 -13.05
C UNK U 23 -77.69 -36.19 -11.79
N UNK U 24 -77.84 -37.50 -11.80
CA UNK U 24 -78.48 -38.18 -10.67
C UNK U 24 -77.69 -37.96 -9.39
N UNK U 25 -76.40 -38.30 -9.40
CA UNK U 25 -75.60 -38.12 -8.20
C UNK U 25 -75.57 -36.65 -7.78
N UNK U 26 -75.46 -35.76 -8.76
CA UNK U 26 -75.55 -34.33 -8.47
C UNK U 26 -76.76 -34.04 -7.61
N UNK U 27 -77.93 -34.54 -8.04
CA UNK U 27 -79.12 -34.38 -7.20
C UNK U 27 -78.93 -35.06 -5.86
N UNK U 28 -78.23 -36.18 -5.82
CA UNK U 28 -78.03 -36.89 -4.57
C UNK U 28 -77.39 -36.01 -3.54
N UNK U 29 -76.51 -35.11 -3.97
CA UNK U 29 -75.99 -34.14 -3.01
C UNK U 29 -77.09 -33.22 -2.50
N UNK U 30 -78.10 -32.93 -3.32
CA UNK U 30 -79.03 -31.87 -3.03
C UNK U 30 -80.00 -32.25 -1.91
N UNK U 31 -80.60 -31.23 -1.30
CA UNK U 31 -81.62 -31.44 -0.28
C UNK U 31 -82.99 -30.96 -0.74
N UNK U 32 -83.21 -29.65 -0.72
CA UNK U 32 -84.43 -29.05 -1.24
C UNK U 32 -84.09 -27.76 -1.98
N UNK U 33 -84.45 -27.68 -3.26
CA UNK U 33 -84.17 -26.50 -4.08
C UNK U 33 -84.76 -26.70 -5.47
N UNK U 34 -84.93 -25.58 -6.17
CA UNK U 34 -85.41 -25.64 -7.55
C UNK U 34 -84.42 -26.32 -8.47
N UNK U 35 -83.14 -26.35 -8.09
CA UNK U 35 -82.18 -27.15 -8.83
C UNK U 35 -82.69 -28.57 -9.01
N UNK U 36 -83.42 -29.07 -8.02
CA UNK U 36 -84.07 -30.36 -8.18
C UNK U 36 -85.19 -30.30 -9.20
N UNK U 37 -85.87 -29.16 -9.33
CA UNK U 37 -86.88 -29.04 -10.38
C UNK U 37 -86.23 -29.15 -11.75
N UNK U 38 -85.11 -28.46 -11.93
CA UNK U 38 -84.30 -28.68 -13.12
C UNK U 38 -83.98 -30.15 -13.28
N UNK U 39 -83.57 -30.79 -12.19
CA UNK U 39 -83.30 -32.23 -12.23
C UNK U 39 -84.50 -32.99 -12.74
N UNK U 40 -85.71 -32.48 -12.49
CA UNK U 40 -86.87 -33.10 -13.09
C UNK U 40 -86.90 -32.83 -14.59
N UNK U 41 -86.53 -31.62 -14.99
CA UNK U 41 -86.51 -31.31 -16.41
C UNK U 41 -85.55 -32.23 -17.16
N UNK U 42 -84.26 -32.05 -16.93
CA UNK U 42 -83.28 -32.90 -17.57
C UNK U 42 -83.53 -34.36 -17.25
N UNK U 43 -84.15 -34.63 -16.11
CA UNK U 43 -84.62 -35.98 -15.85
C UNK U 43 -85.53 -36.45 -16.97
N UNK U 44 -86.49 -35.61 -17.34
CA UNK U 44 -87.36 -35.94 -18.47
C UNK U 44 -86.57 -36.01 -19.76
N UNK U 45 -85.48 -35.25 -19.87
CA UNK U 45 -84.59 -35.46 -21.00
C UNK U 45 -84.11 -36.90 -21.02
N UNK U 46 -83.64 -37.37 -19.87
CA UNK U 46 -83.23 -38.77 -19.77
C UNK U 46 -84.38 -39.71 -20.07
N UNK U 47 -85.61 -39.27 -19.83
CA UNK U 47 -86.76 -40.04 -20.30
C UNK U 47 -86.72 -40.11 -21.82
N UNK U 48 -86.50 -38.97 -22.47
CA UNK U 48 -86.37 -38.97 -23.92
C UNK U 48 -85.26 -39.89 -24.36
N UNK U 49 -84.24 -40.08 -23.52
CA UNK U 49 -83.15 -40.98 -23.88
C UNK U 49 -83.64 -42.37 -24.20
N UNK U 50 -84.81 -42.77 -23.69
CA UNK U 50 -85.35 -44.07 -24.02
C UNK U 50 -85.55 -44.25 -25.51
N UNK U 51 -85.62 -43.16 -26.27
CA UNK U 51 -85.89 -43.28 -27.71
C UNK U 51 -84.69 -43.84 -28.47
N UNK U 52 -83.53 -43.20 -28.32
CA UNK U 52 -82.27 -43.61 -28.97
C UNK U 52 -82.43 -43.66 -30.49
N UNK U 53 -82.47 -42.46 -31.09
CA UNK U 53 -82.44 -42.32 -32.54
C UNK U 53 -81.86 -40.95 -32.90
N UNK U 54 -81.69 -40.72 -34.20
CA UNK U 54 -81.21 -39.42 -34.66
C UNK U 54 -82.32 -38.37 -34.58
N UNK U 55 -83.54 -38.76 -34.93
CA UNK U 55 -84.66 -37.86 -34.71
C UNK U 55 -84.80 -37.49 -33.25
N UNK U 56 -84.24 -38.30 -32.35
CA UNK U 56 -84.13 -37.86 -30.96
C UNK U 56 -83.13 -36.72 -30.85
N UNK U 57 -82.01 -36.83 -31.57
CA UNK U 57 -81.12 -35.68 -31.68
C UNK U 57 -81.89 -34.47 -32.20
N UNK U 58 -82.92 -34.70 -33.00
CA UNK U 58 -83.82 -33.61 -33.34
C UNK U 58 -84.68 -33.21 -32.15
N UNK U 59 -85.02 -34.17 -31.28
CA UNK U 59 -85.90 -33.87 -30.16
C UNK U 59 -85.23 -32.91 -29.19
N UNK U 60 -84.05 -33.29 -28.69
CA UNK U 60 -83.30 -32.37 -27.86
C UNK U 60 -82.88 -31.12 -28.62
N UNK U 61 -82.74 -31.23 -29.94
CA UNK U 61 -82.69 -30.18 -30.95
C UNK U 61 -81.30 -29.59 -31.26
N UNK U 62 -80.23 -29.98 -30.55
CA UNK U 62 -78.89 -29.55 -30.98
C UNK U 62 -77.89 -30.70 -30.92
N UNK U 63 -77.50 -31.21 -32.09
CA UNK U 63 -76.27 -31.97 -32.32
C UNK U 63 -75.97 -33.02 -31.27
N UNK U 64 -74.69 -33.17 -30.95
CA UNK U 64 -74.22 -33.74 -29.70
C UNK U 64 -73.82 -32.66 -28.71
N UNK U 65 -73.93 -31.41 -29.15
CA UNK U 65 -73.66 -30.29 -28.26
C UNK U 65 -74.39 -30.49 -26.95
N UNK U 66 -75.69 -30.80 -27.02
CA UNK U 66 -76.47 -31.02 -25.82
C UNK U 66 -75.77 -31.96 -24.87
N UNK U 67 -75.04 -32.94 -25.41
CA UNK U 67 -74.19 -33.75 -24.56
C UNK U 67 -73.05 -32.92 -24.01
N UNK U 68 -72.36 -32.18 -24.86
CA UNK U 68 -71.20 -31.45 -24.36
C UNK U 68 -71.59 -30.43 -23.30
N UNK U 69 -72.43 -29.46 -23.69
CA UNK U 69 -72.93 -28.47 -22.75
C UNK U 69 -73.65 -29.13 -21.60
N UNK U 70 -74.21 -30.31 -21.82
CA UNK U 70 -74.70 -31.09 -20.70
C UNK U 70 -73.58 -31.32 -19.70
N UNK U 71 -72.43 -31.78 -20.20
CA UNK U 71 -71.28 -31.92 -19.32
C UNK U 71 -70.98 -30.61 -18.61
N UNK U 72 -71.06 -29.50 -19.35
CA UNK U 72 -70.89 -28.21 -18.72
C UNK U 72 -71.84 -28.05 -17.54
N UNK U 73 -73.09 -28.43 -17.73
CA UNK U 73 -74.06 -28.31 -16.65
C UNK U 73 -73.65 -29.17 -15.47
N UNK U 74 -73.05 -30.32 -15.73
CA UNK U 74 -72.52 -31.12 -14.63
C UNK U 74 -71.44 -30.34 -13.89
N UNK U 75 -70.58 -29.65 -14.64
CA UNK U 75 -69.65 -28.75 -13.98
C UNK U 75 -70.42 -27.79 -13.08
N UNK U 76 -71.53 -27.26 -13.60
CA UNK U 76 -72.39 -26.43 -12.78
C UNK U 76 -72.95 -27.20 -11.60
N UNK U 77 -72.90 -28.53 -11.65
CA UNK U 77 -73.30 -29.30 -10.48
C UNK U 77 -72.19 -29.34 -9.46
N UNK U 78 -70.93 -29.39 -9.91
CA UNK U 78 -69.83 -29.33 -8.95
C UNK U 78 -69.77 -27.96 -8.28
N UNK U 79 -69.66 -26.91 -9.10
CA UNK U 79 -69.68 -25.57 -8.53
C UNK U 79 -70.97 -25.32 -7.78
N UNK U 80 -72.07 -25.90 -8.25
CA UNK U 80 -73.30 -25.87 -7.47
C UNK U 80 -73.09 -26.53 -6.12
N UNK U 81 -72.24 -27.55 -6.07
CA UNK U 81 -71.93 -28.18 -4.79
C UNK U 81 -71.11 -27.25 -3.92
N UNK U 82 -70.35 -26.35 -4.53
CA UNK U 82 -69.67 -25.33 -3.73
C UNK U 82 -70.69 -24.45 -3.02
N UNK U 83 -71.58 -23.81 -3.79
CA UNK U 83 -72.56 -22.89 -3.23
C UNK U 83 -73.70 -23.64 -2.54
N UNK U 84 -74.41 -22.94 -1.68
CA UNK U 84 -75.60 -23.45 -1.03
C UNK U 84 -76.85 -22.81 -1.62
N UNK U 85 -78.00 -23.27 -1.12
CA UNK U 85 -79.29 -22.75 -1.55
C UNK U 85 -79.76 -21.60 -0.70
N UNK U 86 -78.91 -21.10 0.18
CA UNK U 86 -79.32 -20.27 1.31
C UNK U 86 -79.71 -18.87 0.82
N UNK U 87 -79.87 -17.95 1.77
CA UNK U 87 -80.28 -16.59 1.48
C UNK U 87 -79.54 -15.60 2.39
N UNK U 88 -78.99 -14.55 1.79
CA UNK U 88 -78.41 -13.43 2.54
C UNK U 88 -78.57 -12.16 1.73
N UNK U 89 -78.88 -11.05 2.39
CA UNK U 89 -79.40 -9.89 1.69
C UNK U 89 -78.76 -8.61 2.19
N UNK U 90 -79.01 -7.54 1.44
CA UNK U 90 -78.63 -6.17 1.77
C UNK U 90 -79.53 -5.24 0.98
N UNK U 91 -79.55 -3.97 1.37
CA UNK U 91 -80.41 -2.98 0.72
C UNK U 91 -79.61 -1.71 0.42
N UNK U 92 -79.43 -1.42 -0.87
CA UNK U 92 -78.75 -0.19 -1.26
C UNK U 92 -79.69 1.01 -1.21
N UNK U 93 -80.90 0.88 -1.78
CA UNK U 93 -81.94 1.89 -1.99
C UNK U 93 -81.76 2.68 -3.29
N UNK U 94 -80.73 2.42 -4.08
CA UNK U 94 -80.43 3.26 -5.24
C UNK U 94 -81.37 2.93 -6.39
N UNK U 95 -82.15 3.92 -6.81
CA UNK U 95 -82.95 3.82 -8.03
C UNK U 95 -83.31 5.23 -8.50
N UNK U 96 -83.57 5.35 -9.80
CA UNK U 96 -83.95 6.62 -10.42
C UNK U 96 -84.40 6.42 -11.86
N UNK V 1 -65.42 -0.54 11.62
CA UNK V 1 -64.61 0.19 10.67
C UNK V 1 -63.71 -0.77 9.90
N UNK V 2 -62.61 -1.18 10.53
CA UNK V 2 -61.63 -2.04 9.86
C UNK V 2 -62.23 -3.36 9.42
N UNK V 3 -63.35 -3.77 9.99
CA UNK V 3 -63.88 -5.11 9.71
C UNK V 3 -64.53 -5.18 8.33
N UNK V 4 -65.40 -4.21 8.02
CA UNK V 4 -66.28 -4.35 6.86
C UNK V 4 -65.49 -4.42 5.56
N UNK V 5 -64.70 -3.39 5.28
CA UNK V 5 -64.04 -3.27 3.98
C UNK V 5 -62.99 -4.37 3.81
N UNK V 6 -62.60 -4.58 2.55
CA UNK V 6 -61.62 -5.60 2.20
C UNK V 6 -60.61 -5.04 1.19
N UNK V 7 -59.36 -5.44 1.35
CA UNK V 7 -58.26 -5.07 0.48
C UNK V 7 -57.07 -5.95 0.85
N UNK V 8 -55.94 -5.73 0.18
CA UNK V 8 -54.73 -6.49 0.50
C UNK V 8 -53.88 -5.62 1.39
N UNK V 9 -53.91 -5.90 2.69
CA UNK V 9 -53.31 -5.06 3.71
C UNK V 9 -53.65 -5.54 5.12
N UNK V 10 -53.05 -4.89 6.11
CA UNK V 10 -53.44 -4.95 7.51
C UNK V 10 -53.93 -3.57 7.91
N UNK V 11 -54.17 -3.37 9.20
CA UNK V 11 -54.40 -2.01 9.67
C UNK V 11 -53.09 -1.22 9.68
N UNK V 12 -52.07 -1.74 10.35
CA UNK V 12 -50.77 -1.12 10.49
C UNK V 12 -49.71 -1.88 9.70
N UNK V 13 -49.55 -3.18 9.98
CA UNK V 13 -48.68 -4.03 9.20
C UNK V 13 -48.99 -3.93 7.72
N UNK V 14 -50.16 -3.40 7.37
CA UNK V 14 -50.32 -2.80 6.06
C UNK V 14 -49.10 -1.97 5.75
N UNK V 15 -48.87 -0.91 6.54
CA UNK V 15 -47.72 -0.07 6.33
C UNK V 15 -46.40 -0.84 6.42
N UNK V 16 -46.43 -2.09 6.88
CA UNK V 16 -45.24 -2.93 6.76
C UNK V 16 -45.11 -3.51 5.36
N UNK V 17 -46.22 -3.98 4.78
CA UNK V 17 -46.16 -4.44 3.40
C UNK V 17 -45.83 -3.28 2.48
N UNK V 18 -46.44 -2.13 2.74
CA UNK V 18 -46.04 -0.91 2.05
C UNK V 18 -44.58 -0.60 2.34
N UNK V 19 -44.15 -0.78 3.57
CA UNK V 19 -42.74 -0.59 3.89
C UNK V 19 -41.90 -1.42 2.94
N UNK V 20 -42.35 -2.64 2.65
CA UNK V 20 -41.75 -3.41 1.58
C UNK V 20 -41.98 -2.78 0.22
N UNK V 21 -43.08 -2.04 0.05
CA UNK V 21 -43.41 -1.53 -1.28
C UNK V 21 -42.51 -0.35 -1.62
N UNK V 22 -42.71 0.78 -0.95
CA UNK V 22 -41.81 1.91 -1.09
C UNK V 22 -40.37 1.51 -0.82
N UNK V 23 -40.16 0.51 0.04
CA UNK V 23 -38.84 -0.08 0.14
C UNK V 23 -38.36 -0.51 -1.23
N UNK V 24 -39.19 -1.30 -1.91
CA UNK V 24 -38.89 -1.69 -3.27
C UNK V 24 -38.86 -0.50 -4.20
N UNK V 25 -39.39 0.64 -3.77
CA UNK V 25 -39.27 1.85 -4.56
C UNK V 25 -37.93 2.52 -4.39
N UNK V 26 -37.28 2.33 -3.25
CA UNK V 26 -35.88 2.70 -3.15
C UNK V 26 -35.03 1.69 -3.92
N UNK V 27 -35.43 0.43 -3.87
CA UNK V 27 -34.90 -0.52 -4.85
C UNK V 27 -35.13 -0.01 -6.25
N UNK V 28 -36.18 0.78 -6.43
CA UNK V 28 -36.39 1.52 -7.65
C UNK V 28 -35.69 2.88 -7.64
N UNK V 29 -34.96 3.20 -6.57
CA UNK V 29 -34.00 4.29 -6.66
C UNK V 29 -32.73 3.80 -7.29
N UNK V 30 -32.28 2.62 -6.87
CA UNK V 30 -31.22 1.94 -7.62
C UNK V 30 -31.68 1.67 -9.03
N UNK V 31 -32.79 0.95 -9.18
CA UNK V 31 -33.36 0.69 -10.49
C UNK V 31 -33.61 1.97 -11.24
N UNK V 32 -33.90 3.05 -10.51
CA UNK V 32 -34.03 4.34 -11.13
C UNK V 32 -32.72 4.75 -11.78
N UNK V 33 -31.61 4.58 -11.05
CA UNK V 33 -30.31 4.84 -11.64
C UNK V 33 -30.12 4.02 -12.90
N UNK V 34 -30.48 2.74 -12.84
CA UNK V 34 -30.42 1.93 -14.06
C UNK V 34 -31.22 2.58 -15.18
N UNK V 35 -32.40 3.10 -14.85
CA UNK V 35 -33.22 3.75 -15.87
C UNK V 35 -32.51 4.94 -16.47
N UNK V 36 -31.85 5.73 -15.62
CA UNK V 36 -31.02 6.81 -16.13
C UNK V 36 -30.00 6.28 -17.11
N UNK V 37 -29.34 5.18 -16.75
CA UNK V 37 -28.44 4.54 -17.69
C UNK V 37 -29.16 4.17 -18.97
N UNK V 38 -30.46 3.92 -18.88
CA UNK V 38 -31.26 3.65 -20.09
C UNK V 38 -31.85 4.96 -20.60
N UNK V 39 -32.87 5.46 -19.91
CA UNK V 39 -33.54 6.68 -20.35
C UNK V 39 -32.66 7.88 -20.04
N UNK V 40 -32.47 8.74 -21.04
CA UNK V 40 -31.61 9.91 -20.88
C UNK V 40 -32.34 10.97 -20.07
N UNK V 41 -31.71 11.42 -18.98
CA UNK V 41 -32.28 12.43 -18.10
C UNK V 41 -31.17 12.99 -17.22
N UNK V 42 -31.55 13.80 -16.24
CA UNK V 42 -30.59 14.44 -15.35
C UNK V 42 -30.39 13.55 -14.13
N UNK V 43 -29.19 13.02 -13.98
CA UNK V 43 -28.81 12.18 -12.85
C UNK V 43 -28.62 13.01 -11.57
N UNK V 44 -28.62 12.40 -10.38
CA UNK V 44 -29.08 11.03 -10.16
C UNK V 44 -29.97 10.92 -8.93
N UNK V 45 -29.34 11.05 -7.76
CA UNK V 45 -30.03 10.79 -6.51
C UNK V 45 -31.13 11.81 -6.28
N UNK V 46 -30.98 13.01 -6.84
CA UNK V 46 -32.03 14.01 -6.75
C UNK V 46 -33.36 13.41 -7.13
N UNK V 47 -33.36 12.55 -8.15
CA UNK V 47 -34.54 11.78 -8.48
C UNK V 47 -35.07 11.05 -7.25
N UNK V 48 -34.21 10.29 -6.60
CA UNK V 48 -34.64 9.58 -5.40
C UNK V 48 -35.27 10.53 -4.41
N UNK V 49 -34.68 11.71 -4.26
CA UNK V 49 -35.29 12.73 -3.42
C UNK V 49 -36.70 13.04 -3.88
N UNK V 50 -36.92 13.09 -5.19
CA UNK V 50 -38.27 13.31 -5.67
C UNK V 50 -39.17 12.13 -5.34
N UNK V 51 -38.62 10.92 -5.38
CA UNK V 51 -39.38 9.76 -4.96
C UNK V 51 -39.85 9.93 -3.53
N UNK V 52 -38.97 10.38 -2.65
CA UNK V 52 -39.37 10.74 -1.31
C UNK V 52 -40.27 11.96 -1.28
N UNK V 53 -40.32 12.73 -2.37
CA UNK V 53 -41.16 13.91 -2.40
C UNK V 53 -42.61 13.52 -2.65
N UNK V 54 -42.89 12.98 -3.84
CA UNK V 54 -44.24 12.51 -4.12
C UNK V 54 -44.66 11.45 -3.13
N UNK V 55 -43.79 10.47 -2.88
CA UNK V 55 -44.03 9.51 -1.82
C UNK V 55 -44.34 10.22 -0.52
N UNK V 56 -43.63 11.31 -0.23
CA UNK V 56 -43.91 12.10 0.96
C UNK V 56 -45.25 12.81 0.88
N UNK V 57 -45.84 12.96 -0.30
CA UNK V 57 -47.21 13.46 -0.39
C UNK V 57 -48.21 12.36 -0.10
N UNK V 58 -48.04 11.22 -0.76
CA UNK V 58 -48.91 10.08 -0.50
C UNK V 58 -48.95 9.76 0.98
N UNK V 59 -47.78 9.62 1.59
CA UNK V 59 -47.72 9.45 3.03
C UNK V 59 -48.15 10.71 3.75
N UNK V 60 -47.94 11.87 3.13
CA UNK V 60 -48.41 13.11 3.75
C UNK V 60 -49.91 13.11 3.93
N UNK V 61 -50.62 12.18 3.29
CA UNK V 61 -52.01 11.93 3.65
C UNK V 61 -52.06 11.25 5.01
N UNK V 62 -51.54 10.02 5.10
CA UNK V 62 -51.40 9.29 6.36
C UNK V 62 -52.76 9.09 7.03
N UNK V 63 -53.55 8.20 6.42
CA UNK V 63 -54.78 7.71 7.03
C UNK V 63 -54.55 6.27 7.46
N UNK V 64 -54.88 5.97 8.72
CA UNK V 64 -54.54 4.67 9.27
C UNK V 64 -55.28 3.55 8.55
N UNK V 65 -56.55 3.77 8.20
CA UNK V 65 -57.27 2.78 7.41
C UNK V 65 -56.53 2.49 6.11
N UNK V 66 -56.16 3.56 5.40
CA UNK V 66 -55.26 3.50 4.26
C UNK V 66 -55.76 2.59 3.15
N UNK V 67 -57.06 2.31 3.12
CA UNK V 67 -57.62 1.63 1.96
C UNK V 67 -57.31 2.42 0.72
N UNK V 68 -57.59 3.72 0.76
CA UNK V 68 -57.07 4.63 -0.25
C UNK V 68 -55.58 4.41 -0.43
N UNK V 69 -54.80 4.69 0.61
CA UNK V 69 -53.35 4.54 0.52
C UNK V 69 -52.97 3.15 0.04
N UNK V 70 -53.75 2.14 0.39
CA UNK V 70 -53.53 0.83 -0.20
C UNK V 70 -53.60 0.92 -1.72
N UNK V 71 -54.63 1.59 -2.23
CA UNK V 71 -54.68 1.79 -3.67
C UNK V 71 -53.48 2.58 -4.15
N UNK V 72 -53.01 3.53 -3.34
CA UNK V 72 -51.78 4.23 -3.70
C UNK V 72 -50.67 3.22 -3.92
N UNK V 73 -50.60 2.22 -3.07
CA UNK V 73 -49.68 1.12 -3.32
C UNK V 73 -50.02 0.42 -4.62
N UNK V 74 -51.30 0.24 -4.89
CA UNK V 74 -51.71 -0.46 -6.10
C UNK V 74 -51.16 0.24 -7.33
N UNK V 75 -51.67 1.44 -7.59
CA UNK V 75 -51.21 2.24 -8.71
C UNK V 75 -49.72 2.45 -8.68
N UNK V 76 -49.10 2.37 -7.51
CA UNK V 76 -47.65 2.49 -7.46
C UNK V 76 -46.98 1.28 -8.09
N UNK V 77 -47.39 0.09 -7.68
CA UNK V 77 -46.94 -1.13 -8.33
C UNK V 77 -47.17 -1.04 -9.82
N UNK V 78 -48.37 -0.61 -10.20
CA UNK V 78 -48.63 -0.34 -11.60
C UNK V 78 -47.64 0.67 -12.16
N UNK V 79 -47.12 1.54 -11.31
CA UNK V 79 -46.34 2.68 -11.81
C UNK V 79 -44.92 2.25 -12.11
N UNK V 80 -44.14 1.98 -11.07
CA UNK V 80 -42.80 1.46 -11.32
C UNK V 80 -42.86 0.26 -12.22
N UNK V 81 -43.95 -0.51 -12.14
CA UNK V 81 -44.23 -1.50 -13.15
C UNK V 81 -44.17 -0.88 -14.54
N UNK V 82 -44.83 0.25 -14.71
CA UNK V 82 -44.77 0.92 -16.00
C UNK V 82 -43.36 1.34 -16.32
N UNK V 83 -42.54 1.56 -15.30
CA UNK V 83 -41.13 1.85 -15.56
C UNK V 83 -40.43 0.65 -16.16
N UNK V 84 -40.67 -0.53 -15.58
CA UNK V 84 -40.10 -1.76 -16.11
C UNK V 84 -40.40 -1.87 -17.60
N UNK V 85 -41.68 -1.99 -17.93
CA UNK V 85 -42.07 -2.06 -19.32
C UNK V 85 -41.71 -0.76 -20.02
N UNK V 86 -41.62 -0.83 -21.34
CA UNK V 86 -41.32 0.35 -22.13
C UNK V 86 -42.50 1.31 -22.06
N UNK V 87 -42.20 2.56 -21.69
CA UNK V 87 -43.18 3.64 -21.71
C UNK V 87 -42.47 4.90 -22.20
N UNK V 88 -43.08 5.59 -23.17
CA UNK V 88 -42.40 6.67 -23.87
C UNK V 88 -41.90 7.74 -22.89
N UNK V 89 -40.79 8.37 -23.24
CA UNK V 89 -40.08 9.22 -22.31
C UNK V 89 -41.00 10.33 -21.81
N UNK V 90 -41.15 10.39 -20.50
CA UNK V 90 -41.86 11.48 -19.85
C UNK V 90 -41.29 11.61 -18.45
N UNK V 91 -41.15 12.84 -17.98
CA UNK V 91 -40.59 13.09 -16.67
C UNK V 91 -41.63 13.79 -15.82
N UNK V 92 -42.06 13.12 -14.76
CA UNK V 92 -42.92 13.79 -13.79
C UNK V 92 -42.27 15.04 -13.27
N UNK V 93 -40.94 15.05 -13.19
CA UNK V 93 -40.22 16.25 -12.77
C UNK V 93 -40.67 17.44 -13.59
N UNK V 94 -41.00 18.53 -12.91
CA UNK V 94 -41.63 19.68 -13.52
C UNK V 94 -40.59 20.77 -13.73
N UNK V 95 -40.26 21.03 -14.99
CA UNK V 95 -39.28 22.04 -15.33
C UNK V 95 -39.90 23.37 -15.71
N UNK V 96 -41.23 23.47 -15.74
CA UNK V 96 -41.85 24.71 -16.19
C UNK V 96 -41.83 25.78 -15.10
N UNK V 97 -42.24 25.41 -13.88
CA UNK V 97 -42.33 26.33 -12.75
C UNK V 97 -43.15 27.60 -13.14
N UNK V 98 -42.93 28.81 -12.59
CA UNK V 98 -42.52 29.09 -11.21
C UNK V 98 -43.70 29.45 -10.32
N UNK V 99 -44.89 29.49 -10.91
CA UNK V 99 -46.14 29.78 -10.19
C UNK V 99 -46.00 31.14 -9.50
N UNK V 100 -46.09 31.21 -8.18
CA UNK V 100 -46.07 32.46 -7.43
C UNK V 100 -46.10 32.12 -5.95
N UNK V 101 -45.83 33.12 -5.12
CA UNK V 101 -45.80 32.92 -3.68
C UNK V 101 -46.54 34.05 -2.98
N UNK V 102 -47.65 33.71 -2.32
CA UNK V 102 -48.27 34.54 -1.29
C UNK V 102 -48.40 36.01 -1.64
N UNK V 103 -48.00 36.88 -0.71
CA UNK V 103 -48.13 38.31 -0.90
C UNK V 103 -47.36 38.81 -2.10
N UNK V 104 -46.47 38.00 -2.69
CA UNK V 104 -45.88 38.36 -3.97
C UNK V 104 -46.89 38.14 -5.10
N UNK V 105 -47.70 37.08 -4.99
CA UNK V 105 -48.88 37.04 -5.84
C UNK V 105 -49.78 38.23 -5.55
N UNK V 106 -49.82 38.67 -4.29
CA UNK V 106 -50.47 39.92 -3.99
C UNK V 106 -49.72 41.11 -4.59
N UNK V 107 -48.49 40.92 -5.03
CA UNK V 107 -47.87 41.94 -5.85
C UNK V 107 -48.36 41.84 -7.28
N UNK V 108 -48.47 40.61 -7.81
CA UNK V 108 -49.26 40.42 -9.02
C UNK V 108 -50.63 40.98 -8.83
N UNK V 109 -51.17 40.89 -7.62
CA UNK V 109 -52.26 41.74 -7.18
C UNK V 109 -53.53 41.70 -8.04
N UNK V 110 -54.17 40.56 -8.31
CA UNK V 110 -53.79 39.18 -8.08
C UNK V 110 -54.97 38.38 -8.61
N UNK V 111 -54.75 37.11 -8.91
CA UNK V 111 -55.87 36.24 -9.19
C UNK V 111 -56.25 35.39 -7.99
N UNK V 112 -55.49 35.46 -6.91
CA UNK V 112 -55.70 34.57 -5.78
C UNK V 112 -56.98 34.93 -5.03
N UNK W 1 24.61 -23.09 -84.88
CA UNK W 1 25.28 -21.97 -84.26
C UNK W 1 26.11 -21.20 -85.27
N UNK W 2 25.98 -21.58 -86.54
CA UNK W 2 26.82 -21.05 -87.61
C UNK W 2 26.18 -19.90 -88.38
N UNK W 3 24.99 -19.45 -87.98
CA UNK W 3 24.22 -18.52 -88.79
C UNK W 3 24.02 -19.09 -90.19
N UNK W 4 23.99 -20.41 -90.29
CA UNK W 4 23.92 -21.11 -91.55
C UNK W 4 22.49 -21.39 -92.00
N UNK W 5 21.50 -20.89 -91.27
CA UNK W 5 20.10 -21.13 -91.62
C UNK W 5 19.84 -20.71 -93.05
N UNK W 6 19.79 -19.40 -93.28
CA UNK W 6 19.73 -18.84 -94.62
C UNK W 6 18.63 -19.50 -95.46
N UNK W 7 17.45 -19.63 -94.88
CA UNK W 7 16.31 -20.15 -95.62
C UNK W 7 15.50 -18.97 -96.18
N UNK W 8 14.32 -19.25 -96.71
CA UNK W 8 13.45 -18.21 -97.20
C UNK W 8 12.00 -18.68 -97.10
N UNK W 9 11.10 -17.71 -96.95
CA UNK W 9 9.65 -17.92 -96.87
C UNK W 9 9.00 -16.55 -96.74
N UNK W 10 7.68 -16.51 -96.98
CA UNK W 10 7.00 -15.23 -97.03
C UNK W 10 5.77 -15.17 -96.15
N UNK W 11 4.73 -15.88 -96.53
CA UNK W 11 3.39 -15.61 -96.05
C UNK W 11 2.48 -16.78 -96.42
N UNK W 12 1.20 -16.82 -96.00
CA UNK W 12 0.60 -15.94 -95.00
C UNK W 12 -0.23 -16.75 -94.02
N UNK W 13 -0.91 -16.04 -93.12
CA UNK W 13 -1.73 -16.71 -92.13
C UNK W 13 -2.97 -17.27 -92.80
N UNK W 14 -3.88 -16.40 -93.25
CA UNK W 14 -5.09 -16.86 -93.91
C UNK W 14 -4.74 -17.67 -95.14
N UNK W 15 -3.61 -17.36 -95.78
CA UNK W 15 -3.11 -18.22 -96.83
C UNK W 15 -2.96 -19.63 -96.32
N UNK W 16 -2.18 -19.79 -95.25
CA UNK W 16 -2.10 -21.08 -94.60
C UNK W 16 -3.49 -21.63 -94.33
N UNK W 17 -4.40 -20.76 -93.90
CA UNK W 17 -5.76 -21.20 -93.69
C UNK W 17 -6.34 -21.79 -94.96
N UNK W 18 -5.88 -21.32 -96.11
CA UNK W 18 -6.30 -21.96 -97.35
C UNK W 18 -5.48 -23.19 -97.67
N UNK W 19 -4.34 -23.36 -97.04
CA UNK W 19 -3.43 -24.44 -97.38
C UNK W 19 -3.99 -25.82 -97.03
N UNK W 20 -5.11 -25.90 -96.31
CA UNK W 20 -5.73 -27.19 -96.05
C UNK W 20 -5.91 -27.96 -97.34
N UNK W 21 -6.19 -27.26 -98.42
CA UNK W 21 -6.17 -27.88 -99.73
C UNK W 21 -4.80 -28.52 -99.97
N UNK W 22 -4.82 -29.80 -100.30
CA UNK W 22 -3.61 -30.51 -100.68
C UNK W 22 -2.52 -30.38 -99.63
N UNK W 23 -1.43 -29.71 -100.00
CA UNK W 23 -0.21 -29.71 -99.21
C UNK W 23 0.29 -31.14 -99.02
N UNK W 24 -0.04 -32.01 -99.95
CA UNK W 24 0.37 -33.40 -99.88
C UNK W 24 1.86 -33.51 -100.20
N UNK W 25 2.35 -34.74 -100.16
CA UNK W 25 3.72 -35.12 -100.51
C UNK W 25 4.73 -34.59 -99.49
N UNK W 26 4.32 -33.63 -98.67
CA UNK W 26 5.06 -33.34 -97.47
C UNK W 26 4.98 -34.50 -96.50
N UNK W 27 4.16 -35.49 -96.82
CA UNK W 27 4.28 -36.80 -96.20
C UNK W 27 5.74 -37.21 -96.18
N UNK W 28 6.33 -37.36 -97.37
CA UNK W 28 7.71 -37.80 -97.47
C UNK W 28 8.64 -36.89 -96.68
N UNK W 29 8.87 -35.69 -97.21
CA UNK W 29 9.81 -34.77 -96.59
C UNK W 29 9.42 -34.45 -95.15
N UNK W 30 8.30 -33.75 -95.01
CA UNK W 30 7.84 -33.30 -93.72
C UNK W 30 7.80 -34.45 -92.72
N UNK W 31 7.09 -35.51 -93.06
CA UNK W 31 6.99 -36.64 -92.13
C UNK W 31 8.35 -37.19 -91.77
N UNK W 32 9.34 -37.06 -92.67
CA UNK W 32 10.69 -37.44 -92.29
C UNK W 32 11.23 -36.49 -91.24
N UNK W 33 11.03 -35.19 -91.44
CA UNK W 33 11.39 -34.25 -90.40
C UNK W 33 10.75 -34.65 -89.08
N UNK W 34 9.54 -35.19 -89.14
CA UNK W 34 8.97 -35.80 -87.96
C UNK W 34 9.82 -36.96 -87.50
N UNK W 35 10.34 -37.74 -88.45
CA UNK W 35 11.19 -38.86 -88.08
C UNK W 35 12.48 -38.39 -87.44
N UNK W 36 12.77 -37.10 -87.46
CA UNK W 36 13.99 -36.62 -86.83
C UNK W 36 13.98 -36.87 -85.33
N UNK W 37 12.88 -36.55 -84.66
CA UNK W 37 12.85 -36.50 -83.19
C UNK W 37 14.01 -35.63 -82.68
N UNK W 38 13.92 -34.36 -83.04
CA UNK W 38 15.06 -33.47 -83.05
C UNK W 38 15.52 -33.10 -81.65
N UNK W 39 16.76 -32.64 -81.58
CA UNK W 39 17.39 -32.13 -80.35
C UNK W 39 17.07 -30.67 -79.93
N UNK W 40 17.00 -29.70 -80.85
CA UNK W 40 17.09 -29.90 -82.29
C UNK W 40 18.49 -29.69 -82.82
N UNK W 41 19.10 -30.77 -83.30
CA UNK W 41 20.28 -30.70 -84.15
C UNK W 41 19.98 -31.53 -85.38
N UNK W 42 19.80 -30.84 -86.52
CA UNK W 42 19.44 -31.42 -87.80
C UNK W 42 19.27 -30.27 -88.78
N UNK W 43 19.31 -30.59 -90.08
CA UNK W 43 19.28 -29.53 -91.09
C UNK W 43 18.29 -29.82 -92.20
N UNK W 44 18.55 -30.88 -92.97
CA UNK W 44 17.94 -31.03 -94.27
C UNK W 44 16.43 -30.95 -94.24
N UNK W 45 15.82 -31.14 -93.07
CA UNK W 45 14.44 -30.76 -92.91
C UNK W 45 14.23 -29.34 -93.40
N UNK W 46 15.24 -28.48 -93.23
CA UNK W 46 15.18 -27.15 -93.81
C UNK W 46 15.03 -27.22 -95.33
N UNK W 47 15.91 -27.99 -95.98
CA UNK W 47 15.81 -28.15 -97.42
C UNK W 47 14.41 -28.60 -97.82
N UNK W 48 13.80 -29.44 -96.99
CA UNK W 48 12.41 -29.77 -97.20
C UNK W 48 11.53 -28.54 -97.13
N UNK W 49 11.77 -27.69 -96.12
CA UNK W 49 11.00 -26.45 -96.03
C UNK W 49 11.08 -25.68 -97.33
N UNK W 50 12.27 -25.62 -97.92
CA UNK W 50 12.40 -25.05 -99.25
C UNK W 50 11.51 -25.80 -100.24
N UNK W 51 11.56 -27.13 -100.19
CA UNK W 51 10.81 -27.95 -101.14
C UNK W 51 9.33 -27.61 -101.10
N UNK W 52 8.67 -27.95 -99.99
CA UNK W 52 7.24 -27.72 -99.89
C UNK W 52 6.89 -26.25 -100.06
N UNK W 53 7.76 -25.36 -99.59
CA UNK W 53 7.57 -23.94 -99.89
C UNK W 53 7.36 -23.74 -101.37
N UNK W 54 8.25 -24.31 -102.17
CA UNK W 54 8.10 -24.30 -103.61
C UNK W 54 6.96 -25.17 -104.09
N UNK W 55 6.34 -25.97 -103.22
CA UNK W 55 5.14 -26.69 -103.63
C UNK W 55 3.91 -25.78 -103.55
N UNK W 56 3.75 -25.11 -102.42
CA UNK W 56 2.66 -24.14 -102.31
C UNK W 56 2.83 -23.03 -103.32
N UNK W 57 4.03 -22.47 -103.40
CA UNK W 57 4.32 -21.51 -104.45
C UNK W 57 4.13 -22.13 -105.82
N UNK W 58 4.50 -23.41 -105.95
CA UNK W 58 4.45 -24.07 -107.24
C UNK W 58 3.03 -24.07 -107.78
N UNK W 59 2.11 -24.64 -107.01
CA UNK W 59 0.70 -24.48 -107.34
C UNK W 59 0.35 -23.01 -107.48
N UNK W 60 1.02 -22.16 -106.72
CA UNK W 60 0.60 -20.78 -106.57
C UNK W 60 1.08 -19.88 -107.69
N UNK W 61 1.81 -20.39 -108.67
CA UNK W 61 2.31 -19.47 -109.67
C UNK W 61 1.16 -19.08 -110.59
N UNK W 62 0.78 -19.99 -111.47
CA UNK W 62 -0.47 -19.85 -112.19
C UNK W 62 -1.62 -20.33 -111.34
N UNK W 63 -2.83 -19.89 -111.70
CA UNK W 63 -4.00 -20.69 -111.37
C UNK W 63 -4.17 -20.95 -109.88
N UNK W 64 -4.75 -20.02 -109.14
CA UNK W 64 -5.62 -18.99 -109.70
C UNK W 64 -5.32 -17.60 -109.15
N UNK W 65 -5.49 -17.50 -107.83
CA UNK W 65 -5.73 -16.29 -107.04
C UNK W 65 -7.24 -16.07 -106.94
N UNK W 66 -8.01 -16.80 -107.74
CA UNK W 66 -9.36 -17.09 -107.30
C UNK W 66 -9.32 -17.91 -106.02
N UNK W 67 -8.30 -18.74 -105.89
CA UNK W 67 -7.97 -19.33 -104.60
C UNK W 67 -7.64 -18.24 -103.61
N UNK W 68 -6.76 -17.30 -103.99
CA UNK W 68 -6.51 -16.18 -103.11
C UNK W 68 -7.76 -15.34 -102.91
N UNK W 69 -8.61 -15.27 -103.93
CA UNK W 69 -9.92 -14.67 -103.72
C UNK W 69 -10.68 -15.41 -102.63
N UNK W 70 -10.45 -16.70 -102.49
CA UNK W 70 -11.00 -17.41 -101.34
C UNK W 70 -10.28 -17.01 -100.07
N UNK W 71 -8.97 -16.78 -100.16
CA UNK W 71 -8.20 -16.36 -98.99
C UNK W 71 -8.77 -15.09 -98.40
N UNK W 72 -8.70 -14.00 -99.15
CA UNK W 72 -9.37 -12.78 -98.74
C UNK W 72 -10.84 -13.03 -98.47
N UNK W 73 -11.43 -14.02 -99.15
CA UNK W 73 -12.86 -14.24 -99.05
C UNK W 73 -13.30 -14.62 -97.64
N UNK W 74 -12.37 -14.85 -96.72
CA UNK W 74 -12.75 -14.95 -95.33
C UNK W 74 -11.66 -14.34 -94.47
N UNK W 75 -12.04 -13.45 -93.57
CA UNK W 75 -11.38 -13.36 -92.27
C UNK W 75 -12.47 -13.27 -91.21
N UNK W 76 -12.78 -14.42 -90.58
CA UNK W 76 -13.35 -14.49 -89.24
C UNK W 76 -12.79 -15.70 -88.50
N UNK W 77 -13.23 -16.89 -88.90
CA UNK W 77 -12.60 -18.14 -88.51
C UNK W 77 -12.42 -19.08 -89.70
N UNK W 78 -13.51 -19.69 -90.18
CA UNK W 78 -13.46 -20.71 -91.22
C UNK W 78 -14.89 -21.03 -91.67
N UNK W 79 -15.02 -22.11 -92.45
CA UNK W 79 -16.31 -22.72 -92.78
C UNK W 79 -17.20 -21.80 -93.62
N UNK W 80 -16.78 -21.65 -94.87
CA UNK W 80 -17.62 -21.12 -95.93
C UNK W 80 -17.66 -22.16 -97.03
N UNK W 81 -18.25 -21.84 -98.18
CA UNK W 81 -18.38 -22.86 -99.21
C UNK W 81 -17.95 -22.42 -100.60
N UNK W 82 -18.72 -21.51 -101.20
CA UNK W 82 -18.63 -21.27 -102.64
C UNK W 82 -17.21 -20.92 -103.06
N UNK W 83 -16.51 -20.11 -102.26
CA UNK W 83 -15.12 -19.82 -102.56
C UNK W 83 -14.33 -21.11 -102.72
N UNK W 84 -14.48 -22.02 -101.76
CA UNK W 84 -13.85 -23.33 -101.90
C UNK W 84 -14.37 -24.06 -103.11
N UNK W 85 -15.63 -23.82 -103.50
CA UNK W 85 -16.17 -24.48 -104.67
C UNK W 85 -15.41 -24.10 -105.92
N UNK W 86 -15.20 -22.80 -106.13
CA UNK W 86 -14.42 -22.37 -107.28
C UNK W 86 -12.98 -22.84 -107.16
N UNK W 87 -12.34 -22.53 -106.04
CA UNK W 87 -10.91 -22.81 -105.89
C UNK W 87 -10.62 -24.29 -106.10
N UNK W 88 -11.25 -25.14 -105.31
CA UNK W 88 -11.07 -26.57 -105.50
C UNK W 88 -11.54 -27.01 -106.87
N UNK W 89 -12.54 -26.32 -107.42
CA UNK W 89 -13.04 -26.70 -108.74
C UNK W 89 -11.94 -26.63 -109.79
N UNK W 90 -11.34 -25.44 -109.94
CA UNK W 90 -10.24 -25.32 -110.88
C UNK W 90 -9.03 -26.13 -110.45
N UNK W 91 -8.89 -26.38 -109.15
CA UNK W 91 -7.79 -27.21 -108.68
C UNK W 91 -7.88 -28.60 -109.29
N UNK W 92 -9.00 -29.28 -109.08
CA UNK W 92 -9.20 -30.58 -109.70
C UNK W 92 -9.22 -30.47 -111.21
N UNK W 93 -9.61 -29.31 -111.74
CA UNK W 93 -9.50 -29.09 -113.17
C UNK W 93 -8.07 -29.29 -113.61
N UNK W 94 -7.20 -28.35 -113.27
CA UNK W 94 -5.79 -28.46 -113.60
C UNK W 94 -5.17 -29.69 -112.98
N UNK W 95 -4.97 -29.65 -111.67
CA UNK W 95 -4.28 -30.73 -110.95
C UNK W 95 -5.33 -31.71 -110.43
N UNK W 96 -4.89 -32.62 -109.57
CA UNK W 96 -5.80 -33.45 -108.81
C UNK W 96 -6.13 -32.83 -107.46
N UNK W 97 -5.52 -31.70 -107.13
CA UNK W 97 -5.83 -30.96 -105.92
C UNK W 97 -7.33 -30.68 -105.91
N UNK W 98 -7.97 -30.73 -104.74
CA UNK W 98 -7.28 -30.91 -103.48
C UNK W 98 -7.78 -32.14 -102.73
N UNK W 99 -7.27 -32.31 -101.53
CA UNK W 99 -7.55 -33.51 -100.75
C UNK W 99 -8.97 -33.50 -100.23
N UNK W 100 -9.63 -34.65 -100.30
CA UNK W 100 -10.84 -34.91 -99.54
C UNK W 100 -10.64 -36.23 -98.79
N UNK W 101 -10.48 -36.13 -97.47
CA UNK W 101 -10.09 -37.27 -96.64
C UNK W 101 -9.86 -36.85 -95.20
N UNK W 102 -9.53 -37.82 -94.35
CA UNK W 102 -9.04 -37.55 -93.00
C UNK W 102 -7.89 -38.50 -92.72
N UNK W 103 -6.77 -37.96 -92.27
CA UNK W 103 -5.57 -38.77 -92.02
C UNK W 103 -5.79 -39.83 -90.95
N UNK X 1 -53.32 47.49 -21.86
CA UNK X 1 -52.30 46.46 -21.76
C UNK X 1 -52.28 45.85 -20.37
N UNK X 2 -53.46 45.73 -19.77
CA UNK X 2 -53.56 45.26 -18.39
C UNK X 2 -53.13 43.81 -18.27
N UNK X 3 -52.24 43.54 -17.30
CA UNK X 3 -51.73 42.21 -17.05
C UNK X 3 -51.24 41.56 -18.34
N UNK X 4 -50.55 42.35 -19.17
CA UNK X 4 -50.19 41.94 -20.51
C UNK X 4 -48.70 42.17 -20.76
N UNK X 5 -47.96 41.08 -20.91
CA UNK X 5 -46.62 41.18 -21.48
C UNK X 5 -46.75 41.48 -22.97
N UNK X 6 -45.86 42.33 -23.48
CA UNK X 6 -46.20 43.03 -24.70
C UNK X 6 -44.94 43.23 -25.55
N UNK X 7 -45.06 44.11 -26.54
CA UNK X 7 -44.08 44.36 -27.57
C UNK X 7 -42.83 45.05 -26.94
N UNK X 8 -41.76 45.34 -27.68
CA UNK X 8 -41.62 45.30 -29.15
C UNK X 8 -40.81 44.14 -29.72
N UNK X 9 -40.67 44.18 -31.05
CA UNK X 9 -40.00 43.15 -31.82
C UNK X 9 -38.51 43.13 -31.51
N UNK X 10 -37.88 42.01 -31.85
CA UNK X 10 -36.43 41.88 -31.75
C UNK X 10 -35.84 41.95 -33.14
N UNK X 11 -35.20 43.06 -33.46
CA UNK X 11 -34.53 43.15 -34.75
C UNK X 11 -33.36 42.19 -34.77
N UNK X 12 -33.06 41.67 -35.97
CA UNK X 12 -31.95 40.74 -36.16
C UNK X 12 -32.10 39.53 -35.24
N UNK X 13 -33.06 38.68 -35.61
CA UNK X 13 -33.50 37.54 -34.82
C UNK X 13 -32.72 36.25 -35.12
N UNK X 14 -31.64 36.32 -35.90
CA UNK X 14 -30.92 35.15 -36.40
C UNK X 14 -30.66 34.08 -35.34
N UNK X 15 -29.84 34.38 -34.33
CA UNK X 15 -29.37 33.34 -33.42
C UNK X 15 -30.49 32.74 -32.60
N UNK X 16 -30.25 31.52 -32.11
CA UNK X 16 -31.21 30.82 -31.26
C UNK X 16 -31.47 31.55 -29.96
N UNK X 17 -30.65 32.54 -29.62
CA UNK X 17 -31.03 33.44 -28.53
C UNK X 17 -32.46 33.91 -28.74
N UNK X 18 -32.83 34.17 -29.99
CA UNK X 18 -34.22 34.43 -30.32
C UNK X 18 -35.12 33.32 -29.83
N UNK X 19 -34.72 32.08 -30.09
CA UNK X 19 -35.51 30.96 -29.59
C UNK X 19 -35.70 31.09 -28.09
N UNK X 20 -34.64 31.44 -27.37
CA UNK X 20 -34.78 31.69 -25.94
C UNK X 20 -35.83 32.77 -25.68
N UNK X 21 -35.82 33.82 -26.49
CA UNK X 21 -36.82 34.85 -26.35
C UNK X 21 -38.22 34.31 -26.59
N UNK X 22 -38.36 33.26 -27.39
CA UNK X 22 -39.65 32.59 -27.45
C UNK X 22 -39.94 31.85 -26.16
N UNK X 23 -38.93 31.17 -25.62
CA UNK X 23 -39.08 30.45 -24.37
C UNK X 23 -39.66 31.36 -23.29
N UNK X 24 -38.93 32.42 -22.96
CA UNK X 24 -39.47 33.39 -22.02
C UNK X 24 -40.78 33.97 -22.53
N UNK X 25 -40.89 34.16 -23.85
CA UNK X 25 -42.10 34.74 -24.42
C UNK X 25 -43.32 33.87 -24.14
N UNK X 26 -43.12 32.65 -23.68
CA UNK X 26 -44.24 31.83 -23.25
C UNK X 26 -44.88 32.45 -22.02
N UNK X 27 -46.20 32.56 -22.05
CA UNK X 27 -46.97 32.98 -20.89
C UNK X 27 -48.39 32.48 -21.06
N UNK X 28 -49.11 32.43 -19.94
CA UNK X 28 -50.51 32.02 -19.98
C UNK X 28 -51.28 32.85 -21.00
N UNK X 29 -51.22 34.16 -20.87
CA UNK X 29 -51.77 35.10 -21.83
C UNK X 29 -50.69 36.12 -22.19
N UNK X 30 -51.05 37.01 -23.11
CA UNK X 30 -50.16 38.06 -23.57
C UNK X 30 -48.81 37.50 -24.02
N UNK X 31 -47.73 38.23 -23.74
CA UNK X 31 -46.38 37.82 -24.09
C UNK X 31 -46.25 37.41 -25.55
N UNK X 32 -46.78 38.23 -26.44
CA UNK X 32 -46.65 38.05 -27.88
C UNK X 32 -45.75 39.13 -28.46
N UNK X 33 -45.05 38.80 -29.53
CA UNK X 33 -44.00 39.65 -30.05
C UNK X 33 -44.04 39.67 -31.57
N UNK X 34 -43.24 40.56 -32.13
CA UNK X 34 -43.10 40.70 -33.57
C UNK X 34 -41.66 40.42 -33.96
N UNK X 35 -41.48 40.16 -35.25
CA UNK X 35 -40.14 39.95 -35.80
C UNK X 35 -40.13 40.32 -37.26
N UNK X 36 -38.96 40.78 -37.73
CA UNK X 36 -38.73 41.08 -39.14
C UNK X 36 -37.54 40.25 -39.58
N UNK X 37 -37.77 39.31 -40.48
CA UNK X 37 -36.81 38.25 -40.76
C UNK X 37 -35.86 38.67 -41.87
N UNK X 38 -34.57 38.75 -41.54
CA UNK X 38 -33.54 38.76 -42.56
C UNK X 38 -33.58 37.44 -43.33
N UNK X 39 -33.20 37.50 -44.60
CA UNK X 39 -33.35 36.38 -45.52
C UNK X 39 -34.78 35.90 -45.60
N UNK X 40 -35.71 36.80 -45.28
CA UNK X 40 -37.12 36.46 -45.14
C UNK X 40 -37.27 35.22 -44.28
N UNK X 41 -38.15 34.31 -44.70
CA UNK X 41 -38.47 33.13 -43.90
C UNK X 41 -37.76 31.89 -44.41
N UNK X 42 -38.10 31.46 -45.63
CA UNK X 42 -37.67 30.18 -46.14
C UNK X 42 -38.02 29.07 -45.16
N UNK X 43 -37.12 28.11 -45.00
CA UNK X 43 -37.42 26.96 -44.15
C UNK X 43 -37.14 27.29 -42.69
N UNK X 44 -35.87 27.55 -42.37
CA UNK X 44 -35.42 27.63 -40.99
C UNK X 44 -36.30 28.52 -40.13
N UNK X 45 -36.86 29.58 -40.72
CA UNK X 45 -37.76 30.43 -39.96
C UNK X 45 -38.85 29.61 -39.31
N UNK X 46 -39.38 28.62 -40.04
CA UNK X 46 -40.43 27.78 -39.49
C UNK X 46 -40.06 27.27 -38.11
N UNK X 47 -38.79 26.87 -37.94
CA UNK X 47 -38.27 26.46 -36.64
C UNK X 47 -38.71 27.49 -35.62
N UNK X 48 -38.12 28.68 -35.72
CA UNK X 48 -38.64 29.82 -34.98
C UNK X 48 -40.15 29.89 -35.12
N UNK X 49 -40.63 30.05 -36.34
CA UNK X 49 -42.06 30.26 -36.56
C UNK X 49 -42.90 29.16 -35.94
N UNK X 50 -42.32 27.99 -35.68
CA UNK X 50 -43.03 27.01 -34.89
C UNK X 50 -43.40 27.65 -33.56
N UNK X 51 -42.38 27.99 -32.78
CA UNK X 51 -42.59 28.71 -31.55
C UNK X 51 -43.33 30.00 -31.83
N UNK X 52 -44.18 30.42 -30.90
CA UNK X 52 -44.58 29.59 -29.78
C UNK X 52 -45.77 28.70 -30.16
N UNK X 53 -46.95 29.22 -30.51
CA UNK X 53 -47.31 30.63 -30.69
C UNK X 53 -48.80 30.82 -30.55
N UNK X 54 -49.22 32.06 -30.30
CA UNK X 54 -50.56 32.46 -30.67
C UNK X 54 -50.46 33.91 -31.14
N UNK X 55 -50.94 34.17 -32.35
CA UNK X 55 -51.07 35.54 -32.83
C UNK X 55 -49.74 36.27 -32.95
N UNK X 56 -48.65 35.62 -32.56
CA UNK X 56 -47.34 36.28 -32.62
C UNK X 56 -46.97 36.58 -34.06
N UNK X 57 -46.07 37.54 -34.25
CA UNK X 57 -45.82 38.13 -35.56
C UNK X 57 -44.41 37.83 -36.03
N UNK X 58 -44.28 37.54 -37.32
CA UNK X 58 -43.00 37.42 -37.99
C UNK X 58 -43.08 38.13 -39.33
N UNK X 59 -42.22 39.13 -39.53
CA UNK X 59 -42.11 39.85 -40.80
C UNK X 59 -40.73 39.61 -41.38
N UNK X 60 -40.45 40.27 -42.50
CA UNK X 60 -39.13 40.23 -43.12
C UNK X 60 -38.35 41.48 -42.72
N UNK X 61 -37.06 41.32 -42.50
CA UNK X 61 -36.24 42.44 -42.07
C UNK X 61 -36.06 43.43 -43.20
N UNK X 62 -36.48 44.67 -42.97
CA UNK X 62 -36.30 45.77 -43.91
C UNK X 62 -35.05 46.59 -43.61
N UNK X 63 -34.24 46.13 -42.66
CA UNK X 63 -33.21 46.98 -42.07
C UNK X 63 -32.11 47.36 -43.05
N UNK X 64 -31.94 46.60 -44.13
CA UNK X 64 -30.78 46.86 -44.98
C UNK X 64 -30.96 48.19 -45.69
N UNK X 65 -30.06 49.12 -45.39
CA UNK X 65 -30.04 50.45 -46.02
C UNK X 65 -31.42 51.10 -46.07
N UNK X 66 -32.26 50.84 -45.08
CA UNK X 66 -33.62 51.36 -45.15
C UNK X 66 -34.20 51.57 -43.76
N UNK X 67 -35.00 52.62 -43.63
CA UNK X 67 -35.80 52.85 -42.44
C UNK X 67 -37.17 52.18 -42.53
N UNK X 68 -37.46 51.52 -43.65
CA UNK X 68 -38.67 50.71 -43.71
C UNK X 68 -38.72 49.73 -42.56
N UNK X 69 -37.56 49.32 -42.07
CA UNK X 69 -37.50 48.60 -40.81
C UNK X 69 -38.25 49.35 -39.74
N UNK X 70 -37.91 50.62 -39.55
CA UNK X 70 -38.68 51.45 -38.63
C UNK X 70 -40.14 51.49 -39.03
N UNK X 71 -40.41 51.58 -40.34
CA UNK X 71 -41.78 51.62 -40.81
C UNK X 71 -42.60 50.47 -40.22
N UNK X 72 -42.03 49.28 -40.24
CA UNK X 72 -42.68 48.19 -39.53
C UNK X 72 -42.66 48.42 -38.03
N UNK X 73 -41.56 48.98 -37.51
CA UNK X 73 -41.39 49.15 -36.07
C UNK X 73 -42.40 50.13 -35.49
N UNK X 74 -43.19 50.76 -36.36
CA UNK X 74 -44.06 51.86 -35.94
C UNK X 74 -44.87 51.53 -34.71
N UNK X 75 -45.26 50.28 -34.54
CA UNK X 75 -46.07 49.88 -33.40
C UNK X 75 -45.24 49.46 -32.20
N UNK X 76 -43.92 49.61 -32.27
CA UNK X 76 -43.04 49.08 -31.25
C UNK X 76 -43.42 49.59 -29.85
N UNK X 77 -43.17 48.75 -28.85
CA UNK X 77 -43.28 49.14 -27.45
C UNK X 77 -41.90 49.16 -26.80
N UNK X 78 -41.29 48.00 -26.56
CA UNK X 78 -39.91 47.92 -26.10
C UNK X 78 -39.25 46.75 -26.80
N UNK X 79 -38.10 46.99 -27.42
CA UNK X 79 -37.60 46.11 -28.47
C UNK X 79 -36.22 45.56 -28.12
N UNK X 80 -35.83 44.53 -28.88
CA UNK X 80 -34.56 43.85 -28.70
C UNK X 80 -33.83 43.73 -30.04
N UNK X 81 -32.53 43.46 -29.96
CA UNK X 81 -31.76 43.09 -31.15
C UNK X 81 -30.46 42.40 -30.73
N UNK X 82 -29.91 41.61 -31.64
CA UNK X 82 -28.67 40.87 -31.39
C UNK X 82 -28.22 40.19 -32.68
N UNK X 83 -27.15 39.42 -32.58
CA UNK X 83 -26.82 38.33 -33.51
C UNK X 83 -26.60 38.86 -34.92
N UNK X 84 -27.21 38.24 -35.95
CA UNK X 84 -26.80 38.46 -37.33
C UNK X 84 -25.31 38.20 -37.43
N UNK X 85 -24.93 36.92 -37.38
CA UNK X 85 -23.59 36.53 -36.98
C UNK X 85 -22.55 36.90 -38.04
N UNK X 86 -21.30 36.55 -37.74
CA UNK X 86 -20.11 37.11 -38.40
C UNK X 86 -19.82 36.44 -39.73
N UNK X 87 -19.37 37.22 -40.70
CA UNK X 87 -19.03 36.79 -42.05
C UNK X 87 -18.07 37.81 -42.64
N UNK X 88 -17.85 37.74 -43.95
CA UNK X 88 -16.86 38.62 -44.58
C UNK X 88 -17.42 39.51 -45.69
N UNK X 89 -17.67 38.94 -46.86
CA UNK X 89 -18.01 39.75 -48.03
C UNK X 89 -19.31 40.51 -47.77
N UNK X 90 -19.24 41.83 -47.95
CA UNK X 90 -20.33 42.76 -47.63
C UNK X 90 -20.63 42.79 -46.14
N UNK X 91 -19.92 41.99 -45.34
CA UNK X 91 -20.30 41.76 -43.96
C UNK X 91 -19.57 42.68 -42.97
N UNK X 92 -18.25 42.54 -42.84
CA UNK X 92 -17.54 43.30 -41.80
C UNK X 92 -17.81 44.79 -41.88
N UNK X 93 -18.18 45.29 -43.06
CA UNK X 93 -18.74 46.63 -43.16
C UNK X 93 -20.15 46.67 -42.62
N UNK X 94 -20.81 45.54 -42.50
CA UNK X 94 -22.02 45.41 -41.70
C UNK X 94 -21.69 45.05 -40.27
N UNK X 95 -20.41 45.02 -39.92
CA UNK X 95 -19.96 44.95 -38.53
C UNK X 95 -19.72 46.35 -38.00
N UNK X 96 -18.80 47.08 -38.64
CA UNK X 96 -18.79 48.52 -38.44
C UNK X 96 -20.17 49.09 -38.67
N UNK X 97 -20.91 48.52 -39.62
CA UNK X 97 -22.31 48.84 -39.81
C UNK X 97 -23.21 47.97 -38.96
N UNK X 98 -22.64 47.16 -38.08
CA UNK X 98 -23.42 46.71 -36.94
C UNK X 98 -23.43 47.78 -35.88
N UNK X 99 -22.28 48.41 -35.65
CA UNK X 99 -22.26 49.67 -34.95
C UNK X 99 -23.24 50.65 -35.57
N UNK X 100 -23.21 50.75 -36.90
CA UNK X 100 -24.07 51.72 -37.56
C UNK X 100 -25.53 51.30 -37.46
N UNK X 101 -25.86 50.15 -38.05
CA UNK X 101 -27.24 49.66 -38.01
C UNK X 101 -27.82 49.72 -36.60
N UNK X 102 -26.99 49.40 -35.61
CA UNK X 102 -27.38 49.67 -34.23
C UNK X 102 -27.75 51.14 -34.07
N UNK X 103 -26.89 52.03 -34.55
CA UNK X 103 -27.23 53.45 -34.50
C UNK X 103 -28.46 53.77 -35.34
N UNK X 104 -28.89 52.87 -36.22
CA UNK X 104 -30.17 53.05 -36.89
C UNK X 104 -31.30 52.68 -35.97
N UNK X 105 -31.11 51.63 -35.16
CA UNK X 105 -32.01 51.44 -34.05
C UNK X 105 -32.03 52.65 -33.14
N UNK X 106 -30.96 53.44 -33.14
CA UNK X 106 -30.96 54.68 -32.38
C UNK X 106 -31.78 55.77 -33.08
N UNK X 107 -31.51 56.01 -34.36
CA UNK X 107 -32.22 57.06 -35.08
C UNK X 107 -33.70 56.76 -35.12
N UNK X 108 -34.05 55.61 -35.67
CA UNK X 108 -35.41 55.12 -35.59
C UNK X 108 -35.86 54.85 -34.17
N UNK X 109 -34.95 54.85 -33.19
CA UNK X 109 -35.38 54.69 -31.81
C UNK X 109 -35.93 55.99 -31.24
N UNK X 110 -35.25 57.10 -31.54
CA UNK X 110 -35.82 58.41 -31.20
C UNK X 110 -37.07 58.68 -32.02
N UNK X 111 -37.02 58.37 -33.33
CA UNK X 111 -38.24 58.37 -34.12
C UNK X 111 -39.30 57.51 -33.47
N UNK X 112 -38.88 56.47 -32.78
CA UNK X 112 -39.77 55.59 -32.05
C UNK X 112 -40.18 56.21 -30.73
N UNK X 113 -39.21 56.50 -29.87
CA UNK X 113 -39.45 56.83 -28.47
C UNK X 113 -40.10 55.63 -27.78
N UNK X 114 -39.45 54.49 -27.91
CA UNK X 114 -39.95 53.23 -27.38
C UNK X 114 -39.92 53.24 -25.85
N UNK X 115 -40.72 52.33 -25.28
CA UNK X 115 -40.69 52.16 -23.82
C UNK X 115 -39.31 51.77 -23.35
N UNK X 116 -38.65 50.87 -24.07
CA UNK X 116 -37.31 50.43 -23.70
C UNK X 116 -36.61 49.90 -24.95
N UNK X 117 -35.29 49.77 -24.86
CA UNK X 117 -34.48 49.28 -25.96
C UNK X 117 -33.51 48.22 -25.43
N UNK X 118 -33.67 47.00 -25.90
CA UNK X 118 -32.73 45.94 -25.60
C UNK X 118 -31.74 45.85 -26.74
N UNK X 119 -30.50 46.22 -26.49
CA UNK X 119 -29.45 46.14 -27.49
C UNK X 119 -28.41 45.14 -27.01
N UNK X 120 -28.01 44.23 -27.90
CA UNK X 120 -26.96 43.29 -27.54
C UNK X 120 -25.64 44.04 -27.42
N UNK X 121 -25.03 43.99 -26.25
CA UNK X 121 -23.81 44.73 -26.05
C UNK X 121 -22.61 43.82 -26.27
N UNK X 122 -21.44 44.43 -26.22
CA UNK X 122 -20.21 43.68 -26.39
C UNK X 122 -20.01 42.77 -25.20
N UNK X 123 -19.54 41.55 -25.45
CA UNK X 123 -19.06 40.70 -24.37
C UNK X 123 -18.05 41.45 -23.52
N UNK X 124 -17.10 42.13 -24.16
CA UNK X 124 -16.18 43.06 -23.51
C UNK X 124 -15.61 42.55 -22.18
N UNK X 125 -14.70 41.58 -22.15
CA UNK X 125 -14.00 40.93 -23.27
C UNK X 125 -13.25 41.87 -24.20
N UNK X 126 -13.72 41.96 -25.44
CA UNK X 126 -12.85 42.04 -26.61
C UNK X 126 -11.68 43.02 -26.57
N UNK X 127 -11.93 44.31 -26.81
CA UNK X 127 -10.84 45.17 -27.29
C UNK X 127 -11.31 46.58 -27.67
N UNK X 128 -10.44 47.58 -27.86
CA UNK X 128 -9.06 47.73 -27.34
C UNK X 128 -8.02 46.64 -27.58
N UNK X 129 -7.55 46.47 -28.81
CA UNK X 129 -7.99 47.24 -29.96
C UNK X 129 -8.44 46.26 -31.02
N UNK X 130 -8.74 46.75 -32.22
CA UNK X 130 -9.75 46.11 -33.05
C UNK X 130 -9.51 44.62 -33.24
N UNK X 131 -10.45 43.84 -32.73
CA UNK X 131 -10.71 42.47 -33.18
C UNK X 131 -11.91 42.44 -34.11
N UNK X 132 -12.46 43.62 -34.44
CA UNK X 132 -13.77 43.84 -35.04
C UNK X 132 -14.86 43.54 -34.03
N UNK X 133 -14.52 42.85 -32.95
CA UNK X 133 -15.37 42.88 -31.78
C UNK X 133 -15.08 44.14 -30.98
N UNK X 134 -13.88 44.68 -31.12
CA UNK X 134 -13.66 46.05 -30.69
C UNK X 134 -14.52 47.00 -31.52
N UNK X 135 -14.70 46.69 -32.79
CA UNK X 135 -15.69 47.41 -33.56
C UNK X 135 -17.07 47.29 -32.91
N UNK X 136 -17.33 46.19 -32.21
CA UNK X 136 -18.51 46.11 -31.38
C UNK X 136 -18.35 46.92 -30.10
N UNK X 137 -17.12 47.22 -29.70
CA UNK X 137 -16.93 48.06 -28.51
C UNK X 137 -17.26 49.51 -28.83
N UNK X 138 -16.51 50.10 -29.75
CA UNK X 138 -16.90 51.41 -30.28
C UNK X 138 -18.34 51.39 -30.75
N UNK X 139 -18.84 50.25 -31.21
CA UNK X 139 -20.27 50.13 -31.42
C UNK X 139 -21.02 50.45 -30.14
N UNK X 140 -20.56 49.91 -29.01
CA UNK X 140 -21.14 50.31 -27.74
C UNK X 140 -20.88 51.76 -27.41
N UNK X 141 -19.95 52.40 -28.12
CA UNK X 141 -19.78 53.84 -27.94
C UNK X 141 -20.86 54.62 -28.69
N UNK X 142 -21.09 54.28 -29.96
CA UNK X 142 -22.23 54.87 -30.66
C UNK X 142 -23.53 54.48 -30.00
N UNK X 143 -23.50 53.42 -29.19
CA UNK X 143 -24.62 53.08 -28.34
C UNK X 143 -24.67 53.96 -27.10
N UNK X 144 -23.50 54.34 -26.57
CA UNK X 144 -23.50 55.40 -25.58
C UNK X 144 -24.14 56.66 -26.15
N UNK X 145 -23.90 56.93 -27.44
CA UNK X 145 -24.67 57.96 -28.12
C UNK X 145 -26.15 57.59 -28.13
N UNK X 146 -26.44 56.32 -28.42
CA UNK X 146 -27.83 55.87 -28.34
C UNK X 146 -28.32 55.86 -26.91
N UNK X 147 -27.45 55.51 -25.96
CA UNK X 147 -27.74 55.79 -24.57
C UNK X 147 -28.04 57.27 -24.46
N UNK X 148 -28.98 57.59 -23.58
CA UNK X 148 -29.82 58.75 -23.81
C UNK X 148 -30.39 58.59 -25.22
N UNK X 149 -31.33 57.66 -25.39
CA UNK X 149 -31.96 56.94 -24.29
C UNK X 149 -31.16 55.71 -23.86
N UNK X 150 -30.78 55.67 -22.58
CA UNK X 150 -30.07 54.52 -22.03
C UNK X 150 -31.05 53.39 -21.78
N UNK X 151 -30.56 52.16 -21.98
CA UNK X 151 -31.47 51.03 -22.16
C UNK X 151 -30.71 49.72 -22.29
N UNK X 152 -31.46 48.62 -22.43
CA UNK X 152 -30.94 47.29 -22.14
C UNK X 152 -29.76 46.91 -23.03
N UNK X 153 -28.69 46.44 -22.38
CA UNK X 153 -27.49 45.96 -23.04
C UNK X 153 -26.82 44.95 -22.13
N UNK X 154 -26.03 44.05 -22.72
CA UNK X 154 -25.45 42.98 -21.91
C UNK X 154 -24.14 42.49 -22.49
N UNK X 155 -23.29 41.98 -21.60
CA UNK X 155 -21.94 41.53 -21.94
C UNK X 155 -21.81 40.05 -21.64
N UNK X 156 -21.68 39.24 -22.67
CA UNK X 156 -21.53 37.81 -22.48
C UNK X 156 -20.14 37.48 -21.97
N UNK X 157 -20.05 36.48 -21.09
CA UNK X 157 -18.78 35.84 -20.78
C UNK X 157 -18.93 34.33 -20.86
N UNK X 158 -18.35 33.73 -21.90
CA UNK X 158 -18.31 32.28 -22.14
C UNK X 158 -19.61 31.60 -21.76
N UNK X 159 -20.67 31.91 -22.50
CA UNK X 159 -22.04 31.45 -22.26
C UNK X 159 -22.22 29.98 -22.56
N UNK X 160 -21.16 29.27 -22.95
CA UNK X 160 -21.27 28.01 -23.66
C UNK X 160 -22.27 27.07 -23.01
N UNK X 161 -23.07 26.42 -23.86
CA UNK X 161 -24.21 25.59 -23.51
C UNK X 161 -24.77 25.07 -24.83
N UNK X 162 -25.84 24.28 -24.78
CA UNK X 162 -26.34 23.60 -25.98
C UNK X 162 -26.49 24.57 -27.14
N UNK X 163 -26.12 24.09 -28.33
CA UNK X 163 -26.09 24.91 -29.55
C UNK X 163 -25.14 26.10 -29.39
N UNK X 164 -23.91 25.80 -29.00
CA UNK X 164 -22.85 26.81 -28.89
C UNK X 164 -21.80 26.55 -29.95
N UNK X 165 -21.73 27.44 -30.94
CA UNK X 165 -20.60 27.44 -31.86
C UNK X 165 -19.31 27.84 -31.17
N UNK X 166 -19.38 28.33 -29.94
CA UNK X 166 -18.18 28.56 -29.14
C UNK X 166 -17.70 27.25 -28.52
N UNK X 167 -18.53 26.66 -27.66
CA UNK X 167 -18.20 25.36 -27.09
C UNK X 167 -17.81 24.38 -28.19
N UNK X 168 -18.66 24.23 -29.20
CA UNK X 168 -18.33 23.34 -30.31
C UNK X 168 -17.15 23.87 -31.10
N UNK X 169 -17.00 25.19 -31.20
CA UNK X 169 -15.82 25.74 -31.85
C UNK X 169 -14.56 25.20 -31.21
N UNK X 170 -14.60 24.98 -29.90
CA UNK X 170 -13.51 24.27 -29.26
C UNK X 170 -13.66 22.76 -29.38
N UNK X 171 -14.86 22.27 -29.68
CA UNK X 171 -15.16 20.86 -29.41
C UNK X 171 -15.47 20.08 -30.68
N UNK X 172 -16.66 20.27 -31.24
CA UNK X 172 -16.96 19.72 -32.55
C UNK X 172 -15.85 20.05 -33.52
N UNK X 173 -15.32 21.27 -33.42
CA UNK X 173 -14.09 21.61 -34.09
C UNK X 173 -12.92 21.16 -33.24
N UNK X 174 -14.88 32.21 -15.87
CA UNK X 174 -15.79 33.32 -16.14
C UNK X 174 -16.84 32.90 -17.15
N UNK X 175 -16.98 31.59 -17.32
CA UNK X 175 -17.94 31.08 -18.27
C UNK X 175 -19.37 31.31 -17.79
N UNK X 176 -20.30 31.20 -18.72
CA UNK X 176 -21.73 31.24 -18.43
C UNK X 176 -22.43 30.09 -19.15
N UNK X 177 -23.74 30.02 -18.98
CA UNK X 177 -24.57 29.01 -19.63
C UNK X 177 -25.59 29.73 -20.50
N UNK X 178 -25.62 29.36 -21.78
CA UNK X 178 -26.60 29.96 -22.68
C UNK X 178 -28.01 29.79 -22.16
N UNK X 179 -28.28 28.73 -21.41
CA UNK X 179 -29.54 28.62 -20.71
C UNK X 179 -29.63 29.66 -19.62
N UNK X 180 -28.65 29.67 -18.72
CA UNK X 180 -28.54 30.76 -17.76
C UNK X 180 -28.66 32.09 -18.47
N UNK X 181 -27.99 32.21 -19.61
CA UNK X 181 -28.12 33.43 -20.40
C UNK X 181 -29.57 33.70 -20.76
N UNK X 182 -30.33 32.65 -21.06
CA UNK X 182 -31.74 32.84 -21.40
C UNK X 182 -32.48 33.43 -20.21
N UNK X 183 -32.28 32.85 -19.02
CA UNK X 183 -32.83 33.45 -17.82
C UNK X 183 -32.42 34.91 -17.72
N UNK X 184 -31.18 35.22 -18.12
CA UNK X 184 -30.69 36.59 -18.02
C UNK X 184 -31.48 37.51 -18.94
N UNK X 185 -31.77 37.07 -20.16
CA UNK X 185 -32.61 37.86 -21.03
C UNK X 185 -33.99 38.05 -20.41
N UNK X 186 -34.53 36.99 -19.81
CA UNK X 186 -35.84 37.05 -19.20
C UNK X 186 -35.90 38.12 -18.12
N UNK X 187 -35.22 37.88 -17.00
CA UNK X 187 -35.22 38.85 -15.91
C UNK X 187 -34.79 40.22 -16.41
N UNK X 188 -33.92 40.24 -17.42
CA UNK X 188 -33.54 41.49 -18.06
C UNK X 188 -34.78 42.25 -18.49
N UNK X 189 -35.54 41.68 -19.42
CA UNK X 189 -36.74 42.36 -19.87
C UNK X 189 -37.72 42.62 -18.74
N UNK X 190 -37.67 41.79 -17.70
CA UNK X 190 -38.66 41.86 -16.62
C UNK X 190 -38.73 43.22 -15.95
N UNK X 191 -37.73 43.56 -15.16
CA UNK X 191 -37.81 44.74 -14.31
C UNK X 191 -37.58 46.01 -15.11
N UNK X 192 -38.09 47.12 -14.58
CA UNK X 192 -37.91 48.43 -15.19
C UNK X 192 -36.72 49.20 -14.64
N UNK X 193 -36.10 48.72 -13.57
CA UNK X 193 -35.02 49.46 -12.93
C UNK X 193 -33.75 49.32 -13.75
N UNK X 194 -33.16 50.45 -14.13
CA UNK X 194 -31.87 50.47 -14.82
C UNK X 194 -31.89 49.56 -16.06
N UNK X 195 -32.51 49.94 -17.19
CA UNK X 195 -32.90 51.29 -17.65
C UNK X 195 -31.66 52.16 -17.84
N UNK X 196 -30.51 51.61 -17.47
CA UNK X 196 -29.24 52.32 -17.55
C UNK X 196 -28.14 51.32 -17.85
N UNK X 197 -27.19 51.77 -18.68
CA UNK X 197 -25.91 51.08 -18.93
C UNK X 197 -26.18 49.70 -19.54
N UNK X 198 -25.47 48.67 -19.09
CA UNK X 198 -25.45 47.37 -19.73
C UNK X 198 -25.43 46.29 -18.66
N UNK X 199 -25.57 45.05 -19.09
CA UNK X 199 -25.48 43.89 -18.19
C UNK X 199 -24.27 43.03 -18.58
N UNK X 200 -24.02 42.02 -17.76
CA UNK X 200 -23.00 41.02 -18.04
C UNK X 200 -23.24 39.79 -17.18
N UNK X 201 -22.66 38.67 -17.58
CA UNK X 201 -22.69 37.48 -16.74
C UNK X 201 -21.43 36.64 -16.91
N UNK X 202 -20.80 36.26 -15.80
CA UNK X 202 -19.76 35.21 -15.79
C UNK X 202 -20.00 34.29 -14.59
N UNK X 203 -20.39 33.04 -14.85
CA UNK X 203 -20.86 32.16 -13.78
C UNK X 203 -19.89 31.07 -13.33
N UNK X 204 -18.72 30.92 -13.94
CA UNK X 204 -18.09 29.58 -13.90
C UNK X 204 -17.47 29.13 -12.56
N UNK X 205 -16.44 29.77 -12.00
CA UNK X 205 -15.79 30.98 -12.51
C UNK X 205 -14.45 30.63 -13.15
N UNK X 206 -13.51 30.12 -12.37
CA UNK X 206 -12.13 29.98 -12.83
C UNK X 206 -11.93 28.59 -13.44
N UNK X 207 -11.78 28.56 -14.76
CA UNK X 207 -11.41 27.35 -15.49
C UNK X 207 -10.32 27.67 -16.51
N UNK X 208 -10.68 28.49 -17.48
CA UNK X 208 -9.81 28.99 -18.57
C UNK X 208 -9.27 27.81 -19.37
N UNK X 209 -8.01 27.87 -19.78
CA UNK X 209 -7.55 27.15 -20.97
C UNK X 209 -7.41 25.66 -20.74
N UNK X 210 -6.40 25.28 -19.97
CA UNK X 210 -6.14 23.87 -19.73
C UNK X 210 -7.39 23.16 -19.23
N UNK X 211 -8.25 23.88 -18.50
CA UNK X 211 -9.51 23.30 -18.06
C UNK X 211 -10.41 22.99 -19.26
N UNK X 212 -10.64 23.99 -20.11
CA UNK X 212 -11.41 23.76 -21.31
C UNK X 212 -10.89 22.54 -22.05
N UNK X 213 -9.58 22.44 -22.20
CA UNK X 213 -8.98 21.24 -22.74
C UNK X 213 -9.41 20.01 -21.96
N UNK X 214 -9.50 20.14 -20.64
CA UNK X 214 -9.68 18.97 -19.81
C UNK X 214 -11.08 18.42 -19.95
N UNK X 215 -12.08 19.16 -19.48
CA UNK X 215 -13.45 18.67 -19.60
C UNK X 215 -13.82 18.45 -21.06
N UNK X 216 -13.20 19.20 -21.96
CA UNK X 216 -13.31 18.88 -23.37
C UNK X 216 -12.95 17.42 -23.61
N UNK X 217 -11.77 17.02 -23.15
CA UNK X 217 -11.38 15.62 -23.29
C UNK X 217 -12.34 14.70 -22.56
N UNK X 218 -12.88 15.15 -21.43
CA UNK X 218 -13.90 14.39 -20.74
C UNK X 218 -15.01 14.00 -21.71
N UNK X 219 -15.67 15.01 -22.29
CA UNK X 219 -16.68 14.73 -23.29
C UNK X 219 -16.13 13.88 -24.43
N UNK X 220 -14.84 14.01 -24.73
CA UNK X 220 -14.28 13.28 -25.87
C UNK X 220 -14.43 11.78 -25.73
N UNK X 221 -14.81 11.32 -24.54
CA UNK X 221 -15.20 9.93 -24.37
C UNK X 221 -16.38 9.60 -25.28
N UNK X 222 -10.20 33.07 -38.00
CA UNK X 222 -10.96 34.06 -37.27
C UNK X 222 -10.19 34.53 -36.05
N UNK X 223 -9.41 33.63 -35.47
CA UNK X 223 -8.62 33.92 -34.28
C UNK X 223 -9.48 34.51 -33.16
N UNK X 224 -10.75 34.11 -33.13
CA UNK X 224 -11.68 34.68 -32.18
C UNK X 224 -11.32 34.37 -30.75
N UNK X 225 -10.33 33.52 -30.51
CA UNK X 225 -10.00 33.13 -29.16
C UNK X 225 -9.24 34.26 -28.48
N UNK X 226 -9.83 34.82 -27.43
CA UNK X 226 -9.18 35.83 -26.62
C UNK X 226 -8.28 35.18 -25.58
N UNK X 227 -7.27 35.93 -25.16
CA UNK X 227 -6.40 35.45 -24.09
C UNK X 227 -7.13 35.40 -22.76
N UNK X 228 -7.69 36.53 -22.33
CA UNK X 228 -8.39 36.59 -21.06
C UNK X 228 -9.31 37.80 -21.06
N UNK X 229 -10.23 37.83 -20.11
CA UNK X 229 -11.09 38.99 -19.92
C UNK X 229 -11.62 38.98 -18.49
N UNK X 230 -12.06 40.14 -18.04
CA UNK X 230 -12.67 40.36 -16.73
C UNK X 230 -13.05 41.83 -16.61
N UNK X 231 -13.93 42.11 -15.67
CA UNK X 231 -14.38 43.49 -15.42
C UNK X 231 -14.96 43.59 -14.03
N UNK X 232 -15.07 44.83 -13.54
CA UNK X 232 -15.82 45.10 -12.33
C UNK X 232 -17.22 45.47 -12.77
N UNK X 233 -18.16 44.56 -12.55
CA UNK X 233 -19.43 44.57 -13.24
C UNK X 233 -20.53 45.27 -12.48
N UNK X 234 -20.21 45.92 -11.36
CA UNK X 234 -21.21 46.41 -10.42
C UNK X 234 -22.36 47.10 -11.14
N UNK X 235 -22.04 47.87 -12.19
CA UNK X 235 -23.08 48.45 -13.02
C UNK X 235 -23.86 47.37 -13.78
N UNK X 236 -23.14 46.42 -14.36
CA UNK X 236 -23.80 45.41 -15.18
C UNK X 236 -24.50 44.38 -14.29
N UNK X 237 -23.72 43.50 -13.68
CA UNK X 237 -24.21 42.59 -12.66
C UNK X 237 -24.21 43.33 -11.32
N UNK X 238 -25.05 42.95 -10.36
CA UNK X 238 -26.07 41.90 -10.48
C UNK X 238 -27.28 42.35 -9.64
N UNK X 239 -28.54 42.30 -10.13
CA UNK X 239 -29.01 41.78 -11.42
C UNK X 239 -28.64 40.33 -11.60
N UNK X 240 -28.42 39.65 -10.49
CA UNK X 240 -28.14 38.23 -10.55
C UNK X 240 -29.40 37.51 -10.97
N UNK X 241 -29.27 36.63 -11.96
CA UNK X 241 -30.39 35.77 -12.28
C UNK X 241 -30.50 34.61 -11.31
N UNK X 242 -29.57 34.51 -10.37
CA UNK X 242 -29.62 33.55 -9.27
C UNK X 242 -29.50 32.11 -9.74
N UNK X 243 -29.50 31.91 -11.05
CA UNK X 243 -29.41 30.56 -11.59
C UNK X 243 -28.02 29.99 -11.37
N UNK X 244 -27.96 28.72 -11.02
CA UNK X 244 -26.69 28.05 -10.80
C UNK X 244 -26.06 27.65 -12.12
N UNK X 245 -24.74 27.64 -12.14
CA UNK X 245 -23.97 27.16 -13.28
C UNK X 245 -23.59 25.71 -13.03
N UNK X 246 -24.19 24.80 -13.79
CA UNK X 246 -23.85 23.40 -13.65
C UNK X 246 -22.39 23.18 -13.97
N UNK X 247 -21.84 22.09 -13.43
CA UNK X 247 -20.50 21.69 -13.83
C UNK X 247 -20.49 21.67 -15.34
N UNK X 248 -21.17 20.68 -15.92
CA UNK X 248 -21.76 20.83 -17.23
C UNK X 248 -23.11 20.13 -17.19
N UNK X 249 -24.18 20.89 -17.35
CA UNK X 249 -25.42 20.26 -17.75
C UNK X 249 -25.38 19.97 -19.24
N UNK X 250 -24.86 20.90 -20.02
CA UNK X 250 -24.68 20.77 -21.45
C UNK X 250 -23.71 19.64 -21.76
N UNK X 251 -23.14 19.04 -20.71
CA UNK X 251 -22.45 17.78 -20.88
C UNK X 251 -23.30 16.83 -21.70
N UNK X 252 -24.58 16.69 -21.33
CA UNK X 252 -25.50 15.96 -22.18
C UNK X 252 -25.50 16.54 -23.59
N UNK X 253 -25.70 17.86 -23.69
CA UNK X 253 -25.54 18.54 -24.96
C UNK X 253 -24.16 18.26 -25.55
N UNK X 254 -23.12 18.24 -24.72
CA UNK X 254 -21.81 17.85 -25.20
C UNK X 254 -21.85 16.44 -25.75
N UNK X 255 -22.46 15.52 -25.00
CA UNK X 255 -22.65 14.16 -25.47
C UNK X 255 -23.37 14.12 -26.80
N UNK X 256 -24.01 15.23 -27.19
CA UNK X 256 -24.55 15.37 -28.53
C UNK X 256 -23.52 14.95 -29.57
N UNK X 257 -22.40 15.65 -29.61
CA UNK X 257 -21.33 15.25 -30.53
C UNK X 257 -20.85 13.84 -30.22
N UNK X 258 -20.91 13.44 -28.96
CA UNK X 258 -20.53 12.09 -28.57
C UNK X 258 -21.63 11.12 -28.99
N UNK Y 1 -31.32 -55.28 -23.45
CA UNK Y 1 -32.41 -54.37 -23.78
C UNK Y 1 -32.47 -54.13 -25.28
N UNK Y 2 -31.41 -53.54 -25.84
CA UNK Y 2 -31.42 -53.23 -27.26
C UNK Y 2 -30.25 -53.87 -28.00
N UNK Y 3 -29.05 -53.30 -27.85
CA UNK Y 3 -27.95 -53.64 -28.74
C UNK Y 3 -28.43 -53.39 -30.16
N UNK Y 4 -28.58 -54.46 -30.93
CA UNK Y 4 -29.24 -54.41 -32.23
C UNK Y 4 -30.74 -54.35 -31.98
N UNK Y 5 -31.54 -54.74 -32.97
CA UNK Y 5 -32.95 -54.99 -32.71
C UNK Y 5 -33.64 -53.72 -32.27
N UNK Y 6 -33.97 -53.64 -30.97
CA UNK Y 6 -34.60 -52.44 -30.45
C UNK Y 6 -33.90 -51.19 -30.97
N UNK Y 7 -32.60 -51.27 -31.18
CA UNK Y 7 -31.86 -50.22 -31.87
C UNK Y 7 -31.72 -50.49 -33.36
N UNK Y 8 -32.34 -51.53 -33.89
CA UNK Y 8 -32.37 -51.74 -35.34
C UNK Y 8 -33.57 -51.23 -36.19
N UNK Y 9 -34.57 -50.49 -35.68
CA UNK Y 9 -34.83 -50.23 -34.28
C UNK Y 9 -36.13 -50.89 -33.94
N UNK Y 10 -36.05 -52.00 -33.21
CA UNK Y 10 -37.28 -52.67 -32.82
C UNK Y 10 -37.99 -51.96 -31.69
N UNK Y 11 -37.37 -50.94 -31.11
CA UNK Y 11 -37.96 -50.21 -30.00
C UNK Y 11 -38.86 -49.07 -30.45
N UNK Y 12 -39.06 -48.94 -31.77
CA UNK Y 12 -39.89 -47.84 -32.27
C UNK Y 12 -41.29 -47.91 -31.70
N UNK Y 13 -41.99 -49.02 -31.92
CA UNK Y 13 -43.38 -49.14 -31.48
C UNK Y 13 -43.51 -48.89 -29.98
N UNK Y 14 -42.43 -49.11 -29.23
CA UNK Y 14 -42.42 -48.69 -27.84
C UNK Y 14 -42.61 -47.19 -27.73
N UNK Y 15 -41.79 -46.42 -28.45
CA UNK Y 15 -42.05 -45.00 -28.55
C UNK Y 15 -43.48 -44.74 -29.00
N UNK Y 16 -44.01 -45.63 -29.84
CA UNK Y 16 -45.43 -45.54 -30.17
C UNK Y 16 -46.28 -46.06 -29.03
N UNK Y 17 -45.76 -46.98 -28.24
CA UNK Y 17 -46.52 -47.50 -27.12
C UNK Y 17 -46.60 -46.48 -25.99
N UNK Y 18 -47.76 -46.40 -25.34
CA UNK Y 18 -48.95 -47.07 -25.85
C UNK Y 18 -50.14 -46.12 -26.03
N UNK Y 19 -50.88 -45.83 -24.96
CA UNK Y 19 -52.06 -44.99 -25.09
C UNK Y 19 -52.15 -43.94 -23.99
N UNK Y 20 -52.45 -44.39 -22.78
CA UNK Y 20 -52.71 -43.48 -21.68
C UNK Y 20 -51.40 -42.93 -21.14
N UNK Y 21 -51.36 -41.63 -20.90
CA UNK Y 21 -50.16 -41.01 -20.39
C UNK Y 21 -49.76 -41.62 -19.06
N UNK Y 22 -48.52 -42.09 -19.00
CA UNK Y 22 -47.96 -42.57 -17.75
C UNK Y 22 -47.19 -41.49 -17.01
N UNK Y 23 -47.25 -40.25 -17.49
CA UNK Y 23 -46.51 -39.16 -16.83
C UNK Y 23 -46.78 -39.19 -15.34
N UNK Y 24 -45.73 -38.98 -14.56
CA UNK Y 24 -45.68 -39.58 -13.24
C UNK Y 24 -46.76 -38.99 -12.37
N UNK Y 25 -47.66 -39.84 -11.90
CA UNK Y 25 -48.91 -39.38 -11.31
C UNK Y 25 -49.16 -40.17 -10.04
N UNK Y 26 -49.25 -39.46 -8.92
CA UNK Y 26 -49.65 -40.08 -7.66
C UNK Y 26 -49.74 -38.99 -6.59
N UNK Y 27 -50.28 -39.39 -5.45
CA UNK Y 27 -50.71 -38.43 -4.45
C UNK Y 27 -49.52 -37.76 -3.78
N UNK Y 28 -49.81 -36.60 -3.20
CA UNK Y 28 -48.85 -35.79 -2.49
C UNK Y 28 -49.67 -34.92 -1.54
N UNK Y 29 -49.07 -33.87 -1.02
CA UNK Y 29 -49.69 -32.89 -0.15
C UNK Y 29 -49.59 -33.25 1.32
N UNK Y 30 -49.01 -34.39 1.68
CA UNK Y 30 -48.83 -34.74 3.09
C UNK Y 30 -48.06 -36.04 3.23
N UNK Y 31 -47.55 -36.24 4.44
CA UNK Y 31 -47.09 -37.52 4.95
C UNK Y 31 -48.25 -38.18 5.70
N UNK Y 32 -47.96 -39.20 6.51
CA UNK Y 32 -48.98 -39.78 7.38
C UNK Y 32 -50.13 -40.38 6.59
N UNK Y 33 -51.31 -39.75 6.68
CA UNK Y 33 -52.57 -40.38 6.30
C UNK Y 33 -52.46 -41.06 4.95
N UNK Y 34 -52.95 -42.29 4.90
CA UNK Y 34 -52.65 -43.19 3.80
C UNK Y 34 -53.25 -42.68 2.50
N UNK Y 35 -52.38 -42.50 1.51
CA UNK Y 35 -52.79 -42.26 0.13
C UNK Y 35 -52.95 -43.60 -0.59
N UNK Y 36 -51.88 -44.41 -0.57
CA UNK Y 36 -51.81 -45.64 -1.33
C UNK Y 36 -53.01 -46.55 -1.09
N UNK Y 37 -53.78 -46.29 -0.05
CA UNK Y 37 -55.08 -46.93 0.01
C UNK Y 37 -55.93 -46.27 -1.07
N UNK Y 38 -56.23 -44.98 -0.87
CA UNK Y 38 -56.95 -44.22 -1.89
C UNK Y 38 -56.24 -44.28 -3.22
N UNK Y 39 -54.97 -43.90 -3.22
CA UNK Y 39 -54.17 -43.96 -4.43
C UNK Y 39 -54.31 -45.32 -5.10
N UNK Y 40 -53.91 -46.38 -4.40
CA UNK Y 40 -53.97 -47.72 -4.96
C UNK Y 40 -55.33 -47.98 -5.58
N UNK Y 41 -56.40 -47.59 -4.91
CA UNK Y 41 -57.71 -47.69 -5.51
C UNK Y 41 -57.73 -46.98 -6.86
N UNK Y 42 -57.24 -45.74 -6.89
CA UNK Y 42 -57.15 -45.04 -8.14
C UNK Y 42 -56.34 -45.80 -9.17
N UNK Y 43 -55.42 -46.64 -8.73
CA UNK Y 43 -54.68 -47.47 -9.67
C UNK Y 43 -55.56 -48.60 -10.19
N UNK Y 44 -56.38 -49.16 -9.31
CA UNK Y 44 -57.37 -50.13 -9.76
C UNK Y 44 -58.23 -49.52 -10.86
N UNK Y 45 -58.50 -48.22 -10.74
CA UNK Y 45 -59.03 -47.52 -11.90
C UNK Y 45 -58.00 -47.47 -13.01
N UNK Y 46 -56.74 -47.29 -12.65
CA UNK Y 46 -55.72 -46.87 -13.62
C UNK Y 46 -55.14 -48.03 -14.42
N UNK Y 47 -54.88 -49.17 -13.80
CA UNK Y 47 -54.03 -50.20 -14.41
C UNK Y 47 -52.61 -49.66 -14.62
N UNK Y 48 -51.90 -49.56 -13.51
CA UNK Y 48 -50.75 -48.68 -13.39
C UNK Y 48 -49.71 -49.32 -12.49
N UNK Y 49 -48.80 -48.49 -11.98
CA UNK Y 49 -47.58 -48.81 -11.24
C UNK Y 49 -47.82 -49.18 -9.78
N UNK Y 50 -49.05 -49.53 -9.42
CA UNK Y 50 -49.56 -49.54 -8.04
C UNK Y 50 -48.65 -50.21 -7.03
N UNK Y 51 -47.53 -50.77 -7.48
CA UNK Y 51 -46.56 -51.33 -6.56
C UNK Y 51 -46.31 -50.36 -5.42
N UNK Y 52 -46.26 -50.92 -4.22
CA UNK Y 52 -46.42 -50.14 -3.00
C UNK Y 52 -45.28 -49.15 -2.83
N UNK Y 53 -45.51 -48.18 -1.94
CA UNK Y 53 -44.50 -47.18 -1.64
C UNK Y 53 -43.35 -47.83 -0.88
N UNK Y 54 -42.40 -47.00 -0.48
CA UNK Y 54 -41.08 -47.50 -0.13
C UNK Y 54 -41.08 -48.19 1.23
N UNK Y 55 -39.91 -48.72 1.57
CA UNK Y 55 -39.56 -49.32 2.85
C UNK Y 55 -38.04 -49.38 2.85
N UNK Y 56 -37.45 -50.03 3.85
CA UNK Y 56 -36.02 -50.21 3.68
C UNK Y 56 -35.94 -51.38 2.75
N UNK Y 57 -35.94 -52.58 3.30
CA UNK Y 57 -36.91 -53.61 2.96
C UNK Y 57 -37.19 -53.89 1.48
N UNK Y 58 -36.80 -52.99 0.57
CA UNK Y 58 -37.65 -52.82 -0.60
C UNK Y 58 -37.18 -53.54 -1.85
N UNK Y 59 -36.19 -52.98 -2.54
CA UNK Y 59 -35.67 -53.67 -3.70
C UNK Y 59 -35.08 -55.00 -3.29
N UNK Y 60 -34.59 -55.08 -2.05
CA UNK Y 60 -34.25 -56.37 -1.48
C UNK Y 60 -35.43 -57.33 -1.61
N UNK Y 61 -36.59 -56.93 -1.11
CA UNK Y 61 -37.77 -57.77 -1.26
C UNK Y 61 -38.00 -58.11 -2.73
N UNK Y 62 -37.81 -57.12 -3.60
CA UNK Y 62 -37.74 -57.45 -5.01
C UNK Y 62 -36.61 -58.46 -5.20
N UNK Y 63 -35.37 -57.99 -5.12
CA UNK Y 63 -34.27 -58.92 -5.13
C UNK Y 63 -33.10 -58.44 -4.26
N UNK Y 64 -32.56 -59.27 -3.37
CA UNK Y 64 -33.15 -60.51 -2.86
C UNK Y 64 -33.66 -61.58 -3.81
N UNK Y 65 -34.80 -62.14 -3.48
CA UNK Y 65 -35.43 -63.09 -4.38
C UNK Y 65 -36.90 -62.72 -4.65
N UNK Y 66 -37.86 -62.80 -3.72
CA UNK Y 66 -37.79 -63.15 -2.28
C UNK Y 66 -37.09 -62.25 -1.28
N UNK Y 67 -36.29 -62.87 -0.41
CA UNK Y 67 -35.70 -62.17 0.75
C UNK Y 67 -36.88 -61.60 1.60
N UNK Y 68 -36.93 -60.39 2.20
CA UNK Y 68 -35.91 -59.34 2.34
C UNK Y 68 -35.17 -59.34 3.67
N UNK Y 69 -35.48 -60.30 4.53
CA UNK Y 69 -35.03 -60.21 5.91
C UNK Y 69 -33.51 -60.42 5.99
N UNK Y 70 -32.82 -59.43 6.57
CA UNK Y 70 -31.41 -59.50 6.93
C UNK Y 70 -31.00 -58.15 7.49
N UNK Y 71 -29.90 -58.16 8.25
CA UNK Y 71 -29.25 -56.91 8.61
C UNK Y 71 -27.76 -57.01 8.31
N UNK Y 72 -27.20 -56.34 7.30
CA UNK Y 72 -27.79 -55.78 6.06
C UNK Y 72 -28.41 -54.36 5.95
N UNK Y 73 -28.40 -53.48 6.96
CA UNK Y 73 -28.05 -53.69 8.34
C UNK Y 73 -29.10 -53.01 9.23
N UNK Y 74 -29.31 -51.68 9.16
CA UNK Y 74 -28.67 -50.74 8.22
C UNK Y 74 -28.08 -49.49 8.92
N UNK Y 75 -28.85 -48.67 9.63
CA UNK Y 75 -30.27 -48.87 9.95
C UNK Y 75 -30.67 -47.77 10.92
N UNK Y 76 -31.95 -47.72 11.30
CA UNK Y 76 -32.33 -46.88 12.44
C UNK Y 76 -33.21 -47.63 13.47
N UNK Y 77 -34.46 -48.07 13.21
CA UNK Y 77 -35.33 -47.73 12.10
C UNK Y 77 -35.97 -46.39 12.39
N UNK Y 78 -36.45 -45.71 11.35
CA UNK Y 78 -36.98 -44.36 11.49
C UNK Y 78 -37.97 -44.30 12.64
N UNK Y 79 -38.97 -45.17 12.59
CA UNK Y 79 -39.75 -45.48 13.76
C UNK Y 79 -38.78 -45.75 14.90
N UNK Y 80 -38.07 -46.87 14.81
CA UNK Y 80 -37.26 -47.34 15.94
C UNK Y 80 -36.35 -46.24 16.45
N UNK Y 81 -35.31 -45.90 15.67
CA UNK Y 81 -34.41 -44.86 16.15
C UNK Y 81 -35.08 -43.50 16.03
N UNK Y 82 -35.28 -43.02 14.80
CA UNK Y 82 -35.71 -41.64 14.59
C UNK Y 82 -36.87 -41.30 15.48
N UNK Y 83 -37.91 -42.13 15.46
CA UNK Y 83 -39.01 -41.94 16.38
C UNK Y 83 -38.52 -42.06 17.82
N UNK Y 84 -37.86 -43.16 18.14
CA UNK Y 84 -37.31 -43.33 19.48
C UNK Y 84 -36.35 -42.18 19.78
N UNK Y 85 -35.20 -42.20 19.13
CA UNK Y 85 -34.18 -41.18 19.35
C UNK Y 85 -34.18 -40.27 18.13
N UNK Y 86 -34.61 -39.04 18.31
CA UNK Y 86 -34.45 -38.02 17.30
C UNK Y 86 -33.36 -37.08 17.77
N UNK Y 87 -32.59 -36.54 16.82
CA UNK Y 87 -31.48 -35.64 17.14
C UNK Y 87 -30.55 -36.27 18.16
N UNK Y 88 -30.41 -37.59 18.09
CA UNK Y 88 -29.52 -38.34 18.97
C UNK Y 88 -28.52 -39.10 18.10
N UNK Y 89 -27.25 -38.74 18.21
CA UNK Y 89 -26.20 -39.37 17.42
C UNK Y 89 -26.08 -40.86 17.75
N UNK Y 90 -25.89 -41.73 16.76
CA UNK Y 90 -25.66 -41.40 15.35
C UNK Y 90 -26.00 -42.67 14.57
N UNK Y 91 -25.76 -42.77 13.26
CA UNK Y 91 -25.72 -41.69 12.27
C UNK Y 91 -27.06 -41.75 11.57
N UNK Y 92 -27.93 -42.58 12.13
CA UNK Y 92 -29.01 -43.24 11.41
C UNK Y 92 -29.92 -42.29 10.65
N UNK Y 93 -29.80 -40.99 10.89
CA UNK Y 93 -30.67 -40.06 10.20
C UNK Y 93 -30.27 -40.01 8.73
N UNK Y 94 -29.07 -39.48 8.47
CA UNK Y 94 -28.57 -39.46 7.10
C UNK Y 94 -28.63 -40.85 6.49
N UNK Y 95 -28.56 -41.88 7.32
CA UNK Y 95 -28.80 -43.22 6.83
C UNK Y 95 -30.20 -43.33 6.23
N UNK Y 96 -31.21 -42.98 7.02
CA UNK Y 96 -32.57 -42.97 6.51
C UNK Y 96 -32.63 -42.24 5.19
N UNK Y 97 -31.93 -41.11 5.11
CA UNK Y 97 -31.77 -40.46 3.82
C UNK Y 97 -31.27 -41.44 2.79
N UNK Y 98 -30.20 -42.17 3.12
CA UNK Y 98 -29.56 -43.04 2.16
C UNK Y 98 -30.53 -44.07 1.62
N UNK Y 99 -30.97 -44.98 2.49
CA UNK Y 99 -31.88 -46.02 2.04
C UNK Y 99 -33.08 -45.43 1.34
N UNK Y 100 -33.51 -44.23 1.76
CA UNK Y 100 -34.60 -43.56 1.07
C UNK Y 100 -34.26 -43.34 -0.39
N UNK Y 101 -33.23 -42.54 -0.64
CA UNK Y 101 -32.84 -42.24 -2.01
C UNK Y 101 -32.67 -43.51 -2.81
N UNK Y 102 -32.04 -44.51 -2.20
CA UNK Y 102 -31.94 -45.81 -2.84
C UNK Y 102 -33.32 -46.28 -3.27
N UNK Y 103 -34.26 -46.24 -2.34
CA UNK Y 103 -35.61 -46.70 -2.62
C UNK Y 103 -36.16 -45.99 -3.84
N UNK Y 104 -36.30 -44.67 -3.74
CA UNK Y 104 -36.84 -43.89 -4.85
C UNK Y 104 -36.14 -44.22 -6.15
N UNK Y 105 -34.82 -44.45 -6.08
CA UNK Y 105 -34.10 -44.91 -7.25
C UNK Y 105 -34.75 -46.17 -7.80
N UNK Y 106 -34.96 -47.16 -6.94
CA UNK Y 106 -35.63 -48.38 -7.38
C UNK Y 106 -37.00 -48.06 -7.96
N UNK Y 107 -37.71 -47.13 -7.33
CA UNK Y 107 -39.04 -46.75 -7.77
C UNK Y 107 -39.02 -46.24 -9.20
N UNK Y 108 -38.50 -45.03 -9.39
CA UNK Y 108 -38.58 -44.41 -10.70
C UNK Y 108 -37.84 -45.22 -11.74
N UNK Y 109 -36.69 -45.77 -11.37
CA UNK Y 109 -35.92 -46.61 -12.26
C UNK Y 109 -36.70 -47.84 -12.69
N UNK Y 110 -36.88 -48.77 -11.76
CA UNK Y 110 -37.50 -50.05 -12.09
C UNK Y 110 -38.86 -49.85 -12.70
N UNK Y 111 -39.73 -49.14 -11.98
CA UNK Y 111 -41.04 -48.83 -12.49
C UNK Y 111 -40.97 -48.09 -13.83
N UNK Y 112 -39.86 -47.41 -14.10
CA UNK Y 112 -39.72 -46.79 -15.41
C UNK Y 112 -39.51 -47.85 -16.48
N UNK Y 113 -38.62 -48.80 -16.23
CA UNK Y 113 -38.47 -49.93 -17.13
C UNK Y 113 -39.83 -50.56 -17.39
N UNK Y 114 -40.59 -50.77 -16.31
CA UNK Y 114 -41.99 -51.09 -16.49
C UNK Y 114 -42.67 -50.05 -17.35
N UNK Y 115 -42.16 -48.83 -17.35
CA UNK Y 115 -42.59 -47.90 -18.35
C UNK Y 115 -41.50 -47.02 -18.90
N UNK Y 116 -41.13 -47.14 -20.17
CA UNK Y 116 -40.97 -48.35 -20.99
C UNK Y 116 -41.95 -49.51 -20.95
N UNK Y 117 -41.42 -50.70 -21.21
CA UNK Y 117 -42.14 -51.97 -21.13
C UNK Y 117 -43.43 -51.99 -21.95
N UNK Y 118 -43.84 -50.84 -22.49
CA UNK Y 118 -45.12 -50.56 -23.13
C UNK Y 118 -46.28 -50.50 -22.15
N UNK Y 119 -46.03 -50.73 -20.86
CA UNK Y 119 -47.14 -50.87 -19.90
C UNK Y 119 -47.85 -49.54 -19.69
N UNK Y 120 -47.10 -48.48 -19.39
CA UNK Y 120 -47.63 -47.13 -19.22
C UNK Y 120 -48.64 -47.05 -18.07
N UNK Y 121 -48.11 -47.25 -16.86
CA UNK Y 121 -48.81 -46.85 -15.65
C UNK Y 121 -47.79 -46.38 -14.63
N UNK Y 122 -47.98 -45.20 -14.06
CA UNK Y 122 -47.07 -44.69 -13.03
C UNK Y 122 -47.86 -44.10 -11.88
N UNK Y 123 -47.80 -44.76 -10.71
CA UNK Y 123 -48.31 -44.16 -9.50
C UNK Y 123 -47.44 -44.58 -8.32
N UNK Y 124 -46.91 -43.60 -7.58
CA UNK Y 124 -46.24 -43.89 -6.33
C UNK Y 124 -46.13 -42.62 -5.49
N UNK Y 125 -45.91 -42.82 -4.20
CA UNK Y 125 -45.69 -41.69 -3.31
C UNK Y 125 -44.41 -40.96 -3.71
N UNK Y 126 -44.31 -39.72 -3.24
CA UNK Y 126 -43.29 -38.80 -3.75
C UNK Y 126 -41.90 -39.42 -3.67
N UNK Y 127 -41.06 -39.05 -4.63
CA UNK Y 127 -39.69 -39.56 -4.70
C UNK Y 127 -38.72 -38.40 -4.68
N UNK Y 128 -38.63 -37.61 -5.75
CA UNK Y 128 -37.84 -36.38 -5.70
C UNK Y 128 -38.37 -35.47 -4.60
N UNK Y 129 -39.67 -35.18 -4.67
CA UNK Y 129 -40.31 -34.44 -3.59
C UNK Y 129 -40.02 -35.08 -2.26
N UNK Y 130 -39.97 -36.41 -2.22
CA UNK Y 130 -39.58 -37.08 -0.99
C UNK Y 130 -38.21 -36.61 -0.53
N UNK Y 131 -37.26 -36.55 -1.46
CA UNK Y 131 -35.91 -36.13 -1.12
C UNK Y 131 -35.94 -34.74 -0.48
N UNK Y 132 -36.46 -33.77 -1.22
CA UNK Y 132 -36.55 -32.42 -0.65
C UNK Y 132 -37.25 -32.45 0.69
N UNK Y 133 -38.21 -33.34 0.84
CA UNK Y 133 -39.09 -33.33 2.00
C UNK Y 133 -38.36 -33.81 3.23
N UNK Y 134 -38.04 -35.11 3.29
CA UNK Y 134 -37.31 -35.63 4.43
C UNK Y 134 -36.05 -34.82 4.69
N UNK Y 135 -35.45 -34.31 3.62
CA UNK Y 135 -34.35 -33.36 3.75
C UNK Y 135 -34.73 -32.25 4.72
N UNK Y 136 -35.67 -31.41 4.30
CA UNK Y 136 -36.09 -30.31 5.17
C UNK Y 136 -36.60 -30.81 6.50
N UNK Y 137 -36.99 -32.08 6.59
CA UNK Y 137 -37.48 -32.63 7.84
C UNK Y 137 -36.36 -32.73 8.86
N UNK Y 138 -35.28 -33.42 8.49
CA UNK Y 138 -34.14 -33.44 9.38
C UNK Y 138 -33.59 -32.04 9.60
N UNK Y 139 -33.74 -31.17 8.59
CA UNK Y 139 -33.28 -29.80 8.73
C UNK Y 139 -34.01 -29.10 9.87
N UNK Y 140 -35.33 -29.04 9.78
CA UNK Y 140 -36.11 -28.34 10.79
C UNK Y 140 -35.99 -29.03 12.14
N UNK Y 141 -36.18 -30.35 12.15
CA UNK Y 141 -36.10 -31.10 13.40
C UNK Y 141 -34.71 -31.08 14.01
N UNK Y 142 -33.72 -30.52 13.31
CA UNK Y 142 -32.35 -30.42 13.75
C UNK Y 142 -31.63 -31.75 13.62
N UNK Y 143 -32.32 -32.82 13.24
CA UNK Y 143 -31.64 -34.08 12.99
C UNK Y 143 -30.52 -33.91 11.99
N UNK Y 144 -30.69 -32.98 11.05
CA UNK Y 144 -29.67 -32.74 10.05
C UNK Y 144 -28.42 -32.12 10.70
N UNK Y 145 -27.32 -32.20 9.97
CA UNK Y 145 -26.12 -31.44 10.25
C UNK Y 145 -25.79 -30.57 9.04
N UNK Y 146 -25.26 -29.37 9.29
CA UNK Y 146 -24.81 -28.53 8.19
C UNK Y 146 -23.92 -29.34 7.26
N UNK Y 147 -23.00 -30.09 7.84
CA UNK Y 147 -22.29 -31.10 7.07
C UNK Y 147 -23.29 -32.00 6.35
N UNK Y 148 -24.10 -32.73 7.11
CA UNK Y 148 -25.08 -33.61 6.51
C UNK Y 148 -25.93 -32.87 5.49
N UNK Y 149 -26.24 -31.61 5.78
CA UNK Y 149 -26.88 -30.78 4.77
C UNK Y 149 -26.08 -30.80 3.49
N UNK Y 150 -24.75 -30.73 3.59
CA UNK Y 150 -23.94 -30.85 2.38
C UNK Y 150 -24.04 -32.24 1.79
N UNK Y 151 -24.33 -33.24 2.61
CA UNK Y 151 -24.40 -34.60 2.09
C UNK Y 151 -25.63 -34.71 1.22
N UNK Y 152 -26.80 -34.61 1.84
CA UNK Y 152 -28.05 -34.61 1.09
C UNK Y 152 -28.00 -33.59 -0.02
N UNK Y 153 -27.21 -32.53 0.14
CA UNK Y 153 -26.99 -31.58 -0.92
C UNK Y 153 -26.40 -32.28 -2.13
N UNK Y 154 -25.13 -32.69 -2.04
CA UNK Y 154 -24.46 -33.27 -3.20
C UNK Y 154 -25.24 -34.45 -3.75
N UNK Y 155 -25.68 -35.33 -2.85
CA UNK Y 155 -26.54 -36.43 -3.22
C UNK Y 155 -27.70 -35.93 -4.07
N UNK Y 156 -28.33 -34.84 -3.65
CA UNK Y 156 -29.41 -34.28 -4.43
C UNK Y 156 -28.90 -33.77 -5.78
N UNK Y 157 -27.70 -33.21 -5.81
CA UNK Y 157 -27.16 -32.69 -7.06
C UNK Y 157 -27.11 -33.78 -8.11
N UNK Y 158 -26.32 -34.82 -7.87
CA UNK Y 158 -26.26 -35.88 -8.86
C UNK Y 158 -27.62 -36.56 -9.01
N UNK Y 159 -28.39 -36.60 -7.94
CA UNK Y 159 -29.70 -37.25 -7.97
C UNK Y 159 -30.56 -36.62 -9.05
N UNK Y 160 -30.77 -35.31 -8.95
CA UNK Y 160 -31.47 -34.60 -10.02
C UNK Y 160 -30.74 -34.79 -11.35
N UNK Y 161 -29.41 -34.82 -11.30
CA UNK Y 161 -28.66 -35.03 -12.53
C UNK Y 161 -29.06 -36.31 -13.22
N UNK Y 162 -29.65 -37.26 -12.49
CA UNK Y 162 -30.08 -38.50 -13.12
C UNK Y 162 -31.02 -38.23 -14.28
N UNK Y 163 -32.26 -37.85 -13.99
CA UNK Y 163 -33.26 -37.78 -15.05
C UNK Y 163 -34.63 -37.35 -14.55
N UNK Y 164 -35.53 -37.19 -15.51
CA UNK Y 164 -36.97 -37.06 -15.32
C UNK Y 164 -37.45 -36.94 -16.75
N UNK Y 165 -38.70 -37.29 -17.10
CA UNK Y 165 -39.73 -37.91 -16.29
C UNK Y 165 -40.26 -37.04 -15.17
N UNK Y 166 -40.13 -37.51 -13.93
CA UNK Y 166 -41.27 -37.50 -13.01
C UNK Y 166 -42.01 -36.18 -13.04
N UNK Y 167 -43.28 -36.27 -13.46
CA UNK Y 167 -44.12 -35.10 -13.65
C UNK Y 167 -45.58 -35.50 -13.76
N UNK Y 168 -46.47 -34.54 -13.57
CA UNK Y 168 -47.92 -34.71 -13.69
C UNK Y 168 -48.46 -35.68 -12.63
N UNK Y 169 -48.09 -35.40 -11.39
CA UNK Y 169 -48.59 -36.16 -10.25
C UNK Y 169 -49.74 -35.41 -9.57
N UNK Y 170 -50.17 -35.90 -8.41
CA UNK Y 170 -51.27 -35.31 -7.67
C UNK Y 170 -50.85 -35.01 -6.25
N UNK Y 171 -51.67 -34.20 -5.57
CA UNK Y 171 -51.38 -33.78 -4.21
C UNK Y 171 -52.66 -33.75 -3.40
N UNK Y 172 -52.59 -34.30 -2.19
CA UNK Y 172 -53.70 -34.28 -1.24
C UNK Y 172 -53.18 -33.73 0.07
N UNK Y 173 -53.67 -32.58 0.48
CA UNK Y 173 -53.18 -31.91 1.67
C UNK Y 173 -54.17 -32.10 2.80
N UNK Y 174 -53.79 -32.92 3.78
CA UNK Y 174 -54.62 -33.09 4.97
C UNK Y 174 -54.45 -31.88 5.89
N UNK Y 175 -55.07 -31.94 7.05
CA UNK Y 175 -55.00 -30.84 7.99
C UNK Y 175 -54.24 -31.28 9.23
N UNK Y 176 -52.99 -30.82 9.32
CA UNK Y 176 -52.31 -30.53 10.57
C UNK Y 176 -52.53 -31.54 11.69
N UNK Y 177 -52.80 -31.00 12.87
CA UNK Y 177 -52.99 -31.85 14.04
C UNK Y 177 -54.21 -32.71 13.93
N UNK Y 178 -55.16 -32.36 13.06
CA UNK Y 178 -56.26 -33.28 12.78
C UNK Y 178 -55.71 -34.55 12.16
N UNK Y 179 -54.89 -34.40 11.12
CA UNK Y 179 -54.17 -35.55 10.60
C UNK Y 179 -53.39 -36.23 11.71
N UNK Y 180 -52.82 -35.45 12.63
CA UNK Y 180 -52.14 -36.06 13.76
C UNK Y 180 -53.08 -36.94 14.56
N UNK Y 181 -54.35 -36.53 14.65
CA UNK Y 181 -55.32 -37.37 15.33
C UNK Y 181 -55.59 -38.63 14.53
N UNK Y 182 -55.66 -38.51 13.21
CA UNK Y 182 -55.77 -39.70 12.38
C UNK Y 182 -54.64 -40.67 12.69
N UNK Y 183 -53.43 -40.15 12.84
CA UNK Y 183 -52.31 -40.97 13.28
C UNK Y 183 -52.61 -41.62 14.62
N UNK Y 184 -52.75 -40.81 15.66
CA UNK Y 184 -52.93 -41.33 17.00
C UNK Y 184 -54.06 -42.34 17.07
N UNK Y 185 -55.02 -42.23 16.15
CA UNK Y 185 -56.09 -43.23 16.07
C UNK Y 185 -55.51 -44.63 15.96
N UNK Y 186 -54.43 -44.79 15.20
CA UNK Y 186 -53.67 -46.02 15.20
C UNK Y 186 -52.56 -45.91 16.22
N UNK Y 187 -52.29 -47.01 16.92
CA UNK Y 187 -51.27 -46.98 17.97
C UNK Y 187 -49.86 -47.03 17.40
N UNK Y 188 -49.60 -47.96 16.49
CA UNK Y 188 -48.29 -48.12 15.86
C UNK Y 188 -47.17 -48.07 16.89
N UNK Y 189 -47.13 -49.10 17.73
CA UNK Y 189 -46.13 -49.19 18.77
C UNK Y 189 -44.74 -49.07 18.17
N UNK Y 190 -43.81 -48.53 18.95
CA UNK Y 190 -42.46 -48.29 18.45
C UNK Y 190 -42.56 -47.34 17.26
N UNK Y 191 -42.69 -46.04 17.56
CA UNK Y 191 -43.32 -44.97 16.77
C UNK Y 191 -44.75 -44.75 17.22
N UNK Y 192 -45.23 -45.55 18.17
CA UNK Y 192 -46.22 -44.99 19.07
C UNK Y 192 -45.60 -43.82 19.82
N UNK Y 193 -44.28 -43.84 19.96
CA UNK Y 193 -43.53 -42.77 20.60
C UNK Y 193 -43.46 -41.54 19.71
N UNK Y 194 -44.01 -41.63 18.51
CA UNK Y 194 -43.88 -40.57 17.52
C UNK Y 194 -44.29 -39.23 18.11
N UNK Y 195 -43.53 -38.19 17.76
CA UNK Y 195 -43.73 -36.85 18.28
C UNK Y 195 -44.31 -35.97 17.17
N UNK Y 196 -45.54 -35.51 17.36
CA UNK Y 196 -46.25 -34.76 16.36
C UNK Y 196 -45.77 -33.32 16.20
N UNK Y 197 -44.82 -32.87 17.01
CA UNK Y 197 -44.49 -31.44 17.01
C UNK Y 197 -43.57 -31.09 15.85
N UNK Y 198 -42.30 -31.48 15.96
CA UNK Y 198 -41.38 -31.23 14.86
C UNK Y 198 -41.78 -32.01 13.62
N UNK Y 199 -42.46 -33.14 13.81
CA UNK Y 199 -43.05 -33.80 12.66
C UNK Y 199 -44.21 -33.00 12.10
N UNK Y 200 -44.85 -32.21 12.97
CA UNK Y 200 -46.00 -31.43 12.55
C UNK Y 200 -45.51 -30.28 11.69
N UNK Y 201 -44.79 -29.35 12.32
CA UNK Y 201 -44.18 -28.27 11.58
C UNK Y 201 -43.42 -28.80 10.38
N UNK Y 202 -42.72 -29.92 10.57
CA UNK Y 202 -42.07 -30.59 9.47
C UNK Y 202 -43.06 -30.86 8.35
N UNK Y 203 -44.28 -31.24 8.71
CA UNK Y 203 -45.29 -31.43 7.69
C UNK Y 203 -45.75 -30.11 7.12
N UNK Y 204 -45.70 -29.03 7.90
CA UNK Y 204 -46.20 -27.74 7.43
C UNK Y 204 -45.27 -27.14 6.39
N UNK Y 205 -44.00 -26.97 6.75
CA UNK Y 205 -43.02 -26.57 5.76
C UNK Y 205 -42.97 -27.59 4.64
N UNK Y 206 -43.11 -28.87 5.00
CA UNK Y 206 -43.20 -29.90 3.98
C UNK Y 206 -44.26 -29.54 2.96
N UNK Y 207 -45.39 -29.04 3.42
CA UNK Y 207 -46.41 -28.52 2.53
C UNK Y 207 -45.85 -27.38 1.71
N UNK Y 208 -45.54 -26.26 2.38
CA UNK Y 208 -45.23 -25.03 1.66
C UNK Y 208 -44.16 -25.25 0.60
N UNK Y 209 -43.01 -25.76 1.03
CA UNK Y 209 -41.94 -26.00 0.09
C UNK Y 209 -42.27 -27.14 -0.86
N UNK Y 210 -43.12 -28.08 -0.42
CA UNK Y 210 -43.48 -29.20 -1.28
C UNK Y 210 -44.18 -28.71 -2.53
N UNK Y 211 -45.29 -27.97 -2.35
CA UNK Y 211 -45.96 -27.39 -3.50
C UNK Y 211 -45.07 -26.39 -4.20
N UNK Y 212 -44.20 -25.70 -3.43
CA UNK Y 212 -43.19 -24.87 -4.06
C UNK Y 212 -42.35 -25.67 -5.03
N UNK Y 213 -42.20 -26.97 -4.79
CA UNK Y 213 -41.54 -27.82 -5.78
C UNK Y 213 -42.52 -28.22 -6.87
N UNK Y 214 -43.74 -28.57 -6.49
CA UNK Y 214 -44.79 -28.76 -7.46
C UNK Y 214 -44.94 -27.52 -8.32
N UNK Y 215 -44.58 -26.36 -7.77
CA UNK Y 215 -44.54 -25.15 -8.57
C UNK Y 215 -43.65 -25.38 -9.79
N UNK Y 216 -44.15 -24.92 -10.95
CA UNK Y 216 -43.49 -25.05 -12.23
C UNK Y 216 -43.45 -26.50 -12.69
N UNK Y 217 -43.75 -27.43 -11.78
CA UNK Y 217 -43.84 -28.82 -12.19
C UNK Y 217 -45.13 -29.04 -12.95
N UNK Y 218 -45.33 -30.26 -13.42
CA UNK Y 218 -46.49 -30.61 -14.24
C UNK Y 218 -47.62 -31.25 -13.45
N UNK Y 219 -47.43 -31.46 -12.15
CA UNK Y 219 -48.45 -32.14 -11.34
C UNK Y 219 -49.79 -31.43 -11.40
N UNK Y 220 -49.86 -30.25 -10.77
CA UNK Y 220 -51.03 -29.38 -10.87
C UNK Y 220 -52.32 -30.10 -10.49
N UNK Y 221 -52.22 -31.12 -9.63
CA UNK Y 221 -53.39 -31.92 -9.28
C UNK Y 221 -53.60 -31.82 -7.78
N UNK Y 222 -54.70 -31.20 -7.39
CA UNK Y 222 -54.97 -30.83 -6.01
C UNK Y 222 -55.98 -31.79 -5.38
N UNK Y 223 -55.76 -32.05 -4.09
CA UNK Y 223 -56.72 -32.74 -3.24
C UNK Y 223 -56.38 -32.32 -1.82
N UNK Y 224 -57.32 -32.53 -0.91
CA UNK Y 224 -57.14 -31.98 0.43
C UNK Y 224 -58.18 -32.60 1.34
N UNK Y 225 -58.28 -32.03 2.55
CA UNK Y 225 -59.33 -32.35 3.50
C UNK Y 225 -60.72 -32.13 2.93
N UNK Y 226 -60.82 -31.52 1.75
CA UNK Y 226 -62.04 -31.60 0.94
C UNK Y 226 -62.13 -32.96 0.26
N UNK Y 227 -61.14 -33.26 -0.59
CA UNK Y 227 -61.06 -34.61 -1.16
C UNK Y 227 -61.06 -35.65 -0.05
N UNK Y 228 -60.20 -35.48 0.95
CA UNK Y 228 -60.28 -36.36 2.11
C UNK Y 228 -61.66 -36.30 2.74
N UNK Y 229 -62.24 -35.10 2.83
CA UNK Y 229 -63.62 -34.96 3.27
C UNK Y 229 -64.59 -35.42 2.21
N UNK Y 230 -64.12 -35.56 0.97
CA UNK Y 230 -64.80 -36.31 -0.08
C UNK Y 230 -64.43 -37.78 -0.03
N UNK Y 231 -63.75 -38.20 1.03
CA UNK Y 231 -63.15 -39.52 1.15
C UNK Y 231 -62.10 -39.70 0.05
N UNK Y 232 -61.07 -38.88 0.18
CA UNK Y 232 -60.02 -38.82 -0.81
C UNK Y 232 -60.63 -38.64 -2.19
N UNK Y 233 -60.34 -39.56 -3.10
CA UNK Y 233 -60.80 -39.40 -4.47
C UNK Y 233 -62.29 -39.60 -4.59
N UNK Y 234 -62.77 -40.77 -4.18
CA UNK Y 234 -64.12 -41.21 -4.46
C UNK Y 234 -64.38 -40.92 -5.93
N UNK Y 235 -65.50 -40.31 -6.30
CA UNK Y 235 -65.77 -40.12 -7.70
C UNK Y 235 -64.96 -38.95 -8.22
N UNK Y 236 -65.36 -37.72 -7.91
CA UNK Y 236 -64.93 -36.55 -8.68
C UNK Y 236 -63.43 -36.58 -8.99
N UNK Y 237 -62.63 -37.08 -8.06
CA UNK Y 237 -61.23 -37.32 -8.38
C UNK Y 237 -61.05 -38.64 -9.12
N UNK Y 238 -61.78 -39.69 -8.74
CA UNK Y 238 -61.72 -40.93 -9.51
C UNK Y 238 -62.09 -40.68 -10.97
N UNK Y 239 -63.30 -40.15 -11.19
CA UNK Y 239 -63.64 -39.53 -12.46
C UNK Y 239 -62.55 -38.61 -12.92
N UNK Y 240 -61.93 -37.89 -12.01
CA UNK Y 240 -60.94 -36.90 -12.40
C UNK Y 240 -59.64 -37.54 -12.78
N UNK Y 241 -59.61 -38.87 -12.85
CA UNK Y 241 -58.75 -39.51 -13.82
C UNK Y 241 -59.18 -39.14 -15.23
N UNK Y 242 -60.49 -39.13 -15.49
CA UNK Y 242 -61.00 -38.72 -16.79
C UNK Y 242 -61.11 -37.21 -16.90
N UNK Y 243 -61.55 -36.52 -15.86
CA UNK Y 243 -61.31 -35.09 -15.83
C UNK Y 243 -59.83 -34.79 -15.79
N UNK Y 244 -59.02 -35.78 -15.46
CA UNK Y 244 -57.59 -35.75 -15.67
C UNK Y 244 -57.25 -36.29 -17.04
N UNK Y 245 -58.26 -36.62 -17.84
CA UNK Y 245 -58.08 -36.93 -19.25
C UNK Y 245 -58.33 -35.68 -20.09
N UNK Y 246 -59.54 -35.12 -20.02
CA UNK Y 246 -59.75 -33.78 -20.53
C UNK Y 246 -58.70 -32.83 -19.94
N UNK Y 247 -58.43 -32.98 -18.65
CA UNK Y 247 -57.38 -32.19 -18.03
C UNK Y 247 -56.01 -32.60 -18.54
N UNK Y 248 -55.77 -33.91 -18.67
CA UNK Y 248 -54.52 -34.37 -19.27
C UNK Y 248 -54.26 -33.64 -20.58
N UNK Y 249 -55.32 -33.42 -21.34
CA UNK Y 249 -55.25 -32.57 -22.51
C UNK Y 249 -55.12 -31.11 -22.12
N UNK Y 250 -55.49 -30.75 -20.89
CA UNK Y 250 -55.23 -29.37 -20.56
C UNK Y 250 -53.75 -29.28 -20.24
N UNK Y 251 -53.37 -29.50 -18.97
CA UNK Y 251 -52.26 -30.38 -18.58
C UNK Y 251 -51.20 -30.51 -19.66
N UNK Y 252 -50.81 -31.76 -19.93
CA UNK Y 252 -50.19 -32.15 -21.19
C UNK Y 252 -48.87 -31.42 -21.43
N UNK Y 253 -48.59 -30.40 -20.63
CA UNK Y 253 -47.41 -29.55 -20.73
C UNK Y 253 -47.57 -28.48 -19.67
N UNK Y 254 -46.49 -27.84 -19.23
CA UNK Y 254 -45.11 -28.23 -19.45
C UNK Y 254 -44.66 -28.94 -18.15
N UNK Y 255 -43.38 -29.28 -17.93
CA UNK Y 255 -42.28 -29.26 -18.91
C UNK Y 255 -41.89 -30.59 -19.53
N UNK Y 256 -42.34 -31.70 -18.95
CA UNK Y 256 -41.64 -32.98 -19.15
C UNK Y 256 -42.18 -33.75 -20.34
N UNK Y 257 -43.37 -34.36 -20.22
CA UNK Y 257 -43.91 -35.13 -21.34
C UNK Y 257 -43.86 -34.31 -22.62
N UNK Y 258 -44.18 -33.03 -22.51
CA UNK Y 258 -43.93 -32.06 -23.55
C UNK Y 258 -42.50 -32.22 -24.05
N UNK Y 259 -41.53 -31.95 -23.19
CA UNK Y 259 -40.14 -32.16 -23.58
C UNK Y 259 -39.89 -33.63 -23.89
N UNK Y 260 -40.63 -34.52 -23.24
CA UNK Y 260 -40.43 -35.95 -23.44
C UNK Y 260 -40.78 -36.33 -24.87
N UNK Y 261 -41.32 -35.37 -25.63
CA UNK Y 261 -41.32 -35.54 -27.07
C UNK Y 261 -39.94 -35.89 -27.60
N UNK Y 262 -38.89 -35.57 -26.84
CA UNK Y 262 -37.52 -35.94 -27.16
C UNK Y 262 -37.32 -37.44 -27.14
N UNK Y 263 -38.38 -38.18 -26.80
CA UNK Y 263 -38.27 -39.58 -26.42
C UNK Y 263 -37.42 -40.43 -27.36
N UNK Y 264 -37.43 -40.17 -28.66
CA UNK Y 264 -36.75 -41.06 -29.58
C UNK Y 264 -35.30 -41.29 -29.16
N UNK Y 265 -34.47 -40.26 -29.35
CA UNK Y 265 -33.14 -40.34 -28.77
C UNK Y 265 -33.22 -40.57 -27.27
N UNK Y 266 -34.26 -40.06 -26.64
CA UNK Y 266 -34.39 -40.18 -25.20
C UNK Y 266 -34.88 -41.54 -24.75
N UNK Y 267 -35.44 -42.34 -25.65
CA UNK Y 267 -35.70 -43.73 -25.35
C UNK Y 267 -34.63 -44.65 -25.89
N UNK Y 268 -33.67 -44.11 -26.64
CA UNK Y 268 -32.43 -44.87 -26.84
C UNK Y 268 -31.53 -44.71 -25.64
N UNK Y 269 -31.32 -43.47 -25.22
CA UNK Y 269 -30.60 -43.21 -23.98
C UNK Y 269 -31.38 -43.75 -22.81
N UNK Y 270 -32.66 -43.46 -22.76
CA UNK Y 270 -33.51 -44.10 -21.77
C UNK Y 270 -33.52 -45.60 -21.97
N UNK Y 271 -33.42 -46.05 -23.22
CA UNK Y 271 -33.30 -47.48 -23.45
C UNK Y 271 -32.07 -48.02 -22.74
N UNK Y 272 -31.05 -47.19 -22.59
CA UNK Y 272 -29.97 -47.55 -21.68
C UNK Y 272 -30.43 -47.43 -20.23
N UNK Y 273 -31.23 -46.42 -19.92
CA UNK Y 273 -31.73 -46.27 -18.56
C UNK Y 273 -32.50 -47.50 -18.12
N UNK Y 274 -32.94 -48.32 -19.06
CA UNK Y 274 -33.51 -49.62 -18.72
C UNK Y 274 -32.57 -50.41 -17.82
N UNK Y 275 -31.27 -50.29 -18.08
CA UNK Y 275 -30.30 -50.93 -17.21
C UNK Y 275 -30.44 -50.43 -15.79
N UNK Y 276 -30.58 -51.37 -14.86
CA UNK Y 276 -30.75 -51.03 -13.45
C UNK Y 276 -29.39 -50.79 -12.80
N UNK Y 277 -28.57 -51.82 -12.74
CA UNK Y 277 -27.30 -51.75 -12.03
C UNK Y 277 -26.46 -50.57 -12.48
N UNK Y 278 -26.69 -50.07 -13.67
CA UNK Y 278 -26.09 -48.81 -14.07
C UNK Y 278 -26.51 -47.73 -13.08
N UNK Y 279 -27.79 -47.36 -13.11
CA UNK Y 279 -28.29 -46.32 -12.21
C UNK Y 279 -27.93 -46.63 -10.77
N UNK Y 280 -27.92 -47.91 -10.41
CA UNK Y 280 -27.29 -48.30 -9.18
C UNK Y 280 -25.93 -47.62 -9.07
N UNK Y 281 -25.05 -47.92 -10.01
CA UNK Y 281 -23.72 -47.32 -9.99
C UNK Y 281 -23.78 -45.80 -9.95
N UNK Y 282 -24.84 -45.19 -10.45
CA UNK Y 282 -25.00 -43.77 -10.20
C UNK Y 282 -25.14 -43.51 -8.71
N UNK Y 283 -26.03 -44.26 -8.06
CA UNK Y 283 -26.09 -44.19 -6.62
C UNK Y 283 -24.77 -44.56 -5.98
N UNK Y 284 -23.90 -45.23 -6.72
CA UNK Y 284 -22.56 -45.45 -6.23
C UNK Y 284 -21.74 -44.19 -6.35
N UNK Y 285 -22.00 -43.39 -7.39
CA UNK Y 285 -21.44 -42.05 -7.41
C UNK Y 285 -21.88 -41.31 -6.16
N UNK Y 286 -23.15 -41.47 -5.80
CA UNK Y 286 -23.61 -40.98 -4.51
C UNK Y 286 -22.73 -41.54 -3.40
N UNK Y 287 -22.47 -42.83 -3.45
CA UNK Y 287 -21.58 -43.43 -2.47
C UNK Y 287 -20.15 -42.91 -2.60
N UNK Y 288 -19.84 -42.13 -3.63
CA UNK Y 288 -18.47 -41.77 -3.96
C UNK Y 288 -18.13 -40.37 -3.47
N UNK Y 289 -18.82 -39.37 -4.02
CA UNK Y 289 -18.76 -38.08 -3.35
C UNK Y 289 -19.08 -38.28 -1.87
N UNK Y 290 -19.99 -39.22 -1.59
CA UNK Y 290 -20.16 -39.66 -0.21
C UNK Y 290 -18.86 -40.19 0.36
N UNK Y 291 -18.09 -40.94 -0.43
CA UNK Y 291 -16.81 -41.40 0.09
C UNK Y 291 -15.96 -40.23 0.52
N UNK Y 292 -16.14 -39.08 -0.12
CA UNK Y 292 -15.54 -37.88 0.43
C UNK Y 292 -16.25 -37.46 1.72
N UNK Y 293 -17.57 -37.65 1.78
CA UNK Y 293 -18.35 -37.09 2.89
C UNK Y 293 -17.92 -37.68 4.23
N UNK Y 294 -17.93 -39.01 4.33
CA UNK Y 294 -17.50 -39.73 5.53
C UNK Y 294 -18.30 -39.27 6.77
N UNK Y 295 -19.55 -39.71 6.79
CA UNK Y 295 -20.42 -39.32 7.88
C UNK Y 295 -19.78 -39.74 9.19
N UNK Y 296 -19.53 -38.77 10.03
CA UNK Y 296 -18.95 -38.90 11.37
C UNK Y 296 -17.69 -39.78 11.35
N UNK Y 297 -17.44 -40.49 12.45
CA UNK Y 297 -16.22 -41.26 12.67
C UNK Y 297 -16.36 -42.77 12.61
N UNK Y 298 -17.57 -43.31 12.41
CA UNK Y 298 -17.87 -44.63 12.96
C UNK Y 298 -17.23 -45.78 12.18
N UNK Y 299 -17.73 -46.06 10.98
CA UNK Y 299 -17.68 -47.42 10.45
C UNK Y 299 -17.34 -47.48 8.95
N UNK Y 300 -16.94 -48.64 8.41
CA UNK Y 300 -16.81 -49.93 9.10
C UNK Y 300 -15.63 -50.74 8.62
N UNK Y 301 -14.91 -51.34 9.58
CA UNK Y 301 -13.85 -52.28 9.23
C UNK Y 301 -14.39 -53.34 8.29
N UNK Y 302 -13.64 -53.62 7.23
CA UNK Y 302 -14.13 -54.51 6.19
C UNK Y 302 -14.47 -55.88 6.73
N UNK Y 303 -14.10 -56.19 7.96
CA UNK Y 303 -14.65 -57.35 8.63
C UNK Y 303 -16.16 -57.36 8.49
N UNK Y 304 -16.79 -56.22 8.74
CA UNK Y 304 -18.18 -56.03 8.39
C UNK Y 304 -18.43 -56.46 6.96
N UNK Y 305 -17.77 -55.78 6.02
CA UNK Y 305 -17.79 -56.24 4.63
C UNK Y 305 -17.47 -57.71 4.53
N UNK Y 306 -16.47 -58.16 5.29
CA UNK Y 306 -16.17 -59.59 5.33
C UNK Y 306 -17.35 -60.35 5.88
N UNK Y 307 -17.88 -59.89 7.01
CA UNK Y 307 -19.19 -60.36 7.46
C UNK Y 307 -20.18 -60.30 6.30
N UNK Y 308 -20.20 -59.17 5.60
CA UNK Y 308 -20.99 -59.09 4.37
C UNK Y 308 -20.56 -60.16 3.38
N UNK Y 309 -19.26 -60.25 3.13
CA UNK Y 309 -18.73 -61.38 2.39
C UNK Y 309 -19.22 -62.69 3.00
N UNK Y 310 -19.12 -62.78 4.32
CA UNK Y 310 -19.71 -63.92 5.01
C UNK Y 310 -21.20 -64.00 4.76
N UNK Y 311 -21.89 -62.86 4.84
CA UNK Y 311 -23.30 -62.83 4.49
C UNK Y 311 -23.53 -63.28 3.08
N UNK Y 312 -22.55 -63.05 2.19
CA UNK Y 312 -22.66 -63.51 0.82
C UNK Y 312 -22.94 -65.01 0.76
N UNK Y 313 -22.55 -65.73 1.80
CA UNK Y 313 -22.84 -67.16 1.87
C UNK Y 313 -24.32 -67.44 1.65
N UNK Y 314 -25.19 -66.67 2.31
CA UNK Y 314 -26.62 -66.84 2.08
C UNK Y 314 -26.96 -66.58 0.61
N UNK Y 315 -26.32 -65.59 0.01
CA UNK Y 315 -26.53 -65.30 -1.40
C UNK Y 315 -25.81 -66.33 -2.24
N UNK Y 316 -25.77 -66.14 -3.55
CA UNK Y 316 -25.27 -67.14 -4.48
C UNK Y 316 -24.08 -66.58 -5.24
N UNK Y 317 -22.90 -67.19 -5.02
CA UNK Y 317 -21.70 -66.77 -5.73
C UNK Y 317 -21.94 -66.70 -7.23
N UNK Y 318 -22.50 -67.76 -7.79
CA UNK Y 318 -22.98 -67.74 -9.15
C UNK Y 318 -24.45 -67.38 -9.17
N UNK Y 319 -24.87 -66.63 -10.18
CA UNK Y 319 -26.27 -66.29 -10.29
C UNK Y 319 -27.15 -67.53 -10.31
N UNK Y 320 -26.63 -68.64 -10.83
CA UNK Y 320 -27.35 -69.91 -10.89
C UNK Y 320 -26.99 -70.85 -9.74
N UNK Y 321 -26.20 -70.39 -8.77
CA UNK Y 321 -25.47 -71.29 -7.86
C UNK Y 321 -26.36 -72.37 -7.24
N UNK Y 322 -27.55 -72.02 -6.79
CA UNK Y 322 -28.39 -72.98 -6.07
C UNK Y 322 -28.82 -74.14 -6.96
N UNK Z 1 27.27 -25.41 -32.18
CA UNK Z 1 27.45 -23.98 -32.38
C UNK Z 1 28.81 -23.58 -31.86
N UNK Z 2 28.86 -23.24 -30.57
CA UNK Z 2 30.13 -22.93 -29.95
C UNK Z 2 31.06 -24.13 -30.06
N UNK Z 3 32.35 -23.86 -30.09
CA UNK Z 3 33.34 -24.92 -30.21
C UNK Z 3 34.49 -24.64 -29.25
N UNK Z 4 34.82 -25.64 -28.44
CA UNK Z 4 35.97 -25.54 -27.54
C UNK Z 4 37.25 -25.56 -28.38
N UNK Z 5 38.10 -24.56 -28.20
CA UNK Z 5 39.33 -24.44 -28.97
C UNK Z 5 40.52 -25.11 -28.31
N UNK Z 6 40.38 -25.56 -27.06
CA UNK Z 6 41.38 -26.39 -26.38
C UNK Z 6 42.74 -25.69 -26.27
N UNK Z 7 42.79 -24.70 -25.39
CA UNK Z 7 44.02 -23.95 -25.21
C UNK Z 7 44.19 -23.55 -23.73
N UNK Z 8 45.32 -22.91 -23.46
CA UNK Z 8 45.64 -22.43 -22.12
C UNK Z 8 45.03 -21.05 -21.83
N UNK Z 9 45.05 -20.14 -22.79
CA UNK Z 9 44.74 -18.75 -22.51
C UNK Z 9 43.24 -18.58 -22.27
N UNK Z 10 42.89 -18.11 -21.09
CA UNK Z 10 41.51 -18.14 -20.64
C UNK Z 10 40.69 -16.95 -21.08
N UNK Z 11 41.33 -15.89 -21.59
CA UNK Z 11 40.58 -14.76 -22.09
C UNK Z 11 39.54 -15.23 -23.10
N UNK Z 12 40.01 -15.93 -24.13
CA UNK Z 12 39.09 -16.59 -25.04
C UNK Z 12 38.14 -17.48 -24.28
N UNK Z 13 38.67 -18.28 -23.35
CA UNK Z 13 37.82 -19.16 -22.56
C UNK Z 13 36.77 -18.35 -21.81
N UNK Z 14 37.14 -17.15 -21.36
CA UNK Z 14 36.16 -16.29 -20.71
C UNK Z 14 35.06 -15.92 -21.67
N UNK Z 15 35.44 -15.55 -22.90
CA UNK Z 15 34.43 -15.24 -23.90
C UNK Z 15 33.48 -16.43 -24.08
N UNK Z 16 34.03 -17.61 -24.37
CA UNK Z 16 33.20 -18.80 -24.58
C UNK Z 16 32.30 -19.03 -23.40
N UNK Z 17 32.82 -18.82 -22.19
CA UNK Z 17 31.99 -18.80 -21.00
C UNK Z 17 30.77 -17.92 -21.23
N UNK Z 18 31.01 -16.63 -21.51
CA UNK Z 18 29.90 -15.73 -21.77
C UNK Z 18 28.95 -16.31 -22.82
N UNK Z 19 29.48 -17.02 -23.80
CA UNK Z 19 28.63 -17.57 -24.86
C UNK Z 19 27.65 -18.60 -24.30
N UNK Z 20 28.19 -19.66 -23.70
CA UNK Z 20 27.30 -20.68 -23.13
C UNK Z 20 26.33 -20.04 -22.17
N UNK Z 21 26.82 -19.07 -21.39
CA UNK Z 21 25.93 -18.26 -20.55
C UNK Z 21 24.77 -17.71 -21.37
N UNK Z 22 25.08 -17.17 -22.54
CA UNK Z 22 24.02 -16.63 -23.39
C UNK Z 22 23.03 -17.72 -23.77
N UNK Z 23 23.52 -18.93 -24.02
CA UNK Z 23 22.63 -20.03 -24.35
C UNK Z 23 21.63 -20.27 -23.23
N UNK Z 24 22.15 -20.54 -22.02
CA UNK Z 24 21.28 -20.74 -20.89
C UNK Z 24 20.32 -19.57 -20.72
N UNK Z 25 20.80 -18.36 -21.01
CA UNK Z 25 19.93 -17.19 -20.95
C UNK Z 25 18.77 -17.33 -21.92
N UNK Z 26 19.04 -17.84 -23.12
CA UNK Z 26 17.95 -18.07 -24.07
C UNK Z 26 16.95 -19.04 -23.50
N UNK Z 27 17.43 -20.11 -22.87
CA UNK Z 27 16.51 -21.00 -22.17
C UNK Z 27 15.65 -20.21 -21.19
N UNK Z 28 16.27 -19.34 -20.41
CA UNK Z 28 15.51 -18.49 -19.51
C UNK Z 28 14.49 -17.67 -20.27
N UNK Z 29 14.80 -17.29 -21.50
CA UNK Z 29 13.82 -16.58 -22.31
C UNK Z 29 12.61 -17.46 -22.56
N UNK Z 30 12.84 -18.73 -22.90
CA UNK Z 30 11.72 -19.66 -22.99
C UNK Z 30 10.91 -19.64 -21.71
N UNK Z 31 11.59 -19.64 -20.57
CA UNK Z 31 10.89 -19.54 -19.30
C UNK Z 31 10.01 -18.29 -19.27
N UNK Z 32 10.54 -17.18 -19.77
CA UNK Z 32 9.74 -15.96 -19.83
C UNK Z 32 8.50 -16.19 -20.66
N UNK Z 33 8.63 -16.92 -21.77
CA UNK Z 33 7.46 -17.30 -22.52
C UNK Z 33 6.45 -17.99 -21.63
N UNK Z 34 6.93 -18.93 -20.81
CA UNK Z 34 6.04 -19.49 -19.81
C UNK Z 34 5.55 -18.42 -18.85
N UNK Z 35 6.44 -17.50 -18.48
CA UNK Z 35 6.11 -16.47 -17.52
C UNK Z 35 5.07 -15.52 -18.10
N UNK Z 36 4.42 -14.78 -17.21
CA UNK Z 36 3.45 -13.78 -17.62
C UNK Z 36 3.41 -12.67 -16.58
N UNK Z 37 2.59 -11.67 -16.86
CA UNK Z 37 2.03 -10.68 -15.93
C UNK Z 37 2.92 -9.45 -15.69
N UNK Z 38 4.15 -9.42 -16.18
CA UNK Z 38 5.05 -8.32 -15.84
C UNK Z 38 5.63 -7.71 -17.10
N UNK Z 39 5.29 -6.45 -17.36
CA UNK Z 39 6.03 -5.70 -18.37
C UNK Z 39 7.48 -5.52 -17.96
N UNK Z 40 7.80 -5.77 -16.69
CA UNK Z 40 9.17 -5.61 -16.23
C UNK Z 40 10.13 -6.53 -16.94
N UNK Z 41 9.68 -7.72 -17.34
CA UNK Z 41 10.56 -8.71 -17.95
C UNK Z 41 11.81 -8.91 -17.10
N UNK Z 42 11.61 -8.90 -15.79
CA UNK Z 42 12.72 -8.84 -14.84
C UNK Z 42 13.43 -10.18 -14.76
N UNK Z 43 12.74 -11.21 -14.27
CA UNK Z 43 13.36 -12.51 -14.07
C UNK Z 43 14.01 -13.03 -15.35
N UNK Z 44 13.63 -12.48 -16.50
CA UNK Z 44 14.39 -12.70 -17.72
C UNK Z 44 15.84 -12.24 -17.51
N UNK Z 45 16.01 -10.98 -17.15
CA UNK Z 45 17.35 -10.47 -16.88
C UNK Z 45 17.97 -11.19 -15.69
N UNK Z 46 17.16 -11.52 -14.69
CA UNK Z 46 17.69 -12.15 -13.49
C UNK Z 46 18.30 -13.51 -13.80
N UNK Z 47 17.50 -14.41 -14.35
CA UNK Z 47 18.01 -15.71 -14.75
C UNK Z 47 19.08 -15.57 -15.81
N UNK Z 48 18.98 -14.53 -16.63
CA UNK Z 48 19.97 -14.31 -17.68
C UNK Z 48 21.35 -14.07 -17.07
N UNK Z 49 21.47 -13.02 -16.26
CA UNK Z 49 22.74 -12.74 -15.60
C UNK Z 49 23.14 -13.88 -14.68
N UNK Z 50 22.17 -14.68 -14.22
CA UNK Z 50 22.51 -15.91 -13.54
C UNK Z 50 23.30 -16.83 -14.46
N UNK Z 51 22.82 -17.00 -15.69
CA UNK Z 51 23.59 -17.74 -16.68
C UNK Z 51 24.96 -17.13 -16.86
N UNK Z 52 25.03 -15.80 -16.85
CA UNK Z 52 26.34 -15.15 -16.85
C UNK Z 52 27.18 -15.63 -15.68
N UNK Z 53 26.54 -15.85 -14.54
CA UNK Z 53 27.28 -16.39 -13.41
C UNK Z 53 27.75 -17.80 -13.73
N UNK Z 54 27.00 -18.55 -14.52
CA UNK Z 54 27.53 -19.81 -15.01
C UNK Z 54 28.80 -19.57 -15.81
N UNK Z 55 28.78 -18.54 -16.67
CA UNK Z 55 30.00 -18.15 -17.36
C UNK Z 55 31.13 -17.93 -16.38
N UNK Z 56 30.82 -17.35 -15.22
CA UNK Z 56 31.82 -17.22 -14.18
C UNK Z 56 32.30 -18.60 -13.72
N UNK Z 57 31.37 -19.53 -13.52
CA UNK Z 57 31.75 -20.84 -13.04
C UNK Z 57 32.75 -21.48 -13.97
N UNK Z 58 32.39 -21.62 -15.24
CA UNK Z 58 33.34 -22.18 -16.18
C UNK Z 58 34.57 -21.29 -16.32
N UNK Z 59 34.48 -20.04 -15.92
CA UNK Z 59 35.61 -19.13 -16.07
C UNK Z 59 36.67 -19.45 -15.02
N UNK Z 60 36.35 -19.22 -13.75
CA UNK Z 60 37.24 -19.62 -12.68
C UNK Z 60 37.64 -21.07 -12.84
N UNK Z 61 36.74 -21.90 -13.38
CA UNK Z 61 37.13 -23.22 -13.82
C UNK Z 61 38.33 -23.16 -14.75
N UNK Z 62 38.25 -22.33 -15.78
CA UNK Z 62 39.37 -22.20 -16.71
C UNK Z 62 40.62 -21.75 -15.99
N UNK Z 63 40.48 -20.94 -14.95
CA UNK Z 63 41.62 -20.61 -14.11
C UNK Z 63 42.20 -21.89 -13.50
N UNK Z 64 41.32 -22.72 -12.92
CA UNK Z 64 41.79 -23.99 -12.35
C UNK Z 64 42.58 -24.77 -13.38
N UNK Z 65 42.11 -24.77 -14.63
CA UNK Z 65 42.92 -25.34 -15.70
C UNK Z 65 44.28 -24.68 -15.76
N UNK Z 66 44.28 -23.35 -15.74
CA UNK Z 66 45.54 -22.63 -15.85
C UNK Z 66 46.48 -22.92 -14.71
N UNK Z 67 45.98 -23.45 -13.59
CA UNK Z 67 46.81 -23.61 -12.42
C UNK Z 67 47.99 -24.53 -12.69
N UNK Z 68 47.72 -25.79 -13.02
CA UNK Z 68 48.83 -26.72 -13.17
C UNK Z 68 48.38 -27.93 -13.97
N UNK Z 69 49.39 -28.65 -14.47
CA UNK Z 69 49.31 -30.06 -14.85
C UNK Z 69 48.61 -30.31 -16.18
N UNK Z 70 47.83 -29.35 -16.66
CA UNK Z 70 47.16 -29.45 -17.95
C UNK Z 70 46.35 -30.73 -18.07
N UNK Z 71 46.00 -31.31 -16.93
CA UNK Z 71 45.26 -32.56 -16.91
C UNK Z 71 43.81 -32.30 -17.28
N UNK Z 72 43.10 -33.37 -17.63
CA UNK Z 72 41.68 -33.26 -17.93
C UNK Z 72 40.83 -33.40 -16.67
N UNK Z 73 40.85 -34.58 -16.04
CA UNK Z 73 39.95 -34.86 -14.94
C UNK Z 73 40.07 -33.82 -13.85
N UNK Z 74 41.28 -33.38 -13.54
CA UNK Z 74 41.49 -32.40 -12.49
C UNK Z 74 40.73 -31.11 -12.75
N UNK Z 75 41.19 -30.34 -13.74
CA UNK Z 75 40.56 -29.05 -14.01
C UNK Z 75 39.08 -29.23 -14.27
N UNK Z 76 38.69 -30.36 -14.84
CA UNK Z 76 37.28 -30.69 -14.90
C UNK Z 76 36.68 -30.74 -13.50
N UNK Z 77 37.43 -31.20 -12.52
CA UNK Z 77 36.90 -31.40 -11.19
C UNK Z 77 36.84 -30.10 -10.41
N UNK Z 78 37.99 -29.48 -10.17
CA UNK Z 78 37.99 -28.15 -9.57
C UNK Z 78 37.02 -27.26 -10.30
N UNK Z 79 36.95 -27.42 -11.61
CA UNK Z 79 35.87 -26.81 -12.39
C UNK Z 79 34.52 -27.14 -11.79
N UNK Z 80 34.29 -28.41 -11.47
CA UNK Z 80 33.02 -28.78 -10.87
C UNK Z 80 32.79 -28.01 -9.58
N UNK Z 81 33.84 -27.89 -8.76
CA UNK Z 81 33.73 -27.07 -7.56
C UNK Z 81 33.29 -25.65 -7.91
N UNK Z 82 33.90 -25.08 -8.93
CA UNK Z 82 33.48 -23.78 -9.43
C UNK Z 82 31.97 -23.75 -9.63
N UNK Z 83 31.48 -24.63 -10.50
CA UNK Z 83 30.05 -24.69 -10.76
C UNK Z 83 29.24 -24.73 -9.46
N UNK Z 84 29.70 -25.51 -8.49
CA UNK Z 84 29.01 -25.55 -7.21
C UNK Z 84 28.89 -24.15 -6.63
N UNK Z 85 30.05 -23.58 -6.26
CA UNK Z 85 30.06 -22.29 -5.58
C UNK Z 85 29.25 -21.26 -6.34
N UNK Z 86 29.58 -21.07 -7.61
CA UNK Z 86 28.90 -20.08 -8.43
C UNK Z 86 27.40 -20.30 -8.41
N UNK Z 87 26.97 -21.46 -8.93
CA UNK Z 87 25.55 -21.73 -9.06
C UNK Z 87 24.82 -21.41 -7.77
N UNK Z 88 25.37 -21.86 -6.64
CA UNK Z 88 24.71 -21.55 -5.38
C UNK Z 88 24.69 -20.05 -5.12
N UNK Z 89 25.73 -19.35 -5.56
CA UNK Z 89 25.95 -17.98 -5.08
C UNK Z 89 24.74 -17.10 -5.35
N UNK Z 90 24.32 -17.03 -6.61
CA UNK Z 90 23.33 -16.02 -7.00
C UNK Z 90 22.06 -16.11 -6.18
N UNK Z 91 21.73 -17.29 -5.66
CA UNK Z 91 20.48 -17.49 -4.97
C UNK Z 91 20.60 -17.02 -3.53
N UNK Z 92 19.59 -17.34 -2.74
CA UNK Z 92 19.67 -17.20 -1.30
C UNK Z 92 20.73 -18.16 -0.75
N UNK Z 93 21.13 -17.91 0.50
CA UNK Z 93 22.29 -18.55 1.10
C UNK Z 93 22.17 -20.07 1.21
N UNK Z 94 21.02 -20.64 0.85
CA UNK Z 94 20.86 -22.09 0.92
C UNK Z 94 21.95 -22.79 0.14
N UNK Z 95 22.70 -23.63 0.84
CA UNK Z 95 23.90 -24.23 0.26
C UNK Z 95 23.58 -25.43 -0.61
N UNK Z 96 22.44 -26.08 -0.39
CA UNK Z 96 22.11 -27.26 -1.18
C UNK Z 96 22.22 -26.98 -2.66
N UNK Z 97 21.94 -25.73 -3.05
CA UNK Z 97 22.27 -25.28 -4.39
C UNK Z 97 23.70 -25.66 -4.75
N UNK Z 98 24.62 -25.43 -3.83
CA UNK Z 98 25.99 -25.87 -4.06
C UNK Z 98 26.15 -27.37 -3.94
N UNK Z 99 25.29 -28.04 -3.16
CA UNK Z 99 25.36 -29.49 -3.09
C UNK Z 99 25.16 -30.09 -4.48
N UNK Z 100 23.93 -30.00 -4.99
CA UNK Z 100 23.66 -30.60 -6.29
C UNK Z 100 24.43 -29.89 -7.40
N UNK Z 101 24.73 -28.62 -7.21
CA UNK Z 101 25.58 -27.93 -8.16
C UNK Z 101 26.93 -28.61 -8.25
N UNK Z 102 27.50 -28.98 -7.10
CA UNK Z 102 28.73 -29.76 -7.09
C UNK Z 102 28.51 -31.13 -7.71
N UNK Z 103 27.30 -31.67 -7.57
CA UNK Z 103 27.07 -33.02 -8.08
C UNK Z 103 27.02 -33.00 -9.60
N UNK Z 104 25.96 -32.39 -10.15
CA UNK Z 104 25.83 -32.25 -11.59
C UNK Z 104 27.09 -31.68 -12.20
N UNK Z 105 27.70 -30.72 -11.52
CA UNK Z 105 29.02 -30.26 -11.89
C UNK Z 105 29.98 -31.43 -12.12
N UNK Z 106 30.19 -32.22 -11.06
CA UNK Z 106 31.08 -33.37 -11.16
C UNK Z 106 30.74 -34.22 -12.38
N UNK Z 107 29.47 -34.54 -12.55
CA UNK Z 107 29.07 -35.29 -13.73
C UNK Z 107 29.53 -34.59 -15.00
N UNK Z 108 29.39 -33.26 -15.03
CA UNK Z 108 29.83 -32.51 -16.20
C UNK Z 108 31.31 -32.71 -16.43
N UNK Z 109 32.09 -32.79 -15.35
CA UNK Z 109 33.50 -33.11 -15.49
C UNK Z 109 33.67 -34.49 -16.13
N UNK Z 110 32.91 -35.46 -15.64
CA UNK Z 110 32.95 -36.78 -16.24
C UNK Z 110 32.75 -36.67 -17.74
N UNK Z 111 31.81 -35.84 -18.16
CA UNK Z 111 31.71 -35.52 -19.57
C UNK Z 111 33.01 -34.92 -20.07
N UNK Z 112 33.64 -34.07 -19.26
CA UNK Z 112 34.86 -33.42 -19.68
C UNK Z 112 36.00 -34.40 -19.86
N UNK Z 113 35.81 -35.67 -19.48
CA UNK Z 113 36.75 -36.69 -19.90
C UNK Z 113 36.93 -36.69 -21.41
N UNK Z 114 35.92 -36.28 -22.16
CA UNK Z 114 36.00 -35.99 -23.58
C UNK Z 114 36.31 -37.21 -24.42
N UNK Z 115 36.55 -38.36 -23.81
CA UNK Z 115 36.89 -39.57 -24.53
C UNK Z 115 35.66 -40.40 -24.89
N UNK Z 116 34.46 -39.90 -24.62
CA UNK Z 116 33.23 -40.64 -24.86
C UNK Z 116 32.46 -40.00 -26.02
N UNK Z 117 31.67 -40.84 -26.71
CA UNK Z 117 31.05 -40.41 -27.96
C UNK Z 117 29.99 -39.34 -27.74
N UNK Z 118 29.04 -39.59 -26.84
CA UNK Z 118 27.99 -38.63 -26.50
C UNK Z 118 27.11 -38.31 -27.71
N UNK Z 119 26.64 -39.35 -28.38
CA UNK Z 119 25.75 -39.17 -29.52
C UNK Z 119 24.33 -38.86 -29.04
N UNK AA 1 -56.01 -0.57 -88.10
CA UNK AA 1 -55.71 -0.48 -89.52
C UNK AA 1 -56.50 0.66 -90.14
N UNK AA 2 -57.62 0.31 -90.76
CA UNK AA 2 -58.55 1.33 -91.21
C UNK AA 2 -58.84 2.30 -90.08
N UNK AA 3 -59.20 1.77 -88.92
CA UNK AA 3 -59.35 2.62 -87.74
C UNK AA 3 -58.02 3.19 -87.29
N UNK AA 4 -56.91 2.54 -87.59
CA UNK AA 4 -55.63 3.17 -87.31
C UNK AA 4 -55.41 4.36 -88.21
N UNK AA 5 -55.81 4.22 -89.47
CA UNK AA 5 -55.88 5.41 -90.31
C UNK AA 5 -56.79 6.45 -89.69
N UNK AA 6 -57.85 6.01 -89.02
CA UNK AA 6 -58.68 6.94 -88.27
C UNK AA 6 -57.95 7.52 -87.07
N UNK AA 7 -56.92 6.85 -86.58
CA UNK AA 7 -56.11 7.39 -85.50
C UNK AA 7 -55.19 8.47 -86.03
N UNK AA 8 -54.32 8.12 -86.97
CA UNK AA 8 -53.47 9.11 -87.61
C UNK AA 8 -54.28 10.30 -88.12
N UNK AA 9 -55.49 10.05 -88.59
CA UNK AA 9 -56.35 11.15 -89.01
C UNK AA 9 -56.84 11.94 -87.80
N UNK AA 10 -57.12 11.25 -86.69
CA UNK AA 10 -57.54 11.91 -85.47
C UNK AA 10 -56.47 12.89 -85.03
N UNK AA 11 -55.30 12.36 -84.68
CA UNK AA 11 -54.19 13.22 -84.31
C UNK AA 11 -53.85 14.22 -85.40
N UNK AA 12 -54.16 13.91 -86.66
CA UNK AA 12 -54.04 14.93 -87.70
C UNK AA 12 -54.95 16.10 -87.38
N UNK AA 13 -56.21 15.81 -87.04
CA UNK AA 13 -57.11 16.85 -86.60
C UNK AA 13 -56.59 17.52 -85.33
N UNK AA 14 -55.82 16.80 -84.53
CA UNK AA 14 -55.16 17.45 -83.40
C UNK AA 14 -54.17 18.49 -83.90
N UNK AA 15 -53.35 18.12 -84.88
CA UNK AA 15 -52.48 19.09 -85.51
C UNK AA 15 -53.26 20.27 -86.04
N UNK AA 16 -54.51 20.04 -86.46
CA UNK AA 16 -55.37 21.17 -86.79
C UNK AA 16 -55.65 22.00 -85.55
N UNK AA 17 -56.07 21.35 -84.46
CA UNK AA 17 -56.37 22.10 -83.25
C UNK AA 17 -55.11 22.57 -82.55
N UNK AA 18 -54.05 21.79 -82.61
CA UNK AA 18 -52.82 22.09 -81.86
C UNK AA 18 -51.70 22.53 -82.78
N UNK AA 19 -51.07 21.60 -83.51
CA UNK AA 19 -49.86 21.92 -84.27
C UNK AA 19 -48.84 22.53 -83.34
N UNK AA 20 -48.52 23.82 -83.57
CA UNK AA 20 -47.73 24.56 -82.61
C UNK AA 20 -48.40 24.59 -81.24
N UNK AA 21 -49.73 24.59 -81.20
CA UNK AA 21 -50.41 24.51 -79.90
C UNK AA 21 -50.26 23.16 -79.27
N UNK AA 22 -49.65 22.21 -79.97
CA UNK AA 22 -49.12 21.02 -79.33
C UNK AA 22 -48.27 21.42 -78.13
N UNK AA 23 -47.47 22.47 -78.28
CA UNK AA 23 -46.78 23.04 -77.12
C UNK AA 23 -47.76 23.52 -76.09
N UNK AA 24 -48.79 24.26 -76.53
CA UNK AA 24 -49.92 24.52 -75.67
C UNK AA 24 -50.49 23.21 -75.13
N UNK AA 25 -50.59 22.20 -75.99
CA UNK AA 25 -50.87 20.87 -75.50
C UNK AA 25 -49.79 20.41 -74.53
N UNK AA 26 -48.52 20.58 -74.93
CA UNK AA 26 -47.42 20.35 -73.99
C UNK AA 26 -47.60 21.19 -72.74
N UNK AA 27 -48.28 22.34 -72.85
CA UNK AA 27 -48.66 23.08 -71.67
C UNK AA 27 -49.38 22.20 -70.68
N UNK AA 28 -50.32 21.39 -71.16
CA UNK AA 28 -51.00 20.47 -70.26
C UNK AA 28 -51.07 19.06 -70.84
N UNK AA 29 -51.83 18.88 -71.91
CA UNK AA 29 -52.17 17.55 -72.39
C UNK AA 29 -52.51 17.61 -73.86
N UNK AA 30 -52.54 16.43 -74.48
CA UNK AA 30 -52.69 16.32 -75.94
C UNK AA 30 -53.96 16.97 -76.46
N UNK AA 31 -54.94 17.21 -75.59
CA UNK AA 31 -56.13 17.98 -75.93
C UNK AA 31 -56.88 17.36 -77.10
N UNK AA 32 -57.54 16.25 -76.79
CA UNK AA 32 -58.55 15.74 -77.70
C UNK AA 32 -59.58 16.82 -77.96
N UNK AA 33 -60.16 16.80 -79.16
CA UNK AA 33 -60.97 17.91 -79.65
C UNK AA 33 -62.09 18.24 -78.67
N UNK AA 34 -62.14 19.51 -78.27
CA UNK AA 34 -63.13 20.01 -77.32
C UNK AA 34 -63.78 21.25 -77.92
N UNK AA 35 -65.07 21.14 -78.25
CA UNK AA 35 -65.72 22.21 -78.99
C UNK AA 35 -66.16 23.36 -78.09
N UNK AA 36 -66.70 23.04 -76.92
CA UNK AA 36 -67.62 23.93 -76.23
C UNK AA 36 -67.05 25.33 -76.08
N UNK AA 37 -67.78 26.31 -76.56
CA UNK AA 37 -67.35 27.68 -76.40
C UNK AA 37 -67.69 28.14 -74.99
N UNK AA 38 -66.67 28.44 -74.20
CA UNK AA 38 -66.83 29.08 -72.91
C UNK AA 38 -66.15 30.43 -73.00
N UNK AA 39 -66.95 31.49 -73.08
CA UNK AA 39 -66.43 32.84 -73.24
C UNK AA 39 -66.55 33.53 -71.88
N UNK AA 40 -65.42 33.76 -71.23
CA UNK AA 40 -65.37 34.35 -69.91
C UNK AA 40 -64.50 35.60 -69.94
N UNK AA 41 -64.97 36.66 -69.28
CA UNK AA 41 -64.18 37.86 -69.16
C UNK AA 41 -62.76 37.52 -68.73
N UNK AA 42 -62.62 36.59 -67.81
CA UNK AA 42 -61.30 36.12 -67.45
C UNK AA 42 -60.70 35.27 -68.58
N UNK AA 43 -61.40 34.22 -69.00
CA UNK AA 43 -60.79 33.23 -69.87
C UNK AA 43 -61.85 32.46 -70.62
N UNK AA 44 -61.42 31.74 -71.65
CA UNK AA 44 -62.28 30.91 -72.48
C UNK AA 44 -61.89 29.45 -72.32
N UNK AA 45 -62.89 28.58 -72.31
CA UNK AA 45 -62.69 27.14 -72.17
C UNK AA 45 -63.35 26.40 -73.33
N UNK AA 46 -62.94 25.15 -73.51
CA UNK AA 46 -63.44 24.33 -74.60
C UNK AA 46 -63.68 22.91 -74.11
N UNK AA 47 -64.85 22.36 -74.43
CA UNK AA 47 -65.25 21.03 -73.99
C UNK AA 47 -65.92 20.28 -75.13
N UNK AA 48 -66.08 18.97 -74.94
CA UNK AA 48 -66.80 18.10 -75.86
C UNK AA 48 -67.24 16.86 -75.10
N UNK AA 49 -67.91 15.95 -75.79
CA UNK AA 49 -68.45 14.74 -75.16
C UNK AA 49 -67.75 13.50 -75.70
N UNK AA 50 -66.85 12.94 -74.89
CA UNK AA 50 -66.38 11.57 -75.05
C UNK AA 50 -66.27 10.98 -73.66
N UNK AA 51 -67.05 9.93 -73.39
CA UNK AA 51 -67.28 9.52 -72.01
C UNK AA 51 -66.15 8.73 -71.37
N UNK AA 52 -65.69 9.10 -70.17
CA UNK AA 52 -65.90 10.40 -69.51
C UNK AA 52 -64.69 10.58 -68.59
N UNK AA 53 -64.10 11.78 -68.41
CA UNK AA 53 -64.42 13.06 -69.02
C UNK AA 53 -65.83 13.56 -68.74
N UNK AA 54 -66.58 13.78 -69.83
CA UNK AA 54 -67.84 14.50 -69.95
C UNK AA 54 -67.63 15.99 -70.23
N UNK AA 55 -66.40 16.49 -70.22
CA UNK AA 55 -66.13 17.87 -70.59
C UNK AA 55 -64.62 18.11 -70.56
N UNK AA 56 -64.20 19.19 -71.19
CA UNK AA 56 -62.83 19.66 -71.17
C UNK AA 56 -62.86 21.16 -70.90
N UNK AA 57 -61.70 21.74 -70.58
CA UNK AA 57 -61.64 23.14 -70.21
C UNK AA 57 -60.36 23.76 -70.72
N UNK AA 58 -60.45 24.97 -71.24
CA UNK AA 58 -59.29 25.80 -71.49
C UNK AA 58 -59.27 26.95 -70.50
N UNK AA 59 -58.08 27.30 -70.02
CA UNK AA 59 -57.93 28.43 -69.12
C UNK AA 59 -56.97 29.42 -69.77
N UNK AA 60 -57.50 30.56 -70.20
CA UNK AA 60 -56.65 31.61 -70.74
C UNK AA 60 -56.03 32.37 -69.56
N UNK AA 61 -54.71 32.38 -69.50
CA UNK AA 61 -54.04 32.94 -68.33
C UNK AA 61 -54.02 34.44 -68.42
N UNK AA 62 -54.67 35.10 -67.46
CA UNK AA 62 -54.58 36.56 -67.38
C UNK AA 62 -53.22 36.93 -66.78
N UNK AA 63 -53.05 36.70 -65.49
CA UNK AA 63 -51.71 36.70 -64.93
C UNK AA 63 -50.97 35.43 -65.36
N UNK AA 64 -49.65 35.48 -65.26
CA UNK AA 64 -48.79 34.36 -65.65
C UNK AA 64 -49.12 33.87 -67.06
N UNK AA 65 -49.08 32.55 -67.26
CA UNK AA 65 -49.17 31.99 -68.60
C UNK AA 65 -49.42 30.50 -68.48
N UNK AA 66 -49.34 29.80 -69.62
CA UNK AA 66 -49.31 28.36 -69.62
C UNK AA 66 -48.16 27.81 -68.79
N UNK AA 67 -47.25 28.69 -68.35
CA UNK AA 67 -46.34 28.38 -67.27
C UNK AA 67 -47.08 27.69 -66.13
N UNK AA 68 -48.09 28.36 -65.56
CA UNK AA 68 -48.95 27.78 -64.53
C UNK AA 68 -50.06 28.76 -64.20
N UNK AA 69 -51.12 28.23 -63.57
CA UNK AA 69 -52.28 29.00 -63.14
C UNK AA 69 -53.32 28.07 -62.52
N UNK AA 70 -54.23 28.67 -61.74
CA UNK AA 70 -55.49 28.04 -61.37
C UNK AA 70 -56.51 29.14 -61.07
N UNK AA 71 -57.76 28.92 -61.51
CA UNK AA 71 -58.80 29.92 -61.26
C UNK AA 71 -60.15 29.23 -61.27
N UNK AA 72 -61.08 29.79 -60.49
CA UNK AA 72 -62.43 29.23 -60.41
C UNK AA 72 -63.30 29.67 -61.58
N UNK AA 73 -63.34 30.97 -61.86
CA UNK AA 73 -64.10 31.53 -62.99
C UNK AA 73 -65.59 31.20 -62.89
N UNK AA 74 -66.24 31.83 -61.90
CA UNK AA 74 -67.69 31.90 -61.87
C UNK AA 74 -68.34 30.53 -61.92
N UNK AA 75 -69.08 30.28 -63.01
CA UNK AA 75 -69.84 29.05 -63.14
C UNK AA 75 -68.95 27.85 -62.87
N UNK AA 76 -69.47 26.91 -62.08
CA UNK AA 76 -68.71 25.77 -61.60
C UNK AA 76 -69.25 24.50 -62.22
N UNK AA 77 -68.39 23.49 -62.30
CA UNK AA 77 -68.62 22.36 -63.18
C UNK AA 77 -68.95 22.93 -64.54
N UNK AA 78 -69.90 22.33 -65.24
CA UNK AA 78 -70.39 22.95 -66.47
C UNK AA 78 -71.82 22.53 -66.71
N UNK AA 79 -72.65 23.47 -67.16
CA UNK AA 79 -73.97 23.15 -67.66
C UNK AA 79 -74.23 23.90 -68.96
N UNK AA 80 -74.30 25.22 -68.87
CA UNK AA 80 -74.50 26.08 -70.03
C UNK AA 80 -74.01 27.48 -69.67
N UNK AA 81 -73.80 28.29 -70.70
CA UNK AA 81 -73.42 29.68 -70.44
C UNK AA 81 -74.65 30.51 -70.08
N UNK AA 82 -75.78 30.23 -70.71
CA UNK AA 82 -77.00 30.97 -70.42
C UNK AA 82 -77.35 30.86 -68.96
N UNK AA 83 -77.55 32.02 -68.32
CA UNK AA 83 -77.72 32.10 -66.87
C UNK AA 83 -78.04 33.55 -66.53
N UNK AA 84 -78.37 33.79 -65.26
CA UNK AA 84 -78.89 35.08 -64.82
C UNK AA 84 -77.96 35.69 -63.77
N UNK AA 85 -78.35 36.89 -63.31
CA UNK AA 85 -77.58 37.62 -62.32
C UNK AA 85 -78.48 38.67 -61.65
N UNK AA 86 -77.99 39.18 -60.52
CA UNK AA 86 -78.57 40.34 -59.84
C UNK AA 86 -77.46 41.32 -59.49
N UNK AA 87 -77.74 42.37 -58.72
CA UNK AA 87 -76.74 43.41 -58.49
C UNK AA 87 -76.09 43.19 -57.13
N UNK AA 88 -74.89 42.63 -57.16
CA UNK AA 88 -73.97 42.47 -56.04
C UNK AA 88 -72.72 41.87 -56.63
N UNK AA 89 -71.72 41.55 -55.81
CA UNK AA 89 -70.65 40.65 -56.24
C UNK AA 89 -69.96 41.16 -57.51
N UNK AA 90 -69.10 42.16 -57.36
CA UNK AA 90 -68.65 43.03 -58.44
C UNK AA 90 -68.14 42.31 -59.68
N UNK AA 91 -67.86 41.01 -59.55
CA UNK AA 91 -67.39 40.20 -60.67
C UNK AA 91 -66.03 40.65 -61.15
N UNK AA 92 -65.25 41.26 -60.26
CA UNK AA 92 -63.84 41.48 -60.52
C UNK AA 92 -63.05 40.18 -60.59
N UNK AA 93 -63.67 39.04 -60.28
CA UNK AA 93 -63.03 37.74 -60.35
C UNK AA 93 -61.80 37.68 -59.45
N UNK AA 94 -62.04 37.97 -58.17
CA UNK AA 94 -60.97 37.89 -57.17
C UNK AA 94 -60.30 36.53 -57.21
N UNK AA 95 -58.97 36.53 -57.12
CA UNK AA 95 -58.17 35.33 -57.38
C UNK AA 95 -58.21 34.33 -56.25
N UNK AA 96 -58.69 34.70 -55.07
CA UNK AA 96 -58.75 33.81 -53.92
C UNK AA 96 -57.36 33.44 -53.44
N UNK AA 97 -56.34 33.84 -54.19
CA UNK AA 97 -54.97 33.56 -53.78
C UNK AA 97 -54.63 34.36 -52.52
N UNK AA 98 -53.58 33.93 -51.85
CA UNK AA 98 -53.15 34.60 -50.63
C UNK AA 98 -51.66 34.94 -50.68
N UNK AA 99 -51.12 35.41 -49.56
CA UNK AA 99 -49.71 35.65 -49.26
C UNK AA 99 -49.22 37.00 -49.75
N UNK AA 100 -50.00 37.74 -50.53
CA UNK AA 100 -49.67 39.13 -50.86
C UNK AA 100 -50.93 39.94 -50.66
N UNK AA 101 -50.90 40.86 -49.69
CA UNK AA 101 -52.02 41.74 -49.39
C UNK AA 101 -53.21 40.94 -48.88
N UNK AA 102 -53.09 39.62 -48.85
CA UNK AA 102 -54.19 38.72 -48.53
C UNK AA 102 -53.90 38.02 -47.21
N UNK AA 103 -54.77 38.26 -46.23
CA UNK AA 103 -54.80 37.66 -44.90
C UNK AA 103 -55.98 38.26 -44.16
N UNK AA 104 -56.41 37.58 -43.10
CA UNK AA 104 -57.57 38.03 -42.34
C UNK AA 104 -57.19 38.09 -40.88
N UNK AA 105 -57.16 39.29 -40.31
CA UNK AA 105 -56.92 39.45 -38.90
C UNK AA 105 -58.24 39.30 -38.15
N UNK AA 106 -58.24 39.61 -36.86
CA UNK AA 106 -59.41 39.47 -36.01
C UNK AA 106 -59.85 40.86 -35.57
N UNK AA 107 -61.00 41.31 -36.05
CA UNK AA 107 -61.57 42.59 -35.65
C UNK AA 107 -62.99 42.34 -35.17
N UNK AA 108 -63.21 42.53 -33.87
CA UNK AA 108 -64.55 42.42 -33.31
C UNK AA 108 -65.27 43.75 -33.25
N UNK AA 109 -64.57 44.85 -33.51
CA UNK AA 109 -65.12 46.22 -33.54
C UNK AA 109 -65.71 46.55 -32.16
N UNK AA 110 -66.90 47.16 -32.10
CA UNK AA 110 -67.56 47.55 -30.85
C UNK AA 110 -66.60 48.46 -30.09
N UNK AA 111 -66.17 48.10 -28.88
CA UNK AA 111 -65.27 48.94 -28.11
C UNK AA 111 -64.56 48.12 -27.05
N UNK BA 1 -97.33 15.59 -57.03
CA UNK BA 1 -97.15 14.17 -56.80
C UNK BA 1 -95.94 13.65 -57.57
N UNK BA 2 -94.86 13.32 -56.86
CA UNK BA 2 -93.66 12.81 -57.51
C UNK BA 2 -92.93 11.88 -56.54
N UNK BA 3 -92.28 10.86 -57.08
CA UNK BA 3 -91.50 9.89 -56.31
C UNK BA 3 -90.67 9.10 -57.29
N UNK BA 4 -89.85 8.18 -56.77
CA UNK BA 4 -89.05 7.29 -57.61
C UNK BA 4 -89.54 5.87 -57.41
N UNK BA 5 -90.28 5.36 -58.39
CA UNK BA 5 -90.73 3.97 -58.40
C UNK BA 5 -89.72 3.01 -58.99
N UNK BA 6 -89.09 3.39 -60.11
CA UNK BA 6 -88.42 2.55 -61.12
C UNK BA 6 -89.44 2.01 -62.11
N UNK BA 7 -90.72 2.33 -61.95
CA UNK BA 7 -91.83 2.01 -62.85
C UNK BA 7 -91.99 0.49 -62.93
N UNK BA 8 -92.17 -0.08 -64.13
CA UNK BA 8 -92.60 -1.47 -64.22
C UNK BA 8 -91.47 -2.42 -63.87
N UNK BA 9 -90.30 -2.22 -64.49
CA UNK BA 9 -89.21 -3.17 -64.40
C UNK BA 9 -87.97 -2.49 -63.84
N UNK BA 10 -87.00 -3.31 -63.44
CA UNK BA 10 -85.76 -2.76 -62.91
C UNK BA 10 -84.55 -3.28 -63.68
N UNK BA 11 -84.18 -4.54 -63.46
CA UNK BA 11 -82.94 -5.12 -63.94
C UNK BA 11 -82.82 -6.58 -63.47
N UNK BA 12 -81.73 -7.26 -63.83
CA UNK BA 12 -81.47 -8.60 -63.36
C UNK BA 12 -80.05 -8.68 -62.81
N UNK BA 13 -79.74 -9.77 -62.13
CA UNK BA 13 -78.48 -9.87 -61.38
C UNK BA 13 -77.98 -11.32 -61.42
N UNK BA 14 -76.97 -11.60 -60.61
CA UNK BA 14 -76.33 -12.91 -60.55
C UNK BA 14 -75.68 -13.08 -59.19
N UNK BA 15 -74.88 -14.14 -59.05
CA UNK BA 15 -74.13 -14.35 -57.82
C UNK BA 15 -72.63 -14.44 -58.04
N UNK BA 16 -72.15 -15.59 -58.52
CA UNK BA 16 -70.75 -15.73 -58.87
C UNK BA 16 -70.60 -16.90 -59.82
N UNK BA 17 -69.52 -16.89 -60.59
CA UNK BA 17 -69.21 -17.96 -61.55
C UNK BA 17 -67.80 -17.73 -62.07
N UNK BA 18 -67.37 -18.63 -62.96
CA UNK BA 18 -66.06 -18.59 -63.62
C UNK BA 18 -65.98 -19.79 -64.55
N UNK BA 19 -64.89 -19.85 -65.31
CA UNK BA 19 -64.68 -20.93 -66.27
C UNK BA 19 -63.19 -21.04 -66.55
N UNK BA 20 -62.79 -22.16 -67.17
CA UNK BA 20 -61.40 -22.45 -67.47
C UNK BA 20 -61.24 -22.77 -68.95
N UNK BA 21 -60.50 -21.94 -69.66
CA UNK BA 21 -60.17 -22.17 -71.06
C UNK BA 21 -58.84 -22.88 -71.24
N UNK BA 22 -58.20 -23.29 -70.14
CA UNK BA 22 -56.90 -23.93 -70.22
C UNK BA 22 -56.99 -25.31 -70.88
N UNK BA 23 -55.84 -25.76 -71.38
CA UNK BA 23 -55.72 -27.06 -72.03
C UNK BA 23 -55.69 -28.20 -71.01
N UNK BA 24 -55.99 -29.41 -71.48
CA UNK BA 24 -56.16 -30.56 -70.59
C UNK BA 24 -55.01 -31.55 -70.78
N UNK BA 25 -54.11 -31.59 -69.81
CA UNK BA 25 -53.24 -32.74 -69.56
C UNK BA 25 -52.26 -33.03 -70.68
N UNK BA 26 -52.49 -32.46 -71.85
CA UNK BA 26 -51.65 -32.80 -72.99
C UNK BA 26 -50.38 -31.99 -73.03
N UNK BA 27 -50.33 -30.90 -72.25
CA UNK BA 27 -49.15 -30.04 -72.25
C UNK BA 27 -47.89 -30.84 -71.96
N UNK BA 28 -47.98 -31.78 -71.02
CA UNK BA 28 -46.83 -32.64 -70.71
C UNK BA 28 -46.30 -33.28 -71.98
N UNK BA 29 -47.19 -33.93 -72.73
CA UNK BA 29 -46.78 -34.56 -73.98
C UNK BA 29 -46.16 -33.54 -74.92
N UNK BA 30 -46.85 -32.43 -75.15
CA UNK BA 30 -46.36 -31.42 -76.06
C UNK BA 30 -44.92 -31.04 -75.75
N UNK BA 31 -44.65 -30.72 -74.48
CA UNK BA 31 -43.30 -30.38 -74.08
C UNK BA 31 -42.33 -31.51 -74.36
N UNK BA 32 -42.70 -32.73 -73.96
CA UNK BA 32 -41.83 -33.87 -74.16
C UNK BA 32 -41.38 -33.97 -75.61
N UNK BA 33 -42.36 -34.00 -76.52
CA UNK BA 33 -42.04 -34.13 -77.93
C UNK BA 33 -41.20 -32.95 -78.40
N UNK BA 34 -41.58 -31.73 -78.02
CA UNK BA 34 -40.86 -30.56 -78.48
C UNK BA 34 -39.39 -30.66 -78.13
N UNK BA 35 -39.10 -30.87 -76.84
CA UNK BA 35 -37.71 -31.05 -76.43
C UNK BA 35 -37.09 -32.23 -77.14
N UNK BA 36 -37.90 -33.21 -77.54
CA UNK BA 36 -37.34 -34.41 -78.16
C UNK BA 36 -36.83 -34.12 -79.56
N UNK BA 37 -37.70 -33.61 -80.44
CA UNK BA 37 -37.23 -33.21 -81.75
C UNK BA 37 -36.12 -32.18 -81.62
N UNK BA 38 -36.25 -31.30 -80.64
CA UNK BA 38 -35.16 -30.41 -80.27
C UNK BA 38 -33.87 -31.19 -80.08
N UNK BA 39 -33.95 -32.35 -79.46
CA UNK BA 39 -32.76 -33.15 -79.28
C UNK BA 39 -32.28 -33.71 -80.61
N UNK BA 40 -33.21 -34.14 -81.45
CA UNK BA 40 -32.82 -34.64 -82.78
C UNK BA 40 -31.98 -33.59 -83.49
N UNK BA 41 -32.52 -32.39 -83.63
CA UNK BA 41 -31.75 -31.32 -84.25
C UNK BA 41 -30.48 -31.02 -83.48
N UNK BA 42 -30.53 -31.16 -82.16
CA UNK BA 42 -29.32 -30.99 -81.38
C UNK BA 42 -28.24 -31.94 -81.87
N UNK BA 43 -28.62 -33.17 -82.17
CA UNK BA 43 -27.68 -34.10 -82.79
C UNK BA 43 -27.33 -33.65 -84.19
N UNK BA 44 -28.23 -32.94 -84.87
CA UNK BA 44 -27.88 -32.39 -86.18
C UNK BA 44 -26.73 -31.40 -86.07
N UNK BA 45 -26.99 -30.21 -85.54
CA UNK BA 45 -25.97 -29.18 -85.52
C UNK BA 45 -24.80 -29.55 -84.63
N UNK BA 46 -25.00 -30.51 -83.73
CA UNK BA 46 -23.88 -31.05 -82.98
C UNK BA 46 -23.03 -31.96 -83.85
N UNK BA 47 -23.67 -32.86 -84.60
CA UNK BA 47 -22.95 -33.64 -85.59
C UNK BA 47 -22.16 -32.73 -86.51
N UNK BA 48 -22.71 -31.56 -86.79
CA UNK BA 48 -21.92 -30.52 -87.41
C UNK BA 48 -20.77 -30.11 -86.51
N UNK BA 49 -21.04 -29.93 -85.21
CA UNK BA 49 -20.01 -29.44 -84.31
C UNK BA 49 -18.78 -30.35 -84.34
N UNK BA 50 -18.97 -31.63 -84.07
CA UNK BA 50 -17.85 -32.55 -84.16
C UNK BA 50 -17.45 -32.83 -85.61
N UNK BA 51 -18.29 -32.49 -86.57
CA UNK BA 51 -17.99 -32.82 -87.96
C UNK BA 51 -17.04 -31.78 -88.55
N UNK BA 52 -17.55 -30.58 -88.78
CA UNK BA 52 -16.68 -29.46 -89.11
C UNK BA 52 -15.56 -29.35 -88.09
N UNK BA 53 -15.83 -29.72 -86.85
CA UNK BA 53 -14.74 -29.79 -85.88
C UNK BA 53 -13.68 -30.79 -86.33
N UNK BA 54 -14.12 -31.92 -86.89
CA UNK BA 54 -13.15 -32.85 -87.45
C UNK BA 54 -12.36 -32.17 -88.55
N UNK BA 55 -13.04 -31.36 -89.37
CA UNK BA 55 -12.32 -30.55 -90.33
C UNK BA 55 -11.29 -29.67 -89.64
N UNK BA 56 -11.62 -29.14 -88.47
CA UNK BA 56 -10.69 -28.31 -87.72
C UNK BA 56 -9.45 -29.10 -87.36
N UNK BA 57 -9.61 -30.12 -86.53
CA UNK BA 57 -8.47 -30.93 -86.10
C UNK BA 57 -7.65 -31.36 -87.30
N UNK BA 58 -8.32 -31.69 -88.40
CA UNK BA 58 -7.61 -31.97 -89.64
C UNK BA 58 -6.74 -30.79 -90.03
N UNK BA 59 -7.33 -29.59 -90.08
CA UNK BA 59 -6.56 -28.40 -90.37
C UNK BA 59 -5.38 -28.28 -89.43
N UNK BA 60 -5.50 -28.81 -88.22
CA UNK BA 60 -4.36 -28.86 -87.33
C UNK BA 60 -3.41 -29.99 -87.70
N UNK BA 61 -3.85 -30.96 -88.50
CA UNK BA 61 -2.93 -32.01 -88.92
C UNK BA 61 -2.06 -31.55 -90.08
N UNK BA 62 -2.67 -31.00 -91.12
CA UNK BA 62 -1.87 -30.47 -92.21
C UNK BA 62 -1.15 -29.22 -91.75
N UNK BA 63 -1.88 -28.30 -91.16
CA UNK BA 63 -1.27 -27.19 -90.46
C UNK BA 63 -0.30 -27.68 -89.41
N UNK BA 64 -0.39 -28.96 -89.02
CA UNK BA 64 0.60 -29.51 -88.12
C UNK BA 64 1.86 -29.93 -88.86
N UNK BA 65 1.74 -30.33 -90.11
CA UNK BA 65 2.95 -30.58 -90.89
C UNK BA 65 3.64 -29.28 -91.26
N UNK BA 66 2.91 -28.39 -91.92
CA UNK BA 66 3.44 -27.07 -92.19
C UNK BA 66 3.81 -26.37 -90.89
N UNK BA 67 3.18 -26.76 -89.79
CA UNK BA 67 3.55 -26.22 -88.50
C UNK BA 67 4.81 -26.89 -87.98
N UNK BA 68 5.09 -28.11 -88.43
CA UNK BA 68 6.39 -28.68 -88.16
C UNK BA 68 7.46 -27.88 -88.88
N UNK BA 69 7.13 -27.44 -90.10
CA UNK BA 69 7.97 -26.43 -90.74
C UNK BA 69 8.07 -25.19 -89.86
N UNK BA 70 6.94 -24.74 -89.32
CA UNK BA 70 6.97 -23.59 -88.42
C UNK BA 70 7.86 -23.85 -87.22
N UNK BA 71 8.03 -25.11 -86.85
CA UNK BA 71 8.97 -25.45 -85.81
C UNK BA 71 10.38 -25.46 -86.33
N UNK BA 72 10.57 -25.69 -87.63
CA UNK BA 72 11.90 -25.62 -88.19
C UNK BA 72 12.38 -24.18 -88.24
N UNK BA 73 11.61 -23.31 -88.87
CA UNK BA 73 11.94 -21.89 -88.86
C UNK BA 73 11.98 -21.38 -87.43
N UNK BA 74 11.01 -21.81 -86.61
CA UNK BA 74 11.03 -21.47 -85.19
C UNK BA 74 12.36 -21.86 -84.57
N UNK BA 75 12.89 -23.00 -84.98
CA UNK BA 75 14.19 -23.43 -84.49
C UNK BA 75 15.29 -22.52 -85.00
N UNK BA 76 15.13 -22.02 -86.22
CA UNK BA 76 16.06 -21.01 -86.70
C UNK BA 76 16.00 -19.76 -85.85
N UNK BA 77 14.85 -19.45 -85.27
CA UNK BA 77 14.79 -18.38 -84.29
C UNK BA 77 15.51 -18.79 -83.01
N UNK BA 78 15.33 -20.03 -82.61
CA UNK BA 78 16.01 -20.53 -81.42
C UNK BA 78 17.52 -20.37 -81.55
N UNK BA 79 18.09 -21.01 -82.57
CA UNK BA 79 19.50 -20.86 -82.83
C UNK BA 79 19.86 -19.42 -83.12
N UNK BA 80 18.91 -18.65 -83.63
CA UNK BA 80 19.16 -17.24 -83.89
C UNK BA 80 19.53 -16.55 -82.59
N UNK BA 81 18.56 -16.40 -81.70
CA UNK BA 81 18.83 -15.73 -80.44
C UNK BA 81 19.92 -16.43 -79.66
N UNK BA 82 20.06 -17.73 -79.83
CA UNK BA 82 21.20 -18.43 -79.24
C UNK BA 82 22.49 -17.80 -79.71
N UNK BA 83 22.66 -17.70 -81.02
CA UNK BA 83 23.84 -17.04 -81.57
C UNK BA 83 23.93 -15.61 -81.09
N UNK BA 84 22.80 -14.96 -80.87
CA UNK BA 84 22.84 -13.64 -80.24
C UNK BA 84 23.53 -13.74 -78.90
N UNK BA 85 23.22 -14.79 -78.14
CA UNK BA 85 23.94 -15.02 -76.90
C UNK BA 85 25.40 -15.29 -77.16
N UNK BA 86 25.74 -15.88 -78.32
CA UNK BA 86 27.15 -16.04 -78.65
C UNK BA 86 27.82 -14.69 -78.80
N UNK BA 87 27.15 -13.75 -79.46
CA UNK BA 87 27.65 -12.39 -79.53
C UNK BA 87 27.75 -11.79 -78.13
N UNK BA 88 26.83 -12.16 -77.24
CA UNK BA 88 26.93 -11.71 -75.87
C UNK BA 88 28.21 -12.22 -75.23
N UNK BA 89 28.56 -13.48 -75.51
CA UNK BA 89 29.86 -13.97 -75.10
C UNK BA 89 30.96 -13.10 -75.69
N UNK BA 90 30.81 -12.74 -76.96
CA UNK BA 90 31.73 -11.78 -77.55
C UNK BA 90 31.75 -10.48 -76.78
N UNK BA 91 30.69 -10.17 -76.05
CA UNK BA 91 30.65 -9.03 -75.16
C UNK BA 91 31.00 -9.37 -73.72
N UNK BA 92 31.24 -10.64 -73.43
CA UNK BA 92 31.57 -11.03 -72.06
C UNK BA 92 33.04 -10.77 -71.77
N UNK CA 1 -18.03 -8.33 14.47
CA UNK CA 1 -17.13 -9.45 14.21
C UNK CA 1 -15.78 -8.91 13.78
N UNK CA 2 -15.34 -9.35 12.61
CA UNK CA 2 -14.10 -8.84 12.05
C UNK CA 2 -14.44 -7.66 11.15
N UNK CA 3 -14.10 -6.45 11.62
CA UNK CA 3 -14.16 -5.23 10.82
C UNK CA 3 -15.48 -5.03 10.09
N UNK CA 4 -16.57 -5.53 10.65
CA UNK CA 4 -17.87 -5.41 9.99
C UNK CA 4 -18.42 -4.01 10.25
N UNK CA 5 -18.81 -3.75 11.49
CA UNK CA 5 -19.17 -2.39 11.88
C UNK CA 5 -18.04 -1.42 11.62
N UNK CA 6 -16.82 -1.92 11.46
CA UNK CA 6 -15.78 -1.10 10.86
C UNK CA 6 -16.23 -0.70 9.45
N UNK CA 7 -16.33 -1.69 8.56
CA UNK CA 7 -16.77 -1.41 7.20
C UNK CA 7 -18.15 -0.76 7.20
N UNK CA 8 -19.09 -1.40 7.88
CA UNK CA 8 -20.43 -0.84 8.01
C UNK CA 8 -20.39 0.57 8.57
N UNK CA 9 -19.34 0.91 9.30
CA UNK CA 9 -19.17 2.28 9.76
C UNK CA 9 -18.55 3.16 8.68
N UNK CA 10 -17.76 2.57 7.78
CA UNK CA 10 -17.22 3.36 6.68
C UNK CA 10 -18.35 3.83 5.77
N UNK CA 11 -19.18 2.90 5.32
CA UNK CA 11 -20.33 3.30 4.53
C UNK CA 11 -21.33 4.07 5.39
N UNK CA 12 -21.59 3.57 6.59
CA UNK CA 12 -22.51 4.23 7.51
C UNK CA 12 -22.19 5.71 7.62
N UNK CA 13 -20.99 6.01 8.09
CA UNK CA 13 -20.50 7.39 8.05
C UNK CA 13 -20.67 7.99 6.67
N UNK CA 14 -20.44 7.20 5.63
CA UNK CA 14 -20.56 7.74 4.28
C UNK CA 14 -22.00 8.10 3.91
N UNK CA 15 -22.99 7.75 4.73
CA UNK CA 15 -24.38 7.88 4.30
C UNK CA 15 -24.91 9.30 4.46
N UNK CA 16 -25.16 9.72 5.70
CA UNK CA 16 -25.84 10.99 5.96
C UNK CA 16 -25.10 12.17 5.34
N UNK CA 17 -18.82 11.62 12.02
CA UNK CA 17 -19.79 12.31 12.86
C UNK CA 17 -19.85 11.70 14.25
N UNK CA 18 -20.82 12.14 15.06
CA UNK CA 18 -20.99 11.63 16.41
C UNK CA 18 -21.35 10.15 16.44
N UNK CA 19 -21.59 9.55 15.28
CA UNK CA 19 -22.09 8.18 15.23
C UNK CA 19 -21.16 7.21 15.95
N UNK CA 20 -21.77 6.19 16.55
CA UNK CA 20 -21.05 5.13 17.22
C UNK CA 20 -21.94 3.91 17.29
N UNK CA 21 -21.33 2.75 17.56
CA UNK CA 21 -22.08 1.51 17.63
C UNK CA 21 -23.20 1.55 18.66
N UNK CA 22 -23.14 2.49 19.59
CA UNK CA 22 -24.18 2.60 20.61
C UNK CA 22 -25.29 3.56 20.21
N UNK CA 23 -25.16 4.23 19.08
CA UNK CA 23 -26.19 5.18 18.68
C UNK CA 23 -27.49 4.46 18.37
N UNK CA 24 -28.57 5.22 18.34
CA UNK CA 24 -29.88 4.71 17.95
C UNK CA 24 -30.32 5.41 16.67
N UNK CA 25 -30.86 4.64 15.74
CA UNK CA 25 -31.29 5.21 14.48
C UNK CA 25 -32.58 5.98 14.68
N UNK CA 26 -33.65 5.26 14.99
CA UNK CA 26 -34.93 5.89 15.27
C UNK CA 26 -34.78 6.95 16.35
N UNK CA 27 -34.39 6.52 17.55
CA UNK CA 27 -34.25 7.47 18.66
C UNK CA 27 -33.23 8.55 18.32
N UNK CA 28 -31.94 8.21 18.31
CA UNK CA 28 -30.92 9.25 18.24
C UNK CA 28 -30.82 9.83 16.83
N UNK CA 29 -30.64 8.97 15.83
CA UNK CA 29 -30.46 9.47 14.48
C UNK CA 29 -31.73 10.14 13.98
N UNK CA 30 -32.85 9.44 14.07
CA UNK CA 30 -34.18 9.97 13.82
C UNK CA 30 -34.43 10.34 12.37
N UNK CA 31 -33.43 10.26 11.49
CA UNK CA 31 -33.72 10.38 10.07
C UNK CA 31 -34.79 9.37 9.70
N UNK CA 32 -35.83 9.84 9.00
CA UNK CA 32 -37.13 9.20 9.08
C UNK CA 32 -37.13 7.83 8.40
N UNK CA 33 -38.32 7.19 8.44
CA UNK CA 33 -38.45 5.80 8.02
C UNK CA 33 -37.81 5.55 6.66
N UNK CA 34 -37.98 6.50 5.73
CA UNK CA 34 -37.33 6.38 4.43
C UNK CA 34 -35.83 6.17 4.58
N UNK CA 35 -35.22 6.91 5.49
CA UNK CA 35 -33.78 6.74 5.72
C UNK CA 35 -33.50 5.37 6.33
N UNK CA 36 -34.24 5.01 7.37
CA UNK CA 36 -34.00 3.73 8.05
C UNK CA 36 -34.02 2.59 7.04
N UNK CA 37 -35.10 2.47 6.28
CA UNK CA 37 -35.13 1.49 5.22
C UNK CA 37 -34.07 1.75 4.16
N UNK CA 38 -33.60 2.99 4.06
CA UNK CA 38 -32.66 3.32 2.98
C UNK CA 38 -31.29 2.78 3.29
N UNK CA 39 -30.60 3.37 4.26
CA UNK CA 39 -29.35 2.81 4.75
C UNK CA 39 -29.52 1.37 5.14
N UNK CA 40 -30.74 0.95 5.44
CA UNK CA 40 -31.02 -0.48 5.52
C UNK CA 40 -30.70 -1.15 4.20
N UNK CA 41 -31.26 -0.63 3.11
CA UNK CA 41 -31.11 -1.27 1.82
C UNK CA 41 -29.67 -1.20 1.33
N UNK CA 42 -29.12 0.01 1.25
CA UNK CA 42 -27.72 0.16 0.85
C UNK CA 42 -26.80 -0.60 1.79
N UNK CA 43 -27.16 -0.67 3.08
CA UNK CA 43 -26.46 -1.54 4.00
C UNK CA 43 -26.45 -2.96 3.47
N UNK CA 44 -27.63 -3.44 3.06
CA UNK CA 44 -27.71 -4.76 2.45
C UNK CA 44 -26.83 -4.84 1.21
N UNK CA 45 -26.62 -3.71 0.53
CA UNK CA 45 -25.73 -3.71 -0.62
C UNK CA 45 -24.27 -3.86 -0.21
N UNK CA 46 -23.90 -3.30 0.94
CA UNK CA 46 -22.51 -3.40 1.38
C UNK CA 46 -22.22 -4.76 1.99
N UNK CA 47 -23.19 -5.34 2.68
CA UNK CA 47 -22.97 -6.55 3.47
C UNK CA 47 -23.20 -7.83 2.67
N UNK CA 48 -23.47 -7.73 1.38
CA UNK CA 48 -23.59 -8.85 0.45
C UNK CA 48 -24.84 -9.68 0.67
N UNK CA 49 -25.65 -9.37 1.67
CA UNK CA 49 -26.88 -10.11 1.93
C UNK CA 49 -28.07 -9.18 1.82
N UNK CA 50 -29.25 -9.76 1.61
CA UNK CA 50 -30.49 -9.01 1.53
C UNK CA 50 -31.43 -9.47 2.63
N UNK CA 51 -32.08 -8.52 3.28
CA UNK CA 51 -32.88 -8.80 4.47
C UNK CA 51 -34.36 -8.80 4.12
N UNK CA 52 -35.10 -9.70 4.77
CA UNK CA 52 -36.55 -9.68 4.67
C UNK CA 52 -37.11 -8.55 5.51
N UNK CA 53 -38.35 -8.16 5.19
CA UNK CA 53 -39.05 -7.16 6.00
C UNK CA 53 -39.09 -7.60 7.46
N UNK CA 54 -39.25 -8.90 7.69
CA UNK CA 54 -39.07 -9.44 9.03
C UNK CA 54 -37.73 -9.02 9.60
N UNK CA 55 -36.66 -9.28 8.85
CA UNK CA 55 -35.35 -8.81 9.29
C UNK CA 55 -35.27 -7.29 9.24
N UNK CA 56 -36.02 -6.65 8.34
CA UNK CA 56 -35.88 -5.21 8.15
C UNK CA 56 -36.34 -4.45 9.38
N UNK CA 57 -37.59 -4.66 9.79
CA UNK CA 57 -38.11 -3.90 10.92
C UNK CA 57 -37.45 -4.30 12.23
N UNK CA 58 -37.01 -5.55 12.34
CA UNK CA 58 -36.40 -6.03 13.58
C UNK CA 58 -35.18 -5.19 13.94
N UNK CA 59 -34.20 -5.15 13.04
CA UNK CA 59 -33.07 -4.25 13.22
C UNK CA 59 -33.57 -2.83 13.04
N UNK CA 60 -33.36 -1.98 14.04
CA UNK CA 60 -33.92 -0.64 14.00
C UNK CA 60 -32.88 0.42 14.30
N UNK CA 61 -32.42 0.47 15.54
CA UNK CA 61 -31.54 1.55 15.97
C UNK CA 61 -30.14 1.35 15.37
N UNK CA 62 -29.28 2.33 15.61
CA UNK CA 62 -27.89 2.22 15.17
C UNK CA 62 -27.13 1.25 16.03
N UNK CA 63 -27.47 1.15 17.31
CA UNK CA 63 -27.07 0.00 18.09
C UNK CA 63 -27.59 -1.27 17.43
N UNK CA 64 -28.90 -1.33 17.18
CA UNK CA 64 -29.46 -2.46 16.44
C UNK CA 64 -28.81 -2.60 15.08
N UNK CA 65 -28.46 -1.48 14.45
CA UNK CA 65 -27.65 -1.58 13.24
C UNK CA 65 -26.35 -2.32 13.52
N UNK CA 66 -25.81 -2.13 14.72
CA UNK CA 66 -24.49 -2.66 15.04
C UNK CA 66 -24.56 -4.14 15.42
N UNK CA 67 -25.16 -4.45 16.56
CA UNK CA 67 -25.25 -5.85 16.95
C UNK CA 67 -26.15 -6.62 16.00
N UNK CA 68 -27.29 -6.05 15.64
CA UNK CA 68 -28.14 -6.68 14.65
C UNK CA 68 -27.44 -6.77 13.31
N UNK CA 69 -26.43 -5.93 13.08
CA UNK CA 69 -25.65 -6.05 11.85
C UNK CA 69 -25.00 -7.43 11.71
N UNK CA 70 -24.71 -8.10 12.82
CA UNK CA 70 -24.29 -9.49 12.74
C UNK CA 70 -25.34 -10.30 12.00
N UNK CA 71 -24.88 -11.14 11.08
CA UNK CA 71 -25.77 -11.91 10.22
C UNK CA 71 -26.80 -12.72 11.00
N UNK DA 1 18.53 -73.60 58.62
CA UNK DA 1 17.32 -73.18 57.95
C UNK DA 1 16.12 -73.32 58.87
N UNK DA 2 16.38 -73.40 60.17
CA UNK DA 2 15.31 -73.57 61.13
C UNK DA 2 14.44 -72.32 61.21
N UNK DA 3 13.22 -72.48 61.70
CA UNK DA 3 12.30 -71.36 61.78
C UNK DA 3 11.33 -71.56 62.92
N UNK DA 4 10.86 -70.44 63.47
CA UNK DA 4 9.79 -70.43 64.46
C UNK DA 4 9.09 -69.09 64.36
N UNK DA 5 7.81 -69.06 64.74
CA UNK DA 5 6.95 -67.94 64.45
C UNK DA 5 6.77 -67.08 65.69
N UNK DA 6 7.36 -65.88 65.66
CA UNK DA 6 7.05 -64.77 66.56
C UNK DA 6 6.98 -65.33 67.98
N UNK DA 7 5.88 -65.13 68.69
CA UNK DA 7 5.72 -65.70 70.02
C UNK DA 7 6.90 -65.28 70.87
N UNK DA 8 7.72 -66.25 71.25
CA UNK DA 8 8.93 -65.95 72.00
C UNK DA 8 9.80 -64.93 71.30
N UNK DA 9 9.82 -64.94 69.96
CA UNK DA 9 10.54 -63.91 69.24
C UNK DA 9 10.09 -62.55 69.71
N UNK DA 10 8.77 -62.34 69.77
CA UNK DA 10 8.21 -61.17 70.42
C UNK DA 10 8.79 -61.02 71.81
N UNK DA 11 8.63 -62.06 72.64
CA UNK DA 11 9.23 -62.05 73.96
C UNK DA 11 10.73 -61.78 73.88
N UNK DA 12 11.37 -62.31 72.83
CA UNK DA 12 12.75 -61.97 72.56
C UNK DA 12 12.94 -60.47 72.62
N UNK DA 13 12.23 -59.74 71.77
CA UNK DA 13 12.24 -58.29 71.83
C UNK DA 13 12.03 -57.82 73.26
N UNK DA 14 11.02 -58.36 73.92
CA UNK DA 14 10.81 -58.05 75.33
C UNK DA 14 12.08 -58.35 76.12
N UNK DA 15 12.55 -59.59 76.02
CA UNK DA 15 13.86 -59.92 76.56
C UNK DA 15 14.88 -58.89 76.13
N UNK DA 16 14.93 -58.60 74.84
CA UNK DA 16 15.72 -57.48 74.36
C UNK DA 16 15.39 -56.22 75.12
N UNK DA 17 14.13 -55.80 75.03
CA UNK DA 17 13.67 -54.67 75.81
C UNK DA 17 14.06 -54.84 77.27
N UNK DA 18 14.06 -56.07 77.76
CA UNK DA 18 14.51 -56.33 79.12
C UNK DA 18 15.91 -55.80 79.33
N UNK DA 19 16.87 -56.27 78.54
CA UNK DA 19 18.24 -55.78 78.68
C UNK DA 19 18.35 -54.32 78.26
N UNK DA 20 17.31 -53.75 77.67
CA UNK DA 20 17.45 -52.49 76.95
C UNK DA 20 17.84 -51.34 77.87
N UNK DA 21 17.23 -51.27 79.05
CA UNK DA 21 17.30 -50.09 79.89
C UNK DA 21 16.83 -48.91 79.00
N UNK DA 22 17.28 -47.66 79.20
CA UNK DA 22 17.53 -47.06 80.50
C UNK DA 22 16.30 -47.28 81.37
N UNK DA 23 15.13 -47.34 80.74
CA UNK DA 23 13.90 -47.63 81.46
C UNK DA 23 13.90 -49.05 81.99
N UNK DA 24 13.04 -49.30 82.98
CA UNK DA 24 13.00 -50.56 83.72
C UNK DA 24 11.98 -51.52 83.12
N UNK DA 25 12.32 -52.81 83.12
CA UNK DA 25 11.49 -53.80 82.46
C UNK DA 25 10.11 -53.90 83.08
N UNK DA 26 10.02 -53.70 84.39
CA UNK DA 26 8.74 -53.84 85.08
C UNK DA 26 7.70 -52.84 84.58
N UNK DA 27 8.11 -51.84 83.80
CA UNK DA 27 7.18 -50.82 83.35
C UNK DA 27 6.02 -51.43 82.56
N UNK DA 28 6.26 -51.84 81.32
CA UNK DA 28 5.18 -52.39 80.51
C UNK DA 28 5.77 -53.18 79.36
N UNK DA 29 4.96 -54.09 78.84
CA UNK DA 29 5.28 -54.77 77.60
C UNK DA 29 4.04 -55.44 77.01
N UNK DA 30 4.07 -55.72 75.72
CA UNK DA 30 4.83 -54.93 74.77
C UNK DA 30 3.83 -54.05 74.05
N UNK DA 31 2.55 -54.27 74.38
CA UNK DA 31 1.48 -53.54 73.72
C UNK DA 31 1.68 -52.05 73.86
N UNK DA 32 2.42 -51.63 74.88
CA UNK DA 32 2.74 -50.22 75.06
C UNK DA 32 3.44 -49.66 73.83
N UNK DA 33 3.05 -48.46 73.42
CA UNK DA 33 3.77 -47.75 72.37
C UNK DA 33 5.10 -47.29 72.91
N UNK DA 34 6.16 -47.55 72.14
CA UNK DA 34 7.53 -47.35 72.60
C UNK DA 34 7.67 -46.04 73.33
N UNK DA 35 7.46 -44.94 72.63
CA UNK DA 35 7.45 -43.65 73.31
C UNK DA 35 6.17 -43.50 74.13
N UNK DA 36 5.02 -43.46 73.44
CA UNK DA 36 3.80 -42.91 74.00
C UNK DA 36 3.60 -43.32 75.45
N UNK DA 37 3.43 -44.61 75.67
CA UNK DA 37 3.38 -45.10 77.04
C UNK DA 37 4.63 -44.68 77.79
N UNK DA 38 5.78 -45.19 77.36
CA UNK DA 38 6.98 -45.03 78.15
C UNK DA 38 7.54 -43.62 78.12
N UNK DA 39 7.04 -42.75 77.24
CA UNK DA 39 7.63 -41.43 77.05
C UNK DA 39 9.12 -41.55 76.72
N UNK DA 40 9.42 -42.45 75.79
CA UNK DA 40 10.79 -42.77 75.44
C UNK DA 40 11.42 -41.69 74.56
N UNK DA 41 12.76 -41.69 74.51
CA UNK DA 41 13.52 -40.77 73.69
C UNK DA 41 13.59 -41.24 72.24
N UNK DA 42 13.65 -40.28 71.32
CA UNK DA 42 13.69 -40.58 69.90
C UNK DA 42 14.89 -41.44 69.53
N UNK DA 43 16.09 -40.87 69.62
CA UNK DA 43 17.30 -41.62 69.30
C UNK DA 43 17.36 -42.92 70.09
N UNK DA 44 16.76 -42.95 71.27
CA UNK DA 44 16.59 -44.21 71.96
C UNK DA 44 15.82 -45.19 71.08
N UNK DA 45 14.75 -44.72 70.44
CA UNK DA 45 14.04 -45.59 69.52
C UNK DA 45 14.89 -45.94 68.33
N UNK DA 46 15.87 -45.11 68.01
CA UNK DA 46 16.86 -45.53 67.02
C UNK DA 46 17.63 -46.73 67.53
N UNK DA 47 18.12 -46.64 68.77
CA UNK DA 47 18.71 -47.81 69.38
C UNK DA 47 17.75 -48.98 69.35
N UNK DA 48 16.44 -48.71 69.35
CA UNK DA 48 15.49 -49.77 69.16
C UNK DA 48 15.55 -50.30 67.73
N UNK DA 49 15.82 -49.43 66.76
CA UNK DA 49 16.01 -49.89 65.40
C UNK DA 49 17.15 -50.90 65.39
N UNK DA 50 18.35 -50.43 65.71
CA UNK DA 50 19.51 -51.31 65.72
C UNK DA 50 19.23 -52.56 66.54
N UNK DA 51 18.48 -52.40 67.62
CA UNK DA 51 18.09 -53.55 68.42
C UNK DA 51 17.35 -54.57 67.58
N UNK DA 52 16.37 -54.09 66.80
CA UNK DA 52 15.69 -54.99 65.87
C UNK DA 52 16.68 -55.59 64.89
N UNK DA 53 17.67 -54.81 64.46
CA UNK DA 53 18.72 -55.36 63.61
C UNK DA 53 19.35 -56.56 64.29
N UNK DA 54 19.49 -56.51 65.61
CA UNK DA 54 19.92 -57.68 66.33
C UNK DA 54 18.86 -58.77 66.31
N UNK DA 55 17.59 -58.39 66.45
CA UNK DA 55 16.52 -59.36 66.34
C UNK DA 55 16.56 -60.03 64.98
N UNK DA 56 16.50 -59.24 63.92
CA UNK DA 56 16.74 -59.72 62.56
C UNK DA 56 17.52 -58.65 61.82
N UNK DA 57 18.63 -59.04 61.20
CA UNK DA 57 19.44 -58.08 60.47
C UNK DA 57 18.72 -57.51 59.26
N UNK DA 58 17.57 -58.05 58.90
CA UNK DA 58 16.80 -57.49 57.80
C UNK DA 58 16.47 -56.02 57.99
N UNK DA 59 16.44 -55.57 59.24
CA UNK DA 59 16.16 -54.19 59.63
C UNK DA 59 14.80 -53.75 59.05
N UNK DA 60 14.68 -52.48 58.69
CA UNK DA 60 13.40 -51.94 58.29
C UNK DA 60 13.61 -50.63 57.56
N UNK DA 61 12.55 -50.20 56.87
CA UNK DA 61 12.49 -48.84 56.39
C UNK DA 61 12.47 -47.89 57.58
N UNK DA 62 13.38 -46.92 57.57
CA UNK DA 62 13.47 -45.99 58.68
C UNK DA 62 12.16 -45.22 58.87
N UNK DA 63 11.54 -44.80 57.76
CA UNK DA 63 10.25 -44.12 57.86
C UNK DA 63 9.25 -44.97 58.63
N UNK DA 64 9.06 -46.21 58.17
CA UNK DA 64 8.14 -47.13 58.84
C UNK DA 64 8.50 -47.29 60.31
N UNK DA 65 9.79 -47.42 60.61
CA UNK DA 65 10.21 -47.62 62.00
C UNK DA 65 9.80 -46.44 62.86
N UNK DA 66 10.14 -45.23 62.42
CA UNK DA 66 9.68 -44.03 63.11
C UNK DA 66 8.19 -44.10 63.33
N UNK DA 67 7.44 -44.53 62.32
CA UNK DA 67 6.01 -44.67 62.50
C UNK DA 67 5.65 -45.78 63.47
N UNK DA 68 6.61 -46.61 63.87
CA UNK DA 68 6.32 -47.74 64.74
C UNK DA 68 6.72 -47.41 66.18
N UNK DA 69 5.84 -47.74 67.12
CA UNK DA 69 6.11 -47.57 68.55
C UNK DA 69 5.78 -48.82 69.34
N UNK DA 70 4.51 -49.20 69.38
CA UNK DA 70 4.11 -50.43 70.07
C UNK DA 70 4.78 -51.62 69.41
N UNK DA 71 5.45 -52.43 70.22
CA UNK DA 71 6.19 -53.56 69.65
C UNK DA 71 5.30 -54.52 68.92
N UNK DA 72 3.98 -54.44 69.09
CA UNK DA 72 3.10 -55.20 68.22
C UNK DA 72 3.43 -54.91 66.77
N UNK DA 73 3.81 -53.67 66.48
CA UNK DA 73 4.34 -53.36 65.16
C UNK DA 73 5.57 -54.20 64.87
N UNK DA 74 6.46 -54.29 65.86
CA UNK DA 74 7.64 -55.13 65.68
C UNK DA 74 7.23 -56.54 65.31
N UNK DA 75 6.12 -57.02 65.88
CA UNK DA 75 5.58 -58.29 65.44
C UNK DA 75 5.15 -58.19 63.97
N UNK DA 76 4.49 -57.10 63.61
CA UNK DA 76 3.96 -56.94 62.27
C UNK DA 76 5.06 -57.07 61.24
N UNK DA 77 5.95 -56.10 61.17
CA UNK DA 77 7.05 -56.21 60.23
C UNK DA 77 7.85 -57.47 60.47
N UNK DA 78 7.88 -57.92 61.73
CA UNK DA 78 8.59 -59.14 62.07
C UNK DA 78 8.10 -60.30 61.22
N UNK DA 79 6.79 -60.36 60.98
CA UNK DA 79 6.27 -61.37 60.08
C UNK DA 79 6.94 -61.29 58.72
N UNK DA 80 7.10 -60.06 58.21
CA UNK DA 80 7.75 -59.81 56.94
C UNK DA 80 7.12 -60.62 55.82
N UNK EA 1 1.02 -45.44 31.08
CA UNK EA 1 0.96 -45.55 29.63
C UNK EA 1 2.36 -45.57 29.03
N UNK EA 2 2.80 -46.76 28.67
CA UNK EA 2 4.07 -46.93 27.97
C UNK EA 2 3.97 -46.25 26.60
N UNK EA 3 2.78 -45.73 26.30
CA UNK EA 3 2.63 -44.80 25.21
C UNK EA 3 3.75 -43.77 25.27
N UNK EA 4 3.96 -43.20 26.46
CA UNK EA 4 5.10 -42.32 26.67
C UNK EA 4 6.39 -43.03 26.27
N UNK EA 5 6.61 -44.21 26.82
CA UNK EA 5 7.72 -45.04 26.36
C UNK EA 5 7.62 -45.30 24.87
N UNK EA 6 6.43 -45.63 24.39
CA UNK EA 6 6.22 -45.73 22.96
C UNK EA 6 6.51 -44.40 22.28
N UNK EA 7 6.12 -43.30 22.94
CA UNK EA 7 6.53 -41.99 22.48
C UNK EA 7 8.04 -41.89 22.47
N UNK EA 8 8.69 -42.43 23.50
CA UNK EA 8 10.12 -42.65 23.43
C UNK EA 8 10.47 -43.36 22.14
N UNK EA 9 9.82 -44.48 21.88
CA UNK EA 9 9.86 -45.09 20.57
C UNK EA 9 9.52 -44.08 19.49
N UNK EA 10 8.34 -43.45 19.61
CA UNK EA 10 7.96 -42.43 18.64
C UNK EA 10 9.02 -41.35 18.53
N UNK EA 11 9.78 -41.14 19.60
CA UNK EA 11 10.92 -40.25 19.56
C UNK EA 11 11.73 -40.52 18.30
N UNK EA 12 12.27 -41.74 18.20
CA UNK EA 12 12.93 -42.17 16.99
C UNK EA 12 12.11 -41.78 15.76
N UNK EA 13 10.88 -42.29 15.70
CA UNK EA 13 9.97 -41.91 14.63
C UNK EA 13 9.97 -40.41 14.42
N UNK EA 14 9.57 -39.65 15.45
CA UNK EA 14 9.41 -38.21 15.30
C UNK EA 14 10.65 -37.55 14.72
N UNK EA 15 11.81 -38.20 14.89
CA UNK EA 15 13.06 -37.68 14.36
C UNK EA 15 12.91 -37.21 12.93
N UNK EA 16 12.31 -38.05 12.09
CA UNK EA 16 12.14 -37.70 10.70
C UNK EA 16 11.41 -36.38 10.59
N UNK EA 17 10.23 -36.29 11.20
CA UNK EA 17 9.52 -35.03 11.26
C UNK EA 17 10.44 -33.94 11.77
N UNK EA 18 11.11 -34.21 12.88
CA UNK EA 18 12.12 -33.28 13.35
C UNK EA 18 13.16 -33.05 12.27
N UNK EA 19 13.79 -34.13 11.83
CA UNK EA 19 14.98 -34.02 11.01
C UNK EA 19 15.89 -33.01 11.68
N UNK EA 20 16.51 -32.14 10.89
CA UNK EA 20 17.13 -30.95 11.45
C UNK EA 20 17.34 -29.96 10.33
N UNK EA 21 17.41 -28.68 10.71
CA UNK EA 21 18.06 -27.73 9.83
C UNK EA 21 19.53 -28.07 9.69
N UNK EA 22 20.14 -28.50 10.79
CA UNK EA 22 21.48 -29.07 10.82
C UNK EA 22 22.55 -28.11 10.30
N UNK EA 23 22.27 -26.81 10.29
CA UNK EA 23 23.26 -25.85 9.84
C UNK EA 23 24.51 -25.89 10.70
N UNK EA 24 24.45 -26.50 11.86
CA UNK EA 24 25.60 -26.67 12.71
C UNK EA 24 25.82 -28.15 12.95
N UNK EA 25 27.04 -28.47 13.38
CA UNK EA 25 27.39 -29.76 13.95
C UNK EA 25 27.39 -30.90 12.94
N UNK EA 26 26.82 -30.69 11.75
CA UNK EA 26 26.84 -31.74 10.74
C UNK EA 26 28.26 -32.11 10.37
N UNK EA 27 29.14 -31.11 10.30
CA UNK EA 27 30.52 -31.35 9.95
C UNK EA 27 31.19 -32.28 10.94
N UNK EA 28 30.70 -32.33 12.18
CA UNK EA 28 31.25 -33.27 13.13
C UNK EA 28 31.02 -34.70 12.66
N UNK EA 29 29.76 -35.06 12.48
CA UNK EA 29 29.40 -36.39 12.05
C UNK EA 29 30.09 -36.71 10.73
N UNK EA 30 29.67 -36.01 9.67
CA UNK EA 30 30.21 -36.32 8.35
C UNK EA 30 31.73 -36.30 8.37
N UNK EA 31 32.28 -35.41 9.18
CA UNK EA 31 33.72 -35.40 9.39
C UNK EA 31 34.19 -36.77 9.82
N UNK EA 32 33.61 -37.30 10.90
CA UNK EA 32 34.00 -38.62 11.36
C UNK EA 32 33.81 -39.66 10.27
N UNK EA 33 32.71 -39.55 9.53
CA UNK EA 33 32.48 -40.41 8.38
C UNK EA 33 33.71 -40.46 7.51
N UNK EA 34 34.11 -39.32 6.98
CA UNK EA 34 35.34 -39.26 6.22
C UNK EA 34 36.54 -39.79 7.01
N UNK EA 35 36.56 -39.59 8.33
CA UNK EA 35 37.73 -39.99 9.10
C UNK EA 35 37.95 -41.49 9.00
N UNK EA 36 36.86 -42.25 8.93
CA UNK EA 36 36.99 -43.63 8.52
C UNK EA 36 37.83 -43.73 7.25
N UNK EA 37 37.53 -42.89 6.26
CA UNK EA 37 38.31 -42.91 5.04
C UNK EA 37 39.75 -42.48 5.27
N UNK EA 38 39.99 -41.66 6.29
CA UNK EA 38 41.36 -41.39 6.66
C UNK EA 38 42.05 -42.69 7.04
N UNK EA 39 41.42 -43.48 7.91
CA UNK EA 39 41.94 -44.81 8.17
C UNK EA 39 42.06 -45.61 6.89
N UNK EA 40 41.24 -45.30 5.89
CA UNK EA 40 41.25 -46.08 4.67
C UNK EA 40 42.52 -45.79 3.89
N UNK EA 41 42.63 -44.57 3.36
CA UNK EA 41 43.84 -44.19 2.64
C UNK EA 41 45.07 -44.49 3.46
N UNK EA 42 44.95 -44.47 4.79
CA UNK EA 42 46.01 -45.01 5.63
C UNK EA 42 46.29 -46.45 5.24
N UNK EA 43 45.25 -47.28 5.21
CA UNK EA 43 45.46 -48.65 4.76
C UNK EA 43 46.04 -48.68 3.35
N UNK EA 44 45.71 -47.69 2.52
CA UNK EA 44 46.35 -47.61 1.21
C UNK EA 44 47.84 -47.41 1.37
N UNK EA 45 48.25 -46.65 2.38
CA UNK EA 45 49.67 -46.55 2.67
C UNK EA 45 50.21 -47.89 3.12
N UNK EA 46 49.39 -48.69 3.79
CA UNK EA 46 49.83 -50.05 4.10
C UNK EA 46 50.09 -50.81 2.82
N UNK EA 47 49.20 -50.68 1.84
CA UNK EA 47 49.48 -51.25 0.54
C UNK EA 47 50.80 -50.73 0.00
N UNK EA 48 51.07 -49.44 0.24
CA UNK EA 48 52.38 -48.91 -0.14
C UNK EA 48 53.48 -49.67 0.57
N UNK EA 49 53.24 -50.11 1.79
CA UNK EA 49 54.19 -51.00 2.42
C UNK EA 49 54.31 -52.30 1.63
N UNK EA 50 53.19 -52.77 1.07
CA UNK EA 50 53.25 -53.95 0.23
C UNK EA 50 54.03 -53.70 -1.05
N UNK EA 51 54.19 -52.45 -1.45
CA UNK EA 51 54.92 -52.15 -2.68
C UNK EA 51 56.33 -52.73 -2.67
N UNK EA 52 56.92 -52.90 -1.49
CA UNK EA 52 58.22 -53.52 -1.40
C UNK EA 52 58.21 -54.97 -1.83
N UNK EA 53 57.04 -55.52 -2.16
CA UNK EA 53 56.93 -56.94 -2.51
C UNK EA 53 58.02 -57.36 -3.50
N UNK EA 54 58.23 -56.57 -4.55
CA UNK EA 54 59.36 -56.81 -5.43
C UNK EA 54 60.64 -56.55 -4.64
N UNK EA 55 61.52 -57.54 -4.60
CA UNK EA 55 62.75 -57.48 -3.81
C UNK EA 55 62.48 -57.14 -2.34
N UNK FA 1 77.60 -81.20 32.28
CA UNK FA 1 77.68 -82.56 31.76
C UNK FA 1 77.95 -83.56 32.86
N UNK FA 2 79.20 -84.04 32.91
CA UNK FA 2 79.70 -84.89 33.99
C UNK FA 2 79.01 -86.24 34.04
N UNK FA 3 77.94 -86.40 33.26
CA UNK FA 3 77.22 -87.67 33.14
C UNK FA 3 76.58 -88.04 34.46
N UNK FA 4 76.96 -87.35 35.53
CA UNK FA 4 76.21 -87.48 36.77
C UNK FA 4 74.78 -87.07 36.55
N UNK FA 5 74.53 -86.18 35.60
CA UNK FA 5 73.19 -85.98 35.09
C UNK FA 5 72.71 -87.26 34.41
N UNK FA 6 73.52 -87.79 33.51
CA UNK FA 6 73.17 -89.06 32.87
C UNK FA 6 72.94 -90.14 33.90
N UNK FA 7 73.99 -90.48 34.65
CA UNK FA 7 73.88 -91.52 35.67
C UNK FA 7 72.67 -91.26 36.56
N UNK FA 8 72.41 -90.00 36.90
CA UNK FA 8 71.20 -89.66 37.60
C UNK FA 8 69.99 -90.19 36.86
N UNK FA 9 69.94 -89.96 35.55
CA UNK FA 9 68.88 -90.53 34.77
C UNK FA 9 68.94 -92.05 34.73
N UNK FA 10 70.05 -92.66 35.16
CA UNK FA 10 70.06 -94.10 35.30
C UNK FA 10 69.40 -94.52 36.59
N UNK FA 11 69.63 -93.79 37.67
CA UNK FA 11 68.80 -93.97 38.84
C UNK FA 11 67.34 -93.85 38.46
N UNK FA 12 67.02 -92.80 37.71
CA UNK FA 12 65.71 -92.69 37.11
C UNK FA 12 65.38 -93.91 36.28
N UNK FA 13 66.39 -94.56 35.70
CA UNK FA 13 66.09 -95.75 34.92
C UNK FA 13 65.55 -96.84 35.82
N UNK FA 14 66.26 -97.14 36.91
CA UNK FA 14 65.67 -98.03 37.89
C UNK FA 14 64.38 -97.40 38.44
N UNK FA 15 64.53 -96.44 39.34
CA UNK FA 15 63.45 -95.62 39.87
C UNK FA 15 62.12 -96.35 40.09
N UNK FA 16 62.09 -97.32 41.00
CA UNK FA 16 60.81 -97.94 41.33
C UNK FA 16 60.03 -97.13 42.35
N UNK FA 17 60.70 -96.67 43.39
CA UNK FA 17 60.07 -96.03 44.53
C UNK FA 17 60.34 -94.53 44.52
N UNK FA 18 59.80 -93.85 45.53
CA UNK FA 18 59.88 -92.39 45.57
C UNK FA 18 61.32 -91.94 45.79
N UNK FA 19 62.04 -92.61 46.68
CA UNK FA 19 63.39 -92.17 46.95
C UNK FA 19 64.29 -92.49 45.77
N UNK FA 20 65.54 -92.08 45.87
CA UNK FA 20 66.53 -92.23 44.81
C UNK FA 20 67.90 -91.94 45.41
N UNK FA 21 68.92 -91.88 44.56
CA UNK FA 21 70.28 -91.68 45.05
C UNK FA 21 70.56 -90.18 45.09
N UNK FA 22 70.61 -89.63 46.29
CA UNK FA 22 71.07 -88.27 46.48
C UNK FA 22 72.58 -88.20 46.48
N UNK FA 23 73.26 -89.33 46.63
CA UNK FA 23 74.66 -89.37 46.26
C UNK FA 23 74.80 -89.04 44.79
N UNK FA 24 73.97 -89.66 43.95
CA UNK FA 24 73.98 -89.34 42.53
C UNK FA 24 73.53 -87.91 42.28
N UNK FA 25 72.32 -87.58 42.71
CA UNK FA 25 71.77 -86.26 42.40
C UNK FA 25 72.62 -85.16 43.02
N UNK FA 26 72.76 -85.21 44.34
CA UNK FA 26 73.59 -84.25 45.06
C UNK FA 26 74.99 -84.23 44.48
N UNK FA 27 75.49 -85.37 44.03
CA UNK FA 27 76.78 -85.42 43.38
C UNK FA 27 76.79 -84.49 42.17
N UNK FA 28 75.88 -84.74 41.22
CA UNK FA 28 75.77 -83.87 40.06
C UNK FA 28 75.67 -82.42 40.48
N UNK FA 29 74.93 -82.16 41.55
CA UNK FA 29 74.79 -80.81 42.06
C UNK FA 29 76.15 -80.23 42.37
N UNK FA 30 76.77 -80.70 43.45
CA UNK FA 30 78.01 -80.09 43.90
C UNK FA 30 79.03 -80.03 42.79
N UNK FA 31 78.96 -80.97 41.85
CA UNK FA 31 79.72 -80.83 40.61
C UNK FA 31 79.40 -79.48 40.01
N UNK FA 32 78.16 -79.31 39.58
CA UNK FA 32 77.76 -78.07 38.94
C UNK FA 32 78.11 -76.88 39.81
N UNK FA 33 77.94 -77.01 41.11
CA UNK FA 33 78.32 -75.95 42.04
C UNK FA 33 79.76 -75.55 41.79
N UNK FA 34 80.66 -76.54 41.87
CA UNK FA 34 82.06 -76.29 41.56
C UNK FA 34 82.19 -75.57 40.24
N UNK FA 35 81.42 -76.00 39.24
CA UNK FA 35 81.49 -75.35 37.95
C UNK FA 35 81.21 -73.86 38.07
N UNK FA 36 80.05 -73.49 38.60
CA UNK FA 36 79.69 -72.08 38.68
C UNK FA 36 80.71 -71.31 39.49
N UNK FA 37 81.19 -71.90 40.57
CA UNK FA 37 82.25 -71.29 41.34
C UNK FA 37 83.42 -70.93 40.45
N UNK FA 38 83.92 -71.90 39.69
CA UNK FA 38 84.97 -71.59 38.74
C UNK FA 38 84.53 -70.54 37.74
N UNK FA 39 83.23 -70.45 37.50
CA UNK FA 39 82.74 -69.60 36.42
C UNK FA 39 82.81 -68.14 36.82
N UNK FA 40 81.91 -67.73 37.72
CA UNK FA 40 81.99 -66.36 38.19
C UNK FA 40 83.33 -66.09 38.84
N UNK FA 41 84.00 -67.14 39.32
CA UNK FA 41 85.38 -67.01 39.74
C UNK FA 41 86.21 -66.42 38.61
N UNK FA 42 86.17 -67.07 37.45
CA UNK FA 42 86.88 -66.54 36.30
C UNK FA 42 86.39 -65.13 35.97
N UNK FA 43 85.10 -64.89 36.14
CA UNK FA 43 84.58 -63.54 35.94
C UNK FA 43 85.32 -62.55 36.81
N UNK FA 44 85.63 -62.94 38.04
CA UNK FA 44 86.40 -62.07 38.90
C UNK FA 44 87.82 -61.94 38.41
N UNK FA 45 88.43 -63.06 38.00
CA UNK FA 45 89.77 -63.01 37.44
C UNK FA 45 89.85 -61.95 36.35
N UNK FA 46 88.88 -61.94 35.46
CA UNK FA 46 88.77 -60.86 34.50
C UNK FA 46 88.61 -59.53 35.21
N UNK FA 47 87.76 -59.48 36.21
CA UNK FA 47 87.44 -58.21 36.87
C UNK FA 47 88.70 -57.55 37.42
N UNK FA 48 89.26 -58.12 38.49
CA UNK FA 48 90.48 -57.57 39.05
C UNK FA 48 91.59 -57.54 38.03
N UNK FA 49 91.53 -58.41 37.02
CA UNK FA 49 92.50 -58.34 35.94
C UNK FA 49 92.47 -56.96 35.29
N UNK FA 50 91.29 -56.56 34.80
CA UNK FA 50 91.15 -55.23 34.25
C UNK FA 50 91.43 -54.17 35.30
N UNK FA 51 91.22 -54.49 36.58
CA UNK FA 51 91.55 -53.55 37.63
C UNK FA 51 93.02 -53.21 37.61
N UNK FA 52 93.88 -54.23 37.70
CA UNK FA 52 95.31 -53.99 37.61
C UNK FA 52 95.67 -53.35 36.27
N UNK FA 53 94.96 -53.72 35.21
CA UNK FA 53 95.13 -53.00 33.95
C UNK FA 53 94.94 -51.51 34.16
N UNK FA 54 93.96 -51.13 34.97
CA UNK FA 54 93.75 -49.73 35.26
C UNK FA 54 94.85 -49.17 36.14
N UNK FA 55 95.39 -49.99 37.04
CA UNK FA 55 96.59 -49.58 37.74
C UNK FA 55 97.65 -49.18 36.72
N UNK FA 56 97.78 -49.95 35.64
CA UNK FA 56 98.69 -49.56 34.56
C UNK FA 56 98.22 -48.28 33.90
N UNK FA 57 96.91 -48.05 33.83
CA UNK FA 57 96.41 -46.81 33.26
C UNK FA 57 96.88 -45.62 34.06
N UNK FA 58 97.08 -45.79 35.36
CA UNK FA 58 97.61 -44.73 36.18
C UNK FA 58 99.04 -44.42 35.73
N UNK GA 1 7.80 -33.64 51.84
CA UNK GA 1 8.29 -32.57 52.71
C UNK GA 1 8.74 -33.16 54.04
N UNK GA 2 9.89 -33.82 54.03
CA UNK GA 2 10.38 -34.49 55.22
C UNK GA 2 10.57 -33.49 56.36
N UNK GA 3 10.40 -33.98 57.58
CA UNK GA 3 10.53 -33.12 58.74
C UNK GA 3 12.00 -32.85 59.04
N UNK GA 4 12.29 -31.61 59.42
CA UNK GA 4 13.60 -31.31 59.98
C UNK GA 4 13.91 -32.28 61.09
N UNK GA 5 12.92 -32.60 61.91
CA UNK GA 5 13.02 -33.75 62.79
C UNK GA 5 13.37 -35.00 61.98
N UNK GA 6 12.48 -35.39 61.06
CA UNK GA 6 12.76 -36.55 60.23
C UNK GA 6 14.13 -36.46 59.59
N UNK GA 7 14.51 -35.26 59.14
CA UNK GA 7 15.86 -35.06 58.65
C UNK GA 7 16.88 -35.54 59.66
N UNK GA 8 16.78 -35.02 60.87
CA UNK GA 8 17.70 -35.43 61.92
C UNK GA 8 17.67 -36.93 62.12
N UNK GA 9 16.48 -37.54 62.00
CA UNK GA 9 16.39 -38.98 62.07
C UNK GA 9 17.31 -39.60 61.04
N UNK GA 10 17.24 -39.09 59.80
CA UNK GA 10 18.16 -39.55 58.79
C UNK GA 10 19.60 -39.37 59.25
N UNK GA 11 19.89 -38.28 59.96
CA UNK GA 11 21.21 -38.12 60.52
C UNK GA 11 21.53 -39.27 61.46
N UNK GA 12 20.55 -39.72 62.22
CA UNK GA 12 20.78 -40.86 63.11
C UNK GA 12 21.04 -42.12 62.31
N UNK GA 13 20.37 -42.28 61.17
CA UNK GA 13 20.69 -43.41 60.31
C UNK GA 13 22.15 -43.35 59.88
N UNK GA 14 22.58 -42.19 59.40
CA UNK GA 14 23.99 -42.00 59.13
C UNK GA 14 24.82 -42.33 60.36
N UNK GA 15 24.26 -42.15 61.55
CA UNK GA 15 24.99 -42.56 62.76
C UNK GA 15 25.08 -44.06 62.85
N UNK GA 16 24.07 -44.78 62.37
CA UNK GA 16 24.22 -46.22 62.25
C UNK GA 16 25.36 -46.55 61.31
N UNK GA 17 25.51 -45.76 60.24
CA UNK GA 17 26.70 -45.91 59.41
C UNK GA 17 27.95 -45.68 60.23
N UNK GA 18 27.92 -44.70 61.14
CA UNK GA 18 29.05 -44.52 62.03
C UNK GA 18 29.32 -45.79 62.81
N UNK GA 19 28.26 -46.47 63.23
CA UNK GA 19 28.44 -47.78 63.83
C UNK GA 19 29.18 -48.69 62.86
N UNK GA 20 28.86 -48.60 61.57
CA UNK GA 20 29.60 -49.40 60.62
C UNK GA 20 31.09 -49.05 60.63
N UNK GA 21 31.42 -47.79 60.88
CA UNK GA 21 32.83 -47.43 60.97
C UNK GA 21 33.53 -48.24 62.04
N UNK GA 22 32.80 -48.70 63.04
CA UNK GA 22 33.40 -49.49 64.09
C UNK GA 22 33.85 -50.84 63.55
N UNK GA 23 34.71 -51.49 64.31
CA UNK GA 23 35.23 -52.80 63.96
C UNK GA 23 35.00 -53.79 65.09
N UNK GA 24 35.61 -53.52 66.24
CA UNK GA 24 35.40 -54.34 67.42
C UNK GA 24 34.09 -53.94 68.08
N UNK GA 25 33.88 -54.39 69.31
CA UNK GA 25 32.61 -54.20 70.00
C UNK GA 25 32.47 -52.84 70.64
N UNK GA 26 33.41 -51.93 70.40
CA UNK GA 26 33.50 -50.70 71.16
C UNK GA 26 32.19 -49.93 71.17
N UNK GA 27 31.68 -49.70 72.37
CA UNK GA 27 30.54 -48.83 72.63
C UNK GA 27 31.02 -47.44 73.01
N UNK GA 28 31.85 -47.33 74.05
CA UNK GA 28 32.38 -46.04 74.46
C UNK GA 28 32.90 -45.24 73.27
N UNK GA 29 33.45 -45.92 72.28
CA UNK GA 29 33.57 -45.30 70.97
C UNK GA 29 32.18 -44.89 70.50
N UNK GA 30 31.34 -45.90 70.24
CA UNK GA 30 30.00 -45.65 69.73
C UNK GA 30 29.22 -44.74 70.67
N UNK GA 31 29.02 -45.19 71.90
CA UNK GA 31 28.28 -44.39 72.87
C UNK GA 31 28.89 -43.01 73.00
N UNK GA 32 30.21 -42.92 72.92
CA UNK GA 32 30.83 -41.60 72.88
C UNK GA 32 30.24 -40.78 71.76
N UNK GA 33 30.13 -41.37 70.58
CA UNK GA 33 29.47 -40.67 69.49
C UNK GA 33 28.05 -40.30 69.88
N UNK GA 34 27.36 -41.18 70.61
CA UNK GA 34 26.02 -40.83 71.06
C UNK GA 34 26.06 -39.53 71.86
N UNK GA 35 27.05 -39.41 72.74
CA UNK GA 35 27.24 -38.15 73.45
C UNK GA 35 27.44 -37.01 72.46
N UNK GA 36 28.19 -37.25 71.39
CA UNK GA 36 28.32 -36.21 70.38
C UNK GA 36 26.96 -35.83 69.82
N UNK GA 37 26.05 -36.79 69.71
CA UNK GA 37 24.73 -36.48 69.17
C UNK GA 37 23.93 -35.63 70.15
N UNK GA 38 23.79 -36.10 71.39
CA UNK GA 38 23.03 -35.37 72.38
C UNK GA 38 23.58 -33.97 72.56
N UNK GA 39 24.88 -33.86 72.69
CA UNK GA 39 25.56 -32.57 72.66
C UNK GA 39 25.08 -31.75 71.47
N UNK GA 40 25.30 -32.27 70.27
CA UNK GA 40 24.98 -31.54 69.05
C UNK GA 40 23.58 -30.96 69.11
N UNK GA 41 22.60 -31.80 69.45
CA UNK GA 41 21.26 -31.30 69.73
C UNK GA 41 21.30 -30.30 70.86
N UNK GA 42 21.66 -30.77 72.05
CA UNK GA 42 21.58 -29.97 73.26
C UNK GA 42 20.22 -29.30 73.38
N UNK GA 43 19.17 -30.08 73.12
CA UNK GA 43 17.80 -29.60 73.16
C UNK GA 43 17.67 -28.33 72.31
N UNK GA 44 18.07 -28.47 71.05
CA UNK GA 44 18.22 -27.34 70.16
C UNK GA 44 16.94 -26.50 70.11
N UNK GA 45 17.11 -25.19 69.99
CA UNK GA 45 16.00 -24.24 69.93
C UNK GA 45 16.19 -23.31 68.75
N UNK GA 46 15.27 -23.37 67.79
CA UNK GA 46 15.30 -22.54 66.59
C UNK GA 46 16.65 -22.61 65.90
N UNK GA 47 17.10 -21.47 65.36
CA UNK GA 47 18.42 -21.35 64.76
C UNK GA 47 18.74 -22.55 63.88
N UNK GA 48 18.05 -22.68 62.76
CA UNK GA 48 18.16 -23.91 61.99
C UNK GA 48 19.46 -23.97 61.20
N UNK GA 49 20.30 -22.94 61.32
CA UNK GA 49 21.66 -23.05 60.81
C UNK GA 49 22.38 -24.23 61.41
N UNK GA 50 22.06 -24.56 62.66
CA UNK GA 50 22.57 -25.80 63.24
C UNK GA 50 22.30 -26.96 62.30
N UNK GA 51 21.08 -27.01 61.78
CA UNK GA 51 20.75 -27.92 60.68
C UNK GA 51 21.79 -27.85 59.59
N UNK GA 52 21.93 -26.67 58.98
CA UNK GA 52 23.01 -26.45 58.04
C UNK GA 52 24.35 -26.86 58.63
N UNK GA 53 24.59 -26.48 59.88
CA UNK GA 53 25.78 -26.94 60.58
C UNK GA 53 25.80 -28.46 60.65
N UNK GA 54 24.68 -29.04 61.03
CA UNK GA 54 24.53 -30.48 60.89
C UNK GA 54 24.71 -30.90 59.44
N UNK GA 55 24.14 -30.12 58.52
CA UNK GA 55 24.48 -30.33 57.11
C UNK GA 55 25.97 -30.17 56.90
N UNK GA 56 26.57 -29.18 57.57
CA UNK GA 56 28.03 -29.12 57.63
C UNK GA 56 28.58 -30.40 58.24
N UNK GA 57 27.97 -30.87 59.32
CA UNK GA 57 28.35 -32.16 59.87
C UNK GA 57 28.13 -33.28 58.87
N UNK GA 58 27.17 -33.09 57.96
CA UNK GA 58 27.00 -34.04 56.87
C UNK GA 58 28.30 -34.24 56.11
N UNK GA 59 29.08 -33.17 55.99
CA UNK GA 59 30.40 -33.29 55.36
C UNK GA 59 31.24 -34.34 56.07
N UNK GA 60 31.26 -34.28 57.40
CA UNK GA 60 31.87 -35.36 58.17
C UNK GA 60 31.23 -36.69 57.81
N UNK GA 61 29.89 -36.71 57.77
CA UNK GA 61 29.19 -37.84 57.19
C UNK GA 61 29.70 -38.12 55.79
N UNK GA 62 29.80 -37.08 54.96
CA UNK GA 62 30.47 -37.25 53.67
C UNK GA 62 31.87 -37.79 53.88
N UNK GA 63 32.60 -37.22 54.84
CA UNK GA 63 33.87 -37.78 55.24
C UNK GA 63 33.74 -39.13 55.92
N UNK GA 64 32.52 -39.55 56.24
CA UNK GA 64 32.29 -40.84 56.89
C UNK GA 64 32.03 -41.91 55.82
N UNK GA 65 31.49 -43.06 56.24
CA UNK GA 65 31.17 -44.17 55.34
C UNK GA 65 32.42 -44.77 54.71
N UNK GA 66 33.38 -45.11 55.56
CA UNK GA 66 34.65 -45.68 55.12
C UNK GA 66 34.46 -46.88 54.20
N UNK GA 67 34.02 -48.02 54.75
CA UNK GA 67 34.04 -49.23 53.94
C UNK GA 67 32.93 -49.20 52.88
N UNK GA 68 31.63 -49.21 53.21
CA UNK GA 68 30.99 -49.56 54.49
C UNK GA 68 29.61 -50.10 54.14
N UNK GA 69 29.14 -51.15 54.79
CA UNK GA 69 27.87 -51.75 54.39
C UNK GA 69 27.43 -52.77 55.43
N UNK GA 70 26.31 -53.41 55.14
CA UNK GA 70 25.69 -54.39 56.01
C UNK GA 70 24.85 -55.34 55.17
N UNK GA 71 24.46 -56.46 55.79
CA UNK GA 71 23.80 -57.53 55.07
C UNK GA 71 22.55 -57.04 54.34
N UNK GA 72 22.44 -57.43 53.08
CA UNK GA 72 21.26 -57.13 52.29
C UNK GA 72 20.87 -58.39 51.53
N UNK GA 73 19.65 -58.37 50.99
CA UNK GA 73 19.10 -59.51 50.27
C UNK GA 73 19.38 -59.35 48.78
N UNK GA 74 20.05 -60.33 48.20
CA UNK GA 74 20.35 -60.27 46.78
C UNK GA 74 19.09 -60.43 45.94
N UNK GA 75 18.00 -60.85 46.56
CA UNK GA 75 16.74 -61.12 45.84
C UNK GA 75 16.94 -62.18 44.77
N UNK GA 76 17.08 -63.43 45.21
CA UNK GA 76 17.48 -64.49 44.28
C UNK GA 76 16.28 -65.12 43.59
N UNK GA 77 15.58 -66.02 44.27
CA UNK GA 77 14.64 -66.91 43.61
C UNK GA 77 13.54 -66.16 42.89
N UNK GA 78 12.65 -65.54 43.67
CA UNK GA 78 11.56 -64.72 43.14
C UNK GA 78 10.78 -65.48 42.06
N UNK GA 79 10.12 -66.54 42.50
CA UNK GA 79 9.41 -67.42 41.58
C UNK GA 79 7.91 -67.15 41.50
N UNK GA 80 7.40 -66.12 42.19
CA UNK GA 80 5.96 -65.90 42.23
C UNK GA 80 5.40 -65.71 40.82
N UNK GA 81 4.15 -66.12 40.64
CA UNK GA 81 3.60 -66.24 39.30
C UNK GA 81 2.09 -66.12 39.35
N UNK GA 82 1.51 -65.91 38.18
CA UNK GA 82 0.06 -65.79 38.06
C UNK GA 82 -0.68 -67.02 38.57
N UNK GA 83 -0.69 -68.10 37.79
CA UNK GA 83 -1.73 -69.11 37.98
C UNK GA 83 -1.68 -70.29 36.99
N UNK GA 84 -2.65 -71.18 37.13
CA UNK GA 84 -2.93 -72.33 36.25
C UNK GA 84 -1.71 -73.26 36.27
N UNK GA 85 -1.32 -73.84 35.14
CA UNK GA 85 -0.35 -74.92 35.09
C UNK GA 85 -0.75 -76.04 36.05
N UNK GA 86 -1.81 -76.76 35.66
CA UNK GA 86 -2.42 -77.78 36.51
C UNK GA 86 -2.67 -79.05 35.71
N UNK GA 87 -2.28 -80.19 36.28
CA UNK GA 87 -2.54 -81.48 35.66
C UNK GA 87 -4.03 -81.76 35.47
N UNK GA 88 -4.91 -81.55 36.46
CA UNK GA 88 -4.64 -81.09 37.84
C UNK GA 88 -4.20 -82.16 38.84
N UNK GA 89 -3.56 -81.71 39.93
CA UNK GA 89 -3.19 -82.52 41.08
C UNK GA 89 -4.28 -82.55 42.14
N UNK GA 90 -5.47 -82.04 41.84
CA UNK GA 90 -6.66 -82.08 42.68
C UNK GA 90 -6.59 -81.25 43.96
N UNK GA 91 -6.91 -81.88 45.10
CA UNK GA 91 -7.52 -81.20 46.23
C UNK GA 91 -6.81 -79.90 46.60
N UNK GA 92 -5.51 -79.83 46.38
CA UNK GA 92 -4.80 -78.56 46.58
C UNK GA 92 -5.45 -77.45 45.76
N UNK GA 93 -5.56 -77.68 44.45
CA UNK GA 93 -6.25 -76.72 43.61
C UNK GA 93 -7.70 -76.56 44.04
N UNK GA 94 -8.24 -77.49 44.81
CA UNK GA 94 -9.59 -77.32 45.31
C UNK GA 94 -9.63 -76.24 46.38
N UNK GA 95 -8.75 -76.33 47.37
CA UNK GA 95 -8.59 -75.22 48.30
C UNK GA 95 -8.35 -73.94 47.53
N UNK GA 96 -7.46 -74.01 46.55
CA UNK GA 96 -7.26 -72.89 45.65
C UNK GA 96 -8.56 -72.43 45.02
N UNK GA 97 -9.53 -73.34 44.88
CA UNK GA 97 -10.80 -72.97 44.27
C UNK GA 97 -11.67 -72.24 45.27
N UNK GA 98 -11.65 -72.69 46.53
CA UNK GA 98 -12.22 -71.88 47.59
C UNK GA 98 -11.67 -70.46 47.49
N UNK GA 99 -10.37 -70.35 47.27
CA UNK GA 99 -9.80 -69.03 47.06
C UNK GA 99 -10.26 -68.41 45.74
N UNK GA 100 -10.74 -69.22 44.80
CA UNK GA 100 -11.11 -68.70 43.49
C UNK GA 100 -12.49 -68.06 43.56
N UNK GA 101 -13.50 -68.86 43.87
CA UNK GA 101 -14.80 -68.29 44.19
C UNK GA 101 -14.64 -67.16 45.19
N UNK GA 102 -13.73 -67.34 46.16
CA UNK GA 102 -13.35 -66.24 47.01
C UNK GA 102 -12.87 -65.06 46.21
N UNK GA 103 -12.22 -65.32 45.07
CA UNK GA 103 -11.67 -64.22 44.29
C UNK GA 103 -12.78 -63.48 43.57
N UNK GA 104 -13.50 -64.17 42.69
CA UNK GA 104 -14.63 -63.54 42.00
C UNK GA 104 -15.53 -62.82 42.99
N UNK GA 105 -15.74 -63.44 44.15
CA UNK GA 105 -16.34 -62.72 45.26
C UNK GA 105 -15.61 -61.41 45.49
N UNK GA 106 -14.28 -61.46 45.57
CA UNK GA 106 -13.54 -60.23 45.75
C UNK GA 106 -13.68 -59.31 44.55
N UNK GA 107 -14.20 -59.80 43.44
CA UNK GA 107 -14.51 -58.90 42.34
C UNK GA 107 -15.82 -58.19 42.60
N UNK GA 108 -16.83 -58.92 43.11
CA UNK GA 108 -18.01 -58.26 43.62
C UNK GA 108 -17.61 -57.16 44.60
N UNK GA 109 -16.65 -57.46 45.47
CA UNK GA 109 -16.01 -56.42 46.24
C UNK GA 109 -15.53 -55.31 45.32
N UNK GA 110 -14.73 -55.67 44.31
CA UNK GA 110 -14.13 -54.66 43.45
C UNK GA 110 -15.16 -53.69 42.93
N UNK GA 111 -16.39 -54.14 42.77
CA UNK GA 111 -17.49 -53.20 42.55
C UNK GA 111 -17.76 -52.40 43.82
N UNK GA 112 -17.94 -53.09 44.94
CA UNK GA 112 -18.25 -52.40 46.18
C UNK GA 112 -17.18 -51.38 46.52
N UNK GA 113 -16.02 -51.88 46.92
CA UNK GA 113 -14.85 -51.04 47.16
C UNK GA 113 -14.55 -50.14 45.98
N UNK GA 114 -14.95 -50.53 44.76
CA UNK GA 114 -14.78 -49.61 43.64
C UNK GA 114 -15.54 -48.32 43.90
N UNK GA 115 -16.84 -48.43 44.13
CA UNK GA 115 -17.62 -47.26 44.47
C UNK GA 115 -17.12 -46.61 45.74
N UNK GA 116 -16.53 -47.39 46.65
CA UNK GA 116 -15.97 -46.82 47.86
C UNK GA 116 -14.84 -45.86 47.52
N UNK GA 117 -13.92 -46.31 46.67
CA UNK GA 117 -12.90 -45.41 46.14
C UNK GA 117 -13.57 -44.20 45.52
N UNK GA 118 -14.62 -44.43 44.74
CA UNK GA 118 -15.37 -43.33 44.18
C UNK GA 118 -15.85 -42.38 45.28
N UNK GA 119 -16.01 -42.90 46.50
CA UNK GA 119 -16.42 -42.05 47.60
C UNK GA 119 -15.25 -41.30 48.20
N UNK GA 120 -14.02 -41.70 47.91
CA UNK GA 120 -12.89 -41.03 48.51
C UNK GA 120 -12.75 -39.63 47.92
N UNK GA 121 -11.73 -38.91 48.38
CA UNK GA 121 -11.47 -37.58 47.86
C UNK GA 121 -10.75 -37.67 46.52
N UNK GA 122 -10.92 -36.62 45.71
CA UNK GA 122 -10.32 -36.60 44.39
C UNK GA 122 -8.79 -36.62 44.44
N UNK GA 123 -8.21 -35.99 45.46
CA UNK GA 123 -6.75 -35.91 45.54
C UNK GA 123 -6.16 -37.27 45.89
N UNK GA 124 -4.85 -37.30 46.08
CA UNK GA 124 -4.17 -38.56 46.36
C UNK GA 124 -3.19 -38.39 47.51
N UNK GA 125 -3.48 -39.05 48.63
CA UNK GA 125 -2.55 -39.33 49.71
C UNK GA 125 -1.96 -40.73 49.63
N UNK GA 126 -2.17 -41.41 48.50
CA UNK GA 126 -2.12 -42.88 48.32
C UNK GA 126 -3.27 -43.60 49.01
N UNK GA 127 -2.98 -44.67 49.74
CA UNK GA 127 -3.96 -45.73 49.97
C UNK GA 127 -5.04 -45.29 50.94
N UNK GA 128 -6.29 -45.30 50.48
CA UNK GA 128 -7.45 -44.96 51.31
C UNK GA 128 -8.24 -46.18 51.79
N UNK GA 129 -7.78 -47.40 51.50
CA UNK GA 129 -8.64 -48.57 51.60
C UNK GA 129 -9.30 -48.72 52.97
N UNK GA 130 -8.79 -48.03 53.98
CA UNK GA 130 -9.44 -47.99 55.28
C UNK GA 130 -10.85 -47.44 55.18
N UNK HA 1 40.67 -73.75 -28.91
CA UNK HA 1 40.00 -73.06 -27.82
C UNK HA 1 38.89 -73.91 -27.23
N UNK HA 2 37.74 -73.94 -27.91
CA UNK HA 2 36.56 -74.63 -27.38
C UNK HA 2 36.85 -76.10 -27.14
N UNK HA 3 37.31 -76.80 -28.19
CA UNK HA 3 37.77 -78.17 -27.99
C UNK HA 3 38.92 -78.20 -27.01
N UNK HA 4 39.89 -77.30 -27.20
CA UNK HA 4 40.96 -77.16 -26.23
C UNK HA 4 40.41 -76.83 -24.85
N UNK HA 5 39.20 -76.29 -24.78
CA UNK HA 5 38.55 -76.08 -23.50
C UNK HA 5 38.44 -77.39 -22.72
N UNK HA 6 38.04 -78.45 -23.40
CA UNK HA 6 38.13 -79.77 -22.78
C UNK HA 6 39.54 -80.06 -22.33
N UNK HA 7 40.50 -79.79 -23.21
CA UNK HA 7 41.90 -79.80 -22.82
C UNK HA 7 42.11 -78.87 -21.62
N UNK HA 8 41.55 -77.67 -21.70
CA UNK HA 8 41.50 -76.81 -20.53
C UNK HA 8 40.87 -77.53 -19.37
N UNK HA 9 39.71 -78.14 -19.61
CA UNK HA 9 39.15 -79.06 -18.62
C UNK HA 9 40.21 -80.07 -18.22
N UNK HA 10 40.83 -80.73 -19.19
CA UNK HA 10 41.99 -81.56 -18.90
C UNK HA 10 43.02 -80.79 -18.10
N UNK HA 11 43.42 -79.63 -18.59
CA UNK HA 11 44.26 -78.75 -17.81
C UNK HA 11 43.69 -78.54 -16.42
N UNK HA 12 42.40 -78.19 -16.37
CA UNK HA 12 41.69 -78.19 -15.09
C UNK HA 12 41.97 -79.49 -14.35
N UNK HA 13 41.57 -80.61 -14.95
CA UNK HA 13 41.93 -81.91 -14.39
C UNK HA 13 43.40 -81.97 -14.05
N UNK HA 14 44.25 -81.54 -14.99
CA UNK HA 14 45.67 -81.44 -14.71
C UNK HA 14 45.91 -80.49 -13.54
N UNK HA 15 45.34 -79.28 -13.63
CA UNK HA 15 45.36 -78.40 -12.48
C UNK HA 15 44.73 -79.07 -11.28
N UNK HA 16 43.70 -79.89 -11.51
CA UNK HA 16 43.17 -80.73 -10.43
C UNK HA 16 44.25 -81.68 -9.95
N UNK HA 17 44.89 -82.37 -10.88
CA UNK HA 17 46.14 -83.03 -10.57
C UNK HA 17 47.05 -82.08 -9.79
N UNK HA 18 47.20 -80.86 -10.29
CA UNK HA 18 47.95 -79.85 -9.54
C UNK HA 18 47.35 -79.62 -8.18
N UNK HA 19 46.02 -79.45 -8.12
CA UNK HA 19 45.37 -79.44 -6.82
C UNK HA 19 45.70 -80.70 -6.07
N UNK HA 20 45.56 -81.84 -6.74
CA UNK HA 20 46.08 -83.08 -6.21
C UNK HA 20 47.53 -82.92 -5.82
N UNK HA 21 48.35 -82.37 -6.72
CA UNK HA 21 49.73 -82.06 -6.38
C UNK HA 21 49.78 -81.18 -5.15
N UNK HA 22 48.94 -80.14 -5.12
CA UNK HA 22 48.76 -79.38 -3.89
C UNK HA 22 48.43 -80.33 -2.74
N UNK HA 23 47.39 -81.14 -2.94
CA UNK HA 23 47.13 -82.23 -2.01
C UNK HA 23 48.39 -83.04 -1.78
N UNK HA 24 49.04 -83.46 -2.86
CA UNK HA 24 50.32 -84.15 -2.72
C UNK HA 24 51.31 -83.30 -1.95
N UNK HA 25 51.41 -82.03 -2.31
CA UNK HA 25 52.16 -81.09 -1.49
C UNK HA 25 51.68 -81.17 -0.05
N UNK HA 26 50.37 -81.01 0.14
CA UNK HA 26 49.80 -81.24 1.46
C UNK HA 26 50.21 -82.60 1.98
N UNK HA 27 50.10 -83.63 1.14
CA UNK HA 27 50.61 -84.94 1.53
C UNK HA 27 52.09 -84.86 1.82
N UNK HA 28 52.84 -84.22 0.94
CA UNK HA 28 54.22 -83.89 1.27
C UNK HA 28 54.29 -83.13 2.58
N UNK HA 29 53.43 -82.13 2.73
CA UNK HA 29 53.27 -81.49 4.01
C UNK HA 29 52.90 -82.51 5.07
N UNK HA 30 51.93 -83.37 4.76
CA UNK HA 30 51.66 -84.51 5.62
C UNK HA 30 52.93 -85.30 5.87
N UNK HA 31 53.69 -85.55 4.81
CA UNK HA 31 55.04 -86.09 4.98
C UNK HA 31 55.84 -85.22 5.93
N UNK HA 32 55.92 -83.93 5.63
CA UNK HA 32 56.48 -82.98 6.59
C UNK HA 32 55.85 -83.18 7.95
N UNK HA 33 54.52 -83.32 7.99
CA UNK HA 33 53.83 -83.59 9.24
C UNK HA 33 54.32 -84.90 9.85
N UNK HA 34 54.42 -85.94 9.03
CA UNK HA 34 55.12 -87.13 9.47
C UNK HA 34 56.51 -86.77 9.92
N UNK HA 35 57.22 -85.99 9.12
CA UNK HA 35 58.51 -85.46 9.54
C UNK HA 35 58.37 -84.71 10.85
N UNK HA 36 57.26 -83.99 11.02
CA UNK HA 36 57.04 -83.23 12.23
C UNK HA 36 57.00 -84.09 13.49
N UNK HA 37 56.92 -85.40 13.36
CA UNK HA 37 56.73 -86.24 14.53
C UNK HA 37 57.88 -86.15 15.52
N UNK HA 38 59.10 -85.91 15.05
CA UNK HA 38 60.32 -86.13 15.84
C UNK HA 38 60.21 -87.61 16.29
N UNK HA 39 60.69 -88.14 17.44
CA UNK HA 39 61.91 -87.85 18.24
C UNK HA 39 62.07 -86.56 19.01
N UNK HA 40 63.21 -85.90 18.82
CA UNK HA 40 63.58 -84.72 19.58
C UNK HA 40 64.19 -83.70 18.63
N UNK HA 41 64.70 -82.60 19.18
CA UNK HA 41 65.09 -81.46 18.37
C UNK HA 41 66.36 -81.75 17.57
N UNK HA 42 66.55 -80.93 16.53
CA UNK HA 42 67.79 -80.90 15.75
C UNK HA 42 68.13 -82.28 15.20
N UNK HA 43 67.11 -83.09 15.00
CA UNK HA 43 67.36 -84.46 14.58
C UNK HA 43 67.58 -84.55 13.09
N UNK HA 44 66.52 -84.42 12.30
CA UNK HA 44 66.58 -84.69 10.86
C UNK HA 44 66.30 -83.42 10.08
N UNK HA 45 67.35 -82.84 9.49
CA UNK HA 45 67.16 -81.77 8.52
C UNK HA 45 66.87 -82.32 7.14
N UNK HA 46 67.45 -83.48 6.81
CA UNK HA 46 67.08 -84.15 5.56
C UNK HA 46 65.57 -84.21 5.45
N UNK HA 47 64.91 -84.56 6.55
CA UNK HA 47 63.49 -84.32 6.69
C UNK HA 47 63.20 -82.87 6.36
N UNK HA 48 63.72 -81.96 7.16
CA UNK HA 48 63.46 -80.53 7.00
C UNK HA 48 63.84 -80.06 5.61
N UNK HA 49 65.14 -80.10 5.30
CA UNK HA 49 65.60 -79.60 4.01
C UNK HA 49 64.79 -80.20 2.88
N UNK HA 50 64.37 -81.45 3.02
CA UNK HA 50 63.42 -82.01 2.07
C UNK HA 50 62.11 -81.24 2.10
N UNK HA 51 61.70 -80.81 3.29
CA UNK HA 51 60.40 -80.18 3.41
C UNK HA 51 60.47 -78.82 2.75
N UNK HA 52 61.33 -77.94 3.26
CA UNK HA 52 61.54 -76.65 2.63
C UNK HA 52 61.83 -76.78 1.15
N UNK HA 53 62.47 -77.86 0.73
CA UNK HA 53 62.60 -78.12 -0.70
C UNK HA 53 61.21 -78.18 -1.34
N UNK HA 54 60.35 -79.05 -0.82
CA UNK HA 54 58.98 -79.08 -1.28
C UNK HA 54 58.30 -77.71 -1.16
N UNK HA 55 58.77 -76.88 -0.25
CA UNK HA 55 58.21 -75.55 -0.11
C UNK HA 55 58.57 -74.70 -1.32
N UNK HA 56 59.84 -74.73 -1.73
CA UNK HA 56 60.18 -74.07 -2.98
C UNK HA 56 59.35 -74.62 -4.12
N UNK HA 57 59.12 -75.94 -4.12
CA UNK HA 57 58.18 -76.50 -5.08
C UNK HA 57 56.84 -75.79 -4.99
N UNK HA 58 56.40 -75.47 -3.78
CA UNK HA 58 55.18 -74.70 -3.64
C UNK HA 58 55.35 -73.30 -4.19
N UNK HA 59 56.56 -72.76 -4.09
CA UNK HA 59 56.82 -71.45 -4.68
C UNK HA 59 56.58 -71.51 -6.17
N UNK HA 60 56.92 -72.64 -6.80
CA UNK HA 60 56.56 -72.83 -8.19
C UNK HA 60 55.06 -72.65 -8.38
N UNK HA 61 54.26 -73.12 -7.43
CA UNK HA 61 52.84 -72.82 -7.46
C UNK HA 61 52.65 -71.33 -7.19
N UNK HA 62 51.90 -70.66 -8.05
CA UNK HA 62 51.69 -69.23 -7.93
C UNK HA 62 50.81 -68.90 -6.74
N UNK HA 63 50.89 -67.65 -6.32
CA UNK HA 63 50.02 -67.16 -5.25
C UNK HA 63 48.62 -66.99 -5.78
N UNK IA 1 -6.74 -69.71 24.01
CA UNK IA 1 -6.08 -70.79 24.72
C UNK IA 1 -7.02 -71.42 25.73
N UNK IA 2 -8.24 -70.90 25.82
CA UNK IA 2 -9.22 -71.43 26.76
C UNK IA 2 -9.47 -72.90 26.51
N UNK IA 3 -9.70 -73.27 25.26
CA UNK IA 3 -9.64 -74.66 24.88
C UNK IA 3 -8.30 -75.23 25.32
N UNK IA 4 -8.33 -76.37 26.01
CA UNK IA 4 -7.19 -76.75 26.82
C UNK IA 4 -6.27 -77.75 26.14
N UNK IA 5 -6.68 -79.00 26.10
CA UNK IA 5 -5.75 -80.02 25.64
C UNK IA 5 -5.53 -79.87 24.15
N UNK IA 6 -4.30 -79.57 23.77
CA UNK IA 6 -3.93 -79.46 22.37
C UNK IA 6 -2.41 -79.48 22.28
N UNK IA 7 -1.90 -79.72 21.08
CA UNK IA 7 -0.64 -79.10 20.67
C UNK IA 7 -0.82 -78.59 19.25
N UNK IA 8 -0.95 -77.28 19.08
CA UNK IA 8 -0.68 -76.58 17.83
C UNK IA 8 -1.52 -77.04 16.64
N UNK IA 9 -2.18 -78.19 16.75
CA UNK IA 9 -2.78 -78.87 15.60
C UNK IA 9 -3.38 -80.22 15.98
N UNK IA 10 -4.24 -80.79 15.13
CA UNK IA 10 -4.83 -82.07 15.47
C UNK IA 10 -3.98 -83.21 14.93
N UNK IA 11 -4.08 -83.49 13.64
CA UNK IA 11 -3.20 -84.47 13.03
C UNK IA 11 -1.88 -83.86 12.58
N UNK IA 12 -1.85 -82.55 12.34
CA UNK IA 12 -0.63 -81.94 11.89
C UNK IA 12 0.47 -82.07 12.91
N UNK IA 13 0.11 -82.33 14.17
CA UNK IA 13 1.11 -82.78 15.13
C UNK IA 13 1.86 -83.98 14.56
N UNK IA 14 1.11 -85.01 14.20
CA UNK IA 14 1.72 -86.16 13.56
C UNK IA 14 2.49 -85.73 12.32
N UNK IA 15 1.95 -84.76 11.58
CA UNK IA 15 2.71 -84.24 10.46
C UNK IA 15 4.10 -83.82 10.91
N UNK IA 16 4.17 -83.13 12.05
CA UNK IA 16 5.47 -82.74 12.58
C UNK IA 16 6.31 -83.94 12.92
N UNK IA 17 5.67 -85.00 13.42
CA UNK IA 17 6.41 -86.21 13.71
C UNK IA 17 7.10 -86.74 12.45
N UNK IA 18 6.32 -86.98 11.39
CA UNK IA 18 6.92 -87.47 10.14
C UNK IA 18 7.95 -86.50 9.61
N UNK IA 19 7.77 -85.21 9.87
CA UNK IA 19 8.79 -84.23 9.55
C UNK IA 19 10.11 -84.62 10.21
N UNK IA 20 10.13 -84.64 11.54
CA UNK IA 20 11.35 -85.05 12.24
C UNK IA 20 11.86 -86.39 11.74
N UNK IA 21 10.95 -87.25 11.29
CA UNK IA 21 11.38 -88.50 10.67
C UNK IA 21 12.26 -88.20 9.46
N UNK IA 22 11.83 -87.28 8.62
CA UNK IA 22 12.69 -86.87 7.50
C UNK IA 22 13.99 -86.27 8.03
N UNK IA 23 13.91 -85.52 9.13
CA UNK IA 23 15.12 -85.02 9.76
C UNK IA 23 16.09 -86.15 9.99
N UNK IA 24 15.58 -87.30 10.43
CA UNK IA 24 16.43 -88.48 10.50
C UNK IA 24 16.88 -88.89 9.10
N UNK IA 25 15.98 -88.81 8.12
CA UNK IA 25 16.33 -89.24 6.77
C UNK IA 25 17.56 -88.51 6.26
N UNK IA 26 17.83 -87.31 6.80
CA UNK IA 26 19.05 -86.61 6.45
C UNK IA 26 20.29 -87.50 6.64
N UNK IA 27 20.30 -88.28 7.72
CA UNK IA 27 21.47 -89.12 8.01
C UNK IA 27 21.83 -89.99 6.83
N UNK IA 28 20.82 -90.48 6.12
CA UNK IA 28 21.04 -91.31 4.95
C UNK IA 28 22.06 -90.66 4.03
N UNK IA 29 21.67 -89.55 3.40
CA UNK IA 29 22.59 -88.86 2.53
C UNK IA 29 23.86 -88.46 3.25
N UNK IA 30 23.78 -88.24 4.56
CA UNK IA 30 24.97 -87.89 5.31
C UNK IA 30 26.05 -88.95 5.16
N UNK IA 31 25.68 -90.22 5.19
CA UNK IA 31 26.69 -91.26 5.09
C UNK IA 31 27.35 -91.35 3.72
N UNK IA 32 26.83 -90.65 2.73
CA UNK IA 32 27.23 -90.90 1.35
C UNK IA 32 28.62 -90.36 1.05
N UNK IA 33 29.21 -90.91 -0.01
CA UNK IA 33 30.33 -90.28 -0.70
C UNK IA 33 29.73 -89.19 -1.58
N UNK IA 34 30.16 -87.92 -1.54
CA UNK IA 34 31.34 -87.33 -0.87
C UNK IA 34 32.63 -87.74 -1.55
N UNK IA 35 32.50 -88.50 -2.62
CA UNK IA 35 33.64 -89.10 -3.30
C UNK IA 35 34.62 -88.07 -3.84
N UNK IA 36 34.32 -86.77 -3.72
CA UNK IA 36 35.30 -85.77 -4.12
C UNK IA 36 36.63 -85.98 -3.39
N UNK IA 37 36.57 -85.99 -2.06
CA UNK IA 37 37.77 -86.32 -1.30
C UNK IA 37 38.28 -87.70 -1.63
N UNK IA 38 37.42 -88.58 -2.17
CA UNK IA 38 37.94 -89.84 -2.67
C UNK IA 38 38.79 -89.61 -3.90
N UNK IA 39 38.42 -88.64 -4.73
CA UNK IA 39 39.35 -88.21 -5.76
C UNK IA 39 40.62 -87.69 -5.13
N UNK IA 40 40.51 -87.13 -3.93
CA UNK IA 40 41.72 -86.85 -3.17
C UNK IA 40 42.42 -88.12 -2.73
N UNK IA 41 41.71 -89.26 -2.71
CA UNK IA 41 42.39 -90.52 -2.45
C UNK IA 41 43.10 -91.04 -3.69
N UNK IA 42 42.47 -90.89 -4.86
CA UNK IA 42 43.21 -91.07 -6.10
C UNK IA 42 44.39 -90.13 -6.14
N UNK IA 43 44.28 -88.99 -5.48
CA UNK IA 43 45.40 -88.08 -5.37
C UNK IA 43 46.45 -88.62 -4.42
N UNK IA 44 46.02 -89.28 -3.35
CA UNK IA 44 46.98 -89.80 -2.38
C UNK IA 44 47.75 -90.97 -2.97
N UNK IA 45 47.03 -91.99 -3.43
CA UNK IA 45 47.67 -93.07 -4.16
C UNK IA 45 48.50 -92.52 -5.31
N UNK IA 46 47.96 -91.52 -6.01
CA UNK IA 46 48.72 -90.83 -7.03
C UNK IA 46 50.01 -90.28 -6.47
N UNK IA 47 50.01 -89.92 -5.20
CA UNK IA 47 51.23 -89.43 -4.57
C UNK IA 47 52.17 -90.56 -4.22
N UNK IA 48 51.64 -91.75 -3.97
CA UNK IA 48 52.51 -92.92 -3.91
C UNK IA 48 53.19 -93.13 -5.25
N UNK IA 49 52.42 -93.02 -6.34
CA UNK IA 49 53.03 -92.96 -7.66
C UNK IA 49 54.09 -91.88 -7.70
N UNK IA 50 53.81 -90.74 -7.07
CA UNK IA 50 54.83 -89.70 -6.96
C UNK IA 50 55.98 -90.14 -6.09
N UNK IA 51 55.80 -91.20 -5.30
CA UNK IA 51 56.95 -91.77 -4.62
C UNK IA 51 57.74 -92.65 -5.58
N UNK IA 52 57.08 -93.27 -6.55
CA UNK IA 52 57.83 -93.89 -7.64
C UNK IA 52 58.61 -92.84 -8.40
N UNK IA 53 57.97 -91.71 -8.68
CA UNK IA 53 58.69 -90.55 -9.19
C UNK IA 53 59.88 -90.25 -8.31
N UNK IA 54 59.66 -90.16 -7.00
CA UNK IA 54 60.73 -89.88 -6.08
C UNK IA 54 61.89 -90.84 -6.27
N UNK IA 55 61.58 -92.13 -6.39
CA UNK IA 55 62.59 -93.11 -6.73
C UNK IA 55 63.36 -92.68 -7.95
N UNK IA 56 62.66 -92.25 -9.00
CA UNK IA 56 63.33 -91.58 -10.10
C UNK IA 56 63.95 -90.27 -9.61
N UNK IA 57 63.12 -89.36 -9.10
CA UNK IA 57 63.57 -88.05 -8.61
C UNK IA 57 62.35 -87.26 -8.15
N UNK IA 58 62.60 -86.11 -7.55
CA UNK IA 58 61.54 -85.29 -6.99
C UNK IA 58 61.64 -83.87 -7.56
N UNK IA 59 60.62 -83.46 -8.29
CA UNK IA 59 60.54 -82.10 -8.79
C UNK IA 59 59.10 -81.78 -9.15
N UNK IA 60 58.80 -80.49 -9.23
CA UNK IA 60 57.53 -80.06 -9.79
C UNK IA 60 57.71 -78.73 -10.50
N UNK IA 61 57.17 -78.62 -11.71
CA UNK IA 61 57.00 -77.33 -12.38
C UNK IA 61 55.87 -77.45 -13.38
N UNK IA 62 55.13 -76.36 -13.54
CA UNK IA 62 54.09 -76.33 -14.55
C UNK IA 62 54.61 -75.90 -15.91
N UNK IA 63 55.82 -75.34 -15.96
CA UNK IA 63 56.38 -74.84 -17.20
C UNK IA 63 56.98 -75.99 -17.99
N UNK IA 64 56.45 -76.23 -19.19
CA UNK IA 64 57.03 -77.23 -20.07
C UNK IA 64 58.21 -76.70 -20.87
N UNK IA 65 58.31 -75.37 -21.03
CA UNK IA 65 59.43 -74.72 -21.67
C UNK IA 65 59.56 -75.07 -23.15
N UNK IA 66 58.73 -75.99 -23.63
CA UNK IA 66 58.80 -76.40 -25.03
C UNK IA 66 58.52 -75.22 -25.95
N UNK IA 67 57.35 -74.61 -25.80
CA UNK IA 67 56.96 -73.48 -26.63
C UNK IA 67 57.13 -72.20 -25.85
N UNK IA 68 57.79 -71.21 -26.46
CA UNK IA 68 58.02 -69.94 -25.80
C UNK IA 68 58.28 -68.88 -26.87
N UNK IA 69 58.24 -67.63 -26.44
CA UNK IA 69 58.52 -66.50 -27.31
C UNK IA 69 58.95 -65.32 -26.44
N UNK IA 70 59.55 -64.33 -27.09
CA UNK IA 70 59.94 -63.11 -26.41
C UNK IA 70 60.07 -61.94 -27.38
N UNK JA 1 -34.18 -67.47 -4.62
CA UNK JA 1 -34.41 -67.39 -6.07
C UNK JA 1 -35.89 -67.35 -6.36
N UNK JA 2 -36.44 -66.15 -6.49
CA UNK JA 2 -37.89 -66.02 -6.63
C UNK JA 2 -38.32 -65.17 -7.82
N UNK JA 3 -37.96 -63.88 -7.81
CA UNK JA 3 -38.41 -62.98 -8.87
C UNK JA 3 -37.93 -63.48 -10.22
N UNK JA 4 -38.68 -63.11 -11.27
CA UNK JA 4 -38.48 -63.68 -12.59
C UNK JA 4 -37.04 -63.55 -13.05
N UNK JA 5 -36.44 -64.68 -13.39
CA UNK JA 5 -35.00 -64.74 -13.66
C UNK JA 5 -34.80 -64.88 -15.16
N UNK JA 6 -34.36 -63.79 -15.78
CA UNK JA 6 -33.80 -63.84 -17.11
C UNK JA 6 -32.29 -63.99 -17.07
N UNK JA 7 -31.74 -64.14 -15.87
CA UNK JA 7 -30.30 -64.23 -15.69
C UNK JA 7 -29.72 -65.29 -16.59
N UNK JA 8 -28.68 -64.91 -17.33
CA UNK JA 8 -28.04 -65.79 -18.29
C UNK JA 8 -29.10 -66.40 -19.21
N UNK JA 9 -28.97 -67.69 -19.50
CA UNK JA 9 -29.94 -68.38 -20.33
C UNK JA 9 -29.93 -69.86 -20.01
N UNK JA 10 -31.05 -70.50 -20.27
CA UNK JA 10 -31.12 -71.94 -20.32
C UNK JA 10 -31.02 -72.48 -21.74
N UNK JA 11 -30.84 -71.60 -22.73
CA UNK JA 11 -30.90 -72.01 -24.12
C UNK JA 11 -29.51 -72.40 -24.57
N UNK JA 12 -29.29 -73.69 -24.78
CA UNK JA 12 -27.98 -74.16 -25.20
C UNK JA 12 -27.73 -73.83 -26.66
N UNK JA 13 -28.74 -74.05 -27.51
CA UNK JA 13 -28.55 -74.08 -28.95
C UNK JA 13 -27.73 -72.89 -29.44
N UNK JA 14 -27.93 -71.74 -28.84
CA UNK JA 14 -27.02 -70.63 -29.11
C UNK JA 14 -25.60 -71.07 -28.80
N UNK JA 15 -25.31 -71.21 -27.51
CA UNK JA 15 -23.96 -71.55 -27.11
C UNK JA 15 -23.61 -72.97 -27.54
N UNK JA 16 -24.59 -73.85 -27.63
CA UNK JA 16 -24.31 -75.20 -28.11
C UNK JA 16 -23.75 -75.16 -29.52
N UNK JA 17 -24.52 -74.59 -30.44
CA UNK JA 17 -24.06 -74.47 -31.82
C UNK JA 17 -22.76 -73.71 -31.90
N UNK JA 18 -22.55 -72.75 -31.00
CA UNK JA 18 -21.22 -72.16 -30.89
C UNK JA 18 -20.19 -73.24 -30.64
N UNK JA 19 -20.44 -74.10 -29.65
CA UNK JA 19 -19.49 -75.18 -29.38
C UNK JA 19 -19.28 -76.03 -30.62
N UNK JA 20 -20.34 -76.23 -31.40
CA UNK JA 20 -20.17 -76.91 -32.68
C UNK JA 20 -19.19 -76.16 -33.57
N UNK JA 21 -19.30 -74.83 -33.61
CA UNK JA 21 -18.35 -74.04 -34.37
C UNK JA 21 -16.92 -74.33 -33.92
N UNK JA 22 -16.73 -74.38 -32.61
CA UNK JA 22 -15.43 -74.78 -32.09
C UNK JA 22 -15.02 -76.14 -32.63
N UNK JA 23 -15.98 -77.05 -32.74
CA UNK JA 23 -15.67 -78.40 -33.22
C UNK JA 23 -15.14 -78.35 -34.64
N UNK JA 24 -15.93 -77.81 -35.57
CA UNK JA 24 -15.46 -77.72 -36.95
C UNK JA 24 -14.11 -77.00 -37.00
N UNK JA 25 -13.92 -76.03 -36.13
CA UNK JA 25 -12.66 -75.33 -36.03
C UNK JA 25 -11.51 -76.28 -35.75
N UNK JA 26 -11.45 -76.83 -34.52
CA UNK JA 26 -10.33 -77.68 -34.14
C UNK JA 26 -10.16 -78.85 -35.09
N UNK JA 27 -11.26 -79.30 -35.67
CA UNK JA 27 -11.18 -80.27 -36.76
C UNK JA 27 -10.31 -79.73 -37.88
N UNK JA 28 -10.68 -78.57 -38.44
CA UNK JA 28 -9.92 -78.00 -39.54
C UNK JA 28 -8.47 -77.78 -39.14
N UNK JA 29 -8.24 -77.45 -37.88
CA UNK JA 29 -6.87 -77.36 -37.37
C UNK JA 29 -6.15 -78.68 -37.57
N UNK JA 30 -6.71 -79.75 -37.02
CA UNK JA 30 -6.12 -81.07 -37.19
C UNK JA 30 -5.84 -81.37 -38.66
N UNK JA 31 -6.77 -80.99 -39.51
CA UNK JA 31 -6.55 -81.15 -40.95
C UNK JA 31 -5.28 -80.43 -41.38
N UNK JA 32 -5.16 -79.16 -41.02
CA UNK JA 32 -3.96 -78.41 -41.35
C UNK JA 32 -2.72 -79.10 -40.80
N UNK JA 33 -2.84 -79.79 -39.67
CA UNK JA 33 -1.71 -80.54 -39.16
C UNK JA 33 -1.36 -81.70 -40.07
N UNK JA 34 -2.39 -82.47 -40.46
CA UNK JA 34 -2.18 -83.54 -41.43
C UNK JA 34 -1.45 -83.01 -42.64
N UNK JA 35 -1.87 -81.85 -43.13
CA UNK JA 35 -1.15 -81.20 -44.20
C UNK JA 35 0.32 -80.99 -43.81
N UNK JA 36 0.56 -80.39 -42.64
CA UNK JA 36 1.92 -80.14 -42.20
C UNK JA 36 2.77 -81.40 -42.33
N UNK JA 37 2.19 -82.54 -41.96
CA UNK JA 37 2.86 -83.81 -42.19
C UNK JA 37 3.09 -84.03 -43.68
N UNK JA 38 2.04 -83.88 -44.48
CA UNK JA 38 2.10 -84.20 -45.89
C UNK JA 38 3.21 -83.40 -46.57
N UNK JA 39 2.99 -82.09 -46.71
CA UNK JA 39 4.01 -81.24 -47.32
C UNK JA 39 5.35 -81.43 -46.63
N UNK JA 40 5.32 -81.65 -45.31
CA UNK JA 40 6.54 -81.96 -44.59
C UNK JA 40 7.28 -83.10 -45.25
N UNK JA 41 6.54 -84.07 -45.80
CA UNK JA 41 7.18 -85.09 -46.61
C UNK JA 41 7.49 -84.58 -48.00
N UNK JA 42 6.65 -83.68 -48.54
CA UNK JA 42 6.81 -83.26 -49.92
C UNK JA 42 8.14 -82.59 -50.15
N UNK JA 43 8.52 -81.65 -49.28
CA UNK JA 43 9.81 -81.00 -49.42
C UNK JA 43 10.96 -82.00 -49.32
N UNK JA 44 10.72 -83.15 -48.70
CA UNK JA 44 11.69 -84.23 -48.67
C UNK JA 44 11.52 -85.07 -49.92
N UNK KA 1 2.62 -59.66 -48.42
CA UNK KA 1 3.21 -59.57 -47.08
C UNK KA 1 2.53 -60.53 -46.13
N UNK KA 2 2.15 -61.70 -46.65
CA UNK KA 2 1.50 -62.73 -45.88
C UNK KA 2 2.54 -63.69 -45.29
N UNK KA 3 2.09 -64.83 -44.81
CA UNK KA 3 3.01 -65.87 -44.38
C UNK KA 3 3.84 -66.36 -45.57
N UNK KA 4 4.99 -66.94 -45.27
CA UNK KA 4 6.00 -67.21 -46.28
C UNK KA 4 5.52 -68.23 -47.31
N UNK KA 5 6.02 -68.06 -48.53
CA UNK KA 5 5.71 -69.00 -49.61
C UNK KA 5 6.52 -70.28 -49.49
N UNK KA 6 7.81 -70.15 -49.22
CA UNK KA 6 8.67 -71.32 -49.15
C UNK KA 6 8.28 -72.20 -47.97
N UNK KA 7 8.69 -73.46 -48.03
CA UNK KA 7 8.28 -74.45 -47.05
C UNK KA 7 9.47 -75.31 -46.62
N UNK KA 8 9.72 -75.34 -45.33
CA UNK KA 8 10.68 -76.27 -44.76
C UNK KA 8 10.28 -76.60 -43.34
N UNK KA 9 10.48 -77.86 -42.93
CA UNK KA 9 10.44 -78.24 -41.52
C UNK KA 9 9.14 -77.90 -40.81
N UNK KA 10 9.21 -76.92 -39.91
CA UNK KA 10 8.25 -76.53 -38.87
C UNK KA 10 8.06 -77.69 -37.89
N UNK KA 11 6.86 -77.82 -37.32
CA UNK KA 11 6.68 -78.76 -36.22
C UNK KA 11 5.26 -78.66 -35.68
N UNK KA 12 4.86 -79.73 -35.00
CA UNK KA 12 3.70 -79.79 -34.12
C UNK KA 12 4.08 -79.65 -32.64
N UNK KA 13 5.34 -79.32 -32.34
CA UNK KA 13 5.93 -79.61 -31.04
C UNK KA 13 5.30 -78.76 -29.94
N UNK KA 14 5.78 -79.00 -28.72
CA UNK KA 14 5.05 -78.63 -27.51
C UNK KA 14 5.44 -77.29 -26.92
N UNK KA 15 6.49 -76.64 -27.40
CA UNK KA 15 6.87 -75.37 -26.78
C UNK KA 15 5.75 -74.36 -26.87
N UNK KA 16 5.54 -73.84 -28.09
CA UNK KA 16 4.51 -72.84 -28.29
C UNK KA 16 3.14 -73.42 -27.97
N UNK KA 17 3.00 -74.73 -28.08
CA UNK KA 17 1.78 -75.40 -27.67
C UNK KA 17 1.50 -75.04 -26.23
N UNK KA 18 2.33 -75.54 -25.32
CA UNK KA 18 2.15 -75.31 -23.90
C UNK KA 18 1.94 -73.82 -23.61
N UNK KA 19 2.66 -72.96 -24.33
CA UNK KA 19 2.36 -71.55 -24.22
C UNK KA 19 0.88 -71.28 -24.45
N UNK KA 20 0.38 -71.77 -25.59
CA UNK KA 20 -1.03 -71.59 -25.90
C UNK KA 20 -1.90 -72.20 -24.82
N UNK KA 21 -1.45 -73.28 -24.20
CA UNK KA 21 -2.21 -73.88 -23.12
C UNK KA 21 -2.36 -72.91 -21.96
N UNK KA 22 -1.24 -72.31 -21.55
CA UNK KA 22 -1.28 -71.25 -20.57
C UNK KA 22 -2.30 -70.20 -20.96
N UNK KA 23 -2.30 -69.80 -22.23
CA UNK KA 23 -3.30 -68.85 -22.71
C UNK KA 23 -4.71 -69.37 -22.44
N UNK KA 24 -4.95 -70.64 -22.73
CA UNK KA 24 -6.28 -71.19 -22.57
C UNK KA 24 -6.75 -71.12 -21.13
N UNK KA 25 -5.99 -71.73 -20.21
CA UNK KA 25 -6.40 -71.71 -18.82
C UNK KA 25 -6.55 -70.28 -18.31
N UNK KA 26 -5.73 -69.37 -18.81
CA UNK KA 26 -5.93 -67.97 -18.47
C UNK KA 26 -7.33 -67.51 -18.87
N UNK KA 27 -7.70 -67.75 -20.13
CA UNK KA 27 -9.06 -67.43 -20.56
C UNK KA 27 -10.07 -68.02 -19.61
N UNK KA 28 -9.83 -69.24 -19.16
CA UNK KA 28 -10.69 -69.83 -18.13
C UNK KA 28 -10.80 -68.90 -16.94
N UNK KA 29 -9.66 -68.41 -16.46
CA UNK KA 29 -9.70 -67.44 -15.37
C UNK KA 29 -10.59 -66.27 -15.72
N UNK KA 30 -10.47 -65.78 -16.96
CA UNK KA 30 -11.33 -64.67 -17.39
C UNK KA 30 -12.79 -65.01 -17.16
N UNK KA 31 -13.19 -66.19 -17.63
CA UNK KA 31 -14.58 -66.61 -17.40
C UNK KA 31 -14.90 -66.62 -15.90
N UNK KA 32 -13.94 -67.07 -15.09
CA UNK KA 32 -14.17 -67.03 -13.64
C UNK KA 32 -14.52 -65.63 -13.20
N UNK KA 33 -13.77 -64.65 -13.69
CA UNK KA 33 -14.10 -63.26 -13.39
C UNK KA 33 -15.51 -62.93 -13.82
N UNK KA 34 -15.92 -63.40 -15.00
CA UNK KA 34 -17.28 -63.17 -15.44
C UNK KA 34 -18.27 -63.69 -14.41
N UNK KA 35 -17.94 -64.79 -13.75
CA UNK KA 35 -18.81 -65.35 -12.74
C UNK KA 35 -18.79 -64.51 -11.47
N UNK KA 36 -18.72 -72.61 -22.46
CA UNK KA 36 -18.17 -72.56 -21.12
C UNK KA 36 -16.79 -73.16 -21.13
N UNK KA 37 -16.64 -74.24 -20.37
CA UNK KA 37 -15.47 -75.08 -20.57
C UNK KA 37 -15.34 -75.44 -22.04
N UNK KA 38 -16.48 -75.64 -22.71
CA UNK KA 38 -16.49 -75.63 -24.16
C UNK KA 38 -15.78 -74.41 -24.69
N UNK KA 39 -16.31 -73.23 -24.38
CA UNK KA 39 -15.72 -71.99 -24.86
C UNK KA 39 -14.24 -71.93 -24.49
N UNK KA 40 -13.89 -72.45 -23.33
CA UNK KA 40 -12.48 -72.57 -22.99
C UNK KA 40 -11.75 -73.34 -24.07
N UNK KA 41 -12.26 -74.53 -24.42
CA UNK KA 41 -11.62 -75.33 -25.45
C UNK KA 41 -11.46 -74.54 -26.72
N UNK KA 42 -12.48 -73.76 -27.07
CA UNK KA 42 -12.36 -72.87 -28.21
C UNK KA 42 -11.13 -71.99 -28.05
N UNK KA 43 -11.04 -71.31 -26.91
CA UNK KA 43 -9.89 -70.44 -26.67
C UNK KA 43 -8.60 -71.18 -26.93
N UNK KA 44 -8.47 -72.37 -26.35
CA UNK KA 44 -7.30 -73.20 -26.60
C UNK KA 44 -7.08 -73.36 -28.09
N UNK KA 45 -8.13 -73.66 -28.83
CA UNK KA 45 -7.98 -73.93 -30.26
C UNK KA 45 -7.45 -72.71 -30.99
N UNK KA 46 -8.14 -71.59 -30.88
CA UNK KA 46 -7.68 -70.37 -31.51
C UNK KA 46 -6.22 -70.13 -31.20
N UNK KA 47 -5.88 -70.26 -29.93
CA UNK KA 47 -4.48 -70.23 -29.54
C UNK KA 47 -3.66 -71.17 -30.39
N UNK KA 48 -4.20 -72.36 -30.70
CA UNK KA 48 -3.42 -73.34 -31.43
C UNK KA 48 -3.14 -72.86 -32.85
N UNK KA 49 -4.19 -72.53 -33.59
CA UNK KA 49 -3.99 -72.07 -34.97
C UNK KA 49 -3.03 -70.89 -35.00
N UNK KA 50 -3.30 -69.91 -34.14
CA UNK KA 50 -2.39 -68.77 -34.01
C UNK KA 50 -0.97 -69.23 -33.80
N UNK KA 51 -0.78 -70.28 -33.01
CA UNK KA 51 0.55 -70.79 -32.76
C UNK KA 51 1.18 -71.31 -34.05
N UNK KA 52 0.42 -72.10 -34.81
CA UNK KA 52 0.92 -72.58 -36.09
C UNK KA 52 1.44 -71.42 -36.92
N UNK KA 53 0.62 -70.37 -37.05
CA UNK KA 53 1.06 -69.19 -37.77
C UNK KA 53 2.36 -68.65 -37.19
N UNK KA 54 2.42 -68.54 -35.87
CA UNK KA 54 3.62 -68.04 -35.23
C UNK KA 54 4.83 -68.85 -35.65
N UNK KA 55 4.77 -70.17 -35.43
CA UNK KA 55 5.85 -71.06 -35.81
C UNK KA 55 6.28 -70.81 -37.24
N UNK KA 56 5.31 -70.58 -38.12
CA UNK KA 56 5.67 -70.19 -39.47
C UNK KA 56 6.52 -68.93 -39.47
N UNK KA 57 6.13 -67.95 -38.67
CA UNK KA 57 6.85 -66.68 -38.68
C UNK KA 57 8.28 -66.88 -38.19
N UNK KA 58 8.44 -67.47 -37.00
CA UNK KA 58 9.79 -67.76 -36.52
C UNK KA 58 10.57 -68.57 -37.54
N UNK KA 59 9.88 -69.45 -38.27
CA UNK KA 59 10.51 -70.12 -39.38
C UNK KA 59 11.04 -69.12 -40.38
N UNK KA 60 10.27 -68.06 -40.64
CA UNK KA 60 10.78 -67.02 -41.51
C UNK KA 60 11.97 -66.31 -40.86
N UNK KA 61 12.08 -66.36 -39.54
CA UNK KA 61 13.33 -65.89 -38.94
C UNK KA 61 14.47 -66.80 -39.32
N UNK KA 62 14.23 -68.11 -39.32
CA UNK KA 62 15.23 -69.01 -39.88
C UNK KA 62 15.53 -68.61 -41.31
N UNK KA 63 14.51 -68.18 -42.04
CA UNK KA 63 14.77 -67.62 -43.36
C UNK KA 63 15.71 -66.43 -43.26
N UNK KA 64 15.56 -65.62 -42.23
CA UNK KA 64 16.49 -64.52 -42.04
C UNK KA 64 17.90 -65.04 -41.88
N UNK KA 65 18.05 -66.18 -41.22
CA UNK KA 65 19.36 -66.81 -41.17
C UNK KA 65 19.82 -67.20 -42.57
N UNK KA 66 18.91 -67.80 -43.36
CA UNK KA 66 19.27 -68.19 -44.71
C UNK KA 66 19.81 -67.01 -45.49
N UNK KA 67 19.14 -65.86 -45.37
CA UNK KA 67 19.70 -64.65 -45.93
C UNK KA 67 21.05 -64.34 -45.32
N UNK KA 68 21.20 -64.59 -44.02
CA UNK KA 68 22.43 -64.23 -43.34
C UNK KA 68 23.64 -64.95 -43.92
N UNK KA 69 23.72 -66.26 -43.68
CA UNK KA 69 24.87 -66.99 -44.22
C UNK KA 69 24.88 -66.92 -45.73
N UNK KA 70 23.69 -66.83 -46.33
CA UNK KA 70 23.59 -66.56 -47.75
C UNK KA 70 24.42 -65.36 -48.14
N UNK KA 71 24.42 -64.33 -47.29
CA UNK KA 71 25.24 -63.17 -47.55
C UNK KA 71 26.70 -63.43 -47.21
N UNK KA 72 26.92 -64.26 -46.18
CA UNK KA 72 28.29 -64.63 -45.83
C UNK KA 72 29.02 -65.17 -47.05
N UNK KA 73 28.46 -66.22 -47.66
CA UNK KA 73 29.00 -66.68 -48.93
C UNK KA 73 28.92 -65.59 -49.97
N UNK KA 74 27.78 -64.91 -50.04
CA UNK KA 74 27.65 -63.79 -50.96
C UNK KA 74 28.64 -62.69 -50.65
N UNK KA 75 29.22 -62.68 -49.44
CA UNK KA 75 30.30 -61.75 -49.17
C UNK KA 75 31.59 -62.47 -49.51
N UNK KA 76 32.19 -62.10 -50.62
CA UNK KA 76 33.56 -62.50 -50.91
C UNK KA 76 34.54 -61.47 -50.41
N UNK KA 77 34.06 -60.31 -50.00
CA UNK KA 77 34.90 -59.35 -49.35
C UNK KA 77 35.44 -59.95 -48.06
N UNK KA 78 36.54 -59.41 -47.59
CA UNK KA 78 37.29 -60.14 -46.58
C UNK KA 78 36.56 -60.04 -45.25
N UNK KA 79 36.05 -61.16 -44.80
CA UNK KA 79 35.76 -61.36 -43.39
C UNK KA 79 36.92 -62.01 -42.68
N UNK KA 80 37.89 -62.52 -43.42
CA UNK KA 80 39.10 -63.07 -42.85
C UNK KA 80 40.23 -62.10 -43.13
N UNK LA 1 -15.56 -91.19 -1.16
CA UNK LA 1 -14.92 -90.01 -0.59
C UNK LA 1 -13.43 -89.98 -0.94
N UNK LA 2 -13.14 -89.60 -2.19
CA UNK LA 2 -11.78 -89.59 -2.71
C UNK LA 2 -11.13 -88.22 -2.64
N UNK LA 3 -11.77 -87.25 -2.00
CA UNK LA 3 -11.28 -85.87 -1.98
C UNK LA 3 -9.82 -85.75 -1.58
N UNK LA 4 -9.54 -85.98 -0.30
CA UNK LA 4 -8.15 -85.97 0.15
C UNK LA 4 -7.30 -86.90 -0.69
N UNK LA 5 -7.92 -87.98 -1.17
CA UNK LA 5 -7.20 -88.89 -2.06
C UNK LA 5 -6.81 -88.22 -3.36
N UNK LA 6 -7.73 -87.44 -3.95
CA UNK LA 6 -7.36 -86.66 -5.12
C UNK LA 6 -6.22 -85.72 -4.79
N UNK LA 7 -6.24 -85.14 -3.59
CA UNK LA 7 -5.18 -84.23 -3.15
C UNK LA 7 -3.80 -84.88 -3.09
N UNK LA 8 -3.59 -85.74 -2.09
CA UNK LA 8 -2.29 -86.36 -1.95
C UNK LA 8 -1.91 -87.12 -3.21
N UNK LA 9 -2.92 -87.67 -3.87
CA UNK LA 9 -2.73 -88.22 -5.21
C UNK LA 9 -2.04 -87.21 -6.11
N UNK LA 10 -2.52 -85.96 -6.08
CA UNK LA 10 -1.90 -84.93 -6.90
C UNK LA 10 -0.45 -84.72 -6.47
N UNK LA 11 -0.18 -84.84 -5.17
CA UNK LA 11 1.20 -84.66 -4.71
C UNK LA 11 2.11 -85.73 -5.29
N UNK LA 12 1.80 -87.00 -5.01
CA UNK LA 12 2.57 -88.08 -5.59
C UNK LA 12 2.69 -87.88 -7.08
N UNK LA 13 1.61 -87.44 -7.72
CA UNK LA 13 1.66 -87.12 -9.14
C UNK LA 13 2.76 -86.13 -9.42
N UNK LA 14 2.93 -85.14 -8.54
CA UNK LA 14 4.04 -84.21 -8.73
C UNK LA 14 5.37 -84.95 -8.70
N UNK LA 15 5.52 -85.90 -7.79
CA UNK LA 15 6.77 -86.67 -7.76
C UNK LA 15 6.97 -87.43 -9.06
N UNK LA 16 5.92 -88.11 -9.53
CA UNK LA 16 6.02 -88.91 -10.74
C UNK LA 16 6.42 -88.04 -11.93
N UNK LA 17 5.62 -87.01 -12.20
CA UNK LA 17 5.94 -86.11 -13.29
C UNK LA 17 7.34 -85.54 -13.16
N UNK LA 18 7.80 -85.32 -11.93
CA UNK LA 18 9.20 -84.98 -11.73
C UNK LA 18 10.09 -86.02 -12.40
N UNK LA 19 9.87 -87.29 -12.08
CA UNK LA 19 10.61 -88.33 -12.76
C UNK LA 19 10.41 -88.26 -14.28
N UNK LA 20 9.24 -87.81 -14.72
CA UNK LA 20 8.97 -87.77 -16.15
C UNK LA 20 9.87 -86.77 -16.84
N UNK LA 21 9.86 -85.52 -16.37
CA UNK LA 21 10.79 -84.55 -16.90
C UNK LA 21 12.21 -85.04 -16.79
N UNK LA 22 12.52 -85.75 -15.71
CA UNK LA 22 13.83 -86.38 -15.63
C UNK LA 22 14.08 -87.23 -16.87
N UNK LA 23 13.08 -88.03 -17.25
CA UNK LA 23 13.20 -88.78 -18.50
C UNK LA 23 13.37 -87.83 -19.67
N UNK LA 24 12.73 -86.67 -19.62
CA UNK LA 24 12.84 -85.73 -20.72
C UNK LA 24 14.29 -85.27 -20.88
N UNK LA 25 14.99 -85.02 -19.78
CA UNK LA 25 16.39 -84.67 -19.89
C UNK LA 25 17.21 -85.85 -20.35
N UNK LA 26 16.86 -87.05 -19.88
CA UNK LA 26 17.48 -88.24 -20.43
C UNK LA 26 17.35 -88.26 -21.95
N UNK LA 27 16.28 -87.67 -22.48
CA UNK LA 27 16.19 -87.47 -23.91
C UNK LA 27 17.10 -86.34 -24.35
N UNK LA 28 17.25 -85.32 -23.51
CA UNK LA 28 18.19 -84.26 -23.82
C UNK LA 28 19.60 -84.79 -23.95
N UNK LA 29 19.83 -86.04 -23.53
CA UNK LA 29 21.11 -86.71 -23.73
C UNK LA 29 21.41 -86.85 -25.22
N UNK LA 30 20.48 -86.43 -26.06
CA UNK LA 30 20.59 -86.59 -27.50
C UNK LA 30 21.91 -86.05 -28.07
N UNK LA 31 22.64 -85.24 -27.33
CA UNK LA 31 23.75 -84.49 -27.87
C UNK LA 31 25.08 -85.25 -27.75
N UNK LA 32 26.16 -84.52 -28.03
CA UNK LA 32 27.59 -84.85 -27.87
C UNK LA 32 27.98 -86.10 -28.68
N UNK LA 33 28.88 -86.92 -28.15
CA UNK LA 33 29.42 -88.05 -28.90
C UNK LA 33 30.04 -89.03 -27.92
N UNK LA 34 30.19 -90.28 -28.39
CA UNK LA 34 30.92 -91.32 -27.66
C UNK LA 34 30.32 -91.56 -26.27
N UNK LA 35 29.03 -91.29 -26.09
CA UNK LA 35 28.40 -91.38 -24.78
C UNK LA 35 27.63 -92.67 -24.55
N UNK LA 36 27.65 -93.60 -25.49
CA UNK LA 36 26.86 -94.83 -25.36
C UNK LA 36 27.24 -95.61 -24.12
N UNK MA 1 4.47 -80.91 32.18
CA UNK MA 1 3.64 -79.79 31.78
C UNK MA 1 3.42 -79.81 30.29
N UNK MA 2 2.98 -78.68 29.76
CA UNK MA 2 2.80 -78.58 28.32
C UNK MA 2 4.13 -78.81 27.60
N UNK MA 3 5.00 -77.81 27.67
CA UNK MA 3 6.18 -77.78 26.82
C UNK MA 3 6.96 -79.05 27.02
N UNK MA 4 7.73 -79.12 28.11
CA UNK MA 4 7.72 -80.28 28.97
C UNK MA 4 7.55 -81.61 28.27
N UNK MA 5 6.49 -82.28 28.70
CA UNK MA 5 6.15 -83.60 28.16
C UNK MA 5 6.01 -83.58 26.66
N UNK MA 6 5.56 -82.47 26.07
CA UNK MA 6 5.46 -82.43 24.62
C UNK MA 6 6.81 -82.72 23.99
N UNK MA 7 7.83 -81.98 24.41
CA UNK MA 7 9.17 -82.27 23.93
C UNK MA 7 9.62 -83.66 24.34
N UNK MA 8 9.14 -84.15 25.47
CA UNK MA 8 9.41 -85.56 25.79
C UNK MA 8 8.92 -86.45 24.66
N UNK MA 9 7.73 -86.17 24.14
CA UNK MA 9 7.23 -86.90 23.00
C UNK MA 9 8.12 -86.66 21.79
N UNK MA 10 8.64 -85.44 21.64
CA UNK MA 10 9.64 -85.21 20.61
C UNK MA 10 10.76 -86.22 20.74
N UNK MA 11 11.19 -86.48 21.98
CA UNK MA 11 12.14 -87.55 22.20
C UNK MA 11 11.56 -88.91 21.90
N UNK MA 12 10.24 -89.06 21.90
CA UNK MA 12 9.64 -90.35 21.61
C UNK MA 12 9.73 -90.66 20.12
N UNK MA 13 9.07 -89.87 19.29
CA UNK MA 13 9.23 -90.04 17.85
C UNK MA 13 10.69 -90.05 17.47
N UNK MA 14 11.49 -89.19 18.14
CA UNK MA 14 12.93 -89.26 18.00
C UNK MA 14 13.44 -90.65 18.29
N UNK MA 15 12.84 -91.34 19.25
CA UNK MA 15 13.26 -92.70 19.52
C UNK MA 15 12.87 -93.64 18.39
N UNK MA 16 11.76 -93.37 17.73
CA UNK MA 16 11.40 -94.16 16.55
C UNK MA 16 12.47 -94.02 15.48
N UNK MA 17 12.75 -92.78 15.09
CA UNK MA 17 13.80 -92.55 14.12
C UNK MA 17 15.10 -93.21 14.54
N UNK MA 18 15.45 -93.07 15.82
CA UNK MA 18 16.67 -93.71 16.33
C UNK MA 18 16.61 -95.20 16.10
N UNK MA 19 15.44 -95.81 16.24
CA UNK MA 19 15.30 -97.22 15.92
C UNK MA 19 15.67 -97.47 14.47
N UNK MA 20 15.20 -96.60 13.57
CA UNK MA 20 15.62 -96.72 12.18
C UNK MA 20 17.14 -96.66 12.05
N UNK MA 21 17.77 -95.76 12.82
CA UNK MA 21 19.23 -95.65 12.77
C UNK MA 21 19.88 -96.96 13.20
N UNK MA 22 19.43 -97.51 14.32
CA UNK MA 22 19.92 -98.81 14.75
C UNK MA 22 19.80 -99.82 13.63
N UNK MA 23 18.68 -99.80 12.91
CA UNK MA 23 18.57 -100.64 11.73
C UNK MA 23 19.72 -100.39 10.76
N UNK MA 24 20.02 -99.11 10.53
CA UNK MA 24 21.11 -98.78 9.61
C UNK MA 24 22.41 -99.45 10.03
N UNK MA 25 22.79 -99.26 11.29
CA UNK MA 25 24.03 -99.89 11.76
C UNK MA 25 23.96 -101.40 11.60
N UNK MA 26 22.84 -102.00 12.00
CA UNK MA 26 22.66 -103.43 11.82
C UNK MA 26 22.96 -103.84 10.39
N UNK MA 27 22.55 -103.01 9.43
CA UNK MA 27 22.98 -103.26 8.06
C UNK MA 27 24.50 -103.14 7.95
N UNK MA 28 25.08 -102.15 8.62
CA UNK MA 28 26.51 -101.98 8.55
C UNK MA 28 27.27 -103.16 9.12
N UNK MA 29 26.57 -104.10 9.76
CA UNK MA 29 27.21 -105.33 10.22
C UNK MA 29 28.08 -105.95 9.15
N UNK MA 30 27.46 -106.51 8.12
CA UNK MA 30 28.22 -107.17 7.07
C UNK MA 30 28.98 -106.16 6.22
N UNK NA 1 27.32 -105.13 47.80
CA UNK NA 1 27.65 -105.68 46.50
C UNK NA 1 26.93 -104.90 45.40
N UNK NA 2 25.66 -104.58 45.67
CA UNK NA 2 24.88 -103.79 44.73
C UNK NA 2 25.62 -102.51 44.35
N UNK NA 3 26.23 -101.85 45.33
CA UNK NA 3 27.03 -100.66 45.04
C UNK NA 3 28.14 -100.98 44.05
N UNK NA 4 28.97 -101.97 44.39
CA UNK NA 4 29.98 -102.41 43.44
C UNK NA 4 29.34 -102.93 42.16
N UNK NA 5 28.12 -103.46 42.24
CA UNK NA 5 27.47 -103.98 41.05
C UNK NA 5 27.24 -102.88 40.03
N UNK NA 6 26.54 -101.83 40.44
CA UNK NA 6 26.33 -100.72 39.50
C UNK NA 6 27.63 -100.01 39.17
N UNK NA 7 28.56 -99.96 40.13
CA UNK NA 7 29.90 -99.52 39.81
C UNK NA 7 30.47 -100.32 38.65
N UNK NA 8 30.06 -101.58 38.54
CA UNK NA 8 30.35 -102.42 37.40
C UNK NA 8 29.32 -102.28 36.29
N UNK NA 9 28.29 -101.46 36.48
CA UNK NA 9 27.43 -101.11 35.38
C UNK NA 9 28.04 -99.98 34.57
N UNK NA 10 28.24 -98.83 35.21
CA UNK NA 10 28.99 -97.76 34.55
C UNK NA 10 30.36 -98.26 34.15
N UNK NA 11 31.10 -98.84 35.10
CA UNK NA 11 32.39 -99.42 34.77
C UNK NA 11 32.27 -100.56 33.78
N UNK NA 12 31.09 -101.20 33.71
CA UNK NA 12 30.88 -102.16 32.64
C UNK NA 12 30.89 -101.46 31.30
N UNK NA 13 30.26 -100.28 31.23
CA UNK NA 13 30.41 -99.45 30.05
C UNK NA 13 31.85 -99.06 29.83
N UNK NA 14 32.63 -98.93 30.90
CA UNK NA 14 34.06 -98.73 30.72
C UNK NA 14 34.68 -99.92 30.02
N UNK NA 15 34.34 -101.14 30.46
CA UNK NA 15 34.91 -102.33 29.86
C UNK NA 15 34.54 -102.43 28.39
N UNK NA 16 33.25 -102.47 28.10
CA UNK NA 16 32.80 -102.64 26.73
C UNK NA 16 33.22 -101.46 25.86
N UNK NA 17 32.77 -100.27 26.23
CA UNK NA 17 33.09 -99.08 25.45
C UNK NA 17 34.57 -98.98 25.20
N UNK NA 18 35.35 -99.14 26.27
CA UNK NA 18 36.79 -99.21 26.12
C UNK NA 18 37.18 -100.21 25.06
N UNK NA 19 36.59 -101.42 25.12
CA UNK NA 19 36.93 -102.45 24.16
C UNK NA 19 36.69 -101.95 22.74
N UNK NA 20 35.54 -101.32 22.53
CA UNK NA 20 35.28 -100.70 21.23
C UNK NA 20 36.37 -99.71 20.88
N UNK NA 21 36.87 -98.98 21.87
CA UNK NA 21 37.93 -98.02 21.59
C UNK NA 21 39.19 -98.74 21.11
N UNK NA 22 39.52 -99.87 21.72
CA UNK NA 22 40.65 -100.64 21.24
C UNK NA 22 40.40 -101.14 19.83
N UNK NA 23 39.15 -101.49 19.54
CA UNK NA 23 38.80 -101.80 18.15
C UNK NA 23 39.16 -100.62 17.26
N UNK NA 24 38.86 -99.40 17.71
CA UNK NA 24 39.29 -98.23 16.98
C UNK NA 24 40.81 -98.17 16.89
N UNK NA 25 41.50 -98.69 17.89
CA UNK NA 25 42.95 -98.72 17.83
C UNK NA 25 43.41 -99.60 16.68
N UNK NA 26 42.83 -100.79 16.57
CA UNK NA 26 43.03 -101.57 15.35
C UNK NA 26 42.72 -100.71 14.14
N UNK NA 27 41.58 -100.03 14.14
CA UNK NA 27 41.27 -99.09 13.08
C UNK NA 27 42.30 -97.96 13.07
N UNK NA 28 42.72 -97.52 14.25
CA UNK NA 28 43.75 -96.50 14.31
C UNK NA 28 45.06 -96.96 13.73
N UNK NA 29 45.21 -98.25 13.45
CA UNK NA 29 46.47 -98.74 12.93
C UNK NA 29 46.65 -98.46 11.45
N UNK NA 30 45.66 -97.83 10.81
CA UNK NA 30 45.73 -97.64 9.36
C UNK NA 30 46.90 -96.73 8.98
N UNK NA 31 46.89 -95.49 9.47
CA UNK NA 31 47.80 -94.51 8.89
C UNK NA 31 48.75 -93.86 9.88
N UNK NA 32 48.30 -92.88 10.65
CA UNK NA 32 49.21 -92.12 11.50
C UNK NA 32 48.59 -91.83 12.87
N UNK NA 33 49.21 -92.38 13.91
CA UNK NA 33 49.15 -91.85 15.26
C UNK NA 33 50.44 -92.31 15.91
N UNK NA 34 51.05 -91.47 16.74
CA UNK NA 34 52.41 -91.80 17.13
C UNK NA 34 52.79 -91.18 18.46
N UNK NA 35 54.02 -91.50 18.87
CA UNK NA 35 54.64 -91.08 20.11
C UNK NA 35 56.09 -90.76 19.81
N UNK NA 36 56.77 -90.15 20.79
CA UNK NA 36 58.18 -89.84 20.61
C UNK NA 36 59.04 -91.09 20.54
N UNK NA 37 58.66 -92.14 21.28
CA UNK NA 37 59.27 -93.46 21.19
C UNK NA 37 60.77 -93.39 21.49
N UNK NA 38 61.07 -93.19 22.76
CA UNK NA 38 62.46 -93.23 23.21
C UNK NA 38 63.07 -94.59 22.90
N UNK OA 1 25.55 -74.14 73.83
CA UNK OA 1 26.03 -73.97 72.47
C UNK OA 1 26.92 -75.13 72.06
N UNK OA 2 27.60 -74.94 70.93
CA UNK OA 2 28.63 -75.85 70.42
C UNK OA 2 28.19 -77.30 70.31
N UNK OA 3 29.11 -78.23 70.58
CA UNK OA 3 29.00 -79.62 70.15
C UNK OA 3 30.25 -80.41 70.55
N UNK OA 4 30.28 -81.72 70.25
CA UNK OA 4 31.39 -82.54 70.73
C UNK OA 4 32.04 -83.43 69.67
N UNK OA 5 31.32 -84.47 69.22
CA UNK OA 5 31.93 -85.50 68.41
C UNK OA 5 32.60 -84.94 67.17
N UNK OA 6 32.11 -83.80 66.70
CA UNK OA 6 32.79 -83.07 65.65
C UNK OA 6 34.25 -82.90 66.03
N UNK OA 7 34.51 -82.10 67.07
CA UNK OA 7 35.88 -81.89 67.52
C UNK OA 7 36.58 -83.21 67.79
N UNK OA 8 35.84 -84.18 68.35
CA UNK OA 8 36.40 -85.51 68.51
C UNK OA 8 37.03 -85.98 67.22
N UNK OA 9 36.39 -85.70 66.08
CA UNK OA 9 37.08 -85.96 64.82
C UNK OA 9 38.15 -84.93 64.53
N UNK OA 10 37.99 -83.71 65.06
CA UNK OA 10 38.93 -82.66 64.74
C UNK OA 10 40.29 -82.87 65.37
N UNK OA 11 40.43 -83.90 66.20
CA UNK OA 11 41.73 -84.21 66.81
C UNK OA 11 42.86 -84.20 65.78
N UNK OA 12 42.78 -85.07 64.77
CA UNK OA 12 43.92 -85.43 63.95
C UNK OA 12 44.56 -84.25 63.25
N UNK OA 13 43.96 -83.06 63.33
CA UNK OA 13 44.52 -81.88 62.70
C UNK OA 13 46.00 -81.71 62.99
N UNK OA 14 46.41 -81.97 64.23
CA UNK OA 14 47.80 -81.72 64.62
C UNK OA 14 48.78 -82.56 63.82
N UNK OA 15 48.27 -83.48 63.00
CA UNK OA 15 49.12 -84.10 62.00
C UNK OA 15 49.88 -83.04 61.23
N UNK OA 16 49.34 -81.83 61.17
CA UNK OA 16 50.06 -80.68 60.67
C UNK OA 16 51.44 -80.56 61.30
N UNK OA 17 51.49 -80.21 62.57
CA UNK OA 17 52.78 -80.08 63.25
C UNK OA 17 53.58 -81.37 63.15
N UNK OA 18 52.89 -82.51 63.14
CA UNK OA 18 53.59 -83.77 62.96
C UNK OA 18 54.46 -83.73 61.71
N UNK OA 19 53.83 -83.60 60.55
CA UNK OA 19 54.57 -83.50 59.30
C UNK OA 19 55.55 -82.35 59.34
N UNK OA 20 55.27 -81.32 60.13
CA UNK OA 20 56.26 -80.27 60.32
C UNK OA 20 57.55 -80.89 60.82
N UNK OA 21 57.46 -81.76 61.83
CA UNK OA 21 58.66 -82.49 62.23
C UNK OA 21 59.16 -83.39 61.12
N UNK OA 22 58.24 -83.97 60.36
CA UNK OA 22 58.65 -84.91 59.32
C UNK OA 22 59.59 -84.24 58.32
N UNK OA 23 59.15 -83.15 57.72
CA UNK OA 23 60.05 -82.37 56.88
C UNK OA 23 61.19 -81.79 57.68
N UNK OA 24 61.02 -81.63 59.00
CA UNK OA 24 62.15 -81.20 59.80
C UNK OA 24 63.27 -82.23 59.75
N UNK OA 25 62.93 -83.49 59.45
CA UNK OA 25 63.98 -84.45 59.15
C UNK OA 25 64.74 -84.10 57.88
N UNK OA 26 64.22 -83.18 57.07
CA UNK OA 26 64.88 -82.78 55.84
C UNK OA 26 65.79 -81.57 56.10
N UNK OA 27 66.30 -80.97 55.02
CA UNK OA 27 67.32 -79.94 55.15
C UNK OA 27 67.21 -78.91 54.03
N UNK OA 28 67.69 -77.70 54.32
CA UNK OA 28 67.74 -76.62 53.35
C UNK OA 28 68.69 -75.53 53.81
N UNK PA 1 45.35 -67.03 72.49
CA UNK PA 1 46.71 -66.55 72.31
C UNK PA 1 46.94 -66.11 70.88
N UNK PA 2 47.54 -64.93 70.72
CA UNK PA 2 47.85 -64.43 69.39
C UNK PA 2 48.77 -65.37 68.62
N UNK PA 3 49.43 -66.30 69.33
CA UNK PA 3 50.31 -67.25 68.68
C UNK PA 3 49.60 -67.94 67.52
N UNK PA 4 48.36 -68.38 67.74
CA UNK PA 4 47.60 -69.15 66.77
C UNK PA 4 48.34 -70.43 66.38
N UNK PA 5 49.23 -70.88 67.25
CA UNK PA 5 50.06 -72.04 67.03
C UNK PA 5 49.42 -73.31 67.56
N UNK PA 6 48.13 -73.25 67.93
CA UNK PA 6 47.55 -74.15 68.90
C UNK PA 6 47.84 -75.62 68.64
N UNK PA 7 48.19 -75.99 67.41
CA UNK PA 7 48.66 -77.34 67.17
C UNK PA 7 49.83 -77.63 68.09
N UNK PA 8 49.73 -78.69 68.88
CA UNK PA 8 50.68 -78.92 69.93
C UNK PA 8 51.97 -79.53 69.38
N UNK PA 9 52.95 -79.67 70.27
CA UNK PA 9 54.15 -80.45 70.00
C UNK PA 9 54.03 -81.86 70.54
N UNK PA 10 52.87 -82.25 71.05
CA UNK PA 10 52.63 -83.66 71.34
C UNK PA 10 53.00 -84.49 70.12
N UNK PA 11 52.59 -84.03 68.94
CA UNK PA 11 53.11 -84.58 67.71
C UNK PA 11 54.63 -84.63 67.72
N UNK PA 12 55.27 -83.53 68.15
CA UNK PA 12 56.73 -83.51 68.18
C UNK PA 12 57.29 -84.54 69.15
N UNK PA 13 56.51 -84.93 70.16
CA UNK PA 13 56.94 -86.04 71.00
C UNK PA 13 56.80 -87.36 70.27
N UNK PA 14 55.73 -87.53 69.49
CA UNK PA 14 55.56 -88.75 68.73
C UNK PA 14 56.69 -88.90 67.70
N UNK PA 15 56.81 -87.92 66.81
CA UNK PA 15 57.91 -87.92 65.86
C UNK PA 15 59.25 -87.95 66.57
N UNK PA 16 59.31 -87.45 67.80
CA UNK PA 16 60.50 -87.66 68.60
C UNK PA 16 60.74 -89.15 68.81
N UNK PA 17 59.68 -89.88 69.16
CA UNK PA 17 59.80 -91.33 69.23
C UNK PA 17 60.26 -91.90 67.90
N UNK PA 18 59.81 -91.31 66.79
CA UNK PA 18 60.33 -91.73 65.51
C UNK PA 18 61.82 -91.46 65.39
N UNK PA 19 62.31 -90.40 66.03
CA UNK PA 19 63.74 -90.15 66.04
C UNK PA 19 64.45 -91.22 66.84
N UNK PA 20 63.87 -91.65 67.95
CA UNK PA 20 64.39 -92.82 68.64
C UNK PA 20 64.44 -94.00 67.69
N UNK PA 21 63.43 -94.17 66.84
CA UNK PA 21 63.48 -95.21 65.82
C UNK PA 21 64.68 -95.01 64.91
N UNK PA 22 64.98 -93.75 64.58
CA UNK PA 22 66.21 -93.49 63.85
C UNK PA 22 67.44 -93.87 64.65
N UNK PA 23 67.34 -93.88 65.98
CA UNK PA 23 68.49 -94.20 66.81
C UNK PA 23 68.70 -95.72 66.92
N UNK PA 24 67.79 -96.39 67.65
CA UNK PA 24 67.90 -97.84 67.78
C UNK PA 24 67.89 -98.52 66.44
N UNK PA 25 67.01 -98.08 65.54
CA UNK PA 25 67.04 -98.60 64.18
C UNK PA 25 68.33 -98.21 63.47
N UNK PA 26 68.89 -97.04 63.79
CA UNK PA 26 70.14 -96.65 63.17
C UNK PA 26 71.24 -97.63 63.50
N UNK PA 27 71.44 -97.89 64.79
CA UNK PA 27 72.34 -98.96 65.19
C UNK PA 27 71.87 -100.31 64.66
N UNK PA 28 70.56 -100.44 64.41
CA UNK PA 28 70.04 -101.64 63.79
C UNK PA 28 70.25 -101.55 62.27
N UNK QA 1 29.41 -37.89 36.04
CA UNK QA 1 29.43 -37.89 37.50
C UNK QA 1 28.35 -38.80 38.06
N UNK QA 2 28.75 -39.97 38.58
CA UNK QA 2 27.84 -40.97 39.10
C UNK QA 2 27.54 -40.80 40.58
N UNK QA 3 27.96 -39.68 41.18
CA UNK QA 3 27.89 -39.44 42.62
C UNK QA 3 28.82 -40.45 43.30
N UNK QA 4 28.35 -41.29 44.22
CA UNK QA 4 29.20 -42.21 44.98
C UNK QA 4 30.17 -41.37 45.82
N UNK QA 5 31.46 -41.65 45.81
CA UNK QA 5 32.33 -41.03 46.79
C UNK QA 5 33.68 -40.63 46.20
N UNK QA 6 34.61 -40.25 47.07
CA UNK QA 6 35.95 -39.77 46.68
C UNK QA 6 35.75 -38.56 45.77
N UNK QA 7 36.53 -38.41 44.70
CA UNK QA 7 36.39 -37.26 43.83
C UNK QA 7 36.89 -37.57 42.43
N UNK QA 8 36.33 -36.87 41.45
CA UNK QA 8 36.86 -36.93 40.10
C UNK QA 8 38.21 -36.24 40.04
N UNK QA 9 38.43 -35.23 40.86
CA UNK QA 9 39.79 -34.75 41.06
C UNK QA 9 40.62 -35.83 41.73
N UNK QA 10 40.06 -36.47 42.76
CA UNK QA 10 40.71 -37.65 43.30
C UNK QA 10 40.91 -38.69 42.21
N UNK QA 11 39.97 -38.75 41.26
CA UNK QA 11 40.19 -39.63 40.11
C UNK QA 11 41.40 -39.18 39.32
N UNK QA 12 41.63 -37.87 39.23
CA UNK QA 12 42.87 -37.42 38.62
C UNK QA 12 44.06 -37.91 39.41
N UNK QA 13 43.93 -37.92 40.73
CA UNK QA 13 44.97 -38.52 41.55
C UNK QA 13 45.13 -40.00 41.23
N UNK QA 14 44.06 -40.64 40.75
CA UNK QA 14 44.18 -42.03 40.35
C UNK QA 14 44.95 -42.15 39.03
N UNK QA 15 44.65 -41.27 38.07
CA UNK QA 15 45.49 -41.17 36.89
C UNK QA 15 46.94 -41.02 37.29
N UNK QA 16 47.20 -40.21 38.32
CA UNK QA 16 48.54 -40.11 38.86
C UNK QA 16 49.04 -41.44 39.38
N UNK QA 17 48.18 -42.21 40.03
CA UNK QA 17 48.59 -43.54 40.48
C UNK QA 17 49.09 -44.35 39.30
N UNK QA 18 48.31 -44.36 38.21
CA UNK QA 18 48.79 -44.96 36.98
C UNK QA 18 50.16 -44.42 36.62
N UNK QA 19 50.34 -43.11 36.77
CA UNK QA 19 51.62 -42.51 36.43
C UNK QA 19 52.75 -43.14 37.23
N UNK QA 20 52.80 -42.89 38.54
CA UNK QA 20 53.92 -43.38 39.35
C UNK QA 20 54.10 -44.89 39.19
N UNK QA 21 53.01 -45.61 38.93
CA UNK QA 21 53.16 -46.97 38.48
C UNK QA 21 54.09 -47.02 37.28
N UNK QA 22 53.80 -46.23 36.26
CA UNK QA 22 54.70 -46.14 35.12
C UNK QA 22 56.03 -45.51 35.50
N UNK QA 23 56.16 -44.99 36.72
CA UNK QA 23 57.47 -44.56 37.19
C UNK QA 23 58.29 -45.73 37.71
N UNK QA 24 57.65 -46.74 38.30
CA UNK QA 24 58.38 -47.97 38.58
C UNK QA 24 58.68 -48.72 37.29
N UNK QA 25 57.71 -48.76 36.37
CA UNK QA 25 58.00 -49.24 35.03
C UNK QA 25 59.13 -48.44 34.42
N UNK QA 26 59.22 -47.15 34.74
CA UNK QA 26 60.37 -46.37 34.33
C UNK QA 26 61.62 -46.84 35.04
N UNK QA 27 61.48 -47.30 36.28
CA UNK QA 27 62.63 -47.77 37.03
C UNK QA 27 63.27 -48.95 36.34
N UNK QA 28 62.48 -50.01 36.12
CA UNK QA 28 63.02 -51.11 35.33
C UNK QA 28 63.37 -50.66 33.93
N UNK QA 29 62.71 -49.61 33.43
CA UNK QA 29 63.00 -49.10 32.09
C UNK QA 29 64.42 -48.61 31.98
N UNK QA 30 65.08 -48.34 33.09
CA UNK QA 30 66.53 -48.33 33.13
C UNK QA 30 66.95 -49.73 33.51
N UNK QA 31 67.54 -50.45 32.57
CA UNK QA 31 67.79 -51.87 32.79
C UNK QA 31 68.64 -52.08 34.02
N UNK QA 32 69.95 -51.82 33.90
CA UNK QA 32 70.83 -51.76 35.06
C UNK QA 32 70.87 -53.10 35.79
N UNK QA 33 70.05 -54.06 35.36
CA UNK QA 33 69.64 -55.18 36.18
C UNK QA 33 70.59 -56.37 36.10
N UNK QA 34 71.72 -56.24 35.42
CA UNK QA 34 72.67 -57.33 35.34
C UNK QA 34 73.16 -57.74 36.72
N UNK RA 1 -6.10 -45.38 59.71
CA UNK RA 1 -4.79 -46.00 59.84
C UNK RA 1 -4.91 -47.52 59.83
N UNK RA 2 -4.93 -48.11 61.02
CA UNK RA 2 -4.86 -49.56 61.18
C UNK RA 2 -6.05 -50.29 60.60
N UNK RA 3 -7.07 -49.59 60.14
CA UNK RA 3 -8.10 -50.29 59.38
C UNK RA 3 -7.43 -50.94 58.17
N UNK RA 4 -7.02 -50.12 57.21
CA UNK RA 4 -6.31 -50.65 56.07
C UNK RA 4 -4.98 -51.27 56.50
N UNK RA 5 -4.39 -50.76 57.58
CA UNK RA 5 -3.04 -51.18 57.94
C UNK RA 5 -3.07 -52.50 58.68
N UNK RA 6 -3.52 -52.48 59.93
CA UNK RA 6 -3.76 -53.71 60.66
C UNK RA 6 -4.61 -54.67 59.84
N UNK RA 7 -5.85 -54.26 59.54
CA UNK RA 7 -6.74 -55.11 58.77
C UNK RA 7 -6.08 -55.61 57.50
N UNK RA 8 -5.20 -54.81 56.91
CA UNK RA 8 -4.40 -55.32 55.82
C UNK RA 8 -3.54 -56.48 56.28
N UNK RA 9 -2.82 -56.28 57.38
CA UNK RA 9 -1.92 -57.32 57.89
C UNK RA 9 -2.69 -58.60 58.14
N UNK RA 10 -3.62 -58.57 59.10
CA UNK RA 10 -4.43 -59.75 59.38
C UNK RA 10 -5.04 -60.31 58.12
N UNK RA 11 -5.49 -59.44 57.22
CA UNK RA 11 -5.95 -59.89 55.92
C UNK RA 11 -4.91 -60.75 55.25
N UNK RA 12 -3.64 -60.43 55.43
CA UNK RA 12 -2.57 -61.27 54.92
C UNK RA 12 -2.16 -62.33 55.90
N UNK RA 13 -2.84 -62.44 57.04
CA UNK RA 13 -2.57 -63.51 57.98
C UNK RA 13 -3.52 -64.66 57.67
N UNK RA 14 -4.82 -64.42 57.83
CA UNK RA 14 -5.81 -65.34 57.30
C UNK RA 14 -5.51 -65.61 55.83
N UNK RA 15 -5.11 -64.58 55.09
CA UNK RA 15 -4.61 -64.76 53.75
C UNK RA 15 -3.22 -65.33 53.72
N UNK RA 16 -2.55 -65.43 54.86
CA UNK RA 16 -1.24 -66.02 54.86
C UNK RA 16 -1.43 -67.52 54.86
N UNK RA 17 -1.82 -68.07 56.01
CA UNK RA 17 -2.10 -69.50 56.07
C UNK RA 17 -3.15 -69.92 55.06
N UNK RA 18 -3.96 -68.96 54.61
CA UNK RA 18 -4.92 -69.21 53.54
C UNK RA 18 -4.14 -69.37 52.25
N UNK RA 19 -3.46 -68.31 51.84
CA UNK RA 19 -2.52 -68.45 50.74
C UNK RA 19 -1.56 -69.59 50.99
N UNK RA 20 -1.26 -69.87 52.26
CA UNK RA 20 -0.42 -71.00 52.61
C UNK RA 20 -1.26 -72.26 52.70
N UNK RA 21 -0.67 -73.31 53.25
CA UNK RA 21 -1.32 -74.60 53.43
C UNK RA 21 -1.74 -75.17 52.08
N UNK SA 1 -11.48 -59.94 35.54
CA UNK SA 1 -10.40 -58.99 35.36
C UNK SA 1 -10.67 -57.72 36.15
N UNK SA 2 -11.44 -57.84 37.23
CA UNK SA 2 -11.58 -56.71 38.13
C UNK SA 2 -10.34 -56.54 38.97
N UNK SA 3 -9.81 -57.66 39.47
CA UNK SA 3 -8.47 -57.64 40.03
C UNK SA 3 -7.49 -57.04 39.03
N UNK SA 4 -7.72 -57.26 37.74
CA UNK SA 4 -6.89 -56.62 36.73
C UNK SA 4 -7.00 -55.11 36.83
N UNK SA 5 -8.17 -54.60 37.21
CA UNK SA 5 -8.29 -53.17 37.45
C UNK SA 5 -7.51 -52.77 38.69
N UNK SA 6 -7.53 -53.61 39.72
CA UNK SA 6 -6.69 -53.37 40.88
C UNK SA 6 -5.28 -53.13 40.41
N UNK SA 7 -4.67 -54.15 39.81
CA UNK SA 7 -3.33 -53.97 39.29
C UNK SA 7 -3.27 -52.92 38.19
N UNK SA 8 -4.41 -52.39 37.76
CA UNK SA 8 -4.48 -51.53 36.58
C UNK SA 8 -5.07 -50.18 36.91
N UNK SA 9 -6.39 -50.10 37.12
CA UNK SA 9 -6.99 -48.82 37.45
C UNK SA 9 -6.34 -48.25 38.70
N UNK SA 10 -6.33 -49.03 39.77
CA UNK SA 10 -5.67 -48.60 40.98
C UNK SA 10 -4.21 -48.29 40.72
N UNK SA 11 -3.59 -49.00 39.77
CA UNK SA 11 -2.27 -48.58 39.33
C UNK SA 11 -2.36 -47.16 38.78
N UNK SA 12 -3.08 -47.00 37.67
CA UNK SA 12 -3.25 -45.68 37.09
C UNK SA 12 -3.76 -44.68 38.11
N UNK SA 13 -4.59 -45.14 39.05
CA UNK SA 13 -4.90 -44.34 40.22
C UNK SA 13 -3.62 -43.81 40.82
N UNK SA 14 -2.76 -44.71 41.28
CA UNK SA 14 -1.48 -44.32 41.85
C UNK SA 14 -0.67 -43.45 40.91
N UNK SA 15 -0.96 -43.49 39.60
CA UNK SA 15 -0.33 -42.55 38.70
C UNK SA 15 -0.85 -41.15 38.95
N UNK SA 16 -2.17 -40.99 38.99
CA UNK SA 16 -2.73 -39.74 39.46
C UNK SA 16 -2.13 -39.36 40.81
N UNK SA 17 -1.78 -40.36 41.61
CA UNK SA 17 -1.10 -40.10 42.87
C UNK SA 17 0.30 -39.55 42.63
N UNK SA 18 0.95 -39.98 41.56
CA UNK SA 18 2.23 -39.34 41.23
C UNK SA 18 2.00 -37.89 40.89
N UNK SA 19 0.94 -37.60 40.15
CA UNK SA 19 0.58 -36.20 39.93
C UNK SA 19 0.39 -35.48 41.25
N UNK SA 20 -0.18 -36.17 42.23
CA UNK SA 20 -0.29 -35.58 43.56
C UNK SA 20 1.09 -35.31 44.12
N UNK SA 21 2.02 -36.25 43.97
CA UNK SA 21 3.38 -36.02 44.39
C UNK SA 21 3.91 -34.75 43.77
N UNK SA 22 3.58 -34.53 42.50
CA UNK SA 22 3.93 -33.28 41.86
C UNK SA 22 3.33 -32.11 42.61
N UNK SA 23 2.05 -32.23 42.98
CA UNK SA 23 1.43 -31.19 43.77
C UNK SA 23 2.24 -30.93 45.04
N UNK SA 24 2.79 -31.98 45.63
CA UNK SA 24 3.65 -31.79 46.78
C UNK SA 24 4.88 -30.98 46.40
N UNK SA 25 5.53 -31.36 45.31
CA UNK SA 25 6.69 -30.60 44.83
C UNK SA 25 6.34 -29.14 44.68
N UNK SA 26 5.11 -28.84 44.24
CA UNK SA 26 4.68 -27.46 44.15
C UNK SA 26 4.54 -26.84 45.53
N UNK SA 27 3.98 -27.58 46.47
CA UNK SA 27 3.85 -27.06 47.82
C UNK SA 27 5.20 -26.64 48.36
N UNK SA 28 6.15 -27.56 48.38
CA UNK SA 28 7.50 -27.20 48.78
C UNK SA 28 8.04 -26.06 47.94
N UNK SA 29 7.64 -26.00 46.67
CA UNK SA 29 8.09 -24.91 45.83
C UNK SA 29 7.66 -23.58 46.41
N UNK SA 30 6.42 -23.51 46.90
CA UNK SA 30 5.99 -22.32 47.62
C UNK SA 30 6.95 -22.04 48.76
N UNK SA 31 7.42 -23.09 49.43
CA UNK SA 31 8.33 -22.90 50.54
C UNK SA 31 9.62 -22.26 50.05
N UNK SA 32 9.99 -21.15 50.68
CA UNK SA 32 11.32 -20.61 50.47
C UNK SA 32 12.37 -21.46 51.16
N UNK SA 33 11.98 -22.29 52.11
CA UNK SA 33 12.93 -23.10 52.86
C UNK SA 33 13.73 -23.99 51.92
N UNK SA 34 15.05 -23.95 52.05
CA UNK SA 34 15.91 -24.75 51.20
C UNK SA 34 17.24 -25.01 51.90
N UNK SA 35 17.87 -26.11 51.52
CA UNK SA 35 19.23 -26.43 51.94
C UNK SA 35 19.95 -27.00 50.73
N UNK SA 36 21.24 -26.70 50.62
CA UNK SA 36 22.02 -27.17 49.48
C UNK SA 36 21.96 -28.69 49.40
N UNK SA 37 21.97 -29.20 48.18
CA UNK SA 37 21.76 -30.62 47.97
C UNK SA 37 22.90 -31.43 48.58
N UNK SA 38 22.60 -32.69 48.88
CA UNK SA 38 23.58 -33.64 49.38
C UNK SA 38 24.24 -34.44 48.27
N UNK SA 39 23.96 -34.14 47.01
CA UNK SA 39 24.53 -34.91 45.91
C UNK SA 39 25.94 -34.45 45.57
N UNK TA 1 54.96 -101.10 37.61
CA UNK TA 1 55.00 -102.42 38.22
C UNK TA 1 53.93 -103.30 37.61
N UNK TA 2 52.80 -103.42 38.31
CA UNK TA 2 51.72 -104.32 37.90
C UNK TA 2 51.14 -103.91 36.56
N UNK TA 3 51.61 -102.77 36.06
CA UNK TA 3 51.16 -102.26 34.78
C UNK TA 3 51.13 -103.35 33.72
N UNK TA 4 52.22 -104.10 33.60
CA UNK TA 4 52.27 -105.18 32.63
C UNK TA 4 51.14 -106.16 32.84
N UNK TA 5 50.89 -106.52 34.10
CA UNK TA 5 49.82 -107.45 34.43
C UNK TA 5 48.47 -106.94 33.95
N UNK TA 6 48.03 -105.82 34.53
CA UNK TA 6 46.74 -105.26 34.14
C UNK TA 6 46.63 -105.15 32.63
N UNK TA 7 47.73 -104.73 32.00
CA UNK TA 7 47.79 -104.72 30.54
C UNK TA 7 47.47 -106.09 29.98
N UNK TA 8 47.99 -107.14 30.59
CA UNK TA 8 47.70 -108.48 30.09
C UNK TA 8 46.23 -108.83 30.23
N UNK TA 9 45.58 -108.33 31.28
CA UNK TA 9 44.18 -108.67 31.51
C UNK TA 9 43.27 -107.91 30.54
N UNK TA 10 43.21 -106.59 30.70
CA UNK TA 10 42.39 -105.79 29.80
C UNK TA 10 42.74 -106.09 28.35
N UNK TA 11 44.03 -106.22 28.08
CA UNK TA 11 44.48 -106.62 26.76
C UNK TA 11 43.96 -108.01 26.40
N UNK TA 12 43.73 -108.86 27.39
CA UNK TA 12 43.18 -110.18 27.08
C UNK TA 12 41.73 -110.06 26.62
N UNK TA 13 40.93 -109.28 27.35
CA UNK TA 13 39.59 -108.98 26.89
C UNK TA 13 39.63 -108.39 25.48
N UNK TA 14 40.57 -107.47 25.26
CA UNK TA 14 40.75 -106.89 23.94
C UNK TA 14 41.03 -107.97 22.89
N UNK TA 15 41.84 -108.96 23.25
CA UNK TA 15 42.12 -110.05 22.32
C UNK TA 15 40.85 -110.76 21.95
N UNK TA 16 40.04 -111.09 22.96
CA UNK TA 16 38.72 -111.65 22.68
C UNK TA 16 37.99 -110.79 21.65
N UNK TA 17 37.99 -109.47 21.86
CA UNK TA 17 37.34 -108.58 20.92
C UNK TA 17 37.89 -108.76 19.52
N UNK TA 18 39.21 -108.82 19.40
CA UNK TA 18 39.84 -109.03 18.10
C UNK TA 18 39.29 -110.28 17.44
N UNK TA 19 39.21 -111.37 18.21
CA UNK TA 19 38.66 -112.61 17.68
C UNK TA 19 37.26 -112.39 17.14
N UNK TA 20 36.41 -111.70 17.92
CA UNK TA 20 35.08 -111.37 17.43
C UNK TA 20 35.17 -110.66 16.09
N UNK TA 21 36.04 -109.66 16.01
CA UNK TA 21 36.27 -108.96 14.74
C UNK TA 21 36.82 -109.88 13.67
N UNK TA 22 37.27 -111.06 14.04
CA UNK TA 22 37.92 -111.97 13.08
C UNK TA 22 36.90 -112.95 12.52
N UNK TA 23 36.44 -113.89 13.35
CA UNK TA 23 35.37 -114.79 12.92
C UNK TA 23 34.24 -113.98 12.32
N UNK TA 24 33.93 -112.84 12.94
CA UNK TA 24 33.14 -111.83 12.28
C UNK TA 24 33.75 -111.46 10.94
N UNK TA 25 35.05 -111.16 10.92
CA UNK TA 25 35.69 -110.63 9.72
C UNK TA 25 35.68 -111.60 8.56
N UNK TA 26 35.18 -112.82 8.77
CA UNK TA 26 35.20 -113.85 7.74
C UNK TA 26 34.71 -113.34 6.39
N UNK TA 27 33.80 -112.38 6.38
CA UNK TA 27 33.31 -111.80 5.14
C UNK TA 27 34.45 -111.34 4.23
N UNK UA 1 -58.19 0.85 -79.11
CA UNK UA 1 -59.58 0.44 -78.96
C UNK UA 1 -59.92 -0.70 -79.91
N UNK UA 2 -60.65 -0.36 -80.97
CA UNK UA 2 -60.96 -1.29 -82.05
C UNK UA 2 -61.57 -2.59 -81.56
N UNK UA 3 -61.15 -3.69 -82.17
CA UNK UA 3 -61.72 -4.99 -81.86
C UNK UA 3 -60.60 -5.87 -81.30
N UNK UA 4 -59.59 -6.12 -82.14
CA UNK UA 4 -58.53 -7.05 -81.77
C UNK UA 4 -57.95 -6.75 -80.40
N UNK UA 5 -58.01 -5.49 -79.97
CA UNK UA 5 -57.64 -5.17 -78.61
C UNK UA 5 -58.70 -5.66 -77.65
N UNK UA 6 -59.92 -5.14 -77.77
CA UNK UA 6 -61.04 -5.67 -77.01
C UNK UA 6 -61.10 -7.19 -77.12
N UNK UA 7 -60.85 -7.71 -78.32
CA UNK UA 7 -60.77 -9.16 -78.48
C UNK UA 7 -59.72 -9.76 -77.56
N UNK UA 8 -58.57 -9.11 -77.45
CA UNK UA 8 -57.55 -9.61 -76.53
C UNK UA 8 -58.08 -9.60 -75.10
N UNK UA 9 -58.76 -8.52 -74.71
CA UNK UA 9 -59.40 -8.49 -73.40
C UNK UA 9 -60.27 -9.71 -73.20
N UNK UA 10 -61.06 -10.05 -74.22
CA UNK UA 10 -61.81 -11.30 -74.16
C UNK UA 10 -60.88 -12.47 -73.96
N UNK UA 11 -59.74 -12.48 -74.65
CA UNK UA 11 -58.79 -13.57 -74.48
C UNK UA 11 -58.29 -13.67 -73.06
N UNK UA 12 -58.34 -12.57 -72.31
CA UNK UA 12 -57.89 -12.54 -70.93
C UNK UA 12 -59.01 -12.67 -69.92
N UNK UA 13 -60.27 -12.71 -70.36
CA UNK UA 13 -61.38 -12.55 -69.43
C UNK UA 13 -62.62 -13.14 -70.06
N UNK UA 14 -63.78 -12.81 -69.49
CA UNK UA 14 -65.02 -12.95 -70.23
C UNK UA 14 -65.05 -11.91 -71.33
N UNK UA 15 -66.16 -11.88 -72.09
CA UNK UA 15 -66.26 -10.97 -73.23
C UNK UA 15 -66.04 -9.53 -72.81
N UNK UA 16 -66.87 -9.04 -71.89
CA UNK UA 16 -66.62 -7.81 -71.15
C UNK UA 16 -66.62 -6.57 -72.03
N UNK UA 17 -66.68 -6.75 -73.35
CA UNK UA 17 -66.80 -5.60 -74.26
C UNK UA 17 -67.89 -4.67 -73.78
N UNK UA 18 -69.12 -5.18 -73.76
CA UNK UA 18 -70.20 -4.47 -73.11
C UNK UA 18 -70.09 -4.58 -71.58
N UNK UA 19 -70.80 -3.69 -70.90
CA UNK UA 19 -70.90 -3.69 -69.44
C UNK UA 19 -69.55 -3.50 -68.78
N UNK UA 20 -68.64 -2.80 -69.45
CA UNK UA 20 -67.29 -2.61 -68.90
C UNK UA 20 -67.30 -1.64 -67.73
N UNK UA 21 -67.81 -0.43 -67.94
CA UNK UA 21 -67.96 0.54 -66.87
C UNK UA 21 -66.63 0.82 -66.18
N UNK UA 22 -65.70 1.60 -66.75
CA UNK UA 22 -65.83 2.57 -67.85
C UNK UA 22 -66.96 3.58 -67.67
N UNK UA 23 -67.60 3.96 -68.78
CA UNK UA 23 -68.60 5.02 -68.77
C UNK UA 23 -69.44 4.91 -70.03
N UNK UA 24 -70.62 5.53 -69.98
CA UNK UA 24 -71.54 5.57 -71.11
C UNK UA 24 -72.41 6.82 -70.97
N UNK UA 25 -73.39 6.96 -71.85
CA UNK UA 25 -74.38 8.02 -71.68
C UNK UA 25 -74.98 7.93 -70.28
N UNK UA 26 -75.68 6.84 -69.99
CA UNK UA 26 -75.87 6.37 -68.63
C UNK UA 26 -76.55 7.37 -67.69
N UNK UA 27 -77.86 7.55 -67.83
CA UNK UA 27 -78.70 8.17 -66.79
C UNK UA 27 -78.30 9.63 -66.52
N UNK UA 28 -78.67 10.48 -67.48
CA UNK UA 28 -78.53 11.92 -67.29
C UNK UA 28 -79.37 12.39 -66.11
N UNK UA 29 -78.88 13.44 -65.46
CA UNK UA 29 -79.46 14.00 -64.25
C UNK UA 29 -80.32 15.22 -64.56
N UNK UA 30 -80.68 15.96 -63.51
CA UNK UA 30 -81.31 17.28 -63.58
C UNK UA 30 -82.71 17.24 -64.21
N UNK UA 31 -83.63 16.64 -63.45
CA UNK UA 31 -85.06 16.83 -63.66
C UNK UA 31 -85.56 17.94 -62.75
N UNK UA 32 -86.89 18.08 -62.61
CA UNK UA 32 -87.48 19.05 -61.71
C UNK UA 32 -88.32 18.39 -60.62
N UNK UA 33 -89.40 17.73 -61.00
CA UNK UA 33 -90.25 16.87 -60.16
C UNK UA 33 -90.76 17.65 -58.95
N UNK UA 34 -90.87 17.01 -57.78
CA UNK UA 34 -91.74 17.46 -56.70
C UNK UA 34 -91.70 16.50 -55.53
N UNK UA 35 -92.44 16.80 -54.47
CA UNK UA 35 -92.37 16.08 -53.20
C UNK UA 35 -93.74 15.51 -52.83
N UNK UA 36 -93.72 14.58 -51.89
CA UNK UA 36 -94.91 13.87 -51.44
C UNK UA 36 -95.12 14.05 -49.95
N UNK UA 37 -96.33 13.74 -49.50
CA UNK UA 37 -96.69 13.90 -48.10
C UNK UA 37 -97.68 12.80 -47.72
N UNK UA 38 -97.75 12.51 -46.42
CA UNK UA 38 -98.62 11.44 -45.92
C UNK UA 38 -99.47 11.87 -44.72
N UNK UA 39 -98.83 12.16 -43.61
CA UNK UA 39 -99.51 12.35 -42.35
C UNK UA 39 -100.19 13.72 -42.33
N UNK UA 40 -100.60 14.14 -41.14
CA UNK UA 40 -101.32 15.39 -40.92
C UNK UA 40 -102.73 15.35 -41.49
N UNK UA 41 -103.36 14.18 -41.41
CA UNK UA 41 -104.81 14.10 -41.50
C UNK UA 41 -105.42 14.43 -40.13
N UNK UA 42 -106.68 14.86 -40.16
CA UNK UA 42 -107.31 15.36 -38.93
C UNK UA 42 -108.69 14.76 -38.58
N UNK UA 43 -108.85 14.01 -37.48
CA UNK UA 43 -107.81 13.40 -36.63
C UNK UA 43 -106.96 14.39 -35.83
N UNK UA 44 -107.27 15.67 -35.93
CA UNK UA 44 -106.45 16.70 -35.32
C UNK UA 44 -106.15 16.39 -33.87
N UNK UA 45 -107.18 16.50 -33.03
CA UNK UA 45 -107.03 16.14 -31.62
C UNK UA 45 -106.49 14.74 -31.47
N UNK UA 46 -106.72 13.88 -32.46
CA UNK UA 46 -106.08 12.58 -32.46
C UNK UA 46 -104.61 12.70 -32.86
N UNK UA 47 -104.32 13.46 -33.93
CA UNK UA 47 -102.95 13.60 -34.40
C UNK UA 47 -102.02 14.02 -33.26
N UNK UA 48 -102.39 15.07 -32.54
CA UNK UA 48 -101.61 15.43 -31.37
C UNK UA 48 -101.82 14.42 -30.24
N UNK UA 49 -103.06 13.97 -30.07
CA UNK UA 49 -103.34 12.92 -29.10
C UNK UA 49 -102.67 11.61 -29.48
N UNK UA 50 -102.05 11.54 -30.65
CA UNK UA 50 -101.28 10.39 -31.05
C UNK UA 50 -99.83 10.48 -30.58
N UNK UA 51 -99.51 11.47 -29.76
CA UNK UA 51 -98.12 11.71 -29.34
C UNK UA 51 -97.47 10.52 -28.65
N UNK UA 52 -98.25 9.52 -28.24
CA UNK UA 52 -97.73 8.21 -27.82
C UNK UA 52 -96.66 8.36 -26.74
N UNK UA 53 -97.11 8.85 -25.59
CA UNK UA 53 -96.27 8.92 -24.42
C UNK UA 53 -96.74 7.83 -23.46
N UNK UA 54 -95.93 6.80 -23.29
CA UNK UA 54 -96.17 5.77 -22.28
C UNK UA 54 -94.83 5.47 -21.63
N UNK UA 55 -94.78 5.54 -20.31
CA UNK UA 55 -93.51 5.73 -19.62
C UNK UA 55 -93.54 4.99 -18.29
N UNK UA 56 -92.59 5.32 -17.41
CA UNK UA 56 -92.49 4.76 -16.07
C UNK UA 56 -92.29 3.26 -16.12
N UNK UA 57 -91.08 2.90 -16.53
CA UNK UA 57 -90.66 1.51 -16.55
C UNK UA 57 -90.98 0.86 -15.21
N UNK UA 58 -91.60 -0.31 -15.27
CA UNK UA 58 -92.19 -0.94 -14.09
C UNK UA 58 -91.43 -2.20 -13.72
N UNK UA 59 -90.86 -2.20 -12.51
CA UNK UA 59 -89.98 -3.26 -12.05
C UNK UA 59 -90.72 -4.58 -11.89
N UNK UA 60 -89.94 -5.65 -11.81
CA UNK UA 60 -90.52 -6.97 -11.65
C UNK UA 60 -90.45 -7.46 -10.22
N UNK UA 61 -89.27 -7.85 -9.75
CA UNK UA 61 -89.18 -8.66 -8.55
C UNK UA 61 -89.47 -7.83 -7.31
N UNK UA 62 -89.48 -8.51 -6.16
CA UNK UA 62 -89.85 -7.94 -4.89
C UNK UA 62 -88.69 -7.20 -4.24
N UNK UA 63 -89.03 -6.28 -3.36
CA UNK UA 63 -88.05 -5.60 -2.51
C UNK UA 63 -87.81 -6.41 -1.24
N UNK VA 1 12.20 -73.20 73.93
CA UNK VA 1 13.35 -72.76 74.70
C UNK VA 1 13.52 -71.26 74.61
N UNK VA 2 14.22 -70.68 75.56
CA UNK VA 2 14.38 -69.23 75.61
C UNK VA 2 15.62 -68.88 76.42
N UNK VA 3 16.04 -67.63 76.29
CA UNK VA 3 17.14 -67.12 77.09
C UNK VA 3 16.68 -66.95 78.54
N UNK VA 4 17.59 -66.49 79.39
CA UNK VA 4 17.32 -66.38 80.82
C UNK VA 4 17.34 -64.91 81.20
N UNK VA 5 16.15 -64.35 81.46
CA UNK VA 5 16.02 -62.96 81.85
C UNK VA 5 16.51 -62.70 83.25
N UNK VA 6 16.91 -63.73 83.99
CA UNK VA 6 17.78 -63.51 85.14
C UNK VA 6 19.23 -63.40 84.70
N UNK VA 7 19.69 -64.36 83.88
CA UNK VA 7 21.04 -64.29 83.36
C UNK VA 7 21.15 -63.21 82.30
N UNK VA 8 20.04 -62.90 81.65
CA UNK VA 8 19.97 -61.63 80.95
C UNK VA 8 19.77 -60.49 81.94
N UNK VA 9 18.94 -60.72 82.95
CA UNK VA 9 18.76 -59.70 83.98
C UNK VA 9 20.05 -59.45 84.73
N UNK VA 10 20.94 -60.45 84.80
CA UNK VA 10 22.30 -60.20 85.26
C UNK VA 10 23.30 -60.77 84.27
N UNK VA 11 23.91 -59.87 83.50
CA UNK VA 11 25.21 -60.09 82.88
C UNK VA 11 25.93 -58.76 82.97
N UNK VA 12 27.05 -58.72 83.68
CA UNK VA 12 27.56 -57.42 84.11
C UNK VA 12 29.03 -57.17 83.83
N UNK VA 13 29.89 -58.01 84.41
CA UNK VA 13 31.22 -57.56 84.82
C UNK VA 13 32.14 -57.32 83.63
N UNK VA 14 33.33 -56.83 83.99
CA UNK VA 14 34.40 -56.38 83.11
C UNK VA 14 33.88 -55.46 82.02
N UNK VA 15 34.64 -55.35 80.93
CA UNK VA 15 34.23 -54.74 79.66
C UNK VA 15 33.70 -53.32 79.82
N UNK VA 16 33.17 -53.02 81.01
CA UNK VA 16 32.62 -51.73 81.33
C UNK VA 16 33.54 -50.88 82.19
N UNK VA 17 34.65 -51.45 82.66
CA UNK VA 17 35.66 -50.60 83.28
C UNK VA 17 36.05 -49.51 82.30
N UNK VA 18 36.20 -49.90 81.04
CA UNK VA 18 36.15 -48.93 79.96
C UNK VA 18 34.93 -48.04 80.14
N UNK VA 19 33.74 -48.63 80.01
CA UNK VA 19 32.51 -47.85 80.10
C UNK VA 19 32.48 -47.03 81.37
N UNK VA 20 33.05 -47.57 82.45
CA UNK VA 20 33.23 -46.77 83.65
C UNK VA 20 34.01 -45.51 83.34
N UNK VA 21 35.13 -45.65 82.64
CA UNK VA 21 35.93 -44.49 82.29
C UNK VA 21 35.13 -43.53 81.44
N UNK VA 22 34.46 -44.04 80.42
CA UNK VA 22 33.59 -43.19 79.62
C UNK VA 22 32.64 -42.41 80.50
N UNK VA 23 32.07 -43.07 81.50
CA UNK VA 23 31.25 -42.35 82.46
C UNK VA 23 32.04 -41.24 83.12
N UNK VA 24 33.29 -41.52 83.51
CA UNK VA 24 34.12 -40.46 84.05
C UNK VA 24 34.18 -39.29 83.09
N UNK VA 25 34.12 -39.57 81.79
CA UNK VA 25 33.81 -38.50 80.85
C UNK VA 25 32.31 -38.24 80.84
N UNK VA 26 31.50 -39.29 80.76
CA UNK VA 26 30.06 -39.12 80.59
C UNK VA 26 29.38 -38.75 81.89
N UNK WA 1 28.29 -91.81 -13.28
CA UNK WA 1 27.64 -90.87 -14.18
C UNK WA 1 28.63 -89.80 -14.62
N UNK WA 2 29.86 -89.96 -14.18
CA UNK WA 2 30.87 -88.92 -14.31
C UNK WA 2 31.09 -88.50 -15.76
N UNK WA 3 31.74 -89.35 -16.54
CA UNK WA 3 32.21 -88.93 -17.85
C UNK WA 3 31.05 -88.54 -18.75
N UNK WA 4 30.07 -89.44 -18.91
CA UNK WA 4 28.99 -89.21 -19.86
C UNK WA 4 28.33 -87.87 -19.61
N UNK WA 5 27.85 -87.66 -18.38
CA UNK WA 5 27.29 -86.36 -18.06
C UNK WA 5 28.30 -85.25 -18.28
N UNK WA 6 29.58 -85.56 -18.09
CA UNK WA 6 30.58 -84.50 -18.01
C UNK WA 6 30.92 -83.98 -19.40
N UNK WA 7 31.69 -84.77 -20.16
CA UNK WA 7 31.97 -84.39 -21.53
C UNK WA 7 30.69 -84.20 -22.32
N UNK WA 8 29.60 -84.83 -21.90
CA UNK WA 8 28.30 -84.54 -22.48
C UNK WA 8 28.00 -83.06 -22.38
N UNK WA 9 27.98 -82.56 -21.14
CA UNK WA 9 27.81 -81.13 -20.95
C UNK WA 9 28.82 -80.35 -21.76
N UNK WA 10 30.03 -80.89 -21.89
CA UNK WA 10 31.05 -80.21 -22.67
C UNK WA 10 30.54 -79.98 -24.08
N UNK WA 11 30.37 -81.05 -24.86
CA UNK WA 11 29.99 -80.88 -26.25
C UNK WA 11 28.67 -80.14 -26.38
N UNK WA 12 27.81 -80.22 -25.36
CA UNK WA 12 26.69 -79.29 -25.31
C UNK WA 12 27.20 -77.87 -25.42
N UNK WA 13 28.16 -77.52 -24.58
CA UNK WA 13 28.79 -76.21 -24.70
C UNK WA 13 29.49 -76.05 -26.04
N UNK WA 14 29.77 -77.12 -26.75
CA UNK WA 14 30.30 -76.97 -28.09
C UNK WA 14 29.22 -76.43 -29.02
N UNK WA 15 28.03 -77.00 -28.93
CA UNK WA 15 26.90 -76.39 -29.62
C UNK WA 15 26.76 -74.94 -29.23
N UNK WA 16 26.92 -74.66 -27.95
CA UNK WA 16 26.90 -73.27 -27.51
C UNK WA 16 27.90 -72.46 -28.31
N UNK WA 17 29.19 -72.74 -28.12
CA UNK WA 17 30.25 -71.94 -28.73
C UNK WA 17 30.03 -71.78 -30.23
N UNK WA 18 29.54 -72.84 -30.86
CA UNK WA 18 29.02 -72.68 -32.21
C UNK WA 18 28.11 -71.47 -32.27
N UNK WA 19 27.02 -71.51 -31.51
CA UNK WA 19 26.09 -70.39 -31.50
C UNK WA 19 26.79 -69.08 -31.16
N UNK WA 20 27.90 -69.13 -30.44
CA UNK WA 20 28.61 -67.92 -30.11
C UNK WA 20 29.27 -67.32 -31.34
N UNK WA 21 30.06 -68.14 -32.03
CA UNK WA 21 30.60 -67.71 -33.31
C UNK WA 21 29.48 -67.16 -34.18
N UNK WA 22 28.34 -67.85 -34.19
CA UNK WA 22 27.18 -67.36 -34.92
C UNK WA 22 26.82 -65.96 -34.49
N UNK WA 23 26.82 -65.71 -33.19
CA UNK WA 23 26.53 -64.38 -32.70
C UNK WA 23 27.51 -63.38 -33.29
N UNK WA 24 28.80 -63.71 -33.26
CA UNK WA 24 29.81 -62.76 -33.73
C UNK WA 24 29.63 -62.45 -35.20
N UNK WA 25 29.72 -63.48 -36.03
CA UNK WA 25 29.61 -63.28 -37.47
C UNK WA 25 28.30 -62.58 -37.80
N UNK WA 26 27.24 -62.91 -37.07
CA UNK WA 26 26.01 -62.15 -37.18
C UNK WA 26 26.27 -60.69 -36.92
N UNK WA 27 27.00 -60.37 -35.85
CA UNK WA 27 27.16 -58.99 -35.43
C UNK WA 27 27.88 -58.17 -36.49
N UNK WA 28 29.10 -58.58 -36.83
CA UNK WA 28 29.83 -57.83 -37.84
C UNK WA 28 29.08 -57.83 -39.16
N UNK WA 29 28.48 -58.97 -39.49
CA UNK WA 29 27.66 -59.06 -40.70
C UNK WA 29 26.68 -57.91 -40.74
N UNK WA 30 25.93 -57.71 -39.66
CA UNK WA 30 25.12 -56.52 -39.53
C UNK WA 30 25.94 -55.27 -39.80
N UNK WA 31 26.97 -55.05 -38.97
CA UNK WA 31 27.73 -53.82 -38.98
C UNK WA 31 28.16 -53.41 -40.38
N UNK WA 32 29.11 -54.14 -40.94
CA UNK WA 32 29.58 -53.79 -42.28
C UNK WA 32 28.45 -53.88 -43.29
N UNK WA 33 27.52 -54.81 -43.08
CA UNK WA 33 26.45 -55.02 -44.05
C UNK WA 33 25.68 -53.73 -44.29
N UNK WA 34 25.10 -53.19 -43.22
CA UNK WA 34 24.42 -51.91 -43.34
C UNK WA 34 25.42 -50.84 -43.76
N UNK WA 35 26.63 -50.90 -43.22
CA UNK WA 35 27.63 -49.88 -43.46
C UNK WA 35 27.80 -49.63 -44.95
N UNK WA 36 28.41 -50.58 -45.65
CA UNK WA 36 28.58 -50.43 -47.08
C UNK WA 36 27.24 -50.45 -47.80
N UNK WA 37 26.25 -51.12 -47.22
CA UNK WA 37 24.91 -51.19 -47.79
C UNK WA 37 24.97 -51.78 -49.20
N UNK WA 38 25.21 -53.09 -49.25
CA UNK WA 38 25.25 -53.83 -50.50
C UNK WA 38 24.27 -54.99 -50.51
N UNK WA 39 24.40 -55.95 -49.60
CA UNK WA 39 23.50 -57.09 -49.56
C UNK WA 39 22.14 -56.68 -49.03
N UNK WA 40 21.22 -57.64 -48.96
CA UNK WA 40 19.84 -57.37 -48.58
C UNK WA 40 19.61 -57.81 -47.14
N UNK WA 41 19.54 -56.83 -46.25
CA UNK WA 41 18.99 -57.01 -44.91
C UNK WA 41 18.01 -55.86 -44.68
N UNK WA 42 18.54 -54.65 -44.70
CA UNK WA 42 17.73 -53.45 -44.74
C UNK WA 42 17.41 -53.10 -46.18
N UNK WA 43 16.15 -52.74 -46.43
CA UNK WA 43 15.78 -52.29 -47.76
C UNK WA 43 16.37 -50.90 -48.00
N UNK WA 44 16.10 -50.35 -49.18
CA UNK WA 44 16.60 -49.02 -49.46
C UNK WA 44 15.66 -47.95 -48.89
N UNK WA 45 14.39 -47.83 -49.31
CA UNK WA 45 13.71 -48.61 -50.34
C UNK WA 45 13.16 -47.67 -51.40
N UNK WA 46 13.70 -47.75 -52.60
CA UNK WA 46 13.38 -46.81 -53.67
C UNK WA 46 11.93 -46.92 -54.12
N UNK XA 1 3.13 -32.84 34.64
CA UNK XA 1 4.40 -33.13 33.98
C UNK XA 1 4.18 -34.14 32.87
N UNK XA 2 2.92 -34.51 32.66
CA UNK XA 2 2.63 -35.38 31.54
C UNK XA 2 2.92 -34.65 30.24
N UNK XA 3 3.12 -35.43 29.18
CA UNK XA 3 3.26 -34.83 27.87
C UNK XA 3 2.07 -33.95 27.54
N UNK XA 4 0.95 -34.14 28.22
CA UNK XA 4 -0.14 -33.19 28.10
C UNK XA 4 0.21 -31.90 28.80
N UNK XA 5 0.74 -31.99 30.02
CA UNK XA 5 1.29 -30.79 30.64
C UNK XA 5 2.27 -30.14 29.69
N UNK XA 6 3.09 -30.96 29.03
CA UNK XA 6 3.94 -30.44 27.98
C UNK XA 6 3.13 -29.66 26.96
N UNK XA 7 1.99 -30.22 26.56
CA UNK XA 7 1.15 -29.53 25.59
C UNK XA 7 0.73 -28.17 26.12
N UNK XA 8 0.45 -28.09 27.42
CA UNK XA 8 0.18 -26.80 28.02
C UNK XA 8 1.35 -25.85 27.81
N UNK XA 9 2.57 -26.34 28.06
CA UNK XA 9 3.74 -25.52 27.77
C UNK XA 9 3.72 -25.04 26.33
N UNK XA 10 3.26 -25.90 25.42
CA UNK XA 10 3.16 -25.47 24.03
C UNK XA 10 2.18 -24.33 23.90
N UNK XA 11 1.05 -24.40 24.61
CA UNK XA 11 0.16 -23.25 24.64
C UNK XA 11 0.90 -22.01 25.10
N UNK XA 12 1.78 -22.17 26.11
CA UNK XA 12 2.62 -21.06 26.50
C UNK XA 12 3.54 -20.65 25.38
N UNK XA 13 4.09 -21.62 24.65
CA UNK XA 13 4.89 -21.33 23.49
C UNK XA 13 4.00 -20.78 22.38
N UNK YA 1 42.00 -66.20 -6.96
CA UNK YA 1 40.98 -67.08 -7.50
C UNK YA 1 41.54 -67.96 -8.60
N UNK YA 2 42.06 -67.32 -9.64
CA UNK YA 2 42.62 -68.02 -10.78
C UNK YA 2 41.50 -68.97 -11.33
N UNK YA 3 41.49 -70.32 -11.28
CA UNK YA 3 42.38 -71.24 -10.58
C UNK YA 3 43.45 -71.90 -11.45
N UNK YA 4 43.44 -71.68 -12.77
CA UNK YA 4 44.29 -72.48 -13.65
C UNK YA 4 44.51 -71.73 -14.96
N UNK YA 5 45.02 -72.47 -15.95
CA UNK YA 5 45.08 -71.99 -17.32
C UNK YA 5 45.90 -70.72 -17.38
N UNK YA 6 45.24 -69.60 -17.70
CA UNK YA 6 45.93 -68.33 -17.73
C UNK YA 6 46.74 -68.10 -16.47
N UNK YA 7 46.38 -68.79 -15.38
CA UNK YA 7 47.31 -68.95 -14.28
C UNK YA 7 48.64 -69.49 -14.78
N UNK YA 8 48.63 -70.70 -15.33
CA UNK YA 8 49.84 -71.26 -15.89
C UNK YA 8 50.45 -70.33 -16.92
N UNK YA 9 49.64 -69.50 -17.55
CA UNK YA 9 50.21 -68.43 -18.35
C UNK YA 9 51.01 -67.48 -17.48
N UNK YA 10 50.53 -67.22 -16.27
CA UNK YA 10 51.35 -66.43 -15.36
C UNK YA 10 52.59 -67.21 -14.98
N UNK YA 11 52.54 -68.53 -15.05
CA UNK YA 11 53.77 -69.29 -14.97
C UNK YA 11 54.65 -69.01 -16.18
N UNK YA 12 54.04 -68.72 -17.31
CA UNK YA 12 54.86 -68.21 -18.40
C UNK YA 12 55.44 -66.86 -18.04
N UNK YA 13 54.73 -66.08 -17.22
CA UNK YA 13 55.35 -64.87 -16.69
C UNK YA 13 56.48 -65.23 -15.73
N UNK YA 14 56.41 -66.41 -15.13
CA UNK YA 14 57.57 -66.89 -14.39
C UNK YA 14 58.71 -67.19 -15.34
N UNK YA 15 58.40 -67.73 -16.51
CA UNK YA 15 59.39 -67.81 -17.55
C UNK YA 15 59.85 -66.43 -17.99
N UNK YA 16 59.03 -65.42 -17.75
CA UNK YA 16 59.41 -64.06 -18.10
C UNK YA 16 60.49 -63.64 -17.13
N UNK YA 17 60.16 -63.64 -15.84
CA UNK YA 17 61.17 -63.38 -14.83
C UNK YA 17 62.41 -64.23 -15.06
N UNK YA 18 62.23 -65.45 -15.55
CA UNK YA 18 63.38 -66.27 -15.90
C UNK YA 18 64.23 -65.58 -16.96
N UNK YA 19 63.59 -65.08 -18.02
CA UNK YA 19 64.31 -64.31 -19.02
C UNK YA 19 65.02 -63.13 -18.38
N UNK YA 20 64.34 -62.47 -17.45
CA UNK YA 20 64.97 -61.37 -16.71
C UNK YA 20 66.27 -61.83 -16.07
N UNK YA 21 66.26 -63.02 -15.46
CA UNK YA 21 67.49 -63.59 -14.95
C UNK YA 21 68.49 -63.76 -16.08
N UNK YA 22 68.03 -64.27 -17.22
CA UNK YA 22 68.93 -64.49 -18.34
C UNK YA 22 69.63 -63.21 -18.76
N UNK YA 23 69.00 -62.06 -18.50
CA UNK YA 23 69.67 -60.80 -18.76
C UNK YA 23 71.01 -60.73 -18.04
N UNK YA 24 71.06 -61.23 -16.82
CA UNK YA 24 72.31 -61.26 -16.07
C UNK YA 24 73.31 -62.18 -16.76
N UNK ZA 1 -8.77 -14.95 -80.19
CA UNK ZA 1 -9.66 -16.10 -80.07
C UNK ZA 1 -8.91 -17.31 -79.53
N UNK ZA 2 -9.66 -18.36 -79.22
CA UNK ZA 2 -9.13 -19.67 -78.87
C UNK ZA 2 -8.08 -19.62 -77.79
N UNK ZA 3 -7.07 -20.47 -77.90
CA UNK ZA 3 -5.99 -20.50 -76.90
C UNK ZA 3 -4.59 -20.59 -77.50
N UNK ZA 4 -4.25 -21.76 -78.05
CA UNK ZA 4 -2.84 -22.09 -78.31
C UNK ZA 4 -2.47 -21.85 -79.76
N UNK ZA 5 -2.96 -22.72 -80.66
CA UNK ZA 5 -2.79 -22.48 -82.09
C UNK ZA 5 -3.26 -21.09 -82.43
N UNK ZA 6 -4.18 -20.57 -81.65
CA UNK ZA 6 -4.47 -19.15 -81.61
C UNK ZA 6 -3.18 -18.35 -81.55
N UNK ZA 7 -2.47 -18.45 -80.42
CA UNK ZA 7 -1.25 -17.67 -80.27
C UNK ZA 7 -0.26 -17.97 -81.38
N UNK ZA 8 -0.27 -19.20 -81.90
CA UNK ZA 8 0.51 -19.48 -83.09
C UNK ZA 8 0.13 -18.53 -84.20
N UNK ZA 9 -1.17 -18.30 -84.39
CA UNK ZA 9 -1.57 -17.27 -85.33
C UNK ZA 9 -1.13 -15.89 -84.87
N UNK ZA 10 -1.03 -15.68 -83.56
CA UNK ZA 10 -0.45 -14.43 -83.08
C UNK ZA 10 0.97 -14.27 -83.58
N UNK ZA 11 1.66 -15.39 -83.83
CA UNK ZA 11 2.97 -15.32 -84.47
C UNK ZA 11 2.84 -15.07 -85.97
N UNK ZA 12 1.95 -15.82 -86.63
CA UNK ZA 12 1.74 -15.62 -88.05
C UNK ZA 12 1.53 -14.15 -88.36
N UNK ZA 13 0.65 -13.50 -87.63
CA UNK ZA 13 0.50 -12.06 -87.75
C UNK ZA 13 1.74 -11.33 -87.27
N UNK ZA 14 2.37 -11.84 -86.19
CA UNK ZA 14 3.53 -11.18 -85.64
C UNK ZA 14 4.62 -10.99 -86.68
N UNK ZA 15 4.57 -11.74 -87.78
CA UNK ZA 15 5.38 -11.40 -88.93
C UNK ZA 15 5.08 -9.97 -89.38
N UNK ZA 16 3.88 -9.74 -89.92
CA UNK ZA 16 3.51 -8.44 -90.45
C UNK ZA 16 2.66 -7.59 -89.50
N UNK ZA 17 2.37 -8.08 -88.29
CA UNK ZA 17 1.60 -7.40 -87.26
C UNK ZA 17 0.13 -7.21 -87.64
N UNK ZA 18 -0.27 -7.59 -88.86
CA UNK ZA 18 -1.66 -7.47 -89.30
C UNK ZA 18 -2.18 -6.04 -89.22
N UNK AB 1 73.72 -75.80 48.34
CA UNK AB 1 73.76 -75.96 49.79
C UNK AB 1 75.16 -75.73 50.31
N UNK AB 2 76.13 -76.27 49.58
CA UNK AB 2 77.54 -76.12 49.91
C UNK AB 2 78.18 -74.92 49.24
N UNK AB 3 77.37 -74.07 48.57
CA UNK AB 3 77.91 -73.04 47.69
C UNK AB 3 79.00 -72.20 48.36
N UNK AB 4 78.69 -71.63 49.52
CA UNK AB 4 79.61 -70.75 50.23
C UNK AB 4 80.04 -69.56 49.40
N UNK AB 5 79.21 -69.18 48.42
CA UNK AB 5 79.48 -68.05 47.54
C UNK AB 5 80.92 -68.09 47.05
N UNK AB 6 81.59 -66.93 47.07
CA UNK AB 6 82.97 -66.86 46.60
C UNK AB 6 83.77 -65.93 47.51
N UNK AB 7 84.86 -66.45 48.06
CA UNK AB 7 85.79 -65.60 48.77
C UNK AB 7 86.66 -64.85 47.78
N UNK AB 8 87.16 -63.69 48.22
CA UNK AB 8 88.04 -62.90 47.39
C UNK AB 8 89.42 -63.52 47.24
N UNK AB 9 89.71 -64.62 47.93
CA UNK AB 9 91.00 -65.28 47.80
C UNK AB 9 91.25 -65.61 46.35
N UNK AB 10 92.41 -65.16 45.84
CA UNK AB 10 92.67 -65.25 44.40
C UNK AB 10 93.66 -66.35 44.05
N UNK AB 11 94.94 -66.11 44.27
CA UNK AB 11 96.00 -67.09 44.06
C UNK AB 11 96.17 -67.47 42.60
N UNK AB 12 95.19 -67.15 41.78
CA UNK AB 12 95.29 -67.25 40.34
C UNK AB 12 95.22 -65.82 39.82
N UNK AB 13 96.35 -65.31 39.36
CA UNK AB 13 96.51 -63.88 39.12
C UNK AB 13 96.99 -63.65 37.69
N UNK AB 14 97.36 -62.41 37.41
CA UNK AB 14 97.89 -62.00 36.12
C UNK AB 14 99.26 -61.36 36.32
N UNK AB 15 99.79 -60.81 35.24
CA UNK AB 15 101.12 -60.24 35.27
C UNK AB 15 101.23 -59.17 36.35
N UNK AB 16 102.40 -59.06 36.95
CA UNK AB 16 102.65 -58.08 37.98
C UNK AB 16 103.78 -57.14 37.58
N UNK BB 1 33.27 -96.87 -3.48
CA UNK BB 1 33.75 -98.18 -3.09
C UNK BB 1 33.42 -98.49 -1.64
N UNK BB 2 32.13 -98.43 -1.29
CA UNK BB 2 31.68 -98.74 0.05
C UNK BB 2 30.20 -99.11 0.01
N UNK BB 3 29.75 -99.75 1.09
CA UNK BB 3 28.39 -100.26 1.13
C UNK BB 3 27.37 -99.14 1.00
N UNK BB 4 27.40 -98.20 1.93
CA UNK BB 4 26.60 -97.00 1.75
C UNK BB 4 26.85 -96.43 0.38
N UNK BB 5 28.13 -96.27 0.03
CA UNK BB 5 28.48 -95.81 -1.30
C UNK BB 5 27.88 -96.71 -2.36
N UNK BB 6 27.79 -98.02 -2.09
CA UNK BB 6 27.15 -98.90 -3.05
C UNK BB 6 25.72 -98.45 -3.29
N UNK BB 7 24.99 -98.18 -2.21
CA UNK BB 7 23.65 -97.64 -2.36
C UNK BB 7 23.68 -96.36 -3.18
N UNK BB 8 24.72 -95.54 -2.98
CA UNK BB 8 24.87 -94.35 -3.80
C UNK BB 8 24.91 -94.72 -5.27
N UNK BB 9 25.93 -95.49 -5.68
CA UNK BB 9 26.09 -95.89 -7.08
C UNK BB 9 24.80 -96.44 -7.64
N UNK BB 10 24.04 -97.16 -6.82
CA UNK BB 10 22.68 -97.50 -7.22
C UNK BB 10 21.90 -96.25 -7.60
N UNK BB 11 21.69 -95.36 -6.64
CA UNK BB 11 20.87 -94.19 -6.84
C UNK BB 11 21.66 -93.00 -7.37
N UNK BB 12 22.93 -93.19 -7.68
CA UNK BB 12 23.79 -92.10 -8.13
C UNK BB 12 23.17 -91.29 -9.26
N THR CB 1 41.44 9.21 86.11
CA THR CB 1 41.35 8.49 87.38
C THR CB 1 41.66 7.04 87.10
N ALA CB 2 40.80 6.13 87.57
CA ALA CB 2 40.92 4.78 87.06
C ALA CB 2 40.84 4.89 85.56
N THR CB 3 41.93 4.53 84.89
CA THR CB 3 42.24 5.19 83.64
C THR CB 3 41.21 4.76 82.60
N TYR CB 4 41.36 5.26 81.39
CA TYR CB 4 40.34 5.05 80.36
C TYR CB 4 39.87 3.61 80.31
N ALA CB 5 40.75 2.66 80.62
CA ALA CB 5 40.33 1.27 80.75
C ALA CB 5 39.72 1.02 82.12
N GLN CB 6 40.32 1.56 83.17
CA GLN CB 6 39.72 1.38 84.49
C GLN CB 6 38.63 2.41 84.71
N ALA CB 7 38.57 3.40 83.84
CA ALA CB 7 37.33 4.13 83.65
C ALA CB 7 36.35 3.27 82.88
N LEU CB 8 36.85 2.49 81.94
CA LEU CB 8 35.98 1.63 81.17
C LEU CB 8 35.30 0.63 82.06
N GLN CB 9 36.05 0.08 83.01
CA GLN CB 9 35.43 -0.64 84.10
C GLN CB 9 34.64 0.33 84.96
N SER CB 10 35.21 1.51 85.23
CA SER CB 10 34.51 2.48 86.05
C SER CB 10 33.24 2.93 85.35
N VAL CB 11 33.27 3.04 84.04
CA VAL CB 11 32.02 3.04 83.29
C VAL CB 11 31.24 1.80 83.69
N PRO CB 12 30.02 1.94 84.16
CA PRO CB 12 29.33 0.78 84.74
C PRO CB 12 29.10 -0.33 83.74
N GLU CB 13 28.58 -1.44 84.23
CA GLU CB 13 28.40 -2.62 83.41
C GLU CB 13 26.96 -2.71 82.94
N THR CB 14 26.79 -2.87 81.65
CA THR CB 14 25.50 -3.29 81.13
C THR CB 14 25.29 -4.77 81.44
N GLN CB 15 24.04 -5.19 81.35
CA GLN CB 15 23.70 -6.61 81.53
C GLN CB 15 22.78 -7.05 80.40
N VAL CB 16 22.67 -8.35 80.26
CA VAL CB 16 21.82 -8.91 79.23
C VAL CB 16 21.14 -10.13 79.80
N SER CB 17 20.15 -10.63 79.07
CA SER CB 17 19.39 -11.77 79.54
C SER CB 17 18.79 -12.49 78.35
N GLN CB 18 18.34 -13.71 78.60
CA GLN CB 18 17.69 -14.52 77.59
C GLN CB 18 16.33 -14.96 78.12
N LEU CB 19 15.26 -14.44 77.53
CA LEU CB 19 13.92 -14.82 77.94
C LEU CB 19 13.59 -16.20 77.41
N ASP CB 20 12.55 -16.80 77.98
CA ASP CB 20 12.25 -18.17 77.60
C ASP CB 20 11.34 -18.13 76.39
N ASN CB 21 12.01 -18.18 75.27
CA ASN CB 21 11.61 -18.61 73.97
C ASN CB 21 12.92 -19.32 73.80
N GLY CB 22 13.91 -18.64 74.37
CA GLY CB 22 15.26 -18.50 73.91
C GLY CB 22 15.25 -17.03 73.57
N LEU CB 23 14.15 -16.39 73.97
CA LEU CB 23 13.93 -14.99 73.66
C LEU CB 23 15.02 -14.12 74.25
N ARG CB 24 15.38 -13.08 73.54
CA ARG CB 24 16.55 -12.27 73.86
C ARG CB 24 16.07 -10.94 74.44
N VAL CB 25 16.52 -10.65 75.66
CA VAL CB 25 16.22 -9.38 76.31
C VAL CB 25 17.48 -8.93 77.04
N ALA CB 26 17.98 -7.76 76.70
CA ALA CB 26 19.14 -7.23 77.40
C ALA CB 26 18.82 -5.88 78.00
N SER CB 27 19.55 -5.53 79.06
CA SER CB 27 19.20 -4.41 79.90
C SER CB 27 20.40 -3.49 80.08
N GLU CB 28 20.21 -2.21 79.79
CA GLU CB 28 21.03 -1.18 80.41
C GLU CB 28 20.09 -0.36 81.27
N GLN CB 29 20.18 -0.57 82.57
CA GLN CB 29 19.38 0.16 83.55
C GLN CB 29 20.21 1.35 83.98
N SER CB 30 19.63 2.53 83.90
CA SER CB 30 20.41 3.75 84.02
C SER CB 30 19.64 4.74 84.88
N SER CB 31 20.15 5.96 84.93
CA SER CB 31 19.42 7.08 85.51
C SER CB 31 18.55 7.80 84.49
N GLN CB 32 18.46 7.27 83.28
CA GLN CB 32 17.67 7.96 82.27
C GLN CB 32 16.24 8.03 82.75
N PRO CB 33 15.72 9.22 83.10
CA PRO CB 33 14.30 9.29 83.50
C PRO CB 33 13.36 9.05 82.33
N THR CB 34 13.62 9.69 81.21
CA THR CB 34 13.10 9.13 79.98
C THR CB 34 13.97 7.96 79.61
N CYS CB 35 13.67 7.35 78.49
CA CYS CB 35 14.54 6.28 78.03
C CYS CB 35 14.28 6.09 76.56
N THR CB 36 15.24 5.45 75.91
CA THR CB 36 14.99 4.90 74.59
C THR CB 36 14.48 3.51 74.88
N VAL CB 37 13.19 3.31 74.67
CA VAL CB 37 12.65 1.98 74.79
C VAL CB 37 12.77 1.45 73.37
N GLY CB 38 13.83 0.69 73.15
CA GLY CB 38 13.93 -0.06 71.94
C GLY CB 38 12.95 -1.18 72.05
N VAL CB 39 11.93 -1.17 71.22
CA VAL CB 39 11.38 -2.40 70.73
C VAL CB 39 12.06 -2.47 69.38
N TRP CB 40 13.11 -3.28 69.29
CA TRP CB 40 14.07 -3.06 68.23
C TRP CB 40 13.50 -3.81 67.05
N ILE CB 41 12.92 -3.06 66.12
CA ILE CB 41 12.17 -3.66 65.04
C ILE CB 41 13.22 -4.16 64.09
N ASP CB 42 13.39 -5.47 64.04
CA ASP CB 42 14.60 -6.09 63.54
C ASP CB 42 14.55 -6.36 62.04
N ALA CB 43 13.58 -5.77 61.34
CA ALA CB 43 13.46 -5.99 59.90
C ALA CB 43 14.26 -4.92 59.16
N GLY CB 44 15.36 -5.33 58.54
CA GLY CB 44 16.33 -4.41 58.01
C GLY CB 44 16.20 -4.15 56.51
N SER CB 45 17.26 -3.54 55.97
CA SER CB 45 17.31 -3.13 54.57
C SER CB 45 17.68 -4.30 53.65
N ARG CB 46 18.64 -5.13 54.05
CA ARG CB 46 19.07 -6.19 53.16
C ARG CB 46 18.47 -7.55 53.48
N TYR CB 47 17.70 -7.67 54.55
CA TYR CB 47 17.34 -8.97 55.08
C TYR CB 47 16.55 -9.82 54.10
N GLU CB 48 16.20 -9.28 52.96
CA GLU CB 48 15.12 -9.85 52.17
C GLU CB 48 15.69 -10.40 50.88
N THR CB 49 14.87 -11.20 50.22
CA THR CB 49 15.25 -11.98 49.06
C THR CB 49 14.57 -11.41 47.81
N GLU CB 50 14.85 -12.06 46.69
CA GLU CB 50 14.63 -11.49 45.36
C GLU CB 50 13.18 -11.05 45.12
N LYS CB 51 12.30 -12.01 44.89
CA LYS CB 51 10.92 -11.64 44.68
C LYS CB 51 10.31 -11.04 45.94
N ASN CB 52 11.03 -11.11 47.05
CA ASN CB 52 10.62 -10.45 48.29
C ASN CB 52 10.90 -8.97 48.26
N ASN CB 53 11.40 -8.48 47.13
CA ASN CB 53 11.81 -7.09 47.01
C ASN CB 53 10.71 -6.15 47.49
N GLY CB 54 11.13 -5.16 48.27
CA GLY CB 54 10.28 -4.07 48.68
C GLY CB 54 9.39 -4.35 49.86
N ALA CB 55 9.15 -5.62 50.17
CA ALA CB 55 8.19 -5.94 51.21
C ALA CB 55 8.60 -5.38 52.56
N GLY CB 56 9.89 -5.20 52.79
CA GLY CB 56 10.33 -4.60 54.03
C GLY CB 56 10.26 -3.10 54.01
N TYR CB 57 10.46 -2.49 52.84
CA TYR CB 57 10.22 -1.06 52.72
C TYR CB 57 8.73 -0.78 52.82
N PHE CB 58 7.91 -1.56 52.11
CA PHE CB 58 6.48 -1.48 52.30
C PHE CB 58 6.13 -1.68 53.77
N VAL CB 59 6.68 -2.73 54.35
CA VAL CB 59 6.49 -2.99 55.76
C VAL CB 59 6.84 -1.78 56.58
N GLU CB 60 7.90 -1.09 56.19
CA GLU CB 60 8.25 0.15 56.86
C GLU CB 60 7.12 1.14 56.74
N HIS CB 61 6.72 1.46 55.51
CA HIS CB 61 5.51 2.23 55.29
C HIS CB 61 4.31 1.57 55.94
N LEU CB 62 4.35 0.25 56.12
CA LEU CB 62 3.28 -0.42 56.82
C LEU CB 62 3.47 -0.43 58.33
N ALA CB 63 4.67 -0.12 58.83
CA ALA CB 63 5.00 -0.38 60.23
C ALA CB 63 4.06 0.37 61.17
N PHE CB 64 3.91 1.66 60.96
CA PHE CB 64 3.03 2.48 61.79
C PHE CB 64 1.64 2.61 61.20
N LYS CB 65 1.34 1.90 60.10
CA LYS CB 65 0.18 2.22 59.29
C LYS CB 65 -1.14 2.06 60.04
N GLY CB 66 -1.13 1.54 61.27
CA GLY CB 66 -2.34 1.33 62.04
C GLY CB 66 -2.68 -0.15 62.17
N THR CB 67 -3.44 -0.47 63.21
CA THR CB 67 -3.68 -1.87 63.56
C THR CB 67 -5.02 -2.01 64.26
N LYS CB 68 -5.26 -3.20 64.80
CA LYS CB 68 -6.56 -3.53 65.38
C LYS CB 68 -6.58 -3.18 66.86
N ASN CB 69 -5.75 -3.86 67.65
CA ASN CB 69 -5.71 -3.60 69.09
C ASN CB 69 -5.62 -2.12 69.37
N ARG CB 70 -4.79 -1.41 68.61
CA ARG CB 70 -4.83 0.04 68.55
C ARG CB 70 -5.12 0.47 67.12
N PRO CB 71 -6.23 1.16 66.85
CA PRO CB 71 -6.41 1.71 65.50
C PRO CB 71 -5.34 2.74 65.16
N GLY CB 72 -5.37 3.27 63.95
CA GLY CB 72 -4.31 4.15 63.52
C GLY CB 72 -4.22 5.41 64.35
N ASN CB 73 -5.31 6.17 64.39
CA ASN CB 73 -5.34 7.34 65.25
C ASN CB 73 -5.30 6.94 66.71
N ALA CB 74 -5.67 5.70 67.00
CA ALA CB 74 -5.56 5.20 68.36
C ALA CB 74 -4.11 4.91 68.71
N LEU CB 75 -3.41 4.20 67.82
CA LEU CB 75 -1.97 4.12 67.95
C LEU CB 75 -1.41 5.51 68.15
N GLU CB 76 -1.95 6.46 67.42
CA GLU CB 76 -1.61 7.85 67.65
C GLU CB 76 -2.16 8.36 68.97
N LYS CB 77 -3.03 7.60 69.62
CA LYS CB 77 -3.65 8.13 70.83
C LYS CB 77 -2.89 7.67 72.05
N GLU CB 78 -2.88 6.37 72.31
CA GLU CB 78 -1.95 5.85 73.29
C GLU CB 78 -0.56 6.37 73.00
N VAL CB 79 -0.13 6.23 71.77
CA VAL CB 79 1.24 6.56 71.40
C VAL CB 79 1.39 8.07 71.35
N GLU CB 80 0.79 8.67 70.35
CA GLU CB 80 0.99 10.08 70.12
C GLU CB 80 0.45 10.89 71.28
N SER CB 81 -0.78 10.59 71.71
CA SER CB 81 -1.30 11.25 72.90
C SER CB 81 -0.35 11.03 74.06
N MET CB 82 0.21 9.83 74.16
CA MET CB 82 1.30 9.65 75.11
C MET CB 82 2.47 10.55 74.77
N GLY CB 83 2.55 10.98 73.51
CA GLY CB 83 3.70 11.75 73.12
C GLY CB 83 4.91 10.87 73.18
N ALA CB 84 4.90 9.78 72.43
CA ALA CB 84 5.99 8.83 72.47
C ALA CB 84 6.73 8.80 71.14
N HIS CB 85 7.81 8.01 71.09
CA HIS CB 85 8.70 8.00 69.94
C HIS CB 85 8.65 6.65 69.25
N LEU CB 86 8.69 6.69 67.93
CA LEU CB 86 8.81 5.49 67.12
C LEU CB 86 9.68 5.79 65.91
N ASN CB 87 10.61 4.90 65.63
CA ASN CB 87 11.40 4.98 64.42
C ASN CB 87 11.45 3.59 63.82
N ALA CB 88 11.90 3.51 62.57
CA ALA CB 88 12.28 2.23 61.98
C ALA CB 88 13.59 2.47 61.25
N TYR CB 89 14.67 1.88 61.76
CA TYR CB 89 15.97 2.05 61.15
C TYR CB 89 16.38 0.70 60.62
N SER CB 90 16.34 0.57 59.29
CA SER CB 90 16.46 -0.70 58.61
C SER CB 90 17.88 -0.90 58.10
N THR CB 91 18.44 -2.09 58.35
CA THR CB 91 19.84 -2.40 58.06
C THR CB 91 19.95 -3.69 57.27
N ARG CB 92 21.14 -4.25 57.13
CA ARG CB 92 21.22 -5.48 56.37
C ARG CB 92 20.25 -6.53 56.89
N GLU CB 93 20.57 -7.13 58.03
CA GLU CB 93 19.78 -8.22 58.57
C GLU CB 93 18.75 -7.79 59.61
N HIS CB 94 18.82 -6.57 60.08
CA HIS CB 94 18.02 -6.21 61.23
C HIS CB 94 17.72 -4.73 61.18
N THR CB 95 17.01 -4.27 62.19
CA THR CB 95 16.61 -2.88 62.26
C THR CB 95 16.22 -2.58 63.70
N ALA CB 96 15.66 -1.40 63.93
CA ALA CB 96 15.13 -1.13 65.25
C ALA CB 96 13.94 -0.19 65.18
N TYR CB 97 13.19 -0.13 66.29
CA TYR CB 97 12.13 0.84 66.52
C TYR CB 97 12.28 1.42 67.94
N TYR CB 98 12.48 2.73 68.01
CA TYR CB 98 12.69 3.39 69.29
C TYR CB 98 11.34 3.68 69.95
N ILE CB 99 11.38 3.79 71.27
CA ILE CB 99 10.32 4.47 72.01
C ILE CB 99 11.02 5.34 73.05
N LYS CB 100 10.85 6.64 72.93
CA LYS CB 100 11.32 7.57 73.95
C LYS CB 100 10.19 7.75 74.95
N ALA CB 101 10.48 7.59 76.24
CA ALA CB 101 9.37 7.65 77.19
C ALA CB 101 9.82 7.98 78.60
N LEU CB 102 8.87 8.44 79.39
CA LEU CB 102 9.04 8.38 80.82
C LEU CB 102 9.32 6.93 81.19
N SER CB 103 10.42 6.69 81.87
CA SER CB 103 10.64 5.36 82.41
C SER CB 103 9.43 4.93 83.21
N LYS CB 104 8.76 5.90 83.85
CA LYS CB 104 7.45 5.64 84.41
C LYS CB 104 6.57 4.94 83.40
N ASP CB 105 6.56 5.43 82.17
CA ASP CB 105 5.65 4.88 81.16
C ASP CB 105 6.04 3.50 80.72
N LEU CB 106 7.18 2.99 81.21
CA LEU CB 106 7.84 1.81 80.66
C LEU CB 106 6.88 0.70 80.24
N PRO CB 107 5.91 0.31 81.05
CA PRO CB 107 4.99 -0.74 80.61
C PRO CB 107 4.24 -0.37 79.34
N LYS CB 108 3.72 0.86 79.28
CA LYS CB 108 2.67 1.16 78.32
C LYS CB 108 3.07 0.77 76.90
N ALA CB 109 4.16 1.35 76.43
CA ALA CB 109 4.57 1.10 75.05
C ALA CB 109 5.01 -0.33 74.86
N VAL CB 110 5.59 -0.93 75.90
CA VAL CB 110 5.85 -2.35 75.85
C VAL CB 110 4.59 -3.06 75.38
N GLU CB 111 3.48 -2.77 76.05
CA GLU CB 111 2.19 -3.24 75.58
C GLU CB 111 2.01 -2.89 74.12
N LEU CB 112 2.13 -1.59 73.80
CA LEU CB 112 2.11 -1.16 72.42
C LEU CB 112 3.04 -2.01 71.58
N LEU CB 113 4.29 -2.13 72.04
CA LEU CB 113 5.27 -2.92 71.32
C LEU CB 113 4.69 -4.25 70.91
N ALA CB 114 4.05 -4.93 71.87
CA ALA CB 114 3.50 -6.26 71.62
C ALA CB 114 2.56 -6.26 70.42
N ASP CB 115 1.60 -5.34 70.41
CA ASP CB 115 0.69 -5.28 69.29
C ASP CB 115 1.45 -4.86 68.04
N ILE CB 116 2.39 -3.95 68.20
CA ILE CB 116 3.36 -3.73 67.15
C ILE CB 116 3.93 -5.06 66.73
N VAL CB 117 4.45 -5.78 67.70
CA VAL CB 117 4.95 -7.13 67.48
C VAL CB 117 3.94 -7.96 66.73
N GLN CB 118 2.67 -7.79 67.03
CA GLN CB 118 1.66 -8.69 66.51
C GLN CB 118 0.63 -7.98 65.65
N ASN CB 119 -0.11 -7.03 66.21
CA ASN CB 119 -1.42 -6.69 65.67
C ASN CB 119 -1.33 -5.84 64.42
N CYS CB 120 -0.14 -5.54 63.93
CA CYS CB 120 -0.02 -4.78 62.69
C CYS CB 120 -0.83 -5.47 61.61
N SER CB 121 -1.73 -4.71 61.00
CA SER CB 121 -2.76 -5.29 60.15
C SER CB 121 -2.57 -4.85 58.71
N LEU CB 122 -2.94 -5.73 57.79
CA LEU CB 122 -3.07 -5.39 56.38
C LEU CB 122 -4.55 -5.17 56.12
N GLU CB 123 -4.94 -3.92 55.96
CA GLU CB 123 -6.34 -3.54 55.95
C GLU CB 123 -6.72 -3.20 54.53
N ASP CB 124 -7.61 -3.99 53.95
CA ASP CB 124 -8.02 -3.76 52.56
C ASP CB 124 -8.47 -2.33 52.35
N SER CB 125 -8.80 -1.61 53.42
CA SER CB 125 -8.90 -0.17 53.32
C SER CB 125 -7.53 0.46 53.19
N GLN CB 126 -6.74 0.40 54.27
CA GLN CB 126 -5.34 0.79 54.22
C GLN CB 126 -4.63 0.16 53.04
N ILE CB 127 -4.60 -1.18 53.02
CA ILE CB 127 -4.08 -1.92 51.89
C ILE CB 127 -4.65 -1.42 50.58
N GLU CB 128 -5.86 -0.89 50.58
CA GLU CB 128 -6.17 -0.04 49.44
C GLU CB 128 -5.57 1.34 49.58
N LYS CB 129 -5.78 1.98 50.73
CA LYS CB 129 -5.65 3.43 50.88
C LYS CB 129 -4.33 3.85 51.51
N GLU CB 130 -4.07 3.45 52.75
CA GLU CB 130 -2.74 3.64 53.28
C GLU CB 130 -1.78 2.96 52.33
N ARG CB 131 -2.25 1.92 51.66
CA ARG CB 131 -1.46 1.35 50.59
C ARG CB 131 -1.83 1.91 49.23
N ASP CB 132 -2.79 2.83 49.15
CA ASP CB 132 -2.68 3.88 48.15
C ASP CB 132 -1.73 4.95 48.65
N VAL CB 133 -1.54 5.00 49.97
CA VAL CB 133 -0.48 5.83 50.51
C VAL CB 133 0.83 5.06 50.45
N ILE CB 134 0.77 3.73 50.37
CA ILE CB 134 1.97 2.99 50.06
C ILE CB 134 2.20 2.97 48.55
N LEU CB 135 1.17 2.60 47.79
CA LEU CB 135 1.32 2.61 46.34
C LEU CB 135 1.74 3.99 45.89
N GLN CB 136 1.11 5.02 46.43
CA GLN CB 136 1.53 6.36 46.08
C GLN CB 136 2.76 6.76 46.86
N GLU CB 137 2.58 6.94 48.17
CA GLU CB 137 3.63 7.51 49.00
C GLU CB 137 4.93 6.83 48.72
N LEU CB 138 4.95 5.50 48.83
CA LEU CB 138 6.09 4.75 48.34
C LEU CB 138 6.35 5.04 46.87
N GLN CB 139 5.33 4.77 46.03
CA GLN CB 139 5.56 4.52 44.62
C GLN CB 139 6.43 5.59 44.02
N GLU CB 140 6.04 6.84 44.20
CA GLU CB 140 6.92 7.89 43.76
C GLU CB 140 7.92 8.26 44.85
N ASN CB 141 7.67 7.82 46.09
CA ASN CB 141 8.50 8.26 47.21
C ASN CB 141 9.94 7.88 47.05
N ASP CB 142 10.24 6.96 46.14
CA ASP CB 142 11.60 6.47 46.00
C ASP CB 142 12.69 7.55 45.99
N THR CB 143 12.66 8.48 45.03
CA THR CB 143 13.81 8.88 44.22
C THR CB 143 15.11 9.41 44.86
N SER CB 144 15.31 9.30 46.17
CA SER CB 144 16.47 9.96 46.79
C SER CB 144 17.77 9.70 46.06
N MET CB 145 18.43 10.78 45.64
CA MET CB 145 19.57 10.66 44.76
C MET CB 145 20.93 10.76 45.45
N ARG CB 146 20.98 11.07 46.75
CA ARG CB 146 22.14 10.68 47.52
C ARG CB 146 22.12 9.20 47.81
N ASP CB 147 20.93 8.63 47.92
CA ASP CB 147 20.75 7.20 47.76
C ASP CB 147 20.91 6.78 46.30
N VAL CB 148 21.04 7.73 45.39
CA VAL CB 148 21.69 7.46 44.14
C VAL CB 148 23.12 7.90 44.20
N VAL CB 149 23.61 8.27 45.38
CA VAL CB 149 25.02 8.60 45.52
C VAL CB 149 25.58 7.69 46.58
N PHE CB 150 25.28 8.01 47.84
CA PHE CB 150 25.63 7.12 48.92
C PHE CB 150 24.99 5.78 48.71
N ASN CB 151 23.78 5.76 48.16
CA ASN CB 151 23.27 4.53 47.61
C ASN CB 151 23.33 4.50 46.10
N TYR CB 152 23.97 5.45 45.47
CA TYR CB 152 24.75 4.86 44.42
C TYR CB 152 25.83 4.01 45.02
N LEU CB 153 26.29 4.37 46.22
CA LEU CB 153 27.27 3.49 46.83
C LEU CB 153 26.61 2.22 47.35
N HIS CB 154 25.33 2.29 47.64
CA HIS CB 154 24.56 1.15 48.11
C HIS CB 154 23.71 0.55 47.00
N ALA CB 155 22.85 1.34 46.38
CA ALA CB 155 22.10 0.80 45.27
C ALA CB 155 22.88 0.82 43.97
N THR CB 156 24.15 1.25 43.96
CA THR CB 156 24.91 1.00 42.75
C THR CB 156 26.29 0.46 43.11
N ALA CB 157 27.10 1.30 43.75
CA ALA CB 157 28.43 0.86 44.11
C ALA CB 157 28.38 -0.31 45.07
N PHE CB 158 27.34 -0.42 45.86
CA PHE CB 158 26.91 -1.74 46.27
C PHE CB 158 26.01 -2.19 45.14
N GLN CB 159 26.29 -3.35 44.58
CA GLN CB 159 25.50 -3.85 43.49
C GLN CB 159 24.12 -4.21 44.04
N GLY CB 160 23.29 -4.81 43.20
CA GLY CB 160 22.06 -5.43 43.66
C GLY CB 160 22.12 -6.94 43.67
N THR CB 161 23.30 -7.53 43.48
CA THR CB 161 23.45 -8.97 43.32
C THR CB 161 22.86 -9.66 44.53
N PRO CB 162 22.45 -10.93 44.40
CA PRO CB 162 21.64 -11.54 45.46
C PRO CB 162 22.17 -11.23 46.84
N LEU CB 163 23.48 -11.32 47.00
CA LEU CB 163 24.08 -10.81 48.22
C LEU CB 163 24.23 -9.30 48.17
N ALA CB 164 24.69 -8.75 47.05
CA ALA CB 164 24.79 -7.31 46.94
C ALA CB 164 23.43 -6.64 47.03
N GLN CB 165 22.36 -7.42 47.13
CA GLN CB 165 21.01 -6.99 46.80
C GLN CB 165 20.66 -5.64 47.39
N SER CB 166 19.99 -4.84 46.59
CA SER CB 166 19.59 -3.50 46.97
C SER CB 166 18.48 -3.57 48.01
N VAL CB 167 17.93 -2.42 48.36
CA VAL CB 167 16.90 -2.36 49.38
C VAL CB 167 15.51 -2.35 48.74
N GLU CB 168 15.16 -1.23 48.13
CA GLU CB 168 13.76 -0.96 47.84
C GLU CB 168 13.13 -1.92 46.83
N GLY CB 169 13.90 -2.47 45.90
CA GLY CB 169 13.33 -3.37 44.93
C GLY CB 169 12.53 -2.65 43.87
N PRO CB 170 11.73 -3.40 43.12
CA PRO CB 170 11.22 -2.87 41.85
C PRO CB 170 10.05 -1.93 41.99
N SER CB 171 9.98 -0.99 41.05
CA SER CB 171 8.74 -0.27 40.82
C SER CB 171 7.73 -1.17 40.15
N GLU CB 172 8.18 -2.04 39.26
CA GLU CB 172 7.32 -3.13 38.82
C GLU CB 172 6.74 -3.84 40.02
N ASN CB 173 7.60 -4.15 40.99
CA ASN CB 173 7.11 -4.70 42.25
C ASN CB 173 6.17 -3.72 42.93
N VAL CB 174 6.47 -2.42 42.85
CA VAL CB 174 5.62 -1.44 43.50
C VAL CB 174 4.19 -1.58 43.01
N ARG CB 175 4.02 -1.75 41.71
CA ARG CB 175 2.75 -2.20 41.20
C ARG CB 175 2.37 -3.52 41.83
N LYS CB 176 3.32 -4.43 41.89
CA LYS CB 176 3.08 -5.84 42.15
C LYS CB 176 3.00 -6.16 43.63
N LEU CB 177 3.00 -5.13 44.48
CA LEU CB 177 2.92 -5.35 45.92
C LEU CB 177 1.74 -6.27 46.25
N SER CB 178 1.94 -7.15 47.25
CA SER CB 178 0.98 -8.20 47.53
C SER CB 178 0.68 -8.30 49.01
N ARG CB 179 -0.56 -8.68 49.32
CA ARG CB 179 -0.82 -9.24 50.64
C ARG CB 179 -0.06 -10.53 50.79
N ALA CB 180 0.01 -11.31 49.71
CA ALA CB 180 0.97 -12.41 49.71
C ALA CB 180 2.35 -11.92 50.11
N ASP CB 181 2.63 -10.66 49.85
CA ASP CB 181 3.83 -10.10 50.45
C ASP CB 181 3.60 -9.69 51.89
N LEU CB 182 2.34 -9.50 52.28
CA LEU CB 182 2.04 -8.97 53.60
C LEU CB 182 1.17 -9.94 54.35
N THR CB 183 -0.04 -10.22 53.86
CA THR CB 183 -0.79 -11.37 54.34
C THR CB 183 0.23 -12.49 54.41
N GLU CB 184 0.83 -12.86 53.29
CA GLU CB 184 1.83 -13.90 53.45
C GLU CB 184 3.17 -13.31 53.88
N TYR CB 185 3.87 -12.63 52.98
CA TYR CB 185 5.29 -12.54 53.22
C TYR CB 185 5.64 -11.64 54.40
N LEU CB 186 4.71 -10.89 54.96
CA LEU CB 186 5.01 -10.38 56.28
C LEU CB 186 5.18 -11.55 57.23
N SER CB 187 4.13 -12.34 57.40
CA SER CB 187 4.25 -13.55 58.18
C SER CB 187 5.30 -14.45 57.56
N ARG CB 188 5.20 -14.66 56.24
CA ARG CB 188 6.18 -15.51 55.58
C ARG CB 188 7.58 -14.94 55.73
N HIS CB 189 7.71 -13.68 56.12
CA HIS CB 189 9.02 -13.24 56.58
C HIS CB 189 9.02 -13.13 58.09
N TYR CB 190 8.24 -12.19 58.63
CA TYR CB 190 8.46 -11.72 59.98
C TYR CB 190 8.47 -12.89 60.94
N LYS CB 191 9.59 -13.05 61.64
CA LYS CB 191 9.85 -14.21 62.48
C LYS CB 191 10.48 -13.72 63.77
N ALA CB 192 9.79 -13.93 64.87
CA ALA CB 192 10.16 -13.28 66.12
C ALA CB 192 11.51 -13.73 66.67
N PRO CB 193 11.85 -15.01 66.58
CA PRO CB 193 13.08 -15.47 67.26
C PRO CB 193 14.27 -14.59 67.03
N ARG CB 194 14.35 -13.97 65.86
CA ARG CB 194 15.38 -13.00 65.56
C ARG CB 194 15.09 -11.62 66.13
N MET CB 195 13.84 -11.32 66.45
CA MET CB 195 13.49 -10.01 66.94
C MET CB 195 14.26 -9.76 68.23
N VAL CB 196 14.46 -8.50 68.56
CA VAL CB 196 15.37 -8.12 69.63
C VAL CB 196 14.59 -7.48 70.76
N LEU CB 197 14.79 -7.98 71.98
CA LEU CB 197 14.17 -7.39 73.16
C LEU CB 197 15.22 -6.48 73.78
N ALA CB 198 15.02 -5.18 73.62
CA ALA CB 198 16.09 -4.19 73.70
C ALA CB 198 15.77 -3.21 74.81
N ALA CB 199 16.66 -3.12 75.79
CA ALA CB 199 16.37 -2.38 77.00
C ALA CB 199 17.40 -1.28 77.19
N ALA CB 200 16.95 -0.02 77.12
CA ALA CB 200 17.82 1.14 77.31
C ALA CB 200 17.12 2.18 78.18
N GLY CB 201 17.73 2.52 79.32
CA GLY CB 201 17.25 3.63 80.12
C GLY CB 201 17.48 3.36 81.58
N GLY CB 202 16.76 4.07 82.43
CA GLY CB 202 16.49 3.55 83.75
C GLY CB 202 15.47 2.43 83.62
N LEU CB 203 15.70 1.31 84.31
CA LEU CB 203 14.86 0.14 84.06
C LEU CB 203 15.18 -0.98 85.03
N GLU CB 204 14.25 -1.94 85.09
CA GLU CB 204 14.38 -3.13 85.92
C GLU CB 204 14.32 -4.34 85.01
N HIS CB 205 15.45 -5.04 84.89
CA HIS CB 205 15.50 -6.20 84.02
C HIS CB 205 14.62 -7.31 84.56
N ARG CB 206 14.52 -7.42 85.88
CA ARG CB 206 13.54 -8.35 86.44
C ARG CB 206 12.16 -7.99 85.94
N GLN CB 207 11.78 -6.72 86.11
CA GLN CB 207 10.55 -6.26 85.50
C GLN CB 207 10.57 -6.51 84.01
N LEU CB 208 11.73 -6.42 83.38
CA LEU CB 208 11.79 -6.69 81.95
C LEU CB 208 11.28 -8.10 81.67
N LEU CB 209 11.86 -9.10 82.32
CA LEU CB 209 11.37 -10.46 82.19
C LEU CB 209 9.88 -10.51 82.54
N ASP CB 210 9.49 -9.77 83.56
CA ASP CB 210 8.12 -9.78 84.02
C ASP CB 210 7.19 -9.41 82.88
N LEU CB 211 7.20 -8.13 82.50
CA LEU CB 211 6.38 -7.66 81.40
C LEU CB 211 6.55 -8.50 80.16
N ALA CB 212 7.76 -8.99 79.92
CA ALA CB 212 7.99 -9.93 78.84
C ALA CB 212 6.95 -11.03 78.89
N GLN CB 213 6.98 -11.81 79.96
CA GLN CB 213 5.91 -12.77 80.19
C GLN CB 213 4.55 -12.12 80.01
N LYS CB 214 4.38 -10.92 80.58
CA LYS CB 214 3.08 -10.29 80.63
C LYS CB 214 2.54 -10.04 79.23
N HIS CB 215 3.30 -9.33 78.41
CA HIS CB 215 2.91 -9.06 77.03
C HIS CB 215 3.89 -9.69 76.05
N PHE CB 216 5.15 -9.27 76.10
CA PHE CB 216 6.14 -9.67 75.11
C PHE CB 216 6.24 -11.18 74.96
N SER CB 217 5.85 -11.94 75.98
CA SER CB 217 5.89 -13.39 75.85
C SER CB 217 4.92 -13.84 74.77
N GLY CB 218 5.13 -15.07 74.32
CA GLY CB 218 4.32 -15.58 73.25
C GLY CB 218 4.61 -14.89 71.94
N LEU CB 219 5.87 -14.93 71.50
CA LEU CB 219 6.21 -14.34 70.23
C LEU CB 219 6.86 -15.34 69.26
N SER CB 220 8.14 -15.66 69.48
CA SER CB 220 8.86 -16.59 68.63
C SER CB 220 8.31 -18.00 68.70
N GLY CB 221 7.41 -18.26 69.65
CA GLY CB 221 6.86 -19.60 69.79
C GLY CB 221 6.40 -20.16 68.47
N THR CB 222 5.59 -19.41 67.75
CA THR CB 222 5.34 -19.71 66.36
C THR CB 222 6.51 -19.12 65.59
N TYR CB 223 7.30 -19.97 64.97
CA TYR CB 223 8.43 -19.52 64.17
C TYR CB 223 8.89 -20.70 63.32
N ASP CB 224 10.03 -20.52 62.66
CA ASP CB 224 10.67 -21.51 61.81
C ASP CB 224 9.85 -21.87 60.57
N GLU CB 225 9.53 -23.15 60.39
CA GLU CB 225 9.24 -23.79 59.09
C GLU CB 225 10.46 -23.55 58.20
N ASP CB 226 10.30 -23.26 56.91
CA ASP CB 226 11.39 -23.38 55.94
C ASP CB 226 12.03 -22.03 55.60
N ALA CB 227 12.93 -22.07 54.61
CA ALA CB 227 13.53 -20.89 53.98
C ALA CB 227 14.34 -20.04 54.97
N VAL CB 228 15.51 -20.56 55.30
CA VAL CB 228 16.50 -19.79 56.07
C VAL CB 228 17.91 -20.07 55.57
N PRO CB 229 18.24 -19.73 54.32
CA PRO CB 229 19.59 -19.97 53.81
C PRO CB 229 20.61 -18.98 54.36
N THR CB 230 21.88 -19.30 54.15
CA THR CB 230 23.00 -18.48 54.55
C THR CB 230 23.54 -17.70 53.36
N LEU CB 231 24.65 -16.99 53.56
CA LEU CB 231 25.24 -16.12 52.56
C LEU CB 231 26.28 -16.90 51.77
N THR CB 232 25.96 -17.21 50.55
CA THR CB 232 26.92 -17.85 49.68
C THR CB 232 27.82 -16.77 49.14
N PRO CB 233 29.10 -16.79 49.47
CA PRO CB 233 29.99 -15.73 49.00
C PRO CB 233 30.03 -15.65 47.48
N CYS CB 234 30.30 -14.46 46.97
CA CYS CB 234 30.44 -14.22 45.55
C CYS CB 234 31.07 -12.84 45.38
N ARG CB 235 31.08 -12.34 44.15
CA ARG CB 235 31.60 -11.01 43.89
C ARG CB 235 30.44 -10.04 43.72
N PHE CB 236 30.49 -8.94 44.47
CA PHE CB 236 29.65 -7.79 44.16
C PHE CB 236 30.08 -7.22 42.82
N THR CB 237 29.27 -6.30 42.30
CA THR CB 237 29.37 -5.87 40.90
C THR CB 237 30.81 -5.72 40.43
N GLY CB 238 31.59 -4.79 40.99
CA GLY CB 238 33.00 -4.66 40.60
C GLY CB 238 33.26 -3.72 39.45
N SER CB 239 32.38 -2.73 39.31
CA SER CB 239 32.28 -1.96 38.09
C SER CB 239 32.33 -0.47 38.39
N GLU CB 240 32.03 0.30 37.37
CA GLU CB 240 31.61 1.67 37.57
C GLU CB 240 30.62 2.01 36.48
N ILE CB 241 29.78 2.97 36.77
CA ILE CB 241 28.89 3.54 35.78
C ILE CB 241 28.75 5.01 36.12
N ARG CB 242 28.75 5.85 35.10
CA ARG CB 242 28.32 7.22 35.27
C ARG CB 242 26.87 7.27 34.85
N HIS CB 243 25.97 7.55 35.80
CA HIS CB 243 24.76 8.14 35.29
C HIS CB 243 25.34 9.34 34.58
N ARG CB 244 25.20 9.38 33.27
CA ARG CB 244 26.05 10.26 32.47
C ARG CB 244 25.31 11.56 32.37
N GLU CB 245 25.77 12.57 33.09
CA GLU CB 245 25.01 13.79 33.25
C GLU CB 245 25.90 14.97 32.93
N ASP CB 246 25.62 15.60 31.80
CA ASP CB 246 25.93 17.02 31.69
C ASP CB 246 25.16 17.78 32.75
N GLY CB 247 23.99 17.27 33.11
CA GLY CB 247 23.15 17.92 34.10
C GLY CB 247 23.65 17.82 35.51
N LEU CB 248 24.62 16.95 35.78
CA LEU CB 248 25.17 16.91 37.12
C LEU CB 248 26.08 18.11 37.21
N PRO CB 249 25.72 19.14 37.97
CA PRO CB 249 26.48 20.40 37.87
C PRO CB 249 27.91 20.28 38.35
N LEU CB 250 28.13 19.65 39.49
CA LEU CB 250 29.48 19.41 39.98
C LEU CB 250 29.53 18.04 40.60
N ALA CB 251 30.66 17.36 40.46
CA ALA CB 251 30.74 15.98 40.91
C ALA CB 251 30.36 15.91 42.37
N HIS CB 252 29.42 15.04 42.68
CA HIS CB 252 29.36 14.51 44.02
C HIS CB 252 30.10 13.21 43.86
N VAL CB 253 31.34 13.20 44.28
CA VAL CB 253 32.14 12.04 43.94
C VAL CB 253 32.25 11.20 45.19
N ALA CB 254 32.85 10.04 45.05
CA ALA CB 254 33.07 9.23 46.22
C ALA CB 254 33.92 8.04 45.89
N ILE CB 255 34.10 7.20 46.88
CA ILE CB 255 34.90 5.98 46.81
C ILE CB 255 34.72 5.29 48.14
N ALA CB 256 35.02 4.01 48.20
CA ALA CB 256 35.06 3.35 49.49
C ALA CB 256 35.81 2.05 49.37
N VAL CB 257 36.31 1.56 50.50
CA VAL CB 257 37.16 0.37 50.55
C VAL CB 257 36.96 -0.21 51.92
N GLU CB 258 37.08 -1.53 52.11
CA GLU CB 258 36.07 -2.23 52.90
C GLU CB 258 35.51 -1.53 54.17
N GLY CB 259 34.19 -1.47 54.24
CA GLY CB 259 33.46 -0.92 55.36
C GLY CB 259 32.83 -2.05 56.15
N PRO CB 260 32.37 -1.75 57.35
CA PRO CB 260 32.39 -2.79 58.40
C PRO CB 260 31.57 -4.06 58.20
N GLY CB 261 30.27 -3.94 57.99
CA GLY CB 261 29.48 -5.14 58.11
C GLY CB 261 29.51 -5.77 59.50
N TRP CB 262 28.97 -6.98 59.58
CA TRP CB 262 28.79 -7.60 60.89
C TRP CB 262 30.05 -8.26 61.42
N ALA CB 263 30.79 -8.96 60.57
CA ALA CB 263 31.52 -10.14 61.04
C ALA CB 263 32.99 -9.95 61.39
N ASN CB 264 33.83 -9.78 60.38
CA ASN CB 264 35.24 -10.13 60.41
C ASN CB 264 36.01 -9.57 61.60
N PRO CB 265 36.97 -10.33 62.13
CA PRO CB 265 37.79 -9.79 63.21
C PRO CB 265 38.72 -8.67 62.76
N ASP CB 266 39.02 -8.61 61.47
CA ASP CB 266 40.02 -7.66 61.00
C ASP CB 266 39.58 -6.23 61.21
N ASN CB 267 38.32 -5.94 60.93
CA ASN CB 267 37.88 -4.57 60.76
C ASN CB 267 38.28 -3.69 61.93
N VAL CB 268 38.59 -4.31 63.06
CA VAL CB 268 39.07 -3.63 64.23
C VAL CB 268 40.12 -2.63 63.79
N ALA CB 269 41.27 -3.15 63.38
CA ALA CB 269 42.29 -2.24 62.92
C ALA CB 269 41.85 -1.52 61.67
N LEU CB 270 41.08 -2.20 60.83
CA LEU CB 270 40.55 -1.53 59.65
C LEU CB 270 39.78 -0.30 60.07
N GLN CB 271 38.99 -0.43 61.14
CA GLN CB 271 38.44 0.74 61.79
C GLN CB 271 39.54 1.76 61.99
N VAL CB 272 40.50 1.42 62.83
CA VAL CB 272 41.69 2.25 63.00
C VAL CB 272 42.25 2.64 61.64
N ALA CB 273 42.31 1.68 60.73
CA ALA CB 273 42.82 1.99 59.40
C ALA CB 273 41.97 3.05 58.74
N ASN CB 274 40.67 2.80 58.68
CA ASN CB 274 39.77 3.83 58.17
C ASN CB 274 40.01 5.13 58.90
N ALA CB 275 40.36 5.04 60.19
CA ALA CB 275 40.74 6.22 60.93
C ALA CB 275 41.89 6.92 60.25
N ILE CB 276 43.00 6.22 60.09
CA ILE CB 276 44.09 6.74 59.28
C ILE CB 276 43.53 7.28 57.99
N ILE CB 277 42.55 6.58 57.43
CA ILE CB 277 41.85 7.10 56.27
C ILE CB 277 41.26 8.46 56.59
N GLY CB 278 40.18 8.49 57.36
CA GLY CB 278 39.55 9.75 57.71
C GLY CB 278 38.73 10.37 56.59
N HIS CB 279 37.87 11.31 56.98
CA HIS CB 279 36.88 11.92 56.10
C HIS CB 279 37.16 13.40 55.96
N TYR CB 280 37.44 13.86 54.75
CA TYR CB 280 37.86 15.23 54.54
C TYR CB 280 36.63 16.07 54.25
N ASP CB 281 36.24 16.88 55.21
CA ASP CB 281 34.95 17.56 55.13
C ASP CB 281 35.11 18.87 54.36
N CYS CB 282 34.21 19.08 53.41
CA CYS CB 282 34.15 20.37 52.75
C CYS CB 282 33.98 21.48 53.77
N THR CB 283 32.92 21.37 54.58
CA THR CB 283 32.71 22.35 55.63
C THR CB 283 33.88 22.40 56.58
N TYR CB 284 34.68 21.35 56.68
CA TYR CB 284 35.85 21.41 57.52
C TYR CB 284 36.77 22.50 57.02
N GLY CB 285 37.33 23.25 57.97
CA GLY CB 285 38.42 24.16 57.69
C GLY CB 285 39.75 23.62 58.21
N GLY CB 286 40.79 24.44 58.05
CA GLY CB 286 42.11 24.08 58.56
C GLY CB 286 42.95 23.23 57.64
N GLY CB 287 42.66 23.25 56.34
CA GLY CB 287 43.34 22.35 55.44
C GLY CB 287 44.83 22.54 55.40
N MET CB 288 45.29 23.80 55.49
CA MET CB 288 46.71 24.06 55.57
C MET CB 288 47.35 23.17 56.62
N HIS CB 289 46.68 23.01 57.75
CA HIS CB 289 47.16 22.16 58.83
C HIS CB 289 46.54 20.78 58.83
N LEU CB 290 45.77 20.44 57.80
CA LEU CB 290 44.98 19.22 57.81
C LEU CB 290 45.82 17.99 58.10
N SER CB 291 45.22 17.03 58.81
CA SER CB 291 45.91 15.82 59.20
C SER CB 291 46.06 14.83 58.05
N SER CB 292 44.96 14.48 57.40
CA SER CB 292 45.12 13.52 56.31
C SER CB 292 45.98 14.20 55.27
N PRO CB 293 47.18 13.68 55.02
CA PRO CB 293 48.02 14.33 54.01
C PRO CB 293 47.27 14.58 52.73
N LEU CB 294 46.47 13.59 52.34
CA LEU CB 294 45.52 13.76 51.25
C LEU CB 294 44.79 15.06 51.44
N ALA CB 295 44.09 15.17 52.55
CA ALA CB 295 43.37 16.40 52.87
C ALA CB 295 44.27 17.60 52.67
N SER CB 296 45.51 17.51 53.15
CA SER CB 296 46.41 18.65 53.06
C SER CB 296 46.54 19.11 51.62
N VAL CB 297 47.13 18.27 50.77
CA VAL CB 297 47.35 18.67 49.38
C VAL CB 297 46.03 19.12 48.78
N ALA CB 298 44.97 18.39 49.07
CA ALA CB 298 43.64 18.78 48.62
C ALA CB 298 43.36 20.22 48.93
N VAL CB 299 43.84 20.69 50.08
CA VAL CB 299 43.76 22.11 50.38
C VAL CB 299 44.73 22.87 49.50
N THR CB 300 46.02 22.57 49.66
CA THR CB 300 47.04 23.26 48.88
C THR CB 300 46.70 23.25 47.41
N ASN CB 301 46.47 22.06 46.86
CA ASN CB 301 46.11 22.03 45.47
C ASN CB 301 44.73 22.57 45.22
N LYS CB 302 43.98 22.89 46.26
CA LYS CB 302 42.54 23.06 46.15
C LYS CB 302 42.01 21.91 45.31
N LEU CB 303 42.28 20.71 45.78
CA LEU CB 303 42.32 19.56 44.90
C LEU CB 303 41.02 18.80 44.84
N CYS CB 304 40.00 19.23 45.56
CA CYS CB 304 38.70 18.57 45.51
C CYS CB 304 37.75 19.36 46.39
N GLN CB 305 36.46 19.13 46.19
CA GLN CB 305 35.45 19.79 47.00
C GLN CB 305 34.89 18.92 48.12
N SER CB 306 35.26 17.65 48.18
CA SER CB 306 34.99 16.87 49.40
C SER CB 306 35.57 15.48 49.26
N PHE CB 307 35.84 14.85 50.41
CA PHE CB 307 36.06 13.41 50.47
C PHE CB 307 35.74 12.95 51.88
N GLN CB 308 35.01 11.86 52.02
CA GLN CB 308 34.67 11.44 53.37
C GLN CB 308 34.74 9.93 53.50
N THR CB 309 35.67 9.43 54.31
CA THR CB 309 35.75 7.98 54.47
C THR CB 309 34.40 7.43 54.91
N PHE CB 310 33.85 6.52 54.13
CA PHE CB 310 32.48 6.05 54.36
C PHE CB 310 32.45 4.54 54.27
N ASN CB 311 32.12 3.90 55.40
CA ASN CB 311 32.26 2.46 55.59
C ASN CB 311 30.98 1.74 55.19
N ILE CB 312 31.05 0.97 54.11
CA ILE CB 312 29.90 0.23 53.60
C ILE CB 312 29.98 -1.19 54.11
N CYS CB 313 28.85 -1.71 54.54
CA CYS CB 313 28.84 -2.81 55.49
C CYS CB 313 28.25 -4.07 54.86
N TYR CB 314 28.93 -5.19 55.06
CA TYR CB 314 28.34 -6.50 54.95
C TYR CB 314 29.14 -7.41 55.86
N ALA CB 315 28.48 -8.43 56.41
CA ALA CB 315 29.22 -9.27 57.34
C ALA CB 315 30.47 -9.77 56.65
N ASP CB 316 31.62 -9.42 57.22
CA ASP CB 316 32.98 -9.70 56.77
C ASP CB 316 33.52 -8.85 55.60
N THR CB 317 32.72 -7.99 54.96
CA THR CB 317 33.27 -7.21 53.84
C THR CB 317 32.51 -5.91 53.68
N GLY CB 318 32.90 -5.14 52.68
CA GLY CB 318 32.25 -3.87 52.39
C GLY CB 318 33.18 -2.92 51.68
N LEU CB 319 32.86 -1.62 51.79
CA LEU CB 319 33.77 -0.56 51.38
C LEU CB 319 33.65 0.67 52.28
N LEU CB 320 34.76 1.11 52.85
CA LEU CB 320 34.84 2.31 53.68
C LEU CB 320 35.66 3.35 52.95
N GLY CB 321 35.04 4.44 52.53
CA GLY CB 321 35.89 5.40 51.87
C GLY CB 321 35.18 6.67 51.50
N ALA CB 322 35.95 7.54 50.88
CA ALA CB 322 35.60 8.94 50.77
C ALA CB 322 34.42 9.14 49.86
N HIS CB 323 33.50 9.99 50.30
CA HIS CB 323 32.67 10.73 49.40
C HIS CB 323 33.60 11.74 48.77
N PHE CB 324 33.08 12.58 47.90
CA PHE CB 324 33.99 13.50 47.26
C PHE CB 324 33.15 14.45 46.45
N VAL CB 325 33.76 15.58 46.12
CA VAL CB 325 33.12 16.55 45.26
C VAL CB 325 34.24 17.26 44.53
N CYS CB 326 34.00 17.58 43.27
CA CYS CB 326 35.08 18.01 42.39
C CYS CB 326 34.49 18.45 41.06
N ASP CB 327 35.29 19.19 40.34
CA ASP CB 327 35.01 19.69 39.02
C ASP CB 327 35.61 18.71 38.01
N HIS CB 328 35.79 19.19 36.80
CA HIS CB 328 36.30 18.40 35.70
C HIS CB 328 37.61 17.71 36.03
N MET CB 329 38.22 18.01 37.17
CA MET CB 329 39.59 17.59 37.39
C MET CB 329 39.80 16.38 38.30
N SER CB 330 39.52 16.55 39.58
CA SER CB 330 40.30 15.94 40.65
C SER CB 330 40.62 14.46 40.46
N ILE CB 331 39.61 13.69 40.08
CA ILE CB 331 39.51 12.28 40.46
C ILE CB 331 40.84 11.57 40.29
N ASP CB 332 41.51 11.84 39.19
CA ASP CB 332 42.76 11.18 38.88
C ASP CB 332 43.68 11.23 40.09
N ASP CB 333 44.20 12.42 40.38
CA ASP CB 333 45.13 12.55 41.48
C ASP CB 333 44.47 12.06 42.76
N MET CB 334 43.16 12.20 42.83
CA MET CB 334 42.41 11.72 43.98
C MET CB 334 42.80 10.30 44.30
N MET CB 335 42.69 9.42 43.32
CA MET CB 335 43.13 8.06 43.54
C MET CB 335 44.62 8.01 43.76
N PHE CB 336 45.36 8.76 42.96
CA PHE CB 336 46.76 9.00 43.27
C PHE CB 336 46.87 9.41 44.72
N VAL CB 337 46.01 10.31 45.14
CA VAL CB 337 45.80 10.44 46.56
C VAL CB 337 45.35 9.10 47.07
N LEU CB 338 44.09 8.78 46.83
CA LEU CB 338 43.43 7.74 47.57
C LEU CB 338 44.20 6.44 47.56
N GLN CB 339 44.17 5.76 46.42
CA GLN CB 339 44.89 4.50 46.31
C GLN CB 339 46.34 4.73 46.70
N GLY CB 340 46.92 5.81 46.19
CA GLY CB 340 48.29 6.10 46.54
C GLY CB 340 48.44 6.28 48.04
N GLN CB 341 47.57 7.10 48.62
CA GLN CB 341 47.51 7.16 50.07
C GLN CB 341 47.39 5.76 50.63
N TRP CB 342 46.43 5.01 50.08
CA TRP CB 342 46.35 3.59 50.38
C TRP CB 342 47.70 2.93 50.18
N MET CB 343 48.26 3.09 48.99
CA MET CB 343 49.64 2.68 48.76
C MET CB 343 50.52 3.26 49.85
N ARG CB 344 50.46 4.58 50.03
CA ARG CB 344 51.16 5.20 51.13
C ARG CB 344 50.84 4.44 52.40
N LEU CB 345 49.56 4.33 52.71
CA LEU CB 345 49.12 3.50 53.80
C LEU CB 345 49.84 2.16 53.76
N CYS CB 346 49.57 1.38 52.72
CA CYS CB 346 50.03 -0.01 52.67
C CYS CB 346 51.50 -0.09 53.01
N THR CB 347 52.23 0.98 52.76
CA THR CB 347 53.62 1.06 53.11
C THR CB 347 53.84 1.82 54.41
N SER CB 348 53.41 3.07 54.46
CA SER CB 348 54.15 4.16 55.07
C SER CB 348 54.03 4.24 56.60
N ALA CB 349 53.44 3.25 57.25
CA ALA CB 349 52.95 3.40 58.61
C ALA CB 349 53.97 4.04 59.56
N THR CB 350 53.48 5.00 60.35
CA THR CB 350 54.20 5.58 61.47
C THR CB 350 53.28 5.57 62.67
N GLU CB 351 53.80 5.09 63.79
CA GLU CB 351 52.97 4.85 64.96
C GLU CB 351 52.17 6.08 65.33
N SER CB 352 52.68 7.26 65.03
CA SER CB 352 52.03 8.49 65.45
C SER CB 352 50.55 8.43 65.13
N GLU CB 353 50.23 8.46 63.84
CA GLU CB 353 48.85 8.39 63.42
C GLU CB 353 48.14 7.22 64.08
N VAL CB 354 48.81 6.07 64.15
CA VAL CB 354 48.21 4.91 64.79
C VAL CB 354 47.67 5.30 66.15
N VAL CB 355 48.47 6.01 66.93
CA VAL CB 355 48.02 6.47 68.22
C VAL CB 355 46.92 7.49 68.05
N ARG CB 356 47.03 8.33 67.03
CA ARG CB 356 46.07 9.40 66.83
C ARG CB 356 44.69 8.80 66.67
N GLY CB 357 44.45 8.15 65.53
CA GLY CB 357 43.22 7.45 65.28
C GLY CB 357 42.87 6.46 66.36
N LYS CB 358 43.86 6.01 67.11
CA LYS CB 358 43.50 5.33 68.35
C LYS CB 358 42.69 6.26 69.23
N ASN CB 359 43.17 7.49 69.43
CA ASN CB 359 42.41 8.45 70.21
C ASN CB 359 41.13 8.83 69.52
N LEU CB 360 41.13 8.76 68.20
CA LEU CB 360 39.91 8.97 67.45
C LEU CB 360 38.91 7.93 67.90
N LEU CB 361 39.26 6.67 67.72
CA LEU CB 361 38.34 5.62 68.12
C LEU CB 361 38.05 5.68 69.59
N ARG CB 362 38.88 6.37 70.36
CA ARG CB 362 38.59 6.52 71.77
C ARG CB 362 37.48 7.55 71.99
N ASN CB 363 37.68 8.73 71.45
CA ASN CB 363 36.68 9.78 71.59
C ASN CB 363 35.39 9.28 71.00
N ALA CB 364 35.43 9.03 69.70
CA ALA CB 364 34.32 8.43 68.98
C ALA CB 364 33.79 7.31 69.83
N LEU CB 365 34.72 6.51 70.33
CA LEU CB 365 34.34 5.37 71.13
C LEU CB 365 33.33 5.76 72.18
N VAL CB 366 33.61 6.83 72.91
CA VAL CB 366 32.56 7.44 73.70
C VAL CB 366 31.36 7.66 72.82
N SER CB 367 31.52 8.51 71.80
CA SER CB 367 30.37 9.07 71.10
C SER CB 367 29.38 8.03 70.63
N HIS CB 368 29.79 6.78 70.48
CA HIS CB 368 28.80 5.73 70.32
C HIS CB 368 28.31 5.28 71.67
N LEU CB 369 29.22 4.77 72.49
CA LEU CB 369 28.89 4.46 73.88
C LEU CB 369 28.21 5.63 74.53
N ASP CB 370 28.85 6.79 74.49
CA ASP CB 370 28.17 8.03 74.82
C ASP CB 370 26.96 8.18 73.91
N GLY CB 371 25.84 8.59 74.49
CA GLY CB 371 24.55 8.79 73.88
C GLY CB 371 23.61 7.64 74.18
N THR CB 372 22.33 7.97 74.39
CA THR CB 372 21.38 6.99 74.87
C THR CB 372 20.90 6.06 73.77
N THR CB 373 20.40 6.62 72.68
CA THR CB 373 20.02 5.79 71.55
C THR CB 373 21.25 5.17 70.90
N PRO CB 374 22.35 5.89 70.70
CA PRO CB 374 23.53 5.25 70.11
C PRO CB 374 23.95 4.02 70.88
N VAL CB 375 23.95 4.13 72.22
CA VAL CB 375 24.17 2.97 73.04
C VAL CB 375 23.07 1.96 72.82
N CYS CB 376 21.84 2.44 72.63
CA CYS CB 376 20.71 1.54 72.47
C CYS CB 376 20.90 0.63 71.28
N GLU CB 377 20.78 1.20 70.09
CA GLU CB 377 20.99 0.42 68.88
C GLU CB 377 22.32 -0.31 68.95
N ASP CB 378 23.31 0.34 69.56
CA ASP CB 378 24.60 -0.32 69.76
C ASP CB 378 24.42 -1.66 70.44
N ILE CB 379 23.59 -1.72 71.47
CA ILE CB 379 23.22 -3.01 72.01
C ILE CB 379 22.54 -3.85 70.94
N GLY CB 380 21.62 -3.23 70.19
CA GLY CB 380 20.81 -3.99 69.27
C GLY CB 380 21.60 -4.78 68.25
N ARG CB 381 22.40 -4.09 67.44
CA ARG CB 381 23.28 -4.81 66.56
C ARG CB 381 24.38 -5.51 67.33
N SER CB 382 24.67 -5.06 68.55
CA SER CB 382 25.75 -5.65 69.32
C SER CB 382 25.51 -7.13 69.55
N LEU CB 383 24.33 -7.48 70.04
CA LEU CB 383 23.99 -8.89 70.11
C LEU CB 383 23.55 -9.41 68.77
N LEU CB 384 22.89 -8.57 67.96
CA LEU CB 384 22.37 -9.03 66.68
C LEU CB 384 23.47 -9.70 65.90
N THR CB 385 24.44 -8.92 65.45
CA THR CB 385 25.67 -9.51 64.97
C THR CB 385 26.30 -10.35 66.06
N TYR CB 386 26.86 -9.67 67.06
CA TYR CB 386 27.78 -10.33 67.97
C TYR CB 386 27.11 -11.43 68.75
N GLY CB 387 25.93 -11.17 69.28
CA GLY CB 387 25.43 -11.98 70.36
C GLY CB 387 26.13 -11.67 71.65
N ARG CB 388 27.27 -11.01 71.59
CA ARG CB 388 28.00 -10.52 72.73
C ARG CB 388 28.01 -9.00 72.66
N ARG CB 389 28.61 -8.39 73.67
CA ARG CB 389 28.93 -6.97 73.64
C ARG CB 389 30.40 -6.86 73.90
N ILE CB 390 31.13 -6.27 72.96
CA ILE CB 390 32.55 -6.05 73.20
C ILE CB 390 32.54 -5.17 74.43
N PRO CB 391 33.03 -5.66 75.54
CA PRO CB 391 33.01 -4.84 76.75
C PRO CB 391 33.89 -3.62 76.54
N LEU CB 392 33.68 -2.64 77.40
CA LEU CB 392 34.49 -1.44 77.36
C LEU CB 392 35.97 -1.77 77.33
N ALA CB 393 36.38 -2.73 78.12
CA ALA CB 393 37.79 -3.12 78.08
C ALA CB 393 38.06 -4.25 77.12
N GLU CB 394 37.02 -4.91 76.59
CA GLU CB 394 37.21 -5.81 75.48
C GLU CB 394 37.44 -5.03 74.20
N TRP CB 395 36.49 -4.16 73.85
CA TRP CB 395 36.72 -3.31 72.70
C TRP CB 395 37.93 -2.44 72.93
N GLU CB 396 38.15 -2.03 74.17
CA GLU CB 396 39.37 -1.35 74.55
C GLU CB 396 40.52 -2.31 74.72
N SER CB 397 40.27 -3.59 74.47
CA SER CB 397 41.31 -4.59 74.61
C SER CB 397 41.92 -4.90 73.25
N ARG CB 398 41.14 -5.52 72.36
CA ARG CB 398 41.60 -5.60 70.98
C ARG CB 398 42.02 -4.22 70.53
N ILE CB 399 41.21 -3.23 70.87
CA ILE CB 399 41.63 -1.85 70.70
C ILE CB 399 42.96 -1.62 71.39
N ALA CB 400 43.01 -1.92 72.69
CA ALA CB 400 44.27 -1.79 73.40
C ALA CB 400 45.36 -2.60 72.72
N GLU CB 401 45.00 -3.75 72.18
CA GLU CB 401 45.97 -4.62 71.54
C GLU CB 401 46.49 -4.04 70.24
N VAL CB 402 46.01 -2.87 69.82
CA VAL CB 402 46.26 -2.38 68.47
C VAL CB 402 47.73 -2.47 68.12
N ASP CB 403 48.01 -2.95 66.90
CA ASP CB 403 49.36 -3.29 66.47
C ASP CB 403 49.65 -2.76 65.07
N ALA CB 404 50.63 -1.87 64.96
CA ALA CB 404 50.98 -1.27 63.68
C ALA CB 404 51.78 -2.19 62.78
N ARG CB 405 52.38 -3.24 63.34
CA ARG CB 405 52.87 -4.28 62.47
C ARG CB 405 51.73 -4.80 61.62
N VAL CB 406 50.63 -5.19 62.28
CA VAL CB 406 49.43 -5.60 61.57
C VAL CB 406 48.91 -4.47 60.72
N VAL CB 407 49.40 -3.26 60.93
CA VAL CB 407 49.04 -2.21 60.02
C VAL CB 407 49.71 -2.47 58.67
N ARG CB 408 51.03 -2.49 58.66
CA ARG CB 408 51.72 -2.84 57.43
C ARG CB 408 51.17 -4.14 56.86
N GLU CB 409 51.22 -5.19 57.66
CA GLU CB 409 50.94 -6.52 57.14
C GLU CB 409 49.45 -6.64 56.87
N VAL CB 410 48.67 -6.69 57.93
CA VAL CB 410 47.23 -6.84 57.80
C VAL CB 410 46.69 -5.90 56.76
N CYS CB 411 47.23 -4.68 56.73
CA CYS CB 411 46.92 -3.78 55.64
C CYS CB 411 47.11 -4.51 54.32
N SER CB 412 48.31 -5.02 54.11
CA SER CB 412 48.55 -5.79 52.90
C SER CB 412 47.55 -6.92 52.77
N LYS CB 413 47.09 -7.45 53.89
CA LYS CB 413 46.33 -8.69 53.87
C LYS CB 413 44.99 -8.37 53.26
N TYR CB 414 44.22 -7.53 53.92
CA TYR CB 414 42.99 -7.07 53.32
C TYR CB 414 43.28 -6.21 52.10
N PHE CB 415 44.05 -5.14 52.27
CA PHE CB 415 43.97 -4.04 51.32
C PHE CB 415 44.55 -4.42 49.96
N TYR CB 416 45.78 -4.91 49.94
CA TYR CB 416 46.61 -4.83 48.73
C TYR CB 416 45.94 -5.44 47.51
N ASP CB 417 46.18 -4.81 46.36
CA ASP CB 417 45.91 -5.40 45.05
C ASP CB 417 44.46 -5.84 44.89
N GLN CB 418 43.55 -4.90 45.10
CA GLN CB 418 42.13 -5.24 45.08
C GLN CB 418 41.35 -4.31 44.18
N CYS CB 419 40.02 -4.38 44.19
CA CYS CB 419 39.16 -3.52 43.36
C CYS CB 419 37.93 -3.04 44.12
N PRO CB 420 38.10 -2.29 45.21
CA PRO CB 420 36.94 -1.83 45.98
C PRO CB 420 36.16 -0.74 45.28
N ALA CB 421 35.25 -0.13 46.00
CA ALA CB 421 34.26 0.74 45.39
C ALA CB 421 34.82 2.13 45.17
N VAL CB 422 34.47 2.68 44.02
CA VAL CB 422 34.58 4.11 43.82
C VAL CB 422 33.38 4.57 43.01
N ALA CB 423 32.67 5.56 43.52
CA ALA CB 423 31.58 6.14 42.76
C ALA CB 423 31.63 7.64 42.90
N GLY CB 424 31.89 8.32 41.80
CA GLY CB 424 31.54 9.71 41.66
C GLY CB 424 30.07 9.84 41.31
N PHE CB 425 29.63 11.08 41.22
CA PHE CB 425 28.34 11.36 40.60
C PHE CB 425 28.55 12.53 39.67
N GLY CB 426 28.14 12.38 38.41
CA GLY CB 426 28.40 13.37 37.40
C GLY CB 426 29.43 13.01 36.36
N PRO CB 427 29.88 14.00 35.62
CA PRO CB 427 30.66 13.75 34.41
C PRO CB 427 32.05 13.21 34.72
N ILE CB 428 32.17 11.90 34.76
CA ILE CB 428 33.23 11.19 35.48
C ILE CB 428 34.55 11.09 34.72
N GLU CB 429 34.67 11.78 33.59
CA GLU CB 429 35.78 11.55 32.66
C GLU CB 429 37.12 11.35 33.35
N GLN CB 430 37.38 12.10 34.42
CA GLN CB 430 38.57 11.79 35.19
C GLN CB 430 38.56 10.38 35.73
N LEU CB 431 37.42 9.70 35.71
CA LEU CB 431 37.47 8.29 36.02
C LEU CB 431 38.28 7.61 34.95
N PRO CB 432 39.44 7.09 35.29
CA PRO CB 432 40.23 6.32 34.32
C PRO CB 432 39.63 4.93 34.16
N ASP CB 433 40.31 4.12 33.38
CA ASP CB 433 39.78 2.80 33.16
C ASP CB 433 40.08 1.92 34.35
N TYR CB 434 39.26 0.90 34.53
CA TYR CB 434 39.76 -0.21 35.30
C TYR CB 434 41.13 -0.57 34.76
N ASN CB 435 41.31 -0.45 33.45
CA ASN CB 435 42.63 -0.68 32.90
C ASN CB 435 43.56 0.48 33.23
N ARG CB 436 43.04 1.54 33.85
CA ARG CB 436 43.88 2.63 34.30
C ARG CB 436 43.62 2.93 35.76
N ILE CB 437 42.41 3.41 36.04
CA ILE CB 437 42.00 3.58 37.42
C ILE CB 437 42.30 2.31 38.20
N ARG CB 438 41.86 1.17 37.69
CA ARG CB 438 42.22 -0.04 38.38
C ARG CB 438 43.54 -0.60 37.92
N SER CB 439 44.13 -0.05 36.86
CA SER CB 439 45.58 -0.19 36.81
C SER CB 439 46.18 0.58 37.96
N GLY CB 440 45.63 1.76 38.24
CA GLY CB 440 45.97 2.43 39.47
C GLY CB 440 45.64 1.62 40.69
N MET CB 441 44.76 0.64 40.58
CA MET CB 441 44.57 -0.27 41.69
C MET CB 441 45.85 -1.02 42.03
N PHE CB 442 46.84 -0.94 41.16
CA PHE CB 442 48.13 -1.56 41.36
C PHE CB 442 49.17 -0.48 41.49
N TRP CB 443 50.29 -0.82 42.12
CA TRP CB 443 51.30 0.16 42.47
C TRP CB 443 52.59 -0.10 41.70
N LEU CB 444 52.95 0.86 40.84
CA LEU CB 444 54.28 0.95 40.26
C LEU CB 444 55.21 1.80 41.08
N ARG CB 445 54.68 2.49 42.10
CA ARG CB 445 55.56 3.06 43.11
C ARG CB 445 56.51 1.98 43.58
N PHE CB 446 56.09 0.73 43.48
CA PHE CB 446 56.98 -0.39 43.49
C PHE CB 446 56.32 -1.54 42.75
N VAL DB 1 29.14 2.23 93.50
CA VAL DB 1 28.51 3.50 93.86
C VAL DB 1 29.55 4.56 94.05
N PRO DB 2 29.44 5.65 93.29
CA PRO DB 2 30.27 6.82 93.57
C PRO DB 2 30.04 7.27 95.01
N GLN DB 3 31.10 7.78 95.62
CA GLN DB 3 30.89 8.60 96.80
C GLN DB 3 29.82 9.61 96.44
N HIS DB 4 28.82 9.75 97.31
CA HIS DB 4 27.43 9.92 96.87
C HIS DB 4 27.36 10.86 95.68
N PRO DB 5 26.73 10.44 94.59
CA PRO DB 5 27.10 10.95 93.26
C PRO DB 5 27.19 12.46 93.24
N GLN DB 6 28.29 12.95 92.67
CA GLN DB 6 28.67 14.35 92.86
C GLN DB 6 27.61 15.28 92.29
N ASP DB 7 27.18 16.23 93.12
CA ASP DB 7 26.29 17.28 92.66
C ASP DB 7 27.10 18.36 91.95
N LEU DB 8 26.73 18.65 90.72
CA LEU DB 8 27.41 19.67 89.93
C LEU DB 8 27.50 20.97 90.70
N GLU DB 9 28.70 21.52 90.80
CA GLU DB 9 28.94 22.67 91.65
C GLU DB 9 28.73 23.94 90.84
N PHE DB 10 27.64 24.66 91.13
CA PHE DB 10 27.37 25.96 90.54
C PHE DB 10 28.01 27.03 91.41
N THR DB 11 28.64 27.99 90.75
CA THR DB 11 29.31 29.06 91.49
C THR DB 11 29.46 30.25 90.55
N ARG DB 12 29.82 31.37 91.14
CA ARG DB 12 30.27 32.52 90.37
C ARG DB 12 31.63 32.95 90.92
N LEU DB 13 32.58 33.18 90.03
CA LEU DB 13 33.87 33.65 90.49
C LEU DB 13 33.68 34.93 91.29
N PRO DB 14 34.40 35.10 92.39
CA PRO DB 14 34.24 36.32 93.17
C PRO DB 14 34.47 37.56 92.32
N ASN DB 15 35.22 37.38 91.23
CA ASN DB 15 35.55 38.46 90.34
C ASN DB 15 34.37 38.91 89.49
N GLY DB 16 33.22 38.26 89.59
CA GLY DB 16 32.16 38.51 88.64
C GLY DB 16 32.31 37.73 87.36
N LEU DB 17 33.00 36.60 87.41
CA LEU DB 17 33.06 35.69 86.29
C LEU DB 17 32.24 34.44 86.62
N VAL DB 18 31.58 33.90 85.62
CA VAL DB 18 30.71 32.77 85.90
C VAL DB 18 31.63 31.57 86.09
N ILE DB 19 31.67 31.06 87.31
CA ILE DB 19 32.62 30.03 87.68
C ILE DB 19 31.78 28.78 87.94
N ALA DB 20 31.82 27.85 87.00
CA ALA DB 20 30.98 26.67 87.05
C ALA DB 20 31.86 25.45 86.88
N SER DB 21 31.98 24.67 87.94
CA SER DB 21 32.53 23.32 87.84
C SER DB 21 31.43 22.34 88.22
N LEU DB 22 30.88 21.68 87.22
CA LEU DB 22 29.90 20.64 87.46
C LEU DB 22 30.71 19.36 87.57
N GLU DB 23 30.81 18.84 88.78
CA GLU DB 23 31.64 17.67 88.95
C GLU DB 23 30.95 16.51 88.25
N ASN DB 24 31.62 15.92 87.28
CA ASN DB 24 31.07 14.78 86.57
C ASN DB 24 32.06 13.64 86.72
N TYR DB 25 31.62 12.58 87.38
CA TYR DB 25 32.47 11.41 87.49
C TYR DB 25 32.42 10.58 86.23
N ALA DB 26 31.67 11.01 85.25
CA ALA DB 26 31.50 10.30 84.00
C ALA DB 26 32.85 10.05 83.35
N PRO DB 27 32.96 9.04 82.49
CA PRO DB 27 34.28 8.67 81.95
C PRO DB 27 34.87 9.70 81.00
N ALA DB 28 34.04 10.41 80.24
CA ALA DB 28 34.56 11.27 79.18
C ALA DB 28 34.86 12.68 79.71
N SER DB 29 35.16 13.59 78.79
CA SER DB 29 35.51 14.96 79.13
C SER DB 29 34.59 15.91 78.39
N ARG DB 30 33.96 16.82 79.13
CA ARG DB 30 33.05 17.81 78.55
C ARG DB 30 33.42 19.17 79.11
N ILE DB 31 33.77 20.10 78.23
CA ILE DB 31 34.28 21.39 78.62
C ILE DB 31 33.47 22.46 77.90
N GLY DB 32 32.63 23.17 78.64
CA GLY DB 32 31.91 24.30 78.12
C GLY DB 32 32.51 25.64 78.51
N LEU DB 33 32.32 26.63 77.64
CA LEU DB 33 32.47 28.03 78.01
C LEU DB 33 31.30 28.76 77.36
N PHE DB 34 30.40 29.28 78.17
CA PHE DB 34 29.28 30.05 77.64
C PHE DB 34 29.68 31.51 77.58
N ILE DB 35 29.42 32.12 76.45
CA ILE DB 35 29.88 33.48 76.16
C ILE DB 35 28.67 34.35 75.90
N LYS DB 36 28.59 35.49 76.59
CA LYS DB 36 27.61 36.51 76.25
C LYS DB 36 27.86 36.98 74.82
N ALA DB 37 29.00 36.54 74.28
CA ALA DB 37 29.41 36.86 72.92
C ALA DB 37 28.43 36.30 71.90
N GLY DB 38 27.45 35.53 72.35
CA GLY DB 38 26.34 35.22 71.48
C GLY DB 38 25.67 36.47 70.96
N SER DB 39 24.88 36.26 69.89
CA SER DB 39 24.50 37.35 68.99
C SER DB 39 23.91 38.56 69.71
N ARG DB 40 23.33 38.33 70.89
CA ARG DB 40 22.76 39.45 71.65
C ARG DB 40 23.78 40.55 71.84
N TYR DB 41 24.94 40.20 72.37
CA TYR DB 41 25.97 41.20 72.59
C TYR DB 41 26.48 41.82 71.29
N GLU DB 42 26.04 41.33 70.14
CA GLU DB 42 26.54 41.85 68.87
C GLU DB 42 26.03 43.25 68.59
N ASN DB 43 26.74 43.96 67.70
CA ASN DB 43 26.52 45.39 67.44
C ASN DB 43 26.66 45.73 65.95
N PHE DB 44 25.94 46.78 65.54
CA PHE DB 44 25.89 47.18 64.14
C PHE DB 44 27.21 47.78 63.67
N ASN DB 45 28.13 48.06 64.58
CA ASN DB 45 29.44 48.48 64.14
C ASN DB 45 30.09 47.44 63.24
N ASN DB 46 29.71 46.18 63.41
CA ASN DB 46 30.33 45.08 62.67
C ASN DB 46 29.25 44.21 62.05
N LEU DB 47 29.70 43.30 61.18
CA LEU DB 47 28.80 42.34 60.54
C LEU DB 47 29.51 41.01 60.43
N GLY DB 48 28.86 39.96 60.91
CA GLY DB 48 29.34 38.60 60.72
C GLY DB 48 30.66 38.28 61.38
N THR DB 49 31.22 39.25 62.10
CA THR DB 49 32.44 39.00 62.84
C THR DB 49 32.26 37.84 63.82
N SER DB 50 31.01 37.53 64.16
CA SER DB 50 30.73 36.31 64.89
C SER DB 50 30.62 35.12 63.95
N HIS DB 51 29.96 35.28 62.81
CA HIS DB 51 30.12 34.28 61.77
C HIS DB 51 31.59 34.05 61.54
N LEU DB 52 32.34 35.14 61.39
CA LEU DB 52 33.76 35.09 61.19
C LEU DB 52 34.39 34.31 62.31
N LEU DB 53 34.47 34.93 63.48
CA LEU DB 53 35.16 34.33 64.61
C LEU DB 53 34.73 32.90 64.78
N ARG DB 54 33.44 32.66 64.60
CA ARG DB 54 32.90 31.32 64.55
C ARG DB 54 33.72 30.46 63.62
N LEU DB 55 34.17 31.01 62.52
CA LEU DB 55 35.21 30.33 61.78
C LEU DB 55 36.59 30.52 62.38
N ALA DB 56 36.81 31.62 63.07
CA ALA DB 56 38.16 32.12 63.28
C ALA DB 56 38.80 31.54 64.50
N SER DB 57 38.17 30.62 65.19
CA SER DB 57 38.91 29.86 66.19
C SER DB 57 40.21 29.34 65.58
N SER DB 58 40.14 28.84 64.37
CA SER DB 58 41.34 28.33 63.73
C SER DB 58 42.36 29.43 63.45
N LEU DB 59 42.01 30.69 63.67
CA LEU DB 59 42.86 31.77 63.22
C LEU DB 59 44.18 31.80 63.98
N THR DB 60 45.13 32.52 63.40
CA THR DB 60 46.44 32.73 64.01
C THR DB 60 46.31 33.35 65.38
N THR DB 61 46.91 32.71 66.36
CA THR DB 61 46.66 33.01 67.76
C THR DB 61 47.88 33.70 68.37
N LYS DB 62 47.62 34.58 69.33
CA LYS DB 62 48.71 35.14 70.08
C LYS DB 62 49.37 34.03 70.87
N GLY DB 63 50.69 33.93 70.78
CA GLY DB 63 51.39 32.92 71.54
C GLY DB 63 51.08 31.50 71.16
N ALA DB 64 50.19 31.29 70.19
CA ALA DB 64 49.85 29.95 69.75
C ALA DB 64 49.75 29.97 68.23
N SER DB 65 50.41 29.04 67.57
CA SER DB 65 50.42 29.00 66.13
C SER DB 65 49.23 28.18 65.66
N SER DB 66 48.35 28.82 64.90
CA SER DB 66 47.18 28.12 64.38
C SER DB 66 47.59 26.82 63.72
N PHE DB 67 48.80 26.75 63.19
CA PHE DB 67 49.32 25.47 62.77
C PHE DB 67 49.79 24.65 63.95
N LYS DB 68 50.48 25.28 64.91
CA LYS DB 68 50.88 24.54 66.10
C LYS DB 68 49.66 24.23 66.94
N ILE DB 69 48.84 25.25 67.17
CA ILE DB 69 47.53 25.00 67.77
C ILE DB 69 46.88 23.85 67.04
N THR DB 70 46.90 23.90 65.72
CA THR DB 70 46.35 22.82 64.93
C THR DB 70 47.09 21.54 65.21
N ARG DB 71 48.30 21.63 65.71
CA ARG DB 71 49.03 20.41 66.00
C ARG DB 71 48.56 19.82 67.32
N GLY DB 72 48.19 20.66 68.28
CA GLY DB 72 47.68 20.14 69.54
C GLY DB 72 46.25 19.68 69.42
N ILE DB 73 45.40 20.56 68.90
CA ILE DB 73 44.04 20.19 68.53
C ILE DB 73 44.07 18.93 67.71
N GLU DB 74 44.69 19.02 66.54
CA GLU DB 74 44.89 17.86 65.70
C GLU DB 74 45.54 16.73 66.46
N ALA DB 75 46.25 17.04 67.53
CA ALA DB 75 47.04 16.02 68.21
C ALA DB 75 46.14 15.10 69.03
N VAL DB 76 45.55 15.64 70.09
CA VAL DB 76 44.67 14.78 70.88
C VAL DB 76 43.57 14.23 70.00
N GLY DB 77 43.10 15.03 69.05
CA GLY DB 77 41.99 14.63 68.21
C GLY DB 77 40.68 14.65 68.98
N GLY DB 78 40.42 15.75 69.69
CA GLY DB 78 39.22 15.89 70.48
C GLY DB 78 38.23 16.88 69.89
N LYS DB 79 37.20 17.17 70.68
CA LYS DB 79 36.11 18.06 70.24
C LYS DB 79 36.30 19.42 70.87
N LEU DB 80 36.63 20.40 70.05
CA LEU DB 80 36.65 21.79 70.49
C LEU DB 80 35.92 22.59 69.44
N SER DB 81 34.78 23.16 69.83
CA SER DB 81 34.12 24.16 69.01
C SER DB 81 33.43 25.14 69.93
N VAL DB 82 33.61 26.43 69.66
CA VAL DB 82 32.79 27.46 70.27
C VAL DB 82 31.47 27.48 69.53
N THR DB 83 30.41 27.75 70.23
CA THR DB 83 29.07 27.57 69.73
C THR DB 83 28.45 28.92 69.46
N SER DB 84 27.75 28.99 68.34
CA SER DB 84 27.12 30.21 67.88
C SER DB 84 25.68 30.20 68.34
N THR DB 85 25.35 31.11 69.24
CA THR DB 85 23.99 31.30 69.69
C THR DB 85 23.71 32.79 69.75
N ARG DB 86 22.43 33.14 69.76
CA ARG DB 86 22.08 34.52 70.04
C ARG DB 86 22.57 34.92 71.42
N GLU DB 87 22.52 34.01 72.38
CA GLU DB 87 23.00 34.34 73.71
C GLU DB 87 24.50 34.16 73.85
N ASN DB 88 25.04 33.06 73.37
CA ASN DB 88 26.38 32.66 73.78
C ASN DB 88 27.22 32.26 72.58
N MET DB 89 28.51 32.28 72.80
CA MET DB 89 29.46 31.51 72.02
C MET DB 89 30.19 30.62 73.00
N ALA DB 90 30.23 29.33 72.75
CA ALA DB 90 30.62 28.38 73.78
C ALA DB 90 31.84 27.57 73.35
N TYR DB 91 32.95 27.76 74.04
CA TYR DB 91 34.13 26.98 73.73
C TYR DB 91 33.98 25.58 74.33
N THR DB 92 33.99 24.56 73.47
CA THR DB 92 33.66 23.20 73.88
C THR DB 92 34.83 22.27 73.60
N VAL DB 93 35.22 21.50 74.61
CA VAL DB 93 36.17 20.43 74.43
C VAL DB 93 35.64 19.20 75.14
N GLU DB 94 35.25 18.18 74.38
CA GLU DB 94 34.95 16.86 74.88
C GLU DB 94 36.06 15.93 74.42
N CYS DB 95 36.71 15.24 75.35
CA CYS DB 95 37.88 14.43 75.00
C CYS DB 95 38.29 13.56 76.18
N LEU DB 96 39.38 12.84 76.01
CA LEU DB 96 40.02 12.16 77.12
C LEU DB 96 40.45 13.17 78.15
N ARG DB 97 40.19 12.85 79.41
CA ARG DB 97 40.42 13.81 80.47
C ARG DB 97 41.88 14.23 80.55
N ASP DB 98 42.78 13.44 79.98
CA ASP DB 98 44.19 13.73 80.14
C ASP DB 98 44.55 15.08 79.54
N ASP DB 99 44.32 15.20 78.23
CA ASP DB 99 44.76 16.36 77.48
C ASP DB 99 44.02 17.60 77.91
N VAL DB 100 43.07 17.41 78.81
CA VAL DB 100 42.19 18.50 79.25
C VAL DB 100 43.05 19.71 79.52
N ASP DB 101 44.10 19.52 80.33
CA ASP DB 101 44.98 20.63 80.66
C ASP DB 101 45.50 21.29 79.40
N ILE DB 102 46.16 20.49 78.55
CA ILE DB 102 46.53 20.95 77.22
C ILE DB 102 45.31 21.57 76.56
N LEU DB 103 44.24 20.80 76.50
CA LEU DB 103 42.97 21.35 76.04
C LEU DB 103 42.68 22.64 76.78
N MET DB 104 42.67 22.57 78.11
CA MET DB 104 42.51 23.77 78.91
C MET DB 104 43.49 24.84 78.44
N GLU DB 105 44.77 24.48 78.39
CA GLU DB 105 45.76 25.40 77.84
C GLU DB 105 45.29 25.90 76.50
N PHE DB 106 45.04 24.96 75.59
CA PHE DB 106 44.42 25.32 74.32
C PHE DB 106 43.21 26.19 74.56
N LEU DB 107 42.29 25.71 75.38
CA LEU DB 107 41.17 26.53 75.82
C LEU DB 107 41.64 27.90 76.25
N LEU DB 108 42.48 27.93 77.27
CA LEU DB 108 43.06 29.19 77.71
C LEU DB 108 43.60 29.97 76.53
N ASN DB 109 44.39 29.29 75.70
CA ASN DB 109 44.84 29.92 74.47
C ASN DB 109 43.65 30.34 73.63
N VAL DB 110 42.80 29.38 73.28
CA VAL DB 110 41.71 29.62 72.33
C VAL DB 110 40.96 30.86 72.74
N THR DB 111 40.48 30.88 73.97
CA THR DB 111 39.81 32.06 74.46
C THR DB 111 40.74 33.26 74.41
N THR DB 112 41.84 33.17 75.13
CA THR DB 112 42.51 34.39 75.54
C THR DB 112 43.58 34.86 74.57
N ALA DB 113 43.89 34.09 73.53
CA ALA DB 113 45.14 34.31 72.80
C ALA DB 113 44.95 34.46 71.30
N PRO DB 114 44.12 35.40 70.86
CA PRO DB 114 44.07 35.71 69.43
C PRO DB 114 45.27 36.55 69.01
N GLU DB 115 45.88 36.21 67.88
CA GLU DB 115 46.80 37.14 67.25
C GLU DB 115 46.14 37.99 66.17
N PHE DB 116 44.99 37.57 65.66
CA PHE DB 116 44.31 38.25 64.57
C PHE DB 116 45.27 38.72 63.48
N ARG DB 117 45.98 37.81 62.83
CA ARG DB 117 47.00 38.19 61.85
C ARG DB 117 46.34 38.70 60.59
N ARG DB 118 46.75 39.90 60.17
CA ARG DB 118 46.24 40.47 58.94
C ARG DB 118 46.27 39.43 57.83
N TRP DB 119 47.46 38.96 57.51
CA TRP DB 119 47.62 37.99 56.44
C TRP DB 119 46.63 36.85 56.61
N GLU DB 120 46.71 36.19 57.76
CA GLU DB 120 45.83 35.08 58.04
C GLU DB 120 44.38 35.48 57.83
N VAL DB 121 43.99 36.61 58.40
CA VAL DB 121 42.60 37.03 58.31
C VAL DB 121 42.17 37.13 56.86
N ALA DB 122 42.94 37.91 56.10
CA ALA DB 122 42.66 38.10 54.70
C ALA DB 122 42.40 36.76 54.05
N ALA DB 123 43.29 35.80 54.29
CA ALA DB 123 43.03 34.46 53.82
C ALA DB 123 41.66 33.98 54.26
N LEU DB 124 41.39 34.10 55.55
CA LEU DB 124 40.18 33.53 56.11
C LEU DB 124 38.96 34.00 55.37
N GLN DB 125 39.04 35.19 54.79
CA GLN DB 125 37.84 35.83 54.25
C GLN DB 125 37.03 34.87 53.39
N SER DB 126 37.66 34.27 52.39
CA SER DB 126 36.89 33.52 51.40
C SER DB 126 36.13 32.37 52.05
N GLN DB 127 36.79 31.65 52.94
CA GLN DB 127 36.14 30.53 53.60
C GLN DB 127 34.82 30.94 54.18
N LEU DB 128 34.67 32.22 54.51
CA LEU DB 128 33.35 32.72 54.89
C LEU DB 128 32.38 32.55 53.76
N ARG DB 129 32.69 33.15 52.61
CA ARG DB 129 31.78 33.02 51.48
C ARG DB 129 31.37 31.58 51.31
N ILE DB 130 32.34 30.68 51.43
CA ILE DB 130 32.00 29.27 51.54
C ILE DB 130 30.98 29.07 52.65
N ASP DB 131 31.21 29.69 53.79
CA ASP DB 131 30.34 29.44 54.93
C ASP DB 131 28.92 29.81 54.59
N LYS DB 132 28.71 31.08 54.23
CA LYS DB 132 27.40 31.53 53.81
C LYS DB 132 26.82 30.59 52.78
N ALA DB 133 27.65 30.01 51.93
CA ALA DB 133 27.15 28.99 51.04
C ALA DB 133 26.49 27.88 51.82
N VAL DB 134 27.23 27.28 52.76
CA VAL DB 134 26.64 26.24 53.58
C VAL DB 134 25.36 26.76 54.21
N ALA DB 135 25.43 27.96 54.79
CA ALA DB 135 24.32 28.59 55.47
C ALA DB 135 23.07 28.50 54.63
N PHE DB 136 23.08 29.14 53.48
CA PHE DB 136 21.90 29.16 52.65
C PHE DB 136 21.60 27.84 51.99
N GLN DB 137 22.45 26.84 52.14
CA GLN DB 137 22.51 25.78 51.13
C GLN DB 137 21.18 25.14 50.76
N ASN DB 138 20.64 24.29 51.59
CA ASN DB 138 19.68 23.28 51.18
C ASN DB 138 18.38 23.48 51.93
N PRO DB 139 17.28 22.85 51.51
CA PRO DB 139 15.98 23.17 52.11
C PRO DB 139 16.02 23.26 53.63
N GLN DB 140 16.94 22.53 54.22
CA GLN DB 140 17.36 22.83 55.59
C GLN DB 140 18.17 24.12 55.63
N ALA DB 141 19.26 24.18 54.87
CA ALA DB 141 20.08 25.38 54.86
C ALA DB 141 19.44 26.47 54.01
N HIS DB 142 18.46 26.11 53.19
CA HIS DB 142 17.72 27.07 52.39
C HIS DB 142 16.31 27.29 52.94
N VAL DB 143 15.42 26.33 52.73
CA VAL DB 143 14.04 26.53 53.11
C VAL DB 143 13.89 26.60 54.62
N ILE DB 144 14.73 25.90 55.37
CA ILE DB 144 14.79 26.14 56.80
C ILE DB 144 15.73 27.31 57.12
N GLU DB 145 17.01 27.25 56.72
CA GLU DB 145 18.04 28.21 57.11
C GLU DB 145 18.12 29.47 56.25
N ASN DB 146 18.24 29.37 54.93
CA ASN DB 146 18.10 30.59 54.15
C ASN DB 146 16.72 31.17 54.28
N LEU DB 147 15.74 30.31 54.48
CA LEU DB 147 14.44 30.72 54.94
C LEU DB 147 14.35 30.61 56.45
N HIS DB 148 15.46 30.43 57.12
CA HIS DB 148 15.70 31.16 58.36
C HIS DB 148 16.16 32.57 58.00
N ALA DB 149 17.24 32.68 57.22
CA ALA DB 149 17.59 34.00 56.68
C ALA DB 149 16.38 34.67 56.10
N ALA DB 150 15.53 33.91 55.44
CA ALA DB 150 14.23 34.43 55.03
C ALA DB 150 13.18 34.27 56.11
N ALA DB 151 13.50 33.62 57.22
CA ALA DB 151 12.62 33.65 58.40
C ALA DB 151 13.14 34.65 59.41
N TYR DB 152 14.26 34.31 60.04
CA TYR DB 152 14.79 35.17 61.10
C TYR DB 152 14.86 36.60 60.59
N ARG DB 153 14.32 37.51 61.39
CA ARG DB 153 14.14 38.90 60.99
C ARG DB 153 15.10 39.84 61.70
N ASN DB 154 15.03 39.93 63.03
CA ASN DB 154 15.71 40.97 63.81
C ASN DB 154 17.19 40.66 64.03
N ALA DB 155 17.82 41.39 64.96
CA ALA DB 155 19.26 41.21 65.21
C ALA DB 155 19.62 39.79 65.60
N LEU DB 156 18.64 38.97 65.95
CA LEU DB 156 18.88 37.53 65.98
C LEU DB 156 19.17 37.01 64.59
N ALA DB 157 18.43 37.51 63.60
CA ALA DB 157 18.80 37.24 62.22
C ALA DB 157 20.14 37.87 61.85
N ASN DB 158 20.72 38.72 62.70
CA ASN DB 158 22.11 39.07 62.43
C ASN DB 158 22.85 37.75 62.39
N SER DB 159 23.44 37.47 61.24
CA SER DB 159 23.45 36.11 60.74
C SER DB 159 24.56 35.27 61.37
N LEU DB 160 24.32 33.97 61.40
CA LEU DB 160 25.42 33.03 61.46
C LEU DB 160 26.32 33.18 60.26
N TYR DB 161 25.80 33.78 59.20
CA TYR DB 161 26.58 34.30 58.11
C TYR DB 161 26.90 35.77 58.41
N CYS DB 162 27.51 36.43 57.44
CA CYS DB 162 27.66 37.88 57.49
C CYS DB 162 26.76 38.56 56.46
N PRO DB 163 26.84 39.87 56.34
CA PRO DB 163 26.15 40.55 55.24
C PRO DB 163 26.92 40.48 53.94
N ASP DB 164 26.18 40.46 52.84
CA ASP DB 164 26.80 40.57 51.54
C ASP DB 164 27.50 41.91 51.40
N TYR DB 165 26.75 43.00 51.58
CA TYR DB 165 27.37 44.31 51.47
C TYR DB 165 28.57 44.42 52.38
N ARG DB 166 28.52 43.76 53.51
CA ARG DB 166 29.67 43.76 54.38
C ARG DB 166 30.78 42.87 53.86
N ILE DB 167 30.57 42.12 52.78
CA ILE DB 167 31.48 41.03 52.46
C ILE DB 167 32.92 41.51 52.40
N GLY DB 168 33.82 40.66 52.87
CA GLY DB 168 35.24 40.86 52.76
C GLY DB 168 35.81 42.00 53.56
N LYS DB 169 34.99 42.73 54.30
CA LYS DB 169 35.41 44.00 54.85
C LYS DB 169 35.96 43.92 56.26
N VAL DB 170 36.08 42.72 56.83
CA VAL DB 170 36.43 42.61 58.24
C VAL DB 170 37.75 43.31 58.51
N THR DB 171 37.90 43.84 59.71
CA THR DB 171 39.12 44.52 60.05
C THR DB 171 39.76 43.87 61.27
N PRO DB 172 41.08 43.72 61.29
CA PRO DB 172 41.72 43.26 62.51
C PRO DB 172 41.54 44.26 63.62
N ASP DB 173 41.52 45.54 63.28
CA ASP DB 173 41.02 46.53 64.21
C ASP DB 173 39.69 46.07 64.78
N GLU DB 174 38.78 45.69 63.90
CA GLU DB 174 37.52 45.14 64.37
C GLU DB 174 37.71 43.85 65.13
N LEU DB 175 38.86 43.21 65.02
CA LEU DB 175 39.07 41.99 65.80
C LEU DB 175 39.42 42.35 67.23
N HIS DB 176 40.66 42.83 67.43
CA HIS DB 176 41.11 43.19 68.75
C HIS DB 176 40.12 44.08 69.44
N ASP DB 177 39.54 45.02 68.70
CA ASP DB 177 38.46 45.81 69.23
C ASP DB 177 37.28 44.92 69.57
N TYR DB 178 36.77 44.20 68.58
CA TYR DB 178 35.51 43.51 68.75
C TYR DB 178 35.50 42.70 70.02
N VAL DB 179 36.46 41.80 70.16
CA VAL DB 179 36.55 41.09 71.42
C VAL DB 179 36.79 42.08 72.54
N GLN DB 180 37.82 42.91 72.42
CA GLN DB 180 38.05 43.97 73.39
C GLN DB 180 36.76 44.74 73.64
N ASN DB 181 36.00 45.00 72.56
CA ASN DB 181 34.70 45.61 72.73
C ASN DB 181 33.70 44.60 73.25
N HIS DB 182 33.70 43.40 72.69
CA HIS DB 182 32.71 42.43 73.12
C HIS DB 182 33.29 41.55 74.21
N PHE DB 183 34.31 40.73 73.87
CA PHE DB 183 34.79 39.71 74.79
C PHE DB 183 35.21 40.31 76.12
N THR DB 184 34.83 39.65 77.21
CA THR DB 184 34.76 40.24 78.54
C THR DB 184 34.41 39.16 79.56
N SER DB 185 34.70 39.45 80.83
CA SER DB 185 34.19 38.59 81.88
C SER DB 185 32.69 38.67 81.96
N ALA DB 186 32.12 39.78 81.50
CA ALA DB 186 30.69 39.82 81.27
C ALA DB 186 30.25 38.64 80.44
N ARG DB 187 31.01 38.28 79.42
CA ARG DB 187 30.71 37.10 78.63
C ARG DB 187 31.24 35.83 79.26
N MET DB 188 31.86 35.91 80.41
CA MET DB 188 32.64 34.79 80.91
C MET DB 188 31.71 33.81 81.63
N ALA DB 189 31.59 32.62 81.07
CA ALA DB 189 31.02 31.48 81.75
C ALA DB 189 31.92 30.29 81.48
N LEU DB 190 32.42 29.67 82.53
CA LEU DB 190 33.25 28.48 82.42
C LEU DB 190 32.50 27.34 83.07
N ILE DB 191 32.38 26.22 82.36
CA ILE DB 191 31.61 25.11 82.87
C ILE DB 191 32.43 23.86 82.68
N GLY DB 192 32.84 23.23 83.77
CA GLY DB 192 33.47 21.93 83.71
C GLY DB 192 32.45 20.81 83.80
N LEU DB 193 32.72 19.75 83.06
CA LEU DB 193 32.02 18.48 83.23
C LEU DB 193 33.07 17.38 83.14
N GLY DB 194 33.27 16.68 84.24
CA GLY DB 194 34.24 15.61 84.30
C GLY DB 194 35.52 15.93 85.02
N VAL DB 195 35.67 17.13 85.57
CA VAL DB 195 36.99 17.57 86.03
C VAL DB 195 36.97 17.97 87.49
N SER DB 196 38.12 18.43 87.97
CA SER DB 196 38.26 18.88 89.34
C SER DB 196 37.86 20.34 89.39
N HIS DB 197 36.79 20.60 90.12
CA HIS DB 197 36.42 21.95 90.49
C HIS DB 197 37.66 22.64 91.02
N PRO DB 198 38.47 21.92 91.79
CA PRO DB 198 39.74 22.51 92.22
C PRO DB 198 40.67 22.80 91.06
N VAL DB 199 40.82 21.88 90.12
CA VAL DB 199 41.79 22.09 89.04
C VAL DB 199 41.26 23.13 88.08
N LEU DB 200 40.02 22.95 87.64
CA LEU DB 200 39.37 23.98 86.84
C LEU DB 200 39.50 25.32 87.53
N LYS DB 201 39.42 25.31 88.86
CA LYS DB 201 39.67 26.53 89.61
C LYS DB 201 41.14 26.92 89.53
N GLN DB 202 42.02 25.96 89.31
CA GLN DB 202 43.44 26.26 89.32
C GLN DB 202 43.81 27.03 88.07
N VAL DB 203 43.66 26.38 86.92
CA VAL DB 203 43.84 27.07 85.66
C VAL DB 203 42.97 28.32 85.62
N ALA DB 204 41.72 28.15 86.04
CA ALA DB 204 40.79 29.27 86.06
C ALA DB 204 41.42 30.47 86.73
N GLU DB 205 42.03 30.24 87.88
CA GLU DB 205 42.60 31.33 88.65
C GLU DB 205 43.81 31.89 87.94
N GLN DB 206 44.83 31.06 87.75
CA GLN DB 206 46.07 31.56 87.18
C GLN DB 206 45.88 32.14 85.80
N PHE DB 207 44.67 32.03 85.24
CA PHE DB 207 44.44 32.35 83.85
C PHE DB 207 43.51 33.53 83.65
N LEU DB 208 42.28 33.45 84.11
CA LEU DB 208 41.15 33.83 83.25
C LEU DB 208 40.68 35.27 83.35
N ASN DB 209 41.33 36.15 84.11
CA ASN DB 209 40.73 37.46 84.40
C ASN DB 209 40.33 38.22 83.14
N ILE DB 210 39.18 38.91 83.21
CA ILE DB 210 38.65 39.74 82.12
C ILE DB 210 37.51 40.60 82.65
N ARG DB 211 36.93 41.45 81.79
CA ARG DB 211 35.74 42.26 82.09
C ARG DB 211 35.32 42.98 80.82
N GLY DB 212 34.29 43.83 80.90
CA GLY DB 212 34.01 44.83 79.87
C GLY DB 212 32.75 44.82 78.92
N GLY DB 213 31.61 44.26 79.32
CA GLY DB 213 30.43 44.22 78.43
C GLY DB 213 29.70 45.53 78.09
N LEU DB 214 28.46 45.45 77.56
CA LEU DB 214 27.73 46.63 77.05
C LEU DB 214 26.21 46.41 77.09
N GLY DB 215 25.47 47.32 76.42
CA GLY DB 215 24.10 47.73 76.73
C GLY DB 215 22.72 47.08 76.55
N LEU DB 216 22.20 46.85 75.34
CA LEU DB 216 20.73 46.88 75.18
C LEU DB 216 20.17 45.78 74.27
N SER DB 217 18.84 45.56 74.41
CA SER DB 217 18.14 44.42 73.84
C SER DB 217 17.64 44.64 72.43
N GLY DB 218 17.58 45.85 71.97
CA GLY DB 218 17.21 46.08 70.60
C GLY DB 218 16.42 47.35 70.49
N ALA DB 219 15.88 47.56 69.29
CA ALA DB 219 15.03 48.70 68.98
C ALA DB 219 13.68 48.60 69.65
N LYS DB 220 13.50 47.62 70.53
CA LYS DB 220 12.29 46.82 70.60
C LYS DB 220 12.18 46.09 69.28
N ALA DB 221 13.16 45.20 69.07
CA ALA DB 221 13.94 45.21 67.83
C ALA DB 221 12.97 45.40 66.74
N LYS DB 222 13.21 46.46 65.97
CA LYS DB 222 12.15 47.43 65.76
C LYS DB 222 10.94 46.65 65.45
N TYR DB 223 9.88 46.89 66.19
CA TYR DB 223 8.84 45.90 66.06
C TYR DB 223 8.09 46.34 64.81
N ARG DB 224 8.45 45.70 63.71
CA ARG DB 224 7.68 45.77 62.51
C ARG DB 224 6.64 44.69 62.48
N GLY DB 225 6.78 43.71 63.38
CA GLY DB 225 5.99 42.52 63.32
C GLY DB 225 6.07 42.17 61.85
N GLY DB 226 4.90 41.89 61.30
CA GLY DB 226 4.70 42.00 59.87
C GLY DB 226 5.65 41.21 59.03
N GLU DB 227 5.60 41.46 57.74
CA GLU DB 227 6.34 40.65 56.80
C GLU DB 227 7.81 41.01 56.79
N ILE DB 228 8.65 39.99 56.87
CA ILE DB 228 9.85 39.94 56.06
C ILE DB 228 9.39 39.22 54.80
N ARG DB 229 9.24 39.97 53.72
CA ARG DB 229 8.55 39.49 52.54
C ARG DB 229 9.61 39.11 51.53
N GLU DB 230 9.52 37.89 51.02
CA GLU DB 230 10.53 37.37 50.11
C GLU DB 230 9.84 36.78 48.89
N GLN DB 231 10.03 37.44 47.76
CA GLN DB 231 9.76 36.79 46.49
C GLN DB 231 10.79 35.68 46.33
N ASN DB 232 10.31 34.47 46.10
CA ASN DB 232 11.19 33.35 45.93
C ASN DB 232 11.06 32.75 44.54
N GLY DB 233 9.88 32.31 44.15
CA GLY DB 233 9.84 31.38 43.06
C GLY DB 233 10.42 30.09 43.58
N ASP DB 234 9.80 29.59 44.64
CA ASP DB 234 10.28 28.48 45.43
C ASP DB 234 9.85 27.13 44.89
N SER DB 235 9.25 27.09 43.70
CA SER DB 235 8.51 25.91 43.27
C SER DB 235 7.43 25.67 44.30
N LEU DB 236 7.49 24.55 45.01
CA LEU DB 236 6.62 24.40 46.17
C LEU DB 236 6.92 25.50 47.18
N VAL DB 237 5.89 26.25 47.55
CA VAL DB 237 6.09 27.53 48.23
C VAL DB 237 6.66 27.27 49.61
N HIS DB 238 7.56 28.13 50.05
CA HIS DB 238 7.99 28.08 51.45
C HIS DB 238 7.61 29.39 52.07
N ALA DB 239 6.53 29.39 52.82
CA ALA DB 239 6.05 30.59 53.48
C ALA DB 239 5.99 30.22 54.95
N ALA DB 240 6.29 31.15 55.84
CA ALA DB 240 6.17 30.86 57.27
C ALA DB 240 5.56 32.07 57.97
N LEU DB 241 4.47 31.84 58.71
CA LEU DB 241 3.66 32.93 59.25
C LEU DB 241 3.82 33.01 60.76
N VAL DB 242 4.14 34.20 61.25
CA VAL DB 242 4.74 34.37 62.55
C VAL DB 242 3.73 34.92 63.55
N ALA DB 243 3.27 34.06 64.43
CA ALA DB 243 2.71 34.49 65.68
C ALA DB 243 3.84 34.98 66.60
N GLU DB 244 3.52 35.20 67.88
CA GLU DB 244 4.47 35.68 68.86
C GLU DB 244 4.30 34.91 70.17
N SER DB 245 5.24 35.06 71.11
CA SER DB 245 5.07 34.41 72.42
C SER DB 245 5.26 35.27 73.65
N ALA DB 246 6.53 35.46 74.05
CA ALA DB 246 6.88 35.94 75.38
C ALA DB 246 8.39 35.92 75.58
N ALA DB 247 8.88 36.65 76.58
CA ALA DB 247 10.31 36.80 76.83
C ALA DB 247 10.91 35.62 77.58
N ILE DB 248 12.21 35.44 77.41
CA ILE DB 248 12.94 34.48 78.24
C ILE DB 248 12.72 34.83 79.69
N GLY DB 249 12.56 33.80 80.52
CA GLY DB 249 12.39 34.02 81.94
C GLY DB 249 11.09 34.66 82.31
N SER DB 250 10.29 35.10 81.34
CA SER DB 250 9.01 35.68 81.66
C SER DB 250 8.19 34.69 82.47
N ALA DB 251 7.37 35.23 83.35
CA ALA DB 251 6.44 34.37 84.07
C ALA DB 251 5.71 33.47 83.10
N GLU DB 252 5.10 34.07 82.09
CA GLU DB 252 4.33 33.32 81.11
C GLU DB 252 5.20 32.50 80.18
N ALA DB 253 6.51 32.65 80.22
CA ALA DB 253 7.39 31.94 79.30
C ALA DB 253 6.97 30.49 79.21
N ASN DB 254 7.05 29.78 80.33
CA ASN DB 254 6.58 28.41 80.37
C ASN DB 254 5.22 28.27 79.71
N ALA DB 255 4.31 29.19 80.02
CA ALA DB 255 2.98 29.10 79.44
C ALA DB 255 3.07 29.13 77.93
N PHE DB 256 3.89 30.03 77.41
CA PHE DB 256 4.13 30.05 75.98
C PHE DB 256 4.55 28.67 75.54
N SER DB 257 5.49 28.05 76.27
CA SER DB 257 5.89 26.70 75.93
C SER DB 257 4.69 25.79 75.88
N VAL DB 258 3.72 26.01 76.75
CA VAL DB 258 2.50 25.24 76.69
C VAL DB 258 1.93 25.46 75.31
N LEU DB 259 1.52 26.70 75.03
CA LEU DB 259 0.86 26.98 73.77
C LEU DB 259 1.59 26.34 72.61
N GLN DB 260 2.92 26.40 72.66
CA GLN DB 260 3.72 25.62 71.74
C GLN DB 260 3.20 24.21 71.68
N HIS DB 261 3.29 23.50 72.80
CA HIS DB 261 2.79 22.14 72.82
C HIS DB 261 1.35 22.07 72.33
N VAL DB 262 0.55 23.08 72.64
CA VAL DB 262 -0.84 23.08 72.25
C VAL DB 262 -0.95 22.90 70.75
N LEU DB 263 -0.35 23.82 70.03
CA LEU DB 263 -0.21 23.57 68.61
C LEU DB 263 0.85 22.51 68.34
N GLY DB 264 1.72 22.22 69.30
CA GLY DB 264 2.73 21.20 69.11
C GLY DB 264 3.73 21.46 68.01
N ALA DB 265 4.52 20.44 67.68
CA ALA DB 265 5.57 20.48 66.67
C ALA DB 265 5.85 19.06 66.21
N GLY DB 266 6.97 18.83 65.52
CA GLY DB 266 7.32 17.53 65.01
C GLY DB 266 7.20 16.40 66.02
N PRO DB 267 6.63 15.28 65.59
CA PRO DB 267 6.29 14.22 66.54
C PRO DB 267 7.49 13.39 66.96
N HIS DB 268 7.42 12.87 68.18
CA HIS DB 268 8.46 11.95 68.62
C HIS DB 268 8.37 10.63 67.88
N VAL DB 269 7.17 10.23 67.48
CA VAL DB 269 7.00 9.08 66.60
C VAL DB 269 6.74 9.59 65.19
N LYS DB 270 7.49 9.09 64.24
CA LYS DB 270 7.42 9.59 62.88
C LYS DB 270 6.11 9.15 62.21
N ARG DB 271 5.92 9.61 60.97
CA ARG DB 271 4.85 9.13 60.10
C ARG DB 271 3.49 9.17 60.79
N GLY DB 272 2.98 10.38 60.98
CA GLY DB 272 1.67 10.54 61.57
C GLY DB 272 0.95 11.74 61.01
N SER DB 273 -0.37 11.74 61.18
CA SER DB 273 -1.23 12.73 60.57
C SER DB 273 -0.97 14.11 61.12
N ASN DB 274 -0.08 14.21 62.11
CA ASN DB 274 0.01 15.38 62.95
C ASN DB 274 -1.33 15.58 63.66
N ALA DB 275 -1.80 14.51 64.26
CA ALA DB 275 -3.14 14.46 64.82
C ALA DB 275 -3.31 15.33 66.04
N THR DB 276 -2.27 16.01 66.49
CA THR DB 276 -2.25 16.50 67.86
C THR DB 276 -2.62 17.97 68.03
N SER DB 277 -2.95 18.73 67.00
CA SER DB 277 -3.11 20.15 67.27
C SER DB 277 -4.15 20.82 66.40
N SER DB 278 -4.87 21.78 66.98
CA SER DB 278 -5.68 22.66 66.14
C SER DB 278 -4.83 23.30 65.06
N LEU DB 279 -3.56 23.51 65.35
CA LEU DB 279 -2.66 23.86 64.28
C LEU DB 279 -2.35 22.67 63.40
N TYR DB 280 -2.60 21.46 63.88
CA TYR DB 280 -2.16 20.25 63.20
C TYR DB 280 -3.32 19.29 62.98
N GLN DB 281 -3.92 18.81 64.07
CA GLN DB 281 -5.20 18.10 63.95
C GLN DB 281 -6.16 18.93 63.11
N ALA DB 282 -6.20 20.23 63.33
CA ALA DB 282 -7.02 21.04 62.46
C ALA DB 282 -6.24 21.60 61.29
N VAL DB 283 -4.94 21.33 61.22
CA VAL DB 283 -4.33 21.21 59.91
C VAL DB 283 -4.62 19.87 59.31
N ALA DB 284 -4.88 18.86 60.12
CA ALA DB 284 -5.26 17.56 59.59
C ALA DB 284 -6.66 17.66 59.01
N LYS DB 285 -7.65 17.89 59.86
CA LYS DB 285 -8.97 18.24 59.34
C LYS DB 285 -8.88 19.41 58.39
N GLY DB 286 -8.10 20.41 58.73
CA GLY DB 286 -8.04 21.55 57.86
C GLY DB 286 -7.38 21.20 56.54
N VAL DB 287 -6.13 20.78 56.57
CA VAL DB 287 -5.25 20.81 55.41
C VAL DB 287 -5.11 19.42 54.83
N HIS DB 288 -5.10 19.34 53.49
CA HIS DB 288 -4.94 18.09 52.74
C HIS DB 288 -3.55 17.87 52.15
N GLN DB 289 -2.61 18.77 52.36
CA GLN DB 289 -1.34 18.58 51.67
C GLN DB 289 -0.17 19.06 52.51
N PRO DB 290 1.04 19.08 51.96
CA PRO DB 290 2.21 19.47 52.76
C PRO DB 290 2.00 20.82 53.40
N PHE DB 291 2.19 20.86 54.71
CA PHE DB 291 2.02 22.09 55.46
C PHE DB 291 2.82 21.97 56.72
N ASP DB 292 3.24 23.10 57.27
CA ASP DB 292 3.78 23.11 58.63
C ASP DB 292 3.54 24.47 59.25
N VAL DB 293 3.24 24.49 60.53
CA VAL DB 293 3.19 25.72 61.31
C VAL DB 293 3.68 25.40 62.70
N SER DB 294 4.51 26.27 63.25
CA SER DB 294 4.97 26.03 64.61
C SER DB 294 5.41 27.33 65.24
N ALA DB 295 5.52 27.33 66.55
CA ALA DB 295 5.80 28.56 67.28
C ALA DB 295 7.27 28.58 67.66
N PHE DB 296 7.91 29.72 67.47
CA PHE DB 296 9.30 29.81 67.87
C PHE DB 296 9.38 30.06 69.36
N ASN DB 297 10.59 30.33 69.82
CA ASN DB 297 10.79 31.20 70.97
C ASN DB 297 11.99 32.07 70.61
N ALA DB 298 11.76 33.36 70.40
CA ALA DB 298 12.88 34.26 70.30
C ALA DB 298 12.94 34.93 71.65
N SER DB 299 13.80 34.45 72.51
CA SER DB 299 13.67 34.82 73.89
C SER DB 299 14.79 35.79 74.17
N TYR DB 300 14.47 37.07 74.13
CA TYR DB 300 15.27 37.94 74.92
C TYR DB 300 14.84 37.75 76.34
N SER DB 301 15.72 38.10 77.27
CA SER DB 301 15.20 38.46 78.58
C SER DB 301 14.11 39.50 78.41
N ASP DB 302 14.31 40.41 77.45
CA ASP DB 302 13.38 41.52 77.27
C ASP DB 302 12.08 41.08 76.62
N SER DB 303 12.16 40.39 75.49
CA SER DB 303 10.95 40.20 74.70
C SER DB 303 10.92 38.79 74.14
N GLY DB 304 9.86 38.51 73.38
CA GLY DB 304 9.75 37.25 72.69
C GLY DB 304 8.62 37.11 71.70
N LEU DB 305 8.81 36.22 70.73
CA LEU DB 305 7.77 35.87 69.77
C LEU DB 305 7.92 34.41 69.36
N PHE DB 306 6.79 33.74 69.28
CA PHE DB 306 6.65 32.38 68.78
C PHE DB 306 5.78 32.43 67.55
N GLY DB 307 6.38 32.23 66.40
CA GLY DB 307 5.65 32.39 65.16
C GLY DB 307 4.83 31.17 64.84
N PHE DB 308 4.65 30.96 63.54
CA PHE DB 308 4.46 29.61 63.02
C PHE DB 308 5.31 29.46 61.76
N TYR DB 309 6.36 28.67 61.83
CA TYR DB 309 7.01 28.23 60.60
C TYR DB 309 5.99 27.44 59.82
N THR DB 310 5.91 27.71 58.52
CA THR DB 310 4.87 27.14 57.68
C THR DB 310 5.49 26.51 56.45
N ILE DB 311 4.84 25.48 55.92
CA ILE DB 311 5.29 24.84 54.69
C ILE DB 311 4.08 24.38 53.88
N SER DB 312 4.04 24.75 52.59
CA SER DB 312 2.94 24.35 51.73
C SER DB 312 3.15 24.86 50.32
N GLN DB 313 2.46 24.21 49.37
CA GLN DB 313 2.49 24.65 47.99
C GLN DB 313 1.65 25.91 47.82
N ALA DB 314 2.01 26.71 46.82
CA ALA DB 314 1.48 28.05 46.70
C ALA DB 314 -0.04 28.07 46.74
N ALA DB 315 -0.67 27.15 46.01
CA ALA DB 315 -2.08 27.29 45.71
C ALA DB 315 -2.91 27.52 46.96
N SER DB 316 -2.58 26.87 48.07
CA SER DB 316 -3.42 26.91 49.25
C SER DB 316 -3.00 27.94 50.28
N ALA DB 317 -2.00 28.77 49.97
CA ALA DB 317 -1.42 29.66 50.97
C ALA DB 317 -2.44 30.62 51.54
N GLY DB 318 -3.17 31.33 50.69
CA GLY DB 318 -4.31 32.04 51.20
C GLY DB 318 -5.18 31.04 51.94
N ASP DB 319 -5.57 29.97 51.27
CA ASP DB 319 -6.39 28.95 51.89
C ASP DB 319 -5.81 28.50 53.22
N VAL DB 320 -4.57 28.04 53.21
CA VAL DB 320 -4.00 27.49 54.42
C VAL DB 320 -3.72 28.60 55.43
N ILE DB 321 -2.91 29.57 55.05
CA ILE DB 321 -2.51 30.58 56.02
C ILE DB 321 -3.74 31.24 56.63
N LYS DB 322 -4.73 31.54 55.79
CA LYS DB 322 -5.99 32.05 56.32
C LYS DB 322 -6.58 31.06 57.29
N ALA DB 323 -6.81 29.83 56.83
CA ALA DB 323 -7.20 28.78 57.73
C ALA DB 323 -6.30 28.79 58.96
N ALA DB 324 -5.01 28.97 58.74
CA ALA DB 324 -4.07 29.13 59.84
C ALA DB 324 -4.62 30.13 60.82
N TYR DB 325 -4.64 31.40 60.41
CA TYR DB 325 -5.26 32.42 61.22
C TYR DB 325 -6.63 31.99 61.70
N ASN DB 326 -7.42 31.40 60.80
CA ASN DB 326 -8.73 30.91 61.19
C ASN DB 326 -8.62 29.94 62.35
N GLN DB 327 -7.85 28.87 62.17
CA GLN DB 327 -7.64 27.95 63.28
C GLN DB 327 -7.12 28.70 64.49
N VAL DB 328 -6.19 29.64 64.27
CA VAL DB 328 -5.71 30.48 65.35
C VAL DB 328 -6.89 31.12 66.05
N LYS DB 329 -7.71 31.83 65.29
CA LYS DB 329 -8.96 32.33 65.83
C LYS DB 329 -9.74 31.20 66.49
N THR DB 330 -9.99 30.13 65.74
CA THR DB 330 -10.66 28.97 66.31
C THR DB 330 -10.01 28.57 67.62
N ILE DB 331 -8.69 28.42 67.60
CA ILE DB 331 -7.97 28.06 68.80
C ILE DB 331 -8.20 29.10 69.89
N ALA DB 332 -8.06 30.37 69.55
CA ALA DB 332 -8.15 31.44 70.54
C ALA DB 332 -9.54 31.44 71.18
N GLN DB 333 -10.45 30.63 70.63
CA GLN DB 333 -11.78 30.47 71.19
C GLN DB 333 -11.75 30.01 72.64
N GLY DB 334 -10.61 29.56 73.14
CA GLY DB 334 -10.53 29.10 74.50
C GLY DB 334 -11.03 27.70 74.72
N ASN DB 335 -11.69 27.12 73.71
CA ASN DB 335 -12.05 25.72 73.79
C ASN DB 335 -10.81 24.89 74.02
N LEU DB 336 -10.81 24.11 75.08
CA LEU DB 336 -9.68 23.23 75.36
C LEU DB 336 -10.16 22.12 76.27
N SER DB 337 -9.45 21.00 76.24
CA SER DB 337 -9.80 19.97 77.20
C SER DB 337 -8.89 20.08 78.41
N ASN DB 338 -9.25 19.34 79.45
CA ASN DB 338 -8.26 19.07 80.50
C ASN DB 338 -7.21 18.10 79.99
N PRO DB 339 -7.59 16.94 79.46
CA PRO DB 339 -6.57 16.03 78.90
C PRO DB 339 -5.71 16.71 77.86
N ASP DB 340 -6.25 17.72 77.19
CA ASP DB 340 -5.40 18.63 76.45
C ASP DB 340 -4.29 19.17 77.34
N VAL DB 341 -4.67 19.73 78.48
CA VAL DB 341 -3.68 20.38 79.35
C VAL DB 341 -2.71 19.35 79.91
N GLN DB 342 -3.22 18.32 80.56
CA GLN DB 342 -2.35 17.34 81.19
C GLN DB 342 -1.51 16.61 80.16
N ALA DB 343 -2.17 15.90 79.24
CA ALA DB 343 -1.44 15.14 78.23
C ALA DB 343 -0.47 16.03 77.50
N ALA DB 344 -0.80 17.30 77.35
CA ALA DB 344 0.20 18.28 76.96
C ALA DB 344 1.39 18.18 77.90
N LYS DB 345 1.18 18.46 79.18
CA LYS DB 345 2.27 18.44 80.14
C LYS DB 345 3.12 17.21 79.98
N ASN DB 346 2.47 16.08 79.68
CA ASN DB 346 3.21 14.89 79.27
C ASN DB 346 4.08 15.19 78.06
N LYS DB 347 3.46 15.67 76.98
CA LYS DB 347 4.19 15.81 75.73
C LYS DB 347 5.33 16.81 75.87
N LEU DB 348 5.00 18.05 76.21
CA LEU DB 348 6.02 19.08 76.27
C LEU DB 348 6.96 18.86 77.44
N LYS DB 349 6.42 18.58 78.62
CA LYS DB 349 7.26 18.29 79.76
C LYS DB 349 8.30 17.25 79.38
N ALA DB 350 7.84 16.14 78.79
CA ALA DB 350 8.77 15.22 78.15
C ALA DB 350 9.70 15.99 77.23
N GLY DB 351 9.18 17.06 76.63
CA GLY DB 351 10.04 17.99 75.94
C GLY DB 351 11.22 18.40 76.80
N TYR DB 352 10.96 18.85 78.03
CA TYR DB 352 12.06 19.17 78.90
C TYR DB 352 12.90 17.95 79.20
N LEU DB 353 12.31 16.77 79.07
CA LEU DB 353 13.05 15.58 79.47
C LEU DB 353 14.12 15.28 78.44
N MET DB 354 13.72 14.78 77.27
CA MET DB 354 14.71 14.52 76.24
C MET DB 354 15.48 15.78 75.98
N SER DB 355 14.81 16.91 76.10
CA SER DB 355 15.45 18.20 76.03
C SER DB 355 16.56 18.36 77.05
N VAL DB 356 16.56 17.57 78.11
CA VAL DB 356 17.59 17.75 79.12
C VAL DB 356 18.72 16.74 78.99
N GLU DB 357 18.65 15.88 78.00
CA GLU DB 357 18.95 14.50 78.31
C GLU DB 357 20.38 13.96 78.38
N SER DB 358 20.99 13.58 77.26
CA SER DB 358 21.98 12.48 77.34
C SER DB 358 23.31 12.69 76.65
N SER DB 359 24.30 11.86 76.93
CA SER DB 359 25.69 12.33 77.08
C SER DB 359 26.11 13.44 76.11
N GLU DB 360 25.68 13.35 74.87
CA GLU DB 360 25.89 14.46 73.93
C GLU DB 360 24.84 15.54 74.14
N GLY DB 361 23.56 15.17 73.97
CA GLY DB 361 22.44 16.00 74.34
C GLY DB 361 22.26 15.88 75.83
N PHE DB 362 23.34 15.46 76.46
CA PHE DB 362 23.68 15.99 77.75
C PHE DB 362 24.48 17.21 77.39
N LEU DB 363 25.73 17.02 76.95
CA LEU DB 363 26.64 18.11 76.71
C LEU DB 363 25.98 19.19 75.86
N ASP DB 364 25.02 18.79 75.03
CA ASP DB 364 24.17 19.78 74.37
C ASP DB 364 22.87 20.06 75.11
N GLU DB 365 22.46 19.23 76.08
CA GLU DB 365 21.20 19.44 76.77
C GLU DB 365 21.39 19.41 78.28
N VAL DB 366 21.91 18.32 78.83
CA VAL DB 366 22.47 18.39 80.17
C VAL DB 366 23.79 19.15 80.09
N GLY DB 367 24.20 19.50 78.87
CA GLY DB 367 25.23 20.50 78.61
C GLY DB 367 24.61 21.75 78.06
N CYS DB 368 23.33 21.66 77.74
CA CYS DB 368 22.49 22.83 77.88
C CYS DB 368 22.06 22.96 79.32
N GLN DB 369 22.61 22.09 80.17
CA GLN DB 369 22.84 22.35 81.57
C GLN DB 369 24.32 22.65 81.79
N ALA DB 370 25.19 21.71 81.40
CA ALA DB 370 26.63 21.90 81.49
C ALA DB 370 27.07 23.10 80.67
N LEU DB 371 26.15 23.74 79.98
CA LEU DB 371 26.23 25.17 79.72
C LEU DB 371 24.95 25.87 80.13
N ALA DB 372 23.84 25.50 79.52
CA ALA DB 372 22.68 26.34 79.32
C ALA DB 372 21.59 26.19 80.36
N ALA DB 373 21.85 25.58 81.51
CA ALA DB 373 20.78 25.62 82.51
C ALA DB 373 21.06 26.63 83.60
N GLY DB 374 22.12 26.41 84.38
CA GLY DB 374 22.53 27.29 85.46
C GLY DB 374 22.21 26.77 86.85
N SER DB 375 21.24 25.87 86.96
CA SER DB 375 21.02 25.13 88.19
C SER DB 375 20.06 24.03 87.82
N TYR DB 376 19.74 23.16 88.74
CA TYR DB 376 18.54 22.39 88.56
C TYR DB 376 17.54 23.00 89.53
N THR DB 377 16.67 23.84 89.02
CA THR DB 377 15.34 23.66 89.50
C THR DB 377 15.11 22.28 88.92
N PRO DB 378 15.02 21.24 89.70
CA PRO DB 378 15.21 19.94 89.15
C PRO DB 378 14.06 19.60 88.24
N PRO DB 379 14.17 18.53 87.47
CA PRO DB 379 12.96 17.88 87.00
C PRO DB 379 11.99 17.71 88.15
N SER DB 380 12.52 17.64 89.36
CA SER DB 380 11.69 18.04 90.48
C SER DB 380 11.24 19.47 90.29
N THR DB 381 12.13 20.43 90.52
CA THR DB 381 11.67 21.79 90.71
C THR DB 381 11.26 22.46 89.42
N VAL DB 382 12.04 22.30 88.36
CA VAL DB 382 11.63 22.89 87.09
C VAL DB 382 10.42 22.18 86.52
N LEU DB 383 10.30 20.87 86.71
CA LEU DB 383 9.05 20.25 86.36
C LEU DB 383 8.03 20.40 87.47
N GLN DB 384 8.45 20.89 88.64
CA GLN DB 384 7.45 21.48 89.51
C GLN DB 384 7.00 22.82 88.92
N GLN DB 385 7.95 23.69 88.64
CA GLN DB 385 7.64 24.88 87.87
C GLN DB 385 6.93 24.48 86.59
N ILE DB 386 7.31 23.36 86.00
CA ILE DB 386 6.52 22.86 84.87
C ILE DB 386 5.18 22.34 85.37
N ASP DB 387 5.18 21.61 86.46
CA ASP DB 387 3.90 21.25 87.05
C ASP DB 387 3.11 22.49 87.42
N ALA DB 388 3.77 23.64 87.47
CA ALA DB 388 3.10 24.89 87.77
C ALA DB 388 2.33 25.30 86.53
N VAL DB 389 2.31 24.41 85.55
CA VAL DB 389 1.48 24.59 84.38
C VAL DB 389 0.07 24.96 84.78
N ALA DB 390 -0.45 26.01 84.16
CA ALA DB 390 -1.79 26.52 84.43
C ALA DB 390 -2.42 26.94 83.12
N ASP DB 391 -3.66 26.50 82.90
CA ASP DB 391 -4.25 26.58 81.57
C ASP DB 391 -4.74 27.99 81.24
N ALA DB 392 -5.48 28.62 82.15
CA ALA DB 392 -6.23 29.82 81.80
C ALA DB 392 -5.36 30.85 81.10
N ASP DB 393 -4.18 31.10 81.66
CA ASP DB 393 -3.26 32.03 81.02
C ASP DB 393 -2.97 31.62 79.60
N VAL DB 394 -3.25 30.37 79.24
CA VAL DB 394 -3.19 30.02 77.83
C VAL DB 394 -4.44 30.48 77.11
N ILE DB 395 -5.53 30.70 77.81
CA ILE DB 395 -6.70 31.28 77.18
C ILE DB 395 -6.51 32.76 76.98
N ASN DB 396 -6.37 33.49 78.09
CA ASN DB 396 -6.02 34.90 78.00
C ASN DB 396 -4.80 35.09 77.13
N ALA DB 397 -3.93 34.09 77.10
CA ALA DB 397 -2.80 34.12 76.20
C ALA DB 397 -3.27 34.00 74.76
N ALA DB 398 -4.20 33.08 74.51
CA ALA DB 398 -4.77 32.95 73.17
C ALA DB 398 -5.24 34.30 72.67
N LYS DB 399 -5.91 35.04 73.55
CA LYS DB 399 -6.19 36.43 73.26
C LYS DB 399 -4.89 37.20 73.01
N LYS DB 400 -3.87 37.00 73.85
CA LYS DB 400 -2.68 37.86 73.78
C LYS DB 400 -2.02 37.73 72.43
N PHE DB 401 -1.74 36.50 72.02
CA PHE DB 401 -1.31 36.25 70.66
C PHE DB 401 -2.25 36.88 69.67
N VAL DB 402 -3.56 36.73 69.89
CA VAL DB 402 -4.47 37.38 68.97
C VAL DB 402 -4.33 38.89 69.03
N SER DB 403 -3.64 39.40 70.05
CA SER DB 403 -3.75 40.80 70.43
C SER DB 403 -2.65 41.69 69.86
N GLY DB 404 -1.59 41.14 69.29
CA GLY DB 404 -0.40 41.90 69.00
C GLY DB 404 -0.23 42.26 67.55
N ARG DB 405 0.90 42.90 67.27
CA ARG DB 405 1.45 42.97 65.93
C ARG DB 405 2.55 41.93 65.83
N LYS DB 406 2.34 40.93 65.01
CA LYS DB 406 3.29 39.84 64.83
C LYS DB 406 3.79 39.86 63.40
N SER DB 407 4.58 38.88 63.03
CA SER DB 407 5.22 38.95 61.73
C SER DB 407 4.62 37.94 60.79
N MET DB 408 4.71 38.23 59.51
CA MET DB 408 4.55 37.24 58.46
C MET DB 408 5.86 37.16 57.71
N ALA DB 409 6.15 35.99 57.15
CA ALA DB 409 7.39 35.80 56.42
C ALA DB 409 7.12 35.04 55.14
N ALA DB 410 7.74 35.51 54.05
CA ALA DB 410 7.34 35.16 52.70
C ALA DB 410 8.50 34.52 51.96
N SER DB 411 8.32 33.28 51.52
CA SER DB 411 9.20 32.73 50.49
C SER DB 411 8.32 32.22 49.34
N GLY DB 412 8.27 32.99 48.27
CA GLY DB 412 7.48 32.63 47.10
C GLY DB 412 6.91 33.86 46.42
N ASN DB 413 5.84 33.63 45.66
CA ASN DB 413 4.99 34.69 45.15
C ASN DB 413 3.60 34.54 45.76
N LEU DB 414 3.00 35.65 46.17
CA LEU DB 414 1.77 35.59 46.92
C LEU DB 414 0.55 35.41 46.03
N GLY DB 415 0.76 35.22 44.74
CA GLY DB 415 -0.37 35.12 43.82
C GLY DB 415 -1.46 34.20 44.34
N HIS DB 416 -1.07 33.14 45.00
CA HIS DB 416 -2.03 32.46 45.86
C HIS DB 416 -1.87 32.81 47.33
N THR DB 417 -0.85 33.54 47.69
CA THR DB 417 -0.71 33.70 49.14
C THR DB 417 -1.37 34.97 49.63
N PRO DB 418 -1.68 35.03 50.91
CA PRO DB 418 -2.11 36.30 51.50
C PRO DB 418 -0.93 37.21 51.79
N PHE DB 419 -1.20 38.51 51.76
CA PHE DB 419 -0.21 39.53 52.09
C PHE DB 419 -0.34 40.07 53.51
N ILE DB 420 -1.35 39.60 54.27
CA ILE DB 420 -1.53 39.86 55.70
C ILE DB 420 -2.08 41.24 55.98
N ASP DB 421 -1.95 42.15 55.01
CA ASP DB 421 -2.83 43.31 55.04
C ASP DB 421 -4.17 42.93 54.45
N GLU DB 422 -4.16 42.27 53.30
CA GLU DB 422 -5.36 41.69 52.72
C GLU DB 422 -5.91 40.57 53.58
N LEU DB 423 -5.19 40.18 54.63
CA LEU DB 423 -5.64 39.19 55.59
C LEU DB 423 -7.11 39.39 55.96
N ILE EB 1 52.24 17.12 43.60
CA ILE EB 1 51.14 16.46 42.89
C ILE EB 1 51.67 15.28 42.11
N ASN EB 2 50.91 14.84 41.12
CA ASN EB 2 51.40 13.75 40.28
C ASN EB 2 52.45 14.29 39.35
N ILE EB 3 53.67 13.76 39.47
CA ILE EB 3 54.75 14.18 38.59
C ILE EB 3 54.35 13.92 37.16
N ARG EB 4 53.65 12.80 36.93
CA ARG EB 4 53.07 12.56 35.62
C ARG EB 4 52.35 13.79 35.15
N LYS EB 5 51.52 14.37 36.00
CA LYS EB 5 50.97 15.66 35.68
C LYS EB 5 52.05 16.73 35.74
N THR EB 6 52.97 16.61 36.70
CA THR EB 6 53.78 17.77 37.04
C THR EB 6 54.93 18.01 36.06
N HIS EB 7 55.76 17.01 35.81
CA HIS EB 7 57.09 17.28 35.28
C HIS EB 7 57.01 17.87 33.87
N PRO EB 8 57.65 19.00 33.61
CA PRO EB 8 57.37 19.69 32.35
C PRO EB 8 57.74 18.88 31.13
N LEU EB 9 58.96 18.36 31.08
CA LEU EB 9 59.30 17.50 29.96
C LEU EB 9 58.30 16.36 29.89
N MET EB 10 58.05 15.73 31.03
CA MET EB 10 56.95 14.80 31.10
C MET EB 10 55.65 15.44 30.67
N LYS EB 11 55.39 16.67 31.14
CA LYS EB 11 54.14 17.30 30.77
C LYS EB 11 53.92 17.19 29.28
N ILE EB 12 54.98 17.36 28.50
CA ILE EB 12 54.91 16.98 27.10
C ILE EB 12 54.61 15.50 26.99
N VAL EB 13 55.37 14.68 27.69
CA VAL EB 13 55.33 13.23 27.49
C VAL EB 13 53.93 12.69 27.65
N ASN EB 14 53.40 12.79 28.86
CA ASN EB 14 52.01 12.40 29.10
C ASN EB 14 51.12 13.00 28.05
N ASN EB 15 51.25 14.30 27.82
CA ASN EB 15 50.55 14.93 26.72
C ASN EB 15 50.85 14.25 25.40
N ALA EB 16 52.01 13.62 25.26
CA ALA EB 16 52.29 13.04 23.97
C ALA EB 16 51.81 11.62 23.90
N PHE EB 17 52.57 10.70 24.49
CA PHE EB 17 52.08 9.33 24.48
C PHE EB 17 51.10 9.10 25.60
N ILE EB 18 51.46 9.51 26.80
CA ILE EB 18 50.95 8.83 27.97
C ILE EB 18 49.55 9.32 28.29
N ASP EB 19 49.45 10.53 28.82
CA ASP EB 19 48.16 11.03 29.23
C ASP EB 19 47.25 11.19 28.03
N LEU EB 20 47.79 10.94 26.84
CA LEU EB 20 47.10 11.27 25.59
C LEU EB 20 45.73 10.63 25.51
N PRO EB 21 44.67 11.42 25.52
CA PRO EB 21 43.34 10.89 25.22
C PRO EB 21 43.24 10.62 23.74
N ALA EB 22 42.59 9.51 23.40
CA ALA EB 22 42.61 9.12 22.01
C ALA EB 22 41.35 8.35 21.67
N PRO EB 23 40.91 8.41 20.41
CA PRO EB 23 39.67 7.75 20.04
C PRO EB 23 39.66 6.29 20.43
N SER EB 24 38.63 5.90 21.17
CA SER EB 24 38.57 4.52 21.59
C SER EB 24 38.31 3.59 20.41
N ASN EB 25 37.57 4.05 19.42
CA ASN EB 25 37.16 3.21 18.30
C ASN EB 25 38.37 2.75 17.48
N ILE EB 26 39.55 3.22 17.86
CA ILE EB 26 40.74 3.21 17.02
C ILE EB 26 40.98 1.86 16.39
N SER EB 27 41.56 1.85 15.19
CA SER EB 27 41.63 0.66 14.35
C SER EB 27 43.07 0.34 14.01
N SER EB 28 43.26 -0.91 13.57
CA SER EB 28 44.59 -1.44 13.33
C SER EB 28 45.35 -0.60 12.31
N TRP EB 29 44.64 0.31 11.64
CA TRP EB 29 45.23 1.19 10.64
C TRP EB 29 46.50 1.77 11.23
N TRP EB 30 46.48 1.88 12.55
CA TRP EB 30 47.57 2.42 13.30
C TRP EB 30 48.93 1.90 12.94
N ASN EB 31 49.08 0.62 13.19
CA ASN EB 31 50.34 0.13 13.71
C ASN EB 31 51.52 0.74 13.01
N PHE EB 32 51.40 0.75 11.69
CA PHE EB 32 52.52 1.04 10.81
C PHE EB 32 53.29 2.22 11.34
N GLY EB 33 52.58 3.21 11.86
CA GLY EB 33 53.21 4.45 12.21
C GLY EB 33 54.38 4.23 13.13
N SER EB 34 54.14 3.65 14.30
CA SER EB 34 55.26 3.48 15.22
C SER EB 34 56.31 2.61 14.58
N LEU EB 35 55.86 1.60 13.85
CA LEU EB 35 56.70 0.73 13.08
C LEU EB 35 57.72 1.57 12.35
N LEU EB 36 57.21 2.43 11.47
CA LEU EB 36 58.07 3.26 10.67
C LEU EB 36 59.12 3.91 11.53
N GLY EB 37 58.69 4.57 12.60
CA GLY EB 37 59.63 5.23 13.47
C GLY EB 37 60.60 4.25 14.07
N ILE EB 38 60.07 3.18 14.64
CA ILE EB 38 60.91 2.07 15.05
C ILE EB 38 61.82 1.71 13.89
N CYS EB 39 61.22 1.44 12.74
CA CYS EB 39 61.96 1.25 11.52
C CYS EB 39 62.99 2.36 11.42
N LEU EB 40 62.49 3.59 11.33
CA LEU EB 40 63.37 4.73 11.22
C LEU EB 40 64.48 4.65 12.25
N ILE EB 41 64.10 4.45 13.50
CA ILE EB 41 65.08 4.38 14.56
C ILE EB 41 66.06 3.29 14.20
N LEU EB 42 65.56 2.08 14.10
CA LEU EB 42 66.40 0.97 13.68
C LEU EB 42 67.18 1.36 12.45
N GLN EB 43 66.51 1.98 11.50
CA GLN EB 43 67.14 2.48 10.31
C GLN EB 43 68.39 3.21 10.70
N ILE EB 44 68.18 4.34 11.37
CA ILE EB 44 69.31 5.07 11.90
C ILE EB 44 70.20 4.13 12.65
N LEU EB 45 69.61 3.44 13.63
CA LEU EB 45 70.35 2.57 14.51
C LEU EB 45 71.31 1.76 13.67
N THR EB 46 70.73 0.91 12.85
CA THR EB 46 71.56 0.07 12.01
C THR EB 46 72.51 0.91 11.19
N GLY EB 47 71.96 1.83 10.41
CA GLY EB 47 72.79 2.65 9.56
C GLY EB 47 73.96 3.14 10.34
N LEU EB 48 73.64 3.62 11.53
CA LEU EB 48 74.65 4.14 12.44
C LEU EB 48 75.71 3.11 12.70
N PHE EB 49 75.31 2.06 13.41
CA PHE EB 49 76.20 0.93 13.58
C PHE EB 49 76.79 0.57 12.25
N LEU EB 50 75.98 0.53 11.21
CA LEU EB 50 76.49 0.29 9.87
C LEU EB 50 77.55 1.29 9.53
N ALA EB 51 77.19 2.56 9.58
CA ALA EB 51 78.16 3.62 9.40
C ALA EB 51 79.40 3.30 10.19
N MET EB 52 79.19 2.86 11.42
CA MET EB 52 80.29 2.63 12.33
C MET EB 52 81.43 1.89 11.65
N HIS EB 53 81.12 0.82 10.95
CA HIS EB 53 82.16 0.12 10.19
C HIS EB 53 82.26 0.76 8.82
N TYR EB 54 81.14 0.75 8.10
CA TYR EB 54 81.15 0.95 6.67
C TYR EB 54 81.91 2.21 6.29
N THR EB 55 82.57 2.16 5.14
CA THR EB 55 83.22 3.34 4.62
C THR EB 55 82.67 3.66 3.23
N PRO EB 56 82.47 4.45 3.08
CA PRO EB 56 81.99 4.91 1.77
C PRO EB 56 83.09 5.54 0.94
N ASP EB 57 84.09 4.75 0.56
CA ASP EB 57 85.20 5.30 -0.19
C ASP EB 57 85.29 4.67 -1.58
N THR EB 58 85.79 5.45 -2.55
CA THR EB 58 85.70 5.09 -3.96
C THR EB 58 86.33 3.75 -4.23
N THR EB 59 87.61 3.61 -3.94
CA THR EB 59 88.23 2.31 -4.05
C THR EB 59 87.58 1.33 -3.10
N THR EB 60 87.04 1.82 -1.98
CA THR EB 60 86.53 0.92 -0.96
C THR EB 60 85.16 0.37 -1.27
N ALA EB 61 84.57 0.79 -2.38
CA ALA EB 61 83.13 0.61 -2.55
C ALA EB 61 82.74 -0.83 -2.36
N PHE EB 62 82.99 -1.66 -3.36
CA PHE EB 62 82.82 -3.08 -3.14
C PHE EB 62 83.84 -3.55 -2.12
N SER EB 63 84.98 -2.89 -2.10
CA SER EB 63 86.06 -3.28 -1.22
C SER EB 63 85.59 -3.25 0.22
N SER EB 64 85.42 -2.06 0.76
CA SER EB 64 84.86 -1.98 2.09
C SER EB 64 83.59 -2.78 2.16
N VAL EB 65 82.78 -2.76 1.11
CA VAL EB 65 81.60 -3.59 1.11
C VAL EB 65 81.94 -4.99 1.53
N THR EB 66 82.92 -5.61 0.90
CA THR EB 66 83.37 -6.89 1.42
C THR EB 66 83.79 -6.77 2.88
N HIS EB 67 84.70 -5.84 3.18
CA HIS EB 67 85.05 -5.62 4.57
C HIS EB 67 83.80 -5.41 5.39
N ILE EB 68 82.83 -4.70 4.81
CA ILE EB 68 81.52 -4.55 5.41
C ILE EB 68 80.63 -5.73 5.12
N CYS EB 69 81.04 -6.64 4.26
CA CYS EB 69 80.21 -7.80 4.06
C CYS EB 69 81.03 -9.05 4.18
N ARG EB 70 81.86 -9.29 3.18
CA ARG EB 70 82.64 -10.51 3.17
C ARG EB 70 83.45 -10.62 4.44
N ASP EB 71 84.07 -9.52 4.86
CA ASP EB 71 84.60 -9.55 6.20
C ASP EB 71 83.48 -9.64 7.21
N VAL EB 72 82.45 -8.83 7.06
CA VAL EB 72 81.68 -8.40 8.20
C VAL EB 72 80.68 -9.47 8.59
N ASN EB 73 80.89 -10.05 9.76
CA ASN EB 73 79.93 -10.99 10.33
C ASN EB 73 78.76 -10.16 10.83
N TYR EB 74 77.56 -10.60 10.50
CA TYR EB 74 76.33 -9.89 10.81
C TYR EB 74 76.31 -8.56 10.10
N GLY EB 75 77.47 -8.05 9.68
CA GLY EB 75 77.45 -7.12 8.58
C GLY EB 75 76.82 -7.78 7.40
N TRP EB 76 77.04 -9.07 7.27
CA TRP EB 76 76.11 -9.91 6.54
C TRP EB 76 74.72 -9.55 7.01
N ILE EB 77 74.44 -9.96 8.24
CA ILE EB 77 73.09 -9.93 8.76
C ILE EB 77 72.59 -8.49 8.83
N ILE EB 78 73.26 -7.66 9.63
CA ILE EB 78 72.77 -6.30 9.77
C ILE EB 78 72.72 -5.64 8.41
N ARG EB 79 73.77 -5.82 7.62
CA ARG EB 79 73.83 -5.14 6.35
C ARG EB 79 72.67 -5.51 5.46
N TYR EB 80 72.79 -6.67 4.84
CA TYR EB 80 71.77 -7.09 3.90
C TYR EB 80 70.41 -6.99 4.54
N MET EB 81 70.36 -7.35 5.81
CA MET EB 81 69.10 -7.37 6.54
C MET EB 81 68.46 -6.01 6.53
N HIS EB 82 68.97 -5.13 7.38
CA HIS EB 82 68.26 -3.88 7.59
C HIS EB 82 68.22 -3.12 6.29
N ALA EB 83 69.09 -3.50 5.37
CA ALA EB 83 68.91 -3.08 4.00
C ALA EB 83 67.53 -3.47 3.52
N ASN EB 84 67.20 -4.75 3.63
CA ASN EB 84 65.84 -5.16 3.31
C ASN EB 84 64.85 -4.36 4.13
N GLY EB 85 65.18 -4.16 5.40
CA GLY EB 85 64.26 -3.45 6.28
C GLY EB 85 63.86 -2.12 5.70
N ALA EB 86 64.80 -1.42 5.08
CA ALA EB 86 64.47 -0.23 4.31
C ALA EB 86 63.25 -0.49 3.46
N SER EB 87 63.38 -1.43 2.54
CA SER EB 87 62.25 -1.82 1.72
C SER EB 87 61.02 -2.04 2.56
N MET EB 88 61.14 -2.67 3.72
CA MET EB 88 59.96 -2.83 4.56
C MET EB 88 59.36 -1.49 4.90
N PHE EB 89 60.21 -0.55 5.30
CA PHE EB 89 59.73 0.79 5.55
C PHE EB 89 58.95 1.31 4.37
N PHE EB 90 59.45 1.11 3.17
CA PHE EB 90 58.66 1.44 1.99
C PHE EB 90 57.34 0.70 2.01
N ILE EB 91 57.37 -0.56 2.45
CA ILE EB 91 56.16 -1.37 2.40
C ILE EB 91 55.07 -0.69 3.21
N CYS EB 92 55.32 -0.52 4.50
CA CYS EB 92 54.37 0.20 5.30
C CYS EB 92 54.19 1.60 4.78
N LEU EB 93 55.09 2.09 3.95
CA LEU EB 93 54.94 3.46 3.49
C LEU EB 93 53.76 3.49 2.53
N PHE EB 94 53.90 2.82 1.39
CA PHE EB 94 52.79 2.76 0.44
C PHE EB 94 51.53 2.29 1.12
N MET EB 95 51.65 1.25 1.93
CA MET EB 95 50.54 0.80 2.75
C MET EB 95 49.88 2.03 3.34
N HIS EB 96 50.64 2.67 4.21
CA HIS EB 96 50.14 3.76 5.03
C HIS EB 96 49.43 4.77 4.17
N VAL EB 97 50.01 5.05 3.01
CA VAL EB 97 49.33 5.90 2.07
C VAL EB 97 47.93 5.37 1.87
N GLY EB 98 47.84 4.07 1.60
CA GLY EB 98 46.54 3.47 1.53
C GLY EB 98 45.72 3.79 2.75
N ARG EB 99 46.36 3.71 3.92
CA ARG EB 99 45.65 3.92 5.16
C ARG EB 99 44.86 5.21 5.09
N GLY EB 100 45.53 6.30 4.78
CA GLY EB 100 44.81 7.54 4.63
C GLY EB 100 43.76 7.46 3.54
N LEU EB 101 44.07 6.74 2.46
CA LEU EB 101 43.20 6.77 1.30
C LEU EB 101 41.83 6.17 1.60
N TYR EB 102 41.80 4.87 1.94
CA TYR EB 102 40.52 4.26 2.26
C TYR EB 102 39.96 4.88 3.52
N TYR EB 103 40.86 5.29 4.40
CA TYR EB 103 40.49 6.24 5.41
C TYR EB 103 39.88 7.48 4.78
N GLY EB 104 40.44 7.95 3.67
CA GLY EB 104 40.05 9.27 3.21
C GLY EB 104 40.48 10.34 4.17
N SER EB 105 41.51 10.07 4.96
CA SER EB 105 41.83 10.88 6.12
C SER EB 105 42.20 12.31 5.70
N TYR EB 106 42.21 12.57 4.40
CA TYR EB 106 42.80 13.75 3.81
C TYR EB 106 42.29 15.03 4.47
N THR EB 107 41.33 14.88 5.37
CA THR EB 107 40.76 16.02 6.08
C THR EB 107 41.81 16.97 6.65
N PHE EB 108 42.94 16.47 7.12
CA PHE EB 108 43.92 17.29 7.84
C PHE EB 108 45.05 17.68 6.90
N LEU EB 109 45.09 18.96 6.53
CA LEU EB 109 45.98 19.37 5.46
C LEU EB 109 47.44 19.28 5.89
N GLU EB 110 47.81 20.04 6.92
CA GLU EB 110 49.22 20.16 7.27
C GLU EB 110 49.81 18.79 7.49
N THR EB 111 49.01 17.89 8.03
CA THR EB 111 49.44 16.50 8.08
C THR EB 111 49.68 15.97 6.68
N TRP EB 112 48.72 16.16 5.78
CA TRP EB 112 48.85 15.56 4.47
C TRP EB 112 50.09 16.08 3.77
N ASN EB 113 50.17 17.38 3.59
CA ASN EB 113 51.35 17.97 2.96
C ASN EB 113 52.60 17.60 3.72
N ILE EB 114 52.49 17.47 5.03
CA ILE EB 114 53.61 17.07 5.85
C ILE EB 114 54.12 15.77 5.26
N GLY EB 115 53.32 14.72 5.39
CA GLY EB 115 53.73 13.44 4.87
C GLY EB 115 54.05 13.47 3.40
N VAL EB 116 53.68 14.53 2.70
CA VAL EB 116 54.15 14.71 1.34
C VAL EB 116 55.62 15.04 1.35
N ILE EB 117 55.99 16.02 2.16
CA ILE EB 117 57.40 16.21 2.43
C ILE EB 117 58.01 14.86 2.76
N LEU EB 118 57.37 14.15 3.67
CA LEU EB 118 57.79 12.79 3.94
C LEU EB 118 57.84 11.98 2.66
N LEU EB 119 57.10 12.40 1.66
CA LEU EB 119 56.96 11.51 0.53
C LEU EB 119 58.20 11.68 -0.32
N PHE EB 120 58.27 12.77 -1.08
CA PHE EB 120 59.42 12.94 -1.96
C PHE EB 120 60.69 12.82 -1.18
N ALA EB 121 60.65 13.34 0.05
CA ALA EB 121 61.76 13.22 0.96
C ALA EB 121 62.18 11.77 1.09
N THR EB 122 61.25 10.92 1.50
CA THR EB 122 61.56 9.52 1.61
C THR EB 122 62.13 9.03 0.30
N MET EB 123 61.53 9.46 -0.80
CA MET EB 123 61.86 8.95 -2.11
C MET EB 123 63.33 9.12 -2.40
N ALA EB 124 63.75 10.36 -2.65
CA ALA EB 124 65.15 10.55 -3.01
C ALA EB 124 66.05 10.21 -1.84
N THR EB 125 65.62 10.60 -0.63
CA THR EB 125 66.39 10.35 0.58
C THR EB 125 66.88 8.93 0.60
N ALA EB 126 65.96 8.02 0.35
CA ALA EB 126 66.37 6.72 -0.13
C ALA EB 126 67.35 6.87 -1.26
N PHE EB 127 66.87 7.32 -2.42
CA PHE EB 127 67.55 7.06 -3.68
C PHE EB 127 69.04 7.36 -3.59
N MET EB 128 69.40 8.61 -3.37
CA MET EB 128 70.74 8.96 -2.97
C MET EB 128 71.19 8.02 -1.86
N GLY EB 129 70.42 7.97 -0.77
CA GLY EB 129 70.85 7.23 0.39
C GLY EB 129 71.09 5.83 -0.10
N TYR EB 130 70.05 5.26 -0.66
CA TYR EB 130 70.11 3.97 -1.33
C TYR EB 130 71.38 3.82 -2.18
N VAL EB 131 71.50 4.60 -3.25
CA VAL EB 131 72.55 4.35 -4.22
C VAL EB 131 73.91 4.13 -3.58
N LEU EB 132 74.10 4.58 -2.33
CA LEU EB 132 75.39 4.64 -1.65
C LEU EB 132 76.21 3.40 -1.92
N PRO EB 133 75.59 2.23 -1.88
CA PRO EB 133 76.32 1.02 -2.23
C PRO EB 133 77.11 1.14 -3.52
N TRP EB 134 76.68 1.98 -4.44
CA TRP EB 134 77.41 2.22 -5.69
C TRP EB 134 77.63 0.92 -6.45
N GLY EB 135 76.60 0.07 -6.45
CA GLY EB 135 76.72 -1.23 -7.07
C GLY EB 135 76.33 -1.22 -8.53
N GLN EB 136 76.81 -2.22 -9.27
CA GLN EB 136 76.69 -2.19 -10.72
C GLN EB 136 75.28 -1.81 -11.13
N MET EB 137 74.29 -2.42 -10.51
CA MET EB 137 72.93 -1.97 -10.70
C MET EB 137 72.82 -0.50 -10.37
N SER EB 138 73.12 -0.15 -9.13
CA SER EB 138 73.10 1.25 -8.76
C SER EB 138 74.14 2.03 -9.53
N PHE EB 139 74.98 1.35 -10.31
CA PHE EB 139 76.09 2.04 -10.98
C PHE EB 139 75.68 2.52 -12.36
N TRP EB 140 75.50 1.60 -13.30
CA TRP EB 140 74.94 2.05 -14.56
C TRP EB 140 73.65 2.79 -14.28
N GLY EB 141 72.84 2.26 -13.37
CA GLY EB 141 71.71 3.02 -12.90
C GLY EB 141 72.11 4.36 -12.35
N ALA EB 142 73.30 4.44 -11.77
CA ALA EB 142 73.75 5.74 -11.38
C ALA EB 142 73.92 6.62 -12.59
N THR EB 143 74.41 6.07 -13.69
CA THR EB 143 74.33 6.81 -14.93
C THR EB 143 72.89 7.12 -15.25
N VAL EB 144 71.96 6.38 -14.65
CA VAL EB 144 70.60 6.64 -15.04
C VAL EB 144 70.21 7.91 -14.32
N ILE EB 145 69.87 7.80 -13.05
CA ILE EB 145 69.35 8.99 -12.39
C ILE EB 145 70.31 10.15 -12.56
N THR EB 146 71.61 9.84 -12.61
CA THR EB 146 72.58 10.82 -13.03
C THR EB 146 72.16 11.50 -14.32
N ASN EB 147 71.64 10.71 -15.25
CA ASN EB 147 71.06 11.34 -16.41
C ASN EB 147 69.71 11.95 -16.10
N LEU EB 148 69.13 11.66 -14.94
CA LEU EB 148 67.95 12.42 -14.55
C LEU EB 148 68.31 13.82 -14.14
N LEU EB 149 69.54 14.06 -13.74
CA LEU EB 149 69.87 15.38 -13.22
C LEU EB 149 69.87 16.46 -14.30
N SER EB 150 69.68 16.12 -15.57
CA SER EB 150 69.91 17.06 -16.65
C SER EB 150 68.66 17.71 -17.23
N ALA EB 151 67.48 17.42 -16.69
CA ALA EB 151 66.23 17.66 -17.41
C ALA EB 151 66.07 19.04 -18.03
N ILE EB 152 66.39 20.09 -17.29
CA ILE EB 152 65.84 21.42 -17.55
C ILE EB 152 66.26 22.01 -18.88
N PRO EB 153 65.47 22.93 -19.42
CA PRO EB 153 65.99 23.81 -20.46
C PRO EB 153 67.10 24.68 -19.89
N TYR EB 154 68.22 24.72 -20.60
CA TYR EB 154 69.34 25.62 -20.40
C TYR EB 154 70.13 25.30 -19.15
N ILE EB 155 69.62 24.48 -18.25
CA ILE EB 155 70.20 24.30 -16.93
C ILE EB 155 70.90 22.95 -16.82
N GLY EB 156 70.16 21.86 -17.05
CA GLY EB 156 70.55 20.53 -16.64
C GLY EB 156 71.99 20.21 -16.94
N THR EB 157 72.43 20.55 -18.15
CA THR EB 157 73.82 20.41 -18.51
C THR EB 157 74.68 20.97 -17.39
N ASN EB 158 74.59 22.26 -17.19
CA ASN EB 158 75.24 22.86 -16.02
C ASN EB 158 74.70 22.26 -14.73
N LEU EB 159 73.42 21.89 -14.72
CA LEU EB 159 72.86 21.36 -13.49
C LEU EB 159 73.43 19.98 -13.23
N VAL EB 160 73.09 19.02 -14.09
CA VAL EB 160 73.58 17.65 -13.90
C VAL EB 160 75.09 17.64 -13.77
N GLU EB 161 75.74 18.70 -14.23
CA GLU EB 161 77.09 18.92 -13.76
C GLU EB 161 77.09 19.16 -12.26
N TRP EB 162 76.43 20.22 -11.81
CA TRP EB 162 76.50 20.64 -10.43
C TRP EB 162 76.01 19.55 -9.50
N ILE EB 163 74.81 19.06 -9.77
CA ILE EB 163 74.36 17.80 -9.20
C ILE EB 163 75.44 16.76 -9.32
N TRP EB 164 75.70 16.32 -10.55
CA TRP EB 164 76.66 15.24 -10.78
C TRP EB 164 78.05 15.60 -10.31
N GLY EB 165 78.26 16.85 -9.91
CA GLY EB 165 79.58 17.34 -9.61
C GLY EB 165 80.35 17.75 -10.84
N GLY EB 166 79.87 17.40 -12.02
CA GLY EB 166 80.65 17.68 -13.20
C GLY EB 166 80.28 16.74 -14.34
N PHE EB 167 81.28 16.52 -15.21
CA PHE EB 167 81.08 15.90 -16.50
C PHE EB 167 80.33 14.58 -16.41
N SER EB 168 80.30 13.95 -15.25
CA SER EB 168 79.50 12.76 -15.08
C SER EB 168 79.20 12.59 -13.61
N VAL EB 169 78.56 11.46 -13.29
CA VAL EB 169 78.61 10.97 -11.93
C VAL EB 169 80.04 10.60 -11.62
N ASP EB 170 80.44 10.80 -10.37
CA ASP EB 170 81.83 10.58 -10.02
C ASP EB 170 81.93 10.21 -8.55
N LYS EB 171 83.16 9.94 -8.13
CA LYS EB 171 83.44 10.00 -6.71
C LYS EB 171 82.90 11.30 -6.14
N ALA EB 172 82.90 12.35 -6.96
CA ALA EB 172 82.24 13.60 -6.64
C ALA EB 172 80.89 13.30 -6.04
N THR EB 173 80.04 12.69 -6.87
CA THR EB 173 78.79 12.18 -6.33
C THR EB 173 79.03 11.38 -5.07
N LEU EB 174 79.96 10.44 -5.12
CA LEU EB 174 80.11 9.50 -4.02
C LEU EB 174 80.06 10.21 -2.69
N THR EB 175 81.00 11.11 -2.48
CA THR EB 175 80.88 12.00 -1.33
C THR EB 175 79.50 12.62 -1.31
N ARG EB 176 79.13 13.27 -2.41
CA ARG EB 176 78.00 14.16 -2.40
C ARG EB 176 76.76 13.50 -1.83
N PHE EB 177 76.19 12.58 -2.60
CA PHE EB 177 75.07 11.82 -2.09
C PHE EB 177 75.40 11.20 -0.75
N PHE EB 178 76.61 10.64 -0.60
CA PHE EB 178 76.92 9.90 0.61
C PHE EB 178 76.53 10.71 1.83
N ALA EB 179 77.08 11.90 1.90
CA ALA EB 179 76.62 12.86 2.87
C ALA EB 179 75.11 13.02 2.79
N PHE EB 180 74.61 13.33 1.59
CA PHE EB 180 73.20 13.71 1.46
C PHE EB 180 72.34 12.73 2.24
N HIS EB 181 72.61 11.44 2.08
CA HIS EB 181 72.06 10.43 2.94
C HIS EB 181 72.31 10.79 4.40
N PHE EB 182 73.57 10.97 4.77
CA PHE EB 182 73.87 11.20 6.18
C PHE EB 182 72.96 12.26 6.75
N ILE EB 183 72.66 13.29 5.97
CA ILE EB 183 71.83 14.37 6.45
C ILE EB 183 70.38 13.94 6.51
N SER EB 184 69.83 13.62 5.35
CA SER EB 184 68.39 13.62 5.19
C SER EB 184 67.66 12.88 6.28
N PRO EB 185 68.14 11.75 6.79
CA PRO EB 185 67.38 11.06 7.84
C PRO EB 185 67.00 11.96 8.97
N PHE EB 186 67.98 12.71 9.47
CA PHE EB 186 67.67 13.69 10.50
C PHE EB 186 66.49 14.54 10.06
N ILE EB 187 66.56 15.06 8.84
CA ILE EB 187 65.48 15.88 8.32
C ILE EB 187 64.17 15.15 8.52
N ILE EB 188 64.16 13.88 8.15
CA ILE EB 188 62.96 13.08 8.36
C ILE EB 188 62.54 13.17 9.81
N ALA EB 189 63.49 13.08 10.72
CA ALA EB 189 63.15 13.00 12.14
C ALA EB 189 62.45 14.28 12.59
N ALA EB 190 63.13 15.41 12.45
CA ALA EB 190 62.51 16.64 12.90
C ALA EB 190 61.18 16.85 12.21
N LEU EB 191 61.16 16.60 10.90
CA LEU EB 191 59.90 16.56 10.19
C LEU EB 191 58.89 15.74 10.96
N ALA EB 192 59.34 14.64 11.53
CA ALA EB 192 58.42 13.76 12.22
C ALA EB 192 57.82 14.48 13.40
N MET EB 193 58.66 14.87 14.36
CA MET EB 193 58.10 15.50 15.55
C MET EB 193 57.20 16.65 15.15
N VAL EB 194 57.52 17.29 14.05
CA VAL EB 194 56.69 18.34 13.49
C VAL EB 194 55.30 17.78 13.25
N HIS EB 195 55.19 16.93 12.23
CA HIS EB 195 53.89 16.41 11.87
C HIS EB 195 53.21 15.86 13.10
N LEU EB 196 53.98 15.37 14.04
CA LEU EB 196 53.44 14.82 15.26
C LEU EB 196 52.67 15.87 16.03
N LEU EB 197 53.37 16.92 16.45
CA LEU EB 197 52.70 17.96 17.19
C LEU EB 197 51.50 18.45 16.42
N PHE EB 198 51.67 18.61 15.11
CA PHE EB 198 50.53 18.95 14.27
C PHE EB 198 49.37 18.01 14.57
N LEU EB 199 49.66 16.72 14.65
CA LEU EB 199 48.61 15.76 14.94
C LEU EB 199 48.00 16.05 16.30
N HIS EB 200 48.83 16.06 17.33
CA HIS EB 200 48.34 16.25 18.68
C HIS EB 200 47.45 17.46 18.77
N GLU EB 201 47.69 18.44 17.93
CA GLU EB 201 46.86 19.64 17.90
C GLU EB 201 45.43 19.25 17.67
N THR EB 202 45.11 18.88 16.43
CA THR EB 202 43.74 18.56 16.10
C THR EB 202 43.25 17.34 16.83
N GLY EB 203 44.14 16.64 17.52
CA GLY EB 203 43.90 15.23 17.55
C GLY EB 203 43.86 14.77 16.11
N SER EB 204 42.97 13.83 15.82
CA SER EB 204 42.94 13.23 14.49
C SER EB 204 41.69 12.38 14.32
N ASN EB 205 41.63 11.72 13.18
CA ASN EB 205 40.41 11.07 12.72
C ASN EB 205 40.23 9.71 13.38
N ASN EB 206 39.21 8.99 12.94
CA ASN EB 206 38.87 7.68 13.46
C ASN EB 206 38.34 6.79 12.33
N PRO EB 207 38.70 5.51 12.34
CA PRO EB 207 38.17 4.62 11.31
C PRO EB 207 36.67 4.66 11.25
N THR EB 208 36.02 4.76 12.40
CA THR EB 208 34.60 5.02 12.42
C THR EB 208 34.27 6.22 11.56
N GLY EB 209 34.95 7.33 11.80
CA GLY EB 209 34.64 8.55 11.11
C GLY EB 209 33.75 9.50 11.88
N ILE EB 210 33.27 9.11 13.05
CA ILE EB 210 32.42 9.99 13.86
C ILE EB 210 33.28 10.83 14.79
N PRO EB 211 32.75 11.93 15.34
CA PRO EB 211 33.54 12.71 16.30
C PRO EB 211 33.93 11.86 17.49
N SER EB 212 35.23 11.86 17.78
CA SER EB 212 35.77 10.87 18.70
C SER EB 212 35.48 11.19 20.16
N ASP EB 213 35.13 12.44 20.46
CA ASP EB 213 34.98 12.85 21.85
C ASP EB 213 34.06 11.92 22.60
N THR EB 214 33.18 11.22 21.89
CA THR EB 214 32.35 10.21 22.52
C THR EB 214 33.20 9.20 23.28
N ASP EB 215 34.29 8.74 22.67
CA ASP EB 215 35.04 7.62 23.24
C ASP EB 215 36.55 7.84 23.08
N LYS EB 216 37.27 7.73 24.18
CA LYS EB 216 38.71 7.88 24.17
C LYS EB 216 39.29 7.13 25.35
N ILE EB 217 40.50 6.62 25.16
CA ILE EB 217 41.30 6.07 26.25
C ILE EB 217 42.72 6.52 25.96
N PRO EB 218 43.65 6.38 26.88
CA PRO EB 218 45.06 6.55 26.52
C PRO EB 218 45.61 5.33 25.79
N PHE EB 219 46.66 5.57 25.02
CA PHE EB 219 47.30 4.48 24.29
C PHE EB 219 47.64 3.35 25.23
N HIS EB 220 48.15 3.69 26.40
CA HIS EB 220 48.23 2.76 27.48
C HIS EB 220 46.87 2.65 28.10
N PRO EB 221 46.44 1.44 28.41
CA PRO EB 221 47.20 0.28 27.94
C PRO EB 221 46.97 0.06 26.46
N TYR EB 222 45.79 0.48 26.02
CA TYR EB 222 45.18 -0.06 24.81
C TYR EB 222 46.08 0.09 23.59
N TYR EB 223 46.16 1.31 23.08
CA TYR EB 223 46.96 1.49 21.88
C TYR EB 223 48.41 1.17 22.17
N THR EB 224 48.81 1.35 23.42
CA THR EB 224 50.16 1.00 23.79
C THR EB 224 50.42 -0.46 23.51
N ILE EB 225 49.81 -1.31 24.33
CA ILE EB 225 50.07 -2.73 24.21
C ILE EB 225 49.88 -3.16 22.78
N LYS EB 226 48.77 -2.72 22.18
CA LYS EB 226 48.53 -3.01 20.78
C LYS EB 226 49.77 -2.72 19.97
N ASP EB 227 50.38 -1.57 20.24
CA ASP EB 227 51.59 -1.21 19.52
C ASP EB 227 52.67 -2.23 19.74
N ILE EB 228 52.91 -2.56 21.01
CA ILE EB 228 53.90 -3.57 21.31
C ILE EB 228 53.68 -4.78 20.43
N LEU EB 229 52.42 -5.19 20.32
CA LEU EB 229 52.07 -6.30 19.46
C LEU EB 229 52.60 -6.05 18.07
N GLY EB 230 52.04 -5.05 17.39
CA GLY EB 230 52.44 -4.82 16.01
C GLY EB 230 53.93 -4.77 15.85
N ALA EB 231 54.64 -4.32 16.87
CA ALA EB 231 56.09 -4.36 16.83
C ALA EB 231 56.57 -5.79 16.68
N ILE EB 232 56.15 -6.65 17.60
CA ILE EB 232 56.51 -8.05 17.45
C ILE EB 232 56.18 -8.52 16.06
N LEU EB 233 55.02 -8.11 15.54
CA LEU EB 233 54.68 -8.43 14.17
C LEU EB 233 55.78 -7.96 13.23
N LEU EB 234 56.35 -6.80 13.51
CA LEU EB 234 57.41 -6.32 12.66
C LEU EB 234 58.60 -7.25 12.71
N ILE EB 235 59.15 -7.46 13.92
CA ILE EB 235 60.32 -8.32 14.04
C ILE EB 235 60.05 -9.64 13.38
N LEU EB 236 58.79 -10.06 13.37
CA LEU EB 236 58.41 -11.18 12.54
C LEU EB 236 58.71 -10.86 11.08
N ILE EB 237 58.24 -9.71 10.61
CA ILE EB 237 58.44 -9.35 9.22
C ILE EB 237 59.91 -9.26 8.91
N LEU EB 238 60.54 -8.19 9.41
CA LEU EB 238 61.94 -7.94 9.16
C LEU EB 238 62.77 -9.14 9.54
N MET EB 239 62.76 -9.46 10.83
CA MET EB 239 63.54 -10.57 11.32
C MET EB 239 63.19 -11.85 10.59
N LEU EB 240 62.09 -11.85 9.84
CA LEU EB 240 61.78 -13.02 9.03
C LEU EB 240 62.54 -12.98 7.71
N LEU EB 241 62.11 -12.09 6.80
CA LEU EB 241 62.71 -12.05 5.47
C LEU EB 241 64.22 -12.00 5.59
N VAL EB 242 64.68 -11.16 6.50
CA VAL EB 242 66.06 -11.21 6.94
C VAL EB 242 66.35 -12.63 7.35
N LEU EB 243 65.78 -13.03 8.48
CA LEU EB 243 66.23 -14.24 9.15
C LEU EB 243 66.29 -15.43 8.22
N PHE EB 244 65.37 -15.53 7.27
CA PHE EB 244 65.29 -16.73 6.46
C PHE EB 244 66.00 -16.53 5.13
N THR EB 245 65.40 -15.82 4.22
CA THR EB 245 65.97 -15.79 2.90
C THR EB 245 66.39 -14.36 2.65
N PRO EB 246 67.54 -13.96 3.18
CA PRO EB 246 67.93 -12.55 3.05
C PRO EB 246 67.92 -12.07 1.62
N ASP EB 247 68.52 -12.82 0.70
CA ASP EB 247 68.72 -12.33 -0.65
C ASP EB 247 67.45 -12.33 -1.48
N LEU EB 248 66.36 -12.88 -0.95
CA LEU EB 248 65.19 -13.17 -1.76
C LEU EB 248 64.78 -11.96 -2.61
N LEU EB 249 64.75 -10.78 -2.00
CA LEU EB 249 64.25 -9.64 -2.73
C LEU EB 249 65.28 -9.04 -3.68
N GLY EB 250 66.53 -9.48 -3.60
CA GLY EB 250 67.59 -8.76 -4.28
C GLY EB 250 67.51 -8.88 -5.79
N ASP EB 251 68.31 -8.03 -6.46
CA ASP EB 251 68.58 -8.12 -7.89
C ASP EB 251 70.07 -8.35 -8.09
N PRO EB 252 70.49 -9.46 -8.69
CA PRO EB 252 71.91 -9.84 -8.67
C PRO EB 252 72.84 -8.73 -9.11
N ASP EB 253 72.33 -7.82 -9.93
CA ASP EB 253 73.13 -6.73 -10.45
C ASP EB 253 73.80 -5.94 -9.35
N ASN EB 254 73.25 -6.00 -8.14
CA ASN EB 254 73.91 -5.35 -7.02
C ASN EB 254 75.27 -5.97 -6.75
N TYR EB 255 75.27 -7.26 -6.40
CA TYR EB 255 76.53 -7.91 -6.07
C TYR EB 255 77.50 -7.80 -7.22
N THR EB 256 77.00 -7.58 -8.42
CA THR EB 256 77.87 -7.22 -9.52
C THR EB 256 78.64 -5.98 -9.15
N PRO EB 257 79.96 -6.03 -9.10
CA PRO EB 257 80.72 -4.81 -8.88
C PRO EB 257 80.41 -3.82 -10.00
N ALA EB 258 80.42 -2.55 -9.63
CA ALA EB 258 80.34 -1.51 -10.63
C ALA EB 258 81.46 -1.70 -11.64
N ASN EB 259 81.09 -1.77 -12.92
CA ASN EB 259 82.05 -1.94 -14.00
C ASN EB 259 81.84 -0.79 -14.97
N PRO EB 260 82.58 0.29 -14.83
CA PRO EB 260 82.19 1.54 -15.50
C PRO EB 260 81.80 1.36 -16.94
N LEU EB 261 82.45 0.43 -17.61
CA LEU EB 261 82.11 0.20 -19.00
C LEU EB 261 80.86 -0.64 -19.18
N ASN EB 262 80.31 -1.23 -18.11
CA ASN EB 262 79.30 -2.27 -18.24
C ASN EB 262 78.01 -1.87 -18.98
N THR EB 263 77.15 -1.08 -18.34
CA THR EB 263 75.83 -0.77 -18.86
C THR EB 263 75.08 -2.03 -19.30
N PRO EB 264 74.61 -2.86 -18.38
CA PRO EB 264 73.99 -4.13 -18.76
C PRO EB 264 72.51 -3.96 -19.11
N PRO EB 265 71.78 -5.06 -19.26
CA PRO EB 265 70.44 -4.96 -19.85
C PRO EB 265 69.37 -4.34 -18.96
N HIS EB 266 69.46 -4.46 -17.65
CA HIS EB 266 68.25 -4.32 -16.84
C HIS EB 266 67.82 -2.90 -16.51
N ILE EB 267 68.52 -2.26 -15.57
CA ILE EB 267 68.22 -0.89 -15.14
C ILE EB 267 66.82 -0.74 -14.56
N LYS EB 268 66.61 -1.25 -13.36
CA LYS EB 268 65.31 -1.14 -12.68
C LYS EB 268 65.47 -0.48 -11.32
N PRO EB 269 64.38 0.03 -10.75
CA PRO EB 269 64.45 0.56 -9.39
C PRO EB 269 64.05 -0.46 -8.34
N GLU EB 270 64.09 -0.08 -7.07
CA GLU EB 270 63.80 -1.03 -6.01
C GLU EB 270 62.31 -1.30 -5.92
N TRP EB 271 61.96 -2.47 -5.39
CA TRP EB 271 60.56 -2.73 -5.08
C TRP EB 271 59.96 -1.53 -4.38
N TYR EB 272 60.74 -0.94 -3.48
CA TYR EB 272 60.47 0.41 -3.04
C TYR EB 272 60.34 1.33 -4.25
N PHE EB 273 61.48 1.61 -4.89
CA PHE EB 273 61.48 2.62 -5.94
C PHE EB 273 60.72 2.19 -7.17
N LEU EB 274 60.19 0.97 -7.18
CA LEU EB 274 59.66 0.32 -8.36
C LEU EB 274 58.71 1.17 -9.19
N PHE EB 275 57.49 1.39 -8.69
CA PHE EB 275 56.41 1.84 -9.56
C PHE EB 275 56.79 3.06 -10.36
N ALA EB 276 57.74 3.84 -9.86
CA ALA EB 276 58.20 5.02 -10.59
C ALA EB 276 58.69 4.65 -11.98
N TYR EB 277 59.86 4.01 -12.05
CA TYR EB 277 60.63 3.96 -13.30
C TYR EB 277 59.77 3.54 -14.47
N ALA EB 278 58.81 2.66 -14.22
CA ALA EB 278 57.77 2.45 -15.21
C ALA EB 278 57.13 3.78 -15.57
N ILE EB 279 56.56 4.45 -14.57
CA ILE EB 279 55.92 5.74 -14.80
C ILE EB 279 56.84 6.66 -15.57
N LEU EB 280 58.11 6.64 -15.21
CA LEU EB 280 59.11 7.43 -15.88
C LEU EB 280 59.10 7.12 -17.37
N ARG EB 281 59.60 5.94 -17.71
CA ARG EB 281 59.76 5.58 -19.10
C ARG EB 281 58.45 5.63 -19.86
N SER EB 282 57.33 5.73 -19.14
CA SER EB 282 56.03 5.68 -19.77
C SER EB 282 55.90 6.74 -20.86
N ILE EB 283 56.07 7.99 -20.49
CA ILE EB 283 55.75 9.09 -21.41
C ILE EB 283 56.93 9.34 -22.34
N PRO EB 284 56.70 9.90 -23.52
CA PRO EB 284 57.83 10.35 -24.34
C PRO EB 284 58.17 11.83 -24.23
N ASN EB 285 58.40 12.36 -23.03
CA ASN EB 285 58.95 13.70 -22.89
C ASN EB 285 59.53 13.88 -21.50
N LYS EB 286 60.45 14.82 -21.37
CA LYS EB 286 61.11 15.02 -20.10
C LYS EB 286 60.16 15.38 -18.96
N LEU EB 287 59.71 16.62 -18.99
CA LEU EB 287 58.93 17.11 -17.86
C LEU EB 287 57.57 16.46 -17.80
N GLY EB 288 57.15 15.82 -18.87
CA GLY EB 288 55.99 14.99 -18.76
C GLY EB 288 56.32 13.97 -17.69
N GLY EB 289 57.42 13.24 -17.92
CA GLY EB 289 57.79 12.21 -16.97
C GLY EB 289 57.88 12.74 -15.56
N VAL EB 290 58.61 13.82 -15.37
CA VAL EB 290 58.83 14.29 -14.01
C VAL EB 290 57.54 14.83 -13.42
N LEU EB 291 56.97 15.84 -14.07
CA LEU EB 291 55.77 16.48 -13.57
C LEU EB 291 54.73 15.44 -13.26
N ALA EB 292 54.70 14.38 -14.04
CA ALA EB 292 53.96 13.20 -13.63
C ALA EB 292 54.46 12.73 -12.28
N LEU EB 293 55.76 12.48 -12.17
CA LEU EB 293 56.30 11.90 -10.95
C LEU EB 293 55.83 12.70 -9.75
N ILE EB 294 56.31 13.92 -9.60
CA ILE EB 294 55.87 14.76 -8.51
C ILE EB 294 54.37 14.94 -8.53
N LEU EB 295 53.75 14.68 -9.65
CA LEU EB 295 52.31 14.81 -9.76
C LEU EB 295 51.59 13.59 -9.27
N SER EB 296 52.29 12.54 -8.86
CA SER EB 296 51.60 11.42 -8.24
C SER EB 296 51.23 11.74 -6.81
N ILE EB 297 52.22 12.11 -6.02
CA ILE EB 297 51.93 12.58 -4.69
C ILE EB 297 51.25 13.94 -4.76
N LEU EB 298 51.87 14.87 -5.48
CA LEU EB 298 51.24 16.16 -5.71
C LEU EB 298 49.80 15.95 -6.11
N VAL EB 299 49.59 15.02 -7.03
CA VAL EB 299 48.24 14.58 -7.36
C VAL EB 299 47.49 14.28 -6.08
N LEU EB 300 48.12 13.56 -5.16
CA LEU EB 300 47.42 13.25 -3.93
C LEU EB 300 47.06 14.52 -3.17
N VAL EB 301 47.93 15.52 -3.21
CA VAL EB 301 47.59 16.79 -2.59
C VAL EB 301 46.32 17.33 -3.22
N LEU EB 302 46.31 17.39 -4.55
CA LEU EB 302 45.11 17.77 -5.25
C LEU EB 302 43.93 16.95 -4.78
N MET EB 303 44.17 15.67 -4.51
CA MET EB 303 43.08 14.82 -4.04
C MET EB 303 42.48 15.38 -2.77
N PRO EB 304 43.26 15.74 -1.76
CA PRO EB 304 42.66 16.51 -0.67
C PRO EB 304 41.92 17.71 -1.18
N LEU EB 305 42.51 18.48 -2.10
CA LEU EB 305 41.74 19.54 -2.72
C LEU EB 305 40.57 18.97 -3.49
N LEU EB 306 40.76 17.79 -4.07
CA LEU EB 306 39.69 17.15 -4.80
C LEU EB 306 38.67 16.50 -3.90
N HIS EB 307 38.91 16.49 -2.59
CA HIS EB 307 37.95 15.87 -1.68
C HIS EB 307 36.56 16.43 -1.95
N THR EB 308 35.59 15.53 -2.01
CA THR EB 308 34.28 15.88 -2.55
C THR EB 308 33.17 15.47 -1.60
N SER EB 309 33.11 14.18 -1.29
CA SER EB 309 31.93 13.56 -0.72
C SER EB 309 31.51 14.23 0.59
N LYS EB 310 30.20 14.14 0.86
CA LYS EB 310 29.60 14.64 2.10
C LYS EB 310 29.81 13.69 3.26
N GLN EB 311 30.51 12.59 3.03
CA GLN EB 311 30.81 11.63 4.07
C GLN EB 311 32.28 11.25 4.00
N ARG EB 312 32.91 11.12 5.17
CA ARG EB 312 34.34 10.87 5.24
C ARG EB 312 34.68 9.43 4.83
N SER EB 313 34.03 8.45 5.45
CA SER EB 313 34.43 7.08 5.27
C SER EB 313 33.91 6.54 3.95
N MET EB 314 34.83 6.11 3.08
CA MET EB 314 34.43 5.31 1.95
C MET EB 314 33.77 4.02 2.38
N MET EB 315 33.93 3.65 3.66
CA MET EB 315 33.27 2.47 4.19
C MET EB 315 31.81 2.48 3.79
N PHE EB 316 31.14 3.58 4.04
CA PHE EB 316 29.78 3.71 3.57
C PHE EB 316 29.69 3.91 2.07
N ARG EB 317 30.81 4.05 1.38
CA ARG EB 317 30.72 4.39 -0.04
C ARG EB 317 31.27 3.24 -0.87
N PRO EB 318 30.45 2.23 -1.13
CA PRO EB 318 31.01 1.03 -1.77
C PRO EB 318 31.57 1.28 -3.16
N ILE EB 319 30.82 1.94 -4.03
CA ILE EB 319 31.32 2.20 -5.36
C ILE EB 319 32.66 2.89 -5.25
N SER EB 320 32.76 3.83 -4.31
CA SER EB 320 34.05 4.42 -4.01
C SER EB 320 35.08 3.33 -3.77
N GLN EB 321 34.77 2.41 -2.85
CA GLN EB 321 35.71 1.35 -2.55
C GLN EB 321 36.14 0.64 -3.82
N CYS EB 322 35.19 0.40 -4.72
CA CYS EB 322 35.52 -0.13 -6.03
C CYS EB 322 36.62 0.71 -6.65
N MET EB 323 36.44 2.02 -6.65
CA MET EB 323 37.53 2.85 -7.12
C MET EB 323 38.78 2.70 -6.26
N PHE EB 324 38.64 2.22 -5.03
CA PHE EB 324 39.79 2.24 -4.13
C PHE EB 324 40.68 1.05 -4.44
N TRP EB 325 40.22 -0.15 -4.08
CA TRP EB 325 40.95 -1.34 -4.44
C TRP EB 325 41.21 -1.36 -5.94
N ILE EB 326 40.31 -0.78 -6.73
CA ILE EB 326 40.53 -0.68 -8.17
C ILE EB 326 41.76 0.16 -8.44
N LEU EB 327 41.82 1.32 -7.82
CA LEU EB 327 42.99 2.16 -7.98
C LEU EB 327 44.24 1.39 -7.63
N VAL EB 328 44.19 0.66 -6.53
CA VAL EB 328 45.30 -0.21 -6.16
C VAL EB 328 45.65 -1.12 -7.31
N ALA EB 329 44.63 -1.72 -7.91
CA ALA EB 329 44.85 -2.54 -9.08
C ALA EB 329 45.67 -1.77 -10.09
N ASP EB 330 45.30 -0.52 -10.34
CA ASP EB 330 46.14 0.29 -11.19
C ASP EB 330 47.54 0.39 -10.62
N LEU EB 331 47.69 0.23 -9.33
CA LEU EB 331 48.98 0.53 -8.73
C LEU EB 331 49.91 -0.64 -8.91
N LEU EB 332 49.70 -1.71 -8.13
CA LEU EB 332 50.56 -2.87 -8.30
C LEU EB 332 50.51 -3.32 -9.74
N THR EB 333 49.42 -3.00 -10.43
CA THR EB 333 49.42 -3.06 -11.87
C THR EB 333 50.63 -2.33 -12.41
N LEU EB 334 50.77 -1.06 -12.02
CA LEU EB 334 51.92 -0.31 -12.49
C LEU EB 334 53.21 -1.00 -12.11
N THR EB 335 53.22 -1.68 -10.96
CA THR EB 335 54.39 -2.45 -10.60
C THR EB 335 54.72 -3.47 -11.68
N TRP EB 336 53.88 -4.49 -11.82
CA TRP EB 336 54.17 -5.56 -12.78
C TRP EB 336 54.38 -5.01 -14.17
N ILE EB 337 53.76 -3.86 -14.46
CA ILE EB 337 54.07 -3.16 -15.70
C ILE EB 337 55.55 -2.87 -15.74
N GLY EB 338 56.03 -2.11 -14.77
CA GLY EB 338 57.46 -1.97 -14.62
C GLY EB 338 58.13 -3.32 -14.54
N GLY EB 339 57.39 -4.31 -14.06
CA GLY EB 339 57.88 -5.66 -14.01
C GLY EB 339 58.24 -6.25 -15.35
N GLN EB 340 57.99 -5.55 -16.42
CA GLN EB 340 58.60 -6.03 -17.63
C GLN EB 340 59.57 -5.00 -18.19
N PRO EB 341 60.63 -5.44 -18.85
CA PRO EB 341 61.41 -4.52 -19.67
C PRO EB 341 60.58 -4.07 -20.85
N VAL EB 342 61.07 -3.05 -21.56
CA VAL EB 342 60.30 -2.40 -22.62
C VAL EB 342 59.80 -3.44 -23.60
N GLU EB 343 58.49 -3.49 -23.81
CA GLU EB 343 57.86 -4.58 -24.53
C GLU EB 343 56.63 -4.07 -25.26
N HIS EB 344 56.28 -4.77 -26.34
CA HIS EB 344 55.17 -4.35 -27.18
C HIS EB 344 53.89 -4.21 -26.37
N PRO EB 345 53.36 -5.28 -25.78
CA PRO EB 345 52.11 -5.11 -25.02
C PRO EB 345 52.24 -4.07 -23.94
N TYR EB 346 53.34 -4.11 -23.21
CA TYR EB 346 53.53 -3.20 -22.10
C TYR EB 346 53.30 -1.77 -22.53
N ILE EB 347 53.80 -1.39 -23.70
CA ILE EB 347 53.74 -0.03 -24.18
C ILE EB 347 52.33 0.50 -23.97
N ILE EB 348 51.39 -0.10 -24.69
CA ILE EB 348 50.00 0.25 -24.50
C ILE EB 348 49.63 0.11 -23.03
N ILE EB 349 50.09 -0.95 -22.39
CA ILE EB 349 49.59 -1.30 -21.08
C ILE EB 349 49.75 -0.13 -20.14
N GLY EB 350 50.99 0.15 -19.76
CA GLY EB 350 51.23 1.31 -18.93
C GLY EB 350 50.65 2.56 -19.54
N GLN EB 351 50.73 2.67 -20.87
CA GLN EB 351 50.17 3.85 -21.52
C GLN EB 351 48.76 4.12 -21.03
N LEU EB 352 47.98 3.06 -20.82
CA LEU EB 352 46.65 3.22 -20.27
C LEU EB 352 46.70 3.38 -18.77
N ALA EB 353 47.59 2.65 -18.11
CA ALA EB 353 47.71 2.74 -16.67
C ALA EB 353 47.80 4.19 -16.22
N SER EB 354 48.54 5.01 -16.97
CA SER EB 354 48.64 6.42 -16.63
C SER EB 354 47.27 7.07 -16.65
N ILE EB 355 46.54 6.88 -17.74
CA ILE EB 355 45.20 7.41 -17.84
C ILE EB 355 44.42 7.05 -16.60
N MET EB 356 44.45 5.79 -16.23
CA MET EB 356 43.86 5.37 -14.98
C MET EB 356 44.32 6.28 -13.85
N TYR EB 357 45.62 6.33 -13.60
CA TYR EB 357 46.14 7.18 -12.54
C TYR EB 357 45.51 8.55 -12.65
N ILE EB 358 45.48 9.09 -13.86
CA ILE EB 358 44.75 10.33 -14.10
C ILE EB 358 43.25 10.15 -14.03
N LEU EB 359 42.75 8.98 -14.37
CA LEU EB 359 41.30 8.83 -14.31
C LEU EB 359 40.97 8.26 -12.95
N LEU EB 360 41.43 7.03 -12.72
CA LEU EB 360 41.13 6.30 -11.50
C LEU EB 360 41.40 7.12 -10.28
N ILE EB 361 42.24 8.13 -10.39
CA ILE EB 361 42.28 9.10 -9.31
C ILE EB 361 41.60 10.36 -9.82
N MET EB 362 42.33 11.11 -10.64
CA MET EB 362 41.93 12.49 -10.85
C MET EB 362 40.55 12.57 -11.46
N VAL EB 363 40.19 11.63 -12.32
CA VAL EB 363 38.87 11.69 -12.91
C VAL EB 363 37.99 10.66 -12.22
N MET EB 364 38.23 9.40 -12.55
CA MET EB 364 37.32 8.34 -12.16
C MET EB 364 37.11 8.30 -10.66
N MET EB 365 38.14 8.58 -9.87
CA MET EB 365 37.88 8.67 -8.43
C MET EB 365 37.07 9.91 -8.11
N PRO EB 366 37.45 11.11 -8.55
CA PRO EB 366 36.58 12.26 -8.28
C PRO EB 366 35.23 12.13 -8.92
N VAL EB 367 35.21 11.78 -10.21
CA VAL EB 367 33.94 11.54 -10.88
C VAL EB 367 33.10 10.59 -10.04
N ALA EB 368 33.73 9.52 -9.59
CA ALA EB 368 33.09 8.60 -8.69
C ALA EB 368 32.50 9.35 -7.51
N SER EB 369 33.31 10.18 -6.86
CA SER EB 369 32.84 10.91 -5.70
C SER EB 369 31.55 11.63 -6.01
N ILE EB 370 31.56 12.43 -7.08
CA ILE EB 370 30.36 13.15 -7.49
C ILE EB 370 29.21 12.17 -7.63
N ILE EB 371 29.48 11.04 -8.29
CA ILE EB 371 28.41 10.08 -8.53
C ILE EB 371 27.81 9.62 -7.22
N GLU EB 372 28.64 9.06 -6.35
CA GLU EB 372 28.18 8.59 -5.06
C GLU EB 372 27.36 9.66 -4.39
N ASN EB 373 27.83 10.91 -4.46
CA ASN EB 373 27.04 12.01 -3.94
C ASN EB 373 25.65 11.99 -4.53
N ASN EB 374 25.55 11.97 -5.86
CA ASN EB 374 24.25 11.96 -6.50
C ASN EB 374 23.38 10.86 -5.93
N LEU EB 375 23.92 9.65 -5.90
CA LEU EB 375 23.19 8.54 -5.33
C LEU EB 375 22.72 8.86 -3.92
N LEU EB 376 23.54 9.60 -3.18
CA LEU EB 376 23.32 9.71 -1.73
C LEU EB 376 21.90 10.11 -1.41
N LYS EB 377 21.40 11.14 -2.09
CA LYS EB 377 20.00 11.52 -1.93
C LYS EB 377 19.70 11.98 -0.50
N TRP EB 378 20.68 11.90 0.40
CA TRP EB 378 20.52 12.39 1.76
C TRP EB 378 21.59 13.43 2.08
N SER FB 1 72.68 -17.89 -25.16
CA SER FB 1 72.53 -17.15 -26.42
C SER FB 1 71.14 -16.53 -26.55
N ASP FB 2 70.83 -15.60 -25.64
CA ASP FB 2 69.62 -14.78 -25.69
C ASP FB 2 68.36 -15.59 -25.42
N LEU FB 3 68.45 -16.91 -25.49
CA LEU FB 3 67.35 -17.79 -25.12
C LEU FB 3 67.73 -18.44 -23.80
N GLU FB 4 67.09 -18.02 -22.73
CA GLU FB 4 67.54 -18.42 -21.41
C GLU FB 4 67.10 -19.83 -21.11
N LEU FB 5 68.05 -20.73 -20.93
CA LEU FB 5 67.70 -21.96 -20.25
C LEU FB 5 67.23 -21.57 -18.87
N HIS FB 6 65.99 -21.89 -18.57
CA HIS FB 6 65.67 -21.67 -17.18
C HIS FB 6 66.45 -22.80 -16.53
N PRO FB 7 67.53 -22.49 -15.83
CA PRO FB 7 68.36 -23.54 -15.34
C PRO FB 7 67.53 -24.47 -14.49
N PRO FB 8 67.58 -25.77 -14.78
CA PRO FB 8 66.81 -26.70 -13.95
C PRO FB 8 67.31 -26.61 -12.53
N SER FB 9 66.50 -27.11 -11.61
CA SER FB 9 66.90 -27.06 -10.22
C SER FB 9 67.64 -28.35 -9.92
N TYR FB 10 68.96 -28.24 -9.86
CA TYR FB 10 69.75 -29.34 -9.35
C TYR FB 10 69.40 -29.46 -7.89
N PRO FB 11 69.01 -30.62 -7.42
CA PRO FB 11 68.67 -30.71 -6.01
C PRO FB 11 69.89 -30.43 -5.17
N TRP FB 12 70.36 -29.18 -5.25
CA TRP FB 12 71.61 -28.80 -4.62
C TRP FB 12 71.59 -29.25 -3.16
N SER FB 13 72.65 -29.93 -2.75
CA SER FB 13 72.66 -30.50 -1.41
C SER FB 13 72.35 -29.45 -0.37
N HIS FB 14 72.67 -28.19 -0.66
CA HIS FB 14 72.24 -27.09 0.17
C HIS FB 14 70.89 -26.55 -0.25
N ARG FB 15 70.33 -27.03 -1.37
CA ARG FB 15 69.11 -26.41 -1.90
C ARG FB 15 67.95 -26.48 -0.92
N GLY FB 16 68.11 -27.18 0.20
CA GLY FB 16 67.09 -27.14 1.23
C GLY FB 16 67.07 -25.81 1.97
N LEU FB 17 65.93 -25.53 2.61
CA LEU FB 17 65.81 -24.30 3.39
C LEU FB 17 66.95 -24.15 4.37
N LEU FB 18 67.49 -25.27 4.83
CA LEU FB 18 68.81 -25.31 5.43
C LEU FB 18 69.45 -26.61 4.99
N SER FB 19 70.69 -26.54 4.50
CA SER FB 19 71.32 -27.72 3.95
C SER FB 19 72.76 -27.38 3.56
N SER FB 20 73.57 -28.43 3.43
CA SER FB 20 75.01 -28.36 3.70
C SER FB 20 75.83 -28.83 2.51
N LEU FB 21 77.15 -28.99 2.73
CA LEU FB 21 78.09 -29.20 1.64
C LEU FB 21 79.32 -29.98 2.08
N ASP FB 22 80.22 -30.16 1.12
CA ASP FB 22 81.54 -30.74 1.31
C ASP FB 22 82.55 -29.80 0.68
N HIS FB 23 83.81 -30.01 1.01
CA HIS FB 23 84.75 -28.94 0.73
C HIS FB 23 85.74 -29.31 -0.35
N THR FB 24 86.61 -30.27 -0.03
CA THR FB 24 87.92 -30.35 -0.66
C THR FB 24 87.84 -30.41 -2.17
N SER FB 25 86.65 -30.65 -2.72
CA SER FB 25 86.41 -30.23 -4.08
C SER FB 25 86.84 -28.79 -4.25
N ILE FB 26 86.49 -27.94 -3.29
CA ILE FB 26 87.02 -26.58 -3.24
C ILE FB 26 88.53 -26.57 -3.11
N ARG FB 27 89.11 -27.48 -2.36
CA ARG FB 27 90.52 -27.71 -2.49
C ARG FB 27 90.90 -28.08 -3.92
N ARG FB 28 90.19 -29.02 -4.52
CA ARG FB 28 90.22 -29.20 -5.95
C ARG FB 28 89.57 -28.06 -6.69
N GLY FB 29 88.84 -27.21 -5.98
CA GLY FB 29 88.43 -25.93 -6.49
C GLY FB 29 89.63 -25.02 -6.39
N PHE FB 30 90.37 -25.16 -5.30
CA PHE FB 30 91.65 -24.50 -5.25
C PHE FB 30 92.52 -25.19 -6.28
N GLN FB 31 92.38 -26.52 -6.39
CA GLN FB 31 93.05 -27.16 -7.50
C GLN FB 31 92.29 -26.93 -8.79
N VAL FB 32 91.01 -26.55 -8.73
CA VAL FB 32 90.46 -25.89 -9.89
C VAL FB 32 91.04 -24.50 -9.98
N TYR FB 33 91.22 -23.86 -8.85
CA TYR FB 33 92.05 -22.68 -8.91
C TYR FB 33 93.38 -23.09 -9.50
N LYS FB 34 94.08 -23.95 -8.76
CA LYS FB 34 95.41 -24.38 -9.18
C LYS FB 34 95.37 -24.96 -10.57
N GLN FB 35 94.28 -25.61 -10.93
CA GLN FB 35 94.20 -26.04 -12.31
C GLN FB 35 92.98 -25.42 -12.98
N VAL FB 36 91.81 -25.93 -12.69
CA VAL FB 36 90.69 -25.71 -13.59
C VAL FB 36 90.16 -24.30 -13.47
N CYS FB 37 89.44 -24.03 -12.39
CA CYS FB 37 88.71 -22.79 -12.25
C CYS FB 37 89.63 -21.58 -12.39
N SER FB 38 90.46 -21.34 -11.37
CA SER FB 38 91.09 -20.04 -11.22
C SER FB 38 92.43 -19.93 -11.90
N SER FB 39 92.81 -20.92 -12.68
CA SER FB 39 93.77 -20.65 -13.74
C SER FB 39 93.36 -19.38 -14.43
N CYS FB 40 92.19 -19.40 -15.05
CA CYS FB 40 91.65 -18.23 -15.69
C CYS FB 40 90.83 -17.37 -14.74
N HIS FB 41 90.65 -17.80 -13.48
CA HIS FB 41 89.65 -17.23 -12.55
C HIS FB 41 90.17 -16.29 -11.49
N SER FB 42 89.28 -15.36 -11.14
CA SER FB 42 89.36 -14.72 -9.85
C SER FB 42 88.17 -15.11 -8.97
N MET FB 43 88.48 -15.42 -7.73
CA MET FB 43 87.56 -15.37 -6.62
C MET FB 43 87.86 -14.08 -5.88
N ASP FB 44 88.60 -13.20 -6.55
CA ASP FB 44 89.69 -12.42 -5.97
C ASP FB 44 89.46 -11.90 -4.56
N TYR FB 45 88.24 -11.50 -4.25
CA TYR FB 45 87.97 -11.17 -2.86
C TYR FB 45 88.25 -12.35 -1.92
N VAL FB 46 88.43 -13.55 -2.47
CA VAL FB 46 88.76 -14.70 -1.65
C VAL FB 46 89.98 -14.42 -0.80
N ALA FB 47 89.90 -14.78 0.47
CA ALA FB 47 91.01 -14.64 1.40
C ALA FB 47 91.22 -15.96 2.12
N TYR FB 48 92.43 -16.49 2.04
CA TYR FB 48 92.69 -17.82 2.55
C TYR FB 48 92.42 -17.92 4.04
N ARG FB 49 92.80 -16.89 4.80
CA ARG FB 49 92.60 -16.92 6.25
C ARG FB 49 91.18 -17.30 6.61
N HIS FB 50 90.23 -16.98 5.74
CA HIS FB 50 88.87 -17.45 5.93
C HIS FB 50 88.83 -18.95 6.06
N LEU FB 51 89.11 -19.65 4.97
CA LEU FB 51 88.79 -21.07 4.86
C LEU FB 51 89.52 -21.87 5.92
N VAL FB 52 90.35 -21.18 6.68
CA VAL FB 52 91.16 -21.78 7.71
C VAL FB 52 90.32 -22.78 8.48
N GLY FB 53 89.33 -22.30 9.23
CA GLY FB 53 88.51 -23.22 9.97
C GLY FB 53 87.69 -24.13 9.09
N VAL FB 54 87.58 -23.81 7.82
CA VAL FB 54 86.60 -24.51 6.99
C VAL FB 54 87.08 -25.93 6.76
N CYS FB 55 88.15 -26.07 5.99
CA CYS FB 55 88.54 -27.41 5.55
C CYS FB 55 89.79 -27.89 6.26
N TYR FB 56 90.94 -27.37 5.86
CA TYR FB 56 92.17 -27.96 6.33
C TYR FB 56 92.39 -27.62 7.79
N THR FB 57 93.42 -28.19 8.36
CA THR FB 57 93.70 -28.00 9.77
C THR FB 57 94.71 -26.89 9.95
N GLU FB 58 94.95 -26.54 11.20
CA GLU FB 58 95.88 -25.47 11.52
C GLU FB 58 97.18 -25.67 10.76
N ASP FB 59 97.74 -26.87 10.86
CA ASP FB 59 98.83 -27.22 9.98
C ASP FB 59 98.36 -27.34 8.56
N GLU FB 60 97.32 -28.14 8.32
CA GLU FB 60 96.93 -28.40 6.93
C GLU FB 60 96.62 -27.11 6.21
N ALA FB 61 95.89 -26.21 6.87
CA ALA FB 61 95.79 -24.88 6.32
C ALA FB 61 97.15 -24.22 6.25
N LYS FB 62 98.01 -24.54 7.20
CA LYS FB 62 99.22 -23.73 7.35
C LYS FB 62 100.10 -23.99 6.16
N ALA FB 63 100.61 -25.22 6.07
CA ALA FB 63 101.27 -25.66 4.87
C ALA FB 63 100.47 -25.27 3.64
N LEU FB 64 99.16 -25.49 3.69
CA LEU FB 64 98.31 -25.18 2.54
C LEU FB 64 98.63 -23.80 2.00
N ALA FB 65 98.87 -22.86 2.89
CA ALA FB 65 99.42 -21.58 2.49
C ALA FB 65 100.88 -21.74 2.11
N GLU FB 66 101.72 -22.11 3.07
CA GLU FB 66 103.15 -22.24 2.84
C GLU FB 66 103.45 -23.05 1.61
N GLU FB 67 102.60 -24.02 1.26
CA GLU FB 67 102.71 -24.70 -0.01
C GLU FB 67 102.66 -23.75 -1.19
N VAL FB 68 102.16 -22.54 -1.00
CA VAL FB 68 102.06 -21.56 -2.07
C VAL FB 68 103.18 -20.54 -1.90
N GLU FB 69 103.64 -19.99 -3.03
CA GLU FB 69 104.62 -18.93 -3.01
C GLU FB 69 103.92 -17.61 -2.71
N VAL FB 70 104.35 -16.91 -1.67
CA VAL FB 70 103.66 -15.68 -1.29
C VAL FB 70 103.88 -14.60 -2.32
N GLN FB 71 105.07 -14.54 -2.91
CA GLN FB 71 105.54 -13.31 -3.54
C GLN FB 71 105.50 -12.18 -2.52
N ASP FB 72 106.42 -12.30 -1.56
CA ASP FB 72 106.41 -11.48 -0.37
C ASP FB 72 106.60 -10.00 -0.72
N GLY FB 73 106.30 -9.15 0.26
CA GLY FB 73 106.63 -7.76 0.13
C GLY FB 73 108.13 -7.54 0.09
N PRO FB 74 108.52 -6.28 -0.09
CA PRO FB 74 109.96 -5.97 -0.16
C PRO FB 74 110.59 -5.98 1.22
N ASN FB 75 111.82 -6.50 1.30
CA ASN FB 75 112.66 -6.29 2.47
C ASN FB 75 113.81 -5.39 2.00
N GLU FB 76 113.71 -4.09 2.33
CA GLU FB 76 114.57 -3.08 1.74
C GLU FB 76 114.34 -3.05 0.23
N ASP FB 77 113.47 -3.95 -0.22
CA ASP FB 77 113.68 -4.66 -1.45
C ASP FB 77 112.91 -4.18 -2.65
N GLY FB 78 112.13 -3.09 -2.57
CA GLY FB 78 111.02 -2.86 -3.50
C GLY FB 78 111.41 -3.27 -4.90
N GLU FB 79 110.50 -3.81 -5.71
CA GLU FB 79 110.50 -5.26 -6.01
C GLU FB 79 109.58 -5.89 -4.98
N MET FB 80 110.03 -6.56 -3.91
CA MET FB 80 109.23 -7.51 -3.13
C MET FB 80 109.20 -8.95 -3.64
N PHE FB 81 110.24 -9.69 -3.29
CA PHE FB 81 110.43 -11.08 -3.69
C PHE FB 81 109.41 -11.97 -3.01
N MET FB 82 109.63 -13.28 -3.03
CA MET FB 82 108.60 -14.25 -2.70
C MET FB 82 108.72 -14.76 -1.27
N ARG FB 83 107.57 -15.11 -0.70
CA ARG FB 83 107.62 -15.87 0.55
C ARG FB 83 106.73 -17.10 0.44
N PRO FB 84 106.62 -17.90 1.51
CA PRO FB 84 105.62 -18.99 1.51
C PRO FB 84 104.20 -18.52 1.73
N GLY FB 85 103.99 -17.36 2.31
CA GLY FB 85 102.64 -16.90 2.56
C GLY FB 85 102.08 -17.43 3.87
N LYS FB 86 101.12 -16.70 4.42
CA LYS FB 86 100.55 -17.02 5.71
C LYS FB 86 99.10 -17.44 5.56
N LEU FB 87 98.52 -17.86 6.67
CA LEU FB 87 97.06 -17.89 6.74
C LEU FB 87 96.52 -16.52 6.43
N SER FB 88 97.12 -15.50 7.04
CA SER FB 88 96.79 -14.13 6.72
C SER FB 88 96.86 -13.90 5.22
N ASP FB 89 97.80 -14.54 4.55
CA ASP FB 89 97.78 -14.47 3.11
C ASP FB 89 96.44 -14.97 2.60
N TYR FB 90 95.90 -14.25 1.63
CA TYR FB 90 94.61 -14.50 1.02
C TYR FB 90 94.73 -15.63 0.00
N PHE FB 91 93.81 -15.66 -0.97
CA PHE FB 91 93.77 -16.72 -1.97
C PHE FB 91 94.26 -16.16 -3.29
N PRO FB 92 95.57 -16.19 -3.53
CA PRO FB 92 96.21 -15.28 -4.49
C PRO FB 92 95.95 -15.56 -5.95
N LYS FB 93 94.90 -14.97 -6.48
CA LYS FB 93 94.43 -15.19 -7.83
C LYS FB 93 95.40 -14.79 -8.95
N PRO FB 94 94.94 -14.88 -10.20
CA PRO FB 94 95.82 -14.94 -11.36
C PRO FB 94 96.33 -13.61 -11.92
N TYR FB 95 96.76 -13.68 -13.17
CA TYR FB 95 97.51 -12.68 -13.92
C TYR FB 95 96.94 -11.29 -13.73
N PRO FB 96 97.79 -10.34 -13.39
CA PRO FB 96 97.30 -9.06 -12.86
C PRO FB 96 96.51 -8.19 -13.84
N ASN FB 97 96.99 -8.00 -15.05
CA ASN FB 97 96.50 -6.86 -15.82
C ASN FB 97 95.10 -7.13 -16.35
N PRO FB 98 94.27 -6.10 -16.47
CA PRO FB 98 93.00 -6.30 -17.18
C PRO FB 98 93.24 -6.64 -18.63
N GLU FB 99 94.22 -6.01 -19.23
CA GLU FB 99 94.66 -6.43 -20.54
C GLU FB 99 95.28 -7.81 -20.49
N ALA FB 100 95.77 -8.23 -19.32
CA ALA FB 100 96.22 -9.60 -19.20
C ALA FB 100 95.05 -10.54 -19.44
N ALA FB 101 93.85 -10.12 -19.05
CA ALA FB 101 92.66 -10.87 -19.42
C ALA FB 101 92.37 -10.67 -20.90
N ARG FB 102 92.26 -9.42 -21.32
CA ARG FB 102 91.91 -9.10 -22.70
C ARG FB 102 92.74 -9.91 -23.66
N ALA FB 103 94.00 -10.11 -23.33
CA ALA FB 103 94.86 -10.97 -24.12
C ALA FB 103 94.64 -12.44 -23.78
N ALA FB 104 94.38 -12.73 -22.50
CA ALA FB 104 94.48 -14.09 -21.98
C ALA FB 104 93.78 -15.05 -22.90
N ASN FB 105 92.46 -15.00 -22.91
CA ASN FB 105 91.83 -15.31 -24.18
C ASN FB 105 91.72 -14.01 -24.95
N ASN FB 106 91.27 -14.09 -26.18
CA ASN FB 106 91.07 -12.87 -26.94
C ASN FB 106 89.94 -12.11 -26.28
N GLY FB 107 90.23 -10.90 -25.83
CA GLY FB 107 89.31 -10.23 -24.92
C GLY FB 107 89.09 -11.10 -23.71
N ALA FB 108 87.82 -11.38 -23.42
CA ALA FB 108 87.42 -12.37 -22.42
C ALA FB 108 87.90 -11.99 -21.03
N LEU FB 109 87.24 -10.98 -20.48
CA LEU FB 109 87.46 -10.64 -19.09
C LEU FB 109 87.17 -11.84 -18.20
N PRO FB 110 88.15 -12.38 -17.50
CA PRO FB 110 87.93 -13.55 -16.67
C PRO FB 110 87.54 -13.16 -15.27
N PRO FB 111 86.27 -12.81 -15.07
CA PRO FB 111 85.89 -12.06 -13.88
C PRO FB 111 86.15 -12.82 -12.58
N ASP FB 112 86.10 -12.08 -11.48
CA ASP FB 112 86.19 -12.66 -10.16
C ASP FB 112 84.90 -13.40 -9.81
N LEU FB 113 85.04 -14.53 -9.15
CA LEU FB 113 83.90 -15.35 -8.81
C LEU FB 113 83.37 -15.10 -7.41
N SER FB 114 83.99 -14.20 -6.67
CA SER FB 114 83.77 -14.11 -5.23
C SER FB 114 82.28 -14.12 -4.89
N TYR FB 115 81.49 -13.28 -5.54
CA TYR FB 115 80.05 -13.31 -5.36
C TYR FB 115 79.33 -14.04 -6.48
N ILE FB 116 80.08 -14.61 -7.43
CA ILE FB 116 79.56 -14.84 -8.78
C ILE FB 116 78.15 -15.40 -8.78
N VAL FB 117 77.94 -16.44 -7.98
CA VAL FB 117 76.61 -16.99 -7.79
C VAL FB 117 75.72 -15.84 -7.37
N ARG FB 118 75.94 -15.37 -6.14
CA ARG FB 118 75.22 -14.21 -5.64
C ARG FB 118 75.43 -12.98 -6.50
N ALA FB 119 76.42 -13.01 -7.39
CA ALA FB 119 76.68 -11.88 -8.27
C ALA FB 119 75.94 -12.03 -9.61
N ARG FB 120 76.26 -13.07 -10.37
CA ARG FB 120 75.91 -13.02 -11.79
C ARG FB 120 74.41 -13.15 -11.97
N HIS FB 121 73.90 -14.36 -11.77
CA HIS FB 121 72.47 -14.63 -11.87
C HIS FB 121 72.28 -16.14 -11.73
N GLY FB 122 71.05 -16.58 -11.47
CA GLY FB 122 70.79 -18.00 -11.48
C GLY FB 122 71.51 -18.73 -10.38
N GLY FB 123 71.28 -20.03 -10.27
CA GLY FB 123 71.79 -20.79 -9.16
C GLY FB 123 72.92 -21.73 -9.47
N GLU FB 124 73.08 -22.75 -8.63
CA GLU FB 124 74.09 -23.76 -8.84
C GLU FB 124 74.09 -24.25 -10.28
N ASP FB 125 72.90 -24.40 -10.87
CA ASP FB 125 72.81 -24.83 -12.25
C ASP FB 125 73.57 -23.94 -13.21
N TYR FB 126 73.66 -22.64 -12.93
CA TYR FB 126 74.52 -21.82 -13.76
C TYR FB 126 75.87 -22.49 -13.90
N VAL FB 127 76.34 -23.12 -12.84
CA VAL FB 127 77.43 -24.08 -13.00
C VAL FB 127 76.91 -25.34 -13.66
N PHE FB 128 75.87 -25.94 -13.09
CA PHE FB 128 75.48 -27.25 -13.58
C PHE FB 128 74.84 -27.12 -14.96
N SER FB 129 73.64 -26.57 -15.00
CA SER FB 129 72.95 -26.40 -16.26
C SER FB 129 73.86 -25.68 -17.24
N LEU FB 130 74.22 -24.44 -16.91
CA LEU FB 130 74.94 -23.63 -17.87
C LEU FB 130 76.36 -24.14 -18.06
N LEU FB 131 77.17 -24.09 -17.00
CA LEU FB 131 78.58 -24.38 -17.17
C LEU FB 131 78.78 -25.82 -17.61
N THR FB 132 78.24 -26.77 -16.85
CA THR FB 132 78.34 -28.15 -17.34
C THR FB 132 77.61 -28.30 -18.67
N GLY FB 133 76.86 -27.29 -19.07
CA GLY FB 133 76.22 -27.28 -20.37
C GLY FB 133 77.09 -26.73 -21.47
N TYR FB 134 78.40 -26.80 -21.31
CA TYR FB 134 79.26 -26.57 -22.45
C TYR FB 134 78.92 -27.59 -23.52
N CYS FB 135 78.56 -27.13 -24.70
CA CYS FB 135 78.06 -28.07 -25.69
C CYS FB 135 78.15 -27.48 -27.09
N GLU FB 136 78.13 -28.38 -28.07
CA GLU FB 136 78.40 -28.02 -29.46
C GLU FB 136 77.33 -27.07 -29.98
N PRO FB 137 77.68 -26.12 -30.82
CA PRO FB 137 76.68 -25.36 -31.54
C PRO FB 137 75.83 -26.29 -32.38
N PRO FB 138 74.51 -26.17 -32.31
CA PRO FB 138 73.69 -27.05 -33.14
C PRO FB 138 73.92 -26.87 -34.61
N THR FB 139 73.88 -25.63 -35.10
CA THR FB 139 73.85 -25.38 -36.53
C THR FB 139 73.82 -23.88 -36.77
N GLY FB 140 73.90 -23.52 -38.04
CA GLY FB 140 73.66 -22.16 -38.50
C GLY FB 140 74.52 -21.10 -37.85
N VAL FB 141 75.62 -21.50 -37.21
CA VAL FB 141 76.40 -20.57 -36.41
C VAL FB 141 77.87 -20.93 -36.45
N SER FB 142 78.72 -19.89 -36.46
CA SER FB 142 80.16 -20.07 -36.33
C SER FB 142 80.72 -18.91 -35.53
N LEU FB 143 81.51 -19.22 -34.53
CA LEU FB 143 82.24 -18.20 -33.79
C LEU FB 143 83.46 -17.78 -34.60
N ARG FB 144 84.34 -17.01 -34.00
CA ARG FB 144 85.69 -16.88 -34.54
C ARG FB 144 86.55 -18.05 -34.12
N GLU FB 145 85.93 -19.04 -33.46
CA GLU FB 145 86.55 -20.16 -32.78
C GLU FB 145 87.13 -19.68 -31.47
N GLY FB 146 87.28 -18.36 -31.33
CA GLY FB 146 87.59 -17.81 -30.03
C GLY FB 146 86.61 -18.29 -28.99
N LEU FB 147 85.33 -18.24 -29.31
CA LEU FB 147 84.33 -18.94 -28.53
C LEU FB 147 84.41 -20.42 -28.87
N TYR FB 148 84.64 -21.24 -27.88
CA TYR FB 148 84.47 -22.68 -28.00
C TYR FB 148 82.96 -22.93 -28.05
N PHE FB 149 82.53 -24.17 -27.87
CA PHE FB 149 81.12 -24.53 -27.92
C PHE FB 149 80.62 -24.84 -26.52
N ASN FB 150 79.69 -24.01 -26.04
CA ASN FB 150 79.13 -24.17 -24.70
C ASN FB 150 77.65 -23.87 -24.78
N PRO FB 151 76.89 -24.72 -25.47
CA PRO FB 151 75.59 -24.29 -25.97
C PRO FB 151 74.68 -23.65 -24.93
N TYR FB 152 74.87 -23.93 -23.65
CA TYR FB 152 73.92 -23.54 -22.63
C TYR FB 152 74.04 -22.09 -22.24
N PHE FB 153 74.87 -21.35 -22.95
CA PHE FB 153 75.45 -20.15 -22.39
C PHE FB 153 75.16 -18.92 -23.25
N PRO FB 154 75.43 -17.73 -22.71
CA PRO FB 154 75.09 -16.50 -23.41
C PRO FB 154 75.90 -16.33 -24.67
N GLY FB 155 75.40 -16.92 -25.73
CA GLY FB 155 76.14 -17.13 -26.95
C GLY FB 155 76.44 -18.58 -27.20
N GLN FB 156 76.16 -19.46 -26.24
CA GLN FB 156 76.22 -20.90 -26.50
C GLN FB 156 77.63 -21.32 -26.85
N ALA FB 157 78.56 -20.37 -26.88
CA ALA FB 157 79.90 -20.61 -27.39
C ALA FB 157 80.97 -19.94 -26.53
N ILE FB 158 81.84 -20.75 -25.91
CA ILE FB 158 83.16 -20.36 -25.37
C ILE FB 158 83.85 -21.48 -24.53
N GLY FB 159 85.17 -21.38 -24.39
CA GLY FB 159 85.86 -21.53 -23.11
C GLY FB 159 86.13 -22.65 -22.11
N MET FB 160 85.54 -23.85 -22.19
CA MET FB 160 85.79 -24.76 -21.07
C MET FB 160 85.76 -26.21 -21.46
N ALA FB 161 86.69 -26.95 -20.89
CA ALA FB 161 86.77 -28.40 -20.86
C ALA FB 161 86.18 -28.97 -19.59
N PRO FB 162 85.75 -30.22 -19.63
CA PRO FB 162 85.45 -30.96 -18.40
C PRO FB 162 86.66 -31.72 -17.91
N PRO FB 163 87.56 -31.04 -17.20
CA PRO FB 163 88.68 -31.77 -16.58
C PRO FB 163 88.24 -32.89 -15.68
N ILE FB 164 86.95 -32.95 -15.34
CA ILE FB 164 86.33 -34.19 -14.90
C ILE FB 164 86.41 -35.20 -16.04
N TYR FB 165 85.66 -34.93 -17.11
CA TYR FB 165 85.59 -35.86 -18.21
C TYR FB 165 86.97 -36.21 -18.71
N ASN FB 166 87.77 -35.20 -19.01
CA ASN FB 166 89.21 -35.44 -19.19
C ASN FB 166 89.84 -35.14 -17.85
N GLU FB 167 90.15 -36.19 -17.11
CA GLU FB 167 90.34 -36.04 -15.67
C GLU FB 167 91.72 -35.47 -15.40
N VAL FB 168 91.77 -34.30 -14.79
CA VAL FB 168 92.87 -34.05 -13.89
C VAL FB 168 92.40 -34.71 -12.61
N LEU FB 169 93.02 -35.80 -12.25
CA LEU FB 169 92.31 -36.78 -11.44
C LEU FB 169 92.76 -36.56 -10.01
N GLU FB 170 91.89 -35.96 -9.23
CA GLU FB 170 92.15 -35.78 -7.81
C GLU FB 170 90.87 -35.99 -7.06
N PHE FB 171 90.87 -37.00 -6.21
CA PHE FB 171 90.15 -36.91 -4.95
C PHE FB 171 91.16 -37.35 -3.92
N ASP FB 172 91.61 -36.41 -3.10
CA ASP FB 172 92.69 -36.71 -2.17
C ASP FB 172 92.29 -37.85 -1.25
N ASP FB 173 91.18 -37.67 -0.55
CA ASP FB 173 90.57 -38.79 0.15
C ASP FB 173 90.11 -39.85 -0.83
N GLY FB 174 89.94 -39.51 -2.10
CA GLY FB 174 89.60 -40.46 -3.12
C GLY FB 174 88.11 -40.53 -3.36
N THR FB 175 87.74 -40.59 -4.63
CA THR FB 175 86.42 -40.76 -5.21
C THR FB 175 86.57 -40.38 -6.67
N PRO FB 176 85.56 -40.64 -7.51
CA PRO FB 176 85.49 -39.87 -8.75
C PRO FB 176 85.01 -38.47 -8.45
N ALA FB 177 85.46 -37.50 -9.23
CA ALA FB 177 85.22 -36.10 -8.92
C ALA FB 177 84.10 -35.51 -9.78
N THR FB 178 83.33 -34.59 -9.19
CA THR FB 178 82.25 -33.89 -9.87
C THR FB 178 82.35 -32.42 -9.55
N MET FB 179 81.43 -31.64 -10.12
CA MET FB 179 81.59 -30.20 -10.07
C MET FB 179 81.14 -29.59 -8.76
N SER FB 180 80.17 -30.21 -8.10
CA SER FB 180 79.42 -29.52 -7.06
C SER FB 180 80.31 -28.94 -5.98
N GLN FB 181 80.84 -29.77 -5.09
CA GLN FB 181 81.36 -29.25 -3.82
C GLN FB 181 82.41 -28.17 -4.01
N VAL FB 182 83.03 -28.07 -5.19
CA VAL FB 182 83.78 -26.86 -5.52
C VAL FB 182 82.95 -25.83 -6.27
N ALA FB 183 81.82 -26.22 -6.86
CA ALA FB 183 80.98 -25.23 -7.50
C ALA FB 183 80.10 -24.54 -6.48
N LYS FB 184 79.41 -25.33 -5.68
CA LYS FB 184 78.72 -24.85 -4.52
C LYS FB 184 79.65 -24.63 -3.36
N ASP FB 185 80.89 -25.11 -3.44
CA ASP FB 185 81.91 -24.53 -2.59
C ASP FB 185 82.45 -23.25 -3.18
N VAL FB 186 82.18 -23.02 -4.45
CA VAL FB 186 82.30 -21.69 -4.99
C VAL FB 186 80.99 -20.96 -4.82
N CYS FB 187 79.91 -21.68 -4.52
CA CYS FB 187 78.74 -21.02 -3.95
C CYS FB 187 78.90 -20.87 -2.45
N THR FB 188 79.40 -21.92 -1.79
CA THR FB 188 79.63 -21.79 -0.36
C THR FB 188 80.74 -20.81 -0.14
N PHE FB 189 81.94 -21.15 -0.56
CA PHE FB 189 82.95 -20.14 -0.34
C PHE FB 189 82.59 -18.85 -1.07
N LEU FB 190 81.51 -18.82 -1.84
CA LEU FB 190 80.79 -17.56 -2.06
C LEU FB 190 79.84 -17.22 -0.92
N ARG FB 191 79.05 -18.16 -0.46
CA ARG FB 191 78.23 -17.98 0.74
C ARG FB 191 79.08 -18.11 1.99
N TRP FB 192 79.93 -19.12 2.08
CA TRP FB 192 80.98 -19.07 3.07
C TRP FB 192 81.81 -17.80 2.87
N ALA FB 193 81.69 -17.15 1.72
CA ALA FB 193 82.04 -15.74 1.60
C ALA FB 193 80.86 -14.81 1.81
N ALA FB 194 79.64 -15.34 1.86
CA ALA FB 194 78.46 -14.51 2.04
C ALA FB 194 77.68 -14.99 3.25
N GLU FB 195 77.11 -16.17 3.14
CA GLU FB 195 76.27 -16.72 4.18
C GLU FB 195 76.93 -17.97 4.74
N PRO FB 196 78.05 -17.83 5.42
CA PRO FB 196 78.48 -18.95 6.25
C PRO FB 196 77.55 -19.14 7.42
N GLU FB 197 77.03 -18.04 7.95
CA GLU FB 197 76.00 -18.11 8.98
C GLU FB 197 74.72 -18.67 8.39
N HIS FB 198 74.71 -18.90 7.06
CA HIS FB 198 73.63 -19.69 6.51
C HIS FB 198 73.49 -20.94 7.34
N ASP FB 199 74.59 -21.40 7.92
CA ASP FB 199 74.50 -22.27 9.07
C ASP FB 199 74.20 -21.48 10.33
N HIS FB 200 75.16 -20.68 10.79
CA HIS FB 200 75.03 -20.02 12.09
C HIS FB 200 73.72 -19.26 12.18
N ARG FB 201 73.46 -18.36 11.24
CA ARG FB 201 72.23 -17.59 11.29
C ARG FB 201 71.03 -18.51 11.21
N LYS FB 202 71.13 -19.57 10.41
CA LYS FB 202 70.07 -20.57 10.38
C LYS FB 202 69.67 -20.95 11.78
N ARG FB 203 70.66 -21.27 12.61
CA ARG FB 203 70.41 -21.65 13.98
C ARG FB 203 69.46 -20.67 14.65
N MET FB 204 69.80 -19.38 14.58
CA MET FB 204 69.01 -18.39 15.28
C MET FB 204 67.56 -18.43 14.82
N GLY FB 205 67.36 -18.58 13.51
CA GLY FB 205 66.00 -18.59 13.00
C GLY FB 205 65.13 -19.60 13.72
N LEU FB 206 65.73 -20.73 14.06
CA LEU FB 206 65.01 -21.74 14.82
C LEU FB 206 64.39 -21.15 16.07
N LYS FB 207 65.23 -20.55 16.91
CA LYS FB 207 64.72 -19.95 18.14
C LYS FB 207 63.63 -18.93 17.83
N MET FB 208 63.81 -18.20 16.73
CA MET FB 208 62.79 -17.24 16.34
C MET FB 208 61.45 -17.93 16.21
N LEU FB 209 61.42 -19.03 15.48
CA LEU FB 209 60.20 -19.79 15.29
C LEU FB 209 59.50 -20.00 16.62
N LEU FB 210 60.27 -20.31 17.66
CA LEU FB 210 59.66 -20.52 18.97
C LEU FB 210 59.24 -19.21 19.59
N MET FB 211 60.15 -18.23 19.60
CA MET FB 211 59.91 -17.01 20.36
C MET FB 211 58.54 -16.43 20.03
N MET FB 212 58.31 -16.19 18.74
CA MET FB 212 57.00 -15.71 18.34
C MET FB 212 55.92 -16.66 18.81
N GLY FB 213 55.99 -17.91 18.36
CA GLY FB 213 54.98 -18.88 18.75
C GLY FB 213 54.71 -18.81 20.24
N LEU FB 214 55.76 -18.59 21.01
CA LEU FB 214 55.55 -18.37 22.43
C LEU FB 214 54.97 -16.98 22.59
N LEU FB 215 55.82 -15.99 22.35
CA LEU FB 215 55.43 -14.62 22.63
C LEU FB 215 54.15 -14.24 21.92
N LEU FB 216 54.12 -14.49 20.60
CA LEU FB 216 53.01 -14.04 19.77
C LEU FB 216 51.72 -14.38 20.48
N PRO FB 217 51.56 -15.62 20.88
CA PRO FB 217 50.40 -15.91 21.72
C PRO FB 217 50.44 -15.12 23.01
N LEU FB 218 51.55 -15.20 23.73
CA LEU FB 218 51.63 -14.50 25.01
C LEU FB 218 51.32 -13.03 24.81
N VAL FB 219 51.90 -12.45 23.77
CA VAL FB 219 51.59 -11.08 23.44
C VAL FB 219 50.11 -10.92 23.21
N TYR FB 220 49.57 -11.63 22.23
CA TYR FB 220 48.15 -11.48 21.89
C TYR FB 220 47.31 -11.63 23.13
N ALA FB 221 47.60 -12.66 23.92
CA ALA FB 221 46.95 -12.85 25.20
C ALA FB 221 46.96 -11.56 26.00
N MET FB 222 48.16 -11.09 26.32
CA MET FB 222 48.29 -9.88 27.09
C MET FB 222 47.38 -8.80 26.54
N LYS FB 223 47.36 -8.68 25.22
CA LYS FB 223 46.50 -7.69 24.59
C LYS FB 223 45.06 -7.91 24.98
N ARG FB 224 44.54 -9.08 24.63
CA ARG FB 224 43.23 -9.47 25.14
C ARG FB 224 43.18 -9.25 26.64
N HIS FB 225 44.22 -9.70 27.34
CA HIS FB 225 44.26 -9.54 28.79
C HIS FB 225 43.89 -8.13 29.17
N LYS FB 226 44.53 -7.17 28.52
CA LYS FB 226 44.05 -5.81 28.66
C LYS FB 226 42.63 -5.69 28.17
N TRP FB 227 42.43 -5.74 26.85
CA TRP FB 227 41.24 -5.17 26.23
C TRP FB 227 39.95 -5.83 26.71
N SER FB 228 40.06 -6.98 27.36
CA SER FB 228 38.93 -7.88 27.54
C SER FB 228 37.72 -7.15 28.11
N VAL FB 229 37.91 -6.44 29.20
CA VAL FB 229 36.78 -5.81 29.86
C VAL FB 229 36.06 -4.90 28.88
N LEU FB 230 36.85 -4.05 28.21
CA LEU FB 230 36.25 -3.15 27.25
C LEU FB 230 35.38 -3.89 26.27
N LYS FB 231 35.77 -5.11 25.93
CA LYS FB 231 35.00 -5.94 25.02
C LYS FB 231 33.54 -6.01 25.44
N SER FB 232 33.30 -6.37 26.68
CA SER FB 232 31.98 -6.82 27.10
C SER FB 232 31.11 -5.70 27.66
N ARG FB 233 31.57 -4.45 27.57
CA ARG FB 233 30.97 -3.38 28.35
C ARG FB 233 29.46 -3.28 28.12
N LYS FB 234 28.77 -2.86 29.16
CA LYS FB 234 27.35 -2.55 29.08
C LYS FB 234 27.17 -1.09 29.46
N LEU FB 235 26.78 -0.27 28.50
CA LEU FB 235 26.52 1.14 28.77
C LEU FB 235 25.08 1.43 28.40
N ALA FB 236 24.35 2.10 29.29
CA ALA FB 236 22.91 2.20 29.16
C ALA FB 236 22.49 3.56 28.65
N TYR FB 237 21.71 3.56 27.58
CA TYR FB 237 20.94 4.74 27.20
C TYR FB 237 19.58 4.59 27.83
N ARG FB 238 19.29 5.38 28.85
CA ARG FB 238 18.03 5.33 29.55
C ARG FB 238 17.56 6.75 29.76
N PRO FB 239 17.33 7.48 28.68
CA PRO FB 239 16.94 8.86 28.79
C PRO FB 239 15.79 9.00 29.77
N PRO FB 240 15.88 9.94 30.70
CA PRO FB 240 14.81 10.08 31.68
C PRO FB 240 13.50 10.38 30.99
N LYS FB 241 12.48 9.61 31.35
CA LYS FB 241 11.19 9.66 30.67
C LYS FB 241 11.37 9.54 29.16
N SER GB 1 11.41 7.72 42.48
CA SER GB 1 11.41 7.90 41.04
C SER GB 1 12.75 7.54 40.33
N HIS GB 2 13.89 7.58 41.04
CA HIS GB 2 15.20 7.49 40.38
C HIS GB 2 15.91 6.13 40.46
N THR GB 3 15.39 5.14 41.19
CA THR GB 3 16.21 4.04 41.69
C THR GB 3 16.14 2.76 40.86
N ASP GB 4 15.46 2.76 39.73
CA ASP GB 4 14.93 1.52 39.20
C ASP GB 4 15.91 0.71 38.36
N ILE GB 5 17.16 1.12 38.23
CA ILE GB 5 18.02 0.50 37.22
C ILE GB 5 18.37 -0.94 37.56
N LYS GB 6 19.14 -1.58 36.69
CA LYS GB 6 19.60 -2.96 36.89
C LYS GB 6 20.80 -3.21 35.99
N VAL GB 7 21.38 -4.41 36.07
CA VAL GB 7 22.64 -4.69 35.41
C VAL GB 7 22.57 -6.03 34.68
N PRO GB 8 23.48 -6.26 33.73
CA PRO GB 8 23.38 -7.46 32.88
C PRO GB 8 24.18 -8.66 33.37
N ASP GB 9 24.18 -9.73 32.58
CA ASP GB 9 24.79 -10.99 32.95
C ASP GB 9 26.16 -11.13 32.30
N PHE GB 10 27.16 -11.41 33.11
CA PHE GB 10 28.51 -11.57 32.61
C PHE GB 10 28.81 -12.98 32.12
N SER GB 11 27.88 -13.90 32.32
CA SER GB 11 28.19 -15.32 32.19
C SER GB 11 28.91 -15.62 30.89
N ASP GB 12 28.32 -15.21 29.77
CA ASP GB 12 28.88 -15.53 28.47
C ASP GB 12 30.34 -15.15 28.40
N TYR GB 13 30.70 -14.03 29.00
CA TYR GB 13 32.11 -13.70 29.06
C TYR GB 13 32.82 -14.32 30.25
N ARG GB 14 32.06 -14.79 31.25
CA ARG GB 14 32.67 -15.14 32.52
C ARG GB 14 33.59 -16.34 32.39
N ARG GB 15 34.80 -16.21 32.91
CA ARG GB 15 35.64 -17.39 33.06
C ARG GB 15 34.99 -18.32 34.07
N PRO GB 16 35.44 -19.57 34.12
CA PRO GB 16 34.74 -20.53 34.97
C PRO GB 16 34.74 -20.16 36.44
N GLU GB 17 35.90 -19.81 36.98
CA GLU GB 17 36.08 -19.78 38.43
C GLU GB 17 35.01 -18.96 39.13
N VAL GB 18 34.46 -17.97 38.44
CA VAL GB 18 33.49 -17.07 39.05
C VAL GB 18 32.06 -17.53 38.87
N LEU GB 19 31.86 -18.70 38.27
CA LEU GB 19 30.52 -19.09 37.88
C LEU GB 19 29.52 -19.00 39.02
N ASP GB 20 29.94 -19.34 40.24
CA ASP GB 20 29.00 -19.51 41.34
C ASP GB 20 28.81 -18.23 42.13
N SER GB 21 27.55 -17.94 42.45
CA SER GB 21 27.27 -17.08 43.58
C SER GB 21 27.60 -17.76 44.88
N THR GB 22 27.99 -19.02 44.83
CA THR GB 22 28.20 -19.79 46.03
C THR GB 22 29.43 -19.35 46.79
N LYS GB 23 30.53 -19.09 46.10
CA LYS GB 23 31.84 -19.09 46.73
C LYS GB 23 32.54 -17.75 46.59
N SER GB 24 33.55 -17.56 47.43
CA SER GB 24 34.32 -16.32 47.48
C SER GB 24 35.52 -16.41 46.57
N SER GB 25 35.70 -15.37 45.77
CA SER GB 25 36.94 -15.23 45.04
C SER GB 25 38.11 -15.06 45.99
N LYS GB 26 37.83 -14.98 47.29
CA LYS GB 26 38.89 -15.00 48.28
C LYS GB 26 39.90 -16.06 47.92
N GLU GB 27 39.43 -17.20 47.44
CA GLU GB 27 40.33 -18.15 46.80
C GLU GB 27 40.76 -17.65 45.42
N SER GB 28 39.77 -17.35 44.57
CA SER GB 28 40.00 -17.35 43.12
C SER GB 28 41.05 -16.34 42.71
N SER GB 29 40.87 -15.09 43.14
CA SER GB 29 41.60 -13.97 42.57
C SER GB 29 43.08 -14.30 42.43
N GLU GB 30 43.73 -14.55 43.55
CA GLU GB 30 45.15 -14.83 43.55
C GLU GB 30 45.51 -15.84 42.49
N ALA GB 31 44.64 -16.81 42.26
CA ALA GB 31 44.85 -17.74 41.17
C ALA GB 31 44.68 -17.10 39.81
N ARG GB 32 43.70 -16.21 39.65
CA ARG GB 32 43.42 -15.65 38.34
C ARG GB 32 44.55 -14.71 37.96
N LYS GB 33 44.68 -13.62 38.72
CA LYS GB 33 45.80 -12.71 38.55
C LYS GB 33 47.11 -13.47 38.57
N GLY GB 34 47.13 -14.60 39.23
CA GLY GB 34 48.28 -15.45 39.13
C GLY GB 34 48.51 -15.87 37.70
N PHE GB 35 47.54 -16.55 37.09
CA PHE GB 35 47.72 -17.05 35.74
C PHE GB 35 48.16 -15.93 34.82
N SER GB 36 47.42 -14.83 34.84
CA SER GB 36 47.77 -13.71 33.99
C SER GB 36 49.21 -13.28 34.26
N TYR GB 37 49.50 -12.97 35.52
CA TYR GB 37 50.82 -12.52 35.92
C TYR GB 37 51.87 -13.46 35.39
N LEU GB 38 51.63 -14.76 35.52
CA LEU GB 38 52.49 -15.77 34.93
C LEU GB 38 52.74 -15.43 33.49
N ILE GB 39 51.67 -15.40 32.70
CA ILE GB 39 51.78 -15.11 31.27
C ILE GB 39 52.63 -13.88 31.05
N THR GB 40 52.31 -12.82 31.78
CA THR GB 40 53.05 -11.57 31.66
C THR GB 40 54.53 -11.81 31.86
N ALA GB 41 54.89 -12.37 33.01
CA ALA GB 41 56.27 -12.62 33.32
C ALA GB 41 56.93 -13.47 32.25
N THR GB 42 56.17 -14.39 31.67
CA THR GB 42 56.67 -15.16 30.55
C THR GB 42 57.08 -14.23 29.44
N THR GB 43 56.16 -13.37 29.02
CA THR GB 43 56.48 -12.38 28.01
C THR GB 43 57.77 -11.65 28.35
N THR GB 44 57.95 -11.15 30.38
CA THR GB 44 59.11 -10.37 30.74
C THR GB 44 60.40 -11.17 30.67
N VAL GB 45 60.32 -12.42 31.13
CA VAL GB 45 61.57 -13.18 31.24
C VAL GB 45 62.11 -13.59 29.89
N GLY GB 46 61.18 -13.85 28.99
CA GLY GB 46 61.55 -14.30 27.64
C GLY GB 46 62.14 -13.15 26.86
N VAL GB 47 61.49 -12.01 26.98
CA VAL GB 47 61.85 -10.77 26.32
C VAL GB 47 63.21 -10.29 26.79
N ALA GB 48 63.51 -10.61 28.03
CA ALA GB 48 64.79 -10.28 28.63
C ALA GB 48 65.90 -10.98 27.86
N TYR GB 49 65.59 -12.20 27.43
CA TYR GB 49 66.62 -13.05 26.82
C TYR GB 49 67.01 -12.41 25.50
N ALA GB 50 65.95 -12.06 24.80
CA ALA GB 50 65.94 -11.43 23.49
C ALA GB 50 66.81 -10.18 23.50
N ALA GB 51 66.50 -9.24 24.34
CA ALA GB 51 67.28 -8.07 24.64
C ALA GB 51 68.69 -8.41 25.02
N LYS GB 52 68.92 -9.48 25.80
CA LYS GB 52 70.30 -9.80 26.13
C LYS GB 52 71.06 -10.13 24.86
N ASN GB 53 70.56 -11.05 24.01
CA ASN GB 53 71.45 -11.24 22.84
C ASN GB 53 71.60 -10.03 21.97
N VAL GB 54 70.45 -9.45 21.60
CA VAL GB 54 70.49 -8.24 20.79
C VAL GB 54 71.58 -7.27 21.25
N VAL GB 55 71.47 -6.79 22.49
CA VAL GB 55 72.34 -5.81 23.08
C VAL GB 55 73.78 -6.30 23.07
N SER GB 56 73.97 -7.55 23.48
CA SER GB 56 75.34 -8.09 23.47
C SER GB 56 75.78 -8.37 22.11
N GLN GB 57 75.04 -8.52 21.04
CA GLN GB 57 75.62 -8.53 19.69
C GLN GB 57 76.09 -7.12 19.27
N PHE GB 58 75.22 -6.14 19.55
CA PHE GB 58 75.55 -4.78 19.18
C PHE GB 58 76.87 -4.36 19.81
N VAL GB 59 77.25 -4.95 20.95
CA VAL GB 59 78.29 -4.31 21.78
C VAL GB 59 79.63 -4.93 21.33
N SER GB 60 79.44 -6.17 20.89
CA SER GB 60 80.54 -6.95 20.41
C SER GB 60 81.13 -6.41 19.19
N SER GB 61 80.21 -5.88 18.37
CA SER GB 61 80.62 -5.26 17.13
C SER GB 61 81.56 -4.10 17.39
N MET GB 62 81.87 -3.75 18.65
CA MET GB 62 82.88 -2.71 18.82
C MET GB 62 84.20 -3.20 19.38
N SER GB 63 84.19 -4.41 19.93
CA SER GB 63 85.23 -4.94 20.77
C SER GB 63 86.52 -5.33 20.07
N ALA GB 64 86.39 -5.95 18.90
CA ALA GB 64 87.58 -6.35 18.15
C ALA GB 64 87.09 -6.72 16.75
N SER GB 65 87.93 -7.36 15.97
CA SER GB 65 87.50 -7.74 14.62
C SER GB 65 88.15 -9.05 14.24
N ALA GB 66 87.47 -9.86 13.41
CA ALA GB 66 88.17 -11.10 12.98
C ALA GB 66 89.50 -10.65 12.37
N ASP GB 67 89.44 -9.62 11.54
CA ASP GB 67 90.57 -9.05 10.85
C ASP GB 67 91.62 -8.47 11.79
N VAL GB 68 91.30 -7.46 12.60
CA VAL GB 68 92.30 -6.79 13.44
C VAL GB 68 92.84 -7.81 14.42
N LEU GB 69 91.93 -8.64 14.91
CA LEU GB 69 92.34 -9.67 15.85
C LEU GB 69 93.54 -10.44 15.33
N ALA GB 70 93.24 -11.34 14.41
CA ALA GB 70 94.23 -12.22 13.82
C ALA GB 70 95.62 -11.64 14.00
N MET GB 71 95.96 -10.75 13.09
CA MET GB 71 97.19 -10.03 13.04
C MET GB 71 97.71 -9.44 14.34
N SER GB 72 96.96 -9.45 15.43
CA SER GB 72 97.33 -8.58 16.54
C SER GB 72 98.42 -9.23 17.35
N LYS GB 73 98.12 -10.45 17.72
CA LYS GB 73 99.00 -11.34 18.48
C LYS GB 73 99.64 -12.37 17.56
N ILE GB 74 99.44 -12.24 16.25
CA ILE GB 74 100.04 -13.26 15.39
C ILE GB 74 101.55 -13.14 15.38
N GLU GB 75 102.25 -13.91 16.23
CA GLU GB 75 103.68 -13.97 16.09
C GLU GB 75 104.32 -15.14 16.80
N ILE GB 76 105.18 -15.83 16.06
CA ILE GB 76 105.90 -16.97 16.60
C ILE GB 76 107.36 -16.87 16.20
N LYS GB 77 108.23 -17.59 16.88
CA LYS GB 77 109.63 -17.59 16.52
C LYS GB 77 110.25 -18.98 16.58
N LEU GB 78 111.26 -19.14 15.72
CA LEU GB 78 112.00 -20.40 15.65
C LEU GB 78 113.15 -20.30 16.64
N SER GB 79 114.02 -21.29 16.70
CA SER GB 79 115.15 -21.24 17.64
C SER GB 79 116.45 -21.14 16.84
N ASP GB 80 116.35 -20.60 15.63
CA ASP GB 80 117.52 -20.45 14.78
C ASP GB 80 118.46 -19.35 15.27
N ILE GB 81 117.92 -18.28 15.86
CA ILE GB 81 118.70 -17.21 16.44
C ILE GB 81 119.80 -17.81 17.34
N PRO GB 82 120.99 -17.81 16.79
CA PRO GB 82 122.19 -18.34 17.40
C PRO GB 82 122.65 -17.36 18.47
N GLU GB 83 123.08 -17.82 19.63
CA GLU GB 83 123.50 -16.78 20.60
C GLU GB 83 124.34 -15.78 19.80
N GLY GB 84 124.14 -14.48 20.01
CA GLY GB 84 124.88 -13.48 19.27
C GLY GB 84 123.97 -12.62 18.43
N LYS GB 85 123.52 -13.15 17.30
CA LYS GB 85 122.74 -12.40 16.33
C LYS GB 85 121.45 -11.86 16.92
N ASN GB 86 121.00 -10.69 16.45
CA ASN GB 86 119.75 -10.08 16.91
C ASN GB 86 118.74 -10.12 15.78
N MET GB 87 117.89 -11.16 15.73
CA MET GB 87 116.98 -11.20 14.60
C MET GB 87 116.10 -9.96 14.59
N ALA GB 88 115.09 -9.96 13.73
CA ALA GB 88 114.17 -8.84 13.59
C ALA GB 88 112.97 -9.27 12.74
N PHE GB 89 111.81 -9.04 13.34
CA PHE GB 89 110.49 -9.36 12.81
C PHE GB 89 109.63 -8.13 12.59
N LYS GB 90 108.64 -8.25 11.69
CA LYS GB 90 107.77 -7.10 11.42
C LYS GB 90 106.41 -7.40 12.07
N TRP GB 91 106.28 -6.97 13.33
CA TRP GB 91 105.05 -7.22 14.06
C TRP GB 91 104.35 -5.94 14.53
N ARG GB 92 103.06 -5.89 14.22
CA ARG GB 92 102.17 -4.77 14.45
C ARG GB 92 102.66 -3.48 13.83
N GLY GB 93 103.07 -3.52 12.58
CA GLY GB 93 103.56 -2.31 11.93
C GLY GB 93 104.78 -1.69 12.59
N LYS GB 94 105.50 -2.41 13.45
CA LYS GB 94 106.78 -1.90 13.94
C LYS GB 94 107.79 -3.06 13.96
N PRO GB 95 109.03 -2.76 14.26
CA PRO GB 95 110.16 -3.68 14.34
C PRO GB 95 110.18 -4.58 15.57
N LEU GB 96 110.17 -5.90 15.39
CA LEU GB 96 110.19 -6.78 16.56
C LEU GB 96 111.51 -7.55 16.64
N PHE GB 97 112.42 -7.01 17.44
CA PHE GB 97 113.73 -7.54 17.73
C PHE GB 97 113.79 -8.73 18.67
N VAL GB 98 114.37 -9.85 18.23
CA VAL GB 98 114.57 -11.05 19.02
C VAL GB 98 116.04 -11.42 19.08
N ARG GB 99 116.58 -11.32 20.27
CA ARG GB 99 117.99 -11.54 20.52
C ARG GB 99 118.27 -12.74 21.39
N HIS GB 100 118.88 -13.79 20.83
CA HIS GB 100 119.33 -14.89 21.69
C HIS GB 100 120.66 -14.42 22.30
N ARG GB 101 120.87 -14.64 23.60
CA ARG GB 101 122.03 -14.06 24.27
C ARG GB 101 122.92 -15.10 24.95
N THR GB 102 124.06 -14.56 25.39
CA THR GB 102 125.21 -15.34 25.81
C THR GB 102 125.54 -15.10 27.28
N LYS GB 103 126.00 -16.14 27.99
CA LYS GB 103 126.26 -16.09 29.41
C LYS GB 103 126.99 -14.79 29.77
N LYS GB 104 127.95 -14.45 28.92
CA LYS GB 104 128.69 -13.22 28.96
C LYS GB 104 127.70 -12.05 28.94
N GLU GB 105 126.80 -12.12 27.97
CA GLU GB 105 125.82 -11.03 27.85
C GLU GB 105 125.04 -10.88 29.15
N ILE GB 106 124.18 -11.84 29.43
CA ILE GB 106 123.45 -11.96 30.67
C ILE GB 106 124.30 -11.48 31.84
N ASP GB 107 125.40 -12.18 32.16
CA ASP GB 107 126.32 -11.82 33.21
C ASP GB 107 126.58 -10.33 33.32
N GLN GB 108 126.97 -9.66 32.23
CA GLN GB 108 127.31 -8.24 32.29
C GLN GB 108 126.07 -7.35 32.49
N GLU GB 109 125.06 -7.59 31.67
CA GLU GB 109 123.80 -6.86 31.78
C GLU GB 109 123.21 -6.99 33.16
N ALA GB 110 123.30 -8.16 33.80
CA ALA GB 110 122.84 -8.29 35.18
C ALA GB 110 123.54 -7.35 36.15
N ALA GB 111 124.80 -7.03 35.88
CA ALA GB 111 125.67 -6.24 36.71
C ALA GB 111 125.74 -4.76 36.39
N VAL GB 112 124.72 -4.27 35.70
CA VAL GB 112 124.62 -2.80 35.56
C VAL GB 112 124.03 -2.28 36.87
N GLU GB 113 124.36 -1.08 37.29
CA GLU GB 113 123.77 -0.49 38.49
C GLU GB 113 122.36 0.06 38.22
N VAL GB 114 121.41 -0.32 39.06
CA VAL GB 114 120.03 0.14 38.93
C VAL GB 114 119.92 1.64 39.23
N SER GB 115 120.74 2.08 40.16
CA SER GB 115 120.67 3.41 40.74
C SER GB 115 121.02 4.52 39.78
N GLN GB 116 121.77 4.19 38.73
CA GLN GB 116 122.28 5.27 37.87
C GLN GB 116 121.74 5.33 36.47
N LEU GB 117 120.90 4.38 36.08
CA LEU GB 117 120.32 4.30 34.76
C LEU GB 117 119.48 5.51 34.39
N ARG GB 118 119.52 5.90 33.11
CA ARG GB 118 118.69 7.03 32.68
C ARG GB 118 117.21 6.67 32.87
N ASP GB 119 116.85 5.40 32.67
CA ASP GB 119 115.51 4.84 32.85
C ASP GB 119 115.74 3.59 33.71
N PRO GB 120 115.76 3.79 35.01
CA PRO GB 120 116.11 2.76 35.95
C PRO GB 120 115.26 1.53 35.82
N GLN GB 121 115.82 0.41 35.34
CA GLN GB 121 114.97 -0.79 35.26
C GLN GB 121 115.78 -2.06 35.14
N HIS GB 122 116.16 -2.62 36.28
CA HIS GB 122 116.93 -3.84 36.42
C HIS GB 122 116.74 -4.89 35.35
N ASP GB 123 117.79 -5.18 34.58
CA ASP GB 123 117.68 -6.14 33.51
C ASP GB 123 116.69 -7.24 33.84
N LEU GB 124 116.99 -8.03 34.84
CA LEU GB 124 116.26 -9.19 35.28
C LEU GB 124 114.75 -9.07 35.35
N GLU GB 125 114.19 -7.88 35.22
CA GLU GB 125 112.75 -7.77 35.21
C GLU GB 125 112.15 -7.62 33.83
N ARG GB 126 112.94 -7.41 32.78
CA ARG GB 126 112.38 -7.33 31.44
C ARG GB 126 112.20 -8.75 30.87
N VAL GB 127 113.33 -9.40 30.59
CA VAL GB 127 113.23 -10.71 29.96
C VAL GB 127 112.53 -11.71 30.86
N LYS GB 128 111.72 -12.57 30.23
CA LYS GB 128 111.08 -13.61 31.04
C LYS GB 128 112.06 -14.76 31.11
N LYS GB 129 112.97 -14.85 30.15
CA LYS GB 129 114.00 -15.90 30.25
C LYS GB 129 115.36 -15.21 30.16
N PRO GB 130 116.29 -15.56 31.02
CA PRO GB 130 117.60 -14.92 30.98
C PRO GB 130 118.10 -14.83 29.54
N GLU GB 131 118.32 -16.00 28.94
CA GLU GB 131 118.83 -16.21 27.62
C GLU GB 131 118.17 -15.39 26.53
N TRP GB 132 116.86 -15.11 26.62
CA TRP GB 132 116.24 -14.37 25.53
C TRP GB 132 115.75 -12.96 25.84
N VAL GB 133 116.08 -12.00 24.97
CA VAL GB 133 115.54 -10.65 25.07
C VAL GB 133 114.73 -10.17 23.86
N ILE GB 134 113.46 -9.86 24.11
CA ILE GB 134 112.54 -9.41 23.08
C ILE GB 134 112.20 -7.92 23.20
N LEU GB 135 112.37 -7.12 22.14
CA LEU GB 135 112.17 -5.69 22.20
C LEU GB 135 111.38 -5.09 21.04
N ILE GB 136 111.05 -3.80 21.15
CA ILE GB 136 110.44 -3.12 20.01
C ILE GB 136 111.54 -2.20 19.45
N GLY GB 137 111.79 -2.36 18.17
CA GLY GB 137 112.88 -1.91 17.36
C GLY GB 137 112.90 -0.46 16.97
N VAL GB 138 112.15 0.39 17.67
CA VAL GB 138 112.07 1.81 17.35
C VAL GB 138 112.72 2.68 18.41
N CYS GB 139 113.64 3.57 18.00
CA CYS GB 139 114.32 4.45 18.95
C CYS GB 139 113.35 5.39 19.66
N THR GB 140 113.40 5.30 20.99
CA THR GB 140 112.55 6.14 21.82
C THR GB 140 112.90 7.61 21.79
N HIS GB 141 113.77 8.07 20.91
CA HIS GB 141 114.14 9.48 20.79
C HIS GB 141 113.23 10.08 19.72
N LEU GB 142 113.74 10.21 18.50
CA LEU GB 142 112.98 10.75 17.41
C LEU GB 142 112.65 9.68 16.38
N GLY GB 143 112.73 8.41 16.78
CA GLY GB 143 112.08 7.34 16.07
C GLY GB 143 112.79 6.61 14.98
N CYS GB 144 114.12 6.64 14.93
CA CYS GB 144 114.85 5.87 13.90
C CYS GB 144 114.90 4.43 14.40
N VAL GB 145 115.72 3.53 13.85
CA VAL GB 145 115.79 2.17 14.37
C VAL GB 145 117.20 1.79 14.83
N PRO GB 146 117.29 1.47 16.10
CA PRO GB 146 118.54 1.07 16.75
C PRO GB 146 119.29 0.06 15.90
N ILE GB 147 120.62 0.04 15.92
CA ILE GB 147 121.34 -0.91 15.08
C ILE GB 147 121.79 -2.14 15.87
N ALA GB 148 121.45 -3.33 15.38
CA ALA GB 148 121.73 -4.53 16.19
C ALA GB 148 123.19 -4.62 16.57
N ASN GB 149 123.52 -4.98 17.79
CA ASN GB 149 124.90 -5.09 18.24
C ASN GB 149 125.79 -4.05 17.59
N ALA GB 150 125.69 -2.79 18.00
CA ALA GB 150 126.49 -1.68 17.48
C ALA GB 150 126.74 -0.68 18.61
N GLY GB 151 127.24 0.51 18.30
CA GLY GB 151 127.39 1.54 19.33
C GLY GB 151 128.26 1.11 20.50
N ASP GB 152 128.58 2.05 21.37
CA ASP GB 152 129.54 1.82 22.43
C ASP GB 152 129.11 0.91 23.55
N PHE GB 153 128.17 -0.02 23.41
CA PHE GB 153 127.62 -0.73 24.56
C PHE GB 153 127.16 -2.16 24.35
N GLY GB 154 127.57 -2.86 23.30
CA GLY GB 154 127.17 -4.24 23.11
C GLY GB 154 125.68 -4.46 22.95
N GLY GB 155 124.94 -3.40 22.63
CA GLY GB 155 123.51 -3.50 22.44
C GLY GB 155 123.10 -3.27 20.99
N TYR GB 156 122.68 -2.02 20.77
CA TYR GB 156 122.17 -1.49 19.51
C TYR GB 156 122.72 -0.09 19.24
N TYR GB 157 122.51 0.48 18.04
CA TYR GB 157 122.96 1.85 17.84
C TYR GB 157 122.05 2.73 17.01
N CYS GB 158 121.66 3.90 17.54
CA CYS GB 158 120.83 4.83 16.76
C CYS GB 158 121.73 5.76 15.94
N PRO GB 159 121.75 5.51 14.65
CA PRO GB 159 122.51 6.24 13.66
C PRO GB 159 121.88 7.59 13.35
N CYS GB 160 121.15 8.17 14.29
CA CYS GB 160 120.49 9.44 14.01
C CYS GB 160 121.02 10.54 14.89
N HIS GB 161 121.16 10.35 16.20
CA HIS GB 161 121.67 11.46 17.02
C HIS GB 161 122.75 11.01 17.98
N GLY GB 162 123.09 9.73 17.86
CA GLY GB 162 124.10 9.10 18.68
C GLY GB 162 123.47 8.46 19.92
N SER GB 163 122.59 7.48 19.72
CA SER GB 163 121.81 6.97 20.85
C SER GB 163 122.18 5.52 21.15
N HIS GB 164 122.91 5.37 22.25
CA HIS GB 164 123.51 4.10 22.64
C HIS GB 164 122.66 3.27 23.60
N TYR GB 165 122.46 2.01 23.20
CA TYR GB 165 121.67 1.06 23.94
C TYR GB 165 122.45 -0.17 24.37
N ASP GB 166 122.33 -0.48 25.67
CA ASP GB 166 122.98 -1.67 26.21
C ASP GB 166 122.24 -2.90 25.71
N ALA GB 167 122.69 -4.09 26.04
CA ALA GB 167 122.03 -5.29 25.55
C ALA GB 167 120.59 -5.43 25.98
N SER GB 168 120.17 -5.00 27.17
CA SER GB 168 118.78 -5.07 27.60
C SER GB 168 117.75 -4.27 26.81
N GLY GB 169 118.09 -3.04 26.44
CA GLY GB 169 117.18 -2.08 25.84
C GLY GB 169 117.61 -0.68 26.29
N ARG GB 170 118.30 -0.67 27.40
CA ARG GB 170 118.58 0.42 28.29
C ARG GB 170 119.40 1.56 27.69
N ILE GB 171 118.92 2.78 27.85
CA ILE GB 171 119.60 3.92 27.26
C ILE GB 171 120.88 4.26 28.02
N ARG GB 172 122.00 4.28 27.29
CA ARG GB 172 123.24 4.60 27.97
C ARG GB 172 124.02 5.70 27.29
N LYS GB 173 123.51 6.28 26.21
CA LYS GB 173 124.08 7.51 25.66
C LYS GB 173 123.21 8.17 24.59
N GLY GB 174 123.01 9.47 24.76
CA GLY GB 174 122.31 10.29 23.80
C GLY GB 174 121.00 10.81 24.39
N PRO GB 175 120.32 11.68 23.67
CA PRO GB 175 119.07 12.29 24.05
C PRO GB 175 118.01 11.27 24.42
N ALA GB 176 118.01 10.13 23.73
CA ALA GB 176 117.06 9.09 24.05
C ALA GB 176 116.64 9.18 25.51
N PRO GB 177 115.34 9.22 25.73
CA PRO GB 177 114.74 9.35 27.05
C PRO GB 177 114.71 7.99 27.73
N LEU GB 178 113.60 7.30 27.55
CA LEU GB 178 113.32 6.03 28.19
C LEU GB 178 113.84 4.87 27.35
N ASN GB 179 114.23 3.78 27.98
CA ASN GB 179 114.70 2.60 27.32
C ASN GB 179 113.70 1.95 26.35
N LEU GB 180 114.24 1.34 25.28
CA LEU GB 180 113.45 0.56 24.32
C LEU GB 180 112.42 -0.30 25.06
N GLU GB 181 111.20 -0.38 24.53
CA GLU GB 181 110.07 -0.91 25.28
C GLU GB 181 109.86 -2.40 25.10
N VAL GB 182 109.39 -3.13 26.11
CA VAL GB 182 109.20 -4.56 26.01
C VAL GB 182 107.79 -5.09 25.81
N PRO GB 183 107.56 -5.69 24.67
CA PRO GB 183 106.29 -6.31 24.33
C PRO GB 183 105.90 -7.38 25.34
N SER GB 184 104.64 -7.79 25.22
CA SER GB 184 104.06 -8.85 26.04
C SER GB 184 104.18 -10.10 25.15
N TYR GB 185 104.51 -11.21 25.77
CA TYR GB 185 104.69 -12.47 25.06
C TYR GB 185 104.92 -13.61 26.06
N GLU GB 186 104.52 -14.79 25.59
CA GLU GB 186 104.77 -15.98 26.38
C GLU GB 186 105.60 -16.97 25.56
N PHE GB 187 106.47 -17.68 26.29
CA PHE GB 187 107.24 -18.77 25.70
C PHE GB 187 106.28 -19.98 25.75
N THR GB 188 106.07 -20.60 24.61
CA THR GB 188 105.20 -21.79 24.58
C THR GB 188 106.08 -23.01 24.78
N SER GB 189 105.96 -24.05 23.97
CA SER GB 189 106.96 -25.12 24.11
C SER GB 189 108.33 -24.48 23.83
N ASP GB 190 109.39 -25.19 24.14
CA ASP GB 190 110.76 -24.78 24.13
C ASP GB 190 111.20 -24.05 22.86
N ASP GB 191 110.68 -24.45 21.72
CA ASP GB 191 111.00 -23.97 20.39
C ASP GB 191 110.06 -22.85 19.94
N MET GB 192 109.00 -22.68 20.71
CA MET GB 192 107.99 -21.69 20.35
C MET GB 192 108.02 -20.46 21.26
N VAL GB 193 107.90 -19.28 20.65
CA VAL GB 193 107.72 -18.02 21.36
C VAL GB 193 106.64 -17.17 20.69
N ILE GB 194 105.63 -16.78 21.47
CA ILE GB 194 104.50 -16.02 20.96
C ILE GB 194 104.43 -14.56 21.35
N VAL GB 195 104.81 -13.63 20.44
CA VAL GB 195 104.76 -12.24 20.87
C VAL GB 195 103.36 -11.67 20.83
N GLY GB 196 103.02 -10.94 21.91
CA GLY GB 196 101.69 -10.33 22.02
C GLY GB 196 100.81 -11.11 23.01
N VAL HB 1 15.00 4.12 2.57
CA VAL HB 1 15.98 3.05 2.38
C VAL HB 1 15.30 1.92 1.64
N SER HB 2 14.63 2.20 0.53
CA SER HB 2 13.80 1.20 -0.12
C SER HB 2 14.10 1.13 -1.62
N ALA HB 3 13.69 0.04 -2.26
CA ALA HB 3 14.50 -0.62 -3.29
C ALA HB 3 15.28 0.31 -4.20
N SER HB 4 14.66 1.32 -4.82
CA SER HB 4 15.51 2.27 -5.50
C SER HB 4 16.55 2.72 -4.50
N SER HB 5 16.09 3.20 -3.36
CA SER HB 5 16.92 3.54 -2.24
C SER HB 5 17.29 2.34 -1.38
N LYS HB 6 16.94 1.10 -1.78
CA LYS HB 6 17.63 -0.04 -1.25
C LYS HB 6 18.67 -0.58 -2.20
N TRP HB 7 18.65 -0.13 -3.45
CA TRP HB 7 19.82 -0.20 -4.32
C TRP HB 7 20.76 0.97 -4.16
N LEU HB 8 20.25 2.19 -3.93
CA LEU HB 8 20.97 3.45 -4.10
C LEU HB 8 21.26 4.19 -2.81
N GLU HB 9 20.23 4.63 -2.12
CA GLU HB 9 20.29 4.64 -0.68
C GLU HB 9 20.34 3.24 -0.16
N GLY HB 10 20.27 2.27 -1.06
CA GLY HB 10 20.82 0.96 -0.84
C GLY HB 10 22.21 0.78 -1.37
N ILE HB 11 22.98 1.88 -1.53
CA ILE HB 11 24.34 1.88 -1.05
C ILE HB 11 24.32 2.12 0.43
N ARG HB 12 23.28 2.77 0.92
CA ARG HB 12 23.01 2.87 2.34
C ARG HB 12 22.02 1.87 2.89
N LYS HB 13 21.37 1.10 2.04
CA LYS HB 13 20.49 0.09 2.59
C LYS HB 13 20.89 -1.31 2.19
N TRP HB 14 20.63 -1.77 0.98
CA TRP HB 14 21.23 -3.06 0.67
C TRP HB 14 22.74 -2.96 0.55
N TYR HB 15 23.27 -1.89 -0.01
CA TYR HB 15 24.71 -1.80 -0.12
C TYR HB 15 25.31 -1.01 1.02
N TYR HB 16 24.51 -0.43 1.91
CA TYR HB 16 24.96 -0.38 3.29
C TYR HB 16 24.35 -1.47 4.12
N ASN HB 17 23.64 -2.40 3.52
CA ASN HB 17 23.98 -3.67 4.15
C ASN HB 17 25.44 -3.97 3.81
N ALA HB 18 25.86 -3.62 2.59
CA ALA HB 18 27.26 -3.81 2.18
C ALA HB 18 28.20 -2.75 2.71
N ALA HB 19 27.84 -1.47 2.66
CA ALA HB 19 28.64 -0.34 3.16
C ALA HB 19 28.33 0.00 4.61
N GLY HB 20 27.29 -0.63 5.17
CA GLY HB 20 27.09 -0.86 6.58
C GLY HB 20 26.10 0.06 7.27
N PHE HB 21 25.98 1.29 6.80
CA PHE HB 21 25.48 2.35 7.66
C PHE HB 21 24.11 1.98 8.23
N ASN HB 22 23.13 1.80 7.37
CA ASN HB 22 21.78 1.60 7.87
C ASN HB 22 21.58 0.20 8.40
N LYS HB 23 22.18 -0.79 7.76
CA LYS HB 23 22.11 -2.11 8.37
C LYS HB 23 22.85 -2.13 9.69
N LEU HB 24 23.92 -1.33 9.79
CA LEU HB 24 24.43 -0.99 11.11
C LEU HB 24 23.46 -0.14 11.88
N GLY HB 25 22.35 0.26 11.29
CA GLY HB 25 21.38 1.03 12.03
C GLY HB 25 21.82 2.44 12.28
N LEU HB 26 22.60 3.00 11.38
CA LEU HB 26 23.14 4.32 11.63
C LEU HB 26 22.05 5.38 11.46
N MET HB 27 22.40 6.62 11.75
CA MET HB 27 21.50 7.75 11.52
C MET HB 27 21.93 8.42 10.23
N ARG HB 28 21.02 8.48 9.27
CA ARG HB 28 21.29 9.04 7.96
C ARG HB 28 22.01 10.37 8.10
N ASP HB 29 21.33 11.33 8.71
CA ASP HB 29 21.94 12.62 8.97
C ASP HB 29 23.31 12.46 9.60
N ASP HB 30 23.43 11.58 10.58
CA ASP HB 30 24.69 11.46 11.29
C ASP HB 30 25.86 11.18 10.36
N THR HB 31 25.57 10.68 9.16
CA THR HB 31 26.64 10.31 8.24
C THR HB 31 27.37 11.50 7.64
N ILE HB 32 26.83 12.71 7.75
CA ILE HB 32 27.48 13.85 7.13
C ILE HB 32 28.85 14.04 7.76
N HIS HB 33 29.87 14.11 6.91
CA HIS HB 33 31.20 14.38 7.40
C HIS HB 33 31.18 15.68 8.20
N GLU HB 34 31.85 15.65 9.35
CA GLU HB 34 31.87 16.83 10.20
C GLU HB 34 32.49 18.00 9.46
N ASN HB 35 31.78 19.11 9.40
CA ASN HB 35 32.30 20.36 8.89
C ASN HB 35 31.89 21.46 9.84
N ASP HB 36 32.39 22.66 9.57
CA ASP HB 36 32.00 23.79 10.39
C ASP HB 36 30.49 23.98 10.35
N ASP HB 37 29.95 24.16 9.14
CA ASP HB 37 28.51 24.22 8.97
C ASP HB 37 27.86 23.06 9.70
N VAL HB 38 28.37 21.86 9.46
CA VAL HB 38 27.91 20.72 10.23
C VAL HB 38 28.09 21.02 11.71
N LYS HB 39 29.22 21.60 12.09
CA LYS HB 39 29.51 21.77 13.50
C LYS HB 39 28.42 22.57 14.18
N GLU HB 40 28.39 23.88 13.93
CA GLU HB 40 27.40 24.70 14.60
C GLU HB 40 26.00 24.23 14.27
N ALA HB 41 25.86 23.61 13.11
CA ALA HB 41 24.61 22.95 12.78
C ALA HB 41 24.19 22.06 13.92
N ILE HB 42 25.07 21.18 14.34
CA ILE HB 42 24.75 20.33 15.47
C ILE HB 42 24.60 21.17 16.72
N ARG HB 43 25.43 22.21 16.86
CA ARG HB 43 25.32 23.06 18.04
C ARG HB 43 23.88 23.49 18.25
N ARG HB 44 23.17 23.72 17.16
CA ARG HB 44 21.79 24.11 17.21
C ARG HB 44 20.85 22.93 17.30
N LEU HB 45 21.37 21.71 17.40
CA LEU HB 45 20.51 20.55 17.29
C LEU HB 45 19.47 20.54 18.41
N PRO HB 46 18.41 19.76 18.22
CA PRO HB 46 17.43 19.59 19.29
C PRO HB 46 17.94 18.63 20.35
N GLU HB 47 17.42 18.79 21.57
CA GLU HB 47 18.03 18.15 22.73
C GLU HB 47 17.73 16.67 22.75
N ASN HB 48 16.46 16.32 22.93
CA ASN HB 48 16.07 14.92 22.91
C ASN HB 48 16.73 14.23 21.73
N LEU HB 49 16.71 14.92 20.58
CA LEU HB 49 17.50 14.46 19.46
C LEU HB 49 18.93 14.20 19.88
N TYR HB 50 19.59 15.21 20.45
CA TYR HB 50 21.00 15.08 20.76
C TYR HB 50 21.28 13.80 21.50
N ASP HB 51 20.50 13.54 22.55
CA ASP HB 51 20.60 12.27 23.23
C ASP HB 51 20.49 11.14 22.23
N ASP HB 52 19.46 11.17 21.39
CA ASP HB 52 19.22 10.05 20.50
C ASP HB 52 20.45 9.76 19.66
N ARG HB 53 20.87 10.75 18.88
CA ARG HB 53 22.05 10.59 18.05
C ARG HB 53 23.23 10.15 18.88
N VAL HB 54 23.26 10.57 20.14
CA VAL HB 54 24.36 10.16 20.99
C VAL HB 54 24.36 8.64 21.13
N PHE HB 55 23.26 8.11 21.69
CA PHE HB 55 23.19 6.68 21.92
C PHE HB 55 23.48 5.93 20.65
N ARG HB 56 22.89 6.39 19.55
CA ARG HB 56 23.20 5.81 18.25
C ARG HB 56 24.70 5.75 18.04
N ILE HB 57 25.35 6.90 18.14
CA ILE HB 57 26.76 7.00 17.80
C ILE HB 57 27.55 6.05 18.67
N LYS HB 58 27.43 6.19 19.98
CA LYS HB 58 28.18 5.36 20.90
C LYS HB 58 28.01 3.90 20.55
N ARG HB 59 26.77 3.45 20.47
CA ARG HB 59 26.50 2.06 20.12
C ARG HB 59 27.28 1.68 18.88
N ALA HB 60 27.18 2.52 17.84
CA ALA HB 60 27.91 2.25 16.62
C ALA HB 60 29.35 1.95 16.94
N LEU HB 61 29.98 2.82 17.73
CA LEU HB 61 31.33 2.53 18.17
C LEU HB 61 31.39 1.19 18.85
N ASP HB 62 30.31 0.80 19.52
CA ASP HB 62 30.40 -0.32 20.42
C ASP HB 62 30.55 -1.57 19.58
N LEU HB 63 29.53 -1.87 18.80
CA LEU HB 63 29.64 -3.02 17.91
C LEU HB 63 30.86 -2.90 17.01
N SER HB 64 31.19 -1.67 16.62
CA SER HB 64 32.36 -1.46 15.78
C SER HB 64 33.57 -2.12 16.39
N MET HB 65 33.89 -1.75 17.62
CA MET HB 65 34.93 -2.44 18.36
C MET HB 65 34.62 -3.93 18.41
N ARG HB 66 33.42 -4.26 18.84
CA ARG HB 66 33.00 -5.65 18.79
C ARG HB 66 33.07 -6.21 17.40
N GLN HB 67 33.16 -5.34 16.39
CA GLN HB 67 33.22 -5.78 15.01
C GLN HB 67 32.03 -6.66 14.68
N GLN HB 68 30.96 -6.50 15.44
CA GLN HB 68 29.70 -7.18 15.19
C GLN HB 68 28.68 -6.17 14.70
N ILE HB 69 27.47 -6.66 14.44
CA ILE HB 69 26.35 -5.79 14.09
C ILE HB 69 25.12 -6.32 14.80
N LEU HB 70 24.11 -5.46 14.90
CA LEU HB 70 22.88 -5.84 15.57
C LEU HB 70 22.17 -6.90 14.76
N PRO HB 71 21.13 -7.52 15.33
CA PRO HB 71 20.31 -8.44 14.55
C PRO HB 71 19.91 -7.77 13.25
N LYS HB 72 19.99 -8.52 12.16
CA LYS HB 72 19.50 -7.98 10.89
C LYS HB 72 18.08 -7.47 11.09
N GLU HB 73 17.32 -8.17 11.92
CA GLU HB 73 16.09 -7.58 12.44
C GLU HB 73 16.39 -6.28 13.13
N GLN HB 74 17.27 -6.32 14.14
CA GLN HB 74 17.66 -5.08 14.77
C GLN HB 74 18.28 -4.11 13.77
N TRP HB 75 18.81 -4.62 12.66
CA TRP HB 75 19.28 -3.73 11.61
C TRP HB 75 18.12 -2.82 11.19
N THR HB 76 18.44 -1.56 10.94
CA THR HB 76 17.46 -0.48 11.05
C THR HB 76 16.28 -0.68 10.09
N LYS HB 77 15.13 -0.15 10.50
CA LYS HB 77 13.93 -0.19 9.67
C LYS HB 77 14.16 0.65 8.42
N TYR HB 78 13.88 0.09 7.26
CA TYR HB 78 14.16 0.81 6.04
C TYR HB 78 13.14 1.91 5.84
N GLU HB 79 13.40 2.75 4.84
CA GLU HB 79 12.66 4.00 4.70
C GLU HB 79 12.51 4.56 6.09
N GLU HB 80 11.31 4.98 6.45
CA GLU HB 80 10.87 5.08 7.85
C GLU HB 80 11.92 5.73 8.74
N ASP HB 81 12.66 6.70 8.21
CA ASP HB 81 13.70 7.37 8.96
C ASP HB 81 13.48 8.86 8.87
N LYS HB 82 13.13 9.47 9.99
CA LYS HB 82 13.06 10.92 10.03
C LYS HB 82 14.35 11.50 9.53
N PHE HB 83 14.26 12.55 8.76
CA PHE HB 83 15.46 13.28 8.40
C PHE HB 83 15.65 14.26 9.54
N TYR HB 84 16.62 13.96 10.39
CA TYR HB 84 16.62 14.62 11.69
C TYR HB 84 17.04 16.05 11.47
N LEU HB 85 18.31 16.24 11.16
CA LEU HB 85 18.77 17.59 10.89
C LEU HB 85 17.97 18.25 9.80
N GLU HB 86 17.75 17.54 8.69
CA GLU HB 86 17.46 18.17 7.40
C GLU HB 86 16.57 19.39 7.50
N PRO HB 87 15.51 19.41 8.28
CA PRO HB 87 14.89 20.70 8.56
C PRO HB 87 15.86 21.64 9.25
N TYR HB 88 16.49 21.20 10.32
CA TYR HB 88 17.40 22.08 11.02
C TYR HB 88 18.61 22.38 10.18
N LEU HB 89 19.29 21.33 9.73
CA LEU HB 89 20.43 21.44 8.85
C LEU HB 89 20.09 22.36 7.70
N LYS HB 90 19.23 21.86 6.81
CA LYS HB 90 18.88 22.61 5.62
C LYS HB 90 18.56 24.05 5.96
N GLU HB 91 17.87 24.28 7.08
CA GLU HB 91 17.73 25.63 7.57
C GLU HB 91 19.09 26.30 7.62
N VAL HB 92 20.06 25.62 8.25
CA VAL HB 92 21.38 26.21 8.29
C VAL HB 92 21.94 26.37 6.90
N ILE HB 93 21.63 25.44 6.00
CA ILE HB 93 22.06 25.60 4.63
C ILE HB 93 21.61 26.96 4.11
N ARG HB 94 20.38 27.34 4.44
CA ARG HB 94 19.96 28.69 4.13
C ARG HB 94 20.75 29.70 4.93
N GLU HB 95 21.12 29.36 6.16
CA GLU HB 95 21.86 30.30 6.99
C GLU HB 95 23.16 30.66 6.33
N ARG HB 96 24.08 29.70 6.28
CA ARG HB 96 25.32 29.93 5.58
C ARG HB 96 25.08 30.36 4.15
N LYS HB 97 23.90 30.10 3.62
CA LYS HB 97 23.51 30.72 2.38
C LYS HB 97 23.16 32.19 2.60
N GLU HB 98 23.04 32.60 3.85
CA GLU HB 98 22.55 33.94 4.13
C GLU HB 98 23.73 34.79 4.54
N ARG HB 99 24.42 34.38 5.60
CA ARG HB 99 25.76 34.87 5.82
C ARG HB 99 26.46 34.81 4.49
N GLU HB 100 26.31 33.71 3.78
CA GLU HB 100 26.83 33.64 2.44
C GLU HB 100 26.13 34.62 1.52
N GLU HB 101 24.92 35.00 1.86
CA GLU HB 101 24.15 35.76 0.88
C GLU HB 101 24.54 37.22 0.93
N TRP HB 102 24.15 37.90 2.00
CA TRP HB 102 24.62 39.26 2.23
C TRP HB 102 26.13 39.31 2.15
N ALA HB 103 26.77 38.19 2.48
CA ALA HB 103 28.18 38.06 2.17
C ALA HB 103 28.42 38.33 0.70
N LYS HB 104 27.70 37.64 -0.16
CA LYS HB 104 27.79 37.96 -1.58
C LYS HB 104 27.46 39.41 -1.80
N LYS HB 105 26.50 39.93 -1.04
CA LYS HB 105 26.16 41.34 -1.13
C LYS HB 105 27.32 42.17 -0.62
N GLY IB 1 43.95 19.51 21.54
CA GLY IB 1 43.66 20.11 22.83
C GLY IB 1 43.16 19.09 23.83
N ARG IB 2 41.84 18.88 23.83
CA ARG IB 2 41.25 17.71 24.44
C ARG IB 2 41.61 17.52 25.92
N GLN IB 3 42.35 16.45 26.22
CA GLN IB 3 42.52 15.92 27.57
C GLN IB 3 41.12 15.54 28.03
N PHE IB 4 40.58 16.13 29.08
CA PHE IB 4 39.23 15.80 29.52
C PHE IB 4 38.71 16.97 30.33
N GLY IB 5 37.40 16.94 30.58
CA GLY IB 5 36.78 17.82 31.55
C GLY IB 5 36.33 19.15 30.98
N HIS IB 6 36.95 19.58 29.90
CA HIS IB 6 36.30 20.46 28.96
C HIS IB 6 35.71 19.68 27.80
N LEU IB 7 35.79 18.36 27.85
CA LEU IB 7 35.63 17.52 26.69
C LEU IB 7 34.34 17.75 25.92
N THR IB 8 33.23 17.27 26.45
CA THR IB 8 31.98 17.29 25.70
C THR IB 8 30.83 17.00 26.64
N ARG IB 9 29.61 17.05 26.11
CA ARG IB 9 28.40 17.06 26.92
C ARG IB 9 27.66 15.75 26.73
N VAL IB 10 27.45 15.02 27.83
CA VAL IB 10 26.72 13.77 27.84
C VAL IB 10 25.72 13.82 28.98
N ARG IB 11 24.44 13.75 28.65
CA ARG IB 11 23.38 13.80 29.65
C ARG IB 11 22.55 12.54 29.58
N HIS IB 12 22.20 12.01 30.76
CA HIS IB 12 21.24 10.92 30.90
C HIS IB 12 21.67 9.65 30.16
N VAL IB 13 22.87 9.18 30.50
CA VAL IB 13 23.36 7.89 30.03
C VAL IB 13 24.03 7.17 31.19
N ILE IB 14 24.48 5.93 30.92
CA ILE IB 14 24.90 5.04 31.99
C ILE IB 14 25.83 3.97 31.44
N THR IB 15 26.53 3.29 32.33
CA THR IB 15 27.63 2.40 31.99
C THR IB 15 27.54 1.13 32.82
N TYR IB 16 28.39 0.16 32.49
CA TYR IB 16 28.67 -0.97 33.39
C TYR IB 16 30.07 -1.50 33.09
N SER IB 17 30.76 -1.93 34.14
CA SER IB 17 32.18 -2.29 34.04
C SER IB 17 32.42 -3.66 34.64
N LEU IB 18 33.61 -4.20 34.41
CA LEU IB 18 33.96 -5.47 35.02
C LEU IB 18 35.48 -5.58 35.15
N SER IB 19 35.93 -6.23 36.20
CA SER IB 19 37.36 -6.34 36.42
C SER IB 19 37.98 -7.34 35.45
N PRO IB 20 39.22 -7.09 35.03
CA PRO IB 20 39.77 -7.91 33.95
C PRO IB 20 39.84 -9.38 34.30
N PHE IB 21 40.40 -9.69 35.45
CA PHE IB 21 40.64 -11.10 35.75
C PHE IB 21 39.37 -11.90 35.73
N GLU IB 22 38.21 -11.24 35.70
CA GLU IB 22 36.94 -11.94 35.72
C GLU IB 22 36.79 -12.88 34.54
N GLN IB 23 36.89 -12.35 33.33
CA GLN IB 23 36.42 -13.05 32.16
C GLN IB 23 37.37 -14.18 31.76
N ARG IB 24 36.99 -14.87 30.70
CA ARG IB 24 37.84 -15.84 30.04
C ARG IB 24 38.36 -15.24 28.75
N ALA IB 25 39.62 -15.55 28.41
CA ALA IB 25 40.26 -14.87 27.30
C ALA IB 25 39.57 -15.14 25.99
N PHE IB 26 38.96 -16.31 25.82
CA PHE IB 26 38.50 -16.75 24.51
C PHE IB 26 37.18 -17.50 24.63
N PRO IB 27 36.12 -16.83 25.06
CA PRO IB 27 34.80 -17.45 25.01
C PRO IB 27 34.41 -17.74 23.57
N HIS IB 28 33.97 -18.98 23.33
CA HIS IB 28 33.55 -19.39 22.00
C HIS IB 28 34.60 -19.05 20.95
N TYR IB 29 35.87 -19.11 21.34
CA TYR IB 29 36.95 -18.60 20.51
C TYR IB 29 36.83 -19.09 19.09
N PHE IB 30 37.12 -20.38 18.87
CA PHE IB 30 36.86 -20.97 17.58
C PHE IB 30 35.41 -20.77 17.18
N SER IB 31 34.51 -21.09 18.09
CA SER IB 31 33.08 -20.97 17.85
C SER IB 31 32.74 -19.59 17.32
N LYS IB 32 32.92 -18.59 18.17
CA LYS IB 32 32.56 -17.24 17.79
C LYS IB 32 33.33 -16.74 16.56
N GLY IB 33 34.50 -17.30 16.26
CA GLY IB 33 35.26 -16.74 15.16
C GLY IB 33 34.47 -16.79 13.88
N ILE IB 34 34.13 -18.01 13.46
CA ILE IB 34 32.84 -18.23 12.83
C ILE IB 34 32.67 -17.56 11.47
N PRO IB 35 31.59 -17.88 10.80
CA PRO IB 35 31.04 -16.99 9.79
C PRO IB 35 30.77 -15.61 10.34
N ASN IB 36 31.02 -15.41 11.63
CA ASN IB 36 31.37 -14.07 12.08
C ASN IB 36 32.59 -13.60 11.33
N VAL IB 37 33.67 -14.38 11.44
CA VAL IB 37 34.85 -14.07 10.63
C VAL IB 37 34.45 -13.97 9.16
N LEU IB 38 33.82 -15.02 8.66
CA LEU IB 38 33.32 -14.91 7.29
C LEU IB 38 32.26 -13.83 7.16
N ARG IB 39 31.80 -13.27 8.27
CA ARG IB 39 30.80 -12.24 8.13
C ARG IB 39 31.47 -10.97 7.70
N ARG IB 40 32.55 -10.60 8.37
CA ARG IB 40 33.36 -9.49 7.87
C ARG IB 40 33.93 -9.83 6.50
N THR IB 41 34.75 -10.87 6.44
CA THR IB 41 35.45 -11.18 5.21
C THR IB 41 34.48 -11.44 4.08
N ARG IB 42 33.78 -12.56 4.21
CA ARG IB 42 32.78 -12.93 3.23
C ARG IB 42 31.90 -11.75 2.88
N ALA IB 43 31.51 -10.98 3.90
CA ALA IB 43 30.75 -9.78 3.61
C ALA IB 43 31.46 -8.91 2.59
N CYS IB 44 32.77 -8.77 2.72
CA CYS IB 44 33.47 -7.85 1.85
C CYS IB 44 33.84 -8.43 0.50
N ILE IB 45 33.84 -9.76 0.39
CA ILE IB 45 34.54 -10.41 -0.71
C ILE IB 45 34.12 -9.81 -2.05
N LEU IB 46 32.83 -9.85 -2.33
CA LEU IB 46 32.33 -9.38 -3.62
C LEU IB 46 32.86 -7.99 -3.91
N ARG IB 47 32.71 -7.09 -2.95
CA ARG IB 47 33.28 -5.77 -3.11
C ARG IB 47 34.75 -5.87 -3.47
N VAL IB 48 35.45 -6.86 -2.90
CA VAL IB 48 36.90 -6.87 -3.04
C VAL IB 48 37.32 -7.28 -4.44
N ALA IB 49 36.85 -8.43 -4.88
CA ALA IB 49 37.62 -9.27 -5.80
C ALA IB 49 37.92 -8.72 -7.18
N PRO IB 50 36.96 -8.05 -7.80
CA PRO IB 50 36.97 -7.93 -9.27
C PRO IB 50 38.30 -7.41 -9.78
N PRO IB 51 38.84 -6.38 -9.15
CA PRO IB 51 40.12 -5.87 -9.64
C PRO IB 51 41.18 -6.94 -9.66
N PHE IB 52 41.33 -7.65 -8.54
CA PHE IB 52 42.31 -8.72 -8.49
C PHE IB 52 42.04 -9.71 -9.60
N VAL IB 53 40.76 -10.01 -9.84
CA VAL IB 53 40.42 -10.88 -10.96
C VAL IB 53 41.10 -10.36 -12.22
N VAL IB 54 40.82 -9.10 -12.55
CA VAL IB 54 41.42 -8.50 -13.72
C VAL IB 54 42.92 -8.68 -13.70
N PHE IB 55 43.50 -8.62 -12.51
CA PHE IB 55 44.94 -8.76 -12.38
C PHE IB 55 45.37 -10.11 -12.91
N TYR IB 56 45.01 -11.17 -12.19
CA TYR IB 56 45.44 -12.50 -12.61
C TYR IB 56 45.17 -12.67 -14.08
N LEU IB 57 43.99 -12.23 -14.51
CA LEU IB 57 43.68 -12.17 -15.91
C LEU IB 57 44.75 -11.43 -16.68
N VAL IB 58 45.41 -10.50 -16.05
CA VAL IB 58 46.32 -9.64 -16.79
C VAL IB 58 47.67 -10.32 -16.80
N TYR IB 59 48.37 -10.29 -15.67
CA TYR IB 59 49.73 -10.83 -15.64
C TYR IB 59 49.76 -12.18 -16.30
N THR IB 60 48.74 -13.00 -16.04
CA THR IB 60 48.53 -14.16 -16.88
C THR IB 60 48.44 -13.75 -18.34
N TRP IB 61 47.48 -12.87 -18.64
CA TRP IB 61 47.12 -12.56 -20.01
C TRP IB 61 48.30 -12.02 -20.81
N GLY IB 62 48.66 -10.78 -20.54
CA GLY IB 62 49.81 -10.20 -21.18
C GLY IB 62 51.03 -11.08 -21.04
N THR IB 63 51.16 -11.77 -19.90
CA THR IB 63 52.25 -12.74 -19.79
C THR IB 63 52.27 -13.63 -21.01
N GLN IB 64 51.09 -14.11 -21.39
CA GLN IB 64 50.97 -14.82 -22.64
C GLN IB 64 51.27 -13.89 -23.81
N GLU IB 65 50.74 -12.68 -23.76
CA GLU IB 65 50.80 -11.81 -24.93
C GLU IB 65 52.26 -11.59 -25.36
N PHE IB 66 53.05 -11.01 -24.48
CA PHE IB 66 54.46 -10.80 -24.78
C PHE IB 66 55.19 -12.13 -24.86
N GLU IB 67 54.88 -13.05 -23.95
CA GLU IB 67 55.60 -14.32 -23.93
C GLU IB 67 55.58 -14.98 -25.30
N LYS IB 68 54.38 -15.22 -25.82
CA LYS IB 68 54.24 -15.67 -27.19
C LYS IB 68 54.91 -14.70 -28.13
N SER IB 69 54.76 -13.41 -27.88
CA SER IB 69 55.36 -12.42 -28.75
C SER IB 69 56.86 -12.61 -28.85
N LYS IB 70 57.45 -13.40 -27.98
CA LYS IB 70 58.86 -13.69 -28.04
C LYS IB 70 59.18 -14.87 -28.94
N ARG IB 71 58.18 -15.52 -29.51
CA ARG IB 71 58.39 -16.67 -30.37
C ARG IB 71 58.73 -16.23 -31.79
N LYS IB 72 59.55 -17.04 -32.46
CA LYS IB 72 59.99 -16.76 -33.83
C LYS IB 72 59.26 -17.67 -34.81
N ASN IB 73 59.00 -17.14 -36.01
CA ASN IB 73 58.20 -17.83 -37.02
C ASN IB 73 58.99 -18.09 -38.29
N PRO IB 74 58.38 -18.62 -39.34
CA PRO IB 74 59.13 -19.02 -40.53
C PRO IB 74 59.24 -17.89 -41.55
N ALA IB 75 59.84 -18.23 -42.69
CA ALA IB 75 60.07 -17.29 -43.77
C ALA IB 75 60.92 -16.12 -43.30
N GLU JB 1 83.64 -44.10 -18.80
CA GLU JB 1 82.19 -44.19 -18.93
C GLU JB 1 81.52 -43.94 -17.60
N LEU JB 2 81.96 -42.89 -16.92
CA LEU JB 2 81.46 -42.59 -15.58
C LEU JB 2 79.95 -42.41 -15.59
N VAL JB 3 79.31 -42.77 -14.47
CA VAL JB 3 77.87 -42.59 -14.38
C VAL JB 3 77.58 -41.14 -14.63
N ASP JB 4 76.83 -40.88 -15.67
CA ASP JB 4 76.64 -39.53 -16.18
C ASP JB 4 75.24 -39.46 -16.70
N PRO JB 5 74.28 -39.20 -15.87
CA PRO JB 5 72.95 -38.89 -16.41
C PRO JB 5 73.09 -37.93 -17.59
N LEU JB 6 74.11 -37.09 -17.49
CA LEU JB 6 74.69 -36.35 -18.59
C LEU JB 6 74.83 -37.26 -19.80
N THR JB 7 75.62 -38.31 -19.66
CA THR JB 7 75.72 -39.33 -20.70
C THR JB 7 74.80 -40.50 -20.39
N THR JB 8 75.05 -41.16 -19.25
CA THR JB 8 74.36 -42.40 -18.88
C THR JB 8 72.85 -42.25 -19.05
N VAL JB 9 72.19 -41.50 -18.18
CA VAL JB 9 70.74 -41.38 -18.27
C VAL JB 9 70.31 -40.63 -19.51
N ARG JB 10 71.17 -39.77 -20.06
CA ARG JB 10 70.83 -39.15 -21.34
C ARG JB 10 70.42 -40.20 -22.35
N GLU JB 11 70.95 -41.41 -22.22
CA GLU JB 11 70.34 -42.52 -22.94
C GLU JB 11 69.00 -42.82 -22.28
N GLN JB 12 69.05 -43.27 -21.03
CA GLN JB 12 67.84 -43.69 -20.35
C GLN JB 12 66.82 -42.57 -20.33
N CYS JB 13 67.17 -41.45 -19.72
CA CYS JB 13 66.22 -40.36 -19.57
C CYS JB 13 65.74 -39.87 -20.92
N GLU JB 14 66.68 -39.44 -21.77
CA GLU JB 14 66.27 -38.77 -22.99
C GLU JB 14 65.51 -39.69 -23.93
N GLN JB 15 65.38 -40.97 -23.59
CA GLN JB 15 64.43 -41.83 -24.30
C GLN JB 15 63.00 -41.33 -24.16
N LEU JB 16 62.77 -40.28 -23.38
CA LEU JB 16 61.44 -39.85 -23.01
C LEU JB 16 60.56 -39.58 -24.21
N GLU JB 17 59.27 -39.83 -24.02
CA GLU JB 17 58.25 -39.63 -25.03
C GLU JB 17 58.28 -38.21 -25.54
N LYS JB 18 57.84 -37.27 -24.71
CA LYS JB 18 57.82 -35.88 -25.13
C LYS JB 18 59.16 -35.50 -25.72
N CYS JB 19 60.24 -35.91 -25.07
CA CYS JB 19 61.56 -35.73 -25.63
C CYS JB 19 61.62 -36.23 -27.06
N VAL JB 20 61.03 -37.40 -27.29
CA VAL JB 20 61.06 -37.94 -28.63
C VAL JB 20 60.27 -37.05 -29.58
N LYS JB 21 59.15 -36.52 -29.12
CA LYS JB 21 58.37 -35.62 -29.96
C LYS JB 21 59.20 -34.43 -30.39
N ALA JB 22 59.79 -33.75 -29.40
CA ALA JB 22 60.70 -32.68 -29.71
C ALA JB 22 61.79 -33.14 -30.65
N ARG JB 23 62.21 -34.40 -30.54
CA ARG JB 23 63.14 -34.91 -31.52
C ARG JB 23 62.50 -34.93 -32.89
N GLU JB 24 61.21 -35.23 -32.95
CA GLU JB 24 60.53 -35.28 -34.23
C GLU JB 24 60.50 -33.90 -34.87
N ARG JB 25 59.88 -32.95 -34.18
CA ARG JB 25 59.92 -31.59 -34.67
C ARG JB 25 61.34 -31.15 -34.91
N LEU JB 26 62.27 -31.77 -34.18
CA LEU JB 26 63.63 -31.29 -34.08
C LEU JB 26 64.39 -31.63 -35.34
N GLU JB 27 64.71 -32.91 -35.52
CA GLU JB 27 65.35 -33.32 -36.76
C GLU JB 27 64.51 -32.88 -37.94
N LEU JB 28 63.19 -32.81 -37.75
CA LEU JB 28 62.31 -32.31 -38.80
C LEU JB 28 62.77 -30.97 -39.30
N CYS JB 29 62.88 -29.99 -38.40
CA CYS JB 29 63.41 -28.71 -38.80
C CYS JB 29 64.85 -28.83 -39.26
N ASP JB 30 65.61 -29.70 -38.60
CA ASP JB 30 67.02 -29.86 -38.93
C ASP JB 30 67.20 -30.08 -40.41
N GLU JB 31 66.50 -31.08 -40.94
CA GLU JB 31 66.50 -31.26 -42.38
C GLU JB 31 65.83 -30.08 -43.07
N ARG JB 32 64.80 -29.51 -42.45
CA ARG JB 32 64.02 -28.48 -43.12
C ARG JB 32 64.93 -27.34 -43.56
N VAL JB 33 65.43 -26.57 -42.59
CA VAL JB 33 66.39 -25.52 -42.90
C VAL JB 33 67.59 -26.13 -43.59
N SER JB 34 68.03 -27.30 -43.11
CA SER JB 34 69.23 -27.92 -43.62
C SER JB 34 69.23 -27.93 -45.14
N SER JB 35 68.10 -28.26 -45.73
CA SER JB 35 67.95 -28.19 -47.17
C SER JB 35 68.28 -26.79 -47.66
N ARG JB 36 67.78 -25.78 -46.97
CA ARG JB 36 67.92 -24.43 -47.47
C ARG JB 36 69.40 -24.07 -47.55
N SER JB 37 69.68 -23.15 -48.46
CA SER JB 37 71.01 -22.60 -48.62
C SER JB 37 70.91 -21.09 -48.63
N GLN JB 38 71.94 -20.44 -48.12
CA GLN JB 38 71.93 -19.00 -47.92
C GLN JB 38 70.68 -18.59 -47.15
N THR JB 39 70.66 -18.94 -45.87
CA THR JB 39 69.56 -18.60 -44.99
C THR JB 39 70.12 -18.38 -43.59
N GLU JB 40 69.47 -17.52 -42.82
CA GLU JB 40 70.05 -17.13 -41.55
C GLU JB 40 69.68 -18.04 -40.39
N GLU JB 41 68.67 -18.89 -40.53
CA GLU JB 41 68.07 -19.54 -39.38
C GLU JB 41 68.89 -20.73 -38.91
N ASP JB 42 69.22 -20.75 -37.62
CA ASP JB 42 69.80 -21.93 -37.00
C ASP JB 42 68.80 -22.78 -36.22
N CYS JB 43 67.55 -22.33 -36.09
CA CYS JB 43 66.47 -23.13 -35.52
C CYS JB 43 66.75 -23.54 -34.07
N THR JB 44 67.43 -22.69 -33.32
CA THR JB 44 67.84 -23.06 -31.97
C THR JB 44 66.66 -23.41 -31.08
N GLU JB 45 65.48 -22.90 -31.41
CA GLU JB 45 64.33 -23.04 -30.53
C GLU JB 45 64.18 -24.47 -30.07
N GLU JB 46 64.22 -25.41 -31.01
CA GLU JB 46 64.08 -26.80 -30.66
C GLU JB 46 65.17 -27.22 -29.68
N LEU JB 47 66.42 -27.06 -30.09
CA LEU JB 47 67.54 -27.48 -29.26
C LEU JB 47 67.33 -27.00 -27.84
N PHE JB 48 66.97 -25.73 -27.71
CA PHE JB 48 66.58 -25.20 -26.43
C PHE JB 48 65.53 -26.11 -25.80
N ASP JB 49 64.44 -26.35 -26.50
CA ASP JB 49 63.32 -27.07 -25.90
C ASP JB 49 63.75 -28.43 -25.39
N PHE JB 50 64.31 -29.25 -26.29
CA PHE JB 50 64.75 -30.58 -25.92
C PHE JB 50 65.65 -30.51 -24.70
N LEU JB 51 66.60 -29.58 -24.71
CA LEU JB 51 67.41 -29.37 -23.53
C LEU JB 51 66.52 -29.18 -22.31
N HIS JB 52 65.49 -28.34 -22.45
CA HIS JB 52 64.67 -27.97 -21.31
C HIS JB 52 64.06 -29.20 -20.67
N ALA JB 53 63.54 -30.09 -21.48
CA ALA JB 53 63.03 -31.34 -20.93
C ALA JB 53 64.16 -32.14 -20.31
N ARG JB 54 65.25 -32.29 -21.06
CA ARG JB 54 66.38 -33.08 -20.61
C ARG JB 54 66.76 -32.71 -19.20
N ASP JB 55 66.77 -31.42 -18.91
CA ASP JB 55 66.97 -30.98 -17.55
C ASP JB 55 65.79 -31.34 -16.68
N HIS JB 56 64.58 -31.02 -17.16
CA HIS JB 56 63.35 -31.15 -16.40
C HIS JB 56 63.33 -32.49 -15.69
N CYS JB 57 63.40 -33.57 -16.46
CA CYS JB 57 63.58 -34.85 -15.80
C CYS JB 57 64.96 -34.97 -15.19
N VAL JB 58 65.97 -34.32 -15.78
CA VAL JB 58 67.34 -34.70 -15.49
C VAL JB 58 67.64 -34.51 -14.01
N ALA JB 59 67.51 -33.28 -13.53
CA ALA JB 59 67.73 -33.06 -12.12
C ALA JB 59 66.69 -33.78 -11.28
N HIS JB 60 65.51 -34.02 -11.84
CA HIS JB 60 64.52 -34.87 -11.17
C HIS JB 60 65.04 -36.29 -11.01
N LYS JB 61 66.18 -36.60 -11.61
CA LYS JB 61 66.81 -37.90 -11.47
C LYS JB 61 68.27 -37.75 -11.08
N LEU JB 62 69.03 -37.04 -11.92
CA LEU JB 62 70.49 -37.08 -11.89
C LEU JB 62 71.03 -36.92 -10.47
N PHE JB 63 70.63 -35.84 -9.81
CA PHE JB 63 71.09 -35.63 -8.44
C PHE JB 63 70.71 -36.82 -7.58
N ASN JB 64 69.42 -37.13 -7.55
CA ASN JB 64 68.95 -38.32 -6.85
C ASN JB 64 69.80 -39.51 -7.23
N SER JB 65 70.19 -39.57 -8.50
CA SER JB 65 71.20 -40.53 -8.89
C SER JB 65 72.56 -40.11 -8.37
N LEU JB 66 73.04 -38.96 -8.82
CA LEU JB 66 74.44 -38.59 -8.66
C LEU JB 66 74.88 -38.69 -7.22
N LYS JB 67 76.13 -39.11 -7.03
CA LYS JB 67 76.74 -39.20 -5.72
C LYS JB 67 78.22 -38.80 -5.79
N MET KB 1 19.71 28.36 85.95
CA MET KB 1 20.08 29.70 86.39
C MET KB 1 20.92 30.53 85.35
N LEU KB 2 21.34 29.90 84.25
CA LEU KB 2 21.50 30.59 82.97
C LEU KB 2 21.23 29.65 81.79
N SER KB 3 20.37 30.04 80.85
CA SER KB 3 19.77 29.05 79.95
C SER KB 3 19.87 29.48 78.50
N VAL KB 4 20.37 28.57 77.65
CA VAL KB 4 20.45 28.80 76.19
C VAL KB 4 19.65 28.05 75.05
N ALA KB 5 18.87 26.98 75.27
CA ALA KB 5 18.92 25.94 74.21
C ALA KB 5 17.76 25.45 73.26
N ALA KB 6 16.87 24.60 73.77
CA ALA KB 6 16.56 23.30 73.13
C ALA KB 6 15.39 23.00 72.14
N ARG KB 7 14.66 23.99 71.63
CA ARG KB 7 13.31 23.75 71.11
C ARG KB 7 13.26 23.19 69.68
N SER KB 8 14.37 22.63 69.17
CA SER KB 8 14.27 21.59 68.14
C SER KB 8 13.84 21.96 66.73
N GLY KB 9 14.80 22.39 65.92
CA GLY KB 9 14.60 22.54 64.49
C GLY KB 9 14.80 23.94 63.95
N PRO KB 10 15.01 24.88 64.83
CA PRO KB 10 15.46 26.20 64.37
C PRO KB 10 16.96 26.28 64.24
N PHE KB 11 17.50 27.49 64.15
CA PHE KB 11 18.89 27.66 63.79
C PHE KB 11 19.60 28.63 64.72
N ALA KB 12 20.63 28.13 65.42
CA ALA KB 12 21.66 28.94 66.07
C ALA KB 12 22.98 28.24 65.82
N PRO KB 13 23.71 28.63 64.79
CA PRO KB 13 24.71 27.73 64.19
C PRO KB 13 25.69 27.12 65.18
N VAL KB 14 26.13 25.92 64.82
CA VAL KB 14 27.23 25.25 65.49
C VAL KB 14 28.17 24.83 64.38
N LEU KB 15 29.41 25.27 64.47
CA LEU KB 15 30.34 24.99 63.40
C LEU KB 15 31.76 24.94 63.96
N SER KB 16 32.62 24.25 63.22
CA SER KB 16 34.04 24.19 63.55
C SER KB 16 34.80 23.78 62.29
N ALA KB 17 36.12 23.77 62.41
CA ALA KB 17 36.96 23.24 61.34
C ALA KB 17 37.06 21.73 61.46
N THR KB 18 37.56 21.25 62.61
CA THR KB 18 37.61 19.83 62.89
C THR KB 18 36.26 19.20 62.57
N SER KB 19 35.19 19.83 62.99
CA SER KB 19 33.85 19.40 62.68
C SER KB 19 33.35 20.12 61.44
N ARG KB 20 32.05 20.00 61.17
CA ARG KB 20 31.34 20.78 60.18
C ARG KB 20 30.26 21.61 60.88
N GLY KB 21 29.50 22.38 60.10
CA GLY KB 21 28.56 23.31 60.68
C GLY KB 21 27.15 22.78 60.77
N VAL KB 22 26.34 23.42 61.63
CA VAL KB 22 24.92 23.11 61.75
C VAL KB 22 24.24 24.03 62.76
N ALA KB 23 22.92 24.15 62.64
CA ALA KB 23 22.12 24.87 63.63
C ALA KB 23 20.80 24.13 63.85
N GLY KB 24 20.61 23.61 65.04
CA GLY KB 24 19.42 22.83 65.35
C GLY KB 24 18.46 23.54 66.29
N ALA KB 25 18.52 24.86 66.33
CA ALA KB 25 18.24 25.58 67.57
C ALA KB 25 16.78 25.55 67.99
N LEU KB 26 16.53 26.24 69.10
CA LEU KB 26 15.20 26.33 69.68
C LEU KB 26 14.21 26.86 68.67
N ARG KB 27 13.04 26.24 68.64
CA ARG KB 27 11.93 26.22 67.69
C ARG KB 27 11.99 25.12 66.64
N PRO KB 28 10.83 24.84 66.07
CA PRO KB 28 10.61 23.73 65.14
C PRO KB 28 11.00 24.09 63.71
N LEU KB 29 10.23 23.54 62.73
CA LEU KB 29 10.38 23.60 61.27
C LEU KB 29 10.84 22.34 60.55
N VAL KB 30 10.93 21.20 61.24
CA VAL KB 30 11.51 19.99 60.66
C VAL KB 30 10.48 19.01 60.06
N GLN KB 31 9.19 19.37 59.94
CA GLN KB 31 8.11 18.38 59.83
C GLN KB 31 7.79 17.96 58.38
N ALA KB 32 8.59 18.37 57.38
CA ALA KB 32 8.14 18.43 55.99
C ALA KB 32 8.23 17.12 55.23
N ALA KB 33 8.62 16.00 55.87
CA ALA KB 33 9.15 14.88 55.10
C ALA KB 33 8.05 14.03 54.41
N VAL KB 34 6.77 14.38 54.54
CA VAL KB 34 5.68 13.44 54.40
C VAL KB 34 5.52 12.90 52.99
N PRO KB 35 5.49 13.72 51.89
CA PRO KB 35 4.68 13.37 50.71
C PRO KB 35 5.22 12.19 49.90
N ALA KB 36 4.37 11.70 49.00
CA ALA KB 36 4.77 10.81 47.93
C ALA KB 36 5.66 11.55 46.94
N THR KB 37 6.32 10.79 46.07
CA THR KB 37 7.36 11.38 45.20
C THR KB 37 8.48 11.93 46.06
N SER KB 38 8.85 11.12 47.05
CA SER KB 38 9.75 11.52 48.11
C SER KB 38 11.18 11.53 47.63
N GLU KB 39 11.41 11.18 46.36
CA GLU KB 39 12.49 11.78 45.59
C GLU KB 39 13.75 11.86 46.40
N SER KB 40 14.37 13.04 46.44
CA SER KB 40 15.62 13.52 47.03
C SER KB 40 16.86 13.35 46.14
N PRO KB 41 17.84 14.25 46.34
CA PRO KB 41 18.94 14.45 45.37
C PRO KB 41 20.35 13.98 45.74
N VAL KB 42 21.27 14.26 44.80
CA VAL KB 42 22.73 14.39 44.94
C VAL KB 42 23.28 14.71 43.55
N LEU KB 43 24.61 14.93 43.43
CA LEU KB 43 25.43 15.04 42.18
C LEU KB 43 25.65 16.41 41.51
N ASP KB 44 25.09 17.51 41.99
CA ASP KB 44 25.29 18.81 41.33
C ASP KB 44 25.63 19.90 42.33
N LEU KB 45 26.88 20.40 42.28
CA LEU KB 45 27.33 21.68 42.89
C LEU KB 45 26.71 21.98 44.26
N LYS KB 46 27.05 21.15 45.23
CA LYS KB 46 26.30 21.15 46.48
C LYS KB 46 27.27 20.86 47.62
N ARG KB 47 26.72 20.48 48.78
CA ARG KB 47 27.46 20.39 50.03
C ARG KB 47 27.31 19.04 50.73
N SER KB 48 26.08 18.67 51.04
CA SER KB 48 25.60 17.57 51.89
C SER KB 48 26.11 17.72 53.33
N VAL KB 49 26.27 16.62 54.06
CA VAL KB 49 26.13 16.71 55.52
C VAL KB 49 26.44 15.41 56.26
N LEU KB 50 26.09 15.38 57.54
CA LEU KB 50 25.73 14.20 58.35
C LEU KB 50 26.87 13.49 59.06
N CYS KB 51 28.13 13.93 58.94
CA CYS KB 51 29.21 13.11 59.47
C CYS KB 51 29.18 13.10 61.00
N ARG KB 52 30.08 12.31 61.59
CA ARG KB 52 30.20 12.06 63.03
C ARG KB 52 31.32 11.04 63.23
N GLU KB 53 31.71 10.86 64.50
CA GLU KB 53 32.63 9.80 64.90
C GLU KB 53 32.16 9.20 66.22
N SER KB 54 31.85 7.90 66.22
CA SER KB 54 31.34 7.20 67.40
C SER KB 54 31.82 5.75 67.36
N LEU KB 55 32.30 5.21 68.49
CA LEU KB 55 32.69 3.80 68.39
C LEU KB 55 32.25 2.83 69.49
N ARG KB 56 32.92 2.86 70.65
CA ARG KB 56 32.94 1.66 71.48
C ARG KB 56 33.50 1.87 72.88
N GLY KB 57 33.71 0.77 73.59
CA GLY KB 57 34.39 0.81 74.87
C GLY KB 57 35.90 0.69 74.70
N ALA LB 1 48.47 -24.68 45.32
CA ALA LB 1 49.55 -25.33 44.60
C ALA LB 1 49.81 -24.61 43.30
N ALA LB 2 49.29 -25.12 42.19
CA ALA LB 2 49.03 -24.22 41.07
C ALA LB 2 48.25 -23.05 41.57
N PRO LB 3 47.36 -23.21 42.55
CA PRO LB 3 46.84 -22.05 43.26
C PRO LB 3 47.88 -21.34 44.09
N THR LB 4 48.88 -22.04 44.56
CA THR LB 4 50.02 -21.40 45.21
C THR LB 4 51.10 -21.07 44.20
N LEU LB 5 50.96 -21.60 43.00
CA LEU LB 5 51.78 -21.11 41.91
C LEU LB 5 51.25 -19.75 41.49
N THR LB 6 50.03 -19.72 41.03
CA THR LB 6 49.35 -18.48 40.71
C THR LB 6 49.36 -17.57 41.91
N ALA LB 7 49.09 -18.14 43.07
CA ALA LB 7 48.92 -17.33 44.27
C ALA LB 7 50.23 -17.18 45.00
N ARG LB 8 50.70 -18.23 45.67
CA ARG LB 8 51.99 -18.15 46.30
C ARG LB 8 53.07 -17.71 45.32
N LEU LB 9 53.07 -18.23 44.12
CA LEU LB 9 54.00 -17.65 43.17
C LEU LB 9 53.56 -16.29 42.67
N TYR LB 10 52.34 -15.86 42.94
CA TYR LB 10 52.18 -14.42 43.04
C TYR LB 10 52.74 -14.03 44.40
N SER LB 11 52.08 -14.47 45.46
CA SER LB 11 52.41 -14.11 46.83
C SER LB 11 53.89 -14.27 47.08
N LEU LB 12 54.35 -15.51 47.18
CA LEU LB 12 55.76 -15.73 47.44
C LEU LB 12 56.57 -15.60 46.17
N LEU LB 13 55.94 -15.31 45.04
CA LEU LB 13 56.79 -14.87 43.95
C LEU LB 13 56.29 -13.60 43.28
N PHE LB 14 55.21 -13.68 42.50
CA PHE LB 14 54.89 -12.54 41.65
C PHE LB 14 54.39 -11.33 42.42
N ARG LB 15 54.02 -11.51 43.69
CA ARG LB 15 53.50 -10.39 44.47
C ARG LB 15 54.50 -9.25 44.56
N ARG LB 16 55.60 -9.44 45.28
CA ARG LB 16 56.56 -8.37 45.40
C ARG LB 16 57.14 -8.06 44.04
N THR LB 17 57.03 -6.79 43.65
CA THR LB 17 57.45 -6.40 42.32
C THR LB 17 58.88 -6.83 42.06
N SER LB 18 59.80 -6.41 42.92
CA SER LB 18 61.17 -6.88 42.83
C SER LB 18 61.18 -8.39 42.66
N THR LB 19 60.64 -9.09 43.64
CA THR LB 19 60.62 -10.55 43.59
C THR LB 19 60.17 -11.03 42.22
N PHE LB 20 59.14 -10.41 41.66
CA PHE LB 20 58.75 -10.77 40.31
C PHE LB 20 59.93 -10.63 39.36
N ALA LB 21 60.67 -9.53 39.49
CA ALA LB 21 61.78 -9.31 38.58
C ALA LB 21 62.91 -10.30 38.81
N LEU LB 22 63.41 -10.35 40.05
CA LEU LB 22 64.47 -11.28 40.38
C LEU LB 22 64.12 -12.66 39.89
N THR LB 23 62.86 -13.04 40.05
CA THR LB 23 62.38 -14.24 39.39
C THR LB 23 62.68 -14.20 37.90
N ILE LB 24 62.36 -13.07 37.27
CA ILE LB 24 62.48 -12.99 35.82
C ILE LB 24 63.91 -13.32 35.39
N VAL LB 25 64.88 -12.57 35.89
CA VAL LB 25 66.26 -12.80 35.47
C VAL LB 25 66.69 -14.19 35.90
N VAL LB 26 66.30 -14.58 37.12
CA VAL LB 26 66.60 -15.91 37.62
C VAL LB 26 66.28 -16.94 36.57
N GLY LB 27 65.16 -16.75 35.89
CA GLY LB 27 64.91 -17.55 34.71
C GLY LB 27 65.91 -17.25 33.61
N ALA LB 28 66.19 -15.96 33.36
CA ALA LB 28 66.98 -15.58 32.20
C ALA LB 28 68.20 -16.45 32.08
N LEU LB 29 68.82 -16.76 33.21
CA LEU LB 29 69.86 -17.77 33.19
C LEU LB 29 69.37 -19.08 32.60
N PHE LB 30 68.53 -19.78 33.37
CA PHE LB 30 68.18 -21.16 33.05
C PHE LB 30 67.69 -21.26 31.62
N PHE LB 31 66.70 -20.45 31.28
CA PHE LB 31 66.23 -20.40 29.91
C PHE LB 31 67.39 -20.20 28.94
N GLU LB 32 68.25 -19.22 29.21
CA GLU LB 32 69.28 -18.87 28.25
C GLU LB 32 70.14 -20.09 27.91
N ARG LB 33 70.81 -20.64 28.91
CA ARG LB 33 71.71 -21.75 28.63
C ARG LB 33 70.94 -22.93 28.07
N ALA LB 34 69.75 -23.16 28.60
CA ALA LB 34 68.99 -24.33 28.19
C ALA LB 34 68.65 -24.27 26.72
N PHE LB 35 67.90 -23.23 26.32
CA PHE LB 35 67.51 -23.08 24.93
C PHE LB 35 68.74 -23.06 24.05
N ASP LB 36 69.82 -22.46 24.55
CA ASP LB 36 71.09 -22.62 23.87
C ASP LB 36 71.35 -24.09 23.58
N GLN LB 37 71.18 -24.92 24.61
CA GLN LB 37 71.59 -26.31 24.49
C GLN LB 37 70.66 -27.05 23.55
N GLY LB 38 69.40 -27.20 23.95
CA GLY LB 38 68.46 -27.93 23.11
C GLY LB 38 68.45 -27.42 21.69
N ALA LB 39 68.60 -26.10 21.53
CA ALA LB 39 68.73 -25.54 20.19
C ALA LB 39 69.87 -26.19 19.45
N ASP LB 40 71.05 -26.14 20.06
CA ASP LB 40 72.21 -26.82 19.50
C ASP LB 40 71.86 -28.24 19.11
N ALA LB 41 71.04 -28.91 19.93
CA ALA LB 41 70.62 -30.26 19.59
C ALA LB 41 69.83 -30.27 18.29
N ILE LB 42 68.92 -29.31 18.13
CA ILE LB 42 68.13 -29.25 16.90
C ILE LB 42 69.06 -29.20 15.71
N TYR LB 43 69.93 -28.20 15.68
CA TYR LB 43 70.88 -28.12 14.58
C TYR LB 43 71.68 -29.40 14.47
N GLU LB 44 71.94 -30.04 15.60
CA GLU LB 44 72.76 -31.24 15.59
C GLU LB 44 72.08 -32.34 14.80
N HIS LB 45 70.89 -32.74 15.24
CA HIS LB 45 70.15 -33.73 14.50
C HIS LB 45 69.88 -33.26 13.08
N ILE LB 46 69.99 -31.96 12.82
CA ILE LB 46 69.70 -31.47 11.48
C ILE LB 46 70.63 -32.08 10.45
N ASN LB 47 71.93 -32.14 10.72
CA ASN LB 47 72.86 -32.42 9.63
C ASN LB 47 73.93 -33.49 9.89
N GLU LB 48 74.86 -33.19 10.80
CA GLU LB 48 76.12 -33.93 10.94
C GLU LB 48 76.97 -33.80 9.68
N GLY LB 49 77.05 -32.58 9.15
CA GLY LB 49 77.77 -32.34 7.91
C GLY LB 49 79.15 -31.77 8.10
N LYS LB 50 79.46 -31.30 9.30
CA LYS LB 50 80.79 -30.76 9.58
C LYS LB 50 81.02 -30.76 11.08
N LEU LB 51 82.29 -30.63 11.46
CA LEU LB 51 82.74 -30.44 12.84
C LEU LB 51 82.53 -31.73 13.61
N TRP LB 52 81.63 -32.57 13.11
CA TRP LB 52 81.79 -34.00 13.23
C TRP LB 52 82.88 -34.47 12.29
N LYS LB 53 83.35 -33.57 11.42
CA LYS LB 53 84.35 -33.92 10.43
C LYS LB 53 85.66 -34.36 11.07
N HIS LB 54 85.98 -33.85 12.25
CA HIS LB 54 87.30 -34.08 12.85
C HIS LB 54 87.63 -35.56 12.90
N ILE LB 55 86.75 -36.37 13.49
CA ILE LB 55 86.95 -37.81 13.48
C ILE LB 55 87.15 -38.29 12.06
N LYS LB 56 86.28 -37.83 11.16
CA LYS LB 56 86.48 -38.12 9.75
C LYS LB 56 87.73 -37.43 9.24
N HIS LB 57 87.97 -36.20 9.68
CA HIS LB 57 89.21 -35.51 9.36
C HIS LB 57 90.35 -36.25 10.03
N LYS LB 58 89.99 -37.28 10.80
CA LYS LB 58 90.94 -38.10 11.51
C LYS LB 58 91.68 -37.31 12.56
N TYR LB 59 91.11 -36.16 12.91
CA TYR LB 59 91.31 -35.55 14.22
C TYR LB 59 92.73 -35.74 14.72
N GLU LB 60 93.68 -35.17 13.97
CA GLU LB 60 95.08 -35.36 14.28
C GLU LB 60 95.43 -34.78 15.64
N MET MB 1 72.10 18.87 56.42
CA MET MB 1 70.69 18.98 56.78
C MET MB 1 70.07 17.60 56.91
N LEU MB 2 70.94 16.59 57.04
CA LEU MB 2 70.46 15.23 57.19
C LEU MB 2 69.45 15.12 58.32
N THR MB 3 69.56 16.00 59.31
CA THR MB 3 68.58 16.04 60.38
C THR MB 3 67.17 16.15 59.83
N ARG MB 4 67.01 16.69 58.63
CA ARG MB 4 65.69 16.75 58.02
C ARG MB 4 65.06 15.37 57.94
N PHE MB 5 65.73 14.44 57.27
CA PHE MB 5 65.26 13.08 57.26
C PHE MB 5 65.84 12.26 58.41
N LEU MB 6 66.62 12.87 59.29
CA LEU MB 6 67.11 12.17 60.46
C LEU MB 6 66.13 12.42 61.59
N GLY MB 7 65.39 11.39 61.94
CA GLY MB 7 64.54 11.41 63.09
C GLY MB 7 63.93 10.04 63.21
N PRO MB 8 63.56 9.66 64.43
CA PRO MB 8 62.96 8.34 64.62
C PRO MB 8 61.84 8.09 63.64
N ARG MB 9 61.15 9.14 63.22
CA ARG MB 9 60.17 9.02 62.15
C ARG MB 9 60.82 8.46 60.90
N TYR MB 10 61.59 9.30 60.22
CA TYR MB 10 62.16 8.86 58.97
C TYR MB 10 63.09 7.69 59.20
N ARG MB 11 63.69 7.61 60.38
CA ARG MB 11 64.39 6.39 60.76
C ARG MB 11 63.49 5.20 60.52
N GLN MB 12 62.30 5.24 61.12
CA GLN MB 12 61.35 4.17 60.92
C GLN MB 12 61.05 3.99 59.45
N LEU MB 13 60.98 5.09 58.71
CA LEU MB 13 60.77 4.97 57.28
C LEU MB 13 61.82 4.04 56.67
N ALA MB 14 63.08 4.30 56.98
CA ALA MB 14 64.14 3.44 56.51
C ALA MB 14 63.91 2.00 56.95
N ARG MB 15 63.62 1.82 58.24
CA ARG MB 15 63.37 0.48 58.76
C ARG MB 15 62.35 -0.23 57.90
N ASN MB 16 61.35 0.50 57.42
CA ASN MB 16 60.43 -0.08 56.46
C ASN MB 16 61.15 -0.44 55.17
N TRP MB 17 61.73 0.55 54.50
CA TRP MB 17 62.19 0.32 53.13
C TRP MB 17 63.29 -0.72 53.05
N VAL MB 18 63.92 -1.05 54.16
CA VAL MB 18 65.15 -1.82 54.19
C VAL MB 18 65.00 -3.12 53.41
N PRO MB 19 64.08 -4.01 53.79
CA PRO MB 19 64.04 -5.32 53.11
C PRO MB 19 63.82 -5.17 51.63
N THR MB 20 62.85 -4.34 51.26
CA THR MB 20 62.69 -3.98 49.86
C THR MB 20 64.01 -3.56 49.28
N ALA MB 21 64.72 -2.67 49.98
CA ALA MB 21 65.99 -2.16 49.47
C ALA MB 21 66.91 -3.32 49.10
N GLN MB 22 67.03 -4.29 50.01
CA GLN MB 22 67.73 -5.51 49.66
C GLN MB 22 67.20 -6.07 48.37
N LEU MB 23 65.88 -6.12 48.22
CA LEU MB 23 65.30 -6.76 47.05
C LEU MB 23 65.76 -6.09 45.76
N TRP MB 24 65.47 -4.80 45.62
CA TRP MB 24 65.84 -4.12 44.38
C TRP MB 24 67.34 -4.19 44.15
N GLY MB 25 68.12 -4.07 45.22
CA GLY MB 25 69.55 -4.23 45.07
C GLY MB 25 69.90 -5.53 44.40
N ALA MB 26 69.39 -6.63 44.94
CA ALA MB 26 69.59 -7.92 44.31
C ALA MB 26 69.21 -7.85 42.84
N VAL MB 27 68.09 -7.22 42.53
CA VAL MB 27 67.67 -7.08 41.15
C VAL MB 27 68.81 -6.53 40.32
N GLY MB 28 69.34 -5.38 40.73
CA GLY MB 28 70.45 -4.80 39.99
C GLY MB 28 71.61 -5.76 39.84
N ALA MB 29 72.06 -6.36 40.94
CA ALA MB 29 73.23 -7.21 40.93
C ALA MB 29 73.07 -8.34 39.92
N VAL MB 30 72.08 -9.20 40.15
CA VAL MB 30 71.83 -10.31 39.24
C VAL MB 30 71.76 -9.80 37.82
N GLY MB 31 71.11 -8.66 37.61
CA GLY MB 31 71.08 -8.09 36.28
C GLY MB 31 72.46 -7.96 35.69
N LEU MB 32 73.37 -7.33 36.42
CA LEU MB 32 74.76 -7.28 35.99
C LEU MB 32 75.26 -8.66 35.65
N VAL MB 33 74.89 -9.65 36.44
CA VAL MB 33 75.34 -11.00 36.17
C VAL MB 33 74.89 -11.43 34.78
N TRP MB 34 73.59 -11.71 34.65
CA TRP MB 34 73.08 -12.35 33.46
C TRP MB 34 73.41 -11.52 32.24
N ALA MB 35 73.18 -10.23 32.33
CA ALA MB 35 73.57 -9.30 31.29
C ALA MB 35 75.01 -9.56 30.90
N THR MB 36 75.90 -9.28 31.84
CA THR MB 36 77.33 -9.43 31.56
C THR MB 36 77.67 -10.88 31.29
N ASP MB 37 77.24 -11.78 32.16
CA ASP MB 37 77.86 -13.10 32.25
C ASP MB 37 79.36 -12.96 32.42
N TRP MB 38 79.78 -11.91 33.10
CA TRP MB 38 81.19 -11.58 33.23
C TRP MB 38 81.94 -12.76 33.82
N ARG MB 39 83.04 -13.14 33.15
CA ARG MB 39 83.80 -14.31 33.53
C ARG MB 39 84.08 -14.31 35.04
N LEU MB 40 84.42 -13.13 35.57
CA LEU MB 40 84.80 -13.01 36.98
C LEU MB 40 83.80 -13.71 37.88
N ILE MB 41 82.53 -13.37 37.74
CA ILE MB 41 81.51 -14.11 38.46
C ILE MB 41 81.16 -15.40 37.75
N LEU MB 42 81.17 -15.37 36.41
CA LEU MB 42 80.65 -16.48 35.62
C LEU MB 42 81.23 -17.81 36.07
N ASP MB 43 82.50 -17.79 36.49
CA ASP MB 43 83.17 -19.02 36.87
C ASP MB 43 82.34 -19.80 37.87
N TRP MB 44 81.94 -19.16 38.96
CA TRP MB 44 81.27 -19.88 40.03
C TRP MB 44 79.96 -20.48 39.61
N VAL MB 45 79.50 -20.23 38.39
CA VAL MB 45 78.15 -20.63 38.02
C VAL MB 45 78.17 -22.08 37.57
N PRO MB 46 77.70 -23.01 38.39
CA PRO MB 46 77.63 -24.41 37.98
C PRO MB 46 76.44 -24.67 37.06
N TYR MB 47 76.68 -25.49 36.04
CA TYR MB 47 75.66 -25.99 35.12
C TYR MB 47 75.08 -24.83 34.33
N ILE MB 48 75.23 -23.63 34.87
CA ILE MB 48 75.40 -22.44 34.06
C ILE MB 48 76.80 -22.43 33.51
N ASN MB 49 77.63 -23.37 33.95
CA ASN MB 49 78.88 -23.60 33.26
C ASN MB 49 78.58 -23.85 31.79
N GLY MB 50 79.19 -23.04 30.92
CA GLY MB 50 78.95 -23.09 29.50
C GLY MB 50 79.93 -23.95 28.75
N LYS MB 51 80.87 -24.58 29.42
CA LYS MB 51 81.79 -25.49 28.78
C LYS MB 51 82.01 -26.67 29.71
N THR NB 1 10.42 64.56 -0.40
CA THR NB 1 9.82 65.61 -1.20
C THR NB 1 10.94 66.35 -1.89
N ALA NB 2 10.94 67.68 -1.78
CA ALA NB 2 12.15 68.39 -2.17
C ALA NB 2 13.26 67.76 -1.35
N THR NB 3 14.19 67.12 -2.04
CA THR NB 3 14.87 65.99 -1.43
C THR NB 3 15.75 66.49 -0.32
N TYR NB 4 16.45 65.57 0.34
CA TYR NB 4 17.19 65.91 1.55
C TYR NB 4 17.99 67.19 1.38
N ALA NB 5 18.46 67.47 0.16
CA ALA NB 5 19.08 68.76 -0.10
C ALA NB 5 18.04 69.84 -0.36
N GLN NB 6 16.99 69.51 -1.11
CA GLN NB 6 15.95 70.49 -1.33
C GLN NB 6 14.98 70.49 -0.17
N ALA NB 7 15.08 69.47 0.68
CA ALA NB 7 14.58 69.60 2.04
C ALA NB 7 15.51 70.49 2.83
N LEU NB 8 16.80 70.38 2.57
CA LEU NB 8 17.76 71.19 3.29
C LEU NB 8 17.50 72.66 3.02
N GLN NB 9 17.22 72.98 1.76
CA GLN NB 9 16.65 74.28 1.46
C GLN NB 9 15.26 74.38 2.06
N SER NB 10 14.48 73.32 1.95
CA SER NB 10 13.13 73.36 2.50
C SER NB 10 13.18 73.50 4.00
N VAL NB 11 14.17 72.89 4.64
CA VAL NB 11 14.53 73.33 5.98
C VAL NB 11 14.79 74.83 5.94
N PRO NB 12 14.12 75.63 6.74
CA PRO NB 12 14.21 77.07 6.54
C PRO NB 12 15.61 77.60 6.77
N GLU NB 13 15.77 78.89 6.52
CA GLU NB 13 17.07 79.53 6.58
C GLU NB 13 17.23 80.24 7.91
N THR NB 14 18.32 79.94 8.60
CA THR NB 14 18.74 80.79 9.69
C THR NB 14 19.32 82.09 9.14
N GLN NB 15 19.41 83.09 10.01
CA GLN NB 15 20.03 84.35 9.64
C GLN NB 15 21.00 84.77 10.72
N VAL NB 16 21.87 85.71 10.36
CA VAL NB 16 22.85 86.21 11.31
C VAL NB 16 22.99 87.70 11.10
N SER NB 17 23.67 88.34 12.04
CA SER NB 17 23.82 89.78 11.97
C SER NB 17 25.08 90.18 12.72
N GLN NB 18 25.51 91.41 12.49
CA GLN NB 18 26.66 91.97 13.17
C GLN NB 18 26.25 93.28 13.82
N LEU NB 19 26.21 93.30 15.15
CA LEU NB 19 25.87 94.51 15.87
C LEU NB 19 27.04 95.49 15.85
N ASP NB 20 26.75 96.74 16.18
CA ASP NB 20 27.79 97.75 16.04
C ASP NB 20 28.56 97.77 17.35
N ASN NB 21 29.59 96.98 17.34
CA ASN NB 21 30.80 97.01 18.09
C ASN NB 21 31.59 96.69 16.85
N GLY NB 22 30.92 95.85 16.07
CA GLY NB 22 31.45 94.78 15.26
C GLY NB 22 30.86 93.60 16.01
N LEU NB 23 29.97 93.94 16.94
CA LEU NB 23 29.37 92.95 17.81
C LEU NB 23 28.58 91.94 17.00
N ARG NB 24 28.62 90.70 17.46
CA ARG NB 24 28.09 89.58 16.70
C ARG NB 24 26.77 89.14 17.32
N VAL NB 25 25.72 89.13 16.50
CA VAL NB 25 24.42 88.66 16.93
C VAL NB 25 23.80 87.89 15.77
N ALA NB 26 23.48 86.63 15.99
CA ALA NB 26 22.83 85.84 14.95
C ALA NB 26 21.50 85.31 15.44
N SER NB 27 20.60 85.05 14.51
CA SER NB 27 19.21 84.78 14.83
C SER NB 27 18.75 83.51 14.15
N GLU NB 28 18.19 82.58 14.93
CA GLU NB 28 17.26 81.61 14.39
C GLU NB 28 15.93 81.91 15.06
N GLN NB 29 15.04 82.51 14.30
CA GLN NB 29 13.70 82.85 14.75
C GLN NB 29 12.81 81.68 14.35
N SER NB 30 12.08 81.14 15.31
CA SER NB 30 11.42 79.87 15.11
C SER NB 30 10.02 79.95 15.70
N SER NB 31 9.35 78.80 15.76
CA SER NB 31 8.12 78.66 16.50
C SER NB 31 8.34 78.25 17.93
N GLN NB 32 9.59 78.21 18.38
CA GLN NB 32 9.84 77.78 19.73
C GLN NB 32 9.17 78.75 20.69
N PRO NB 33 8.11 78.34 21.39
CA PRO NB 33 7.49 79.26 22.36
C PRO NB 33 8.38 79.53 23.55
N THR NB 34 8.94 78.48 24.13
CA THR NB 34 10.14 78.71 24.90
C THR NB 34 11.28 78.90 23.92
N CYS NB 35 12.47 79.06 24.45
CA CYS NB 35 13.61 79.14 23.56
C CYS NB 35 14.84 78.86 24.38
N THR NB 36 15.90 78.50 23.68
CA THR NB 36 17.22 78.52 24.27
C THR NB 36 17.72 79.92 24.01
N VAL NB 37 17.76 80.74 25.05
CA VAL NB 37 18.34 82.05 24.90
C VAL NB 37 19.79 81.81 25.26
N GLY NB 38 20.61 81.63 24.24
CA GLY NB 38 22.02 81.65 24.43
C GLY NB 38 22.42 83.05 24.72
N VAL NB 39 22.87 83.31 25.93
CA VAL NB 39 23.88 84.32 26.11
C VAL NB 39 25.11 83.46 26.17
N TRP NB 40 25.84 83.38 25.08
CA TRP NB 40 26.73 82.25 24.90
C TRP NB 40 28.01 82.64 25.60
N ILE NB 41 28.19 82.09 26.79
CA ILE NB 41 29.26 82.54 27.67
C ILE NB 41 30.50 81.91 27.09
N ASP NB 42 31.33 82.72 26.46
CA ASP NB 42 32.32 82.27 25.49
C ASP NB 42 33.64 81.90 26.14
N ALA NB 43 33.69 81.77 27.46
CA ALA NB 43 34.93 81.44 28.16
C ALA NB 43 35.03 79.93 28.28
N GLY NB 44 35.97 79.33 27.55
CA GLY NB 44 36.02 77.90 27.39
C GLY NB 44 37.03 77.20 28.29
N SER NB 45 37.30 75.94 27.94
CA SER NB 45 38.18 75.08 28.72
C SER NB 45 39.65 75.33 28.40
N ARG NB 46 40.00 75.52 27.13
CA ARG NB 46 41.41 75.68 26.79
C ARG NB 46 41.83 77.12 26.59
N TYR NB 47 40.91 78.06 26.65
CA TYR NB 47 41.18 79.42 26.18
C TYR NB 47 42.31 80.09 26.93
N GLU NB 48 42.84 79.48 27.96
CA GLU NB 48 43.59 80.19 28.96
C GLU NB 48 45.05 79.76 28.91
N THR NB 49 45.87 80.56 29.55
CA THR NB 49 47.32 80.44 29.49
C THR NB 49 47.86 79.93 30.83
N GLU NB 50 49.18 79.79 30.89
CA GLU NB 50 49.85 78.99 31.91
C GLU NB 50 49.53 79.43 33.33
N LYS NB 51 50.11 80.54 33.76
CA LYS NB 51 49.79 80.99 35.11
C LYS NB 51 48.34 81.42 35.23
N ASN NB 52 47.63 81.47 34.11
CA ASN NB 52 46.20 81.73 34.11
C ASN NB 52 45.41 80.50 34.48
N ASN NB 53 46.11 79.42 34.81
CA ASN NB 53 45.47 78.15 35.09
C ASN NB 53 44.34 78.30 36.08
N GLY NB 54 43.22 77.66 35.78
CA GLY NB 54 42.10 77.53 36.68
C GLY NB 54 41.17 78.71 36.72
N ALA NB 55 41.63 79.88 36.28
CA ALA NB 55 40.81 81.08 36.42
C ALA NB 55 39.49 80.97 35.68
N GLY NB 56 39.44 80.17 34.62
CA GLY NB 56 38.18 79.98 33.93
C GLY NB 56 37.31 78.94 34.58
N TYR NB 57 37.93 77.93 35.20
CA TYR NB 57 37.15 77.01 36.02
C TYR NB 57 36.63 77.72 37.25
N PHE NB 58 37.50 78.47 37.92
CA PHE NB 58 37.03 79.32 39.00
C PHE NB 58 35.93 80.23 38.51
N VAL NB 59 36.18 80.89 37.39
CA VAL NB 59 35.18 81.76 36.78
C VAL NB 59 33.89 81.00 36.60
N GLU NB 60 33.99 79.73 36.21
CA GLU NB 60 32.80 78.90 36.10
C GLU NB 60 32.11 78.81 37.44
N HIS NB 61 32.83 78.34 38.46
CA HIS NB 61 32.32 78.40 39.81
C HIS NB 61 31.98 79.83 40.20
N LEU NB 62 32.61 80.81 39.57
CA LEU NB 62 32.25 82.18 39.83
C LEU NB 62 31.10 82.68 38.96
N ALA NB 63 30.75 81.95 37.90
CA ALA NB 63 29.85 82.49 36.88
C ALA NB 63 28.49 82.87 37.47
N PHE NB 64 27.88 81.95 38.20
CA PHE NB 64 26.59 82.21 38.82
C PHE NB 64 26.73 82.68 40.26
N LYS NB 65 27.95 82.94 40.72
CA LYS NB 65 28.20 83.09 42.16
C LYS NB 65 27.45 84.26 42.78
N GLY NB 66 26.78 85.10 42.00
CA GLY NB 66 26.08 86.25 42.52
C GLY NB 66 26.78 87.55 42.13
N THR NB 67 26.00 88.64 42.13
CA THR NB 67 26.50 89.91 41.61
C THR NB 67 25.78 91.06 42.30
N LYS NB 68 26.01 92.26 41.76
CA LYS NB 68 25.49 93.48 42.39
C LYS NB 68 24.11 93.83 41.85
N ASN NB 69 24.04 94.13 40.56
CA ASN NB 69 22.76 94.49 39.95
C ASN NB 69 21.68 93.48 40.32
N ARG NB 70 22.02 92.20 40.30
CA ARG NB 70 21.23 91.16 40.93
C ARG NB 70 22.06 90.47 41.99
N PRO NB 71 21.66 90.52 43.26
CA PRO NB 71 22.37 89.70 44.27
C PRO NB 71 22.24 88.22 43.98
N GLY NB 72 22.89 87.38 44.77
CA GLY NB 72 22.91 85.97 44.47
C GLY NB 72 21.54 85.35 44.51
N ASN NB 73 20.85 85.45 45.65
CA ASN NB 73 19.49 84.96 45.72
C ASN NB 73 18.57 85.80 44.86
N ALA NB 74 18.99 87.02 44.53
CA ALA NB 74 18.22 87.84 43.61
C ALA NB 74 18.39 87.34 42.18
N LEU NB 75 19.64 87.10 41.76
CA LEU NB 75 19.84 86.36 40.53
C LEU NB 75 18.97 85.12 40.54
N GLU NB 76 18.90 84.47 41.68
CA GLU NB 76 17.98 83.37 41.85
C GLU NB 76 16.53 83.84 41.85
N LYS NB 77 16.29 85.15 41.94
CA LYS NB 77 14.92 85.61 42.08
C LYS NB 77 14.36 85.96 40.72
N GLU NB 78 14.92 86.98 40.08
CA GLU NB 78 14.60 87.21 38.68
C GLU NB 78 14.78 85.90 37.91
N VAL NB 79 15.92 85.27 38.10
CA VAL NB 79 16.27 84.10 37.32
C VAL NB 79 15.46 82.92 37.81
N GLU NB 80 15.80 82.45 39.00
CA GLU NB 80 15.18 81.23 39.49
C GLU NB 80 13.69 81.43 39.70
N SER NB 81 13.31 82.52 40.34
CA SER NB 81 11.89 82.81 40.45
C SER NB 81 11.26 82.88 39.07
N MET NB 82 11.98 83.45 38.10
CA MET NB 82 11.54 83.31 36.73
C MET NB 82 11.51 81.85 36.33
N GLY NB 83 12.25 81.01 37.01
CA GLY NB 83 12.33 79.64 36.59
C GLY NB 83 13.02 79.58 35.26
N ALA NB 84 14.25 80.08 35.18
CA ALA NB 84 14.97 80.13 33.92
C ALA NB 84 16.18 79.19 33.96
N HIS NB 85 16.87 79.11 32.83
CA HIS NB 85 17.94 78.16 32.66
C HIS NB 85 19.27 78.88 32.50
N LEU NB 86 20.31 78.31 33.10
CA LEU NB 86 21.67 78.78 32.91
C LEU NB 86 22.60 77.59 32.92
N ASN NB 87 23.52 77.57 31.96
CA ASN NB 87 24.58 76.57 31.93
C ASN NB 87 25.87 77.31 31.64
N ALA NB 88 27.00 76.63 31.84
CA ALA NB 88 28.27 77.08 31.30
C ALA NB 88 28.95 75.87 30.70
N TYR NB 89 29.08 75.85 29.39
CA TYR NB 89 29.71 74.74 28.70
C TYR NB 89 30.99 75.24 28.11
N SER NB 90 32.11 74.85 28.71
CA SER NB 90 33.42 75.41 28.44
C SER NB 90 34.19 74.53 27.48
N THR NB 91 34.79 75.14 26.44
CA THR NB 91 35.45 74.44 25.36
C THR NB 91 36.85 75.00 25.13
N ARG NB 92 37.50 74.64 24.04
CA ARG NB 92 38.84 75.17 23.86
C ARG NB 92 38.86 76.69 23.97
N GLU NB 93 38.36 77.38 22.95
CA GLU NB 93 38.43 78.83 22.90
C GLU NB 93 37.17 79.53 23.39
N HIS NB 94 36.09 78.80 23.59
CA HIS NB 94 34.82 79.46 23.82
C HIS NB 94 33.95 78.56 24.67
N THR NB 95 32.75 79.03 24.93
CA THR NB 95 31.81 78.31 25.76
C THR NB 95 30.44 78.88 25.50
N ALA NB 96 29.46 78.45 26.30
CA ALA NB 96 28.16 79.10 26.21
C ALA NB 96 27.45 79.08 27.55
N TYR NB 97 26.40 79.92 27.64
CA TYR NB 97 25.45 79.93 28.76
C TYR NB 97 24.03 79.98 28.20
N TYR NB 98 23.24 78.96 28.50
CA TYR NB 98 21.88 78.86 28.01
C TYR NB 98 20.94 79.69 28.87
N ILE NB 99 19.84 80.13 28.27
CA ILE NB 99 18.66 80.54 29.02
C ILE NB 99 17.46 79.92 28.32
N LYS NB 100 16.76 79.05 29.02
CA LYS NB 100 15.50 78.50 28.53
C LYS NB 100 14.41 79.42 29.02
N ALA NB 101 13.53 79.87 28.12
CA ALA NB 101 12.55 80.85 28.59
C ALA NB 101 11.31 80.91 27.70
N LEU NB 102 10.24 81.44 28.27
CA LEU NB 102 9.18 81.95 27.43
C LEU NB 102 9.78 82.95 26.47
N SER NB 103 9.58 82.74 25.18
CA SER NB 103 9.97 83.77 24.23
C SER NB 103 9.36 85.11 24.65
N LYS NB 104 8.18 85.05 25.25
CA LYS NB 104 7.65 86.22 25.93
C LYS NB 104 8.69 86.85 26.83
N ASP NB 105 9.37 86.02 27.62
CA ASP NB 105 10.32 86.53 28.58
C ASP NB 105 11.56 87.13 27.95
N LEU NB 106 11.67 87.03 26.62
CA LEU NB 106 12.91 87.27 25.90
C LEU NB 106 13.71 88.45 26.41
N PRO NB 107 13.12 89.61 26.66
CA PRO NB 107 13.93 90.71 27.19
C PRO NB 107 14.57 90.39 28.51
N LYS NB 108 13.82 89.79 29.43
CA LYS NB 108 14.20 89.82 30.84
C LYS NB 108 15.62 89.31 31.03
N ALA NB 109 15.86 88.07 30.62
CA ALA NB 109 17.17 87.48 30.84
C ALA NB 109 18.24 88.16 30.02
N VAL NB 110 17.87 88.66 28.85
CA VAL NB 110 18.78 89.51 28.11
C VAL NB 110 19.34 90.55 29.04
N GLU NB 111 18.44 91.26 29.73
CA GLU NB 111 18.85 92.17 30.79
C GLU NB 111 19.76 91.45 31.76
N LEU NB 112 19.29 90.33 32.29
CA LEU NB 112 20.12 89.51 33.15
C LEU NB 112 21.45 89.22 32.46
N LEU NB 113 21.39 88.76 31.21
CA LEU NB 113 22.60 88.47 30.47
C LEU NB 113 23.59 89.61 30.60
N ALA NB 114 23.11 90.84 30.40
CA ALA NB 114 23.98 92.01 30.43
C ALA NB 114 24.76 92.08 31.73
N ASP NB 115 24.05 91.99 32.86
CA ASP NB 115 24.75 92.03 34.13
C ASP NB 115 25.63 90.81 34.29
N ILE NB 116 25.14 89.67 33.82
CA ILE NB 116 26.02 88.53 33.63
C ILE NB 116 27.24 88.99 32.86
N VAL NB 117 26.99 89.58 31.70
CA VAL NB 117 28.04 90.16 30.88
C VAL NB 117 28.93 91.06 31.72
N GLN NB 118 28.35 91.79 32.65
CA GLN NB 118 29.10 92.82 33.34
C GLN NB 118 29.19 92.57 34.84
N ASN NB 119 28.06 92.55 35.53
CA ASN NB 119 28.05 92.85 36.95
C ASN NB 119 28.56 91.71 37.81
N CYS NB 120 28.99 90.61 37.20
CA CYS NB 120 29.55 89.52 37.98
C CYS NB 120 30.65 90.05 38.88
N SER NB 121 30.53 89.80 40.17
CA SER NB 121 31.35 90.47 41.15
C SER NB 121 32.27 89.48 41.84
N LEU NB 122 33.44 89.97 42.23
CA LEU NB 122 34.34 89.25 43.13
C LEU NB 122 34.14 89.86 44.51
N GLU NB 123 33.48 89.14 45.38
CA GLU NB 123 33.01 89.68 46.65
C GLU NB 123 33.87 89.10 47.74
N ASP NB 124 34.64 89.96 48.42
CA ASP NB 124 35.51 89.49 49.48
C ASP NB 124 34.77 88.66 50.50
N SER NB 125 33.44 88.75 50.53
CA SER NB 125 32.65 87.75 51.22
C SER NB 125 32.65 86.44 50.44
N GLN NB 126 31.97 86.45 49.28
CA GLN NB 126 32.03 85.32 48.36
C GLN NB 126 33.47 84.92 48.10
N ILE NB 127 34.27 85.83 47.57
CA ILE NB 127 35.68 85.61 47.39
C ILE NB 127 36.34 85.08 48.65
N GLU NB 128 35.80 85.41 49.83
CA GLU NB 128 36.16 84.54 50.93
C GLU NB 128 35.35 83.26 50.92
N LYS NB 129 34.02 83.38 50.80
CA LYS NB 129 33.09 82.33 51.20
C LYS NB 129 32.59 81.51 50.02
N GLU NB 130 31.89 82.12 49.07
CA GLU NB 130 31.60 81.42 47.84
C GLU NB 130 32.92 80.97 47.26
N ARG NB 131 33.96 81.73 47.54
CA ARG NB 131 35.30 81.26 47.21
C ARG NB 131 35.97 80.54 48.35
N ASP NB 132 35.33 80.41 49.51
CA ASP NB 132 35.53 79.21 50.29
C ASP NB 132 34.68 78.09 49.73
N VAL NB 133 33.64 78.46 48.99
CA VAL NB 133 32.93 77.46 48.20
C VAL NB 133 33.65 77.23 46.89
N ILE NB 134 34.48 78.18 46.47
CA ILE NB 134 35.39 77.88 45.38
C ILE NB 134 36.63 77.17 45.88
N LEU NB 135 37.26 77.74 46.92
CA LEU NB 135 38.43 77.08 47.48
C LEU NB 135 38.07 75.68 47.90
N GLN NB 136 36.92 75.52 48.55
CA GLN NB 136 36.48 74.18 48.90
C GLN NB 136 35.86 73.48 47.72
N GLU NB 137 34.69 73.97 47.31
CA GLU NB 137 33.89 73.28 46.31
C GLU NB 137 34.75 72.90 45.14
N LEU NB 138 35.44 73.87 44.57
CA LEU NB 138 36.48 73.56 43.60
C LEU NB 138 37.51 72.63 44.20
N GLN NB 139 38.15 73.08 45.28
CA GLN NB 139 39.45 72.58 45.68
C GLN NB 139 39.47 71.07 45.69
N GLU NB 140 38.53 70.48 46.40
CA GLU NB 140 38.42 69.04 46.31
C GLU NB 140 37.52 68.63 45.16
N ASN NB 141 36.74 69.57 44.60
CA ASN NB 141 35.77 69.22 43.59
C ASN NB 141 36.38 68.57 42.37
N ASP NB 142 37.68 68.71 42.21
CA ASP NB 142 38.33 68.20 41.00
C ASP NB 142 37.90 66.79 40.56
N THR NB 143 38.11 65.78 41.40
CA THR NB 143 38.73 64.50 41.03
C THR NB 143 38.16 63.62 39.91
N SER NB 144 37.22 64.09 39.09
CA SER NB 144 36.55 63.19 38.14
C SER NB 144 37.52 62.34 37.35
N MET NB 145 37.34 61.02 37.44
CA MET NB 145 38.32 60.10 36.90
C MET NB 145 37.95 59.51 35.54
N ARG NB 146 36.77 59.77 35.01
CA ARG NB 146 36.60 59.65 33.58
C ARG NB 146 37.22 60.84 32.89
N ASP NB 147 37.25 61.98 33.56
CA ASP NB 147 38.18 63.04 33.21
C ASP NB 147 39.60 62.68 33.60
N VAL NB 148 39.79 61.57 34.31
CA VAL NB 148 41.06 60.90 34.27
C VAL NB 148 41.01 59.77 33.28
N VAL NB 149 39.96 59.68 32.48
CA VAL NB 149 39.91 58.69 31.43
C VAL NB 149 39.71 59.42 30.13
N PHE NB 150 38.48 59.87 29.91
CA PHE NB 150 38.20 60.71 28.76
C PHE NB 150 39.04 61.96 28.86
N ASN NB 151 39.25 62.46 30.07
CA ASN NB 151 40.32 63.42 30.25
C ASN NB 151 41.54 62.81 30.89
N TYR NB 152 41.59 61.52 31.06
CA TYR NB 152 42.91 61.09 30.70
C TYR NB 152 43.12 61.29 29.23
N LEU NB 153 42.07 61.24 28.44
CA LEU NB 153 42.27 61.54 27.04
C LEU NB 153 42.47 63.02 26.82
N HIS NB 154 41.98 63.84 27.73
CA HIS NB 154 42.13 65.28 27.67
C HIS NB 154 43.19 65.76 28.63
N ALA NB 155 43.06 65.46 29.91
CA ALA NB 155 44.13 65.85 30.82
C ALA NB 155 45.29 64.87 30.81
N THR NB 156 45.28 63.83 30.00
CA THR NB 156 46.51 63.09 29.85
C THR NB 156 46.80 62.80 28.39
N ALA NB 157 45.95 61.99 27.77
CA ALA NB 157 46.18 61.67 26.37
C ALA NB 157 46.07 62.91 25.51
N PHE NB 158 45.32 63.90 25.92
CA PHE NB 158 45.69 65.24 25.54
C PHE NB 158 46.68 65.65 26.61
N GLN NB 159 47.86 66.10 26.20
CA GLN NB 159 48.87 66.50 27.15
C GLN NB 159 48.39 67.77 27.85
N GLY NB 160 49.25 68.35 28.66
CA GLY NB 160 49.03 69.69 29.17
C GLY NB 160 49.90 70.73 28.53
N THR NB 161 50.62 70.39 27.47
CA THR NB 161 51.61 71.26 26.86
C THR NB 161 50.95 72.58 26.49
N PRO NB 162 51.71 73.67 26.38
CA PRO NB 162 51.09 74.99 26.29
C PRO NB 162 49.91 75.00 25.35
N LEU NB 163 50.06 74.37 24.19
CA LEU NB 163 48.92 74.12 23.35
C LEU NB 163 48.10 72.95 23.83
N ALA NB 164 48.76 71.85 24.22
CA ALA NB 164 48.02 70.72 24.74
C ALA NB 164 47.31 71.07 26.04
N GLN NB 165 47.50 72.29 26.53
CA GLN NB 165 47.26 72.63 27.93
C GLN NB 165 45.94 72.11 28.45
N SER NB 166 45.99 71.61 29.69
CA SER NB 166 44.83 71.04 30.34
C SER NB 166 43.85 72.14 30.70
N VAL NB 167 42.80 71.78 31.42
CA VAL NB 167 41.77 72.74 31.78
C VAL NB 167 42.01 73.29 33.17
N GLU NB 168 41.78 72.46 34.19
CA GLU NB 168 41.60 72.96 35.53
C GLU NB 168 42.84 73.62 36.13
N GLY NB 169 44.03 73.20 35.75
CA GLY NB 169 45.22 73.80 36.30
C GLY NB 169 45.50 73.33 37.71
N PRO NB 170 46.38 74.04 38.41
CA PRO NB 170 46.99 73.47 39.61
C PRO NB 170 46.12 73.53 40.84
N SER NB 171 46.30 72.54 41.70
CA SER NB 171 45.84 72.65 43.07
C SER NB 171 46.70 73.63 43.85
N GLU NB 172 47.99 73.64 43.56
CA GLU NB 172 48.83 74.73 44.03
C GLU NB 172 48.18 76.05 43.64
N ASN NB 173 47.76 76.16 42.39
CA ASN NB 173 46.98 77.31 41.97
C ASN NB 173 45.71 77.43 42.78
N VAL NB 174 45.07 76.31 43.08
CA VAL NB 174 43.82 76.35 43.84
C VAL NB 174 44.03 77.10 45.14
N ARG NB 175 45.13 76.81 45.82
CA ARG NB 175 45.57 77.67 46.89
C ARG NB 175 45.76 79.08 46.38
N LYS NB 176 46.42 79.20 45.23
CA LYS NB 176 46.99 80.44 44.77
C LYS NB 176 45.99 81.29 44.02
N LEU NB 177 44.72 80.89 44.01
CA LEU NB 177 43.70 81.66 43.31
C LEU NB 177 43.75 83.13 43.72
N SER NB 178 43.51 84.03 42.76
CA SER NB 178 43.73 85.45 42.98
C SER NB 178 42.56 86.28 42.50
N ARG NB 179 42.30 87.39 43.18
CA ARG NB 179 41.54 88.45 42.55
C ARG NB 179 42.32 88.99 41.37
N ALA NB 180 43.64 89.08 41.51
CA ALA NB 180 44.46 89.30 40.33
C ALA NB 180 44.10 88.31 39.24
N ASP NB 181 43.63 87.14 39.62
CA ASP NB 181 43.04 86.28 38.62
C ASP NB 181 41.63 86.68 38.28
N LEU NB 182 40.97 87.44 39.16
CA LEU NB 182 39.57 87.75 39.00
C LEU NB 182 39.38 89.25 38.95
N THR NB 183 39.70 89.95 40.03
CA THR NB 183 39.86 91.39 39.95
C THR NB 183 40.64 91.63 38.68
N GLU NB 184 41.86 91.11 38.58
CA GLU NB 184 42.51 91.33 37.30
C GLU NB 184 42.09 90.29 36.27
N TYR NB 185 42.52 89.05 36.41
CA TYR NB 185 42.53 88.25 35.21
C TYR NB 185 41.16 87.87 34.72
N LEU NB 186 40.10 88.09 35.49
CA LEU NB 186 38.82 88.06 34.83
C LEU NB 186 38.77 89.17 33.80
N SER NB 187 38.90 90.41 34.25
CA SER NB 187 39.01 91.51 33.31
C SER NB 187 40.21 91.31 32.41
N ARG NB 188 41.36 91.00 33.02
CA ARG NB 188 42.56 90.77 32.23
C ARG NB 188 42.37 89.62 31.27
N HIS NB 189 41.36 88.80 31.47
CA HIS NB 189 40.97 87.89 30.41
C HIS NB 189 39.71 88.41 29.74
N TYR NB 190 38.59 88.40 30.47
CA TYR NB 190 37.29 88.47 29.83
C TYR NB 190 37.21 89.68 28.92
N LYS NB 191 36.95 89.41 27.65
CA LYS NB 191 37.02 90.40 26.59
C LYS NB 191 35.82 90.19 25.68
N ALA NB 192 34.95 91.18 25.62
CA ALA NB 192 33.65 90.99 25.00
C ALA NB 192 33.71 90.74 23.50
N PRO NB 193 34.60 91.40 22.78
CA PRO NB 193 34.55 91.29 21.30
C PRO NB 193 34.43 89.88 20.81
N ARG NB 194 35.02 88.93 21.53
CA ARG NB 194 34.88 87.53 21.24
C ARG NB 194 33.58 86.94 21.74
N MET NB 195 32.92 87.59 22.69
CA MET NB 195 31.69 87.04 23.25
C MET NB 195 30.68 86.91 22.13
N VAL NB 196 29.71 86.03 22.31
CA VAL NB 196 28.82 85.65 21.23
C VAL NB 196 27.40 86.08 21.57
N LEU NB 197 26.77 86.79 20.65
CA LEU NB 197 25.37 87.20 20.82
C LEU NB 197 24.54 86.19 20.04
N ALA NB 198 23.88 85.31 20.78
CA ALA NB 198 23.43 84.02 20.29
C ALA NB 198 21.92 83.94 20.40
N ALA NB 199 21.26 83.75 19.27
CA ALA NB 199 19.80 83.85 19.22
C ALA NB 199 19.20 82.54 18.75
N ALA NB 200 18.45 81.88 19.62
CA ALA NB 200 17.78 80.62 19.30
C ALA NB 200 16.35 80.63 19.85
N GLY NB 201 15.36 80.47 18.97
CA GLY NB 201 14.00 80.27 19.40
C GLY NB 201 13.05 80.90 18.42
N GLY NB 202 11.82 81.15 18.87
CA GLY NB 202 11.04 82.19 18.26
C GLY NB 202 11.61 83.54 18.70
N LEU NB 203 11.75 84.46 17.75
CA LEU NB 203 12.47 85.69 18.08
C LEU NB 203 12.42 86.68 16.94
N GLU NB 204 12.77 87.93 17.27
CA GLU NB 204 12.82 89.04 16.32
C GLU NB 204 14.24 89.58 16.32
N HIS NB 205 14.94 89.36 15.21
CA HIS NB 205 16.32 89.82 15.12
C HIS NB 205 16.39 91.34 15.13
N ARG NB 206 15.39 91.99 14.55
CA ARG NB 206 15.29 93.43 14.69
C ARG NB 206 15.23 93.79 16.16
N GLN NB 207 14.30 93.18 16.89
CA GLN NB 207 14.28 93.32 18.32
C GLN NB 207 15.62 92.91 18.92
N LEU NB 208 16.27 91.92 18.33
CA LEU NB 208 17.57 91.53 18.83
C LEU NB 208 18.51 92.72 18.83
N LEU NB 209 18.70 93.34 17.67
CA LEU NB 209 19.50 94.55 17.60
C LEU NB 209 18.99 95.58 18.58
N ASP NB 210 17.67 95.69 18.71
CA ASP NB 210 17.06 96.67 19.57
C ASP NB 210 17.57 96.50 20.99
N LEU NB 211 17.14 95.44 21.66
CA LEU NB 211 17.58 95.16 23.01
C LEU NB 211 19.09 95.17 23.13
N ALA NB 212 19.78 94.71 22.09
CA ALA NB 212 21.22 94.83 22.05
C ALA NB 212 21.64 96.24 22.43
N GLN NB 213 21.25 97.20 21.60
CA GLN NB 213 21.44 98.59 21.96
C GLN NB 213 20.95 98.85 23.37
N LYS NB 214 19.77 98.31 23.71
CA LYS NB 214 19.13 98.64 24.97
C LYS NB 214 19.99 98.23 26.15
N HIS NB 215 20.37 96.96 26.21
CA HIS NB 215 21.23 96.47 27.27
C HIS NB 215 22.55 95.96 26.70
N PHE NB 216 22.49 94.94 25.85
CA PHE NB 216 23.69 94.27 25.37
C PHE NB 216 24.71 95.22 24.77
N SER NB 217 24.28 96.39 24.31
CA SER NB 217 25.23 97.35 23.77
C SER NB 217 26.17 97.81 24.87
N GLY NB 218 27.28 98.40 24.45
CA GLY NB 218 28.28 98.81 25.39
C GLY NB 218 28.97 97.64 26.03
N LEU NB 219 29.56 96.77 25.23
CA LEU NB 219 30.30 95.64 25.78
C LEU NB 219 31.75 95.61 25.33
N SER NB 220 32.01 95.18 24.10
CA SER NB 220 33.36 95.08 23.56
C SER NB 220 34.02 96.43 23.42
N GLY NB 221 33.25 97.52 23.59
CA GLY NB 221 33.82 98.85 23.43
C GLY NB 221 35.11 99.01 24.20
N THR NB 222 35.09 98.65 25.47
CA THR NB 222 36.33 98.48 26.21
C THR NB 222 36.80 97.07 25.87
N TYR NB 223 37.94 96.97 25.21
CA TYR NB 223 38.52 95.69 24.86
C TYR NB 223 39.96 95.92 24.42
N ASP NB 224 40.59 94.87 23.91
CA ASP NB 224 41.96 94.88 23.41
C ASP NB 224 42.99 95.12 24.51
N GLU NB 225 43.82 96.15 24.33
CA GLU NB 225 45.17 96.27 24.93
C GLU NB 225 45.97 95.03 24.48
N ASP NB 226 46.79 94.43 25.32
CA ASP NB 226 47.82 93.50 24.87
C ASP NB 226 47.42 92.03 25.05
N ALA NB 227 48.39 91.13 24.78
CA ALA NB 227 48.31 89.70 25.07
C ALA NB 227 47.18 89.01 24.29
N VAL NB 228 47.43 88.83 23.00
CA VAL NB 228 46.55 88.01 22.16
C VAL NB 228 47.37 87.19 21.16
N PRO NB 229 48.22 86.27 21.62
CA PRO NB 229 49.01 85.46 20.70
C PRO NB 229 48.18 84.37 20.03
N THR NB 230 48.78 83.78 19.00
CA THR NB 230 48.18 82.71 18.24
C THR NB 230 48.76 81.36 18.68
N LEU NB 231 48.39 80.29 17.97
CA LEU NB 231 48.79 78.94 18.31
C LEU NB 231 50.05 78.57 17.55
N THR NB 232 51.15 78.51 18.27
CA THR NB 232 52.39 78.06 17.66
C THR NB 232 52.35 76.55 17.63
N PRO NB 233 52.34 75.95 16.45
CA PRO NB 233 52.25 74.49 16.38
C PRO NB 233 53.41 73.82 17.08
N CYS NB 234 53.17 72.62 17.58
CA CYS NB 234 54.19 71.81 18.23
C CYS NB 234 53.63 70.40 18.35
N ARG NB 235 54.31 69.56 19.10
CA ARG NB 235 53.84 68.19 19.35
C ARG NB 235 53.19 68.11 20.72
N PHE NB 236 51.97 67.59 20.75
CA PHE NB 236 51.39 67.15 22.01
C PHE NB 236 52.19 65.97 22.52
N THR NB 237 51.92 65.58 23.78
CA THR NB 237 52.80 64.66 24.51
C THR NB 237 53.35 63.54 23.64
N GLY NB 238 52.51 62.63 23.14
CA GLY NB 238 52.99 61.57 22.25
C GLY NB 238 53.41 60.30 22.95
N SER NB 239 52.78 60.06 24.09
CA SER NB 239 53.27 59.08 25.05
C SER NB 239 52.19 58.11 25.45
N GLU NB 240 52.49 57.34 26.48
CA GLU NB 240 51.44 56.68 27.23
C GLU NB 240 51.94 56.59 28.66
N ILE NB 241 50.99 56.51 29.58
CA ILE NB 241 51.28 56.24 30.96
C ILE NB 241 50.14 55.40 31.49
N ARG NB 242 50.45 54.40 32.29
CA ARG NB 242 49.43 53.75 33.09
C ARG NB 242 49.47 54.39 34.46
N HIS NB 243 48.40 55.08 34.83
CA HIS NB 243 48.23 55.17 36.26
C HIS NB 243 48.21 53.69 36.60
N ARG NB 244 49.19 53.23 37.35
CA ARG NB 244 49.47 51.81 37.38
C ARG NB 244 48.65 51.27 38.54
N GLU NB 245 47.59 50.56 38.22
CA GLU NB 245 46.60 50.20 39.22
C GLU NB 245 46.33 48.72 39.13
N ASP NB 246 46.80 47.99 40.13
CA ASP NB 246 46.13 46.76 40.48
C ASP NB 246 44.70 47.07 40.89
N GLY NB 247 44.49 48.26 41.45
CA GLY NB 247 43.18 48.67 41.91
C GLY NB 247 42.22 49.00 40.80
N LEU NB 248 42.68 49.16 39.58
CA LEU NB 248 41.75 49.39 38.50
C LEU NB 248 41.14 48.03 38.20
N PRO NB 249 39.87 47.81 38.52
CA PRO NB 249 39.36 46.43 38.46
C PRO NB 249 39.31 45.88 37.07
N LEU NB 250 38.82 46.64 36.10
CA LEU NB 250 38.82 46.21 34.72
C LEU NB 250 39.13 47.42 33.85
N ALA NB 251 39.85 47.18 32.75
CA ALA NB 251 40.29 48.29 31.93
C ALA NB 251 39.12 49.13 31.53
N HIS NB 252 39.22 50.42 31.79
CA HIS NB 252 38.45 51.36 30.99
C HIS NB 252 39.47 51.79 29.98
N VAL NB 253 39.37 51.23 28.79
CA VAL NB 253 40.46 51.47 27.88
C VAL NB 253 39.98 52.49 26.87
N ALA NB 254 40.87 52.92 26.01
CA ALA NB 254 40.46 53.82 24.97
C ALA NB 254 41.58 54.05 23.98
N ILE NB 255 41.31 54.93 23.05
CA ILE NB 255 42.23 55.30 21.98
C ILE NB 255 41.53 56.42 21.24
N ALA NB 256 42.30 57.19 20.47
CA ALA NB 256 41.66 58.14 19.56
C ALA NB 256 42.66 58.57 18.52
N VAL NB 257 42.14 59.08 17.41
CA VAL NB 257 42.94 59.44 16.24
C VAL NB 257 42.16 60.52 15.53
N GLU NB 258 42.80 61.46 14.84
CA GLU NB 258 42.40 62.86 14.99
C GLU NB 258 40.90 63.17 15.11
N GLY NB 259 40.55 63.93 16.15
CA GLY NB 259 39.21 64.40 16.40
C GLY NB 259 39.13 65.88 16.10
N PRO NB 260 37.92 66.42 16.01
CA PRO NB 260 37.71 67.54 15.09
C PRO NB 260 38.45 68.85 15.35
N GLY NB 261 38.31 69.44 16.52
CA GLY NB 261 38.78 70.81 16.62
C GLY NB 261 38.03 71.78 15.71
N TRP NB 262 38.57 72.99 15.62
CA TRP NB 262 37.88 74.04 14.91
C TRP NB 262 38.07 74.00 13.40
N ALA NB 263 39.28 73.73 12.94
CA ALA NB 263 39.73 74.33 11.69
C ALA NB 263 39.62 73.48 10.43
N ASN NB 264 40.47 72.46 10.31
CA ASN NB 264 40.91 71.90 9.04
C ASN NB 264 39.78 71.53 8.09
N PRO NB 265 39.98 71.71 6.79
CA PRO NB 265 38.95 71.27 5.84
C PRO NB 265 38.83 69.77 5.74
N ASP NB 266 39.87 69.04 6.14
CA ASP NB 266 39.88 67.59 5.94
C ASP NB 266 38.79 66.91 6.74
N ASN NB 267 38.61 67.33 7.99
CA ASN NB 267 37.87 66.54 8.96
C ASN NB 267 36.52 66.14 8.43
N VAL NB 268 36.04 66.84 7.41
CA VAL NB 268 34.79 66.53 6.74
C VAL NB 268 34.75 65.04 6.52
N ALA NB 269 35.59 64.58 5.59
CA ALA NB 269 35.60 63.15 5.35
C ALA NB 269 36.10 62.40 6.57
N LEU NB 270 37.02 63.02 7.31
CA LEU NB 270 37.46 62.39 8.54
C LEU NB 270 36.27 62.12 9.43
N GLN NB 271 35.36 63.09 9.51
CA GLN NB 271 34.06 62.83 10.10
C GLN NB 271 33.51 61.54 9.54
N VAL NB 272 33.21 61.55 8.24
CA VAL NB 272 32.82 60.33 7.55
C VAL NB 272 33.77 59.20 7.88
N ALA NB 273 35.06 59.49 7.88
CA ALA NB 273 36.02 58.46 8.22
C ALA NB 273 35.78 57.94 9.63
N ASN NB 274 35.73 58.84 10.59
CA ASN NB 274 35.37 58.44 11.94
C ASN NB 274 34.07 57.66 11.92
N ALA NB 275 33.18 58.02 11.00
CA ALA NB 275 31.97 57.25 10.81
C ALA NB 275 32.31 55.81 10.51
N ILE NB 276 33.05 55.61 9.41
CA ILE NB 276 33.58 54.28 9.14
C ILE NB 276 34.19 53.72 10.39
N ILE NB 277 34.87 54.57 11.17
CA ILE NB 277 35.35 54.16 12.47
C ILE NB 277 34.19 53.65 13.32
N GLY NB 278 33.37 54.56 13.82
CA GLY NB 278 32.25 54.16 14.64
C GLY NB 278 32.61 53.78 16.06
N HIS NB 279 31.60 53.75 16.93
CA HIS NB 279 31.77 53.54 18.36
C HIS NB 279 31.06 52.27 18.79
N TYR NB 280 31.81 51.31 19.30
CA TYR NB 280 31.25 50.00 19.61
C TYR NB 280 30.76 50.01 21.04
N ASP NB 281 29.45 50.03 21.22
CA ASP NB 281 28.90 50.27 22.55
C ASP NB 281 28.77 48.96 23.28
N CYS NB 282 29.24 48.94 24.53
CA CYS NB 282 28.99 47.80 25.39
C CYS NB 282 27.51 47.52 25.48
N THR NB 283 26.74 48.53 25.89
CA THR NB 283 25.31 48.35 25.94
C THR NB 283 24.72 48.01 24.59
N TYR NB 284 25.42 48.33 23.51
CA TYR NB 284 24.92 47.94 22.21
C TYR NB 284 24.84 46.42 22.13
N GLY NB 285 23.77 45.94 21.54
CA GLY NB 285 23.64 44.54 21.16
C GLY NB 285 23.80 44.35 19.65
N GLY NB 286 23.63 43.11 19.22
CA GLY NB 286 23.69 42.80 17.80
C GLY NB 286 25.07 42.55 17.24
N GLY NB 287 26.03 42.20 18.08
CA GLY NB 287 27.40 42.09 17.62
C GLY NB 287 27.58 41.06 16.52
N MET NB 288 26.86 39.95 16.61
CA MET NB 288 26.91 38.96 15.55
C MET NB 288 26.71 39.63 14.21
N HIS NB 289 25.79 40.58 14.14
CA HIS NB 289 25.50 41.32 12.94
C HIS NB 289 26.20 42.67 12.88
N LEU NB 290 27.08 42.95 13.83
CA LEU NB 290 27.64 44.29 13.98
C LEU NB 290 28.28 44.80 12.70
N SER NB 291 28.17 46.10 12.48
CA SER NB 291 28.68 46.72 11.27
C SER NB 291 30.20 46.89 11.30
N SER NB 292 30.73 47.52 12.34
CA SER NB 292 32.17 47.69 12.36
C SER NB 292 32.76 46.30 12.43
N PRO NB 293 33.47 45.87 11.40
CA PRO NB 293 34.05 44.52 11.45
C PRO NB 293 34.78 44.28 12.74
N LEU NB 294 35.53 45.30 13.17
CA LEU NB 294 36.11 45.31 14.51
C LEU NB 294 35.07 44.87 15.51
N ALA NB 295 34.00 45.65 15.58
CA ALA NB 295 32.90 45.32 16.48
C ALA NB 295 32.52 43.85 16.33
N SER NB 296 32.41 43.38 15.10
CA SER NB 296 32.00 42.01 14.86
C SER NB 296 32.90 41.05 15.61
N VAL NB 297 34.17 40.96 15.22
CA VAL NB 297 35.07 40.02 15.86
C VAL NB 297 35.04 40.22 17.36
N ALA NB 298 35.04 41.48 17.78
CA ALA NB 298 34.93 41.79 19.19
C ALA NB 298 33.78 41.06 19.83
N VAL NB 299 32.69 40.89 19.08
CA VAL NB 299 31.61 40.03 19.57
C VAL NB 299 32.05 38.58 19.51
N THR NB 300 32.32 38.11 18.30
CA THR NB 300 32.73 36.73 18.12
C THR NB 300 33.84 36.36 19.08
N ASN NB 301 34.92 37.12 19.06
CA ASN NB 301 35.98 36.81 19.98
C ASN NB 301 35.61 37.14 21.41
N LYS NB 302 34.46 37.74 21.63
CA LYS NB 302 34.19 38.42 22.88
C LYS NB 302 35.42 39.22 23.25
N LEU NB 303 35.80 40.11 22.34
CA LEU NB 303 37.17 40.56 22.29
C LEU NB 303 37.43 41.83 23.05
N CYS NB 304 36.41 42.40 23.68
CA CYS NB 304 36.60 43.60 24.48
C CYS NB 304 35.27 43.95 25.12
N GLN NB 305 35.33 44.77 26.16
CA GLN NB 305 34.13 45.21 26.83
C GLN NB 305 33.64 46.59 26.42
N SER NB 306 34.40 47.32 25.59
CA SER NB 306 33.84 48.50 24.93
C SER NB 306 34.87 49.11 24.00
N PHE NB 307 34.38 49.84 23.00
CA PHE NB 307 35.20 50.76 22.23
C PHE NB 307 34.30 51.83 21.65
N GLN NB 308 34.69 53.08 21.74
CA GLN NB 308 33.80 54.10 21.20
C GLN NB 308 34.59 55.20 20.50
N THR NB 309 34.41 55.33 19.19
CA THR NB 309 35.15 56.37 18.49
C THR NB 309 34.87 57.72 19.12
N PHE NB 310 35.92 58.40 19.58
CA PHE NB 310 35.77 59.61 20.37
C PHE NB 310 36.71 60.68 19.85
N ASN NB 311 36.13 61.76 19.34
CA ASN NB 311 36.84 62.79 18.57
C ASN NB 311 37.34 63.89 19.49
N ILE NB 312 38.66 63.97 19.65
CA ILE NB 312 39.28 64.96 20.51
C ILE NB 312 39.72 66.13 19.66
N CYS NB 313 39.48 67.33 20.13
CA CYS NB 313 39.38 68.49 19.28
C CYS NB 313 40.50 69.47 19.55
N TYR NB 314 41.10 69.96 18.48
CA TYR NB 314 41.86 71.20 18.49
C TYR NB 314 41.82 71.75 17.07
N ALA NB 315 41.85 73.07 16.93
CA ALA NB 315 41.74 73.60 15.59
C ALA NB 315 42.81 72.95 14.72
N ASP NB 316 42.36 72.26 13.69
CA ASP NB 316 43.13 71.49 12.71
C ASP NB 316 43.65 70.12 13.17
N THR NB 317 43.51 69.72 14.43
CA THR NB 317 44.05 68.40 14.82
C THR NB 317 43.28 67.85 16.02
N GLY NB 318 43.69 66.68 16.47
CA GLY NB 318 43.06 66.05 17.62
C GLY NB 318 43.24 64.55 17.57
N LEU NB 319 42.34 63.86 18.28
CA LEU NB 319 42.22 62.41 18.18
C LEU NB 319 40.76 61.96 18.32
N LEU NB 320 40.26 61.21 17.35
CA LEU NB 320 38.91 60.65 17.37
C LEU NB 320 39.04 59.14 17.47
N GLY NB 321 38.61 58.56 18.57
CA GLY NB 321 38.74 57.11 18.59
C GLY NB 321 38.16 56.49 19.82
N ALA NB 322 38.28 55.18 19.85
CA ALA NB 322 37.49 54.32 20.72
C ALA NB 322 37.88 54.52 22.15
N HIS NB 323 36.87 54.63 23.00
CA HIS NB 323 37.00 54.22 24.38
C HIS NB 323 37.07 52.73 24.32
N PHE NB 324 37.19 52.09 25.48
CA PHE NB 324 37.32 50.65 25.41
C PHE NB 324 37.25 50.14 26.84
N VAL NB 325 36.97 48.85 26.95
CA VAL NB 325 36.97 48.20 28.23
C VAL NB 325 37.33 46.76 27.96
N CYS NB 326 38.10 46.18 28.86
CA CYS NB 326 38.74 44.90 28.60
C CYS NB 326 39.43 44.42 29.86
N ASP NB 327 39.71 43.13 29.86
CA ASP NB 327 40.43 42.43 30.89
C ASP NB 327 41.89 42.38 30.51
N HIS NB 328 42.61 41.46 31.12
CA HIS NB 328 44.04 41.30 30.93
C HIS NB 328 44.42 41.15 29.45
N MET NB 329 43.45 41.04 28.56
CA MET NB 329 43.76 40.62 27.21
C MET NB 329 43.79 41.72 26.15
N SER NB 330 42.63 42.26 25.84
CA SER NB 330 42.28 42.66 24.47
C SER NB 330 43.35 43.45 23.73
N ILE NB 331 43.92 44.44 24.41
CA ILE NB 331 44.43 45.64 23.76
C ILE NB 331 45.21 45.32 22.51
N ASP NB 332 46.05 44.30 22.60
CA ASP NB 332 46.90 43.93 21.49
C ASP NB 332 46.09 43.82 20.22
N ASP NB 333 45.27 42.79 20.13
CA ASP NB 333 44.47 42.58 18.93
C ASP NB 333 43.63 43.80 18.66
N MET NB 334 43.25 44.51 19.73
CA MET NB 334 42.49 45.72 19.59
C MET NB 334 43.13 46.65 18.57
N MET NB 335 44.40 46.95 18.78
CA MET NB 335 45.10 47.76 17.79
C MET NB 335 45.23 47.01 16.50
N PHE NB 336 45.56 45.72 16.58
CA PHE NB 336 45.43 44.86 15.43
C PHE NB 336 44.07 45.08 14.81
N VAL NB 337 43.05 45.10 15.64
CA VAL NB 337 41.79 45.67 15.19
C VAL NB 337 42.11 47.10 14.78
N LEU NB 338 42.25 47.96 15.77
CA LEU NB 338 42.15 49.39 15.55
C LEU NB 338 43.06 49.86 14.43
N GLN NB 339 44.35 49.91 14.73
CA GLN NB 339 45.30 50.34 13.72
C GLN NB 339 45.14 49.49 12.47
N GLY NB 340 45.00 48.19 12.68
CA GLY NB 340 44.80 47.32 11.54
C GLY NB 340 43.55 47.68 10.78
N GLN NB 341 42.45 47.84 11.52
CA GLN NB 341 41.26 48.39 10.91
C GLN NB 341 41.60 49.69 10.21
N TRP NB 342 42.31 50.56 10.92
CA TRP NB 342 42.88 51.75 10.29
C TRP NB 342 43.67 51.34 9.07
N MET NB 343 44.63 50.43 9.24
CA MET NB 343 45.29 49.84 8.10
C MET NB 343 44.26 49.34 7.11
N ARG NB 344 43.33 48.50 7.58
CA ARG NB 344 42.22 48.09 6.75
C ARG NB 344 41.60 49.30 6.12
N LEU NB 345 41.20 50.25 6.95
CA LEU NB 345 40.73 51.53 6.46
C LEU NB 345 41.68 52.05 5.39
N CYS NB 346 42.91 52.36 5.79
CA CYS NB 346 43.83 53.05 4.90
C CYS NB 346 43.87 52.39 3.55
N THR NB 347 43.59 51.10 3.51
CA THR NB 347 43.52 50.37 2.27
C THR NB 347 42.09 50.21 1.78
N SER NB 348 41.24 49.59 2.59
CA SER NB 348 40.25 48.62 2.13
C SER NB 348 38.98 49.23 1.55
N ALA NB 349 38.93 50.54 1.32
CA ALA NB 349 37.67 51.24 1.13
C ALA NB 349 36.73 50.56 0.12
N THR NB 350 35.47 50.46 0.52
CA THR NB 350 34.37 50.08 -0.35
C THR NB 350 33.26 51.09 -0.19
N GLU NB 351 32.75 51.57 -1.32
CA GLU NB 351 31.81 52.67 -1.30
C GLU NB 351 30.65 52.42 -0.37
N SER NB 352 30.29 51.16 -0.17
CA SER NB 352 29.13 50.83 0.64
C SER NB 352 29.14 51.59 1.94
N GLU NB 353 30.10 51.26 2.80
CA GLU NB 353 30.22 51.96 4.07
C GLU NB 353 30.25 53.46 3.85
N VAL NB 354 30.99 53.92 2.85
CA VAL NB 354 31.05 55.34 2.57
C VAL NB 354 29.64 55.91 2.51
N VAL NB 355 28.76 55.24 1.78
CA VAL NB 355 27.38 55.68 1.72
C VAL NB 355 26.72 55.52 3.07
N ARG NB 356 27.06 54.46 3.79
CA ARG NB 356 26.41 54.19 5.06
C ARG NB 356 26.64 55.36 6.00
N GLY NB 357 27.88 55.51 6.46
CA GLY NB 357 28.26 56.64 7.28
C GLY NB 357 27.93 57.96 6.67
N LYS NB 358 27.77 58.01 5.35
CA LYS NB 358 27.13 59.17 4.79
C LYS NB 358 25.73 59.33 5.39
N ASN NB 359 24.95 58.25 5.40
CA ASN NB 359 23.62 58.32 5.99
C ASN NB 359 23.73 58.52 7.48
N LEU NB 360 24.81 58.06 8.08
CA LEU NB 360 25.05 58.31 9.49
C LEU NB 360 25.12 59.82 9.66
N LEU NB 361 26.06 60.44 8.97
CA LEU NB 361 26.19 61.88 9.10
C LEU NB 361 24.94 62.59 8.66
N ARG NB 362 24.08 61.90 7.92
CA ARG NB 362 22.82 62.52 7.54
C ARG NB 362 21.85 62.52 8.72
N ASN NB 363 21.62 61.35 9.29
CA ASN NB 363 20.72 61.23 10.41
C ASN NB 363 21.24 62.11 11.53
N ALA NB 364 22.42 61.77 12.00
CA ALA NB 364 23.13 62.55 12.98
C ALA NB 364 23.02 64.00 12.56
N LEU NB 365 23.26 64.22 11.28
CA LEU NB 365 23.22 65.57 10.75
C LEU NB 365 21.98 66.29 11.22
N VAL NB 366 20.83 65.65 11.07
CA VAL NB 366 19.66 66.14 11.77
C VAL NB 366 20.01 66.34 13.23
N SER NB 367 20.34 65.24 13.90
CA SER NB 367 20.36 65.23 15.35
C SER NB 367 21.16 66.36 15.96
N HIS NB 368 22.08 66.96 15.22
CA HIS NB 368 22.64 68.22 15.67
C HIS NB 368 21.73 69.35 15.26
N LEU NB 369 21.56 69.50 13.95
CA LEU NB 369 20.59 70.46 13.43
C LEU NB 369 19.26 70.28 14.12
N ASP NB 370 18.74 69.06 14.09
CA ASP NB 370 17.62 68.71 14.95
C ASP NB 370 18.04 68.95 16.40
N GLY NB 371 17.13 69.53 17.16
CA GLY NB 371 17.27 69.91 18.57
C GLY NB 371 17.52 71.39 18.72
N THR NB 372 16.94 71.98 19.76
CA THR NB 372 16.95 73.42 19.92
C THR NB 372 18.28 73.93 20.44
N THR NB 373 18.71 73.40 21.56
CA THR NB 373 20.03 73.77 22.07
C THR NB 373 21.13 73.24 21.17
N PRO NB 374 21.06 72.01 20.67
CA PRO NB 374 22.13 71.55 19.76
C PRO NB 374 22.30 72.49 18.59
N VAL NB 375 21.18 72.92 18.00
CA VAL NB 375 21.25 73.95 16.98
C VAL NB 375 21.82 75.23 17.57
N CYS NB 376 21.47 75.52 18.81
CA CYS NB 376 21.90 76.76 19.44
C CYS NB 376 23.42 76.84 19.49
N GLU NB 377 24.00 76.03 20.37
CA GLU NB 377 25.45 75.98 20.47
C GLU NB 377 26.05 75.76 19.10
N ASP NB 378 25.39 74.96 18.27
CA ASP NB 378 25.84 74.76 16.90
C ASP NB 378 26.06 76.08 16.20
N ILE NB 379 25.12 77.01 16.36
CA ILE NB 379 25.38 78.36 15.89
C ILE NB 379 26.59 78.93 16.61
N GLY NB 380 26.66 78.74 17.92
CA GLY NB 380 27.68 79.39 18.71
C GLY NB 380 29.09 79.10 18.25
N ARG NB 381 29.47 77.83 18.26
CA ARG NB 381 30.75 77.47 17.70
C ARG NB 381 30.76 77.64 16.19
N SER NB 382 29.58 77.63 15.56
CA SER NB 382 29.52 77.71 14.11
C SER NB 382 30.15 79.00 13.62
N LEU NB 383 29.75 80.13 14.20
CA LEU NB 383 30.45 81.36 13.87
C LEU NB 383 31.75 81.46 14.66
N LEU NB 384 31.77 80.93 15.88
CA LEU NB 384 32.95 81.07 16.72
C LEU NB 384 34.17 80.60 15.95
N THR NB 385 34.24 79.31 15.69
CA THR NB 385 35.20 78.82 14.72
C THR NB 385 34.92 79.48 13.38
N TYR NB 386 33.84 79.06 12.74
CA TYR NB 386 33.68 79.34 11.32
C TYR NB 386 33.58 80.82 11.06
N GLY NB 387 32.79 81.53 11.85
CA GLY NB 387 32.32 82.82 11.41
C GLY NB 387 31.24 82.70 10.38
N ARG NB 388 31.12 81.54 9.75
CA ARG NB 388 30.06 81.22 8.83
C ARG NB 388 29.24 80.10 9.45
N ARG NB 389 28.19 79.70 8.74
CA ARG NB 389 27.44 78.50 9.06
C ARG NB 389 27.45 77.66 7.81
N ILE NB 390 27.97 76.45 7.91
CA ILE NB 390 27.91 75.57 6.76
C ILE NB 390 26.42 75.42 6.53
N PRO NB 391 25.91 75.92 5.43
CA PRO NB 391 24.47 75.81 5.19
C PRO NB 391 24.10 74.35 5.08
N LEU NB 392 22.80 74.12 5.21
CA LEU NB 392 22.29 72.77 5.06
C LEU NB 392 22.77 72.13 3.78
N ALA NB 393 22.78 72.89 2.69
CA ALA NB 393 23.30 72.33 1.46
C ALA NB 393 24.78 72.60 1.25
N GLU NB 394 25.37 73.46 2.07
CA GLU NB 394 26.82 73.57 2.08
C GLU NB 394 27.42 72.38 2.81
N TRP NB 395 27.01 72.18 4.07
CA TRP NB 395 27.47 70.99 4.76
C TRP NB 395 27.00 69.75 4.03
N GLU NB 396 25.81 69.81 3.43
CA GLU NB 396 25.34 68.76 2.55
C GLU NB 396 25.98 68.85 1.20
N SER NB 397 26.88 69.81 1.00
CA SER NB 397 27.54 69.97 -0.27
C SER NB 397 28.91 69.31 -0.24
N ARG NB 398 29.84 69.85 0.54
CA ARG NB 398 31.06 69.10 0.80
C ARG NB 398 30.70 67.70 1.23
N ILE NB 399 29.69 67.59 2.09
CA ILE NB 399 29.10 66.30 2.37
C ILE NB 399 28.67 65.64 1.08
N ALA NB 400 27.82 66.32 0.32
CA ALA NB 400 27.41 65.78 -0.96
C ALA NB 400 28.62 65.45 -1.82
N GLU NB 401 29.65 66.27 -1.74
CA GLU NB 401 30.84 66.08 -2.53
C GLU NB 401 31.63 64.84 -2.12
N VAL NB 402 31.19 64.13 -1.08
CA VAL NB 402 32.02 63.12 -0.45
C VAL NB 402 32.63 62.19 -1.49
N ASP NB 403 33.91 61.89 -1.33
CA ASP NB 403 34.70 61.16 -2.33
C ASP NB 403 35.56 60.08 -1.69
N ALA NB 404 35.31 58.83 -2.07
CA ALA NB 404 36.03 57.71 -1.51
C ALA NB 404 37.42 57.54 -2.09
N ARG NB 405 37.69 58.15 -3.22
CA ARG NB 405 39.09 58.27 -3.61
C ARG NB 405 39.86 58.98 -2.51
N VAL NB 406 39.36 60.16 -2.11
CA VAL NB 406 39.93 60.87 -0.98
C VAL NB 406 39.86 60.03 0.27
N VAL NB 407 39.08 58.97 0.25
CA VAL NB 407 39.12 58.06 1.38
C VAL NB 407 40.46 57.35 1.38
N ARG NB 408 40.73 56.58 0.33
CA ARG NB 408 42.03 55.95 0.22
C ARG NB 408 43.13 56.97 0.42
N GLU NB 409 43.12 58.01 -0.40
CA GLU NB 409 44.25 58.91 -0.45
C GLU NB 409 44.28 59.76 0.80
N VAL NB 410 43.31 60.66 0.91
CA VAL NB 410 43.25 61.57 2.05
C VAL NB 410 43.42 60.79 3.33
N CYS NB 411 42.83 59.60 3.40
CA CYS NB 411 43.12 58.71 4.51
C CYS NB 411 44.62 58.61 4.68
N SER NB 412 45.31 58.19 3.63
CA SER NB 412 46.75 58.13 3.72
C SER NB 412 47.34 59.47 4.13
N LYS NB 413 46.67 60.56 3.76
CA LYS NB 413 47.26 61.87 3.89
C LYS NB 413 47.32 62.17 5.36
N TYR NB 414 46.17 62.29 5.99
CA TYR NB 414 46.15 62.44 7.43
C TYR NB 414 46.68 61.19 8.11
N PHE NB 415 46.06 60.05 7.83
CA PHE NB 415 46.15 58.93 8.77
C PHE NB 415 47.55 58.33 8.80
N TYR NB 416 48.08 57.96 7.64
CA TYR NB 416 49.14 56.95 7.58
C TYR NB 416 50.34 57.29 8.45
N ASP NB 417 50.92 56.26 9.05
CA ASP NB 417 52.26 56.31 9.64
C ASP NB 417 52.38 57.41 10.69
N GLN NB 418 51.50 57.37 11.68
CA GLN NB 418 51.45 58.42 12.68
C GLN NB 418 51.48 57.85 14.09
N CYS NB 419 51.27 58.69 15.12
CA CYS NB 419 51.27 58.24 16.52
C CYS NB 419 50.17 58.92 17.32
N PRO NB 420 48.90 58.72 16.96
CA PRO NB 420 47.81 59.37 17.70
C PRO NB 420 47.58 58.76 19.08
N ALA NB 421 46.50 59.14 19.70
CA ALA NB 421 46.28 58.85 21.11
C ALA NB 421 45.76 57.45 21.31
N VAL NB 422 46.27 56.82 22.35
CA VAL NB 422 45.63 55.65 22.91
C VAL NB 422 45.78 55.71 24.41
N ALA NB 423 44.67 55.62 25.13
CA ALA NB 423 44.73 55.54 26.57
C ALA NB 423 43.76 54.49 27.04
N GLY NB 424 44.28 53.43 27.63
CA GLY NB 424 43.51 52.59 28.51
C GLY NB 424 43.45 53.22 29.89
N PHE NB 425 42.71 52.56 30.77
CA PHE NB 425 42.81 52.86 32.18
C PHE NB 425 42.89 51.54 32.92
N GLY NB 426 43.91 51.40 33.76
CA GLY NB 426 44.17 50.14 34.42
C GLY NB 426 45.40 49.40 33.96
N PRO NB 427 45.49 48.14 34.34
CA PRO NB 427 46.73 47.38 34.18
C PRO NB 427 47.06 47.08 32.73
N ILE NB 428 47.82 47.97 32.10
CA ILE NB 428 47.86 48.13 30.66
C ILE NB 428 48.76 47.14 29.93
N GLU NB 429 49.27 46.13 30.62
CA GLU NB 429 50.34 45.29 30.10
C GLU NB 429 50.15 44.92 28.63
N GLN NB 430 48.92 44.66 28.21
CA GLN NB 430 48.71 44.48 26.78
C GLN NB 430 49.09 45.70 25.99
N LEU NB 431 49.31 46.85 26.64
CA LEU NB 431 49.89 47.96 25.91
C LEU NB 431 51.28 47.54 25.51
N PRO NB 432 51.53 47.37 24.22
CA PRO NB 432 52.88 47.07 23.75
C PRO NB 432 53.70 48.36 23.76
N ASP NB 433 54.93 48.24 23.27
CA ASP NB 433 55.78 49.40 23.27
C ASP NB 433 55.39 50.31 22.14
N TYR NB 434 55.70 51.58 22.31
CA TYR NB 434 55.83 52.39 21.12
C TYR NB 434 56.73 51.64 20.15
N ASN NB 435 57.72 50.94 20.66
CA ASN NB 435 58.53 50.11 19.79
C ASN NB 435 57.77 48.87 19.36
N ARG NB 436 56.57 48.67 19.87
CA ARG NB 436 55.73 47.57 19.43
C ARG NB 436 54.34 48.08 19.07
N ILE NB 437 53.62 48.56 20.08
CA ILE NB 437 52.36 49.21 19.83
C ILE NB 437 52.53 50.25 18.73
N ARG NB 438 53.52 51.11 18.87
CA ARG NB 438 53.74 52.05 17.79
C ARG NB 438 54.67 51.49 16.74
N SER NB 439 55.31 50.34 16.98
CA SER NB 439 55.69 49.58 15.81
C SER NB 439 54.44 49.12 15.09
N GLY NB 440 53.43 48.72 15.85
CA GLY NB 440 52.12 48.52 15.27
C GLY NB 440 51.57 49.76 14.63
N MET NB 441 52.07 50.94 15.01
CA MET NB 441 51.68 52.13 14.28
C MET NB 441 52.09 52.04 12.82
N PHE NB 442 52.92 51.07 12.47
CA PHE NB 442 53.35 50.85 11.11
C PHE NB 442 52.80 49.51 10.65
N TRP NB 443 52.72 49.36 9.34
CA TRP NB 443 52.05 48.20 8.75
C TRP NB 443 53.03 47.34 7.99
N LEU NB 444 53.23 46.12 8.48
CA LEU NB 444 53.89 45.05 7.74
C LEU NB 444 52.90 44.22 6.95
N ARG NB 445 51.60 44.43 7.15
CA ARG NB 445 50.63 43.92 6.20
C ARG NB 445 51.05 44.31 4.81
N PHE NB 446 51.78 45.41 4.70
CA PHE NB 446 52.60 45.69 3.56
C PHE NB 446 53.74 46.60 3.98
N VAL OB 1 6.39 79.57 3.16
CA VAL OB 1 5.26 79.18 3.98
C VAL OB 1 4.68 77.87 3.48
N PRO OB 2 4.62 76.88 4.34
CA PRO OB 2 3.86 75.67 4.01
C PRO OB 2 2.42 76.05 3.70
N GLN OB 3 1.83 75.30 2.77
CA GLN OB 3 0.38 75.30 2.70
C GLN OB 3 -0.11 75.06 4.11
N HIS OB 4 -1.08 75.89 4.55
CA HIS OB 4 -1.07 76.40 5.91
C HIS OB 4 -0.69 75.31 6.90
N PRO OB 5 0.30 75.55 7.74
CA PRO OB 5 1.12 74.46 8.27
C PRO OB 5 0.27 73.31 8.80
N GLN OB 6 0.63 72.10 8.39
CA GLN OB 6 -0.25 70.96 8.55
C GLN OB 6 -0.55 70.68 10.02
N ASP OB 7 -1.82 70.58 10.34
CA ASP OB 7 -2.25 70.17 11.68
C ASP OB 7 -2.16 68.66 11.78
N LEU OB 8 -1.41 68.18 12.77
CA LEU OB 8 -1.26 66.75 13.00
C LEU OB 8 -2.62 66.08 13.06
N GLU OB 9 -2.80 65.02 12.30
CA GLU OB 9 -4.10 64.40 12.15
C GLU OB 9 -4.24 63.29 13.19
N PHE OB 10 -5.08 63.53 14.18
CA PHE OB 10 -5.42 62.53 15.19
C PHE OB 10 -6.61 61.73 14.69
N THR OB 11 -6.54 60.42 14.87
CA THR OB 11 -7.62 59.56 14.42
C THR OB 11 -7.55 58.27 15.20
N ARG OB 12 -8.60 57.47 15.08
CA ARG OB 12 -8.59 56.09 15.53
C ARG OB 12 -9.01 55.22 14.37
N LEU OB 13 -8.28 54.16 14.12
CA LEU OB 13 -8.68 53.25 13.07
C LEU OB 13 -10.09 52.76 13.33
N PRO OB 14 -10.92 52.64 12.32
CA PRO OB 14 -12.29 52.17 12.55
C PRO OB 14 -12.29 50.83 13.25
N ASN OB 15 -11.19 50.09 13.10
CA ASN OB 15 -11.05 48.77 13.68
C ASN OB 15 -10.86 48.81 15.20
N GLY OB 16 -10.76 49.99 15.80
CA GLY OB 16 -10.36 50.05 17.19
C GLY OB 16 -8.87 50.03 17.36
N LEU OB 17 -8.12 50.44 16.35
CA LEU OB 17 -6.69 50.62 16.47
C LEU OB 17 -6.38 52.11 16.48
N VAL OB 18 -5.38 52.50 17.26
CA VAL OB 18 -5.10 53.92 17.38
C VAL OB 18 -4.39 54.31 16.09
N ILE OB 19 -5.05 55.13 15.29
CA ILE OB 19 -4.56 55.46 13.97
C ILE OB 19 -4.20 56.92 14.02
N ALA OB 20 -2.90 57.20 14.06
CA ALA OB 20 -2.41 58.56 14.24
C ALA OB 20 -1.41 58.86 13.15
N SER OB 21 -1.77 59.76 12.26
CA SER OB 21 -0.80 60.35 11.34
C SER OB 21 -0.74 61.83 11.66
N LEU OB 22 0.34 62.24 12.30
CA LEU OB 22 0.58 63.65 12.56
C LEU OB 22 1.38 64.13 11.37
N GLU OB 23 0.74 64.91 10.52
CA GLU OB 23 1.45 65.34 9.32
C GLU OB 23 2.55 66.29 9.75
N ASN OB 24 3.79 65.94 9.44
CA ASN OB 24 4.92 66.79 9.77
C ASN OB 24 5.64 67.09 8.48
N TYR OB 25 5.65 68.35 8.09
CA TYR OB 25 6.40 68.74 6.91
C TYR OB 25 7.88 68.87 7.22
N ALA OB 26 8.27 68.61 8.45
CA ALA OB 26 9.65 68.75 8.89
C ALA OB 26 10.54 67.87 8.02
N PRO OB 27 11.84 68.21 7.95
CA PRO OB 27 12.71 67.48 7.02
C PRO OB 27 12.97 66.02 7.40
N ALA OB 28 13.02 65.70 8.68
CA ALA OB 28 13.44 64.38 9.10
C ALA OB 28 12.27 63.40 9.17
N SER OB 29 12.52 62.22 9.72
CA SER OB 29 11.51 61.17 9.80
C SER OB 29 11.37 60.74 11.26
N ARG OB 30 10.14 60.76 11.77
CA ARG OB 30 9.87 60.35 13.14
C ARG OB 30 8.69 59.38 13.11
N ILE OB 31 8.91 58.17 13.63
CA ILE OB 31 7.94 57.10 13.54
C ILE OB 31 7.74 56.54 14.93
N GLY OB 32 6.59 56.81 15.53
CA GLY OB 32 6.21 56.21 16.79
C GLY OB 32 5.23 55.07 16.65
N LEU OB 33 5.31 54.13 17.59
CA LEU OB 33 4.23 53.19 17.85
C LEU OB 33 4.10 53.08 19.36
N PHE OB 34 2.99 53.56 19.90
CA PHE OB 34 2.76 53.46 21.33
C PHE OB 34 2.02 52.17 21.61
N ILE OB 35 2.51 51.42 22.59
CA ILE OB 35 2.03 50.09 22.89
C ILE OB 35 1.52 50.06 24.32
N LYS OB 36 0.29 49.58 24.49
CA LYS OB 36 -0.21 49.29 25.83
C LYS OB 36 0.69 48.25 26.47
N ALA OB 37 1.58 47.68 25.67
CA ALA OB 37 2.55 46.69 26.10
C ALA OB 37 3.50 47.26 27.13
N GLY OB 38 3.42 48.55 27.41
CA GLY OB 38 4.09 49.08 28.57
C GLY OB 38 3.65 48.38 29.84
N SER OB 39 4.46 48.57 30.88
CA SER OB 39 4.48 47.66 32.02
C SER OB 39 3.10 47.42 32.62
N ARG OB 40 2.18 48.39 32.45
CA ARG OB 40 0.84 48.22 32.97
C ARG OB 40 0.23 46.91 32.51
N TYR OB 41 0.22 46.68 31.20
CA TYR OB 41 -0.35 45.46 30.67
C TYR OB 41 0.41 44.22 31.11
N GLU OB 42 1.53 44.37 31.82
CA GLU OB 42 2.32 43.22 32.20
C GLU OB 42 1.63 42.41 33.30
N ASN OB 43 2.05 41.14 33.44
CA ASN OB 43 1.39 40.15 34.29
C ASN OB 43 2.39 39.24 35.01
N PHE OB 44 1.97 38.76 36.18
CA PHE OB 44 2.84 37.94 37.03
C PHE OB 44 3.10 36.57 36.45
N ASN OB 45 2.39 36.19 35.40
CA ASN OB 45 2.73 34.96 34.71
C ASN OB 45 4.16 34.97 34.23
N ASN OB 46 4.71 36.15 33.95
CA ASN OB 46 6.03 36.29 33.38
C ASN OB 46 6.85 37.30 34.19
N LEU OB 47 8.14 37.34 33.90
CA LEU OB 47 9.04 38.30 34.53
C LEU OB 47 10.03 38.79 33.50
N GLY OB 48 10.15 40.12 33.38
CA GLY OB 48 11.18 40.72 32.57
C GLY OB 48 11.08 40.43 31.09
N THR OB 49 10.05 39.71 30.68
CA THR OB 49 9.83 39.47 29.26
C THR OB 49 9.70 40.78 28.50
N SER OB 50 9.39 41.85 29.20
CA SER OB 50 9.47 43.17 28.61
C SER OB 50 10.89 43.72 28.68
N HIS OB 51 11.58 43.53 29.80
CA HIS OB 51 13.01 43.76 29.78
C HIS OB 51 13.59 42.98 28.61
N LEU OB 52 13.20 41.71 28.53
CA LEU OB 52 13.66 40.84 27.47
C LEU OB 52 13.34 41.46 26.14
N LEU OB 53 12.07 41.43 25.77
CA LEU OB 53 11.64 41.90 24.46
C LEU OB 53 12.27 43.23 24.16
N ARG OB 54 12.32 44.08 25.18
CA ARG OB 54 13.04 45.34 25.10
C ARG OB 54 14.43 45.12 24.55
N LEU OB 55 15.06 44.02 24.93
CA LEU OB 55 16.23 43.62 24.19
C LEU OB 55 15.89 42.92 22.88
N ALA OB 56 14.75 42.26 22.81
CA ALA OB 56 14.55 41.21 21.85
C ALA OB 56 14.02 41.72 20.53
N SER OB 57 13.91 43.03 20.36
CA SER OB 57 13.69 43.51 19.00
C SER OB 57 14.71 42.89 18.06
N SER OB 58 15.96 42.82 18.49
CA SER OB 58 16.98 42.23 17.64
C SER OB 58 16.74 40.75 17.39
N LEU OB 59 15.77 40.14 18.05
CA LEU OB 59 15.65 38.69 18.02
C LEU OB 59 15.28 38.21 16.62
N THR OB 60 15.48 36.91 16.43
CA THR OB 60 15.12 36.23 15.18
C THR OB 60 13.65 36.41 14.89
N THR OB 61 13.35 36.90 13.69
CA THR OB 61 12.02 37.36 13.36
C THR OB 61 11.37 36.41 12.38
N LYS OB 62 10.04 36.30 12.47
CA LYS OB 62 9.31 35.56 11.47
C LYS OB 62 9.46 36.28 10.15
N GLY OB 63 9.83 35.55 9.10
CA GLY OB 63 9.94 36.16 7.80
C GLY OB 63 11.02 37.21 7.67
N ALA OB 64 11.75 37.50 8.75
CA ALA OB 64 12.81 38.47 8.70
C ALA OB 64 13.99 37.92 9.50
N SER OB 65 15.17 37.95 8.92
CA SER OB 65 16.34 37.40 9.59
C SER OB 65 16.97 38.50 10.43
N SER OB 66 17.05 38.26 11.73
CA SER OB 66 17.65 39.24 12.62
C SER OB 66 19.01 39.67 12.11
N PHE OB 67 19.68 38.80 11.36
CA PHE OB 67 20.86 39.25 10.65
C PHE OB 67 20.49 40.02 9.41
N LYS OB 68 19.50 39.54 8.65
CA LYS OB 68 19.04 40.31 7.49
C LYS OB 68 18.34 41.57 7.94
N ILE OB 69 17.41 41.41 8.88
CA ILE OB 69 16.85 42.58 9.55
C ILE OB 69 17.98 43.50 9.96
N THR OB 70 19.00 42.92 10.58
CA THR OB 70 20.15 43.71 10.96
C THR OB 70 20.82 44.31 9.74
N ARG OB 71 20.58 43.73 8.57
CA ARG OB 71 21.19 44.28 7.39
C ARG OB 71 20.40 45.49 6.92
N GLY OB 72 19.09 45.49 7.09
CA GLY OB 72 18.31 46.65 6.69
C GLY OB 72 18.40 47.76 7.71
N ILE OB 73 18.15 47.42 8.97
CA ILE OB 73 18.41 48.34 10.07
C ILE OB 73 19.80 48.90 9.93
N GLU OB 74 20.79 48.01 10.04
CA GLU OB 74 22.17 48.40 9.82
C GLU OB 74 22.35 49.13 8.51
N ALA OB 75 21.45 48.90 7.56
CA ALA OB 75 21.65 49.43 6.22
C ALA OB 75 21.36 50.93 6.20
N VAL OB 76 20.11 51.31 6.37
CA VAL OB 76 19.82 52.74 6.36
C VAL OB 76 20.64 53.43 7.43
N GLY OB 77 20.84 52.76 8.56
CA GLY OB 77 21.53 53.37 9.67
C GLY OB 77 20.68 54.42 10.36
N GLY OB 78 19.43 54.07 10.66
CA GLY OB 78 18.49 54.97 11.30
C GLY OB 78 18.21 54.61 12.75
N LYS OB 79 17.22 55.31 13.31
CA LYS OB 79 16.85 55.15 14.71
C LYS OB 79 15.59 54.31 14.81
N LEU OB 80 15.74 53.09 15.31
CA LEU OB 80 14.58 52.26 15.64
C LEU OB 80 14.80 51.71 17.02
N SER OB 81 13.97 52.12 17.96
CA SER OB 81 13.91 51.46 19.25
C SER OB 81 12.48 51.53 19.75
N VAL OB 82 11.98 50.40 20.24
CA VAL OB 82 10.74 50.38 21.00
C VAL OB 82 11.09 50.85 22.41
N THR OB 83 10.16 51.55 23.02
CA THR OB 83 10.43 52.26 24.25
C THR OB 83 9.75 51.56 25.39
N SER OB 84 10.45 51.48 26.49
CA SER OB 84 10.00 50.79 27.69
C SER OB 84 9.37 51.82 28.62
N THR OB 85 8.07 51.72 28.81
CA THR OB 85 7.34 52.55 29.74
C THR OB 85 6.39 51.67 30.52
N ARG OB 86 5.95 52.17 31.66
CA ARG OB 86 4.85 51.51 32.35
C ARG OB 86 3.62 51.46 31.46
N GLU OB 87 3.37 52.52 30.70
CA GLU OB 87 2.22 52.52 29.83
C GLU OB 87 2.48 51.83 28.50
N ASN OB 88 3.61 52.11 27.86
CA ASN OB 88 3.76 51.78 26.46
C ASN OB 88 5.10 51.12 26.20
N MET OB 89 5.15 50.42 25.08
CA MET OB 89 6.39 50.12 24.39
C MET OB 89 6.26 50.71 23.00
N ALA OB 90 7.24 51.51 22.60
CA ALA OB 90 7.03 52.37 21.43
C ALA OB 90 8.06 52.06 20.35
N TYR OB 91 7.60 51.54 19.23
CA TYR OB 91 8.53 51.31 18.13
C TYR OB 91 8.84 52.62 17.42
N THR OB 92 10.12 53.00 17.42
CA THR OB 92 10.53 54.32 16.95
C THR OB 92 11.50 54.20 15.80
N VAL OB 93 11.22 54.92 14.72
CA VAL OB 93 12.17 55.06 13.63
C VAL OB 93 12.22 56.52 13.24
N GLU OB 94 13.34 57.17 13.51
CA GLU OB 94 13.67 58.49 12.99
C GLU OB 94 14.78 58.32 11.97
N CYS OB 95 14.57 58.80 10.74
CA CYS OB 95 15.53 58.56 9.67
C CYS OB 95 15.17 59.41 8.46
N LEU OB 96 15.93 59.21 7.38
CA LEU OB 96 15.56 59.77 6.10
C LEU OB 96 14.23 59.19 5.66
N ARG OB 97 13.37 60.07 5.15
CA ARG OB 97 12.02 59.65 4.84
C ARG OB 97 11.98 58.54 3.81
N ASP OB 98 13.05 58.36 3.06
CA ASP OB 98 13.00 57.39 1.98
C ASP OB 98 12.78 55.99 2.51
N ASP OB 99 13.68 55.52 3.35
CA ASP OB 99 13.69 54.14 3.80
C ASP OB 99 12.49 53.86 4.67
N VAL OB 100 11.71 54.90 4.94
CA VAL OB 100 10.58 54.81 5.84
C VAL OB 100 9.81 53.56 5.50
N ASP OB 101 9.47 53.39 4.22
CA ASP OB 101 8.72 52.22 3.81
C ASP OB 101 9.44 50.95 4.24
N ILE OB 102 10.69 50.81 3.81
CA ILE OB 102 11.53 49.74 4.32
C ILE OB 102 11.48 49.75 5.83
N LEU OB 103 11.78 50.90 6.42
CA LEU OB 103 11.59 51.06 7.85
C LEU OB 103 10.20 50.60 8.23
N MET OB 104 9.19 51.18 7.60
CA MET OB 104 7.83 50.73 7.81
C MET OB 104 7.75 49.23 7.67
N GLU OB 105 8.24 48.71 6.55
CA GLU OB 105 8.31 47.26 6.38
C GLU OB 105 9.00 46.65 7.57
N PHE OB 106 10.22 47.11 7.84
CA PHE OB 106 10.91 46.72 9.04
C PHE OB 106 10.00 46.90 10.24
N LEU OB 107 9.45 48.10 10.39
CA LEU OB 107 8.43 48.34 11.40
C LEU OB 107 7.38 47.26 11.36
N LEU OB 108 6.70 47.14 10.22
CA LEU OB 108 5.72 46.08 10.05
C LEU OB 108 6.30 44.75 10.48
N ASN OB 109 7.49 44.44 9.98
CA ASN OB 109 8.18 43.25 10.43
C ASN OB 109 8.39 43.31 11.94
N VAL OB 110 9.08 44.36 12.40
CA VAL OB 110 9.48 44.45 13.80
C VAL OB 110 8.30 44.16 14.71
N THR OB 111 7.22 44.92 14.50
CA THR OB 111 6.03 44.66 15.27
C THR OB 111 5.54 43.24 15.01
N THR OB 112 5.22 42.94 13.77
CA THR OB 112 4.31 41.84 13.52
C THR OB 112 5.00 40.51 13.32
N ALA OB 113 6.32 40.46 13.26
CA ALA OB 113 7.00 39.30 12.69
C ALA OB 113 8.07 38.71 13.61
N PRO OB 114 7.71 38.36 14.84
CA PRO OB 114 8.66 37.61 15.68
C PRO OB 114 8.71 36.15 15.25
N GLU OB 115 9.93 35.60 15.17
CA GLU OB 115 10.05 34.14 15.09
C GLU OB 115 10.30 33.50 16.45
N PHE OB 116 10.72 34.27 17.44
CA PHE OB 116 11.07 33.76 18.76
C PHE OB 116 11.83 32.43 18.69
N ARG OB 117 13.02 32.42 18.08
CA ARG OB 117 13.74 31.17 17.88
C ARG OB 117 14.33 30.70 19.20
N ARG OB 118 14.03 29.45 19.54
CA ARG OB 118 14.59 28.85 20.74
C ARG OB 118 16.06 29.13 20.83
N TRP OB 119 16.82 28.66 19.85
CA TRP OB 119 18.26 28.84 19.85
C TRP OB 119 18.61 30.29 20.11
N GLU OB 120 18.10 31.17 19.24
CA GLU OB 120 18.36 32.58 19.38
C GLU OB 120 18.04 33.05 20.79
N VAL OB 121 16.86 32.71 21.27
CA VAL OB 121 16.43 33.19 22.58
C VAL OB 121 17.43 32.78 23.63
N ALA OB 122 17.72 31.50 23.70
CA ALA OB 122 18.68 30.97 24.64
C ALA OB 122 19.92 31.82 24.63
N ALA OB 123 20.44 32.08 23.44
CA ALA OB 123 21.56 33.00 23.33
C ALA OB 123 21.23 34.31 24.04
N LEU OB 124 20.09 34.90 23.69
CA LEU OB 124 19.77 36.22 24.16
C LEU OB 124 19.85 36.31 25.67
N GLN OB 125 19.64 35.19 26.34
CA GLN OB 125 19.47 35.21 27.78
C GLN OB 125 20.56 36.04 28.46
N SER OB 126 21.81 35.72 28.20
CA SER OB 126 22.89 36.31 28.97
C SER OB 126 22.91 37.82 28.83
N GLN OB 127 22.76 38.30 27.60
CA GLN OB 127 22.76 39.73 27.37
C GLN OB 127 21.82 40.44 28.31
N LEU OB 128 20.78 39.75 28.77
CA LEU OB 128 19.95 40.31 29.82
C LEU OB 128 20.78 40.54 31.06
N ARG OB 129 21.39 39.49 31.60
CA ARG OB 129 22.19 39.66 32.80
C ARG OB 129 23.10 40.87 32.64
N ILE OB 130 23.70 40.99 31.46
CA ILE OB 130 24.37 42.24 31.12
C ILE OB 130 23.43 43.41 31.35
N ASP OB 131 22.20 43.28 30.87
CA ASP OB 131 21.29 44.41 30.91
C ASP OB 131 21.08 44.83 32.36
N LYS OB 132 20.60 43.91 33.18
CA LYS OB 132 20.42 44.19 34.59
C LYS OB 132 21.67 44.81 35.17
N ALA OB 133 22.84 44.39 34.68
CA ALA OB 133 24.05 45.06 35.10
C ALA OB 133 23.96 46.55 34.81
N VAL OB 134 23.70 46.90 33.56
CA VAL OB 134 23.54 48.32 33.24
C VAL OB 134 22.50 48.94 34.15
N ALA OB 135 21.37 48.27 34.30
CA ALA OB 135 20.25 48.73 35.11
C ALA OB 135 20.74 49.19 36.46
N PHE OB 136 21.29 48.28 37.22
CA PHE OB 136 21.71 48.63 38.56
C PHE OB 136 22.94 49.49 38.60
N GLN OB 137 23.57 49.77 37.46
CA GLN OB 137 24.99 50.08 37.48
C GLN OB 137 25.43 51.18 38.46
N ASN OB 138 25.16 52.43 38.16
CA ASN OB 138 25.91 53.55 38.72
C ASN OB 138 24.96 54.45 39.47
N PRO OB 139 25.46 55.37 40.29
CA PRO OB 139 24.54 56.13 41.18
C PRO OB 139 23.31 56.65 40.47
N GLN OB 140 23.43 56.86 39.16
CA GLN OB 140 22.25 56.93 38.32
C GLN OB 140 21.61 55.56 38.15
N ALA OB 141 22.38 54.58 37.67
CA ALA OB 141 21.83 53.25 37.49
C ALA OB 141 21.75 52.52 38.83
N HIS OB 142 22.44 53.02 39.84
CA HIS OB 142 22.38 52.46 41.18
C HIS OB 142 21.56 53.33 42.12
N VAL OB 143 22.13 54.46 42.56
CA VAL OB 143 21.44 55.25 43.55
C VAL OB 143 20.19 55.89 42.99
N ILE OB 144 20.15 56.18 41.70
CA ILE OB 144 18.89 56.54 41.08
C ILE OB 144 18.12 55.29 40.63
N GLU OB 145 18.71 54.43 39.78
CA GLU OB 145 18.03 53.28 39.17
C GLU OB 145 17.99 52.02 40.01
N ASN OB 146 19.12 51.50 40.47
CA ASN OB 146 19.01 50.40 41.42
C ASN OB 146 18.30 50.86 42.68
N LEU OB 147 18.47 52.11 43.03
CA LEU OB 147 17.63 52.75 44.00
C LEU OB 147 16.49 53.48 43.33
N HIS OB 148 16.25 53.21 42.06
CA HIS OB 148 14.89 53.05 41.58
C HIS OB 148 14.44 51.63 41.94
N ALA OB 149 15.18 50.62 41.49
CA ALA OB 149 14.91 49.27 41.97
C ALA OB 149 14.76 49.25 43.47
N ALA OB 150 15.58 50.05 44.16
CA ALA OB 150 15.36 50.27 45.57
C ALA OB 150 14.41 51.42 45.84
N ALA OB 151 13.96 52.13 44.81
CA ALA OB 151 12.86 53.09 44.98
C ALA OB 151 11.56 52.46 44.47
N TYR OB 152 11.46 52.29 43.15
CA TYR OB 152 10.23 51.79 42.58
C TYR OB 152 9.80 50.53 43.31
N ARG OB 153 8.55 50.50 43.71
CA ARG OB 153 8.02 49.47 44.60
C ARG OB 153 7.08 48.51 43.87
N ASN OB 154 5.96 49.01 43.33
CA ASN OB 154 4.87 48.18 42.83
C ASN OB 154 5.13 47.62 41.43
N ALA OB 155 4.10 47.09 40.78
CA ALA OB 155 4.26 46.48 39.46
C ALA OB 155 4.85 47.43 38.43
N LEU OB 156 4.86 48.74 38.73
CA LEU OB 156 5.72 49.63 37.96
C LEU OB 156 7.18 49.28 38.18
N ALA OB 157 7.55 48.98 39.43
CA ALA OB 157 8.86 48.41 39.67
C ALA OB 157 9.03 47.04 39.04
N ASN OB 158 7.97 46.43 38.51
CA ASN OB 158 8.24 45.27 37.67
C ASN OB 158 9.17 45.76 36.58
N SER OB 159 10.35 45.17 36.55
CA SER OB 159 11.54 45.94 36.24
C SER OB 159 11.73 46.13 34.74
N LEU OB 160 12.43 47.21 34.42
CA LEU OB 160 13.12 47.26 33.15
C LEU OB 160 14.14 46.16 33.06
N TYR OB 161 14.55 45.63 34.20
CA TYR OB 161 15.25 44.37 34.30
C TYR OB 161 14.21 43.26 34.48
N CYS OB 162 14.70 42.05 34.71
CA CYS OB 162 13.85 40.94 35.13
C CYS OB 162 14.11 40.58 36.58
N PRO OB 163 13.45 39.55 37.09
CA PRO OB 163 13.80 39.05 38.42
C PRO OB 163 15.01 38.14 38.39
N ASP OB 164 15.75 38.16 39.49
CA ASP OB 164 16.83 37.21 39.64
C ASP OB 164 16.29 35.80 39.69
N TYR OB 165 15.37 35.52 40.62
CA TYR OB 165 14.82 34.18 40.69
C TYR OB 165 14.25 33.76 39.36
N ARG OB 166 13.72 34.71 38.61
CA ARG OB 166 13.26 34.37 37.29
C ARG OB 166 14.39 34.16 36.31
N ILE OB 167 15.64 34.39 36.68
CA ILE OB 167 16.70 34.51 35.69
C ILE OB 167 16.72 33.30 34.76
N GLY OB 168 17.01 33.58 33.50
CA GLY OB 168 17.25 32.55 32.51
C GLY OB 168 16.04 31.73 32.13
N LYS OB 169 14.89 31.98 32.72
CA LYS OB 169 13.78 31.04 32.62
C LYS OB 169 12.82 31.33 31.48
N VAL OB 170 13.09 32.34 30.65
CA VAL OB 170 12.09 32.77 29.67
C VAL OB 170 11.73 31.60 28.77
N THR OB 171 10.48 31.61 28.29
CA THR OB 171 10.04 30.54 27.43
C THR OB 171 9.58 31.11 26.11
N PRO OB 172 9.90 30.44 25.00
CA PRO OB 172 9.30 30.88 23.73
C PRO OB 172 7.81 30.72 23.74
N ASP OB 173 7.33 29.68 24.41
CA ASP OB 173 5.92 29.63 24.76
C ASP OB 173 5.51 30.96 25.36
N GLU OB 174 6.25 31.41 26.36
CA GLU OB 174 5.98 32.72 26.92
C GLU OB 174 6.16 33.83 25.91
N LEU OB 175 6.83 33.57 24.79
CA LEU OB 175 6.96 34.63 23.79
C LEU OB 175 5.68 34.72 22.97
N HIS OB 176 5.48 33.74 22.09
CA HIS OB 176 4.29 33.73 21.24
C HIS OB 176 3.04 33.95 22.06
N ASP OB 177 2.99 33.32 23.24
CA ASP OB 177 1.90 33.59 24.15
C ASP OB 177 1.93 35.05 24.58
N TYR OB 178 3.05 35.47 25.17
CA TYR OB 178 3.09 36.77 25.82
C TYR OB 178 2.55 37.85 24.91
N VAL OB 179 3.14 37.98 23.73
CA VAL OB 179 2.57 38.92 22.78
C VAL OB 179 1.15 38.51 22.46
N GLN OB 180 0.96 37.28 22.03
CA GLN OB 180 -0.39 36.78 21.81
C GLN OB 180 -1.27 37.06 23.01
N ASN OB 181 -0.72 36.91 24.21
CA ASN OB 181 -1.43 37.30 25.41
C ASN OB 181 -1.44 38.80 25.57
N HIS OB 182 -0.30 39.43 25.35
CA HIS OB 182 -0.26 40.87 25.55
C HIS OB 182 -0.49 41.59 24.24
N PHE OB 183 0.42 41.44 23.28
CA PHE OB 183 0.39 42.25 22.07
C PHE OB 183 -0.94 42.10 21.35
N THR OB 184 -1.49 43.22 20.88
CA THR OB 184 -2.89 43.35 20.54
C THR OB 184 -3.14 44.73 19.93
N SER OB 185 -4.26 44.84 19.20
CA SER OB 185 -4.68 46.17 18.78
C SER OB 185 -5.07 47.03 19.96
N ALA OB 186 -5.45 46.39 21.06
CA ALA OB 186 -5.56 47.09 22.32
C ALA OB 186 -4.28 47.87 22.60
N ARG OB 187 -3.14 47.28 22.32
CA ARG OB 187 -1.88 47.99 22.49
C ARG OB 187 -1.53 48.83 21.27
N MET OB 188 -2.38 48.86 20.26
CA MET OB 188 -1.99 49.41 18.97
C MET OB 188 -2.15 50.93 18.99
N ALA OB 189 -1.03 51.62 18.89
CA ALA OB 189 -1.01 53.03 18.58
C ALA OB 189 0.06 53.25 17.54
N LEU OB 190 -0.33 53.81 16.40
CA LEU OB 190 0.62 54.13 15.33
C LEU OB 190 0.63 55.64 15.18
N ILE OB 191 1.81 56.23 15.17
CA ILE OB 191 1.92 57.68 15.10
C ILE OB 191 2.97 58.01 14.06
N GLY OB 192 2.52 58.65 12.97
CA GLY OB 192 3.44 59.17 12.00
C GLY OB 192 3.84 60.60 12.33
N LEU OB 193 5.10 60.92 12.04
CA LEU OB 193 5.57 62.30 12.03
C LEU OB 193 6.49 62.43 10.82
N GLY OB 194 6.06 63.25 9.86
CA GLY OB 194 6.80 63.47 8.64
C GLY OB 194 6.27 62.78 7.41
N VAL OB 195 5.18 62.04 7.51
CA VAL OB 195 4.80 61.15 6.42
C VAL OB 195 3.40 61.44 5.90
N SER OB 196 2.96 60.63 4.95
CA SER OB 196 1.65 60.77 4.36
C SER OB 196 0.67 59.98 5.23
N HIS OB 197 -0.24 60.70 5.84
CA HIS OB 197 -1.39 60.10 6.49
C HIS OB 197 -1.98 59.10 5.52
N PRO OB 198 -2.03 59.43 4.24
CA PRO OB 198 -2.48 58.44 3.26
C PRO OB 198 -1.57 57.23 3.18
N VAL OB 199 -0.26 57.45 3.14
CA VAL OB 199 0.65 56.31 2.97
C VAL OB 199 0.71 55.49 4.25
N LEU OB 200 0.95 56.17 5.36
CA LEU OB 200 0.85 55.51 6.65
C LEU OB 200 -0.45 54.75 6.75
N LYS OB 201 -1.51 55.32 6.19
CA LYS OB 201 -2.77 54.60 6.10
C LYS OB 201 -2.66 53.43 5.13
N GLN OB 202 -1.76 53.51 4.17
CA GLN OB 202 -1.69 52.48 3.15
C GLN OB 202 -1.09 51.22 3.75
N VAL OB 203 0.17 51.34 4.15
CA VAL OB 203 0.80 50.24 4.87
C VAL OB 203 -0.05 49.85 6.06
N ALA OB 204 -0.52 50.85 6.80
CA ALA OB 204 -1.36 50.61 7.96
C ALA OB 204 -2.48 49.65 7.61
N GLU OB 205 -3.13 49.89 6.49
CA GLU OB 205 -4.27 49.10 6.11
C GLU OB 205 -3.82 47.71 5.70
N GLN OB 206 -3.00 47.63 4.66
CA GLN OB 206 -2.61 46.34 4.13
C GLN OB 206 -1.90 45.50 5.18
N PHE OB 207 -1.60 46.06 6.34
CA PHE OB 207 -0.73 45.42 7.30
C PHE OB 207 -1.43 45.04 8.59
N LEU OB 208 -1.97 46.00 9.32
CA LEU OB 208 -1.72 46.05 10.75
C LEU OB 208 -2.73 45.33 11.65
N ASN OB 209 -3.72 44.63 11.12
CA ASN OB 209 -4.82 44.16 11.97
C ASN OB 209 -4.34 43.34 13.18
N ILE OB 210 -5.00 43.55 14.33
CA ILE OB 210 -4.73 42.86 15.58
C ILE OB 210 -5.86 43.10 16.57
N ARG OB 211 -5.78 42.50 17.76
CA ARG OB 211 -6.71 42.74 18.88
C ARG OB 211 -6.20 41.97 20.10
N GLY OB 212 -6.95 42.00 21.20
CA GLY OB 212 -6.76 41.04 22.29
C GLY OB 212 -6.24 41.41 23.74
N GLY OB 213 -6.43 42.64 24.24
CA GLY OB 213 -5.92 43.00 25.57
C GLY OB 213 -6.54 42.35 26.82
N LEU OB 214 -6.31 42.92 28.02
CA LEU OB 214 -6.72 42.32 29.29
C LEU OB 214 -6.92 43.37 30.40
N GLY OB 215 -7.04 42.89 31.65
CA GLY OB 215 -7.78 43.52 32.75
C GLY OB 215 -7.50 44.72 33.68
N LEU OB 216 -6.50 44.71 34.57
CA LEU OB 216 -6.66 45.48 35.81
C LEU OB 216 -5.42 46.24 36.27
N SER OB 217 -5.64 47.22 37.15
CA SER OB 217 -4.64 48.21 37.54
C SER OB 217 -3.74 47.80 38.68
N GLY OB 218 -4.11 46.80 39.42
CA GLY OB 218 -3.22 46.31 40.45
C GLY OB 218 -4.01 45.83 41.63
N ALA OB 219 -3.28 45.52 42.69
CA ALA OB 219 -3.86 45.08 43.96
C ALA OB 219 -4.58 46.20 44.67
N LYS OB 220 -4.74 47.35 44.02
CA LYS OB 220 -4.55 48.65 44.63
C LYS OB 220 -3.09 48.72 45.05
N ALA OB 221 -2.23 48.69 44.04
CA ALA OB 221 -1.12 47.76 43.99
C ALA OB 221 -0.54 47.75 45.36
N LYS OB 222 -0.50 46.56 45.93
CA LYS OB 222 -1.10 46.40 47.26
C LYS OB 222 -0.61 47.53 48.06
N TYR OB 223 -1.52 48.28 48.64
CA TYR OB 223 -1.04 49.54 49.14
C TYR OB 223 -0.45 49.18 50.48
N ARG OB 224 0.86 48.99 50.47
CA ARG OB 224 1.63 48.92 51.68
C ARG OB 224 2.09 50.29 52.09
N GLY OB 225 1.98 51.25 51.17
CA GLY OB 225 2.58 52.54 51.37
C GLY OB 225 3.95 52.17 51.86
N GLY OB 226 4.35 52.83 52.93
CA GLY OB 226 5.37 52.32 53.81
C GLY OB 226 6.68 52.00 53.14
N GLU OB 227 7.54 51.34 53.88
CA GLU OB 227 8.89 51.12 53.42
C GLU OB 227 8.95 50.00 52.40
N ILE OB 228 9.64 50.27 51.31
CA ILE OB 228 10.53 49.29 50.71
C ILE OB 228 11.87 49.59 51.39
N ARG OB 229 12.26 48.72 52.30
CA ARG OB 229 13.34 49.00 53.22
C ARG OB 229 14.56 48.26 52.71
N GLU OB 230 15.65 48.98 52.54
CA GLU OB 230 16.86 48.40 51.97
C GLU OB 230 18.04 48.75 52.86
N GLN OB 231 18.59 47.73 53.49
CA GLN OB 231 19.93 47.86 54.04
C GLN OB 231 20.89 47.98 52.88
N ASN OB 232 21.68 49.04 52.90
CA ASN OB 232 22.65 49.26 51.83
C ASN OB 232 24.07 49.21 52.36
N GLY OB 233 24.41 50.06 53.31
CA GLY OB 233 25.82 50.32 53.49
C GLY OB 233 26.25 51.11 52.28
N ASP OB 234 25.59 52.24 52.09
CA ASP OB 234 25.71 53.06 50.90
C ASP OB 234 26.85 54.07 50.97
N SER OB 235 27.70 53.98 51.98
CA SER OB 235 28.60 55.08 52.32
C SER OB 235 27.72 56.29 52.58
N LEU OB 236 27.82 57.33 51.77
CA LEU OB 236 26.83 58.40 51.86
C LEU OB 236 25.45 57.82 51.58
N VAL OB 237 24.53 58.03 52.51
CA VAL OB 237 23.28 57.27 52.53
C VAL OB 237 22.44 57.67 51.33
N HIS OB 238 21.74 56.70 50.74
CA HIS OB 238 20.76 57.04 49.73
C HIS OB 238 19.43 56.56 50.26
N ALA OB 239 18.64 57.49 50.75
CA ALA OB 239 17.33 57.16 51.28
C ALA OB 239 16.37 58.04 50.51
N ALA OB 240 15.17 57.55 50.21
CA ALA OB 240 14.19 58.39 49.53
C ALA OB 240 12.83 58.16 50.15
N LEU OB 241 12.17 59.24 50.57
CA LEU OB 241 10.97 59.15 51.39
C LEU OB 241 9.74 59.58 50.58
N VAL OB 242 8.73 58.73 50.56
CA VAL OB 242 7.69 58.77 49.54
C VAL OB 242 6.41 59.36 50.09
N ALA OB 243 6.13 60.59 49.70
CA ALA OB 243 4.78 61.10 49.73
C ALA OB 243 3.98 60.45 48.59
N GLU OB 244 2.78 60.98 48.34
CA GLU OB 244 1.89 60.47 47.30
C GLU OB 244 1.28 61.64 46.52
N SER OB 245 0.61 61.33 45.40
CA SER OB 245 -0.06 62.41 44.66
C SER OB 245 -1.51 62.17 44.26
N ALA OB 246 -1.71 61.45 43.15
CA ALA OB 246 -2.98 61.42 42.43
C ALA OB 246 -2.85 60.62 41.14
N ALA OB 247 -3.98 60.22 40.56
CA ALA OB 247 -3.99 59.38 39.38
C ALA OB 247 -3.80 60.16 38.09
N ILE OB 248 -3.31 59.47 37.06
CA ILE OB 248 -3.27 60.05 35.72
C ILE OB 248 -4.68 60.49 35.35
N GLY OB 249 -4.76 61.65 34.68
CA GLY OB 249 -6.04 62.15 34.24
C GLY OB 249 -6.95 62.60 35.35
N SER OB 250 -6.59 62.36 36.60
CA SER OB 250 -7.41 62.82 37.70
C SER OB 250 -7.62 64.32 37.57
N ALA OB 251 -8.79 64.76 38.02
CA ALA OB 251 -9.03 66.19 38.09
C ALA OB 251 -7.86 66.87 38.78
N GLU OB 252 -7.52 66.42 39.97
CA GLU OB 252 -6.45 67.02 40.74
C GLU OB 252 -5.08 66.74 40.17
N ALA OB 253 -4.96 65.87 39.16
CA ALA OB 253 -3.65 65.51 38.63
C ALA OB 253 -2.81 66.76 38.44
N ASN OB 254 -3.27 67.65 37.58
CA ASN OB 254 -2.58 68.91 37.39
C ASN OB 254 -2.24 69.54 38.71
N ALA OB 255 -3.18 69.54 39.66
CA ALA OB 255 -2.91 70.16 40.95
C ALA OB 255 -1.72 69.49 41.60
N PHE OB 256 -1.68 68.16 41.55
CA PHE OB 256 -0.52 67.46 42.03
C PHE OB 256 0.72 68.02 41.37
N SER OB 257 0.66 68.20 40.05
CA SER OB 257 1.79 68.80 39.35
C SER OB 257 2.15 70.13 39.97
N VAL OB 258 1.15 70.88 40.42
CA VAL OB 258 1.43 72.12 41.12
C VAL OB 258 2.29 71.75 42.30
N LEU OB 259 1.72 70.99 43.24
CA LEU OB 259 2.43 70.69 44.47
C LEU OB 259 3.85 70.27 44.18
N GLN OB 260 4.02 69.47 43.14
CA GLN OB 260 5.34 69.19 42.63
C GLN OB 260 6.13 70.48 42.51
N HIS OB 261 5.67 71.37 41.64
CA HIS OB 261 6.35 72.64 41.50
C HIS OB 261 6.52 73.33 42.84
N VAL OB 262 5.53 73.20 43.72
CA VAL OB 262 5.59 73.88 45.01
C VAL OB 262 6.86 73.47 45.73
N LEU OB 263 7.01 72.19 45.96
CA LEU OB 263 8.30 71.73 46.40
C LEU OB 263 9.33 71.75 45.28
N GLY OB 264 8.90 71.83 44.03
CA GLY OB 264 9.83 71.90 42.92
C GLY OB 264 10.73 70.70 42.75
N ALA OB 265 11.73 70.84 41.87
CA ALA OB 265 12.69 69.80 41.54
C ALA OB 265 13.94 70.48 40.98
N GLY OB 266 14.81 69.71 40.32
CA GLY OB 266 16.05 70.24 39.78
C GLY OB 266 15.89 71.51 38.96
N PRO OB 267 16.77 72.48 39.18
CA PRO OB 267 16.59 73.80 38.59
C PRO OB 267 16.94 73.85 37.11
N HIS OB 268 16.27 74.75 36.40
CA HIS OB 268 16.65 74.97 35.00
C HIS OB 268 17.99 75.68 34.91
N VAL OB 269 18.32 76.49 35.90
CA VAL OB 269 19.65 77.07 36.00
C VAL OB 269 20.42 76.32 37.06
N LYS OB 270 21.62 75.86 36.71
CA LYS OB 270 22.39 75.01 37.61
C LYS OB 270 22.93 75.83 38.78
N ARG OB 271 23.61 75.13 39.69
CA ARG OB 271 24.38 75.75 40.77
C ARG OB 271 23.56 76.78 41.53
N GLY OB 272 22.62 76.29 42.32
CA GLY OB 272 21.81 77.18 43.14
C GLY OB 272 21.44 76.51 44.45
N SER OB 273 21.05 77.35 45.40
CA SER OB 273 20.81 76.91 46.77
C SER OB 273 19.61 75.98 46.84
N ASN OB 274 18.93 75.78 45.71
CA ASN OB 274 17.59 75.22 45.70
C ASN OB 274 16.68 76.13 46.51
N ALA OB 275 16.73 77.41 46.18
CA ALA OB 275 16.09 78.45 46.95
C ALA OB 275 14.57 78.41 46.87
N THR OB 276 14.02 77.49 46.09
CA THR OB 276 12.65 77.67 45.63
C THR OB 276 11.59 76.90 46.41
N SER OB 277 11.90 76.14 47.45
CA SER OB 277 10.82 75.33 48.00
C SER OB 277 10.94 75.12 49.50
N SER OB 278 9.79 75.07 50.17
CA SER OB 278 9.79 74.60 51.55
C SER OB 278 10.42 73.22 51.62
N LEU OB 279 10.30 72.44 50.56
CA LEU OB 279 11.11 71.25 50.49
C LEU OB 279 12.56 71.58 50.20
N TYR OB 280 12.84 72.77 49.70
CA TYR OB 280 14.16 73.12 49.19
C TYR OB 280 14.68 74.39 49.84
N GLN OB 281 14.00 75.51 49.63
CA GLN OB 281 14.27 76.70 50.42
C GLN OB 281 14.28 76.34 51.90
N ALA OB 282 13.33 75.54 52.33
CA ALA OB 282 13.40 75.09 53.71
C ALA OB 282 14.15 73.79 53.85
N VAL OB 283 14.59 73.19 52.75
CA VAL OB 283 15.81 72.40 52.83
C VAL OB 283 17.02 73.30 52.82
N ALA OB 284 16.91 74.49 52.26
CA ALA OB 284 18.02 75.42 52.31
C ALA OB 284 18.18 75.95 53.72
N LYS OB 285 17.18 76.68 54.20
CA LYS OB 285 17.15 77.00 55.62
C LYS OB 285 17.25 75.75 56.45
N GLY OB 286 16.52 74.71 56.06
CA GLY OB 286 16.57 73.52 56.87
C GLY OB 286 17.93 72.87 56.84
N VAL OB 287 18.38 72.47 55.66
CA VAL OB 287 19.43 71.47 55.53
C VAL OB 287 20.74 72.16 55.14
N HIS OB 288 21.84 71.70 55.73
CA HIS OB 288 23.20 72.19 55.47
C HIS OB 288 24.04 71.31 54.55
N GLN OB 289 23.54 70.19 54.07
CA GLN OB 289 24.43 69.32 53.32
C GLN OB 289 23.69 68.62 52.18
N PRO OB 290 24.33 67.70 51.48
CA PRO OB 290 23.68 67.05 50.34
C PRO OB 290 22.35 66.46 50.72
N PHE OB 291 21.32 66.83 49.98
CA PHE OB 291 19.99 66.34 50.24
C PHE OB 291 19.19 66.46 48.96
N ASP OB 292 18.18 65.62 48.82
CA ASP OB 292 17.20 65.83 47.76
C ASP OB 292 15.88 65.24 48.19
N VAL OB 293 14.79 65.91 47.83
CA VAL OB 293 13.45 65.37 47.99
C VAL OB 293 12.62 65.85 46.81
N SER OB 294 11.83 64.96 46.23
CA SER OB 294 10.98 65.40 45.14
C SER OB 294 9.81 64.45 45.00
N ALA OB 295 8.78 64.89 44.30
CA ALA OB 295 7.55 64.15 44.21
C ALA OB 295 7.51 63.43 42.88
N PHE OB 296 7.10 62.17 42.90
CA PHE OB 296 6.99 61.45 41.66
C PHE OB 296 5.67 61.80 40.99
N ASN OB 297 5.37 61.09 39.92
CA ASN OB 297 4.00 60.80 39.56
C ASN OB 297 3.99 59.35 39.11
N ALA OB 298 3.37 58.48 39.90
CA ALA OB 298 3.12 57.14 39.42
C ALA OB 298 1.67 57.15 38.99
N SER OB 299 1.43 57.34 37.72
CA SER OB 299 0.09 57.69 37.33
C SER OB 299 -0.49 56.45 36.67
N TYR OB 300 -1.26 55.71 37.44
CA TYR OB 300 -2.25 54.93 36.78
C TYR OB 300 -3.35 55.88 36.38
N SER OB 301 -4.12 55.48 35.39
CA SER OB 301 -5.45 56.03 35.32
C SER OB 301 -6.13 55.86 36.67
N ASP OB 302 -5.87 54.72 37.32
CA ASP OB 302 -6.54 54.39 38.57
C ASP OB 302 -6.00 55.22 39.74
N SER OB 303 -4.70 55.23 39.93
CA SER OB 303 -4.18 55.76 41.19
C SER OB 303 -2.92 56.55 40.93
N GLY OB 304 -2.35 57.08 42.01
CA GLY OB 304 -1.08 57.77 41.93
C GLY OB 304 -0.43 58.14 43.24
N LEU OB 305 0.90 58.28 43.19
CA LEU OB 305 1.67 58.76 44.33
C LEU OB 305 2.86 59.56 43.84
N PHE OB 306 3.12 60.67 44.51
CA PHE OB 306 4.28 61.51 44.32
C PHE OB 306 5.08 61.51 45.61
N GLY OB 307 6.21 60.86 45.60
CA GLY OB 307 6.96 60.68 46.82
C GLY OB 307 7.78 61.90 47.16
N PHE OB 308 8.90 61.65 47.82
CA PHE OB 308 10.06 62.51 47.68
C PHE OB 308 11.29 61.62 47.55
N TYR OB 309 11.90 61.61 46.37
CA TYR OB 309 13.24 61.07 46.28
C TYR OB 309 14.14 61.93 47.13
N THR OB 310 15.00 61.27 47.91
CA THR OB 310 15.80 61.95 48.90
C THR OB 310 17.26 61.55 48.75
N ILE OB 311 18.16 62.47 49.11
CA ILE OB 311 19.59 62.18 49.09
C ILE OB 311 20.28 62.89 50.25
N SER OB 312 21.07 62.16 51.02
CA SER OB 312 21.79 62.75 52.15
C SER OB 312 22.65 61.71 52.84
N GLN OB 313 23.64 62.19 53.58
CA GLN OB 313 24.48 61.33 54.38
C GLN OB 313 23.73 60.86 55.61
N ALA OB 314 24.14 59.69 56.10
CA ALA OB 314 23.34 58.99 57.10
C ALA OB 314 23.03 59.88 58.30
N ALA OB 315 24.02 60.60 58.79
CA ALA OB 315 23.92 61.22 60.09
C ALA OB 315 22.65 62.03 60.25
N SER OB 316 22.21 62.73 59.22
CA SER OB 316 21.09 63.65 59.34
C SER OB 316 19.76 63.06 58.93
N ALA OB 317 19.71 61.78 58.61
CA ALA OB 317 18.50 61.20 58.02
C ALA OB 317 17.30 61.32 58.94
N GLY OB 318 17.43 60.92 60.19
CA GLY OB 318 16.40 61.27 61.14
C GLY OB 318 16.24 62.77 61.09
N ASP OB 319 17.33 63.51 61.30
CA ASP OB 319 17.28 64.96 61.26
C ASP OB 319 16.58 65.46 60.00
N VAL OB 320 17.10 65.06 58.83
CA VAL OB 320 16.55 65.60 57.60
C VAL OB 320 15.16 65.05 57.34
N ILE OB 321 15.04 63.72 57.25
CA ILE OB 321 13.76 63.15 56.88
C ILE OB 321 12.67 63.63 57.82
N LYS OB 322 12.98 63.67 59.12
CA LYS OB 322 12.03 64.24 60.07
C LYS OB 322 11.73 65.67 59.70
N ALA OB 323 12.77 66.49 59.61
CA ALA OB 323 12.60 67.83 59.08
C ALA OB 323 11.80 67.79 57.80
N ALA OB 324 12.09 66.81 56.94
CA ALA OB 324 11.31 66.59 55.75
C ALA OB 324 9.83 66.57 56.11
N TYR OB 325 9.42 65.53 56.82
CA TYR OB 325 8.07 65.47 57.33
C TYR OB 325 7.69 66.77 58.01
N ASN OB 326 8.60 67.29 58.84
CA ASN OB 326 8.35 68.56 59.50
C ASN OB 326 8.01 69.64 58.49
N GLN OB 327 8.91 69.89 57.55
CA GLN OB 327 8.62 70.84 56.50
C GLN OB 327 7.31 70.47 55.83
N VAL OB 328 7.11 69.19 55.55
CA VAL OB 328 5.85 68.73 55.00
C VAL OB 328 4.71 69.23 55.85
N LYS OB 329 4.75 68.91 57.14
CA LYS OB 329 3.81 69.50 58.07
C LYS OB 329 3.79 71.01 57.93
N THR OB 330 4.97 71.62 58.06
CA THR OB 330 5.07 73.06 57.87
C THR OB 330 4.38 73.48 56.59
N ILE OB 331 4.72 72.80 55.50
CA ILE OB 331 4.11 73.11 54.21
C ILE OB 331 2.60 72.94 54.29
N ALA OB 332 2.16 71.81 54.84
CA ALA OB 332 0.74 71.51 54.86
C ALA OB 332 -0.02 72.55 55.66
N GLN OB 333 0.71 73.44 56.32
CA GLN OB 333 0.12 74.55 57.04
C GLN OB 333 -0.75 75.43 56.17
N GLY OB 334 -0.68 75.29 54.85
CA GLY OB 334 -1.48 76.09 53.96
C GLY OB 334 -0.91 77.47 53.73
N ASN OB 335 0.10 77.87 54.49
CA ASN OB 335 0.78 79.11 54.20
C ASN OB 335 1.32 79.06 52.78
N LEU OB 336 0.93 80.04 51.97
CA LEU OB 336 1.42 80.12 50.61
C LEU OB 336 1.27 81.55 50.14
N SER OB 337 2.07 81.92 49.15
CA SER OB 337 1.85 83.22 48.57
C SER OB 337 0.99 83.10 47.33
N ASN OB 338 0.54 84.24 46.83
CA ASN OB 338 0.04 84.27 45.46
C ASN OB 338 1.20 84.15 44.49
N PRO OB 339 2.23 84.99 44.57
CA PRO OB 339 3.39 84.82 43.68
C PRO OB 339 3.97 83.43 43.74
N ASP OB 340 3.82 82.77 44.88
CA ASP OB 340 4.03 81.33 44.92
C ASP OB 340 3.21 80.65 43.82
N VAL OB 341 1.91 80.92 43.81
CA VAL OB 341 1.03 80.22 42.87
C VAL OB 341 1.36 80.59 41.44
N GLN OB 342 1.35 81.90 41.14
CA GLN OB 342 1.58 82.33 39.77
C GLN OB 342 2.98 81.96 39.30
N ALA OB 343 4.00 82.49 39.98
CA ALA OB 343 5.37 82.21 39.58
C ALA OB 343 5.62 80.73 39.50
N ALA OB 344 4.93 79.95 40.33
CA ALA OB 344 4.84 78.52 40.10
C ALA OB 344 4.39 78.26 38.68
N LYS OB 345 3.16 78.69 38.35
CA LYS OB 345 2.61 78.43 37.03
C LYS OB 345 3.62 78.77 35.95
N ASN OB 346 4.39 79.83 36.16
CA ASN OB 346 5.54 80.08 35.31
C ASN OB 346 6.49 78.89 35.31
N LYS OB 347 6.95 78.50 36.49
CA LYS OB 347 7.98 77.48 36.56
C LYS OB 347 7.50 76.17 35.98
N LEU OB 348 6.45 75.60 36.56
CA LEU OB 348 5.98 74.29 36.12
C LEU OB 348 5.36 74.35 34.75
N LYS OB 349 4.49 75.34 34.52
CA LYS OB 349 3.92 75.50 33.20
C LYS OB 349 5.01 75.49 32.15
N ALA OB 350 6.04 76.31 32.35
CA ALA OB 350 7.25 76.17 31.57
C ALA OB 350 7.70 74.73 31.56
N GLY OB 351 7.47 74.03 32.67
CA GLY OB 351 7.61 72.60 32.67
C GLY OB 351 6.91 71.96 31.50
N TYR OB 352 5.64 72.28 31.30
CA TYR OB 352 4.95 71.74 30.14
C TYR OB 352 5.59 72.24 28.86
N LEU OB 353 6.28 73.37 28.93
CA LEU OB 353 6.78 73.94 27.70
C LEU OB 353 7.96 73.14 27.21
N MET OB 354 9.11 73.26 27.88
CA MET OB 354 10.25 72.47 27.48
C MET OB 354 9.88 71.01 27.48
N SER OB 355 8.99 70.66 28.39
CA SER OB 355 8.42 69.33 28.42
C SER OB 355 7.71 68.98 27.13
N VAL OB 356 7.34 69.95 26.32
CA VAL OB 356 6.62 69.62 25.11
C VAL OB 356 7.52 69.62 23.87
N GLU OB 357 8.80 69.90 24.07
CA GLU OB 357 9.41 70.83 23.14
C GLU OB 357 9.92 70.40 21.76
N SER OB 358 11.15 69.88 21.66
CA SER OB 358 11.91 70.12 20.41
C SER OB 358 12.57 68.92 19.76
N SER OB 359 13.01 69.05 18.52
CA SER OB 359 12.88 67.97 17.53
C SER OB 359 13.07 66.56 18.09
N GLU OB 360 14.03 66.38 18.98
CA GLU OB 360 14.15 65.11 19.68
C GLU OB 360 13.17 65.03 20.84
N GLY OB 361 13.29 65.96 21.78
CA GLY OB 361 12.31 66.17 22.82
C GLY OB 361 11.17 66.96 22.23
N PHE OB 362 11.11 66.86 20.91
CA PHE OB 362 9.83 66.79 20.24
C PHE OB 362 9.56 65.31 20.24
N LEU OB 363 10.25 64.56 19.38
CA LEU OB 363 9.97 63.14 19.20
C LEU OB 363 9.90 62.43 20.55
N ASP OB 364 10.61 62.95 21.54
CA ASP OB 364 10.40 62.49 22.90
C ASP OB 364 9.42 63.33 23.71
N GLU OB 365 9.06 64.53 23.25
CA GLU OB 365 8.14 65.39 24.01
C GLU OB 365 7.01 65.89 23.13
N VAL OB 366 7.30 66.58 22.03
CA VAL OB 366 6.30 66.72 20.99
C VAL OB 366 6.17 65.39 20.28
N GLY OB 367 7.01 64.42 20.66
CA GLY OB 367 6.82 63.01 20.36
C GLY OB 367 6.40 62.26 21.59
N CYS OB 368 6.49 62.95 22.73
CA CYS OB 368 5.54 62.66 23.78
C CYS OB 368 4.25 63.37 23.49
N GLN OB 369 4.18 64.00 22.33
CA GLN OB 369 2.96 64.23 21.58
C GLN OB 369 2.88 63.25 20.43
N ALA OB 370 3.89 63.27 19.55
CA ALA OB 370 3.98 62.32 18.44
C ALA OB 370 4.00 60.88 18.94
N LEU OB 371 4.01 60.70 20.26
CA LEU OB 371 3.40 59.53 20.86
C LEU OB 371 2.43 59.93 21.97
N ALA OB 372 2.94 60.61 22.97
CA ALA OB 372 2.39 60.60 24.31
C ALA OB 372 1.45 61.76 24.63
N ALA OB 373 0.94 62.49 23.65
CA ALA OB 373 -0.06 63.48 24.05
C ALA OB 373 -1.47 63.00 23.72
N GLY OB 374 -1.76 62.85 22.43
CA GLY OB 374 -3.05 62.42 21.93
C GLY OB 374 -3.92 63.51 21.34
N SER OB 375 -3.66 64.76 21.70
CA SER OB 375 -4.24 65.90 21.01
C SER OB 375 -3.48 67.10 21.51
N TYR OB 376 -3.76 68.27 20.99
CA TYR OB 376 -3.39 69.44 21.73
C TYR OB 376 -4.69 69.98 22.30
N THR OB 377 -4.93 69.67 23.56
CA THR OB 377 -5.44 70.77 24.31
C THR OB 377 -4.23 71.66 24.24
N PRO OB 378 -4.26 72.75 23.52
CA PRO OB 378 -3.03 73.36 23.13
C PRO OB 378 -2.32 73.92 24.34
N PRO OB 379 -1.07 74.31 24.19
CA PRO OB 379 -0.54 75.29 25.13
C PRO OB 379 -1.52 76.42 25.28
N SER OB 380 -2.35 76.66 24.26
CA SER OB 380 -3.62 77.29 24.56
C SER OB 380 -4.40 76.45 25.57
N THR OB 381 -4.97 75.34 25.12
CA THR OB 381 -5.99 74.72 25.93
C THR OB 381 -5.43 73.96 27.12
N VAL OB 382 -4.36 73.21 26.94
CA VAL OB 382 -3.78 72.54 28.09
C VAL OB 382 -3.13 73.52 29.04
N LEU OB 383 -2.54 74.60 28.52
CA LEU OB 383 -2.12 75.64 29.44
C LEU OB 383 -3.28 76.55 29.79
N GLN OB 384 -4.41 76.42 29.10
CA GLN OB 384 -5.64 76.91 29.71
C GLN OB 384 -6.02 76.01 30.87
N GLN OB 385 -6.15 74.72 30.59
CA GLN OB 385 -6.28 73.75 31.66
C GLN OB 385 -5.17 73.93 32.67
N ILE OB 386 -3.97 74.30 32.21
CA ILE OB 386 -2.94 74.67 33.16
C ILE OB 386 -3.26 76.00 33.79
N ASP OB 387 -3.71 76.97 33.00
CA ASP OB 387 -4.20 78.19 33.59
C ASP OB 387 -5.36 77.91 34.52
N ALA OB 388 -5.95 76.72 34.43
CA ALA OB 388 -7.04 76.35 35.30
C ALA OB 388 -6.44 76.02 36.65
N VAL OB 389 -5.14 76.28 36.78
CA VAL OB 389 -4.47 76.17 38.07
C VAL OB 389 -5.26 76.88 39.13
N ALA OB 390 -5.48 76.19 40.25
CA ALA OB 390 -6.23 76.72 41.37
C ALA OB 390 -5.55 76.28 42.66
N ASP OB 391 -5.35 77.23 43.58
CA ASP OB 391 -4.46 76.99 44.70
C ASP OB 391 -5.11 76.15 45.79
N ALA OB 392 -6.33 76.48 46.19
CA ALA OB 392 -6.88 75.93 47.42
C ALA OB 392 -6.77 74.41 47.46
N ASP OB 393 -7.14 73.76 46.36
CA ASP OB 393 -7.02 72.32 46.30
C ASP OB 393 -5.59 71.88 46.58
N VAL OB 394 -4.63 72.79 46.48
CA VAL OB 394 -3.31 72.46 46.96
C VAL OB 394 -3.23 72.58 48.47
N ILE OB 395 -4.11 73.33 49.08
CA ILE OB 395 -4.16 73.36 50.54
C ILE OB 395 -4.84 72.11 51.05
N ASN OB 396 -6.11 71.94 50.70
CA ASN OB 396 -6.80 70.70 51.01
C ASN OB 396 -5.99 69.52 50.53
N ALA OB 397 -5.23 69.71 49.47
CA ALA OB 397 -4.32 68.67 49.01
C ALA OB 397 -3.21 68.48 50.01
N ALA OB 398 -2.64 69.58 50.51
CA ALA OB 398 -1.60 69.48 51.53
C ALA OB 398 -2.09 68.59 52.66
N LYS OB 399 -3.34 68.80 53.08
CA LYS OB 399 -3.96 67.85 53.97
C LYS OB 399 -3.99 66.45 53.37
N LYS OB 400 -4.34 66.32 52.09
CA LYS OB 400 -4.57 65.00 51.51
C LYS OB 400 -3.31 64.17 51.56
N PHE OB 401 -2.22 64.74 51.06
CA PHE OB 401 -0.92 64.13 51.26
C PHE OB 401 -0.67 63.84 52.72
N VAL OB 402 -0.99 64.79 53.59
CA VAL OB 402 -0.81 64.50 55.00
C VAL OB 402 -1.72 63.36 55.44
N SER OB 403 -2.70 63.00 54.62
CA SER OB 403 -3.83 62.21 55.08
C SER OB 403 -3.71 60.72 54.82
N GLY OB 404 -2.72 60.27 54.03
CA GLY OB 404 -2.73 58.93 53.52
C GLY OB 404 -1.75 58.00 54.22
N ARG OB 405 -1.70 56.78 53.69
CA ARG OB 405 -0.57 55.89 53.92
C ARG OB 405 0.31 55.94 52.68
N LYS OB 406 1.50 56.45 52.85
CA LYS OB 406 2.45 56.62 51.75
C LYS OB 406 3.67 55.74 52.04
N SER OB 407 4.67 55.84 51.19
CA SER OB 407 5.78 54.91 51.33
C SER OB 407 7.01 55.62 51.86
N MET OB 408 7.86 54.86 52.51
CA MET OB 408 9.24 55.24 52.74
C MET OB 408 10.12 54.24 52.01
N ALA OB 409 11.30 54.69 51.60
CA ALA OB 409 12.21 53.82 50.88
C ALA OB 409 13.62 54.02 51.40
N ALA OB 410 14.31 52.90 51.60
CA ALA OB 410 15.52 52.85 52.41
C ALA OB 410 16.68 52.35 51.59
N SER OB 411 17.73 53.16 51.45
CA SER OB 411 19.03 52.64 51.04
C SER OB 411 20.07 53.06 52.06
N GLY OB 412 20.46 52.12 52.92
CA GLY OB 412 21.46 52.39 53.95
C GLY OB 412 21.17 51.58 55.19
N ASN OB 413 21.71 52.06 56.30
CA ASN OB 413 21.33 51.61 57.63
C ASN OB 413 20.69 52.75 58.40
N LEU OB 414 19.61 52.47 59.11
CA LEU OB 414 18.83 53.53 59.71
C LEU OB 414 19.42 54.02 61.02
N GLY OB 415 20.59 53.54 61.39
CA GLY OB 415 21.17 53.90 62.67
C GLY OB 415 21.09 55.38 62.94
N HIS OB 416 21.26 56.19 61.91
CA HIS OB 416 20.81 57.55 62.00
C HIS OB 416 19.47 57.78 61.32
N THR OB 417 18.93 56.83 60.62
CA THR OB 417 17.73 57.18 59.90
C THR OB 417 16.48 56.86 60.69
N PRO OB 418 15.37 57.50 60.36
CA PRO OB 418 14.08 57.07 60.91
C PRO OB 418 13.54 55.85 60.19
N PHE OB 419 12.75 55.07 60.92
CA PHE OB 419 12.08 53.90 60.38
C PHE OB 419 10.61 54.15 60.04
N ILE OB 420 10.11 55.36 60.28
CA ILE OB 420 8.78 55.84 59.87
C ILE OB 420 7.66 55.28 60.71
N ASP OB 421 7.91 54.19 61.42
CA ASP OB 421 7.07 53.87 62.55
C ASP OB 421 7.50 54.70 63.75
N GLU OB 422 8.81 54.71 64.01
CA GLU OB 422 9.37 55.60 65.01
C GLU OB 422 9.26 57.05 64.60
N LEU OB 423 8.78 57.32 63.40
CA LEU OB 423 8.52 58.67 62.92
C LEU OB 423 7.84 59.52 63.98
N ILE PB 1 41.44 36.02 14.09
CA ILE PB 1 42.18 36.84 15.03
C ILE PB 1 43.59 37.07 14.52
N ASN PB 2 44.50 37.44 15.42
CA ASN PB 2 45.87 37.62 15.01
C ASN PB 2 46.50 36.25 14.82
N ILE PB 3 46.91 35.96 13.58
CA ILE PB 3 47.57 34.70 13.31
C ILE PB 3 48.79 34.55 14.19
N ARG PB 4 49.49 35.65 14.42
CA ARG PB 4 50.56 35.66 15.40
C ARG PB 4 50.09 35.02 16.67
N LYS PB 5 48.93 35.43 17.15
CA LYS PB 5 48.32 34.69 18.25
C LYS PB 5 47.85 33.33 17.78
N THR PB 6 47.33 33.25 16.55
CA THR PB 6 46.53 32.09 16.20
C THR PB 6 47.37 30.86 15.84
N HIS PB 7 48.31 31.00 14.91
CA HIS PB 7 48.82 29.83 14.22
C HIS PB 7 49.57 28.91 15.16
N PRO PB 8 49.23 27.63 15.23
CA PRO PB 8 49.78 26.79 16.30
C PRO PB 8 51.29 26.68 16.27
N LEU PB 9 51.85 26.33 15.12
CA LEU PB 9 53.30 26.30 15.05
C LEU PB 9 53.83 27.67 15.43
N MET PB 10 53.25 28.70 14.85
CA MET PB 10 53.55 30.04 15.32
C MET PB 10 53.27 30.16 16.80
N LYS PB 11 52.14 29.63 17.27
CA LYS PB 11 51.83 29.76 18.68
C LYS PB 11 53.05 29.39 19.51
N ILE PB 12 53.74 28.35 19.10
CA ILE PB 12 55.07 28.11 19.65
C ILE PB 12 55.97 29.30 19.38
N VAL PB 13 56.02 29.71 18.12
CA VAL PB 13 57.02 30.68 17.69
C VAL PB 13 56.96 31.95 18.52
N ASN PB 14 55.84 32.67 18.40
CA ASN PB 14 55.62 33.84 19.24
C ASN PB 14 55.95 33.53 20.67
N ASN PB 15 55.40 32.44 21.18
CA ASN PB 15 55.77 31.98 22.50
C ASN PB 15 57.27 31.76 22.62
N ALA PB 16 57.94 31.48 21.52
CA ALA PB 16 59.36 31.22 21.68
C ALA PB 16 60.17 32.49 21.53
N PHE PB 17 60.37 32.93 20.30
CA PHE PB 17 61.09 34.18 20.16
C PHE PB 17 60.15 35.36 20.32
N ILE PB 18 59.03 35.32 19.63
CA ILE PB 18 58.40 36.56 19.22
C ILE PB 18 57.61 37.15 20.37
N ASP PB 19 56.47 36.56 20.66
CA ASP PB 19 55.61 37.12 21.69
C ASP PB 19 56.31 37.06 23.04
N LEU PB 20 57.50 36.46 23.08
CA LEU PB 20 58.17 36.15 24.33
C LEU PB 20 58.35 37.37 25.21
N PRO PB 21 57.69 37.41 26.36
CA PRO PB 21 57.99 38.46 27.33
C PRO PB 21 59.30 38.13 28.01
N ALA PB 22 60.10 39.16 28.24
CA ALA PB 22 61.44 38.89 28.73
C ALA PB 22 61.93 40.03 29.60
N PRO PB 23 62.81 39.75 30.55
CA PRO PB 23 63.25 40.81 31.46
C PRO PB 23 63.80 42.01 30.71
N SER PB 24 63.26 43.16 31.03
CA SER PB 24 63.70 44.36 30.34
C SER PB 24 65.14 44.71 30.73
N ASN PB 25 65.52 44.43 31.97
CA ASN PB 25 66.83 44.83 32.48
C ASN PB 25 67.96 44.12 31.75
N ILE PB 26 67.61 43.26 30.80
CA ILE PB 26 68.49 42.24 30.26
C ILE PB 26 69.82 42.83 29.83
N SER PB 27 70.88 42.02 29.94
CA SER PB 27 72.25 42.50 29.81
C SER PB 27 72.98 41.76 28.71
N SER PB 28 74.09 42.36 28.28
CA SER PB 28 74.83 41.86 27.13
C SER PB 28 75.27 40.44 27.33
N TRP PB 29 75.16 39.93 28.56
CA TRP PB 29 75.54 38.57 28.90
C TRP PB 29 74.96 37.66 27.86
N TRP PB 30 73.86 38.10 27.29
CA TRP PB 30 73.14 37.37 26.28
C TRP PB 30 73.98 36.82 25.18
N ASN PB 31 74.56 37.73 24.43
CA ASN PB 31 74.66 37.56 23.00
C ASN PB 31 75.07 36.16 22.65
N PHE PB 32 76.10 35.70 23.36
CA PHE PB 32 76.83 34.51 22.99
C PHE PB 32 75.86 33.41 22.60
N GLY PB 33 74.74 33.33 23.31
CA GLY PB 33 73.86 32.22 23.13
C GLY PB 33 73.46 32.05 21.68
N SER PB 34 72.83 33.05 21.09
CA SER PB 34 72.40 32.89 19.71
C SER PB 34 73.61 32.65 18.83
N LEU PB 35 74.70 33.35 19.14
CA LEU PB 35 75.97 33.17 18.49
C LEU PB 35 76.24 31.70 18.36
N LEU PB 36 76.35 31.05 19.51
CA LEU PB 36 76.66 29.63 19.52
C LEU PB 36 75.78 28.89 18.55
N GLY PB 37 74.47 29.10 18.65
CA GLY PB 37 73.57 28.41 17.75
C GLY PB 37 73.85 28.78 16.31
N ILE PB 38 73.92 30.08 16.06
CA ILE PB 38 74.40 30.54 14.76
C ILE PB 38 75.69 29.82 14.44
N CYS PB 39 76.65 29.91 15.35
CA CYS PB 39 77.86 29.13 15.27
C CYS PB 39 77.48 27.71 14.93
N LEU PB 40 76.75 27.08 15.85
CA LEU PB 40 76.32 25.71 15.65
C LEU PB 40 75.76 25.53 14.26
N ILE PB 41 74.82 26.37 13.89
CA ILE PB 41 74.19 26.27 12.59
C ILE PB 41 75.29 26.33 11.55
N LEU PB 42 75.99 27.46 11.52
CA LEU PB 42 77.13 27.59 10.63
C LEU PB 42 78.01 26.38 10.73
N GLN PB 43 78.28 25.96 11.95
CA GLN PB 43 79.05 24.77 12.21
C GLN PB 43 78.54 23.68 11.32
N ILE PB 44 77.32 23.25 11.61
CA ILE PB 44 76.68 22.27 10.76
C ILE PB 44 76.79 22.73 9.33
N LEU PB 45 76.31 23.94 9.07
CA LEU PB 45 76.25 24.47 7.73
C LEU PB 45 77.56 24.17 7.04
N THR PB 46 78.61 24.79 7.56
CA THR PB 46 79.91 24.58 6.96
C THR PB 46 80.24 23.11 6.93
N GLY PB 47 80.22 22.46 8.09
CA GLY PB 47 80.57 21.07 8.17
C GLY PB 47 79.87 20.34 7.05
N LEU PB 48 78.59 20.64 6.93
CA LEU PB 48 77.76 20.04 5.90
C LEU PB 48 78.35 20.27 4.54
N PHE PB 49 78.33 21.52 4.13
CA PHE PB 49 79.01 21.87 2.89
C PHE PB 49 80.39 21.26 2.90
N LEU PB 50 81.09 21.36 4.03
CA LEU PB 50 82.38 20.72 4.16
C LEU PB 50 82.26 19.25 3.85
N ALA PB 51 81.41 18.58 4.62
CA ALA PB 51 81.11 17.19 4.35
C ALA PB 51 80.91 17.00 2.87
N MET PB 52 80.15 17.92 2.29
CA MET PB 52 79.76 17.80 0.90
C MET PB 52 80.94 17.39 0.03
N HIS PB 53 82.06 18.05 0.19
CA HIS PB 53 83.25 17.66 -0.55
C HIS PB 53 83.98 16.61 0.27
N TYR PB 54 84.36 16.97 1.48
CA TYR PB 54 85.38 16.27 2.23
C TYR PB 54 85.08 14.78 2.29
N THR PB 55 86.15 13.98 2.29
CA THR PB 55 85.98 12.57 2.49
C THR PB 55 86.80 12.13 3.69
N PRO PB 56 86.42 11.61 4.23
CA PRO PB 56 87.11 11.05 5.41
C PRO PB 56 87.60 9.64 5.15
N ASP PB 57 88.54 9.47 4.25
CA ASP PB 57 89.02 8.14 3.92
C ASP PB 57 90.50 8.00 4.27
N THR PB 58 90.90 6.77 4.62
CA THR PB 58 92.21 6.52 5.23
C THR PB 58 93.33 7.01 4.33
N THR PB 59 93.41 6.46 3.12
CA THR PB 59 94.37 7.00 2.18
C THR PB 59 94.06 8.45 1.86
N THR PB 60 92.80 8.85 1.96
CA THR PB 60 92.42 10.19 1.53
C THR PB 60 92.73 11.25 2.55
N ALA PB 61 93.26 10.87 3.71
CA ALA PB 61 93.24 11.76 4.85
C ALA PB 61 93.86 13.10 4.52
N PHE PB 62 95.18 13.15 4.46
CA PHE PB 62 95.80 14.34 3.93
C PHE PB 62 95.45 14.48 2.47
N SER PB 63 95.25 13.35 1.80
CA SER PB 63 94.99 13.36 0.39
C SER PB 63 93.75 14.18 0.10
N SER PB 64 92.58 13.62 0.44
CA SER PB 64 91.39 14.42 0.30
C SER PB 64 91.56 15.76 0.96
N VAL PB 65 92.25 15.80 2.10
CA VAL PB 65 92.51 17.09 2.71
C VAL PB 65 93.05 18.05 1.69
N THR PB 66 94.09 17.67 0.96
CA THR PB 66 94.51 18.53 -0.13
C THR PB 66 93.37 18.76 -1.10
N HIS PB 67 92.75 17.70 -1.60
CA HIS PB 67 91.58 17.88 -2.44
C HIS PB 67 90.59 18.77 -1.75
N ILE PB 68 90.45 18.60 -0.43
CA ILE PB 68 89.64 19.49 0.38
C ILE PB 68 90.41 20.74 0.76
N CYS PB 69 91.69 20.81 0.48
CA CYS PB 69 92.38 22.05 0.79
C CYS PB 69 93.16 22.50 -0.41
N ARG PB 70 94.25 21.79 -0.69
CA ARG PB 70 95.10 22.21 -1.78
C ARG PB 70 94.31 22.32 -3.06
N ASP PB 71 93.45 21.35 -3.32
CA ASP PB 71 92.49 21.57 -4.39
C ASP PB 71 91.55 22.68 -4.01
N VAL PB 72 91.02 22.65 -2.79
CA VAL PB 72 89.70 23.23 -2.56
C VAL PB 72 89.84 24.73 -2.36
N ASN PB 73 89.30 25.49 -3.31
CA ASN PB 73 89.22 26.92 -3.17
C ASN PB 73 88.13 27.22 -2.17
N TYR PB 74 88.42 28.10 -1.24
CA TYR PB 74 87.54 28.42 -0.13
C TYR PB 74 87.32 27.21 0.73
N GLY PB 75 87.58 26.02 0.22
CA GLY PB 75 87.89 24.92 1.11
C GLY PB 75 89.09 25.31 1.91
N TRP PB 76 90.00 26.05 1.29
CA TRP PB 76 90.90 26.91 2.04
C TRP PB 76 90.06 27.64 3.06
N ILE PB 77 89.27 28.57 2.55
CA ILE PB 77 88.60 29.54 3.40
C ILE PB 77 87.61 28.84 4.30
N ILE PB 78 86.62 28.17 3.73
CA ILE PB 78 85.62 27.53 4.58
C ILE PB 78 86.30 26.56 5.52
N ARG PB 79 87.23 25.77 4.99
CA ARG PB 79 87.85 24.76 5.80
C ARG PB 79 88.56 25.35 6.99
N TYR PB 80 89.75 25.86 6.73
CA TYR PB 80 90.55 26.39 7.82
C TYR PB 80 89.73 27.36 8.64
N MET PB 81 88.92 28.16 7.94
CA MET PB 81 88.13 29.17 8.60
C MET PB 81 87.24 28.57 9.63
N HIS PB 82 86.14 27.98 9.18
CA HIS PB 82 85.12 27.59 10.12
C HIS PB 82 85.69 26.57 11.06
N ALA PB 83 86.80 25.96 10.65
CA ALA PB 83 87.61 25.23 11.60
C ALA PB 83 87.97 26.13 12.77
N ASN PB 84 88.56 27.29 12.49
CA ASN PB 84 88.80 28.23 13.55
C ASN PB 84 87.50 28.55 14.25
N GLY PB 85 86.44 28.72 13.49
CA GLY PB 85 85.17 29.09 14.07
C GLY PB 85 84.78 28.15 15.18
N ALA PB 86 85.04 26.87 15.00
CA ALA PB 86 84.88 25.92 16.09
C ALA PB 86 85.50 26.47 17.35
N SER PB 87 86.80 26.70 17.32
CA SER PB 87 87.46 27.32 18.44
C SER PB 87 86.70 28.52 18.94
N MET PB 88 86.17 29.36 18.05
CA MET PB 88 85.39 30.49 18.53
C MET PB 88 84.22 30.02 19.36
N PHE PB 89 83.51 29.01 18.87
CA PHE PB 89 82.45 28.42 19.65
C PHE PB 89 82.94 28.05 21.03
N PHE PB 90 84.10 27.44 21.12
CA PHE PB 90 84.69 27.20 22.42
C PHE PB 90 84.87 28.50 23.18
N ILE PB 91 85.25 29.56 22.47
CA ILE PB 91 85.54 30.81 23.13
C ILE PB 91 84.31 31.28 23.88
N CYS PB 92 83.25 31.52 23.13
CA CYS PB 92 82.01 31.87 23.80
C CYS PB 92 81.57 30.78 24.73
N LEU PB 93 82.10 29.57 24.58
CA LEU PB 93 81.65 28.50 25.46
C LEU PB 93 82.17 28.80 26.86
N PHE PB 94 83.49 28.74 27.03
CA PHE PB 94 84.08 29.06 28.31
C PHE PB 94 83.59 30.39 28.82
N MET PB 95 83.57 31.39 27.94
CA MET PB 95 82.99 32.68 28.26
C MET PB 95 81.68 32.42 28.97
N HIS PB 96 80.75 31.85 28.22
CA HIS PB 96 79.39 31.69 28.66
C HIS PB 96 79.34 31.05 30.02
N VAL PB 97 80.19 30.06 30.21
CA VAL PB 97 80.32 29.48 31.53
C VAL PB 97 80.54 30.59 32.52
N GLY PB 98 81.48 31.47 32.21
CA GLY PB 98 81.67 32.63 33.04
C GLY PB 98 80.36 33.36 33.24
N ARG PB 99 79.59 33.50 32.15
CA ARG PB 99 78.36 34.25 32.23
C ARG PB 99 77.52 33.76 33.37
N GLY PB 100 77.26 32.47 33.41
CA GLY PB 100 76.52 31.94 34.55
C GLY PB 100 77.24 32.19 35.85
N LEU PB 101 78.56 32.10 35.83
CA LEU PB 101 79.31 32.13 37.08
C LEU PB 101 79.18 33.48 37.78
N TYR PB 102 79.65 34.55 37.15
CA TYR PB 102 79.52 35.85 37.78
C TYR PB 102 78.07 36.23 37.86
N TYR PB 103 77.30 35.76 36.90
CA TYR PB 103 75.87 35.68 37.09
C TYR PB 103 75.54 34.91 38.35
N GLY PB 104 76.25 33.82 38.61
CA GLY PB 104 75.76 32.93 39.64
C GLY PB 104 74.46 32.29 39.28
N SER PB 105 74.18 32.19 37.98
CA SER PB 105 72.85 31.87 37.51
C SER PB 105 72.41 30.49 37.96
N TYR PB 106 73.30 29.79 38.66
CA TYR PB 106 73.18 28.36 38.93
C TYR PB 106 71.82 28.00 39.53
N THR PB 107 71.01 29.02 39.82
CA THR PB 107 69.69 28.82 40.37
C THR PB 107 68.87 27.75 39.64
N PHE PB 108 69.01 27.65 38.32
CA PHE PB 108 68.12 26.77 37.54
C PHE PB 108 68.84 25.46 37.23
N LEU PB 109 68.41 24.39 37.87
CA LEU PB 109 69.17 23.15 37.83
C LEU PB 109 69.16 22.53 36.44
N GLU PB 110 67.97 22.18 35.96
CA GLU PB 110 67.88 21.41 34.72
C GLU PB 110 68.61 22.12 33.61
N THR PB 111 68.57 23.45 33.64
CA THR PB 111 69.41 24.21 32.75
C THR PB 111 70.87 23.90 33.01
N TRP PB 112 71.29 23.97 34.26
CA TRP PB 112 72.71 23.81 34.54
C TRP PB 112 73.19 22.44 34.08
N ASN PB 113 72.58 21.40 34.62
CA ASN PB 113 72.95 20.05 34.21
C ASN PB 113 72.79 19.88 32.71
N ILE PB 114 71.82 20.55 32.14
CA ILE PB 114 71.60 20.51 30.71
C ILE PB 114 72.92 20.90 30.08
N GLY PB 115 73.28 22.17 30.23
CA GLY PB 115 74.52 22.64 29.66
C GLY PB 115 75.73 21.86 30.10
N VAL PB 116 75.59 21.05 31.14
CA VAL PB 116 76.66 20.12 31.48
C VAL PB 116 76.72 19.03 30.44
N ILE PB 117 75.57 18.43 30.14
CA ILE PB 117 75.51 17.58 28.97
C ILE PB 117 76.14 18.31 27.81
N LEU PB 118 75.72 19.56 27.62
CA LEU PB 118 76.38 20.38 26.63
C LEU PB 118 77.87 20.42 26.87
N LEU PB 119 78.28 20.16 28.10
CA LEU PB 119 79.67 20.43 28.39
C LEU PB 119 80.47 19.26 27.88
N PHE PB 120 80.44 18.14 28.60
CA PHE PB 120 81.26 17.01 28.17
C PHE PB 120 80.93 16.66 26.74
N ALA PB 121 79.65 16.79 26.40
CA ALA PB 121 79.22 16.59 25.04
C ALA PB 121 80.03 17.43 24.09
N THR PB 122 80.02 18.74 24.31
CA THR PB 122 80.82 19.60 23.46
C THR PB 122 82.24 19.11 23.43
N MET PB 123 82.75 18.72 24.60
CA MET PB 123 84.15 18.38 24.75
C MET PB 123 84.54 17.28 23.78
N ALA PB 124 84.09 16.06 24.04
CA ALA PB 124 84.53 14.97 23.18
C ALA PB 124 83.96 15.15 21.79
N THR PB 125 82.70 15.59 21.71
CA THR PB 125 82.03 15.78 20.44
C THR PB 125 82.93 16.53 19.49
N ALA PB 126 83.49 17.61 19.98
CA ALA PB 126 84.69 18.12 19.37
C ALA PB 126 85.69 17.00 19.18
N PHE PB 127 86.25 16.50 20.29
CA PHE PB 127 87.53 15.79 20.23
C PHE PB 127 87.55 14.75 19.14
N MET PB 128 86.71 13.73 19.24
CA MET PB 128 86.44 12.86 18.11
C MET PB 128 86.20 13.70 16.88
N GLY PB 129 85.23 14.62 16.95
CA GLY PB 129 84.82 15.34 15.77
C GLY PB 129 86.05 16.01 15.27
N TYR PB 130 86.65 16.81 16.13
CA TYR PB 130 87.94 17.42 15.90
C TYR PB 130 88.92 16.47 15.24
N VAL PB 131 89.34 15.42 15.94
CA VAL PB 131 90.46 14.61 15.48
C VAL PB 131 90.31 14.22 14.02
N LEU PB 132 89.09 14.28 13.45
CA LEU PB 132 88.77 13.74 12.13
C LEU PB 132 89.84 14.05 11.12
N PRO PB 133 90.38 15.27 11.14
CA PRO PB 133 91.51 15.56 10.25
C PRO PB 133 92.60 14.52 10.28
N TRP PB 134 92.76 13.79 11.40
CA TRP PB 134 93.73 12.72 11.49
C TRP PB 134 95.14 13.22 11.16
N GLY PB 135 95.45 14.43 11.63
CA GLY PB 135 96.72 15.04 11.33
C GLY PB 135 97.80 14.69 12.33
N GLN PB 136 99.06 14.84 11.91
CA GLN PB 136 100.16 14.32 12.69
C GLN PB 136 100.01 14.71 14.16
N MET PB 137 99.68 15.97 14.41
CA MET PB 137 99.33 16.37 15.76
C MET PB 137 98.19 15.51 16.26
N SER PB 138 97.07 15.57 15.57
CA SER PB 138 95.96 14.73 15.96
C SER PB 138 96.30 13.26 15.81
N PHE PB 139 97.45 12.95 15.24
CA PHE PB 139 97.80 11.56 14.94
C PHE PB 139 98.53 10.92 16.11
N TRP PB 140 99.77 11.30 16.32
CA TRP PB 140 100.41 10.81 17.54
C TRP PB 140 99.52 11.15 18.72
N GLY PB 141 98.96 12.35 18.73
CA GLY PB 141 97.94 12.65 19.70
C GLY PB 141 96.79 11.68 19.64
N ALA PB 142 96.51 11.16 18.47
CA ALA PB 142 95.52 10.11 18.42
C ALA PB 142 96.00 8.92 19.21
N THR PB 143 97.29 8.60 19.12
CA THR PB 143 97.82 7.64 20.05
C THR PB 143 97.63 8.12 21.47
N VAL PB 144 97.43 9.43 21.63
CA VAL PB 144 97.32 9.88 23.00
C VAL PB 144 95.94 9.48 23.47
N ILE PB 145 94.93 10.26 23.09
CA ILE PB 145 93.62 9.98 23.65
C ILE PB 145 93.26 8.52 23.42
N THR PB 146 93.72 7.96 22.30
CA THR PB 146 93.65 6.52 22.10
C THR PB 146 94.21 5.79 23.30
N ASN PB 147 95.31 6.29 23.86
CA ASN PB 147 95.75 5.74 25.10
C ASN PB 147 94.90 6.20 26.27
N LEU PB 148 94.05 7.20 26.07
CA LEU PB 148 93.09 7.50 27.11
C LEU PB 148 92.00 6.45 27.19
N LEU PB 149 91.77 5.72 26.11
CA LEU PB 149 90.66 4.79 26.13
C LEU PB 149 90.88 3.60 27.05
N SER PB 150 92.05 3.45 27.66
CA SER PB 150 92.40 2.22 28.36
C SER PB 150 92.25 2.27 29.87
N ALA PB 151 91.76 3.37 30.44
CA ALA PB 151 91.99 3.65 31.87
C ALA PB 151 91.63 2.52 32.82
N ILE PB 152 90.49 1.87 32.62
CA ILE PB 152 89.82 1.14 33.70
C ILE PB 152 90.62 -0.05 34.23
N PRO PB 153 90.37 -0.46 35.47
CA PRO PB 153 90.76 -1.79 35.90
C PRO PB 153 90.02 -2.83 35.08
N TYR PB 154 90.76 -3.79 34.53
CA TYR PB 154 90.28 -5.01 33.90
C TYR PB 154 89.61 -4.76 32.57
N ILE PB 155 89.29 -3.52 32.23
CA ILE PB 155 88.45 -3.21 31.08
C ILE PB 155 89.28 -2.61 29.95
N GLY PB 156 89.96 -1.50 30.22
CA GLY PB 156 90.49 -0.62 29.20
C GLY PB 156 91.18 -1.33 28.07
N THR PB 157 92.01 -2.31 28.43
CA THR PB 157 92.63 -3.16 27.44
C THR PB 157 91.58 -3.62 26.45
N ASN PB 158 90.64 -4.42 26.93
CA ASN PB 158 89.50 -4.77 26.10
C ASN PB 158 88.73 -3.52 25.69
N LEU PB 159 88.69 -2.51 26.55
CA LEU PB 159 87.93 -1.33 26.21
C LEU PB 159 88.63 -0.57 25.11
N VAL PB 160 89.81 -0.02 25.39
CA VAL PB 160 90.54 0.74 24.39
C VAL PB 160 90.72 -0.08 23.14
N GLU PB 161 90.58 -1.40 23.24
CA GLU PB 161 90.34 -2.15 22.03
C GLU PB 161 89.01 -1.73 21.42
N TRP PB 162 87.92 -1.93 22.15
CA TRP PB 162 86.58 -1.74 21.61
C TRP PB 162 86.40 -0.31 21.13
N ILE PB 163 86.68 0.63 22.02
CA ILE PB 163 86.88 2.02 21.63
C ILE PB 163 87.77 2.08 20.41
N TRP PB 164 89.05 1.77 20.62
CA TRP PB 164 90.04 1.88 19.55
C TRP PB 164 89.71 1.00 18.36
N GLY PB 165 88.70 0.14 18.49
CA GLY PB 165 88.44 -0.86 17.49
C GLY PB 165 89.30 -2.08 17.62
N GLY PB 166 90.35 -2.02 18.42
CA GLY PB 166 91.26 -3.13 18.47
C GLY PB 166 92.65 -2.68 18.93
N PHE PB 167 93.64 -3.44 18.47
CA PHE PB 167 95.00 -3.39 18.98
C PHE PB 167 95.55 -1.98 19.02
N SER PB 168 94.99 -1.06 18.25
CA SER PB 168 95.41 0.32 18.34
C SER PB 168 94.29 1.20 17.83
N VAL PB 169 94.58 2.49 17.75
CA VAL PB 169 93.80 3.36 16.88
C VAL PB 169 94.03 2.89 15.45
N ASP PB 170 93.00 3.01 14.63
CA ASP PB 170 93.10 2.50 13.27
C ASP PB 170 92.17 3.28 12.36
N LYS PB 171 92.22 2.91 11.08
CA LYS PB 171 91.11 3.25 10.22
C LYS PB 171 89.81 2.88 10.88
N ALA PB 172 89.84 1.81 11.68
CA ALA PB 172 88.73 1.43 12.53
C ALA PB 172 88.20 2.66 13.21
N THR PB 173 89.05 3.27 14.04
CA THR PB 173 88.70 4.56 14.58
C THR PB 173 88.21 5.49 13.49
N LEU PB 174 88.97 5.59 12.40
CA LEU PB 174 88.67 6.61 11.39
C LEU PB 174 87.19 6.65 11.09
N THR PB 175 86.66 5.55 10.60
CA THR PB 175 85.22 5.43 10.50
C THR PB 175 84.59 5.80 11.82
N ARG PB 176 85.02 5.13 12.88
CA ARG PB 176 84.28 5.15 14.13
C ARG PB 176 84.00 6.57 14.58
N PHE PB 177 85.03 7.26 15.03
CA PHE PB 177 84.87 8.65 15.39
C PHE PB 177 84.23 9.42 14.25
N PHE PB 178 84.66 9.17 13.02
CA PHE PB 178 84.19 9.99 11.90
C PHE PB 178 82.68 10.12 11.95
N ALA PB 179 82.02 8.97 11.96
CA ALA PB 179 80.61 8.94 12.24
C ALA PB 179 80.32 9.67 13.53
N PHE PB 180 80.99 9.28 14.62
CA PHE PB 180 80.62 9.78 15.93
C PHE PB 180 80.40 11.28 15.88
N HIS PB 181 81.34 11.97 15.23
CA HIS PB 181 81.14 13.36 14.87
C HIS PB 181 79.83 13.53 14.13
N PHE PB 182 79.66 12.80 13.03
CA PHE PB 182 78.47 13.02 12.22
C PHE PB 182 77.22 13.02 13.09
N ILE PB 183 77.20 12.16 14.08
CA ILE PB 183 76.03 12.05 14.93
C ILE PB 183 75.96 13.23 15.89
N SER PB 184 76.97 13.32 16.75
CA SER PB 184 76.84 14.10 17.97
C SER PB 184 76.26 15.48 17.75
N PRO PB 185 76.60 16.19 16.68
CA PRO PB 185 76.06 17.54 16.52
C PRO PB 185 74.56 17.56 16.65
N PHE PB 186 73.90 16.66 15.93
CA PHE PB 186 72.46 16.54 16.07
C PHE PB 186 72.11 16.45 17.54
N ILE PB 187 72.77 15.56 18.26
CA ILE PB 187 72.50 15.40 19.68
C ILE PB 187 72.54 16.76 20.35
N ILE PB 188 73.57 17.53 20.03
CA ILE PB 188 73.64 18.88 20.57
C ILE PB 188 72.38 19.62 20.26
N ALA PB 189 71.88 19.50 19.03
CA ALA PB 189 70.74 20.30 18.62
C ALA PB 189 69.51 19.98 19.46
N ALA PB 190 69.09 18.72 19.42
CA ALA PB 190 67.89 18.37 20.18
C ALA PB 190 68.08 18.73 21.64
N LEU PB 191 69.26 18.42 22.17
CA LEU PB 191 69.61 18.90 23.49
C LEU PB 191 69.29 20.37 23.61
N ALA PB 192 69.57 21.11 22.55
CA ALA PB 192 69.37 22.55 22.62
C ALA PB 192 67.90 22.84 22.82
N MET PB 193 67.06 22.45 21.86
CA MET PB 193 65.66 22.79 21.98
C MET PB 193 65.14 22.34 23.33
N VAL PB 194 65.71 21.26 23.85
CA VAL PB 194 65.38 20.78 25.18
C VAL PB 194 65.64 21.90 26.17
N HIS PB 195 66.92 22.16 26.40
CA HIS PB 195 67.27 23.16 27.39
C HIS PB 195 66.49 24.43 27.16
N LEU PB 196 66.18 24.70 25.90
CA LEU PB 196 65.44 25.89 25.55
C LEU PB 196 64.08 25.88 26.20
N LEU PB 197 63.26 24.89 25.86
CA LEU PB 197 61.94 24.83 26.45
C LEU PB 197 62.04 24.88 27.95
N PHE PB 198 63.02 24.15 28.50
CA PHE PB 198 63.29 24.24 29.92
C PHE PB 198 63.38 25.70 30.33
N LEU PB 199 64.11 26.49 29.56
CA LEU PB 199 64.25 27.89 29.89
C LEU PB 199 62.91 28.58 29.85
N HIS PB 200 62.24 28.50 28.71
CA HIS PB 200 60.96 29.18 28.54
C HIS PB 200 60.02 28.87 29.68
N GLU PB 201 60.16 27.68 30.26
CA GLU PB 201 59.34 27.31 31.39
C GLU PB 201 59.48 28.33 32.50
N THR PB 202 60.62 28.30 33.18
CA THR PB 202 60.81 29.19 34.30
C THR PB 202 60.86 30.64 33.86
N GLY PB 203 60.88 30.88 32.57
CA GLY PB 203 61.64 32.03 32.19
C GLY PB 203 63.04 31.82 32.72
N SER PB 204 63.66 32.89 33.20
CA SER PB 204 65.04 32.82 33.61
C SER PB 204 65.45 34.09 34.34
N ASN PB 205 66.73 34.16 34.67
CA ASN PB 205 67.25 35.15 35.60
C ASN PB 205 67.48 36.48 34.90
N ASN PB 206 68.07 37.42 35.64
CA ASN PB 206 68.37 38.75 35.15
C ASN PB 206 69.67 39.25 35.75
N PRO PB 207 70.48 39.96 34.97
CA PRO PB 207 71.72 40.51 35.53
C PRO PB 207 71.47 41.33 36.76
N THR PB 208 70.38 42.08 36.76
CA THR PB 208 69.95 42.73 37.99
C THR PB 208 69.87 41.73 39.12
N GLY PB 209 69.17 40.64 38.90
CA GLY PB 209 68.94 39.68 39.94
C GLY PB 209 67.62 39.82 40.66
N ILE PB 210 66.83 40.84 40.35
CA ILE PB 210 65.52 41.02 40.98
C ILE PB 210 64.45 40.28 40.18
N PRO PB 211 63.28 40.01 40.77
CA PRO PB 211 62.21 39.37 40.00
C PRO PB 211 61.83 40.22 38.80
N SER PB 212 61.84 39.59 37.63
CA SER PB 212 61.78 40.33 36.39
C SER PB 212 60.39 40.83 36.06
N ASP PB 213 59.36 40.26 36.69
CA ASP PB 213 58.00 40.61 36.31
C ASP PB 213 57.77 42.10 36.32
N THR PB 214 58.58 42.83 37.08
CA THR PB 214 58.52 44.28 37.05
C THR PB 214 58.68 44.81 35.63
N ASP PB 215 59.62 44.26 34.86
CA ASP PB 215 59.95 44.84 33.57
C ASP PB 215 60.24 43.76 32.54
N LYS PB 216 59.55 43.83 31.41
CA LYS PB 216 59.74 42.89 30.33
C LYS PB 216 59.35 43.55 29.02
N ILE PB 217 60.01 43.13 27.95
CA ILE PB 217 59.63 43.48 26.60
C ILE PB 217 59.85 42.22 25.79
N PRO PB 218 59.36 42.13 24.55
CA PRO PB 218 59.81 41.06 23.67
C PRO PB 218 61.19 41.33 23.10
N PHE PB 219 61.86 40.23 22.73
CA PHE PB 219 63.19 40.35 22.14
C PHE PB 219 63.17 41.34 20.99
N HIS PB 220 62.15 41.24 20.17
CA HIS PB 220 61.84 42.29 19.22
C HIS PB 220 61.17 43.40 19.99
N PRO PB 221 61.55 44.63 19.70
CA PRO PB 221 62.73 44.83 18.88
C PRO PB 221 63.98 44.55 19.66
N TYR PB 222 63.88 44.77 20.96
CA TYR PB 222 65.04 45.03 21.80
C TYR PB 222 66.08 43.93 21.72
N TYR PB 223 65.80 42.81 22.38
CA TYR PB 223 66.79 41.74 22.37
C TYR PB 223 67.00 41.24 20.98
N THR PB 224 65.99 41.36 20.14
CA THR PB 224 66.14 40.97 18.76
C THR PB 224 67.25 41.76 18.11
N ILE PB 225 66.99 43.04 17.88
CA ILE PB 225 67.97 43.85 17.18
C ILE PB 225 69.32 43.71 17.83
N LYS PB 226 69.33 43.80 19.16
CA LYS PB 226 70.56 43.61 19.89
C LYS PB 226 71.26 42.35 19.41
N ASP PB 227 70.49 41.29 19.24
CA ASP PB 227 71.07 40.05 18.77
C ASP PB 227 71.68 40.24 17.41
N ILE PB 228 70.92 40.83 16.49
CA ILE PB 228 71.45 41.09 15.16
C ILE PB 228 72.81 41.73 15.29
N LEU PB 229 72.91 42.71 16.18
CA LEU PB 229 74.17 43.37 16.43
C LEU PB 229 75.22 42.35 16.76
N GLY PB 230 75.07 41.69 17.90
CA GLY PB 230 76.10 40.76 18.34
C GLY PB 230 76.49 39.79 17.25
N ALA PB 231 75.53 39.45 16.38
CA ALA PB 231 75.86 38.63 15.23
C ALA PB 231 76.89 39.30 14.36
N ILE PB 232 76.59 40.52 13.94
CA ILE PB 232 77.59 41.27 13.17
C ILE PB 232 78.92 41.24 13.91
N LEU PB 233 78.87 41.42 15.23
CA LEU PB 233 80.07 41.31 16.02
C LEU PB 233 80.75 39.97 15.77
N LEU PB 234 79.96 38.93 15.64
CA LEU PB 234 80.54 37.62 15.38
C LEU PB 234 81.26 37.63 14.05
N ILE PB 235 80.53 37.91 12.98
CA ILE PB 235 81.14 37.90 11.66
C ILE PB 235 82.39 38.75 11.67
N LEU PB 236 82.41 39.77 12.50
CA LEU PB 236 83.66 40.46 12.76
C LEU PB 236 84.67 39.49 13.33
N ILE PB 237 84.29 38.76 14.37
CA ILE PB 237 85.21 37.84 15.00
C ILE PB 237 85.68 36.80 14.02
N LEU PB 238 84.77 35.88 13.70
CA LEU PB 238 85.08 34.78 12.81
C LEU PB 238 85.63 35.29 11.50
N MET PB 239 84.80 36.03 10.78
CA MET PB 239 85.20 36.57 9.51
C MET PB 239 86.46 37.39 9.63
N LEU PB 240 86.86 37.74 10.84
CA LEU PB 240 88.12 38.44 11.03
C LEU PB 240 89.27 37.44 11.05
N LEU PB 241 89.41 36.72 12.16
CA LEU PB 241 90.54 35.81 12.32
C LEU PB 241 90.69 34.95 11.10
N VAL PB 242 89.57 34.44 10.63
CA VAL PB 242 89.50 33.84 9.32
C VAL PB 242 90.06 34.84 8.34
N LEU PB 243 89.29 35.90 8.10
CA LEU PB 243 89.55 36.77 6.96
C LEU PB 243 90.98 37.22 6.88
N PHE PB 244 91.63 37.45 8.01
CA PHE PB 244 92.95 38.04 7.99
C PHE PB 244 94.01 36.96 8.13
N THR PB 245 94.23 36.45 9.31
CA THR PB 245 95.35 35.58 9.51
C THR PB 245 94.79 34.21 9.83
N PRO PB 246 94.35 33.47 8.83
CA PRO PB 246 93.70 32.19 9.14
C PRO PB 246 94.55 31.29 10.01
N ASP PB 247 95.82 31.12 9.67
CA ASP PB 247 96.65 30.12 10.34
C ASP PB 247 97.08 30.54 11.73
N LEU PB 248 96.77 31.77 12.13
CA LEU PB 248 97.37 32.33 13.33
C LEU PB 248 97.27 31.39 14.51
N LEU PB 249 96.10 30.81 14.71
CA LEU PB 249 95.91 29.99 15.89
C LEU PB 249 96.51 28.60 15.76
N GLY PB 250 96.92 28.21 14.56
CA GLY PB 250 97.23 26.82 14.32
C GLY PB 250 98.49 26.35 15.05
N ASP PB 251 98.67 25.03 15.06
CA ASP PB 251 99.90 24.37 15.48
C ASP PB 251 100.47 23.59 14.31
N PRO PB 252 101.67 23.90 13.83
CA PRO PB 252 102.12 23.36 12.55
C PRO PB 252 102.00 21.85 12.44
N ASP PB 253 102.02 21.18 13.59
CA ASP PB 253 101.95 19.73 13.62
C ASP PB 253 100.73 19.20 12.89
N ASN PB 254 99.71 20.05 12.73
CA ASN PB 254 98.57 19.64 11.94
C ASN PB 254 98.96 19.40 10.49
N TYR PB 255 99.44 20.45 9.81
CA TYR PB 255 99.79 20.30 8.42
C TYR PB 255 100.82 19.21 8.22
N THR PB 256 101.54 18.87 9.27
CA THR PB 256 102.36 17.69 9.24
C THR PB 256 101.48 16.50 8.93
N PRO PB 257 101.72 15.80 7.85
CA PRO PB 257 100.97 14.55 7.63
C PRO PB 257 101.22 13.60 8.77
N ALA PB 258 100.19 12.83 9.09
CA ALA PB 258 100.36 11.74 10.03
C ALA PB 258 101.48 10.84 9.54
N ASN PB 259 102.46 10.60 10.40
CA ASN PB 259 103.60 9.74 10.08
C ASN PB 259 103.66 8.67 11.16
N PRO PB 260 103.04 7.52 10.93
CA PRO PB 260 102.78 6.60 12.04
C PRO PB 260 103.95 6.39 12.95
N LEU PB 261 105.14 6.41 12.39
CA LEU PB 261 106.32 6.23 13.22
C LEU PB 261 106.73 7.48 13.97
N ASN PB 262 106.11 8.62 13.68
CA ASN PB 262 106.63 9.92 14.14
C ASN PB 262 106.77 10.09 15.65
N THR PB 263 105.64 10.29 16.34
CA THR PB 263 105.62 10.63 17.76
C THR PB 263 106.57 11.79 18.07
N PRO PB 264 106.24 13.01 17.68
CA PRO PB 264 107.18 14.14 17.87
C PRO PB 264 107.08 14.73 19.26
N PRO PB 265 107.71 15.89 19.48
CA PRO PB 265 107.87 16.37 20.86
C PRO PB 265 106.61 16.89 21.54
N HIS PB 266 105.65 17.43 20.80
CA HIS PB 266 104.72 18.36 21.42
C HIS PB 266 103.54 17.72 22.16
N ILE PB 267 102.56 17.23 21.42
CA ILE PB 267 101.36 16.61 22.00
C ILE PB 267 100.56 17.54 22.88
N LYS PB 268 99.86 18.49 22.29
CA LYS PB 268 99.03 19.43 23.05
C LYS PB 268 97.60 19.40 22.54
N PRO PB 269 96.65 19.90 23.33
CA PRO PB 269 95.26 20.01 22.85
C PRO PB 269 94.97 21.38 22.26
N GLU PB 270 93.74 21.58 21.79
CA GLU PB 270 93.40 22.84 21.15
C GLU PB 270 93.21 23.93 22.18
N TRP PB 271 93.41 25.18 21.76
CA TRP PB 271 93.07 26.31 22.61
C TRP PB 271 91.71 26.07 23.22
N TYR PB 272 90.79 25.55 22.43
CA TYR PB 272 89.60 24.92 22.95
C TYR PB 272 90.01 23.86 23.98
N PHE PB 273 90.56 22.75 23.50
CA PHE PB 273 90.80 21.62 24.38
C PHE PB 273 91.89 21.88 25.39
N LEU PB 274 92.50 23.05 25.34
CA LEU PB 274 93.72 23.37 26.06
C LEU PB 274 93.71 22.99 27.53
N PHE PB 275 92.96 23.74 28.35
CA PHE PB 275 93.19 23.70 29.80
C PHE PB 275 93.18 22.30 30.35
N ALA PB 276 92.51 21.39 29.66
CA ALA PB 276 92.48 20.01 30.09
C ALA PB 276 93.89 19.44 30.21
N TYR PB 277 94.54 19.18 29.08
CA TYR PB 277 95.68 18.28 29.03
C TYR PB 277 96.70 18.62 30.10
N ALA PB 278 96.84 19.90 30.41
CA ALA PB 278 97.56 20.28 31.61
C ALA PB 278 96.95 19.56 32.80
N ILE PB 279 95.66 19.80 33.04
CA ILE PB 279 94.99 19.18 34.16
C ILE PB 279 95.22 17.68 34.16
N LEU PB 280 95.18 17.09 32.96
CA LEU PB 280 95.43 15.68 32.80
C LEU PB 280 96.78 15.33 33.38
N ARG PB 281 97.84 15.75 32.70
CA ARG PB 281 99.19 15.36 33.08
C ARG PB 281 99.52 15.80 34.48
N SER PB 282 98.69 16.65 35.07
CA SER PB 282 98.97 17.21 36.39
C SER PB 282 99.19 16.11 37.42
N ILE PB 283 98.20 15.25 37.59
CA ILE PB 283 98.23 14.30 38.70
C ILE PB 283 99.05 13.07 38.30
N PRO PB 284 99.60 12.33 39.25
CA PRO PB 284 100.19 11.04 38.93
C PRO PB 284 99.31 9.83 39.18
N ASN PB 285 98.10 9.79 38.64
CA ASN PB 285 97.30 8.56 38.66
C ASN PB 285 96.20 8.65 37.62
N LYS PB 286 95.72 7.49 37.20
CA LYS PB 286 94.72 7.45 36.15
C LYS PB 286 93.43 8.20 36.51
N LEU PB 287 92.64 7.57 37.37
CA LEU PB 287 91.32 8.11 37.65
C LEU PB 287 91.41 9.39 38.44
N GLY PB 288 92.55 9.67 39.03
CA GLY PB 288 92.73 10.99 39.56
C GLY PB 288 92.55 11.94 38.40
N GLY PB 289 93.35 11.72 37.36
CA GLY PB 289 93.28 12.61 36.22
C GLY PB 289 91.86 12.75 35.70
N VAL PB 290 91.21 11.62 35.44
CA VAL PB 290 89.89 11.68 34.82
C VAL PB 290 88.88 12.28 35.77
N LEU PB 291 88.71 11.64 36.93
CA LEU PB 291 87.71 12.07 37.89
C LEU PB 291 87.87 13.55 38.16
N ALA PB 292 89.11 14.02 38.13
CA ALA PB 292 89.35 15.44 38.06
C ALA PB 292 88.64 16.02 36.86
N LEU PB 293 88.94 15.48 35.68
CA LEU PB 293 88.40 16.06 34.46
C LEU PB 293 86.91 16.24 34.57
N ILE PB 294 86.17 15.13 34.60
CA ILE PB 294 84.73 15.23 34.76
C ILE PB 294 84.36 15.96 36.03
N LEU PB 295 85.30 16.06 36.95
CA LEU PB 295 85.05 16.76 38.19
C LEU PB 295 85.24 18.26 38.05
N SER PB 296 85.65 18.75 36.89
CA SER PB 296 85.69 20.19 36.72
C SER PB 296 84.29 20.74 36.46
N ILE PB 297 83.64 20.21 35.45
CA ILE PB 297 82.25 20.56 35.25
C ILE PB 297 81.41 19.96 36.35
N LEU PB 298 81.54 18.66 36.55
CA LEU PB 298 80.86 18.02 37.67
C LEU PB 298 81.03 18.85 38.90
N VAL PB 299 82.26 19.27 39.14
CA VAL PB 299 82.53 20.24 40.19
C VAL PB 299 81.56 21.40 40.07
N LEU PB 300 81.37 21.89 38.85
CA LEU PB 300 80.44 23.01 38.71
C LEU PB 300 79.04 22.61 39.14
N VAL PB 301 78.65 21.37 38.86
CA VAL PB 301 77.35 20.91 39.33
C VAL PB 301 77.31 21.02 40.84
N LEU PB 302 78.31 20.46 41.49
CA LEU PB 302 78.44 20.62 42.93
C LEU PB 302 78.33 22.07 43.32
N MET PB 303 78.90 22.95 42.51
CA MET PB 303 78.82 24.37 42.81
C MET PB 303 77.38 24.81 42.92
N PRO PB 304 76.51 24.50 41.97
CA PRO PB 304 75.09 24.73 42.23
C PRO PB 304 74.66 24.11 43.52
N LEU PB 305 75.05 22.86 43.78
CA LEU PB 305 74.77 22.30 45.10
C LEU PB 305 75.52 23.09 46.16
N LEU PB 306 76.70 23.59 45.83
CA LEU PB 306 77.45 24.38 46.77
C LEU PB 306 76.93 25.80 46.90
N HIS PB 307 75.95 26.18 46.09
CA HIS PB 307 75.40 27.53 46.18
C HIS PB 307 75.05 27.84 47.63
N THR PB 308 75.43 29.02 48.08
CA THR PB 308 75.42 29.32 49.50
C THR PB 308 74.70 30.63 49.78
N SER PB 309 75.20 31.71 49.17
CA SER PB 309 74.88 33.06 49.60
C SER PB 309 73.39 33.34 49.58
N LYS PB 310 72.98 34.27 50.45
CA LYS PB 310 71.61 34.75 50.54
C LYS PB 310 71.28 35.76 49.46
N GLN PB 311 72.23 36.04 48.59
CA GLN PB 311 72.02 36.97 47.48
C GLN PB 311 72.57 36.35 46.20
N ARG PB 312 71.83 36.54 45.11
CA ARG PB 312 72.19 35.90 43.85
C ARG PB 312 73.40 36.57 43.21
N SER PB 313 73.36 37.88 43.05
CA SER PB 313 74.39 38.56 42.28
C SER PB 313 75.65 38.74 43.11
N MET PB 314 76.75 38.17 42.61
CA MET PB 314 78.05 38.52 43.15
C MET PB 314 78.33 40.00 42.97
N MET PB 315 77.57 40.66 42.10
CA MET PB 315 77.72 42.11 41.91
C MET PB 315 77.76 42.79 43.25
N PHE PB 316 76.79 42.50 44.10
CA PHE PB 316 76.84 43.03 45.45
C PHE PB 316 77.91 42.33 46.30
N ARG PB 317 78.57 41.31 45.80
CA ARG PB 317 79.48 40.56 46.66
C ARG PB 317 80.91 40.74 46.18
N PRO PB 318 81.56 41.83 46.55
CA PRO PB 318 82.87 42.12 45.94
C PRO PB 318 83.92 41.07 46.24
N ILE PB 319 84.09 40.71 47.51
CA ILE PB 319 85.08 39.69 47.84
C ILE PB 319 84.83 38.46 46.99
N SER PB 320 83.57 38.12 46.83
CA SER PB 320 83.22 37.06 45.90
C SER PB 320 83.84 37.33 44.55
N GLN PB 321 83.60 38.52 44.00
CA GLN PB 321 84.16 38.86 42.70
C GLN PB 321 85.66 38.61 42.68
N CYS PB 322 86.33 38.97 43.77
CA CYS PB 322 87.73 38.65 43.91
C CYS PB 322 87.94 37.17 43.66
N MET PB 323 87.14 36.34 44.30
CA MET PB 323 87.24 34.93 43.99
C MET PB 323 86.86 34.65 42.55
N PHE PB 324 86.14 35.55 41.89
CA PHE PB 324 85.63 35.23 40.57
C PHE PB 324 86.73 35.44 39.55
N TRP PB 325 87.05 36.69 39.27
CA TRP PB 325 88.17 36.97 38.40
C TRP PB 325 89.42 36.25 38.89
N ILE PB 326 89.54 36.06 40.20
CA ILE PB 326 90.66 35.30 40.74
C ILE PB 326 90.62 33.88 40.21
N LEU PB 327 89.46 33.24 40.33
CA LEU PB 327 89.31 31.90 39.81
C LEU PB 327 89.71 31.88 38.34
N VAL PB 328 89.25 32.86 37.58
CA VAL PB 328 89.66 32.97 36.20
C VAL PB 328 91.18 32.97 36.10
N ALA PB 329 91.81 33.75 36.97
CA ALA PB 329 93.26 33.74 37.01
C ALA PB 329 93.76 32.33 37.14
N ASP PB 330 93.16 31.56 38.04
CA ASP PB 330 93.52 30.15 38.09
C ASP PB 330 93.28 29.49 36.75
N LEU PB 331 92.35 30.02 35.97
CA LEU PB 331 91.94 29.30 34.78
C LEU PB 331 92.94 29.52 33.66
N LEU PB 332 92.90 30.71 33.05
CA LEU PB 332 93.88 30.96 32.01
C LEU PB 332 95.27 30.74 32.54
N THR PB 333 95.43 30.90 33.85
CA THR PB 333 96.60 30.37 34.50
C THR PB 333 96.82 28.93 34.07
N LEU PB 334 95.81 28.10 34.28
CA LEU PB 334 95.94 26.71 33.89
C LEU PB 334 96.28 26.60 32.42
N THR PB 335 95.78 27.53 31.61
CA THR PB 335 96.15 27.53 30.21
C THR PB 335 97.66 27.65 30.05
N TRP PB 336 98.21 28.82 30.39
CA TRP PB 336 99.64 29.04 30.20
C TRP PB 336 100.46 27.96 30.89
N ILE PB 337 99.92 27.41 31.97
CA ILE PB 337 100.55 26.25 32.58
C ILE PB 337 100.67 25.15 31.54
N GLY PB 338 99.55 24.71 31.00
CA GLY PB 338 99.61 23.84 29.85
C GLY PB 338 100.46 24.43 28.76
N GLY PB 339 100.52 25.76 28.74
CA GLY PB 339 101.36 26.46 27.79
C GLY PB 339 102.82 26.14 27.90
N GLN PB 340 103.22 25.38 28.89
CA GLN PB 340 104.57 24.89 28.78
C GLN PB 340 104.59 23.37 28.67
N PRO PB 341 105.56 22.81 27.97
CA PRO PB 341 105.82 21.38 28.10
C PRO PB 341 106.34 21.08 29.49
N VAL PB 342 106.39 19.79 29.83
CA VAL PB 342 106.71 19.36 31.19
C VAL PB 342 108.02 20.02 31.63
N GLU PB 343 107.96 20.73 32.76
CA GLU PB 343 109.06 21.60 33.17
C GLU PB 343 109.11 21.66 34.68
N HIS PB 344 110.31 21.94 35.19
CA HIS PB 344 110.52 21.96 36.64
C HIS PB 344 109.57 22.92 37.32
N PRO PB 345 109.62 24.22 37.06
CA PRO PB 345 108.71 25.13 37.74
C PRO PB 345 107.26 24.73 37.55
N TYR PB 346 106.91 24.41 36.31
CA TYR PB 346 105.53 24.09 36.00
C TYR PB 346 104.99 23.03 36.94
N ILE PB 347 105.80 22.02 37.24
CA ILE PB 347 105.36 20.88 38.05
C ILE PB 347 104.64 21.41 39.27
N ILE PB 348 105.39 22.10 40.11
CA ILE PB 348 104.78 22.74 41.27
C ILE PB 348 103.63 23.63 40.82
N ILE PB 349 103.83 24.37 39.74
CA ILE PB 349 102.91 25.42 39.38
C ILE PB 349 101.50 24.86 39.27
N GLY PB 350 101.27 24.09 38.22
CA GLY PB 350 99.98 23.44 38.09
C GLY PB 350 99.62 22.66 39.32
N GLN PB 351 100.63 22.01 39.93
CA GLN PB 351 100.36 21.24 41.13
C GLN PB 351 99.55 22.06 42.12
N LEU PB 352 99.86 23.34 42.23
CA LEU PB 352 99.09 24.23 43.09
C LEU PB 352 97.81 24.67 42.41
N ALA PB 353 97.89 24.93 41.11
CA ALA PB 353 96.71 25.35 40.37
C ALA PB 353 95.53 24.45 40.66
N SER PB 354 95.78 23.14 40.74
CA SER PB 354 94.71 22.21 41.06
C SER PB 354 94.09 22.53 42.39
N ILE PB 355 94.93 22.66 43.42
CA ILE PB 355 94.45 23.02 44.73
C ILE PB 355 93.54 24.22 44.64
N MET PB 356 94.00 25.25 43.94
CA MET PB 356 93.14 26.38 43.65
C MET PB 356 91.79 25.91 43.12
N TYR PB 357 91.80 25.21 41.98
CA TYR PB 357 90.57 24.70 41.41
C TYR PB 357 89.74 24.07 42.49
N ILE PB 358 90.37 23.22 43.29
CA ILE PB 358 89.71 22.66 44.46
C ILE PB 358 89.50 23.70 45.55
N LEU PB 359 90.36 24.70 45.66
CA LEU PB 359 90.12 25.66 46.71
C LEU PB 359 89.31 26.80 46.11
N LEU PB 360 89.93 27.49 45.17
CA LEU PB 360 89.35 28.67 44.55
C LEU PB 360 87.94 28.41 44.07
N ILE PB 361 87.59 27.15 43.86
CA ILE PB 361 86.19 26.87 43.70
C ILE PB 361 85.73 26.16 44.96
N MET PB 362 86.07 24.88 45.06
CA MET PB 362 85.37 24.04 46.01
C MET PB 362 85.55 24.55 47.43
N VAL PB 363 86.71 25.10 47.75
CA VAL PB 363 86.90 25.59 49.10
C VAL PB 363 86.79 27.11 49.07
N MET PB 364 87.83 27.74 48.55
CA MET PB 364 87.98 29.18 48.67
C MET PB 364 86.78 29.91 48.12
N MET PB 365 86.18 29.43 47.04
CA MET PB 365 84.93 30.07 46.60
C MET PB 365 83.82 29.78 47.58
N PRO PB 366 83.54 28.54 47.95
CA PRO PB 366 82.49 28.32 48.96
C PRO PB 366 82.83 28.95 50.28
N VAL PB 367 84.04 28.71 50.76
CA VAL PB 367 84.49 29.37 52.00
C VAL PB 367 84.22 30.85 51.89
N ALA PB 368 84.61 31.42 50.76
CA ALA PB 368 84.30 32.81 50.49
C ALA PB 368 82.82 33.07 50.69
N SER PB 369 81.98 32.27 50.08
CA SER PB 369 80.55 32.47 50.19
C SER PB 369 80.14 32.58 51.64
N ILE PB 370 80.52 31.60 52.44
CA ILE PB 370 80.21 31.63 53.85
C ILE PB 370 80.69 32.93 54.46
N ILE PB 371 81.90 33.33 54.12
CA ILE PB 371 82.47 34.54 54.70
C ILE PB 371 81.58 35.72 54.38
N GLU PB 372 81.38 35.98 53.10
CA GLU PB 372 80.54 37.09 52.67
C GLU PB 372 79.23 37.07 53.42
N ASN PB 373 78.65 35.89 53.58
CA ASN PB 373 77.45 35.75 54.38
C ASN PB 373 77.68 36.35 55.76
N ASN PB 374 78.72 35.91 56.44
CA ASN PB 374 79.00 36.41 57.78
C ASN PB 374 79.03 37.92 57.76
N LEU PB 375 79.81 38.48 56.86
CA LEU PB 375 79.88 39.93 56.73
C LEU PB 375 78.50 40.52 56.56
N LEU PB 376 77.62 39.81 55.86
CA LEU PB 376 76.38 40.42 55.40
C LEU PB 376 75.63 41.08 56.52
N LYS PB 377 75.47 40.38 57.64
CA LYS PB 377 74.86 40.98 58.82
C LYS PB 377 73.42 41.39 58.56
N TRP PB 378 72.93 41.23 57.34
CA TRP PB 378 71.54 41.51 57.02
C TRP PB 378 70.88 40.27 56.43
N SER QB 1 120.03 22.20 16.54
CA SER QB 1 120.55 21.27 17.54
C SER QB 1 120.04 21.57 18.95
N ASP QB 2 118.73 21.46 19.13
CA ASP QB 2 118.07 21.57 20.43
C ASP QB 2 118.09 22.98 20.99
N LEU QB 3 118.93 23.84 20.43
CA LEU QB 3 118.96 25.25 20.78
C LEU QB 3 118.36 26.01 19.60
N GLU QB 4 117.16 26.52 19.77
CA GLU QB 4 116.42 27.03 18.64
C GLU QB 4 116.92 28.42 18.30
N LEU QB 5 117.48 28.58 17.11
CA LEU QB 5 117.59 29.92 16.59
C LEU QB 5 116.19 30.46 16.47
N HIS QB 6 115.91 31.52 17.18
CA HIS QB 6 114.62 32.10 16.87
C HIS QB 6 114.91 32.70 15.51
N PRO QB 7 114.38 32.13 14.45
CA PRO QB 7 114.74 32.58 13.15
C PRO QB 7 114.47 34.07 13.04
N PRO QB 8 115.45 34.85 12.64
CA PRO QB 8 115.20 36.29 12.49
C PRO QB 8 114.12 36.49 11.46
N SER QB 9 113.53 37.67 11.47
CA SER QB 9 112.47 37.96 10.53
C SER QB 9 113.13 38.54 9.29
N TYR QB 10 113.26 37.73 8.26
CA TYR QB 10 113.63 38.25 6.98
C TYR QB 10 112.49 39.12 6.51
N PRO QB 11 112.72 40.35 6.15
CA PRO QB 11 111.59 41.17 5.72
C PRO QB 11 110.99 40.58 4.47
N TRP QB 12 110.40 39.38 4.63
CA TRP QB 12 109.92 38.64 3.48
C TRP QB 12 109.02 39.53 2.65
N SER QB 13 109.28 39.56 1.35
CA SER QB 13 108.56 40.49 0.49
C SER QB 13 107.06 40.32 0.66
N HIS QB 14 106.62 39.13 1.03
CA HIS QB 14 105.25 38.92 1.41
C HIS QB 14 105.01 39.15 2.88
N ARG QB 15 106.07 39.39 3.67
CA ARG QB 15 105.92 39.46 5.11
C ARG QB 15 104.96 40.56 5.55
N GLY QB 16 104.52 41.41 4.64
CA GLY QB 16 103.49 42.36 4.98
C GLY QB 16 102.14 41.72 5.14
N LEU QB 17 101.25 42.42 5.87
CA LEU QB 17 99.89 41.94 6.08
C LEU QB 17 99.24 41.54 4.77
N LEU QB 18 99.63 42.20 3.69
CA LEU QB 18 99.42 41.70 2.35
C LEU QB 18 100.64 42.08 1.54
N SER QB 19 101.20 41.12 0.81
CA SER QB 19 102.45 41.39 0.11
C SER QB 19 102.82 40.15 -0.72
N SER QB 20 103.68 40.37 -1.71
CA SER QB 20 103.70 39.59 -2.94
C SER QB 20 105.06 38.98 -3.22
N LEU QB 21 105.23 38.42 -4.43
CA LEU QB 21 106.37 37.58 -4.74
C LEU QB 21 106.71 37.60 -6.23
N ASP QB 22 107.74 36.83 -6.57
CA ASP QB 22 108.17 36.55 -7.92
C ASP QB 22 108.29 35.05 -8.05
N HIS QB 23 108.38 34.59 -9.29
CA HIS QB 23 108.16 33.17 -9.49
C HIS QB 23 109.42 32.44 -9.91
N THR QB 24 109.88 32.74 -11.12
CA THR QB 24 110.67 31.78 -11.90
C THR QB 24 111.88 31.29 -11.15
N SER QB 25 112.23 31.94 -10.04
CA SER QB 25 113.03 31.24 -9.05
C SER QB 25 112.40 29.90 -8.76
N ILE QB 26 111.07 29.87 -8.59
CA ILE QB 26 110.34 28.61 -8.51
C ILE QB 26 110.51 27.78 -9.75
N ARG QB 27 110.55 28.39 -10.92
CA ARG QB 27 111.05 27.67 -12.07
C ARG QB 27 112.46 27.16 -11.85
N ARG QB 28 113.35 28.01 -11.36
CA ARG QB 28 114.60 27.56 -10.79
C ARG QB 28 114.40 26.84 -9.47
N GLY QB 29 113.20 26.94 -8.90
CA GLY QB 29 112.80 26.06 -7.84
C GLY QB 29 112.41 24.76 -8.48
N PHE QB 30 111.76 24.85 -9.63
CA PHE QB 30 111.57 23.65 -10.42
C PHE QB 30 112.95 23.24 -10.89
N GLN QB 31 113.78 24.22 -11.24
CA GLN QB 31 115.16 23.86 -11.50
C GLN QB 31 115.91 23.63 -10.21
N VAL QB 32 115.41 24.12 -9.08
CA VAL QB 32 115.83 23.52 -7.83
C VAL QB 32 115.20 22.16 -7.71
N TYR QB 33 113.97 22.03 -8.13
CA TYR QB 33 113.47 20.69 -8.30
C TYR QB 33 114.42 19.98 -9.25
N LYS QB 34 114.47 20.46 -10.48
CA LYS QB 34 115.29 19.84 -11.51
C LYS QB 34 116.72 19.72 -11.04
N GLN QB 35 117.20 20.69 -10.28
CA GLN QB 35 118.52 20.51 -9.72
C GLN QB 35 118.46 20.51 -8.21
N VAL QB 36 118.32 21.68 -7.61
CA VAL QB 36 118.70 21.82 -6.21
C VAL QB 36 117.69 21.16 -5.30
N CYS QB 37 116.54 21.81 -5.13
CA CYS QB 37 115.58 21.40 -4.13
C CYS QB 37 115.14 19.96 -4.33
N SER QB 38 114.36 19.70 -5.38
CA SER QB 38 113.59 18.47 -5.44
C SER QB 38 114.31 17.34 -6.12
N SER QB 39 115.58 17.53 -6.46
CA SER QB 39 116.43 16.36 -6.61
C SER QB 39 116.16 15.42 -5.46
N CYS QB 40 116.46 15.88 -4.25
CA CYS QB 40 116.18 15.10 -3.07
C CYS QB 40 114.77 15.33 -2.53
N HIS QB 41 113.99 16.24 -3.15
CA HIS QB 41 112.74 16.77 -2.57
C HIS QB 41 111.45 16.23 -3.11
N SER QB 42 110.47 16.21 -2.21
CA SER QB 42 109.09 16.21 -2.62
C SER QB 42 108.41 17.52 -2.26
N MET QB 43 107.67 18.05 -3.21
CA MET QB 43 106.57 18.98 -2.98
C MET QB 43 105.29 18.18 -3.06
N ASP QB 44 105.46 16.86 -3.00
CA ASP QB 44 104.75 15.89 -3.82
C ASP QB 44 103.28 16.20 -4.10
N TYR QB 45 102.57 16.77 -3.13
CA TYR QB 45 101.23 17.22 -3.43
C TYR QB 45 101.23 18.26 -4.55
N VAL QB 46 102.39 18.81 -4.90
CA VAL QB 46 102.48 19.76 -6.01
C VAL QB 46 101.87 19.18 -7.25
N ALA QB 47 101.06 19.98 -7.93
CA ALA QB 47 100.44 19.59 -9.19
C ALA QB 47 100.67 20.69 -10.21
N TYR QB 48 101.26 20.33 -11.34
CA TYR QB 48 101.69 21.34 -12.30
C TYR QB 48 100.50 22.14 -12.82
N ARG QB 49 99.38 21.48 -13.09
CA ARG QB 49 98.22 22.19 -13.61
C ARG QB 49 97.89 23.42 -12.80
N HIS QB 50 98.23 23.40 -11.52
CA HIS QB 50 98.10 24.61 -10.71
C HIS QB 50 98.87 25.76 -11.32
N LEU QB 51 100.19 25.66 -11.32
CA LEU QB 51 101.04 26.81 -11.56
C LEU QB 51 100.80 27.38 -12.94
N VAL QB 52 99.95 26.70 -13.69
CA VAL QB 52 99.62 27.06 -15.05
C VAL QB 52 99.46 28.56 -15.14
N GLY QB 53 98.41 29.08 -14.52
CA GLY QB 53 98.20 30.51 -14.57
C GLY QB 53 99.27 31.31 -13.87
N VAL QB 54 100.08 30.65 -13.05
CA VAL QB 54 100.96 31.37 -12.16
C VAL QB 54 102.05 32.02 -13.00
N CYS QB 55 102.94 31.21 -13.53
CA CYS QB 55 104.14 31.75 -14.15
C CYS QB 55 104.10 31.65 -15.66
N TYR QB 56 104.32 30.46 -16.18
CA TYR QB 56 104.52 30.34 -17.62
C TYR QB 56 103.20 30.55 -18.33
N THR QB 57 103.27 30.56 -19.65
CA THR QB 57 102.09 30.82 -20.46
C THR QB 57 101.49 29.51 -20.91
N GLU QB 58 100.33 29.61 -21.56
CA GLU QB 58 99.63 28.43 -22.02
C GLU QB 58 100.58 27.52 -22.77
N ASP QB 59 101.30 28.09 -23.73
CA ASP QB 59 102.40 27.36 -24.32
C ASP QB 59 103.53 27.17 -23.32
N GLU QB 60 103.98 28.24 -22.69
CA GLU QB 60 105.16 28.12 -21.85
C GLU QB 60 104.92 27.09 -20.74
N ALA QB 61 103.75 27.13 -20.13
CA ALA QB 61 103.39 26.03 -19.28
C ALA QB 61 103.30 24.74 -20.06
N LYS QB 62 102.89 24.83 -21.31
CA LYS QB 62 102.52 23.63 -22.03
C LYS QB 62 103.78 22.83 -22.27
N ALA QB 63 104.65 23.37 -23.11
CA ALA QB 63 105.99 22.82 -23.24
C ALA QB 63 106.59 22.54 -21.89
N LEU QB 64 106.44 23.48 -20.95
CA LEU QB 64 107.02 23.30 -19.61
C LEU QB 64 106.70 21.92 -19.08
N ALA QB 65 105.48 21.46 -19.32
CA ALA QB 65 105.16 20.07 -19.07
C ALA QB 65 105.82 19.18 -20.10
N GLU QB 66 105.42 19.34 -21.37
CA GLU QB 66 105.93 18.51 -22.44
C GLU QB 66 107.45 18.43 -22.42
N GLU QB 67 108.12 19.48 -21.96
CA GLU QB 67 109.55 19.40 -21.73
C GLU QB 67 109.93 18.29 -20.76
N VAL QB 68 108.98 17.79 -19.97
CA VAL QB 68 109.24 16.73 -19.01
C VAL QB 68 108.71 15.42 -19.59
N GLU QB 69 109.36 14.33 -19.20
CA GLU QB 69 108.92 12.99 -19.58
C GLU QB 69 107.79 12.59 -18.64
N VAL QB 70 106.63 12.24 -19.21
CA VAL QB 70 105.49 11.91 -18.36
C VAL QB 70 105.71 10.61 -17.62
N GLN QB 71 106.36 9.65 -18.26
CA GLN QB 71 106.23 8.26 -17.86
C GLN QB 71 104.75 7.87 -17.87
N ASP QB 72 104.24 7.79 -19.09
CA ASP QB 72 102.81 7.68 -19.33
C ASP QB 72 102.26 6.39 -18.74
N GLY QB 73 100.94 6.33 -18.63
CA GLY QB 73 100.28 5.11 -18.28
C GLY QB 73 100.47 4.06 -19.37
N PRO QB 74 99.94 2.85 -19.11
CA PRO QB 74 100.07 1.77 -20.09
C PRO QB 74 99.11 1.95 -21.24
N ASN QB 75 99.57 1.64 -22.45
CA ASN QB 75 98.68 1.44 -23.59
C ASN QB 75 98.73 -0.05 -23.93
N GLU QB 76 97.70 -0.78 -23.49
CA GLU QB 76 97.74 -2.24 -23.51
C GLU QB 76 98.87 -2.71 -22.61
N ASP QB 77 99.59 -1.74 -22.06
CA ASP QB 77 101.02 -1.84 -21.92
C ASP QB 77 101.54 -2.20 -20.56
N GLY QB 78 100.70 -2.49 -19.56
CA GLY QB 78 101.10 -2.38 -18.15
C GLY QB 78 102.53 -2.86 -17.96
N GLU QB 79 103.32 -2.27 -17.07
CA GLU QB 79 104.39 -1.34 -17.50
C GLU QB 79 103.78 0.05 -17.49
N MET QB 80 103.40 0.68 -18.62
CA MET QB 80 103.19 2.13 -18.73
C MET QB 80 104.43 2.98 -19.01
N PHE QB 81 104.78 3.04 -20.29
CA PHE QB 81 105.94 3.75 -20.80
C PHE QB 81 105.73 5.26 -20.65
N MET QB 82 106.55 6.05 -21.33
CA MET QB 82 106.68 7.47 -21.06
C MET QB 82 105.85 8.33 -22.02
N ARG QB 83 105.39 9.46 -21.52
CA ARG QB 83 104.87 10.46 -22.43
C ARG QB 83 105.50 11.82 -22.15
N PRO QB 84 105.11 12.86 -22.87
CA PRO QB 84 105.55 14.22 -22.51
C PRO QB 84 104.84 14.81 -21.30
N GLY QB 85 103.67 14.33 -20.96
CA GLY QB 85 102.95 14.88 -19.84
C GLY QB 85 102.13 16.09 -20.21
N LYS QB 86 101.09 16.35 -19.43
CA LYS QB 86 100.16 17.42 -19.70
C LYS QB 86 100.26 18.50 -18.64
N LEU QB 87 99.51 19.57 -18.86
CA LEU QB 87 99.22 20.47 -17.76
C LEU QB 87 98.56 19.69 -16.64
N SER QB 88 97.59 18.86 -17.01
CA SER QB 88 96.98 17.94 -16.07
C SER QB 88 98.05 17.16 -15.33
N ASP QB 89 99.13 16.80 -16.02
CA ASP QB 89 100.22 16.20 -15.29
C ASP QB 89 100.67 17.14 -14.18
N TYR QB 90 100.92 16.56 -13.02
CA TYR QB 90 101.31 17.25 -11.81
C TYR QB 90 102.80 17.59 -11.86
N PHE QB 91 103.42 17.76 -10.70
CA PHE QB 91 104.81 18.15 -10.61
C PHE QB 91 105.63 16.95 -10.14
N PRO QB 92 106.08 16.12 -11.09
CA PRO QB 92 106.42 14.72 -10.80
C PRO QB 92 107.70 14.50 -10.01
N LYS QB 93 107.58 14.48 -8.70
CA LYS QB 93 108.69 14.39 -7.77
C LYS QB 93 109.52 13.10 -7.86
N PRO QB 94 110.47 12.95 -6.95
CA PRO QB 94 111.59 12.02 -7.12
C PRO QB 94 111.36 10.56 -6.75
N TYR QB 95 112.47 9.87 -6.53
CA TYR QB 95 112.61 8.43 -6.39
C TYR QB 95 111.55 7.84 -5.48
N PRO QB 96 110.89 6.80 -5.93
CA PRO QB 96 109.63 6.38 -5.29
C PRO QB 96 109.74 5.84 -3.88
N ASN QB 97 110.68 4.95 -3.61
CA ASN QB 97 110.54 4.12 -2.43
C ASN QB 97 110.86 4.92 -1.16
N PRO QB 98 110.20 4.63 -0.05
CA PRO QB 98 110.65 5.23 1.21
C PRO QB 98 112.04 4.78 1.57
N GLU QB 99 112.32 3.50 1.32
CA GLU QB 99 113.69 3.04 1.43
C GLU QB 99 114.56 3.68 0.37
N ALA QB 100 113.98 4.16 -0.74
CA ALA QB 100 114.77 4.92 -1.69
C ALA QB 100 115.29 6.18 -1.01
N ALA QB 101 114.52 6.73 -0.08
CA ALA QB 101 115.02 7.80 0.75
C ALA QB 101 116.04 7.26 1.75
N ARG QB 102 115.61 6.26 2.52
CA ARG QB 102 116.45 5.70 3.58
C ARG QB 102 117.85 5.42 3.05
N ALA QB 103 117.93 4.96 1.82
CA ALA QB 103 119.21 4.77 1.18
C ALA QB 103 119.75 6.07 0.61
N ALA QB 104 118.86 6.92 0.10
CA ALA QB 104 119.25 8.05 -0.75
C ALA QB 104 120.42 8.78 -0.13
N ASN QB 105 120.16 9.50 0.94
CA ASN QB 105 121.22 9.59 1.91
C ASN QB 105 121.06 8.44 2.87
N ASN QB 106 122.01 8.28 3.77
CA ASN QB 106 121.85 7.23 4.76
C ASN QB 106 120.68 7.59 5.64
N GLY QB 107 119.67 6.74 5.67
CA GLY QB 107 118.40 7.15 6.24
C GLY QB 107 117.90 8.38 5.49
N ALA QB 108 117.61 9.43 6.26
CA ALA QB 108 117.32 10.76 5.74
C ALA QB 108 116.07 10.74 4.84
N LEU QB 109 114.94 10.63 5.50
CA LEU QB 109 113.68 10.80 4.80
C LEU QB 109 113.63 12.18 4.15
N PRO QB 110 113.56 12.26 2.83
CA PRO QB 110 113.55 13.55 2.17
C PRO QB 110 112.13 14.05 1.97
N PRO QB 111 111.55 14.62 3.01
CA PRO QB 111 110.09 14.76 3.04
C PRO QB 111 109.56 15.67 1.94
N ASP QB 112 108.25 15.58 1.75
CA ASP QB 112 107.57 16.47 0.83
C ASP QB 112 107.48 17.88 1.40
N LEU QB 113 107.64 18.87 0.53
CA LEU QB 113 107.65 20.26 0.96
C LEU QB 113 106.30 20.93 0.83
N SER QB 114 105.29 20.22 0.33
CA SER QB 114 104.06 20.84 -0.13
C SER QB 114 103.52 21.85 0.88
N TYR QB 115 103.40 21.46 2.13
CA TYR QB 115 103.02 22.38 3.18
C TYR QB 115 104.20 22.89 3.99
N ILE QB 116 105.42 22.49 3.63
CA ILE QB 116 106.54 22.42 4.58
C ILE QB 116 106.59 23.65 5.47
N VAL QB 117 106.53 24.83 4.86
CA VAL QB 117 106.46 26.06 5.63
C VAL QB 117 105.29 25.93 6.58
N ARG QB 118 104.08 25.94 6.01
CA ARG QB 118 102.87 25.73 6.79
C ARG QB 118 102.89 24.40 7.51
N ALA QB 119 103.79 23.49 7.14
CA ALA QB 119 103.87 22.19 7.78
C ALA QB 119 104.89 22.20 8.93
N ARG QB 120 106.15 22.46 8.63
CA ARG QB 120 107.17 22.08 9.60
C ARG QB 120 107.12 22.97 10.81
N HIS QB 121 107.58 24.21 10.67
CA HIS QB 121 107.56 25.21 11.73
C HIS QB 121 108.29 26.44 11.24
N GLY QB 122 108.13 27.56 11.91
CA GLY QB 122 108.91 28.72 11.57
C GLY QB 122 108.58 29.27 10.20
N GLY QB 123 109.22 30.37 9.82
CA GLY QB 123 108.87 31.04 8.59
C GLY QB 123 109.88 30.93 7.48
N GLU QB 124 109.83 31.89 6.57
CA GLU QB 124 110.78 31.95 5.48
C GLU QB 124 112.20 31.74 5.96
N ASP QB 125 112.54 32.30 7.11
CA ASP QB 125 113.86 32.13 7.67
C ASP QB 125 114.24 30.67 7.86
N TYR QB 126 113.28 29.80 8.17
CA TYR QB 126 113.61 28.38 8.19
C TYR QB 126 114.37 28.03 6.93
N VAL QB 127 113.98 28.62 5.81
CA VAL QB 127 114.86 28.61 4.65
C VAL QB 127 116.02 29.55 4.88
N PHE QB 128 115.74 30.80 5.21
CA PHE QB 128 116.82 31.76 5.24
C PHE QB 128 117.71 31.51 6.43
N SER QB 129 117.20 31.80 7.62
CA SER QB 129 117.98 31.59 8.83
C SER QB 129 118.50 30.16 8.84
N LEU QB 130 117.59 29.20 8.89
CA LEU QB 130 118.01 27.82 9.09
C LEU QB 130 118.70 27.30 7.84
N LEU QB 131 117.98 27.20 6.73
CA LEU QB 131 118.56 26.52 5.58
C LEU QB 131 119.78 27.26 5.06
N THR QB 132 119.64 28.55 4.78
CA THR QB 132 120.84 29.28 4.39
C THR QB 132 121.85 29.29 5.53
N GLY QB 133 121.44 28.85 6.71
CA GLY QB 133 122.34 28.71 7.82
C GLY QB 133 123.05 27.38 7.86
N TYR QB 134 123.20 26.73 6.72
CA TYR QB 134 124.13 25.61 6.67
C TYR QB 134 125.51 26.13 7.04
N CYS QB 135 126.12 25.55 8.06
CA CYS QB 135 127.36 26.12 8.56
C CYS QB 135 128.14 25.10 9.37
N GLU QB 136 129.43 25.38 9.51
CA GLU QB 136 130.37 24.42 10.08
C GLU QB 136 130.04 24.16 11.54
N PRO QB 137 130.22 22.95 12.03
CA PRO QB 137 130.15 22.71 13.45
C PRO QB 137 131.21 23.54 14.16
N PRO QB 138 130.84 24.24 15.22
CA PRO QB 138 131.85 25.03 15.91
C PRO QB 138 132.96 24.19 16.50
N THR QB 139 132.62 23.14 17.24
CA THR QB 139 133.60 22.42 18.04
C THR QB 139 132.91 21.29 18.76
N GLY QB 140 133.72 20.47 19.43
CA GLY QB 140 133.24 19.48 20.36
C GLY QB 140 132.28 18.47 19.79
N VAL QB 141 132.20 18.35 18.46
CA VAL QB 141 131.16 17.55 17.83
C VAL QB 141 131.68 16.93 16.54
N SER QB 142 131.24 15.71 16.29
CA SER QB 142 131.49 15.05 15.02
C SER QB 142 130.29 14.20 14.64
N LEU QB 143 129.82 14.35 13.42
CA LEU QB 143 128.78 13.50 12.89
C LEU QB 143 129.40 12.17 12.48
N ARG QB 144 128.63 11.34 11.79
CA ARG QB 144 129.23 10.25 11.03
C ARG QB 144 129.74 10.74 9.69
N GLU QB 145 129.67 12.06 9.49
CA GLU QB 145 129.91 12.77 8.24
C GLU QB 145 128.69 12.60 7.36
N GLY QB 146 127.85 11.63 7.68
CA GLY QB 146 126.54 11.57 7.05
C GLY QB 146 125.83 12.89 7.14
N LEU QB 147 125.82 13.47 8.33
CA LEU QB 147 125.42 14.85 8.48
C LEU QB 147 126.57 15.73 8.01
N TYR QB 148 126.30 16.58 7.03
CA TYR QB 148 127.21 17.65 6.66
C TYR QB 148 127.12 18.69 7.78
N PHE QB 149 127.63 19.89 7.56
CA PHE QB 149 127.62 20.94 8.56
C PHE QB 149 126.59 22.00 8.18
N ASN QB 150 125.57 22.14 9.01
CA ASN QB 150 124.50 23.11 8.77
C ASN QB 150 124.11 23.72 10.09
N PRO QB 151 125.01 24.51 10.68
CA PRO QB 151 124.92 24.76 12.12
C PRO QB 151 123.56 25.24 12.60
N TYR QB 152 122.74 25.82 11.74
CA TYR QB 152 121.53 26.51 12.16
C TYR QB 152 120.40 25.56 12.45
N PHE QB 153 120.68 24.27 12.42
CA PHE QB 153 119.65 23.29 12.17
C PHE QB 153 119.56 22.25 13.26
N PRO QB 154 118.49 21.45 13.26
CA PRO QB 154 118.26 20.50 14.35
C PRO QB 154 119.31 19.41 14.35
N GLY QB 155 120.40 19.71 15.03
CA GLY QB 155 121.62 18.95 14.92
C GLY QB 155 122.72 19.72 14.25
N GLN QB 156 122.42 20.88 13.67
CA GLN QB 156 123.48 21.77 13.20
C GLN QB 156 124.26 21.11 12.07
N ALA QB 157 123.89 19.88 11.72
CA ALA QB 157 124.69 19.06 10.81
C ALA QB 157 123.81 18.29 9.82
N ILE QB 158 123.94 18.62 8.52
CA ILE QB 158 123.54 17.78 7.37
C ILE QB 158 123.64 18.51 5.99
N GLY QB 159 123.72 17.72 4.93
CA GLY QB 159 122.93 17.93 3.72
C GLY QB 159 122.83 18.97 2.60
N MET QB 160 123.50 20.13 2.63
CA MET QB 160 123.17 21.07 1.56
C MET QB 160 124.33 21.97 1.20
N ALA QB 161 124.47 22.18 -0.10
CA ALA QB 161 125.31 23.17 -0.74
C ALA QB 161 124.53 24.42 -1.09
N PRO QB 162 125.21 25.55 -1.21
CA PRO QB 162 124.61 26.73 -1.84
C PRO QB 162 124.89 26.75 -3.33
N PRO QB 163 124.10 26.03 -4.12
CA PRO QB 163 124.23 26.13 -5.58
C PRO QB 163 124.09 27.54 -6.09
N ILE QB 164 123.63 28.47 -5.26
CA ILE QB 164 123.89 29.89 -5.45
C ILE QB 164 125.39 30.11 -5.37
N TYR QB 165 125.94 29.95 -4.17
CA TYR QB 165 127.36 30.22 -3.95
C TYR QB 165 128.20 29.47 -4.96
N ASN QB 166 128.00 28.16 -5.06
CA ASN QB 166 128.53 27.43 -6.20
C ASN QB 166 127.42 27.36 -7.21
N GLU QB 167 127.49 28.22 -8.21
CA GLU QB 167 126.31 28.57 -8.98
C GLU QB 167 126.01 27.47 -9.98
N VAL QB 168 124.86 26.84 -9.84
CA VAL QB 168 124.19 26.38 -11.05
C VAL QB 168 123.49 27.63 -11.53
N LEU QB 169 123.94 28.18 -12.62
CA LEU QB 169 123.75 29.60 -12.82
C LEU QB 169 122.57 29.74 -13.76
N GLU QB 170 121.44 30.13 -13.20
CA GLU QB 170 120.27 30.39 -14.01
C GLU QB 170 119.56 31.60 -13.43
N PHE QB 171 119.47 32.65 -14.21
CA PHE QB 171 118.29 33.49 -14.20
C PHE QB 171 117.91 33.61 -15.66
N ASP QB 172 116.79 33.00 -16.04
CA ASP QB 172 116.43 32.95 -17.45
C ASP QB 172 116.30 34.35 -18.01
N ASP QB 173 115.43 35.15 -17.39
CA ASP QB 173 115.43 36.56 -17.66
C ASP QB 173 116.74 37.22 -17.26
N GLY QB 174 117.51 36.57 -16.39
CA GLY QB 174 118.81 37.06 -16.01
C GLY QB 174 118.76 37.88 -14.75
N THR QB 175 119.74 37.64 -13.89
CA THR QB 175 120.05 38.31 -12.63
C THR QB 175 121.02 37.38 -11.91
N PRO QB 176 121.65 37.81 -10.83
CA PRO QB 176 122.18 36.83 -9.88
C PRO QB 176 121.03 36.23 -9.10
N ALA QB 177 121.18 34.98 -8.71
CA ALA QB 177 120.07 34.23 -8.12
C ALA QB 177 120.20 34.12 -6.60
N THR QB 178 119.05 34.15 -5.92
CA THR QB 178 118.99 34.02 -4.47
C THR QB 178 117.88 33.04 -4.12
N MET QB 179 117.72 32.79 -2.82
CA MET QB 179 116.87 31.69 -2.40
C MET QB 179 115.40 32.03 -2.42
N SER QB 180 115.06 33.29 -2.21
CA SER QB 180 113.69 33.64 -1.83
C SER QB 180 112.66 33.12 -2.82
N GLN QB 181 112.53 33.76 -3.98
CA GLN QB 181 111.32 33.59 -4.78
C GLN QB 181 111.04 32.13 -5.11
N VAL QB 182 112.03 31.24 -5.01
CA VAL QB 182 111.73 29.82 -4.98
C VAL QB 182 111.57 29.27 -3.57
N ALA QB 183 112.05 29.98 -2.55
CA ALA QB 183 111.82 29.51 -1.19
C ALA QB 183 110.45 29.93 -0.71
N LYS QB 184 110.15 31.20 -0.83
CA LYS QB 184 108.83 31.71 -0.64
C LYS QB 184 107.95 31.48 -1.85
N ASP QB 185 108.53 31.06 -2.98
CA ASP QB 185 107.70 30.38 -3.96
C ASP QB 185 107.53 28.93 -3.62
N VAL QB 186 108.35 28.42 -2.72
CA VAL QB 186 108.01 27.19 -2.04
C VAL QB 186 107.22 27.51 -0.80
N CYS QB 187 107.20 28.77 -0.35
CA CYS QB 187 106.15 29.19 0.55
C CYS QB 187 104.91 29.59 -0.21
N THR QB 188 105.09 30.30 -1.33
CA THR QB 188 103.92 30.63 -2.13
C THR QB 188 103.38 29.38 -2.73
N PHE QB 189 104.14 28.75 -3.62
CA PHE QB 189 103.55 27.52 -4.12
C PHE QB 189 103.31 26.53 -2.99
N LEU QB 190 103.70 26.84 -1.77
CA LEU QB 190 103.01 26.28 -0.61
C LEU QB 190 101.74 27.03 -0.25
N ARG QB 191 101.77 28.35 -0.22
CA ARG QB 191 100.57 29.16 -0.06
C ARG QB 191 99.81 29.25 -1.37
N TRP QB 192 100.49 29.50 -2.47
CA TRP QB 192 99.87 29.24 -3.75
C TRP QB 192 99.43 27.78 -3.82
N ALA QB 193 99.94 26.93 -2.94
CA ALA QB 193 99.29 25.68 -2.61
C ALA QB 193 98.36 25.79 -1.42
N ALA QB 194 98.41 26.90 -0.67
CA ALA QB 194 97.57 27.06 0.51
C ALA QB 194 96.74 28.33 0.37
N GLU QB 195 97.42 29.45 0.41
CA GLU QB 195 96.76 30.75 0.37
C GLU QB 195 97.17 31.47 -0.90
N PRO QB 196 96.75 30.98 -2.05
CA PRO QB 196 96.83 31.86 -3.23
C PRO QB 196 95.83 32.99 -3.10
N GLU QB 197 94.68 32.72 -2.51
CA GLU QB 197 93.71 33.77 -2.21
C GLU QB 197 94.29 34.67 -1.14
N HIS QB 198 95.46 34.33 -0.60
CA HIS QB 198 96.16 35.31 0.22
C HIS QB 198 96.21 36.61 -0.55
N ASP QB 199 96.22 36.52 -1.87
CA ASP QB 199 95.80 37.64 -2.69
C ASP QB 199 94.28 37.75 -2.74
N HIS QB 200 93.63 36.80 -3.40
CA HIS QB 200 92.20 36.90 -3.64
C HIS QB 200 91.44 37.17 -2.36
N ARG QB 201 91.62 36.30 -1.37
CA ARG QB 201 90.91 36.49 -0.11
C ARG QB 201 91.28 37.82 0.53
N LYS QB 202 92.55 38.20 0.40
CA LYS QB 202 92.97 39.52 0.87
C LYS QB 202 92.00 40.57 0.38
N ARG QB 203 91.72 40.54 -0.92
CA ARG QB 203 90.80 41.51 -1.51
C ARG QB 203 89.52 41.61 -0.69
N MET QB 204 88.90 40.47 -0.42
CA MET QB 204 87.62 40.49 0.26
C MET QB 204 87.74 41.19 1.61
N GLY QB 205 88.82 40.91 2.33
CA GLY QB 205 89.00 41.50 3.64
C GLY QB 205 88.84 43.01 3.59
N LEU QB 206 89.35 43.61 2.52
CA LEU QB 206 89.20 45.04 2.34
C LEU QB 206 87.75 45.46 2.48
N LYS QB 207 86.90 44.88 1.64
CA LYS QB 207 85.49 45.22 1.71
C LYS QB 207 84.94 45.01 3.10
N MET QB 208 85.41 43.95 3.78
CA MET QB 208 84.97 43.71 5.14
C MET QB 208 85.22 44.94 6.00
N LEU QB 209 86.46 45.45 5.93
CA LEU QB 209 86.82 46.64 6.69
C LEU QB 209 85.75 47.71 6.54
N LEU QB 210 85.26 47.89 5.32
CA LEU QB 210 84.24 48.90 5.10
C LEU QB 210 82.90 48.45 5.66
N MET QB 211 82.48 47.23 5.31
CA MET QB 211 81.12 46.80 5.63
C MET QB 211 80.81 47.06 7.08
N MET QB 212 81.63 46.52 7.97
CA MET QB 212 81.44 46.78 9.38
C MET QB 212 81.43 48.27 9.65
N GLY QB 213 82.52 48.94 9.31
CA GLY QB 213 82.59 50.37 9.55
C GLY QB 213 81.33 51.07 9.09
N LEU QB 214 80.78 50.59 7.99
CA LEU QB 214 79.49 51.11 7.57
C LEU QB 214 78.45 50.53 8.50
N LEU QB 215 78.21 49.23 8.33
CA LEU QB 215 77.12 48.59 9.03
C LEU QB 215 77.24 48.78 10.53
N LEU QB 216 78.41 48.47 11.08
CA LEU QB 216 78.61 48.47 12.52
C LEU QB 216 78.00 49.74 13.08
N PRO QB 217 78.39 50.88 12.54
CA PRO QB 217 77.68 52.09 12.94
C PRO QB 217 76.21 52.01 12.61
N LEU QB 218 75.87 51.69 11.36
CA LEU QB 218 74.47 51.65 10.98
C LEU QB 218 73.72 50.70 11.89
N VAL QB 219 74.31 49.55 12.14
CA VAL QB 219 73.72 48.61 13.08
C VAL QB 219 73.54 49.28 14.43
N TYR QB 220 74.63 49.73 15.03
CA TYR QB 220 74.55 50.30 16.36
C TYR QB 220 73.50 51.38 16.39
N ALA QB 221 73.53 52.26 15.40
CA ALA QB 221 72.51 53.27 15.23
C ALA QB 221 71.13 52.65 15.36
N MET QB 222 70.81 51.76 14.43
CA MET QB 222 69.52 51.10 14.44
C MET QB 222 69.16 50.65 15.85
N LYS QB 223 70.14 50.06 16.53
CA LYS QB 223 69.90 49.62 17.88
C LYS QB 223 69.46 50.76 18.76
N ARG QB 224 70.32 51.77 18.88
CA ARG QB 224 69.91 53.00 19.53
C ARG QB 224 68.57 53.46 18.95
N HIS QB 225 68.48 53.45 17.62
CA HIS QB 225 67.25 53.88 16.97
C HIS QB 225 66.06 53.23 17.63
N LYS QB 226 66.13 51.93 17.82
CA LYS QB 226 65.14 51.29 18.65
C LYS QB 226 65.20 51.84 20.06
N TRP QB 227 66.24 51.47 20.81
CA TRP QB 227 66.18 51.52 22.27
C TRP QB 227 65.94 52.92 22.81
N SER QB 228 66.12 53.94 21.97
CA SER QB 228 66.29 55.31 22.43
C SER QB 228 65.21 55.72 23.40
N VAL QB 229 63.95 55.53 23.02
CA VAL QB 229 62.86 55.99 23.85
C VAL QB 229 62.97 55.38 25.23
N LEU QB 230 63.15 54.06 25.26
CA LEU QB 230 63.27 53.38 26.54
C LEU QB 230 64.33 54.04 27.40
N LYS QB 231 65.38 54.55 26.76
CA LYS QB 231 66.44 55.23 27.48
C LYS QB 231 65.89 56.30 28.41
N SER QB 232 65.07 57.19 27.88
CA SER QB 232 64.75 58.43 28.55
C SER QB 232 63.50 58.35 29.42
N ARG QB 233 62.92 57.17 29.58
CA ARG QB 233 61.58 57.05 30.12
C ARG QB 233 61.42 57.77 31.44
N LYS QB 234 60.22 58.28 31.68
CA LYS QB 234 59.86 58.85 32.96
C LYS QB 234 58.68 58.06 33.49
N LEU QB 235 58.88 57.32 34.56
CA LEU QB 235 57.80 56.59 35.20
C LEU QB 235 57.66 57.06 36.63
N ALA QB 236 56.44 57.37 37.05
CA ALA QB 236 56.22 58.09 38.28
C ALA QB 236 55.75 57.15 39.39
N TYR QB 237 56.45 57.20 40.51
CA TYR QB 237 55.93 56.65 41.76
C TYR QB 237 55.27 57.81 42.48
N ARG QB 238 53.95 57.80 42.53
CA ARG QB 238 53.19 58.86 43.19
C ARG QB 238 52.11 58.19 44.02
N PRO QB 239 52.50 57.38 44.99
CA PRO QB 239 51.53 56.67 45.79
C PRO QB 239 50.47 57.62 46.29
N PRO QB 240 49.20 57.27 46.15
CA PRO QB 240 48.14 58.17 46.59
C PRO QB 240 48.28 58.45 48.07
N LYS QB 241 48.26 59.73 48.42
CA LYS QB 241 48.53 60.18 49.78
C LYS QB 241 49.83 59.58 50.29
N SER RB 1 40.35 66.06 43.30
CA SER RB 1 41.39 65.36 44.04
C SER RB 1 42.40 64.56 43.17
N HIS RB 2 42.03 64.14 41.96
CA HIS RB 2 42.84 63.19 41.19
C HIS RB 2 43.70 63.78 40.06
N THR RB 3 43.59 65.07 39.75
CA THR RB 3 44.00 65.57 38.43
C THR RB 3 45.39 66.19 38.37
N ASP RB 4 46.16 66.16 39.45
CA ASP RB 4 47.20 67.15 39.63
C ASP RB 4 48.52 66.82 38.94
N ILE RB 5 48.61 65.75 38.17
CA ILE RB 5 49.92 65.28 37.71
C ILE RB 5 50.56 66.24 36.72
N LYS RB 6 51.77 65.92 36.26
CA LYS RB 6 52.50 66.71 35.27
C LYS RB 6 53.58 65.84 34.64
N VAL RB 7 54.32 66.40 33.69
CA VAL RB 7 55.23 65.59 32.88
C VAL RB 7 56.57 66.31 32.76
N PRO RB 8 57.63 65.57 32.40
CA PRO RB 8 58.99 66.15 32.40
C PRO RB 8 59.44 66.73 31.07
N ASP RB 9 60.69 67.18 31.04
CA ASP RB 9 61.24 67.88 29.88
C ASP RB 9 62.09 66.93 29.05
N PHE RB 10 61.80 66.86 27.77
CA PHE RB 10 62.53 65.98 26.87
C PHE RB 10 63.79 66.62 26.31
N SER RB 11 64.01 67.91 26.60
CA SER RB 11 64.99 68.68 25.86
C SER RB 11 66.33 67.97 25.78
N ASP RB 12 66.86 67.59 26.93
CA ASP RB 12 68.18 66.97 26.97
C ASP RB 12 68.29 65.83 25.99
N TYR RB 13 67.22 65.06 25.86
CA TYR RB 13 67.24 64.02 24.85
C TYR RB 13 66.78 64.53 23.49
N ARG RB 14 66.14 65.68 23.43
CA ARG RB 14 65.44 66.07 22.22
C ARG RB 14 66.41 66.34 21.08
N ARG RB 15 66.14 65.76 19.92
CA ARG RB 15 66.86 66.17 18.74
C ARG RB 15 66.48 67.60 18.41
N PRO RB 16 67.26 68.24 17.56
CA PRO RB 16 67.02 69.68 17.33
C PRO RB 16 65.64 69.99 16.78
N GLU RB 17 65.22 69.27 15.75
CA GLU RB 17 64.08 69.72 14.94
C GLU RB 17 62.86 70.02 15.78
N VAL RB 18 62.73 69.36 16.93
CA VAL RB 18 61.54 69.52 17.75
C VAL RB 18 61.69 70.61 18.79
N LEU RB 19 62.81 71.33 18.77
CA LEU RB 19 63.12 72.25 19.87
C LEU RB 19 61.97 73.20 20.16
N ASP RB 20 61.28 73.68 19.13
CA ASP RB 20 60.33 74.78 19.29
C ASP RB 20 58.93 74.28 19.56
N SER RB 21 58.28 74.94 20.52
CA SER RB 21 56.83 74.93 20.55
C SER RB 21 56.25 75.73 19.41
N THR RB 22 57.11 76.37 18.63
CA THR RB 22 56.64 77.28 17.61
C THR RB 22 56.00 76.54 16.45
N LYS RB 23 56.60 75.45 15.99
CA LYS RB 23 56.34 74.93 14.67
C LYS RB 23 55.81 73.51 14.70
N SER RB 24 55.20 73.12 13.58
CA SER RB 24 54.57 71.81 13.42
C SER RB 24 55.57 70.82 12.87
N SER RB 25 55.64 69.66 13.52
CA SER RB 25 56.35 68.54 12.92
C SER RB 25 55.72 68.12 11.62
N LYS RB 26 54.60 68.73 11.25
CA LYS RB 26 54.01 68.51 9.94
C LYS RB 26 55.11 68.53 8.90
N GLU RB 27 56.07 69.44 9.06
CA GLU RB 27 57.29 69.33 8.27
C GLU RB 27 58.16 68.20 8.78
N SER RB 28 58.49 68.22 10.08
CA SER RB 28 59.67 67.53 10.57
C SER RB 28 59.60 66.03 10.33
N SER RB 29 58.50 65.42 10.76
CA SER RB 29 58.44 63.97 10.88
C SER RB 29 59.01 63.29 9.65
N GLU RB 30 58.38 63.52 8.51
CA GLU RB 30 58.81 62.90 7.27
C GLU RB 30 60.31 62.99 7.09
N ALA RB 31 60.89 64.10 7.52
CA ALA RB 31 62.34 64.21 7.50
C ALA RB 31 63.01 63.33 8.52
N ARG RB 32 62.43 63.21 9.71
CA ARG RB 32 63.10 62.46 10.77
C ARG RB 32 63.05 60.98 10.42
N LYS RB 33 61.83 60.42 10.39
CA LYS RB 33 61.65 59.06 9.93
C LYS RB 33 62.32 58.85 8.60
N GLY RB 34 62.46 59.91 7.83
CA GLY RB 34 63.24 59.80 6.63
C GLY RB 34 64.66 59.40 6.96
N PHE RB 35 65.35 60.21 7.75
CA PHE RB 35 66.75 59.94 8.05
C PHE RB 35 66.91 58.52 8.56
N SER RB 36 66.12 58.18 9.57
CA SER RB 36 66.20 56.84 10.12
C SER RB 36 66.00 55.80 9.03
N TYR RB 37 64.87 55.91 8.34
CA TYR RB 37 64.54 54.97 7.27
C TYR RB 37 65.70 54.81 6.31
N LEU RB 38 66.30 55.94 5.94
CA LEU RB 38 67.51 55.92 5.14
C LEU RB 38 68.51 54.97 5.76
N ILE RB 39 68.92 55.27 6.99
CA ILE RB 39 69.90 54.45 7.68
C ILE RB 39 69.51 52.98 7.60
N THR RB 40 68.25 52.70 7.91
CA THR RB 40 67.76 51.33 7.87
C THR RB 40 68.02 50.72 6.51
N ALA RB 41 67.50 51.37 5.47
CA ALA RB 41 67.64 50.86 4.12
C ALA RB 41 69.11 50.66 3.78
N THR RB 42 69.96 51.54 4.30
CA THR RB 42 71.39 51.36 4.13
C THR RB 42 71.81 50.01 4.68
N THR RB 43 71.47 49.77 5.95
CA THR RB 43 71.75 48.48 6.56
C THR RB 43 71.29 47.34 5.66
N THR RB 44 70.07 47.45 5.14
CA THR RB 44 69.58 46.46 4.21
C THR RB 44 70.58 46.27 3.08
N VAL RB 45 71.05 47.04 2.46
CA VAL RB 45 71.63 46.88 1.13
C VAL RB 45 73.05 46.34 1.19
N GLY RB 46 73.74 46.73 2.25
CA GLY RB 46 75.14 46.32 2.42
C GLY RB 46 75.21 44.84 2.78
N VAL RB 47 74.32 44.47 3.69
CA VAL RB 47 74.19 43.11 4.20
C VAL RB 47 73.81 42.16 3.10
N ALA RB 48 73.06 42.69 2.14
CA ALA RB 48 72.64 41.93 0.99
C ALA RB 48 73.87 41.47 0.20
N TYR RB 49 74.84 42.36 0.16
CA TYR RB 49 76.03 42.13 -0.69
C TYR RB 49 76.78 40.93 -0.12
N ALA RB 50 76.92 41.05 1.19
CA ALA RB 50 77.59 40.09 2.06
C ALA RB 50 77.03 38.71 1.87
N ALA RB 51 75.75 38.54 2.08
CA ALA RB 51 74.98 37.35 1.79
C ALA RB 51 75.16 36.91 0.35
N LYS RB 52 75.19 37.85 -0.60
CA LYS RB 52 75.38 37.40 -1.98
C LYS RB 52 76.72 36.69 -2.11
N ASN RB 53 77.84 37.32 -1.68
CA ASN RB 53 79.03 36.48 -1.88
C ASN RB 53 79.05 35.20 -1.11
N VAL RB 54 78.79 35.31 0.19
CA VAL RB 54 78.74 34.12 1.02
C VAL RB 54 78.02 32.97 0.33
N VAL RB 55 76.74 33.17 0.02
CA VAL RB 55 75.87 32.18 -0.57
C VAL RB 55 76.42 31.68 -1.89
N SER RB 56 76.88 32.62 -2.72
CA SER RB 56 77.45 32.19 -4.02
C SER RB 56 78.77 31.60 -3.83
N GLN RB 57 79.57 31.74 -2.79
CA GLN RB 57 80.75 30.89 -2.61
C GLN RB 57 80.36 29.46 -2.23
N PHE RB 58 79.41 29.37 -1.28
CA PHE RB 58 78.96 28.07 -0.83
C PHE RB 58 78.48 27.24 -2.01
N VAL RB 59 77.99 27.87 -3.08
CA VAL RB 59 77.16 27.11 -4.05
C VAL RB 59 78.11 26.60 -5.13
N SER RB 60 79.15 27.42 -5.26
CA SER RB 60 80.20 27.15 -6.19
C SER RB 60 80.95 25.96 -5.88
N SER RB 61 81.12 25.81 -4.56
CA SER RB 61 81.82 24.65 -4.04
C SER RB 61 81.12 23.37 -4.45
N MET RB 62 79.98 23.42 -5.16
CA MET RB 62 79.44 22.15 -5.62
C MET RB 62 79.52 21.95 -7.13
N SER RB 63 79.80 23.01 -7.85
CA SER RB 63 79.62 23.11 -9.28
C SER RB 63 80.65 22.35 -10.11
N ALA RB 64 81.90 22.43 -9.71
CA ALA RB 64 82.97 21.72 -10.44
C ALA RB 64 84.19 21.75 -9.52
N SER RB 65 85.34 21.41 -10.08
CA SER RB 65 86.55 21.41 -9.25
C SER RB 65 87.74 21.83 -10.09
N ALA RB 66 88.74 22.49 -9.49
CA ALA RB 66 89.93 22.79 -10.31
C ALA RB 66 90.39 21.46 -10.89
N ASP RB 67 90.45 20.45 -10.04
CA ASP RB 67 90.88 19.11 -10.39
C ASP RB 67 89.99 18.45 -11.43
N VAL RB 68 88.70 18.21 -11.17
CA VAL RB 68 87.84 17.48 -12.09
C VAL RB 68 87.75 18.27 -13.38
N LEU RB 69 87.67 19.57 -13.22
CA LEU RB 69 87.60 20.42 -14.39
C LEU RB 69 88.69 20.07 -15.40
N ALA RB 70 89.89 20.54 -15.07
CA ALA RB 70 91.06 20.37 -15.92
C ALA RB 70 90.84 19.20 -16.88
N MET RB 71 91.10 18.02 -16.36
CA MET RB 71 90.96 16.75 -17.03
C MET RB 71 89.68 16.53 -17.82
N SER RB 72 88.68 17.39 -17.74
CA SER RB 72 87.36 16.98 -18.22
C SER RB 72 87.31 17.11 -19.72
N LYS RB 73 87.67 18.31 -20.15
CA LYS RB 73 87.74 18.71 -21.55
C LYS RB 73 89.19 18.72 -22.02
N ILE RB 74 90.12 18.23 -21.20
CA ILE RB 74 91.50 18.29 -21.64
C ILE RB 74 91.72 17.32 -22.79
N GLU RB 75 91.63 17.78 -24.04
CA GLU RB 75 92.04 16.92 -25.14
C GLU RB 75 92.28 17.66 -26.43
N ILE RB 76 93.44 17.36 -27.03
CA ILE RB 76 93.80 17.96 -28.30
C ILE RB 76 94.34 16.88 -29.22
N LYS RB 77 94.38 17.15 -30.52
CA LYS RB 77 94.93 16.17 -31.44
C LYS RB 77 95.80 16.82 -32.51
N LEU RB 78 96.77 16.02 -32.95
CA LEU RB 78 97.69 16.47 -34.00
C LEU RB 78 97.07 16.09 -35.34
N SER RB 79 97.76 16.32 -36.44
CA SER RB 79 97.20 15.97 -37.75
C SER RB 79 98.01 14.83 -38.35
N ASP RB 80 98.64 14.04 -37.49
CA ASP RB 80 99.45 12.92 -37.95
C ASP RB 80 98.60 11.77 -38.49
N ILE RB 81 97.42 11.55 -37.92
CA ILE RB 81 96.48 10.55 -38.40
C ILE RB 81 96.32 10.68 -39.92
N PRO RB 82 96.98 9.77 -40.60
CA PRO RB 82 97.04 9.68 -42.04
C PRO RB 82 95.70 9.12 -42.52
N GLU RB 83 95.13 9.64 -43.60
CA GLU RB 83 93.83 9.02 -43.97
C GLU RB 83 94.04 7.51 -43.87
N GLY RB 84 93.10 6.78 -43.30
CA GLY RB 84 93.24 5.35 -43.15
C GLY RB 84 93.24 4.94 -41.68
N LYS RB 85 94.35 5.15 -40.99
CA LYS RB 85 94.54 4.70 -39.62
C LYS RB 85 93.51 5.30 -38.68
N ASN RB 86 93.13 4.54 -37.65
CA ASN RB 86 92.17 5.03 -36.65
C ASN RB 86 92.91 5.22 -35.32
N MET RB 87 93.38 6.45 -35.04
CA MET RB 87 94.14 6.57 -33.80
C MET RB 87 93.24 6.20 -32.62
N ALA RB 88 93.75 6.46 -31.42
CA ALA RB 88 93.03 6.16 -30.18
C ALA RB 88 93.73 6.84 -29.01
N PHE RB 89 92.90 7.59 -28.28
CA PHE RB 89 93.25 8.38 -27.13
C PHE RB 89 92.56 7.93 -25.86
N LYS RB 90 93.15 8.25 -24.70
CA LYS RB 90 92.53 7.85 -23.42
C LYS RB 90 91.93 9.10 -22.78
N TRP RB 91 90.66 9.34 -23.10
CA TRP RB 91 90.00 10.54 -22.59
C TRP RB 91 88.76 10.21 -21.75
N ARG RB 92 88.72 10.81 -20.57
CA ARG RB 92 87.73 10.63 -19.54
C ARG RB 92 87.56 9.18 -19.13
N GLY RB 93 88.66 8.49 -18.88
CA GLY RB 93 88.57 7.08 -18.48
C GLY RB 93 87.91 6.18 -19.50
N LYS RB 94 87.78 6.60 -20.76
CA LYS RB 94 87.34 5.67 -21.80
C LYS RB 94 88.18 5.92 -23.06
N PRO RB 95 88.00 5.08 -24.07
CA PRO RB 95 88.69 5.11 -25.35
C PRO RB 95 88.25 6.20 -26.30
N LEU RB 96 89.15 7.09 -26.73
CA LEU RB 96 88.74 8.15 -27.66
C LEU RB 96 89.36 7.95 -29.03
N PHE RB 97 88.59 7.35 -29.90
CA PHE RB 97 88.93 7.07 -31.29
C PHE RB 97 88.87 8.24 -32.26
N VAL RB 98 89.98 8.53 -32.94
CA VAL RB 98 90.09 9.58 -33.94
C VAL RB 98 90.54 8.99 -35.28
N ARG RB 99 89.62 9.06 -36.23
CA ARG RB 99 89.81 8.48 -37.55
C ARG RB 99 89.89 9.52 -38.65
N HIS RB 100 91.05 9.68 -39.27
CA HIS RB 100 91.09 10.54 -40.47
C HIS RB 100 90.58 9.65 -41.62
N ARG RB 101 89.72 10.17 -42.49
CA ARG RB 101 89.08 9.35 -43.50
C ARG RB 101 89.30 9.82 -44.93
N THR RB 102 88.85 8.94 -45.81
CA THR RB 102 89.19 8.99 -47.23
C THR RB 102 87.96 9.17 -48.10
N LYS RB 103 88.08 9.92 -49.20
CA LYS RB 103 86.97 10.26 -50.08
C LYS RB 103 86.08 9.05 -50.29
N LYS RB 104 86.73 7.93 -50.52
CA LYS RB 104 86.13 6.62 -50.63
C LYS RB 104 85.27 6.36 -49.39
N GLU RB 105 85.91 6.56 -48.24
CA GLU RB 105 85.20 6.33 -46.98
C GLU RB 105 83.92 7.16 -46.93
N ILE RB 106 84.10 8.47 -46.76
CA ILE RB 106 83.04 9.45 -46.82
C ILE RB 106 82.00 9.06 -47.86
N ASP RB 107 82.36 9.04 -49.15
CA ASP RB 107 81.50 8.64 -50.24
C ASP RB 107 80.60 7.46 -49.90
N GLN RB 108 81.15 6.35 -49.44
CA GLN RB 108 80.33 5.15 -49.17
C GLN RB 108 79.43 5.32 -47.94
N GLU RB 109 80.03 5.77 -46.85
CA GLU RB 109 79.29 6.03 -45.62
C GLU RB 109 78.14 7.00 -45.87
N ALA RB 110 78.34 8.03 -46.69
CA ALA RB 110 77.23 8.92 -47.05
C ALA RB 110 76.05 8.21 -47.68
N ALA RB 111 76.31 7.14 -48.42
CA ALA RB 111 75.36 6.37 -49.19
C ALA RB 111 74.78 5.15 -48.51
N VAL RB 112 74.85 5.14 -47.19
CA VAL RB 112 74.08 4.10 -46.47
C VAL RB 112 72.64 4.58 -46.42
N GLU RB 113 71.67 3.69 -46.41
CA GLU RB 113 70.26 4.08 -46.27
C GLU RB 113 69.89 4.40 -44.83
N VAL RB 114 69.27 5.56 -44.62
CA VAL RB 114 68.85 5.98 -43.29
C VAL RB 114 67.72 5.10 -42.76
N SER RB 115 66.87 4.66 -43.68
CA SER RB 115 65.63 3.97 -43.37
C SER RB 115 65.82 2.61 -42.76
N GLN RB 116 66.98 1.99 -42.97
CA GLN RB 116 67.13 0.61 -42.55
C GLN RB 116 68.10 0.34 -41.43
N LEU RB 117 68.80 1.36 -40.96
CA LEU RB 117 69.80 1.25 -39.91
C LEU RB 117 69.23 0.74 -38.59
N ARG RB 118 70.02 -0.05 -37.85
CA ARG RB 118 69.55 -0.52 -36.55
C ARG RB 118 69.33 0.67 -35.63
N ASP RB 119 70.16 1.70 -35.75
CA ASP RB 119 70.09 2.96 -35.00
C ASP RB 119 70.17 4.05 -36.09
N PRO RB 120 69.03 4.39 -36.63
CA PRO RB 120 68.95 5.28 -37.76
C PRO RB 120 69.61 6.61 -37.51
N GLN RB 121 70.74 6.89 -38.17
CA GLN RB 121 71.33 8.22 -37.94
C GLN RB 121 72.32 8.61 -39.01
N HIS RB 122 71.82 9.21 -40.07
CA HIS RB 122 72.56 9.68 -41.22
C HIS RB 122 73.98 10.15 -40.98
N ASP RB 123 74.96 9.43 -41.57
CA ASP RB 123 76.34 9.77 -41.35
C ASP RB 123 76.53 11.27 -41.14
N LEU RB 124 76.24 12.04 -42.17
CA LEU RB 124 76.43 13.46 -42.28
C LEU RB 124 76.03 14.29 -41.08
N GLU RB 125 75.34 13.72 -40.10
CA GLU RB 125 75.01 14.47 -38.91
C GLU RB 125 75.90 14.20 -37.73
N ARG RB 126 76.76 13.18 -37.76
CA ARG RB 126 77.67 12.95 -36.66
C ARG RB 126 78.91 13.85 -36.81
N VAL RB 127 79.72 13.54 -37.81
CA VAL RB 127 80.97 14.30 -37.96
C VAL RB 127 80.69 15.76 -38.22
N LYS RB 128 81.54 16.62 -37.62
CA LYS RB 128 81.38 18.05 -37.91
C LYS RB 128 82.17 18.31 -39.17
N LYS RB 129 83.17 17.47 -39.47
CA LYS RB 129 83.90 17.65 -40.73
C LYS RB 129 83.82 16.33 -41.49
N PRO RB 130 83.51 16.36 -42.77
CA PRO RB 130 83.42 15.12 -43.54
C PRO RB 130 84.61 14.22 -43.21
N GLU RB 131 85.80 14.68 -43.55
CA GLU RB 131 87.07 14.03 -43.41
C GLU RB 131 87.32 13.43 -42.05
N TRP RB 132 86.85 14.02 -40.96
CA TRP RB 132 87.17 13.44 -39.66
C TRP RB 132 86.01 12.84 -38.86
N VAL RB 133 86.20 11.64 -38.33
CA VAL RB 133 85.24 11.03 -37.42
C VAL RB 133 85.77 10.70 -36.03
N ILE RB 134 85.16 11.32 -35.02
CA ILE RB 134 85.54 11.14 -33.62
C ILE RB 134 84.52 10.32 -32.83
N LEU RB 135 84.92 9.26 -32.14
CA LEU RB 135 84.00 8.36 -31.46
C LEU RB 135 84.43 7.97 -30.04
N ILE RB 136 83.52 7.27 -29.33
CA ILE RB 136 83.93 6.71 -28.05
C ILE RB 136 84.04 5.20 -28.29
N GLY RB 137 85.20 4.68 -27.94
CA GLY RB 137 85.78 3.41 -28.23
C GLY RB 137 85.25 2.21 -27.48
N VAL RB 138 84.07 2.31 -26.90
CA VAL RB 138 83.48 1.22 -26.13
C VAL RB 138 82.26 0.62 -26.80
N CYS RB 139 82.24 -0.71 -26.98
CA CYS RB 139 81.10 -1.37 -27.61
C CYS RB 139 79.81 -1.20 -26.80
N THR RB 140 78.82 -0.66 -27.52
CA THR RB 140 77.52 -0.44 -26.91
C THR RB 140 76.76 -1.71 -26.60
N HIS RB 141 77.35 -2.87 -26.69
CA HIS RB 141 76.71 -4.15 -26.37
C HIS RB 141 77.03 -4.45 -24.90
N LEU RB 142 78.01 -5.31 -24.68
CA LEU RB 142 78.43 -5.67 -23.35
C LEU RB 142 79.80 -5.11 -23.03
N GLY RB 143 80.23 -4.10 -23.77
CA GLY RB 143 81.29 -3.23 -23.35
C GLY RB 143 82.72 -3.53 -23.68
N CYS RB 144 82.99 -4.37 -24.69
CA CYS RB 144 84.40 -4.63 -25.08
C CYS RB 144 84.84 -3.44 -25.92
N VAL RB 145 85.94 -3.48 -26.66
CA VAL RB 145 86.34 -2.35 -27.49
C VAL RB 145 86.46 -2.73 -28.98
N PRO RB 146 85.65 -2.08 -29.78
CA PRO RB 146 85.60 -2.29 -31.22
C PRO RB 146 87.01 -2.32 -31.81
N ILE RB 147 87.25 -3.08 -32.87
CA ILE RB 147 88.60 -3.14 -33.42
C ILE RB 147 88.78 -2.23 -34.62
N ALA RB 148 89.79 -1.36 -34.60
CA ALA RB 148 89.90 -0.37 -35.66
C ALA RB 148 89.93 -1.02 -37.03
N ASN RB 149 89.23 -0.48 -38.03
CA ASN RB 149 89.19 -1.05 -39.36
C ASN RB 149 89.26 -2.57 -39.35
N ALA RB 150 88.20 -3.25 -38.97
CA ALA RB 150 88.12 -4.70 -38.91
C ALA RB 150 86.69 -5.14 -39.25
N GLY RB 151 86.35 -6.40 -39.02
CA GLY RB 151 84.97 -6.83 -39.23
C GLY RB 151 84.45 -6.58 -40.63
N ASP RB 152 83.26 -7.10 -40.94
CA ASP RB 152 82.74 -7.10 -42.29
C ASP RB 152 82.29 -5.77 -42.85
N PHE RB 153 82.78 -4.60 -42.40
CA PHE RB 153 82.17 -3.33 -42.79
C PHE RB 153 83.08 -2.13 -42.88
N GLY RB 154 84.40 -2.27 -42.99
CA GLY RB 154 85.26 -1.12 -43.12
C GLY RB 154 85.24 -0.16 -41.96
N GLY RB 155 84.74 -0.60 -40.81
CA GLY RB 155 84.68 0.24 -39.64
C GLY RB 155 85.62 -0.24 -38.53
N TYR RB 156 85.00 -0.97 -37.60
CA TYR RB 156 85.59 -1.53 -36.40
C TYR RB 156 85.10 -2.96 -36.14
N TYR RB 157 85.68 -3.70 -35.19
CA TYR RB 157 85.13 -5.02 -34.91
C TYR RB 157 85.10 -5.42 -33.45
N CYS RB 158 83.93 -5.83 -32.93
CA CYS RB 158 83.85 -6.31 -31.56
C CYS RB 158 84.12 -7.80 -31.50
N PRO RB 159 85.30 -8.13 -31.00
CA PRO RB 159 85.80 -9.48 -30.86
C PRO RB 159 85.16 -10.19 -29.68
N CYS RB 160 83.93 -9.82 -29.32
CA CYS RB 160 83.30 -10.44 -28.16
C CYS RB 160 82.06 -11.21 -28.56
N HIS RB 161 81.15 -10.65 -29.37
CA HIS RB 161 79.96 -11.43 -29.73
C HIS RB 161 79.66 -11.37 -31.21
N GLY RB 162 80.56 -10.70 -31.92
CA GLY RB 162 80.46 -10.54 -33.37
C GLY RB 162 79.75 -9.23 -33.70
N SER RB 163 80.30 -8.09 -33.30
CA SER RB 163 79.55 -6.84 -33.42
C SER RB 163 80.22 -5.91 -34.42
N HIS RB 164 79.57 -5.80 -35.59
CA HIS RB 164 80.12 -5.11 -36.74
C HIS RB 164 79.67 -3.65 -36.86
N TYR RB 165 80.69 -2.79 -37.01
CA TYR RB 165 80.50 -1.36 -37.10
C TYR RB 165 81.02 -0.78 -38.41
N ASP RB 166 80.15 0.00 -39.05
CA ASP RB 166 80.54 0.69 -40.29
C ASP RB 166 81.50 1.81 -39.95
N ALA RB 167 82.01 2.52 -40.93
CA ALA RB 167 82.97 3.57 -40.66
C ALA RB 167 82.44 4.69 -39.78
N SER RB 168 81.17 5.08 -39.84
CA SER RB 168 80.61 6.11 -38.99
C SER RB 168 80.57 5.84 -37.49
N GLY RB 169 80.22 4.62 -37.10
CA GLY RB 169 79.97 4.24 -35.71
C GLY RB 169 78.88 3.16 -35.70
N ARG RB 170 78.13 3.17 -36.78
CA ARG RB 170 76.85 2.56 -36.98
C ARG RB 170 76.82 1.05 -36.91
N ILE RB 171 75.88 0.52 -36.11
CA ILE RB 171 75.82 -0.92 -35.93
C ILE RB 171 75.27 -1.62 -37.15
N ARG RB 172 76.04 -2.57 -37.69
CA ARG RB 172 75.55 -3.27 -38.86
C ARG RB 172 75.60 -4.77 -38.72
N LYS RB 173 76.03 -5.31 -37.58
CA LYS RB 173 75.85 -6.72 -37.29
C LYS RB 173 76.15 -7.09 -35.82
N GLY RB 174 75.23 -7.84 -35.25
CA GLY RB 174 75.38 -8.38 -33.90
C GLY RB 174 74.37 -7.75 -32.95
N PRO RB 175 74.31 -8.25 -31.74
CA PRO RB 175 73.42 -7.81 -30.68
C PRO RB 175 73.52 -6.31 -30.43
N ALA RB 176 74.71 -5.77 -30.56
CA ALA RB 176 74.90 -4.33 -30.37
C ALA RB 176 73.60 -3.61 -30.70
N PRO RB 177 73.16 -2.78 -29.76
CA PRO RB 177 71.94 -2.02 -29.86
C PRO RB 177 72.16 -0.77 -30.70
N LEU RB 178 72.51 0.30 -30.01
CA LEU RB 178 72.67 1.62 -30.60
C LEU RB 178 74.11 1.82 -31.06
N ASN RB 179 74.32 2.61 -32.10
CA ASN RB 179 75.62 2.92 -32.62
C ASN RB 179 76.58 3.61 -31.63
N LEU RB 180 77.87 3.32 -31.77
CA LEU RB 180 78.94 3.97 -31.02
C LEU RB 180 78.66 5.47 -30.90
N GLU RB 181 78.89 6.04 -29.71
CA GLU RB 181 78.40 7.38 -29.39
C GLU RB 181 79.36 8.48 -29.73
N VAL RB 182 78.90 9.68 -30.12
CA VAL RB 182 79.76 10.76 -30.48
C VAL RB 182 79.96 11.89 -29.49
N PRO RB 183 81.17 12.01 -29.00
CA PRO RB 183 81.56 13.08 -28.09
C PRO RB 183 81.32 14.46 -28.67
N SER RB 184 81.41 15.43 -27.79
CA SER RB 184 81.28 16.85 -28.14
C SER RB 184 82.72 17.33 -28.30
N TYR RB 185 82.93 18.18 -29.28
CA TYR RB 185 84.27 18.70 -29.59
C TYR RB 185 84.17 19.75 -30.70
N GLU RB 186 85.15 20.65 -30.63
CA GLU RB 186 85.25 21.65 -31.67
C GLU RB 186 86.64 21.57 -32.32
N PHE RB 187 86.63 21.83 -33.62
CA PHE RB 187 87.89 21.94 -34.38
C PHE RB 187 88.36 23.38 -34.14
N THR RB 188 89.59 23.51 -33.67
CA THR RB 188 90.14 24.87 -33.44
C THR RB 188 90.85 25.29 -34.71
N SER RB 189 92.08 25.80 -34.63
CA SER RB 189 92.77 26.03 -35.91
C SER RB 189 92.88 24.66 -36.59
N ASP RB 190 93.24 24.66 -37.86
CA ASP RB 190 93.28 23.54 -38.77
C ASP RB 190 93.94 22.28 -38.23
N ASP RB 191 94.98 22.45 -37.44
CA ASP RB 191 95.81 21.42 -36.86
C ASP RB 191 95.35 20.99 -35.48
N MET RB 192 94.43 21.79 -34.93
CA MET RB 192 93.95 21.53 -33.58
C MET RB 192 92.53 20.99 -33.55
N VAL RB 193 92.30 19.99 -32.71
CA VAL RB 193 90.98 19.46 -32.40
C VAL RB 193 90.82 19.22 -30.91
N ILE RB 194 89.78 19.84 -30.33
CA ILE RB 194 89.53 19.77 -28.89
C ILE RB 194 88.36 18.92 -28.44
N VAL RB 195 88.61 17.69 -27.95
CA VAL RB 195 87.45 16.88 -27.56
C VAL RB 195 86.89 17.29 -26.22
N GLY RB 196 85.55 17.38 -26.17
CA GLY RB 196 84.87 17.77 -24.95
C GLY RB 196 84.36 19.21 -25.03
N VAL SB 1 74.70 50.94 57.78
CA VAL SB 1 75.66 51.05 56.70
C VAL SB 1 76.78 51.96 57.12
N SER SB 2 77.37 51.72 58.30
CA SER SB 2 78.32 52.66 58.86
C SER SB 2 79.60 51.96 59.30
N ALA SB 3 80.66 52.72 59.51
CA ALA SB 3 82.01 52.32 59.09
C ALA SB 3 82.34 50.84 59.26
N SER SB 4 82.14 50.25 60.45
CA SER SB 4 82.26 48.80 60.46
C SER SB 4 81.39 48.27 59.33
N SER SB 5 80.13 48.64 59.36
CA SER SB 5 79.20 48.35 58.30
C SER SB 5 79.29 49.33 57.13
N LYS SB 6 80.26 50.26 57.12
CA LYS SB 6 80.63 50.88 55.87
C LYS SB 6 81.89 50.28 55.29
N TRP SB 7 82.62 49.49 56.07
CA TRP SB 7 83.55 48.51 55.52
C TRP SB 7 82.92 47.20 55.15
N LEU SB 8 81.93 46.72 55.93
CA LEU SB 8 81.47 45.33 55.93
C LEU SB 8 80.07 45.15 55.39
N GLU SB 9 79.07 45.70 56.05
CA GLU SB 9 77.94 46.21 55.33
C GLU SB 9 78.35 47.39 54.49
N GLY SB 10 79.61 47.77 54.60
CA GLY SB 10 80.31 48.46 53.55
C GLY SB 10 81.09 47.57 52.62
N ILE SB 11 80.71 46.28 52.52
CA ILE SB 11 80.58 45.68 51.21
C ILE SB 11 79.26 46.09 50.63
N ARG SB 12 78.30 46.43 51.47
CA ARG SB 12 77.07 47.06 51.06
C ARG SB 12 77.04 48.57 51.20
N LYS SB 13 78.04 49.17 51.81
CA LYS SB 13 78.03 50.62 51.86
C LYS SB 13 79.23 51.24 51.18
N TRP SB 14 80.42 51.23 51.78
CA TRP SB 14 81.53 51.67 50.94
C TRP SB 14 81.84 50.68 49.84
N TYR SB 15 81.76 49.39 50.11
CA TYR SB 15 82.06 48.45 49.05
C TYR SB 15 80.80 47.99 48.35
N TYR SB 16 79.62 48.38 48.79
CA TYR SB 16 78.58 48.63 47.80
C TYR SB 16 78.44 50.08 47.47
N ASN SB 17 79.33 50.93 47.96
CA ASN SB 17 79.63 51.88 46.90
C ASN SB 17 80.34 51.11 45.78
N ALA SB 18 81.19 50.15 46.16
CA ALA SB 18 81.87 49.31 45.18
C ALA SB 18 81.00 48.21 44.58
N ALA SB 19 80.23 47.48 45.41
CA ALA SB 19 79.33 46.41 44.98
C ALA SB 19 77.92 46.91 44.67
N GLY SB 20 77.66 48.17 44.98
CA GLY SB 20 76.64 49.02 44.39
C GLY SB 20 75.38 49.20 45.21
N PHE SB 21 75.00 48.21 45.99
CA PHE SB 21 73.62 48.09 46.41
C PHE SB 21 73.13 49.37 47.08
N ASN SB 22 73.74 49.73 48.19
CA ASN SB 22 73.20 50.85 48.94
C ASN SB 22 73.57 52.18 48.31
N LYS SB 23 74.76 52.29 47.74
CA LYS SB 23 75.04 53.50 47.00
C LYS SB 23 74.14 53.60 45.79
N LEU SB 24 73.79 52.45 45.21
CA LEU SB 24 72.64 52.43 44.32
C LEU SB 24 71.36 52.68 45.06
N GLY SB 25 71.40 52.81 46.38
CA GLY SB 25 70.18 53.12 47.09
C GLY SB 25 69.24 51.96 47.18
N LEU SB 26 69.77 50.74 47.19
CA LEU SB 26 68.90 49.59 47.17
C LEU SB 26 68.22 49.41 48.52
N MET SB 27 67.32 48.43 48.60
CA MET SB 27 66.69 48.06 49.85
C MET SB 27 67.39 46.82 50.38
N ARG SB 28 67.95 46.94 51.58
CA ARG SB 28 68.71 45.87 52.20
C ARG SB 28 67.96 44.57 52.07
N ASP SB 29 66.79 44.52 52.70
CA ASP SB 29 65.95 43.33 52.60
C ASP SB 29 65.79 42.89 51.16
N ASP SB 30 65.54 43.84 50.25
CA ASP SB 30 65.28 43.47 48.87
C ASP SB 30 66.41 42.62 48.29
N THR SB 31 67.59 42.68 48.87
CA THR SB 31 68.73 41.97 48.32
C THR SB 31 68.64 40.45 48.48
N ILE SB 32 67.74 39.95 49.33
CA ILE SB 32 67.70 38.52 49.55
C ILE SB 32 67.35 37.82 48.25
N HIS SB 33 68.16 36.85 47.87
CA HIS SB 33 67.84 36.07 46.69
C HIS SB 33 66.46 35.47 46.82
N GLU SB 34 65.68 35.55 45.75
CA GLU SB 34 64.33 35.04 45.80
C GLU SB 34 64.35 33.55 46.11
N ASN SB 35 63.62 33.15 47.13
CA ASN SB 35 63.39 31.75 47.45
C ASN SB 35 61.93 31.58 47.75
N ASP SB 36 61.52 30.32 47.95
CA ASP SB 36 60.14 30.07 48.32
C ASP SB 36 59.79 30.80 49.62
N ASP SB 37 60.55 30.51 50.67
CA ASP SB 37 60.38 31.24 51.91
C ASP SB 37 60.36 32.73 51.63
N VAL SB 38 61.35 33.19 50.89
CA VAL SB 38 61.31 34.57 50.43
C VAL SB 38 60.00 34.84 49.72
N LYS SB 39 59.58 33.90 48.87
CA LYS SB 39 58.41 34.17 48.05
C LYS SB 39 57.20 34.50 48.90
N GLU SB 40 56.64 33.49 49.55
CA GLU SB 40 55.44 33.74 50.34
C GLU SB 40 55.73 34.76 51.41
N ALA SB 41 56.98 34.84 51.84
CA ALA SB 41 57.40 35.90 52.73
C ALA SB 41 56.93 37.24 52.18
N ILE SB 42 57.28 37.51 50.93
CA ILE SB 42 56.82 38.74 50.32
C ILE SB 42 55.31 38.72 50.19
N ARG SB 43 54.74 37.55 49.88
CA ARG SB 43 53.30 37.48 49.73
C ARG SB 43 52.62 38.07 50.94
N ARG SB 44 53.22 37.90 52.10
CA ARG SB 44 52.70 38.45 53.34
C ARG SB 44 53.14 39.88 53.58
N LEU SB 45 53.87 40.48 52.63
CA LEU SB 45 54.47 41.76 52.92
C LEU SB 45 53.41 42.81 53.21
N PRO SB 46 53.82 43.92 53.84
CA PRO SB 46 52.89 45.03 54.04
C PRO SB 46 52.70 45.83 52.76
N GLU SB 47 51.55 46.48 52.67
CA GLU SB 47 51.11 47.04 51.39
C GLU SB 47 51.91 48.29 51.04
N ASN SB 48 51.73 49.35 51.83
CA ASN SB 48 52.50 50.56 51.60
C ASN SB 48 53.95 50.21 51.37
N LEU SB 49 54.46 49.28 52.18
CA LEU SB 49 55.76 48.70 51.91
C LEU SB 49 55.84 48.23 50.47
N TYR SB 50 54.91 47.35 50.07
CA TYR SB 50 55.00 46.73 48.76
C TYR SB 50 55.22 47.78 47.69
N ASP SB 51 54.39 48.82 47.73
CA ASP SB 51 54.62 49.94 46.83
C ASP SB 51 56.05 50.41 46.94
N ASP SB 52 56.51 50.66 48.16
CA ASP SB 52 57.82 51.25 48.33
C ASP SB 52 58.88 50.41 47.65
N ARG SB 53 58.99 49.16 48.07
CA ARG SB 53 59.96 48.27 47.45
C ARG SB 53 59.77 48.21 45.96
N VAL SB 54 58.54 48.39 45.50
CA VAL SB 54 58.31 48.38 44.08
C VAL SB 54 59.07 49.51 43.43
N PHE SB 55 58.75 50.75 43.82
CA PHE SB 55 59.39 51.90 43.21
C PHE SB 55 60.89 51.78 43.29
N ARG SB 56 61.38 51.35 44.45
CA ARG SB 56 62.79 51.08 44.59
C ARG SB 56 63.27 50.17 43.48
N ILE SB 57 62.63 49.01 43.37
CA ILE SB 57 63.11 47.99 42.45
C ILE SB 57 63.13 48.54 41.03
N LYS SB 58 61.98 49.02 40.58
CA LYS SB 58 61.87 49.53 39.23
C LYS SB 58 62.98 50.53 38.96
N ARG SB 59 63.07 51.56 39.81
CA ARG SB 59 64.10 52.56 39.64
C ARG SB 59 65.45 51.90 39.46
N ALA SB 60 65.77 50.96 40.35
CA ALA SB 60 67.02 50.24 40.23
C ALA SB 60 67.21 49.74 38.83
N LEU SB 61 66.19 49.06 38.30
CA LEU SB 61 66.26 48.66 36.92
C LEU SB 61 66.51 49.85 36.02
N ASP SB 62 66.01 51.00 36.40
CA ASP SB 62 65.98 52.10 35.48
C ASP SB 62 67.39 52.57 35.28
N LEU SB 63 68.00 53.09 36.34
CA LEU SB 63 69.40 53.49 36.21
C LEU SB 63 70.25 52.35 35.71
N SER SB 64 69.91 51.13 36.11
CA SER SB 64 70.65 49.97 35.66
C SER SB 64 70.79 49.97 34.15
N MET SB 65 69.65 50.00 33.47
CA MET SB 65 69.66 50.18 32.04
C MET SB 65 70.44 51.43 31.68
N ARG SB 66 70.06 52.55 32.29
CA ARG SB 66 70.82 53.76 32.11
C ARG SB 66 72.28 53.57 32.50
N GLN SB 67 72.59 52.51 33.22
CA GLN SB 67 73.95 52.24 33.65
C GLN SB 67 74.51 53.44 34.41
N GLN SB 68 73.61 54.25 34.96
CA GLN SB 68 73.98 55.37 35.80
C GLN SB 68 73.60 55.05 37.24
N ILE SB 69 73.87 56.00 38.14
CA ILE SB 69 73.43 55.89 39.52
C ILE SB 69 72.96 57.26 39.96
N LEU SB 70 72.19 57.28 41.04
CA LEU SB 70 71.65 58.52 41.57
C LEU SB 70 72.78 59.38 42.09
N PRO SB 71 72.49 60.65 42.40
CA PRO SB 71 73.51 61.47 43.06
C PRO SB 71 74.08 60.72 44.25
N LYS SB 72 75.40 60.78 44.41
CA LYS SB 72 75.99 60.20 45.60
C LYS SB 72 75.28 60.74 46.82
N GLU SB 73 74.89 62.00 46.77
CA GLU SB 73 73.92 62.51 47.73
C GLU SB 73 72.65 61.66 47.67
N GLN SB 74 72.05 61.58 46.50
CA GLN SB 74 70.89 60.72 46.37
C GLN SB 74 71.24 59.28 46.72
N TRP SB 75 72.51 58.89 46.62
CA TRP SB 75 72.90 57.56 47.10
C TRP SB 75 72.50 57.43 48.56
N THR SB 76 72.02 56.25 48.93
CA THR SB 76 71.12 56.10 50.07
C THR SB 76 71.77 56.55 51.37
N LYS SB 77 70.93 57.00 52.31
CA LYS SB 77 71.40 57.40 53.62
C LYS SB 77 71.93 56.19 54.36
N TYR SB 78 73.13 56.30 54.90
CA TYR SB 78 73.73 55.13 55.53
C TYR SB 78 73.06 54.87 56.86
N GLU SB 79 73.42 53.73 57.46
CA GLU SB 79 72.66 53.21 58.60
C GLU SB 79 71.20 53.45 58.27
N GLU SB 80 70.45 53.99 59.22
CA GLU SB 80 69.22 54.72 58.96
C GLU SB 80 68.31 54.00 57.97
N ASP SB 81 68.31 52.67 58.01
CA ASP SB 81 67.50 51.87 57.09
C ASP SB 81 66.67 50.90 57.88
N LYS SB 82 65.36 51.10 57.87
CA LYS SB 82 64.48 50.14 58.48
C LYS SB 82 64.78 48.77 57.91
N PHE SB 83 64.75 47.77 58.75
CA PHE SB 83 64.84 46.42 58.26
C PHE SB 83 63.40 46.06 57.96
N TYR SB 84 63.07 46.04 56.67
CA TYR SB 84 61.66 46.07 56.32
C TYR SB 84 61.07 44.73 56.64
N LEU SB 85 61.44 43.72 55.87
CA LEU SB 85 60.95 42.39 56.14
C LEU SB 85 61.28 41.95 57.54
N GLU SB 86 62.53 42.16 57.97
CA GLU SB 86 63.14 41.38 59.04
C GLU SB 86 62.19 41.05 60.18
N PRO SB 87 61.36 41.97 60.66
CA PRO SB 87 60.26 41.52 61.52
C PRO SB 87 59.35 40.55 60.81
N TYR SB 88 58.88 40.92 59.62
CA TYR SB 88 57.98 40.04 58.92
C TYR SB 88 58.70 38.79 58.47
N LEU SB 89 59.78 38.96 57.73
CA LEU SB 89 60.62 37.88 57.30
C LEU SB 89 60.94 36.97 58.47
N LYS SB 90 61.77 37.47 59.36
CA LYS SB 90 62.21 36.68 60.49
C LYS SB 90 61.05 35.98 61.14
N GLU SB 91 59.91 36.66 61.25
CA GLU SB 91 58.71 35.96 61.67
C GLU SB 91 58.52 34.72 60.83
N VAL SB 92 58.59 34.87 59.50
CA VAL SB 92 58.45 33.70 58.65
C VAL SB 92 59.58 32.72 58.92
N ILE SB 93 60.77 33.21 59.24
CA ILE SB 93 61.85 32.30 59.61
C ILE SB 93 61.38 31.40 60.72
N ARG SB 94 60.67 31.97 61.70
CA ARG SB 94 60.05 31.15 62.71
C ARG SB 94 58.97 30.27 62.10
N GLU SB 95 58.26 30.77 61.10
CA GLU SB 95 57.20 30.02 60.48
C GLU SB 95 57.74 28.73 59.90
N ARG SB 96 58.52 28.86 58.82
CA ARG SB 96 59.17 27.70 58.25
C ARG SB 96 59.99 26.97 59.28
N LYS SB 97 60.34 27.64 60.37
CA LYS SB 97 60.89 26.94 61.51
C LYS SB 97 59.81 26.18 62.26
N GLU SB 98 58.56 26.45 61.93
CA GLU SB 98 57.46 25.89 62.69
C GLU SB 98 56.85 24.75 61.90
N ARG SB 99 56.38 25.06 60.70
CA ARG SB 99 56.16 24.02 59.72
C ARG SB 99 57.38 23.13 59.78
N GLU SB 100 58.56 23.73 59.79
CA GLU SB 100 59.76 22.94 59.98
C GLU SB 100 59.79 22.30 61.35
N GLU SB 101 59.07 22.86 62.30
CA GLU SB 101 59.27 22.39 63.66
C GLU SB 101 58.44 21.14 63.90
N TRP SB 102 57.13 21.31 63.97
CA TRP SB 102 56.25 20.15 64.03
C TRP SB 102 56.56 19.20 62.88
N ALA SB 103 57.06 19.75 61.79
CA ALA SB 103 57.64 18.90 60.76
C ALA SB 103 58.69 18.00 61.37
N LYS SB 104 59.66 18.58 62.07
CA LYS SB 104 60.60 17.74 62.79
C LYS SB 104 59.86 16.81 63.72
N LYS SB 105 58.78 17.29 64.34
CA LYS SB 105 57.98 16.46 65.19
C LYS SB 105 57.29 15.39 64.35
N GLY TB 1 56.00 30.51 31.94
CA GLY TB 1 54.57 30.76 31.80
C GLY TB 1 54.29 32.17 31.33
N ARG TB 2 54.17 33.08 32.29
CA ARG TB 2 54.25 34.51 32.02
C ARG TB 2 53.26 35.00 30.97
N GLN TB 3 53.79 35.45 29.82
CA GLN TB 3 53.05 36.26 28.85
C GLN TB 3 52.66 37.53 29.59
N PHE TB 4 51.37 37.83 29.75
CA PHE TB 4 50.97 39.02 30.48
C PHE TB 4 49.56 38.81 30.99
N GLY TB 5 49.14 39.69 31.89
CA GLY TB 5 47.76 39.80 32.26
C GLY TB 5 47.35 38.90 33.40
N HIS TB 6 48.06 37.81 33.59
CA HIS TB 6 48.17 37.19 34.89
C HIS TB 6 49.43 37.64 35.60
N LEU TB 7 50.17 38.56 35.00
CA LEU TB 7 51.56 38.79 35.35
C LEU TB 7 51.80 39.08 36.81
N THR TB 8 51.45 40.27 37.26
CA THR TB 8 51.82 40.69 38.61
C THR TB 8 51.02 41.93 38.96
N ARG TB 9 51.19 42.40 40.21
CA ARG TB 9 50.33 43.43 40.78
C ARG TB 9 51.11 44.72 40.95
N VAL TB 10 50.62 45.78 40.31
CA VAL TB 10 51.21 47.10 40.40
C VAL TB 10 50.10 48.10 40.67
N ARG TB 11 50.16 48.76 41.81
CA ARG TB 11 49.15 49.73 42.21
C ARG TB 11 49.79 51.09 42.40
N HIS TB 12 49.10 52.12 41.93
CA HIS TB 12 49.45 53.52 42.19
C HIS TB 12 50.84 53.88 41.70
N VAL TB 13 51.08 53.65 40.41
CA VAL TB 13 52.29 54.10 39.75
C VAL TB 13 51.91 54.68 38.38
N ILE TB 14 52.92 55.20 37.67
CA ILE TB 14 52.68 56.01 36.48
C ILE TB 14 53.91 56.01 35.60
N THR TB 15 53.72 56.44 34.35
CA THR TB 15 54.71 56.30 33.30
C THR TB 15 54.79 57.59 32.49
N TYR TB 16 55.76 57.65 31.59
CA TYR TB 16 55.77 58.64 30.51
C TYR TB 16 56.56 58.09 29.34
N SER TB 17 56.12 58.40 28.12
CA SER TB 17 56.66 57.79 26.91
C SER TB 17 57.02 58.87 25.89
N LEU TB 18 57.73 58.46 24.85
CA LEU TB 18 58.06 59.41 23.79
C LEU TB 18 58.30 58.64 22.49
N SER TB 19 57.92 59.27 21.38
CA SER TB 19 58.07 58.60 20.10
C SER TB 19 59.54 58.57 19.68
N PRO TB 20 59.96 57.51 19.00
CA PRO TB 20 61.39 57.36 18.75
C PRO TB 20 61.99 58.49 17.96
N PHE TB 21 61.36 58.84 16.84
CA PHE TB 21 61.98 59.82 15.97
C PHE TB 21 62.25 61.13 16.68
N GLU TB 22 61.67 61.31 17.86
CA GLU TB 22 61.82 62.57 18.57
C GLU TB 22 63.27 62.86 18.89
N GLN TB 23 63.94 61.94 19.58
CA GLN TB 23 65.20 62.26 20.24
C GLN TB 23 66.33 62.35 19.23
N ARG TB 24 67.51 62.66 19.76
CA ARG TB 24 68.76 62.60 19.01
C ARG TB 24 69.53 61.36 19.45
N ALA TB 25 70.20 60.73 18.49
CA ALA TB 25 70.80 59.42 18.76
C ALA TB 25 71.87 59.51 19.82
N PHE TB 26 72.57 60.63 19.93
CA PHE TB 26 73.79 60.71 20.73
C PHE TB 26 73.88 62.06 21.43
N PRO TB 27 72.97 62.36 22.34
CA PRO TB 27 73.12 63.55 23.16
C PRO TB 27 74.36 63.43 24.03
N HIS TB 28 75.19 64.47 24.00
CA HIS TB 28 76.40 64.49 24.81
C HIS TB 28 77.23 63.23 24.59
N TYR TB 29 77.18 62.68 23.39
CA TYR TB 29 77.74 61.36 23.12
C TYR TB 29 79.14 61.23 23.69
N PHE TB 30 80.11 61.89 23.07
CA PHE TB 30 81.44 61.95 23.64
C PHE TB 30 81.37 62.50 25.06
N SER TB 31 80.67 63.62 25.23
CA SER TB 31 80.53 64.27 26.51
C SER TB 31 80.08 63.28 27.56
N LYS TB 32 78.85 62.78 27.42
CA LYS TB 32 78.32 61.88 28.41
C LYS TB 32 79.13 60.61 28.56
N GLY TB 33 79.90 60.19 27.56
CA GLY TB 33 80.60 58.93 27.70
C GLY TB 33 81.50 58.93 28.91
N ILE TB 34 82.47 59.82 28.91
CA ILE TB 34 82.87 60.49 30.14
C ILE TB 34 83.52 59.58 31.16
N PRO TB 35 84.04 60.17 32.20
CA PRO TB 35 84.23 59.46 33.46
C PRO TB 35 82.93 58.85 33.96
N ASN TB 36 81.83 59.08 33.24
CA ASN TB 36 80.77 58.09 33.27
C ASN TB 36 81.31 56.74 32.83
N VAL TB 37 81.88 56.71 31.62
CA VAL TB 37 82.55 55.50 31.19
C VAL TB 37 83.58 55.09 32.22
N LEU TB 38 84.48 56.00 32.57
CA LEU TB 38 85.40 55.68 33.64
C LEU TB 38 84.68 55.47 34.96
N ARG TB 39 83.40 55.78 35.03
CA ARG TB 39 82.72 55.57 36.29
C ARG TB 39 82.44 54.10 36.45
N ARG TB 40 81.89 53.48 35.41
CA ARG TB 40 81.79 52.02 35.45
C ARG TB 40 83.17 51.39 35.51
N THR TB 41 83.99 51.63 34.49
CA THR TB 41 85.27 50.96 34.38
C THR TB 41 86.14 51.28 35.59
N ARG TB 42 86.55 52.53 35.65
CA ARG TB 42 87.36 53.00 36.75
C ARG TB 42 86.79 52.54 38.07
N ALA TB 43 85.47 52.60 38.20
CA ALA TB 43 84.85 52.08 39.41
C ALA TB 43 85.29 50.65 39.66
N CYS TB 44 85.34 49.84 38.63
CA CYS TB 44 85.61 48.42 38.83
C CYS TB 44 87.10 48.11 38.95
N ILE TB 45 87.96 49.01 38.48
CA ILE TB 45 89.34 48.63 38.19
C ILE TB 45 89.98 47.93 39.37
N LEU TB 46 89.98 48.60 40.52
CA LEU TB 46 90.64 48.05 41.70
C LEU TB 46 90.15 46.64 41.97
N ARG TB 47 88.84 46.47 41.98
CA ARG TB 47 88.30 45.13 42.11
C ARG TB 47 88.91 44.20 41.08
N VAL TB 48 89.16 44.71 39.88
CA VAL TB 48 89.54 43.83 38.78
C VAL TB 48 90.98 43.33 38.95
N ALA TB 49 91.91 44.25 39.09
CA ALA TB 49 93.27 44.05 38.58
C ALA TB 49 94.09 42.92 39.20
N PRO TB 50 94.02 42.77 40.52
CA PRO TB 50 95.11 42.11 41.25
C PRO TB 50 95.47 40.77 40.64
N PRO TB 51 94.46 39.96 40.32
CA PRO TB 51 94.79 38.66 39.73
C PRO TB 51 95.61 38.80 38.47
N PHE TB 52 95.16 39.65 37.56
CA PHE TB 52 95.94 39.87 36.35
C PHE TB 52 97.34 40.31 36.69
N VAL TB 53 97.47 41.15 37.70
CA VAL TB 53 98.80 41.54 38.15
C VAL TB 53 99.62 40.29 38.42
N VAL TB 54 99.09 39.43 39.28
CA VAL TB 54 99.78 38.18 39.59
C VAL TB 54 100.14 37.45 38.32
N PHE TB 55 99.27 37.53 37.33
CA PHE TB 55 99.51 36.85 36.07
C PHE TB 55 100.79 37.36 35.45
N TYR TB 56 100.77 38.60 34.99
CA TYR TB 56 101.96 39.12 34.33
C TYR TB 56 103.18 38.83 35.16
N LEU TB 57 103.04 39.04 36.47
CA LEU TB 57 104.07 38.63 37.40
C LEU TB 57 104.44 37.18 37.20
N VAL TB 58 103.52 36.37 36.74
CA VAL TB 58 103.77 34.95 36.71
C VAL TB 58 104.42 34.63 35.38
N TYR TB 59 103.64 34.65 34.30
CA TYR TB 59 104.17 34.26 33.00
C TYR TB 59 105.50 34.94 32.76
N THR TB 60 105.58 36.22 33.12
CA THR TB 60 106.88 36.84 33.23
C THR TB 60 107.78 36.03 34.16
N TRP TB 61 107.32 35.85 35.39
CA TRP TB 61 108.17 35.30 36.44
C TRP TB 61 108.70 33.93 36.10
N GLY TB 62 107.83 32.93 36.18
CA GLY TB 62 108.21 31.60 35.78
C GLY TB 62 108.83 31.57 34.41
N THR TB 63 108.37 32.43 33.50
CA THR TB 63 109.03 32.53 32.21
C THR TB 63 110.52 32.68 32.42
N GLN TB 64 110.89 33.56 33.35
CA GLN TB 64 112.27 33.63 33.75
C GLN TB 64 112.71 32.35 34.43
N GLU TB 65 111.86 31.80 35.29
CA GLU TB 65 112.29 30.70 36.12
C GLU TB 65 112.77 29.53 35.27
N PHE TB 66 111.88 28.99 34.44
CA PHE TB 66 112.26 27.91 33.55
C PHE TB 66 113.23 28.40 32.50
N GLU TB 67 113.00 29.59 31.96
CA GLU TB 67 113.84 30.09 30.88
C GLU TB 67 115.31 30.03 31.29
N LYS TB 68 115.64 30.70 32.39
CA LYS TB 68 116.96 30.57 32.96
C LYS TB 68 117.27 29.12 33.25
N SER TB 69 116.28 28.39 33.75
CA SER TB 69 116.51 26.99 34.07
C SER TB 69 116.97 26.21 32.86
N LYS TB 70 116.85 26.77 31.67
CA LYS TB 70 117.33 26.13 30.47
C LYS TB 70 118.79 26.44 30.18
N ARG TB 71 119.42 27.27 30.99
CA ARG TB 71 120.82 27.63 30.77
C ARG TB 71 121.75 26.56 31.34
N LYS TB 72 122.91 26.38 30.70
CA LYS TB 72 123.90 25.41 31.09
C LYS TB 72 125.08 26.09 31.78
N ASN TB 73 125.67 25.41 32.77
CA ASN TB 73 126.72 25.98 33.60
C ASN TB 73 128.03 25.19 33.47
N PRO TB 74 129.05 25.51 34.24
CA PRO TB 74 130.36 24.90 34.06
C PRO TB 74 130.54 23.64 34.89
N ALA TB 75 131.75 23.08 34.81
CA ALA TB 75 132.10 21.84 35.49
C ALA TB 75 131.20 20.70 35.06
N GLU UB 1 132.26 37.00 -5.35
CA GLU UB 1 132.15 37.84 -4.17
C GLU UB 1 130.83 38.59 -4.16
N LEU UB 2 129.75 37.85 -4.43
CA LEU UB 2 128.43 38.45 -4.55
C LEU UB 2 128.06 39.19 -3.27
N VAL UB 3 127.26 40.25 -3.43
CA VAL UB 3 126.83 41.01 -2.27
C VAL UB 3 126.12 40.05 -1.35
N ASP UB 4 126.68 39.89 -0.16
CA ASP UB 4 126.25 38.84 0.74
C ASP UB 4 126.36 39.40 2.13
N PRO UB 5 125.37 40.10 2.61
CA PRO UB 5 125.38 40.44 4.03
C PRO UB 5 125.78 39.22 4.84
N LEU UB 6 125.39 38.06 4.31
CA LEU UB 6 125.95 36.77 4.67
C LEU UB 6 127.45 36.87 4.77
N THR UB 7 128.10 37.21 3.67
CA THR UB 7 129.53 37.46 3.68
C THR UB 7 129.80 38.96 3.80
N THR UB 8 129.34 39.72 2.80
CA THR UB 8 129.63 41.15 2.72
C THR UB 8 129.41 41.87 4.04
N VAL UB 9 128.16 42.05 4.45
CA VAL UB 9 127.91 42.78 5.68
C VAL UB 9 128.37 42.00 6.90
N ARG UB 10 128.46 40.68 6.81
CA ARG UB 10 129.05 39.94 7.92
C ARG UB 10 130.38 40.53 8.31
N GLU UB 11 131.09 41.13 7.36
CA GLU UB 11 132.18 41.99 7.76
C GLU UB 11 131.60 43.25 8.39
N GLN UB 12 130.89 44.03 7.58
CA GLN UB 12 130.36 45.30 8.06
C GLN UB 12 129.51 45.10 9.30
N CYS UB 13 128.44 44.34 9.17
CA CYS UB 13 127.51 44.17 10.27
C CYS UB 13 128.20 43.58 11.48
N GLU UB 14 128.79 42.39 11.31
CA GLU UB 14 129.31 41.68 12.47
C GLU UB 14 130.44 42.41 13.14
N GLN UB 15 130.90 43.52 12.59
CA GLN UB 15 131.78 44.40 13.34
C GLN UB 15 131.12 44.95 14.60
N LEU UB 16 129.85 44.64 14.81
CA LEU UB 16 129.05 45.25 15.87
C LEU UB 16 129.70 45.10 17.24
N GLU UB 17 129.45 46.10 18.08
CA GLU UB 17 129.96 46.15 19.43
C GLU UB 17 129.53 44.93 20.21
N LYS UB 18 128.25 44.85 20.53
CA LYS UB 18 127.76 43.70 21.28
C LYS UB 18 128.26 42.41 20.65
N CYS UB 19 128.17 42.34 19.33
CA CYS UB 19 128.76 41.21 18.61
C CYS UB 19 130.20 40.99 19.04
N VAL UB 20 130.95 42.06 19.17
CA VAL UB 20 132.34 41.91 19.56
C VAL UB 20 132.42 41.37 20.97
N LYS UB 21 131.53 41.81 21.86
CA LYS UB 21 131.54 41.31 23.22
C LYS UB 21 131.34 39.81 23.22
N ALA UB 22 130.28 39.37 22.56
CA ALA UB 22 130.05 37.95 22.40
C ALA UB 22 131.26 37.28 21.81
N ARG UB 23 131.98 37.98 20.93
CA ARG UB 23 133.23 37.42 20.45
C ARG UB 23 134.21 37.27 21.59
N GLU UB 24 134.20 38.21 22.52
CA GLU UB 24 135.11 38.14 23.64
C GLU UB 24 134.81 36.93 24.51
N ARG UB 25 133.60 36.87 25.04
CA ARG UB 25 133.21 35.69 25.78
C ARG UB 25 133.40 34.45 24.92
N LEU UB 26 133.35 34.64 23.61
CA LEU UB 26 133.23 33.54 22.67
C LEU UB 26 134.58 32.85 22.53
N GLU UB 27 135.52 33.51 21.85
CA GLU UB 27 136.85 32.93 21.78
C GLU UB 27 137.39 32.66 23.17
N LEU UB 28 136.95 33.45 24.16
CA LEU UB 28 137.34 33.20 25.54
C LEU UB 28 137.03 31.77 25.93
N CYS UB 29 135.77 31.37 25.80
CA CYS UB 29 135.44 29.98 26.08
C CYS UB 29 136.13 29.06 25.10
N ASP UB 30 136.26 29.49 23.85
CA ASP UB 30 136.86 28.66 22.81
C ASP UB 30 138.20 28.13 23.29
N GLU UB 31 139.08 29.04 23.70
CA GLU UB 31 140.31 28.61 24.31
C GLU UB 31 140.05 27.90 25.62
N ARG UB 32 139.05 28.33 26.38
CA ARG UB 32 138.83 27.78 27.70
C ARG UB 32 138.67 26.27 27.64
N VAL UB 33 137.55 25.81 27.09
CA VAL UB 33 137.37 24.39 26.88
C VAL UB 33 138.47 23.84 26.00
N SER UB 34 138.87 24.61 25.00
CA SER UB 34 139.86 24.14 24.03
C SER UB 34 141.05 23.57 24.74
N SER UB 35 141.51 24.23 25.78
CA SER UB 35 142.58 23.70 26.60
C SER UB 35 142.22 22.33 27.11
N ARG UB 36 140.99 22.17 27.59
CA ARG UB 36 140.62 20.92 28.23
C ARG UB 36 140.75 19.77 27.25
N SER UB 37 140.99 18.60 27.80
CA SER UB 37 141.04 17.37 27.04
C SER UB 37 140.14 16.36 27.71
N GLN UB 38 139.55 15.49 26.91
CA GLN UB 38 138.55 14.55 27.39
C GLN UB 38 137.47 15.28 28.18
N THR UB 39 136.66 16.04 27.45
CA THR UB 39 135.56 16.78 28.04
C THR UB 39 134.42 16.84 27.02
N GLU UB 40 133.21 16.92 27.52
CA GLU UB 40 132.07 16.79 26.62
C GLU UB 40 131.62 18.12 26.01
N GLU UB 41 132.04 19.24 26.55
CA GLU UB 41 131.39 20.51 26.23
C GLU UB 41 131.87 21.06 24.89
N ASP UB 42 130.93 21.40 24.01
CA ASP UB 42 131.22 22.14 22.80
C ASP UB 42 130.92 23.63 22.90
N CYS UB 43 130.32 24.08 24.01
CA CYS UB 43 130.14 25.51 24.28
C CYS UB 43 129.29 26.20 23.22
N THR UB 44 128.31 25.49 22.66
CA THR UB 44 127.55 26.05 21.56
C THR UB 44 126.82 27.33 21.93
N GLU UB 45 126.58 27.53 23.23
CA GLU UB 45 125.75 28.64 23.67
C GLU UB 45 126.19 29.93 23.01
N GLU UB 46 127.49 30.21 23.06
CA GLU UB 46 128.00 31.43 22.45
C GLU UB 46 127.66 31.47 20.98
N LEU UB 47 128.12 30.47 20.23
CA LEU UB 47 127.91 30.45 18.79
C LEU UB 47 126.47 30.77 18.48
N PHE UB 48 125.57 30.12 19.20
CA PHE UB 48 124.17 30.48 19.12
C PHE UB 48 124.01 31.97 19.29
N ASP UB 49 124.51 32.52 20.41
CA ASP UB 49 124.24 33.91 20.72
C ASP UB 49 124.71 34.83 19.60
N PHE UB 50 126.00 34.74 19.28
CA PHE UB 50 126.57 35.57 18.22
C PHE UB 50 125.73 35.48 16.97
N LEU UB 51 125.37 34.26 16.59
CA LEU UB 51 124.46 34.09 15.48
C LEU UB 51 123.22 34.94 15.68
N HIS UB 52 122.66 34.90 16.89
CA HIS UB 52 121.38 35.56 17.15
C HIS UB 52 121.48 37.03 16.85
N ALA UB 53 122.56 37.67 17.29
CA ALA UB 53 122.73 39.07 16.95
C ALA UB 53 122.93 39.22 15.45
N ARG UB 54 123.81 38.40 14.88
CA ARG UB 54 124.12 38.48 13.46
C ARG UB 54 122.85 38.55 12.65
N ASP UB 55 121.88 37.74 13.01
CA ASP UB 55 120.58 37.82 12.38
C ASP UB 55 119.89 39.13 12.77
N HIS UB 56 119.86 39.42 14.08
CA HIS UB 56 119.11 40.52 14.65
C HIS UB 56 119.32 41.75 13.81
N CYS UB 57 120.57 42.19 13.70
CA CYS UB 57 120.83 43.25 12.74
C CYS UB 57 120.67 42.78 11.31
N VAL UB 58 120.95 41.50 11.05
CA VAL UB 58 121.18 41.08 9.67
C VAL UB 58 119.96 41.35 8.81
N ALA UB 59 118.83 40.73 9.18
CA ALA UB 59 117.62 41.00 8.42
C ALA UB 59 117.20 42.44 8.57
N HIS UB 60 117.57 43.09 9.69
CA HIS UB 60 117.35 44.53 9.81
C HIS UB 60 118.15 45.30 8.78
N LYS UB 61 119.00 44.63 8.03
CA LYS UB 61 119.77 45.23 6.96
C LYS UB 61 119.64 44.43 5.67
N LEU UB 62 120.03 43.16 5.74
CA LEU UB 62 120.30 42.36 4.56
C LEU UB 62 119.18 42.47 3.54
N PHE UB 63 117.95 42.19 3.95
CA PHE UB 63 116.84 42.31 3.03
C PHE UB 63 116.77 43.72 2.46
N ASN UB 64 116.68 44.70 3.34
CA ASN UB 64 116.75 46.10 2.93
C ASN UB 64 117.90 46.30 1.97
N SER UB 65 119.00 45.63 2.23
CA SER UB 65 120.07 45.57 1.25
C SER UB 65 119.65 44.67 0.09
N LEU UB 66 119.43 43.40 0.37
CA LEU UB 66 119.35 42.39 -0.67
C LEU UB 66 118.34 42.76 -1.74
N LYS UB 67 118.66 42.40 -2.98
CA LYS UB 67 117.78 42.63 -4.12
C LYS UB 67 117.88 41.46 -5.09
N MET VB 1 -4.58 63.49 24.35
CA MET VB 1 -5.65 62.49 24.38
C MET VB 1 -5.15 61.00 24.52
N LEU VB 2 -3.83 60.77 24.45
CA LEU VB 2 -3.19 59.69 25.20
C LEU VB 2 -1.76 60.06 25.61
N SER VB 3 -1.41 59.92 26.88
CA SER VB 3 -0.23 60.61 27.38
C SER VB 3 0.69 59.68 28.16
N VAL VB 4 1.99 59.70 27.81
CA VAL VB 4 3.03 58.93 28.52
C VAL VB 4 4.21 59.49 29.39
N ALA VB 5 4.52 60.79 29.49
CA ALA VB 5 5.98 61.08 29.55
C ALA VB 5 6.81 61.74 30.72
N ALA VB 6 6.73 63.06 30.86
CA ALA VB 6 7.94 63.92 30.90
C ALA VB 6 8.69 64.42 32.17
N ARG VB 7 8.39 63.95 33.38
CA ARG VB 7 8.68 64.70 34.59
C ARG VB 7 10.14 64.56 35.09
N SER VB 8 11.07 64.13 34.23
CA SER VB 8 12.47 64.53 34.38
C SER VB 8 13.30 63.96 35.53
N GLY VB 9 13.86 62.77 35.32
CA GLY VB 9 14.87 62.22 36.21
C GLY VB 9 14.52 60.90 36.85
N PRO VB 10 13.32 60.44 36.64
CA PRO VB 10 12.98 59.07 37.01
C PRO VB 10 13.31 58.09 35.92
N PHE VB 11 12.78 56.88 36.01
CA PHE VB 11 13.22 55.80 35.14
C PHE VB 11 12.05 55.06 34.51
N ALA VB 12 11.97 55.10 33.18
CA ALA VB 12 11.18 54.17 32.38
C ALA VB 12 12.02 53.80 31.17
N PRO VB 13 12.74 52.69 31.23
CA PRO VB 13 13.92 52.52 30.36
C PRO VB 13 13.68 52.78 28.89
N VAL VB 14 14.74 53.23 28.23
CA VAL VB 14 14.81 53.33 26.79
C VAL VB 14 16.09 52.65 26.40
N LEU VB 15 15.99 51.64 25.54
CA LEU VB 15 17.18 50.88 25.21
C LEU VB 15 17.02 50.32 23.80
N SER VB 16 18.16 50.01 23.19
CA SER VB 16 18.20 49.36 21.89
C SER VB 16 19.57 48.72 21.72
N ALA VB 17 19.72 48.00 20.62
CA ALA VB 17 21.03 47.47 20.24
C ALA VB 17 21.83 48.54 19.52
N THR VB 18 21.30 49.04 18.40
CA THR VB 18 21.91 50.13 17.68
C THR VB 18 22.30 51.25 18.65
N SER VB 19 21.38 51.58 19.54
CA SER VB 19 21.64 52.55 20.58
C SER VB 19 22.11 51.84 21.85
N ARG VB 20 22.16 52.58 22.94
CA ARG VB 20 22.36 52.05 24.29
C ARG VB 20 21.12 52.35 25.13
N GLY VB 21 21.15 51.95 26.40
CA GLY VB 21 19.98 52.05 27.24
C GLY VB 21 19.97 53.29 28.11
N VAL VB 22 18.77 53.64 28.59
CA VAL VB 22 18.59 54.73 29.55
C VAL VB 22 17.14 54.88 29.96
N ALA VB 23 16.91 55.50 31.12
CA ALA VB 23 15.56 55.85 31.57
C ALA VB 23 15.58 57.22 32.21
N GLY VB 24 14.91 58.18 31.60
CA GLY VB 24 14.89 59.55 32.10
C GLY VB 24 13.58 59.97 32.70
N ALA VB 25 12.77 59.01 33.14
CA ALA VB 25 11.32 59.14 33.07
C ALA VB 25 10.74 60.19 34.01
N LEU VB 26 9.41 60.27 33.96
CA LEU VB 26 8.66 61.21 34.77
C LEU VB 26 8.97 61.01 36.24
N ARG VB 27 9.14 62.13 36.93
CA ARG VB 27 9.70 62.41 38.25
C ARG VB 27 11.19 62.75 38.28
N PRO VB 28 11.59 63.40 39.35
CA PRO VB 28 12.94 63.95 39.53
C PRO VB 28 13.92 62.92 40.03
N LEU VB 29 14.87 63.37 40.88
CA LEU VB 29 16.03 62.67 41.47
C LEU VB 29 17.42 63.02 40.96
N VAL VB 30 17.55 64.05 40.12
CA VAL VB 30 18.82 64.35 39.45
C VAL VB 30 19.68 65.42 40.19
N GLN VB 31 19.33 65.86 41.39
CA GLN VB 31 19.80 67.15 41.91
C GLN VB 31 21.14 67.06 42.69
N ALA VB 32 21.83 65.92 42.68
CA ALA VB 32 22.81 65.59 43.71
C ALA VB 32 24.20 66.19 43.48
N ALA VB 33 24.41 67.00 42.44
CA ALA VB 33 25.78 67.20 41.94
C ALA VB 33 26.61 68.17 42.81
N VAL VB 34 26.07 68.71 43.91
CA VAL VB 34 26.53 69.97 44.46
C VAL VB 34 27.93 69.89 45.04
N PRO VB 35 28.32 68.89 45.90
CA PRO VB 35 29.31 69.16 46.96
C PRO VB 35 30.74 69.37 46.45
N ALA VB 36 31.58 69.86 47.35
CA ALA VB 36 33.02 69.85 47.20
C ALA VB 36 33.54 68.42 47.25
N THR VB 37 34.78 68.22 46.84
CA THR VB 37 35.32 66.87 46.65
C THR VB 37 34.52 66.16 45.58
N SER VB 38 34.28 66.90 44.50
CA SER VB 38 33.38 66.50 43.44
C SER VB 38 34.01 65.48 42.54
N GLU VB 39 35.26 65.10 42.82
CA GLU VB 39 35.71 63.75 42.57
C GLU VB 39 35.26 63.28 41.21
N SER VB 40 34.65 62.08 41.16
CA SER VB 40 34.13 61.25 40.08
C SER VB 40 35.16 60.30 39.46
N PRO VB 41 34.66 59.15 38.94
CA PRO VB 41 35.51 58.01 38.60
C PRO VB 41 35.75 57.66 37.12
N VAL VB 42 36.50 56.55 36.94
CA VAL VB 42 36.57 55.67 35.77
C VAL VB 42 37.59 54.57 36.12
N LEU VB 43 37.80 53.60 35.21
CA LEU VB 43 38.89 52.56 35.18
C LEU VB 43 38.65 51.19 35.86
N ASP VB 44 37.52 50.91 36.50
CA ASP VB 44 37.33 49.62 37.16
C ASP VB 44 35.95 49.03 36.85
N LEU VB 45 35.94 47.92 36.07
CA LEU VB 45 34.80 46.98 35.93
C LEU VB 45 33.43 47.68 35.89
N LYS VB 46 33.20 48.45 34.84
CA LYS VB 46 32.07 49.37 34.85
C LYS VB 46 31.52 49.46 33.44
N ARG VB 47 30.71 50.50 33.18
CA ARG VB 47 29.92 50.63 31.97
C ARG VB 47 30.13 51.94 31.23
N SER VB 48 29.86 53.04 31.92
CA SER VB 48 29.75 54.44 31.48
C SER VB 48 28.61 54.59 30.46
N VAL VB 49 28.70 55.58 29.56
CA VAL VB 49 27.47 56.17 29.02
C VAL VB 49 27.70 57.19 27.93
N LEU VB 50 26.64 57.92 27.59
CA LEU VB 50 26.62 59.28 27.03
C LEU VB 50 26.68 59.41 25.51
N CYS VB 51 26.75 58.32 24.74
CA CYS VB 51 27.00 58.48 23.32
C CYS VB 51 25.79 59.11 22.62
N ARG VB 52 25.95 59.37 21.32
CA ARG VB 52 24.99 60.05 20.45
C ARG VB 52 25.61 60.20 19.07
N GLU VB 53 24.79 60.59 18.10
CA GLU VB 53 25.26 60.97 16.77
C GLU VB 53 24.48 62.19 16.28
N SER VB 54 25.18 63.30 16.03
CA SER VB 54 24.56 64.56 15.60
C SER VB 54 25.52 65.29 14.67
N LEU VB 55 25.04 65.84 13.55
CA LEU VB 55 26.01 66.58 12.74
C LEU VB 55 25.62 67.95 12.19
N ARG VB 56 24.81 67.99 11.15
CA ARG VB 56 24.85 69.17 10.27
C ARG VB 56 23.73 69.24 9.24
N GLY VB 57 23.84 70.17 8.31
CA GLY VB 57 22.94 70.25 7.19
C GLY VB 57 23.41 69.39 6.03
N ALA WB 1 63.75 68.68 -0.01
CA ALA WB 1 64.89 68.23 -0.80
C ALA WB 1 65.56 67.05 -0.11
N ALA WB 2 66.64 67.29 0.61
CA ALA WB 2 66.95 66.37 1.69
C ALA WB 2 65.73 66.19 2.56
N PRO WB 3 64.89 67.19 2.73
CA PRO WB 3 63.56 66.95 3.26
C PRO WB 3 62.68 66.16 2.33
N THR WB 4 62.89 66.27 1.03
CA THR WB 4 62.21 65.40 0.08
C THR WB 4 63.01 64.15 -0.17
N LEU WB 5 64.25 64.12 0.29
CA LEU WB 5 64.97 62.88 0.35
C LEU WB 5 64.42 62.05 1.48
N THR WB 6 64.54 62.56 2.69
CA THR WB 6 63.96 61.94 3.86
C THR WB 6 62.46 61.76 3.63
N ALA WB 7 61.83 62.78 3.09
CA ALA WB 7 60.38 62.77 2.98
C ALA WB 7 59.96 62.18 1.65
N ARG WB 8 60.12 62.92 0.56
CA ARG WB 8 59.81 62.35 -0.74
C ARG WB 8 60.52 61.03 -0.95
N LEU WB 9 61.78 60.93 -0.59
CA LEU WB 9 62.37 59.61 -0.66
C LEU WB 9 61.90 58.70 0.46
N TYR WB 10 61.20 59.21 1.47
CA TYR WB 10 60.25 58.31 2.11
C TYR WB 10 59.05 58.24 1.18
N SER WB 11 58.36 59.36 1.03
CA SER WB 11 57.12 59.44 0.26
C SER WB 11 57.27 58.79 -1.09
N LEU WB 12 58.00 59.44 -1.99
CA LEU WB 12 58.18 58.88 -3.31
C LEU WB 12 59.27 57.82 -3.30
N LEU WB 13 59.87 57.54 -2.16
CA LEU WB 13 60.63 56.31 -2.16
C LEU WB 13 60.34 55.43 -0.94
N PHE WB 14 60.80 55.81 0.25
CA PHE WB 14 60.76 54.85 1.35
C PHE WB 14 59.35 54.59 1.85
N ARG WB 15 58.38 55.42 1.47
CA ARG WB 15 57.02 55.23 1.96
C ARG WB 15 56.47 53.87 1.57
N ARG WB 16 56.20 53.66 0.29
CA ARG WB 16 55.65 52.38 -0.12
C ARG WB 16 56.66 51.28 0.19
N THR WB 17 56.21 50.29 0.94
CA THR WB 17 57.11 49.24 1.39
C THR WB 17 57.84 48.62 0.22
N SER WB 18 57.08 48.12 -0.75
CA SER WB 18 57.66 47.62 -1.98
C SER WB 18 58.68 48.61 -2.50
N THR WB 19 58.22 49.82 -2.80
CA THR WB 19 59.10 50.86 -3.32
C THR WB 19 60.39 50.93 -2.52
N PHE WB 20 60.28 50.88 -1.19
CA PHE WB 20 61.49 50.82 -0.38
C PHE WB 20 62.37 49.66 -0.82
N ALA WB 21 61.77 48.50 -1.05
CA ALA WB 21 62.56 47.33 -1.41
C ALA WB 21 63.16 47.47 -2.80
N LEU WB 22 62.30 47.69 -3.79
CA LEU WB 22 62.76 47.87 -5.16
C LEU WB 22 63.91 48.87 -5.19
N THR WB 23 63.77 49.94 -4.42
CA THR WB 23 64.90 50.82 -4.19
C THR WB 23 66.10 50.03 -3.71
N ILE WB 24 65.89 49.16 -2.72
CA ILE WB 24 67.03 48.48 -2.11
C ILE WB 24 67.81 47.71 -3.16
N VAL WB 25 67.15 46.80 -3.87
CA VAL WB 25 67.88 46.01 -4.86
C VAL WB 25 68.43 46.90 -5.96
N VAL WB 26 67.62 47.89 -6.36
CA VAL WB 26 68.03 48.86 -7.36
C VAL WB 26 69.41 49.38 -7.01
N GLY WB 27 69.65 49.62 -5.73
CA GLY WB 27 71.00 49.87 -5.28
C GLY WB 27 71.88 48.65 -5.44
N ALA WB 28 71.37 47.48 -5.05
CA ALA WB 28 72.21 46.29 -4.98
C ALA WB 28 73.04 46.15 -6.23
N LEU WB 29 72.43 46.45 -7.37
CA LEU WB 29 73.23 46.56 -8.58
C LEU WB 29 74.37 47.55 -8.43
N PHE WB 30 74.01 48.83 -8.40
CA PHE WB 30 75.01 49.89 -8.50
C PHE WB 30 76.12 49.69 -7.49
N PHE WB 31 75.74 49.56 -6.22
CA PHE WB 31 76.70 49.26 -5.18
C PHE WB 31 77.56 48.07 -5.57
N GLU WB 32 76.94 46.98 -6.01
CA GLU WB 32 77.68 45.76 -6.24
C GLU WB 32 78.81 45.99 -7.23
N ARG WB 33 78.47 46.38 -8.45
CA ARG WB 33 79.51 46.53 -9.45
C ARG WB 33 80.49 47.61 -9.05
N ALA WB 34 79.99 48.67 -8.44
CA ALA WB 34 80.86 49.79 -8.09
C ALA WB 34 81.93 49.36 -7.11
N PHE WB 35 81.49 48.92 -5.93
CA PHE WB 35 82.44 48.49 -4.92
C PHE WB 35 83.35 47.41 -5.47
N ASP WB 36 82.81 46.55 -6.32
CA ASP WB 36 83.66 45.65 -7.07
C ASP WB 36 84.79 46.44 -7.72
N GLN WB 37 84.44 47.53 -8.38
CA GLN WB 37 85.41 48.24 -9.19
C GLN WB 37 86.42 48.95 -8.31
N GLY WB 38 85.97 49.94 -7.56
CA GLY WB 38 86.88 50.68 -6.70
C GLY WB 38 87.70 49.77 -5.82
N ALA WB 39 87.09 48.68 -5.35
CA ALA WB 39 87.84 47.68 -4.61
C ALA WB 39 89.02 47.18 -5.42
N ASP WB 40 88.72 46.71 -6.63
CA ASP WB 40 89.77 46.30 -7.54
C ASP WB 40 90.85 47.36 -7.63
N ALA WB 41 90.45 48.63 -7.63
CA ALA WB 41 91.42 49.71 -7.66
C ALA WB 41 92.31 49.66 -6.43
N ILE WB 42 91.71 49.44 -5.26
CA ILE WB 42 92.51 49.39 -4.04
C ILE WB 42 93.59 48.35 -4.19
N TYR WB 43 93.18 47.11 -4.48
CA TYR WB 43 94.19 46.07 -4.69
C TYR WB 43 95.17 46.48 -5.77
N GLU WB 44 94.70 47.22 -6.76
CA GLU WB 44 95.55 47.60 -7.87
C GLU WB 44 96.69 48.47 -7.39
N HIS WB 45 96.35 49.62 -6.80
CA HIS WB 45 97.39 50.47 -6.26
C HIS WB 45 98.19 49.74 -5.19
N ILE WB 46 97.66 48.64 -4.65
CA ILE WB 46 98.38 47.94 -3.60
C ILE WB 46 99.71 47.43 -4.09
N ASN WB 47 99.78 46.81 -5.27
CA ASN WB 47 100.98 46.06 -5.60
C ASN WB 47 101.58 46.30 -6.98
N GLU WB 48 100.86 45.89 -8.04
CA GLU WB 48 101.41 45.74 -9.40
C GLU WB 48 102.49 44.66 -9.42
N GLY WB 49 102.22 43.54 -8.76
CA GLY WB 49 103.19 42.46 -8.65
C GLY WB 49 102.96 41.33 -9.61
N LYS WB 50 101.79 41.28 -10.24
CA LYS WB 50 101.49 40.24 -11.22
C LYS WB 50 100.34 40.69 -12.10
N LEU WB 51 100.21 39.99 -13.24
CA LEU WB 51 99.08 40.14 -14.16
C LEU WB 51 99.18 41.49 -14.87
N TRP WB 52 99.90 42.41 -14.24
CA TRP WB 52 100.67 43.38 -14.98
C TRP WB 52 101.89 42.72 -15.59
N LYS WB 53 102.14 41.46 -15.20
CA LYS WB 53 103.31 40.75 -15.67
C LYS WB 53 103.30 40.56 -17.18
N HIS WB 54 102.12 40.45 -17.78
CA HIS WB 54 102.03 40.10 -19.19
C HIS WB 54 102.92 40.97 -20.07
N ILE WB 55 102.75 42.29 -19.96
CA ILE WB 55 103.64 43.19 -20.68
C ILE WB 55 105.08 42.86 -20.34
N LYS WB 56 105.37 42.70 -19.06
CA LYS WB 56 106.69 42.23 -18.67
C LYS WB 56 106.92 40.81 -19.15
N HIS WB 57 105.90 39.97 -19.07
CA HIS WB 57 105.97 38.63 -19.64
C HIS WB 57 106.08 38.75 -21.15
N LYS WB 58 106.01 40.00 -21.61
CA LYS WB 58 106.10 40.31 -23.02
C LYS WB 58 104.95 39.72 -23.79
N TYR WB 59 103.89 39.38 -23.06
CA TYR WB 59 102.53 39.33 -23.59
C TYR WB 59 102.51 38.83 -25.03
N GLU WB 60 102.93 37.58 -25.21
CA GLU WB 60 103.06 37.03 -26.54
C GLU WB 60 101.71 36.95 -27.23
N MET XB 1 33.89 28.21 -6.99
CA MET XB 1 33.29 29.09 -6.00
C MET XB 1 33.88 30.48 -6.10
N LEU XB 2 34.52 30.75 -7.24
CA LEU XB 2 35.10 32.06 -7.47
C LEU XB 2 34.08 33.16 -7.24
N THR XB 3 32.80 32.86 -7.45
CA THR XB 3 31.75 33.82 -7.15
C THR XB 3 31.88 34.36 -5.74
N ARG XB 4 32.47 33.59 -4.83
CA ARG XB 4 32.69 34.07 -3.48
C ARG XB 4 33.44 35.40 -3.50
N PHE XB 5 34.63 35.41 -4.06
CA PHE XB 5 35.36 36.65 -4.22
C PHE XB 5 35.03 37.34 -5.53
N LEU XB 6 34.11 36.79 -6.33
CA LEU XB 6 33.69 37.47 -7.54
C LEU XB 6 32.47 38.30 -7.20
N GLY XB 7 32.66 39.60 -7.17
CA GLY XB 7 31.57 40.54 -7.04
C GLY XB 7 32.17 41.91 -7.15
N PRO XB 8 31.36 42.88 -7.56
CA PRO XB 8 31.88 44.24 -7.69
C PRO XB 8 32.59 44.69 -6.45
N ARG XB 9 32.18 44.17 -5.29
CA ARG XB 9 32.91 44.41 -4.07
C ARG XB 9 34.35 43.94 -4.21
N TYR XB 10 34.54 42.64 -4.18
CA TYR XB 10 35.89 42.12 -4.22
C TYR XB 10 36.57 42.51 -5.51
N ARG XB 11 35.78 42.68 -6.57
CA ARG XB 11 36.33 43.29 -7.78
C ARG XB 11 37.04 44.58 -7.42
N GLN XB 12 36.33 45.46 -6.74
CA GLN XB 12 36.94 46.71 -6.31
C GLN XB 12 38.15 46.44 -5.45
N LEU XB 13 38.09 45.41 -4.62
CA LEU XB 13 39.25 45.05 -3.83
C LEU XB 13 40.46 44.86 -4.74
N ALA XB 14 40.29 44.07 -5.79
CA ALA XB 14 41.36 43.88 -6.74
C ALA XB 14 41.80 45.22 -7.31
N ARG XB 15 40.84 46.02 -7.77
CA ARG XB 15 41.17 47.32 -8.33
C ARG XB 15 42.08 48.09 -7.40
N ASN XB 16 41.84 47.95 -6.10
CA ASN XB 16 42.77 48.53 -5.14
C ASN XB 16 44.14 47.86 -5.25
N TRP XB 17 44.20 46.55 -5.01
CA TRP XB 17 45.50 45.91 -4.83
C TRP XB 17 46.37 45.98 -6.06
N VAL XB 18 45.79 46.28 -7.20
CA VAL XB 18 46.45 46.14 -8.50
C VAL XB 18 47.80 46.84 -8.52
N PRO XB 19 47.84 48.16 -8.31
CA PRO XB 19 49.14 48.85 -8.47
C PRO XB 19 50.19 48.30 -7.54
N THR XB 20 49.82 48.13 -6.28
CA THR XB 20 50.69 47.42 -5.36
C THR XB 20 51.15 46.11 -5.97
N ALA XB 21 50.20 45.35 -6.51
CA ALA XB 21 50.54 44.05 -7.07
C ALA XB 21 51.66 44.20 -8.08
N GLN XB 22 51.54 45.17 -8.98
CA GLN XB 22 52.65 45.50 -9.85
C GLN XB 22 53.92 45.69 -9.04
N LEU XB 23 53.82 46.44 -7.94
CA LEU XB 23 55.01 46.78 -7.18
C LEU XB 23 55.72 45.53 -6.70
N TRP XB 24 55.04 44.72 -5.88
CA TRP XB 24 55.68 43.54 -5.33
C TRP XB 24 56.18 42.62 -6.44
N GLY XB 25 55.41 42.51 -7.51
CA GLY XB 25 55.88 41.72 -8.64
C GLY XB 25 57.23 42.18 -9.11
N ALA XB 26 57.35 43.48 -9.39
CA ALA XB 26 58.64 44.04 -9.75
C ALA XB 26 59.70 43.64 -8.74
N VAL XB 27 59.35 43.72 -7.45
CA VAL XB 27 60.30 43.33 -6.42
C VAL XB 27 60.85 41.94 -6.72
N GLY XB 28 59.94 40.97 -6.88
CA GLY XB 28 60.40 39.62 -7.18
C GLY XB 28 61.30 39.57 -8.41
N ALA XB 29 60.84 40.18 -9.51
CA ALA XB 29 61.57 40.09 -10.76
C ALA XB 29 62.99 40.60 -10.61
N VAL XB 30 63.13 41.88 -10.27
CA VAL XB 30 64.45 42.46 -10.08
C VAL XB 30 65.27 41.59 -9.16
N GLY XB 31 64.65 41.07 -8.09
CA GLY XB 31 65.37 40.15 -7.22
C GLY XB 31 66.02 39.03 -7.99
N LEU XB 32 65.22 38.34 -8.81
CA LEU XB 32 65.79 37.33 -9.68
C LEU XB 32 66.96 37.89 -10.46
N VAL XB 33 66.84 39.12 -10.93
CA VAL XB 33 67.93 39.70 -11.68
C VAL XB 33 69.20 39.74 -10.83
N TRP XB 34 69.22 40.65 -9.86
CA TRP XB 34 70.45 40.92 -9.14
C TRP XB 34 71.00 39.66 -8.51
N ALA XB 35 70.12 38.91 -7.87
CA ALA XB 35 70.48 37.62 -7.33
C ALA XB 35 71.19 36.82 -8.39
N THR XB 36 70.46 36.46 -9.43
CA THR XB 36 71.02 35.64 -10.48
C THR XB 36 72.15 36.35 -11.19
N ASP XB 37 71.90 37.59 -11.61
CA ASP XB 37 72.71 38.20 -12.65
C ASP XB 37 72.78 37.29 -13.87
N TRP XB 38 71.69 36.56 -14.11
CA TRP XB 38 71.66 35.57 -15.17
C TRP XB 38 72.02 36.20 -16.50
N ARG XB 39 72.98 35.56 -17.19
CA ARG XB 39 73.48 36.11 -18.44
C ARG XB 39 72.36 36.53 -19.36
N LEU XB 40 71.30 35.70 -19.43
CA LEU XB 40 70.19 35.95 -20.34
C LEU XB 40 69.70 37.38 -20.24
N ILE XB 41 69.38 37.83 -19.04
CA ILE XB 41 69.05 39.23 -18.87
C ILE XB 41 70.31 40.07 -18.74
N LEU XB 42 71.35 39.52 -18.12
CA LEU XB 42 72.53 40.31 -17.77
C LEU XB 42 73.06 41.08 -18.96
N ASP XB 43 72.95 40.50 -20.15
CA ASP XB 43 73.47 41.15 -21.34
C ASP XB 43 72.99 42.58 -21.46
N TRP XB 44 71.68 42.77 -21.40
CA TRP XB 44 71.12 44.09 -21.66
C TRP XB 44 71.57 45.12 -20.66
N VAL XB 45 72.30 44.73 -19.61
CA VAL XB 45 72.59 45.66 -18.53
C VAL XB 45 73.80 46.50 -18.90
N PRO XB 46 73.60 47.77 -19.27
CA PRO XB 46 74.72 48.64 -19.57
C PRO XB 46 75.39 49.16 -18.30
N TYR XB 47 76.73 49.22 -18.33
CA TYR XB 47 77.55 49.80 -17.28
C TYR XB 47 77.40 49.00 -16.00
N ILE XB 48 76.29 48.26 -15.91
CA ILE XB 48 76.28 47.01 -15.20
C ILE XB 48 76.97 45.96 -16.04
N ASN XB 49 77.31 46.31 -17.27
CA ASN XB 49 78.23 45.49 -18.03
C ASN XB 49 79.48 45.27 -17.21
N GLY XB 50 79.80 44.00 -16.97
CA GLY XB 50 80.92 43.62 -16.13
C GLY XB 50 82.19 43.37 -16.88
N LYS XB 51 82.20 43.53 -18.19
CA LYS XB 51 83.40 43.39 -18.98
C LYS XB 51 83.39 44.47 -20.04
FE1 SF4 YB . -60.99 14.18 -37.67
FE2 SF4 YB . -60.30 13.75 -40.13
FE3 SF4 YB . -61.70 11.82 -38.96
FE4 SF4 YB . -62.93 14.01 -39.57
S1 SF4 YB . -62.02 12.56 -41.11
S2 SF4 YB . -62.99 13.04 -37.50
S3 SF4 YB . -61.34 15.66 -39.38
S4 SF4 YB . -59.60 12.49 -38.34
FE1 FES ZB . -132.37 43.65 -36.69
FE2 FES ZB . -132.43 41.55 -34.48
S1 FES ZB . -131.75 41.56 -36.56
S2 FES ZB . -133.07 43.64 -34.61
FE1 SF4 AC . -116.29 34.81 -23.27
FE2 SF4 AC . -117.12 35.40 -25.65
FE3 SF4 AC . -118.87 35.74 -23.62
FE4 SF4 AC . -117.00 37.48 -23.90
S1 SF4 AC . -118.65 37.11 -25.46
S2 SF4 AC . -117.42 36.33 -21.95
S3 SF4 AC . -115.21 36.25 -24.68
S4 SF4 AC . -118.01 33.73 -24.34
FE1 SF4 BC . -93.48 34.17 -27.65
FE2 SF4 BC . -93.15 33.35 -30.23
FE3 SF4 BC . -94.98 35.28 -29.53
FE4 SF4 BC . -92.28 35.73 -29.57
S1 SF4 BC . -93.61 35.28 -31.38
S2 SF4 BC . -93.78 36.44 -27.96
S3 SF4 BC . -91.49 33.75 -28.71
S4 SF4 BC . -95.02 33.05 -28.92
FE1 SF4 CC . -100.83 39.95 -21.22
FE2 SF4 CC . -100.46 41.63 -23.22
FE3 SF4 CC . -100.89 42.60 -20.76
FE4 SF4 CC . -98.53 41.49 -21.40
S1 SF4 CC . -99.38 43.43 -22.30
S2 SF4 CC . -99.75 41.05 -19.51
S3 SF4 CC . -99.16 39.78 -22.79
S4 SF4 CC . -102.40 41.42 -21.99
FE1 FES DC . -106.42 31.62 -16.53
FE2 FES DC . -106.69 29.35 -14.61
S1 FES DC . -108.10 30.39 -15.92
S2 FES DC . -104.95 30.29 -15.58
FE1 SF4 EC . -69.53 22.00 -38.28
FE2 SF4 EC . -69.13 24.38 -39.57
FE3 SF4 EC . -71.54 23.24 -39.18
FE4 SF4 EC . -70.21 24.46 -37.14
S1 SF4 EC . -71.08 25.50 -39.00
S2 SF4 EC . -71.36 22.50 -37.00
S3 SF4 EC . -68.11 23.69 -37.62
S4 SF4 EC . -69.87 22.42 -40.50
FE1 SF4 FC . -80.44 30.71 -38.88
FE2 SF4 FC . -78.28 31.83 -37.65
FE3 SF4 FC . -78.60 32.09 -40.33
FE4 SF4 FC . -80.19 33.40 -38.61
S1 SF4 FC . -77.91 33.72 -38.87
S2 SF4 FC . -80.87 32.28 -40.51
S3 SF4 FC . -80.46 31.88 -36.92
S4 SF4 FC . -78.25 30.12 -39.20
CHA HEM GC . 72.37 1.55 2.87
CHB HEM GC . 73.77 4.83 6.56
CHC HEM GC . 68.84 5.77 7.55
CHD HEM GC . 67.53 2.85 3.59
C1A HEM GC . 73.13 2.41 3.81
C2A HEM GC . 74.63 2.37 3.87
C3A HEM GC . 75.00 3.30 4.93
C4A HEM GC . 73.72 3.82 5.47
CMA HEM GC . 76.36 3.63 5.42
CAA HEM GC . 75.60 1.57 3.01
CBA HEM GC . 75.95 0.27 3.70
CGA HEM GC . 74.97 -0.81 3.29
O1A HEM GC . 74.41 -0.76 2.19
O2A HEM GC . 74.75 -1.73 4.05
C1B HEM GC . 72.44 5.18 7.10
C2B HEM GC . 72.36 5.83 8.27
C3B HEM GC . 71.08 6.08 8.51
C4B HEM GC . 70.33 5.60 7.51
CMB HEM GC . 73.51 6.22 9.21
CAB HEM GC . 70.57 6.76 9.74
CBB HEM GC . 70.76 8.25 9.56
C1C HEM GC . 68.19 5.10 6.40
C2C HEM GC . 66.94 5.38 6.08
C3C HEM GC . 66.60 4.62 5.06
C4C HEM GC . 67.63 3.85 4.70
CMC HEM GC . 66.03 6.39 6.70
CAC HEM GC . 65.27 4.65 4.36
CBC HEM GC . 64.43 3.50 4.86
C1D HEM GC . 68.86 2.44 3.08
C2D HEM GC . 69.00 1.92 1.84
C3D HEM GC . 70.27 1.58 1.70
C4D HEM GC . 70.92 1.88 2.80
CMD HEM GC . 67.92 1.80 0.79
CAD HEM GC . 70.95 0.92 0.51
CBD HEM GC . 70.52 -0.53 0.27
CGD HEM GC . 71.37 -1.61 0.96
O1D HEM GC . 72.20 -2.28 0.33
O2D HEM GC . 71.20 -1.84 2.15
NA HEM GC . 72.70 3.28 4.76
NB HEM GC . 71.17 5.08 6.47
NC HEM GC . 68.71 4.02 5.61
ND HEM GC . 70.06 2.34 3.83
FE HEM GC . 70.63 3.69 5.14
CHA HEM HC . 48.59 9.22 11.52
CHB HEM HC . 53.69 8.84 11.94
CHC HEM HC . 53.92 9.27 6.91
CHD HEM HC . 49.30 11.39 6.96
C1A HEM HC . 49.97 8.99 12.02
C2A HEM HC . 50.25 8.50 13.40
C3A HEM HC . 51.71 8.40 13.48
C4A HEM HC . 52.21 8.80 12.15
CMA HEM HC . 52.52 7.96 14.66
CAA HEM HC . 49.37 8.15 14.56
CBA HEM HC . 47.99 7.60 14.20
CGA HEM HC . 47.96 6.55 13.11
O1A HEM HC . 46.92 6.33 12.54
O2A HEM HC . 48.96 5.95 12.78
C1B HEM HC . 54.07 8.93 10.52
C2B HEM HC . 55.30 8.61 10.13
C3B HEM HC . 55.36 8.74 8.82
C4B HEM HC . 54.17 9.10 8.34
CMB HEM HC . 56.41 8.21 11.08
CAB HEM HC . 56.56 8.44 7.95
CBB HEM HC . 57.72 9.41 8.17
C1C HEM HC . 52.56 9.82 6.61
C2C HEM HC . 52.15 9.93 5.35
C3C HEM HC . 50.94 10.49 5.36
C4C HEM HC . 50.57 10.69 6.61
CMC HEM HC . 53.00 9.49 4.17
CAC HEM HC . 50.04 10.79 4.17
CBC HEM HC . 50.70 11.62 3.09
C1D HEM HC . 48.76 10.89 8.26
C2D HEM HC . 47.51 11.10 8.63
C3D HEM HC . 47.28 10.54 9.83
C4D HEM HC . 48.44 9.96 10.23
CMD HEM HC . 46.50 11.86 7.79
CAD HEM HC . 45.97 10.55 10.60
CBD HEM HC . 45.40 9.14 10.63
CGD HEM HC . 44.03 8.96 11.25
O1D HEM HC . 43.20 8.24 10.70
O2D HEM HC . 43.76 9.48 12.33
NA HEM HC . 51.16 9.10 11.38
NB HEM HC . 53.25 9.19 9.41
NC HEM HC . 51.63 10.38 7.50
ND HEM HC . 49.44 10.20 9.28
FE HEM HC . 51.35 9.72 9.35
CHA HEM IC . 82.52 -16.64 -17.04
CHB HEM IC . 82.19 -20.43 -13.61
CHC HEM IC . 86.85 -22.05 -14.93
CHD HEM IC . 87.08 -18.33 -18.47
C1A HEM IC . 82.13 -17.59 -15.98
C2A HEM IC . 80.83 -17.39 -15.31
C3A HEM IC . 80.73 -18.47 -14.33
C4A HEM IC . 81.99 -19.25 -14.46
CMA HEM IC . 79.62 -18.75 -13.37
CAA HEM IC . 79.85 -16.28 -15.60
CBA HEM IC . 78.60 -16.85 -16.24
CGA HEM IC . 77.72 -15.70 -16.64
O1A HEM IC . 78.24 -14.66 -17.03
O2A HEM IC . 76.51 -15.80 -16.55
C1B HEM IC . 83.53 -21.04 -13.75
C2B HEM IC . 83.88 -22.00 -12.92
C3B HEM IC . 85.08 -22.45 -13.25
C4B HEM IC . 85.51 -21.77 -14.32
CMB HEM IC . 82.98 -22.42 -11.76
CAB HEM IC . 85.89 -23.53 -12.59
CBB HEM IC . 85.12 -24.74 -12.06
C1C HEM IC . 87.13 -21.14 -16.10
C2C HEM IC . 88.13 -21.39 -16.91
C3C HEM IC . 88.20 -20.46 -17.85
C4C HEM IC . 87.23 -19.56 -17.63
CMC HEM IC . 89.04 -22.58 -16.82
CAC HEM IC . 89.18 -20.44 -19.01
CBC HEM IC . 88.57 -21.10 -20.26
C1D HEM IC . 85.75 -17.69 -18.34
C2D HEM IC . 85.33 -16.74 -19.18
C3D HEM IC . 84.14 -16.33 -18.82
C4D HEM IC . 83.79 -16.96 -17.71
CMD HEM IC . 86.05 -16.28 -20.42
CAD HEM IC . 83.34 -15.24 -19.54
CBD HEM IC . 82.20 -15.75 -20.41
CGD HEM IC . 81.71 -14.61 -21.28
O1D HEM IC . 81.79 -14.66 -22.50
O2D HEM IC . 81.22 -13.62 -20.77
NA HEM IC . 82.72 -18.69 -15.47
NB HEM IC . 84.49 -20.90 -14.79
NC HEM IC . 86.52 -19.88 -16.42
ND HEM IC . 84.84 -17.81 -17.25
FE HEM IC . 84.65 -19.38 -16.06
FE1 FES JC . 117.46 7.67 18.01
FE2 FES JC . 117.63 10.31 17.20
S1 FES JC . 119.04 9.36 18.71
S2 FES JC . 116.20 8.74 16.36
CHA HEM KC . 86.71 19.19 11.20
CHB HEM KC . 82.18 17.31 9.75
CHC HEM KC . 79.91 20.01 13.45
CHD HEM KC . 84.48 21.50 15.12
C1A HEM KC . 85.62 18.44 10.53
C2A HEM KC . 85.88 17.56 9.33
C3A HEM KC . 84.57 17.06 8.93
C4A HEM KC . 83.60 17.66 9.88
CMA HEM KC . 84.26 16.15 7.80
CAA HEM KC . 87.20 17.23 8.66
CBA HEM KC . 87.45 18.18 7.51
CGA HEM KC . 88.21 19.40 7.99
O1A HEM KC . 88.95 19.33 8.97
O2A HEM KC . 88.08 20.45 7.41
C1B HEM KC . 81.28 18.06 10.65
C2B HEM KC . 79.96 18.06 10.44
C3B HEM KC . 79.39 18.75 11.40
C4B HEM KC . 80.31 19.21 12.26
CMB HEM KC . 79.21 17.40 9.27
CAB HEM KC . 77.92 19.02 11.49
CBB HEM KC . 77.26 17.79 12.07
C1C HEM KC . 81.08 20.48 14.21
C2C HEM KC . 80.95 20.95 15.44
C3C HEM KC . 82.12 21.33 15.86
C4C HEM KC . 83.04 21.12 14.92
CMC HEM KC . 79.69 21.01 16.27
CAC HEM KC . 82.42 21.88 17.23
CBC HEM KC . 82.50 23.39 17.15
C1D HEM KC . 85.39 20.79 14.17
C2D HEM KC . 86.69 20.64 14.42
C3D HEM KC . 87.24 20.06 13.37
C4D HEM KC . 86.31 19.83 12.48
CMD HEM KC . 87.41 21.03 15.70
CAD HEM KC . 88.69 19.68 13.15
CBD HEM KC . 89.63 20.89 12.96
CGD HEM KC . 89.84 21.37 11.52
O1D HEM KC . 90.88 21.10 10.91
O2D HEM KC . 88.98 22.05 10.98
NA HEM KC . 84.29 18.42 10.78
NB HEM KC . 81.61 18.70 11.90
NC HEM KC . 82.42 20.65 13.72
ND HEM KC . 85.05 20.39 12.84
FE HEM KC . 83.35 19.54 12.35
CHA HEM LC . 70.91 31.42 28.51
CHB HEM LC . 71.76 28.70 24.24
CHC HEM LC . 75.61 26.50 26.66
CHD HEM LC . 73.49 27.86 31.08
C1A HEM LC . 70.90 30.92 27.10
C2A HEM LC . 70.12 31.57 26.02
C3A HEM LC . 70.38 30.77 24.83
C4A HEM LC . 71.33 29.71 25.25
CMA HEM LC . 69.84 30.99 23.44
CAA HEM LC . 69.22 32.77 25.99
CBA HEM LC . 69.55 33.88 26.99
CGA HEM LC . 71.01 34.26 27.07
O1A HEM LC . 71.41 34.85 28.04
O2A HEM LC . 71.81 33.95 26.22
C1B HEM LC . 72.92 27.91 24.66
C2B HEM LC . 73.64 27.24 23.77
C3B HEM LC . 74.65 26.66 24.42
C4B HEM LC . 74.59 26.96 25.71
CMB HEM LC . 73.33 27.16 22.30
CAB HEM LC . 75.74 25.82 23.80
CBB HEM LC . 75.23 24.51 23.21
C1C HEM LC . 75.28 26.85 28.08
C2C HEM LC . 76.15 26.58 29.05
C3C HEM LC . 75.59 26.93 30.22
C4C HEM LC . 74.40 27.45 29.98
CMC HEM LC . 77.51 25.96 28.78
CAC HEM LC . 76.21 26.87 31.60
CBC HEM LC . 76.73 25.49 31.97
C1D HEM LC . 72.62 29.00 30.66
C2D HEM LC . 71.97 29.76 31.53
C3D HEM LC . 71.28 30.71 30.88
C4D HEM LC . 71.50 30.54 29.56
CMD HEM LC . 72.02 29.53 33.03
CAD HEM LC . 70.40 31.78 31.52
CBD HEM LC . 71.05 33.14 31.33
CGD HEM LC . 70.40 34.31 32.02
O1D HEM LC . 71.09 35.14 32.59
O2D HEM LC . 69.19 34.49 31.92
NA HEM LC . 71.58 29.88 26.56
NB HEM LC . 73.51 27.84 25.95
NC HEM LC . 74.06 27.34 28.61
ND HEM LC . 72.32 29.41 29.35
FE HEM LC . 72.90 28.61 27.65
CHA HEM MC . 114.90 18.84 5.23
CHB HEM MC . 114.22 22.92 2.21
CHC HEM MC . 117.08 20.73 -1.40
CHD HEM MC . 117.88 16.73 1.71
C1A HEM MC . 114.51 20.12 4.61
C2A HEM MC . 113.62 21.01 5.37
C3A HEM MC . 113.42 22.18 4.51
C4A HEM MC . 114.21 21.90 3.29
CMA HEM MC . 112.59 23.40 4.77
CAA HEM MC . 113.04 20.74 6.73
CBA HEM MC . 113.63 21.69 7.76
CGA HEM MC . 113.14 21.27 9.10
O1A HEM MC . 112.96 20.08 9.35
O2A HEM MC . 112.90 22.12 9.95
C1B HEM MC . 114.94 22.48 0.99
C2B HEM MC . 114.87 23.23 -0.08
C3B HEM MC . 115.62 22.68 -1.04
C4B HEM MC . 116.18 21.57 -0.56
CMB HEM MC . 114.01 24.48 -0.14
CAB HEM MC . 115.85 23.18 -2.45
CBB HEM MC . 115.96 24.70 -2.62
C1C HEM MC . 117.56 19.51 -0.67
C2C HEM MC . 118.56 18.78 -1.15
C3C HEM MC . 118.79 17.76 -0.35
C4C HEM MC . 117.92 17.81 0.67
CMC HEM MC . 119.32 19.10 -2.40
CAC HEM MC . 119.90 16.74 -0.54
CBC HEM MC . 121.16 17.14 0.24
C1D HEM MC . 117.15 17.14 2.94
C2D HEM MC . 117.23 16.44 4.07
C3D HEM MC . 116.47 16.99 4.99
C4D HEM MC . 115.88 18.05 4.44
CMD HEM MC . 118.09 15.22 4.32
CAD HEM MC . 116.29 16.47 6.41
CBD HEM MC . 117.06 17.23 7.48
CGD HEM MC . 117.01 16.42 8.76
O1D HEM MC . 118.03 15.98 9.26
O2D HEM MC . 115.96 16.20 9.31
NA HEM MC . 114.84 20.72 3.45
NB HEM MC . 115.87 21.42 0.82
NC HEM MC . 117.00 18.88 0.48
ND HEM MC . 116.18 18.16 3.06
FE HEM MC . 116.06 19.80 1.96
FE1 FES NC . 80.58 -5.87 -28.37
FE2 FES NC . 79.72 -8.17 -27.08
S1 FES NC . 79.35 -7.74 -29.29
S2 FES NC . 81.03 -6.52 -26.18
#